data_8AU1
#
_entry.id   8AU1
#
_cell.length_a   1.00
_cell.length_b   1.00
_cell.length_c   1.00
_cell.angle_alpha   90.00
_cell.angle_beta   90.00
_cell.angle_gamma   90.00
#
_symmetry.space_group_name_H-M   'P 1'
#
_entity_poly.entity_id   1
_entity_poly.type   'polypeptide(L)'
_entity_poly.pdbx_seq_one_letter_code
;MSEQITGSTPRIYYRGTKDSSVTRSTGSTTTLPLHRPLIMFFGQKGPTVPTWIDPVKFEDIYGSETTNLSGVYCTHSTPF
IKEAIAAGNQFMALRLEPSDIPDVATLGLSVDWVKTKIDDYERNDDGTYKLDTNGDKIPLATQIDGIKFRFVLEKIETNE
SGVSQYKKRTAKAGTIGTEATPSTITPLADFRCRFKSSLGANTALRIWAPTINSAQAADADLQARIKSFLYRFQILTRAD
KASSPTIFETIYNEPSLSVGFGENLVDPQTEVVYDFVERIDSRYNDEDPSTYLMSPLDTPYLYQANIDSVLTAIQELEAP
FDTVSADEDDLYQINLFGAQTVEGVPYHAVQILGVLDGGVTLTETATNYLQGGGDGTLGNDSFNAAAYAVLSNLSNNAAF
NITNYARYPFNAFWDSGFDLKTKQTIPQLIGLRADTWIALSTQDISSDFNSNEEEESIALSLMSRVSAFPDSSDFGTPAF
RGMIVGGAGYYTETTRKLPVPLTLDRFRAYCRYAGASDGVLKPEYAVDEGDARKVQVVKSINNLDKSWRVRRAQWNNNLV
YVEDYDTNSQFYPGQQSFYSEQGSVLKAAIVGLCVANLNRFAFEAWRDLTGTQKLTDDQLIERSDDAVSTRGTGAFDDRL
IFTPHSEITQADKERGYSWSMRIDFGANAFRTVMDMSSVAYTREELANG
;
_entity_poly.pdbx_strand_id   A,B,C,D,E,F,G,H,I,J,K,L,M,N,O,P,Q,R
#
# COMPACT_ATOMS: atom_id res chain seq x y z
N MET A 1 -88.40 3.81 9.47
CA MET A 1 -88.97 5.01 8.78
C MET A 1 -89.48 6.04 9.78
N SER A 2 -90.27 5.58 10.74
CA SER A 2 -91.01 6.49 11.61
C SER A 2 -90.41 6.63 13.01
N GLU A 3 -89.84 5.57 13.56
CA GLU A 3 -89.43 5.59 14.96
C GLU A 3 -88.17 6.43 15.15
N GLN A 4 -88.05 6.99 16.34
CA GLN A 4 -86.95 7.89 16.69
C GLN A 4 -86.05 7.19 17.70
N ILE A 5 -84.91 7.83 17.99
CA ILE A 5 -83.93 7.22 18.88
C ILE A 5 -84.37 7.44 20.32
N THR A 6 -85.14 6.50 20.85
CA THR A 6 -85.63 6.60 22.21
C THR A 6 -84.55 6.29 23.25
N GLY A 7 -83.70 5.31 22.97
CA GLY A 7 -82.72 4.90 23.96
C GLY A 7 -81.63 4.07 23.33
N SER A 8 -81.01 3.23 24.14
CA SER A 8 -79.81 2.52 23.75
C SER A 8 -80.07 1.15 23.14
N THR A 9 -81.32 0.79 22.89
CA THR A 9 -81.61 -0.55 22.39
C THR A 9 -80.87 -0.78 21.08
N PRO A 10 -80.17 -1.91 20.92
CA PRO A 10 -79.45 -2.16 19.66
C PRO A 10 -80.36 -2.12 18.46
N ARG A 11 -80.06 -1.23 17.50
CA ARG A 11 -81.00 -0.95 16.42
C ARG A 11 -80.31 -0.02 15.43
N ILE A 12 -80.73 -0.11 14.17
CA ILE A 12 -80.23 0.77 13.11
C ILE A 12 -81.42 1.56 12.57
N TYR A 13 -81.28 2.88 12.55
CA TYR A 13 -82.35 3.78 12.16
C TYR A 13 -82.04 4.36 10.79
N TYR A 14 -83.04 4.36 9.92
CA TYR A 14 -82.89 4.79 8.53
C TYR A 14 -83.55 6.15 8.36
N ARG A 15 -82.74 7.18 8.13
CA ARG A 15 -83.24 8.46 7.65
C ARG A 15 -83.15 8.44 6.13
N GLY A 16 -84.27 8.70 5.48
CA GLY A 16 -84.36 8.47 4.05
C GLY A 16 -83.37 9.28 3.23
N THR A 17 -83.47 9.15 1.91
CA THR A 17 -82.67 9.97 1.00
C THR A 17 -83.21 11.39 0.97
N LYS A 18 -82.32 12.32 0.66
CA LYS A 18 -82.62 13.73 0.74
C LYS A 18 -81.78 14.46 -0.31
N ASP A 19 -82.12 15.72 -0.56
CA ASP A 19 -81.32 16.56 -1.43
C ASP A 19 -80.44 17.49 -0.60
N SER A 20 -79.35 17.94 -1.20
CA SER A 20 -78.31 18.63 -0.45
C SER A 20 -78.87 19.84 0.29
N SER A 21 -78.38 20.04 1.51
CA SER A 21 -78.74 21.18 2.34
C SER A 21 -77.55 22.11 2.50
N VAL A 22 -77.80 23.42 2.45
CA VAL A 22 -76.74 24.39 2.62
C VAL A 22 -76.10 24.22 3.99
N THR A 23 -74.78 24.27 4.02
CA THR A 23 -74.02 24.12 5.26
C THR A 23 -73.47 25.48 5.66
N ARG A 24 -73.80 25.92 6.88
CA ARG A 24 -73.32 27.21 7.35
C ARG A 24 -71.81 27.20 7.45
N SER A 25 -71.19 28.29 7.00
CA SER A 25 -69.74 28.36 6.88
C SER A 25 -69.13 28.90 8.16
N THR A 26 -68.07 28.25 8.62
CA THR A 26 -67.33 28.72 9.78
C THR A 26 -66.41 29.88 9.39
N GLY A 27 -66.17 30.78 10.35
CA GLY A 27 -65.39 31.96 10.12
C GLY A 27 -64.03 31.86 10.80
N SER A 28 -63.22 32.89 10.58
CA SER A 28 -61.87 32.95 11.11
C SER A 28 -61.70 34.20 11.97
N THR A 29 -60.75 34.12 12.91
CA THR A 29 -60.54 35.21 13.84
C THR A 29 -60.20 36.50 13.11
N THR A 30 -60.74 37.60 13.59
CA THR A 30 -60.62 38.88 12.91
C THR A 30 -59.22 39.47 13.09
N THR A 31 -58.84 40.34 12.14
CA THR A 31 -57.51 40.94 12.10
C THR A 31 -57.66 42.29 11.41
N LEU A 32 -56.58 43.06 11.36
CA LEU A 32 -56.59 44.37 10.71
C LEU A 32 -55.71 44.38 9.46
N PRO A 33 -56.28 44.43 8.26
CA PRO A 33 -55.48 44.72 7.07
C PRO A 33 -55.12 46.19 7.01
N LEU A 34 -54.32 46.54 6.00
CA LEU A 34 -54.00 47.95 5.78
C LEU A 34 -55.14 48.68 5.08
N HIS A 35 -56.08 47.97 4.50
CA HIS A 35 -57.24 48.57 3.82
C HIS A 35 -58.49 48.08 4.54
N ARG A 36 -59.19 48.98 5.21
CA ARG A 36 -60.30 48.65 6.09
C ARG A 36 -61.48 49.55 5.76
N PRO A 37 -62.28 49.20 4.76
CA PRO A 37 -63.35 50.09 4.31
C PRO A 37 -64.63 49.95 5.13
N LEU A 38 -65.43 51.02 5.09
CA LEU A 38 -66.76 51.06 5.65
C LEU A 38 -67.77 51.08 4.52
N ILE A 39 -68.77 50.20 4.58
CA ILE A 39 -69.76 50.08 3.52
C ILE A 39 -71.15 50.09 4.14
N MET A 40 -72.03 50.94 3.59
CA MET A 40 -73.41 51.08 4.04
C MET A 40 -74.35 50.46 3.00
N PHE A 41 -75.43 49.83 3.47
CA PHE A 41 -76.30 49.13 2.54
C PHE A 41 -77.66 48.84 3.18
N PHE A 42 -78.62 48.51 2.32
CA PHE A 42 -79.91 47.96 2.77
C PHE A 42 -79.80 46.44 2.84
N GLY A 43 -80.36 45.85 3.89
CA GLY A 43 -80.17 44.44 4.15
C GLY A 43 -81.47 43.76 4.55
N GLN A 44 -81.48 42.44 4.38
CA GLN A 44 -82.64 41.63 4.72
C GLN A 44 -82.79 41.45 6.23
N LYS A 45 -81.67 41.24 6.92
CA LYS A 45 -81.69 41.05 8.36
C LYS A 45 -80.31 41.44 8.90
N GLY A 46 -80.08 41.18 10.18
CA GLY A 46 -78.82 41.48 10.81
C GLY A 46 -78.87 42.75 11.62
N PRO A 47 -77.82 42.99 12.42
CA PRO A 47 -77.81 44.18 13.28
C PRO A 47 -77.83 45.46 12.47
N THR A 48 -78.10 46.57 13.18
CA THR A 48 -78.20 47.89 12.57
C THR A 48 -77.23 48.87 13.21
N VAL A 49 -76.05 48.39 13.59
CA VAL A 49 -74.96 49.24 14.04
C VAL A 49 -73.69 48.77 13.35
N PRO A 50 -72.69 49.64 13.21
CA PRO A 50 -71.49 49.25 12.47
C PRO A 50 -70.86 48.02 13.07
N THR A 51 -70.44 47.09 12.20
CA THR A 51 -69.95 45.80 12.66
C THR A 51 -68.77 45.36 11.81
N TRP A 52 -67.71 44.91 12.48
CA TRP A 52 -66.55 44.36 11.79
C TRP A 52 -66.83 42.93 11.38
N ILE A 53 -66.64 42.61 10.11
CA ILE A 53 -67.09 41.34 9.57
C ILE A 53 -66.02 40.75 8.66
N ASP A 54 -65.91 39.43 8.74
CA ASP A 54 -65.11 38.62 7.83
C ASP A 54 -65.99 38.22 6.64
N PRO A 55 -65.57 38.45 5.39
CA PRO A 55 -66.51 38.31 4.27
C PRO A 55 -67.21 36.97 4.17
N VAL A 56 -66.70 35.95 4.85
CA VAL A 56 -67.32 34.64 4.75
C VAL A 56 -68.71 34.65 5.37
N LYS A 57 -68.92 35.43 6.42
CA LYS A 57 -70.15 35.39 7.20
C LYS A 57 -71.16 36.46 6.80
N PHE A 58 -70.90 37.22 5.74
CA PHE A 58 -71.85 38.25 5.33
C PHE A 58 -73.19 37.63 4.98
N GLU A 59 -73.17 36.53 4.23
CA GLU A 59 -74.40 35.92 3.74
C GLU A 59 -75.30 35.45 4.87
N ASP A 60 -74.72 34.84 5.91
CA ASP A 60 -75.52 34.30 6.99
C ASP A 60 -75.66 35.24 8.17
N ILE A 61 -75.07 36.43 8.11
CA ILE A 61 -75.40 37.47 9.09
C ILE A 61 -76.48 38.39 8.56
N TYR A 62 -76.38 38.82 7.30
CA TYR A 62 -77.29 39.81 6.73
C TYR A 62 -78.22 39.21 5.68
N GLY A 63 -78.45 37.90 5.71
CA GLY A 63 -79.29 37.29 4.72
C GLY A 63 -78.58 37.22 3.38
N SER A 64 -78.83 36.17 2.61
CA SER A 64 -78.14 35.97 1.34
C SER A 64 -78.82 36.67 0.17
N GLU A 65 -79.95 37.32 0.41
CA GLU A 65 -80.67 38.02 -0.65
C GLU A 65 -80.20 39.45 -0.83
N THR A 66 -79.35 39.97 0.07
CA THR A 66 -78.90 41.35 -0.05
C THR A 66 -77.86 41.52 -1.14
N THR A 67 -77.11 40.47 -1.44
CA THR A 67 -76.07 40.51 -2.46
C THR A 67 -76.59 40.13 -3.83
N ASN A 68 -77.89 39.97 -3.99
CA ASN A 68 -78.49 39.64 -5.28
C ASN A 68 -78.81 40.92 -6.04
N LEU A 69 -78.25 41.07 -7.24
CA LEU A 69 -78.42 42.29 -8.01
C LEU A 69 -79.83 42.45 -8.54
N SER A 70 -80.59 41.37 -8.65
CA SER A 70 -81.97 41.44 -9.15
C SER A 70 -82.99 41.54 -8.02
N GLY A 71 -82.54 41.59 -6.77
CA GLY A 71 -83.46 41.63 -5.65
C GLY A 71 -83.95 43.03 -5.36
N VAL A 72 -84.70 43.14 -4.26
CA VAL A 72 -85.25 44.43 -3.84
C VAL A 72 -84.25 45.27 -3.07
N TYR A 73 -83.14 44.68 -2.63
CA TYR A 73 -82.16 45.39 -1.81
C TYR A 73 -81.01 45.95 -2.63
N CYS A 74 -81.06 45.85 -3.95
CA CYS A 74 -79.97 46.35 -4.78
C CYS A 74 -79.93 47.88 -4.74
N THR A 75 -78.76 48.43 -4.44
CA THR A 75 -78.50 49.86 -4.46
C THR A 75 -77.18 50.06 -5.19
N HIS A 76 -76.65 51.28 -5.15
CA HIS A 76 -75.40 51.53 -5.88
C HIS A 76 -74.17 51.14 -5.08
N SER A 77 -74.31 50.35 -4.02
CA SER A 77 -73.18 49.84 -3.24
C SER A 77 -73.12 48.32 -3.18
N THR A 78 -74.15 47.63 -3.65
CA THR A 78 -74.09 46.18 -3.74
C THR A 78 -72.91 45.72 -4.59
N PRO A 79 -72.56 46.36 -5.70
CA PRO A 79 -71.33 45.97 -6.40
C PRO A 79 -70.10 46.07 -5.52
N PHE A 80 -70.00 47.11 -4.68
CA PHE A 80 -68.85 47.25 -3.80
C PHE A 80 -68.81 46.12 -2.78
N ILE A 81 -69.97 45.77 -2.22
CA ILE A 81 -70.00 44.67 -1.25
C ILE A 81 -69.59 43.36 -1.93
N LYS A 82 -70.08 43.12 -3.14
CA LYS A 82 -69.73 41.90 -3.84
C LYS A 82 -68.24 41.84 -4.17
N GLU A 83 -67.67 42.97 -4.58
CA GLU A 83 -66.23 43.00 -4.86
C GLU A 83 -65.42 42.74 -3.59
N ALA A 84 -65.85 43.33 -2.47
CA ALA A 84 -65.16 43.09 -1.21
C ALA A 84 -65.21 41.61 -0.84
N ILE A 85 -66.37 40.99 -1.03
CA ILE A 85 -66.49 39.57 -0.71
C ILE A 85 -65.60 38.74 -1.63
N ALA A 86 -65.54 39.10 -2.91
CA ALA A 86 -64.72 38.35 -3.85
C ALA A 86 -63.25 38.44 -3.48
N ALA A 87 -62.77 39.65 -3.18
CA ALA A 87 -61.35 39.79 -2.83
C ALA A 87 -61.03 39.16 -1.48
N GLY A 88 -61.92 39.30 -0.51
CA GLY A 88 -61.70 38.76 0.81
C GLY A 88 -61.14 39.77 1.80
N ASN A 89 -61.78 40.94 1.91
CA ASN A 89 -61.39 41.97 2.86
C ASN A 89 -62.32 41.96 4.05
N GLN A 90 -61.77 41.76 5.23
CA GLN A 90 -62.53 42.05 6.44
C GLN A 90 -62.88 43.53 6.42
N PHE A 91 -64.17 43.84 6.47
CA PHE A 91 -64.60 45.23 6.33
C PHE A 91 -65.68 45.52 7.35
N MET A 92 -66.09 46.79 7.43
CA MET A 92 -67.06 47.20 8.43
C MET A 92 -68.38 47.52 7.74
N ALA A 93 -69.42 46.77 8.10
CA ALA A 93 -70.73 46.87 7.49
C ALA A 93 -71.65 47.74 8.33
N LEU A 94 -72.51 48.49 7.64
CA LEU A 94 -73.51 49.32 8.29
C LEU A 94 -74.83 49.15 7.54
N ARG A 95 -75.79 48.48 8.17
CA ARG A 95 -77.08 48.22 7.57
C ARG A 95 -78.02 49.38 7.91
N LEU A 96 -78.29 50.22 6.93
CA LEU A 96 -79.19 51.35 7.10
C LEU A 96 -80.63 50.91 6.89
N GLU A 97 -81.56 51.67 7.44
CA GLU A 97 -82.98 51.39 7.33
C GLU A 97 -83.72 52.60 6.79
N PRO A 98 -84.76 52.39 5.98
CA PRO A 98 -85.59 53.52 5.55
C PRO A 98 -86.39 54.08 6.72
N SER A 99 -86.75 55.36 6.58
CA SER A 99 -87.38 56.08 7.69
C SER A 99 -88.82 55.65 7.95
N ASP A 100 -89.41 54.83 7.08
CA ASP A 100 -90.81 54.43 7.21
C ASP A 100 -90.97 52.91 7.35
N ILE A 101 -89.95 52.23 7.85
CA ILE A 101 -90.03 50.78 7.97
C ILE A 101 -91.07 50.42 9.03
N PRO A 102 -91.95 49.44 8.78
CA PRO A 102 -92.95 49.07 9.80
C PRO A 102 -92.36 48.24 10.93
N ASP A 103 -93.22 47.79 11.84
CA ASP A 103 -92.80 46.96 12.96
C ASP A 103 -92.68 45.51 12.52
N VAL A 104 -92.45 44.61 13.47
CA VAL A 104 -92.19 43.20 13.16
C VAL A 104 -93.51 42.47 12.94
N ALA A 105 -93.42 41.26 12.38
CA ALA A 105 -94.59 40.43 12.20
C ALA A 105 -94.88 39.64 13.47
N THR A 106 -96.16 39.42 13.75
CA THR A 106 -96.58 38.78 14.98
C THR A 106 -97.71 37.80 14.70
N LEU A 107 -97.86 36.84 15.60
CA LEU A 107 -98.95 35.86 15.51
C LEU A 107 -99.26 35.35 16.91
N GLY A 108 -100.50 35.49 17.34
CA GLY A 108 -100.93 35.02 18.65
C GLY A 108 -101.88 33.84 18.49
N LEU A 109 -101.79 32.90 19.43
CA LEU A 109 -102.61 31.71 19.46
C LEU A 109 -103.62 31.82 20.60
N SER A 110 -104.85 31.41 20.35
CA SER A 110 -105.89 31.46 21.36
C SER A 110 -106.85 30.30 21.15
N VAL A 111 -107.71 30.07 22.14
CA VAL A 111 -108.74 29.06 22.06
C VAL A 111 -110.07 29.67 22.44
N ASP A 112 -111.08 29.43 21.60
CA ASP A 112 -112.47 29.64 21.96
C ASP A 112 -112.93 28.44 22.77
N TRP A 113 -113.51 28.72 23.94
CA TRP A 113 -113.65 27.76 25.02
C TRP A 113 -115.06 27.84 25.56
N VAL A 114 -115.73 26.68 25.68
CA VAL A 114 -117.05 26.64 26.29
C VAL A 114 -117.34 25.23 26.80
N LYS A 115 -118.31 25.12 27.70
CA LYS A 115 -118.79 23.84 28.21
C LYS A 115 -120.23 23.62 27.77
N THR A 116 -120.59 22.37 27.50
CA THR A 116 -121.97 22.04 27.11
C THR A 116 -122.08 20.53 26.97
N LYS A 117 -123.29 20.07 26.70
CA LYS A 117 -123.50 18.66 26.44
C LYS A 117 -123.26 18.34 24.97
N ILE A 118 -122.54 17.23 24.72
CA ILE A 118 -122.19 16.81 23.38
C ILE A 118 -122.54 15.34 23.22
N ASP A 119 -122.26 14.81 22.03
CA ASP A 119 -122.58 13.43 21.73
C ASP A 119 -121.45 12.50 22.17
N ASP A 120 -121.78 11.20 22.23
CA ASP A 120 -120.82 10.15 22.51
C ASP A 120 -121.01 9.04 21.50
N TYR A 121 -119.94 8.28 21.27
CA TYR A 121 -119.88 7.33 20.17
C TYR A 121 -119.65 5.92 20.69
N GLU A 122 -119.79 4.96 19.79
CA GLU A 122 -119.56 3.57 20.11
C GLU A 122 -118.07 3.30 20.30
N ARG A 123 -117.77 2.19 20.97
CA ARG A 123 -116.41 1.73 21.19
C ARG A 123 -116.32 0.25 20.84
N ASN A 124 -115.32 -0.10 20.03
CA ASN A 124 -115.12 -1.50 19.69
C ASN A 124 -114.72 -2.31 20.91
N ASP A 125 -113.72 -1.84 21.65
CA ASP A 125 -113.23 -2.51 22.84
C ASP A 125 -112.67 -1.45 23.78
N ASP A 126 -111.84 -1.88 24.72
CA ASP A 126 -111.15 -0.92 25.57
C ASP A 126 -110.21 -0.01 24.79
N GLY A 127 -109.88 -0.37 23.54
CA GLY A 127 -109.08 0.50 22.71
C GLY A 127 -109.76 1.77 22.27
N THR A 128 -111.09 1.81 22.35
CA THR A 128 -111.86 3.01 22.01
C THR A 128 -111.57 3.46 20.59
N TYR A 129 -111.46 2.49 19.69
CA TYR A 129 -111.06 2.80 18.31
C TYR A 129 -112.09 3.67 17.60
N LYS A 130 -113.37 3.35 17.76
CA LYS A 130 -114.40 3.91 16.88
C LYS A 130 -114.72 5.35 17.26
N LEU A 131 -114.98 6.15 16.24
CA LEU A 131 -115.51 7.51 16.41
C LEU A 131 -116.25 7.92 15.14
N ASP A 132 -117.03 8.98 15.27
CA ASP A 132 -117.67 9.64 14.12
C ASP A 132 -118.43 8.64 13.26
N THR A 133 -119.16 7.74 13.91
CA THR A 133 -119.98 6.75 13.20
C THR A 133 -119.15 5.92 12.23
N ASN A 134 -117.92 5.60 12.59
CA ASN A 134 -117.13 4.71 11.78
C ASN A 134 -117.79 3.34 11.73
N GLY A 135 -117.64 2.66 10.61
CA GLY A 135 -118.44 1.46 10.37
C GLY A 135 -119.84 1.87 9.96
N ASP A 136 -120.83 1.51 10.77
CA ASP A 136 -122.23 1.80 10.48
C ASP A 136 -123.02 2.29 11.69
N LYS A 137 -122.38 2.57 12.82
CA LYS A 137 -123.07 2.77 14.08
C LYS A 137 -123.27 4.25 14.38
N ILE A 138 -124.51 4.60 14.70
CA ILE A 138 -124.91 5.95 15.12
C ILE A 138 -124.25 6.22 16.48
N PRO A 139 -124.02 7.47 16.87
CA PRO A 139 -123.55 7.72 18.24
C PRO A 139 -124.50 7.13 19.27
N LEU A 140 -123.92 6.61 20.35
CA LEU A 140 -124.65 5.77 21.30
C LEU A 140 -125.36 6.59 22.37
N ALA A 141 -124.61 7.30 23.21
CA ALA A 141 -125.20 7.99 24.33
C ALA A 141 -125.98 9.21 23.86
N THR A 142 -127.10 9.48 24.53
CA THR A 142 -127.96 10.59 24.15
C THR A 142 -127.23 11.92 24.28
N GLN A 143 -126.65 12.18 25.45
CA GLN A 143 -125.90 13.40 25.67
C GLN A 143 -124.91 13.17 26.80
N ILE A 144 -123.65 13.51 26.54
CA ILE A 144 -122.58 13.41 27.52
C ILE A 144 -122.02 14.81 27.74
N ASP A 145 -121.99 15.24 29.00
CA ASP A 145 -121.47 16.55 29.32
C ASP A 145 -119.99 16.62 28.97
N GLY A 146 -119.58 17.69 28.28
CA GLY A 146 -118.21 17.85 27.86
C GLY A 146 -117.88 19.30 27.54
N ILE A 147 -116.76 19.49 26.84
CA ILE A 147 -116.21 20.81 26.58
C ILE A 147 -115.94 20.94 25.09
N LYS A 148 -116.12 22.15 24.56
CA LYS A 148 -115.90 22.45 23.15
C LYS A 148 -114.80 23.49 23.00
N PHE A 149 -113.87 23.20 22.09
CA PHE A 149 -112.73 24.03 21.76
C PHE A 149 -112.79 24.44 20.30
N ARG A 150 -112.23 25.61 20.01
CA ARG A 150 -112.04 26.09 18.63
C ARG A 150 -110.79 26.95 18.61
N PHE A 151 -109.71 26.43 18.03
CA PHE A 151 -108.44 27.14 18.07
C PHE A 151 -108.41 28.27 17.05
N VAL A 152 -107.62 29.30 17.34
CA VAL A 152 -107.54 30.49 16.50
C VAL A 152 -106.10 31.00 16.49
N LEU A 153 -105.65 31.45 15.32
CA LEU A 153 -104.34 32.06 15.13
C LEU A 153 -104.56 33.38 14.41
N GLU A 154 -104.10 34.48 15.01
CA GLU A 154 -104.39 35.78 14.43
C GLU A 154 -103.32 36.79 14.80
N LYS A 155 -103.25 37.85 14.00
CA LYS A 155 -102.28 38.91 14.26
C LYS A 155 -102.55 39.57 15.61
N ILE A 156 -101.49 39.93 16.31
CA ILE A 156 -101.61 40.63 17.59
C ILE A 156 -101.81 42.11 17.29
N GLU A 157 -102.97 42.64 17.65
CA GLU A 157 -103.28 44.04 17.36
C GLU A 157 -102.47 44.96 18.27
N THR A 158 -102.37 46.22 17.83
CA THR A 158 -101.62 47.23 18.56
C THR A 158 -102.56 48.16 19.32
N ASN A 159 -101.97 48.93 20.22
CA ASN A 159 -102.73 49.91 21.01
C ASN A 159 -103.14 51.09 20.13
N GLU A 160 -104.16 51.81 20.60
CA GLU A 160 -104.61 52.98 19.88
C GLU A 160 -103.54 54.07 19.81
N SER A 161 -102.55 54.01 20.69
CA SER A 161 -101.44 54.96 20.67
C SER A 161 -100.29 54.52 19.78
N GLY A 162 -100.25 53.25 19.39
CA GLY A 162 -99.18 52.75 18.54
C GLY A 162 -98.12 51.97 19.28
N VAL A 163 -98.52 51.07 20.17
CA VAL A 163 -97.61 50.16 20.85
C VAL A 163 -98.23 48.77 20.85
N SER A 164 -97.42 47.76 20.60
CA SER A 164 -97.94 46.40 20.48
C SER A 164 -98.30 45.84 21.85
N GLN A 165 -99.25 44.89 21.84
CA GLN A 165 -99.71 44.19 23.03
C GLN A 165 -99.07 42.82 23.17
N TYR A 166 -97.79 42.71 22.82
CA TYR A 166 -97.15 41.40 22.71
C TYR A 166 -97.35 40.57 23.97
N LYS A 167 -97.08 41.16 25.14
CA LYS A 167 -97.17 40.46 26.41
C LYS A 167 -98.38 40.88 27.23
N LYS A 168 -99.35 41.57 26.64
CA LYS A 168 -100.43 42.19 27.39
C LYS A 168 -101.80 41.94 26.75
N ARG A 169 -102.08 40.70 26.38
CA ARG A 169 -103.40 40.36 25.88
C ARG A 169 -104.29 39.89 27.02
N THR A 170 -105.60 39.99 26.80
CA THR A 170 -106.60 39.65 27.82
C THR A 170 -107.77 38.93 27.17
N ALA A 171 -108.49 38.15 27.99
CA ALA A 171 -109.59 37.35 27.48
C ALA A 171 -110.75 38.24 27.06
N LYS A 172 -111.66 37.68 26.27
CA LYS A 172 -112.79 38.42 25.75
C LYS A 172 -113.92 37.44 25.42
N ALA A 173 -115.08 38.00 25.10
CA ALA A 173 -116.22 37.18 24.72
C ALA A 173 -115.97 36.50 23.39
N GLY A 174 -116.41 35.25 23.28
CA GLY A 174 -116.15 34.45 22.10
C GLY A 174 -117.31 34.45 21.11
N THR A 175 -117.21 33.51 20.16
CA THR A 175 -118.20 33.37 19.10
C THR A 175 -118.89 32.02 19.06
N ILE A 176 -118.20 30.93 19.39
CA ILE A 176 -118.86 29.63 19.42
C ILE A 176 -119.66 29.51 20.71
N GLY A 177 -120.79 28.81 20.64
CA GLY A 177 -121.62 28.67 21.81
C GLY A 177 -122.10 29.98 22.39
N THR A 178 -122.46 30.95 21.54
CA THR A 178 -123.00 32.22 22.01
C THR A 178 -124.34 32.05 22.69
N GLU A 179 -125.01 30.91 22.54
CA GLU A 179 -126.22 30.65 23.31
C GLU A 179 -125.96 30.77 24.81
N ALA A 180 -124.76 30.43 25.26
CA ALA A 180 -124.33 30.64 26.64
C ALA A 180 -123.22 31.66 26.65
N THR A 181 -123.40 32.72 27.43
CA THR A 181 -122.40 33.78 27.48
C THR A 181 -121.00 33.31 27.83
N PRO A 182 -120.80 32.37 28.78
CA PRO A 182 -119.44 32.05 29.22
C PRO A 182 -118.48 31.59 28.12
N SER A 183 -118.98 31.37 26.90
CA SER A 183 -118.08 31.09 25.79
C SER A 183 -117.08 32.23 25.62
N THR A 184 -115.79 31.91 25.70
CA THR A 184 -114.78 32.98 25.76
C THR A 184 -113.54 32.63 24.97
N ILE A 185 -112.85 33.67 24.50
CA ILE A 185 -111.53 33.51 23.88
C ILE A 185 -110.46 33.71 24.93
N THR A 186 -109.57 32.73 25.07
CA THR A 186 -108.46 32.88 25.99
C THR A 186 -107.13 32.66 25.26
N PRO A 187 -106.14 33.51 25.50
CA PRO A 187 -104.86 33.38 24.78
C PRO A 187 -103.93 32.35 25.39
N LEU A 188 -103.07 31.79 24.55
CA LEU A 188 -102.15 30.73 24.94
C LEU A 188 -100.69 31.05 24.68
N ALA A 189 -100.36 31.69 23.57
CA ALA A 189 -98.97 31.97 23.26
C ALA A 189 -98.88 33.10 22.23
N ASP A 190 -97.70 33.69 22.14
CA ASP A 190 -97.39 34.72 21.15
C ASP A 190 -96.10 34.36 20.43
N PHE A 191 -96.00 34.80 19.18
CA PHE A 191 -94.81 34.61 18.37
C PHE A 191 -94.52 35.89 17.61
N ARG A 192 -93.24 36.16 17.39
CA ARG A 192 -92.81 37.45 16.84
C ARG A 192 -91.57 37.26 15.99
N CYS A 193 -91.41 38.10 14.99
CA CYS A 193 -90.23 38.05 14.14
C CYS A 193 -89.07 38.80 14.78
N ARG A 194 -87.87 38.25 14.59
CA ARG A 194 -86.68 38.82 15.21
C ARG A 194 -86.15 40.06 14.50
N PHE A 195 -86.53 40.26 13.24
CA PHE A 195 -86.02 41.35 12.44
C PHE A 195 -87.18 42.15 11.86
N LYS A 196 -86.83 43.24 11.18
CA LYS A 196 -87.80 44.07 10.47
C LYS A 196 -87.55 43.89 8.97
N SER A 197 -88.38 43.07 8.34
CA SER A 197 -88.23 42.77 6.91
C SER A 197 -89.38 41.86 6.48
N SER A 198 -89.42 41.59 5.17
CA SER A 198 -90.41 40.68 4.63
C SER A 198 -90.19 39.24 5.09
N LEU A 199 -89.01 38.94 5.63
CA LEU A 199 -88.76 37.60 6.14
C LEU A 199 -89.75 37.21 7.22
N GLY A 200 -90.21 38.18 8.00
CA GLY A 200 -91.22 37.89 9.01
C GLY A 200 -92.54 37.45 8.40
N ALA A 201 -93.00 38.16 7.38
CA ALA A 201 -94.23 37.77 6.70
C ALA A 201 -94.08 36.46 5.93
N ASN A 202 -92.85 36.09 5.56
CA ASN A 202 -92.61 34.83 4.88
C ASN A 202 -92.26 33.67 5.80
N THR A 203 -92.09 33.91 7.09
CA THR A 203 -91.83 32.82 8.03
C THR A 203 -93.12 32.08 8.35
N ALA A 204 -92.98 30.80 8.72
CA ALA A 204 -94.11 29.96 9.07
C ALA A 204 -93.73 28.99 10.18
N LEU A 205 -94.73 28.56 10.94
CA LEU A 205 -94.52 27.64 12.06
C LEU A 205 -95.58 26.55 12.05
N ARG A 206 -95.20 25.38 12.55
CA ARG A 206 -96.10 24.24 12.67
C ARG A 206 -95.98 23.65 14.08
N ILE A 207 -97.11 23.25 14.64
CA ILE A 207 -97.16 22.60 15.94
C ILE A 207 -98.23 21.52 15.89
N TRP A 208 -97.88 20.31 16.31
CA TRP A 208 -98.86 19.22 16.34
C TRP A 208 -98.50 18.25 17.46
N ALA A 209 -99.42 17.32 17.72
CA ALA A 209 -99.30 16.36 18.81
C ALA A 209 -99.25 14.94 18.24
N PRO A 210 -98.09 14.29 18.22
CA PRO A 210 -98.00 12.96 17.62
C PRO A 210 -98.39 11.85 18.59
N THR A 211 -98.77 10.72 18.02
CA THR A 211 -99.14 9.52 18.76
C THR A 211 -98.24 8.37 18.32
N ILE A 212 -98.55 7.17 18.82
CA ILE A 212 -97.69 6.01 18.55
C ILE A 212 -97.65 5.71 17.07
N ASN A 213 -98.70 6.02 16.33
CA ASN A 213 -98.81 5.66 14.92
C ASN A 213 -98.48 6.81 13.98
N SER A 214 -98.03 7.96 14.50
CA SER A 214 -97.69 9.08 13.64
C SER A 214 -96.42 8.77 12.85
N ALA A 215 -96.13 9.66 11.89
CA ALA A 215 -94.90 9.52 11.11
C ALA A 215 -93.67 9.65 11.98
N GLN A 216 -93.65 10.57 12.94
CA GLN A 216 -92.62 10.63 13.97
C GLN A 216 -93.23 10.01 15.21
N ALA A 217 -93.14 8.68 15.29
CA ALA A 217 -93.83 7.95 16.34
C ALA A 217 -93.42 8.44 17.72
N ALA A 218 -94.40 8.70 18.57
CA ALA A 218 -94.12 9.10 19.94
C ALA A 218 -93.88 7.87 20.81
N ASP A 219 -93.33 8.11 22.00
CA ASP A 219 -93.03 7.04 22.95
C ASP A 219 -93.64 7.39 24.30
N ALA A 220 -94.44 6.46 24.84
CA ALA A 220 -95.15 6.73 26.08
C ALA A 220 -94.24 6.60 27.30
N ASP A 221 -93.12 5.89 27.15
CA ASP A 221 -92.25 5.66 28.29
C ASP A 221 -91.62 6.95 28.78
N LEU A 222 -91.18 7.81 27.86
CA LEU A 222 -90.62 9.09 28.27
C LEU A 222 -91.66 9.96 28.95
N GLN A 223 -92.89 9.96 28.44
CA GLN A 223 -93.94 10.75 29.05
C GLN A 223 -94.27 10.24 30.44
N ALA A 224 -94.28 8.92 30.63
CA ALA A 224 -94.45 8.39 31.98
C ALA A 224 -93.29 8.80 32.88
N ARG A 225 -92.07 8.74 32.36
CA ARG A 225 -90.90 9.10 33.18
C ARG A 225 -90.97 10.54 33.63
N ILE A 226 -91.32 11.45 32.73
CA ILE A 226 -91.61 12.84 33.06
C ILE A 226 -92.99 13.16 32.53
N LYS A 227 -93.92 13.49 33.42
CA LYS A 227 -95.33 13.58 33.07
C LYS A 227 -95.59 14.93 32.41
N SER A 228 -95.62 14.91 31.09
CA SER A 228 -96.01 16.05 30.29
C SER A 228 -96.10 15.59 28.85
N PHE A 229 -97.17 15.98 28.16
CA PHE A 229 -97.32 15.57 26.77
C PHE A 229 -96.35 16.35 25.91
N LEU A 230 -95.78 15.67 24.91
CA LEU A 230 -94.76 16.25 24.05
C LEU A 230 -95.35 16.56 22.69
N TYR A 231 -95.14 17.78 22.22
CA TYR A 231 -95.61 18.23 20.93
C TYR A 231 -94.43 18.45 19.98
N ARG A 232 -94.65 18.18 18.70
CA ARG A 232 -93.66 18.46 17.68
C ARG A 232 -93.83 19.89 17.18
N PHE A 233 -92.70 20.60 17.07
CA PHE A 233 -92.65 21.99 16.66
C PHE A 233 -91.68 22.14 15.50
N GLN A 234 -92.01 23.00 14.54
CA GLN A 234 -91.23 23.12 13.32
C GLN A 234 -91.31 24.54 12.79
N ILE A 235 -90.24 24.97 12.12
CA ILE A 235 -90.15 26.29 11.50
C ILE A 235 -89.90 26.10 10.00
N LEU A 236 -90.63 26.84 9.18
CA LEU A 236 -90.44 26.81 7.74
C LEU A 236 -90.30 28.24 7.23
N THR A 237 -89.66 28.40 6.08
CA THR A 237 -89.50 29.71 5.47
C THR A 237 -89.51 29.57 3.96
N ARG A 238 -90.10 30.55 3.27
CA ARG A 238 -90.24 30.50 1.83
C ARG A 238 -89.47 31.64 1.19
N ALA A 239 -89.28 31.53 -0.12
CA ALA A 239 -88.54 32.56 -0.86
C ALA A 239 -89.43 33.77 -1.14
N ASP A 240 -90.53 33.55 -1.86
CA ASP A 240 -91.48 34.61 -2.17
C ASP A 240 -92.89 34.03 -2.08
N LYS A 241 -93.87 34.93 -2.12
CA LYS A 241 -95.24 34.52 -1.80
C LYS A 241 -95.73 33.41 -2.71
N ALA A 242 -95.20 33.30 -3.91
CA ALA A 242 -95.63 32.27 -4.85
C ALA A 242 -94.82 30.98 -4.72
N SER A 243 -93.78 30.96 -3.89
CA SER A 243 -92.92 29.79 -3.76
C SER A 243 -93.52 28.81 -2.75
N SER A 244 -92.72 27.83 -2.35
CA SER A 244 -93.13 26.85 -1.35
C SER A 244 -92.14 26.84 -0.19
N PRO A 245 -92.57 26.49 1.01
CA PRO A 245 -91.70 26.60 2.18
C PRO A 245 -90.62 25.53 2.21
N THR A 246 -89.58 25.81 2.99
CA THR A 246 -88.47 24.90 3.23
C THR A 246 -88.21 24.89 4.73
N ILE A 247 -87.97 23.69 5.26
CA ILE A 247 -87.80 23.55 6.70
C ILE A 247 -86.49 24.18 7.13
N PHE A 248 -86.54 24.95 8.22
CA PHE A 248 -85.38 25.59 8.81
C PHE A 248 -84.86 24.68 9.92
N GLU A 249 -83.76 23.98 9.65
CA GLU A 249 -83.27 22.98 10.58
C GLU A 249 -82.57 23.61 11.77
N THR A 250 -82.59 22.90 12.89
CA THR A 250 -81.89 23.33 14.08
C THR A 250 -80.38 23.24 13.86
N ILE A 251 -79.62 23.92 14.71
CA ILE A 251 -78.17 23.95 14.55
C ILE A 251 -77.57 22.55 14.64
N TYR A 252 -78.30 21.59 15.22
CA TYR A 252 -77.89 20.20 15.21
C TYR A 252 -78.46 19.43 14.03
N ASN A 253 -78.84 20.14 12.97
CA ASN A 253 -79.30 19.52 11.72
C ASN A 253 -80.45 18.55 11.97
N GLU A 254 -81.48 19.04 12.67
CA GLU A 254 -82.71 18.29 12.83
C GLU A 254 -83.89 19.07 12.26
N PRO A 255 -84.94 18.39 11.80
CA PRO A 255 -86.07 19.10 11.19
C PRO A 255 -87.05 19.68 12.19
N SER A 256 -87.24 19.04 13.35
CA SER A 256 -88.26 19.47 14.29
C SER A 256 -87.82 19.19 15.71
N LEU A 257 -88.50 19.82 16.66
CA LEU A 257 -88.23 19.70 18.09
C LEU A 257 -89.41 19.07 18.82
N SER A 258 -89.13 18.48 19.97
CA SER A 258 -90.16 18.03 20.90
C SER A 258 -90.16 18.95 22.11
N VAL A 259 -91.33 19.48 22.46
CA VAL A 259 -91.46 20.46 23.53
C VAL A 259 -92.63 20.06 24.43
N GLY A 260 -92.66 20.62 25.63
CA GLY A 260 -93.69 20.27 26.59
C GLY A 260 -93.94 21.37 27.60
N PHE A 261 -95.11 21.30 28.24
CA PHE A 261 -95.50 22.28 29.23
C PHE A 261 -95.07 21.85 30.63
N GLY A 262 -94.67 22.82 31.44
CA GLY A 262 -94.26 22.57 32.80
C GLY A 262 -93.17 23.50 33.28
N GLU A 263 -92.75 23.37 34.53
CA GLU A 263 -91.75 24.28 35.08
C GLU A 263 -90.35 23.94 34.58
N ASN A 264 -89.85 22.75 34.90
CA ASN A 264 -88.60 22.27 34.34
C ASN A 264 -88.72 20.77 34.12
N LEU A 265 -88.62 20.36 32.86
CA LEU A 265 -88.78 18.95 32.49
C LEU A 265 -87.41 18.34 32.23
N VAL A 266 -86.79 17.91 33.32
CA VAL A 266 -85.47 17.28 33.25
C VAL A 266 -85.64 15.77 33.28
N ASP A 267 -84.97 15.09 32.35
CA ASP A 267 -85.02 13.64 32.28
C ASP A 267 -83.92 13.06 33.14
N PRO A 268 -84.23 12.37 34.24
CA PRO A 268 -83.15 11.81 35.07
C PRO A 268 -82.25 10.83 34.33
N GLN A 269 -82.79 10.06 33.39
CA GLN A 269 -82.00 9.06 32.69
C GLN A 269 -81.03 9.65 31.68
N THR A 270 -81.30 10.83 31.16
CA THR A 270 -80.43 11.45 30.17
C THR A 270 -80.15 12.93 30.42
N GLU A 271 -80.79 13.56 31.40
CA GLU A 271 -80.58 14.96 31.76
C GLU A 271 -80.99 15.91 30.65
N VAL A 272 -82.02 15.57 29.87
CA VAL A 272 -82.48 16.46 28.82
C VAL A 272 -83.54 17.39 29.38
N VAL A 273 -83.57 18.62 28.90
CA VAL A 273 -84.54 19.63 29.32
C VAL A 273 -85.54 19.80 28.19
N TYR A 274 -86.81 19.54 28.49
CA TYR A 274 -87.88 19.62 27.49
C TYR A 274 -88.73 20.88 27.63
N ASP A 275 -88.22 21.92 28.28
CA ASP A 275 -89.01 23.13 28.45
C ASP A 275 -89.23 23.81 27.11
N PHE A 276 -90.42 24.39 26.94
CA PHE A 276 -90.82 24.93 25.65
C PHE A 276 -89.91 26.07 25.20
N VAL A 277 -89.96 27.19 25.89
CA VAL A 277 -89.27 28.40 25.44
C VAL A 277 -87.76 28.18 25.47
N GLU A 278 -87.25 27.63 26.58
CA GLU A 278 -85.81 27.49 26.72
C GLU A 278 -85.25 26.56 25.65
N ARG A 279 -85.90 25.42 25.44
CA ARG A 279 -85.42 24.47 24.42
C ARG A 279 -85.46 25.09 23.03
N ILE A 280 -86.59 25.69 22.65
CA ILE A 280 -86.68 26.27 21.32
C ILE A 280 -85.57 27.31 21.12
N ASP A 281 -85.46 28.25 22.06
CA ASP A 281 -84.53 29.35 21.89
C ASP A 281 -83.09 28.87 21.85
N SER A 282 -82.74 27.91 22.71
CA SER A 282 -81.35 27.47 22.78
C SER A 282 -80.99 26.56 21.61
N ARG A 283 -81.95 25.80 21.09
CA ARG A 283 -81.65 24.86 20.01
C ARG A 283 -81.67 25.52 18.64
N TYR A 284 -82.39 26.63 18.47
CA TYR A 284 -82.51 27.19 17.13
C TYR A 284 -81.52 28.32 16.83
N ASN A 285 -80.80 28.83 17.84
CA ASN A 285 -79.93 29.97 17.64
C ASN A 285 -78.48 29.61 17.97
N ASP A 286 -77.57 30.49 17.52
CA ASP A 286 -76.14 30.30 17.75
C ASP A 286 -75.47 31.66 17.61
N GLU A 287 -75.03 32.22 18.74
CA GLU A 287 -74.43 33.55 18.77
C GLU A 287 -72.92 33.55 18.62
N ASP A 288 -72.28 32.39 18.62
CA ASP A 288 -70.82 32.35 18.66
C ASP A 288 -70.25 33.01 17.41
N PRO A 289 -69.42 34.05 17.55
CA PRO A 289 -68.98 34.79 16.34
C PRO A 289 -68.38 33.98 15.20
N SER A 290 -67.89 32.77 15.45
CA SER A 290 -67.31 31.96 14.39
C SER A 290 -68.34 31.15 13.64
N THR A 291 -69.40 30.70 14.34
CA THR A 291 -70.49 29.94 13.73
C THR A 291 -71.77 30.64 14.16
N TYR A 292 -72.32 31.49 13.29
CA TYR A 292 -73.32 32.47 13.68
C TYR A 292 -74.59 32.25 12.87
N LEU A 293 -75.71 32.04 13.56
CA LEU A 293 -77.02 32.03 12.93
C LEU A 293 -78.08 32.43 13.93
N MET A 294 -78.95 33.34 13.52
CA MET A 294 -80.09 33.77 14.32
C MET A 294 -81.37 33.28 13.67
N SER A 295 -82.19 32.57 14.43
CA SER A 295 -83.44 32.08 13.89
C SER A 295 -84.36 33.27 13.57
N PRO A 296 -85.17 33.18 12.51
CA PRO A 296 -86.11 34.28 12.25
C PRO A 296 -87.08 34.51 13.39
N LEU A 297 -87.50 33.45 14.07
CA LEU A 297 -88.42 33.57 15.18
C LEU A 297 -87.69 34.06 16.42
N ASP A 298 -88.29 35.00 17.13
CA ASP A 298 -87.72 35.54 18.36
C ASP A 298 -87.93 34.54 19.50
N THR A 299 -87.62 34.98 20.71
CA THR A 299 -87.87 34.15 21.89
C THR A 299 -89.37 34.10 22.16
N PRO A 300 -90.01 32.93 22.15
CA PRO A 300 -91.46 32.88 22.34
C PRO A 300 -91.88 33.36 23.72
N TYR A 301 -93.11 33.86 23.80
CA TYR A 301 -93.78 34.15 25.06
C TYR A 301 -94.94 33.17 25.24
N LEU A 302 -95.38 33.00 26.48
CA LEU A 302 -96.39 31.99 26.79
C LEU A 302 -97.21 32.45 28.00
N TYR A 303 -98.52 32.26 27.93
CA TYR A 303 -99.43 32.67 29.00
C TYR A 303 -99.66 31.49 29.94
N GLN A 304 -98.76 31.38 30.91
CA GLN A 304 -98.78 30.24 31.82
C GLN A 304 -100.08 30.19 32.61
N ALA A 305 -100.55 31.34 33.07
CA ALA A 305 -101.77 31.38 33.88
C ALA A 305 -102.94 30.75 33.13
N ASN A 306 -103.18 31.20 31.89
CA ASN A 306 -104.35 30.74 31.16
C ASN A 306 -104.18 29.30 30.70
N ILE A 307 -102.99 28.92 30.24
CA ILE A 307 -102.79 27.52 29.84
C ILE A 307 -103.01 26.60 31.03
N ASP A 308 -102.46 26.98 32.19
CA ASP A 308 -102.64 26.16 33.39
C ASP A 308 -104.10 26.11 33.81
N SER A 309 -104.81 27.23 33.68
CA SER A 309 -106.21 27.25 34.07
C SER A 309 -107.03 26.29 33.20
N VAL A 310 -106.80 26.32 31.88
CA VAL A 310 -107.54 25.43 30.99
C VAL A 310 -107.20 23.98 31.29
N LEU A 311 -105.92 23.68 31.52
CA LEU A 311 -105.54 22.32 31.87
C LEU A 311 -106.23 21.89 33.16
N THR A 312 -106.26 22.77 34.15
CA THR A 312 -106.91 22.45 35.42
C THR A 312 -108.39 22.17 35.21
N ALA A 313 -109.05 22.98 34.39
CA ALA A 313 -110.47 22.79 34.15
C ALA A 313 -110.73 21.43 33.50
N ILE A 314 -109.99 21.11 32.44
CA ILE A 314 -110.25 19.85 31.75
C ILE A 314 -109.92 18.67 32.65
N GLN A 315 -108.87 18.78 33.48
CA GLN A 315 -108.57 17.69 34.41
C GLN A 315 -109.68 17.54 35.43
N GLU A 316 -110.08 18.64 36.09
CA GLU A 316 -111.15 18.58 37.07
C GLU A 316 -112.39 17.92 36.48
N LEU A 317 -112.70 18.22 35.22
CA LEU A 317 -113.90 17.66 34.61
C LEU A 317 -113.72 16.19 34.31
N GLU A 318 -112.78 15.84 33.43
CA GLU A 318 -112.72 14.51 32.85
C GLU A 318 -111.58 13.65 33.36
N ALA A 319 -110.70 14.18 34.21
CA ALA A 319 -109.65 13.32 34.78
C ALA A 319 -110.26 12.19 35.61
N PRO A 320 -111.17 12.45 36.55
CA PRO A 320 -111.85 11.34 37.23
C PRO A 320 -112.92 10.73 36.35
N PHE A 321 -112.51 10.01 35.32
CA PHE A 321 -113.43 9.40 34.38
C PHE A 321 -112.84 8.08 33.89
N ASP A 322 -113.50 7.48 32.90
CA ASP A 322 -113.24 6.09 32.56
C ASP A 322 -111.85 5.87 31.98
N THR A 323 -111.45 6.64 30.96
CA THR A 323 -110.27 6.28 30.18
C THR A 323 -109.18 7.35 30.20
N VAL A 324 -109.01 8.05 31.32
CA VAL A 324 -107.91 9.00 31.49
C VAL A 324 -107.51 8.99 32.96
N SER A 325 -106.20 9.11 33.20
CA SER A 325 -105.70 9.08 34.56
C SER A 325 -106.21 10.29 35.34
N ALA A 326 -106.64 10.03 36.58
CA ALA A 326 -107.21 11.08 37.42
C ALA A 326 -106.19 11.73 38.34
N ASP A 327 -104.95 11.24 38.35
CA ASP A 327 -103.95 11.72 39.30
C ASP A 327 -103.78 13.22 39.18
N GLU A 328 -103.19 13.81 40.22
CA GLU A 328 -103.01 15.26 40.24
C GLU A 328 -102.07 15.73 39.14
N ASP A 329 -100.94 15.06 38.98
CA ASP A 329 -99.91 15.50 38.04
C ASP A 329 -100.29 15.27 36.59
N ASP A 330 -101.37 14.55 36.33
CA ASP A 330 -101.85 14.34 34.97
C ASP A 330 -102.23 15.64 34.29
N LEU A 331 -102.26 16.75 35.03
CA LEU A 331 -102.64 18.04 34.46
C LEU A 331 -101.82 18.33 33.22
N TYR A 332 -100.50 18.18 33.30
CA TYR A 332 -99.65 18.40 32.14
C TYR A 332 -99.56 17.18 31.23
N GLN A 333 -100.07 16.02 31.66
CA GLN A 333 -100.24 14.93 30.72
C GLN A 333 -101.36 15.21 29.72
N ILE A 334 -102.37 15.96 30.13
CA ILE A 334 -103.53 16.19 29.28
C ILE A 334 -103.09 16.68 27.91
N ASN A 335 -103.55 16.02 26.86
CA ASN A 335 -103.25 16.41 25.47
C ASN A 335 -104.19 17.52 25.07
N LEU A 336 -103.66 18.75 24.98
CA LEU A 336 -104.52 19.89 24.73
C LEU A 336 -104.87 20.02 23.25
N PHE A 337 -103.87 20.13 22.39
CA PHE A 337 -104.11 20.40 20.98
C PHE A 337 -104.79 19.21 20.28
N GLY A 338 -104.44 18.00 20.67
CA GLY A 338 -105.12 16.81 20.21
C GLY A 338 -106.33 16.50 21.07
N ALA A 339 -106.83 15.28 20.93
CA ALA A 339 -107.97 14.82 21.72
C ALA A 339 -107.79 13.38 22.15
N GLN A 340 -106.54 12.98 22.38
CA GLN A 340 -106.26 11.59 22.74
C GLN A 340 -104.93 11.53 23.47
N THR A 341 -104.75 10.45 24.22
CA THR A 341 -103.49 10.22 24.92
C THR A 341 -102.41 9.79 23.93
N VAL A 342 -101.24 9.48 24.48
CA VAL A 342 -100.12 9.09 23.64
C VAL A 342 -100.45 7.83 22.84
N GLU A 343 -101.20 6.90 23.43
CA GLU A 343 -101.54 5.67 22.72
C GLU A 343 -102.59 5.88 21.64
N GLY A 344 -103.29 7.01 21.64
CA GLY A 344 -104.26 7.28 20.60
C GLY A 344 -105.68 6.90 20.93
N VAL A 345 -106.08 6.97 22.20
CA VAL A 345 -107.45 6.68 22.61
C VAL A 345 -108.18 8.02 22.71
N PRO A 346 -109.24 8.23 21.92
CA PRO A 346 -109.85 9.56 21.89
C PRO A 346 -110.44 9.97 23.24
N TYR A 347 -110.39 11.26 23.51
CA TYR A 347 -111.08 11.85 24.65
C TYR A 347 -112.54 12.07 24.28
N HIS A 348 -113.43 11.19 24.77
CA HIS A 348 -114.84 11.53 24.72
C HIS A 348 -115.16 12.53 25.83
N ALA A 349 -116.18 13.36 25.58
CA ALA A 349 -116.50 14.55 26.36
C ALA A 349 -115.67 15.77 25.96
N VAL A 350 -114.91 15.69 24.87
CA VAL A 350 -114.18 16.83 24.33
C VAL A 350 -114.41 16.89 22.83
N GLN A 351 -114.76 18.07 22.33
CA GLN A 351 -115.00 18.27 20.91
C GLN A 351 -114.20 19.47 20.42
N ILE A 352 -113.40 19.27 19.38
CA ILE A 352 -112.65 20.33 18.72
C ILE A 352 -113.34 20.62 17.39
N LEU A 353 -113.81 21.85 17.23
CA LEU A 353 -114.54 22.20 16.01
C LEU A 353 -113.58 22.31 14.83
N GLY A 354 -113.98 21.74 13.71
CA GLY A 354 -113.12 21.65 12.54
C GLY A 354 -113.10 22.94 11.73
N VAL A 355 -112.57 22.83 10.52
CA VAL A 355 -112.43 23.99 9.65
C VAL A 355 -113.79 24.51 9.23
N LEU A 356 -114.67 23.62 8.75
CA LEU A 356 -115.98 24.05 8.30
C LEU A 356 -116.76 24.74 9.41
N ASP A 357 -116.43 24.45 10.66
CA ASP A 357 -117.05 25.10 11.80
C ASP A 357 -116.28 26.33 12.26
N GLY A 358 -115.23 26.71 11.53
CA GLY A 358 -114.46 27.89 11.87
C GLY A 358 -113.23 27.65 12.72
N GLY A 359 -112.83 26.39 12.91
CA GLY A 359 -111.67 26.09 13.72
C GLY A 359 -110.40 26.05 12.90
N VAL A 360 -109.30 25.71 13.59
CA VAL A 360 -107.99 25.54 12.98
C VAL A 360 -107.48 24.15 13.33
N THR A 361 -107.00 23.43 12.34
CA THR A 361 -106.47 22.07 12.52
C THR A 361 -104.96 22.17 12.72
N LEU A 362 -104.50 21.85 13.92
CA LEU A 362 -103.07 21.82 14.22
C LEU A 362 -102.56 20.41 13.94
N THR A 363 -102.14 20.18 12.71
CA THR A 363 -101.57 18.91 12.30
C THR A 363 -100.18 19.15 11.72
N GLU A 364 -99.58 18.08 11.19
CA GLU A 364 -98.24 18.15 10.63
C GLU A 364 -98.22 18.70 9.22
N THR A 365 -99.37 18.95 8.61
CA THR A 365 -99.44 19.51 7.27
C THR A 365 -99.92 20.95 7.25
N ALA A 366 -100.61 21.41 8.29
CA ALA A 366 -101.05 22.79 8.34
C ALA A 366 -99.87 23.73 8.53
N THR A 367 -99.94 24.89 7.90
CA THR A 367 -98.88 25.90 7.96
C THR A 367 -99.49 27.25 8.31
N ASN A 368 -98.81 28.00 9.15
CA ASN A 368 -99.30 29.28 9.66
C ASN A 368 -98.21 30.33 9.52
N TYR A 369 -98.55 31.46 8.91
CA TYR A 369 -97.59 32.52 8.60
C TYR A 369 -97.82 33.72 9.49
N LEU A 370 -96.73 34.33 9.95
CA LEU A 370 -96.83 35.56 10.71
C LEU A 370 -97.38 36.68 9.84
N GLN A 371 -98.07 37.63 10.47
CA GLN A 371 -98.76 38.70 9.77
C GLN A 371 -98.08 40.03 10.06
N GLY A 372 -97.98 40.88 9.05
CA GLY A 372 -97.44 42.21 9.22
C GLY A 372 -96.04 42.36 8.65
N GLY A 373 -95.32 43.37 9.12
CA GLY A 373 -93.95 43.57 8.69
C GLY A 373 -93.85 44.23 7.33
N GLY A 374 -92.63 44.29 6.84
CA GLY A 374 -92.33 44.92 5.56
C GLY A 374 -90.96 45.59 5.61
N ASP A 375 -90.43 45.87 4.42
CA ASP A 375 -89.10 46.45 4.30
C ASP A 375 -89.10 47.97 4.30
N GLY A 376 -90.19 48.60 3.89
CA GLY A 376 -90.21 50.03 3.65
C GLY A 376 -89.95 50.34 2.19
N THR A 377 -89.71 51.63 1.93
CA THR A 377 -89.47 52.11 0.59
C THR A 377 -87.99 52.00 0.25
N LEU A 378 -87.65 51.12 -0.67
CA LEU A 378 -86.28 50.83 -1.04
C LEU A 378 -85.97 51.45 -2.41
N GLY A 379 -84.68 51.64 -2.66
CA GLY A 379 -84.20 52.23 -3.89
C GLY A 379 -83.13 53.26 -3.61
N ASN A 380 -82.59 53.81 -4.70
CA ASN A 380 -81.46 54.73 -4.58
C ASN A 380 -81.87 56.03 -3.89
N ASP A 381 -83.09 56.51 -4.12
CA ASP A 381 -83.52 57.76 -3.49
C ASP A 381 -83.59 57.62 -1.98
N SER A 382 -84.30 56.61 -1.49
CA SER A 382 -84.36 56.40 -0.05
C SER A 382 -83.00 56.04 0.52
N PHE A 383 -82.17 55.34 -0.25
CA PHE A 383 -80.83 55.05 0.21
C PHE A 383 -80.01 56.32 0.42
N ASN A 384 -80.08 57.24 -0.54
CA ASN A 384 -79.37 58.51 -0.37
C ASN A 384 -79.93 59.30 0.80
N ALA A 385 -81.24 59.27 0.98
CA ALA A 385 -81.84 59.95 2.14
C ALA A 385 -81.29 59.40 3.45
N ALA A 386 -81.25 58.07 3.57
CA ALA A 386 -80.74 57.45 4.79
C ALA A 386 -79.26 57.75 4.99
N ALA A 387 -78.46 57.65 3.94
CA ALA A 387 -77.03 57.91 4.06
C ALA A 387 -76.78 59.36 4.46
N TYR A 388 -77.52 60.30 3.89
CA TYR A 388 -77.38 61.69 4.30
C TYR A 388 -77.78 61.87 5.76
N ALA A 389 -78.88 61.23 6.18
CA ALA A 389 -79.29 61.35 7.56
C ALA A 389 -78.20 60.87 8.51
N VAL A 390 -77.51 59.79 8.15
CA VAL A 390 -76.44 59.27 8.98
C VAL A 390 -75.23 60.19 8.97
N LEU A 391 -74.81 60.66 7.79
CA LEU A 391 -73.54 61.38 7.69
C LEU A 391 -73.66 62.83 8.16
N SER A 392 -74.82 63.47 8.02
CA SER A 392 -74.93 64.88 8.37
C SER A 392 -74.76 65.09 9.86
N ASN A 393 -75.30 64.20 10.68
CA ASN A 393 -75.16 64.27 12.14
C ASN A 393 -74.11 63.26 12.58
N LEU A 394 -72.84 63.65 12.47
CA LEU A 394 -71.76 62.79 12.92
C LEU A 394 -71.31 63.10 14.34
N SER A 395 -71.48 64.34 14.79
CA SER A 395 -70.98 64.76 16.08
C SER A 395 -72.02 64.67 17.20
N ASN A 396 -73.28 64.37 16.88
CA ASN A 396 -74.29 64.26 17.92
C ASN A 396 -75.27 63.13 17.64
N ASN A 397 -74.85 62.12 16.89
CA ASN A 397 -75.71 60.96 16.63
C ASN A 397 -75.88 60.14 17.90
N ALA A 398 -77.12 59.73 18.16
CA ALA A 398 -77.44 58.93 19.33
C ALA A 398 -77.29 57.43 19.09
N ALA A 399 -76.98 57.02 17.86
CA ALA A 399 -76.81 55.61 17.54
C ALA A 399 -75.38 55.14 17.73
N PHE A 400 -74.41 55.92 17.27
CA PHE A 400 -73.01 55.54 17.39
C PHE A 400 -72.14 56.75 17.10
N ASN A 401 -71.08 56.89 17.88
CA ASN A 401 -70.09 57.94 17.72
C ASN A 401 -68.89 57.34 17.00
N ILE A 402 -68.60 57.83 15.79
CA ILE A 402 -67.60 57.19 14.94
C ILE A 402 -66.23 57.87 15.05
N THR A 403 -66.02 58.68 16.08
CA THR A 403 -64.68 59.15 16.40
C THR A 403 -63.97 58.23 17.38
N ASN A 404 -64.57 57.09 17.69
CA ASN A 404 -64.00 56.10 18.59
C ASN A 404 -63.02 55.26 17.79
N TYR A 405 -61.72 55.56 17.91
CA TYR A 405 -60.72 54.88 17.10
C TYR A 405 -60.68 53.39 17.40
N ALA A 406 -60.80 53.02 18.67
CA ALA A 406 -60.61 51.63 19.06
C ALA A 406 -61.81 50.76 18.70
N ARG A 407 -62.99 51.35 18.63
CA ARG A 407 -64.21 50.58 18.42
C ARG A 407 -64.64 50.51 16.97
N TYR A 408 -64.14 51.39 16.11
CA TYR A 408 -64.51 51.43 14.70
C TYR A 408 -63.22 51.53 13.88
N PRO A 409 -62.55 50.41 13.63
CA PRO A 409 -61.28 50.42 12.91
C PRO A 409 -61.37 50.75 11.44
N PHE A 410 -62.52 51.15 10.91
CA PHE A 410 -62.60 51.52 9.51
C PHE A 410 -61.67 52.69 9.23
N ASN A 411 -61.05 52.70 8.05
CA ASN A 411 -60.17 53.79 7.67
C ASN A 411 -60.33 54.28 6.24
N ALA A 412 -61.22 53.70 5.44
CA ALA A 412 -61.38 54.09 4.05
C ALA A 412 -62.85 54.25 3.71
N PHE A 413 -63.17 55.27 2.91
CA PHE A 413 -64.54 55.49 2.45
C PHE A 413 -64.52 55.78 0.96
N TRP A 414 -65.29 55.03 0.19
CA TRP A 414 -65.37 55.17 -1.26
C TRP A 414 -66.75 55.66 -1.65
N ASP A 415 -66.81 56.76 -2.40
CA ASP A 415 -68.06 57.25 -2.93
C ASP A 415 -68.51 56.35 -4.07
N SER A 416 -69.67 55.72 -3.91
CA SER A 416 -70.18 54.79 -4.90
C SER A 416 -71.22 55.41 -5.83
N GLY A 417 -71.42 56.73 -5.76
CA GLY A 417 -72.36 57.39 -6.63
C GLY A 417 -73.44 58.16 -5.91
N PHE A 418 -73.15 58.64 -4.71
CA PHE A 418 -74.12 59.44 -3.98
C PHE A 418 -74.42 60.73 -4.73
N ASP A 419 -75.63 61.25 -4.55
CA ASP A 419 -75.98 62.53 -5.13
C ASP A 419 -75.07 63.63 -4.59
N LEU A 420 -75.06 64.77 -5.28
CA LEU A 420 -74.13 65.82 -4.95
C LEU A 420 -74.40 66.43 -3.57
N LYS A 421 -75.63 66.33 -3.07
CA LYS A 421 -75.89 66.83 -1.72
C LYS A 421 -75.21 65.96 -0.67
N THR A 422 -75.22 64.64 -0.87
CA THR A 422 -74.55 63.76 0.08
C THR A 422 -73.05 63.75 -0.14
N LYS A 423 -72.59 64.00 -1.36
CA LYS A 423 -71.16 64.02 -1.62
C LYS A 423 -70.44 65.04 -0.76
N GLN A 424 -71.13 66.09 -0.33
CA GLN A 424 -70.48 67.21 0.34
C GLN A 424 -70.45 67.08 1.86
N THR A 425 -70.95 65.97 2.41
CA THR A 425 -70.81 65.69 3.83
C THR A 425 -69.76 64.64 4.12
N ILE A 426 -69.14 64.07 3.10
CA ILE A 426 -68.13 63.02 3.27
C ILE A 426 -66.77 63.64 3.61
N PRO A 427 -66.35 64.74 2.97
CA PRO A 427 -64.98 65.23 3.19
C PRO A 427 -64.63 65.49 4.64
N GLN A 428 -65.64 65.66 5.50
CA GLN A 428 -65.37 65.98 6.89
C GLN A 428 -64.79 64.80 7.68
N LEU A 429 -64.74 63.61 7.09
CA LEU A 429 -64.13 62.48 7.77
C LEU A 429 -62.63 62.68 7.95
N ILE A 430 -61.95 63.18 6.91
CA ILE A 430 -60.53 63.50 7.01
C ILE A 430 -60.27 64.74 7.84
N GLY A 431 -61.31 65.36 8.39
CA GLY A 431 -61.12 66.42 9.36
C GLY A 431 -61.37 65.92 10.75
N LEU A 432 -62.36 65.04 10.90
CA LEU A 432 -62.70 64.53 12.22
C LEU A 432 -61.78 63.40 12.69
N ARG A 433 -61.09 62.72 11.77
CA ARG A 433 -60.20 61.62 12.15
C ARG A 433 -58.87 61.75 11.43
N ALA A 434 -57.80 61.29 12.09
CA ALA A 434 -56.44 61.42 11.57
C ALA A 434 -55.92 60.13 10.96
N ASP A 435 -56.77 59.14 10.72
CA ASP A 435 -56.37 57.90 10.08
C ASP A 435 -57.41 57.47 9.06
N THR A 436 -57.88 58.40 8.25
CA THR A 436 -58.96 58.15 7.30
C THR A 436 -58.53 58.56 5.90
N TRP A 437 -59.12 57.88 4.91
CA TRP A 437 -58.76 58.04 3.51
C TRP A 437 -60.03 57.96 2.68
N ILE A 438 -60.27 58.97 1.85
CA ILE A 438 -61.53 59.09 1.12
C ILE A 438 -61.27 59.12 -0.38
N ALA A 439 -62.11 58.41 -1.13
CA ALA A 439 -62.14 58.48 -2.58
C ALA A 439 -63.48 59.04 -3.00
N LEU A 440 -63.45 60.09 -3.82
CA LEU A 440 -64.65 60.79 -4.25
C LEU A 440 -64.92 60.54 -5.73
N SER A 441 -66.19 60.62 -6.11
CA SER A 441 -66.63 60.41 -7.48
C SER A 441 -67.36 61.66 -7.94
N THR A 442 -67.12 62.06 -9.19
CA THR A 442 -67.79 63.21 -9.77
C THR A 442 -69.06 62.83 -10.52
N GLN A 443 -69.70 61.73 -10.15
CA GLN A 443 -70.84 61.21 -10.90
C GLN A 443 -71.98 60.87 -9.94
N ASP A 444 -73.21 61.15 -10.37
CA ASP A 444 -74.41 60.74 -9.67
C ASP A 444 -75.06 59.63 -10.50
N ILE A 445 -75.05 58.41 -9.98
CA ILE A 445 -75.46 57.26 -10.76
C ILE A 445 -76.95 57.29 -11.10
N SER A 446 -77.73 58.10 -10.40
CA SER A 446 -79.14 58.23 -10.72
C SER A 446 -79.42 59.22 -11.84
N SER A 447 -78.40 59.87 -12.38
CA SER A 447 -78.55 60.88 -13.41
C SER A 447 -77.86 60.42 -14.70
N ASP A 448 -77.89 61.29 -15.69
CA ASP A 448 -77.23 61.01 -16.96
C ASP A 448 -75.73 61.19 -16.84
N PHE A 449 -74.98 60.48 -17.67
CA PHE A 449 -73.54 60.63 -17.67
C PHE A 449 -73.18 62.08 -17.94
N ASN A 450 -72.28 62.62 -17.12
CA ASN A 450 -71.99 64.04 -17.16
C ASN A 450 -71.15 64.40 -18.38
N SER A 451 -71.26 65.65 -18.80
CA SER A 451 -70.43 66.18 -19.86
C SER A 451 -69.15 66.77 -19.28
N ASN A 452 -68.29 67.28 -20.16
CA ASN A 452 -67.00 67.82 -19.70
C ASN A 452 -67.21 69.01 -18.78
N GLU A 453 -68.13 69.91 -19.13
CA GLU A 453 -68.38 71.08 -18.30
C GLU A 453 -68.92 70.70 -16.94
N GLU A 454 -69.85 69.75 -16.89
CA GLU A 454 -70.37 69.31 -15.61
C GLU A 454 -69.30 68.61 -14.78
N GLU A 455 -68.46 67.79 -15.41
CA GLU A 455 -67.31 67.23 -14.70
C GLU A 455 -66.49 68.32 -14.06
N GLU A 456 -66.16 69.37 -14.82
CA GLU A 456 -65.31 70.43 -14.30
C GLU A 456 -66.00 71.15 -13.14
N SER A 457 -67.30 71.43 -13.29
CA SER A 457 -68.02 72.15 -12.25
C SER A 457 -68.07 71.35 -10.95
N ILE A 458 -68.41 70.06 -11.06
CA ILE A 458 -68.48 69.22 -9.87
C ILE A 458 -67.10 69.08 -9.24
N ALA A 459 -66.06 68.98 -10.06
CA ALA A 459 -64.71 68.88 -9.52
C ALA A 459 -64.35 70.12 -8.73
N LEU A 460 -64.67 71.30 -9.28
CA LEU A 460 -64.37 72.54 -8.56
C LEU A 460 -65.14 72.61 -7.25
N SER A 461 -66.41 72.20 -7.27
CA SER A 461 -67.21 72.25 -6.04
C SER A 461 -66.64 71.32 -4.98
N LEU A 462 -66.27 70.10 -5.38
CA LEU A 462 -65.70 69.16 -4.43
C LEU A 462 -64.36 69.65 -3.89
N MET A 463 -63.53 70.24 -4.76
CA MET A 463 -62.26 70.78 -4.29
C MET A 463 -62.48 71.90 -3.29
N SER A 464 -63.47 72.77 -3.55
CA SER A 464 -63.78 73.83 -2.61
C SER A 464 -64.22 73.27 -1.27
N ARG A 465 -65.04 72.22 -1.29
CA ARG A 465 -65.46 71.59 -0.05
C ARG A 465 -64.27 71.01 0.69
N VAL A 466 -63.37 70.35 -0.04
CA VAL A 466 -62.23 69.67 0.57
C VAL A 466 -61.24 70.67 1.15
N SER A 467 -61.15 71.86 0.57
CA SER A 467 -60.17 72.83 1.02
C SER A 467 -60.44 73.33 2.43
N ALA A 468 -61.61 73.04 2.99
CA ALA A 468 -61.97 73.55 4.31
C ALA A 468 -61.46 72.68 5.46
N PHE A 469 -60.78 71.58 5.17
CA PHE A 469 -60.28 70.65 6.18
C PHE A 469 -58.79 70.44 5.96
N PRO A 470 -57.96 71.42 6.33
CA PRO A 470 -56.52 71.27 6.12
C PRO A 470 -55.97 70.11 6.93
N ASP A 471 -54.88 69.51 6.43
CA ASP A 471 -54.24 68.41 7.15
C ASP A 471 -53.79 68.86 8.52
N SER A 472 -53.15 70.02 8.60
CA SER A 472 -52.70 70.62 9.84
C SER A 472 -53.40 71.95 10.00
N SER A 473 -54.25 72.06 11.03
CA SER A 473 -54.93 73.33 11.28
C SER A 473 -53.96 74.36 11.83
N ASP A 474 -52.94 73.93 12.56
CA ASP A 474 -51.96 74.87 13.10
C ASP A 474 -51.20 75.58 11.99
N PHE A 475 -50.76 74.83 10.99
CA PHE A 475 -49.93 75.38 9.91
C PHE A 475 -50.63 75.36 8.55
N GLY A 476 -51.87 74.88 8.48
CA GLY A 476 -52.62 74.96 7.24
C GLY A 476 -52.07 74.12 6.11
N THR A 477 -51.53 72.95 6.40
CA THR A 477 -51.09 72.06 5.34
C THR A 477 -52.31 71.58 4.56
N PRO A 478 -52.33 71.72 3.23
CA PRO A 478 -53.47 71.22 2.46
C PRO A 478 -53.66 69.72 2.65
N ALA A 479 -54.92 69.30 2.66
CA ALA A 479 -55.24 67.89 2.85
C ALA A 479 -54.70 67.06 1.70
N PHE A 480 -54.30 65.83 2.01
CA PHE A 480 -53.74 64.93 1.00
C PHE A 480 -54.18 63.49 1.14
N ARG A 481 -55.10 63.17 2.05
CA ARG A 481 -55.52 61.78 2.27
C ARG A 481 -56.79 61.49 1.47
N GLY A 482 -56.59 61.04 0.24
CA GLY A 482 -57.70 60.64 -0.59
C GLY A 482 -57.41 60.95 -2.06
N MET A 483 -58.48 60.90 -2.86
CA MET A 483 -58.38 61.26 -4.26
C MET A 483 -59.78 61.48 -4.84
N ILE A 484 -59.82 62.05 -6.04
CA ILE A 484 -61.06 62.26 -6.78
C ILE A 484 -60.93 61.55 -8.11
N VAL A 485 -61.93 60.77 -8.49
CA VAL A 485 -61.91 59.97 -9.72
C VAL A 485 -63.13 60.35 -10.55
N GLY A 486 -62.91 60.63 -11.82
CA GLY A 486 -63.97 61.03 -12.73
C GLY A 486 -64.20 59.99 -13.81
N GLY A 487 -65.47 59.76 -14.13
CA GLY A 487 -65.86 58.80 -15.15
C GLY A 487 -66.98 57.89 -14.68
N ALA A 488 -67.57 57.20 -15.65
CA ALA A 488 -68.65 56.26 -15.38
C ALA A 488 -68.73 55.26 -16.52
N GLY A 489 -69.43 54.17 -16.27
CA GLY A 489 -69.58 53.11 -17.25
C GLY A 489 -70.62 52.12 -16.82
N TYR A 490 -70.48 50.88 -17.31
CA TYR A 490 -71.42 49.81 -17.02
C TYR A 490 -70.68 48.62 -16.41
N TYR A 491 -71.32 47.98 -15.44
CA TYR A 491 -70.71 46.89 -14.71
C TYR A 491 -70.64 45.66 -15.61
N THR A 492 -69.47 45.02 -15.66
CA THR A 492 -69.24 43.93 -16.60
C THR A 492 -69.50 42.55 -16.02
N GLU A 493 -69.61 42.42 -14.70
CA GLU A 493 -69.77 41.12 -14.08
C GLU A 493 -71.22 40.70 -13.95
N THR A 494 -72.11 41.27 -14.77
CA THR A 494 -73.53 40.97 -14.70
C THR A 494 -74.12 41.07 -16.10
N THR A 495 -75.19 40.31 -16.34
CA THR A 495 -75.87 40.38 -17.63
C THR A 495 -76.74 41.64 -17.74
N ARG A 496 -77.30 42.10 -16.62
CA ARG A 496 -78.14 43.28 -16.64
C ARG A 496 -77.35 44.50 -17.07
N LYS A 497 -78.05 45.62 -17.24
CA LYS A 497 -77.43 46.91 -17.49
C LYS A 497 -77.42 47.70 -16.18
N LEU A 498 -76.23 47.92 -15.63
CA LEU A 498 -76.08 48.48 -14.29
C LEU A 498 -74.94 49.50 -14.28
N PRO A 499 -75.24 50.79 -14.39
CA PRO A 499 -74.16 51.78 -14.43
C PRO A 499 -73.41 51.87 -13.12
N VAL A 500 -72.12 52.21 -13.21
CA VAL A 500 -71.24 52.32 -12.05
C VAL A 500 -70.18 53.38 -12.33
N PRO A 501 -69.57 53.98 -11.32
CA PRO A 501 -68.41 54.85 -11.54
C PRO A 501 -67.09 54.11 -11.40
N LEU A 502 -66.03 54.73 -11.92
CA LEU A 502 -64.72 54.08 -11.93
C LEU A 502 -64.13 53.92 -10.54
N THR A 503 -64.70 54.57 -9.53
CA THR A 503 -64.28 54.29 -8.17
C THR A 503 -64.45 52.82 -7.84
N LEU A 504 -65.40 52.14 -8.49
CA LEU A 504 -65.55 50.70 -8.25
C LEU A 504 -64.31 49.94 -8.71
N ASP A 505 -63.80 50.26 -9.89
CA ASP A 505 -62.62 49.58 -10.40
C ASP A 505 -61.41 49.85 -9.51
N ARG A 506 -61.21 51.11 -9.14
CA ARG A 506 -60.09 51.39 -8.23
C ARG A 506 -60.28 50.70 -6.89
N PHE A 507 -61.52 50.59 -6.42
CA PHE A 507 -61.80 49.93 -5.15
C PHE A 507 -61.40 48.46 -5.21
N ARG A 508 -61.73 47.80 -6.31
CA ARG A 508 -61.34 46.41 -6.49
C ARG A 508 -59.82 46.27 -6.51
N ALA A 509 -59.14 47.17 -7.22
CA ALA A 509 -57.68 47.12 -7.27
C ALA A 509 -57.08 47.26 -5.88
N TYR A 510 -57.57 48.22 -5.08
CA TYR A 510 -57.03 48.41 -3.75
C TYR A 510 -57.37 47.25 -2.83
N CYS A 511 -58.56 46.68 -2.96
CA CYS A 511 -58.92 45.51 -2.15
C CYS A 511 -57.95 44.37 -2.41
N ARG A 512 -57.59 44.15 -3.67
CA ARG A 512 -56.64 43.08 -3.99
C ARG A 512 -55.23 43.42 -3.51
N TYR A 513 -54.82 44.68 -3.63
CA TYR A 513 -53.45 45.06 -3.29
C TYR A 513 -53.21 45.07 -1.80
N ALA A 514 -53.97 45.88 -1.05
CA ALA A 514 -53.65 46.22 0.32
C ALA A 514 -54.69 45.73 1.31
N GLY A 515 -55.20 44.51 1.14
CA GLY A 515 -56.24 44.02 2.01
C GLY A 515 -55.93 42.69 2.66
N ALA A 516 -54.70 42.21 2.50
CA ALA A 516 -54.32 40.92 3.08
C ALA A 516 -54.51 40.95 4.58
N SER A 517 -54.99 39.83 5.14
CA SER A 517 -55.28 39.78 6.56
C SER A 517 -54.03 39.87 7.42
N ASP A 518 -52.84 39.73 6.84
CA ASP A 518 -51.60 39.78 7.61
C ASP A 518 -50.93 41.13 7.59
N GLY A 519 -51.54 42.15 6.99
CA GLY A 519 -51.03 43.50 7.10
C GLY A 519 -49.70 43.76 6.44
N VAL A 520 -49.44 43.16 5.28
CA VAL A 520 -48.26 43.45 4.47
C VAL A 520 -48.69 43.53 3.02
N LEU A 521 -48.25 44.58 2.33
CA LEU A 521 -48.69 44.80 0.95
C LEU A 521 -48.19 43.67 0.05
N LYS A 522 -49.04 43.26 -0.90
CA LYS A 522 -48.72 42.18 -1.83
C LYS A 522 -47.96 42.73 -3.03
N PRO A 523 -46.72 42.31 -3.28
CA PRO A 523 -45.99 42.86 -4.43
C PRO A 523 -46.57 42.46 -5.78
N GLU A 524 -47.42 41.44 -5.83
CA GLU A 524 -47.91 40.92 -7.10
C GLU A 524 -49.16 41.61 -7.60
N TYR A 525 -49.66 42.62 -6.90
CA TYR A 525 -50.87 43.32 -7.30
C TYR A 525 -50.69 44.83 -7.33
N ALA A 526 -49.45 45.32 -7.41
CA ALA A 526 -49.18 46.74 -7.39
C ALA A 526 -50.19 47.49 -8.25
N VAL A 527 -50.79 48.54 -7.68
CA VAL A 527 -51.90 49.23 -8.33
C VAL A 527 -51.46 50.08 -9.51
N ASP A 528 -50.17 50.10 -9.84
CA ASP A 528 -49.71 50.85 -11.01
C ASP A 528 -48.63 50.10 -11.76
N GLU A 529 -48.68 48.77 -11.74
CA GLU A 529 -47.74 47.94 -12.50
C GLU A 529 -48.46 46.73 -13.04
N GLY A 530 -48.14 46.37 -14.28
CA GLY A 530 -48.67 45.14 -14.83
C GLY A 530 -50.11 45.31 -15.30
N ASP A 531 -50.97 44.38 -14.88
CA ASP A 531 -52.36 44.37 -15.30
C ASP A 531 -53.29 45.07 -14.32
N ALA A 532 -52.77 45.63 -13.23
CA ALA A 532 -53.61 46.36 -12.29
C ALA A 532 -53.79 47.82 -12.67
N ARG A 533 -53.02 48.33 -13.62
CA ARG A 533 -53.15 49.72 -14.04
C ARG A 533 -54.18 49.91 -15.16
N LYS A 534 -54.91 48.88 -15.52
CA LYS A 534 -55.95 48.95 -16.53
C LYS A 534 -57.33 48.80 -15.88
N VAL A 535 -58.35 49.28 -16.59
CA VAL A 535 -59.73 49.08 -16.16
C VAL A 535 -60.12 47.62 -16.41
N GLN A 536 -60.84 47.03 -15.46
CA GLN A 536 -61.16 45.61 -15.51
C GLN A 536 -62.62 45.28 -15.23
N VAL A 537 -63.39 46.15 -14.58
CA VAL A 537 -64.77 45.86 -14.24
C VAL A 537 -65.72 46.96 -14.70
N VAL A 538 -65.37 47.69 -15.76
CA VAL A 538 -66.22 48.74 -16.30
C VAL A 538 -66.03 48.80 -17.80
N LYS A 539 -67.09 49.14 -18.52
CA LYS A 539 -67.07 49.20 -19.98
C LYS A 539 -67.92 50.37 -20.46
N SER A 540 -67.75 50.71 -21.73
CA SER A 540 -68.52 51.79 -22.35
C SER A 540 -68.33 53.10 -21.61
N ILE A 541 -67.09 53.38 -21.18
CA ILE A 541 -66.82 54.61 -20.47
C ILE A 541 -67.11 55.79 -21.40
N ASN A 542 -67.36 56.95 -20.80
CA ASN A 542 -67.81 58.13 -21.52
C ASN A 542 -66.71 59.18 -21.62
N ASN A 543 -66.92 60.15 -22.50
CA ASN A 543 -66.03 61.28 -22.67
C ASN A 543 -64.59 60.83 -22.88
N LEU A 544 -64.39 59.78 -23.67
CA LEU A 544 -63.04 59.32 -23.94
C LEU A 544 -62.36 60.14 -25.03
N ASP A 545 -63.11 60.97 -25.76
CA ASP A 545 -62.51 61.91 -26.70
C ASP A 545 -62.30 63.28 -26.07
N LYS A 546 -61.65 63.32 -24.91
CA LYS A 546 -61.30 64.62 -24.34
C LYS A 546 -60.29 65.31 -25.24
N SER A 547 -60.38 66.63 -25.29
CA SER A 547 -59.36 67.38 -26.00
C SER A 547 -58.13 67.56 -25.12
N TRP A 548 -57.04 67.99 -25.75
CA TRP A 548 -55.80 68.18 -25.02
C TRP A 548 -55.98 69.21 -23.90
N ARG A 549 -56.72 70.27 -24.19
CA ARG A 549 -56.95 71.32 -23.20
C ARG A 549 -57.77 70.79 -22.03
N VAL A 550 -58.79 69.97 -22.31
CA VAL A 550 -59.60 69.40 -21.25
C VAL A 550 -58.75 68.49 -20.36
N ARG A 551 -57.93 67.64 -20.98
CA ARG A 551 -57.08 66.74 -20.21
C ARG A 551 -56.09 67.53 -19.36
N ARG A 552 -55.52 68.58 -19.93
CA ARG A 552 -54.57 69.41 -19.20
C ARG A 552 -55.24 70.08 -18.00
N ALA A 553 -56.47 70.59 -18.20
CA ALA A 553 -57.18 71.23 -17.11
C ALA A 553 -57.47 70.24 -15.99
N GLN A 554 -57.92 69.03 -16.35
CA GLN A 554 -58.19 68.03 -15.33
C GLN A 554 -56.93 67.66 -14.56
N TRP A 555 -55.82 67.44 -15.27
CA TRP A 555 -54.57 67.13 -14.59
C TRP A 555 -54.19 68.24 -13.63
N ASN A 556 -54.29 69.50 -14.08
CA ASN A 556 -53.93 70.62 -13.20
C ASN A 556 -54.89 70.79 -12.04
N ASN A 557 -56.12 70.28 -12.16
CA ASN A 557 -57.06 70.28 -11.06
C ASN A 557 -56.99 69.01 -10.23
N ASN A 558 -56.06 68.11 -10.54
CA ASN A 558 -55.74 66.95 -9.70
C ASN A 558 -56.81 65.88 -9.74
N LEU A 559 -57.40 65.64 -10.91
CA LEU A 559 -58.32 64.53 -11.06
C LEU A 559 -57.59 63.30 -11.59
N VAL A 560 -58.18 62.13 -11.31
CA VAL A 560 -57.69 60.86 -11.83
C VAL A 560 -58.65 60.41 -12.93
N TYR A 561 -58.12 60.21 -14.13
CA TYR A 561 -58.91 59.87 -15.29
C TYR A 561 -58.19 58.81 -16.10
N VAL A 562 -58.96 58.06 -16.90
CA VAL A 562 -58.42 56.99 -17.70
C VAL A 562 -58.30 57.45 -19.15
N GLU A 563 -57.47 56.74 -19.90
CA GLU A 563 -57.28 56.95 -21.32
C GLU A 563 -57.43 55.61 -22.03
N ASP A 564 -57.38 55.65 -23.36
CA ASP A 564 -57.42 54.42 -24.12
C ASP A 564 -56.05 53.78 -24.15
N TYR A 565 -56.00 52.51 -23.74
CA TYR A 565 -54.79 51.71 -23.90
C TYR A 565 -54.66 51.23 -25.34
N ASP A 566 -55.64 50.48 -25.80
CA ASP A 566 -55.74 50.07 -27.19
C ASP A 566 -57.23 50.11 -27.56
N THR A 567 -57.57 49.49 -28.69
CA THR A 567 -58.94 49.57 -29.19
C THR A 567 -59.94 48.93 -28.23
N ASN A 568 -59.47 48.13 -27.27
CA ASN A 568 -60.35 47.34 -26.42
C ASN A 568 -60.43 47.81 -24.98
N SER A 569 -59.46 48.59 -24.49
CA SER A 569 -59.35 48.80 -23.05
C SER A 569 -58.80 50.18 -22.74
N GLN A 570 -58.67 50.46 -21.45
CA GLN A 570 -58.22 51.75 -20.95
C GLN A 570 -57.18 51.54 -19.85
N PHE A 571 -56.46 52.61 -19.51
CA PHE A 571 -55.43 52.55 -18.49
C PHE A 571 -55.31 53.90 -17.81
N TYR A 572 -54.67 53.90 -16.63
CA TYR A 572 -54.49 55.12 -15.85
C TYR A 572 -53.11 55.70 -16.13
N PRO A 573 -52.99 56.81 -16.85
CA PRO A 573 -51.66 57.39 -17.07
C PRO A 573 -50.96 57.78 -15.79
N GLY A 574 -51.68 58.22 -14.77
CA GLY A 574 -51.08 58.58 -13.50
C GLY A 574 -52.13 58.72 -12.42
N GLN A 575 -51.89 58.09 -11.27
CA GLN A 575 -52.88 58.04 -10.20
C GLN A 575 -52.41 58.88 -9.03
N GLN A 576 -52.92 60.11 -8.99
CA GLN A 576 -52.46 61.11 -8.01
C GLN A 576 -53.55 61.44 -7.00
N SER A 577 -53.13 62.03 -5.90
CA SER A 577 -54.06 62.49 -4.87
C SER A 577 -54.45 63.95 -5.10
N PHE A 578 -55.39 64.43 -4.29
CA PHE A 578 -55.84 65.81 -4.39
C PHE A 578 -55.02 66.78 -3.55
N TYR A 579 -53.75 66.47 -3.28
CA TYR A 579 -52.85 67.46 -2.72
C TYR A 579 -52.58 68.53 -3.76
N SER A 580 -52.72 69.80 -3.38
CA SER A 580 -52.70 70.90 -4.34
C SER A 580 -51.36 71.61 -4.46
N GLU A 581 -50.39 71.29 -3.60
CA GLU A 581 -49.13 72.02 -3.61
C GLU A 581 -48.13 71.41 -4.59
N GLN A 582 -46.91 71.97 -4.59
CA GLN A 582 -45.86 71.52 -5.49
C GLN A 582 -45.01 70.39 -4.91
N GLY A 583 -45.25 69.99 -3.67
CA GLY A 583 -44.49 68.89 -3.10
C GLY A 583 -44.60 67.62 -3.90
N SER A 584 -43.48 66.98 -4.18
CA SER A 584 -43.44 65.72 -4.89
C SER A 584 -43.51 64.51 -3.97
N VAL A 585 -43.44 64.71 -2.64
CA VAL A 585 -43.57 63.60 -1.71
C VAL A 585 -45.01 63.09 -1.69
N LEU A 586 -45.97 64.00 -1.67
CA LEU A 586 -47.37 63.67 -1.45
C LEU A 586 -48.17 63.61 -2.74
N LYS A 587 -47.57 63.11 -3.81
CA LYS A 587 -48.22 63.17 -5.13
C LYS A 587 -48.88 61.85 -5.51
N ALA A 588 -48.51 60.75 -4.86
CA ALA A 588 -49.15 59.46 -5.14
C ALA A 588 -50.24 59.18 -4.11
N ALA A 589 -51.33 58.59 -4.57
CA ALA A 589 -52.48 58.38 -3.70
C ALA A 589 -52.21 57.32 -2.64
N ILE A 590 -51.37 56.33 -2.95
CA ILE A 590 -51.12 55.24 -2.01
C ILE A 590 -50.39 55.75 -0.77
N VAL A 591 -49.54 56.77 -0.92
CA VAL A 591 -48.78 57.27 0.22
C VAL A 591 -49.71 57.83 1.28
N GLY A 592 -50.85 58.37 0.88
CA GLY A 592 -51.82 58.84 1.86
C GLY A 592 -52.33 57.72 2.74
N LEU A 593 -52.65 56.57 2.14
CA LEU A 593 -53.09 55.41 2.91
C LEU A 593 -51.97 54.95 3.84
N CYS A 594 -50.73 54.97 3.36
CA CYS A 594 -49.61 54.58 4.21
C CYS A 594 -49.50 55.49 5.43
N VAL A 595 -49.67 56.80 5.22
CA VAL A 595 -49.58 57.73 6.34
C VAL A 595 -50.73 57.51 7.32
N ALA A 596 -51.92 57.21 6.81
CA ALA A 596 -53.03 56.91 7.69
C ALA A 596 -52.71 55.71 8.58
N ASN A 597 -52.07 54.70 8.01
CA ASN A 597 -51.68 53.54 8.81
C ASN A 597 -50.66 53.92 9.87
N LEU A 598 -49.72 54.80 9.53
CA LEU A 598 -48.78 55.29 10.55
C LEU A 598 -49.51 55.95 11.70
N ASN A 599 -50.51 56.78 11.38
CA ASN A 599 -51.28 57.44 12.42
C ASN A 599 -52.01 56.43 13.30
N ARG A 600 -52.47 55.33 12.72
CA ARG A 600 -53.05 54.25 13.53
C ARG A 600 -52.02 53.64 14.47
N PHE A 601 -50.80 53.40 13.97
CA PHE A 601 -49.78 52.78 14.80
C PHE A 601 -49.48 53.63 16.03
N ALA A 602 -49.44 54.95 15.85
CA ALA A 602 -49.20 55.83 17.00
C ALA A 602 -50.27 55.67 18.06
N PHE A 603 -51.54 55.59 17.64
CA PHE A 603 -52.62 55.35 18.57
C PHE A 603 -52.41 54.06 19.34
N GLU A 604 -51.98 53.00 18.64
CA GLU A 604 -51.75 51.73 19.32
C GLU A 604 -50.67 51.88 20.38
N ALA A 605 -49.59 52.60 20.06
CA ALA A 605 -48.53 52.81 21.05
C ALA A 605 -49.07 53.48 22.30
N TRP A 606 -49.83 54.56 22.13
CA TRP A 606 -50.41 55.22 23.31
C TRP A 606 -51.30 54.26 24.08
N ARG A 607 -52.21 53.60 23.38
CA ARG A 607 -53.15 52.69 24.03
C ARG A 607 -52.42 51.68 24.88
N ASP A 608 -51.27 51.21 24.41
CA ASP A 608 -50.51 50.23 25.19
C ASP A 608 -49.86 50.87 26.41
N LEU A 609 -49.26 52.05 26.27
CA LEU A 609 -48.42 52.59 27.33
C LEU A 609 -49.14 53.45 28.35
N THR A 610 -50.40 53.81 28.12
CA THR A 610 -51.05 54.83 28.96
C THR A 610 -51.28 54.34 30.38
N GLY A 611 -51.16 55.27 31.33
CA GLY A 611 -51.65 55.07 32.69
C GLY A 611 -50.96 54.04 33.52
N THR A 612 -49.64 53.92 33.44
CA THR A 612 -48.89 52.89 34.14
C THR A 612 -48.10 53.50 35.30
N GLN A 613 -48.20 52.86 36.46
CA GLN A 613 -47.65 53.43 37.70
C GLN A 613 -46.13 53.42 37.71
N LYS A 614 -45.52 52.28 37.35
CA LYS A 614 -44.13 52.02 37.66
C LYS A 614 -43.16 52.28 36.51
N LEU A 615 -43.61 52.92 35.44
CA LEU A 615 -42.71 53.25 34.35
C LEU A 615 -41.80 54.40 34.74
N THR A 616 -40.66 54.51 34.06
CA THR A 616 -39.84 55.70 34.10
C THR A 616 -39.94 56.41 32.75
N ASP A 617 -39.45 57.65 32.72
CA ASP A 617 -39.54 58.44 31.50
C ASP A 617 -38.74 57.80 30.38
N ASP A 618 -37.56 57.29 30.68
CA ASP A 618 -36.74 56.64 29.67
C ASP A 618 -37.44 55.41 29.11
N GLN A 619 -38.03 54.60 29.98
CA GLN A 619 -38.73 53.41 29.50
C GLN A 619 -39.94 53.79 28.65
N LEU A 620 -40.69 54.81 29.06
CA LEU A 620 -41.82 55.27 28.25
C LEU A 620 -41.37 55.69 26.86
N ILE A 621 -40.34 56.54 26.81
CA ILE A 621 -39.83 57.05 25.54
C ILE A 621 -39.34 55.91 24.66
N GLU A 622 -38.59 54.98 25.24
CA GLU A 622 -38.03 53.89 24.47
C GLU A 622 -39.12 52.96 23.95
N ARG A 623 -40.09 52.63 24.78
CA ARG A 623 -41.13 51.70 24.39
C ARG A 623 -42.03 52.27 23.30
N SER A 624 -42.30 53.58 23.31
CA SER A 624 -43.12 54.15 22.24
C SER A 624 -42.46 53.95 20.88
N ASP A 625 -41.18 54.33 20.75
CA ASP A 625 -40.48 54.14 19.49
C ASP A 625 -40.41 52.68 19.12
N ASP A 626 -40.10 51.82 20.09
CA ASP A 626 -40.05 50.39 19.80
C ASP A 626 -41.36 49.94 19.16
N ALA A 627 -42.48 50.31 19.78
CA ALA A 627 -43.77 49.86 19.26
C ALA A 627 -43.99 50.32 17.83
N VAL A 628 -43.81 51.61 17.58
CA VAL A 628 -44.11 52.12 16.24
C VAL A 628 -43.21 51.46 15.20
N SER A 629 -41.90 51.38 15.49
CA SER A 629 -40.96 50.81 14.53
C SER A 629 -41.27 49.34 14.26
N THR A 630 -41.48 48.56 15.33
CA THR A 630 -41.75 47.14 15.14
C THR A 630 -43.02 46.91 14.35
N ARG A 631 -44.06 47.71 14.62
CA ARG A 631 -45.31 47.53 13.90
C ARG A 631 -45.17 47.91 12.43
N GLY A 632 -44.47 49.00 12.15
CA GLY A 632 -44.45 49.51 10.79
C GLY A 632 -43.43 48.87 9.87
N THR A 633 -42.28 48.47 10.38
CA THR A 633 -41.20 48.00 9.52
C THR A 633 -41.62 46.76 8.75
N GLY A 634 -41.33 46.76 7.45
CA GLY A 634 -41.59 45.61 6.60
C GLY A 634 -43.00 45.51 6.08
N ALA A 635 -43.82 46.56 6.19
CA ALA A 635 -45.23 46.49 5.84
C ALA A 635 -45.57 47.21 4.54
N PHE A 636 -44.84 48.26 4.17
CA PHE A 636 -45.25 49.15 3.09
C PHE A 636 -44.54 48.88 1.77
N ASP A 637 -44.02 47.67 1.56
CA ASP A 637 -43.59 47.24 0.23
C ASP A 637 -42.67 48.26 -0.45
N ASP A 638 -41.98 49.05 0.36
CA ASP A 638 -40.97 50.00 -0.10
C ASP A 638 -41.59 51.20 -0.82
N ARG A 639 -42.75 51.66 -0.36
CA ARG A 639 -43.28 52.94 -0.84
C ARG A 639 -42.77 54.10 0.01
N LEU A 640 -42.57 53.86 1.30
CA LEU A 640 -42.19 54.88 2.27
C LEU A 640 -40.89 54.49 2.95
N ILE A 641 -40.25 55.48 3.57
CA ILE A 641 -39.29 55.20 4.64
C ILE A 641 -39.56 56.17 5.77
N PHE A 642 -39.75 55.64 6.99
CA PHE A 642 -40.14 56.45 8.13
C PHE A 642 -39.26 56.13 9.34
N THR A 643 -39.34 57.02 10.34
CA THR A 643 -38.54 56.94 11.56
C THR A 643 -39.24 57.66 12.69
N PRO A 644 -39.49 57.01 13.84
CA PRO A 644 -40.11 57.71 14.97
C PRO A 644 -39.13 58.28 15.98
N HIS A 645 -39.55 59.29 16.75
CA HIS A 645 -38.74 59.86 17.82
C HIS A 645 -39.67 60.29 18.94
N SER A 646 -39.52 59.70 20.12
CA SER A 646 -40.29 60.07 21.30
C SER A 646 -39.38 60.77 22.31
N GLU A 647 -39.96 61.68 23.07
CA GLU A 647 -39.21 62.41 24.09
C GLU A 647 -40.19 63.14 25.01
N ILE A 648 -39.63 63.96 25.89
CA ILE A 648 -40.38 64.73 26.88
C ILE A 648 -39.85 66.16 26.80
N THR A 649 -40.58 67.02 26.11
CA THR A 649 -40.13 68.37 25.85
C THR A 649 -40.27 69.22 27.11
N GLN A 650 -39.93 70.52 27.01
CA GLN A 650 -39.99 71.37 28.18
C GLN A 650 -41.44 71.59 28.62
N ALA A 651 -42.35 71.75 27.67
CA ALA A 651 -43.76 71.86 28.03
C ALA A 651 -44.24 70.59 28.72
N ASP A 652 -43.77 69.42 28.26
CA ASP A 652 -44.11 68.17 28.93
C ASP A 652 -43.55 68.12 30.34
N LYS A 653 -42.32 68.62 30.53
CA LYS A 653 -41.79 68.72 31.88
C LYS A 653 -42.69 69.60 32.74
N GLU A 654 -43.13 70.74 32.20
CA GLU A 654 -43.99 71.62 32.96
C GLU A 654 -45.29 70.93 33.35
N ARG A 655 -45.92 70.23 32.39
CA ARG A 655 -47.21 69.61 32.66
C ARG A 655 -47.08 68.44 33.63
N GLY A 656 -46.31 67.43 33.27
CA GLY A 656 -46.06 66.30 34.14
C GLY A 656 -46.92 65.07 33.88
N TYR A 657 -47.68 65.03 32.80
CA TYR A 657 -48.47 63.85 32.48
C TYR A 657 -48.51 63.57 30.98
N SER A 658 -47.58 64.12 30.21
CA SER A 658 -47.61 63.98 28.77
C SER A 658 -46.21 63.68 28.25
N TRP A 659 -46.16 63.07 27.07
CA TRP A 659 -44.92 62.87 26.33
C TRP A 659 -45.22 63.00 24.85
N SER A 660 -44.20 63.27 24.05
CA SER A 660 -44.37 63.60 22.65
C SER A 660 -43.72 62.56 21.76
N MET A 661 -44.31 62.35 20.59
CA MET A 661 -43.74 61.52 19.54
C MET A 661 -43.85 62.28 18.23
N ARG A 662 -42.89 62.01 17.34
CA ARG A 662 -42.83 62.71 16.06
C ARG A 662 -42.22 61.78 15.04
N ILE A 663 -42.86 61.63 13.89
CA ILE A 663 -42.45 60.70 12.86
C ILE A 663 -41.93 61.48 11.66
N ASP A 664 -40.83 61.03 11.09
CA ASP A 664 -40.26 61.61 9.88
C ASP A 664 -40.33 60.59 8.77
N PHE A 665 -40.90 60.96 7.63
CA PHE A 665 -41.09 60.00 6.55
C PHE A 665 -40.80 60.64 5.21
N GLY A 666 -40.50 59.78 4.23
CA GLY A 666 -40.17 60.24 2.89
C GLY A 666 -40.63 59.26 1.83
N ALA A 667 -40.88 59.80 0.64
CA ALA A 667 -41.43 59.04 -0.49
C ALA A 667 -40.96 59.69 -1.78
N ASN A 668 -41.40 59.13 -2.90
CA ASN A 668 -40.98 59.53 -4.24
C ASN A 668 -42.19 59.95 -5.07
N ALA A 669 -41.93 60.20 -6.35
CA ALA A 669 -42.97 60.43 -7.34
C ALA A 669 -42.60 59.75 -8.65
N PHE A 670 -43.27 60.13 -9.73
CA PHE A 670 -43.23 59.44 -11.01
C PHE A 670 -43.19 60.41 -12.19
N ARG A 671 -42.40 60.04 -13.20
CA ARG A 671 -42.25 60.82 -14.43
C ARG A 671 -43.34 60.43 -15.42
N THR A 672 -43.76 61.39 -16.25
CA THR A 672 -44.96 61.22 -17.06
C THR A 672 -44.89 61.71 -18.49
N VAL A 673 -43.78 62.33 -18.93
CA VAL A 673 -43.67 62.91 -20.26
C VAL A 673 -42.48 62.33 -21.00
N MET A 674 -42.65 62.07 -22.30
CA MET A 674 -41.60 61.53 -23.14
C MET A 674 -41.46 62.35 -24.40
N ASP A 675 -40.25 62.36 -24.96
CA ASP A 675 -39.96 63.04 -26.21
C ASP A 675 -39.66 62.04 -27.31
N MET A 676 -39.48 62.54 -28.52
CA MET A 676 -39.19 61.70 -29.66
C MET A 676 -38.51 62.53 -30.73
N SER A 677 -37.45 61.98 -31.30
CA SER A 677 -36.72 62.66 -32.35
C SER A 677 -36.06 61.60 -33.22
N SER A 678 -35.65 62.00 -34.42
CA SER A 678 -35.05 61.07 -35.35
C SER A 678 -34.05 61.80 -36.21
N VAL A 679 -33.08 61.06 -36.73
CA VAL A 679 -32.11 61.57 -37.68
C VAL A 679 -31.90 60.53 -38.76
N ALA A 680 -31.80 60.97 -40.01
CA ALA A 680 -31.66 60.09 -41.14
C ALA A 680 -30.20 60.01 -41.57
N TYR A 681 -29.65 58.80 -41.56
CA TYR A 681 -28.28 58.54 -41.97
C TYR A 681 -28.29 57.71 -43.24
N THR A 682 -27.21 57.78 -44.00
CA THR A 682 -27.04 56.81 -45.05
C THR A 682 -26.67 55.46 -44.44
N ARG A 683 -26.99 54.40 -45.17
CA ARG A 683 -26.96 53.08 -44.57
C ARG A 683 -25.55 52.72 -44.14
N GLU A 684 -24.56 53.08 -44.95
CA GLU A 684 -23.17 52.74 -44.63
C GLU A 684 -22.67 53.50 -43.42
N GLU A 685 -22.88 54.82 -43.36
CA GLU A 685 -22.38 55.59 -42.24
C GLU A 685 -23.13 55.27 -40.96
N LEU A 686 -24.35 54.74 -41.04
CA LEU A 686 -25.02 54.23 -39.86
C LEU A 686 -24.53 52.85 -39.45
N ALA A 687 -24.13 52.01 -40.42
CA ALA A 687 -23.64 50.68 -40.08
C ALA A 687 -22.24 50.70 -39.51
N ASN A 688 -21.38 51.62 -39.98
CA ASN A 688 -20.00 51.67 -39.51
C ASN A 688 -19.51 53.10 -39.49
N GLY A 689 -19.68 53.77 -38.35
CA GLY A 689 -19.26 55.15 -38.20
C GLY A 689 -20.15 55.95 -37.28
N MET B 1 -46.43 -70.45 27.71
CA MET B 1 -47.88 -70.06 27.79
C MET B 1 -48.40 -70.17 29.21
N SER B 2 -48.14 -71.30 29.86
CA SER B 2 -48.78 -71.61 31.13
C SER B 2 -47.95 -71.22 32.34
N GLU B 3 -46.63 -71.20 32.23
CA GLU B 3 -45.79 -71.00 33.40
C GLU B 3 -45.61 -69.51 33.69
N GLN B 4 -45.25 -69.24 34.94
CA GLN B 4 -45.16 -67.88 35.46
C GLN B 4 -43.74 -67.62 35.94
N ILE B 5 -43.42 -66.35 36.13
CA ILE B 5 -42.06 -65.96 36.51
C ILE B 5 -41.84 -66.35 37.97
N THR B 6 -41.15 -67.46 38.18
CA THR B 6 -40.92 -67.94 39.54
C THR B 6 -39.60 -67.44 40.10
N GLY B 7 -38.57 -67.34 39.28
CA GLY B 7 -37.26 -66.96 39.78
C GLY B 7 -36.40 -66.40 38.68
N SER B 8 -35.09 -66.51 38.87
CA SER B 8 -34.12 -65.86 38.00
C SER B 8 -33.61 -66.75 36.87
N THR B 9 -34.13 -67.96 36.72
CA THR B 9 -33.59 -68.88 35.72
C THR B 9 -33.71 -68.26 34.34
N PRO B 10 -32.64 -68.25 33.54
CA PRO B 10 -32.74 -67.67 32.19
C PRO B 10 -33.85 -68.29 31.36
N ARG B 11 -34.73 -67.46 30.81
CA ARG B 11 -35.95 -67.95 30.17
C ARG B 11 -36.68 -66.76 29.57
N ILE B 12 -37.39 -67.00 28.47
CA ILE B 12 -38.24 -66.00 27.84
C ILE B 12 -39.68 -66.47 27.94
N TYR B 13 -40.54 -65.62 28.51
CA TYR B 13 -41.93 -65.96 28.77
C TYR B 13 -42.82 -65.26 27.76
N TYR B 14 -43.73 -66.02 27.16
CA TYR B 14 -44.59 -65.52 26.09
C TYR B 14 -45.99 -65.28 26.65
N ARG B 15 -46.41 -64.03 26.67
CA ARG B 15 -47.80 -63.69 26.89
C ARG B 15 -48.45 -63.47 25.53
N GLY B 16 -49.49 -64.24 25.23
CA GLY B 16 -50.02 -64.26 23.89
C GLY B 16 -50.49 -62.92 23.37
N THR B 17 -51.00 -62.90 22.15
CA THR B 17 -51.54 -61.69 21.58
C THR B 17 -52.81 -61.28 22.32
N LYS B 18 -53.12 -59.99 22.26
CA LYS B 18 -54.18 -59.40 23.05
C LYS B 18 -54.76 -58.24 22.25
N ASP B 19 -55.92 -57.77 22.68
CA ASP B 19 -56.53 -56.60 22.09
C ASP B 19 -56.31 -55.39 22.99
N SER B 20 -56.32 -54.20 22.39
CA SER B 20 -55.90 -53.00 23.10
C SER B 20 -56.71 -52.80 24.37
N SER B 21 -56.04 -52.33 25.41
CA SER B 21 -56.66 -52.06 26.70
C SER B 21 -56.61 -50.57 27.01
N VAL B 22 -57.70 -50.06 27.58
CA VAL B 22 -57.74 -48.66 27.98
C VAL B 22 -56.65 -48.40 29.00
N THR B 23 -55.99 -47.25 28.88
CA THR B 23 -54.90 -46.86 29.76
C THR B 23 -55.33 -45.64 30.56
N ARG B 24 -55.22 -45.72 31.88
CA ARG B 24 -55.62 -44.60 32.73
C ARG B 24 -54.70 -43.41 32.49
N SER B 25 -55.30 -42.22 32.42
CA SER B 25 -54.57 -41.01 32.06
C SER B 25 -54.03 -40.32 33.30
N THR B 26 -52.76 -39.95 33.26
CA THR B 26 -52.15 -39.22 34.36
C THR B 26 -52.68 -37.80 34.42
N GLY B 27 -52.79 -37.27 35.63
CA GLY B 27 -53.32 -35.94 35.85
C GLY B 27 -52.21 -34.95 36.16
N SER B 28 -52.55 -33.68 36.04
CA SER B 28 -51.62 -32.58 36.25
C SER B 28 -52.00 -31.79 37.49
N THR B 29 -51.04 -31.03 38.01
CA THR B 29 -51.25 -30.30 39.25
C THR B 29 -52.34 -29.25 39.08
N THR B 30 -53.11 -29.03 40.15
CA THR B 30 -54.24 -28.13 40.09
C THR B 30 -53.81 -26.68 40.22
N THR B 31 -54.64 -25.78 39.68
CA THR B 31 -54.36 -24.36 39.65
C THR B 31 -55.70 -23.63 39.65
N LEU B 32 -55.67 -22.31 39.79
CA LEU B 32 -56.89 -21.50 39.79
C LEU B 32 -56.98 -20.65 38.53
N PRO B 33 -57.83 -21.01 37.56
CA PRO B 33 -58.14 -20.08 36.47
C PRO B 33 -59.02 -18.94 36.95
N LEU B 34 -59.34 -18.05 36.03
CA LEU B 34 -60.26 -16.96 36.34
C LEU B 34 -61.71 -17.40 36.28
N HIS B 35 -61.99 -18.58 35.72
CA HIS B 35 -63.35 -19.11 35.62
C HIS B 35 -63.34 -20.48 36.29
N ARG B 36 -64.05 -20.60 37.41
CA ARG B 36 -63.99 -21.77 38.27
C ARG B 36 -65.42 -22.22 38.59
N PRO B 37 -66.06 -22.92 37.68
CA PRO B 37 -67.49 -23.22 37.86
C PRO B 37 -67.75 -24.44 38.72
N LEU B 38 -68.93 -24.43 39.35
CA LEU B 38 -69.44 -25.56 40.14
C LEU B 38 -70.51 -26.27 39.34
N ILE B 39 -70.43 -27.60 39.27
CA ILE B 39 -71.36 -28.40 38.49
C ILE B 39 -71.85 -29.57 39.32
N MET B 40 -73.16 -29.79 39.30
CA MET B 40 -73.83 -30.86 40.04
C MET B 40 -74.36 -31.90 39.07
N PHE B 41 -74.39 -33.15 39.48
CA PHE B 41 -74.86 -34.19 38.56
C PHE B 41 -75.11 -35.50 39.29
N PHE B 42 -75.72 -36.44 38.58
CA PHE B 42 -75.80 -37.84 39.01
C PHE B 42 -74.68 -38.63 38.35
N GLY B 43 -74.01 -39.48 39.14
CA GLY B 43 -72.82 -40.14 38.68
C GLY B 43 -72.82 -41.62 39.01
N GLN B 44 -71.97 -42.35 38.31
CA GLN B 44 -71.89 -43.81 38.47
C GLN B 44 -71.18 -44.18 39.76
N LYS B 45 -70.08 -43.50 40.08
CA LYS B 45 -69.33 -43.76 41.29
C LYS B 45 -68.61 -42.47 41.69
N GLY B 46 -67.76 -42.56 42.70
CA GLY B 46 -66.97 -41.45 43.13
C GLY B 46 -67.48 -40.80 44.40
N PRO B 47 -66.71 -39.87 44.96
CA PRO B 47 -67.11 -39.23 46.22
C PRO B 47 -68.39 -38.43 46.05
N THR B 48 -68.96 -38.02 47.18
CA THR B 48 -70.19 -37.24 47.22
C THR B 48 -70.01 -35.93 47.96
N VAL B 49 -68.85 -35.30 47.82
CA VAL B 49 -68.60 -33.97 48.38
C VAL B 49 -67.95 -33.13 47.29
N PRO B 50 -68.09 -31.81 47.37
CA PRO B 50 -67.51 -30.96 46.31
C PRO B 50 -66.02 -31.20 46.19
N THR B 51 -65.59 -31.52 44.97
CA THR B 51 -64.20 -31.90 44.72
C THR B 51 -63.66 -31.10 43.55
N TRP B 52 -62.48 -30.51 43.74
CA TRP B 52 -61.81 -29.77 42.68
C TRP B 52 -61.10 -30.75 41.75
N ILE B 53 -61.45 -30.72 40.47
CA ILE B 53 -61.03 -31.78 39.56
C ILE B 53 -60.46 -31.18 38.28
N ASP B 54 -59.46 -31.89 37.74
CA ASP B 54 -58.90 -31.66 36.42
C ASP B 54 -59.65 -32.51 35.41
N PRO B 55 -60.22 -31.95 34.33
CA PRO B 55 -61.13 -32.72 33.49
C PRO B 55 -60.55 -34.02 32.94
N VAL B 56 -59.23 -34.17 33.00
CA VAL B 56 -58.63 -35.41 32.49
C VAL B 56 -59.06 -36.60 33.33
N LYS B 57 -59.24 -36.41 34.63
CA LYS B 57 -59.51 -37.50 35.56
C LYS B 57 -61.01 -37.67 35.85
N PHE B 58 -61.88 -36.92 35.18
CA PHE B 58 -63.31 -37.04 35.44
C PHE B 58 -63.79 -38.45 35.13
N GLU B 59 -63.35 -39.01 34.01
CA GLU B 59 -63.82 -40.32 33.57
C GLU B 59 -63.48 -41.41 34.56
N ASP B 60 -62.27 -41.41 35.12
CA ASP B 60 -61.86 -42.46 36.02
C ASP B 60 -62.05 -42.11 37.49
N ILE B 61 -62.60 -40.94 37.80
CA ILE B 61 -63.07 -40.68 39.16
C ILE B 61 -64.56 -40.97 39.29
N TYR B 62 -65.37 -40.53 38.32
CA TYR B 62 -66.81 -40.68 38.39
C TYR B 62 -67.35 -41.67 37.37
N GLY B 63 -66.50 -42.54 36.84
CA GLY B 63 -66.96 -43.52 35.88
C GLY B 63 -67.27 -42.87 34.55
N SER B 64 -67.06 -43.59 33.45
CA SER B 64 -67.21 -43.02 32.12
C SER B 64 -68.63 -43.12 31.59
N GLU B 65 -69.56 -43.66 32.37
CA GLU B 65 -70.94 -43.76 31.95
C GLU B 65 -71.74 -42.51 32.28
N THR B 66 -71.18 -41.58 33.08
CA THR B 66 -71.93 -40.39 33.45
C THR B 66 -71.97 -39.38 32.33
N THR B 67 -70.94 -39.33 31.48
CA THR B 67 -70.86 -38.38 30.38
C THR B 67 -71.50 -38.90 29.12
N ASN B 68 -72.29 -39.97 29.20
CA ASN B 68 -72.95 -40.55 28.05
C ASN B 68 -74.37 -40.00 27.97
N LEU B 69 -74.69 -39.34 26.85
CA LEU B 69 -75.98 -38.70 26.70
C LEU B 69 -77.13 -39.70 26.58
N SER B 70 -76.84 -40.93 26.16
CA SER B 70 -77.86 -41.96 26.02
C SER B 70 -77.97 -42.86 27.23
N GLY B 71 -77.14 -42.66 28.26
CA GLY B 71 -77.14 -43.51 29.42
C GLY B 71 -78.25 -43.15 30.39
N VAL B 72 -78.24 -43.83 31.53
CA VAL B 72 -79.26 -43.63 32.55
C VAL B 72 -78.99 -42.42 33.43
N TYR B 73 -77.81 -41.82 33.34
CA TYR B 73 -77.43 -40.70 34.20
C TYR B 73 -77.60 -39.34 33.52
N CYS B 74 -78.13 -39.29 32.32
CA CYS B 74 -78.26 -38.01 31.62
C CYS B 74 -79.27 -37.11 32.33
N THR B 75 -78.85 -35.89 32.62
CA THR B 75 -79.71 -34.84 33.16
C THR B 75 -79.43 -33.58 32.34
N HIS B 76 -80.00 -32.45 32.76
CA HIS B 76 -79.82 -31.24 31.97
C HIS B 76 -78.51 -30.53 32.27
N SER B 77 -77.55 -31.21 32.92
CA SER B 77 -76.23 -30.66 33.14
C SER B 77 -75.11 -31.48 32.51
N THR B 78 -75.43 -32.66 31.98
CA THR B 78 -74.42 -33.43 31.26
C THR B 78 -73.82 -32.66 30.10
N PRO B 79 -74.58 -31.90 29.31
CA PRO B 79 -73.94 -31.07 28.29
C PRO B 79 -72.94 -30.08 28.87
N PHE B 80 -73.23 -29.50 30.03
CA PHE B 80 -72.29 -28.59 30.67
C PHE B 80 -71.01 -29.30 31.06
N ILE B 81 -71.15 -30.50 31.64
CA ILE B 81 -69.95 -31.25 32.01
C ILE B 81 -69.13 -31.58 30.78
N LYS B 82 -69.79 -32.00 29.70
CA LYS B 82 -69.06 -32.35 28.48
C LYS B 82 -68.36 -31.15 27.87
N GLU B 83 -69.02 -29.99 27.86
CA GLU B 83 -68.38 -28.78 27.33
C GLU B 83 -67.17 -28.38 28.18
N ALA B 84 -67.31 -28.47 29.51
CA ALA B 84 -66.18 -28.16 30.38
C ALA B 84 -65.01 -29.10 30.12
N ILE B 85 -65.31 -30.39 29.93
CA ILE B 85 -64.24 -31.36 29.66
C ILE B 85 -63.57 -31.05 28.33
N ALA B 86 -64.37 -30.70 27.32
CA ALA B 86 -63.80 -30.39 26.01
C ALA B 86 -62.89 -29.17 26.08
N ALA B 87 -63.33 -28.12 26.78
CA ALA B 87 -62.52 -26.92 26.86
C ALA B 87 -61.29 -27.11 27.74
N GLY B 88 -61.42 -27.83 28.85
CA GLY B 88 -60.32 -28.02 29.77
C GLY B 88 -60.33 -27.05 30.94
N ASN B 89 -61.46 -26.94 31.63
CA ASN B 89 -61.54 -26.16 32.87
C ASN B 89 -61.43 -27.09 34.06
N GLN B 90 -60.48 -26.83 34.94
CA GLN B 90 -60.53 -27.42 36.26
C GLN B 90 -61.76 -26.85 36.97
N PHE B 91 -62.66 -27.73 37.41
CA PHE B 91 -63.93 -27.25 37.96
C PHE B 91 -64.27 -28.04 39.21
N MET B 92 -65.31 -27.59 39.92
CA MET B 92 -65.71 -28.21 41.17
C MET B 92 -66.93 -29.09 40.94
N ALA B 93 -66.74 -30.40 41.09
CA ALA B 93 -67.77 -31.38 40.81
C ALA B 93 -68.49 -31.77 42.09
N LEU B 94 -69.81 -31.96 41.99
CA LEU B 94 -70.64 -32.37 43.11
C LEU B 94 -71.61 -33.44 42.62
N ARG B 95 -71.49 -34.63 43.17
CA ARG B 95 -72.31 -35.78 42.79
C ARG B 95 -73.46 -35.92 43.78
N LEU B 96 -74.66 -35.55 43.35
CA LEU B 96 -75.85 -35.73 44.15
C LEU B 96 -76.33 -37.18 44.08
N GLU B 97 -77.22 -37.53 45.00
CA GLU B 97 -77.85 -38.84 45.01
C GLU B 97 -79.35 -38.70 45.21
N PRO B 98 -80.15 -39.58 44.61
CA PRO B 98 -81.59 -39.57 44.88
C PRO B 98 -81.88 -39.97 46.32
N SER B 99 -83.01 -39.48 46.82
CA SER B 99 -83.33 -39.65 48.24
C SER B 99 -83.66 -41.10 48.61
N ASP B 100 -83.84 -41.98 47.63
CA ASP B 100 -84.21 -43.37 47.88
C ASP B 100 -83.17 -44.35 47.36
N ILE B 101 -81.91 -43.95 47.27
CA ILE B 101 -80.87 -44.84 46.77
C ILE B 101 -80.67 -45.99 47.76
N PRO B 102 -80.58 -47.25 47.31
CA PRO B 102 -80.40 -48.36 48.25
C PRO B 102 -78.96 -48.52 48.73
N ASP B 103 -78.69 -49.58 49.48
CA ASP B 103 -77.38 -49.82 50.06
C ASP B 103 -76.48 -50.53 49.04
N VAL B 104 -75.30 -50.94 49.48
CA VAL B 104 -74.30 -51.53 48.57
C VAL B 104 -74.62 -52.99 48.32
N ALA B 105 -73.99 -53.58 47.32
CA ALA B 105 -74.14 -55.00 47.03
C ALA B 105 -73.18 -55.81 47.88
N THR B 106 -73.62 -56.99 48.29
CA THR B 106 -72.85 -57.83 49.20
C THR B 106 -72.87 -59.27 48.73
N LEU B 107 -71.84 -60.01 49.11
CA LEU B 107 -71.73 -61.42 48.79
C LEU B 107 -70.94 -62.11 49.88
N GLY B 108 -71.55 -63.05 50.58
CA GLY B 108 -70.88 -63.81 51.63
C GLY B 108 -70.65 -65.23 51.17
N LEU B 109 -69.51 -65.79 51.59
CA LEU B 109 -69.13 -67.15 51.30
C LEU B 109 -69.22 -67.99 52.57
N SER B 110 -69.73 -69.22 52.42
CA SER B 110 -69.87 -70.12 53.54
C SER B 110 -69.63 -71.54 53.06
N VAL B 111 -69.39 -72.44 54.00
CA VAL B 111 -69.22 -73.86 53.72
C VAL B 111 -70.20 -74.64 54.59
N ASP B 112 -70.97 -75.52 53.94
CA ASP B 112 -71.76 -76.51 54.65
C ASP B 112 -70.86 -77.72 54.89
N TRP B 113 -70.82 -78.15 56.14
CA TRP B 113 -69.75 -78.96 56.70
C TRP B 113 -70.35 -80.14 57.46
N VAL B 114 -69.87 -81.36 57.19
CA VAL B 114 -70.29 -82.52 57.95
C VAL B 114 -69.24 -83.62 57.84
N LYS B 115 -69.33 -84.60 58.75
CA LYS B 115 -68.45 -85.76 58.75
C LYS B 115 -69.27 -87.03 58.60
N THR B 116 -68.73 -88.02 57.89
CA THR B 116 -69.43 -89.28 57.70
C THR B 116 -68.51 -90.24 56.95
N LYS B 117 -69.02 -91.44 56.68
CA LYS B 117 -68.25 -92.40 55.90
C LYS B 117 -68.56 -92.25 54.42
N ILE B 118 -67.53 -92.35 53.57
CA ILE B 118 -67.66 -92.18 52.13
C ILE B 118 -66.86 -93.27 51.43
N ASP B 119 -66.90 -93.24 50.10
CA ASP B 119 -66.21 -94.22 49.30
C ASP B 119 -64.72 -93.86 49.15
N ASP B 120 -63.96 -94.84 48.67
CA ASP B 120 -62.57 -94.63 48.29
C ASP B 120 -62.35 -95.25 46.93
N TYR B 121 -61.42 -94.67 46.18
CA TYR B 121 -61.24 -94.99 44.77
C TYR B 121 -59.88 -95.64 44.55
N GLU B 122 -59.69 -96.16 43.34
CA GLU B 122 -58.47 -96.84 42.99
C GLU B 122 -57.30 -95.87 42.89
N ARG B 123 -56.09 -96.43 42.90
CA ARG B 123 -54.87 -95.69 42.66
C ARG B 123 -53.98 -96.50 41.75
N ASN B 124 -53.53 -95.88 40.65
CA ASN B 124 -52.61 -96.55 39.75
C ASN B 124 -51.27 -96.79 40.42
N ASP B 125 -50.72 -95.76 41.06
CA ASP B 125 -49.44 -95.85 41.74
C ASP B 125 -49.46 -94.86 42.90
N ASP B 126 -48.27 -94.52 43.41
CA ASP B 126 -48.17 -93.49 44.43
C ASP B 126 -48.63 -92.13 43.93
N GLY B 127 -48.74 -91.95 42.61
CA GLY B 127 -49.27 -90.71 42.07
C GLY B 127 -50.74 -90.50 42.32
N THR B 128 -51.47 -91.55 42.66
CA THR B 128 -52.89 -91.45 43.02
C THR B 128 -53.70 -90.82 41.89
N TYR B 129 -53.54 -91.37 40.69
CA TYR B 129 -54.20 -90.79 39.52
C TYR B 129 -55.69 -91.12 39.49
N LYS B 130 -56.06 -92.35 39.84
CA LYS B 130 -57.43 -92.80 39.64
C LYS B 130 -58.39 -92.11 40.60
N LEU B 131 -59.57 -91.77 40.08
CA LEU B 131 -60.70 -91.32 40.88
C LEU B 131 -61.98 -91.54 40.10
N ASP B 132 -63.10 -91.53 40.82
CA ASP B 132 -64.43 -91.55 40.22
C ASP B 132 -64.57 -92.70 39.23
N THR B 133 -64.04 -93.86 39.58
CA THR B 133 -64.09 -95.04 38.72
C THR B 133 -63.53 -94.75 37.34
N ASN B 134 -62.43 -93.99 37.28
CA ASN B 134 -61.78 -93.77 36.00
C ASN B 134 -61.29 -95.10 35.45
N GLY B 135 -61.22 -95.17 34.12
CA GLY B 135 -60.96 -96.46 33.50
C GLY B 135 -62.21 -97.31 33.57
N ASP B 136 -62.12 -98.41 34.31
CA ASP B 136 -63.22 -99.35 34.45
C ASP B 136 -63.43 -99.85 35.87
N LYS B 137 -62.72 -99.31 36.86
CA LYS B 137 -62.63 -99.95 38.16
C LYS B 137 -63.61 -99.33 39.15
N ILE B 138 -64.38 -100.18 39.81
CA ILE B 138 -65.32 -99.82 40.87
C ILE B 138 -64.52 -99.30 42.05
N PRO B 139 -64.99 -98.31 42.82
CA PRO B 139 -64.20 -97.85 43.96
C PRO B 139 -63.90 -98.99 44.92
N LEU B 140 -62.71 -98.92 45.54
CA LEU B 140 -62.08 -100.09 46.15
C LEU B 140 -62.53 -100.34 47.58
N ALA B 141 -62.24 -99.41 48.49
CA ALA B 141 -62.57 -99.64 49.88
C ALA B 141 -64.08 -99.56 50.09
N THR B 142 -64.58 -100.42 50.99
CA THR B 142 -66.01 -100.46 51.25
C THR B 142 -66.50 -99.13 51.81
N GLN B 143 -65.84 -98.64 52.85
CA GLN B 143 -66.17 -97.34 53.43
C GLN B 143 -64.95 -96.80 54.14
N ILE B 144 -64.63 -95.54 53.85
CA ILE B 144 -63.54 -94.82 54.49
C ILE B 144 -64.12 -93.61 55.20
N ASP B 145 -63.81 -93.48 56.48
CA ASP B 145 -64.32 -92.35 57.26
C ASP B 145 -63.69 -91.06 56.76
N GLY B 146 -64.53 -90.04 56.52
CA GLY B 146 -64.05 -88.78 55.98
C GLY B 146 -65.05 -87.65 56.16
N ILE B 147 -64.92 -86.62 55.33
CA ILE B 147 -65.65 -85.37 55.51
C ILE B 147 -66.32 -84.97 54.21
N LYS B 148 -67.42 -84.23 54.33
CA LYS B 148 -68.19 -83.75 53.18
C LYS B 148 -68.40 -82.24 53.28
N PHE B 149 -68.23 -81.58 52.13
CA PHE B 149 -68.20 -80.14 51.99
C PHE B 149 -69.23 -79.73 50.93
N ARG B 150 -69.80 -78.54 51.08
CA ARG B 150 -70.68 -77.96 50.07
C ARG B 150 -70.62 -76.45 50.18
N PHE B 151 -69.97 -75.79 49.23
CA PHE B 151 -69.76 -74.35 49.31
C PHE B 151 -71.00 -73.59 48.89
N VAL B 152 -71.17 -72.39 49.45
CA VAL B 152 -72.34 -71.56 49.22
C VAL B 152 -71.91 -70.09 49.10
N LEU B 153 -72.49 -69.39 48.14
CA LEU B 153 -72.29 -67.95 47.94
C LEU B 153 -73.66 -67.31 47.91
N GLU B 154 -73.88 -66.30 48.75
CA GLU B 154 -75.21 -65.73 48.83
C GLU B 154 -75.18 -64.33 49.42
N LYS B 155 -76.27 -63.60 49.19
CA LYS B 155 -76.37 -62.23 49.68
C LYS B 155 -76.35 -62.21 51.21
N ILE B 156 -75.75 -61.17 51.77
CA ILE B 156 -75.70 -61.00 53.21
C ILE B 156 -77.00 -60.34 53.66
N GLU B 157 -77.80 -61.06 54.44
CA GLU B 157 -79.08 -60.55 54.91
C GLU B 157 -78.89 -59.43 55.92
N THR B 158 -79.91 -58.57 56.01
CA THR B 158 -79.88 -57.43 56.90
C THR B 158 -80.73 -57.69 58.15
N ASN B 159 -80.46 -56.90 59.19
CA ASN B 159 -81.18 -57.03 60.44
C ASN B 159 -82.61 -56.52 60.29
N GLU B 160 -83.48 -57.00 61.19
CA GLU B 160 -84.88 -56.60 61.16
C GLU B 160 -85.05 -55.10 61.35
N SER B 161 -84.07 -54.43 61.97
CA SER B 161 -84.09 -52.99 62.12
C SER B 161 -83.60 -52.27 60.88
N GLY B 162 -82.94 -52.96 59.96
CA GLY B 162 -82.42 -52.34 58.76
C GLY B 162 -80.95 -51.98 58.84
N VAL B 163 -80.12 -52.92 59.27
CA VAL B 163 -78.68 -52.74 59.31
C VAL B 163 -78.02 -54.02 58.82
N SER B 164 -77.00 -53.87 57.98
CA SER B 164 -76.35 -55.03 57.39
C SER B 164 -75.50 -55.76 58.43
N GLN B 165 -75.40 -57.08 58.25
CA GLN B 165 -74.58 -57.93 59.10
C GLN B 165 -73.23 -58.24 58.46
N TYR B 166 -72.65 -57.27 57.77
CA TYR B 166 -71.43 -57.49 57.00
C TYR B 166 -70.35 -58.16 57.84
N LYS B 167 -70.19 -57.73 59.09
CA LYS B 167 -69.12 -58.19 59.95
C LYS B 167 -69.60 -59.09 61.07
N LYS B 168 -70.88 -59.49 61.07
CA LYS B 168 -71.47 -60.13 62.23
C LYS B 168 -72.33 -61.34 61.84
N ARG B 169 -71.82 -62.19 60.97
CA ARG B 169 -72.52 -63.43 60.64
C ARG B 169 -72.18 -64.51 61.65
N THR B 170 -73.05 -65.52 61.74
CA THR B 170 -72.94 -66.59 62.71
C THR B 170 -73.32 -67.91 62.07
N ALA B 171 -72.83 -69.00 62.64
CA ALA B 171 -73.08 -70.33 62.10
C ALA B 171 -74.54 -70.73 62.30
N LYS B 172 -74.97 -71.73 61.54
CA LYS B 172 -76.36 -72.18 61.60
C LYS B 172 -76.42 -73.64 61.21
N ALA B 173 -77.58 -74.25 61.46
CA ALA B 173 -77.80 -75.63 61.08
C ALA B 173 -77.78 -75.77 59.57
N GLY B 174 -77.15 -76.85 59.09
CA GLY B 174 -76.96 -77.05 57.67
C GLY B 174 -78.11 -77.78 57.01
N THR B 175 -77.85 -78.24 55.79
CA THR B 175 -78.82 -78.99 55.02
C THR B 175 -78.31 -80.33 54.49
N ILE B 176 -77.02 -80.44 54.17
CA ILE B 176 -76.50 -81.72 53.72
C ILE B 176 -76.27 -82.62 54.90
N GLY B 177 -76.56 -83.91 54.73
CA GLY B 177 -76.41 -84.85 55.82
C GLY B 177 -77.27 -84.53 57.02
N THR B 178 -78.54 -84.20 56.81
CA THR B 178 -79.46 -83.94 57.91
C THR B 178 -79.76 -85.18 58.74
N GLU B 179 -79.38 -86.36 58.26
CA GLU B 179 -79.48 -87.55 59.09
C GLU B 179 -78.74 -87.38 60.41
N ALA B 180 -77.65 -86.62 60.41
CA ALA B 180 -76.94 -86.24 61.62
C ALA B 180 -77.04 -84.73 61.79
N THR B 181 -77.53 -84.29 62.94
CA THR B 181 -77.73 -82.87 63.18
C THR B 181 -76.48 -82.02 62.96
N PRO B 182 -75.27 -82.44 63.35
CA PRO B 182 -74.12 -81.53 63.31
C PRO B 182 -73.80 -80.91 61.96
N SER B 183 -74.53 -81.27 60.90
CA SER B 183 -74.35 -80.61 59.62
C SER B 183 -74.53 -79.11 59.79
N THR B 184 -73.45 -78.35 59.60
CA THR B 184 -73.49 -76.92 59.93
C THR B 184 -72.92 -76.08 58.80
N ILE B 185 -73.55 -74.93 58.58
CA ILE B 185 -73.02 -73.97 57.61
C ILE B 185 -72.25 -72.88 58.35
N THR B 186 -70.96 -72.77 58.07
CA THR B 186 -70.12 -71.80 58.75
C THR B 186 -69.57 -70.80 57.75
N PRO B 187 -69.52 -69.51 58.11
CA PRO B 187 -69.06 -68.49 57.17
C PRO B 187 -67.54 -68.44 57.07
N LEU B 188 -67.07 -68.01 55.90
CA LEU B 188 -65.64 -67.96 55.59
C LEU B 188 -65.15 -66.58 55.20
N ALA B 189 -65.93 -65.80 54.45
CA ALA B 189 -65.50 -64.48 54.02
C ALA B 189 -66.69 -63.66 53.58
N ASP B 190 -66.49 -62.35 53.52
CA ASP B 190 -67.49 -61.41 53.03
C ASP B 190 -66.86 -60.48 51.99
N PHE B 191 -67.67 -60.07 51.03
CA PHE B 191 -67.26 -59.11 50.00
C PHE B 191 -68.37 -58.09 49.82
N ARG B 192 -67.99 -56.86 49.48
CA ARG B 192 -68.93 -55.76 49.46
C ARG B 192 -68.52 -54.78 48.36
N CYS B 193 -69.49 -54.02 47.86
CA CYS B 193 -69.21 -53.02 46.85
C CYS B 193 -68.84 -51.68 47.49
N ARG B 194 -67.90 -50.98 46.86
CA ARG B 194 -67.39 -49.74 47.41
C ARG B 194 -68.33 -48.57 47.19
N PHE B 195 -69.25 -48.66 46.23
CA PHE B 195 -70.12 -47.54 45.88
C PHE B 195 -71.57 -47.98 45.96
N LYS B 196 -72.46 -47.01 45.87
CA LYS B 196 -73.89 -47.26 45.81
C LYS B 196 -74.34 -47.01 44.37
N SER B 197 -74.41 -48.08 43.57
CA SER B 197 -74.78 -47.96 42.17
C SER B 197 -74.91 -49.35 41.58
N SER B 198 -75.27 -49.40 40.29
CA SER B 198 -75.41 -50.66 39.59
C SER B 198 -74.07 -51.33 39.31
N LEU B 199 -72.97 -50.60 39.46
CA LEU B 199 -71.66 -51.20 39.28
C LEU B 199 -71.47 -52.36 40.25
N GLY B 200 -72.03 -52.26 41.46
CA GLY B 200 -71.93 -53.36 42.40
C GLY B 200 -72.64 -54.60 41.92
N ALA B 201 -73.87 -54.46 41.43
CA ALA B 201 -74.61 -55.61 40.92
C ALA B 201 -73.99 -56.16 39.64
N ASN B 202 -73.23 -55.35 38.91
CA ASN B 202 -72.55 -55.84 37.72
C ASN B 202 -71.11 -56.28 37.96
N THR B 203 -70.59 -56.14 39.17
CA THR B 203 -69.25 -56.63 39.47
C THR B 203 -69.31 -58.11 39.80
N ALA B 204 -68.25 -58.83 39.44
CA ALA B 204 -68.14 -60.27 39.71
C ALA B 204 -66.73 -60.61 40.12
N LEU B 205 -66.58 -61.73 40.81
CA LEU B 205 -65.28 -62.17 41.29
C LEU B 205 -65.13 -63.67 41.08
N ARG B 206 -63.88 -64.11 40.92
CA ARG B 206 -63.53 -65.52 40.78
C ARG B 206 -62.42 -65.87 41.75
N ILE B 207 -62.45 -67.10 42.27
CA ILE B 207 -61.41 -67.61 43.14
C ILE B 207 -61.24 -69.10 42.85
N TRP B 208 -60.00 -69.53 42.62
CA TRP B 208 -59.76 -70.93 42.37
C TRP B 208 -58.38 -71.32 42.87
N ALA B 209 -58.10 -72.62 42.88
CA ALA B 209 -56.86 -73.18 43.41
C ALA B 209 -56.11 -73.93 42.33
N PRO B 210 -55.03 -73.38 41.77
CA PRO B 210 -54.36 -74.06 40.66
C PRO B 210 -53.38 -75.13 41.13
N THR B 211 -53.11 -76.08 40.24
CA THR B 211 -52.11 -77.12 40.44
C THR B 211 -51.03 -76.97 39.37
N ILE B 212 -50.11 -77.94 39.34
CA ILE B 212 -48.96 -77.82 38.44
C ILE B 212 -49.41 -77.79 36.98
N ASN B 213 -50.55 -78.41 36.68
CA ASN B 213 -51.00 -78.53 35.29
C ASN B 213 -52.02 -77.47 34.89
N SER B 214 -52.34 -76.53 35.77
CA SER B 214 -53.33 -75.52 35.43
C SER B 214 -52.80 -74.61 34.32
N ALA B 215 -53.70 -73.76 33.80
CA ALA B 215 -53.29 -72.77 32.82
C ALA B 215 -52.26 -71.79 33.38
N GLN B 216 -52.46 -71.32 34.61
CA GLN B 216 -51.45 -70.56 35.35
C GLN B 216 -50.77 -71.55 36.29
N ALA B 217 -49.81 -72.31 35.76
CA ALA B 217 -49.19 -73.38 36.52
C ALA B 217 -48.58 -72.85 37.81
N ALA B 218 -48.87 -73.53 38.92
CA ALA B 218 -48.33 -73.14 40.20
C ALA B 218 -46.96 -73.80 40.42
N ASP B 219 -46.30 -73.38 41.49
CA ASP B 219 -44.98 -73.91 41.85
C ASP B 219 -45.00 -74.35 43.31
N ALA B 220 -44.49 -75.56 43.55
CA ALA B 220 -44.46 -76.09 44.92
C ALA B 220 -43.33 -75.48 45.74
N ASP B 221 -42.31 -74.93 45.09
CA ASP B 221 -41.15 -74.46 45.82
C ASP B 221 -41.48 -73.24 46.67
N LEU B 222 -42.24 -72.29 46.13
CA LEU B 222 -42.63 -71.13 46.92
C LEU B 222 -43.54 -71.54 48.08
N GLN B 223 -44.44 -72.49 47.85
CA GLN B 223 -45.30 -72.97 48.92
C GLN B 223 -44.50 -73.63 50.02
N ALA B 224 -43.47 -74.41 49.66
CA ALA B 224 -42.59 -74.98 50.67
C ALA B 224 -41.83 -73.89 51.41
N ARG B 225 -41.34 -72.89 50.68
CA ARG B 225 -40.59 -71.80 51.32
C ARG B 225 -41.44 -71.07 52.34
N ILE B 226 -42.69 -70.76 51.99
CA ILE B 226 -43.67 -70.25 52.93
C ILE B 226 -44.87 -71.16 52.87
N LYS B 227 -45.17 -71.83 53.98
CA LYS B 227 -46.16 -72.91 53.99
C LYS B 227 -47.55 -72.29 54.02
N SER B 228 -48.17 -72.21 52.85
CA SER B 228 -49.54 -71.77 52.72
C SER B 228 -49.95 -72.00 51.26
N PHE B 229 -51.15 -72.56 51.08
CA PHE B 229 -51.64 -72.74 49.72
C PHE B 229 -51.98 -71.37 49.11
N LEU B 230 -51.73 -71.24 47.82
CA LEU B 230 -51.95 -70.00 47.09
C LEU B 230 -53.13 -70.18 46.13
N TYR B 231 -54.09 -69.28 46.22
CA TYR B 231 -55.26 -69.28 45.37
C TYR B 231 -55.19 -68.10 44.40
N ARG B 232 -55.70 -68.31 43.19
CA ARG B 232 -55.85 -67.23 42.23
C ARG B 232 -57.17 -66.52 42.44
N PHE B 233 -57.12 -65.19 42.45
CA PHE B 233 -58.27 -64.33 42.69
C PHE B 233 -58.37 -63.32 41.55
N GLN B 234 -59.59 -63.07 41.08
CA GLN B 234 -59.81 -62.26 39.88
C GLN B 234 -61.09 -61.46 40.02
N ILE B 235 -61.12 -60.31 39.35
CA ILE B 235 -62.26 -59.40 39.34
C ILE B 235 -62.68 -59.15 37.90
N LEU B 236 -63.97 -59.21 37.63
CA LEU B 236 -64.51 -58.93 36.31
C LEU B 236 -65.70 -57.97 36.46
N THR B 237 -66.01 -57.26 35.39
CA THR B 237 -67.13 -56.31 35.40
C THR B 237 -67.78 -56.28 34.03
N ARG B 238 -69.10 -56.13 34.01
CA ARG B 238 -69.86 -56.12 32.77
C ARG B 238 -70.57 -54.79 32.59
N ALA B 239 -71.01 -54.54 31.37
CA ALA B 239 -71.67 -53.28 31.04
C ALA B 239 -73.15 -53.31 31.39
N ASP B 240 -73.87 -54.32 30.90
CA ASP B 240 -75.28 -54.48 31.19
C ASP B 240 -75.56 -55.96 31.42
N LYS B 241 -76.80 -56.24 31.84
CA LYS B 241 -77.17 -57.61 32.18
C LYS B 241 -76.99 -58.56 31.01
N ALA B 242 -77.12 -58.08 29.78
CA ALA B 242 -77.01 -58.93 28.61
C ALA B 242 -75.59 -59.03 28.06
N SER B 243 -74.64 -58.26 28.59
CA SER B 243 -73.28 -58.24 28.07
C SER B 243 -72.49 -59.40 28.64
N SER B 244 -71.17 -59.36 28.45
CA SER B 244 -70.25 -60.35 28.99
C SER B 244 -69.13 -59.65 29.76
N PRO B 245 -68.57 -60.30 30.78
CA PRO B 245 -67.63 -59.60 31.66
C PRO B 245 -66.30 -59.32 31.00
N THR B 246 -65.61 -58.32 31.54
CA THR B 246 -64.25 -57.95 31.14
C THR B 246 -63.39 -57.89 32.39
N ILE B 247 -62.17 -58.41 32.28
CA ILE B 247 -61.31 -58.49 33.46
C ILE B 247 -60.88 -57.11 33.89
N PHE B 248 -60.88 -56.87 35.20
CA PHE B 248 -60.44 -55.63 35.80
C PHE B 248 -59.02 -55.86 36.32
N GLU B 249 -58.03 -55.31 35.61
CA GLU B 249 -56.64 -55.59 35.93
C GLU B 249 -56.16 -54.76 37.12
N THR B 250 -55.08 -55.24 37.74
CA THR B 250 -54.44 -54.50 38.82
C THR B 250 -53.71 -53.29 38.25
N ILE B 251 -53.31 -52.39 39.15
CA ILE B 251 -52.62 -51.18 38.72
C ILE B 251 -51.30 -51.48 38.04
N TYR B 252 -50.76 -52.68 38.25
CA TYR B 252 -49.54 -53.12 37.58
C TYR B 252 -49.83 -53.80 36.25
N ASN B 253 -51.08 -53.78 35.79
CA ASN B 253 -51.48 -54.42 34.55
C ASN B 253 -51.28 -55.93 34.62
N GLU B 254 -51.94 -56.56 35.60
CA GLU B 254 -52.01 -58.01 35.69
C GLU B 254 -53.46 -58.45 35.78
N PRO B 255 -53.78 -59.65 35.29
CA PRO B 255 -55.18 -60.09 35.33
C PRO B 255 -55.64 -60.65 36.67
N SER B 256 -54.76 -61.31 37.41
CA SER B 256 -55.18 -62.02 38.63
C SER B 256 -54.09 -61.93 39.69
N LEU B 257 -54.48 -62.21 40.93
CA LEU B 257 -53.59 -62.18 42.08
C LEU B 257 -53.43 -63.57 42.69
N SER B 258 -52.29 -63.79 43.34
CA SER B 258 -52.06 -64.97 44.17
C SER B 258 -52.14 -64.58 45.63
N VAL B 259 -53.01 -65.25 46.38
CA VAL B 259 -53.27 -64.88 47.78
C VAL B 259 -53.26 -66.14 48.62
N GLY B 260 -53.09 -65.97 49.93
CA GLY B 260 -53.00 -67.12 50.82
C GLY B 260 -53.42 -66.79 52.23
N PHE B 261 -53.74 -67.85 52.98
CA PHE B 261 -54.18 -67.71 54.36
C PHE B 261 -52.98 -67.74 55.31
N GLY B 262 -53.05 -66.90 56.34
CA GLY B 262 -52.00 -66.86 57.35
C GLY B 262 -51.85 -65.50 57.98
N GLU B 263 -50.92 -65.37 58.93
CA GLU B 263 -50.76 -64.09 59.62
C GLU B 263 -49.99 -63.10 58.76
N ASN B 264 -48.74 -63.39 58.45
CA ASN B 264 -47.98 -62.56 57.53
C ASN B 264 -47.08 -63.48 56.72
N LEU B 265 -47.33 -63.54 55.41
CA LEU B 265 -46.63 -64.44 54.52
C LEU B 265 -45.57 -63.65 53.75
N VAL B 266 -44.43 -63.46 54.41
CA VAL B 266 -43.30 -62.76 53.80
C VAL B 266 -42.35 -63.77 53.21
N ASP B 267 -41.87 -63.49 51.99
CA ASP B 267 -40.94 -64.37 51.31
C ASP B 267 -39.53 -63.88 51.57
N PRO B 268 -38.69 -64.64 52.30
CA PRO B 268 -37.33 -64.16 52.57
C PRO B 268 -36.52 -63.90 51.32
N GLN B 269 -36.72 -64.68 50.25
CA GLN B 269 -35.91 -64.56 49.05
C GLN B 269 -36.23 -63.32 48.23
N THR B 270 -37.45 -62.79 48.33
CA THR B 270 -37.82 -61.62 47.56
C THR B 270 -38.63 -60.58 48.35
N GLU B 271 -38.89 -60.78 49.63
CA GLU B 271 -39.57 -59.83 50.49
C GLU B 271 -40.98 -59.48 49.99
N VAL B 272 -41.67 -60.44 49.36
CA VAL B 272 -43.04 -60.20 48.93
C VAL B 272 -44.00 -60.69 50.00
N VAL B 273 -45.15 -60.03 50.11
CA VAL B 273 -46.17 -60.34 51.12
C VAL B 273 -47.37 -60.93 50.39
N TYR B 274 -47.76 -62.15 50.78
CA TYR B 274 -48.89 -62.84 50.16
C TYR B 274 -50.14 -62.80 51.02
N ASP B 275 -50.26 -61.87 51.94
CA ASP B 275 -51.44 -61.80 52.79
C ASP B 275 -52.67 -61.45 51.96
N PHE B 276 -53.80 -62.09 52.29
CA PHE B 276 -54.98 -62.01 51.45
C PHE B 276 -55.51 -60.59 51.34
N VAL B 277 -56.02 -60.06 52.44
CA VAL B 277 -56.68 -58.75 52.41
C VAL B 277 -55.68 -57.66 52.06
N GLU B 278 -54.51 -57.69 52.70
CA GLU B 278 -53.52 -56.64 52.47
C GLU B 278 -53.10 -56.61 51.02
N ARG B 279 -52.78 -57.78 50.45
CA ARG B 279 -52.34 -57.81 49.06
C ARG B 279 -53.44 -57.34 48.12
N ILE B 280 -54.66 -57.84 48.30
CA ILE B 280 -55.74 -57.44 47.39
C ILE B 280 -55.91 -55.93 47.44
N ASP B 281 -56.05 -55.38 48.65
CA ASP B 281 -56.40 -53.98 48.77
C ASP B 281 -55.26 -53.08 48.30
N SER B 282 -54.00 -53.48 48.55
CA SER B 282 -52.89 -52.65 48.13
C SER B 282 -52.67 -52.71 46.63
N ARG B 283 -52.83 -53.89 46.02
CA ARG B 283 -52.55 -54.05 44.61
C ARG B 283 -53.65 -53.49 43.71
N TYR B 284 -54.91 -53.50 44.16
CA TYR B 284 -55.99 -53.16 43.25
C TYR B 284 -56.40 -51.69 43.30
N ASN B 285 -55.81 -50.88 44.16
CA ASN B 285 -56.22 -49.49 44.32
C ASN B 285 -55.03 -48.54 44.16
N ASP B 286 -55.35 -47.27 43.95
CA ASP B 286 -54.33 -46.24 43.80
C ASP B 286 -54.98 -44.88 44.11
N GLU B 287 -54.64 -44.31 45.26
CA GLU B 287 -55.24 -43.06 45.72
C GLU B 287 -54.43 -41.82 45.36
N ASP B 288 -53.30 -41.96 44.69
CA ASP B 288 -52.46 -40.82 44.42
C ASP B 288 -53.21 -39.84 43.51
N PRO B 289 -53.41 -38.58 43.94
CA PRO B 289 -54.26 -37.68 43.13
C PRO B 289 -53.97 -37.56 41.65
N SER B 290 -52.76 -37.92 41.20
CA SER B 290 -52.42 -37.82 39.79
C SER B 290 -52.76 -39.08 39.02
N THR B 291 -52.62 -40.25 39.64
CA THR B 291 -52.91 -41.54 39.01
C THR B 291 -53.93 -42.21 39.92
N TYR B 292 -55.21 -41.97 39.66
CA TYR B 292 -56.27 -42.27 40.61
C TYR B 292 -57.17 -43.36 40.05
N LEU B 293 -57.29 -44.47 40.78
CA LEU B 293 -58.27 -45.51 40.46
C LEU B 293 -58.63 -46.26 41.72
N MET B 294 -59.92 -46.37 42.00
CA MET B 294 -60.43 -47.12 43.13
C MET B 294 -61.17 -48.35 42.61
N SER B 295 -60.80 -49.51 43.13
CA SER B 295 -61.42 -50.75 42.66
C SER B 295 -62.88 -50.78 43.06
N PRO B 296 -63.75 -51.43 42.29
CA PRO B 296 -65.16 -51.54 42.70
C PRO B 296 -65.37 -52.25 44.02
N LEU B 297 -64.54 -53.24 44.34
CA LEU B 297 -64.66 -53.94 45.61
C LEU B 297 -64.02 -53.13 46.74
N ASP B 298 -64.68 -53.14 47.89
CA ASP B 298 -64.09 -52.54 49.09
C ASP B 298 -63.06 -53.49 49.69
N THR B 299 -62.61 -53.18 50.90
CA THR B 299 -61.63 -54.02 51.56
C THR B 299 -62.29 -55.31 52.03
N PRO B 300 -61.83 -56.49 51.60
CA PRO B 300 -62.50 -57.73 52.03
C PRO B 300 -62.33 -57.98 53.51
N TYR B 301 -63.27 -58.73 54.07
CA TYR B 301 -63.20 -59.21 55.44
C TYR B 301 -63.09 -60.73 55.43
N LEU B 302 -62.48 -61.29 56.47
CA LEU B 302 -62.25 -62.72 56.54
C LEU B 302 -62.56 -63.21 57.95
N TYR B 303 -63.19 -64.39 58.05
CA TYR B 303 -63.54 -64.99 59.34
C TYR B 303 -62.40 -65.91 59.78
N GLN B 304 -61.42 -65.31 60.45
CA GLN B 304 -60.20 -66.03 60.79
C GLN B 304 -60.50 -67.20 61.74
N ALA B 305 -61.36 -66.98 62.73
CA ALA B 305 -61.64 -68.04 63.69
C ALA B 305 -62.22 -69.26 63.01
N ASN B 306 -63.25 -69.08 62.18
CA ASN B 306 -63.91 -70.21 61.56
C ASN B 306 -63.01 -70.88 60.52
N ILE B 307 -62.30 -70.09 59.71
CA ILE B 307 -61.41 -70.69 58.73
C ILE B 307 -60.33 -71.51 59.44
N ASP B 308 -59.76 -70.96 60.51
CA ASP B 308 -58.73 -71.68 61.25
C ASP B 308 -59.30 -72.95 61.86
N SER B 309 -60.52 -72.89 62.39
CA SER B 309 -61.13 -74.06 63.02
C SER B 309 -61.32 -75.18 62.00
N VAL B 310 -61.85 -74.84 60.81
CA VAL B 310 -62.06 -75.86 59.80
C VAL B 310 -60.74 -76.45 59.33
N LEU B 311 -59.73 -75.59 59.16
CA LEU B 311 -58.42 -76.08 58.77
C LEU B 311 -57.85 -77.04 59.82
N THR B 312 -57.99 -76.68 61.10
CA THR B 312 -57.51 -77.54 62.17
C THR B 312 -58.24 -78.87 62.17
N ALA B 313 -59.55 -78.83 61.94
CA ALA B 313 -60.32 -80.07 61.93
C ALA B 313 -59.86 -80.99 60.81
N ILE B 314 -59.74 -80.46 59.59
CA ILE B 314 -59.34 -81.32 58.50
C ILE B 314 -57.91 -81.82 58.68
N GLN B 315 -57.04 -81.00 59.25
CA GLN B 315 -55.68 -81.45 59.53
C GLN B 315 -55.70 -82.60 60.56
N GLU B 316 -56.37 -82.39 61.69
CA GLU B 316 -56.47 -83.45 62.69
C GLU B 316 -57.00 -84.73 62.06
N LEU B 317 -57.98 -84.61 61.16
CA LEU B 317 -58.56 -85.78 60.55
C LEU B 317 -57.55 -86.51 59.67
N GLU B 318 -57.03 -85.83 58.64
CA GLU B 318 -56.30 -86.50 57.58
C GLU B 318 -54.84 -86.10 57.48
N ALA B 319 -54.36 -85.18 58.30
CA ALA B 319 -52.94 -84.86 58.27
C ALA B 319 -52.09 -86.06 58.66
N PRO B 320 -52.38 -86.78 59.76
CA PRO B 320 -51.68 -88.05 60.00
C PRO B 320 -52.28 -89.18 59.17
N PHE B 321 -51.99 -89.16 57.86
CA PHE B 321 -52.51 -90.18 56.96
C PHE B 321 -51.49 -90.41 55.86
N ASP B 322 -51.87 -91.22 54.87
CA ASP B 322 -50.92 -91.76 53.92
C ASP B 322 -50.28 -90.69 53.04
N THR B 323 -51.07 -89.80 52.44
CA THR B 323 -50.55 -88.93 51.39
C THR B 323 -50.74 -87.44 51.67
N VAL B 324 -50.58 -87.02 52.92
CA VAL B 324 -50.61 -85.59 53.27
C VAL B 324 -49.65 -85.38 54.43
N SER B 325 -49.07 -84.18 54.47
CA SER B 325 -48.13 -83.86 55.53
C SER B 325 -48.83 -83.81 56.87
N ALA B 326 -48.27 -84.50 57.87
CA ALA B 326 -48.86 -84.56 59.19
C ALA B 326 -48.35 -83.47 60.12
N ASP B 327 -47.33 -82.73 59.71
CA ASP B 327 -46.69 -81.76 60.60
C ASP B 327 -47.71 -80.69 61.00
N GLU B 328 -47.28 -79.85 61.95
CA GLU B 328 -48.20 -78.87 62.52
C GLU B 328 -48.52 -77.75 61.54
N ASP B 329 -47.51 -77.24 60.84
CA ASP B 329 -47.68 -76.04 60.02
C ASP B 329 -48.42 -76.30 58.72
N ASP B 330 -48.64 -77.56 58.35
CA ASP B 330 -49.43 -77.89 57.16
C ASP B 330 -50.87 -77.39 57.26
N LEU B 331 -51.27 -76.91 58.43
CA LEU B 331 -52.63 -76.39 58.60
C LEU B 331 -52.96 -75.39 57.51
N TYR B 332 -52.08 -74.41 57.31
CA TYR B 332 -52.28 -73.42 56.26
C TYR B 332 -51.86 -73.93 54.89
N GLN B 333 -51.19 -75.06 54.81
CA GLN B 333 -50.94 -75.67 53.50
C GLN B 333 -52.20 -76.30 52.95
N ILE B 334 -53.11 -76.75 53.81
CA ILE B 334 -54.30 -77.48 53.37
C ILE B 334 -55.00 -76.72 52.25
N ASN B 335 -55.30 -77.40 51.15
CA ASN B 335 -56.05 -76.83 50.04
C ASN B 335 -57.53 -76.92 50.35
N LEU B 336 -58.09 -75.85 50.92
CA LEU B 336 -59.48 -75.89 51.36
C LEU B 336 -60.46 -76.01 50.20
N PHE B 337 -60.33 -75.14 49.20
CA PHE B 337 -61.33 -75.10 48.13
C PHE B 337 -61.18 -76.24 47.14
N GLY B 338 -59.97 -76.73 46.94
CA GLY B 338 -59.74 -77.90 46.13
C GLY B 338 -59.76 -79.17 46.95
N ALA B 339 -59.28 -80.24 46.35
CA ALA B 339 -59.20 -81.54 47.03
C ALA B 339 -57.89 -82.23 46.71
N GLN B 340 -56.82 -81.46 46.54
CA GLN B 340 -55.54 -82.03 46.19
C GLN B 340 -54.43 -81.07 46.59
N THR B 341 -53.22 -81.60 46.70
CA THR B 341 -52.06 -80.77 46.98
C THR B 341 -51.65 -80.03 45.71
N VAL B 342 -50.57 -79.27 45.82
CA VAL B 342 -50.09 -78.49 44.69
C VAL B 342 -49.73 -79.42 43.53
N GLU B 343 -49.14 -80.57 43.82
CA GLU B 343 -48.76 -81.50 42.77
C GLU B 343 -49.96 -82.13 42.07
N GLY B 344 -51.15 -82.06 42.65
CA GLY B 344 -52.33 -82.61 42.02
C GLY B 344 -52.68 -84.01 42.44
N VAL B 345 -52.35 -84.40 43.66
CA VAL B 345 -52.72 -85.70 44.21
C VAL B 345 -54.03 -85.55 44.99
N PRO B 346 -55.09 -86.24 44.62
CA PRO B 346 -56.38 -86.01 45.27
C PRO B 346 -56.35 -86.35 46.76
N TYR B 347 -57.11 -85.57 47.53
CA TYR B 347 -57.37 -85.89 48.93
C TYR B 347 -58.50 -86.91 48.99
N HIS B 348 -58.16 -88.16 49.26
CA HIS B 348 -59.20 -89.13 49.59
C HIS B 348 -59.59 -88.96 51.05
N ALA B 349 -60.85 -89.32 51.34
CA ALA B 349 -61.54 -89.03 52.60
C ALA B 349 -62.14 -87.64 52.64
N VAL B 350 -62.17 -86.92 51.52
CA VAL B 350 -62.86 -85.63 51.43
C VAL B 350 -63.71 -85.62 50.17
N GLN B 351 -64.96 -85.20 50.32
CA GLN B 351 -65.89 -85.14 49.19
C GLN B 351 -66.52 -83.77 49.12
N ILE B 352 -66.40 -83.12 47.96
CA ILE B 352 -67.02 -81.83 47.70
C ILE B 352 -68.23 -82.07 46.81
N LEU B 353 -69.41 -81.67 47.28
CA LEU B 353 -70.63 -81.92 46.53
C LEU B 353 -70.74 -80.97 45.35
N GLY B 354 -71.06 -81.52 44.18
CA GLY B 354 -71.06 -80.76 42.95
C GLY B 354 -72.34 -79.95 42.76
N VAL B 355 -72.50 -79.44 41.55
CA VAL B 355 -73.64 -78.58 41.25
C VAL B 355 -74.94 -79.36 41.35
N LEU B 356 -74.98 -80.57 40.77
CA LEU B 356 -76.19 -81.38 40.84
C LEU B 356 -76.55 -81.72 42.28
N ASP B 357 -75.57 -81.65 43.18
CA ASP B 357 -75.79 -81.90 44.59
C ASP B 357 -76.04 -80.62 45.38
N GLY B 358 -76.15 -79.48 44.70
CA GLY B 358 -76.41 -78.21 45.36
C GLY B 358 -75.18 -77.42 45.73
N GLY B 359 -73.99 -77.83 45.27
CA GLY B 359 -72.76 -77.15 45.60
C GLY B 359 -72.40 -76.08 44.57
N VAL B 360 -71.26 -75.45 44.81
CA VAL B 360 -70.70 -74.42 43.94
C VAL B 360 -69.30 -74.84 43.56
N THR B 361 -68.98 -74.75 42.28
CA THR B 361 -67.67 -75.13 41.75
C THR B 361 -66.80 -73.88 41.67
N LEU B 362 -65.80 -73.80 42.54
CA LEU B 362 -64.84 -72.70 42.51
C LEU B 362 -63.72 -73.10 41.58
N THR B 363 -63.90 -72.80 40.29
CA THR B 363 -62.89 -73.05 39.27
C THR B 363 -62.55 -71.73 38.59
N GLU B 364 -61.70 -71.82 37.56
CA GLU B 364 -61.21 -70.65 36.87
C GLU B 364 -62.17 -70.13 35.81
N THR B 365 -63.32 -70.78 35.62
CA THR B 365 -64.31 -70.33 34.66
C THR B 365 -65.65 -69.96 35.27
N ALA B 366 -65.90 -70.31 36.53
CA ALA B 366 -67.12 -69.90 37.20
C ALA B 366 -67.06 -68.43 37.56
N THR B 367 -68.23 -67.77 37.54
CA THR B 367 -68.33 -66.34 37.83
C THR B 367 -69.38 -66.12 38.89
N ASN B 368 -69.15 -65.14 39.76
CA ASN B 368 -70.03 -64.84 40.88
C ASN B 368 -70.27 -63.35 40.94
N TYR B 369 -71.54 -62.95 41.04
CA TYR B 369 -71.93 -61.55 41.03
C TYR B 369 -72.47 -61.13 42.40
N LEU B 370 -72.16 -59.91 42.81
CA LEU B 370 -72.72 -59.39 44.05
C LEU B 370 -74.22 -59.14 43.87
N GLN B 371 -74.94 -59.16 44.99
CA GLN B 371 -76.40 -59.08 45.00
C GLN B 371 -76.84 -57.76 45.61
N GLY B 372 -77.87 -57.15 45.04
CA GLY B 372 -78.46 -55.95 45.61
C GLY B 372 -78.03 -54.69 44.90
N GLY B 373 -78.09 -53.57 45.59
CA GLY B 373 -77.65 -52.31 45.03
C GLY B 373 -78.69 -51.67 44.12
N GLY B 374 -78.26 -50.62 43.45
CA GLY B 374 -79.12 -49.85 42.56
C GLY B 374 -78.75 -48.37 42.63
N ASP B 375 -79.30 -47.62 41.68
CA ASP B 375 -79.01 -46.20 41.57
C ASP B 375 -80.09 -45.31 42.18
N GLY B 376 -81.33 -45.78 42.24
CA GLY B 376 -82.44 -44.94 42.64
C GLY B 376 -83.17 -44.38 41.43
N THR B 377 -84.11 -43.49 41.73
CA THR B 377 -84.95 -42.89 40.70
C THR B 377 -84.20 -41.74 40.04
N LEU B 378 -83.81 -41.92 38.78
CA LEU B 378 -83.03 -40.95 38.04
C LEU B 378 -83.91 -40.20 37.05
N GLY B 379 -83.46 -39.02 36.66
CA GLY B 379 -84.17 -38.16 35.74
C GLY B 379 -84.19 -36.73 36.23
N ASN B 380 -84.81 -35.87 35.42
CA ASN B 380 -84.79 -34.44 35.70
C ASN B 380 -85.59 -34.11 36.95
N ASP B 381 -86.69 -34.82 37.20
CA ASP B 381 -87.50 -34.51 38.37
C ASP B 381 -86.75 -34.80 39.67
N SER B 382 -86.18 -35.99 39.79
CA SER B 382 -85.40 -36.30 40.98
C SER B 382 -84.15 -35.42 41.06
N PHE B 383 -83.57 -35.07 39.91
CA PHE B 383 -82.41 -34.19 39.94
C PHE B 383 -82.78 -32.82 40.49
N ASN B 384 -83.91 -32.27 40.07
CA ASN B 384 -84.36 -30.99 40.62
C ASN B 384 -84.65 -31.12 42.10
N ALA B 385 -85.25 -32.23 42.52
CA ALA B 385 -85.52 -32.44 43.94
C ALA B 385 -84.21 -32.40 44.74
N ALA B 386 -83.21 -33.14 44.28
CA ALA B 386 -81.94 -33.18 45.01
C ALA B 386 -81.25 -31.82 45.00
N ALA B 387 -81.25 -31.14 43.85
CA ALA B 387 -80.60 -29.83 43.77
C ALA B 387 -81.27 -28.83 44.69
N TYR B 388 -82.60 -28.84 44.75
CA TYR B 388 -83.29 -27.95 45.68
C TYR B 388 -82.96 -28.31 47.12
N ALA B 389 -82.93 -29.60 47.43
CA ALA B 389 -82.56 -30.00 48.79
C ALA B 389 -81.20 -29.44 49.18
N VAL B 390 -80.24 -29.49 48.27
CA VAL B 390 -78.89 -28.99 48.56
C VAL B 390 -78.87 -27.47 48.67
N LEU B 391 -79.53 -26.77 47.75
CA LEU B 391 -79.40 -25.32 47.69
C LEU B 391 -80.22 -24.63 48.77
N SER B 392 -81.31 -25.25 49.24
CA SER B 392 -82.18 -24.57 50.19
C SER B 392 -81.55 -24.50 51.58
N ASN B 393 -80.90 -25.57 52.01
CA ASN B 393 -80.25 -25.62 53.32
C ASN B 393 -78.75 -25.37 53.13
N LEU B 394 -78.41 -24.12 52.83
CA LEU B 394 -77.01 -23.78 52.63
C LEU B 394 -76.32 -23.33 53.91
N SER B 395 -77.06 -22.70 54.83
CA SER B 395 -76.47 -22.17 56.04
C SER B 395 -76.43 -23.17 57.19
N ASN B 396 -77.06 -24.34 57.04
CA ASN B 396 -77.08 -25.32 58.13
C ASN B 396 -76.95 -26.75 57.62
N ASN B 397 -76.32 -26.94 56.46
CA ASN B 397 -76.12 -28.29 55.96
C ASN B 397 -75.05 -29.01 56.76
N ALA B 398 -75.30 -30.27 57.09
CA ALA B 398 -74.36 -31.09 57.84
C ALA B 398 -73.35 -31.80 56.96
N ALA B 399 -73.48 -31.70 55.63
CA ALA B 399 -72.56 -32.35 54.71
C ALA B 399 -71.37 -31.47 54.36
N PHE B 400 -71.64 -30.21 54.00
CA PHE B 400 -70.56 -29.29 53.66
C PHE B 400 -71.06 -27.86 53.79
N ASN B 401 -70.19 -26.98 54.26
CA ASN B 401 -70.48 -25.57 54.43
C ASN B 401 -69.77 -24.80 53.33
N ILE B 402 -70.52 -24.18 52.43
CA ILE B 402 -69.94 -23.60 51.23
C ILE B 402 -69.71 -22.10 51.37
N THR B 403 -69.66 -21.59 52.60
CA THR B 403 -69.14 -20.24 52.84
C THR B 403 -67.65 -20.26 53.12
N ASN B 404 -67.01 -21.42 52.98
CA ASN B 404 -65.58 -21.60 53.23
C ASN B 404 -64.84 -21.24 51.96
N TYR B 405 -64.24 -20.04 51.93
CA TYR B 405 -63.56 -19.59 50.73
C TYR B 405 -62.37 -20.48 50.37
N ALA B 406 -61.59 -20.87 51.38
CA ALA B 406 -60.33 -21.56 51.11
C ALA B 406 -60.54 -22.99 50.64
N ARG B 407 -61.64 -23.62 51.02
CA ARG B 407 -61.87 -25.02 50.73
C ARG B 407 -62.74 -25.25 49.49
N TYR B 408 -63.45 -24.24 49.02
CA TYR B 408 -64.34 -24.35 47.85
C TYR B 408 -64.05 -23.19 46.91
N PRO B 409 -63.03 -23.31 46.06
CA PRO B 409 -62.64 -22.20 45.19
C PRO B 409 -63.59 -21.92 44.03
N PHE B 410 -64.77 -22.53 43.98
CA PHE B 410 -65.69 -22.22 42.90
C PHE B 410 -66.13 -20.77 42.99
N ASN B 411 -66.39 -20.16 41.84
CA ASN B 411 -66.87 -18.79 41.80
C ASN B 411 -67.94 -18.51 40.77
N ALA B 412 -68.44 -19.52 40.06
CA ALA B 412 -69.43 -19.30 39.01
C ALA B 412 -70.48 -20.41 39.05
N PHE B 413 -71.73 -20.00 38.86
CA PHE B 413 -72.85 -20.94 38.81
C PHE B 413 -73.72 -20.61 37.62
N TRP B 414 -73.98 -21.60 36.77
CA TRP B 414 -74.78 -21.44 35.57
C TRP B 414 -76.07 -22.24 35.71
N ASP B 415 -77.21 -21.58 35.50
CA ASP B 415 -78.49 -22.25 35.50
C ASP B 415 -78.64 -22.99 34.18
N SER B 416 -78.71 -24.31 34.24
CA SER B 416 -78.82 -25.14 33.05
C SER B 416 -80.27 -25.47 32.70
N GLY B 417 -81.24 -24.92 33.44
CA GLY B 417 -82.64 -25.20 33.17
C GLY B 417 -83.40 -25.76 34.36
N PHE B 418 -82.98 -25.43 35.58
CA PHE B 418 -83.72 -25.86 36.75
C PHE B 418 -85.12 -25.28 36.72
N ASP B 419 -86.04 -25.98 37.39
CA ASP B 419 -87.41 -25.49 37.49
C ASP B 419 -87.46 -24.18 38.28
N LEU B 420 -88.57 -23.47 38.14
CA LEU B 420 -88.68 -22.14 38.73
C LEU B 420 -88.52 -22.15 40.24
N LYS B 421 -88.95 -23.22 40.91
CA LYS B 421 -88.81 -23.27 42.36
C LYS B 421 -87.35 -23.33 42.76
N THR B 422 -86.53 -24.09 42.03
CA THR B 422 -85.10 -24.13 42.34
C THR B 422 -84.38 -22.89 41.84
N LYS B 423 -84.90 -22.24 40.81
CA LYS B 423 -84.26 -21.04 40.29
C LYS B 423 -84.13 -19.97 41.37
N GLN B 424 -85.09 -19.88 42.28
CA GLN B 424 -85.14 -18.77 43.22
C GLN B 424 -84.28 -18.97 44.45
N THR B 425 -83.62 -20.12 44.59
CA THR B 425 -82.65 -20.31 45.66
C THR B 425 -81.22 -20.06 45.22
N ILE B 426 -80.99 -19.76 43.94
CA ILE B 426 -79.64 -19.54 43.42
C ILE B 426 -79.17 -18.12 43.73
N PRO B 427 -80.01 -17.09 43.61
CA PRO B 427 -79.52 -15.71 43.77
C PRO B 427 -78.81 -15.46 45.09
N GLN B 428 -79.13 -16.24 46.13
CA GLN B 428 -78.54 -15.99 47.44
C GLN B 428 -77.07 -16.33 47.52
N LEU B 429 -76.51 -16.98 46.49
CA LEU B 429 -75.08 -17.24 46.48
C LEU B 429 -74.28 -15.94 46.44
N ILE B 430 -74.74 -14.97 45.64
CA ILE B 430 -74.11 -13.65 45.60
C ILE B 430 -74.50 -12.78 46.78
N GLY B 431 -75.22 -13.32 47.75
CA GLY B 431 -75.44 -12.61 49.00
C GLY B 431 -74.63 -13.25 50.11
N LEU B 432 -74.39 -14.55 49.99
CA LEU B 432 -73.60 -15.26 50.99
C LEU B 432 -72.11 -15.19 50.72
N ARG B 433 -71.68 -15.04 49.46
CA ARG B 433 -70.26 -14.97 49.15
C ARG B 433 -69.98 -13.74 48.30
N ALA B 434 -68.82 -13.14 48.52
CA ALA B 434 -68.43 -11.88 47.89
C ALA B 434 -67.60 -12.05 46.64
N ASP B 435 -67.39 -13.28 46.18
CA ASP B 435 -66.62 -13.55 44.98
C ASP B 435 -67.33 -14.57 44.10
N THR B 436 -68.62 -14.39 43.88
CA THR B 436 -69.44 -15.35 43.14
C THR B 436 -70.16 -14.66 42.00
N TRP B 437 -70.46 -15.43 40.97
CA TRP B 437 -70.99 -14.93 39.72
C TRP B 437 -72.03 -15.91 39.20
N ILE B 438 -73.25 -15.43 38.95
CA ILE B 438 -74.36 -16.29 38.60
C ILE B 438 -74.91 -15.92 37.23
N ALA B 439 -75.18 -16.93 36.43
CA ALA B 439 -75.89 -16.79 35.16
C ALA B 439 -77.23 -17.50 35.29
N LEU B 440 -78.31 -16.78 35.04
CA LEU B 440 -79.66 -17.30 35.20
C LEU B 440 -80.30 -17.53 33.83
N SER B 441 -81.20 -18.51 33.78
CA SER B 441 -81.95 -18.83 32.58
C SER B 441 -83.43 -18.67 32.88
N THR B 442 -84.21 -18.29 31.87
CA THR B 442 -85.65 -18.10 32.04
C THR B 442 -86.45 -19.28 31.52
N GLN B 443 -85.81 -20.42 31.26
CA GLN B 443 -86.48 -21.56 30.66
C GLN B 443 -86.33 -22.78 31.54
N ASP B 444 -87.43 -23.52 31.69
CA ASP B 444 -87.44 -24.80 32.38
C ASP B 444 -87.40 -25.90 31.31
N ILE B 445 -86.23 -26.54 31.16
CA ILE B 445 -86.03 -27.46 30.05
C ILE B 445 -86.98 -28.65 30.10
N SER B 446 -87.62 -28.90 31.24
CA SER B 446 -88.57 -29.99 31.34
C SER B 446 -89.95 -29.62 30.81
N SER B 447 -90.17 -28.37 30.41
CA SER B 447 -91.46 -27.90 29.95
C SER B 447 -91.35 -27.40 28.51
N ASP B 448 -92.44 -26.83 28.01
CA ASP B 448 -92.48 -26.29 26.66
C ASP B 448 -91.73 -24.98 26.58
N PHE B 449 -91.26 -24.64 25.38
CA PHE B 449 -90.58 -23.37 25.18
C PHE B 449 -91.53 -22.22 25.50
N ASN B 450 -91.03 -21.25 26.25
CA ASN B 450 -91.89 -20.20 26.77
C ASN B 450 -92.28 -19.22 25.68
N SER B 451 -93.42 -18.56 25.88
CA SER B 451 -93.84 -17.48 25.01
C SER B 451 -93.27 -16.15 25.50
N ASN B 452 -93.59 -15.09 24.78
CA ASN B 452 -93.08 -13.77 25.14
C ASN B 452 -93.57 -13.35 26.52
N GLU B 453 -94.86 -13.54 26.78
CA GLU B 453 -95.41 -13.11 28.06
C GLU B 453 -94.89 -13.96 29.22
N GLU B 454 -94.77 -15.26 29.02
CA GLU B 454 -94.20 -16.11 30.06
C GLU B 454 -92.75 -15.73 30.34
N GLU B 455 -91.98 -15.46 29.28
CA GLU B 455 -90.61 -15.02 29.49
C GLU B 455 -90.56 -13.71 30.27
N GLU B 456 -91.44 -12.77 29.94
CA GLU B 456 -91.47 -11.51 30.68
C GLU B 456 -91.80 -11.74 32.14
N SER B 457 -92.77 -12.61 32.42
CA SER B 457 -93.17 -12.87 33.79
C SER B 457 -92.02 -13.51 34.58
N ILE B 458 -91.37 -14.50 34.00
CA ILE B 458 -90.27 -15.16 34.70
C ILE B 458 -89.11 -14.19 34.89
N ALA B 459 -88.86 -13.33 33.91
CA ALA B 459 -87.80 -12.34 34.04
C ALA B 459 -88.09 -11.39 35.20
N LEU B 460 -89.33 -10.91 35.30
CA LEU B 460 -89.67 -10.00 36.39
C LEU B 460 -89.54 -10.71 37.73
N SER B 461 -89.97 -11.97 37.80
CA SER B 461 -89.86 -12.70 39.06
C SER B 461 -88.41 -12.87 39.48
N LEU B 462 -87.54 -13.22 38.53
CA LEU B 462 -86.12 -13.38 38.84
C LEU B 462 -85.50 -12.05 39.25
N MET B 463 -85.87 -10.96 38.58
CA MET B 463 -85.35 -9.65 38.96
C MET B 463 -85.78 -9.29 40.37
N SER B 464 -87.04 -9.56 40.71
CA SER B 464 -87.51 -9.26 42.07
C SER B 464 -86.74 -10.08 43.10
N ARG B 465 -86.50 -11.36 42.80
CA ARG B 465 -85.72 -12.19 43.70
C ARG B 465 -84.30 -11.64 43.87
N VAL B 466 -83.69 -11.22 42.76
CA VAL B 466 -82.31 -10.73 42.80
C VAL B 466 -82.22 -9.41 43.54
N SER B 467 -83.31 -8.64 43.57
CA SER B 467 -83.28 -7.34 44.21
C SER B 467 -83.08 -7.43 45.72
N ALA B 468 -83.18 -8.62 46.30
CA ALA B 468 -83.10 -8.77 47.75
C ALA B 468 -81.67 -8.92 48.27
N PHE B 469 -80.67 -8.97 47.39
CA PHE B 469 -79.26 -9.14 47.78
C PHE B 469 -78.45 -8.03 47.14
N PRO B 470 -78.49 -6.83 47.71
CA PRO B 470 -77.69 -5.73 47.15
C PRO B 470 -76.20 -6.01 47.28
N ASP B 471 -75.43 -5.41 46.37
CA ASP B 471 -73.98 -5.60 46.39
C ASP B 471 -73.40 -5.14 47.72
N SER B 472 -73.78 -3.95 48.15
CA SER B 472 -73.37 -3.40 49.44
C SER B 472 -74.63 -3.26 50.27
N SER B 473 -74.67 -3.96 51.41
CA SER B 473 -75.85 -3.85 52.27
C SER B 473 -75.85 -2.53 53.02
N ASP B 474 -74.69 -1.96 53.30
CA ASP B 474 -74.61 -0.69 54.01
C ASP B 474 -75.19 0.44 53.17
N PHE B 475 -74.76 0.56 51.92
CA PHE B 475 -75.19 1.64 51.04
C PHE B 475 -76.17 1.19 49.97
N GLY B 476 -76.56 -0.08 49.96
CA GLY B 476 -77.62 -0.53 49.08
C GLY B 476 -77.31 -0.47 47.60
N THR B 477 -76.07 -0.74 47.21
CA THR B 477 -75.74 -0.78 45.80
C THR B 477 -76.42 -1.99 45.16
N PRO B 478 -77.15 -1.82 44.05
CA PRO B 478 -77.77 -2.97 43.40
C PRO B 478 -76.73 -3.99 42.94
N ALA B 479 -77.10 -5.26 43.01
CA ALA B 479 -76.19 -6.32 42.65
C ALA B 479 -75.88 -6.28 41.15
N PHE B 480 -74.65 -6.66 40.80
CA PHE B 480 -74.23 -6.67 39.40
C PHE B 480 -73.35 -7.84 39.01
N ARG B 481 -73.21 -8.86 39.86
CA ARG B 481 -72.33 -9.99 39.55
C ARG B 481 -73.15 -11.14 38.97
N GLY B 482 -73.43 -11.02 37.67
CA GLY B 482 -74.10 -12.08 36.96
C GLY B 482 -74.89 -11.53 35.79
N MET B 483 -75.76 -12.37 35.25
CA MET B 483 -76.61 -11.96 34.13
C MET B 483 -77.80 -12.90 34.01
N ILE B 484 -78.76 -12.50 33.18
CA ILE B 484 -79.93 -13.31 32.85
C ILE B 484 -79.98 -13.48 31.34
N VAL B 485 -80.15 -14.71 30.89
CA VAL B 485 -80.14 -15.05 29.47
C VAL B 485 -81.43 -15.78 29.13
N GLY B 486 -82.14 -15.30 28.12
CA GLY B 486 -83.42 -15.84 27.72
C GLY B 486 -83.34 -16.53 26.37
N GLY B 487 -84.05 -17.64 26.24
CA GLY B 487 -84.10 -18.41 25.02
C GLY B 487 -83.70 -19.86 25.23
N ALA B 488 -84.01 -20.67 24.21
CA ALA B 488 -83.68 -22.08 24.25
C ALA B 488 -83.69 -22.65 22.84
N GLY B 489 -83.09 -23.81 22.68
CA GLY B 489 -83.01 -24.46 21.40
C GLY B 489 -82.69 -25.93 21.58
N TYR B 490 -82.04 -26.51 20.58
CA TYR B 490 -81.66 -27.92 20.60
C TYR B 490 -80.15 -28.05 20.49
N TYR B 491 -79.60 -29.02 21.21
CA TYR B 491 -78.16 -29.22 21.26
C TYR B 491 -77.68 -29.80 19.93
N THR B 492 -76.62 -29.23 19.38
CA THR B 492 -76.18 -29.60 18.04
C THR B 492 -75.15 -30.72 18.02
N GLU B 493 -74.42 -30.93 19.11
CA GLU B 493 -73.31 -31.87 19.11
C GLU B 493 -73.75 -33.32 19.30
N THR B 494 -75.02 -33.62 19.08
CA THR B 494 -75.52 -34.98 19.26
C THR B 494 -76.63 -35.24 18.25
N THR B 495 -76.84 -36.52 17.93
CA THR B 495 -77.88 -36.88 16.99
C THR B 495 -79.27 -36.83 17.62
N ARG B 496 -79.39 -37.18 18.90
CA ARG B 496 -80.67 -37.14 19.58
C ARG B 496 -81.23 -35.74 19.58
N LYS B 497 -82.50 -35.63 19.95
CA LYS B 497 -83.17 -34.33 20.09
C LYS B 497 -83.17 -33.96 21.58
N LEU B 498 -82.30 -33.01 21.94
CA LEU B 498 -82.01 -32.72 23.35
C LEU B 498 -82.12 -31.21 23.58
N PRO B 499 -83.23 -30.73 24.12
CA PRO B 499 -83.37 -29.29 24.33
C PRO B 499 -82.40 -28.77 25.38
N VAL B 500 -81.97 -27.52 25.20
CA VAL B 500 -81.02 -26.86 26.09
C VAL B 500 -81.27 -25.37 26.07
N PRO B 501 -80.89 -24.62 27.11
CA PRO B 501 -80.98 -23.15 27.05
C PRO B 501 -79.67 -22.52 26.61
N LEU B 502 -79.78 -21.25 26.19
CA LEU B 502 -78.62 -20.53 25.64
C LEU B 502 -77.54 -20.27 26.67
N THR B 503 -77.82 -20.45 27.95
CA THR B 503 -76.76 -20.39 28.94
C THR B 503 -75.68 -21.41 28.61
N LEU B 504 -76.02 -22.49 27.92
CA LEU B 504 -75.01 -23.46 27.52
C LEU B 504 -74.02 -22.83 26.54
N ASP B 505 -74.53 -22.10 25.55
CA ASP B 505 -73.65 -21.46 24.59
C ASP B 505 -72.75 -20.43 25.27
N ARG B 506 -73.33 -19.61 26.14
CA ARG B 506 -72.50 -18.63 26.85
C ARG B 506 -71.50 -19.33 27.76
N PHE B 507 -71.89 -20.45 28.36
CA PHE B 507 -70.99 -21.19 29.23
C PHE B 507 -69.78 -21.70 28.47
N ARG B 508 -70.01 -22.24 27.27
CA ARG B 508 -68.90 -22.69 26.44
C ARG B 508 -68.01 -21.52 26.06
N ALA B 509 -68.60 -20.38 25.68
CA ALA B 509 -67.79 -19.23 25.33
C ALA B 509 -66.89 -18.81 26.48
N TYR B 510 -67.45 -18.71 27.69
CA TYR B 510 -66.65 -18.29 28.83
C TYR B 510 -65.60 -19.34 29.20
N CYS B 511 -65.93 -20.62 29.08
CA CYS B 511 -64.95 -21.66 29.37
C CYS B 511 -63.76 -21.54 28.45
N ARG B 512 -63.99 -21.24 27.17
CA ARG B 512 -62.87 -21.08 26.24
C ARG B 512 -62.09 -19.80 26.53
N TYR B 513 -62.80 -18.71 26.86
CA TYR B 513 -62.14 -17.42 27.05
C TYR B 513 -61.30 -17.38 28.33
N ALA B 514 -61.93 -17.61 29.47
CA ALA B 514 -61.33 -17.35 30.77
C ALA B 514 -61.07 -18.62 31.56
N GLY B 515 -60.59 -19.67 30.91
CA GLY B 515 -60.38 -20.93 31.57
C GLY B 515 -58.93 -21.37 31.65
N ALA B 516 -58.03 -20.58 31.06
CA ALA B 516 -56.63 -20.97 31.00
C ALA B 516 -56.09 -21.21 32.40
N SER B 517 -55.32 -22.30 32.54
CA SER B 517 -54.82 -22.69 33.85
C SER B 517 -53.89 -21.66 34.47
N ASP B 518 -53.33 -20.76 33.67
CA ASP B 518 -52.38 -19.78 34.18
C ASP B 518 -53.03 -18.46 34.59
N GLY B 519 -54.35 -18.37 34.56
CA GLY B 519 -55.02 -17.21 35.12
C GLY B 519 -54.82 -15.91 34.37
N VAL B 520 -54.70 -15.96 33.05
CA VAL B 520 -54.64 -14.77 32.21
C VAL B 520 -55.62 -14.96 31.06
N LEU B 521 -56.46 -13.96 30.82
CA LEU B 521 -57.48 -14.07 29.78
C LEU B 521 -56.83 -14.19 28.40
N LYS B 522 -57.38 -15.07 27.57
CA LYS B 522 -56.88 -15.33 26.22
C LYS B 522 -57.46 -14.31 25.25
N PRO B 523 -56.63 -13.49 24.59
CA PRO B 523 -57.20 -12.50 23.66
C PRO B 523 -57.83 -13.12 22.42
N GLU B 524 -57.50 -14.36 22.08
CA GLU B 524 -57.97 -14.97 20.85
C GLU B 524 -59.38 -15.52 20.95
N TYR B 525 -60.01 -15.44 22.13
CA TYR B 525 -61.35 -15.98 22.32
C TYR B 525 -62.30 -14.94 22.90
N ALA B 526 -62.02 -13.65 22.72
CA ALA B 526 -62.84 -12.60 23.29
C ALA B 526 -64.32 -12.89 23.07
N VAL B 527 -65.10 -12.79 24.15
CA VAL B 527 -66.49 -13.20 24.11
C VAL B 527 -67.39 -12.22 23.36
N ASP B 528 -66.84 -11.14 22.80
CA ASP B 528 -67.66 -10.19 22.07
C ASP B 528 -66.95 -9.70 20.81
N GLU B 529 -66.03 -10.49 20.28
CA GLU B 529 -65.31 -10.13 19.07
C GLU B 529 -65.12 -11.36 18.20
N GLY B 530 -65.21 -11.16 16.89
CA GLY B 530 -64.93 -12.26 15.98
C GLY B 530 -66.09 -13.22 15.90
N ASP B 531 -65.80 -14.50 16.07
CA ASP B 531 -66.79 -15.55 15.94
C ASP B 531 -67.47 -15.87 17.26
N ALA B 532 -66.85 -15.54 18.39
CA ALA B 532 -67.39 -15.91 19.69
C ALA B 532 -68.63 -15.12 20.07
N ARG B 533 -68.99 -14.09 19.32
CA ARG B 533 -70.23 -13.36 19.58
C ARG B 533 -71.42 -14.01 18.90
N LYS B 534 -71.24 -15.14 18.22
CA LYS B 534 -72.32 -15.88 17.58
C LYS B 534 -72.63 -17.15 18.35
N VAL B 535 -73.85 -17.67 18.13
CA VAL B 535 -74.23 -18.95 18.70
C VAL B 535 -73.53 -20.06 17.94
N GLN B 536 -73.12 -21.11 18.67
CA GLN B 536 -72.31 -22.17 18.09
C GLN B 536 -72.76 -23.58 18.46
N VAL B 537 -73.50 -23.75 19.55
CA VAL B 537 -73.86 -25.09 20.01
C VAL B 537 -75.37 -25.19 20.29
N VAL B 538 -76.18 -24.34 19.66
CA VAL B 538 -77.63 -24.41 19.80
C VAL B 538 -78.25 -24.07 18.46
N LYS B 539 -79.41 -24.66 18.18
CA LYS B 539 -80.09 -24.47 16.91
C LYS B 539 -81.60 -24.46 17.14
N SER B 540 -82.33 -23.98 16.14
CA SER B 540 -83.79 -23.92 16.18
C SER B 540 -84.27 -23.10 17.37
N ILE B 541 -83.63 -21.96 17.60
CA ILE B 541 -84.02 -21.09 18.69
C ILE B 541 -85.45 -20.60 18.44
N ASN B 542 -86.12 -20.18 19.51
CA ASN B 542 -87.52 -19.81 19.47
C ASN B 542 -87.69 -18.29 19.61
N ASN B 543 -88.90 -17.83 19.32
CA ASN B 543 -89.28 -16.43 19.51
C ASN B 543 -88.30 -15.50 18.82
N LEU B 544 -87.86 -15.87 17.62
CA LEU B 544 -86.90 -15.03 16.91
C LEU B 544 -87.57 -13.88 16.16
N ASP B 545 -88.89 -13.91 15.99
CA ASP B 545 -89.62 -12.80 15.41
C ASP B 545 -90.19 -11.87 16.49
N LYS B 546 -89.36 -11.43 17.42
CA LYS B 546 -89.84 -10.51 18.45
C LYS B 546 -90.24 -9.19 17.80
N SER B 547 -91.26 -8.56 18.38
CA SER B 547 -91.60 -7.21 17.97
C SER B 547 -90.57 -6.22 18.49
N TRP B 548 -90.51 -5.06 17.85
CA TRP B 548 -89.61 -4.02 18.31
C TRP B 548 -89.94 -3.63 19.75
N ARG B 549 -91.23 -3.58 20.08
CA ARG B 549 -91.62 -3.25 21.45
C ARG B 549 -91.19 -4.33 22.43
N VAL B 550 -91.31 -5.60 22.05
CA VAL B 550 -90.88 -6.67 22.93
C VAL B 550 -89.38 -6.59 23.17
N ARG B 551 -88.61 -6.36 22.10
CA ARG B 551 -87.16 -6.26 22.24
C ARG B 551 -86.78 -5.08 23.12
N ARG B 552 -87.46 -3.94 22.93
CA ARG B 552 -87.18 -2.76 23.74
C ARG B 552 -87.48 -3.04 25.20
N ALA B 553 -88.57 -3.73 25.48
CA ALA B 553 -88.92 -4.06 26.86
C ALA B 553 -87.87 -4.96 27.49
N GLN B 554 -87.42 -5.98 26.75
CA GLN B 554 -86.39 -6.86 27.30
C GLN B 554 -85.10 -6.11 27.57
N TRP B 555 -84.69 -5.25 26.64
CA TRP B 555 -83.48 -4.47 26.88
C TRP B 555 -83.62 -3.60 28.11
N ASN B 556 -84.78 -2.95 28.26
CA ASN B 556 -84.98 -2.09 29.42
C ASN B 556 -85.09 -2.89 30.72
N ASN B 557 -85.41 -4.18 30.64
CA ASN B 557 -85.40 -5.06 31.79
C ASN B 557 -84.08 -5.80 31.97
N ASN B 558 -83.08 -5.51 31.12
CA ASN B 558 -81.71 -5.98 31.33
C ASN B 558 -81.53 -7.46 31.04
N LEU B 559 -82.17 -7.96 29.99
CA LEU B 559 -81.97 -9.34 29.59
C LEU B 559 -80.96 -9.44 28.45
N VAL B 560 -80.39 -10.62 28.30
CA VAL B 560 -79.51 -10.96 27.19
C VAL B 560 -80.28 -11.84 26.23
N TYR B 561 -80.40 -11.42 24.99
CA TYR B 561 -81.13 -12.15 23.97
C TYR B 561 -80.34 -12.15 22.68
N VAL B 562 -80.64 -13.11 21.82
CA VAL B 562 -79.95 -13.26 20.54
C VAL B 562 -80.85 -12.75 19.42
N GLU B 563 -80.23 -12.34 18.34
CA GLU B 563 -80.90 -11.93 17.12
C GLU B 563 -80.39 -12.78 15.97
N ASP B 564 -80.96 -12.56 14.79
CA ASP B 564 -80.48 -13.25 13.60
C ASP B 564 -79.32 -12.49 12.98
N TYR B 565 -78.20 -13.20 12.79
CA TYR B 565 -77.07 -12.65 12.06
C TYR B 565 -77.36 -12.68 10.55
N ASP B 566 -77.60 -13.87 10.03
CA ASP B 566 -78.04 -14.06 8.66
C ASP B 566 -79.04 -15.20 8.63
N THR B 567 -79.31 -15.74 7.45
CA THR B 567 -80.31 -16.78 7.32
C THR B 567 -79.95 -18.05 8.08
N ASN B 568 -78.69 -18.22 8.46
CA ASN B 568 -78.22 -19.46 9.05
C ASN B 568 -77.80 -19.36 10.51
N SER B 569 -77.67 -18.15 11.07
CA SER B 569 -76.99 -18.01 12.34
C SER B 569 -77.57 -16.86 13.15
N GLN B 570 -77.21 -16.83 14.44
CA GLN B 570 -77.66 -15.81 15.37
C GLN B 570 -76.44 -15.20 16.07
N PHE B 571 -76.66 -14.06 16.73
CA PHE B 571 -75.58 -13.36 17.41
C PHE B 571 -76.13 -12.53 18.55
N TYR B 572 -75.24 -12.08 19.44
CA TYR B 572 -75.64 -11.29 20.60
C TYR B 572 -75.40 -9.81 20.31
N PRO B 573 -76.43 -9.00 20.13
CA PRO B 573 -76.19 -7.56 19.89
C PRO B 573 -75.54 -6.85 21.05
N GLY B 574 -75.62 -7.40 22.26
CA GLY B 574 -75.00 -6.79 23.42
C GLY B 574 -75.16 -7.68 24.63
N GLN B 575 -74.08 -7.92 25.36
CA GLN B 575 -74.08 -8.85 26.48
C GLN B 575 -73.88 -8.08 27.79
N GLN B 576 -75.00 -7.65 28.35
CA GLN B 576 -74.99 -6.79 29.53
C GLN B 576 -75.30 -7.60 30.80
N SER B 577 -74.92 -7.04 31.94
CA SER B 577 -75.25 -7.63 33.22
C SER B 577 -76.60 -7.11 33.71
N PHE B 578 -77.11 -7.70 34.79
CA PHE B 578 -78.37 -7.27 35.35
C PHE B 578 -78.23 -6.13 36.35
N TYR B 579 -77.18 -5.33 36.26
CA TYR B 579 -77.12 -4.11 37.04
C TYR B 579 -78.18 -3.15 36.54
N SER B 580 -78.98 -2.61 37.46
CA SER B 580 -80.19 -1.88 37.09
C SER B 580 -80.03 -0.37 37.05
N GLU B 581 -78.88 0.17 37.42
CA GLU B 581 -78.72 1.60 37.46
C GLU B 581 -78.09 2.12 36.16
N GLN B 582 -77.91 3.44 36.10
CA GLN B 582 -77.46 4.09 34.87
C GLN B 582 -75.95 4.19 34.77
N GLY B 583 -75.20 3.84 35.80
CA GLY B 583 -73.75 3.86 35.70
C GLY B 583 -73.25 3.00 34.56
N SER B 584 -72.39 3.57 33.73
CA SER B 584 -71.87 2.87 32.55
C SER B 584 -70.64 2.03 32.84
N VAL B 585 -70.14 2.02 34.08
CA VAL B 585 -68.99 1.20 34.41
C VAL B 585 -69.38 -0.27 34.43
N LEU B 586 -70.54 -0.58 35.00
CA LEU B 586 -70.91 -1.94 35.37
C LEU B 586 -71.85 -2.60 34.39
N LYS B 587 -71.75 -2.28 33.10
CA LYS B 587 -72.67 -2.82 32.11
C LYS B 587 -72.21 -4.16 31.55
N ALA B 588 -70.95 -4.29 31.18
CA ALA B 588 -70.45 -5.53 30.61
C ALA B 588 -70.45 -6.62 31.68
N ALA B 589 -70.87 -7.82 31.30
CA ALA B 589 -70.97 -8.90 32.28
C ALA B 589 -69.62 -9.45 32.66
N ILE B 590 -68.62 -9.34 31.77
CA ILE B 590 -67.28 -9.84 32.08
C ILE B 590 -66.67 -9.05 33.24
N VAL B 591 -67.05 -7.78 33.38
CA VAL B 591 -66.50 -6.95 34.45
C VAL B 591 -66.91 -7.49 35.81
N GLY B 592 -68.10 -8.09 35.91
CA GLY B 592 -68.49 -8.71 37.16
C GLY B 592 -67.55 -9.83 37.56
N LEU B 593 -67.16 -10.67 36.59
CA LEU B 593 -66.22 -11.74 36.89
C LEU B 593 -64.87 -11.19 37.30
N CYS B 594 -64.44 -10.11 36.63
CA CYS B 594 -63.17 -9.48 37.01
C CYS B 594 -63.22 -8.97 38.45
N VAL B 595 -64.35 -8.37 38.85
CA VAL B 595 -64.47 -7.86 40.21
C VAL B 595 -64.48 -9.00 41.22
N ALA B 596 -65.15 -10.11 40.88
CA ALA B 596 -65.11 -11.28 41.76
C ALA B 596 -63.67 -11.74 41.98
N ASN B 597 -62.88 -11.75 40.91
CA ASN B 597 -61.49 -12.17 41.04
C ASN B 597 -60.68 -11.21 41.91
N LEU B 598 -60.95 -9.91 41.80
CA LEU B 598 -60.30 -8.95 42.70
C LEU B 598 -60.62 -9.28 44.15
N ASN B 599 -61.90 -9.55 44.42
CA ASN B 599 -62.30 -9.91 45.78
C ASN B 599 -61.54 -11.13 46.27
N ARG B 600 -61.28 -12.08 45.37
CA ARG B 600 -60.49 -13.25 45.75
C ARG B 600 -59.05 -12.88 46.08
N PHE B 601 -58.44 -11.99 45.30
CA PHE B 601 -57.06 -11.59 45.58
C PHE B 601 -56.94 -10.98 46.96
N ALA B 602 -57.96 -10.21 47.38
CA ALA B 602 -57.93 -9.65 48.72
C ALA B 602 -57.89 -10.74 49.80
N PHE B 603 -58.68 -11.79 49.62
CA PHE B 603 -58.67 -12.90 50.56
C PHE B 603 -57.30 -13.53 50.63
N GLU B 604 -56.67 -13.72 49.47
CA GLU B 604 -55.34 -14.32 49.48
C GLU B 604 -54.36 -13.46 50.27
N ALA B 605 -54.44 -12.14 50.10
CA ALA B 605 -53.58 -11.24 50.87
C ALA B 605 -53.75 -11.43 52.36
N TRP B 606 -55.01 -11.42 52.84
CA TRP B 606 -55.23 -11.64 54.26
C TRP B 606 -54.66 -12.97 54.70
N ARG B 607 -55.02 -14.03 53.97
CA ARG B 607 -54.58 -15.37 54.35
C ARG B 607 -53.08 -15.42 54.52
N ASP B 608 -52.35 -14.72 53.66
CA ASP B 608 -50.90 -14.72 53.77
C ASP B 608 -50.39 -13.92 54.96
N LEU B 609 -51.02 -12.78 55.26
CA LEU B 609 -50.44 -11.87 56.25
C LEU B 609 -50.95 -12.06 57.67
N THR B 610 -52.01 -12.84 57.88
CA THR B 610 -52.68 -12.85 59.19
C THR B 610 -51.80 -13.42 60.29
N GLY B 611 -51.87 -12.80 61.46
CA GLY B 611 -51.35 -13.36 62.69
C GLY B 611 -49.86 -13.51 62.81
N THR B 612 -49.08 -12.52 62.38
CA THR B 612 -47.62 -12.58 62.43
C THR B 612 -47.12 -11.72 63.59
N GLN B 613 -46.24 -12.31 64.40
CA GLN B 613 -45.75 -11.64 65.61
C GLN B 613 -44.89 -10.44 65.29
N LYS B 614 -43.92 -10.60 64.38
CA LYS B 614 -42.82 -9.66 64.24
C LYS B 614 -43.04 -8.61 63.17
N LEU B 615 -44.21 -8.55 62.55
CA LEU B 615 -44.47 -7.51 61.57
C LEU B 615 -44.62 -6.16 62.25
N THR B 616 -44.50 -5.10 61.46
CA THR B 616 -44.87 -3.76 61.87
C THR B 616 -46.08 -3.31 61.04
N ASP B 617 -46.68 -2.20 61.48
CA ASP B 617 -47.83 -1.67 60.76
C ASP B 617 -47.48 -1.27 59.35
N ASP B 618 -46.34 -0.59 59.18
CA ASP B 618 -45.93 -0.18 57.84
C ASP B 618 -45.68 -1.37 56.94
N GLN B 619 -45.01 -2.40 57.45
CA GLN B 619 -44.76 -3.59 56.66
C GLN B 619 -46.07 -4.29 56.28
N LEU B 620 -47.00 -4.38 57.22
CA LEU B 620 -48.30 -4.99 56.94
C LEU B 620 -49.01 -4.25 55.81
N ILE B 621 -49.08 -2.92 55.94
CA ILE B 621 -49.76 -2.09 54.95
C ILE B 621 -49.12 -2.26 53.58
N GLU B 622 -47.78 -2.21 53.54
CA GLU B 622 -47.08 -2.31 52.26
C GLU B 622 -47.28 -3.67 51.62
N ARG B 623 -47.16 -4.74 52.42
CA ARG B 623 -47.22 -6.09 51.87
C ARG B 623 -48.61 -6.44 51.36
N SER B 624 -49.67 -5.93 51.97
CA SER B 624 -51.01 -6.20 51.46
C SER B 624 -51.17 -5.69 50.03
N ASP B 625 -50.82 -4.41 49.80
CA ASP B 625 -50.89 -3.85 48.47
C ASP B 625 -49.96 -4.58 47.50
N ASP B 626 -48.75 -4.92 47.97
CA ASP B 626 -47.84 -5.68 47.13
C ASP B 626 -48.52 -6.95 46.63
N ALA B 627 -49.14 -7.70 47.54
CA ALA B 627 -49.76 -8.96 47.16
C ALA B 627 -50.83 -8.73 46.11
N VAL B 628 -51.75 -7.80 46.38
CA VAL B 628 -52.88 -7.63 45.45
C VAL B 628 -52.39 -7.19 44.08
N SER B 629 -51.49 -6.20 44.04
CA SER B 629 -51.01 -5.70 42.76
C SER B 629 -50.26 -6.77 41.99
N THR B 630 -49.38 -7.51 42.67
CA THR B 630 -48.62 -8.55 41.98
C THR B 630 -49.55 -9.61 41.40
N ARG B 631 -50.56 -10.01 42.17
CA ARG B 631 -51.45 -11.07 41.69
C ARG B 631 -52.33 -10.58 40.56
N GLY B 632 -52.70 -9.31 40.58
CA GLY B 632 -53.70 -8.83 39.63
C GLY B 632 -53.16 -8.27 38.33
N THR B 633 -52.06 -7.53 38.38
CA THR B 633 -51.59 -6.82 37.21
C THR B 633 -51.26 -7.79 36.08
N GLY B 634 -51.75 -7.48 34.87
CA GLY B 634 -51.50 -8.27 33.70
C GLY B 634 -52.44 -9.45 33.49
N ALA B 635 -53.60 -9.46 34.16
CA ALA B 635 -54.50 -10.61 34.09
C ALA B 635 -55.75 -10.34 33.27
N PHE B 636 -56.33 -9.15 33.37
CA PHE B 636 -57.69 -8.91 32.85
C PHE B 636 -57.70 -8.30 31.46
N ASP B 637 -56.70 -8.60 30.64
CA ASP B 637 -56.78 -8.37 29.19
C ASP B 637 -57.37 -7.00 28.85
N ASP B 638 -57.10 -6.01 29.69
CA ASP B 638 -57.46 -4.61 29.43
C ASP B 638 -58.94 -4.34 29.58
N ARG B 639 -59.67 -5.15 30.36
CA ARG B 639 -61.06 -4.85 30.64
C ARG B 639 -61.20 -3.87 31.79
N LEU B 640 -60.29 -3.94 32.77
CA LEU B 640 -60.32 -3.14 33.97
C LEU B 640 -59.03 -2.35 34.13
N ILE B 641 -59.07 -1.34 34.99
CA ILE B 641 -57.85 -0.81 35.60
C ILE B 641 -58.13 -0.56 37.08
N PHE B 642 -57.28 -1.08 37.95
CA PHE B 642 -57.53 -1.07 39.38
C PHE B 642 -56.29 -0.61 40.15
N THR B 643 -56.51 -0.23 41.41
CA THR B 643 -55.47 0.26 42.30
C THR B 643 -55.82 -0.05 43.75
N PRO B 644 -54.97 -0.78 44.50
CA PRO B 644 -55.26 -1.04 45.92
C PRO B 644 -54.62 -0.04 46.87
N HIS B 645 -55.20 0.11 48.06
CA HIS B 645 -54.64 1.00 49.08
C HIS B 645 -54.94 0.37 50.45
N SER B 646 -53.89 0.01 51.18
CA SER B 646 -54.01 -0.48 52.54
C SER B 646 -53.63 0.63 53.51
N GLU B 647 -54.19 0.56 54.72
CA GLU B 647 -53.83 1.53 55.75
C GLU B 647 -54.42 1.10 57.08
N ILE B 648 -54.26 1.94 58.09
CA ILE B 648 -54.73 1.71 59.44
C ILE B 648 -55.49 2.96 59.86
N THR B 649 -56.81 2.93 59.72
CA THR B 649 -57.62 4.10 60.03
C THR B 649 -57.72 4.27 61.54
N GLN B 650 -58.47 5.30 61.98
CA GLN B 650 -58.46 5.61 63.40
C GLN B 650 -59.23 4.57 64.19
N ALA B 651 -60.31 4.04 63.63
CA ALA B 651 -60.99 2.91 64.28
C ALA B 651 -60.07 1.70 64.37
N ASP B 652 -59.22 1.49 63.36
CA ASP B 652 -58.23 0.43 63.44
C ASP B 652 -57.24 0.70 64.56
N LYS B 653 -56.83 1.96 64.74
CA LYS B 653 -56.00 2.31 65.89
C LYS B 653 -56.71 1.97 67.20
N GLU B 654 -58.00 2.30 67.29
CA GLU B 654 -58.75 2.03 68.51
C GLU B 654 -58.78 0.54 68.81
N ARG B 655 -59.13 -0.27 67.82
CA ARG B 655 -59.26 -1.71 68.03
C ARG B 655 -57.92 -2.36 68.32
N GLY B 656 -56.91 -2.05 67.51
CA GLY B 656 -55.56 -2.52 67.75
C GLY B 656 -55.21 -3.87 67.16
N TYR B 657 -56.10 -4.48 66.38
CA TYR B 657 -55.83 -5.79 65.81
C TYR B 657 -56.30 -5.91 64.37
N SER B 658 -56.50 -4.80 63.67
CA SER B 658 -57.10 -4.82 62.35
C SER B 658 -56.43 -3.79 61.46
N TRP B 659 -56.56 -4.00 60.15
CA TRP B 659 -56.13 -3.04 59.14
C TRP B 659 -57.13 -3.05 58.01
N SER B 660 -57.14 -2.00 57.20
CA SER B 660 -58.13 -1.81 56.16
C SER B 660 -57.47 -1.80 54.79
N MET B 661 -58.24 -2.22 53.79
CA MET B 661 -57.83 -2.15 52.40
C MET B 661 -59.00 -1.64 51.57
N ARG B 662 -58.69 -1.02 50.44
CA ARG B 662 -59.71 -0.44 49.59
C ARG B 662 -59.18 -0.39 48.17
N ILE B 663 -59.96 -0.88 47.21
CA ILE B 663 -59.55 -0.97 45.81
C ILE B 663 -60.41 -0.02 44.99
N ASP B 664 -59.77 0.68 44.05
CA ASP B 664 -60.46 1.60 43.14
C ASP B 664 -60.29 1.09 41.73
N PHE B 665 -61.41 0.87 41.02
CA PHE B 665 -61.33 0.27 39.70
C PHE B 665 -62.21 1.03 38.71
N GLY B 666 -61.90 0.86 37.44
CA GLY B 666 -62.61 1.55 36.37
C GLY B 666 -62.68 0.72 35.11
N ALA B 667 -63.76 0.95 34.35
CA ALA B 667 -64.09 0.16 33.16
C ALA B 667 -64.88 1.04 32.19
N ASN B 668 -65.19 0.47 31.04
CA ASN B 668 -65.89 1.14 29.94
C ASN B 668 -67.22 0.46 29.63
N ALA B 669 -67.85 0.91 28.55
CA ALA B 669 -69.05 0.29 28.00
C ALA B 669 -68.96 0.29 26.47
N PHE B 670 -70.07 0.08 25.78
CA PHE B 670 -70.09 -0.04 24.34
C PHE B 670 -71.22 0.79 23.73
N ARG B 671 -71.06 1.13 22.46
CA ARG B 671 -72.10 1.80 21.69
C ARG B 671 -72.89 0.76 20.90
N THR B 672 -74.17 1.05 20.65
CA THR B 672 -75.07 0.04 20.09
C THR B 672 -76.06 0.54 19.05
N VAL B 673 -76.00 1.81 18.62
CA VAL B 673 -76.99 2.37 17.71
C VAL B 673 -76.29 3.07 16.55
N MET B 674 -76.86 2.92 15.36
CA MET B 674 -76.36 3.57 14.14
C MET B 674 -77.46 4.40 13.50
N ASP B 675 -77.07 5.48 12.85
CA ASP B 675 -77.96 6.28 12.02
C ASP B 675 -77.54 6.19 10.56
N MET B 676 -78.52 6.32 9.67
CA MET B 676 -78.29 6.20 8.25
C MET B 676 -79.01 7.33 7.52
N SER B 677 -78.32 7.94 6.58
CA SER B 677 -78.88 9.03 5.78
C SER B 677 -78.19 9.05 4.44
N SER B 678 -78.76 9.79 3.49
CA SER B 678 -78.25 9.83 2.14
C SER B 678 -78.55 11.18 1.52
N VAL B 679 -77.78 11.52 0.49
CA VAL B 679 -78.05 12.69 -0.33
C VAL B 679 -77.68 12.36 -1.76
N ALA B 680 -78.47 12.84 -2.71
CA ALA B 680 -78.29 12.54 -4.12
C ALA B 680 -77.65 13.72 -4.82
N TYR B 681 -76.51 13.48 -5.47
CA TYR B 681 -75.81 14.48 -6.25
C TYR B 681 -75.84 14.09 -7.72
N THR B 682 -75.59 15.07 -8.59
CA THR B 682 -75.29 14.71 -9.96
C THR B 682 -73.83 14.25 -10.06
N ARG B 683 -73.55 13.50 -11.12
CA ARG B 683 -72.26 12.85 -11.24
C ARG B 683 -71.13 13.87 -11.27
N GLU B 684 -71.32 14.97 -11.99
CA GLU B 684 -70.25 15.95 -12.13
C GLU B 684 -69.94 16.65 -10.81
N GLU B 685 -70.97 17.14 -10.10
CA GLU B 685 -70.70 17.84 -8.87
C GLU B 685 -70.35 16.90 -7.72
N LEU B 686 -70.52 15.59 -7.90
CA LEU B 686 -69.99 14.64 -6.92
C LEU B 686 -68.56 14.23 -7.23
N ALA B 687 -68.20 14.15 -8.51
CA ALA B 687 -66.83 13.80 -8.88
C ALA B 687 -65.88 14.97 -8.69
N ASN B 688 -66.33 16.20 -8.95
CA ASN B 688 -65.45 17.36 -8.86
C ASN B 688 -66.26 18.61 -8.54
N GLY B 689 -66.07 19.15 -7.35
CA GLY B 689 -66.77 20.34 -6.91
C GLY B 689 -67.90 20.04 -5.94
N MET C 1 36.81 -80.84 3.44
CA MET C 1 35.77 -81.81 3.88
C MET C 1 36.07 -82.33 5.27
N SER C 2 37.31 -82.78 5.49
CA SER C 2 37.66 -83.48 6.71
C SER C 2 38.35 -82.58 7.74
N GLU C 3 39.50 -82.00 7.39
CA GLU C 3 40.33 -81.32 8.36
C GLU C 3 39.57 -80.18 9.04
N GLN C 4 39.80 -80.05 10.35
CA GLN C 4 39.09 -79.11 11.20
C GLN C 4 39.93 -77.86 11.39
N ILE C 5 39.35 -76.86 12.04
CA ILE C 5 40.01 -75.57 12.24
C ILE C 5 41.07 -75.73 13.31
N THR C 6 42.34 -75.79 12.89
CA THR C 6 43.43 -75.98 13.85
C THR C 6 43.99 -74.64 14.34
N GLY C 7 44.05 -73.64 13.46
CA GLY C 7 44.66 -72.39 13.84
C GLY C 7 44.26 -71.28 12.89
N SER C 8 45.12 -70.28 12.79
CA SER C 8 44.80 -69.05 12.06
C SER C 8 45.28 -69.06 10.62
N THR C 9 45.76 -70.18 10.09
CA THR C 9 46.27 -70.20 8.73
C THR C 9 45.16 -69.75 7.77
N PRO C 10 45.43 -68.81 6.86
CA PRO C 10 44.38 -68.38 5.91
C PRO C 10 43.81 -69.55 5.12
N ARG C 11 42.49 -69.71 5.14
CA ARG C 11 41.88 -70.92 4.64
C ARG C 11 40.36 -70.78 4.73
N ILE C 12 39.64 -71.50 3.88
CA ILE C 12 38.18 -71.57 3.92
C ILE C 12 37.79 -73.03 4.11
N TYR C 13 36.95 -73.28 5.11
CA TYR C 13 36.53 -74.62 5.46
C TYR C 13 35.08 -74.82 5.03
N TYR C 14 34.81 -75.95 4.39
CA TYR C 14 33.49 -76.26 3.85
C TYR C 14 32.83 -77.29 4.74
N ARG C 15 31.77 -76.89 5.44
CA ARG C 15 30.85 -77.85 6.05
C ARG C 15 29.72 -78.09 5.05
N GLY C 16 29.55 -79.34 4.65
CA GLY C 16 28.67 -79.64 3.54
C GLY C 16 27.24 -79.23 3.73
N THR C 17 26.39 -79.56 2.76
CA THR C 17 24.96 -79.29 2.87
C THR C 17 24.34 -80.18 3.94
N LYS C 18 23.23 -79.71 4.49
CA LYS C 18 22.59 -80.37 5.63
C LYS C 18 21.10 -80.11 5.55
N ASP C 19 20.33 -80.88 6.30
CA ASP C 19 18.91 -80.65 6.45
C ASP C 19 18.65 -79.92 7.77
N SER C 20 17.66 -79.02 7.75
CA SER C 20 17.46 -78.10 8.86
C SER C 20 17.42 -78.84 10.19
N SER C 21 17.83 -78.14 11.24
CA SER C 21 17.84 -78.66 12.61
C SER C 21 16.98 -77.79 13.50
N VAL C 22 16.34 -78.41 14.50
CA VAL C 22 15.53 -77.67 15.44
C VAL C 22 16.40 -76.69 16.22
N THR C 23 15.90 -75.48 16.40
CA THR C 23 16.62 -74.43 17.11
C THR C 23 15.90 -74.15 18.43
N ARG C 24 16.63 -74.24 19.54
CA ARG C 24 16.02 -74.00 20.84
C ARG C 24 15.62 -72.54 20.96
N SER C 25 14.43 -72.31 21.52
CA SER C 25 13.84 -70.98 21.59
C SER C 25 14.24 -70.27 22.87
N THR C 26 14.56 -68.99 22.76
CA THR C 26 14.87 -68.19 23.92
C THR C 26 13.59 -67.71 24.60
N GLY C 27 13.60 -67.73 25.94
CA GLY C 27 12.45 -67.37 26.73
C GLY C 27 12.57 -65.94 27.24
N SER C 28 11.48 -65.46 27.83
CA SER C 28 11.37 -64.09 28.32
C SER C 28 11.16 -64.07 29.82
N THR C 29 11.42 -62.91 30.41
CA THR C 29 11.37 -62.78 31.87
C THR C 29 9.97 -63.06 32.39
N THR C 30 9.91 -63.69 33.56
CA THR C 30 8.64 -64.09 34.15
C THR C 30 7.93 -62.89 34.78
N THR C 31 6.61 -63.04 34.92
CA THR C 31 5.74 -61.99 35.43
C THR C 31 4.50 -62.67 36.00
N LEU C 32 3.65 -61.89 36.66
CA LEU C 32 2.42 -62.44 37.25
C LEU C 32 1.20 -61.93 36.50
N PRO C 33 0.54 -62.75 35.69
CA PRO C 33 -0.79 -62.40 35.18
C PRO C 33 -1.82 -62.47 36.28
N LEU C 34 -3.04 -62.08 35.94
CA LEU C 34 -4.15 -62.20 36.87
C LEU C 34 -4.70 -63.62 36.92
N HIS C 35 -4.34 -64.46 35.95
CA HIS C 35 -4.74 -65.86 35.90
C HIS C 35 -3.47 -66.69 35.88
N ARG C 36 -3.25 -67.46 36.94
CA ARG C 36 -2.00 -68.20 37.14
C ARG C 36 -2.34 -69.62 37.54
N PRO C 37 -2.52 -70.51 36.58
CA PRO C 37 -2.99 -71.86 36.90
C PRO C 37 -1.86 -72.82 37.26
N LEU C 38 -2.25 -73.86 38.00
CA LEU C 38 -1.38 -74.99 38.31
C LEU C 38 -1.86 -76.18 37.49
N ILE C 39 -0.93 -76.86 36.82
CA ILE C 39 -1.26 -77.98 35.96
C ILE C 39 -0.33 -79.14 36.26
N MET C 40 -0.90 -80.33 36.44
CA MET C 40 -0.17 -81.56 36.72
C MET C 40 -0.12 -82.43 35.48
N PHE C 41 0.92 -83.25 35.35
CA PHE C 41 1.00 -84.10 34.17
C PHE C 41 2.10 -85.13 34.33
N PHE C 42 2.06 -86.14 33.46
CA PHE C 42 3.16 -87.07 33.25
C PHE C 42 4.06 -86.54 32.14
N GLY C 43 5.37 -86.57 32.36
CA GLY C 43 6.30 -85.93 31.46
C GLY C 43 7.47 -86.83 31.12
N GLN C 44 8.12 -86.50 30.00
CA GLN C 44 9.26 -87.28 29.52
C GLN C 44 10.50 -87.00 30.36
N LYS C 45 10.71 -85.74 30.74
CA LYS C 45 11.85 -85.36 31.55
C LYS C 45 11.49 -84.10 32.31
N GLY C 46 12.48 -83.48 32.94
CA GLY C 46 12.29 -82.24 33.65
C GLY C 46 12.16 -82.44 35.15
N PRO C 47 12.23 -81.36 35.91
CA PRO C 47 12.19 -81.47 37.37
C PRO C 47 10.84 -81.94 37.86
N THR C 48 10.83 -82.49 39.07
CA THR C 48 9.65 -83.05 39.69
C THR C 48 9.21 -82.21 40.89
N VAL C 49 9.37 -80.90 40.79
CA VAL C 49 8.84 -79.97 41.78
C VAL C 49 8.09 -78.87 41.04
N PRO C 50 7.12 -78.22 41.69
CA PRO C 50 6.34 -77.20 40.99
C PRO C 50 7.25 -76.09 40.47
N THR C 51 7.08 -75.76 39.19
CA THR C 51 7.97 -74.81 38.54
C THR C 51 7.16 -73.79 37.76
N TRP C 52 7.46 -72.51 37.99
CA TRP C 52 6.87 -71.43 37.22
C TRP C 52 7.52 -71.38 35.84
N ILE C 53 6.71 -71.40 34.79
CA ILE C 53 7.22 -71.58 33.45
C ILE C 53 6.52 -70.64 32.49
N ASP C 54 7.30 -70.13 31.54
CA ASP C 54 6.82 -69.40 30.38
C ASP C 54 6.54 -70.39 29.26
N PRO C 55 5.35 -70.40 28.63
CA PRO C 55 5.00 -71.53 27.76
C PRO C 55 5.96 -71.77 26.62
N VAL C 56 6.80 -70.80 26.30
CA VAL C 56 7.74 -70.97 25.19
C VAL C 56 8.75 -72.07 25.50
N LYS C 57 8.96 -72.39 26.78
CA LYS C 57 10.01 -73.31 27.20
C LYS C 57 9.50 -74.65 27.69
N PHE C 58 8.19 -74.91 27.60
CA PHE C 58 7.67 -76.20 28.03
C PHE C 58 8.28 -77.33 27.21
N GLU C 59 8.39 -77.15 25.90
CA GLU C 59 8.82 -78.22 25.01
C GLU C 59 10.26 -78.64 25.27
N ASP C 60 11.11 -77.74 25.71
CA ASP C 60 12.50 -78.07 25.96
C ASP C 60 12.84 -78.13 27.45
N ILE C 61 11.88 -77.93 28.34
CA ILE C 61 12.08 -78.28 29.74
C ILE C 61 11.55 -79.66 30.05
N TYR C 62 10.41 -80.04 29.48
CA TYR C 62 9.77 -81.32 29.80
C TYR C 62 9.74 -82.27 28.61
N GLY C 63 10.55 -82.01 27.59
CA GLY C 63 10.55 -82.86 26.41
C GLY C 63 9.33 -82.62 25.56
N SER C 64 9.48 -82.71 24.23
CA SER C 64 8.41 -82.36 23.32
C SER C 64 7.44 -83.49 23.06
N GLU C 65 7.65 -84.66 23.67
CA GLU C 65 6.74 -85.78 23.50
C GLU C 65 5.58 -85.75 24.49
N THR C 66 5.62 -84.86 25.49
CA THR C 66 4.59 -84.84 26.51
C THR C 66 3.30 -84.22 26.00
N THR C 67 3.39 -83.28 25.06
CA THR C 67 2.24 -82.59 24.51
C THR C 67 1.63 -83.31 23.31
N ASN C 68 2.13 -84.50 23.00
CA ASN C 68 1.61 -85.28 21.88
C ASN C 68 0.40 -86.09 22.36
N LEU C 69 -0.75 -85.92 21.69
CA LEU C 69 -1.96 -86.58 22.13
C LEU C 69 -1.97 -88.06 21.82
N SER C 70 -1.14 -88.52 20.88
CA SER C 70 -1.05 -89.93 20.53
C SER C 70 0.06 -90.66 21.27
N GLY C 71 0.84 -89.96 22.08
CA GLY C 71 1.96 -90.57 22.76
C GLY C 71 1.54 -91.31 24.01
N VAL C 72 2.56 -91.79 24.73
CA VAL C 72 2.32 -92.57 25.95
C VAL C 72 2.00 -91.72 27.16
N TYR C 73 2.24 -90.41 27.09
CA TYR C 73 2.07 -89.52 28.23
C TYR C 73 0.72 -88.83 28.25
N CYS C 74 -0.18 -89.14 27.32
CA CYS C 74 -1.45 -88.44 27.26
C CYS C 74 -2.35 -88.86 28.43
N THR C 75 -2.73 -87.88 29.24
CA THR C 75 -3.72 -88.04 30.29
C THR C 75 -4.82 -87.02 30.03
N HIS C 76 -5.72 -86.85 30.99
CA HIS C 76 -6.83 -85.93 30.76
C HIS C 76 -6.46 -84.48 31.02
N SER C 77 -5.18 -84.15 31.14
CA SER C 77 -4.73 -82.78 31.31
C SER C 77 -3.85 -82.27 30.17
N THR C 78 -3.46 -83.15 29.25
CA THR C 78 -2.72 -82.70 28.07
C THR C 78 -3.49 -81.65 27.28
N PRO C 79 -4.81 -81.76 27.08
CA PRO C 79 -5.53 -80.66 26.42
C PRO C 79 -5.37 -79.34 27.15
N PHE C 80 -5.38 -79.36 28.49
CA PHE C 80 -5.20 -78.13 29.25
C PHE C 80 -3.81 -77.55 29.02
N ILE C 81 -2.79 -78.39 29.04
CA ILE C 81 -1.44 -77.90 28.77
C ILE C 81 -1.36 -77.29 27.37
N LYS C 82 -1.97 -77.95 26.38
CA LYS C 82 -1.91 -77.45 25.02
C LYS C 82 -2.63 -76.12 24.88
N GLU C 83 -3.79 -75.97 25.52
CA GLU C 83 -4.52 -74.71 25.49
C GLU C 83 -3.70 -73.60 26.14
N ALA C 84 -3.08 -73.91 27.28
CA ALA C 84 -2.25 -72.91 27.95
C ALA C 84 -1.09 -72.48 27.05
N ILE C 85 -0.44 -73.43 26.38
CA ILE C 85 0.68 -73.08 25.51
C ILE C 85 0.19 -72.23 24.34
N ALA C 86 -0.95 -72.59 23.75
CA ALA C 86 -1.46 -71.83 22.62
C ALA C 86 -1.81 -70.41 23.02
N ALA C 87 -2.46 -70.24 24.18
CA ALA C 87 -2.84 -68.91 24.62
C ALA C 87 -1.63 -68.07 25.03
N GLY C 88 -0.68 -68.67 25.73
CA GLY C 88 0.48 -67.94 26.21
C GLY C 88 0.35 -67.48 27.64
N ASN C 89 0.02 -68.39 28.57
CA ASN C 89 -0.04 -68.08 29.99
C ASN C 89 1.14 -68.72 30.70
N GLN C 90 1.92 -67.91 31.41
CA GLN C 90 2.87 -68.46 32.35
C GLN C 90 2.10 -69.19 33.44
N PHE C 91 2.54 -70.40 33.77
CA PHE C 91 1.79 -71.23 34.73
C PHE C 91 2.76 -72.11 35.50
N MET C 92 2.25 -72.82 36.51
CA MET C 92 3.09 -73.72 37.28
C MET C 92 2.87 -75.16 36.83
N ALA C 93 3.94 -75.74 36.29
CA ALA C 93 3.96 -77.14 35.90
C ALA C 93 4.35 -78.01 37.09
N LEU C 94 3.67 -79.15 37.21
CA LEU C 94 4.00 -80.16 38.22
C LEU C 94 4.02 -81.51 37.54
N ARG C 95 5.21 -82.10 37.44
CA ARG C 95 5.40 -83.38 36.78
C ARG C 95 5.32 -84.48 37.83
N LEU C 96 4.24 -85.25 37.80
CA LEU C 96 4.07 -86.38 38.70
C LEU C 96 4.75 -87.61 38.12
N GLU C 97 5.00 -88.59 38.99
CA GLU C 97 5.57 -89.86 38.59
C GLU C 97 4.73 -91.01 39.15
N PRO C 98 4.65 -92.12 38.42
CA PRO C 98 3.94 -93.29 38.96
C PRO C 98 4.71 -93.90 40.12
N SER C 99 3.98 -94.59 40.99
CA SER C 99 4.57 -95.12 42.23
C SER C 99 5.57 -96.23 41.98
N ASP C 100 5.67 -96.75 40.76
CA ASP C 100 6.54 -97.88 40.44
C ASP C 100 7.54 -97.56 39.34
N ILE C 101 7.97 -96.31 39.24
CA ILE C 101 8.94 -95.94 38.20
C ILE C 101 10.30 -96.55 38.55
N PRO C 102 10.98 -97.22 37.60
CA PRO C 102 12.32 -97.75 37.90
C PRO C 102 13.40 -96.68 37.97
N ASP C 103 14.65 -97.10 38.13
CA ASP C 103 15.78 -96.18 38.26
C ASP C 103 16.27 -95.76 36.89
N VAL C 104 17.41 -95.08 36.85
CA VAL C 104 17.94 -94.53 35.60
C VAL C 104 18.69 -95.61 34.84
N ALA C 105 18.98 -95.35 33.56
CA ALA C 105 19.77 -96.28 32.76
C ALA C 105 21.25 -96.00 32.96
N THR C 106 22.06 -97.06 32.85
CA THR C 106 23.48 -96.97 33.10
C THR C 106 24.25 -97.80 32.07
N LEU C 107 25.51 -97.46 31.89
CA LEU C 107 26.41 -98.20 31.01
C LEU C 107 27.82 -98.05 31.52
N GLY C 108 28.45 -99.16 31.88
CA GLY C 108 29.83 -99.17 32.35
C GLY C 108 30.74 -99.75 31.28
N LEU C 109 31.93 -99.17 31.19
CA LEU C 109 32.96 -99.60 30.25
C LEU C 109 34.09 -100.28 31.01
N SER C 110 34.61 -101.36 30.45
CA SER C 110 35.67 -102.12 31.08
C SER C 110 36.55 -102.75 30.02
N VAL C 111 37.68 -103.28 30.44
CA VAL C 111 38.61 -103.96 29.54
C VAL C 111 38.99 -105.31 30.15
N ASP C 112 38.90 -106.35 29.33
CA ASP C 112 39.54 -107.63 29.59
C ASP C 112 40.99 -107.53 29.16
N TRP C 113 41.90 -107.84 30.09
CA TRP C 113 43.29 -107.45 30.00
C TRP C 113 44.15 -108.66 30.35
N VAL C 114 45.14 -108.96 29.49
CA VAL C 114 46.10 -110.02 29.77
C VAL C 114 47.41 -109.73 29.04
N LYS C 115 48.49 -110.36 29.49
CA LYS C 115 49.79 -110.28 28.84
C LYS C 115 50.20 -111.66 28.34
N THR C 116 50.83 -111.71 27.17
CA THR C 116 51.24 -112.99 26.60
C THR C 116 52.08 -112.72 25.37
N LYS C 117 52.49 -113.80 24.70
CA LYS C 117 53.19 -113.66 23.43
C LYS C 117 52.21 -113.66 22.27
N ILE C 118 52.50 -112.86 21.26
CA ILE C 118 51.65 -112.73 20.09
C ILE C 118 52.53 -112.66 18.83
N ASP C 119 51.88 -112.55 17.69
CA ASP C 119 52.59 -112.49 16.42
C ASP C 119 53.05 -111.07 16.10
N ASP C 120 53.89 -110.96 15.09
CA ASP C 120 54.32 -109.69 14.54
C ASP C 120 54.20 -109.74 13.03
N TYR C 121 54.03 -108.57 12.42
CA TYR C 121 53.69 -108.48 11.01
C TYR C 121 54.78 -107.73 10.26
N GLU C 122 54.64 -107.71 8.94
CA GLU C 122 55.63 -107.08 8.08
C GLU C 122 55.57 -105.57 8.18
N ARG C 123 56.60 -104.92 7.66
CA ARG C 123 56.66 -103.48 7.53
C ARG C 123 57.22 -103.13 6.16
N ASN C 124 56.51 -102.27 5.42
CA ASN C 124 57.05 -101.80 4.15
C ASN C 124 58.29 -100.96 4.37
N ASP C 125 58.21 -99.99 5.27
CA ASP C 125 59.32 -99.08 5.56
C ASP C 125 59.15 -98.63 7.01
N ASP C 126 59.80 -97.52 7.35
CA ASP C 126 59.60 -96.94 8.68
C ASP C 126 58.15 -96.52 8.92
N GLY C 127 57.35 -96.39 7.86
CA GLY C 127 55.94 -96.07 8.02
C GLY C 127 55.12 -97.16 8.68
N THR C 128 55.63 -98.39 8.70
CA THR C 128 54.94 -99.49 9.37
C THR C 128 53.53 -99.68 8.82
N TYR C 129 53.42 -99.73 7.49
CA TYR C 129 52.10 -99.79 6.87
C TYR C 129 51.48 -101.18 6.99
N LYS C 130 52.28 -102.23 6.80
CA LYS C 130 51.73 -103.58 6.69
C LYS C 130 51.12 -104.05 8.01
N LEU C 131 50.00 -104.76 7.90
CA LEU C 131 49.41 -105.49 9.01
C LEU C 131 48.54 -106.61 8.47
N ASP C 132 48.26 -107.58 9.33
CA ASP C 132 47.30 -108.65 9.04
C ASP C 132 47.61 -109.34 7.73
N THR C 133 48.88 -109.62 7.48
CA THR C 133 49.31 -110.36 6.29
C THR C 133 48.86 -109.67 5.01
N ASN C 134 48.79 -108.34 5.03
CA ASN C 134 48.43 -107.61 3.82
C ASN C 134 49.41 -107.95 2.70
N GLY C 135 49.00 -107.66 1.48
CA GLY C 135 49.80 -108.10 0.34
C GLY C 135 49.78 -109.61 0.28
N ASP C 136 50.96 -110.22 0.34
CA ASP C 136 51.09 -111.67 0.29
C ASP C 136 52.04 -112.25 1.32
N LYS C 137 52.33 -111.52 2.40
CA LYS C 137 53.38 -111.91 3.33
C LYS C 137 52.80 -112.43 4.64
N ILE C 138 53.28 -113.61 5.04
CA ILE C 138 52.98 -114.24 6.33
C ILE C 138 53.57 -113.35 7.42
N PRO C 139 53.00 -113.31 8.62
CA PRO C 139 53.66 -112.55 9.69
C PRO C 139 55.09 -113.02 9.93
N LEU C 140 55.97 -112.06 10.21
CA LEU C 140 57.41 -112.28 10.12
C LEU C 140 57.99 -112.89 11.39
N ALA C 141 57.91 -112.17 12.50
CA ALA C 141 58.53 -112.66 13.73
C ALA C 141 57.73 -113.83 14.30
N THR C 142 58.46 -114.82 14.81
CA THR C 142 57.82 -116.02 15.34
C THR C 142 56.88 -115.66 16.49
N GLN C 143 57.36 -114.89 17.46
CA GLN C 143 56.56 -114.50 18.60
C GLN C 143 57.14 -113.22 19.18
N ILE C 144 56.27 -112.24 19.41
CA ILE C 144 56.64 -110.98 20.03
C ILE C 144 55.83 -110.81 21.30
N ASP C 145 56.53 -110.60 22.41
CA ASP C 145 55.86 -110.47 23.70
C ASP C 145 55.05 -109.17 23.74
N GLY C 146 53.75 -109.29 24.01
CA GLY C 146 52.88 -108.15 24.07
C GLY C 146 51.66 -108.36 24.95
N ILE C 147 50.62 -107.59 24.69
CA ILE C 147 49.45 -107.51 25.57
C ILE C 147 48.19 -107.65 24.73
N LYS C 148 47.18 -108.31 25.30
CA LYS C 148 45.90 -108.53 24.64
C LYS C 148 44.78 -107.81 25.40
N PHE C 149 43.95 -107.10 24.63
CA PHE C 149 42.81 -106.34 25.11
C PHE C 149 41.52 -106.86 24.49
N ARG C 150 40.43 -106.71 25.25
CA ARG C 150 39.08 -106.98 24.76
C ARG C 150 38.11 -106.07 25.51
N PHE C 151 37.58 -105.07 24.84
CA PHE C 151 36.75 -104.07 25.50
C PHE C 151 35.33 -104.60 25.71
N VAL C 152 34.68 -104.09 26.75
CA VAL C 152 33.35 -104.55 27.15
C VAL C 152 32.52 -103.36 27.59
N LEU C 153 31.24 -103.36 27.21
CA LEU C 153 30.28 -102.33 27.58
C LEU C 153 29.03 -103.04 28.08
N GLU C 154 28.63 -102.78 29.33
CA GLU C 154 27.49 -103.52 29.86
C GLU C 154 26.83 -102.74 31.00
N LYS C 155 25.62 -103.17 31.33
CA LYS C 155 24.87 -102.52 32.39
C LYS C 155 25.58 -102.66 33.73
N ILE C 156 25.48 -101.63 34.56
CA ILE C 156 26.05 -101.65 35.90
C ILE C 156 25.06 -102.36 36.82
N GLU C 157 25.49 -103.47 37.42
CA GLU C 157 24.60 -104.27 38.25
C GLU C 157 24.46 -103.65 39.63
N THR C 158 23.33 -103.95 40.27
CA THR C 158 22.99 -103.34 41.54
C THR C 158 23.33 -104.25 42.72
N ASN C 159 23.33 -103.66 43.91
CA ASN C 159 23.57 -104.40 45.13
C ASN C 159 22.37 -105.28 45.48
N GLU C 160 22.64 -106.32 46.27
CA GLU C 160 21.57 -107.23 46.67
C GLU C 160 20.49 -106.55 47.48
N SER C 161 20.81 -105.43 48.15
CA SER C 161 19.84 -104.68 48.91
C SER C 161 19.02 -103.72 48.06
N GLY C 162 19.41 -103.49 46.80
CA GLY C 162 18.70 -102.57 45.94
C GLY C 162 19.35 -101.21 45.88
N VAL C 163 20.66 -101.17 45.67
CA VAL C 163 21.40 -99.92 45.53
C VAL C 163 22.41 -100.08 44.41
N SER C 164 22.53 -99.06 43.56
CA SER C 164 23.40 -99.15 42.41
C SER C 164 24.86 -98.97 42.81
N GLN C 165 25.75 -99.59 42.03
CA GLN C 165 27.18 -99.51 42.23
C GLN C 165 27.84 -98.49 41.30
N TYR C 166 27.17 -97.37 41.07
CA TYR C 166 27.61 -96.42 40.03
C TYR C 166 29.08 -96.04 40.20
N LYS C 167 29.46 -95.65 41.41
CA LYS C 167 30.82 -95.19 41.68
C LYS C 167 31.67 -96.25 42.38
N LYS C 168 31.18 -97.48 42.51
CA LYS C 168 31.79 -98.45 43.42
C LYS C 168 31.97 -99.81 42.76
N ARG C 169 32.52 -99.84 41.55
CA ARG C 169 32.84 -101.10 40.90
C ARG C 169 34.26 -101.52 41.25
N THR C 170 34.53 -102.82 41.11
CA THR C 170 35.82 -103.41 41.45
C THR C 170 36.22 -104.43 40.39
N ALA C 171 37.51 -104.70 40.31
CA ALA C 171 38.02 -105.63 39.31
C ALA C 171 37.60 -107.06 39.64
N LYS C 172 37.73 -107.94 38.64
CA LYS C 172 37.33 -109.32 38.81
C LYS C 172 38.04 -110.17 37.76
N ALA C 173 37.98 -111.49 37.95
CA ALA C 173 38.60 -112.42 37.03
C ALA C 173 37.94 -112.35 35.66
N GLY C 174 38.73 -112.50 34.62
CA GLY C 174 38.26 -112.35 33.26
C GLY C 174 37.89 -113.66 32.60
N THR C 175 37.75 -113.60 31.28
CA THR C 175 37.44 -114.77 30.46
C THR C 175 38.43 -115.02 29.35
N ILE C 176 39.06 -114.00 28.78
CA ILE C 176 40.07 -114.22 27.76
C ILE C 176 41.37 -114.68 28.43
N GLY C 177 42.12 -115.51 27.72
CA GLY C 177 43.40 -115.96 28.26
C GLY C 177 43.28 -116.64 29.60
N THR C 178 42.25 -117.48 29.79
CA THR C 178 42.08 -118.19 31.04
C THR C 178 43.16 -119.24 31.27
N GLU C 179 43.96 -119.56 30.25
CA GLU C 179 45.12 -120.42 30.47
C GLU C 179 46.03 -119.86 31.56
N ALA C 180 46.12 -118.53 31.65
CA ALA C 180 46.82 -117.86 32.74
C ALA C 180 45.79 -117.08 33.55
N THR C 181 45.75 -117.34 34.85
CA THR C 181 44.75 -116.68 35.70
C THR C 181 44.79 -115.15 35.63
N PRO C 182 45.95 -114.49 35.56
CA PRO C 182 45.97 -113.02 35.69
C PRO C 182 45.09 -112.26 34.70
N SER C 183 44.47 -112.93 33.73
CA SER C 183 43.51 -112.26 32.87
C SER C 183 42.39 -111.67 33.71
N THR C 184 42.14 -110.38 33.56
CA THR C 184 41.22 -109.70 34.47
C THR C 184 40.35 -108.67 33.75
N ILE C 185 39.16 -108.43 34.31
CA ILE C 185 38.33 -107.32 33.89
C ILE C 185 38.60 -106.13 34.80
N THR C 186 38.95 -104.99 34.21
CA THR C 186 39.11 -103.78 35.01
C THR C 186 38.25 -102.67 34.45
N PRO C 187 37.59 -101.88 35.30
CA PRO C 187 36.67 -100.84 34.81
C PRO C 187 37.40 -99.56 34.42
N LEU C 188 36.78 -98.82 33.52
CA LEU C 188 37.35 -97.59 32.98
C LEU C 188 36.47 -96.37 33.16
N ALA C 189 35.15 -96.50 32.99
CA ALA C 189 34.26 -95.36 33.10
C ALA C 189 32.83 -95.82 33.31
N ASP C 190 31.99 -94.90 33.80
CA ASP C 190 30.57 -95.12 33.96
C ASP C 190 29.81 -94.00 33.28
N PHE C 191 28.62 -94.32 32.77
CA PHE C 191 27.72 -93.35 32.18
C PHE C 191 26.32 -93.61 32.69
N ARG C 192 25.53 -92.56 32.83
CA ARG C 192 24.22 -92.67 33.47
C ARG C 192 23.26 -91.68 32.84
N CYS C 193 21.97 -92.00 32.92
CA CYS C 193 20.94 -91.10 32.41
C CYS C 193 20.56 -90.09 33.48
N ARG C 194 20.18 -88.89 33.03
CA ARG C 194 19.86 -87.81 33.95
C ARG C 194 18.44 -87.87 34.46
N PHE C 195 17.53 -88.54 33.77
CA PHE C 195 16.13 -88.57 34.13
C PHE C 195 15.68 -90.02 34.29
N LYS C 196 14.45 -90.18 34.77
CA LYS C 196 13.81 -91.49 34.89
C LYS C 196 12.76 -91.61 33.81
N SER C 197 13.11 -92.29 32.71
CA SER C 197 12.20 -92.41 31.58
C SER C 197 12.83 -93.34 30.54
N SER C 198 12.09 -93.57 29.46
CA SER C 198 12.61 -94.35 28.34
C SER C 198 13.68 -93.59 27.54
N LEU C 199 13.81 -92.29 27.79
CA LEU C 199 14.85 -91.52 27.10
C LEU C 199 16.23 -92.10 27.42
N GLY C 200 16.42 -92.63 28.62
CA GLY C 200 17.68 -93.26 28.95
C GLY C 200 17.94 -94.50 28.11
N ALA C 201 16.93 -95.36 27.96
CA ALA C 201 17.08 -96.53 27.12
C ALA C 201 17.26 -96.19 25.66
N ASN C 202 16.76 -95.04 25.21
CA ASN C 202 16.91 -94.61 23.83
C ASN C 202 18.13 -93.74 23.57
N THR C 203 18.87 -93.34 24.61
CA THR C 203 20.09 -92.57 24.40
C THR C 203 21.24 -93.49 24.03
N ALA C 204 22.15 -92.99 23.20
CA ALA C 204 23.32 -93.74 22.76
C ALA C 204 24.53 -92.83 22.72
N LEU C 205 25.71 -93.43 22.83
CA LEU C 205 26.95 -92.68 22.81
C LEU C 205 27.99 -93.40 21.97
N ARG C 206 28.91 -92.61 21.40
CA ARG C 206 30.01 -93.13 20.59
C ARG C 206 31.31 -92.50 21.07
N ILE C 207 32.38 -93.28 21.04
CA ILE C 207 33.71 -92.79 21.37
C ILE C 207 34.71 -93.51 20.48
N TRP C 208 35.59 -92.74 19.82
CA TRP C 208 36.61 -93.35 18.98
C TRP C 208 37.85 -92.49 18.98
N ALA C 209 38.90 -92.99 18.31
CA ALA C 209 40.21 -92.33 18.29
C ALA C 209 40.61 -92.05 16.84
N PRO C 210 40.59 -90.81 16.37
CA PRO C 210 40.93 -90.54 14.98
C PRO C 210 42.43 -90.36 14.75
N THR C 211 42.83 -90.60 13.51
CA THR C 211 44.20 -90.37 13.05
C THR C 211 44.17 -89.33 11.93
N ILE C 212 45.32 -89.14 11.28
CA ILE C 212 45.44 -88.06 10.30
C ILE C 212 44.45 -88.25 9.15
N ASN C 213 44.14 -89.49 8.81
CA ASN C 213 43.33 -89.78 7.63
C ASN C 213 41.84 -89.94 7.93
N SER C 214 41.43 -89.78 9.19
CA SER C 214 40.04 -89.98 9.53
C SER C 214 39.16 -88.91 8.88
N ALA C 215 37.84 -89.14 8.94
CA ALA C 215 36.91 -88.16 8.40
C ALA C 215 37.03 -86.80 9.08
N GLN C 216 37.32 -86.78 10.38
CA GLN C 216 37.68 -85.57 11.09
C GLN C 216 39.17 -85.69 11.41
N ALA C 217 40.00 -85.29 10.46
CA ALA C 217 41.44 -85.49 10.58
C ALA C 217 41.96 -84.82 11.84
N ALA C 218 42.75 -85.56 12.62
CA ALA C 218 43.36 -85.01 13.81
C ALA C 218 44.65 -84.27 13.45
N ASP C 219 45.19 -83.55 14.42
CA ASP C 219 46.44 -82.81 14.25
C ASP C 219 47.42 -83.20 15.35
N ALA C 220 48.64 -83.54 14.95
CA ALA C 220 49.64 -83.97 15.92
C ALA C 220 50.28 -82.78 16.64
N ASP C 221 50.19 -81.58 16.07
CA ASP C 221 50.85 -80.44 16.68
C ASP C 221 50.22 -80.07 18.01
N LEU C 222 48.89 -80.07 18.08
CA LEU C 222 48.23 -79.77 19.35
C LEU C 222 48.53 -80.85 20.38
N GLN C 223 48.59 -82.11 19.95
CA GLN C 223 48.94 -83.17 20.87
C GLN C 223 50.35 -82.99 21.42
N ALA C 224 51.30 -82.61 20.56
CA ALA C 224 52.63 -82.31 21.05
C ALA C 224 52.61 -81.14 22.02
N ARG C 225 51.83 -80.10 21.71
CA ARG C 225 51.77 -78.94 22.58
C ARG C 225 51.26 -79.31 23.96
N ILE C 226 50.21 -80.11 24.03
CA ILE C 226 49.74 -80.71 25.27
C ILE C 226 49.71 -82.21 25.07
N LYS C 227 50.59 -82.92 25.78
CA LYS C 227 50.81 -84.34 25.52
C LYS C 227 49.65 -85.13 26.09
N SER C 228 48.71 -85.48 25.20
CA SER C 228 47.61 -86.36 25.54
C SER C 228 46.88 -86.71 24.26
N PHE C 229 46.56 -87.98 24.08
CA PHE C 229 45.79 -88.39 22.92
C PHE C 229 44.36 -87.88 23.04
N LEU C 230 43.79 -87.45 21.93
CA LEU C 230 42.47 -86.83 21.88
C LEU C 230 41.50 -87.78 21.18
N TYR C 231 40.39 -88.06 21.85
CA TYR C 231 39.35 -88.94 21.32
C TYR C 231 38.11 -88.13 20.97
N ARG C 232 37.38 -88.61 19.96
CA ARG C 232 36.10 -88.02 19.59
C ARG C 232 34.97 -88.69 20.35
N PHE C 233 34.06 -87.86 20.85
CA PHE C 233 32.93 -88.30 21.66
C PHE C 233 31.65 -87.72 21.09
N GLN C 234 30.57 -88.52 21.11
CA GLN C 234 29.33 -88.13 20.45
C GLN C 234 28.13 -88.73 21.19
N ILE C 235 27.01 -88.02 21.14
CA ILE C 235 25.75 -88.47 21.72
C ILE C 235 24.69 -88.49 20.62
N LEU C 236 23.89 -89.56 20.60
CA LEU C 236 22.79 -89.69 19.66
C LEU C 236 21.56 -90.13 20.43
N THR C 237 20.39 -89.85 19.86
CA THR C 237 19.12 -90.22 20.49
C THR C 237 18.12 -90.61 19.42
N ARG C 238 17.29 -91.61 19.71
CA ARG C 238 16.29 -92.07 18.77
C ARG C 238 14.90 -91.85 19.34
N ALA C 239 13.90 -92.01 18.47
CA ALA C 239 12.51 -91.79 18.87
C ALA C 239 11.89 -93.06 19.46
N ASP C 240 11.93 -94.15 18.70
CA ASP C 240 11.40 -95.42 19.16
C ASP C 240 12.38 -96.52 18.74
N LYS C 241 12.14 -97.72 19.28
CA LYS C 241 13.09 -98.80 19.07
C LYS C 241 13.30 -99.12 17.59
N ALA C 242 12.29 -98.87 16.76
CA ALA C 242 12.37 -99.20 15.35
C ALA C 242 12.93 -98.07 14.49
N SER C 243 13.10 -96.87 15.05
CA SER C 243 13.58 -95.73 14.27
C SER C 243 15.11 -95.73 14.22
N SER C 244 15.69 -94.63 13.76
CA SER C 244 17.13 -94.48 13.66
C SER C 244 17.58 -93.26 14.45
N PRO C 245 18.82 -93.25 14.94
CA PRO C 245 19.25 -92.19 15.85
C PRO C 245 19.53 -90.88 15.12
N THR C 246 19.58 -89.81 15.91
CA THR C 246 19.89 -88.47 15.44
C THR C 246 20.89 -87.85 16.40
N ILE C 247 21.86 -87.11 15.85
CA ILE C 247 22.91 -86.56 16.69
C ILE C 247 22.33 -85.52 17.64
N PHE C 248 22.92 -85.42 18.82
CA PHE C 248 22.55 -84.44 19.84
C PHE C 248 23.72 -83.48 19.97
N GLU C 249 23.59 -82.30 19.36
CA GLU C 249 24.71 -81.37 19.25
C GLU C 249 24.91 -80.59 20.54
N THR C 250 26.10 -80.03 20.67
CA THR C 250 26.42 -79.18 21.81
C THR C 250 25.69 -77.84 21.66
N ILE C 251 25.74 -77.03 22.73
CA ILE C 251 25.06 -75.75 22.72
C ILE C 251 25.67 -74.79 21.71
N TYR C 252 26.90 -75.04 21.27
CA TYR C 252 27.53 -74.26 20.23
C TYR C 252 27.31 -74.84 18.85
N ASN C 253 26.37 -75.78 18.71
CA ASN C 253 25.99 -76.36 17.43
C ASN C 253 27.16 -77.12 16.79
N GLU C 254 27.75 -78.01 17.58
CA GLU C 254 28.75 -78.96 17.07
C GLU C 254 28.24 -80.37 17.24
N PRO C 255 28.62 -81.29 16.35
CA PRO C 255 28.14 -82.67 16.48
C PRO C 255 28.91 -83.49 17.51
N SER C 256 30.21 -83.26 17.67
CA SER C 256 31.03 -84.11 18.52
C SER C 256 32.06 -83.26 19.26
N LEU C 257 32.69 -83.86 20.27
CA LEU C 257 33.69 -83.23 21.11
C LEU C 257 35.03 -83.95 21.02
N SER C 258 36.10 -83.20 21.29
CA SER C 258 37.43 -83.77 21.48
C SER C 258 37.77 -83.74 22.96
N VAL C 259 38.15 -84.90 23.50
CA VAL C 259 38.41 -85.04 24.93
C VAL C 259 39.73 -85.77 25.11
N GLY C 260 40.31 -85.66 26.31
CA GLY C 260 41.59 -86.28 26.57
C GLY C 260 41.76 -86.61 28.04
N PHE C 261 42.66 -87.56 28.31
CA PHE C 261 42.97 -87.95 29.68
C PHE C 261 44.05 -87.06 30.27
N GLY C 262 43.89 -86.73 31.54
CA GLY C 262 44.87 -85.91 32.24
C GLY C 262 44.23 -85.05 33.31
N GLU C 263 45.04 -84.36 34.10
CA GLU C 263 44.51 -83.59 35.22
C GLU C 263 43.94 -82.25 34.75
N ASN C 264 44.75 -81.44 34.08
CA ASN C 264 44.24 -80.24 33.43
C ASN C 264 44.99 -80.06 32.11
N LEU C 265 44.26 -80.22 31.01
CA LEU C 265 44.84 -80.07 29.68
C LEU C 265 44.51 -78.67 29.15
N VAL C 266 45.32 -77.71 29.59
CA VAL C 266 45.16 -76.32 29.15
C VAL C 266 46.14 -76.04 28.02
N ASP C 267 45.63 -75.46 26.95
CA ASP C 267 46.46 -75.13 25.79
C ASP C 267 46.99 -73.71 25.96
N PRO C 268 48.29 -73.50 26.12
CA PRO C 268 48.80 -72.13 26.27
C PRO C 268 48.48 -71.23 25.09
N GLN C 269 48.50 -71.75 23.87
CA GLN C 269 48.31 -70.90 22.68
C GLN C 269 46.87 -70.43 22.52
N THR C 270 45.90 -71.12 23.13
CA THR C 270 44.51 -70.71 23.00
C THR C 270 43.71 -70.80 24.29
N GLU C 271 44.30 -71.32 25.38
CA GLU C 271 43.63 -71.45 26.68
C GLU C 271 42.44 -72.40 26.64
N VAL C 272 42.46 -73.41 25.77
CA VAL C 272 41.38 -74.37 25.72
C VAL C 272 41.63 -75.47 26.74
N VAL C 273 40.56 -75.94 27.38
CA VAL C 273 40.63 -76.99 28.39
C VAL C 273 40.04 -78.26 27.79
N TYR C 274 40.87 -79.31 27.70
CA TYR C 274 40.48 -80.56 27.05
C TYR C 274 40.18 -81.68 28.04
N ASP C 275 39.94 -81.37 29.30
CA ASP C 275 39.64 -82.41 30.28
C ASP C 275 38.31 -83.08 29.96
N PHE C 276 38.25 -84.39 30.20
CA PHE C 276 37.13 -85.20 29.73
C PHE C 276 35.81 -84.76 30.37
N VAL C 277 35.68 -84.96 31.68
CA VAL C 277 34.40 -84.76 32.35
C VAL C 277 34.00 -83.30 32.30
N GLU C 278 34.94 -82.41 32.65
CA GLU C 278 34.61 -80.99 32.70
C GLU C 278 34.17 -80.49 31.33
N ARG C 279 34.91 -80.84 30.28
CA ARG C 279 34.57 -80.36 28.96
C ARG C 279 33.22 -80.90 28.52
N ILE C 280 32.97 -82.20 28.70
CA ILE C 280 31.69 -82.75 28.27
C ILE C 280 30.56 -82.03 28.97
N ASP C 281 30.64 -81.95 30.30
CA ASP C 281 29.53 -81.42 31.07
C ASP C 281 29.28 -79.95 30.76
N SER C 282 30.36 -79.17 30.61
CA SER C 282 30.18 -77.73 30.38
C SER C 282 29.75 -77.44 28.95
N ARG C 283 30.19 -78.24 27.98
CA ARG C 283 29.88 -77.96 26.59
C ARG C 283 28.49 -78.44 26.19
N TYR C 284 27.94 -79.44 26.89
CA TYR C 284 26.67 -79.99 26.45
C TYR C 284 25.45 -79.43 27.15
N ASN C 285 25.61 -78.81 28.31
CA ASN C 285 24.47 -78.35 29.11
C ASN C 285 24.39 -76.83 29.12
N ASP C 286 23.22 -76.33 29.54
CA ASP C 286 22.98 -74.90 29.62
C ASP C 286 21.86 -74.67 30.63
N GLU C 287 22.20 -74.14 31.80
CA GLU C 287 21.27 -73.98 32.90
C GLU C 287 20.61 -72.60 32.96
N ASP C 288 20.94 -71.70 32.05
CA ASP C 288 20.43 -70.34 32.14
C ASP C 288 18.91 -70.34 31.94
N PRO C 289 18.12 -69.84 32.89
CA PRO C 289 16.66 -69.90 32.74
C PRO C 289 16.07 -69.46 31.41
N SER C 290 16.77 -68.62 30.64
CA SER C 290 16.25 -68.15 29.36
C SER C 290 16.60 -69.07 28.21
N THR C 291 17.79 -69.68 28.23
CA THR C 291 18.23 -70.62 27.21
C THR C 291 18.55 -71.92 27.95
N TYR C 292 17.56 -72.79 28.09
CA TYR C 292 17.63 -73.89 29.04
C TYR C 292 17.63 -75.21 28.28
N LEU C 293 18.70 -75.99 28.44
CA LEU C 293 18.74 -77.35 27.90
C LEU C 293 19.64 -78.20 28.78
N MET C 294 19.18 -79.42 29.07
CA MET C 294 19.94 -80.40 29.83
C MET C 294 20.22 -81.59 28.95
N SER C 295 21.50 -81.96 28.86
CA SER C 295 21.86 -83.12 28.06
C SER C 295 21.30 -84.38 28.72
N PRO C 296 20.88 -85.38 27.94
CA PRO C 296 20.38 -86.61 28.56
C PRO C 296 21.39 -87.31 29.46
N LEU C 297 22.68 -87.28 29.12
CA LEU C 297 23.69 -87.86 29.99
C LEU C 297 23.90 -87.00 31.22
N ASP C 298 24.06 -87.66 32.37
CA ASP C 298 24.48 -86.97 33.58
C ASP C 298 25.99 -86.71 33.51
N THR C 299 26.54 -86.28 34.63
CA THR C 299 27.99 -86.01 34.67
C THR C 299 28.74 -87.33 34.69
N PRO C 300 29.62 -87.60 33.71
CA PRO C 300 30.31 -88.90 33.69
C PRO C 300 31.24 -89.07 34.88
N TYR C 301 31.51 -90.33 35.22
CA TYR C 301 32.51 -90.70 36.21
C TYR C 301 33.67 -91.37 35.49
N LEU C 302 34.82 -91.43 36.15
CA LEU C 302 36.02 -91.98 35.53
C LEU C 302 36.88 -92.61 36.61
N TYR C 303 37.54 -93.73 36.28
CA TYR C 303 38.39 -94.46 37.23
C TYR C 303 39.86 -94.12 36.94
N GLN C 304 40.33 -93.04 37.59
CA GLN C 304 41.70 -92.60 37.39
C GLN C 304 42.68 -93.68 37.79
N ALA C 305 42.46 -94.35 38.93
CA ALA C 305 43.41 -95.34 39.40
C ALA C 305 43.64 -96.42 38.34
N ASN C 306 42.56 -97.03 37.86
CA ASN C 306 42.69 -98.17 36.95
C ASN C 306 43.16 -97.72 35.57
N ILE C 307 42.63 -96.60 35.07
CA ILE C 307 43.06 -96.12 33.76
C ILE C 307 44.55 -95.82 33.80
N ASP C 308 45.01 -95.14 34.86
CA ASP C 308 46.42 -94.81 34.98
C ASP C 308 47.27 -96.06 35.13
N SER C 309 46.77 -97.06 35.87
CA SER C 309 47.53 -98.30 36.03
C SER C 309 47.73 -98.97 34.67
N VAL C 310 46.67 -99.09 33.87
CA VAL C 310 46.80 -99.74 32.58
C VAL C 310 47.72 -98.95 31.66
N LEU C 311 47.58 -97.62 31.67
CA LEU C 311 48.46 -96.79 30.84
C LEU C 311 49.92 -96.97 31.25
N THR C 312 50.19 -96.99 32.56
CA THR C 312 51.55 -97.18 33.03
C THR C 312 52.08 -98.54 32.62
N ALA C 313 51.23 -99.57 32.70
CA ALA C 313 51.68 -100.91 32.30
C ALA C 313 52.09 -100.93 30.84
N ILE C 314 51.21 -100.43 29.96
CA ILE C 314 51.54 -100.47 28.54
C ILE C 314 52.76 -99.61 28.23
N GLN C 315 52.91 -98.48 28.92
CA GLN C 315 54.08 -97.65 28.71
C GLN C 315 55.35 -98.40 29.13
N GLU C 316 55.38 -98.92 30.34
CA GLU C 316 56.55 -99.65 30.81
C GLU C 316 56.90 -100.77 29.85
N LEU C 317 55.89 -101.46 29.32
CA LEU C 317 56.16 -102.56 28.40
C LEU C 317 56.76 -102.05 27.09
N GLU C 318 56.01 -101.22 26.36
CA GLU C 318 56.36 -100.91 24.98
C GLU C 318 56.81 -99.48 24.76
N ALA C 319 56.78 -98.62 25.77
CA ALA C 319 57.32 -97.27 25.58
C ALA C 319 58.80 -97.32 25.27
N PRO C 320 59.64 -98.05 26.03
CA PRO C 320 61.04 -98.23 25.61
C PRO C 320 61.16 -99.25 24.49
N PHE C 321 60.63 -98.91 23.31
CA PHE C 321 60.68 -99.80 22.16
C PHE C 321 60.83 -98.96 20.90
N ASP C 322 60.74 -99.62 19.76
CA ASP C 322 61.19 -99.00 18.51
C ASP C 322 60.33 -97.81 18.08
N THR C 323 59.00 -97.96 18.03
CA THR C 323 58.18 -97.00 17.32
C THR C 323 57.22 -96.22 18.23
N VAL C 324 57.57 -96.00 19.50
CA VAL C 324 56.76 -95.22 20.41
C VAL C 324 57.68 -94.48 21.37
N SER C 325 57.30 -93.25 21.69
CA SER C 325 58.12 -92.43 22.58
C SER C 325 58.22 -93.06 23.95
N ALA C 326 59.44 -93.13 24.47
CA ALA C 326 59.69 -93.77 25.76
C ALA C 326 59.68 -92.79 26.92
N ASP C 327 59.57 -91.50 26.66
CA ASP C 327 59.66 -90.50 27.72
C ASP C 327 58.59 -90.75 28.79
N GLU C 328 58.73 -90.04 29.90
CA GLU C 328 57.82 -90.25 31.02
C GLU C 328 56.41 -89.77 30.70
N ASP C 329 56.29 -88.61 30.06
CA ASP C 329 54.99 -87.96 29.87
C ASP C 329 54.16 -88.60 28.78
N ASP C 330 54.72 -89.54 28.03
CA ASP C 330 53.98 -90.20 26.96
C ASP C 330 52.87 -91.10 27.49
N LEU C 331 52.81 -91.31 28.81
CA LEU C 331 51.77 -92.15 29.40
C LEU C 331 50.39 -91.71 28.91
N TYR C 332 50.11 -90.41 29.00
CA TYR C 332 48.85 -89.87 28.52
C TYR C 332 48.82 -89.70 27.00
N GLN C 333 49.95 -89.80 26.34
CA GLN C 333 49.94 -89.85 24.88
C GLN C 333 49.44 -91.19 24.38
N ILE C 334 49.66 -92.26 25.13
CA ILE C 334 49.32 -93.60 24.66
C ILE C 334 47.89 -93.65 24.15
N ASN C 335 47.71 -94.21 22.96
CA ASN C 335 46.40 -94.42 22.37
C ASN C 335 45.81 -95.71 22.93
N LEU C 336 44.88 -95.59 23.88
CA LEU C 336 44.39 -96.78 24.56
C LEU C 336 43.38 -97.54 23.71
N PHE C 337 42.31 -96.88 23.29
CA PHE C 337 41.24 -97.56 22.56
C PHE C 337 41.69 -98.01 21.18
N GLY C 338 42.52 -97.22 20.50
CA GLY C 338 43.11 -97.62 19.25
C GLY C 338 44.39 -98.39 19.47
N ALA C 339 45.13 -98.60 18.38
CA ALA C 339 46.38 -99.34 18.44
C ALA C 339 47.44 -98.66 17.58
N GLN C 340 47.42 -97.34 17.54
CA GLN C 340 48.35 -96.60 16.70
C GLN C 340 48.48 -95.18 17.24
N THR C 341 49.57 -94.52 16.84
CA THR C 341 49.76 -93.13 17.20
C THR C 341 48.90 -92.24 16.32
N VAL C 342 48.95 -90.93 16.60
CA VAL C 342 48.12 -90.00 15.84
C VAL C 342 48.47 -90.02 14.37
N GLU C 343 49.72 -90.37 14.02
CA GLU C 343 50.10 -90.48 12.61
C GLU C 343 49.49 -91.71 11.94
N GLY C 344 49.09 -92.72 12.71
CA GLY C 344 48.55 -93.92 12.12
C GLY C 344 49.52 -95.07 11.95
N VAL C 345 50.54 -95.14 12.80
CA VAL C 345 51.50 -96.24 12.79
C VAL C 345 51.04 -97.27 13.82
N PRO C 346 50.75 -98.51 13.43
CA PRO C 346 50.20 -99.47 14.39
C PRO C 346 51.15 -99.80 15.51
N TYR C 347 50.59 -100.08 16.69
CA TYR C 347 51.35 -100.58 17.83
C TYR C 347 51.51 -102.09 17.66
N HIS C 348 52.72 -102.54 17.34
CA HIS C 348 53.02 -103.96 17.47
C HIS C 348 53.34 -104.29 18.92
N ALA C 349 53.04 -105.52 19.31
CA ALA C 349 53.00 -105.98 20.69
C ALA C 349 51.69 -105.63 21.40
N VAL C 350 50.69 -105.15 20.68
CA VAL C 350 49.36 -104.92 21.23
C VAL C 350 48.34 -105.55 20.29
N GLN C 351 47.47 -106.39 20.85
CA GLN C 351 46.44 -107.07 20.07
C GLN C 351 45.08 -106.82 20.69
N ILE C 352 44.17 -106.28 19.90
CA ILE C 352 42.80 -105.99 20.32
C ILE C 352 41.88 -106.99 19.66
N LEU C 353 41.21 -107.82 20.46
CA LEU C 353 40.38 -108.87 19.90
C LEU C 353 39.10 -108.28 19.33
N GLY C 354 38.71 -108.76 18.15
CA GLY C 354 37.59 -108.19 17.42
C GLY C 354 36.26 -108.74 17.88
N VAL C 355 35.23 -108.48 17.08
CA VAL C 355 33.87 -108.87 17.44
C VAL C 355 33.75 -110.38 17.49
N LEU C 356 34.27 -111.06 16.47
CA LEU C 356 34.17 -112.52 16.41
C LEU C 356 34.83 -113.17 17.62
N ASP C 357 35.82 -112.50 18.20
CA ASP C 357 36.47 -112.98 19.42
C ASP C 357 35.79 -112.50 20.67
N GLY C 358 34.68 -111.76 20.55
CA GLY C 358 33.95 -111.28 21.71
C GLY C 358 34.25 -109.86 22.12
N GLY C 359 34.99 -109.11 21.32
CA GLY C 359 35.35 -107.75 21.65
C GLY C 359 34.34 -106.74 21.14
N VAL C 360 34.63 -105.47 21.41
CA VAL C 360 33.81 -104.34 20.97
C VAL C 360 34.69 -103.39 20.18
N THR C 361 34.22 -102.97 19.02
CA THR C 361 34.98 -102.09 18.13
C THR C 361 34.56 -100.65 18.39
N LEU C 362 35.47 -99.87 18.97
CA LEU C 362 35.23 -98.45 19.21
C LEU C 362 35.66 -97.69 17.97
N THR C 363 34.72 -97.52 17.04
CA THR C 363 34.93 -96.74 15.83
C THR C 363 33.88 -95.64 15.78
N GLU C 364 33.88 -94.89 14.69
CA GLU C 364 32.92 -93.79 14.52
C GLU C 364 31.60 -94.26 13.95
N THR C 365 31.43 -95.55 13.68
CA THR C 365 30.15 -96.09 13.21
C THR C 365 29.45 -96.93 14.26
N ALA C 366 30.18 -97.51 15.21
CA ALA C 366 29.56 -98.29 16.26
C ALA C 366 28.72 -97.39 17.16
N THR C 367 27.59 -97.92 17.62
CA THR C 367 26.67 -97.19 18.49
C THR C 367 26.42 -98.00 19.75
N ASN C 368 26.32 -97.33 20.89
CA ASN C 368 26.16 -97.97 22.18
C ASN C 368 24.99 -97.33 22.92
N TYR C 369 24.08 -98.15 23.42
CA TYR C 369 22.88 -97.68 24.09
C TYR C 369 22.93 -98.00 25.57
N LEU C 370 22.45 -97.07 26.39
CA LEU C 370 22.33 -97.32 27.82
C LEU C 370 21.26 -98.38 28.08
N GLN C 371 21.39 -99.07 29.21
CA GLN C 371 20.57 -100.22 29.55
C GLN C 371 19.72 -99.91 30.77
N GLY C 372 18.47 -100.33 30.75
CA GLY C 372 17.60 -100.18 31.90
C GLY C 372 16.61 -99.05 31.73
N GLY C 373 16.14 -98.49 32.84
CA GLY C 373 15.23 -97.37 32.79
C GLY C 373 13.80 -97.80 32.51
N GLY C 374 12.94 -96.81 32.35
CA GLY C 374 11.53 -97.02 32.10
C GLY C 374 10.71 -95.86 32.62
N ASP C 375 9.46 -95.79 32.18
CA ASP C 375 8.57 -94.70 32.57
C ASP C 375 7.67 -95.05 33.73
N GLY C 376 7.33 -96.32 33.90
CA GLY C 376 6.33 -96.74 34.85
C GLY C 376 5.00 -97.01 34.18
N THR C 377 3.99 -97.22 35.01
CA THR C 377 2.64 -97.52 34.53
C THR C 377 1.89 -96.21 34.30
N LEU C 378 1.57 -95.93 33.04
CA LEU C 378 0.96 -94.68 32.64
C LEU C 378 -0.50 -94.89 32.28
N GLY C 379 -1.26 -93.80 32.30
CA GLY C 379 -2.68 -93.82 32.02
C GLY C 379 -3.44 -93.00 33.03
N ASN C 380 -4.75 -92.89 32.78
CA ASN C 380 -5.59 -92.06 33.63
C ASN C 380 -5.72 -92.64 35.03
N ASP C 381 -5.72 -93.97 35.17
CA ASP C 381 -5.86 -94.57 36.49
C ASP C 381 -4.66 -94.25 37.38
N SER C 382 -3.46 -94.51 36.88
CA SER C 382 -2.27 -94.19 37.66
C SER C 382 -2.13 -92.68 37.84
N PHE C 383 -2.57 -91.89 36.85
CA PHE C 383 -2.52 -90.45 37.02
C PHE C 383 -3.43 -89.99 38.15
N ASN C 384 -4.63 -90.54 38.24
CA ASN C 384 -5.52 -90.20 39.35
C ASN C 384 -4.92 -90.66 40.68
N ALA C 385 -4.29 -91.83 40.69
CA ALA C 385 -3.64 -92.29 41.91
C ALA C 385 -2.56 -91.30 42.36
N ALA C 386 -1.71 -90.86 41.44
CA ALA C 386 -0.65 -89.92 41.80
C ALA C 386 -1.22 -88.57 42.24
N ALA C 387 -2.24 -88.08 41.53
CA ALA C 387 -2.83 -86.80 41.89
C ALA C 387 -3.46 -86.86 43.27
N TYR C 388 -4.14 -87.97 43.59
CA TYR C 388 -4.70 -88.12 44.93
C TYR C 388 -3.60 -88.20 45.98
N ALA C 389 -2.52 -88.91 45.68
CA ALA C 389 -1.41 -88.96 46.62
C ALA C 389 -0.89 -87.57 46.93
N VAL C 390 -0.79 -86.72 45.92
CA VAL C 390 -0.28 -85.36 46.12
C VAL C 390 -1.28 -84.50 46.89
N LEU C 391 -2.56 -84.56 46.52
CA LEU C 391 -3.54 -83.64 47.10
C LEU C 391 -3.95 -84.04 48.51
N SER C 392 -4.02 -85.34 48.82
CA SER C 392 -4.49 -85.76 50.13
C SER C 392 -3.54 -85.31 51.23
N ASN C 393 -2.24 -85.40 50.99
CA ASN C 393 -1.22 -85.02 51.96
C ASN C 393 -0.66 -83.66 51.57
N LEU C 394 -1.40 -82.61 51.91
CA LEU C 394 -0.95 -81.25 51.61
C LEU C 394 -0.27 -80.58 52.80
N SER C 395 -0.68 -80.91 54.03
CA SER C 395 -0.16 -80.26 55.21
C SER C 395 1.07 -80.95 55.80
N ASN C 396 1.45 -82.11 55.28
CA ASN C 396 2.63 -82.81 55.80
C ASN C 396 3.45 -83.44 54.69
N ASN C 397 3.38 -82.90 53.48
CA ASN C 397 4.17 -83.43 52.38
C ASN C 397 5.64 -83.04 52.55
N ALA C 398 6.52 -84.03 52.43
CA ALA C 398 7.95 -83.80 52.56
C ALA C 398 8.60 -83.35 51.26
N ALA C 399 7.83 -83.25 50.18
CA ALA C 399 8.37 -82.79 48.89
C ALA C 399 8.25 -81.28 48.75
N PHE C 400 7.07 -80.72 49.03
CA PHE C 400 6.88 -79.28 48.92
C PHE C 400 5.65 -78.87 49.71
N ASN C 401 5.73 -77.69 50.32
CA ASN C 401 4.64 -77.13 51.10
C ASN C 401 4.03 -76.00 50.28
N ILE C 402 2.75 -76.12 49.95
CA ILE C 402 2.12 -75.22 48.99
C ILE C 402 1.34 -74.10 49.67
N THR C 403 1.52 -73.89 50.96
CA THR C 403 1.00 -72.71 51.63
C THR C 403 1.99 -71.55 51.59
N ASN C 404 3.09 -71.72 50.87
CA ASN C 404 4.10 -70.67 50.69
C ASN C 404 3.63 -69.74 49.59
N TYR C 405 3.06 -68.60 49.96
CA TYR C 405 2.51 -67.68 48.96
C TYR C 405 3.59 -67.18 48.02
N ALA C 406 4.77 -66.85 48.54
CA ALA C 406 5.79 -66.20 47.74
C ALA C 406 6.47 -67.17 46.78
N ARG C 407 6.51 -68.45 47.11
CA ARG C 407 7.24 -69.43 46.32
C ARG C 407 6.37 -70.18 45.33
N TYR C 408 5.05 -70.18 45.50
CA TYR C 408 4.13 -70.86 44.60
C TYR C 408 3.00 -69.90 44.24
N PRO C 409 3.22 -69.05 43.24
CA PRO C 409 2.25 -68.01 42.90
C PRO C 409 0.98 -68.51 42.21
N PHE C 410 0.74 -69.81 42.11
CA PHE C 410 -0.49 -70.26 41.47
C PHE C 410 -1.70 -69.76 42.25
N ASN C 411 -2.78 -69.47 41.53
CA ASN C 411 -4.02 -69.07 42.18
C ASN C 411 -5.27 -69.70 41.58
N ALA C 412 -5.16 -70.59 40.60
CA ALA C 412 -6.33 -71.20 39.99
C ALA C 412 -6.11 -72.70 39.80
N PHE C 413 -7.17 -73.48 40.04
CA PHE C 413 -7.14 -74.92 39.83
C PHE C 413 -8.40 -75.33 39.10
N TRP C 414 -8.23 -76.01 37.96
CA TRP C 414 -9.35 -76.48 37.14
C TRP C 414 -9.42 -78.00 37.18
N ASP C 415 -10.59 -78.53 37.49
CA ASP C 415 -10.81 -79.97 37.45
C ASP C 415 -10.92 -80.43 36.01
N SER C 416 -9.99 -81.28 35.59
CA SER C 416 -9.94 -81.75 34.21
C SER C 416 -10.62 -83.09 34.01
N GLY C 417 -11.26 -83.64 35.03
CA GLY C 417 -11.94 -84.92 34.90
C GLY C 417 -11.50 -85.96 35.92
N PHE C 418 -11.02 -85.52 37.07
CA PHE C 418 -10.61 -86.46 38.10
C PHE C 418 -11.81 -87.27 38.59
N ASP C 419 -11.54 -88.47 39.06
CA ASP C 419 -12.59 -89.31 39.62
C ASP C 419 -13.15 -88.69 40.89
N LEU C 420 -14.33 -89.15 41.28
CA LEU C 420 -15.04 -88.52 42.39
C LEU C 420 -14.29 -88.61 43.70
N LYS C 421 -13.40 -89.59 43.86
CA LYS C 421 -12.61 -89.65 45.09
C LYS C 421 -11.61 -88.52 45.16
N THR C 422 -10.94 -88.20 44.04
CA THR C 422 -10.00 -87.09 44.02
C THR C 422 -10.73 -85.75 43.98
N LYS C 423 -11.93 -85.71 43.41
CA LYS C 423 -12.67 -84.46 43.35
C LYS C 423 -12.90 -83.86 44.72
N GLN C 424 -12.94 -84.69 45.76
CA GLN C 424 -13.31 -84.22 47.08
C GLN C 424 -12.12 -83.77 47.92
N THR C 425 -10.91 -83.76 47.36
CA THR C 425 -9.75 -83.19 48.02
C THR C 425 -9.36 -81.84 47.46
N ILE C 426 -10.05 -81.35 46.44
CA ILE C 426 -9.75 -80.07 45.82
C ILE C 426 -10.32 -78.91 46.63
N PRO C 427 -11.55 -79.00 47.15
CA PRO C 427 -12.15 -77.83 47.81
C PRO C 427 -11.32 -77.26 48.94
N GLN C 428 -10.45 -78.06 49.54
CA GLN C 428 -9.67 -77.57 50.68
C GLN C 428 -8.61 -76.57 50.29
N LEU C 429 -8.34 -76.38 48.99
CA LEU C 429 -7.38 -75.37 48.58
C LEU C 429 -7.87 -73.97 48.95
N ILE C 430 -9.16 -73.70 48.75
CA ILE C 430 -9.73 -72.42 49.15
C ILE C 430 -9.97 -72.31 50.65
N GLY C 431 -9.59 -73.32 51.42
CA GLY C 431 -9.59 -73.21 52.86
C GLY C 431 -8.19 -73.00 53.38
N LEU C 432 -7.22 -73.62 52.72
CA LEU C 432 -5.82 -73.47 53.11
C LEU C 432 -5.21 -72.16 52.65
N ARG C 433 -5.62 -71.63 51.49
CA ARG C 433 -5.03 -70.42 50.96
C ARG C 433 -6.12 -69.38 50.71
N ALA C 434 -5.76 -68.11 50.89
CA ALA C 434 -6.71 -67.01 50.84
C ALA C 434 -6.74 -66.30 49.48
N ASP C 435 -6.01 -66.78 48.49
CA ASP C 435 -5.94 -66.18 47.17
C ASP C 435 -6.06 -67.23 46.10
N THR C 436 -7.02 -68.14 46.23
CA THR C 436 -7.17 -69.27 45.32
C THR C 436 -8.59 -69.32 44.77
N TRP C 437 -8.71 -69.90 43.58
CA TRP C 437 -9.96 -70.03 42.86
C TRP C 437 -10.01 -71.40 42.22
N ILE C 438 -11.14 -72.09 42.34
CA ILE C 438 -11.27 -73.47 41.89
C ILE C 438 -12.49 -73.61 40.99
N ALA C 439 -12.32 -74.32 39.88
CA ALA C 439 -13.40 -74.71 39.01
C ALA C 439 -13.55 -76.22 39.08
N LEU C 440 -14.77 -76.69 39.37
CA LEU C 440 -15.04 -78.11 39.55
C LEU C 440 -15.91 -78.62 38.40
N SER C 441 -15.85 -79.94 38.20
CA SER C 441 -16.60 -80.62 37.15
C SER C 441 -17.41 -81.73 37.78
N THR C 442 -18.58 -82.02 37.20
CA THR C 442 -19.43 -83.10 37.66
C THR C 442 -19.24 -84.38 36.87
N GLN C 443 -18.23 -84.45 36.01
CA GLN C 443 -18.05 -85.58 35.10
C GLN C 443 -16.69 -86.22 35.33
N ASP C 444 -16.66 -87.55 35.31
CA ASP C 444 -15.43 -88.33 35.35
C ASP C 444 -15.15 -88.83 33.94
N ILE C 445 -14.05 -88.36 33.35
CA ILE C 445 -13.77 -88.64 31.95
C ILE C 445 -13.48 -90.10 31.69
N SER C 446 -13.14 -90.87 32.72
CA SER C 446 -12.86 -92.29 32.55
C SER C 446 -14.13 -93.14 32.54
N SER C 447 -15.29 -92.57 32.83
CA SER C 447 -16.55 -93.29 32.88
C SER C 447 -17.50 -92.78 31.81
N ASP C 448 -18.71 -93.32 31.80
CA ASP C 448 -19.71 -92.94 30.82
C ASP C 448 -20.28 -91.56 31.14
N PHE C 449 -20.78 -90.89 30.10
CA PHE C 449 -21.43 -89.61 30.30
C PHE C 449 -22.62 -89.77 31.24
N ASN C 450 -22.69 -88.90 32.23
CA ASN C 450 -23.67 -89.07 33.30
C ASN C 450 -25.06 -88.63 32.85
N SER C 451 -26.07 -89.22 33.48
CA SER C 451 -27.45 -88.82 33.27
C SER C 451 -27.82 -87.67 34.20
N ASN C 452 -29.07 -87.20 34.07
CA ASN C 452 -29.50 -86.04 34.85
C ASN C 452 -29.44 -86.33 36.34
N GLU C 453 -29.90 -87.52 36.76
CA GLU C 453 -29.92 -87.85 38.17
C GLU C 453 -28.52 -87.97 38.75
N GLU C 454 -27.59 -88.56 37.99
CA GLU C 454 -26.21 -88.63 38.45
C GLU C 454 -25.56 -87.25 38.50
N GLU C 455 -25.85 -86.39 37.51
CA GLU C 455 -25.41 -85.00 37.61
C GLU C 455 -25.89 -84.37 38.91
N GLU C 456 -27.17 -84.56 39.23
CA GLU C 456 -27.73 -83.96 40.43
C GLU C 456 -27.03 -84.49 41.68
N SER C 457 -26.85 -85.80 41.76
CA SER C 457 -26.25 -86.39 42.96
C SER C 457 -24.82 -85.91 43.14
N ILE C 458 -24.03 -85.91 42.06
CA ILE C 458 -22.65 -85.50 42.16
C ILE C 458 -22.56 -84.01 42.50
N ALA C 459 -23.46 -83.20 41.95
CA ALA C 459 -23.49 -81.79 42.29
C ALA C 459 -23.78 -81.59 43.77
N LEU C 460 -24.77 -82.30 44.30
CA LEU C 460 -25.09 -82.16 45.71
C LEU C 460 -23.91 -82.57 46.57
N SER C 461 -23.22 -83.65 46.19
CA SER C 461 -22.06 -84.08 46.96
C SER C 461 -20.97 -83.01 46.95
N LEU C 462 -20.71 -82.41 45.79
CA LEU C 462 -19.70 -81.36 45.70
C LEU C 462 -20.08 -80.15 46.55
N MET C 463 -21.34 -79.73 46.51
CA MET C 463 -21.77 -78.63 47.36
C MET C 463 -21.63 -78.96 48.83
N SER C 464 -21.97 -80.19 49.21
CA SER C 464 -21.83 -80.61 50.61
C SER C 464 -20.39 -80.51 51.04
N ARG C 465 -19.46 -80.95 50.18
CA ARG C 465 -18.04 -80.80 50.50
C ARG C 465 -17.64 -79.35 50.61
N VAL C 466 -18.08 -78.51 49.66
CA VAL C 466 -17.64 -77.13 49.63
C VAL C 466 -18.19 -76.34 50.81
N SER C 467 -19.28 -76.82 51.41
CA SER C 467 -19.86 -76.10 52.53
C SER C 467 -19.02 -76.20 53.79
N ALA C 468 -17.95 -77.00 53.79
CA ALA C 468 -17.12 -77.16 54.97
C ALA C 468 -15.99 -76.14 55.08
N PHE C 469 -15.84 -75.26 54.09
CA PHE C 469 -14.75 -74.28 54.07
C PHE C 469 -15.34 -72.89 53.83
N PRO C 470 -15.97 -72.30 54.84
CA PRO C 470 -16.54 -70.96 54.67
C PRO C 470 -15.45 -69.95 54.37
N ASP C 471 -15.83 -68.90 53.63
CA ASP C 471 -14.87 -67.86 53.27
C ASP C 471 -14.25 -67.25 54.52
N SER C 472 -15.09 -66.86 55.47
CA SER C 472 -14.65 -66.33 56.75
C SER C 472 -15.11 -67.30 57.83
N SER C 473 -14.15 -67.94 58.50
CA SER C 473 -14.52 -68.89 59.55
C SER C 473 -15.07 -68.19 60.78
N ASP C 474 -14.63 -66.95 61.02
CA ASP C 474 -15.13 -66.21 62.18
C ASP C 474 -16.62 -65.93 62.06
N PHE C 475 -17.06 -65.41 60.92
CA PHE C 475 -18.45 -65.03 60.70
C PHE C 475 -19.21 -65.98 59.79
N GLY C 476 -18.60 -67.10 59.39
CA GLY C 476 -19.32 -68.12 58.65
C GLY C 476 -19.84 -67.68 57.29
N THR C 477 -19.07 -66.89 56.55
CA THR C 477 -19.47 -66.52 55.21
C THR C 477 -19.35 -67.71 54.29
N PRO C 478 -20.36 -68.02 53.47
CA PRO C 478 -20.20 -69.08 52.48
C PRO C 478 -19.08 -68.77 51.50
N ALA C 479 -18.43 -69.83 51.02
CA ALA C 479 -17.34 -69.65 50.07
C ALA C 479 -17.88 -69.22 48.71
N PHE C 480 -17.10 -68.42 48.00
CA PHE C 480 -17.51 -67.93 46.69
C PHE C 480 -16.40 -67.92 45.64
N ARG C 481 -15.18 -68.36 45.97
CA ARG C 481 -14.06 -68.31 45.03
C ARG C 481 -14.01 -69.60 44.22
N GLY C 482 -14.82 -69.64 43.18
CA GLY C 482 -14.80 -70.75 42.25
C GLY C 482 -16.15 -70.93 41.59
N MET C 483 -16.30 -72.07 40.91
CA MET C 483 -17.58 -72.42 40.30
C MET C 483 -17.62 -73.91 40.00
N ILE C 484 -18.80 -74.39 39.63
CA ILE C 484 -19.01 -75.77 39.21
C ILE C 484 -19.63 -75.74 37.82
N VAL C 485 -19.06 -76.53 36.90
CA VAL C 485 -19.51 -76.58 35.51
C VAL C 485 -19.86 -78.02 35.17
N GLY C 486 -21.02 -78.23 34.58
CA GLY C 486 -21.53 -79.56 34.25
C GLY C 486 -21.61 -79.77 32.75
N GLY C 487 -21.35 -81.00 32.32
CA GLY C 487 -21.42 -81.37 30.93
C GLY C 487 -20.10 -81.95 30.43
N ALA C 488 -20.17 -82.55 29.24
CA ALA C 488 -19.00 -83.13 28.61
C ALA C 488 -19.26 -83.28 27.12
N GLY C 489 -18.18 -83.43 26.36
CA GLY C 489 -18.26 -83.58 24.93
C GLY C 489 -17.00 -84.20 24.39
N TYR C 490 -16.62 -83.81 23.17
CA TYR C 490 -15.43 -84.32 22.51
C TYR C 490 -14.55 -83.17 22.03
N TYR C 491 -13.24 -83.35 22.16
CA TYR C 491 -12.29 -82.31 21.82
C TYR C 491 -12.23 -82.14 20.30
N THR C 492 -12.30 -80.89 19.83
CA THR C 492 -12.43 -80.62 18.41
C THR C 492 -11.13 -80.34 17.70
N GLU C 493 -10.03 -80.10 18.43
CA GLU C 493 -8.77 -79.74 17.80
C GLU C 493 -7.93 -80.96 17.44
N THR C 494 -8.54 -82.12 17.30
CA THR C 494 -7.81 -83.34 17.01
C THR C 494 -8.69 -84.28 16.21
N THR C 495 -8.05 -85.21 15.48
CA THR C 495 -8.79 -86.20 14.72
C THR C 495 -9.34 -87.32 15.58
N ARG C 496 -8.61 -87.70 16.64
CA ARG C 496 -9.04 -88.79 17.50
C ARG C 496 -10.36 -88.45 18.19
N LYS C 497 -10.94 -89.45 18.83
CA LYS C 497 -12.12 -89.26 19.68
C LYS C 497 -11.64 -89.17 21.12
N LEU C 498 -11.70 -87.97 21.69
CA LEU C 498 -11.08 -87.69 22.99
C LEU C 498 -12.06 -86.92 23.86
N PRO C 499 -12.79 -87.58 24.76
CA PRO C 499 -13.75 -86.85 25.60
C PRO C 499 -13.08 -85.84 26.50
N VAL C 500 -13.76 -84.71 26.70
CA VAL C 500 -13.27 -83.63 27.56
C VAL C 500 -14.45 -82.94 28.22
N PRO C 501 -14.32 -82.38 29.41
CA PRO C 501 -15.42 -81.66 30.02
C PRO C 501 -15.40 -80.17 29.69
N LEU C 502 -16.55 -79.52 29.89
CA LEU C 502 -16.69 -78.13 29.52
C LEU C 502 -15.80 -77.21 30.33
N THR C 503 -15.22 -77.69 31.43
CA THR C 503 -14.21 -76.91 32.12
C THR C 503 -13.06 -76.58 31.18
N LEU C 504 -12.81 -77.42 30.17
CA LEU C 504 -11.75 -77.10 29.21
C LEU C 504 -12.09 -75.84 28.42
N ASP C 505 -13.33 -75.75 27.95
CA ASP C 505 -13.74 -74.57 27.19
C ASP C 505 -13.67 -73.33 28.06
N ARG C 506 -14.17 -73.42 29.30
CA ARG C 506 -14.08 -72.26 30.18
C ARG C 506 -12.63 -71.91 30.48
N PHE C 507 -11.76 -72.91 30.59
CA PHE C 507 -10.36 -72.66 30.86
C PHE C 507 -9.73 -71.87 29.72
N ARG C 508 -10.04 -72.26 28.48
CA ARG C 508 -9.52 -71.51 27.34
C ARG C 508 -10.03 -70.07 27.34
N ALA C 509 -11.32 -69.90 27.62
CA ALA C 509 -11.88 -68.55 27.65
C ALA C 509 -11.16 -67.69 28.69
N TYR C 510 -10.98 -68.21 29.90
CA TYR C 510 -10.32 -67.45 30.95
C TYR C 510 -8.87 -67.18 30.64
N CYS C 511 -8.18 -68.14 30.03
CA CYS C 511 -6.78 -67.93 29.66
C CYS C 511 -6.66 -66.78 28.67
N ARG C 512 -7.54 -66.73 27.67
CA ARG C 512 -7.50 -65.63 26.71
C ARG C 512 -7.86 -64.31 27.36
N TYR C 513 -8.85 -64.31 28.26
CA TYR C 513 -9.30 -63.06 28.87
C TYR C 513 -8.27 -62.48 29.83
N ALA C 514 -7.94 -63.24 30.88
CA ALA C 514 -7.23 -62.71 32.04
C ALA C 514 -5.85 -63.32 32.22
N GLY C 515 -5.08 -63.48 31.16
CA GLY C 515 -3.77 -64.09 31.27
C GLY C 515 -2.64 -63.25 30.72
N ALA C 516 -2.95 -62.02 30.31
CA ALA C 516 -1.93 -61.16 29.72
C ALA C 516 -0.79 -60.94 30.70
N SER C 517 0.44 -61.01 30.20
CA SER C 517 1.61 -60.92 31.05
C SER C 517 1.74 -59.55 31.70
N ASP C 518 1.01 -58.54 31.22
CA ASP C 518 1.08 -57.21 31.80
C ASP C 518 0.11 -57.00 32.96
N GLY C 519 -0.68 -58.01 33.31
CA GLY C 519 -1.50 -57.93 34.50
C GLY C 519 -2.71 -57.02 34.40
N VAL C 520 -3.30 -56.90 33.22
CA VAL C 520 -4.51 -56.09 33.02
C VAL C 520 -5.46 -56.89 32.14
N LEU C 521 -6.74 -56.92 32.50
CA LEU C 521 -7.73 -57.66 31.73
C LEU C 521 -7.88 -57.06 30.35
N LYS C 522 -8.09 -57.92 29.34
CA LYS C 522 -8.24 -57.49 27.96
C LYS C 522 -9.71 -57.26 27.62
N PRO C 523 -10.12 -56.05 27.22
CA PRO C 523 -11.54 -55.82 26.91
C PRO C 523 -12.02 -56.54 25.67
N GLU C 524 -11.13 -57.00 24.80
CA GLU C 524 -11.54 -57.65 23.56
C GLU C 524 -11.87 -59.12 23.72
N TYR C 525 -11.74 -59.67 24.93
CA TYR C 525 -12.01 -61.08 25.16
C TYR C 525 -13.00 -61.30 26.30
N ALA C 526 -13.81 -60.31 26.63
CA ALA C 526 -14.76 -60.42 27.72
C ALA C 526 -15.45 -61.78 27.70
N VAL C 527 -15.42 -62.47 28.84
CA VAL C 527 -15.86 -63.86 28.90
C VAL C 527 -17.37 -64.02 28.82
N ASP C 528 -18.12 -62.93 28.74
CA ASP C 528 -19.56 -63.03 28.63
C ASP C 528 -20.12 -62.03 27.62
N GLU C 529 -19.33 -61.73 26.59
CA GLU C 529 -19.76 -60.85 25.51
C GLU C 529 -19.21 -61.36 24.19
N GLY C 530 -19.88 -61.02 23.11
CA GLY C 530 -19.38 -61.38 21.80
C GLY C 530 -19.35 -62.87 21.59
N ASP C 531 -18.22 -63.36 21.08
CA ASP C 531 -18.06 -64.77 20.74
C ASP C 531 -17.39 -65.57 21.85
N ALA C 532 -17.08 -64.95 22.98
CA ALA C 532 -16.50 -65.68 24.10
C ALA C 532 -17.55 -66.35 24.97
N ARG C 533 -18.82 -66.02 24.78
CA ARG C 533 -19.89 -66.65 25.54
C ARG C 533 -20.42 -67.91 24.89
N LYS C 534 -19.86 -68.32 23.75
CA LYS C 534 -20.22 -69.56 23.08
C LYS C 534 -19.14 -70.62 23.29
N VAL C 535 -19.54 -71.88 23.16
CA VAL C 535 -18.60 -72.98 23.22
C VAL C 535 -17.77 -73.01 21.94
N GLN C 536 -16.50 -73.35 22.07
CA GLN C 536 -15.58 -73.27 20.94
C GLN C 536 -14.66 -74.48 20.76
N VAL C 537 -14.42 -75.28 21.79
CA VAL C 537 -13.53 -76.43 21.66
C VAL C 537 -14.19 -77.71 22.18
N VAL C 538 -15.51 -77.81 22.12
CA VAL C 538 -16.23 -79.01 22.53
C VAL C 538 -17.40 -79.21 21.60
N LYS C 539 -17.73 -80.48 21.32
CA LYS C 539 -18.80 -80.82 20.42
C LYS C 539 -19.53 -82.05 20.93
N SER C 540 -20.74 -82.27 20.42
CA SER C 540 -21.55 -83.42 20.80
C SER C 540 -21.82 -83.45 22.30
N ILE C 541 -22.17 -82.29 22.85
CA ILE C 541 -22.47 -82.23 24.28
C ILE C 541 -23.71 -83.06 24.57
N ASN C 542 -23.84 -83.51 25.80
CA ASN C 542 -24.87 -84.45 26.21
C ASN C 542 -25.96 -83.76 27.02
N ASN C 543 -27.10 -84.45 27.13
CA ASN C 543 -28.22 -84.00 27.96
C ASN C 543 -28.67 -82.61 27.57
N LEU C 544 -28.61 -82.29 26.28
CA LEU C 544 -29.03 -80.97 25.84
C LEU C 544 -30.54 -80.81 25.84
N ASP C 545 -31.29 -81.89 25.90
CA ASP C 545 -32.75 -81.83 25.99
C ASP C 545 -33.22 -81.92 27.45
N LYS C 546 -32.69 -81.07 28.32
CA LYS C 546 -33.15 -81.08 29.70
C LYS C 546 -34.61 -80.63 29.78
N SER C 547 -35.29 -81.05 30.84
CA SER C 547 -36.60 -80.51 31.11
C SER C 547 -36.47 -79.14 31.78
N TRP C 548 -37.53 -78.35 31.68
CA TRP C 548 -37.54 -77.06 32.34
C TRP C 548 -37.33 -77.22 33.83
N ARG C 549 -37.91 -78.26 34.41
CA ARG C 549 -37.73 -78.51 35.85
C ARG C 549 -36.28 -78.84 36.17
N VAL C 550 -35.63 -79.64 35.32
CA VAL C 550 -34.23 -79.98 35.55
C VAL C 550 -33.37 -78.73 35.48
N ARG C 551 -33.62 -77.87 34.49
CA ARG C 551 -32.86 -76.64 34.38
C ARG C 551 -33.09 -75.73 35.58
N ARG C 552 -34.33 -75.66 36.05
CA ARG C 552 -34.63 -74.85 37.21
C ARG C 552 -33.90 -75.36 38.44
N ALA C 553 -33.87 -76.68 38.62
CA ALA C 553 -33.17 -77.26 39.76
C ALA C 553 -31.68 -76.95 39.69
N GLN C 554 -31.07 -77.11 38.51
CA GLN C 554 -29.65 -76.83 38.39
C GLN C 554 -29.34 -75.37 38.66
N TRP C 555 -30.15 -74.46 38.13
CA TRP C 555 -29.92 -73.04 38.39
C TRP C 555 -30.02 -72.76 39.88
N ASN C 556 -31.02 -73.31 40.55
CA ASN C 556 -31.17 -73.08 41.97
C ASN C 556 -30.04 -73.71 42.78
N ASN C 557 -29.40 -74.76 42.26
CA ASN C 557 -28.25 -75.36 42.92
C ASN C 557 -26.93 -74.74 42.47
N ASN C 558 -26.96 -73.72 41.62
CA ASN C 558 -25.79 -72.90 41.30
C ASN C 558 -24.82 -73.60 40.35
N LEU C 559 -25.31 -74.44 39.46
CA LEU C 559 -24.46 -75.03 38.45
C LEU C 559 -24.38 -74.14 37.22
N VAL C 560 -23.33 -74.33 36.44
CA VAL C 560 -23.15 -73.65 35.16
C VAL C 560 -23.33 -74.66 34.05
N TYR C 561 -24.27 -74.39 33.14
CA TYR C 561 -24.60 -75.31 32.06
C TYR C 561 -24.80 -74.51 30.78
N VAL C 562 -24.76 -75.21 29.65
CA VAL C 562 -24.87 -74.59 28.34
C VAL C 562 -26.24 -74.89 27.77
N GLU C 563 -26.67 -74.04 26.84
CA GLU C 563 -27.89 -74.23 26.07
C GLU C 563 -27.56 -74.12 24.59
N ASP C 564 -28.52 -74.47 23.76
CA ASP C 564 -28.33 -74.35 22.32
C ASP C 564 -28.48 -72.90 21.88
N TYR C 565 -27.44 -72.37 21.25
CA TYR C 565 -27.55 -71.07 20.59
C TYR C 565 -28.36 -71.21 19.32
N ASP C 566 -28.09 -72.23 18.53
CA ASP C 566 -28.83 -72.55 17.32
C ASP C 566 -28.55 -74.00 16.96
N THR C 567 -28.88 -74.38 15.73
CA THR C 567 -28.73 -75.77 15.32
C THR C 567 -27.30 -76.26 15.41
N ASN C 568 -26.31 -75.36 15.43
CA ASN C 568 -24.91 -75.75 15.36
C ASN C 568 -24.12 -75.53 16.64
N SER C 569 -24.56 -74.66 17.55
CA SER C 569 -23.68 -74.19 18.60
C SER C 569 -24.45 -73.94 19.88
N GLN C 570 -23.70 -73.86 20.99
CA GLN C 570 -24.23 -73.65 22.33
C GLN C 570 -23.68 -72.37 22.91
N PHE C 571 -24.25 -71.94 24.04
CA PHE C 571 -23.78 -70.74 24.71
C PHE C 571 -24.11 -70.84 26.20
N TYR C 572 -23.56 -69.89 26.98
CA TYR C 572 -23.77 -69.87 28.41
C TYR C 572 -24.80 -68.80 28.76
N PRO C 573 -26.02 -69.18 29.15
CA PRO C 573 -27.00 -68.15 29.55
C PRO C 573 -26.53 -67.29 30.71
N GLY C 574 -25.77 -67.85 31.64
CA GLY C 574 -25.28 -67.09 32.78
C GLY C 574 -24.22 -67.86 33.53
N GLN C 575 -23.09 -67.22 33.81
CA GLN C 575 -21.95 -67.89 34.42
C GLN C 575 -21.77 -67.42 35.85
N GLN C 576 -22.40 -68.15 36.76
CA GLN C 576 -22.44 -67.78 38.17
C GLN C 576 -21.53 -68.66 39.01
N SER C 577 -21.08 -68.11 40.14
CA SER C 577 -20.26 -68.86 41.07
C SER C 577 -21.15 -69.72 41.98
N PHE C 578 -20.51 -70.48 42.85
CA PHE C 578 -21.24 -71.33 43.79
C PHE C 578 -21.52 -70.64 45.12
N TYR C 579 -21.64 -69.32 45.13
CA TYR C 579 -22.13 -68.64 46.32
C TYR C 579 -23.60 -68.99 46.52
N SER C 580 -23.97 -69.37 47.74
CA SER C 580 -25.29 -69.92 48.01
C SER C 580 -26.28 -68.91 48.57
N GLU C 581 -25.85 -67.71 48.93
CA GLU C 581 -26.75 -66.74 49.53
C GLU C 581 -27.35 -65.84 48.46
N GLN C 582 -28.14 -64.86 48.91
CA GLN C 582 -28.90 -64.00 48.00
C GLN C 582 -28.17 -62.74 47.58
N GLY C 583 -26.97 -62.49 48.10
CA GLY C 583 -26.24 -61.31 47.71
C GLY C 583 -25.98 -61.24 46.21
N SER C 584 -26.26 -60.08 45.61
CA SER C 584 -26.04 -59.87 44.19
C SER C 584 -24.65 -59.35 43.86
N VAL C 585 -23.84 -59.03 44.87
CA VAL C 585 -22.46 -58.62 44.61
C VAL C 585 -21.63 -59.80 44.16
N LEU C 586 -21.81 -60.95 44.80
CA LEU C 586 -20.95 -62.11 44.63
C LEU C 586 -21.53 -63.12 43.66
N LYS C 587 -22.27 -62.68 42.64
CA LYS C 587 -22.97 -63.62 41.77
C LYS C 587 -22.15 -64.01 40.56
N ALA C 588 -21.36 -63.11 40.01
CA ALA C 588 -20.53 -63.43 38.85
C ALA C 588 -19.29 -64.17 39.31
N ALA C 589 -18.83 -65.13 38.50
CA ALA C 589 -17.68 -65.93 38.89
C ALA C 589 -16.36 -65.16 38.73
N ILE C 590 -16.32 -64.20 37.82
CA ILE C 590 -15.09 -63.43 37.60
C ILE C 590 -14.73 -62.62 38.84
N VAL C 591 -15.74 -62.22 39.62
CA VAL C 591 -15.47 -61.40 40.81
C VAL C 591 -14.66 -62.19 41.82
N GLY C 592 -14.80 -63.51 41.85
CA GLY C 592 -13.97 -64.31 42.74
C GLY C 592 -12.51 -64.19 42.40
N LEU C 593 -12.16 -64.25 41.12
CA LEU C 593 -10.77 -64.06 40.71
C LEU C 593 -10.30 -62.65 41.06
N CYS C 594 -11.17 -61.66 40.88
CA CYS C 594 -10.80 -60.30 41.23
C CYS C 594 -10.47 -60.17 42.72
N VAL C 595 -11.28 -60.80 43.57
CA VAL C 595 -11.03 -60.72 45.01
C VAL C 595 -9.76 -61.48 45.39
N ALA C 596 -9.51 -62.60 44.74
CA ALA C 596 -8.25 -63.31 44.98
C ALA C 596 -7.05 -62.43 44.66
N ASN C 597 -7.14 -61.65 43.58
CA ASN C 597 -6.05 -60.76 43.23
C ASN C 597 -5.87 -59.63 44.24
N LEU C 598 -6.99 -59.11 44.76
CA LEU C 598 -6.88 -58.13 45.83
C LEU C 598 -6.16 -58.71 47.05
N ASN C 599 -6.51 -59.95 47.42
CA ASN C 599 -5.83 -60.60 48.52
C ASN C 599 -4.33 -60.70 48.27
N ARG C 600 -3.95 -61.03 47.03
CA ARG C 600 -2.52 -61.10 46.71
C ARG C 600 -1.85 -59.74 46.88
N PHE C 601 -2.50 -58.67 46.42
CA PHE C 601 -1.90 -57.34 46.57
C PHE C 601 -1.61 -57.04 48.04
N ALA C 602 -2.53 -57.43 48.93
CA ALA C 602 -2.30 -57.21 50.35
C ALA C 602 -1.03 -57.92 50.83
N PHE C 603 -0.84 -59.17 50.40
CA PHE C 603 0.36 -59.91 50.78
C PHE C 603 1.60 -59.16 50.32
N GLU C 604 1.57 -58.64 49.09
CA GLU C 604 2.74 -57.92 48.58
C GLU C 604 3.04 -56.71 49.44
N ALA C 605 2.01 -55.96 49.84
CA ALA C 605 2.24 -54.78 50.67
C ALA C 605 2.92 -55.17 51.98
N TRP C 606 2.41 -56.21 52.64
CA TRP C 606 3.09 -56.68 53.86
C TRP C 606 4.54 -57.03 53.56
N ARG C 607 4.76 -57.86 52.54
CA ARG C 607 6.10 -58.32 52.22
C ARG C 607 7.06 -57.15 52.10
N ASP C 608 6.60 -56.06 51.49
CA ASP C 608 7.49 -54.92 51.30
C ASP C 608 7.69 -54.11 52.59
N LEU C 609 6.70 -54.08 53.48
CA LEU C 609 6.79 -53.21 54.64
C LEU C 609 7.34 -53.88 55.90
N THR C 610 7.35 -55.20 55.98
CA THR C 610 7.68 -55.88 57.22
C THR C 610 9.10 -55.59 57.70
N GLY C 611 9.24 -55.39 59.00
CA GLY C 611 10.52 -55.47 59.66
C GLY C 611 11.46 -54.31 59.48
N THR C 612 10.95 -53.09 59.34
CA THR C 612 11.77 -51.91 59.13
C THR C 612 11.93 -51.16 60.45
N GLN C 613 13.17 -50.81 60.78
CA GLN C 613 13.48 -50.22 62.07
C GLN C 613 13.04 -48.76 62.14
N LYS C 614 13.27 -47.99 61.08
CA LYS C 614 13.17 -46.53 61.13
C LYS C 614 11.82 -45.99 60.68
N LEU C 615 10.84 -46.85 60.40
CA LEU C 615 9.53 -46.38 60.01
C LEU C 615 8.81 -45.75 61.20
N THR C 616 7.80 -44.95 60.90
CA THR C 616 6.84 -44.51 61.88
C THR C 616 5.48 -45.11 61.58
N ASP C 617 4.57 -45.01 62.54
CA ASP C 617 3.24 -45.59 62.36
C ASP C 617 2.50 -44.93 61.21
N ASP C 618 2.58 -43.61 61.10
CA ASP C 618 1.89 -42.92 60.02
C ASP C 618 2.46 -43.30 58.66
N GLN C 619 3.79 -43.39 58.55
CA GLN C 619 4.39 -43.81 57.29
C GLN C 619 4.00 -45.23 56.93
N LEU C 620 4.00 -46.14 57.91
CA LEU C 620 3.58 -47.53 57.67
C LEU C 620 2.15 -47.57 57.15
N ILE C 621 1.24 -46.89 57.84
CA ILE C 621 -0.17 -46.89 57.47
C ILE C 621 -0.34 -46.32 56.06
N GLU C 622 0.31 -45.20 55.78
CA GLU C 622 0.15 -44.55 54.49
C GLU C 622 0.72 -45.42 53.37
N ARG C 623 1.88 -46.02 53.58
CA ARG C 623 2.53 -46.81 52.55
C ARG C 623 1.75 -48.07 52.22
N SER C 624 1.12 -48.71 53.21
CA SER C 624 0.34 -49.90 52.90
C SER C 624 -0.77 -49.60 51.89
N ASP C 625 -1.58 -48.57 52.18
CA ASP C 625 -2.65 -48.21 51.26
C ASP C 625 -2.11 -47.74 49.93
N ASP C 626 -1.03 -46.95 49.94
CA ASP C 626 -0.44 -46.53 48.68
C ASP C 626 -0.13 -47.73 47.81
N ALA C 627 0.54 -48.73 48.39
CA ALA C 627 0.94 -49.90 47.60
C ALA C 627 -0.27 -50.61 47.04
N VAL C 628 -1.27 -50.88 47.87
CA VAL C 628 -2.42 -51.65 47.39
C VAL C 628 -3.14 -50.90 46.28
N SER C 629 -3.38 -49.60 46.48
CA SER C 629 -4.11 -48.83 45.49
C SER C 629 -3.34 -48.75 44.18
N THR C 630 -2.04 -48.46 44.26
CA THR C 630 -1.24 -48.36 43.03
C THR C 630 -1.25 -49.68 42.28
N ARG C 631 -1.09 -50.80 42.99
CA ARG C 631 -1.05 -52.09 42.32
C ARG C 631 -2.38 -52.43 41.68
N GLY C 632 -3.49 -52.14 42.36
CA GLY C 632 -4.78 -52.59 41.90
C GLY C 632 -5.45 -51.71 40.87
N THR C 633 -5.24 -50.40 40.93
CA THR C 633 -6.02 -49.49 40.11
C THR C 633 -5.78 -49.76 38.63
N GLY C 634 -6.85 -49.81 37.85
CA GLY C 634 -6.78 -49.96 36.42
C GLY C 634 -6.58 -51.36 35.91
N ALA C 635 -6.74 -52.38 36.75
CA ALA C 635 -6.46 -53.76 36.37
C ALA C 635 -7.71 -54.58 36.11
N PHE C 636 -8.86 -54.20 36.68
CA PHE C 636 -10.03 -55.07 36.71
C PHE C 636 -11.11 -54.67 35.71
N ASP C 637 -10.77 -53.90 34.68
CA ASP C 637 -11.64 -53.73 33.52
C ASP C 637 -13.07 -53.36 33.91
N ASP C 638 -13.23 -52.70 35.06
CA ASP C 638 -14.52 -52.19 35.51
C ASP C 638 -15.45 -53.25 36.05
N ARG C 639 -14.91 -54.38 36.51
CA ARG C 639 -15.74 -55.40 37.14
C ARG C 639 -15.95 -55.10 38.63
N LEU C 640 -14.97 -54.47 39.28
CA LEU C 640 -15.00 -54.15 40.69
C LEU C 640 -14.76 -52.66 40.88
N ILE C 641 -15.10 -52.17 42.07
CA ILE C 641 -14.52 -50.93 42.60
C ILE C 641 -14.12 -51.18 44.04
N PHE C 642 -12.86 -50.86 44.38
CA PHE C 642 -12.30 -51.20 45.67
C PHE C 642 -11.62 -49.99 46.29
N THR C 643 -11.36 -50.09 47.60
CA THR C 643 -10.71 -49.03 48.37
C THR C 643 -10.06 -49.60 49.62
N PRO C 644 -8.76 -49.35 49.87
CA PRO C 644 -8.15 -49.85 51.10
C PRO C 644 -8.12 -48.85 52.24
N HIS C 645 -8.00 -49.34 53.48
CA HIS C 645 -7.88 -48.47 54.65
C HIS C 645 -6.97 -49.18 55.65
N SER C 646 -5.84 -48.56 55.97
CA SER C 646 -4.92 -49.08 56.98
C SER C 646 -4.99 -48.22 58.23
N GLU C 647 -4.72 -48.83 59.37
CA GLU C 647 -4.69 -48.09 60.64
C GLU C 647 -4.08 -48.98 61.72
N ILE C 648 -4.15 -48.48 62.95
CA ILE C 648 -3.59 -49.13 64.14
C ILE C 648 -4.68 -49.07 65.21
N THR C 649 -5.36 -50.18 65.44
CA THR C 649 -6.49 -50.21 66.34
C THR C 649 -6.01 -50.28 67.79
N GLN C 650 -6.95 -50.37 68.73
CA GLN C 650 -6.59 -50.46 70.14
C GLN C 650 -5.84 -51.75 70.45
N ALA C 651 -6.26 -52.87 69.86
CA ALA C 651 -5.52 -54.11 70.04
C ALA C 651 -4.12 -54.01 69.47
N ASP C 652 -3.97 -53.32 68.34
CA ASP C 652 -2.65 -53.09 67.77
C ASP C 652 -1.79 -52.22 68.68
N LYS C 653 -2.39 -51.22 69.32
CA LYS C 653 -1.65 -50.44 70.32
C LYS C 653 -1.20 -51.32 71.46
N GLU C 654 -2.08 -52.19 71.95
CA GLU C 654 -1.72 -53.08 73.04
C GLU C 654 -0.54 -53.96 72.66
N ARG C 655 -0.61 -54.57 71.47
CA ARG C 655 0.42 -55.52 71.07
C ARG C 655 1.74 -54.81 70.77
N GLY C 656 1.73 -53.86 69.86
CA GLY C 656 2.91 -53.06 69.57
C GLY C 656 3.76 -53.53 68.41
N TYR C 657 3.30 -54.50 67.63
CA TYR C 657 4.07 -54.96 66.47
C TYR C 657 3.19 -55.25 65.27
N SER C 658 1.95 -54.74 65.24
CA SER C 658 1.00 -55.10 64.21
C SER C 658 0.21 -53.88 63.77
N TRP C 659 -0.23 -53.91 62.52
CA TRP C 659 -1.11 -52.89 61.96
C TRP C 659 -2.16 -53.59 61.10
N SER C 660 -3.30 -52.93 60.91
CA SER C 660 -4.45 -53.57 60.27
C SER C 660 -4.76 -52.90 58.94
N MET C 661 -5.23 -53.71 57.99
CA MET C 661 -5.77 -53.23 56.73
C MET C 661 -7.18 -53.76 56.55
N ARG C 662 -7.97 -53.06 55.76
CA ARG C 662 -9.33 -53.46 55.47
C ARG C 662 -9.73 -52.88 54.12
N ILE C 663 -10.15 -53.73 53.20
CA ILE C 663 -10.50 -53.31 51.84
C ILE C 663 -12.00 -53.43 51.67
N ASP C 664 -12.60 -52.42 51.05
CA ASP C 664 -14.02 -52.39 50.74
C ASP C 664 -14.19 -52.49 49.24
N PHE C 665 -15.02 -53.41 48.76
CA PHE C 665 -15.20 -53.59 47.33
C PHE C 665 -16.68 -53.74 46.99
N GLY C 666 -17.00 -53.44 45.74
CA GLY C 666 -18.37 -53.51 45.26
C GLY C 666 -18.44 -53.94 43.81
N ALA C 667 -19.50 -54.69 43.48
CA ALA C 667 -19.69 -55.27 42.15
C ALA C 667 -21.19 -55.34 41.84
N ASN C 668 -21.51 -55.93 40.69
CA ASN C 668 -22.86 -56.00 40.13
C ASN C 668 -23.26 -57.44 39.86
N ALA C 669 -24.44 -57.59 39.25
CA ALA C 669 -24.91 -58.84 38.67
C ALA C 669 -25.62 -58.55 37.36
N PHE C 670 -26.36 -59.52 36.83
CA PHE C 670 -26.97 -59.40 35.51
C PHE C 670 -28.43 -59.79 35.53
N ARG C 671 -29.18 -59.27 34.56
CA ARG C 671 -30.58 -59.64 34.34
C ARG C 671 -30.64 -60.80 33.36
N THR C 672 -31.65 -61.66 33.51
CA THR C 672 -31.69 -62.90 32.74
C THR C 672 -33.07 -63.31 32.23
N VAL C 673 -34.12 -62.51 32.40
CA VAL C 673 -35.48 -62.93 32.07
C VAL C 673 -36.14 -61.86 31.20
N MET C 674 -36.93 -62.31 30.22
CA MET C 674 -37.67 -61.41 29.34
C MET C 674 -39.15 -61.76 29.35
N ASP C 675 -39.98 -60.73 29.26
CA ASP C 675 -41.40 -60.89 29.03
C ASP C 675 -41.75 -60.40 27.63
N MET C 676 -42.68 -61.11 27.00
CA MET C 676 -43.03 -60.82 25.62
C MET C 676 -44.55 -60.78 25.51
N SER C 677 -45.05 -59.81 24.75
CA SER C 677 -46.49 -59.61 24.61
C SER C 677 -46.75 -58.86 23.32
N SER C 678 -48.03 -58.78 22.96
CA SER C 678 -48.40 -58.13 21.72
C SER C 678 -49.84 -57.62 21.82
N VAL C 679 -50.18 -56.71 20.91
CA VAL C 679 -51.55 -56.22 20.77
C VAL C 679 -51.83 -56.03 19.29
N ALA C 680 -53.09 -56.25 18.90
CA ALA C 680 -53.50 -56.16 17.52
C ALA C 680 -54.23 -54.85 17.29
N TYR C 681 -53.77 -54.08 16.31
CA TYR C 681 -54.38 -52.83 15.93
C TYR C 681 -54.80 -52.88 14.46
N THR C 682 -55.79 -52.08 14.11
CA THR C 682 -56.05 -51.91 12.69
C THR C 682 -54.99 -50.99 12.10
N ARG C 683 -54.81 -51.11 10.78
CA ARG C 683 -53.70 -50.44 10.14
C ARG C 683 -53.76 -48.93 10.33
N GLU C 684 -54.96 -48.36 10.21
CA GLU C 684 -55.09 -46.91 10.28
C GLU C 684 -54.78 -46.38 11.68
N GLU C 685 -55.36 -47.00 12.72
CA GLU C 685 -55.12 -46.50 14.06
C GLU C 685 -53.73 -46.84 14.57
N LEU C 686 -53.03 -47.79 13.93
CA LEU C 686 -51.63 -48.01 14.25
C LEU C 686 -50.71 -47.05 13.50
N ALA C 687 -51.07 -46.67 12.28
CA ALA C 687 -50.25 -45.73 11.52
C ALA C 687 -50.42 -44.29 12.01
N ASN C 688 -51.59 -43.94 12.54
CA ASN C 688 -51.85 -42.57 12.94
C ASN C 688 -53.01 -42.55 13.94
N GLY C 689 -52.71 -42.21 15.19
CA GLY C 689 -53.73 -42.13 16.22
C GLY C 689 -53.85 -43.38 17.06
N MET D 1 78.19 -16.82 -39.00
CA MET D 1 78.60 -18.26 -38.87
C MET D 1 79.76 -18.43 -37.90
N SER D 2 80.82 -17.66 -38.14
CA SER D 2 82.09 -17.89 -37.47
C SER D 2 82.36 -16.96 -36.29
N GLU D 3 82.24 -15.66 -36.48
CA GLU D 3 82.66 -14.69 -35.48
C GLU D 3 81.79 -14.77 -34.24
N GLN D 4 82.38 -14.41 -33.10
CA GLN D 4 81.75 -14.53 -31.80
C GLN D 4 81.35 -13.15 -31.28
N ILE D 5 80.73 -13.13 -30.10
CA ILE D 5 80.25 -11.89 -29.52
C ILE D 5 81.42 -11.18 -28.85
N THR D 6 82.11 -10.33 -29.61
CA THR D 6 83.27 -9.62 -29.07
C THR D 6 82.86 -8.46 -28.17
N GLY D 7 81.80 -7.73 -28.52
CA GLY D 7 81.44 -6.56 -27.77
C GLY D 7 80.02 -6.14 -28.06
N SER D 8 79.75 -4.84 -27.86
CA SER D 8 78.39 -4.34 -27.89
C SER D 8 77.96 -3.84 -29.26
N THR D 9 78.75 -4.03 -30.30
CA THR D 9 78.42 -3.48 -31.60
C THR D 9 77.06 -4.01 -32.05
N PRO D 10 76.14 -3.15 -32.52
CA PRO D 10 74.83 -3.64 -32.95
C PRO D 10 74.93 -4.69 -34.04
N ARG D 11 74.40 -5.88 -33.78
CA ARG D 11 74.66 -7.02 -34.65
C ARG D 11 73.81 -8.19 -34.18
N ILE D 12 73.46 -9.06 -35.13
CA ILE D 12 72.70 -10.29 -34.84
C ILE D 12 73.58 -11.47 -35.23
N TYR D 13 73.75 -12.41 -34.30
CA TYR D 13 74.62 -13.55 -34.46
C TYR D 13 73.79 -14.81 -34.63
N TYR D 14 74.16 -15.62 -35.62
CA TYR D 14 73.40 -16.82 -35.98
C TYR D 14 74.16 -18.05 -35.51
N ARG D 15 73.62 -18.74 -34.51
CA ARG D 15 74.07 -20.08 -34.17
C ARG D 15 73.20 -21.06 -34.94
N GLY D 16 73.83 -21.95 -35.69
CA GLY D 16 73.09 -22.77 -36.63
C GLY D 16 72.04 -23.66 -36.00
N THR D 17 71.40 -24.47 -36.83
CA THR D 17 70.47 -25.47 -36.33
C THR D 17 71.21 -26.61 -35.66
N LYS D 18 70.53 -27.28 -34.74
CA LYS D 18 71.15 -28.30 -33.91
C LYS D 18 70.08 -29.31 -33.54
N ASP D 19 70.52 -30.46 -33.03
CA ASP D 19 69.59 -31.45 -32.49
C ASP D 19 69.54 -31.35 -30.97
N SER D 20 68.42 -31.82 -30.40
CA SER D 20 68.14 -31.56 -29.00
C SER D 20 69.26 -32.07 -28.11
N SER D 21 69.55 -31.29 -27.06
CA SER D 21 70.55 -31.65 -26.07
C SER D 21 69.88 -31.92 -24.72
N VAL D 22 70.36 -32.94 -24.02
CA VAL D 22 69.81 -33.26 -22.71
C VAL D 22 69.98 -32.07 -21.78
N THR D 23 68.93 -31.78 -21.02
CA THR D 23 68.93 -30.66 -20.08
C THR D 23 69.00 -31.21 -18.66
N ARG D 24 69.99 -30.77 -17.89
CA ARG D 24 70.14 -31.26 -16.53
C ARG D 24 68.95 -30.83 -15.68
N SER D 25 68.46 -31.75 -14.87
CA SER D 25 67.22 -31.55 -14.12
C SER D 25 67.51 -30.94 -12.76
N THR D 26 66.72 -29.94 -12.39
CA THR D 26 66.84 -29.32 -11.08
C THR D 26 66.17 -30.17 -10.02
N GLY D 27 66.69 -30.07 -8.78
CA GLY D 27 66.21 -30.87 -7.68
C GLY D 27 65.46 -30.02 -6.67
N SER D 28 64.95 -30.68 -5.64
CA SER D 28 64.18 -30.03 -4.59
C SER D 28 64.77 -30.36 -3.22
N THR D 29 64.48 -29.48 -2.25
CA THR D 29 65.04 -29.64 -0.91
C THR D 29 64.68 -30.99 -0.33
N THR D 30 65.64 -31.60 0.33
CA THR D 30 65.46 -32.93 0.89
C THR D 30 64.54 -32.89 2.10
N THR D 31 63.88 -34.02 2.37
CA THR D 31 62.91 -34.14 3.44
C THR D 31 62.94 -35.60 3.90
N LEU D 32 62.22 -35.90 4.96
CA LEU D 32 62.18 -37.26 5.50
C LEU D 32 60.80 -37.89 5.31
N PRO D 33 60.64 -38.86 4.41
CA PRO D 33 59.42 -39.67 4.40
C PRO D 33 59.43 -40.68 5.55
N LEU D 34 58.33 -41.41 5.66
CA LEU D 34 58.28 -42.48 6.65
C LEU D 34 59.01 -43.73 6.19
N HIS D 35 59.33 -43.83 4.90
CA HIS D 35 60.05 -44.98 4.34
C HIS D 35 61.33 -44.44 3.73
N ARG D 36 62.47 -44.79 4.32
CA ARG D 36 63.76 -44.22 3.97
C ARG D 36 64.78 -45.34 3.79
N PRO D 37 64.82 -45.95 2.61
CA PRO D 37 65.67 -47.12 2.42
C PRO D 37 67.12 -46.78 2.06
N LEU D 38 67.99 -47.75 2.33
CA LEU D 38 69.39 -47.71 1.96
C LEU D 38 69.62 -48.72 0.84
N ILE D 39 70.27 -48.29 -0.23
CA ILE D 39 70.50 -49.14 -1.39
C ILE D 39 71.96 -49.06 -1.79
N MET D 40 72.59 -50.22 -1.98
CA MET D 40 73.98 -50.34 -2.38
C MET D 40 74.07 -50.81 -3.83
N PHE D 41 75.04 -50.30 -4.57
CA PHE D 41 75.10 -50.64 -5.99
C PHE D 41 76.48 -50.31 -6.56
N PHE D 42 76.75 -50.86 -7.75
CA PHE D 42 77.89 -50.48 -8.56
C PHE D 42 77.50 -49.35 -9.49
N GLY D 43 78.37 -48.34 -9.60
CA GLY D 43 78.03 -47.13 -10.33
C GLY D 43 79.15 -46.69 -11.25
N GLN D 44 78.75 -45.87 -12.22
CA GLN D 44 79.70 -45.34 -13.20
C GLN D 44 80.57 -44.24 -12.61
N LYS D 45 79.98 -43.37 -11.81
CA LYS D 45 80.71 -42.27 -11.18
C LYS D 45 79.96 -41.87 -9.91
N GLY D 46 80.39 -40.78 -9.29
CA GLY D 46 79.75 -40.28 -8.10
C GLY D 46 80.52 -40.66 -6.84
N PRO D 47 80.15 -40.06 -5.71
CA PRO D 47 80.87 -40.31 -4.46
C PRO D 47 80.77 -41.78 -4.06
N THR D 48 81.57 -42.14 -3.05
CA THR D 48 81.65 -43.50 -2.54
C THR D 48 81.42 -43.54 -1.04
N VAL D 49 80.56 -42.65 -0.54
CA VAL D 49 80.09 -42.70 0.84
C VAL D 49 78.58 -42.54 0.82
N PRO D 50 77.88 -43.01 1.85
CA PRO D 50 76.42 -42.97 1.83
C PRO D 50 75.93 -41.54 1.64
N THR D 51 74.92 -41.38 0.80
CA THR D 51 74.45 -40.05 0.42
C THR D 51 72.94 -40.03 0.31
N TRP D 52 72.32 -39.02 0.91
CA TRP D 52 70.88 -38.83 0.80
C TRP D 52 70.56 -38.14 -0.52
N ILE D 53 69.64 -38.71 -1.29
CA ILE D 53 69.44 -38.27 -2.66
C ILE D 53 67.96 -38.19 -2.99
N ASP D 54 67.64 -37.16 -3.78
CA ASP D 54 66.38 -37.00 -4.49
C ASP D 54 66.42 -37.85 -5.76
N PRO D 55 65.42 -38.70 -6.04
CA PRO D 55 65.54 -39.61 -7.19
C PRO D 55 65.72 -38.88 -8.51
N VAL D 56 65.41 -37.59 -8.55
CA VAL D 56 65.57 -36.84 -9.80
C VAL D 56 67.04 -36.75 -10.20
N LYS D 57 67.94 -36.65 -9.24
CA LYS D 57 69.35 -36.38 -9.50
C LYS D 57 70.21 -37.65 -9.53
N PHE D 58 69.62 -38.83 -9.43
CA PHE D 58 70.42 -40.05 -9.46
C PHE D 58 71.18 -40.15 -10.77
N GLU D 59 70.51 -39.88 -11.89
CA GLU D 59 71.12 -40.06 -13.19
C GLU D 59 72.34 -39.17 -13.40
N ASP D 60 72.28 -37.92 -12.95
CA ASP D 60 73.38 -37.00 -13.17
C ASP D 60 74.35 -36.93 -12.00
N ILE D 61 74.09 -37.65 -10.90
CA ILE D 61 75.12 -37.80 -9.89
C ILE D 61 75.94 -39.06 -10.11
N TYR D 62 75.29 -40.18 -10.44
CA TYR D 62 75.96 -41.47 -10.55
C TYR D 62 76.04 -41.97 -11.99
N GLY D 63 75.94 -41.07 -12.96
CA GLY D 63 75.96 -41.50 -14.35
C GLY D 63 74.66 -42.18 -14.72
N SER D 64 74.21 -42.02 -15.96
CA SER D 64 72.93 -42.57 -16.39
C SER D 64 73.04 -43.99 -16.89
N GLU D 65 74.24 -44.57 -16.92
CA GLU D 65 74.43 -45.93 -17.40
C GLU D 65 74.27 -46.96 -16.28
N THR D 66 74.18 -46.52 -15.02
CA THR D 66 74.07 -47.47 -13.92
C THR D 66 72.68 -48.08 -13.83
N THR D 67 71.66 -47.36 -14.30
CA THR D 67 70.29 -47.83 -14.26
C THR D 67 69.90 -48.62 -15.50
N ASN D 68 70.85 -48.89 -16.38
CA ASN D 68 70.58 -49.66 -17.59
C ASN D 68 70.74 -51.15 -17.30
N LEU D 69 69.69 -51.93 -17.55
CA LEU D 69 69.71 -53.35 -17.22
C LEU D 69 70.61 -54.15 -18.13
N SER D 70 70.93 -53.63 -19.32
CA SER D 70 71.82 -54.32 -20.25
C SER D 70 73.27 -53.87 -20.14
N GLY D 71 73.57 -52.97 -19.21
CA GLY D 71 74.92 -52.45 -19.07
C GLY D 71 75.80 -53.36 -18.24
N VAL D 72 77.02 -52.89 -18.00
CA VAL D 72 77.99 -53.65 -17.20
C VAL D 72 77.76 -53.49 -15.70
N TYR D 73 76.95 -52.53 -15.28
CA TYR D 73 76.74 -52.25 -13.87
C TYR D 73 75.50 -52.93 -13.31
N CYS D 74 74.82 -53.76 -14.10
CA CYS D 74 73.60 -54.41 -13.62
C CYS D 74 73.95 -55.45 -12.56
N THR D 75 73.28 -55.36 -11.42
CA THR D 75 73.39 -56.32 -10.32
C THR D 75 71.97 -56.66 -9.88
N HIS D 76 71.83 -57.38 -8.78
CA HIS D 76 70.50 -57.75 -8.32
C HIS D 76 69.82 -56.67 -7.52
N SER D 77 70.31 -55.43 -7.57
CA SER D 77 69.67 -54.29 -6.91
C SER D 77 69.30 -53.17 -7.86
N THR D 78 69.74 -53.22 -9.11
CA THR D 78 69.30 -52.24 -10.09
C THR D 78 67.79 -52.20 -10.22
N PRO D 79 67.07 -53.33 -10.20
CA PRO D 79 65.60 -53.22 -10.17
C PRO D 79 65.08 -52.43 -8.99
N PHE D 80 65.68 -52.58 -7.81
CA PHE D 80 65.24 -51.82 -6.65
C PHE D 80 65.48 -50.34 -6.85
N ILE D 81 66.64 -49.97 -7.39
CA ILE D 81 66.92 -48.56 -7.65
C ILE D 81 65.93 -48.00 -8.65
N LYS D 82 65.64 -48.75 -9.71
CA LYS D 82 64.70 -48.27 -10.72
C LYS D 82 63.30 -48.11 -10.13
N GLU D 83 62.87 -49.04 -9.29
CA GLU D 83 61.55 -48.92 -8.66
C GLU D 83 61.50 -47.71 -7.74
N ALA D 84 62.57 -47.47 -6.99
CA ALA D 84 62.61 -46.30 -6.13
C ALA D 84 62.51 -45.02 -6.95
N ILE D 85 63.22 -44.97 -8.08
CA ILE D 85 63.16 -43.78 -8.93
C ILE D 85 61.75 -43.61 -9.49
N ALA D 86 61.11 -44.71 -9.90
CA ALA D 86 59.77 -44.61 -10.46
C ALA D 86 58.78 -44.09 -9.43
N ALA D 87 58.83 -44.62 -8.21
CA ALA D 87 57.89 -44.16 -7.18
C ALA D 87 58.19 -42.75 -6.73
N GLY D 88 59.47 -42.40 -6.58
CA GLY D 88 59.85 -41.08 -6.13
C GLY D 88 60.15 -41.02 -4.64
N ASN D 89 61.00 -41.91 -4.16
CA ASN D 89 61.43 -41.93 -2.76
C ASN D 89 62.81 -41.34 -2.63
N GLN D 90 62.94 -40.26 -1.88
CA GLN D 90 64.25 -39.83 -1.45
C GLN D 90 64.89 -40.97 -0.66
N PHE D 91 66.05 -41.43 -1.10
CA PHE D 91 66.63 -42.62 -0.47
C PHE D 91 68.13 -42.40 -0.30
N MET D 92 68.79 -43.34 0.38
CA MET D 92 70.21 -43.20 0.66
C MET D 92 71.00 -44.19 -0.18
N ALA D 93 71.85 -43.66 -1.04
CA ALA D 93 72.63 -44.44 -1.98
C ALA D 93 74.02 -44.71 -1.44
N LEU D 94 74.54 -45.89 -1.75
CA LEU D 94 75.89 -46.28 -1.38
C LEU D 94 76.54 -46.96 -2.58
N ARG D 95 77.51 -46.29 -3.20
CA ARG D 95 78.19 -46.81 -4.37
C ARG D 95 79.40 -47.61 -3.91
N LEU D 96 79.32 -48.93 -4.02
CA LEU D 96 80.40 -49.82 -3.65
C LEU D 96 81.36 -49.98 -4.82
N GLU D 97 82.60 -50.37 -4.51
CA GLU D 97 83.63 -50.58 -5.50
C GLU D 97 84.24 -51.96 -5.36
N PRO D 98 84.60 -52.61 -6.46
CA PRO D 98 85.32 -53.89 -6.36
C PRO D 98 86.71 -53.69 -5.81
N SER D 99 87.24 -54.76 -5.19
CA SER D 99 88.49 -54.66 -4.48
C SER D 99 89.70 -54.52 -5.38
N ASP D 100 89.53 -54.67 -6.70
CA ASP D 100 90.65 -54.62 -7.64
C ASP D 100 90.52 -53.49 -8.66
N ILE D 101 89.77 -52.45 -8.33
CA ILE D 101 89.57 -51.34 -9.27
C ILE D 101 90.90 -50.63 -9.49
N PRO D 102 91.27 -50.29 -10.74
CA PRO D 102 92.53 -49.58 -10.97
C PRO D 102 92.46 -48.10 -10.64
N ASP D 103 93.54 -47.37 -10.92
CA ASP D 103 93.59 -45.94 -10.66
C ASP D 103 92.92 -45.18 -11.80
N VAL D 104 93.03 -43.86 -11.78
CA VAL D 104 92.32 -43.02 -12.74
C VAL D 104 93.11 -42.94 -14.04
N ALA D 105 92.47 -42.45 -15.09
CA ALA D 105 93.14 -42.24 -16.37
C ALA D 105 93.86 -40.90 -16.37
N THR D 106 95.00 -40.86 -17.05
CA THR D 106 95.85 -39.67 -17.06
C THR D 106 96.40 -39.43 -18.46
N LEU D 107 96.78 -38.18 -18.73
CA LEU D 107 97.40 -37.81 -20.00
C LEU D 107 98.27 -36.59 -19.77
N GLY D 108 99.55 -36.69 -20.09
CA GLY D 108 100.48 -35.57 -19.96
C GLY D 108 100.91 -35.08 -21.33
N LEU D 109 101.12 -33.77 -21.41
CA LEU D 109 101.55 -33.10 -22.63
C LEU D 109 103.00 -32.65 -22.47
N SER D 110 103.79 -32.82 -23.53
CA SER D 110 105.18 -32.42 -23.52
C SER D 110 105.59 -31.97 -24.91
N VAL D 111 106.76 -31.35 -24.99
CA VAL D 111 107.32 -30.92 -26.26
C VAL D 111 108.75 -31.41 -26.37
N ASP D 112 109.07 -32.03 -27.50
CA ASP D 112 110.44 -32.26 -27.92
C ASP D 112 110.96 -30.97 -28.52
N TRP D 113 112.10 -30.50 -28.01
CA TRP D 113 112.55 -29.13 -28.16
C TRP D 113 114.02 -29.14 -28.56
N VAL D 114 114.36 -28.41 -29.62
CA VAL D 114 115.77 -28.28 -30.02
C VAL D 114 115.94 -27.01 -30.85
N LYS D 115 117.18 -26.56 -30.98
CA LYS D 115 117.55 -25.42 -31.82
C LYS D 115 118.44 -25.91 -32.95
N THR D 116 118.33 -25.28 -34.12
CA THR D 116 119.16 -25.63 -35.26
C THR D 116 118.84 -24.69 -36.40
N LYS D 117 119.59 -24.82 -37.50
CA LYS D 117 119.30 -24.04 -38.69
C LYS D 117 118.26 -24.75 -39.54
N ILE D 118 117.29 -23.98 -40.03
CA ILE D 118 116.19 -24.51 -40.83
C ILE D 118 116.05 -23.65 -42.09
N ASP D 119 115.09 -24.02 -42.92
CA ASP D 119 114.87 -23.32 -44.17
C ASP D 119 113.96 -22.10 -43.97
N ASP D 120 113.93 -21.24 -44.98
CA ASP D 120 113.04 -20.10 -45.01
C ASP D 120 112.37 -20.05 -46.37
N TYR D 121 111.19 -19.44 -46.41
CA TYR D 121 110.32 -19.52 -47.58
C TYR D 121 110.05 -18.12 -48.12
N GLU D 122 109.32 -18.10 -49.23
CA GLU D 122 109.00 -16.86 -49.90
C GLU D 122 107.95 -16.07 -49.13
N ARG D 123 107.82 -14.79 -49.49
CA ARG D 123 106.76 -13.94 -48.96
C ARG D 123 106.18 -13.11 -50.09
N ASN D 124 104.85 -13.18 -50.25
CA ASN D 124 104.19 -12.38 -51.26
C ASN D 124 104.32 -10.90 -50.96
N ASP D 125 103.99 -10.51 -49.73
CA ASP D 125 104.06 -9.12 -49.30
C ASP D 125 104.33 -9.12 -47.81
N ASP D 126 104.06 -7.99 -47.15
CA ASP D 126 104.15 -7.94 -45.70
C ASP D 126 103.20 -8.91 -45.01
N GLY D 127 102.19 -9.42 -45.72
CA GLY D 127 101.31 -10.42 -45.16
C GLY D 127 101.95 -11.76 -44.93
N THR D 128 103.09 -12.03 -45.58
CA THR D 128 103.83 -13.27 -45.36
C THR D 128 102.97 -14.49 -45.68
N TYR D 129 102.29 -14.45 -46.81
CA TYR D 129 101.35 -15.51 -47.14
C TYR D 129 102.06 -16.82 -47.50
N LYS D 130 103.15 -16.72 -48.26
CA LYS D 130 103.76 -17.92 -48.82
C LYS D 130 104.40 -18.79 -47.74
N LEU D 131 104.24 -20.11 -47.91
CA LEU D 131 105.00 -21.10 -47.15
C LEU D 131 105.01 -22.41 -47.92
N ASP D 132 105.93 -23.29 -47.54
CA ASP D 132 105.97 -24.66 -48.04
C ASP D 132 105.95 -24.70 -49.56
N THR D 133 106.72 -23.81 -50.19
CA THR D 133 106.81 -23.76 -51.65
C THR D 133 105.44 -23.64 -52.30
N ASN D 134 104.55 -22.86 -51.68
CA ASN D 134 103.27 -22.58 -52.31
C ASN D 134 103.51 -21.88 -53.65
N GLY D 135 102.54 -22.00 -54.55
CA GLY D 135 102.77 -21.53 -55.90
C GLY D 135 103.76 -22.45 -56.59
N ASP D 136 104.93 -21.90 -56.95
CA ASP D 136 105.97 -22.66 -57.63
C ASP D 136 107.37 -22.39 -57.11
N LYS D 137 107.52 -21.68 -56.00
CA LYS D 137 108.81 -21.14 -55.59
C LYS D 137 109.48 -22.01 -54.53
N ILE D 138 110.75 -22.33 -54.76
CA ILE D 138 111.61 -23.06 -53.86
C ILE D 138 111.84 -22.19 -52.63
N PRO D 139 112.15 -22.75 -51.45
CA PRO D 139 112.54 -21.89 -50.33
C PRO D 139 113.69 -20.97 -50.68
N LEU D 140 113.64 -19.74 -50.15
CA LEU D 140 114.51 -18.66 -50.59
C LEU D 140 115.86 -18.66 -49.88
N ALA D 141 115.84 -18.48 -48.56
CA ALA D 141 117.09 -18.36 -47.83
C ALA D 141 117.76 -19.72 -47.65
N THR D 142 119.09 -19.72 -47.73
CA THR D 142 119.85 -20.96 -47.64
C THR D 142 119.63 -21.64 -46.28
N GLN D 143 119.84 -20.90 -45.20
CA GLN D 143 119.65 -21.43 -43.86
C GLN D 143 119.39 -20.28 -42.90
N ILE D 144 118.30 -20.41 -42.14
CA ILE D 144 117.93 -19.43 -41.12
C ILE D 144 117.91 -20.13 -39.78
N ASP D 145 118.64 -19.58 -38.82
CA ASP D 145 118.67 -20.16 -37.48
C ASP D 145 117.28 -20.10 -36.87
N GLY D 146 116.84 -21.22 -36.28
CA GLY D 146 115.53 -21.30 -35.69
C GLY D 146 115.41 -22.46 -34.72
N ILE D 147 114.17 -22.81 -34.37
CA ILE D 147 113.88 -23.79 -33.34
C ILE D 147 112.90 -24.81 -33.89
N LYS D 148 113.05 -26.07 -33.46
CA LYS D 148 112.21 -27.17 -33.88
C LYS D 148 111.46 -27.74 -32.68
N PHE D 149 110.15 -27.93 -32.86
CA PHE D 149 109.23 -28.48 -31.87
C PHE D 149 108.61 -29.76 -32.40
N ARG D 150 108.26 -30.65 -31.47
CA ARG D 150 107.49 -31.86 -31.78
C ARG D 150 106.66 -32.20 -30.56
N PHE D 151 105.35 -31.98 -30.64
CA PHE D 151 104.49 -32.14 -29.47
C PHE D 151 104.20 -33.62 -29.22
N VAL D 152 103.93 -33.96 -27.96
CA VAL D 152 103.71 -35.34 -27.55
C VAL D 152 102.63 -35.39 -26.47
N LEU D 153 101.75 -36.37 -26.58
CA LEU D 153 100.71 -36.66 -25.59
C LEU D 153 100.87 -38.12 -25.18
N GLU D 154 101.01 -38.38 -23.88
CA GLU D 154 101.25 -39.76 -23.47
C GLU D 154 100.81 -39.97 -22.03
N LYS D 155 100.58 -41.24 -21.70
CA LYS D 155 100.16 -41.59 -20.35
C LYS D 155 101.25 -41.21 -19.35
N ILE D 156 100.83 -40.71 -18.19
CA ILE D 156 101.76 -40.37 -17.12
C ILE D 156 102.13 -41.66 -16.40
N GLU D 157 103.42 -42.01 -16.42
CA GLU D 157 103.87 -43.25 -15.82
C GLU D 157 103.94 -43.14 -14.31
N THR D 158 103.89 -44.29 -13.66
CA THR D 158 103.90 -44.37 -12.20
C THR D 158 105.30 -44.72 -11.67
N ASN D 159 105.45 -44.58 -10.36
CA ASN D 159 106.68 -44.94 -9.69
C ASN D 159 106.81 -46.46 -9.58
N GLU D 160 108.06 -46.91 -9.38
CA GLU D 160 108.31 -48.34 -9.22
C GLU D 160 107.62 -48.89 -7.98
N SER D 161 107.26 -48.04 -7.03
CA SER D 161 106.56 -48.46 -5.82
C SER D 161 105.05 -48.48 -5.99
N GLY D 162 104.51 -47.83 -7.03
CA GLY D 162 103.08 -47.80 -7.24
C GLY D 162 102.42 -46.51 -6.79
N VAL D 163 103.01 -45.37 -7.14
CA VAL D 163 102.41 -44.06 -6.90
C VAL D 163 102.61 -43.22 -8.15
N SER D 164 101.58 -42.48 -8.53
CA SER D 164 101.63 -41.72 -9.78
C SER D 164 102.52 -40.49 -9.63
N GLN D 165 103.07 -40.05 -10.75
CA GLN D 165 103.91 -38.87 -10.83
C GLN D 165 103.16 -37.65 -11.36
N TYR D 166 101.89 -37.52 -10.96
CA TYR D 166 101.01 -36.53 -11.56
C TYR D 166 101.64 -35.13 -11.55
N LYS D 167 102.16 -34.71 -10.40
CA LYS D 167 102.73 -33.39 -10.24
C LYS D 167 104.26 -33.40 -10.18
N LYS D 168 104.90 -34.52 -10.54
CA LYS D 168 106.33 -34.69 -10.29
C LYS D 168 107.04 -35.26 -11.52
N ARG D 169 106.78 -34.70 -12.69
CA ARG D 169 107.53 -35.09 -13.87
C ARG D 169 108.75 -34.20 -14.06
N THR D 170 109.75 -34.72 -14.77
CA THR D 170 111.02 -34.03 -14.99
C THR D 170 111.46 -34.21 -16.42
N ALA D 171 112.28 -33.28 -16.90
CA ALA D 171 112.74 -33.30 -18.28
C ALA D 171 113.68 -34.47 -18.53
N LYS D 172 113.85 -34.81 -19.80
CA LYS D 172 114.69 -35.93 -20.18
C LYS D 172 115.17 -35.74 -21.61
N ALA D 173 116.13 -36.55 -22.02
CA ALA D 173 116.64 -36.49 -23.38
C ALA D 173 115.57 -36.93 -24.38
N GLY D 174 115.50 -36.24 -25.52
CA GLY D 174 114.51 -36.53 -26.53
C GLY D 174 115.05 -37.40 -27.65
N THR D 175 114.29 -37.40 -28.75
CA THR D 175 114.64 -38.21 -29.92
C THR D 175 114.83 -37.40 -31.20
N ILE D 176 114.16 -36.25 -31.36
CA ILE D 176 114.37 -35.44 -32.54
C ILE D 176 115.67 -34.65 -32.38
N GLY D 177 116.39 -34.48 -33.47
CA GLY D 177 117.65 -33.77 -33.40
C GLY D 177 118.64 -34.42 -32.46
N THR D 178 118.71 -35.75 -32.44
CA THR D 178 119.69 -36.45 -31.63
C THR D 178 121.12 -36.21 -32.09
N GLU D 179 121.32 -35.65 -33.28
CA GLU D 179 122.66 -35.24 -33.68
C GLU D 179 123.25 -34.25 -32.70
N ALA D 180 122.42 -33.44 -32.06
CA ALA D 180 122.84 -32.55 -30.98
C ALA D 180 122.17 -33.01 -29.70
N THR D 181 122.97 -33.30 -28.68
CA THR D 181 122.42 -33.80 -27.42
C THR D 181 121.35 -32.88 -26.81
N PRO D 182 121.48 -31.55 -26.83
CA PRO D 182 120.51 -30.71 -26.10
C PRO D 182 119.05 -30.89 -26.48
N SER D 183 118.76 -31.66 -27.53
CA SER D 183 117.38 -31.98 -27.84
C SER D 183 116.74 -32.67 -26.64
N THR D 184 115.62 -32.12 -26.15
CA THR D 184 115.08 -32.59 -24.88
C THR D 184 113.56 -32.62 -24.88
N ILE D 185 113.01 -33.51 -24.04
CA ILE D 185 111.59 -33.51 -23.75
C ILE D 185 111.32 -32.67 -22.51
N THR D 186 110.42 -31.70 -22.64
CA THR D 186 110.02 -30.91 -21.47
C THR D 186 108.52 -30.94 -21.32
N PRO D 187 108.02 -31.15 -20.09
CA PRO D 187 106.56 -31.25 -19.88
C PRO D 187 105.89 -29.89 -19.76
N LEU D 188 104.61 -29.85 -20.12
CA LEU D 188 103.83 -28.62 -20.15
C LEU D 188 102.56 -28.68 -19.31
N ALA D 189 101.85 -29.81 -19.29
CA ALA D 189 100.61 -29.90 -18.53
C ALA D 189 100.26 -31.36 -18.27
N ASP D 190 99.38 -31.57 -17.30
CA ASP D 190 98.84 -32.88 -16.96
C ASP D 190 97.33 -32.81 -16.90
N PHE D 191 96.68 -33.92 -17.23
CA PHE D 191 95.23 -34.04 -17.15
C PHE D 191 94.89 -35.39 -16.54
N ARG D 192 93.79 -35.44 -15.80
CA ARG D 192 93.45 -36.61 -15.01
C ARG D 192 91.93 -36.76 -14.95
N CYS D 193 91.47 -38.00 -14.80
CA CYS D 193 90.05 -38.26 -14.66
C CYS D 193 89.61 -38.08 -13.21
N ARG D 194 88.39 -37.56 -13.04
CA ARG D 194 87.88 -37.27 -11.71
C ARG D 194 87.36 -38.51 -10.99
N PHE D 195 87.06 -39.58 -11.71
CA PHE D 195 86.46 -40.76 -11.12
C PHE D 195 87.28 -41.98 -11.51
N LYS D 196 86.90 -43.13 -10.93
CA LYS D 196 87.51 -44.42 -11.27
C LYS D 196 86.48 -45.22 -12.04
N SER D 197 86.64 -45.26 -13.37
CA SER D 197 85.69 -45.96 -14.23
C SER D 197 86.19 -45.87 -15.67
N SER D 198 85.48 -46.57 -16.55
CA SER D 198 85.80 -46.52 -17.97
C SER D 198 85.53 -45.14 -18.58
N LEU D 199 84.78 -44.30 -17.87
CA LEU D 199 84.52 -42.95 -18.37
C LEU D 199 85.82 -42.19 -18.59
N GLY D 200 86.83 -42.46 -17.77
CA GLY D 200 88.12 -41.81 -17.97
C GLY D 200 88.77 -42.21 -19.28
N ALA D 201 88.78 -43.50 -19.58
CA ALA D 201 89.34 -43.96 -20.85
C ALA D 201 88.50 -43.52 -22.04
N ASN D 202 87.22 -43.23 -21.84
CA ASN D 202 86.37 -42.75 -22.92
C ASN D 202 86.30 -41.23 -23.02
N THR D 203 86.90 -40.49 -22.10
CA THR D 203 86.93 -39.03 -22.20
C THR D 203 87.98 -38.58 -23.21
N ALA D 204 87.76 -37.41 -23.80
CA ALA D 204 88.68 -36.84 -24.77
C ALA D 204 88.73 -35.33 -24.63
N LEU D 205 89.85 -34.74 -25.06
CA LEU D 205 90.05 -33.31 -24.97
C LEU D 205 90.66 -32.77 -26.26
N ARG D 206 90.34 -31.53 -26.58
CA ARG D 206 90.88 -30.83 -27.74
C ARG D 206 91.39 -29.47 -27.34
N ILE D 207 92.52 -29.07 -27.92
CA ILE D 207 93.10 -27.75 -27.69
C ILE D 207 93.69 -27.26 -29.00
N TRP D 208 93.35 -26.04 -29.41
CA TRP D 208 93.92 -25.49 -30.63
C TRP D 208 93.99 -23.98 -30.51
N ALA D 209 94.66 -23.36 -31.49
CA ALA D 209 94.92 -21.93 -31.50
C ALA D 209 94.24 -21.29 -32.71
N PRO D 210 93.14 -20.56 -32.54
CA PRO D 210 92.44 -20.01 -33.69
C PRO D 210 93.00 -18.67 -34.14
N THR D 211 92.78 -18.34 -35.41
CA THR D 211 93.19 -17.09 -36.00
C THR D 211 91.97 -16.35 -36.53
N ILE D 212 92.20 -15.23 -37.20
CA ILE D 212 91.10 -14.39 -37.67
C ILE D 212 90.21 -15.16 -38.64
N ASN D 213 90.76 -16.13 -39.35
CA ASN D 213 90.02 -16.85 -40.39
C ASN D 213 89.53 -18.22 -39.94
N SER D 214 89.70 -18.57 -38.66
CA SER D 214 89.22 -19.86 -38.18
C SER D 214 87.70 -19.89 -38.15
N ALA D 215 87.16 -21.09 -37.92
CA ALA D 215 85.72 -21.24 -37.78
C ALA D 215 85.18 -20.47 -36.59
N GLN D 216 85.88 -20.47 -35.45
CA GLN D 216 85.58 -19.59 -34.33
C GLN D 216 86.58 -18.44 -34.42
N ALA D 217 86.26 -17.45 -35.23
CA ALA D 217 87.20 -16.38 -35.53
C ALA D 217 87.69 -15.70 -34.25
N ALA D 218 89.00 -15.55 -34.14
CA ALA D 218 89.59 -14.86 -33.01
C ALA D 218 89.56 -13.34 -33.24
N ASP D 219 89.81 -12.59 -32.17
CA ASP D 219 89.83 -11.15 -32.22
C ASP D 219 91.12 -10.63 -31.61
N ALA D 220 91.83 -9.80 -32.36
CA ALA D 220 93.14 -9.30 -31.91
C ALA D 220 92.99 -8.21 -30.86
N ASP D 221 91.84 -7.55 -30.81
CA ASP D 221 91.68 -6.41 -29.91
C ASP D 221 91.70 -6.86 -28.46
N LEU D 222 91.07 -8.00 -28.14
CA LEU D 222 91.10 -8.48 -26.77
C LEU D 222 92.52 -8.85 -26.35
N GLN D 223 93.26 -9.50 -27.25
CA GLN D 223 94.65 -9.85 -26.94
C GLN D 223 95.51 -8.60 -26.75
N ALA D 224 95.30 -7.58 -27.56
CA ALA D 224 95.99 -6.32 -27.33
C ALA D 224 95.64 -5.73 -25.97
N ARG D 225 94.35 -5.76 -25.62
CA ARG D 225 93.92 -5.20 -24.34
C ARG D 225 94.58 -5.94 -23.18
N ILE D 226 94.61 -7.27 -23.22
CA ILE D 226 95.35 -8.08 -22.27
C ILE D 226 96.26 -9.00 -23.08
N LYS D 227 97.57 -8.86 -22.87
CA LYS D 227 98.55 -9.51 -23.75
C LYS D 227 98.72 -10.97 -23.33
N SER D 228 98.04 -11.84 -24.05
CA SER D 228 98.20 -13.27 -23.91
C SER D 228 97.40 -13.93 -25.03
N PHE D 229 98.01 -14.90 -25.71
CA PHE D 229 97.29 -15.56 -26.79
C PHE D 229 96.21 -16.46 -26.21
N LEU D 230 95.08 -16.53 -26.91
CA LEU D 230 93.92 -17.27 -26.43
C LEU D 230 93.77 -18.55 -27.25
N TYR D 231 93.63 -19.66 -26.55
CA TYR D 231 93.44 -20.96 -27.18
C TYR D 231 92.03 -21.47 -26.90
N ARG D 232 91.48 -22.20 -27.88
CA ARG D 232 90.19 -22.86 -27.70
C ARG D 232 90.39 -24.24 -27.10
N PHE D 233 89.58 -24.55 -26.08
CA PHE D 233 89.65 -25.80 -25.34
C PHE D 233 88.27 -26.44 -25.35
N GLN D 234 88.24 -27.78 -25.44
CA GLN D 234 86.99 -28.51 -25.60
C GLN D 234 87.09 -29.89 -24.96
N ILE D 235 85.97 -30.38 -24.46
CA ILE D 235 85.86 -31.71 -23.86
C ILE D 235 84.83 -32.51 -24.65
N LEU D 236 85.16 -33.76 -24.95
CA LEU D 236 84.25 -34.66 -25.63
C LEU D 236 84.20 -35.97 -24.87
N THR D 237 83.09 -36.71 -25.03
CA THR D 237 82.96 -38.01 -24.39
C THR D 237 82.14 -38.92 -25.29
N ARG D 238 82.48 -40.20 -25.32
CA ARG D 238 81.83 -41.17 -26.18
C ARG D 238 81.12 -42.23 -25.34
N ALA D 239 80.25 -42.98 -26.00
CA ALA D 239 79.51 -44.03 -25.32
C ALA D 239 80.36 -45.28 -25.12
N ASP D 240 80.84 -45.85 -26.21
CA ASP D 240 81.70 -47.03 -26.16
C ASP D 240 82.77 -46.89 -27.23
N LYS D 241 83.75 -47.79 -27.19
CA LYS D 241 84.95 -47.61 -28.00
C LYS D 241 84.62 -47.55 -29.49
N ALA D 242 83.51 -48.15 -29.92
CA ALA D 242 83.14 -48.13 -31.33
C ALA D 242 82.24 -46.95 -31.69
N SER D 243 81.81 -46.15 -30.72
CA SER D 243 80.91 -45.03 -30.97
C SER D 243 81.70 -43.81 -31.42
N SER D 244 81.04 -42.66 -31.44
CA SER D 244 81.67 -41.40 -31.79
C SER D 244 81.47 -40.38 -30.67
N PRO D 245 82.38 -39.43 -30.51
CA PRO D 245 82.31 -38.52 -29.36
C PRO D 245 81.18 -37.51 -29.50
N THR D 246 80.82 -36.94 -28.35
CA THR D 246 79.84 -35.87 -28.25
C THR D 246 80.40 -34.80 -27.34
N ILE D 247 80.20 -33.54 -27.72
CA ILE D 247 80.79 -32.44 -26.98
C ILE D 247 80.10 -32.30 -25.63
N PHE D 248 80.89 -32.09 -24.59
CA PHE D 248 80.39 -31.89 -23.23
C PHE D 248 80.34 -30.39 -22.99
N GLU D 249 79.14 -29.82 -23.01
CA GLU D 249 78.99 -28.37 -22.93
C GLU D 249 79.19 -27.87 -21.51
N THR D 250 79.63 -26.61 -21.41
CA THR D 250 79.78 -25.97 -20.12
C THR D 250 78.40 -25.70 -19.51
N ILE D 251 78.40 -25.46 -18.21
CA ILE D 251 77.13 -25.24 -17.51
C ILE D 251 76.37 -24.05 -18.08
N TYR D 252 77.05 -23.15 -18.78
CA TYR D 252 76.39 -22.07 -19.50
C TYR D 252 76.05 -22.44 -20.93
N ASN D 253 75.98 -23.75 -21.23
CA ASN D 253 75.56 -24.24 -22.54
C ASN D 253 76.42 -23.65 -23.66
N GLU D 254 77.73 -23.83 -23.54
CA GLU D 254 78.66 -23.46 -24.60
C GLU D 254 79.50 -24.67 -24.99
N PRO D 255 79.95 -24.73 -26.25
CA PRO D 255 80.73 -25.90 -26.68
C PRO D 255 82.20 -25.86 -26.28
N SER D 256 82.80 -24.68 -26.24
CA SER D 256 84.24 -24.58 -25.98
C SER D 256 84.55 -23.33 -25.19
N LEU D 257 85.76 -23.31 -24.60
CA LEU D 257 86.25 -22.19 -23.81
C LEU D 257 87.46 -21.55 -24.46
N SER D 258 87.69 -20.28 -24.11
CA SER D 258 88.92 -19.58 -24.46
C SER D 258 89.77 -19.43 -23.20
N VAL D 259 91.04 -19.83 -23.29
CA VAL D 259 91.93 -19.83 -22.15
C VAL D 259 93.26 -19.21 -22.56
N GLY D 260 94.06 -18.82 -21.56
CA GLY D 260 95.33 -18.17 -21.84
C GLY D 260 96.31 -18.33 -20.70
N PHE D 261 97.58 -18.12 -21.02
CA PHE D 261 98.65 -18.24 -20.05
C PHE D 261 98.94 -16.91 -19.38
N GLY D 262 99.25 -16.96 -18.09
CA GLY D 262 99.60 -15.77 -17.33
C GLY D 262 99.16 -15.86 -15.88
N GLU D 263 99.46 -14.82 -15.10
CA GLU D 263 99.15 -14.87 -13.68
C GLU D 263 97.66 -14.65 -13.43
N ASN D 264 97.14 -13.48 -13.80
CA ASN D 264 95.71 -13.24 -13.75
C ASN D 264 95.33 -12.35 -14.93
N LEU D 265 94.53 -12.91 -15.83
CA LEU D 265 94.12 -12.22 -17.04
C LEU D 265 92.73 -11.62 -16.85
N VAL D 266 92.70 -10.46 -16.21
CA VAL D 266 91.45 -9.75 -15.98
C VAL D 266 91.26 -8.71 -17.06
N ASP D 267 90.07 -8.69 -17.65
CA ASP D 267 89.75 -7.72 -18.69
C ASP D 267 89.16 -6.48 -18.05
N PRO D 268 89.83 -5.33 -18.09
CA PRO D 268 89.27 -4.12 -17.45
C PRO D 268 87.92 -3.72 -18.02
N GLN D 269 87.68 -3.92 -19.32
CA GLN D 269 86.45 -3.47 -19.94
C GLN D 269 85.24 -4.33 -19.56
N THR D 270 85.47 -5.58 -19.15
CA THR D 270 84.36 -6.46 -18.82
C THR D 270 84.59 -7.28 -17.56
N GLU D 271 85.79 -7.26 -16.98
CA GLU D 271 86.12 -7.99 -15.76
C GLU D 271 86.09 -9.50 -15.94
N VAL D 272 86.43 -10.00 -17.14
CA VAL D 272 86.48 -11.44 -17.35
C VAL D 272 87.85 -11.95 -16.96
N VAL D 273 87.89 -13.14 -16.37
CA VAL D 273 89.14 -13.82 -15.97
C VAL D 273 89.40 -14.92 -16.99
N TYR D 274 90.52 -14.81 -17.71
CA TYR D 274 90.88 -15.78 -18.74
C TYR D 274 91.95 -16.76 -18.29
N ASP D 275 92.12 -16.95 -16.98
CA ASP D 275 93.14 -17.87 -16.50
C ASP D 275 92.77 -19.30 -16.86
N PHE D 276 93.78 -20.11 -17.18
CA PHE D 276 93.55 -21.45 -17.71
C PHE D 276 92.82 -22.33 -16.71
N VAL D 277 93.50 -22.68 -15.62
CA VAL D 277 92.96 -23.65 -14.67
C VAL D 277 91.70 -23.11 -14.01
N GLU D 278 91.75 -21.86 -13.57
CA GLU D 278 90.60 -21.26 -12.89
C GLU D 278 89.37 -21.28 -13.79
N ARG D 279 89.52 -20.78 -15.02
CA ARG D 279 88.37 -20.69 -15.91
C ARG D 279 87.82 -22.07 -16.23
N ILE D 280 88.69 -23.02 -16.59
CA ILE D 280 88.19 -24.35 -16.93
C ILE D 280 87.44 -24.95 -15.76
N ASP D 281 88.06 -24.94 -14.58
CA ASP D 281 87.46 -25.64 -13.45
C ASP D 281 86.16 -24.98 -13.03
N SER D 282 86.11 -23.64 -13.02
CA SER D 282 84.90 -22.97 -12.55
C SER D 282 83.78 -23.02 -13.57
N ARG D 283 84.11 -23.05 -14.87
CA ARG D 283 83.08 -23.04 -15.89
C ARG D 283 82.51 -24.43 -16.17
N TYR D 284 83.27 -25.50 -15.90
CA TYR D 284 82.80 -26.81 -16.28
C TYR D 284 82.09 -27.58 -15.17
N ASN D 285 82.16 -27.10 -13.92
CA ASN D 285 81.60 -27.83 -12.79
C ASN D 285 80.50 -27.02 -12.10
N ASP D 286 79.72 -27.73 -11.29
CA ASP D 286 78.63 -27.12 -10.54
C ASP D 286 78.32 -28.02 -9.34
N GLU D 287 78.69 -27.56 -8.13
CA GLU D 287 78.52 -28.34 -6.92
C GLU D 287 77.20 -28.07 -6.19
N ASP D 288 76.42 -27.11 -6.63
CA ASP D 288 75.25 -26.70 -5.86
C ASP D 288 74.27 -27.87 -5.77
N PRO D 289 73.92 -28.34 -4.56
CA PRO D 289 73.10 -29.56 -4.46
C PRO D 289 71.82 -29.63 -5.30
N SER D 290 71.27 -28.50 -5.73
CA SER D 290 70.05 -28.51 -6.52
C SER D 290 70.30 -28.66 -8.01
N THR D 291 71.43 -28.15 -8.50
CA THR D 291 71.82 -28.26 -9.90
C THR D 291 73.26 -28.76 -9.88
N TYR D 292 73.44 -30.07 -10.06
CA TYR D 292 74.69 -30.74 -9.73
C TYR D 292 75.26 -31.41 -10.97
N LEU D 293 76.50 -31.07 -11.32
CA LEU D 293 77.23 -31.79 -12.36
C LEU D 293 78.72 -31.64 -12.12
N MET D 294 79.43 -32.75 -12.18
CA MET D 294 80.88 -32.76 -12.07
C MET D 294 81.47 -33.16 -13.42
N SER D 295 82.36 -32.33 -13.93
CA SER D 295 82.99 -32.63 -15.21
C SER D 295 83.87 -33.87 -15.07
N PRO D 296 83.98 -34.70 -16.12
CA PRO D 296 84.85 -35.87 -16.01
C PRO D 296 86.30 -35.52 -15.72
N LEU D 297 86.80 -34.41 -16.26
CA LEU D 297 88.17 -34.00 -15.97
C LEU D 297 88.27 -33.39 -14.59
N ASP D 298 89.36 -33.70 -13.89
CA ASP D 298 89.65 -33.08 -12.61
C ASP D 298 90.19 -31.67 -12.83
N THR D 299 90.72 -31.08 -11.78
CA THR D 299 91.34 -29.76 -11.90
C THR D 299 92.70 -29.91 -12.59
N PRO D 300 92.94 -29.25 -13.72
CA PRO D 300 94.21 -29.44 -14.41
C PRO D 300 95.40 -28.93 -13.60
N TYR D 301 96.57 -29.50 -13.89
CA TYR D 301 97.84 -29.03 -13.37
C TYR D 301 98.69 -28.54 -14.54
N LEU D 302 99.55 -27.55 -14.27
CA LEU D 302 100.32 -26.91 -15.32
C LEU D 302 101.72 -26.62 -14.81
N TYR D 303 102.73 -26.86 -15.66
CA TYR D 303 104.14 -26.66 -15.29
C TYR D 303 104.55 -25.24 -15.71
N GLN D 304 104.31 -24.31 -14.79
CA GLN D 304 104.54 -22.90 -15.09
C GLN D 304 106.01 -22.64 -15.38
N ALA D 305 106.91 -23.27 -14.62
CA ALA D 305 108.33 -23.03 -14.81
C ALA D 305 108.76 -23.36 -16.24
N ASN D 306 108.40 -24.55 -16.72
CA ASN D 306 108.86 -24.99 -18.02
C ASN D 306 108.16 -24.23 -19.14
N ILE D 307 106.85 -24.00 -19.01
CA ILE D 307 106.16 -23.24 -20.05
C ILE D 307 106.77 -21.84 -20.15
N ASP D 308 107.01 -21.19 -19.00
CA ASP D 308 107.60 -19.87 -19.01
C ASP D 308 109.00 -19.89 -19.59
N SER D 309 109.78 -20.93 -19.29
CA SER D 309 111.13 -21.02 -19.82
C SER D 309 111.12 -21.11 -21.33
N VAL D 310 110.25 -21.95 -21.89
CA VAL D 310 110.19 -22.10 -23.34
C VAL D 310 109.73 -20.79 -23.98
N LEU D 311 108.73 -20.13 -23.38
CA LEU D 311 108.29 -18.86 -23.91
C LEU D 311 109.42 -17.84 -23.90
N THR D 312 110.18 -17.80 -22.80
CA THR D 312 111.31 -16.87 -22.69
C THR D 312 112.34 -17.16 -23.76
N ALA D 313 112.63 -18.44 -24.00
CA ALA D 313 113.63 -18.80 -25.00
C ALA D 313 113.20 -18.33 -26.38
N ILE D 314 111.95 -18.65 -26.76
CA ILE D 314 111.51 -18.28 -28.10
C ILE D 314 111.45 -16.77 -28.25
N GLN D 315 111.05 -16.05 -27.20
CA GLN D 315 111.06 -14.59 -27.28
C GLN D 315 112.47 -14.05 -27.44
N GLU D 316 113.39 -14.49 -26.56
CA GLU D 316 114.76 -14.04 -26.65
C GLU D 316 115.32 -14.26 -28.05
N LEU D 317 114.97 -15.38 -28.67
CA LEU D 317 115.50 -15.67 -29.99
C LEU D 317 114.86 -14.79 -31.05
N GLU D 318 113.55 -14.91 -31.24
CA GLU D 318 112.90 -14.35 -32.41
C GLU D 318 112.03 -13.12 -32.12
N ALA D 319 111.89 -12.72 -30.86
CA ALA D 319 111.14 -11.48 -30.60
C ALA D 319 111.83 -10.27 -31.21
N PRO D 320 113.13 -10.05 -31.01
CA PRO D 320 113.80 -8.96 -31.75
C PRO D 320 114.06 -9.36 -33.19
N PHE D 321 112.99 -9.45 -33.98
CA PHE D 321 113.10 -9.85 -35.38
C PHE D 321 112.04 -9.12 -36.18
N ASP D 322 111.90 -9.51 -37.45
CA ASP D 322 111.15 -8.71 -38.41
C ASP D 322 109.65 -8.63 -38.09
N THR D 323 109.00 -9.77 -37.89
CA THR D 323 107.53 -9.79 -37.91
C THR D 323 106.92 -10.28 -36.60
N VAL D 324 107.52 -9.95 -35.45
CA VAL D 324 106.94 -10.26 -34.15
C VAL D 324 107.38 -9.17 -33.18
N SER D 325 106.50 -8.85 -32.24
CA SER D 325 106.81 -7.81 -31.26
C SER D 325 108.01 -8.23 -30.41
N ALA D 326 108.95 -7.29 -30.25
CA ALA D 326 110.12 -7.54 -29.43
C ALA D 326 109.91 -7.15 -27.96
N ASP D 327 108.79 -6.53 -27.64
CA ASP D 327 108.57 -6.00 -26.31
C ASP D 327 108.68 -7.12 -25.27
N GLU D 328 108.83 -6.70 -24.01
CA GLU D 328 109.00 -7.67 -22.93
C GLU D 328 107.74 -8.51 -22.74
N ASP D 329 106.56 -7.88 -22.80
CA ASP D 329 105.33 -8.56 -22.43
C ASP D 329 104.76 -9.42 -23.54
N ASP D 330 105.34 -9.39 -24.74
CA ASP D 330 104.93 -10.30 -25.80
C ASP D 330 105.24 -11.75 -25.47
N LEU D 331 105.93 -11.99 -24.35
CA LEU D 331 106.26 -13.36 -23.95
C LEU D 331 105.02 -14.23 -23.94
N TYR D 332 103.96 -13.78 -23.28
CA TYR D 332 102.72 -14.53 -23.25
C TYR D 332 101.85 -14.31 -24.48
N GLN D 333 102.21 -13.36 -25.35
CA GLN D 333 101.55 -13.30 -26.65
C GLN D 333 102.03 -14.42 -27.57
N ILE D 334 103.29 -14.85 -27.40
CA ILE D 334 103.86 -15.86 -28.30
C ILE D 334 102.89 -17.02 -28.47
N ASN D 335 102.53 -17.31 -29.72
CA ASN D 335 101.65 -18.44 -30.03
C ASN D 335 102.47 -19.72 -30.00
N LEU D 336 102.27 -20.53 -28.96
CA LEU D 336 103.10 -21.71 -28.79
C LEU D 336 102.63 -22.87 -29.66
N PHE D 337 101.38 -23.29 -29.49
CA PHE D 337 100.90 -24.48 -30.20
C PHE D 337 100.82 -24.24 -31.70
N GLY D 338 100.43 -23.05 -32.12
CA GLY D 338 100.48 -22.67 -33.52
C GLY D 338 101.86 -22.14 -33.88
N ALA D 339 101.92 -21.48 -35.03
CA ALA D 339 103.17 -20.89 -35.52
C ALA D 339 102.91 -19.54 -36.15
N GLN D 340 101.92 -18.82 -35.65
CA GLN D 340 101.57 -17.53 -36.24
C GLN D 340 100.83 -16.70 -35.20
N THR D 341 100.78 -15.39 -35.45
CA THR D 341 100.01 -14.50 -34.60
C THR D 341 98.53 -14.60 -34.94
N VAL D 342 97.74 -13.75 -34.28
CA VAL D 342 96.29 -13.79 -34.49
C VAL D 342 95.96 -13.54 -35.95
N GLU D 343 96.65 -12.60 -36.59
CA GLU D 343 96.35 -12.28 -37.99
C GLU D 343 96.72 -13.40 -38.95
N GLY D 344 97.50 -14.39 -38.49
CA GLY D 344 97.84 -15.51 -39.36
C GLY D 344 99.11 -15.34 -40.16
N VAL D 345 100.08 -14.60 -39.62
CA VAL D 345 101.37 -14.43 -40.29
C VAL D 345 102.32 -15.47 -39.72
N PRO D 346 102.83 -16.40 -40.52
CA PRO D 346 103.63 -17.50 -39.97
C PRO D 346 104.91 -17.02 -39.30
N TYR D 347 105.30 -17.73 -38.25
CA TYR D 347 106.60 -17.53 -37.62
C TYR D 347 107.65 -18.26 -38.43
N HIS D 348 108.43 -17.54 -39.23
CA HIS D 348 109.63 -18.13 -39.77
C HIS D 348 110.70 -18.20 -38.69
N ALA D 349 111.60 -19.17 -38.83
CA ALA D 349 112.56 -19.57 -37.80
C ALA D 349 111.94 -20.51 -36.77
N VAL D 350 110.73 -21.01 -36.99
CA VAL D 350 110.13 -22.02 -36.12
C VAL D 350 109.53 -23.12 -36.99
N GLN D 351 109.83 -24.36 -36.64
CA GLN D 351 109.33 -25.51 -37.38
C GLN D 351 108.68 -26.50 -36.42
N ILE D 352 107.44 -26.87 -36.68
CA ILE D 352 106.72 -27.89 -35.92
C ILE D 352 106.65 -29.14 -36.78
N LEU D 353 107.23 -30.23 -36.29
CA LEU D 353 107.27 -31.46 -37.07
C LEU D 353 105.89 -32.09 -37.11
N GLY D 354 105.47 -32.53 -38.29
CA GLY D 354 104.14 -33.05 -38.51
C GLY D 354 104.01 -34.50 -38.07
N VAL D 355 102.90 -35.12 -38.49
CA VAL D 355 102.61 -36.49 -38.09
C VAL D 355 103.63 -37.45 -38.68
N LEU D 356 103.88 -37.34 -39.99
CA LEU D 356 104.83 -38.25 -40.63
C LEU D 356 106.21 -38.16 -40.00
N ASP D 357 106.53 -37.02 -39.39
CA ASP D 357 107.79 -36.84 -38.68
C ASP D 357 107.68 -37.24 -37.21
N GLY D 358 106.54 -37.76 -36.78
CA GLY D 358 106.37 -38.21 -35.41
C GLY D 358 105.75 -37.19 -34.48
N GLY D 359 105.22 -36.09 -35.00
CA GLY D 359 104.63 -35.06 -34.17
C GLY D 359 103.14 -35.29 -33.96
N VAL D 360 102.53 -34.34 -33.24
CA VAL D 360 101.10 -34.34 -32.98
C VAL D 360 100.55 -33.00 -33.44
N THR D 361 99.45 -33.03 -34.20
CA THR D 361 98.82 -31.83 -34.72
C THR D 361 97.71 -31.42 -33.76
N LEU D 362 97.88 -30.27 -33.11
CA LEU D 362 96.85 -29.72 -32.23
C LEU D 362 95.97 -28.79 -33.04
N THR D 363 94.91 -29.35 -33.61
CA THR D 363 93.93 -28.59 -34.37
C THR D 363 92.55 -28.83 -33.79
N GLU D 364 91.53 -28.29 -34.47
CA GLU D 364 90.16 -28.41 -34.01
C GLU D 364 89.52 -29.74 -34.39
N THR D 365 90.21 -30.58 -35.16
CA THR D 365 89.68 -31.89 -35.53
C THR D 365 90.39 -33.04 -34.82
N ALA D 366 91.60 -32.82 -34.32
CA ALA D 366 92.31 -33.88 -33.60
C ALA D 366 91.64 -34.14 -32.26
N THR D 367 91.63 -35.41 -31.85
CA THR D 367 91.02 -35.82 -30.60
C THR D 367 92.01 -36.68 -29.82
N ASN D 368 92.06 -36.50 -28.51
CA ASN D 368 93.03 -37.14 -27.64
C ASN D 368 92.32 -37.75 -26.45
N TYR D 369 92.57 -39.03 -26.18
CA TYR D 369 91.88 -39.76 -25.13
C TYR D 369 92.81 -40.07 -23.97
N LEU D 370 92.30 -39.96 -22.75
CA LEU D 370 93.08 -40.34 -21.58
C LEU D 370 93.33 -41.84 -21.60
N GLN D 371 94.43 -42.25 -20.97
CA GLN D 371 94.88 -43.63 -20.98
C GLN D 371 94.77 -44.22 -19.59
N GLY D 372 94.36 -45.48 -19.51
CA GLY D 372 94.31 -46.18 -18.24
C GLY D 372 92.89 -46.32 -17.70
N GLY D 373 92.77 -46.56 -16.40
CA GLY D 373 91.48 -46.66 -15.77
C GLY D 373 90.83 -48.01 -16.00
N GLY D 374 89.58 -48.11 -15.54
CA GLY D 374 88.81 -49.33 -15.64
C GLY D 374 87.88 -49.46 -14.45
N ASP D 375 86.88 -50.34 -14.60
CA ASP D 375 85.86 -50.53 -13.57
C ASP D 375 86.23 -51.60 -12.56
N GLY D 376 87.04 -52.58 -12.94
CA GLY D 376 87.26 -53.75 -12.12
C GLY D 376 86.35 -54.88 -12.52
N THR D 377 86.34 -55.92 -11.70
CA THR D 377 85.55 -57.11 -11.96
C THR D 377 84.13 -56.92 -11.42
N LEU D 378 83.16 -56.82 -12.33
CA LEU D 378 81.78 -56.55 -11.98
C LEU D 378 80.95 -57.82 -12.12
N GLY D 379 79.80 -57.82 -11.46
CA GLY D 379 78.89 -58.96 -11.44
C GLY D 379 78.40 -59.25 -10.05
N ASN D 380 77.51 -60.24 -9.96
CA ASN D 380 76.87 -60.55 -8.69
C ASN D 380 77.86 -61.10 -7.68
N ASP D 381 78.85 -61.87 -8.12
CA ASP D 381 79.81 -62.44 -7.18
C ASP D 381 80.65 -61.35 -6.51
N SER D 382 81.26 -60.47 -7.31
CA SER D 382 82.02 -59.36 -6.73
C SER D 382 81.11 -58.42 -5.94
N PHE D 383 79.86 -58.26 -6.38
CA PHE D 383 78.94 -57.43 -5.63
C PHE D 383 78.69 -58.00 -4.24
N ASN D 384 78.44 -59.30 -4.16
CA ASN D 384 78.24 -59.92 -2.85
C ASN D 384 79.50 -59.83 -2.01
N ALA D 385 80.67 -59.98 -2.63
CA ALA D 385 81.91 -59.83 -1.87
C ALA D 385 82.02 -58.44 -1.27
N ALA D 386 81.75 -57.40 -2.07
CA ALA D 386 81.84 -56.04 -1.57
C ALA D 386 80.81 -55.77 -0.49
N ALA D 387 79.57 -56.22 -0.70
CA ALA D 387 78.52 -55.99 0.29
C ALA D 387 78.86 -56.68 1.61
N TYR D 388 79.39 -57.90 1.55
CA TYR D 388 79.81 -58.58 2.77
C TYR D 388 80.93 -57.82 3.44
N ALA D 389 81.91 -57.35 2.66
CA ALA D 389 83.00 -56.59 3.25
C ALA D 389 82.50 -55.38 4.00
N VAL D 390 81.50 -54.70 3.45
CA VAL D 390 80.93 -53.52 4.11
C VAL D 390 80.13 -53.90 5.35
N LEU D 391 79.29 -54.93 5.26
CA LEU D 391 78.35 -55.21 6.35
C LEU D 391 79.01 -55.95 7.52
N SER D 392 80.02 -56.78 7.26
CA SER D 392 80.62 -57.55 8.35
C SER D 392 81.33 -56.64 9.33
N ASN D 393 82.00 -55.59 8.84
CA ASN D 393 82.70 -54.64 9.69
C ASN D 393 81.85 -53.38 9.82
N LEU D 394 80.87 -53.45 10.73
CA LEU D 394 80.01 -52.29 10.98
C LEU D 394 80.47 -51.47 12.17
N SER D 395 81.13 -52.09 13.15
CA SER D 395 81.49 -51.42 14.38
C SER D 395 82.92 -50.85 14.37
N ASN D 396 83.71 -51.12 13.33
CA ASN D 396 85.06 -50.59 13.27
C ASN D 396 85.46 -50.19 11.85
N ASN D 397 84.49 -49.88 11.01
CA ASN D 397 84.80 -49.44 9.65
C ASN D 397 85.41 -48.05 9.67
N ALA D 398 86.48 -47.88 8.90
CA ALA D 398 87.18 -46.60 8.81
C ALA D 398 86.59 -45.69 7.74
N ALA D 399 85.58 -46.14 6.99
CA ALA D 399 84.95 -45.33 5.97
C ALA D 399 83.78 -44.52 6.52
N PHE D 400 82.89 -45.16 7.27
CA PHE D 400 81.73 -44.48 7.81
C PHE D 400 81.13 -45.32 8.93
N ASN D 401 80.71 -44.65 9.99
CA ASN D 401 80.06 -45.28 11.13
C ASN D 401 78.56 -45.05 10.98
N ILE D 402 77.80 -46.13 10.83
CA ILE D 402 76.39 -46.02 10.50
C ILE D 402 75.48 -46.10 11.72
N THR D 403 76.03 -45.95 12.91
CA THR D 403 75.21 -45.76 14.11
C THR D 403 74.93 -44.29 14.37
N ASN D 404 75.34 -43.41 13.46
CA ASN D 404 75.10 -41.98 13.58
C ASN D 404 73.69 -41.70 13.11
N TYR D 405 72.75 -41.53 14.05
CA TYR D 405 71.35 -41.36 13.70
C TYR D 405 71.14 -40.09 12.88
N ALA D 406 71.83 -39.01 13.25
CA ALA D 406 71.55 -37.73 12.63
C ALA D 406 72.14 -37.62 11.22
N ARG D 407 73.21 -38.37 10.94
CA ARG D 407 73.91 -38.24 9.68
C ARG D 407 73.49 -39.26 8.64
N TYR D 408 72.84 -40.35 9.04
CA TYR D 408 72.40 -41.41 8.13
C TYR D 408 70.94 -41.72 8.44
N PRO D 409 70.00 -40.94 7.92
CA PRO D 409 68.59 -41.14 8.23
C PRO D 409 67.95 -42.38 7.62
N PHE D 410 68.71 -43.29 7.02
CA PHE D 410 68.12 -44.50 6.49
C PHE D 410 67.47 -45.29 7.62
N ASN D 411 66.35 -45.95 7.32
CA ASN D 411 65.69 -46.77 8.33
C ASN D 411 65.17 -48.11 7.81
N ALA D 412 65.35 -48.43 6.53
CA ALA D 412 64.84 -49.69 5.99
C ALA D 412 65.90 -50.36 5.13
N PHE D 413 65.98 -51.68 5.22
CA PHE D 413 66.91 -52.47 4.41
C PHE D 413 66.16 -53.67 3.83
N TRP D 414 66.23 -53.83 2.52
CA TRP D 414 65.56 -54.92 1.81
C TRP D 414 66.60 -55.85 1.20
N ASP D 415 66.50 -57.14 1.52
CA ASP D 415 67.37 -58.14 0.91
C ASP D 415 66.91 -58.37 -0.53
N SER D 416 67.80 -58.08 -1.47
CA SER D 416 67.48 -58.20 -2.89
C SER D 416 67.98 -59.51 -3.50
N GLY D 417 68.50 -60.43 -2.69
CA GLY D 417 68.96 -61.70 -3.20
C GLY D 417 70.40 -62.00 -2.89
N PHE D 418 70.92 -61.46 -1.78
CA PHE D 418 72.28 -61.77 -1.38
C PHE D 418 72.42 -63.25 -1.06
N ASP D 419 73.63 -63.77 -1.25
CA ASP D 419 73.91 -65.14 -0.89
C ASP D 419 73.70 -65.35 0.61
N LEU D 420 73.59 -66.61 1.01
CA LEU D 420 73.25 -66.93 2.39
C LEU D 420 74.32 -66.47 3.37
N LYS D 421 75.58 -66.41 2.95
CA LYS D 421 76.62 -65.90 3.84
C LYS D 421 76.40 -64.44 4.16
N THR D 422 76.02 -63.63 3.17
CA THR D 422 75.76 -62.22 3.42
C THR D 422 74.42 -62.00 4.09
N LYS D 423 73.45 -62.90 3.88
CA LYS D 423 72.15 -62.74 4.50
C LYS D 423 72.25 -62.72 6.01
N GLN D 424 73.28 -63.34 6.58
CA GLN D 424 73.36 -63.53 8.02
C GLN D 424 74.10 -62.42 8.74
N THR D 425 74.56 -61.39 8.03
CA THR D 425 75.13 -60.21 8.66
C THR D 425 74.18 -59.03 8.65
N ILE D 426 72.99 -59.17 8.07
CA ILE D 426 72.02 -58.09 7.99
C ILE D 426 71.23 -57.97 9.28
N PRO D 427 70.79 -59.07 9.92
CA PRO D 427 69.90 -58.95 11.08
C PRO D 427 70.45 -58.07 12.19
N GLN D 428 71.77 -57.86 12.23
CA GLN D 428 72.35 -57.08 13.32
C GLN D 428 72.02 -55.60 13.24
N LEU D 429 71.41 -55.13 12.15
CA LEU D 429 71.01 -53.74 12.07
C LEU D 429 69.94 -53.42 13.10
N ILE D 430 68.95 -54.31 13.28
CA ILE D 430 67.93 -54.12 14.29
C ILE D 430 68.45 -54.39 15.70
N GLY D 431 69.74 -54.71 15.84
CA GLY D 431 70.35 -54.80 17.14
C GLY D 431 71.20 -53.57 17.42
N LEU D 432 71.83 -53.04 16.38
CA LEU D 432 72.67 -51.86 16.53
C LEU D 432 71.90 -50.56 16.54
N ARG D 433 70.69 -50.52 15.93
CA ARG D 433 69.92 -49.29 15.87
C ARG D 433 68.47 -49.56 16.28
N ALA D 434 67.85 -48.56 16.88
CA ALA D 434 66.49 -48.68 17.42
C ALA D 434 65.44 -48.06 16.52
N ASP D 435 65.77 -47.72 15.29
CA ASP D 435 64.80 -47.18 14.33
C ASP D 435 65.01 -47.80 12.96
N THR D 436 65.18 -49.12 12.91
CA THR D 436 65.51 -49.82 11.68
C THR D 436 64.52 -50.95 11.43
N TRP D 437 64.32 -51.26 10.15
CA TRP D 437 63.33 -52.24 9.73
C TRP D 437 63.91 -53.02 8.56
N ILE D 438 63.92 -54.35 8.67
CA ILE D 438 64.58 -55.21 7.70
C ILE D 438 63.58 -56.17 7.08
N ALA D 439 63.71 -56.37 5.77
CA ALA D 439 62.98 -57.38 5.04
C ALA D 439 63.99 -58.38 4.49
N LEU D 440 63.78 -59.66 4.78
CA LEU D 440 64.69 -60.72 4.39
C LEU D 440 64.08 -61.58 3.30
N SER D 441 64.93 -62.19 2.49
CA SER D 441 64.53 -63.07 1.40
C SER D 441 65.16 -64.43 1.60
N THR D 442 64.39 -65.48 1.35
CA THR D 442 64.90 -66.85 1.46
C THR D 442 65.46 -67.38 0.15
N GLN D 443 65.91 -66.50 -0.74
CA GLN D 443 66.34 -66.90 -2.08
C GLN D 443 67.69 -66.28 -2.40
N ASP D 444 68.53 -67.05 -3.09
CA ASP D 444 69.80 -66.57 -3.64
C ASP D 444 69.64 -66.50 -5.15
N ILE D 445 69.61 -65.28 -5.69
CA ILE D 445 69.28 -65.10 -7.10
C ILE D 445 70.32 -65.71 -8.01
N SER D 446 71.53 -65.99 -7.50
CA SER D 446 72.55 -66.62 -8.32
C SER D 446 72.40 -68.13 -8.42
N SER D 447 71.43 -68.71 -7.71
CA SER D 447 71.25 -70.15 -7.66
C SER D 447 69.90 -70.52 -8.29
N ASP D 448 69.60 -71.82 -8.25
CA ASP D 448 68.33 -72.31 -8.77
C ASP D 448 67.21 -72.00 -7.78
N PHE D 449 65.99 -71.87 -8.31
CA PHE D 449 64.84 -71.64 -7.45
C PHE D 449 64.75 -72.76 -6.43
N ASN D 450 64.59 -72.39 -5.16
CA ASN D 450 64.65 -73.35 -4.07
C ASN D 450 63.40 -74.22 -4.04
N SER D 451 63.55 -75.42 -3.48
CA SER D 451 62.44 -76.31 -3.25
C SER D 451 61.83 -76.05 -1.87
N ASN D 452 60.78 -76.79 -1.54
CA ASN D 452 60.10 -76.57 -0.26
C ASN D 452 61.03 -76.85 0.91
N GLU D 453 61.80 -77.93 0.84
CA GLU D 453 62.71 -78.26 1.93
C GLU D 453 63.79 -77.21 2.11
N GLU D 454 64.36 -76.72 1.01
CA GLU D 454 65.36 -75.66 1.10
C GLU D 454 64.76 -74.37 1.64
N GLU D 455 63.54 -74.03 1.21
CA GLU D 455 62.85 -72.89 1.81
C GLU D 455 62.77 -73.04 3.32
N GLU D 456 62.33 -74.21 3.79
CA GLU D 456 62.17 -74.41 5.23
C GLU D 456 63.51 -74.32 5.94
N SER D 457 64.55 -74.91 5.36
CA SER D 457 65.86 -74.90 6.00
C SER D 457 66.41 -73.49 6.11
N ILE D 458 66.31 -72.70 5.03
CA ILE D 458 66.81 -71.34 5.06
C ILE D 458 65.97 -70.49 6.02
N ALA D 459 64.66 -70.74 6.08
CA ALA D 459 63.83 -70.00 7.02
C ALA D 459 64.25 -70.26 8.46
N LEU D 460 64.50 -71.52 8.80
CA LEU D 460 64.96 -71.81 10.16
C LEU D 460 66.32 -71.19 10.44
N SER D 461 67.21 -71.23 9.44
CA SER D 461 68.55 -70.67 9.64
C SER D 461 68.49 -69.17 9.87
N LEU D 462 67.58 -68.48 9.15
CA LEU D 462 67.45 -67.04 9.35
C LEU D 462 66.75 -66.71 10.66
N MET D 463 65.76 -67.51 11.05
CA MET D 463 65.08 -67.28 12.32
C MET D 463 66.05 -67.44 13.49
N SER D 464 66.95 -68.42 13.40
CA SER D 464 67.93 -68.60 14.46
C SER D 464 68.82 -67.37 14.60
N ARG D 465 69.26 -66.82 13.47
CA ARG D 465 70.10 -65.62 13.51
C ARG D 465 69.32 -64.45 14.09
N VAL D 466 68.06 -64.30 13.68
CA VAL D 466 67.25 -63.19 14.15
C VAL D 466 66.99 -63.28 15.64
N SER D 467 66.86 -64.50 16.18
CA SER D 467 66.52 -64.65 17.59
C SER D 467 67.60 -64.13 18.52
N ALA D 468 68.80 -63.85 18.01
CA ALA D 468 69.90 -63.41 18.84
C ALA D 468 69.92 -61.91 19.09
N PHE D 469 68.96 -61.17 18.56
CA PHE D 469 68.88 -59.72 18.74
C PHE D 469 67.50 -59.37 19.27
N PRO D 470 67.24 -59.62 20.55
CA PRO D 470 65.92 -59.31 21.10
C PRO D 470 65.63 -57.81 21.04
N ASP D 471 64.34 -57.48 20.97
CA ASP D 471 63.94 -56.08 20.94
C ASP D 471 64.39 -55.37 22.20
N SER D 472 64.22 -56.00 23.35
CA SER D 472 64.63 -55.48 24.64
C SER D 472 65.65 -56.44 25.22
N SER D 473 66.88 -55.95 25.44
CA SER D 473 67.89 -56.81 26.04
C SER D 473 67.63 -56.98 27.54
N ASP D 474 66.99 -56.00 28.17
CA ASP D 474 66.68 -56.13 29.59
C ASP D 474 65.65 -57.23 29.84
N PHE D 475 64.55 -57.22 29.10
CA PHE D 475 63.45 -58.14 29.33
C PHE D 475 63.30 -59.19 28.24
N GLY D 476 64.18 -59.19 27.23
CA GLY D 476 64.17 -60.24 26.23
C GLY D 476 62.94 -60.28 25.36
N THR D 477 62.36 -59.15 25.03
CA THR D 477 61.24 -59.13 24.09
C THR D 477 61.73 -59.61 22.72
N PRO D 478 61.07 -60.60 22.11
CA PRO D 478 61.49 -61.01 20.76
C PRO D 478 61.40 -59.86 19.78
N ALA D 479 62.34 -59.87 18.82
CA ALA D 479 62.37 -58.81 17.82
C ALA D 479 61.13 -58.86 16.95
N PHE D 480 60.68 -57.70 16.49
CA PHE D 480 59.49 -57.62 15.65
C PHE D 480 59.58 -56.60 14.53
N ARG D 481 60.74 -55.97 14.31
CA ARG D 481 60.89 -54.94 13.28
C ARG D 481 61.44 -55.57 12.00
N GLY D 482 60.52 -56.02 11.15
CA GLY D 482 60.90 -56.56 9.86
C GLY D 482 59.97 -57.69 9.45
N MET D 483 60.41 -58.43 8.45
CA MET D 483 59.67 -59.61 8.00
C MET D 483 60.55 -60.47 7.11
N ILE D 484 60.09 -61.68 6.82
CA ILE D 484 60.76 -62.62 5.93
C ILE D 484 59.78 -62.98 4.82
N VAL D 485 60.22 -62.90 3.58
CA VAL D 485 59.39 -63.16 2.41
C VAL D 485 60.02 -64.26 1.60
N GLY D 486 59.23 -65.26 1.23
CA GLY D 486 59.71 -66.40 0.46
C GLY D 486 59.10 -66.44 -0.93
N GLY D 487 59.92 -66.80 -1.92
CA GLY D 487 59.49 -66.90 -3.29
C GLY D 487 60.44 -66.18 -4.24
N ALA D 488 60.26 -66.49 -5.52
CA ALA D 488 61.06 -65.88 -6.57
C ALA D 488 60.30 -65.97 -7.88
N GLY D 489 60.75 -65.18 -8.85
CA GLY D 489 60.10 -65.15 -10.16
C GLY D 489 60.95 -64.39 -11.15
N TYR D 490 60.29 -63.82 -12.16
CA TYR D 490 60.96 -63.08 -13.22
C TYR D 490 60.40 -61.67 -13.31
N TYR D 491 61.29 -60.72 -13.56
CA TYR D 491 60.92 -59.31 -13.60
C TYR D 491 60.10 -59.02 -14.85
N THR D 492 58.98 -58.34 -14.69
CA THR D 492 58.04 -58.14 -15.79
C THR D 492 58.24 -56.83 -16.55
N GLU D 493 58.99 -55.89 -16.00
CA GLU D 493 59.15 -54.59 -16.63
C GLU D 493 60.31 -54.54 -17.61
N THR D 494 60.73 -55.70 -18.13
CA THR D 494 61.85 -55.76 -19.05
C THR D 494 61.63 -56.90 -20.02
N THR D 495 62.23 -56.78 -21.22
CA THR D 495 62.13 -57.85 -22.19
C THR D 495 63.06 -59.01 -21.86
N ARG D 496 64.21 -58.73 -21.26
CA ARG D 496 65.16 -59.78 -20.92
C ARG D 496 64.56 -60.75 -19.92
N LYS D 497 65.31 -61.81 -19.63
CA LYS D 497 64.98 -62.74 -18.56
C LYS D 497 65.83 -62.41 -17.35
N LEU D 498 65.20 -61.94 -16.28
CA LEU D 498 65.91 -61.40 -15.13
C LEU D 498 65.21 -61.85 -13.85
N PRO D 499 65.70 -62.90 -13.19
CA PRO D 499 65.03 -63.38 -11.98
C PRO D 499 65.12 -62.38 -10.84
N VAL D 500 64.11 -62.39 -9.98
CA VAL D 500 64.03 -61.48 -8.84
C VAL D 500 63.25 -62.16 -7.72
N PRO D 501 63.42 -61.77 -6.46
CA PRO D 501 62.56 -62.27 -5.39
C PRO D 501 61.38 -61.35 -5.12
N LEU D 502 60.38 -61.89 -4.42
CA LEU D 502 59.15 -61.13 -4.17
C LEU D 502 59.36 -59.95 -3.24
N THR D 503 60.51 -59.87 -2.57
CA THR D 503 60.82 -58.66 -1.82
C THR D 503 60.79 -57.44 -2.72
N LEU D 504 61.07 -57.61 -4.02
CA LEU D 504 60.99 -56.48 -4.93
C LEU D 504 59.56 -55.96 -5.03
N ASP D 505 58.59 -56.86 -5.17
CA ASP D 505 57.20 -56.43 -5.27
C ASP D 505 56.75 -55.75 -3.99
N ARG D 506 57.07 -56.36 -2.84
CA ARG D 506 56.69 -55.69 -1.60
C ARG D 506 57.39 -54.35 -1.45
N PHE D 507 58.63 -54.24 -1.93
CA PHE D 507 59.37 -52.99 -1.85
C PHE D 507 58.68 -51.91 -2.65
N ARG D 508 58.23 -52.25 -3.85
CA ARG D 508 57.48 -51.28 -4.67
C ARG D 508 56.20 -50.86 -3.97
N ALA D 509 55.48 -51.81 -3.38
CA ALA D 509 54.24 -51.47 -2.68
C ALA D 509 54.51 -50.50 -1.54
N TYR D 510 55.55 -50.76 -0.74
CA TYR D 510 55.86 -49.88 0.38
C TYR D 510 56.34 -48.52 -0.08
N CYS D 511 57.13 -48.48 -1.16
CA CYS D 511 57.58 -47.20 -1.71
C CYS D 511 56.38 -46.34 -2.10
N ARG D 512 55.37 -46.95 -2.73
CA ARG D 512 54.18 -46.19 -3.11
C ARG D 512 53.36 -45.78 -1.89
N TYR D 513 53.26 -46.65 -0.89
CA TYR D 513 52.40 -46.38 0.26
C TYR D 513 52.99 -45.33 1.18
N ALA D 514 54.19 -45.58 1.71
CA ALA D 514 54.73 -44.82 2.83
C ALA D 514 55.99 -44.06 2.47
N GLY D 515 56.02 -43.43 1.30
CA GLY D 515 57.21 -42.74 0.86
C GLY D 515 57.00 -41.29 0.49
N ALA D 516 55.81 -40.77 0.73
CA ALA D 516 55.51 -39.38 0.38
C ALA D 516 56.47 -38.45 1.09
N SER D 517 56.88 -37.40 0.38
CA SER D 517 57.86 -36.48 0.94
C SER D 517 57.32 -35.68 2.11
N ASP D 518 56.00 -35.70 2.35
CA ASP D 518 55.41 -34.93 3.43
C ASP D 518 55.16 -35.75 4.69
N GLY D 519 55.57 -37.02 4.72
CA GLY D 519 55.52 -37.78 5.96
C GLY D 519 54.14 -38.09 6.48
N VAL D 520 53.19 -38.38 5.61
CA VAL D 520 51.86 -38.85 5.99
C VAL D 520 51.47 -39.98 5.06
N LEU D 521 50.99 -41.08 5.62
CA LEU D 521 50.67 -42.26 4.81
C LEU D 521 49.53 -41.95 3.85
N LYS D 522 49.62 -42.48 2.63
CA LYS D 522 48.62 -42.27 1.59
C LYS D 522 47.50 -43.30 1.73
N PRO D 523 46.25 -42.87 1.98
CA PRO D 523 45.17 -43.86 2.12
C PRO D 523 44.85 -44.61 0.84
N GLU D 524 45.29 -44.13 -0.31
CA GLU D 524 44.89 -44.72 -1.58
C GLU D 524 45.82 -45.84 -2.05
N TYR D 525 46.83 -46.20 -1.26
CA TYR D 525 47.77 -47.24 -1.65
C TYR D 525 47.95 -48.29 -0.55
N ALA D 526 47.02 -48.39 0.38
CA ALA D 526 47.14 -49.32 1.49
C ALA D 526 47.67 -50.66 1.01
N VAL D 527 48.71 -51.16 1.68
CA VAL D 527 49.42 -52.33 1.22
C VAL D 527 48.65 -53.63 1.40
N ASP D 528 47.43 -53.57 1.92
CA ASP D 528 46.61 -54.76 2.05
C ASP D 528 45.15 -54.48 1.73
N GLU D 529 44.89 -53.55 0.82
CA GLU D 529 43.54 -53.25 0.38
C GLU D 529 43.57 -52.93 -1.11
N GLY D 530 42.58 -53.42 -1.84
CA GLY D 530 42.44 -53.04 -3.23
C GLY D 530 43.40 -53.81 -4.11
N ASP D 531 44.11 -53.08 -4.95
CA ASP D 531 45.03 -53.68 -5.91
C ASP D 531 46.47 -53.74 -5.41
N ALA D 532 46.74 -53.31 -4.20
CA ALA D 532 48.08 -53.39 -3.65
C ALA D 532 48.37 -54.72 -2.96
N ARG D 533 47.35 -55.55 -2.73
CA ARG D 533 47.56 -56.84 -2.09
C ARG D 533 47.85 -57.95 -3.09
N LYS D 534 48.03 -57.62 -4.38
CA LYS D 534 48.37 -58.58 -5.41
C LYS D 534 49.80 -58.35 -5.89
N VAL D 535 50.38 -59.39 -6.48
CA VAL D 535 51.69 -59.26 -7.12
C VAL D 535 51.54 -58.50 -8.42
N GLN D 536 52.50 -57.62 -8.70
CA GLN D 536 52.40 -56.73 -9.85
C GLN D 536 53.67 -56.64 -10.69
N VAL D 537 54.84 -57.01 -10.17
CA VAL D 537 56.08 -56.89 -10.90
C VAL D 537 56.88 -58.19 -10.90
N VAL D 538 56.20 -59.33 -10.80
CA VAL D 538 56.86 -60.63 -10.82
C VAL D 538 55.92 -61.64 -11.48
N LYS D 539 56.49 -62.61 -12.19
CA LYS D 539 55.71 -63.62 -12.88
C LYS D 539 56.43 -64.96 -12.82
N SER D 540 55.70 -66.01 -13.16
CA SER D 540 56.24 -67.37 -13.17
C SER D 540 56.79 -67.76 -11.80
N ILE D 541 56.07 -67.38 -10.75
CA ILE D 541 56.50 -67.71 -9.40
C ILE D 541 56.52 -69.23 -9.25
N ASN D 542 57.31 -69.71 -8.29
CA ASN D 542 57.56 -71.13 -8.11
C ASN D 542 56.86 -71.67 -6.88
N ASN D 543 56.78 -73.01 -6.82
CA ASN D 543 56.22 -73.71 -5.67
C ASN D 543 54.83 -73.20 -5.33
N LEU D 544 54.01 -72.95 -6.35
CA LEU D 544 52.65 -72.48 -6.08
C LEU D 544 51.71 -73.63 -5.75
N ASP D 545 52.14 -74.88 -5.95
CA ASP D 545 51.37 -76.04 -5.50
C ASP D 545 51.84 -76.53 -4.14
N LYS D 546 51.92 -75.63 -3.16
CA LYS D 546 52.26 -76.07 -1.81
C LYS D 546 51.15 -76.97 -1.27
N SER D 547 51.53 -77.90 -0.41
CA SER D 547 50.54 -78.71 0.28
C SER D 547 49.94 -77.91 1.44
N TRP D 548 48.81 -78.40 1.95
CA TRP D 548 48.22 -77.78 3.12
C TRP D 548 49.19 -77.80 4.28
N ARG D 549 49.89 -78.92 4.46
CA ARG D 549 50.85 -79.03 5.56
C ARG D 549 52.01 -78.07 5.37
N VAL D 550 52.50 -77.92 4.14
CA VAL D 550 53.59 -76.99 3.88
C VAL D 550 53.16 -75.56 4.19
N ARG D 551 51.97 -75.18 3.73
CA ARG D 551 51.48 -73.84 3.99
C ARG D 551 51.29 -73.61 5.49
N ARG D 552 50.76 -74.59 6.20
CA ARG D 552 50.57 -74.47 7.64
C ARG D 552 51.90 -74.31 8.35
N ALA D 553 52.90 -75.08 7.94
CA ALA D 553 54.22 -74.96 8.56
C ALA D 553 54.82 -73.59 8.32
N GLN D 554 54.71 -73.07 7.10
CA GLN D 554 55.25 -71.74 6.83
C GLN D 554 54.53 -70.68 7.64
N TRP D 555 53.21 -70.76 7.72
CA TRP D 555 52.47 -69.79 8.52
C TRP D 555 52.91 -69.85 9.98
N ASN D 556 53.06 -71.06 10.53
CA ASN D 556 53.47 -71.18 11.92
C ASN D 556 54.92 -70.74 12.13
N ASN D 557 55.74 -70.75 11.08
CA ASN D 557 57.10 -70.22 11.16
C ASN D 557 57.18 -68.75 10.78
N ASN D 558 56.04 -68.12 10.51
CA ASN D 558 55.96 -66.66 10.35
C ASN D 558 56.57 -66.17 9.05
N LEU D 559 56.37 -66.92 7.97
CA LEU D 559 56.79 -66.45 6.65
C LEU D 559 55.64 -65.75 5.94
N VAL D 560 55.99 -64.91 4.98
CA VAL D 560 55.03 -64.25 4.12
C VAL D 560 55.12 -64.88 2.74
N TYR D 561 54.01 -65.42 2.25
CA TYR D 561 53.97 -66.13 1.00
C TYR D 561 52.70 -65.76 0.24
N VAL D 562 52.74 -65.94 -1.08
CA VAL D 562 51.63 -65.60 -1.93
C VAL D 562 50.87 -66.86 -2.32
N GLU D 563 49.62 -66.66 -2.73
CA GLU D 563 48.77 -67.73 -3.24
C GLU D 563 48.23 -67.30 -4.60
N ASP D 564 47.49 -68.19 -5.25
CA ASP D 564 46.84 -67.85 -6.49
C ASP D 564 45.55 -67.09 -6.22
N TYR D 565 45.43 -65.91 -6.83
CA TYR D 565 44.17 -65.18 -6.80
C TYR D 565 43.20 -65.77 -7.81
N ASP D 566 43.58 -65.77 -9.08
CA ASP D 566 42.85 -66.43 -10.14
C ASP D 566 43.87 -67.05 -11.09
N THR D 567 43.42 -67.44 -12.28
CA THR D 567 44.30 -68.15 -13.20
C THR D 567 45.48 -67.29 -13.65
N ASN D 568 45.42 -65.97 -13.44
CA ASN D 568 46.40 -65.06 -13.98
C ASN D 568 47.33 -64.43 -12.95
N SER D 569 46.98 -64.45 -11.67
CA SER D 569 47.67 -63.60 -10.71
C SER D 569 47.71 -64.25 -9.34
N GLN D 570 48.35 -63.55 -8.39
CA GLN D 570 48.54 -64.02 -7.03
C GLN D 570 48.22 -62.90 -6.05
N PHE D 571 48.07 -63.26 -4.78
CA PHE D 571 47.76 -62.29 -3.74
C PHE D 571 48.32 -62.76 -2.41
N TYR D 572 48.41 -61.83 -1.46
CA TYR D 572 48.95 -62.13 -0.14
C TYR D 572 47.80 -62.40 0.82
N PRO D 573 47.59 -63.64 1.25
CA PRO D 573 46.52 -63.89 2.23
C PRO D 573 46.71 -63.15 3.54
N GLY D 574 47.94 -62.95 3.98
CA GLY D 574 48.20 -62.21 5.21
C GLY D 574 49.67 -61.82 5.31
N GLN D 575 49.93 -60.56 5.60
CA GLN D 575 51.30 -60.03 5.61
C GLN D 575 51.73 -59.74 7.05
N GLN D 576 52.44 -60.70 7.63
CA GLN D 576 52.81 -60.65 9.03
C GLN D 576 54.31 -60.46 9.21
N SER D 577 54.69 -60.04 10.41
CA SER D 577 56.09 -59.89 10.76
C SER D 577 56.63 -61.17 11.40
N PHE D 578 57.93 -61.17 11.68
CA PHE D 578 58.56 -62.32 12.33
C PHE D 578 58.57 -62.24 13.85
N TYR D 579 57.58 -61.57 14.43
CA TYR D 579 57.37 -61.68 15.87
C TYR D 579 56.85 -63.08 16.18
N SER D 580 57.48 -63.76 17.15
CA SER D 580 57.21 -65.17 17.39
C SER D 580 56.23 -65.44 18.51
N GLU D 581 55.80 -64.43 19.27
CA GLU D 581 54.94 -64.67 20.40
C GLU D 581 53.47 -64.64 20.00
N GLN D 582 52.60 -64.74 21.02
CA GLN D 582 51.16 -64.78 20.81
C GLN D 582 50.51 -63.40 20.81
N GLY D 583 51.26 -62.35 21.06
CA GLY D 583 50.68 -61.01 21.03
C GLY D 583 50.06 -60.68 19.70
N SER D 584 48.84 -60.16 19.72
CA SER D 584 48.14 -59.74 18.52
C SER D 584 48.40 -58.28 18.15
N VAL D 585 49.09 -57.52 19.02
CA VAL D 585 49.43 -56.14 18.69
C VAL D 585 50.49 -56.09 17.61
N LEU D 586 51.51 -56.95 17.72
CA LEU D 586 52.69 -56.89 16.88
C LEU D 586 52.64 -57.89 15.74
N LYS D 587 51.47 -58.13 15.15
CA LYS D 587 51.34 -59.20 14.16
C LYS D 587 51.35 -58.67 12.74
N ALA D 588 51.16 -57.37 12.53
CA ALA D 588 51.23 -56.81 11.19
C ALA D 588 52.59 -56.16 10.97
N ALA D 589 53.12 -56.31 9.75
CA ALA D 589 54.47 -55.84 9.47
C ALA D 589 54.56 -54.32 9.46
N ILE D 590 53.48 -53.63 9.07
CA ILE D 590 53.52 -52.18 8.97
C ILE D 590 53.69 -51.53 10.34
N VAL D 591 53.17 -52.16 11.40
CA VAL D 591 53.25 -51.58 12.73
C VAL D 591 54.70 -51.48 13.18
N GLY D 592 55.56 -52.40 12.72
CA GLY D 592 56.96 -52.29 13.05
C GLY D 592 57.59 -51.02 12.49
N LEU D 593 57.27 -50.69 11.24
CA LEU D 593 57.76 -49.46 10.64
C LEU D 593 57.23 -48.24 11.40
N CYS D 594 55.97 -48.31 11.82
CA CYS D 594 55.41 -47.20 12.59
C CYS D 594 56.17 -47.00 13.89
N VAL D 595 56.50 -48.09 14.57
CA VAL D 595 57.23 -47.98 15.83
C VAL D 595 58.64 -47.45 15.59
N ALA D 596 59.27 -47.85 14.48
CA ALA D 596 60.58 -47.30 14.16
C ALA D 596 60.51 -45.78 14.01
N ASN D 597 59.45 -45.30 13.36
CA ASN D 597 59.29 -43.85 13.22
C ASN D 597 59.10 -43.17 14.57
N LEU D 598 58.36 -43.82 15.47
CA LEU D 598 58.23 -43.27 16.82
C LEU D 598 59.60 -43.13 17.49
N ASN D 599 60.43 -44.16 17.35
CA ASN D 599 61.77 -44.11 17.93
C ASN D 599 62.59 -42.97 17.34
N ARG D 600 62.40 -42.69 16.04
CA ARG D 600 63.06 -41.53 15.45
C ARG D 600 62.57 -40.23 16.07
N PHE D 601 61.26 -40.11 16.29
CA PHE D 601 60.72 -38.87 16.86
C PHE D 601 61.32 -38.59 18.24
N ALA D 602 61.50 -39.63 19.04
CA ALA D 602 62.11 -39.43 20.36
C ALA D 602 63.52 -38.85 20.24
N PHE D 603 64.30 -39.37 19.29
CA PHE D 603 65.64 -38.83 19.05
C PHE D 603 65.56 -37.35 18.70
N GLU D 604 64.59 -36.98 17.86
CA GLU D 604 64.47 -35.58 17.49
C GLU D 604 64.17 -34.71 18.71
N ALA D 605 63.31 -35.19 19.61
CA ALA D 605 63.01 -34.43 20.82
C ALA D 605 64.27 -34.19 21.64
N TRP D 606 65.06 -35.24 21.87
CA TRP D 606 66.32 -35.05 22.60
C TRP D 606 67.21 -34.06 21.87
N ARG D 607 67.44 -34.26 20.58
CA ARG D 607 68.33 -33.41 19.82
C ARG D 607 67.94 -31.96 19.98
N ASP D 608 66.64 -31.67 20.03
CA ASP D 608 66.20 -30.29 20.20
C ASP D 608 66.46 -29.78 21.61
N LEU D 609 66.17 -30.57 22.64
CA LEU D 609 66.16 -30.05 24.00
C LEU D 609 67.49 -30.14 24.73
N THR D 610 68.48 -30.85 24.20
CA THR D 610 69.68 -31.15 24.98
C THR D 610 70.51 -29.91 25.28
N GLY D 611 71.14 -29.91 26.46
CA GLY D 611 72.21 -28.98 26.78
C GLY D 611 71.83 -27.52 26.88
N THR D 612 70.69 -27.20 27.47
CA THR D 612 70.20 -25.83 27.54
C THR D 612 70.31 -25.30 28.97
N GLN D 613 70.84 -24.09 29.11
CA GLN D 613 71.17 -23.53 30.41
C GLN D 613 69.93 -23.16 31.22
N LYS D 614 68.98 -22.47 30.59
CA LYS D 614 67.94 -21.75 31.31
C LYS D 614 66.61 -22.48 31.38
N LEU D 615 66.56 -23.76 31.03
CA LEU D 615 65.32 -24.50 31.15
C LEU D 615 65.04 -24.85 32.61
N THR D 616 63.78 -25.11 32.91
CA THR D 616 63.40 -25.75 34.16
C THR D 616 62.94 -27.18 33.88
N ASP D 617 62.82 -27.95 34.95
CA ASP D 617 62.43 -29.36 34.80
C ASP D 617 61.04 -29.46 34.19
N ASP D 618 60.11 -28.63 34.64
CA ASP D 618 58.76 -28.66 34.09
C ASP D 618 58.75 -28.32 32.61
N GLN D 619 59.51 -27.30 32.21
CA GLN D 619 59.56 -26.94 30.80
C GLN D 619 60.19 -28.06 29.97
N LEU D 620 61.25 -28.69 30.48
CA LEU D 620 61.86 -29.81 29.77
C LEU D 620 60.85 -30.93 29.56
N ILE D 621 60.18 -31.33 30.63
CA ILE D 621 59.21 -32.42 30.57
C ILE D 621 58.09 -32.09 29.61
N GLU D 622 57.57 -30.87 29.68
CA GLU D 622 56.44 -30.49 28.85
C GLU D 622 56.84 -30.43 27.38
N ARG D 623 58.00 -29.86 27.09
CA ARG D 623 58.45 -29.70 25.71
C ARG D 623 58.74 -31.04 25.05
N SER D 624 59.26 -32.02 25.79
CA SER D 624 59.50 -33.34 25.19
C SER D 624 58.19 -33.96 24.67
N ASP D 625 57.17 -34.02 25.53
CA ASP D 625 55.90 -34.56 25.11
C ASP D 625 55.30 -33.76 23.97
N ASP D 626 55.36 -32.43 24.07
CA ASP D 626 54.84 -31.60 22.99
C ASP D 626 55.47 -32.00 21.67
N ALA D 627 56.79 -32.13 21.65
CA ALA D 627 57.48 -32.44 20.40
C ALA D 627 57.02 -33.78 19.84
N VAL D 628 57.03 -34.83 20.67
CA VAL D 628 56.69 -36.15 20.15
C VAL D 628 55.26 -36.16 19.63
N SER D 629 54.33 -35.61 20.41
CA SER D 629 52.92 -35.64 20.03
C SER D 629 52.68 -34.85 18.74
N THR D 630 53.22 -33.63 18.67
CA THR D 630 53.02 -32.81 17.49
C THR D 630 53.59 -33.47 16.26
N ARG D 631 54.78 -34.08 16.38
CA ARG D 631 55.37 -34.73 15.22
C ARG D 631 54.57 -35.94 14.78
N GLY D 632 54.10 -36.75 15.72
CA GLY D 632 53.49 -38.01 15.36
C GLY D 632 52.03 -37.96 14.98
N THR D 633 51.27 -37.05 15.58
CA THR D 633 49.82 -37.05 15.40
C THR D 633 49.46 -36.79 13.94
N GLY D 634 48.54 -37.60 13.41
CA GLY D 634 48.04 -37.43 12.07
C GLY D 634 48.89 -38.04 10.97
N ALA D 635 49.87 -38.88 11.32
CA ALA D 635 50.82 -39.40 10.34
C ALA D 635 50.59 -40.86 9.97
N PHE D 636 50.04 -41.67 10.88
CA PHE D 636 50.01 -43.11 10.68
C PHE D 636 48.67 -43.65 10.20
N ASP D 637 47.85 -42.82 9.56
CA ASP D 637 46.70 -43.29 8.80
C ASP D 637 45.84 -44.25 9.61
N ASP D 638 45.85 -44.10 10.93
CA ASP D 638 44.97 -44.83 11.84
C ASP D 638 45.39 -46.31 11.96
N ARG D 639 46.68 -46.60 11.82
CA ARG D 639 47.15 -47.94 12.15
C ARG D 639 47.46 -48.08 13.64
N LEU D 640 47.95 -47.01 14.26
CA LEU D 640 48.38 -47.00 15.65
C LEU D 640 47.60 -45.96 16.44
N ILE D 641 47.61 -46.09 17.75
CA ILE D 641 47.32 -44.97 18.65
C ILE D 641 48.36 -44.96 19.76
N PHE D 642 49.03 -43.82 19.94
CA PHE D 642 50.15 -43.72 20.87
C PHE D 642 49.99 -42.47 21.76
N THR D 643 50.78 -42.45 22.83
CA THR D 643 50.75 -41.40 23.84
C THR D 643 52.09 -41.31 24.55
N PRO D 644 52.74 -40.13 24.60
CA PRO D 644 54.01 -40.03 25.33
C PRO D 644 53.87 -39.53 26.76
N HIS D 645 54.86 -39.81 27.61
CA HIS D 645 54.89 -39.31 28.98
C HIS D 645 56.35 -39.08 29.37
N SER D 646 56.71 -37.85 29.69
CA SER D 646 58.05 -37.51 30.15
C SER D 646 58.00 -37.12 31.62
N GLU D 647 59.10 -37.39 32.32
CA GLU D 647 59.19 -37.05 33.75
C GLU D 647 60.63 -37.18 34.21
N ILE D 648 60.83 -37.04 35.51
CA ILE D 648 62.13 -37.10 36.17
C ILE D 648 61.97 -38.02 37.36
N THR D 649 62.46 -39.25 37.24
CA THR D 649 62.24 -40.27 38.24
C THR D 649 63.21 -40.09 39.42
N GLN D 650 63.17 -41.01 40.37
CA GLN D 650 64.06 -40.92 41.53
C GLN D 650 65.52 -41.10 41.11
N ALA D 651 65.80 -42.04 40.21
CA ALA D 651 67.16 -42.18 39.72
C ALA D 651 67.62 -40.92 38.99
N ASP D 652 66.72 -40.29 38.25
CA ASP D 652 67.06 -39.04 37.57
C ASP D 652 67.33 -37.93 38.57
N LYS D 653 66.56 -37.87 39.66
CA LYS D 653 66.87 -36.92 40.73
C LYS D 653 68.25 -37.18 41.29
N GLU D 654 68.58 -38.44 41.52
CA GLU D 654 69.90 -38.77 42.05
C GLU D 654 71.00 -38.32 41.10
N ARG D 655 70.84 -38.59 39.81
CA ARG D 655 71.89 -38.26 38.84
C ARG D 655 72.01 -36.75 38.65
N GLY D 656 70.96 -36.11 38.19
CA GLY D 656 70.95 -34.67 38.02
C GLY D 656 71.24 -34.15 36.63
N TYR D 657 71.30 -35.03 35.62
CA TYR D 657 71.49 -34.57 34.25
C TYR D 657 70.67 -35.37 33.25
N SER D 658 69.61 -36.05 33.69
CA SER D 658 68.85 -36.93 32.83
C SER D 658 67.36 -36.75 33.08
N TRP D 659 66.56 -37.10 32.08
CA TRP D 659 65.12 -37.16 32.21
C TRP D 659 64.61 -38.32 31.36
N SER D 660 63.43 -38.83 31.68
CA SER D 660 62.91 -40.05 31.07
C SER D 660 61.68 -39.76 30.25
N MET D 661 61.51 -40.54 29.19
CA MET D 661 60.31 -40.52 28.37
C MET D 661 59.85 -41.95 28.15
N ARG D 662 58.55 -42.12 27.96
CA ARG D 662 57.97 -43.45 27.80
C ARG D 662 56.71 -43.33 26.96
N ILE D 663 56.60 -44.15 25.93
CA ILE D 663 55.50 -44.09 24.97
C ILE D 663 54.63 -45.32 25.14
N ASP D 664 53.32 -45.13 25.11
CA ASP D 664 52.36 -46.22 25.17
C ASP D 664 51.60 -46.25 23.86
N PHE D 665 51.53 -47.43 23.22
CA PHE D 665 50.91 -47.51 21.91
C PHE D 665 50.09 -48.78 21.78
N GLY D 666 49.16 -48.77 20.85
CA GLY D 666 48.29 -49.91 20.62
C GLY D 666 47.88 -50.02 19.17
N ALA D 667 47.57 -51.26 18.76
CA ALA D 667 47.24 -51.60 17.38
C ALA D 667 46.34 -52.83 17.38
N ASN D 668 45.98 -53.28 16.18
CA ASN D 668 45.04 -54.38 15.95
C ASN D 668 45.71 -55.53 15.21
N ALA D 669 44.88 -56.51 14.84
CA ALA D 669 45.27 -57.58 13.93
C ALA D 669 44.12 -57.86 12.97
N PHE D 670 44.16 -59.03 12.33
CA PHE D 670 43.28 -59.37 11.23
C PHE D 670 42.84 -60.84 11.27
N ARG D 671 41.58 -61.07 10.89
CA ARG D 671 40.98 -62.40 10.84
C ARG D 671 41.25 -63.04 9.48
N THR D 672 41.35 -64.37 9.46
CA THR D 672 41.86 -65.07 8.30
C THR D 672 41.14 -66.36 7.91
N VAL D 673 40.11 -66.80 8.63
CA VAL D 673 39.47 -68.10 8.38
C VAL D 673 37.97 -67.92 8.23
N MET D 674 37.38 -68.62 7.27
CA MET D 674 35.94 -68.61 7.03
C MET D 674 35.38 -70.02 7.15
N ASP D 675 34.12 -70.10 7.57
CA ASP D 675 33.35 -71.34 7.56
C ASP D 675 32.24 -71.26 6.53
N MET D 676 31.76 -72.43 6.13
CA MET D 676 30.72 -72.50 5.10
C MET D 676 29.79 -73.65 5.43
N SER D 677 28.49 -73.39 5.31
CA SER D 677 27.49 -74.39 5.59
C SER D 677 26.25 -74.06 4.77
N SER D 678 25.36 -75.04 4.65
CA SER D 678 24.16 -74.87 3.86
C SER D 678 23.06 -75.74 4.41
N VAL D 679 21.82 -75.34 4.14
CA VAL D 679 20.65 -76.12 4.49
C VAL D 679 19.66 -76.05 3.35
N ALA D 680 19.02 -77.18 3.05
CA ALA D 680 18.11 -77.28 1.92
C ALA D 680 16.67 -77.16 2.41
N TYR D 681 15.96 -76.17 1.90
CA TYR D 681 14.56 -75.94 2.22
C TYR D 681 13.71 -76.19 0.99
N THR D 682 12.43 -76.47 1.21
CA THR D 682 11.51 -76.45 0.10
C THR D 682 11.22 -75.00 -0.28
N ARG D 683 10.84 -74.82 -1.55
CA ARG D 683 10.70 -73.47 -2.08
C ARG D 683 9.71 -72.64 -1.27
N GLU D 684 8.57 -73.25 -0.90
CA GLU D 684 7.53 -72.49 -0.22
C GLU D 684 7.97 -72.08 1.18
N GLU D 685 8.51 -73.01 1.97
CA GLU D 685 8.91 -72.68 3.32
C GLU D 685 10.13 -71.76 3.35
N LEU D 686 10.93 -71.72 2.29
CA LEU D 686 11.99 -70.72 2.20
C LEU D 686 11.48 -69.36 1.74
N ALA D 687 10.45 -69.33 0.90
CA ALA D 687 9.91 -68.06 0.44
C ALA D 687 9.06 -67.37 1.48
N ASN D 688 8.35 -68.13 2.31
CA ASN D 688 7.48 -67.54 3.33
C ASN D 688 7.44 -68.44 4.57
N GLY D 689 8.33 -68.17 5.50
CA GLY D 689 8.43 -68.96 6.72
C GLY D 689 9.85 -69.09 7.23
N MET E 1 36.24 57.54 -57.19
CA MET E 1 37.51 57.06 -57.77
C MET E 1 38.70 57.88 -57.30
N SER E 2 38.58 59.20 -57.38
CA SER E 2 39.72 60.10 -57.17
C SER E 2 39.73 60.77 -55.81
N GLU E 3 38.57 61.13 -55.26
CA GLU E 3 38.51 61.94 -54.07
C GLU E 3 38.94 61.13 -52.84
N GLN E 4 39.41 61.86 -51.83
CA GLN E 4 39.93 61.28 -50.60
C GLN E 4 39.08 61.75 -49.42
N ILE E 5 39.21 61.03 -48.30
CA ILE E 5 38.39 61.32 -47.13
C ILE E 5 38.90 62.61 -46.51
N THR E 6 38.18 63.70 -46.75
CA THR E 6 38.61 65.01 -46.25
C THR E 6 37.92 65.34 -44.92
N GLY E 7 36.68 64.95 -44.74
CA GLY E 7 35.95 65.32 -43.54
C GLY E 7 34.79 64.38 -43.30
N SER E 8 33.80 64.89 -42.59
CA SER E 8 32.69 64.07 -42.10
C SER E 8 31.48 64.07 -43.02
N THR E 9 31.54 64.71 -44.17
CA THR E 9 30.37 64.81 -45.02
C THR E 9 29.87 63.42 -45.40
N PRO E 10 28.58 63.13 -45.25
CA PRO E 10 28.09 61.80 -45.61
C PRO E 10 28.42 61.42 -47.05
N ARG E 11 29.03 60.26 -47.25
CA ARG E 11 29.59 59.90 -48.54
C ARG E 11 30.14 58.49 -48.46
N ILE E 12 30.08 57.76 -49.56
CA ILE E 12 30.68 56.43 -49.67
C ILE E 12 31.81 56.50 -50.69
N TYR E 13 33.00 56.09 -50.28
CA TYR E 13 34.20 56.19 -51.10
C TYR E 13 34.56 54.81 -51.62
N TYR E 14 34.82 54.74 -52.93
CA TYR E 14 35.08 53.48 -53.61
C TYR E 14 36.57 53.36 -53.88
N ARG E 15 37.22 52.42 -53.22
CA ARG E 15 38.55 51.98 -53.60
C ARG E 15 38.40 50.78 -54.53
N GLY E 16 38.95 50.88 -55.72
CA GLY E 16 38.68 49.89 -56.74
C GLY E 16 39.08 48.47 -56.36
N THR E 17 38.90 47.54 -57.29
CA THR E 17 39.31 46.17 -57.07
C THR E 17 40.83 46.07 -57.07
N LYS E 18 41.34 45.04 -56.40
CA LYS E 18 42.76 44.90 -56.17
C LYS E 18 43.08 43.41 -56.12
N ASP E 19 44.37 43.08 -56.18
CA ASP E 19 44.81 41.71 -56.00
C ASP E 19 45.38 41.52 -54.61
N SER E 20 45.34 40.27 -54.14
CA SER E 20 45.65 39.99 -52.74
C SER E 20 47.03 40.51 -52.38
N SER E 21 47.15 41.03 -51.16
CA SER E 21 48.40 41.55 -50.63
C SER E 21 48.87 40.70 -49.46
N VAL E 22 50.18 40.47 -49.40
CA VAL E 22 50.75 39.73 -48.28
C VAL E 22 50.46 40.48 -46.99
N THR E 23 50.08 39.73 -45.95
CA THR E 23 49.74 40.30 -44.65
C THR E 23 50.80 39.88 -43.64
N ARG E 24 51.39 40.85 -42.95
CA ARG E 24 52.42 40.55 -41.97
C ARG E 24 51.82 39.76 -40.80
N SER E 25 52.54 38.74 -40.36
CA SER E 25 52.04 37.81 -39.36
C SER E 25 52.42 38.28 -37.95
N THR E 26 51.43 38.28 -37.06
CA THR E 26 51.69 38.64 -35.67
C THR E 26 52.50 37.55 -34.97
N GLY E 27 53.32 37.98 -34.02
CA GLY E 27 54.19 37.08 -33.28
C GLY E 27 53.67 36.83 -31.88
N SER E 28 54.19 35.78 -31.27
CA SER E 28 53.79 35.36 -29.94
C SER E 28 54.95 35.53 -28.96
N THR E 29 54.60 35.57 -27.68
CA THR E 29 55.59 35.82 -26.64
C THR E 29 56.65 34.72 -26.62
N THR E 30 57.88 35.10 -26.31
CA THR E 30 59.00 34.17 -26.34
C THR E 30 59.04 33.33 -25.07
N THR E 31 59.64 32.15 -25.19
CA THR E 31 59.73 31.17 -24.11
C THR E 31 61.00 30.35 -24.33
N LEU E 32 61.34 29.52 -23.35
CA LEU E 32 62.52 28.66 -23.46
C LEU E 32 62.12 27.20 -23.61
N PRO E 33 62.23 26.62 -24.80
CA PRO E 33 62.13 25.16 -24.92
C PRO E 33 63.37 24.48 -24.39
N LEU E 34 63.35 23.14 -24.43
CA LEU E 34 64.51 22.38 -24.02
C LEU E 34 65.56 22.31 -25.11
N HIS E 35 65.23 22.71 -26.34
CA HIS E 35 66.16 22.71 -27.46
C HIS E 35 66.19 24.13 -28.03
N ARG E 36 67.33 24.79 -27.89
CA ARG E 36 67.47 26.21 -28.19
C ARG E 36 68.70 26.41 -29.07
N PRO E 37 68.59 26.14 -30.36
CA PRO E 37 69.78 26.14 -31.22
C PRO E 37 70.17 27.52 -31.71
N LEU E 38 71.45 27.66 -32.01
CA LEU E 38 72.02 28.87 -32.61
C LEU E 38 72.33 28.59 -34.07
N ILE E 39 71.92 29.51 -34.95
CA ILE E 39 72.08 29.33 -36.39
C ILE E 39 72.65 30.61 -36.98
N MET E 40 73.67 30.48 -37.82
CA MET E 40 74.34 31.58 -38.49
C MET E 40 74.07 31.51 -39.99
N PHE E 41 73.99 32.67 -40.64
CA PHE E 41 73.66 32.66 -42.05
C PHE E 41 73.93 34.02 -42.69
N PHE E 42 73.86 34.05 -44.02
CA PHE E 42 73.82 35.30 -44.78
C PHE E 42 72.37 35.67 -45.05
N GLY E 43 72.04 36.95 -44.83
CA GLY E 43 70.66 37.37 -44.90
C GLY E 43 70.51 38.65 -45.71
N GLN E 44 69.26 38.90 -46.13
CA GLN E 44 68.96 40.05 -46.96
C GLN E 44 68.98 41.35 -46.17
N LYS E 45 68.40 41.34 -44.97
CA LYS E 45 68.36 42.52 -44.12
C LYS E 45 68.27 42.04 -42.67
N GLY E 46 68.09 42.99 -41.76
CA GLY E 46 67.92 42.67 -40.36
C GLY E 46 69.16 42.94 -39.54
N PRO E 47 69.03 42.85 -38.22
CA PRO E 47 70.17 43.14 -37.34
C PRO E 47 71.31 42.16 -37.57
N THR E 48 72.47 42.49 -36.99
CA THR E 48 73.68 41.69 -37.10
C THR E 48 74.22 41.30 -35.75
N VAL E 49 73.35 41.03 -34.79
CA VAL E 49 73.74 40.52 -33.47
C VAL E 49 72.83 39.34 -33.14
N PRO E 50 73.29 38.42 -32.28
CA PRO E 50 72.47 37.26 -31.97
C PRO E 50 71.12 37.69 -31.40
N THR E 51 70.05 37.20 -32.04
CA THR E 51 68.71 37.63 -31.69
C THR E 51 67.82 36.40 -31.48
N TRP E 52 67.09 36.39 -30.36
CA TRP E 52 66.15 35.31 -30.08
C TRP E 52 64.86 35.55 -30.85
N ILE E 53 64.47 34.60 -31.68
CA ILE E 53 63.41 34.81 -32.66
C ILE E 53 62.41 33.68 -32.62
N ASP E 54 61.15 34.04 -32.84
CA ASP E 54 60.04 33.13 -33.08
C ASP E 54 59.93 32.87 -34.58
N PRO E 55 59.96 31.63 -35.06
CA PRO E 55 60.08 31.39 -36.51
C PRO E 55 59.03 32.09 -37.36
N VAL E 56 57.94 32.54 -36.74
CA VAL E 56 56.90 33.21 -37.53
C VAL E 56 57.43 34.51 -38.11
N LYS E 57 58.28 35.22 -37.38
CA LYS E 57 58.76 36.54 -37.76
C LYS E 57 60.09 36.51 -38.51
N PHE E 58 60.62 35.32 -38.81
CA PHE E 58 61.89 35.26 -39.52
C PHE E 58 61.80 35.93 -40.88
N GLU E 59 60.71 35.68 -41.61
CA GLU E 59 60.56 36.19 -42.96
C GLU E 59 60.54 37.71 -43.01
N ASP E 60 59.87 38.36 -42.07
CA ASP E 60 59.76 39.81 -42.08
C ASP E 60 60.76 40.49 -41.18
N ILE E 61 61.65 39.76 -40.52
CA ILE E 61 62.81 40.38 -39.89
C ILE E 61 64.04 40.33 -40.79
N TYR E 62 64.28 39.18 -41.43
CA TYR E 62 65.47 38.99 -42.25
C TYR E 62 65.14 38.90 -43.73
N GLY E 63 63.96 39.35 -44.14
CA GLY E 63 63.60 39.30 -45.54
C GLY E 63 63.29 37.89 -45.97
N SER E 64 62.36 37.71 -46.90
CA SER E 64 61.91 36.38 -47.29
C SER E 64 62.76 35.77 -48.40
N GLU E 65 63.81 36.46 -48.84
CA GLU E 65 64.69 35.93 -49.88
C GLU E 65 65.81 35.09 -49.30
N THR E 66 65.99 35.08 -47.97
CA THR E 66 67.09 34.32 -47.39
C THR E 66 66.78 32.84 -47.34
N THR E 67 65.51 32.48 -47.16
CA THR E 67 65.09 31.09 -47.06
C THR E 67 64.81 30.48 -48.42
N ASN E 68 65.30 31.08 -49.49
CA ASN E 68 65.09 30.55 -50.84
C ASN E 68 66.33 29.77 -51.27
N LEU E 69 66.14 28.49 -51.58
CA LEU E 69 67.28 27.63 -51.90
C LEU E 69 67.91 27.98 -53.25
N SER E 70 67.18 28.67 -54.13
CA SER E 70 67.69 29.06 -55.43
C SER E 70 68.22 30.49 -55.45
N GLY E 71 68.12 31.23 -54.35
CA GLY E 71 68.54 32.60 -54.31
C GLY E 71 70.04 32.74 -54.14
N VAL E 72 70.48 33.99 -53.99
CA VAL E 72 71.90 34.30 -53.85
C VAL E 72 72.42 34.09 -52.44
N TYR E 73 71.54 33.86 -51.47
CA TYR E 73 71.93 33.73 -50.07
C TYR E 73 72.04 32.29 -49.60
N CYS E 74 71.85 31.31 -50.47
CA CYS E 74 71.89 29.92 -50.05
C CYS E 74 73.29 29.53 -49.62
N THR E 75 73.40 28.97 -48.41
CA THR E 75 74.61 28.38 -47.89
C THR E 75 74.25 27.01 -47.33
N HIS E 76 75.20 26.37 -46.66
CA HIS E 76 74.92 25.02 -46.16
C HIS E 76 74.18 25.02 -44.84
N SER E 77 73.56 26.15 -44.46
CA SER E 77 72.72 26.22 -43.27
C SER E 77 71.29 26.63 -43.57
N THR E 78 71.00 27.05 -44.79
CA THR E 78 69.62 27.35 -45.16
C THR E 78 68.69 26.16 -44.93
N PRO E 79 69.07 24.91 -45.24
CA PRO E 79 68.20 23.79 -44.88
C PRO E 79 67.92 23.72 -43.39
N PHE E 80 68.90 24.02 -42.55
CA PHE E 80 68.69 24.02 -41.11
C PHE E 80 67.68 25.08 -40.71
N ILE E 81 67.82 26.29 -41.27
CA ILE E 81 66.87 27.34 -40.95
C ILE E 81 65.46 26.93 -41.38
N LYS E 82 65.33 26.36 -42.58
CA LYS E 82 64.02 25.97 -43.06
C LYS E 82 63.40 24.87 -42.21
N GLU E 83 64.20 23.89 -41.78
CA GLU E 83 63.68 22.83 -40.92
C GLU E 83 63.23 23.39 -39.58
N ALA E 84 64.01 24.31 -39.02
CA ALA E 84 63.63 24.93 -37.75
C ALA E 84 62.32 25.70 -37.90
N ILE E 85 62.16 26.41 -39.02
CA ILE E 85 60.93 27.16 -39.25
C ILE E 85 59.74 26.21 -39.39
N ALA E 86 59.95 25.10 -40.10
CA ALA E 86 58.86 24.13 -40.28
C ALA E 86 58.44 23.54 -38.95
N ALA E 87 59.41 23.16 -38.11
CA ALA E 87 59.07 22.55 -36.83
C ALA E 87 58.48 23.56 -35.86
N GLY E 88 59.01 24.78 -35.83
CA GLY E 88 58.55 25.78 -34.89
C GLY E 88 59.40 25.87 -33.64
N ASN E 89 60.71 26.01 -33.78
CA ASN E 89 61.61 26.26 -32.67
C ASN E 89 61.94 27.74 -32.61
N GLN E 90 61.67 28.36 -31.47
CA GLN E 90 62.29 29.65 -31.20
C GLN E 90 63.78 29.45 -31.10
N PHE E 91 64.56 30.15 -31.92
CA PHE E 91 65.99 29.89 -31.98
C PHE E 91 66.75 31.21 -32.04
N MET E 92 68.07 31.13 -31.91
CA MET E 92 68.93 32.31 -31.87
C MET E 92 69.59 32.49 -33.23
N ALA E 93 69.21 33.55 -33.93
CA ALA E 93 69.67 33.84 -35.27
C ALA E 93 70.85 34.80 -35.24
N LEU E 94 71.83 34.54 -36.11
CA LEU E 94 73.01 35.39 -36.24
C LEU E 94 73.29 35.60 -37.72
N ARG E 95 73.20 36.85 -38.17
CA ARG E 95 73.40 37.21 -39.56
C ARG E 95 74.83 37.69 -39.76
N LEU E 96 75.67 36.86 -40.36
CA LEU E 96 77.04 37.25 -40.68
C LEU E 96 77.05 38.11 -41.92
N GLU E 97 78.20 38.77 -42.16
CA GLU E 97 78.40 39.54 -43.36
C GLU E 97 79.79 39.26 -43.94
N PRO E 98 79.92 39.30 -45.27
CA PRO E 98 81.25 39.13 -45.87
C PRO E 98 82.15 40.30 -45.55
N SER E 99 83.45 40.04 -45.55
CA SER E 99 84.42 41.04 -45.10
C SER E 99 84.55 42.22 -46.04
N ASP E 100 83.98 42.15 -47.24
CA ASP E 100 84.09 43.21 -48.24
C ASP E 100 82.74 43.79 -48.62
N ILE E 101 81.76 43.74 -47.74
CA ILE E 101 80.43 44.29 -48.05
C ILE E 101 80.53 45.80 -48.19
N PRO E 102 79.92 46.41 -49.22
CA PRO E 102 80.00 47.87 -49.37
C PRO E 102 79.06 48.63 -48.47
N ASP E 103 78.99 49.95 -48.64
CA ASP E 103 78.17 50.82 -47.81
C ASP E 103 76.73 50.83 -48.34
N VAL E 104 75.89 51.69 -47.76
CA VAL E 104 74.48 51.74 -48.11
C VAL E 104 74.26 52.53 -49.39
N ALA E 105 73.08 52.43 -49.97
CA ALA E 105 72.73 53.19 -51.16
C ALA E 105 72.19 54.56 -50.75
N THR E 106 72.50 55.57 -51.55
CA THR E 106 72.15 56.95 -51.23
C THR E 106 71.59 57.64 -52.45
N LEU E 107 70.77 58.67 -52.20
CA LEU E 107 70.19 59.47 -53.27
C LEU E 107 69.94 60.86 -52.73
N GLY E 108 70.61 61.86 -53.31
CA GLY E 108 70.43 63.25 -52.92
C GLY E 108 69.68 64.01 -53.99
N LEU E 109 68.83 64.93 -53.54
CA LEU E 109 68.04 65.79 -54.41
C LEU E 109 68.60 67.21 -54.35
N SER E 110 68.67 67.85 -55.52
CA SER E 110 69.16 69.21 -55.61
C SER E 110 68.38 69.94 -56.68
N VAL E 111 68.48 71.27 -56.67
CA VAL E 111 67.86 72.11 -57.68
C VAL E 111 68.93 73.03 -58.27
N ASP E 112 69.03 73.02 -59.60
CA ASP E 112 69.81 74.01 -60.30
C ASP E 112 68.94 75.24 -60.51
N TRP E 113 69.45 76.39 -60.12
CA TRP E 113 68.68 77.59 -59.81
C TRP E 113 69.31 78.79 -60.51
N VAL E 114 68.48 79.57 -61.20
CA VAL E 114 68.96 80.82 -61.80
C VAL E 114 67.79 81.75 -62.05
N LYS E 115 68.10 83.04 -62.26
CA LYS E 115 67.11 84.06 -62.58
C LYS E 115 67.40 84.63 -63.96
N THR E 116 66.35 85.00 -64.69
CA THR E 116 66.52 85.49 -66.06
C THR E 116 65.15 85.89 -66.60
N LYS E 117 65.15 86.64 -67.70
CA LYS E 117 63.90 86.97 -68.36
C LYS E 117 63.43 85.80 -69.23
N ILE E 118 62.13 85.52 -69.18
CA ILE E 118 61.54 84.40 -69.92
C ILE E 118 60.27 84.89 -70.60
N ASP E 119 59.60 83.96 -71.29
CA ASP E 119 58.39 84.27 -72.01
C ASP E 119 57.18 84.27 -71.08
N ASP E 120 56.07 84.78 -71.59
CA ASP E 120 54.78 84.71 -70.92
C ASP E 120 53.75 84.25 -71.94
N TYR E 121 52.73 83.55 -71.45
CA TYR E 121 51.78 82.87 -72.31
C TYR E 121 50.40 83.49 -72.15
N GLU E 122 49.49 83.07 -73.03
CA GLU E 122 48.15 83.61 -73.03
C GLU E 122 47.36 83.14 -71.82
N ARG E 123 46.25 83.83 -71.55
CA ARG E 123 45.30 83.44 -70.53
C ARG E 123 43.89 83.62 -71.08
N ASN E 124 43.10 82.54 -71.01
CA ASN E 124 41.71 82.64 -71.46
C ASN E 124 40.92 83.57 -70.54
N ASP E 125 41.05 83.37 -69.24
CA ASP E 125 40.32 84.17 -68.26
C ASP E 125 41.17 84.24 -66.99
N ASP E 126 40.55 84.60 -65.87
CA ASP E 126 41.24 84.57 -64.59
C ASP E 126 41.66 83.16 -64.20
N GLY E 127 41.09 82.14 -64.83
CA GLY E 127 41.53 80.77 -64.58
C GLY E 127 42.92 80.47 -65.08
N THR E 128 43.45 81.28 -65.99
CA THR E 128 44.82 81.13 -66.47
C THR E 128 45.04 79.75 -67.08
N TYR E 129 44.15 79.36 -67.98
CA TYR E 129 44.22 78.01 -68.54
C TYR E 129 45.35 77.88 -69.56
N LYS E 130 45.53 78.89 -70.41
CA LYS E 130 46.44 78.75 -71.53
C LYS E 130 47.89 78.68 -71.07
N LEU E 131 48.66 77.81 -71.73
CA LEU E 131 50.11 77.76 -71.59
C LEU E 131 50.70 77.11 -72.83
N ASP E 132 52.01 77.33 -73.02
CA ASP E 132 52.77 76.63 -74.05
C ASP E 132 52.11 76.76 -75.41
N THR E 133 51.59 77.94 -75.72
CA THR E 133 50.91 78.19 -76.99
C THR E 133 49.78 77.20 -77.22
N ASN E 134 49.05 76.86 -76.16
CA ASN E 134 47.89 76.00 -76.33
C ASN E 134 46.88 76.68 -77.27
N GLY E 135 46.14 75.86 -77.99
CA GLY E 135 45.30 76.40 -79.04
C GLY E 135 46.16 76.77 -80.23
N ASP E 136 46.20 78.07 -80.55
CA ASP E 136 46.97 78.55 -81.69
C ASP E 136 47.77 79.82 -81.39
N LYS E 137 47.82 80.27 -80.15
CA LYS E 137 48.32 81.60 -79.83
C LYS E 137 49.79 81.56 -79.41
N ILE E 138 50.58 82.43 -80.05
CA ILE E 138 51.98 82.67 -79.74
C ILE E 138 52.04 83.28 -78.34
N PRO E 139 53.10 83.05 -77.55
CA PRO E 139 53.16 83.70 -76.23
C PRO E 139 53.09 85.22 -76.35
N LEU E 140 52.45 85.83 -75.36
CA LEU E 140 51.98 87.21 -75.47
C LEU E 140 53.06 88.23 -75.13
N ALA E 141 53.54 88.22 -73.89
CA ALA E 141 54.50 89.23 -73.46
C ALA E 141 55.86 88.98 -74.10
N THR E 142 56.53 90.06 -74.47
CA THR E 142 57.84 89.95 -75.10
C THR E 142 58.84 89.27 -74.17
N GLN E 143 58.95 89.77 -72.95
CA GLN E 143 59.84 89.18 -71.95
C GLN E 143 59.35 89.57 -70.57
N ILE E 144 59.20 88.56 -69.71
CA ILE E 144 58.82 88.75 -68.32
C ILE E 144 59.95 88.23 -67.44
N ASP E 145 60.42 89.07 -66.52
CA ASP E 145 61.50 88.66 -65.63
C ASP E 145 61.00 87.54 -64.73
N GLY E 146 61.80 86.48 -64.57
CA GLY E 146 61.40 85.35 -63.78
C GLY E 146 62.56 84.44 -63.42
N ILE E 147 62.25 83.18 -63.11
CA ILE E 147 63.22 82.26 -62.55
C ILE E 147 63.19 80.94 -63.32
N LYS E 148 64.32 80.25 -63.35
CA LYS E 148 64.47 78.97 -64.03
C LYS E 148 65.02 77.93 -63.08
N PHE E 149 64.41 76.73 -63.14
CA PHE E 149 64.65 75.62 -62.25
C PHE E 149 65.04 74.39 -63.08
N ARG E 150 65.87 73.53 -62.50
CA ARG E 150 66.17 72.23 -63.10
C ARG E 150 66.54 71.25 -61.99
N PHE E 151 65.65 70.31 -61.71
CA PHE E 151 65.85 69.41 -60.59
C PHE E 151 66.83 68.30 -60.96
N VAL E 152 67.51 67.76 -59.95
CA VAL E 152 68.54 66.74 -60.14
C VAL E 152 68.49 65.75 -58.99
N LEU E 153 68.64 64.46 -59.31
CA LEU E 153 68.74 63.38 -58.34
C LEU E 153 70.01 62.61 -58.66
N GLU E 154 70.87 62.41 -57.65
CA GLU E 154 72.13 61.74 -57.93
C GLU E 154 72.71 61.13 -56.67
N LYS E 155 73.63 60.20 -56.87
CA LYS E 155 74.29 59.54 -55.75
C LYS E 155 75.08 60.55 -54.93
N ILE E 156 75.07 60.37 -53.61
CA ILE E 156 75.82 61.22 -52.70
C ILE E 156 77.27 60.75 -52.71
N GLU E 157 78.17 61.60 -53.22
CA GLU E 157 79.57 61.21 -53.35
C GLU E 157 80.26 61.22 -52.00
N THR E 158 81.33 60.43 -51.90
CA THR E 158 82.06 60.25 -50.65
C THR E 158 83.33 61.11 -50.61
N ASN E 159 83.88 61.24 -49.42
CA ASN E 159 85.12 61.97 -49.23
C ASN E 159 86.32 61.17 -49.74
N GLU E 160 87.41 61.88 -50.00
CA GLU E 160 88.62 61.22 -50.49
C GLU E 160 89.17 60.23 -49.48
N SER E 161 88.86 60.41 -48.19
CA SER E 161 89.29 59.48 -47.16
C SER E 161 88.38 58.25 -47.07
N GLY E 162 87.20 58.29 -47.67
CA GLY E 162 86.27 57.18 -47.62
C GLY E 162 85.20 57.33 -46.56
N VAL E 163 84.56 58.50 -46.51
CA VAL E 163 83.45 58.74 -45.60
C VAL E 163 82.35 59.47 -46.37
N SER E 164 81.12 59.03 -46.17
CA SER E 164 80.01 59.61 -46.91
C SER E 164 79.69 61.01 -46.42
N GLN E 165 79.22 61.85 -47.35
CA GLN E 165 78.80 63.22 -47.04
C GLN E 165 77.28 63.31 -46.90
N TYR E 166 76.66 62.28 -46.33
CA TYR E 166 75.21 62.24 -46.21
C TYR E 166 74.66 63.52 -45.60
N LYS E 167 75.33 64.02 -44.57
CA LYS E 167 74.83 65.12 -43.76
C LYS E 167 75.48 66.45 -44.10
N LYS E 168 76.37 66.49 -45.08
CA LYS E 168 77.32 67.61 -45.21
C LYS E 168 77.53 68.01 -46.66
N ARG E 169 76.46 68.12 -47.44
CA ARG E 169 76.59 68.61 -48.80
C ARG E 169 76.59 70.14 -48.81
N THR E 170 77.13 70.69 -49.90
CA THR E 170 77.31 72.12 -50.04
C THR E 170 76.98 72.55 -51.46
N ALA E 171 76.63 73.82 -51.62
CA ALA E 171 76.25 74.33 -52.93
C ALA E 171 77.46 74.42 -53.86
N LYS E 172 77.19 74.51 -55.15
CA LYS E 172 78.24 74.55 -56.15
C LYS E 172 77.74 75.32 -57.37
N ALA E 173 78.68 75.66 -58.25
CA ALA E 173 78.33 76.34 -59.49
C ALA E 173 77.50 75.42 -60.38
N GLY E 174 76.47 75.99 -61.01
CA GLY E 174 75.54 75.22 -61.79
C GLY E 174 75.99 75.03 -63.24
N THR E 175 75.04 74.59 -64.05
CA THR E 175 75.27 74.38 -65.47
C THR E 175 74.25 75.05 -66.38
N ILE E 176 73.01 75.24 -65.94
CA ILE E 176 72.02 75.93 -66.76
C ILE E 176 72.24 77.43 -66.63
N GLY E 177 72.11 78.14 -67.75
CA GLY E 177 72.34 79.57 -67.72
C GLY E 177 73.74 79.95 -67.32
N THR E 178 74.76 79.28 -67.86
CA THR E 178 76.14 79.62 -67.55
C THR E 178 76.56 80.97 -68.10
N GLU E 179 75.74 81.58 -68.97
CA GLU E 179 76.01 82.95 -69.38
C GLU E 179 76.13 83.88 -68.19
N ALA E 180 75.39 83.60 -67.11
CA ALA E 180 75.52 84.30 -65.84
C ALA E 180 76.04 83.31 -64.80
N THR E 181 77.14 83.67 -64.15
CA THR E 181 77.75 82.77 -63.19
C THR E 181 76.80 82.33 -62.07
N PRO E 182 75.93 83.18 -61.52
CA PRO E 182 75.17 82.78 -60.33
C PRO E 182 74.32 81.51 -60.47
N SER E 183 74.28 80.90 -61.65
CA SER E 183 73.61 79.62 -61.78
C SER E 183 74.19 78.63 -60.79
N THR E 184 73.39 78.22 -59.82
CA THR E 184 73.91 77.42 -58.71
C THR E 184 73.05 76.20 -58.45
N ILE E 185 73.71 75.08 -58.13
CA ILE E 185 72.99 73.88 -57.72
C ILE E 185 73.00 73.79 -56.21
N THR E 186 71.83 73.84 -55.60
CA THR E 186 71.72 73.82 -54.15
C THR E 186 70.97 72.58 -53.69
N PRO E 187 71.42 71.93 -52.62
CA PRO E 187 70.78 70.68 -52.18
C PRO E 187 69.49 70.93 -51.39
N LEU E 188 68.58 69.95 -51.47
CA LEU E 188 67.27 70.04 -50.85
C LEU E 188 66.99 68.92 -49.88
N ALA E 189 67.39 67.68 -50.18
CA ALA E 189 67.12 66.56 -49.29
C ALA E 189 68.06 65.41 -49.60
N ASP E 190 68.16 64.49 -48.65
CA ASP E 190 68.94 63.27 -48.80
C ASP E 190 68.10 62.07 -48.39
N PHE E 191 68.35 60.93 -49.04
CA PHE E 191 67.69 59.67 -48.74
C PHE E 191 68.74 58.57 -48.73
N ARG E 192 68.53 57.57 -47.88
CA ARG E 192 69.55 56.55 -47.65
C ARG E 192 68.86 55.23 -47.35
N CYS E 193 69.56 54.12 -47.63
CA CYS E 193 69.04 52.80 -47.34
C CYS E 193 69.38 52.39 -45.91
N ARG E 194 68.44 51.68 -45.28
CA ARG E 194 68.60 51.28 -43.89
C ARG E 194 69.52 50.09 -43.70
N PHE E 195 69.77 49.31 -44.76
CA PHE E 195 70.54 48.09 -44.67
C PHE E 195 71.67 48.13 -45.68
N LYS E 196 72.58 47.16 -45.55
CA LYS E 196 73.67 46.96 -46.51
C LYS E 196 73.33 45.72 -47.33
N SER E 197 72.72 45.93 -48.49
CA SER E 197 72.29 44.81 -49.33
C SER E 197 71.77 45.37 -50.66
N SER E 198 71.37 44.46 -51.54
CA SER E 198 70.83 44.84 -52.84
C SER E 198 69.44 45.46 -52.72
N LEU E 199 68.78 45.28 -51.58
CA LEU E 199 67.48 45.90 -51.39
C LEU E 199 67.57 47.40 -51.54
N GLY E 200 68.69 48.00 -51.15
CA GLY E 200 68.84 49.44 -51.33
C GLY E 200 68.88 49.83 -52.79
N ALA E 201 69.67 49.12 -53.59
CA ALA E 201 69.73 49.43 -55.01
C ALA E 201 68.44 49.12 -55.73
N ASN E 202 67.60 48.23 -55.18
CA ASN E 202 66.31 47.92 -55.77
C ASN E 202 65.15 48.72 -55.18
N THR E 203 65.40 49.55 -54.17
CA THR E 203 64.35 50.42 -53.65
C THR E 203 64.23 51.68 -54.50
N ALA E 204 63.01 52.19 -54.62
CA ALA E 204 62.73 53.39 -55.37
C ALA E 204 61.71 54.24 -54.64
N LEU E 205 61.69 55.54 -54.95
CA LEU E 205 60.78 56.47 -54.31
C LEU E 205 60.21 57.43 -55.33
N ARG E 206 58.99 57.91 -55.07
CA ARG E 206 58.31 58.88 -55.90
C ARG E 206 57.83 60.04 -55.03
N ILE E 207 57.85 61.24 -55.61
CA ILE E 207 57.33 62.44 -54.94
C ILE E 207 56.69 63.33 -56.00
N TRP E 208 55.46 63.78 -55.75
CA TRP E 208 54.80 64.66 -56.69
C TRP E 208 53.85 65.59 -55.96
N ALA E 209 53.33 66.58 -56.69
CA ALA E 209 52.48 67.61 -56.12
C ALA E 209 51.11 67.59 -56.80
N PRO E 210 50.06 67.08 -56.16
CA PRO E 210 48.77 66.99 -56.84
C PRO E 210 47.96 68.28 -56.79
N THR E 211 47.06 68.41 -57.75
CA THR E 211 46.10 69.50 -57.81
C THR E 211 44.69 68.94 -57.70
N ILE E 212 43.69 69.81 -57.89
CA ILE E 212 42.31 69.39 -57.69
C ILE E 212 41.91 68.29 -58.66
N ASN E 213 42.54 68.25 -59.83
CA ASN E 213 42.16 67.30 -60.87
C ASN E 213 43.02 66.06 -60.93
N SER E 214 43.97 65.90 -59.99
CA SER E 214 44.83 64.72 -60.01
C SER E 214 44.02 63.47 -59.71
N ALA E 215 44.67 62.32 -59.88
CA ALA E 215 44.05 61.06 -59.52
C ALA E 215 43.73 60.98 -58.04
N GLN E 216 44.64 61.42 -57.18
CA GLN E 216 44.38 61.60 -55.75
C GLN E 216 44.10 63.09 -55.56
N ALA E 217 42.86 63.49 -55.84
CA ALA E 217 42.52 64.90 -55.83
C ALA E 217 42.82 65.54 -54.49
N ALA E 218 43.50 66.68 -54.52
CA ALA E 218 43.83 67.41 -53.31
C ALA E 218 42.67 68.33 -52.91
N ASP E 219 42.79 68.90 -51.71
CA ASP E 219 41.79 69.80 -51.17
C ASP E 219 42.46 71.08 -50.70
N ALA E 220 41.89 72.22 -51.11
CA ALA E 220 42.48 73.50 -50.74
C ALA E 220 42.12 73.90 -49.31
N ASP E 221 41.07 73.31 -48.75
CA ASP E 221 40.61 73.74 -47.43
C ASP E 221 41.61 73.37 -46.34
N LEU E 222 42.17 72.15 -46.39
CA LEU E 222 43.16 71.78 -45.41
C LEU E 222 44.42 72.64 -45.54
N GLN E 223 44.81 72.95 -46.78
CA GLN E 223 45.97 73.80 -46.99
C GLN E 223 45.74 75.19 -46.43
N ALA E 224 44.53 75.74 -46.61
CA ALA E 224 44.22 77.03 -45.99
C ALA E 224 44.24 76.92 -44.47
N ARG E 225 43.68 75.84 -43.92
CA ARG E 225 43.66 75.67 -42.48
C ARG E 225 45.06 75.64 -41.89
N ILE E 226 45.97 74.90 -42.52
CA ILE E 226 47.38 74.93 -42.20
C ILE E 226 48.12 75.26 -43.47
N LYS E 227 48.80 76.41 -43.49
CA LYS E 227 49.37 76.95 -44.71
C LYS E 227 50.66 76.23 -45.02
N SER E 228 50.55 75.25 -45.92
CA SER E 228 51.71 74.52 -46.44
C SER E 228 51.23 73.63 -47.56
N PHE E 229 51.97 73.61 -48.67
CA PHE E 229 51.63 72.72 -49.75
C PHE E 229 51.90 71.28 -49.34
N LEU E 230 51.06 70.37 -49.82
CA LEU E 230 51.14 68.96 -49.48
C LEU E 230 51.54 68.17 -50.72
N TYR E 231 52.59 67.37 -50.59
CA TYR E 231 53.10 66.53 -51.66
C TYR E 231 52.80 65.07 -51.33
N ARG E 232 52.52 64.29 -52.36
CA ARG E 232 52.38 62.85 -52.23
C ARG E 232 53.76 62.19 -52.34
N PHE E 233 54.02 61.26 -51.42
CA PHE E 233 55.28 60.55 -51.32
C PHE E 233 55.00 59.05 -51.30
N GLN E 234 55.81 58.28 -52.02
CA GLN E 234 55.55 56.86 -52.22
C GLN E 234 56.85 56.09 -52.28
N ILE E 235 56.79 54.82 -51.88
CA ILE E 235 57.93 53.91 -51.88
C ILE E 235 57.57 52.68 -52.69
N LEU E 236 58.48 52.24 -53.56
CA LEU E 236 58.29 51.02 -54.33
C LEU E 236 59.55 50.17 -54.25
N THR E 237 59.41 48.88 -54.51
CA THR E 237 60.54 47.97 -54.45
C THR E 237 60.37 46.86 -55.48
N ARG E 238 61.47 46.44 -56.09
CA ARG E 238 61.44 45.42 -57.13
C ARG E 238 62.25 44.20 -56.71
N ALA E 239 62.06 43.11 -57.43
CA ALA E 239 62.71 41.85 -57.09
C ALA E 239 64.09 41.74 -57.72
N ASP E 240 64.20 42.09 -59.01
CA ASP E 240 65.47 42.03 -59.72
C ASP E 240 65.46 43.13 -60.77
N LYS E 241 66.64 43.35 -61.37
CA LYS E 241 66.80 44.46 -62.31
C LYS E 241 65.81 44.38 -63.45
N ALA E 242 65.38 43.18 -63.83
CA ALA E 242 64.47 43.01 -64.97
C ALA E 242 63.00 43.04 -64.57
N SER E 243 62.67 43.08 -63.29
CA SER E 243 61.29 43.02 -62.84
C SER E 243 60.67 44.42 -62.90
N SER E 244 59.49 44.55 -62.28
CA SER E 244 58.78 45.82 -62.18
C SER E 244 58.44 46.09 -60.72
N PRO E 245 58.37 47.36 -60.31
CA PRO E 245 58.23 47.67 -58.89
C PRO E 245 56.85 47.32 -58.35
N THR E 246 56.81 47.15 -57.03
CA THR E 246 55.58 46.93 -56.27
C THR E 246 55.54 47.92 -55.13
N ILE E 247 54.37 48.50 -54.89
CA ILE E 247 54.27 49.56 -53.88
C ILE E 247 54.48 48.96 -52.50
N PHE E 248 55.19 49.69 -51.65
CA PHE E 248 55.43 49.31 -50.26
C PHE E 248 54.48 50.15 -49.40
N GLU E 249 53.44 49.51 -48.88
CA GLU E 249 52.40 50.22 -48.17
C GLU E 249 52.82 50.55 -46.74
N THR E 250 52.17 51.55 -46.16
CA THR E 250 52.39 51.89 -44.77
C THR E 250 51.80 50.82 -43.87
N ILE E 251 52.14 50.89 -42.58
CA ILE E 251 51.64 49.92 -41.62
C ILE E 251 50.12 49.97 -41.51
N TYR E 252 49.52 51.06 -41.94
CA TYR E 252 48.08 51.23 -41.93
C TYR E 252 47.43 50.74 -43.22
N ASN E 253 48.21 50.13 -44.11
CA ASN E 253 47.72 49.67 -45.41
C ASN E 253 47.25 50.85 -46.26
N GLU E 254 48.16 51.78 -46.53
CA GLU E 254 47.93 52.85 -47.48
C GLU E 254 49.06 52.88 -48.50
N PRO E 255 48.81 53.33 -49.72
CA PRO E 255 49.86 53.36 -50.74
C PRO E 255 50.82 54.54 -50.64
N SER E 256 50.33 55.71 -50.23
CA SER E 256 51.15 56.92 -50.28
C SER E 256 50.83 57.81 -49.09
N LEU E 257 51.75 58.76 -48.83
CA LEU E 257 51.62 59.71 -47.74
C LEU E 257 51.50 61.14 -48.27
N SER E 258 50.86 61.99 -47.47
CA SER E 258 50.83 63.43 -47.71
C SER E 258 51.77 64.11 -46.72
N VAL E 259 52.71 64.89 -47.23
CA VAL E 259 53.75 65.50 -46.39
C VAL E 259 53.91 66.96 -46.79
N GLY E 260 54.46 67.75 -45.88
CA GLY E 260 54.58 69.18 -46.13
C GLY E 260 55.76 69.80 -45.41
N PHE E 261 56.19 70.95 -45.90
CA PHE E 261 57.31 71.68 -45.31
C PHE E 261 56.82 72.62 -44.21
N GLY E 262 57.61 72.69 -43.14
CA GLY E 262 57.30 73.59 -42.04
C GLY E 262 57.81 73.08 -40.71
N GLU E 263 57.59 73.84 -39.64
CA GLU E 263 58.12 73.45 -38.33
C GLU E 263 57.27 72.35 -37.71
N ASN E 264 56.01 72.64 -37.41
CA ASN E 264 55.09 71.61 -36.95
C ASN E 264 53.71 71.93 -37.51
N LEU E 265 53.23 71.05 -38.38
CA LEU E 265 51.97 71.26 -39.07
C LEU E 265 50.88 70.43 -38.40
N VAL E 266 50.34 71.01 -37.32
CA VAL E 266 49.28 70.36 -36.57
C VAL E 266 47.93 70.90 -37.04
N ASP E 267 46.99 69.99 -37.25
CA ASP E 267 45.65 70.37 -37.69
C ASP E 267 44.76 70.52 -36.48
N PRO E 268 44.27 71.72 -36.16
CA PRO E 268 43.41 71.86 -34.97
C PRO E 268 42.16 71.02 -35.03
N GLN E 269 41.59 70.80 -36.21
CA GLN E 269 40.32 70.10 -36.34
C GLN E 269 40.44 68.59 -36.12
N THR E 270 41.62 68.02 -36.32
CA THR E 270 41.80 66.59 -36.13
C THR E 270 43.10 66.19 -35.44
N GLU E 271 43.94 67.15 -35.03
CA GLU E 271 45.19 66.88 -34.32
C GLU E 271 46.14 65.98 -35.09
N VAL E 272 46.19 66.09 -36.42
CA VAL E 272 47.15 65.34 -37.21
C VAL E 272 48.36 66.20 -37.51
N VAL E 273 49.53 65.57 -37.58
CA VAL E 273 50.78 66.26 -37.87
C VAL E 273 51.22 65.89 -39.28
N TYR E 274 51.49 66.90 -40.10
CA TYR E 274 51.92 66.70 -41.47
C TYR E 274 53.41 66.94 -41.68
N ASP E 275 54.21 66.88 -40.62
CA ASP E 275 55.64 67.12 -40.76
C ASP E 275 56.28 66.01 -41.59
N PHE E 276 57.23 66.40 -42.45
CA PHE E 276 57.76 65.50 -43.46
C PHE E 276 58.45 64.29 -42.83
N VAL E 277 59.58 64.54 -42.17
CA VAL E 277 60.40 63.44 -41.66
C VAL E 277 59.65 62.68 -40.57
N GLU E 278 59.02 63.40 -39.64
CA GLU E 278 58.32 62.75 -38.55
C GLU E 278 57.21 61.84 -39.09
N ARG E 279 56.40 62.36 -40.01
CA ARG E 279 55.29 61.57 -40.52
C ARG E 279 55.80 60.34 -41.27
N ILE E 280 56.79 60.53 -42.14
CA ILE E 280 57.29 59.38 -42.90
C ILE E 280 57.80 58.30 -41.95
N ASP E 281 58.66 58.70 -41.02
CA ASP E 281 59.30 57.71 -40.16
C ASP E 281 58.30 57.02 -39.25
N SER E 282 57.33 57.78 -38.71
CA SER E 282 56.38 57.17 -37.79
C SER E 282 55.40 56.26 -38.53
N ARG E 283 55.00 56.64 -39.75
CA ARG E 283 53.99 55.87 -40.46
C ARG E 283 54.54 54.64 -41.14
N TYR E 284 55.82 54.64 -41.54
CA TYR E 284 56.31 53.54 -42.36
C TYR E 284 57.00 52.44 -41.57
N ASN E 285 57.17 52.59 -40.26
CA ASN E 285 57.91 51.61 -39.47
C ASN E 285 57.07 51.12 -38.28
N ASP E 286 57.51 50.00 -37.71
CA ASP E 286 56.84 49.41 -36.56
C ASP E 286 57.84 48.52 -35.84
N GLU E 287 58.30 48.95 -34.67
CA GLU E 287 59.31 48.25 -33.91
C GLU E 287 58.75 47.32 -32.84
N ASP E 288 57.44 47.24 -32.69
CA ASP E 288 56.87 46.44 -31.61
C ASP E 288 57.22 44.96 -31.83
N PRO E 289 57.89 44.32 -30.88
CA PRO E 289 58.37 42.94 -31.14
C PRO E 289 57.38 41.94 -31.70
N SER E 290 56.08 42.16 -31.52
CA SER E 290 55.08 41.23 -32.02
C SER E 290 54.67 41.52 -33.45
N THR E 291 54.62 42.80 -33.84
CA THR E 291 54.23 43.22 -35.18
C THR E 291 55.38 44.08 -35.69
N TYR E 292 56.35 43.44 -36.34
CA TYR E 292 57.65 44.05 -36.60
C TYR E 292 57.84 44.22 -38.10
N LEU E 293 58.08 45.46 -38.53
CA LEU E 293 58.46 45.76 -39.91
C LEU E 293 59.24 47.06 -39.95
N MET E 294 60.44 47.01 -40.52
CA MET E 294 61.27 48.19 -40.71
C MET E 294 61.31 48.54 -42.18
N SER E 295 61.01 49.79 -42.50
CA SER E 295 60.98 50.20 -43.88
C SER E 295 62.39 50.15 -44.48
N PRO E 296 62.53 49.90 -45.79
CA PRO E 296 63.87 49.93 -46.39
C PRO E 296 64.57 51.27 -46.27
N LEU E 297 63.83 52.37 -46.33
CA LEU E 297 64.44 53.70 -46.19
C LEU E 297 64.71 54.02 -44.73
N ASP E 298 65.85 54.67 -44.48
CA ASP E 298 66.15 55.17 -43.15
C ASP E 298 65.43 56.51 -42.93
N THR E 299 65.79 57.20 -41.87
CA THR E 299 65.15 58.47 -41.55
C THR E 299 65.60 59.56 -42.52
N PRO E 300 64.71 60.19 -43.27
CA PRO E 300 65.15 61.23 -44.21
C PRO E 300 65.66 62.47 -43.50
N TYR E 301 66.51 63.22 -44.20
CA TYR E 301 67.00 64.52 -43.76
C TYR E 301 66.59 65.58 -44.77
N LEU E 302 66.47 66.82 -44.31
CA LEU E 302 66.15 67.94 -45.18
C LEU E 302 67.11 69.08 -44.91
N TYR E 303 67.47 69.81 -45.98
CA TYR E 303 68.32 70.99 -45.85
C TYR E 303 67.41 72.19 -45.64
N GLN E 304 67.07 72.40 -44.36
CA GLN E 304 66.08 73.41 -44.02
C GLN E 304 66.52 74.80 -44.44
N ALA E 305 67.80 75.13 -44.22
CA ALA E 305 68.28 76.46 -44.57
C ALA E 305 68.10 76.74 -46.06
N ASN E 306 68.55 75.80 -46.91
CA ASN E 306 68.50 76.04 -48.34
C ASN E 306 67.07 76.03 -48.87
N ILE E 307 66.25 75.09 -48.39
CA ILE E 307 64.86 75.06 -48.84
C ILE E 307 64.16 76.35 -48.44
N ASP E 308 64.37 76.81 -47.20
CA ASP E 308 63.76 78.05 -46.75
C ASP E 308 64.24 79.23 -47.58
N SER E 309 65.54 79.26 -47.90
CA SER E 309 66.08 80.37 -48.66
C SER E 309 65.46 80.43 -50.06
N VAL E 310 65.35 79.28 -50.73
CA VAL E 310 64.76 79.27 -52.07
C VAL E 310 63.29 79.67 -52.01
N LEU E 311 62.57 79.18 -50.98
CA LEU E 311 61.17 79.57 -50.83
C LEU E 311 61.06 81.07 -50.63
N THR E 312 61.92 81.65 -49.78
CA THR E 312 61.88 83.09 -49.53
C THR E 312 62.18 83.85 -50.81
N ALA E 313 63.14 83.38 -51.60
CA ALA E 313 63.48 84.06 -52.84
C ALA E 313 62.30 84.07 -53.80
N ILE E 314 61.68 82.91 -54.02
CA ILE E 314 60.57 82.87 -54.96
C ILE E 314 59.39 83.68 -54.45
N GLN E 315 59.15 83.68 -53.13
CA GLN E 315 58.09 84.51 -52.58
C GLN E 315 58.38 85.99 -52.82
N GLU E 316 59.57 86.46 -52.43
CA GLU E 316 59.93 87.85 -52.67
C GLU E 316 59.74 88.20 -54.13
N LEU E 317 60.09 87.29 -55.04
CA LEU E 317 59.99 87.57 -56.46
C LEU E 317 58.54 87.73 -56.88
N GLU E 318 57.74 86.68 -56.71
CA GLU E 318 56.43 86.61 -57.34
C GLU E 318 55.26 86.58 -56.37
N ALA E 319 55.51 86.55 -55.07
CA ALA E 319 54.40 86.63 -54.12
C ALA E 319 53.64 87.95 -54.25
N PRO E 320 54.29 89.11 -54.29
CA PRO E 320 53.57 90.34 -54.64
C PRO E 320 53.34 90.46 -56.13
N PHE E 321 52.44 89.64 -56.67
CA PHE E 321 52.15 89.64 -58.09
C PHE E 321 50.67 89.30 -58.28
N ASP E 322 50.28 89.13 -59.54
CA ASP E 322 48.86 89.10 -59.89
C ASP E 322 48.14 87.87 -59.34
N THR E 323 48.69 86.67 -59.54
CA THR E 323 47.91 85.46 -59.28
C THR E 323 48.51 84.58 -58.18
N VAL E 324 49.19 85.15 -57.19
CA VAL E 324 49.67 84.41 -56.05
C VAL E 324 49.58 85.30 -54.82
N SER E 325 49.21 84.71 -53.70
CA SER E 325 49.06 85.47 -52.47
C SER E 325 50.40 85.99 -51.99
N ALA E 326 50.41 87.27 -51.58
CA ALA E 326 51.66 87.94 -51.22
C ALA E 326 51.96 87.89 -49.73
N ASP E 327 51.06 87.32 -48.92
CA ASP E 327 51.23 87.38 -47.48
C ASP E 327 52.54 86.73 -47.06
N GLU E 328 52.89 86.90 -45.78
CA GLU E 328 54.18 86.46 -45.29
C GLU E 328 54.25 84.93 -45.18
N ASP E 329 53.21 84.31 -44.62
CA ASP E 329 53.27 82.89 -44.28
C ASP E 329 53.08 81.97 -45.47
N ASP E 330 52.71 82.51 -46.64
CA ASP E 330 52.56 81.70 -47.84
C ASP E 330 53.89 81.17 -48.35
N LEU E 331 55.00 81.54 -47.71
CA LEU E 331 56.30 80.99 -48.05
C LEU E 331 56.24 79.46 -48.12
N TYR E 332 55.65 78.85 -47.10
CA TYR E 332 55.48 77.41 -47.07
C TYR E 332 54.29 76.95 -47.91
N GLN E 333 53.42 77.87 -48.34
CA GLN E 333 52.40 77.48 -49.29
C GLN E 333 52.98 77.27 -50.68
N ILE E 334 54.06 77.98 -51.01
CA ILE E 334 54.60 77.95 -52.36
C ILE E 334 54.81 76.50 -52.82
N ASN E 335 54.32 76.18 -54.02
CA ASN E 335 54.48 74.85 -54.62
C ASN E 335 55.84 74.79 -55.30
N LEU E 336 56.83 74.25 -54.59
CA LEU E 336 58.19 74.25 -55.13
C LEU E 336 58.35 73.34 -56.33
N PHE E 337 57.91 72.09 -56.21
CA PHE E 337 58.17 71.11 -57.26
C PHE E 337 57.27 71.28 -58.47
N GLY E 338 56.05 71.76 -58.27
CA GLY E 338 55.16 72.10 -59.36
C GLY E 338 55.33 73.54 -59.79
N ALA E 339 54.37 74.01 -60.58
CA ALA E 339 54.38 75.39 -61.05
C ALA E 339 52.97 75.97 -61.00
N GLN E 340 52.19 75.55 -60.01
CA GLN E 340 50.82 76.03 -59.90
C GLN E 340 50.34 75.87 -58.47
N THR E 341 49.29 76.60 -58.13
CA THR E 341 48.68 76.46 -56.81
C THR E 341 47.85 75.18 -56.76
N VAL E 342 47.20 74.98 -55.62
CA VAL E 342 46.38 73.79 -55.43
C VAL E 342 45.28 73.74 -56.47
N GLU E 343 44.68 74.89 -56.80
CA GLU E 343 43.59 74.92 -57.76
C GLU E 343 44.04 74.63 -59.19
N GLY E 344 45.34 74.71 -59.46
CA GLY E 344 45.84 74.40 -60.79
C GLY E 344 46.05 75.60 -61.69
N VAL E 345 46.34 76.77 -61.13
CA VAL E 345 46.64 77.97 -61.90
C VAL E 345 48.14 78.07 -62.07
N PRO E 346 48.67 78.07 -63.30
CA PRO E 346 50.13 78.04 -63.47
C PRO E 346 50.80 79.28 -62.89
N TYR E 347 52.00 79.07 -62.37
CA TYR E 347 52.89 80.17 -61.99
C TYR E 347 53.61 80.66 -63.24
N HIS E 348 53.18 81.79 -63.79
CA HIS E 348 53.98 82.45 -64.80
C HIS E 348 55.11 83.22 -64.13
N ALA E 349 56.21 83.38 -64.88
CA ALA E 349 57.50 83.86 -64.39
C ALA E 349 58.32 82.75 -63.74
N VAL E 350 57.92 81.50 -63.86
CA VAL E 350 58.73 80.36 -63.40
C VAL E 350 58.78 79.33 -64.53
N GLN E 351 59.97 78.83 -64.82
CA GLN E 351 60.15 77.83 -65.87
C GLN E 351 60.94 76.66 -65.32
N ILE E 352 60.39 75.46 -65.44
CA ILE E 352 61.05 74.22 -65.03
C ILE E 352 61.51 73.52 -66.29
N LEU E 353 62.83 73.28 -66.39
CA LEU E 353 63.37 72.67 -67.59
C LEU E 353 63.04 71.18 -67.64
N GLY E 354 62.57 70.72 -68.78
CA GLY E 354 62.11 69.35 -68.94
C GLY E 354 63.23 68.38 -69.16
N VAL E 355 62.85 67.15 -69.53
CA VAL E 355 63.83 66.08 -69.70
C VAL E 355 64.77 66.41 -70.86
N LEU E 356 64.21 66.85 -71.99
CA LEU E 356 65.04 67.20 -73.14
C LEU E 356 66.01 68.33 -72.80
N ASP E 357 65.69 69.10 -71.78
CA ASP E 357 66.55 70.19 -71.31
C ASP E 357 67.47 69.75 -70.17
N GLY E 358 67.46 68.47 -69.82
CA GLY E 358 68.32 67.97 -68.76
C GLY E 358 67.69 67.93 -67.39
N GLY E 359 66.39 68.19 -67.29
CA GLY E 359 65.72 68.20 -66.01
C GLY E 359 65.14 66.85 -65.63
N VAL E 360 64.46 66.84 -64.48
CA VAL E 360 63.79 65.65 -63.96
C VAL E 360 62.33 66.01 -63.71
N THR E 361 61.42 65.14 -64.16
CA THR E 361 59.99 65.36 -64.01
C THR E 361 59.53 64.64 -62.75
N LEU E 362 59.18 65.40 -61.71
CA LEU E 362 58.64 64.84 -60.49
C LEU E 362 57.14 64.74 -60.64
N THR E 363 56.68 63.63 -61.22
CA THR E 363 55.26 63.34 -61.38
C THR E 363 54.95 62.01 -60.69
N GLU E 364 53.71 61.55 -60.86
CA GLU E 364 53.24 60.34 -60.21
C GLU E 364 53.63 59.07 -60.94
N THR E 365 54.29 59.17 -62.09
CA THR E 365 54.71 58.00 -62.84
C THR E 365 56.23 57.84 -62.90
N ALA E 366 57.00 58.88 -62.59
CA ALA E 366 58.45 58.76 -62.57
C ALA E 366 58.90 57.96 -61.36
N THR E 367 59.97 57.19 -61.55
CA THR E 367 60.52 56.33 -60.50
C THR E 367 62.01 56.63 -60.34
N ASN E 368 62.48 56.64 -59.10
CA ASN E 368 63.86 56.98 -58.78
C ASN E 368 64.45 55.92 -57.87
N TYR E 369 65.61 55.39 -58.24
CA TYR E 369 66.25 54.31 -57.51
C TYR E 369 67.50 54.80 -56.81
N LEU E 370 67.75 54.28 -55.62
CA LEU E 370 68.98 54.61 -54.92
C LEU E 370 70.17 53.98 -55.62
N GLN E 371 71.34 54.57 -55.43
CA GLN E 371 72.56 54.19 -56.14
C GLN E 371 73.56 53.57 -55.16
N GLY E 372 74.22 52.51 -55.59
CA GLY E 372 75.28 51.90 -54.80
C GLY E 372 74.85 50.65 -54.08
N GLY E 373 75.58 50.27 -53.04
CA GLY E 373 75.22 49.12 -52.25
C GLY E 373 75.68 47.82 -52.87
N GLY E 374 75.23 46.73 -52.26
CA GLY E 374 75.61 45.39 -52.67
C GLY E 374 75.71 44.47 -51.46
N ASP E 375 75.83 43.18 -51.74
CA ASP E 375 75.87 42.17 -50.70
C ASP E 375 77.28 41.72 -50.35
N GLY E 376 78.21 41.80 -51.29
CA GLY E 376 79.54 41.22 -51.12
C GLY E 376 79.63 39.85 -51.77
N THR E 377 80.76 39.20 -51.51
CA THR E 377 81.03 37.89 -52.09
C THR E 377 80.32 36.83 -51.26
N LEU E 378 79.32 36.19 -51.86
CA LEU E 378 78.50 35.19 -51.17
C LEU E 378 78.87 33.80 -51.65
N GLY E 379 78.57 32.82 -50.82
CA GLY E 379 78.86 31.42 -51.10
C GLY E 379 79.46 30.74 -49.91
N ASN E 380 79.74 29.45 -50.08
CA ASN E 380 80.20 28.62 -48.96
C ASN E 380 81.59 29.04 -48.51
N ASP E 381 82.46 29.46 -49.44
CA ASP E 381 83.82 29.83 -49.06
C ASP E 381 83.82 31.06 -48.15
N SER E 382 83.15 32.13 -48.59
CA SER E 382 83.06 33.32 -47.75
C SER E 382 82.28 33.05 -46.48
N PHE E 383 81.28 32.17 -46.54
CA PHE E 383 80.55 31.82 -45.33
C PHE E 383 81.45 31.15 -44.30
N ASN E 384 82.29 30.20 -44.75
CA ASN E 384 83.23 29.57 -43.85
C ASN E 384 84.24 30.58 -43.31
N ALA E 385 84.68 31.51 -44.16
CA ALA E 385 85.60 32.54 -43.69
C ALA E 385 84.97 33.35 -42.56
N ALA E 386 83.74 33.81 -42.76
CA ALA E 386 83.07 34.62 -41.74
C ALA E 386 82.82 33.81 -40.47
N ALA E 387 82.36 32.57 -40.61
CA ALA E 387 82.09 31.74 -39.45
C ALA E 387 83.35 31.49 -38.64
N TYR E 388 84.48 31.22 -39.32
CA TYR E 388 85.73 31.05 -38.61
C TYR E 388 86.14 32.35 -37.92
N ALA E 389 85.98 33.48 -38.60
CA ALA E 389 86.31 34.75 -37.96
C ALA E 389 85.54 34.94 -36.67
N VAL E 390 84.26 34.59 -36.67
CA VAL E 390 83.42 34.75 -35.48
C VAL E 390 83.81 33.75 -34.40
N LEU E 391 84.02 32.49 -34.75
CA LEU E 391 84.22 31.47 -33.73
C LEU E 391 85.62 31.50 -33.15
N SER E 392 86.61 32.00 -33.89
CA SER E 392 87.98 31.96 -33.39
C SER E 392 88.22 32.97 -32.28
N ASN E 393 87.67 34.17 -32.42
CA ASN E 393 87.82 35.23 -31.42
C ASN E 393 86.55 35.26 -30.57
N LEU E 394 86.39 34.26 -29.71
CA LEU E 394 85.22 34.22 -28.84
C LEU E 394 85.44 34.92 -27.51
N SER E 395 86.67 34.93 -27.00
CA SER E 395 86.95 35.50 -25.70
C SER E 395 87.27 36.98 -25.74
N ASN E 396 87.45 37.57 -26.93
CA ASN E 396 87.78 38.98 -27.02
C ASN E 396 87.10 39.66 -28.19
N ASN E 397 85.93 39.18 -28.61
CA ASN E 397 85.18 39.82 -29.67
C ASN E 397 84.56 41.12 -29.17
N ALA E 398 84.67 42.17 -29.98
CA ALA E 398 84.11 43.47 -29.63
C ALA E 398 82.66 43.61 -30.05
N ALA E 399 82.09 42.63 -30.74
CA ALA E 399 80.70 42.68 -31.18
C ALA E 399 79.76 42.10 -30.14
N PHE E 400 80.06 40.92 -29.61
CA PHE E 400 79.23 40.30 -28.61
C PHE E 400 80.03 39.25 -27.85
N ASN E 401 79.77 39.16 -26.55
CA ASN E 401 80.43 38.21 -25.67
C ASN E 401 79.43 37.10 -25.36
N ILE E 402 79.72 35.88 -25.80
CA ILE E 402 78.75 34.79 -25.74
C ILE E 402 78.98 33.89 -24.53
N THR E 403 79.70 34.36 -23.51
CA THR E 403 79.72 33.70 -22.23
C THR E 403 78.63 34.23 -21.31
N ASN E 404 77.77 35.11 -21.82
CA ASN E 404 76.69 35.73 -21.06
C ASN E 404 75.49 34.79 -21.10
N TYR E 405 75.26 34.06 -20.00
CA TYR E 405 74.18 33.09 -19.96
C TYR E 405 72.82 33.75 -20.12
N ALA E 406 72.62 34.88 -19.45
CA ALA E 406 71.28 35.47 -19.39
C ALA E 406 70.88 36.13 -20.70
N ARG E 407 71.84 36.57 -21.50
CA ARG E 407 71.55 37.32 -22.71
C ARG E 407 71.54 36.46 -23.96
N TYR E 408 72.12 35.26 -23.92
CA TYR E 408 72.19 34.36 -25.07
C TYR E 408 71.74 32.97 -24.64
N PRO E 409 70.43 32.73 -24.63
CA PRO E 409 69.90 31.45 -24.13
C PRO E 409 70.13 30.25 -25.05
N PHE E 410 70.92 30.38 -26.12
CA PHE E 410 71.19 29.23 -26.96
C PHE E 410 71.93 28.16 -26.17
N ASN E 411 71.68 26.90 -26.50
CA ASN E 411 72.38 25.80 -25.85
C ASN E 411 72.77 24.67 -26.78
N ALA E 412 72.55 24.78 -28.08
CA ALA E 412 72.88 23.70 -29.00
C ALA E 412 73.50 24.27 -30.27
N PHE E 413 74.51 23.56 -30.78
CA PHE E 413 75.18 23.94 -32.01
C PHE E 413 75.36 22.70 -32.88
N TRP E 414 74.89 22.77 -34.12
CA TRP E 414 74.95 21.67 -35.07
C TRP E 414 75.90 22.04 -36.20
N ASP E 415 76.86 21.17 -36.46
CA ASP E 415 77.75 21.34 -37.60
C ASP E 415 77.01 20.94 -38.87
N SER E 416 76.79 21.91 -39.75
CA SER E 416 76.07 21.67 -40.99
C SER E 416 77.00 21.34 -42.15
N GLY E 417 78.30 21.22 -41.92
CA GLY E 417 79.24 20.91 -42.98
C GLY E 417 80.35 21.93 -43.13
N PHE E 418 80.73 22.60 -42.06
CA PHE E 418 81.86 23.52 -42.12
C PHE E 418 83.13 22.77 -42.49
N ASP E 419 84.08 23.49 -43.06
CA ASP E 419 85.36 22.89 -43.42
C ASP E 419 86.13 22.50 -42.16
N LEU E 420 87.12 21.64 -42.34
CA LEU E 420 87.83 21.06 -41.21
C LEU E 420 88.49 22.12 -40.33
N LYS E 421 88.94 23.23 -40.92
CA LYS E 421 89.57 24.27 -40.12
C LYS E 421 88.57 24.92 -39.16
N THR E 422 87.34 25.14 -39.63
CA THR E 422 86.33 25.71 -38.75
C THR E 422 85.77 24.67 -37.79
N LYS E 423 85.79 23.39 -38.19
CA LYS E 423 85.28 22.34 -37.31
C LYS E 423 85.99 22.33 -35.97
N GLN E 424 87.28 22.65 -35.95
CA GLN E 424 88.09 22.47 -34.75
C GLN E 424 87.99 23.64 -33.78
N THR E 425 87.26 24.70 -34.11
CA THR E 425 86.99 25.77 -33.17
C THR E 425 85.64 25.64 -32.48
N ILE E 426 84.85 24.63 -32.82
CA ILE E 426 83.52 24.44 -32.24
C ILE E 426 83.63 23.76 -30.88
N PRO E 427 84.47 22.75 -30.70
CA PRO E 427 84.48 22.02 -29.43
C PRO E 427 84.67 22.90 -28.20
N GLN E 428 85.27 24.07 -28.34
CA GLN E 428 85.54 24.90 -27.17
C GLN E 428 84.29 25.52 -26.59
N LEU E 429 83.15 25.43 -27.26
CA LEU E 429 81.91 25.93 -26.67
C LEU E 429 81.54 25.17 -25.41
N ILE E 430 81.73 23.83 -25.43
CA ILE E 430 81.49 23.02 -24.24
C ILE E 430 82.63 23.11 -23.23
N GLY E 431 83.61 23.97 -23.47
CA GLY E 431 84.59 24.27 -22.46
C GLY E 431 84.37 25.64 -21.87
N LEU E 432 83.81 26.55 -22.68
CA LEU E 432 83.53 27.89 -22.22
C LEU E 432 82.18 28.01 -21.52
N ARG E 433 81.20 27.16 -21.86
CA ARG E 433 79.89 27.23 -21.23
C ARG E 433 79.50 25.86 -20.71
N ALA E 434 78.81 25.85 -19.57
CA ALA E 434 78.47 24.62 -18.87
C ALA E 434 77.07 24.10 -19.20
N ASP E 435 76.38 24.71 -20.15
CA ASP E 435 75.05 24.27 -20.56
C ASP E 435 74.93 24.25 -22.07
N THR E 436 75.91 23.68 -22.75
CA THR E 436 75.98 23.68 -24.20
C THR E 436 76.13 22.25 -24.73
N TRP E 437 75.64 22.04 -25.94
CA TRP E 437 75.54 20.72 -26.54
C TRP E 437 75.89 20.84 -28.02
N ILE E 438 76.87 20.05 -28.47
CA ILE E 438 77.41 20.17 -29.82
C ILE E 438 77.20 18.85 -30.57
N ALA E 439 76.79 18.98 -31.82
CA ALA E 439 76.72 17.87 -32.76
C ALA E 439 77.72 18.14 -33.87
N LEU E 440 78.64 17.21 -34.09
CA LEU E 440 79.70 17.37 -35.07
C LEU E 440 79.46 16.47 -36.27
N SER E 441 79.94 16.92 -37.42
CA SER E 441 79.84 16.17 -38.66
C SER E 441 81.25 15.91 -39.19
N THR E 442 81.45 14.77 -39.83
CA THR E 442 82.75 14.42 -40.37
C THR E 442 82.87 14.69 -41.87
N GLN E 443 82.00 15.54 -42.42
CA GLN E 443 81.95 15.76 -43.85
C GLN E 443 82.02 17.25 -44.14
N ASP E 444 82.81 17.62 -45.15
CA ASP E 444 82.89 18.98 -45.66
C ASP E 444 82.05 19.05 -46.93
N ILE E 445 80.88 19.69 -46.84
CA ILE E 445 79.93 19.65 -47.95
C ILE E 445 80.48 20.29 -49.21
N SER E 446 81.56 21.05 -49.11
CA SER E 446 82.18 21.64 -50.29
C SER E 446 83.07 20.68 -51.05
N SER E 447 83.32 19.48 -50.52
CA SER E 447 84.23 18.52 -51.11
C SER E 447 83.47 17.26 -51.49
N ASP E 448 84.22 16.28 -51.97
CA ASP E 448 83.64 14.99 -52.36
C ASP E 448 83.30 14.17 -51.11
N PHE E 449 82.33 13.28 -51.26
CA PHE E 449 81.95 12.41 -50.15
C PHE E 449 83.15 11.59 -49.71
N ASN E 450 83.38 11.54 -48.41
CA ASN E 450 84.60 10.94 -47.87
C ASN E 450 84.56 9.43 -48.00
N SER E 451 85.75 8.83 -48.04
CA SER E 451 85.89 7.39 -47.99
C SER E 451 85.99 6.92 -46.55
N ASN E 452 86.12 5.60 -46.38
CA ASN E 452 86.19 5.04 -45.03
C ASN E 452 87.42 5.55 -44.30
N GLU E 453 88.57 5.57 -44.97
CA GLU E 453 89.80 5.99 -44.29
C GLU E 453 89.78 7.48 -43.98
N GLU E 454 89.28 8.31 -44.90
CA GLU E 454 89.16 9.73 -44.61
C GLU E 454 88.21 9.99 -43.46
N GLU E 455 87.10 9.25 -43.42
CA GLU E 455 86.18 9.41 -42.30
C GLU E 455 86.85 9.02 -40.99
N GLU E 456 87.61 7.93 -41.00
CA GLU E 456 88.31 7.53 -39.78
C GLU E 456 89.31 8.59 -39.34
N SER E 457 90.05 9.16 -40.30
CA SER E 457 91.03 10.18 -39.95
C SER E 457 90.37 11.42 -39.36
N ILE E 458 89.30 11.89 -39.99
CA ILE E 458 88.61 13.08 -39.48
C ILE E 458 87.99 12.79 -38.12
N ALA E 459 87.47 11.58 -37.93
CA ALA E 459 86.90 11.21 -36.64
C ALA E 459 87.95 11.24 -35.55
N LEU E 460 89.13 10.69 -35.83
CA LEU E 460 90.19 10.70 -34.82
C LEU E 460 90.64 12.12 -34.53
N SER E 461 90.73 12.96 -35.56
CA SER E 461 91.14 14.34 -35.33
C SER E 461 90.12 15.08 -34.45
N LEU E 462 88.84 14.88 -34.73
CA LEU E 462 87.82 15.54 -33.92
C LEU E 462 87.82 15.00 -32.49
N MET E 463 88.02 13.70 -32.31
CA MET E 463 88.11 13.15 -30.96
C MET E 463 89.28 13.75 -30.21
N SER E 464 90.43 13.89 -30.87
CA SER E 464 91.60 14.47 -30.22
C SER E 464 91.32 15.92 -29.82
N ARG E 465 90.67 16.67 -30.70
CA ARG E 465 90.31 18.05 -30.37
C ARG E 465 89.37 18.10 -29.17
N VAL E 466 88.37 17.21 -29.15
CA VAL E 466 87.39 17.19 -28.08
C VAL E 466 88.02 16.78 -26.76
N SER E 467 89.10 16.00 -26.81
CA SER E 467 89.70 15.51 -25.58
C SER E 467 90.32 16.63 -24.75
N ALA E 468 90.43 17.84 -25.28
CA ALA E 468 91.09 18.93 -24.58
C ALA E 468 90.16 19.72 -23.66
N PHE E 469 88.87 19.40 -23.63
CA PHE E 469 87.89 20.11 -22.81
C PHE E 469 87.14 19.09 -21.96
N PRO E 470 87.75 18.61 -20.88
CA PRO E 470 87.06 17.65 -20.01
C PRO E 470 85.84 18.27 -19.35
N ASP E 471 84.87 17.43 -19.02
CA ASP E 471 83.66 17.91 -18.37
C ASP E 471 83.98 18.61 -17.05
N SER E 472 84.78 17.96 -16.22
CA SER E 472 85.26 18.53 -14.97
C SER E 472 86.76 18.69 -15.11
N SER E 473 87.23 19.94 -15.01
CA SER E 473 88.67 20.17 -15.10
C SER E 473 89.38 19.75 -13.83
N ASP E 474 88.70 19.79 -12.69
CA ASP E 474 89.32 19.39 -11.43
C ASP E 474 89.61 17.89 -11.41
N PHE E 475 88.62 17.07 -11.76
CA PHE E 475 88.76 15.63 -11.73
C PHE E 475 88.91 15.00 -13.10
N GLY E 476 88.92 15.80 -14.17
CA GLY E 476 89.22 15.28 -15.48
C GLY E 476 88.20 14.32 -16.06
N THR E 477 86.92 14.54 -15.78
CA THR E 477 85.90 13.70 -16.39
C THR E 477 85.84 13.96 -17.89
N PRO E 478 85.89 12.94 -18.73
CA PRO E 478 85.78 13.18 -20.18
C PRO E 478 84.46 13.83 -20.54
N ALA E 479 84.50 14.68 -21.56
CA ALA E 479 83.31 15.41 -21.98
C ALA E 479 82.29 14.44 -22.57
N PHE E 480 81.01 14.75 -22.37
CA PHE E 480 79.93 13.92 -22.89
C PHE E 480 78.74 14.69 -23.41
N ARG E 481 78.83 16.01 -23.57
CA ARG E 481 77.69 16.81 -24.02
C ARG E 481 77.78 17.04 -25.53
N GLY E 482 77.35 16.03 -26.28
CA GLY E 482 77.27 16.15 -27.72
C GLY E 482 77.44 14.79 -28.38
N MET E 483 77.66 14.82 -29.68
CA MET E 483 77.89 13.58 -30.43
C MET E 483 78.57 13.89 -31.76
N ILE E 484 79.02 12.84 -32.43
CA ILE E 484 79.62 12.92 -33.76
C ILE E 484 78.81 12.01 -34.68
N VAL E 485 78.43 12.54 -35.84
CA VAL E 485 77.59 11.83 -36.80
C VAL E 485 78.30 11.82 -38.15
N GLY E 486 78.47 10.65 -38.74
CA GLY E 486 79.18 10.48 -39.98
C GLY E 486 78.25 10.08 -41.11
N GLY E 487 78.51 10.60 -42.30
CA GLY E 487 77.73 10.31 -43.49
C GLY E 487 77.17 11.57 -44.13
N ALA E 488 76.71 11.39 -45.36
CA ALA E 488 76.12 12.49 -46.12
C ALA E 488 75.26 11.94 -47.24
N GLY E 489 74.41 12.80 -47.78
CA GLY E 489 73.53 12.42 -48.86
C GLY E 489 73.02 13.65 -49.58
N TYR E 490 71.82 13.55 -50.14
CA TYR E 490 71.20 14.64 -50.87
C TYR E 490 69.88 15.01 -50.24
N TYR E 491 69.58 16.30 -50.22
CA TYR E 491 68.38 16.81 -49.57
C TYR E 491 67.16 16.44 -50.39
N THR E 492 66.12 15.91 -49.74
CA THR E 492 64.97 15.39 -50.46
C THR E 492 63.87 16.42 -50.67
N GLU E 493 63.78 17.45 -49.86
CA GLU E 493 62.66 18.37 -49.91
C GLU E 493 62.79 19.42 -51.00
N THR E 494 63.65 19.20 -51.99
CA THR E 494 63.85 20.16 -53.07
C THR E 494 64.17 19.41 -54.35
N THR E 495 63.89 20.05 -55.49
CA THR E 495 64.18 19.44 -56.77
C THR E 495 65.66 19.52 -57.12
N ARG E 496 66.34 20.59 -56.73
CA ARG E 496 67.75 20.73 -57.02
C ARG E 496 68.54 19.61 -56.35
N LYS E 497 69.79 19.44 -56.81
CA LYS E 497 70.70 18.47 -56.23
C LYS E 497 71.55 19.19 -55.18
N LEU E 498 71.23 18.98 -53.91
CA LEU E 498 71.78 19.78 -52.81
C LEU E 498 72.36 18.85 -51.74
N PRO E 499 73.67 18.62 -51.73
CA PRO E 499 74.24 17.70 -50.74
C PRO E 499 74.12 18.26 -49.32
N VAL E 500 73.96 17.35 -48.36
CA VAL E 500 73.82 17.71 -46.95
C VAL E 500 74.37 16.57 -46.09
N PRO E 501 74.77 16.82 -44.85
CA PRO E 501 75.15 15.74 -43.95
C PRO E 501 73.98 15.29 -43.07
N LEU E 502 74.14 14.10 -42.49
CA LEU E 502 73.08 13.49 -41.69
C LEU E 502 72.78 14.25 -40.40
N THR E 503 73.65 15.17 -40.00
CA THR E 503 73.31 16.02 -38.89
C THR E 503 72.03 16.78 -39.17
N LEU E 504 71.70 17.02 -40.44
CA LEU E 504 70.43 17.66 -40.76
C LEU E 504 69.25 16.80 -40.33
N ASP E 505 69.32 15.49 -40.63
CA ASP E 505 68.23 14.59 -40.24
C ASP E 505 68.10 14.53 -38.72
N ARG E 506 69.22 14.40 -38.02
CA ARG E 506 69.14 14.38 -36.57
C ARG E 506 68.64 15.71 -36.02
N PHE E 507 69.01 16.82 -36.66
CA PHE E 507 68.57 18.14 -36.22
C PHE E 507 67.06 18.26 -36.33
N ARG E 508 66.50 17.79 -37.44
CA ARG E 508 65.04 17.81 -37.59
C ARG E 508 64.38 16.93 -36.54
N ALA E 509 64.93 15.74 -36.29
CA ALA E 509 64.35 14.87 -35.28
C ALA E 509 64.31 15.56 -33.92
N TYR E 510 65.43 16.15 -33.51
CA TYR E 510 65.47 16.82 -32.21
C TYR E 510 64.58 18.04 -32.16
N CYS E 511 64.48 18.79 -33.26
CA CYS E 511 63.60 19.95 -33.29
C CYS E 511 62.15 19.53 -33.07
N ARG E 512 61.75 18.41 -33.66
CA ARG E 512 60.38 17.93 -33.44
C ARG E 512 60.19 17.39 -32.02
N TYR E 513 61.19 16.69 -31.49
CA TYR E 513 61.06 16.06 -30.18
C TYR E 513 61.04 17.08 -29.05
N ALA E 514 62.11 17.86 -28.93
CA ALA E 514 62.36 18.69 -27.77
C ALA E 514 62.27 20.18 -28.07
N GLY E 515 61.29 20.58 -28.86
CA GLY E 515 61.16 21.97 -29.25
C GLY E 515 59.93 22.66 -28.72
N ALA E 516 59.06 21.92 -28.03
CA ALA E 516 57.80 22.48 -27.58
C ALA E 516 58.04 23.72 -26.73
N SER E 517 57.24 24.75 -26.97
CA SER E 517 57.43 26.02 -26.29
C SER E 517 57.24 25.92 -24.78
N ASP E 518 56.57 24.88 -24.30
CA ASP E 518 56.29 24.73 -22.87
C ASP E 518 57.34 23.93 -22.12
N GLY E 519 58.44 23.55 -22.78
CA GLY E 519 59.55 22.94 -22.08
C GLY E 519 59.27 21.57 -21.49
N VAL E 520 58.47 20.75 -22.16
CA VAL E 520 58.25 19.36 -21.76
C VAL E 520 58.41 18.51 -23.01
N LEU E 521 59.20 17.43 -22.91
CA LEU E 521 59.44 16.58 -24.07
C LEU E 521 58.17 15.90 -24.52
N LYS E 522 57.98 15.84 -25.85
CA LYS E 522 56.79 15.24 -26.46
C LYS E 522 56.99 13.74 -26.59
N PRO E 523 56.16 12.90 -25.95
CA PRO E 523 56.36 11.45 -26.08
C PRO E 523 56.07 10.92 -27.47
N GLU E 524 55.34 11.64 -28.31
CA GLU E 524 54.94 11.14 -29.61
C GLU E 524 56.01 11.27 -30.67
N TYR E 525 57.17 11.87 -30.33
CA TYR E 525 58.25 12.06 -31.29
C TYR E 525 59.57 11.50 -30.80
N ALA E 526 59.53 10.53 -29.89
CA ALA E 526 60.76 9.97 -29.31
C ALA E 526 61.78 9.68 -30.39
N VAL E 527 63.01 10.15 -30.18
CA VAL E 527 64.04 10.08 -31.21
C VAL E 527 64.60 8.69 -31.41
N ASP E 528 64.10 7.69 -30.70
CA ASP E 528 64.61 6.33 -30.87
C ASP E 528 63.47 5.31 -30.84
N GLU E 529 62.26 5.73 -31.15
CA GLU E 529 61.11 4.84 -31.17
C GLU E 529 60.22 5.17 -32.35
N GLY E 530 59.66 4.14 -32.96
CA GLY E 530 58.69 4.36 -34.02
C GLY E 530 59.38 4.72 -35.32
N ASP E 531 58.97 5.84 -35.90
CA ASP E 531 59.46 6.27 -37.19
C ASP E 531 60.67 7.20 -37.06
N ALA E 532 60.80 7.91 -35.95
CA ALA E 532 61.86 8.90 -35.80
C ALA E 532 63.24 8.29 -35.74
N ARG E 533 63.36 6.98 -35.61
CA ARG E 533 64.67 6.34 -35.65
C ARG E 533 65.15 6.06 -37.07
N LYS E 534 64.37 6.44 -38.08
CA LYS E 534 64.73 6.27 -39.48
C LYS E 534 65.11 7.61 -40.10
N VAL E 535 65.86 7.55 -41.19
CA VAL E 535 66.19 8.75 -41.95
C VAL E 535 64.96 9.20 -42.73
N GLN E 536 64.76 10.51 -42.83
CA GLN E 536 63.55 11.06 -43.43
C GLN E 536 63.79 12.20 -44.40
N VAL E 537 64.92 12.88 -44.35
CA VAL E 537 65.17 14.04 -45.18
C VAL E 537 66.51 13.95 -45.91
N VAL E 538 67.04 12.75 -46.10
CA VAL E 538 68.29 12.55 -46.82
C VAL E 538 68.17 11.27 -47.63
N LYS E 539 68.84 11.23 -48.78
CA LYS E 539 68.77 10.09 -49.67
C LYS E 539 70.13 9.89 -50.34
N SER E 540 70.32 8.72 -50.94
CA SER E 540 71.55 8.37 -51.65
C SER E 540 72.75 8.47 -50.72
N ILE E 541 72.61 7.97 -49.50
CA ILE E 541 73.71 7.99 -48.55
C ILE E 541 74.85 7.14 -49.10
N ASN E 542 76.07 7.42 -48.63
CA ASN E 542 77.27 6.79 -49.14
C ASN E 542 77.83 5.77 -48.14
N ASN E 543 78.79 4.98 -48.61
CA ASN E 543 79.52 4.03 -47.77
C ASN E 543 78.56 3.14 -46.99
N LEU E 544 77.49 2.68 -47.64
CA LEU E 544 76.53 1.85 -46.95
C LEU E 544 76.94 0.38 -46.93
N ASP E 545 77.92 -0.01 -47.73
CA ASP E 545 78.46 -1.36 -47.67
C ASP E 545 79.71 -1.43 -46.78
N LYS E 546 79.63 -0.93 -45.56
CA LYS E 546 80.78 -1.00 -44.66
C LYS E 546 81.08 -2.45 -44.33
N SER E 547 82.35 -2.75 -44.13
CA SER E 547 82.73 -4.05 -43.64
C SER E 547 82.38 -4.17 -42.15
N TRP E 548 82.26 -5.40 -41.69
CA TRP E 548 82.01 -5.62 -40.27
C TRP E 548 83.12 -5.01 -39.43
N ARG E 549 84.36 -5.11 -39.90
CA ARG E 549 85.49 -4.52 -39.18
C ARG E 549 85.39 -3.00 -39.15
N VAL E 550 85.01 -2.39 -40.27
CA VAL E 550 84.87 -0.94 -40.29
C VAL E 550 83.78 -0.50 -39.32
N ARG E 551 82.64 -1.19 -39.33
CA ARG E 551 81.56 -0.84 -38.42
C ARG E 551 81.99 -1.00 -36.97
N ARG E 552 82.71 -2.09 -36.67
CA ARG E 552 83.17 -2.31 -35.31
C ARG E 552 84.13 -1.20 -34.88
N ALA E 553 85.02 -0.79 -35.78
CA ALA E 553 85.94 0.29 -35.46
C ALA E 553 85.21 1.60 -35.18
N GLN E 554 84.21 1.91 -36.01
CA GLN E 554 83.46 3.15 -35.77
C GLN E 554 82.73 3.09 -34.44
N TRP E 555 82.10 1.96 -34.13
CA TRP E 555 81.40 1.85 -32.85
C TRP E 555 82.38 2.03 -31.70
N ASN E 556 83.55 1.40 -31.80
CA ASN E 556 84.53 1.53 -30.73
C ASN E 556 85.12 2.93 -30.64
N ASN E 557 85.03 3.71 -31.72
CA ASN E 557 85.44 5.12 -31.68
C ASN E 557 84.27 6.05 -31.39
N ASN E 558 83.09 5.52 -31.12
CA ASN E 558 81.97 6.31 -30.60
C ASN E 558 81.32 7.20 -31.65
N LEU E 559 81.18 6.71 -32.87
CA LEU E 559 80.49 7.46 -33.90
C LEU E 559 79.05 6.99 -34.03
N VAL E 560 78.22 7.88 -34.58
CA VAL E 560 76.84 7.58 -34.92
C VAL E 560 76.76 7.38 -36.43
N TYR E 561 76.29 6.22 -36.86
CA TYR E 561 76.19 5.89 -38.28
C TYR E 561 74.86 5.21 -38.52
N VAL E 562 74.44 5.22 -39.79
CA VAL E 562 73.18 4.63 -40.19
C VAL E 562 73.43 3.32 -40.93
N GLU E 563 72.44 2.44 -40.89
CA GLU E 563 72.44 1.19 -41.61
C GLU E 563 71.23 1.14 -42.52
N ASP E 564 71.12 0.07 -43.28
CA ASP E 564 69.94 -0.13 -44.12
C ASP E 564 68.84 -0.80 -43.32
N TYR E 565 67.66 -0.18 -43.31
CA TYR E 565 66.48 -0.80 -42.72
C TYR E 565 65.92 -1.84 -43.67
N ASP E 566 65.57 -1.42 -44.88
CA ASP E 566 65.15 -2.31 -45.95
C ASP E 566 65.70 -1.75 -47.26
N THR E 567 65.17 -2.23 -48.39
CA THR E 567 65.67 -1.81 -49.68
C THR E 567 65.46 -0.32 -49.93
N ASN E 568 64.60 0.35 -49.16
CA ASN E 568 64.22 1.72 -49.43
C ASN E 568 64.69 2.73 -48.39
N SER E 569 65.20 2.30 -47.24
CA SER E 569 65.35 3.22 -46.12
C SER E 569 66.50 2.80 -45.22
N GLN E 570 66.88 3.72 -44.33
CA GLN E 570 67.97 3.52 -43.38
C GLN E 570 67.47 3.83 -41.97
N PHE E 571 68.28 3.44 -40.97
CA PHE E 571 67.90 3.65 -39.58
C PHE E 571 69.16 3.68 -38.72
N TYR E 572 69.00 4.17 -37.48
CA TYR E 572 70.12 4.30 -36.56
C TYR E 572 70.11 3.13 -35.58
N PRO E 573 71.05 2.17 -35.68
CA PRO E 573 71.05 1.06 -34.74
C PRO E 573 71.30 1.48 -33.30
N GLY E 574 71.89 2.65 -33.08
CA GLY E 574 72.10 3.15 -31.73
C GLY E 574 72.68 4.54 -31.77
N GLN E 575 72.10 5.46 -31.01
CA GLN E 575 72.49 6.87 -31.04
C GLN E 575 73.20 7.24 -29.74
N GLN E 576 74.51 7.03 -29.73
CA GLN E 576 75.32 7.23 -28.54
C GLN E 576 76.05 8.56 -28.59
N SER E 577 76.47 9.02 -27.41
CA SER E 577 77.29 10.22 -27.30
C SER E 577 78.77 9.87 -27.41
N PHE E 578 79.60 10.90 -27.51
CA PHE E 578 81.04 10.68 -27.59
C PHE E 578 81.71 10.58 -26.23
N TYR E 579 80.98 10.20 -25.19
CA TYR E 579 81.64 9.87 -23.93
C TYR E 579 82.48 8.62 -24.11
N SER E 580 83.73 8.68 -23.70
CA SER E 580 84.71 7.64 -24.05
C SER E 580 84.90 6.58 -22.99
N GLU E 581 84.29 6.72 -21.82
CA GLU E 581 84.52 5.76 -20.76
C GLU E 581 83.46 4.67 -20.76
N GLN E 582 83.57 3.73 -19.82
CA GLN E 582 82.71 2.57 -19.77
C GLN E 582 81.43 2.78 -18.96
N GLY E 583 81.27 3.94 -18.32
CA GLY E 583 80.04 4.21 -17.60
C GLY E 583 78.83 4.12 -18.51
N SER E 584 77.82 3.37 -18.08
CA SER E 584 76.61 3.17 -18.87
C SER E 584 75.55 4.24 -18.62
N VAL E 585 75.78 5.18 -17.70
CA VAL E 585 74.82 6.24 -17.46
C VAL E 585 74.81 7.22 -18.63
N LEU E 586 76.00 7.61 -19.09
CA LEU E 586 76.17 8.74 -19.99
C LEU E 586 76.25 8.33 -21.46
N LYS E 587 75.66 7.20 -21.83
CA LYS E 587 75.89 6.66 -23.16
C LYS E 587 74.86 7.15 -24.18
N ALA E 588 73.65 7.50 -23.74
CA ALA E 588 72.65 8.02 -24.65
C ALA E 588 72.84 9.52 -24.83
N ALA E 589 72.65 10.01 -26.06
CA ALA E 589 72.96 11.40 -26.35
C ALA E 589 71.93 12.38 -25.80
N ILE E 590 70.66 11.97 -25.70
CA ILE E 590 69.63 12.85 -25.17
C ILE E 590 69.93 13.22 -23.72
N VAL E 591 70.62 12.34 -23.00
CA VAL E 591 70.93 12.59 -21.59
C VAL E 591 71.86 13.80 -21.47
N GLY E 592 72.74 14.00 -22.43
CA GLY E 592 73.58 15.19 -22.41
C GLY E 592 72.76 16.46 -22.45
N LEU E 593 71.74 16.50 -23.31
CA LEU E 593 70.88 17.68 -23.38
C LEU E 593 70.12 17.86 -22.08
N CYS E 594 69.67 16.77 -21.48
CA CYS E 594 68.97 16.87 -20.19
C CYS E 594 69.89 17.46 -19.13
N VAL E 595 71.16 17.04 -19.11
CA VAL E 595 72.10 17.57 -18.12
C VAL E 595 72.37 19.05 -18.36
N ALA E 596 72.49 19.45 -19.63
CA ALA E 596 72.65 20.87 -19.93
C ALA E 596 71.48 21.68 -19.36
N ASN E 597 70.26 21.15 -19.51
CA ASN E 597 69.09 21.86 -18.98
C ASN E 597 69.12 21.95 -17.46
N LEU E 598 69.58 20.88 -16.80
CA LEU E 598 69.74 20.97 -15.35
C LEU E 598 70.69 22.09 -14.98
N ASN E 599 71.83 22.18 -15.69
CA ASN E 599 72.78 23.24 -15.43
C ASN E 599 72.14 24.61 -15.58
N ARG E 600 71.23 24.74 -16.55
CA ARG E 600 70.51 26.00 -16.72
C ARG E 600 69.59 26.29 -15.54
N PHE E 601 68.90 25.28 -15.04
CA PHE E 601 68.00 25.50 -13.89
C PHE E 601 68.77 26.03 -12.70
N ALA E 602 70.00 25.52 -12.50
CA ALA E 602 70.82 26.03 -11.40
C ALA E 602 71.08 27.53 -11.54
N PHE E 603 71.41 27.96 -12.76
CA PHE E 603 71.65 29.38 -13.01
C PHE E 603 70.41 30.19 -12.67
N GLU E 604 69.24 29.70 -13.07
CA GLU E 604 68.01 30.43 -12.76
C GLU E 604 67.83 30.58 -11.27
N ALA E 605 68.11 29.51 -10.51
CA ALA E 605 68.01 29.58 -9.06
C ALA E 605 68.89 30.68 -8.48
N TRP E 606 70.18 30.69 -8.87
CA TRP E 606 71.06 31.75 -8.38
C TRP E 606 70.53 33.11 -8.76
N ARG E 607 70.19 33.30 -10.03
CA ARG E 607 69.72 34.59 -10.51
C ARG E 607 68.57 35.10 -9.66
N ASP E 608 67.67 34.21 -9.26
CA ASP E 608 66.55 34.62 -8.45
C ASP E 608 66.95 34.97 -7.02
N LEU E 609 67.87 34.22 -6.43
CA LEU E 609 68.13 34.38 -4.99
C LEU E 609 69.27 35.34 -4.65
N THR E 610 70.06 35.79 -5.62
CA THR E 610 71.29 36.51 -5.29
C THR E 610 71.02 37.86 -4.64
N GLY E 611 71.84 38.19 -3.65
CA GLY E 611 71.93 39.54 -3.12
C GLY E 611 70.72 40.05 -2.37
N THR E 612 70.09 39.23 -1.54
CA THR E 612 68.93 39.63 -0.76
C THR E 612 69.34 39.87 0.69
N GLN E 613 68.96 41.03 1.22
CA GLN E 613 69.44 41.46 2.52
C GLN E 613 68.77 40.67 3.66
N LYS E 614 67.47 40.43 3.56
CA LYS E 614 66.68 39.93 4.67
C LYS E 614 66.52 38.42 4.70
N LEU E 615 67.17 37.69 3.80
CA LEU E 615 67.10 36.23 3.85
C LEU E 615 67.89 35.69 5.03
N THR E 616 67.59 34.46 5.40
CA THR E 616 68.42 33.69 6.30
C THR E 616 69.07 32.53 5.55
N ASP E 617 70.05 31.91 6.19
CA ASP E 617 70.75 30.79 5.56
C ASP E 617 69.80 29.64 5.27
N ASP E 618 68.94 29.31 6.24
CA ASP E 618 67.99 28.22 6.04
C ASP E 618 67.04 28.51 4.89
N GLN E 619 66.51 29.74 4.83
CA GLN E 619 65.63 30.11 3.75
C GLN E 619 66.32 30.04 2.40
N LEU E 620 67.57 30.52 2.33
CA LEU E 620 68.34 30.46 1.09
C LEU E 620 68.50 29.02 0.62
N ILE E 621 68.93 28.15 1.54
CA ILE E 621 69.15 26.74 1.22
C ILE E 621 67.86 26.10 0.73
N GLU E 622 66.76 26.35 1.44
CA GLU E 622 65.49 25.73 1.07
C GLU E 622 65.00 26.22 -0.28
N ARG E 623 65.06 27.53 -0.51
CA ARG E 623 64.53 28.11 -1.73
C ARG E 623 65.32 27.69 -2.97
N SER E 624 66.63 27.50 -2.86
CA SER E 624 67.38 27.03 -4.02
C SER E 624 66.89 25.67 -4.50
N ASP E 625 66.79 24.71 -3.59
CA ASP E 625 66.27 23.39 -3.94
C ASP E 625 64.84 23.48 -4.45
N ASP E 626 64.02 24.30 -3.80
CA ASP E 626 62.65 24.49 -4.28
C ASP E 626 62.65 24.90 -5.73
N ALA E 627 63.44 25.90 -6.08
CA ALA E 627 63.46 26.40 -7.45
C ALA E 627 63.85 25.30 -8.42
N VAL E 628 64.96 24.60 -8.14
CA VAL E 628 65.44 23.61 -9.11
C VAL E 628 64.42 22.49 -9.28
N SER E 629 63.90 21.96 -8.17
CA SER E 629 62.95 20.86 -8.25
C SER E 629 61.68 21.27 -8.98
N THR E 630 61.14 22.44 -8.65
CA THR E 630 59.92 22.89 -9.31
C THR E 630 60.14 23.04 -10.80
N ARG E 631 61.26 23.62 -11.20
CA ARG E 631 61.49 23.85 -12.63
C ARG E 631 61.74 22.53 -13.36
N GLY E 632 62.34 21.56 -12.70
CA GLY E 632 62.77 20.36 -13.39
C GLY E 632 61.76 19.23 -13.43
N THR E 633 61.06 18.99 -12.33
CA THR E 633 60.22 17.81 -12.22
C THR E 633 59.14 17.81 -13.29
N GLY E 634 58.97 16.67 -13.96
CA GLY E 634 57.96 16.51 -14.98
C GLY E 634 58.35 16.97 -16.37
N ALA E 635 59.64 17.16 -16.64
CA ALA E 635 60.08 17.71 -17.91
C ALA E 635 60.74 16.69 -18.83
N PHE E 636 61.53 15.77 -18.30
CA PHE E 636 62.43 14.95 -19.10
C PHE E 636 61.85 13.59 -19.44
N ASP E 637 60.53 13.47 -19.54
CA ASP E 637 59.88 12.33 -20.18
C ASP E 637 60.50 11.00 -19.76
N ASP E 638 60.95 10.91 -18.52
CA ASP E 638 61.43 9.68 -17.91
C ASP E 638 62.79 9.25 -18.42
N ARG E 639 63.60 10.16 -18.94
CA ARG E 639 64.96 9.82 -19.33
C ARG E 639 65.91 9.87 -18.15
N LEU E 640 65.66 10.78 -17.20
CA LEU E 640 66.51 11.01 -16.05
C LEU E 640 65.72 10.86 -14.76
N ILE E 641 66.44 10.72 -13.65
CA ILE E 641 65.88 11.02 -12.33
C ILE E 641 66.95 11.78 -11.54
N PHE E 642 66.59 12.92 -10.98
CA PHE E 642 67.55 13.81 -10.35
C PHE E 642 67.05 14.29 -8.99
N THR E 643 67.98 14.82 -8.19
CA THR E 643 67.72 15.30 -6.85
C THR E 643 68.69 16.41 -6.48
N PRO E 644 68.21 17.63 -6.13
CA PRO E 644 69.14 18.68 -5.71
C PRO E 644 69.35 18.76 -4.21
N HIS E 645 70.49 19.32 -3.79
CA HIS E 645 70.77 19.51 -2.36
C HIS E 645 71.58 20.79 -2.22
N SER E 646 71.02 21.78 -1.53
CA SER E 646 71.72 23.01 -1.20
C SER E 646 72.18 22.97 0.25
N GLU E 647 73.26 23.68 0.54
CA GLU E 647 73.75 23.75 1.92
C GLU E 647 74.84 24.81 2.01
N ILE E 648 75.45 24.90 3.19
CA ILE E 648 76.51 25.86 3.50
C ILE E 648 77.63 25.08 4.16
N THR E 649 78.63 24.67 3.38
CA THR E 649 79.74 23.90 3.91
C THR E 649 80.61 24.79 4.77
N GLN E 650 81.66 24.21 5.36
CA GLN E 650 82.42 24.99 6.34
C GLN E 650 83.30 26.02 5.64
N ALA E 651 83.75 25.73 4.42
CA ALA E 651 84.41 26.76 3.63
C ALA E 651 83.46 27.91 3.33
N ASP E 652 82.19 27.60 3.09
CA ASP E 652 81.19 28.65 2.92
C ASP E 652 81.02 29.45 4.20
N LYS E 653 81.07 28.78 5.36
CA LYS E 653 81.07 29.51 6.62
C LYS E 653 82.26 30.46 6.71
N GLU E 654 83.45 29.97 6.34
CA GLU E 654 84.63 30.80 6.38
C GLU E 654 84.47 32.04 5.51
N ARG E 655 84.07 31.84 4.25
CA ARG E 655 83.96 32.96 3.32
C ARG E 655 82.88 33.95 3.74
N GLY E 656 81.68 33.44 4.06
CA GLY E 656 80.62 34.25 4.59
C GLY E 656 79.69 34.88 3.59
N TYR E 657 79.83 34.58 2.29
CA TYR E 657 78.98 35.19 1.28
C TYR E 657 78.56 34.21 0.19
N SER E 658 78.64 32.91 0.45
CA SER E 658 78.41 31.91 -0.58
C SER E 658 77.64 30.73 -0.01
N TRP E 659 77.01 29.98 -0.91
CA TRP E 659 76.34 28.73 -0.57
C TRP E 659 76.56 27.75 -1.71
N SER E 660 76.32 26.46 -1.44
CA SER E 660 76.62 25.41 -2.40
C SER E 660 75.37 24.65 -2.78
N MET E 661 75.36 24.14 -4.01
CA MET E 661 74.34 23.22 -4.50
C MET E 661 75.04 22.00 -5.09
N ARG E 662 74.32 20.89 -5.13
CA ARG E 662 74.85 19.66 -5.70
C ARG E 662 73.67 18.81 -6.15
N ILE E 663 73.71 18.35 -7.40
CA ILE E 663 72.61 17.58 -7.98
C ILE E 663 73.10 16.16 -8.22
N ASP E 664 72.25 15.18 -7.92
CA ASP E 664 72.55 13.77 -8.13
C ASP E 664 71.54 13.22 -9.14
N PHE E 665 72.03 12.63 -10.24
CA PHE E 665 71.14 12.20 -11.30
C PHE E 665 71.51 10.80 -11.77
N GLY E 666 70.54 10.14 -12.39
CA GLY E 666 70.73 8.78 -12.86
C GLY E 666 69.94 8.51 -14.12
N ALA E 667 70.48 7.60 -14.95
CA ALA E 667 69.93 7.27 -16.25
C ALA E 667 70.27 5.82 -16.59
N ASN E 668 69.78 5.37 -17.74
CA ASN E 668 69.92 4.00 -18.23
C ASN E 668 70.69 3.97 -19.55
N ALA E 669 70.75 2.79 -20.15
CA ALA E 669 71.29 2.57 -21.48
C ALA E 669 70.40 1.58 -22.24
N PHE E 670 70.92 1.01 -23.33
CA PHE E 670 70.14 0.12 -24.17
C PHE E 670 70.94 -1.13 -24.52
N ARG E 671 70.21 -2.19 -24.88
CA ARG E 671 70.82 -3.42 -25.38
C ARG E 671 70.81 -3.39 -26.91
N THR E 672 71.79 -4.05 -27.53
CA THR E 672 72.00 -3.92 -28.96
C THR E 672 72.37 -5.20 -29.70
N VAL E 673 72.38 -6.36 -29.06
CA VAL E 673 72.86 -7.60 -29.67
C VAL E 673 71.83 -8.70 -29.45
N MET E 674 71.62 -9.53 -30.48
CA MET E 674 70.73 -10.68 -30.40
C MET E 674 71.48 -11.95 -30.78
N ASP E 675 71.09 -13.06 -30.18
CA ASP E 675 71.56 -14.39 -30.56
C ASP E 675 70.41 -15.19 -31.18
N MET E 676 70.79 -16.14 -32.03
CA MET E 676 69.83 -16.95 -32.75
C MET E 676 70.29 -18.39 -32.76
N SER E 677 69.37 -19.30 -32.49
CA SER E 677 69.66 -20.73 -32.48
C SER E 677 68.38 -21.48 -32.80
N SER E 678 68.54 -22.77 -33.09
CA SER E 678 67.40 -23.59 -33.51
C SER E 678 67.63 -25.03 -33.10
N VAL E 679 66.55 -25.77 -32.99
CA VAL E 679 66.60 -27.22 -32.78
C VAL E 679 65.46 -27.84 -33.56
N ALA E 680 65.72 -29.00 -34.15
CA ALA E 680 64.76 -29.69 -35.01
C ALA E 680 64.14 -30.86 -34.25
N TYR E 681 62.83 -30.87 -34.14
CA TYR E 681 62.07 -31.93 -33.50
C TYR E 681 61.22 -32.64 -34.54
N THR E 682 60.76 -33.83 -34.20
CA THR E 682 59.72 -34.43 -35.01
C THR E 682 58.37 -33.83 -34.63
N ARG E 683 57.41 -33.95 -35.54
CA ARG E 683 56.13 -33.28 -35.35
C ARG E 683 55.44 -33.76 -34.09
N GLU E 684 55.46 -35.07 -33.83
CA GLU E 684 54.74 -35.60 -32.69
C GLU E 684 55.34 -35.13 -31.37
N GLU E 685 56.66 -35.23 -31.22
CA GLU E 685 57.27 -34.86 -29.96
C GLU E 685 57.39 -33.34 -29.79
N LEU E 686 57.15 -32.58 -30.85
CA LEU E 686 57.01 -31.13 -30.69
C LEU E 686 55.58 -30.72 -30.37
N ALA E 687 54.59 -31.44 -30.90
CA ALA E 687 53.19 -31.12 -30.59
C ALA E 687 52.77 -31.60 -29.20
N ASN E 688 53.29 -32.74 -28.76
CA ASN E 688 52.90 -33.29 -27.46
C ASN E 688 54.02 -34.16 -26.94
N GLY E 689 54.72 -33.70 -25.92
CA GLY E 689 55.80 -34.46 -25.30
C GLY E 689 57.16 -33.81 -25.49
N MET F 1 -46.90 67.87 -32.80
CA MET F 1 -46.04 68.61 -33.78
C MET F 1 -45.71 70.00 -33.26
N SER F 2 -46.74 70.73 -32.84
CA SER F 2 -46.59 72.14 -32.50
C SER F 2 -46.41 72.40 -31.01
N GLU F 3 -47.36 72.00 -30.19
CA GLU F 3 -47.37 72.38 -28.78
C GLU F 3 -46.13 71.86 -28.07
N GLN F 4 -45.60 72.68 -27.17
CA GLN F 4 -44.36 72.43 -26.47
C GLN F 4 -44.65 71.87 -25.08
N ILE F 5 -43.60 71.46 -24.38
CA ILE F 5 -43.75 70.84 -23.08
C ILE F 5 -44.09 71.91 -22.05
N THR F 6 -45.35 71.97 -21.64
CA THR F 6 -45.79 72.98 -20.68
C THR F 6 -45.66 72.48 -19.25
N GLY F 7 -45.98 71.22 -18.99
CA GLY F 7 -45.98 70.72 -17.63
C GLY F 7 -45.89 69.22 -17.61
N SER F 8 -46.43 68.64 -16.54
CA SER F 8 -46.27 67.22 -16.27
C SER F 8 -47.41 66.36 -16.78
N THR F 9 -48.34 66.92 -17.55
CA THR F 9 -49.48 66.14 -18.01
C THR F 9 -48.98 64.93 -18.82
N PRO F 10 -49.45 63.71 -18.51
CA PRO F 10 -49.00 62.54 -19.27
C PRO F 10 -49.21 62.70 -20.76
N ARG F 11 -48.16 62.52 -21.55
CA ARG F 11 -48.20 62.90 -22.96
C ARG F 11 -46.88 62.51 -23.60
N ILE F 12 -46.92 62.28 -24.92
CA ILE F 12 -45.72 62.03 -25.71
C ILE F 12 -45.63 63.09 -26.79
N TYR F 13 -44.47 63.74 -26.88
CA TYR F 13 -44.25 64.83 -27.82
C TYR F 13 -43.34 64.35 -28.93
N TYR F 14 -43.71 64.66 -30.18
CA TYR F 14 -42.99 64.21 -31.35
C TYR F 14 -42.22 65.38 -31.93
N ARG F 15 -40.90 65.32 -31.87
CA ARG F 15 -40.05 66.18 -32.67
C ARG F 15 -39.71 65.43 -33.95
N GLY F 16 -40.06 65.99 -35.09
CA GLY F 16 -40.00 65.26 -36.34
C GLY F 16 -38.61 64.77 -36.71
N THR F 17 -38.52 64.15 -37.87
CA THR F 17 -37.22 63.71 -38.39
C THR F 17 -36.36 64.91 -38.75
N LYS F 18 -35.05 64.69 -38.73
CA LYS F 18 -34.09 65.77 -38.90
C LYS F 18 -32.84 65.19 -39.56
N ASP F 19 -32.00 66.07 -40.09
CA ASP F 19 -30.70 65.66 -40.60
C ASP F 19 -29.62 65.97 -39.56
N SER F 20 -28.64 65.09 -39.49
CA SER F 20 -27.67 65.12 -38.39
C SER F 20 -27.09 66.52 -38.20
N SER F 21 -26.72 66.82 -36.96
CA SER F 21 -26.12 68.10 -36.60
C SER F 21 -24.74 67.87 -36.00
N VAL F 22 -23.84 68.83 -36.23
CA VAL F 22 -22.50 68.74 -35.68
C VAL F 22 -22.57 68.77 -34.15
N THR F 23 -21.80 67.91 -33.51
CA THR F 23 -21.77 67.81 -32.05
C THR F 23 -20.44 68.34 -31.55
N ARG F 24 -20.48 69.31 -30.64
CA ARG F 24 -19.27 69.90 -30.11
C ARG F 24 -18.51 68.86 -29.28
N SER F 25 -17.19 68.83 -29.47
CA SER F 25 -16.35 67.80 -28.88
C SER F 25 -15.85 68.25 -27.51
N THR F 26 -15.84 67.33 -26.56
CA THR F 26 -15.31 67.62 -25.23
C THR F 26 -13.80 67.46 -25.22
N GLY F 27 -13.12 68.36 -24.51
CA GLY F 27 -11.67 68.38 -24.45
C GLY F 27 -11.17 67.73 -23.17
N SER F 28 -9.86 67.54 -23.11
CA SER F 28 -9.20 66.86 -22.01
C SER F 28 -8.22 67.80 -21.32
N THR F 29 -7.86 67.44 -20.09
CA THR F 29 -7.03 68.30 -19.27
C THR F 29 -5.67 68.53 -19.92
N THR F 30 -5.15 69.74 -19.76
CA THR F 30 -3.89 70.12 -20.39
C THR F 30 -2.70 69.53 -19.64
N THR F 31 -1.58 69.42 -20.36
CA THR F 31 -0.36 68.83 -19.85
C THR F 31 0.79 69.39 -20.67
N LEU F 32 2.02 69.10 -20.25
CA LEU F 32 3.20 69.59 -20.96
C LEU F 32 3.93 68.45 -21.66
N PRO F 33 3.84 68.35 -22.98
CA PRO F 33 4.75 67.45 -23.71
C PRO F 33 6.17 68.01 -23.74
N LEU F 34 7.09 67.20 -24.26
CA LEU F 34 8.45 67.66 -24.44
C LEU F 34 8.59 68.56 -25.66
N HIS F 35 7.61 68.58 -26.54
CA HIS F 35 7.59 69.44 -27.72
C HIS F 35 6.35 70.30 -27.62
N ARG F 36 6.54 71.61 -27.47
CA ARG F 36 5.45 72.55 -27.20
C ARG F 36 5.62 73.74 -28.14
N PRO F 37 5.05 73.67 -29.35
CA PRO F 37 5.30 74.71 -30.34
C PRO F 37 4.34 75.88 -30.24
N LEU F 38 4.82 77.04 -30.67
CA LEU F 38 4.03 78.25 -30.81
C LEU F 38 3.70 78.44 -32.28
N ILE F 39 2.43 78.72 -32.58
CA ILE F 39 1.98 78.86 -33.97
C ILE F 39 1.12 80.11 -34.08
N MET F 40 1.39 80.92 -35.10
CA MET F 40 0.66 82.15 -35.38
C MET F 40 -0.25 81.94 -36.59
N PHE F 41 -1.36 82.67 -36.64
CA PHE F 41 -2.25 82.51 -37.78
C PHE F 41 -3.31 83.60 -37.82
N PHE F 42 -3.95 83.73 -38.97
CA PHE F 42 -5.18 84.50 -39.12
C PHE F 42 -6.37 83.58 -38.87
N GLY F 43 -7.34 84.07 -38.09
CA GLY F 43 -8.43 83.22 -37.66
C GLY F 43 -9.77 83.90 -37.83
N GLN F 44 -10.82 83.07 -37.86
CA GLN F 44 -12.18 83.57 -38.03
C GLN F 44 -12.69 84.22 -36.75
N LYS F 45 -12.39 83.63 -35.60
CA LYS F 45 -12.80 84.17 -34.32
C LYS F 45 -11.81 83.69 -33.26
N GLY F 46 -12.16 83.91 -31.99
CA GLY F 46 -11.33 83.48 -30.89
C GLY F 46 -10.50 84.58 -30.30
N PRO F 47 -9.90 84.34 -29.14
CA PRO F 47 -9.14 85.38 -28.46
C PRO F 47 -7.87 85.74 -29.23
N THR F 48 -7.36 86.93 -28.95
CA THR F 48 -6.19 87.49 -29.63
C THR F 48 -4.99 87.58 -28.70
N VAL F 49 -4.88 86.65 -27.75
CA VAL F 49 -3.70 86.53 -26.90
C VAL F 49 -3.25 85.09 -26.93
N PRO F 50 -1.96 84.83 -26.68
CA PRO F 50 -1.47 83.46 -26.77
C PRO F 50 -2.23 82.54 -25.82
N THR F 51 -2.62 81.38 -26.34
CA THR F 51 -3.48 80.47 -25.59
C THR F 51 -2.98 79.05 -25.74
N TRP F 52 -2.86 78.34 -24.61
CA TRP F 52 -2.52 76.93 -24.64
C TRP F 52 -3.76 76.12 -24.97
N ILE F 53 -3.67 75.28 -25.98
CA ILE F 53 -4.84 74.62 -26.53
C ILE F 53 -4.56 73.15 -26.77
N ASP F 54 -5.59 72.34 -26.52
CA ASP F 54 -5.64 70.93 -26.88
C ASP F 54 -6.23 70.81 -28.28
N PRO F 55 -5.59 70.12 -29.24
CA PRO F 55 -6.00 70.26 -30.64
C PRO F 55 -7.45 69.90 -30.90
N VAL F 56 -8.09 69.19 -29.98
CA VAL F 56 -9.48 68.80 -30.19
C VAL F 56 -10.39 70.02 -30.24
N LYS F 57 -9.97 71.14 -29.65
CA LYS F 57 -10.81 72.31 -29.48
C LYS F 57 -10.45 73.46 -30.40
N PHE F 58 -9.49 73.28 -31.30
CA PHE F 58 -9.13 74.36 -32.22
C PHE F 58 -10.32 74.76 -33.08
N GLU F 59 -11.04 73.78 -33.60
CA GLU F 59 -12.12 74.04 -34.55
C GLU F 59 -13.26 74.84 -33.95
N ASP F 60 -13.52 74.69 -32.66
CA ASP F 60 -14.60 75.42 -32.02
C ASP F 60 -14.12 76.53 -31.10
N ILE F 61 -12.82 76.77 -31.02
CA ILE F 61 -12.33 77.99 -30.40
C ILE F 61 -12.05 79.06 -31.44
N TYR F 62 -11.49 78.68 -32.59
CA TYR F 62 -11.10 79.65 -33.61
C TYR F 62 -11.91 79.52 -34.89
N GLY F 63 -13.04 78.84 -34.84
CA GLY F 63 -13.86 78.66 -36.03
C GLY F 63 -13.25 77.65 -36.97
N SER F 64 -14.08 76.88 -37.67
CA SER F 64 -13.61 75.77 -38.49
C SER F 64 -13.20 76.19 -39.89
N GLU F 65 -13.31 77.47 -40.23
CA GLU F 65 -12.88 77.96 -41.52
C GLU F 65 -11.40 78.33 -41.56
N THR F 66 -10.72 78.35 -40.42
CA THR F 66 -9.33 78.76 -40.39
C THR F 66 -8.40 77.67 -40.92
N THR F 67 -8.79 76.40 -40.76
CA THR F 67 -7.99 75.28 -41.21
C THR F 67 -8.31 74.85 -42.63
N ASN F 68 -9.14 75.61 -43.34
CA ASN F 68 -9.48 75.28 -44.71
C ASN F 68 -8.45 75.90 -45.65
N LEU F 69 -7.83 75.06 -46.48
CA LEU F 69 -6.75 75.53 -47.35
C LEU F 69 -7.26 76.37 -48.50
N SER F 70 -8.53 76.24 -48.86
CA SER F 70 -9.11 77.02 -49.95
C SER F 70 -9.80 78.29 -49.46
N GLY F 71 -9.84 78.54 -48.16
CA GLY F 71 -10.54 79.67 -47.62
C GLY F 71 -9.71 80.94 -47.69
N VAL F 72 -10.27 81.99 -47.09
CA VAL F 72 -9.61 83.30 -47.10
C VAL F 72 -8.52 83.44 -46.06
N TYR F 73 -8.46 82.53 -45.09
CA TYR F 73 -7.51 82.62 -43.99
C TYR F 73 -6.23 81.84 -44.22
N CYS F 74 -6.06 81.22 -45.40
CA CYS F 74 -4.89 80.39 -45.63
C CYS F 74 -3.64 81.25 -45.77
N THR F 75 -2.67 81.01 -44.88
CA THR F 75 -1.34 81.60 -44.96
C THR F 75 -0.34 80.47 -44.99
N HIS F 76 0.93 80.77 -44.85
CA HIS F 76 1.94 79.71 -44.94
C HIS F 76 2.11 78.94 -43.63
N SER F 77 1.19 79.10 -42.67
CA SER F 77 1.22 78.35 -41.43
C SER F 77 0.02 77.43 -41.24
N THR F 78 -0.98 77.53 -42.09
CA THR F 78 -2.11 76.58 -42.02
C THR F 78 -1.65 75.14 -42.14
N PRO F 79 -0.71 74.78 -43.01
CA PRO F 79 -0.21 73.40 -43.00
C PRO F 79 0.36 72.99 -41.65
N PHE F 80 1.06 73.90 -40.97
CA PHE F 80 1.59 73.57 -39.66
C PHE F 80 0.48 73.33 -38.65
N ILE F 81 -0.55 74.17 -38.68
CA ILE F 81 -1.67 73.95 -37.77
C ILE F 81 -2.32 72.61 -38.05
N LYS F 82 -2.51 72.28 -39.33
CA LYS F 82 -3.16 71.03 -39.68
C LYS F 82 -2.34 69.83 -39.25
N GLU F 83 -1.02 69.88 -39.43
CA GLU F 83 -0.15 68.80 -38.99
C GLU F 83 -0.21 68.64 -37.47
N ALA F 84 -0.20 69.76 -36.75
CA ALA F 84 -0.30 69.70 -35.30
C ALA F 84 -1.61 69.04 -34.87
N ILE F 85 -2.71 69.43 -35.52
CA ILE F 85 -4.01 68.85 -35.15
C ILE F 85 -4.03 67.37 -35.45
N ALA F 86 -3.50 66.96 -36.60
CA ALA F 86 -3.50 65.55 -36.96
C ALA F 86 -2.66 64.73 -35.98
N ALA F 87 -1.49 65.24 -35.61
CA ALA F 87 -0.63 64.51 -34.68
C ALA F 87 -1.22 64.46 -33.28
N GLY F 88 -1.78 65.57 -32.81
CA GLY F 88 -2.30 65.64 -31.45
C GLY F 88 -1.34 66.24 -30.46
N ASN F 89 -0.78 67.42 -30.75
CA ASN F 89 0.07 68.14 -29.83
C ASN F 89 -0.68 69.31 -29.23
N GLN F 90 -0.79 69.34 -27.91
CA GLN F 90 -1.19 70.55 -27.25
C GLN F 90 -0.17 71.63 -27.55
N PHE F 91 -0.61 72.76 -28.10
CA PHE F 91 0.33 73.78 -28.55
C PHE F 91 -0.22 75.16 -28.19
N MET F 92 0.60 76.18 -28.41
CA MET F 92 0.22 77.55 -28.08
C MET F 92 -0.13 78.31 -29.34
N ALA F 93 -1.39 78.73 -29.43
CA ALA F 93 -1.92 79.43 -30.58
C ALA F 93 -1.90 80.93 -30.35
N LEU F 94 -1.60 81.67 -31.43
CA LEU F 94 -1.61 83.13 -31.42
C LEU F 94 -2.32 83.61 -32.68
N ARG F 95 -3.48 84.25 -32.50
CA ARG F 95 -4.27 84.76 -33.61
C ARG F 95 -3.91 86.21 -33.83
N LEU F 96 -3.25 86.49 -34.95
CA LEU F 96 -2.90 87.86 -35.31
C LEU F 96 -4.05 88.50 -36.09
N GLU F 97 -4.01 89.82 -36.16
CA GLU F 97 -4.99 90.59 -36.92
C GLU F 97 -4.27 91.57 -37.84
N PRO F 98 -4.86 91.86 -39.01
CA PRO F 98 -4.26 92.88 -39.88
C PRO F 98 -4.41 94.27 -39.26
N SER F 99 -3.52 95.17 -39.69
CA SER F 99 -3.45 96.49 -39.09
C SER F 99 -4.67 97.36 -39.42
N ASP F 100 -5.53 96.92 -40.34
CA ASP F 100 -6.66 97.72 -40.79
C ASP F 100 -7.98 96.98 -40.64
N ILE F 101 -8.12 96.16 -39.61
CA ILE F 101 -9.38 95.43 -39.41
C ILE F 101 -10.45 96.39 -38.92
N PRO F 102 -11.66 96.39 -39.51
CA PRO F 102 -12.72 97.27 -39.02
C PRO F 102 -13.32 96.81 -37.70
N ASP F 103 -14.36 97.50 -37.24
CA ASP F 103 -14.99 97.21 -35.96
C ASP F 103 -16.03 96.10 -36.15
N VAL F 104 -16.83 95.85 -35.11
CA VAL F 104 -17.79 94.75 -35.12
C VAL F 104 -19.06 95.18 -35.84
N ALA F 105 -19.90 94.21 -36.18
CA ALA F 105 -21.18 94.50 -36.81
C ALA F 105 -22.22 94.79 -35.75
N THR F 106 -23.18 95.66 -36.08
CA THR F 106 -24.19 96.10 -35.14
C THR F 106 -25.54 96.18 -35.83
N LEU F 107 -26.59 96.08 -35.03
CA LEU F 107 -27.96 96.22 -35.51
C LEU F 107 -28.82 96.79 -34.40
N GLY F 108 -29.40 97.96 -34.62
CA GLY F 108 -30.28 98.60 -33.66
C GLY F 108 -31.72 98.50 -34.12
N LEU F 109 -32.61 98.32 -33.16
CA LEU F 109 -34.04 98.23 -33.40
C LEU F 109 -34.72 99.48 -32.85
N SER F 110 -35.69 99.99 -33.60
CA SER F 110 -36.40 101.19 -33.21
C SER F 110 -37.83 101.12 -33.74
N VAL F 111 -38.66 102.04 -33.26
CA VAL F 111 -40.04 102.14 -33.70
C VAL F 111 -40.35 103.58 -34.08
N ASP F 112 -40.94 103.75 -35.27
CA ASP F 112 -41.62 104.98 -35.66
C ASP F 112 -43.01 104.96 -35.05
N TRP F 113 -43.32 105.99 -34.27
CA TRP F 113 -44.42 105.99 -33.33
C TRP F 113 -45.23 107.26 -33.50
N VAL F 114 -46.56 107.13 -33.62
CA VAL F 114 -47.43 108.30 -33.65
C VAL F 114 -48.82 107.90 -33.18
N LYS F 115 -49.62 108.91 -32.81
CA LYS F 115 -51.01 108.73 -32.41
C LYS F 115 -51.91 109.46 -33.39
N THR F 116 -53.08 108.89 -33.68
CA THR F 116 -54.00 109.50 -34.62
C THR F 116 -55.32 108.76 -34.56
N LYS F 117 -56.18 109.02 -35.55
CA LYS F 117 -57.38 108.24 -35.73
C LYS F 117 -57.19 107.22 -36.85
N ILE F 118 -57.80 106.04 -36.68
CA ILE F 118 -57.71 104.97 -37.67
C ILE F 118 -59.07 104.31 -37.81
N ASP F 119 -59.13 103.30 -38.68
CA ASP F 119 -60.37 102.60 -38.92
C ASP F 119 -60.59 101.48 -37.90
N ASP F 120 -61.79 100.92 -37.94
CA ASP F 120 -62.14 99.74 -37.14
C ASP F 120 -62.83 98.74 -38.04
N TYR F 121 -62.76 97.47 -37.67
CA TYR F 121 -63.21 96.39 -38.53
C TYR F 121 -64.31 95.60 -37.84
N GLU F 122 -64.89 94.68 -38.59
CA GLU F 122 -66.01 93.88 -38.11
C GLU F 122 -65.55 92.87 -37.07
N ARG F 123 -66.52 92.31 -36.36
CA ARG F 123 -66.30 91.21 -35.43
C ARG F 123 -67.39 90.19 -35.62
N ASN F 124 -67.00 88.92 -35.80
CA ASN F 124 -67.99 87.86 -35.87
C ASN F 124 -68.71 87.69 -34.54
N ASP F 125 -67.94 87.58 -33.46
CA ASP F 125 -68.47 87.39 -32.12
C ASP F 125 -67.47 87.99 -31.15
N ASP F 126 -67.57 87.59 -29.88
CA ASP F 126 -66.57 88.01 -28.90
C ASP F 126 -65.16 87.55 -29.27
N GLY F 127 -65.03 86.57 -30.17
CA GLY F 127 -63.72 86.14 -30.61
C GLY F 127 -62.96 87.15 -31.44
N THR F 128 -63.66 88.15 -31.97
CA THR F 128 -63.02 89.23 -32.73
C THR F 128 -62.19 88.68 -33.89
N TYR F 129 -62.81 87.80 -34.67
CA TYR F 129 -62.07 87.12 -35.74
C TYR F 129 -61.81 88.04 -36.93
N LYS F 130 -62.82 88.83 -37.32
CA LYS F 130 -62.73 89.57 -38.57
C LYS F 130 -61.65 90.65 -38.51
N LEU F 131 -60.94 90.81 -39.63
CA LEU F 131 -60.04 91.93 -39.83
C LEU F 131 -59.86 92.17 -41.33
N ASP F 132 -59.39 93.37 -41.66
CA ASP F 132 -59.01 93.71 -43.03
C ASP F 132 -60.12 93.39 -44.03
N THR F 133 -61.36 93.71 -43.66
CA THR F 133 -62.50 93.53 -44.55
C THR F 133 -62.65 92.08 -45.00
N ASN F 134 -62.27 91.14 -44.14
CA ASN F 134 -62.43 89.73 -44.48
C ASN F 134 -63.90 89.44 -44.77
N GLY F 135 -64.14 88.31 -45.44
CA GLY F 135 -65.49 88.05 -45.91
C GLY F 135 -65.85 89.06 -46.97
N ASP F 136 -66.93 89.80 -46.72
CA ASP F 136 -67.41 90.82 -47.66
C ASP F 136 -67.78 92.13 -47.00
N LYS F 137 -67.28 92.42 -45.79
CA LYS F 137 -67.74 93.55 -45.01
C LYS F 137 -66.71 94.66 -44.98
N ILE F 138 -67.16 95.87 -45.30
CA ILE F 138 -66.40 97.11 -45.21
C ILE F 138 -66.09 97.36 -43.73
N PRO F 139 -64.98 98.01 -43.37
CA PRO F 139 -64.78 98.33 -41.95
C PRO F 139 -65.93 99.15 -41.40
N LEU F 140 -66.27 98.88 -40.13
CA LEU F 140 -67.55 99.30 -39.57
C LEU F 140 -67.50 100.72 -39.01
N ALA F 141 -66.67 100.95 -38.01
CA ALA F 141 -66.66 102.26 -37.37
C ALA F 141 -65.97 103.27 -38.27
N THR F 142 -66.53 104.49 -38.28
CA THR F 142 -66.00 105.54 -39.14
C THR F 142 -64.54 105.83 -38.79
N GLN F 143 -64.26 106.05 -37.50
CA GLN F 143 -62.91 106.37 -37.06
C GLN F 143 -62.79 106.00 -35.59
N ILE F 144 -61.75 105.25 -35.27
CA ILE F 144 -61.43 104.86 -33.90
C ILE F 144 -60.07 105.43 -33.55
N ASP F 145 -60.00 106.17 -32.45
CA ASP F 145 -58.76 106.81 -32.06
C ASP F 145 -57.76 105.77 -31.60
N GLY F 146 -56.62 105.70 -32.28
CA GLY F 146 -55.59 104.73 -31.96
C GLY F 146 -54.19 105.20 -32.24
N ILE F 147 -53.28 104.24 -32.38
CA ILE F 147 -51.84 104.51 -32.48
C ILE F 147 -51.29 103.76 -33.68
N LYS F 148 -50.29 104.36 -34.34
CA LYS F 148 -49.64 103.78 -35.51
C LYS F 148 -48.16 103.52 -35.22
N PHE F 149 -47.72 102.31 -35.59
CA PHE F 149 -46.36 101.83 -35.42
C PHE F 149 -45.75 101.47 -36.77
N ARG F 150 -44.42 101.63 -36.85
CA ARG F 150 -43.65 101.18 -38.00
C ARG F 150 -42.24 100.82 -37.51
N PHE F 151 -41.94 99.53 -37.46
CA PHE F 151 -40.68 99.09 -36.88
C PHE F 151 -39.53 99.27 -37.87
N VAL F 152 -38.32 99.46 -37.33
CA VAL F 152 -37.14 99.74 -38.13
C VAL F 152 -35.95 99.00 -37.53
N LEU F 153 -35.11 98.44 -38.42
CA LEU F 153 -33.89 97.75 -38.04
C LEU F 153 -32.75 98.29 -38.90
N GLU F 154 -31.71 98.83 -38.28
CA GLU F 154 -30.67 99.46 -39.09
C GLU F 154 -29.36 99.54 -38.33
N LYS F 155 -28.29 99.80 -39.07
CA LYS F 155 -26.96 99.87 -38.49
C LYS F 155 -26.88 101.03 -37.50
N ILE F 156 -26.13 100.82 -36.42
CA ILE F 156 -25.90 101.87 -35.43
C ILE F 156 -24.76 102.75 -35.94
N GLU F 157 -25.06 104.02 -36.18
CA GLU F 157 -24.07 104.93 -36.74
C GLU F 157 -23.09 105.38 -35.67
N THR F 158 -21.89 105.75 -36.12
CA THR F 158 -20.79 106.09 -35.23
C THR F 158 -20.67 107.60 -35.04
N ASN F 159 -19.90 107.98 -34.03
CA ASN F 159 -19.62 109.39 -33.76
C ASN F 159 -18.66 109.95 -34.79
N GLU F 160 -18.69 111.28 -34.93
CA GLU F 160 -17.82 111.94 -35.89
C GLU F 160 -16.34 111.74 -35.58
N SER F 161 -16.01 111.48 -34.32
CA SER F 161 -14.62 111.23 -33.92
C SER F 161 -14.19 109.79 -34.16
N GLY F 162 -15.12 108.89 -34.46
CA GLY F 162 -14.80 107.48 -34.66
C GLY F 162 -15.05 106.64 -33.42
N VAL F 163 -16.23 106.80 -32.81
CA VAL F 163 -16.62 106.00 -31.66
C VAL F 163 -18.08 105.60 -31.84
N SER F 164 -18.38 104.34 -31.54
CA SER F 164 -19.72 103.83 -31.74
C SER F 164 -20.66 104.30 -30.65
N GLN F 165 -21.94 104.42 -31.01
CA GLN F 165 -23.00 104.83 -30.09
C GLN F 165 -23.78 103.64 -29.55
N TYR F 166 -23.10 102.53 -29.27
CA TYR F 166 -23.78 101.28 -28.95
C TYR F 166 -24.80 101.45 -27.84
N LYS F 167 -24.39 102.07 -26.73
CA LYS F 167 -25.26 102.25 -25.58
C LYS F 167 -25.83 103.65 -25.46
N LYS F 168 -25.64 104.50 -26.47
CA LYS F 168 -25.89 105.93 -26.32
C LYS F 168 -26.69 106.50 -27.48
N ARG F 169 -27.79 105.84 -27.85
CA ARG F 169 -28.68 106.38 -28.86
C ARG F 169 -29.76 107.24 -28.22
N THR F 170 -30.34 108.13 -29.02
CA THR F 170 -31.35 109.07 -28.56
C THR F 170 -32.47 109.17 -29.59
N ALA F 171 -33.64 109.62 -29.14
CA ALA F 171 -34.80 109.72 -30.00
C ALA F 171 -34.61 110.85 -31.01
N LYS F 172 -35.44 110.83 -32.06
CA LYS F 172 -35.35 111.83 -33.11
C LYS F 172 -36.68 111.89 -33.85
N ALA F 173 -36.84 112.94 -34.65
CA ALA F 173 -38.06 113.12 -35.43
C ALA F 173 -38.20 112.02 -36.47
N GLY F 174 -39.43 111.59 -36.71
CA GLY F 174 -39.69 110.46 -37.58
C GLY F 174 -40.07 110.88 -38.98
N THR F 175 -40.63 109.91 -39.72
CA THR F 175 -41.08 110.12 -41.09
C THR F 175 -42.54 109.77 -41.32
N ILE F 176 -43.11 108.81 -40.58
CA ILE F 176 -44.53 108.52 -40.73
C ILE F 176 -45.34 109.58 -40.01
N GLY F 177 -46.53 109.87 -40.55
CA GLY F 177 -47.38 110.84 -39.91
C GLY F 177 -46.75 112.19 -39.72
N THR F 178 -45.99 112.66 -40.71
CA THR F 178 -45.35 113.97 -40.62
C THR F 178 -46.35 115.11 -40.64
N GLU F 179 -47.62 114.85 -40.96
CA GLU F 179 -48.64 115.88 -40.81
C GLU F 179 -48.67 116.42 -39.39
N ALA F 180 -48.40 115.57 -38.40
CA ALA F 180 -48.23 115.99 -37.01
C ALA F 180 -46.78 115.72 -36.60
N THR F 181 -46.12 116.76 -36.12
CA THR F 181 -44.71 116.62 -35.76
C THR F 181 -44.44 115.51 -34.76
N PRO F 182 -45.27 115.27 -33.73
CA PRO F 182 -44.90 114.32 -32.68
C PRO F 182 -44.51 112.92 -33.15
N SER F 183 -44.70 112.61 -34.44
CA SER F 183 -44.21 111.33 -34.95
C SER F 183 -42.70 111.22 -34.71
N THR F 184 -42.29 110.16 -34.03
CA THR F 184 -40.90 110.08 -33.60
C THR F 184 -40.33 108.67 -33.74
N ILE F 185 -39.01 108.60 -33.92
CA ILE F 185 -38.30 107.33 -33.84
C ILE F 185 -37.75 107.17 -32.42
N THR F 186 -38.10 106.08 -31.76
CA THR F 186 -37.54 105.80 -30.46
C THR F 186 -36.88 104.43 -30.47
N PRO F 187 -35.70 104.29 -29.84
CA PRO F 187 -34.98 103.01 -29.88
C PRO F 187 -35.48 102.02 -28.85
N LEU F 188 -35.27 100.74 -29.14
CA LEU F 188 -35.74 99.65 -28.31
C LEU F 188 -34.63 98.70 -27.86
N ALA F 189 -33.68 98.38 -28.73
CA ALA F 189 -32.63 97.43 -28.37
C ALA F 189 -31.46 97.59 -29.33
N ASP F 190 -30.31 97.06 -28.89
CA ASP F 190 -29.11 96.98 -29.71
C ASP F 190 -28.59 95.55 -29.71
N PHE F 191 -27.95 95.18 -30.82
CA PHE F 191 -27.30 93.88 -30.96
C PHE F 191 -25.95 94.09 -31.61
N ARG F 192 -24.98 93.26 -31.26
CA ARG F 192 -23.61 93.47 -31.68
C ARG F 192 -22.92 92.12 -31.85
N CYS F 193 -21.91 92.10 -32.71
CA CYS F 193 -21.11 90.90 -32.91
C CYS F 193 -20.01 90.81 -31.88
N ARG F 194 -19.66 89.57 -31.50
CA ARG F 194 -18.67 89.35 -30.46
C ARG F 194 -17.24 89.41 -30.98
N PHE F 195 -17.02 89.21 -32.28
CA PHE F 195 -15.69 89.15 -32.85
C PHE F 195 -15.57 90.17 -33.97
N LYS F 196 -14.35 90.32 -34.48
CA LYS F 196 -14.07 91.19 -35.62
C LYS F 196 -13.81 90.29 -36.83
N SER F 197 -14.83 90.12 -37.67
CA SER F 197 -14.72 89.23 -38.82
C SER F 197 -15.98 89.35 -39.66
N SER F 198 -16.01 88.61 -40.77
CA SER F 198 -17.20 88.53 -41.60
C SER F 198 -18.31 87.72 -40.95
N LEU F 199 -18.00 87.00 -39.88
CA LEU F 199 -19.03 86.24 -39.18
C LEU F 199 -20.13 87.17 -38.67
N GLY F 200 -19.77 88.39 -38.30
CA GLY F 200 -20.78 89.35 -37.89
C GLY F 200 -21.71 89.73 -39.02
N ALA F 201 -21.16 90.00 -40.20
CA ALA F 201 -22.00 90.30 -41.34
C ALA F 201 -22.84 89.12 -41.79
N ASN F 202 -22.39 87.89 -41.51
CA ASN F 202 -23.16 86.71 -41.87
C ASN F 202 -24.08 86.20 -40.78
N THR F 203 -24.05 86.78 -39.58
CA THR F 203 -24.98 86.38 -38.54
C THR F 203 -26.34 87.05 -38.75
N ALA F 204 -27.40 86.34 -38.37
CA ALA F 204 -28.76 86.85 -38.49
C ALA F 204 -29.56 86.46 -37.26
N LEU F 205 -30.61 87.24 -36.98
CA LEU F 205 -31.46 86.98 -35.83
C LEU F 205 -32.93 87.17 -36.21
N ARG F 206 -33.79 86.43 -35.51
CA ARG F 206 -35.24 86.51 -35.69
C ARG F 206 -35.90 86.69 -34.34
N ILE F 207 -36.97 87.46 -34.31
CA ILE F 207 -37.77 87.66 -33.10
C ILE F 207 -39.23 87.81 -33.52
N TRP F 208 -40.11 87.02 -32.89
CA TRP F 208 -41.53 87.12 -33.21
C TRP F 208 -42.34 86.80 -31.97
N ALA F 209 -43.67 86.95 -32.09
CA ALA F 209 -44.59 86.76 -30.98
C ALA F 209 -45.63 85.70 -31.35
N PRO F 210 -45.57 84.51 -30.77
CA PRO F 210 -46.52 83.46 -31.16
C PRO F 210 -47.82 83.52 -30.37
N THR F 211 -48.87 82.97 -30.96
CA THR F 211 -50.17 82.80 -30.34
C THR F 211 -50.49 81.32 -30.24
N ILE F 212 -51.74 81.01 -29.85
CA ILE F 212 -52.11 79.63 -29.58
C ILE F 212 -51.95 78.76 -30.82
N ASN F 213 -52.16 79.33 -32.01
CA ASN F 213 -52.19 78.56 -33.24
C ASN F 213 -50.86 78.54 -33.98
N SER F 214 -49.82 79.16 -33.43
CA SER F 214 -48.54 79.20 -34.12
C SER F 214 -47.93 77.82 -34.21
N ALA F 215 -46.87 77.70 -35.00
CA ALA F 215 -46.15 76.44 -35.12
C ALA F 215 -45.59 75.97 -33.79
N GLN F 216 -45.10 76.89 -32.95
CA GLN F 216 -44.75 76.59 -31.57
C GLN F 216 -45.83 77.23 -30.71
N ALA F 217 -46.92 76.50 -30.50
CA ALA F 217 -48.08 77.07 -29.82
C ALA F 217 -47.69 77.55 -28.42
N ALA F 218 -48.09 78.77 -28.10
CA ALA F 218 -47.84 79.33 -26.79
C ALA F 218 -48.93 78.86 -25.81
N ASP F 219 -48.69 79.12 -24.53
CA ASP F 219 -49.62 78.77 -23.48
C ASP F 219 -49.93 80.01 -22.64
N ALA F 220 -51.23 80.27 -22.43
CA ALA F 220 -51.64 81.45 -21.68
C ALA F 220 -51.50 81.24 -20.18
N ASP F 221 -51.45 80.00 -19.72
CA ASP F 221 -51.41 79.75 -18.28
C ASP F 221 -50.11 80.23 -17.67
N LEU F 222 -48.98 79.97 -18.33
CA LEU F 222 -47.71 80.46 -17.81
C LEU F 222 -47.65 81.97 -17.83
N GLN F 223 -48.22 82.59 -18.87
CA GLN F 223 -48.28 84.05 -18.92
C GLN F 223 -49.10 84.61 -17.77
N ALA F 224 -50.23 83.98 -17.47
CA ALA F 224 -51.00 84.40 -16.30
C ALA F 224 -50.20 84.22 -15.02
N ARG F 225 -49.50 83.10 -14.90
CA ARG F 225 -48.71 82.84 -13.69
C ARG F 225 -47.65 83.91 -13.48
N ILE F 226 -46.95 84.28 -14.54
CA ILE F 226 -46.04 85.43 -14.54
C ILE F 226 -46.48 86.35 -15.66
N LYS F 227 -46.98 87.53 -15.30
CA LYS F 227 -47.62 88.41 -16.27
C LYS F 227 -46.55 89.08 -17.12
N SER F 228 -46.34 88.52 -18.31
CA SER F 228 -45.46 89.11 -19.30
C SER F 228 -45.62 88.33 -20.59
N PHE F 229 -45.74 89.05 -21.70
CA PHE F 229 -45.81 88.37 -22.99
C PHE F 229 -44.46 87.76 -23.34
N LEU F 230 -44.49 86.58 -23.94
CA LEU F 230 -43.29 85.81 -24.24
C LEU F 230 -43.09 85.78 -25.74
N TYR F 231 -41.88 86.16 -26.18
CA TYR F 231 -41.51 86.20 -27.58
C TYR F 231 -40.49 85.11 -27.88
N ARG F 232 -40.54 84.59 -29.11
CA ARG F 232 -39.57 83.63 -29.59
C ARG F 232 -38.39 84.36 -30.23
N PHE F 233 -37.19 83.91 -29.90
CA PHE F 233 -35.93 84.50 -30.35
C PHE F 233 -35.06 83.41 -30.94
N GLN F 234 -34.35 83.74 -32.03
CA GLN F 234 -33.59 82.74 -32.77
C GLN F 234 -32.36 83.37 -33.42
N ILE F 235 -31.30 82.58 -33.56
CA ILE F 235 -30.06 82.99 -34.22
C ILE F 235 -29.79 82.04 -35.37
N LEU F 236 -29.40 82.58 -36.52
CA LEU F 236 -29.03 81.79 -37.68
C LEU F 236 -27.71 82.33 -38.22
N THR F 237 -26.98 81.50 -38.94
CA THR F 237 -25.70 81.88 -39.52
C THR F 237 -25.53 81.21 -40.88
N ARG F 238 -24.93 81.92 -41.83
CA ARG F 238 -24.73 81.38 -43.17
C ARG F 238 -23.23 81.29 -43.45
N ALA F 239 -22.90 80.57 -44.52
CA ALA F 239 -21.51 80.36 -44.89
C ALA F 239 -20.99 81.50 -45.76
N ASP F 240 -21.68 81.78 -46.87
CA ASP F 240 -21.31 82.86 -47.77
C ASP F 240 -22.57 83.59 -48.20
N LYS F 241 -22.37 84.73 -48.85
CA LYS F 241 -23.51 85.58 -49.19
C LYS F 241 -24.53 84.86 -50.05
N ALA F 242 -24.09 83.88 -50.85
CA ALA F 242 -24.98 83.19 -51.76
C ALA F 242 -25.62 81.94 -51.17
N SER F 243 -25.19 81.51 -49.98
CA SER F 243 -25.73 80.30 -49.38
C SER F 243 -27.01 80.63 -48.60
N SER F 244 -27.48 79.68 -47.80
CA SER F 244 -28.67 79.85 -46.98
C SER F 244 -28.34 79.62 -45.52
N PRO F 245 -29.08 80.23 -44.60
CA PRO F 245 -28.70 80.19 -43.19
C PRO F 245 -29.01 78.84 -42.56
N THR F 246 -28.38 78.62 -41.41
CA THR F 246 -28.57 77.43 -40.60
C THR F 246 -28.75 77.87 -39.15
N ILE F 247 -29.64 77.20 -38.43
CA ILE F 247 -29.94 77.61 -37.07
C ILE F 247 -28.74 77.38 -36.17
N PHE F 248 -28.55 78.26 -35.20
CA PHE F 248 -27.49 78.16 -34.20
C PHE F 248 -28.17 77.84 -32.88
N GLU F 249 -28.10 76.58 -32.47
CA GLU F 249 -28.86 76.11 -31.32
C GLU F 249 -28.18 76.45 -30.01
N THR F 250 -28.96 76.42 -28.93
CA THR F 250 -28.41 76.65 -27.61
C THR F 250 -27.60 75.44 -27.16
N ILE F 251 -26.89 75.60 -26.05
CA ILE F 251 -26.04 74.52 -25.56
C ILE F 251 -26.85 73.30 -25.12
N TYR F 252 -28.14 73.47 -24.86
CA TYR F 252 -29.03 72.37 -24.55
C TYR F 252 -29.70 71.80 -25.79
N ASN F 253 -29.23 72.16 -26.98
CA ASN F 253 -29.74 71.62 -28.24
C ASN F 253 -31.20 72.00 -28.46
N GLU F 254 -31.47 73.30 -28.36
CA GLU F 254 -32.77 73.85 -28.72
C GLU F 254 -32.60 74.86 -29.85
N PRO F 255 -33.59 75.00 -30.73
CA PRO F 255 -33.45 75.95 -31.84
C PRO F 255 -33.73 77.40 -31.44
N SER F 256 -34.65 77.63 -30.51
CA SER F 256 -35.07 79.00 -30.20
C SER F 256 -35.33 79.13 -28.70
N LEU F 257 -35.45 80.38 -28.26
CA LEU F 257 -35.68 80.72 -26.85
C LEU F 257 -36.98 81.48 -26.67
N SER F 258 -37.56 81.37 -25.48
CA SER F 258 -38.68 82.21 -25.06
C SER F 258 -38.16 83.26 -24.08
N VAL F 259 -38.45 84.53 -24.37
CA VAL F 259 -37.95 85.64 -23.57
C VAL F 259 -39.10 86.58 -23.27
N GLY F 260 -38.91 87.44 -22.26
CA GLY F 260 -39.97 88.36 -21.87
C GLY F 260 -39.41 89.60 -21.22
N PHE F 261 -40.21 90.66 -21.25
CA PHE F 261 -39.84 91.93 -20.63
C PHE F 261 -40.21 91.94 -19.15
N GLY F 262 -39.33 92.52 -18.34
CA GLY F 262 -39.57 92.63 -16.92
C GLY F 262 -38.29 92.61 -16.11
N GLU F 263 -38.39 92.81 -14.80
CA GLU F 263 -37.19 92.88 -13.98
C GLU F 263 -36.65 91.49 -13.67
N ASN F 264 -37.46 90.66 -13.01
CA ASN F 264 -37.12 89.25 -12.85
C ASN F 264 -38.37 88.41 -13.00
N LEU F 265 -38.41 87.61 -14.06
CA LEU F 265 -39.54 86.75 -14.35
C LEU F 265 -39.24 85.34 -13.87
N VAL F 266 -39.44 85.13 -12.57
CA VAL F 266 -39.22 83.83 -11.96
C VAL F 266 -40.55 83.10 -11.85
N ASP F 267 -40.57 81.85 -12.31
CA ASP F 267 -41.77 81.03 -12.24
C ASP F 267 -41.77 80.26 -10.93
N PRO F 268 -42.71 80.53 -10.01
CA PRO F 268 -42.74 79.77 -8.75
C PRO F 268 -42.88 78.27 -8.95
N GLN F 269 -43.67 77.83 -9.94
CA GLN F 269 -43.93 76.41 -10.11
C GLN F 269 -42.74 75.64 -10.64
N THR F 270 -41.78 76.30 -11.29
CA THR F 270 -40.61 75.63 -11.82
C THR F 270 -39.30 76.37 -11.61
N GLU F 271 -39.32 77.58 -11.06
CA GLU F 271 -38.12 78.38 -10.81
C GLU F 271 -37.38 78.77 -12.08
N VAL F 272 -38.08 78.88 -13.21
CA VAL F 272 -37.43 79.29 -14.45
C VAL F 272 -37.38 80.80 -14.51
N VAL F 273 -36.29 81.34 -15.06
CA VAL F 273 -36.08 82.77 -15.19
C VAL F 273 -36.23 83.13 -16.68
N TYR F 274 -37.18 84.00 -16.98
CA TYR F 274 -37.50 84.37 -18.36
C TYR F 274 -37.00 85.76 -18.75
N ASP F 275 -36.03 86.31 -18.02
CA ASP F 275 -35.53 87.63 -18.37
C ASP F 275 -34.77 87.59 -19.69
N PHE F 276 -34.90 88.66 -20.47
CA PHE F 276 -34.41 88.67 -21.84
C PHE F 276 -32.89 88.48 -21.91
N VAL F 277 -32.15 89.47 -21.41
CA VAL F 277 -30.71 89.48 -21.61
C VAL F 277 -30.06 88.32 -20.85
N GLU F 278 -30.44 88.13 -19.60
CA GLU F 278 -29.82 87.08 -18.79
C GLU F 278 -30.06 85.72 -19.41
N ARG F 279 -31.30 85.44 -19.80
CA ARG F 279 -31.61 84.14 -20.37
C ARG F 279 -30.86 83.92 -21.67
N ILE F 280 -30.86 84.90 -22.57
CA ILE F 280 -30.17 84.72 -23.84
C ILE F 280 -28.70 84.40 -23.59
N ASP F 281 -28.06 85.26 -22.79
CA ASP F 281 -26.60 85.13 -22.62
C ASP F 281 -26.24 83.83 -21.92
N SER F 282 -27.01 83.43 -20.92
CA SER F 282 -26.66 82.23 -20.17
C SER F 282 -26.99 80.96 -20.95
N ARG F 283 -28.06 80.97 -21.75
CA ARG F 283 -28.46 79.78 -22.47
C ARG F 283 -27.64 79.54 -23.72
N TYR F 284 -27.06 80.57 -24.31
CA TYR F 284 -26.38 80.38 -25.58
C TYR F 284 -24.88 80.16 -25.48
N ASN F 285 -24.24 80.54 -24.38
CA ASN F 285 -22.79 80.48 -24.26
C ASN F 285 -22.36 79.40 -23.27
N ASP F 286 -21.08 79.05 -23.35
CA ASP F 286 -20.51 78.03 -22.47
C ASP F 286 -19.00 78.29 -22.38
N GLU F 287 -18.55 78.77 -21.22
CA GLU F 287 -17.16 79.17 -21.03
C GLU F 287 -16.29 78.09 -20.44
N ASP F 288 -16.82 76.91 -20.14
CA ASP F 288 -16.04 75.89 -19.46
C ASP F 288 -14.94 75.39 -20.39
N PRO F 289 -13.67 75.49 -19.98
CA PRO F 289 -12.58 75.08 -20.89
C PRO F 289 -12.69 73.74 -21.59
N SER F 290 -13.45 72.79 -21.04
CA SER F 290 -13.61 71.49 -21.68
C SER F 290 -14.71 71.49 -22.72
N THR F 291 -15.80 72.20 -22.49
CA THR F 291 -16.92 72.29 -23.41
C THR F 291 -17.10 73.78 -23.71
N TYR F 292 -16.42 74.27 -24.74
CA TYR F 292 -16.22 75.69 -24.94
C TYR F 292 -16.90 76.14 -26.22
N LEU F 293 -17.90 77.02 -26.10
CA LEU F 293 -18.50 77.68 -27.25
C LEU F 293 -18.95 79.07 -26.86
N MET F 294 -18.71 80.03 -27.76
CA MET F 294 -19.14 81.40 -27.58
C MET F 294 -20.11 81.75 -28.71
N SER F 295 -21.29 82.21 -28.35
CA SER F 295 -22.27 82.56 -29.36
C SER F 295 -21.78 83.76 -30.16
N PRO F 296 -22.09 83.84 -31.46
CA PRO F 296 -21.66 85.01 -32.24
C PRO F 296 -22.16 86.33 -31.69
N LEU F 297 -23.38 86.38 -31.15
CA LEU F 297 -23.87 87.61 -30.57
C LEU F 297 -23.20 87.88 -29.22
N ASP F 298 -22.89 89.14 -28.99
CA ASP F 298 -22.44 89.57 -27.67
C ASP F 298 -23.63 89.69 -26.74
N THR F 299 -23.41 90.27 -25.56
CA THR F 299 -24.50 90.43 -24.61
C THR F 299 -25.42 91.56 -25.08
N PRO F 300 -26.71 91.30 -25.31
CA PRO F 300 -27.59 92.35 -25.83
C PRO F 300 -27.77 93.48 -24.82
N TYR F 301 -28.08 94.66 -25.35
CA TYR F 301 -28.47 95.82 -24.55
C TYR F 301 -29.96 96.09 -24.78
N LEU F 302 -30.57 96.84 -23.87
CA LEU F 302 -32.00 97.08 -23.95
C LEU F 302 -32.30 98.45 -23.32
N TYR F 303 -33.25 99.17 -23.91
CA TYR F 303 -33.63 100.51 -23.44
C TYR F 303 -34.88 100.41 -22.58
N GLN F 304 -34.68 100.20 -21.28
CA GLN F 304 -35.80 100.08 -20.36
C GLN F 304 -36.65 101.34 -20.36
N ALA F 305 -36.03 102.51 -20.33
CA ALA F 305 -36.80 103.75 -20.24
C ALA F 305 -37.78 103.86 -21.39
N ASN F 306 -37.29 103.72 -22.63
CA ASN F 306 -38.13 103.94 -23.79
C ASN F 306 -39.14 102.81 -23.97
N ILE F 307 -38.71 101.57 -23.77
CA ILE F 307 -39.64 100.45 -23.91
C ILE F 307 -40.78 100.60 -22.89
N ASP F 308 -40.44 100.94 -21.65
CA ASP F 308 -41.45 101.11 -20.62
C ASP F 308 -42.36 102.29 -20.94
N SER F 309 -41.80 103.38 -21.47
CA SER F 309 -42.62 104.52 -21.82
C SER F 309 -43.65 104.15 -22.87
N VAL F 310 -43.23 103.46 -23.93
CA VAL F 310 -44.17 103.09 -24.98
C VAL F 310 -45.22 102.11 -24.45
N LEU F 311 -44.79 101.15 -23.62
CA LEU F 311 -45.76 100.21 -23.05
C LEU F 311 -46.78 100.94 -22.18
N THR F 312 -46.32 101.89 -21.36
CA THR F 312 -47.22 102.66 -20.52
C THR F 312 -48.19 103.46 -21.37
N ALA F 313 -47.70 104.06 -22.46
CA ALA F 313 -48.57 104.84 -23.33
C ALA F 313 -49.68 103.97 -23.91
N ILE F 314 -49.31 102.83 -24.48
CA ILE F 314 -50.34 101.98 -25.10
C ILE F 314 -51.30 101.45 -24.04
N GLN F 315 -50.79 101.13 -22.84
CA GLN F 315 -51.68 100.68 -21.77
C GLN F 315 -52.67 101.76 -21.39
N GLU F 316 -52.17 102.97 -21.08
CA GLU F 316 -53.05 104.06 -20.71
C GLU F 316 -54.10 104.30 -21.78
N LEU F 317 -53.71 104.18 -23.05
CA LEU F 317 -54.66 104.41 -24.12
C LEU F 317 -55.73 103.32 -24.16
N GLU F 318 -55.33 102.08 -24.37
CA GLU F 318 -56.27 101.02 -24.70
C GLU F 318 -56.41 99.95 -23.63
N ALA F 319 -55.65 100.02 -22.53
CA ALA F 319 -55.89 99.06 -21.45
C ALA F 319 -57.28 99.24 -20.87
N PRO F 320 -57.73 100.45 -20.51
CA PRO F 320 -59.14 100.61 -20.12
C PRO F 320 -60.06 100.61 -21.33
N PHE F 321 -60.18 99.46 -21.98
CA PHE F 321 -61.02 99.33 -23.16
C PHE F 321 -61.63 97.92 -23.17
N ASP F 322 -62.31 97.59 -24.27
CA ASP F 322 -63.19 96.43 -24.29
C ASP F 322 -62.43 95.11 -24.17
N THR F 323 -61.40 94.88 -25.00
CA THR F 323 -60.87 93.53 -25.15
C THR F 323 -59.44 93.39 -24.66
N VAL F 324 -59.00 94.19 -23.69
CA VAL F 324 -57.67 94.06 -23.11
C VAL F 324 -57.76 94.38 -21.63
N SER F 325 -57.00 93.63 -20.84
CA SER F 325 -57.02 93.82 -19.40
C SER F 325 -56.52 95.21 -19.03
N ALA F 326 -57.27 95.89 -18.15
CA ALA F 326 -56.95 97.26 -17.78
C ALA F 326 -56.10 97.35 -16.52
N ASP F 327 -55.85 96.23 -15.84
CA ASP F 327 -55.14 96.27 -14.58
C ASP F 327 -53.76 96.90 -14.75
N GLU F 328 -53.12 97.19 -13.62
CA GLU F 328 -51.82 97.86 -13.65
C GLU F 328 -50.74 96.97 -14.25
N ASP F 329 -50.70 95.70 -13.84
CA ASP F 329 -49.59 94.81 -14.19
C ASP F 329 -49.63 94.37 -15.65
N ASP F 330 -50.70 94.66 -16.38
CA ASP F 330 -50.81 94.24 -17.77
C ASP F 330 -49.83 94.99 -18.68
N LEU F 331 -49.14 95.99 -18.15
CA LEU F 331 -48.16 96.73 -18.93
C LEU F 331 -47.19 95.78 -19.63
N TYR F 332 -46.62 94.86 -18.87
CA TYR F 332 -45.72 93.86 -19.43
C TYR F 332 -46.45 92.72 -20.13
N GLN F 333 -47.77 92.61 -19.95
CA GLN F 333 -48.53 91.67 -20.75
C GLN F 333 -48.70 92.17 -22.17
N ILE F 334 -48.73 93.49 -22.38
CA ILE F 334 -49.01 94.05 -23.70
C ILE F 334 -48.13 93.41 -24.75
N ASN F 335 -48.74 92.98 -25.85
CA ASN F 335 -48.01 92.42 -26.99
C ASN F 335 -47.51 93.57 -27.86
N LEU F 336 -46.21 93.89 -27.75
CA LEU F 336 -45.69 95.05 -28.46
C LEU F 336 -45.52 94.77 -29.95
N PHE F 337 -44.73 93.77 -30.30
CA PHE F 337 -44.40 93.55 -31.71
C PHE F 337 -45.60 93.04 -32.51
N GLY F 338 -46.44 92.22 -31.91
CA GLY F 338 -47.68 91.81 -32.51
C GLY F 338 -48.79 92.79 -32.22
N ALA F 339 -50.01 92.41 -32.59
CA ALA F 339 -51.18 93.24 -32.37
C ALA F 339 -52.34 92.40 -31.84
N GLN F 340 -52.05 91.48 -30.93
CA GLN F 340 -53.08 90.61 -30.39
C GLN F 340 -52.57 89.99 -29.09
N THR F 341 -53.51 89.50 -28.29
CA THR F 341 -53.15 88.80 -27.07
C THR F 341 -52.69 87.38 -27.39
N VAL F 342 -52.31 86.65 -26.34
CA VAL F 342 -51.81 85.30 -26.53
C VAL F 342 -52.85 84.42 -27.20
N GLU F 343 -54.13 84.67 -26.95
CA GLU F 343 -55.20 83.87 -27.55
C GLU F 343 -55.44 84.22 -29.01
N GLY F 344 -54.94 85.35 -29.49
CA GLY F 344 -55.07 85.68 -30.89
C GLY F 344 -56.22 86.60 -31.23
N VAL F 345 -56.62 87.47 -30.31
CA VAL F 345 -57.66 88.46 -30.54
C VAL F 345 -56.98 89.77 -30.93
N PRO F 346 -57.23 90.31 -32.12
CA PRO F 346 -56.48 91.50 -32.56
C PRO F 346 -56.74 92.71 -31.67
N TYR F 347 -55.71 93.53 -31.52
CA TYR F 347 -55.84 94.84 -30.86
C TYR F 347 -56.41 95.83 -31.87
N HIS F 348 -57.67 96.21 -31.70
CA HIS F 348 -58.18 97.36 -32.44
C HIS F 348 -57.76 98.64 -31.71
N ALA F 349 -57.59 99.70 -32.50
CA ALA F 349 -56.95 100.95 -32.10
C ALA F 349 -55.43 100.89 -32.20
N VAL F 350 -54.87 99.83 -32.79
CA VAL F 350 -53.43 99.74 -33.06
C VAL F 350 -53.24 99.32 -34.50
N GLN F 351 -52.42 100.08 -35.23
CA GLN F 351 -52.15 99.80 -36.63
C GLN F 351 -50.65 99.72 -36.85
N ILE F 352 -50.21 98.60 -37.40
CA ILE F 352 -48.80 98.36 -37.69
C ILE F 352 -48.63 98.42 -39.21
N LEU F 353 -47.85 99.38 -39.68
CA LEU F 353 -47.70 99.56 -41.12
C LEU F 353 -46.81 98.47 -41.71
N GLY F 354 -47.22 97.93 -42.85
CA GLY F 354 -46.57 96.79 -43.46
C GLY F 354 -45.36 97.18 -44.28
N VAL F 355 -44.88 96.20 -45.07
CA VAL F 355 -43.67 96.42 -45.85
C VAL F 355 -43.91 97.49 -46.92
N LEU F 356 -45.04 97.41 -47.62
CA LEU F 356 -45.31 98.38 -48.68
C LEU F 356 -45.36 99.80 -48.14
N ASP F 357 -45.67 99.96 -46.86
CA ASP F 357 -45.66 101.27 -46.21
C ASP F 357 -44.32 101.59 -45.57
N GLY F 358 -43.32 100.71 -45.73
CA GLY F 358 -42.01 100.96 -45.18
C GLY F 358 -41.73 100.33 -43.84
N GLY F 359 -42.60 99.43 -43.37
CA GLY F 359 -42.41 98.78 -42.10
C GLY F 359 -41.62 97.49 -42.22
N VAL F 360 -41.42 96.85 -41.07
CA VAL F 360 -40.72 95.57 -40.97
C VAL F 360 -41.65 94.57 -40.30
N THR F 361 -41.77 93.39 -40.90
CA THR F 361 -42.66 92.36 -40.39
C THR F 361 -41.84 91.42 -39.49
N LEU F 362 -42.10 91.48 -38.19
CA LEU F 362 -41.46 90.58 -37.24
C LEU F 362 -42.29 89.31 -37.16
N THR F 363 -41.96 88.34 -38.02
CA THR F 363 -42.60 87.03 -38.02
C THR F 363 -41.52 85.97 -37.85
N GLU F 364 -41.95 84.71 -37.92
CA GLU F 364 -41.05 83.59 -37.73
C GLU F 364 -40.34 83.18 -39.01
N THR F 365 -40.60 83.85 -40.13
CA THR F 365 -39.90 83.57 -41.37
C THR F 365 -39.02 84.74 -41.84
N ALA F 366 -39.22 85.93 -41.29
CA ALA F 366 -38.35 87.05 -41.62
C ALA F 366 -36.98 86.87 -41.00
N THR F 367 -35.95 87.31 -41.72
CA THR F 367 -34.56 87.19 -41.26
C THR F 367 -33.91 88.56 -41.27
N ASN F 368 -33.04 88.80 -40.30
CA ASN F 368 -32.37 90.09 -40.13
C ASN F 368 -30.89 89.86 -39.94
N TYR F 369 -30.06 90.58 -40.70
CA TYR F 369 -28.61 90.42 -40.67
C TYR F 369 -27.96 91.65 -40.07
N LEU F 370 -26.91 91.43 -39.27
CA LEU F 370 -26.12 92.53 -38.76
C LEU F 370 -25.36 93.21 -39.89
N GLN F 371 -25.02 94.47 -39.68
CA GLN F 371 -24.42 95.33 -40.70
C GLN F 371 -23.01 95.72 -40.30
N GLY F 372 -22.11 95.73 -41.26
CA GLY F 372 -20.75 96.18 -41.02
C GLY F 372 -19.76 95.04 -40.90
N GLY F 373 -18.68 95.26 -40.15
CA GLY F 373 -17.71 94.21 -39.93
C GLY F 373 -16.77 94.03 -41.10
N GLY F 374 -15.94 93.01 -40.98
CA GLY F 374 -14.94 92.69 -42.00
C GLY F 374 -13.73 92.03 -41.36
N ASP F 375 -12.91 91.40 -42.20
CA ASP F 375 -11.73 90.69 -41.75
C ASP F 375 -10.46 91.52 -41.85
N GLY F 376 -10.39 92.44 -42.80
CA GLY F 376 -9.16 93.14 -43.11
C GLY F 376 -8.49 92.57 -44.34
N THR F 377 -7.28 93.04 -44.58
CA THR F 377 -6.49 92.62 -45.74
C THR F 377 -5.70 91.36 -45.38
N LEU F 378 -6.06 90.25 -46.00
CA LEU F 378 -5.47 88.95 -45.70
C LEU F 378 -4.52 88.53 -46.80
N GLY F 379 -3.63 87.60 -46.47
CA GLY F 379 -2.63 87.09 -47.37
C GLY F 379 -1.28 87.01 -46.70
N ASN F 380 -0.32 86.46 -47.45
CA ASN F 380 1.02 86.26 -46.88
C ASN F 380 1.71 87.58 -46.60
N ASP F 381 1.49 88.60 -47.43
CA ASP F 381 2.16 89.88 -47.21
C ASP F 381 1.72 90.52 -45.90
N SER F 382 0.41 90.65 -45.70
CA SER F 382 -0.07 91.22 -44.44
C SER F 382 0.25 90.31 -43.27
N PHE F 383 0.28 88.99 -43.49
CA PHE F 383 0.66 88.09 -42.42
C PHE F 383 2.09 88.31 -41.98
N ASN F 384 3.00 88.49 -42.94
CA ASN F 384 4.39 88.79 -42.60
C ASN F 384 4.49 90.13 -41.90
N ALA F 385 3.71 91.12 -42.34
CA ALA F 385 3.72 92.41 -41.66
C ALA F 385 3.31 92.26 -40.20
N ALA F 386 2.23 91.52 -39.94
CA ALA F 386 1.76 91.34 -38.57
C ALA F 386 2.77 90.56 -37.74
N ALA F 387 3.34 89.50 -38.31
CA ALA F 387 4.32 88.71 -37.57
C ALA F 387 5.55 89.53 -37.23
N TYR F 388 6.01 90.37 -38.15
CA TYR F 388 7.14 91.24 -37.86
C TYR F 388 6.77 92.25 -36.78
N ALA F 389 5.56 92.80 -36.84
CA ALA F 389 5.14 93.73 -35.80
C ALA F 389 5.20 93.07 -34.43
N VAL F 390 4.77 91.82 -34.33
CA VAL F 390 4.78 91.11 -33.05
C VAL F 390 6.19 90.79 -32.59
N LEU F 391 7.04 90.30 -33.50
CA LEU F 391 8.36 89.83 -33.09
C LEU F 391 9.34 90.97 -32.84
N SER F 392 9.22 92.08 -33.57
CA SER F 392 10.21 93.15 -33.44
C SER F 392 10.16 93.79 -32.05
N ASN F 393 8.96 94.01 -31.51
CA ASN F 393 8.80 94.59 -30.18
C ASN F 393 8.42 93.47 -29.21
N LEU F 394 9.43 92.75 -28.74
CA LEU F 394 9.19 91.69 -27.76
C LEU F 394 9.42 92.16 -26.34
N SER F 395 10.31 93.12 -26.12
CA SER F 395 10.65 93.56 -24.78
C SER F 395 9.81 94.73 -24.29
N ASN F 396 8.94 95.31 -25.14
CA ASN F 396 8.10 96.41 -24.71
C ASN F 396 6.70 96.32 -25.30
N ASN F 397 6.24 95.11 -25.62
CA ASN F 397 4.90 94.94 -26.13
C ASN F 397 3.87 95.13 -25.02
N ALA F 398 2.86 95.95 -25.29
CA ALA F 398 1.81 96.21 -24.32
C ALA F 398 0.70 95.17 -24.35
N ALA F 399 0.77 94.19 -25.25
CA ALA F 399 -0.24 93.14 -25.34
C ALA F 399 0.13 91.95 -24.46
N PHE F 400 1.37 91.47 -24.55
CA PHE F 400 1.80 90.34 -23.74
C PHE F 400 3.32 90.31 -23.69
N ASN F 401 3.84 89.88 -22.55
CA ASN F 401 5.28 89.74 -22.33
C ASN F 401 5.61 88.26 -22.34
N ILE F 402 6.46 87.83 -23.27
CA ILE F 402 6.69 86.40 -23.50
C ILE F 402 7.94 85.89 -22.81
N THR F 403 8.53 86.65 -21.90
CA THR F 403 9.57 86.14 -21.02
C THR F 403 9.00 85.53 -19.75
N ASN F 404 7.68 85.42 -19.65
CA ASN F 404 7.01 84.81 -18.52
C ASN F 404 7.03 83.29 -18.72
N TYR F 405 7.96 82.60 -18.05
CA TYR F 405 8.09 81.16 -18.26
C TYR F 405 6.83 80.42 -17.84
N ALA F 406 6.22 80.82 -16.73
CA ALA F 406 5.11 80.05 -16.19
C ALA F 406 3.83 80.24 -16.98
N ARG F 407 3.66 81.41 -17.61
CA ARG F 407 2.42 81.73 -18.29
C ARG F 407 2.43 81.38 -19.78
N TYR F 408 3.60 81.17 -20.37
CA TYR F 408 3.73 80.83 -21.79
C TYR F 408 4.67 79.64 -21.91
N PRO F 409 4.17 78.42 -21.73
CA PRO F 409 5.03 77.23 -21.74
C PRO F 409 5.55 76.84 -23.11
N PHE F 410 5.38 77.65 -24.15
CA PHE F 410 5.92 77.30 -25.46
C PHE F 410 7.44 77.20 -25.37
N ASN F 411 8.01 76.28 -26.13
CA ASN F 411 9.45 76.14 -26.18
C ASN F 411 10.04 75.92 -27.57
N ALA F 412 9.24 75.88 -28.63
CA ALA F 412 9.75 75.63 -29.97
C ALA F 412 9.13 76.61 -30.96
N PHE F 413 9.94 77.06 -31.91
CA PHE F 413 9.48 77.94 -32.98
C PHE F 413 10.03 77.45 -34.30
N TRP F 414 9.16 77.20 -35.27
CA TRP F 414 9.54 76.73 -36.59
C TRP F 414 9.25 77.81 -37.62
N ASP F 415 10.25 78.12 -38.44
CA ASP F 415 10.08 79.07 -39.54
C ASP F 415 9.30 78.39 -40.66
N SER F 416 8.12 78.92 -40.96
CA SER F 416 7.26 78.35 -41.97
C SER F 416 7.39 79.01 -43.33
N GLY F 417 8.33 79.94 -43.49
CA GLY F 417 8.52 80.59 -44.77
C GLY F 417 8.45 82.10 -44.71
N PHE F 418 8.77 82.68 -43.56
CA PHE F 418 8.77 84.13 -43.43
C PHE F 418 9.82 84.75 -44.35
N ASP F 419 9.56 85.98 -44.77
CA ASP F 419 10.52 86.71 -45.58
C ASP F 419 11.79 86.99 -44.80
N LEU F 420 12.87 87.29 -45.52
CA LEU F 420 14.18 87.43 -44.91
C LEU F 420 14.24 88.55 -43.87
N LYS F 421 13.36 89.55 -43.97
CA LYS F 421 13.35 90.59 -42.96
C LYS F 421 12.83 90.07 -41.64
N THR F 422 11.77 89.25 -41.67
CA THR F 422 11.25 88.67 -40.43
C THR F 422 12.11 87.52 -39.94
N LYS F 423 12.82 86.84 -40.85
CA LYS F 423 13.68 85.74 -40.43
C LYS F 423 14.73 86.18 -39.43
N GLN F 424 15.12 87.45 -39.47
CA GLN F 424 16.22 87.93 -38.65
C GLN F 424 15.79 88.45 -37.29
N THR F 425 14.51 88.35 -36.94
CA THR F 425 14.05 88.65 -35.59
C THR F 425 13.73 87.41 -34.78
N ILE F 426 13.88 86.21 -35.35
CA ILE F 426 13.61 84.97 -34.65
C ILE F 426 14.77 84.56 -33.75
N PRO F 427 16.03 84.69 -34.20
CA PRO F 427 17.14 84.17 -33.39
C PRO F 427 17.19 84.72 -31.97
N GLN F 428 16.60 85.88 -31.73
CA GLN F 428 16.67 86.49 -30.41
C GLN F 428 15.83 85.76 -29.37
N LEU F 429 14.97 84.82 -29.79
CA LEU F 429 14.20 84.04 -28.83
C LEU F 429 15.12 83.20 -27.94
N ILE F 430 16.13 82.57 -28.55
CA ILE F 430 17.11 81.80 -27.79
C ILE F 430 18.10 82.67 -27.05
N GLY F 431 17.96 83.99 -27.14
CA GLY F 431 18.75 84.88 -26.31
C GLY F 431 17.92 85.39 -25.15
N LEU F 432 16.64 85.64 -25.41
CA LEU F 432 15.75 86.12 -24.36
C LEU F 432 15.30 85.02 -23.41
N ARG F 433 15.15 83.78 -23.88
CA ARG F 433 14.68 82.70 -23.02
C ARG F 433 15.68 81.55 -23.05
N ALA F 434 15.78 80.85 -21.91
CA ALA F 434 16.77 79.82 -21.71
C ALA F 434 16.24 78.41 -21.92
N ASP F 435 15.01 78.26 -22.40
CA ASP F 435 14.40 76.96 -22.64
C ASP F 435 13.70 76.95 -23.98
N THR F 436 14.34 77.45 -25.02
CA THR F 436 13.72 77.62 -26.32
C THR F 436 14.56 76.95 -27.40
N TRP F 437 13.90 76.54 -28.48
CA TRP F 437 14.52 75.86 -29.59
C TRP F 437 13.90 76.40 -30.88
N ILE F 438 14.73 76.70 -31.87
CA ILE F 438 14.29 77.33 -33.10
C ILE F 438 14.78 76.55 -34.31
N ALA F 439 13.89 76.36 -35.28
CA ALA F 439 14.24 75.80 -36.57
C ALA F 439 14.04 76.89 -37.62
N LEU F 440 15.08 77.12 -38.42
CA LEU F 440 15.08 78.18 -39.42
C LEU F 440 15.07 77.58 -40.83
N SER F 441 14.61 78.38 -41.78
CA SER F 441 14.51 78.00 -43.18
C SER F 441 15.26 79.00 -44.02
N THR F 442 15.83 78.55 -45.13
CA THR F 442 16.53 79.42 -46.06
C THR F 442 15.67 79.84 -47.24
N GLN F 443 14.36 79.56 -47.20
CA GLN F 443 13.48 79.80 -48.33
C GLN F 443 12.33 80.71 -47.93
N ASP F 444 11.99 81.63 -48.81
CA ASP F 444 10.82 82.50 -48.66
C ASP F 444 9.74 81.97 -49.59
N ILE F 445 8.64 81.50 -49.01
CA ILE F 445 7.61 80.82 -49.79
C ILE F 445 6.89 81.76 -50.76
N SER F 446 6.98 83.07 -50.54
CA SER F 446 6.34 84.01 -51.44
C SER F 446 7.17 84.32 -52.68
N SER F 447 8.40 83.84 -52.76
CA SER F 447 9.29 84.09 -53.87
C SER F 447 9.63 82.78 -54.59
N ASP F 448 10.48 82.89 -55.60
CA ASP F 448 10.87 81.72 -56.38
C ASP F 448 11.82 80.83 -55.60
N PHE F 449 11.83 79.55 -55.95
CA PHE F 449 12.78 78.63 -55.32
C PHE F 449 14.19 79.10 -55.57
N ASN F 450 14.99 79.14 -54.51
CA ASN F 450 16.31 79.74 -54.58
C ASN F 450 17.31 78.81 -55.27
N SER F 451 18.35 79.42 -55.83
CA SER F 451 19.46 78.67 -56.40
C SER F 451 20.52 78.40 -55.35
N ASN F 452 21.58 77.69 -55.76
CA ASN F 452 22.61 77.30 -54.80
C ASN F 452 23.29 78.51 -54.18
N GLU F 453 23.60 79.52 -55.00
CA GLU F 453 24.29 80.70 -54.49
C GLU F 453 23.41 81.50 -53.52
N GLU F 454 22.12 81.62 -53.83
CA GLU F 454 21.21 82.29 -52.91
C GLU F 454 21.04 81.49 -51.62
N GLU F 455 20.95 80.17 -51.71
CA GLU F 455 20.96 79.35 -50.50
C GLU F 455 22.18 79.65 -49.66
N GLU F 456 23.36 79.71 -50.28
CA GLU F 456 24.59 79.97 -49.55
C GLU F 456 24.55 81.33 -48.87
N SER F 457 24.14 82.35 -49.62
CA SER F 457 24.13 83.71 -49.06
C SER F 457 23.17 83.82 -47.89
N ILE F 458 21.97 83.26 -48.04
CA ILE F 458 20.98 83.36 -46.96
C ILE F 458 21.44 82.56 -45.75
N ALA F 459 22.07 81.40 -45.99
CA ALA F 459 22.61 80.62 -44.87
C ALA F 459 23.67 81.41 -44.11
N LEU F 460 24.58 82.06 -44.84
CA LEU F 460 25.61 82.84 -44.17
C LEU F 460 25.01 83.98 -43.38
N SER F 461 23.99 84.65 -43.94
CA SER F 461 23.36 85.75 -43.23
C SER F 461 22.68 85.26 -41.94
N LEU F 462 21.98 84.12 -42.02
CA LEU F 462 21.34 83.57 -40.83
C LEU F 462 22.38 83.18 -39.78
N MET F 463 23.49 82.59 -40.22
CA MET F 463 24.56 82.23 -39.29
C MET F 463 25.13 83.47 -38.62
N SER F 464 25.35 84.54 -39.39
CA SER F 464 25.89 85.77 -38.82
C SER F 464 24.94 86.33 -37.78
N ARG F 465 23.64 86.28 -38.05
CA ARG F 465 22.67 86.71 -37.06
C ARG F 465 22.71 85.85 -35.81
N VAL F 466 22.78 84.53 -35.99
CA VAL F 466 22.73 83.62 -34.85
C VAL F 466 23.98 83.74 -34.00
N SER F 467 25.07 84.21 -34.58
CA SER F 467 26.31 84.33 -33.83
C SER F 467 26.27 85.43 -32.78
N ALA F 468 25.21 86.23 -32.73
CA ALA F 468 25.13 87.33 -31.79
C ALA F 468 24.50 86.94 -30.45
N PHE F 469 24.05 85.70 -30.30
CA PHE F 469 23.38 85.24 -29.09
C PHE F 469 24.06 83.96 -28.59
N PRO F 470 25.24 84.08 -28.00
CA PRO F 470 25.92 82.89 -27.49
C PRO F 470 25.10 82.22 -26.40
N ASP F 471 25.27 80.90 -26.29
CA ASP F 471 24.54 80.15 -25.27
C ASP F 471 24.83 80.69 -23.88
N SER F 472 26.10 80.86 -23.57
CA SER F 472 26.55 81.44 -22.31
C SER F 472 27.26 82.74 -22.64
N SER F 473 26.69 83.87 -22.21
CA SER F 473 27.32 85.15 -22.49
C SER F 473 28.58 85.36 -21.67
N ASP F 474 28.63 84.75 -20.48
CA ASP F 474 29.82 84.89 -19.64
C ASP F 474 31.04 84.27 -20.30
N PHE F 475 30.91 83.03 -20.79
CA PHE F 475 32.02 82.30 -21.37
C PHE F 475 31.94 82.18 -22.88
N GLY F 476 30.98 82.84 -23.53
CA GLY F 476 30.96 82.90 -24.97
C GLY F 476 30.76 81.57 -25.66
N THR F 477 29.92 80.69 -25.11
CA THR F 477 29.63 79.43 -25.78
C THR F 477 28.76 79.70 -27.00
N PRO F 478 29.09 79.13 -28.16
CA PRO F 478 28.20 79.26 -29.32
C PRO F 478 26.83 78.63 -29.04
N ALA F 479 25.80 79.23 -29.62
CA ALA F 479 24.46 78.72 -29.45
C ALA F 479 24.29 77.38 -30.16
N PHE F 480 23.45 76.51 -29.58
CA PHE F 480 23.22 75.19 -30.15
C PHE F 480 21.76 74.75 -30.12
N ARG F 481 20.84 75.56 -29.60
CA ARG F 481 19.44 75.15 -29.47
C ARG F 481 18.68 75.55 -30.75
N GLY F 482 18.75 74.68 -31.74
CA GLY F 482 18.00 74.85 -32.96
C GLY F 482 18.72 74.22 -34.13
N MET F 483 18.23 74.53 -35.33
CA MET F 483 18.87 74.07 -36.55
C MET F 483 18.40 74.92 -37.73
N ILE F 484 19.05 74.73 -38.87
CA ILE F 484 18.68 75.38 -40.12
C ILE F 484 18.46 74.28 -41.17
N VAL F 485 17.33 74.36 -41.86
CA VAL F 485 16.95 73.36 -42.87
C VAL F 485 16.74 74.08 -44.19
N GLY F 486 17.33 73.54 -45.25
CA GLY F 486 17.27 74.15 -46.57
C GLY F 486 16.49 73.29 -47.55
N GLY F 487 15.77 73.93 -48.46
CA GLY F 487 15.00 73.25 -49.48
C GLY F 487 13.53 73.63 -49.43
N ALA F 488 12.83 73.24 -50.49
CA ALA F 488 11.40 73.49 -50.60
C ALA F 488 10.79 72.55 -51.62
N GLY F 489 9.48 72.40 -51.55
CA GLY F 489 8.75 71.52 -52.44
C GLY F 489 7.29 71.89 -52.48
N TYR F 490 6.44 70.88 -52.66
CA TYR F 490 4.99 71.08 -52.72
C TYR F 490 4.30 70.16 -51.74
N TYR F 491 3.24 70.66 -51.10
CA TYR F 491 2.52 69.92 -50.08
C TYR F 491 1.71 68.80 -50.73
N THR F 492 1.81 67.59 -50.18
CA THR F 492 1.24 66.41 -50.82
C THR F 492 -0.15 66.04 -50.31
N GLU F 493 -0.59 66.60 -49.19
CA GLU F 493 -1.87 66.22 -48.61
C GLU F 493 -3.03 67.02 -49.17
N THR F 494 -2.88 67.63 -50.35
CA THR F 494 -3.92 68.46 -50.93
C THR F 494 -3.83 68.39 -52.45
N THR F 495 -4.96 68.70 -53.10
CA THR F 495 -4.99 68.71 -54.56
C THR F 495 -4.35 69.97 -55.14
N ARG F 496 -4.48 71.10 -54.46
CA ARG F 496 -3.91 72.34 -54.96
C ARG F 496 -2.39 72.26 -55.04
N LYS F 497 -1.81 73.24 -55.72
CA LYS F 497 -0.36 73.39 -55.77
C LYS F 497 0.05 74.42 -54.73
N LEU F 498 0.67 73.97 -53.64
CA LEU F 498 0.91 74.79 -52.46
C LEU F 498 2.35 74.60 -51.99
N PRO F 499 3.26 75.51 -52.33
CA PRO F 499 4.66 75.33 -51.91
C PRO F 499 4.80 75.35 -50.40
N VAL F 500 5.74 74.55 -49.90
CA VAL F 500 6.04 74.47 -48.47
C VAL F 500 7.51 74.14 -48.30
N PRO F 501 8.16 74.58 -47.21
CA PRO F 501 9.56 74.22 -47.00
C PRO F 501 9.70 72.95 -46.16
N LEU F 502 10.90 72.37 -46.23
CA LEU F 502 11.15 71.09 -45.56
C LEU F 502 11.05 71.19 -44.04
N THR F 503 11.05 72.41 -43.49
CA THR F 503 10.76 72.55 -42.08
C THR F 503 9.40 71.96 -41.74
N LEU F 504 8.47 71.93 -42.70
CA LEU F 504 7.18 71.32 -42.44
C LEU F 504 7.33 69.81 -42.19
N ASP F 505 8.11 69.14 -43.03
CA ASP F 505 8.33 67.71 -42.85
C ASP F 505 9.01 67.43 -41.52
N ARG F 506 10.05 68.21 -41.20
CA ARG F 506 10.71 67.99 -39.92
C ARG F 506 9.77 68.28 -38.77
N PHE F 507 8.89 69.27 -38.92
CA PHE F 507 7.94 69.60 -37.86
C PHE F 507 7.01 68.43 -37.60
N ARG F 508 6.51 67.80 -38.67
CA ARG F 508 5.66 66.63 -38.51
C ARG F 508 6.40 65.50 -37.81
N ALA F 509 7.65 65.25 -38.23
CA ALA F 509 8.43 64.20 -37.60
C ALA F 509 8.59 64.44 -36.11
N TYR F 510 8.95 65.67 -35.73
CA TYR F 510 9.15 65.98 -34.31
C TYR F 510 7.85 65.93 -33.53
N CYS F 511 6.75 66.36 -34.13
CA CYS F 511 5.47 66.27 -33.44
C CYS F 511 5.11 64.83 -33.13
N ARG F 512 5.32 63.92 -34.10
CA ARG F 512 5.03 62.52 -33.84
C ARG F 512 5.98 61.93 -32.81
N TYR F 513 7.26 62.31 -32.85
CA TYR F 513 8.23 61.73 -31.93
C TYR F 513 8.03 62.19 -30.51
N ALA F 514 8.13 63.50 -30.28
CA ALA F 514 8.29 64.07 -28.95
C ALA F 514 7.13 64.95 -28.53
N GLY F 515 5.90 64.53 -28.80
CA GLY F 515 4.76 65.34 -28.45
C GLY F 515 3.73 64.63 -27.59
N ALA F 516 4.05 63.43 -27.13
CA ALA F 516 3.10 62.66 -26.33
C ALA F 516 2.73 63.42 -25.07
N SER F 517 1.44 63.41 -24.74
CA SER F 517 0.95 64.18 -23.61
C SER F 517 1.50 63.68 -22.29
N ASP F 518 2.08 62.49 -22.25
CA ASP F 518 2.64 61.95 -21.02
C ASP F 518 4.09 62.36 -20.79
N GLY F 519 4.69 63.13 -21.69
CA GLY F 519 6.01 63.67 -21.44
C GLY F 519 7.14 62.69 -21.52
N VAL F 520 7.04 61.67 -22.38
CA VAL F 520 8.11 60.69 -22.57
C VAL F 520 8.24 60.44 -24.07
N LEU F 521 9.48 60.41 -24.57
CA LEU F 521 9.70 60.19 -25.99
C LEU F 521 9.24 58.79 -26.40
N LYS F 522 8.69 58.68 -27.60
CA LYS F 522 8.17 57.42 -28.13
C LYS F 522 9.26 56.70 -28.92
N PRO F 523 9.66 55.48 -28.54
CA PRO F 523 10.71 54.79 -29.30
C PRO F 523 10.29 54.35 -30.69
N GLU F 524 9.00 54.30 -30.99
CA GLU F 524 8.54 53.83 -32.28
C GLU F 524 8.56 54.90 -33.36
N TYR F 525 8.94 56.13 -33.02
CA TYR F 525 8.96 57.23 -33.99
C TYR F 525 10.31 57.92 -34.06
N ALA F 526 11.38 57.26 -33.64
CA ALA F 526 12.71 57.85 -33.64
C ALA F 526 12.95 58.62 -34.93
N VAL F 527 13.37 59.88 -34.78
CA VAL F 527 13.43 60.80 -35.91
C VAL F 527 14.60 60.52 -36.85
N ASP F 528 15.42 59.51 -36.56
CA ASP F 528 16.52 59.17 -37.45
C ASP F 528 16.66 57.66 -37.60
N GLU F 529 15.55 56.95 -37.53
CA GLU F 529 15.54 55.51 -37.73
C GLU F 529 14.26 55.11 -38.47
N GLY F 530 14.32 53.98 -39.16
CA GLY F 530 13.14 53.47 -39.83
C GLY F 530 12.66 54.41 -40.92
N ASP F 531 11.36 54.67 -40.92
CA ASP F 531 10.71 55.47 -41.95
C ASP F 531 10.57 56.93 -41.56
N ALA F 532 11.05 57.32 -40.38
CA ALA F 532 11.00 58.72 -39.98
C ALA F 532 12.16 59.53 -40.54
N ARG F 533 13.19 58.88 -41.06
CA ARG F 533 14.32 59.58 -41.65
C ARG F 533 14.10 59.92 -43.12
N LYS F 534 12.96 59.57 -43.70
CA LYS F 534 12.61 59.91 -45.07
C LYS F 534 11.60 61.06 -45.09
N VAL F 535 11.58 61.76 -46.22
CA VAL F 535 10.58 62.81 -46.44
C VAL F 535 9.23 62.15 -46.68
N GLN F 536 8.16 62.78 -46.18
CA GLN F 536 6.83 62.18 -46.24
C GLN F 536 5.71 63.13 -46.66
N VAL F 537 5.87 64.44 -46.52
CA VAL F 537 4.81 65.38 -46.89
C VAL F 537 5.33 66.48 -47.82
N VAL F 538 6.35 66.20 -48.61
CA VAL F 538 6.88 67.16 -49.58
C VAL F 538 7.30 66.40 -50.83
N LYS F 539 7.14 67.03 -51.99
CA LYS F 539 7.46 66.42 -53.26
C LYS F 539 8.04 67.48 -54.19
N SER F 540 8.71 67.01 -55.24
CA SER F 540 9.31 67.88 -56.24
C SER F 540 10.31 68.85 -55.61
N ILE F 541 11.16 68.32 -54.74
CA ILE F 541 12.17 69.15 -54.10
C ILE F 541 13.15 69.65 -55.16
N ASN F 542 13.79 70.77 -54.87
CA ASN F 542 14.63 71.46 -55.84
C ASN F 542 16.12 71.27 -55.53
N ASN F 543 16.94 71.56 -56.53
CA ASN F 543 18.40 71.55 -56.38
C ASN F 543 18.90 70.19 -55.89
N LEU F 544 18.23 69.12 -56.32
CA LEU F 544 18.64 67.79 -55.88
C LEU F 544 19.91 67.32 -56.58
N ASP F 545 20.31 67.95 -57.68
CA ASP F 545 21.57 67.65 -58.34
C ASP F 545 22.69 68.57 -57.90
N LYS F 546 22.92 68.68 -56.59
CA LYS F 546 24.03 69.50 -56.13
C LYS F 546 25.36 68.90 -56.55
N SER F 547 26.38 69.73 -56.59
CA SER F 547 27.72 69.22 -56.79
C SER F 547 28.29 68.73 -55.46
N TRP F 548 29.30 67.87 -55.55
CA TRP F 548 29.97 67.39 -54.34
C TRP F 548 30.53 68.57 -53.55
N ARG F 549 31.06 69.56 -54.25
CA ARG F 549 31.60 70.74 -53.58
C ARG F 549 30.50 71.53 -52.87
N VAL F 550 29.35 71.66 -53.50
CA VAL F 550 28.24 72.38 -52.87
C VAL F 550 27.78 71.66 -51.62
N ARG F 551 27.66 70.33 -51.70
CA ARG F 551 27.27 69.56 -50.53
C ARG F 551 28.30 69.67 -49.42
N ARG F 552 29.59 69.65 -49.78
CA ARG F 552 30.64 69.77 -48.78
C ARG F 552 30.57 71.14 -48.09
N ALA F 553 30.33 72.19 -48.87
CA ALA F 553 30.22 73.52 -48.30
C ALA F 553 29.03 73.60 -47.34
N GLN F 554 27.88 73.06 -47.75
CA GLN F 554 26.71 73.11 -46.87
C GLN F 554 26.95 72.34 -45.58
N TRP F 555 27.54 71.15 -45.69
CA TRP F 555 27.83 70.38 -44.48
C TRP F 555 28.75 71.15 -43.55
N ASN F 556 29.81 71.74 -44.11
CA ASN F 556 30.74 72.50 -43.28
C ASN F 556 30.10 73.75 -42.69
N ASN F 557 29.06 74.28 -43.33
CA ASN F 557 28.33 75.42 -42.79
C ASN F 557 27.14 75.00 -41.91
N ASN F 558 26.96 73.71 -41.69
CA ASN F 558 26.01 73.20 -40.69
C ASN F 558 24.56 73.33 -41.14
N LEU F 559 24.29 73.11 -42.42
CA LEU F 559 22.91 73.06 -42.88
C LEU F 559 22.40 71.62 -42.89
N VAL F 560 21.08 71.49 -42.88
CA VAL F 560 20.41 70.20 -43.01
C VAL F 560 19.75 70.14 -44.37
N TYR F 561 20.10 69.13 -45.16
CA TYR F 561 19.60 68.97 -46.51
C TYR F 561 19.28 67.51 -46.75
N VAL F 562 18.48 67.26 -47.80
CA VAL F 562 18.04 65.91 -48.13
C VAL F 562 18.78 65.43 -49.36
N GLU F 563 18.83 64.11 -49.50
CA GLU F 563 19.39 63.46 -50.68
C GLU F 563 18.35 62.48 -51.21
N ASP F 564 18.64 61.91 -52.38
CA ASP F 564 17.74 60.92 -52.95
C ASP F 564 17.97 59.56 -52.31
N TYR F 565 16.93 59.01 -51.69
CA TYR F 565 16.96 57.64 -51.24
C TYR F 565 16.94 56.69 -52.43
N ASP F 566 16.01 56.93 -53.36
CA ASP F 566 15.91 56.16 -54.59
C ASP F 566 15.19 57.03 -55.62
N THR F 567 14.71 56.40 -56.69
CA THR F 567 14.07 57.14 -57.77
C THR F 567 12.82 57.89 -57.29
N ASN F 568 12.24 57.51 -56.16
CA ASN F 568 10.96 58.05 -55.72
C ASN F 568 11.04 58.95 -54.49
N SER F 569 12.08 58.82 -53.67
CA SER F 569 12.01 59.40 -52.33
C SER F 569 13.37 59.90 -51.89
N GLN F 570 13.36 60.75 -50.86
CA GLN F 570 14.55 61.39 -50.31
C GLN F 570 14.70 61.00 -48.84
N PHE F 571 15.87 61.30 -48.28
CA PHE F 571 16.12 61.02 -46.88
C PHE F 571 17.14 62.00 -46.33
N TYR F 572 17.33 61.99 -45.01
CA TYR F 572 18.26 62.89 -44.35
C TYR F 572 19.53 62.13 -44.00
N PRO F 573 20.65 62.38 -44.69
CA PRO F 573 21.90 61.69 -44.30
C PRO F 573 22.32 61.97 -42.87
N GLY F 574 22.06 63.16 -42.35
CA GLY F 574 22.44 63.50 -41.00
C GLY F 574 21.79 64.79 -40.57
N GLN F 575 21.17 64.78 -39.39
CA GLN F 575 20.39 65.93 -38.92
C GLN F 575 21.11 66.60 -37.75
N GLN F 576 21.94 67.57 -38.10
CA GLN F 576 22.80 68.24 -37.13
C GLN F 576 22.28 69.63 -36.81
N SER F 577 22.65 70.12 -35.62
CA SER F 577 22.29 71.46 -35.21
C SER F 577 23.31 72.46 -35.75
N PHE F 578 23.06 73.73 -35.49
CA PHE F 578 23.96 74.80 -35.93
C PHE F 578 25.05 75.13 -34.93
N TYR F 579 25.46 74.18 -34.09
CA TYR F 579 26.65 74.38 -33.27
C TYR F 579 27.87 74.41 -34.17
N SER F 580 28.72 75.43 -33.98
CA SER F 580 29.82 75.68 -34.91
C SER F 580 31.16 75.11 -34.45
N GLU F 581 31.27 74.61 -33.23
CA GLU F 581 32.54 74.11 -32.74
C GLU F 581 32.68 72.62 -33.02
N GLN F 582 33.78 72.05 -32.55
CA GLN F 582 34.13 70.66 -32.86
C GLN F 582 33.59 69.66 -31.84
N GLY F 583 32.95 70.11 -30.77
CA GLY F 583 32.40 69.18 -29.80
C GLY F 583 31.42 68.19 -30.40
N SER F 584 31.60 66.90 -30.09
CA SER F 584 30.72 65.86 -30.58
C SER F 584 29.54 65.59 -29.66
N VAL F 585 29.48 66.23 -28.50
CA VAL F 585 28.32 66.09 -27.61
C VAL F 585 27.11 66.81 -28.21
N LEU F 586 27.35 68.00 -28.76
CA LEU F 586 26.29 68.90 -29.18
C LEU F 586 26.02 68.82 -30.68
N LYS F 587 26.21 67.66 -31.30
CA LYS F 587 26.11 67.57 -32.75
C LYS F 587 24.69 67.25 -33.21
N ALA F 588 23.97 66.42 -32.47
CA ALA F 588 22.61 66.07 -32.86
C ALA F 588 21.66 67.18 -32.46
N ALA F 589 20.63 67.42 -33.29
CA ALA F 589 19.70 68.51 -33.01
C ALA F 589 18.73 68.17 -31.89
N ILE F 590 18.42 66.90 -31.70
CA ILE F 590 17.48 66.49 -30.65
C ILE F 590 18.03 66.83 -29.27
N VAL F 591 19.36 66.83 -29.12
CA VAL F 591 19.96 67.10 -27.82
C VAL F 591 19.64 68.53 -27.37
N GLY F 592 19.46 69.44 -28.33
CA GLY F 592 19.08 70.79 -27.96
C GLY F 592 17.73 70.83 -27.27
N LEU F 593 16.76 70.09 -27.82
CA LEU F 593 15.45 70.02 -27.18
C LEU F 593 15.57 69.37 -25.80
N CYS F 594 16.41 68.34 -25.69
CA CYS F 594 16.61 67.69 -24.40
C CYS F 594 17.15 68.68 -23.36
N VAL F 595 18.12 69.51 -23.75
CA VAL F 595 18.70 70.47 -22.81
C VAL F 595 17.69 71.55 -22.45
N ALA F 596 16.87 71.96 -23.42
CA ALA F 596 15.81 72.92 -23.11
C ALA F 596 14.87 72.37 -22.04
N ASN F 597 14.54 71.07 -22.14
CA ASN F 597 13.67 70.45 -21.15
C ASN F 597 14.33 70.37 -19.78
N LEU F 598 15.63 70.10 -19.74
CA LEU F 598 16.33 70.15 -18.46
C LEU F 598 16.24 71.54 -17.84
N ASN F 599 16.45 72.57 -18.66
CA ASN F 599 16.33 73.93 -18.15
C ASN F 599 14.94 74.18 -17.58
N ARG F 600 13.90 73.67 -18.23
CA ARG F 600 12.55 73.84 -17.70
C ARG F 600 12.39 73.15 -16.34
N PHE F 601 12.93 71.93 -16.21
CA PHE F 601 12.82 71.23 -14.93
C PHE F 601 13.43 72.07 -13.81
N ALA F 602 14.56 72.73 -14.09
CA ALA F 602 15.17 73.58 -13.06
C ALA F 602 14.23 74.70 -12.62
N PHE F 603 13.55 75.34 -13.59
CA PHE F 603 12.60 76.39 -13.24
C PHE F 603 11.52 75.84 -12.33
N GLU F 604 11.02 74.65 -12.64
CA GLU F 604 9.96 74.07 -11.82
C GLU F 604 10.44 73.86 -10.39
N ALA F 605 11.67 73.35 -10.23
CA ALA F 605 12.19 73.14 -8.89
C ALA F 605 12.23 74.44 -8.10
N TRP F 606 12.75 75.50 -8.71
CA TRP F 606 12.73 76.80 -8.04
C TRP F 606 11.31 77.18 -7.66
N ARG F 607 10.40 77.13 -8.63
CA ARG F 607 9.03 77.56 -8.40
C ARG F 607 8.45 76.87 -7.18
N ASP F 608 8.76 75.59 -7.01
CA ASP F 608 8.19 74.87 -5.88
C ASP F 608 8.90 75.19 -4.57
N LEU F 609 10.18 75.55 -4.60
CA LEU F 609 10.92 75.73 -3.35
C LEU F 609 10.99 77.16 -2.85
N THR F 610 10.69 78.16 -3.68
CA THR F 610 10.93 79.55 -3.31
C THR F 610 10.08 79.99 -2.12
N GLY F 611 10.70 80.75 -1.23
CA GLY F 611 9.99 81.55 -0.26
C GLY F 611 9.39 80.81 0.92
N THR F 612 10.02 79.74 1.39
CA THR F 612 9.51 78.96 2.50
C THR F 612 10.25 79.35 3.78
N GLN F 613 9.48 79.60 4.84
CA GLN F 613 10.05 80.12 6.08
C GLN F 613 10.79 79.04 6.86
N LYS F 614 10.22 77.83 6.94
CA LYS F 614 10.66 76.81 7.88
C LYS F 614 11.65 75.82 7.28
N LEU F 615 12.10 76.02 6.06
CA LEU F 615 13.08 75.12 5.47
C LEU F 615 14.44 75.31 6.14
N THR F 616 15.30 74.31 5.98
CA THR F 616 16.71 74.43 6.30
C THR F 616 17.52 74.34 5.01
N ASP F 617 18.80 74.70 5.11
CA ASP F 617 19.65 74.68 3.93
C ASP F 617 19.80 73.28 3.37
N ASP F 618 19.99 72.29 4.25
CA ASP F 618 20.14 70.92 3.78
C ASP F 618 18.87 70.41 3.11
N GLN F 619 17.71 70.71 3.68
CA GLN F 619 16.45 70.30 3.07
C GLN F 619 16.25 70.98 1.71
N LEU F 620 16.56 72.27 1.63
CA LEU F 620 16.46 72.99 0.35
C LEU F 620 17.34 72.34 -0.71
N ILE F 621 18.62 72.13 -0.37
CA ILE F 621 19.56 71.52 -1.31
C ILE F 621 19.09 70.16 -1.76
N GLU F 622 18.68 69.32 -0.80
CA GLU F 622 18.26 67.97 -1.13
C GLU F 622 17.02 67.96 -2.00
N ARG F 623 16.04 68.80 -1.68
CA ARG F 623 14.78 68.82 -2.41
C ARG F 623 14.95 69.31 -3.84
N SER F 624 15.84 70.27 -4.08
CA SER F 624 16.05 70.72 -5.46
C SER F 624 16.49 69.58 -6.36
N ASP F 625 17.53 68.87 -5.95
CA ASP F 625 18.03 67.75 -6.75
C ASP F 625 16.99 66.64 -6.85
N ASP F 626 16.29 66.34 -5.75
CA ASP F 626 15.24 65.34 -5.83
C ASP F 626 14.25 65.68 -6.92
N ALA F 627 13.78 66.93 -6.93
CA ALA F 627 12.76 67.33 -7.91
C ALA F 627 13.29 67.17 -9.32
N VAL F 628 14.48 67.69 -9.59
CA VAL F 628 14.99 67.65 -10.96
C VAL F 628 15.17 66.20 -11.42
N SER F 629 15.78 65.37 -10.58
CA SER F 629 16.03 63.99 -10.96
C SER F 629 14.73 63.24 -11.19
N THR F 630 13.77 63.37 -10.28
CA THR F 630 12.50 62.68 -10.43
C THR F 630 11.81 63.10 -11.71
N ARG F 631 11.79 64.40 -12.00
CA ARG F 631 11.11 64.88 -13.19
C ARG F 631 11.78 64.38 -14.46
N GLY F 632 13.11 64.38 -14.49
CA GLY F 632 13.82 64.09 -15.71
C GLY F 632 14.04 62.62 -16.02
N THR F 633 14.20 61.79 -15.00
CA THR F 633 14.61 60.42 -15.24
C THR F 633 13.56 59.67 -16.06
N GLY F 634 14.03 58.94 -17.08
CA GLY F 634 13.18 58.10 -17.88
C GLY F 634 12.41 58.80 -18.99
N ALA F 635 12.76 60.05 -19.30
CA ALA F 635 12.01 60.81 -20.29
C ALA F 635 12.71 60.95 -21.63
N PHE F 636 14.03 60.79 -21.68
CA PHE F 636 14.80 61.15 -22.86
C PHE F 636 15.26 59.97 -23.69
N ASP F 637 14.62 58.81 -23.54
CA ASP F 637 14.76 57.70 -24.50
C ASP F 637 16.23 57.37 -24.79
N ASP F 638 17.11 57.64 -23.84
CA ASP F 638 18.52 57.28 -23.93
C ASP F 638 19.32 58.19 -24.85
N ARG F 639 18.86 59.41 -25.07
CA ARG F 639 19.63 60.36 -25.86
C ARG F 639 20.64 61.11 -25.00
N LEU F 640 20.33 61.32 -23.72
CA LEU F 640 21.19 62.02 -22.78
C LEU F 640 21.43 61.15 -21.55
N ILE F 641 22.45 61.52 -20.78
CA ILE F 641 22.54 61.13 -19.37
C ILE F 641 22.91 62.36 -18.57
N PHE F 642 22.14 62.66 -17.52
CA PHE F 642 22.28 63.89 -16.77
C PHE F 642 22.33 63.61 -15.27
N THR F 643 22.78 64.61 -14.51
CA THR F 643 22.90 64.53 -13.07
C THR F 643 22.90 65.92 -12.44
N PRO F 644 22.03 66.21 -11.46
CA PRO F 644 22.05 67.53 -10.83
C PRO F 644 22.86 67.59 -9.55
N HIS F 645 23.30 68.79 -9.15
CA HIS F 645 24.02 68.99 -7.90
C HIS F 645 23.64 70.37 -7.37
N SER F 646 23.02 70.41 -6.19
CA SER F 646 22.68 71.66 -5.53
C SER F 646 23.60 71.88 -4.33
N GLU F 647 23.84 73.14 -4.01
CA GLU F 647 24.64 73.46 -2.84
C GLU F 647 24.52 74.95 -2.53
N ILE F 648 25.33 75.41 -1.58
CA ILE F 648 25.35 76.79 -1.12
C ILE F 648 26.82 77.22 -1.08
N THR F 649 27.24 77.99 -2.07
CA THR F 649 28.64 78.35 -2.20
C THR F 649 29.00 79.48 -1.23
N GLN F 650 30.25 79.95 -1.29
CA GLN F 650 30.68 81.04 -0.43
C GLN F 650 29.93 82.33 -0.74
N ALA F 651 29.71 82.62 -2.02
CA ALA F 651 28.92 83.79 -2.36
C ALA F 651 27.49 83.67 -1.85
N ASP F 652 26.93 82.47 -1.91
CA ASP F 652 25.60 82.23 -1.36
C ASP F 652 25.57 82.43 0.15
N LYS F 653 26.63 82.01 0.85
CA LYS F 653 26.73 82.29 2.27
C LYS F 653 26.76 83.79 2.52
N GLU F 654 27.55 84.52 1.73
CA GLU F 654 27.62 85.97 1.91
C GLU F 654 26.25 86.61 1.72
N ARG F 655 25.55 86.24 0.65
CA ARG F 655 24.27 86.87 0.35
C ARG F 655 23.21 86.48 1.36
N GLY F 656 22.94 85.19 1.51
CA GLY F 656 22.01 84.71 2.52
C GLY F 656 20.60 84.47 2.06
N TYR F 657 20.32 84.53 0.75
CA TYR F 657 18.99 84.26 0.25
C TYR F 657 19.00 83.45 -1.04
N SER F 658 20.11 82.78 -1.36
CA SER F 658 20.26 82.12 -2.64
C SER F 658 20.96 80.79 -2.47
N TRP F 659 20.66 79.87 -3.39
CA TRP F 659 21.32 78.58 -3.46
C TRP F 659 21.55 78.24 -4.93
N SER F 660 22.54 77.40 -5.20
CA SER F 660 22.99 77.15 -6.55
C SER F 660 22.70 75.71 -6.97
N MET F 661 22.41 75.55 -8.26
CA MET F 661 22.28 74.23 -8.89
C MET F 661 23.22 74.18 -10.08
N ARG F 662 23.62 72.95 -10.44
CA ARG F 662 24.48 72.73 -11.58
C ARG F 662 24.23 71.33 -12.10
N ILE F 663 23.90 71.21 -13.39
CA ILE F 663 23.56 69.92 -14.00
C ILE F 663 24.68 69.55 -14.96
N ASP F 664 25.07 68.28 -14.92
CA ASP F 664 26.08 67.73 -15.81
C ASP F 664 25.41 66.75 -16.75
N PHE F 665 25.62 66.89 -18.06
CA PHE F 665 24.97 66.02 -19.03
C PHE F 665 25.97 65.55 -20.07
N GLY F 666 25.64 64.43 -20.71
CA GLY F 666 26.48 63.86 -21.74
C GLY F 666 25.69 63.16 -22.82
N ALA F 667 26.21 63.22 -24.05
CA ALA F 667 25.53 62.70 -25.23
C ALA F 667 26.58 62.20 -26.24
N ASN F 668 26.09 61.77 -27.40
CA ASN F 668 26.89 61.14 -28.45
C ASN F 668 26.74 61.88 -29.78
N ALA F 669 27.35 61.30 -30.81
CA ALA F 669 27.15 61.70 -32.20
C ALA F 669 27.10 60.43 -33.07
N PHE F 670 27.22 60.59 -34.39
CA PHE F 670 27.03 59.49 -35.32
C PHE F 670 28.17 59.44 -36.34
N ARG F 671 28.39 58.24 -36.89
CA ARG F 671 29.33 58.05 -37.99
C ARG F 671 28.59 58.19 -39.32
N THR F 672 29.31 58.65 -40.35
CA THR F 672 28.66 59.00 -41.61
C THR F 672 29.41 58.63 -42.89
N VAL F 673 30.54 57.93 -42.81
CA VAL F 673 31.38 57.69 -43.99
C VAL F 673 31.71 56.21 -44.07
N MET F 674 31.75 55.69 -45.30
CA MET F 674 32.09 54.29 -45.56
C MET F 674 33.22 54.20 -46.58
N ASP F 675 34.04 53.18 -46.43
CA ASP F 675 35.05 52.80 -47.42
C ASP F 675 34.76 51.41 -47.94
N MET F 676 35.03 51.21 -49.23
CA MET F 676 34.84 49.90 -49.83
C MET F 676 36.06 49.52 -50.66
N SER F 677 36.36 48.23 -50.66
CA SER F 677 37.45 47.69 -51.46
C SER F 677 37.07 46.27 -51.86
N SER F 678 37.93 45.66 -52.67
CA SER F 678 37.70 44.29 -53.09
C SER F 678 39.03 43.65 -53.44
N VAL F 679 39.04 42.31 -53.43
CA VAL F 679 40.19 41.54 -53.86
C VAL F 679 39.68 40.37 -54.69
N ALA F 680 40.40 40.05 -55.75
CA ALA F 680 40.03 38.99 -56.66
C ALA F 680 40.80 37.73 -56.31
N TYR F 681 40.08 36.68 -55.95
CA TYR F 681 40.66 35.39 -55.62
C TYR F 681 40.22 34.37 -56.65
N THR F 682 41.03 33.34 -56.84
CA THR F 682 40.54 32.20 -57.59
C THR F 682 39.58 31.41 -56.73
N ARG F 683 38.69 30.66 -57.40
CA ARG F 683 37.60 30.01 -56.69
C ARG F 683 38.12 29.06 -55.63
N GLU F 684 39.17 28.30 -55.93
CA GLU F 684 39.64 27.30 -54.98
C GLU F 684 40.26 27.94 -53.75
N GLU F 685 41.14 28.93 -53.92
CA GLU F 685 41.77 29.55 -52.76
C GLU F 685 40.81 30.43 -52.00
N LEU F 686 39.69 30.83 -52.59
CA LEU F 686 38.66 31.52 -51.83
C LEU F 686 37.73 30.56 -51.09
N ALA F 687 37.47 29.38 -51.66
CA ALA F 687 36.61 28.40 -51.01
C ALA F 687 37.34 27.68 -49.89
N ASN F 688 38.65 27.51 -49.99
CA ASN F 688 39.40 26.75 -49.00
C ASN F 688 40.87 27.12 -49.08
N GLY F 689 41.37 27.76 -48.03
CA GLY F 689 42.77 28.14 -47.97
C GLY F 689 43.03 29.54 -48.49
N MET G 1 -81.10 -64.11 -7.74
CA MET G 1 -82.33 -63.35 -8.13
C MET G 1 -83.10 -62.90 -6.90
N SER G 2 -83.27 -63.82 -5.96
CA SER G 2 -84.14 -63.59 -4.81
C SER G 2 -83.40 -63.21 -3.54
N GLU G 3 -82.36 -63.95 -3.18
CA GLU G 3 -81.73 -63.79 -1.89
C GLU G 3 -80.95 -62.48 -1.82
N GLN G 4 -80.70 -62.05 -0.58
CA GLN G 4 -80.12 -60.75 -0.30
C GLN G 4 -78.72 -60.91 0.29
N ILE G 5 -78.06 -59.79 0.50
CA ILE G 5 -76.69 -59.81 1.00
C ILE G 5 -76.73 -60.01 2.52
N THR G 6 -76.59 -61.26 2.94
CA THR G 6 -76.65 -61.57 4.36
C THR G 6 -75.30 -61.39 5.04
N GLY G 7 -74.22 -61.71 4.35
CA GLY G 7 -72.91 -61.67 4.98
C GLY G 7 -71.81 -61.50 3.96
N SER G 8 -70.64 -62.03 4.30
CA SER G 8 -69.44 -61.81 3.51
C SER G 8 -69.06 -62.98 2.62
N THR G 9 -69.92 -63.98 2.49
CA THR G 9 -69.59 -65.15 1.68
C THR G 9 -69.33 -64.71 0.23
N PRO G 10 -68.22 -65.15 -0.38
CA PRO G 10 -67.96 -64.75 -1.77
C PRO G 10 -69.13 -65.08 -2.69
N ARG G 11 -69.60 -64.09 -3.44
CA ARG G 11 -70.83 -64.25 -4.19
C ARG G 11 -71.06 -62.98 -4.99
N ILE G 12 -71.66 -63.13 -6.16
CA ILE G 12 -72.07 -62.00 -7.00
C ILE G 12 -73.60 -62.01 -7.04
N TYR G 13 -74.20 -60.90 -6.66
CA TYR G 13 -75.64 -60.76 -6.62
C TYR G 13 -76.12 -59.97 -7.82
N TYR G 14 -77.16 -60.46 -8.47
CA TYR G 14 -77.71 -59.82 -9.66
C TYR G 14 -79.00 -59.11 -9.28
N ARG G 15 -79.01 -57.80 -9.42
CA ARG G 15 -80.25 -57.04 -9.42
C ARG G 15 -80.69 -56.85 -10.86
N GLY G 16 -81.94 -57.17 -11.15
CA GLY G 16 -82.40 -57.20 -12.52
C GLY G 16 -82.21 -55.91 -13.28
N THR G 17 -82.50 -55.93 -14.57
CA THR G 17 -82.51 -54.71 -15.36
C THR G 17 -83.65 -53.81 -14.89
N LYS G 18 -83.51 -52.51 -15.16
CA LYS G 18 -84.45 -51.54 -14.65
C LYS G 18 -84.46 -50.35 -15.59
N ASP G 19 -85.50 -49.52 -15.47
CA ASP G 19 -85.55 -48.26 -16.19
C ASP G 19 -84.95 -47.15 -15.33
N SER G 20 -84.51 -46.09 -15.99
CA SER G 20 -83.78 -45.04 -15.29
C SER G 20 -84.61 -44.48 -14.15
N SER G 21 -83.95 -44.22 -13.03
CA SER G 21 -84.59 -43.67 -11.83
C SER G 21 -84.14 -42.24 -11.62
N VAL G 22 -85.11 -41.37 -11.33
CA VAL G 22 -84.79 -39.96 -11.08
C VAL G 22 -83.86 -39.86 -9.89
N THR G 23 -82.81 -39.04 -10.03
CA THR G 23 -81.82 -38.85 -8.99
C THR G 23 -81.92 -37.42 -8.44
N ARG G 24 -82.05 -37.30 -7.12
CA ARG G 24 -82.16 -35.99 -6.50
C ARG G 24 -80.86 -35.22 -6.66
N SER G 25 -80.98 -33.93 -6.97
CA SER G 25 -79.84 -33.09 -7.31
C SER G 25 -79.30 -32.39 -6.07
N THR G 26 -77.98 -32.29 -5.99
CA THR G 26 -77.33 -31.59 -4.89
C THR G 26 -77.45 -30.08 -5.07
N GLY G 27 -77.55 -29.37 -3.94
CA GLY G 27 -77.64 -27.93 -3.94
C GLY G 27 -76.30 -27.30 -3.60
N SER G 28 -76.29 -25.97 -3.64
CA SER G 28 -75.09 -25.19 -3.38
C SER G 28 -75.34 -24.19 -2.27
N THR G 29 -74.26 -23.77 -1.61
CA THR G 29 -74.38 -22.85 -0.50
C THR G 29 -75.02 -21.54 -0.97
N THR G 30 -75.86 -20.97 -0.13
CA THR G 30 -76.63 -19.79 -0.49
C THR G 30 -75.76 -18.54 -0.41
N THR G 31 -76.18 -17.50 -1.13
CA THR G 31 -75.44 -16.25 -1.24
C THR G 31 -76.47 -15.14 -1.38
N LEU G 32 -76.00 -13.90 -1.45
CA LEU G 32 -76.89 -12.76 -1.70
C LEU G 32 -76.57 -12.11 -3.04
N PRO G 33 -77.35 -12.35 -4.08
CA PRO G 33 -77.22 -11.55 -5.30
C PRO G 33 -77.76 -10.14 -5.09
N LEU G 34 -77.62 -9.32 -6.14
CA LEU G 34 -78.16 -7.97 -6.07
C LEU G 34 -79.66 -7.92 -6.31
N HIS G 35 -80.25 -8.98 -6.86
CA HIS G 35 -81.68 -9.05 -7.14
C HIS G 35 -82.23 -10.27 -6.41
N ARG G 36 -83.05 -10.04 -5.40
CA ARG G 36 -83.48 -11.07 -4.47
C ARG G 36 -85.00 -11.00 -4.32
N PRO G 37 -85.75 -11.67 -5.19
CA PRO G 37 -87.19 -11.50 -5.19
C PRO G 37 -87.92 -12.45 -4.25
N LEU G 38 -89.13 -12.05 -3.89
CA LEU G 38 -90.05 -12.83 -3.08
C LEU G 38 -91.21 -13.28 -3.96
N ILE G 39 -91.52 -14.57 -3.93
CA ILE G 39 -92.57 -15.13 -4.77
C ILE G 39 -93.50 -15.99 -3.92
N MET G 40 -94.79 -15.71 -3.98
CA MET G 40 -95.83 -16.46 -3.28
C MET G 40 -96.52 -17.40 -4.26
N PHE G 41 -96.97 -18.55 -3.78
CA PHE G 41 -97.56 -19.52 -4.70
C PHE G 41 -98.31 -20.61 -3.94
N PHE G 42 -99.15 -21.33 -4.67
CA PHE G 42 -99.74 -22.58 -4.19
C PHE G 42 -98.84 -23.74 -4.58
N GLY G 43 -98.72 -24.73 -3.70
CA GLY G 43 -97.75 -25.79 -3.89
C GLY G 43 -98.33 -27.14 -3.56
N GLN G 44 -97.49 -28.16 -3.75
CA GLN G 44 -97.89 -29.54 -3.47
C GLN G 44 -97.47 -29.96 -2.06
N LYS G 45 -96.29 -29.55 -1.63
CA LYS G 45 -95.77 -29.87 -0.31
C LYS G 45 -94.73 -28.83 0.07
N GLY G 46 -94.09 -29.02 1.21
CA GLY G 46 -93.05 -28.12 1.66
C GLY G 46 -93.51 -27.18 2.75
N PRO G 47 -92.57 -26.48 3.38
CA PRO G 47 -92.90 -25.61 4.50
C PRO G 47 -93.78 -24.45 4.05
N THR G 48 -94.50 -23.88 5.02
CA THR G 48 -95.41 -22.77 4.79
C THR G 48 -94.91 -21.48 5.46
N VAL G 49 -93.60 -21.25 5.39
CA VAL G 49 -93.01 -20.00 5.85
C VAL G 49 -92.00 -19.54 4.81
N PRO G 50 -91.70 -18.24 4.77
CA PRO G 50 -90.74 -17.76 3.76
C PRO G 50 -89.42 -18.49 3.89
N THR G 51 -88.87 -18.91 2.75
CA THR G 51 -87.68 -19.73 2.73
C THR G 51 -86.74 -19.29 1.63
N TRP G 52 -85.46 -19.14 1.96
CA TRP G 52 -84.45 -18.79 0.98
C TRP G 52 -84.01 -20.05 0.24
N ILE G 53 -84.11 -20.05 -1.09
CA ILE G 53 -83.97 -21.27 -1.86
C ILE G 53 -83.08 -21.05 -3.07
N ASP G 54 -82.27 -22.09 -3.35
CA ASP G 54 -81.55 -22.28 -4.58
C ASP G 54 -82.48 -22.93 -5.61
N PRO G 55 -82.64 -22.38 -6.82
CA PRO G 55 -83.68 -22.93 -7.72
C PRO G 55 -83.51 -24.40 -8.04
N VAL G 56 -82.33 -24.96 -7.78
CA VAL G 56 -82.12 -26.37 -8.06
C VAL G 56 -83.02 -27.24 -7.18
N LYS G 57 -83.28 -26.82 -5.95
CA LYS G 57 -83.99 -27.64 -4.97
C LYS G 57 -85.48 -27.32 -4.90
N PHE G 58 -85.99 -26.45 -5.77
CA PHE G 58 -87.42 -26.15 -5.75
C PHE G 58 -88.25 -27.38 -6.04
N GLU G 59 -87.86 -28.17 -7.04
CA GLU G 59 -88.64 -29.31 -7.48
C GLU G 59 -88.78 -30.38 -6.40
N ASP G 60 -87.81 -30.49 -5.50
CA ASP G 60 -87.85 -31.50 -4.46
C ASP G 60 -88.13 -30.93 -3.08
N ILE G 61 -88.23 -29.61 -2.94
CA ILE G 61 -88.73 -29.04 -1.69
C ILE G 61 -90.23 -28.83 -1.75
N TYR G 62 -90.77 -28.40 -2.90
CA TYR G 62 -92.17 -28.07 -3.03
C TYR G 62 -92.92 -29.02 -3.96
N GLY G 63 -92.32 -30.12 -4.34
CA GLY G 63 -92.96 -31.03 -5.27
C GLY G 63 -92.86 -30.55 -6.69
N SER G 64 -92.72 -31.47 -7.65
CA SER G 64 -92.48 -31.11 -9.03
C SER G 64 -93.76 -30.78 -9.80
N GLU G 65 -94.91 -30.86 -9.17
CA GLU G 65 -96.17 -30.53 -9.82
C GLU G 65 -96.57 -29.07 -9.66
N THR G 66 -95.86 -28.30 -8.84
CA THR G 66 -96.24 -26.92 -8.62
C THR G 66 -95.87 -26.03 -9.79
N THR G 67 -94.91 -26.47 -10.62
CA THR G 67 -94.46 -25.70 -11.76
C THR G 67 -95.06 -26.18 -13.07
N ASN G 68 -96.06 -27.05 -13.02
CA ASN G 68 -96.71 -27.53 -14.24
C ASN G 68 -97.87 -26.62 -14.59
N LEU G 69 -97.77 -25.95 -15.74
CA LEU G 69 -98.77 -24.97 -16.14
C LEU G 69 -100.14 -25.59 -16.32
N SER G 70 -100.22 -26.89 -16.63
CA SER G 70 -101.48 -27.57 -16.84
C SER G 70 -102.00 -28.25 -15.59
N GLY G 71 -101.31 -28.12 -14.46
CA GLY G 71 -101.72 -28.75 -13.23
C GLY G 71 -102.78 -27.95 -12.49
N VAL G 72 -103.11 -28.43 -11.29
CA VAL G 72 -104.10 -27.76 -10.45
C VAL G 72 -103.51 -26.62 -9.64
N TYR G 73 -102.19 -26.49 -9.58
CA TYR G 73 -101.54 -25.46 -8.81
C TYR G 73 -101.16 -24.23 -9.62
N CYS G 74 -101.55 -24.18 -10.89
CA CYS G 74 -101.18 -23.05 -11.73
C CYS G 74 -101.95 -21.80 -11.31
N THR G 75 -101.20 -20.75 -10.94
CA THR G 75 -101.75 -19.43 -10.65
C THR G 75 -100.95 -18.44 -11.48
N HIS G 76 -101.22 -17.15 -11.29
CA HIS G 76 -100.55 -16.15 -12.12
C HIS G 76 -99.15 -15.82 -11.64
N SER G 77 -98.54 -16.67 -10.81
CA SER G 77 -97.14 -16.54 -10.44
C SER G 77 -96.29 -17.72 -10.89
N THR G 78 -96.90 -18.79 -11.41
CA THR G 78 -96.12 -19.90 -11.92
C THR G 78 -95.18 -19.49 -13.05
N PRO G 79 -95.58 -18.65 -14.01
CA PRO G 79 -94.59 -18.17 -14.98
C PRO G 79 -93.40 -17.48 -14.33
N PHE G 80 -93.64 -16.71 -13.26
CA PHE G 80 -92.53 -16.07 -12.55
C PHE G 80 -91.60 -17.11 -11.94
N ILE G 81 -92.17 -18.15 -11.32
CA ILE G 81 -91.34 -19.19 -10.75
C ILE G 81 -90.50 -19.86 -11.83
N LYS G 82 -91.12 -20.16 -12.97
CA LYS G 82 -90.40 -20.84 -14.04
C LYS G 82 -89.29 -19.97 -14.60
N GLU G 83 -89.54 -18.69 -14.79
CA GLU G 83 -88.50 -17.79 -15.28
C GLU G 83 -87.35 -17.68 -14.28
N ALA G 84 -87.67 -17.60 -12.99
CA ALA G 84 -86.62 -17.53 -11.97
C ALA G 84 -85.79 -18.80 -11.98
N ILE G 85 -86.43 -19.96 -12.12
CA ILE G 85 -85.69 -21.21 -12.16
C ILE G 85 -84.79 -21.26 -13.40
N ALA G 86 -85.31 -20.82 -14.54
CA ALA G 86 -84.51 -20.84 -15.77
C ALA G 86 -83.29 -19.93 -15.65
N ALA G 87 -83.49 -18.73 -15.08
CA ALA G 87 -82.39 -17.77 -15.01
C ALA G 87 -81.37 -18.15 -13.95
N GLY G 88 -81.83 -18.65 -12.81
CA GLY G 88 -80.93 -19.04 -11.74
C GLY G 88 -80.80 -18.00 -10.65
N ASN G 89 -81.91 -17.44 -10.19
CA ASN G 89 -81.94 -16.56 -9.03
C ASN G 89 -82.23 -17.37 -7.79
N GLN G 90 -81.35 -17.28 -6.80
CA GLN G 90 -81.72 -17.73 -5.47
C GLN G 90 -82.73 -16.76 -4.89
N PHE G 91 -83.95 -17.23 -4.61
CA PHE G 91 -85.03 -16.32 -4.27
C PHE G 91 -85.75 -16.83 -3.03
N MET G 92 -86.73 -16.06 -2.56
CA MET G 92 -87.46 -16.39 -1.35
C MET G 92 -88.86 -16.86 -1.70
N ALA G 93 -89.16 -18.10 -1.35
CA ALA G 93 -90.43 -18.74 -1.65
C ALA G 93 -91.36 -18.68 -0.46
N LEU G 94 -92.65 -18.44 -0.74
CA LEU G 94 -93.69 -18.44 0.28
C LEU G 94 -94.89 -19.23 -0.25
N ARG G 95 -95.14 -20.39 0.35
CA ARG G 95 -96.24 -21.26 -0.05
C ARG G 95 -97.47 -20.90 0.77
N LEU G 96 -98.52 -20.46 0.09
CA LEU G 96 -99.78 -20.12 0.73
C LEU G 96 -100.72 -21.31 0.72
N GLU G 97 -101.75 -21.23 1.55
CA GLU G 97 -102.80 -22.23 1.61
C GLU G 97 -104.16 -21.57 1.55
N PRO G 98 -105.15 -22.23 0.96
CA PRO G 98 -106.51 -21.70 1.02
C PRO G 98 -107.08 -21.83 2.42
N SER G 99 -108.05 -20.97 2.73
CA SER G 99 -108.57 -20.89 4.09
C SER G 99 -109.37 -22.12 4.50
N ASP G 100 -109.66 -23.03 3.56
CA ASP G 100 -110.49 -24.19 3.83
C ASP G 100 -109.76 -25.50 3.59
N ILE G 101 -108.44 -25.51 3.76
CA ILE G 101 -107.68 -26.73 3.45
C ILE G 101 -107.98 -27.80 4.50
N PRO G 102 -108.26 -29.05 4.11
CA PRO G 102 -108.52 -30.09 5.11
C PRO G 102 -107.26 -30.57 5.80
N ASP G 103 -107.41 -31.50 6.75
CA ASP G 103 -106.29 -31.99 7.53
C ASP G 103 -105.55 -33.07 6.74
N VAL G 104 -104.60 -33.74 7.40
CA VAL G 104 -103.76 -34.72 6.72
C VAL G 104 -104.52 -36.02 6.55
N ALA G 105 -104.01 -36.91 5.71
CA ALA G 105 -104.57 -38.24 5.55
C ALA G 105 -104.06 -39.16 6.64
N THR G 106 -104.91 -40.10 7.06
CA THR G 106 -104.58 -41.01 8.15
C THR G 106 -105.01 -42.43 7.81
N LEU G 107 -104.35 -43.40 8.44
CA LEU G 107 -104.67 -44.80 8.25
C LEU G 107 -104.26 -45.57 9.49
N GLY G 108 -105.22 -46.19 10.16
CA GLY G 108 -104.95 -47.00 11.34
C GLY G 108 -105.12 -48.48 11.02
N LEU G 109 -104.29 -49.30 11.66
CA LEU G 109 -104.32 -50.74 11.52
C LEU G 109 -104.82 -51.38 12.81
N SER G 110 -105.68 -52.39 12.66
CA SER G 110 -106.27 -53.05 13.81
C SER G 110 -106.44 -54.53 13.50
N VAL G 111 -106.69 -55.30 14.54
CA VAL G 111 -106.95 -56.73 14.41
C VAL G 111 -108.22 -57.07 15.18
N ASP G 112 -109.14 -57.76 14.52
CA ASP G 112 -110.26 -58.41 15.18
C ASP G 112 -109.81 -59.75 15.69
N TRP G 113 -110.00 -59.97 16.99
CA TRP G 113 -109.33 -61.01 17.75
C TRP G 113 -110.37 -61.81 18.52
N VAL G 114 -110.31 -63.14 18.41
CA VAL G 114 -111.17 -64.01 19.21
C VAL G 114 -110.49 -65.36 19.38
N LYS G 115 -110.96 -66.13 20.37
CA LYS G 115 -110.51 -67.49 20.61
C LYS G 115 -111.67 -68.46 20.44
N THR G 116 -111.39 -69.63 19.87
CA THR G 116 -112.42 -70.63 19.66
C THR G 116 -111.77 -71.92 19.15
N LYS G 117 -112.61 -72.91 18.89
CA LYS G 117 -112.11 -74.16 18.31
C LYS G 117 -112.16 -74.09 16.79
N ILE G 118 -111.09 -74.58 16.15
CA ILE G 118 -110.97 -74.58 14.70
C ILE G 118 -110.50 -75.96 14.25
N ASP G 119 -110.28 -76.08 12.94
CA ASP G 119 -109.88 -77.35 12.36
C ASP G 119 -108.36 -77.51 12.41
N ASP G 120 -107.92 -78.73 12.11
CA ASP G 120 -106.51 -79.03 11.91
C ASP G 120 -106.36 -79.82 10.63
N TYR G 121 -105.17 -79.74 10.03
CA TYR G 121 -104.93 -80.28 8.71
C TYR G 121 -103.82 -81.31 8.75
N GLU G 122 -103.68 -82.02 7.64
CA GLU G 122 -102.69 -83.08 7.54
C GLU G 122 -101.28 -82.52 7.55
N ARG G 123 -100.31 -83.42 7.72
CA ARG G 123 -98.90 -83.10 7.62
C ARG G 123 -98.21 -84.19 6.82
N ASN G 124 -97.53 -83.80 5.75
CA ASN G 124 -96.77 -84.76 4.97
C ASN G 124 -95.66 -85.38 5.81
N ASP G 125 -94.88 -84.55 6.47
CA ASP G 125 -93.79 -85.00 7.32
C ASP G 125 -93.60 -83.95 8.41
N ASP G 126 -92.44 -83.97 9.06
CA ASP G 126 -92.12 -82.92 10.02
C ASP G 126 -92.08 -81.55 9.37
N GLY G 127 -91.98 -81.47 8.04
CA GLY G 127 -92.04 -80.20 7.35
C GLY G 127 -93.39 -79.52 7.39
N THR G 128 -94.45 -80.25 7.72
CA THR G 128 -95.78 -79.67 7.87
C THR G 128 -96.22 -78.97 6.60
N TYR G 129 -96.13 -79.67 5.47
CA TYR G 129 -96.47 -79.05 4.19
C TYR G 129 -97.97 -78.90 4.02
N LYS G 130 -98.74 -79.90 4.42
CA LYS G 130 -100.16 -79.94 4.07
C LYS G 130 -100.95 -78.87 4.81
N LEU G 131 -101.88 -78.24 4.08
CA LEU G 131 -102.93 -77.42 4.66
C LEU G 131 -104.09 -77.33 3.69
N ASP G 132 -105.25 -76.92 4.22
CA ASP G 132 -106.40 -76.57 3.40
C ASP G 132 -106.77 -77.71 2.44
N THR G 133 -106.75 -78.93 2.94
CA THR G 133 -107.11 -80.11 2.14
C THR G 133 -106.28 -80.19 0.87
N ASN G 134 -105.01 -79.83 0.94
CA ASN G 134 -104.13 -80.03 -0.20
C ASN G 134 -104.05 -81.51 -0.53
N GLY G 135 -103.72 -81.81 -1.77
CA GLY G 135 -103.81 -83.19 -2.22
C GLY G 135 -105.27 -83.60 -2.22
N ASP G 136 -105.59 -84.65 -1.46
CA ASP G 136 -106.94 -85.18 -1.40
C ASP G 136 -107.42 -85.49 0.01
N LYS G 137 -106.78 -84.94 1.05
CA LYS G 137 -107.05 -85.35 2.42
C LYS G 137 -107.89 -84.32 3.16
N ILE G 138 -108.95 -84.80 3.80
CA ILE G 138 -109.84 -84.03 4.66
C ILE G 138 -109.03 -83.59 5.88
N PRO G 139 -109.34 -82.45 6.51
CA PRO G 139 -108.65 -82.12 7.77
C PRO G 139 -108.82 -83.20 8.82
N LEU G 140 -107.77 -83.41 9.60
CA LEU G 140 -107.62 -84.61 10.42
C LEU G 140 -108.26 -84.47 11.80
N ALA G 141 -107.78 -83.53 12.61
CA ALA G 141 -108.28 -83.41 13.97
C ALA G 141 -109.68 -82.83 13.97
N THR G 142 -110.52 -83.38 14.86
CA THR G 142 -111.91 -82.94 14.92
C THR G 142 -112.01 -81.47 15.31
N GLN G 143 -111.35 -81.09 16.40
CA GLN G 143 -111.37 -79.71 16.86
C GLN G 143 -110.15 -79.45 17.71
N ILE G 144 -109.36 -78.46 17.30
CA ILE G 144 -108.17 -78.03 18.01
C ILE G 144 -108.39 -76.61 18.49
N ASP G 145 -108.24 -76.38 19.79
CA ASP G 145 -108.49 -75.07 20.35
C ASP G 145 -107.43 -74.09 19.85
N GLY G 146 -107.87 -72.94 19.34
CA GLY G 146 -106.97 -71.95 18.79
C GLY G 146 -107.59 -70.57 18.73
N ILE G 147 -107.06 -69.73 17.85
CA ILE G 147 -107.39 -68.31 17.81
C ILE G 147 -107.74 -67.92 16.37
N LYS G 148 -108.55 -66.87 16.24
CA LYS G 148 -108.94 -66.33 14.95
C LYS G 148 -108.65 -64.84 14.88
N PHE G 149 -108.02 -64.43 13.77
CA PHE G 149 -107.66 -63.06 13.48
C PHE G 149 -108.34 -62.58 12.21
N ARG G 150 -108.60 -61.28 12.16
CA ARG G 150 -109.12 -60.63 10.95
C ARG G 150 -108.61 -59.19 10.93
N PHE G 151 -107.73 -58.86 10.00
CA PHE G 151 -107.06 -57.57 10.02
C PHE G 151 -107.93 -56.50 9.38
N VAL G 152 -107.72 -55.25 9.81
CA VAL G 152 -108.52 -54.12 9.37
C VAL G 152 -107.61 -52.91 9.14
N LEU G 153 -107.84 -52.22 8.03
CA LEU G 153 -107.14 -50.97 7.69
C LEU G 153 -108.20 -49.92 7.42
N GLU G 154 -108.24 -48.87 8.23
CA GLU G 154 -109.32 -47.91 8.07
C GLU G 154 -108.89 -46.53 8.53
N LYS G 155 -109.65 -45.52 8.10
CA LYS G 155 -109.33 -44.15 8.44
C LYS G 155 -109.49 -43.92 9.94
N ILE G 156 -108.58 -43.14 10.51
CA ILE G 156 -108.63 -42.78 11.93
C ILE G 156 -109.68 -41.69 12.10
N GLU G 157 -110.71 -41.97 12.89
CA GLU G 157 -111.80 -41.02 13.08
C GLU G 157 -111.36 -39.87 13.98
N THR G 158 -112.07 -38.75 13.86
CA THR G 158 -111.79 -37.58 14.67
C THR G 158 -112.77 -37.48 15.83
N ASN G 159 -112.39 -36.67 16.81
CA ASN G 159 -113.25 -36.41 17.96
C ASN G 159 -114.44 -35.56 17.56
N GLU G 160 -115.49 -35.61 18.37
CA GLU G 160 -116.72 -34.90 18.05
C GLU G 160 -116.53 -33.40 18.06
N SER G 161 -115.46 -32.89 18.68
CA SER G 161 -115.16 -31.47 18.66
C SER G 161 -114.36 -31.04 17.44
N GLY G 162 -113.85 -31.99 16.66
CA GLY G 162 -113.06 -31.66 15.49
C GLY G 162 -111.56 -31.78 15.73
N VAL G 163 -111.14 -32.88 16.36
CA VAL G 163 -109.73 -33.14 16.64
C VAL G 163 -109.45 -34.60 16.34
N SER G 164 -108.30 -34.87 15.74
CA SER G 164 -107.96 -36.24 15.37
C SER G 164 -107.51 -37.03 16.59
N GLN G 165 -107.78 -38.34 16.54
CA GLN G 165 -107.43 -39.28 17.60
C GLN G 165 -106.14 -40.04 17.28
N TYR G 166 -105.17 -39.37 16.66
CA TYR G 166 -104.00 -40.06 16.11
C TYR G 166 -103.38 -41.00 17.13
N LYS G 167 -103.19 -40.52 18.36
CA LYS G 167 -102.49 -41.27 19.39
C LYS G 167 -103.41 -41.76 20.50
N LYS G 168 -104.73 -41.73 20.28
CA LYS G 168 -105.69 -41.93 21.37
C LYS G 168 -106.84 -42.85 20.96
N ARG G 169 -106.53 -43.96 20.29
CA ARG G 169 -107.54 -44.94 19.97
C ARG G 169 -107.66 -45.97 21.10
N THR G 170 -108.76 -46.72 21.08
CA THR G 170 -109.06 -47.69 22.13
C THR G 170 -109.77 -48.90 21.52
N ALA G 171 -109.73 -50.00 22.26
CA ALA G 171 -110.33 -51.24 21.77
C ALA G 171 -111.85 -51.15 21.78
N LYS G 172 -112.48 -52.08 21.05
CA LYS G 172 -113.93 -52.10 20.92
C LYS G 172 -114.39 -53.53 20.64
N ALA G 173 -115.69 -53.74 20.76
CA ALA G 173 -116.26 -55.05 20.45
C ALA G 173 -116.16 -55.34 18.96
N GLY G 174 -115.79 -56.58 18.63
CA GLY G 174 -115.58 -56.97 17.26
C GLY G 174 -116.85 -57.49 16.61
N THR G 175 -116.67 -58.06 15.42
CA THR G 175 -117.77 -58.63 14.66
C THR G 175 -117.58 -60.09 14.30
N ILE G 176 -116.34 -60.56 14.13
CA ILE G 176 -116.11 -61.99 13.93
C ILE G 176 -116.26 -62.71 15.26
N GLY G 177 -116.88 -63.89 15.21
CA GLY G 177 -117.13 -64.63 16.43
C GLY G 177 -117.99 -63.89 17.43
N THR G 178 -119.03 -63.20 16.97
CA THR G 178 -119.94 -62.51 17.86
C THR G 178 -120.76 -63.45 18.73
N GLU G 179 -120.78 -64.75 18.40
CA GLU G 179 -121.40 -65.72 19.30
C GLU G 179 -120.77 -65.65 20.68
N ALA G 180 -119.49 -65.30 20.77
CA ALA G 180 -118.81 -65.03 22.03
C ALA G 180 -118.48 -63.55 22.06
N THR G 181 -118.95 -62.86 23.10
CA THR G 181 -118.72 -61.42 23.20
C THR G 181 -117.24 -61.04 23.14
N PRO G 182 -116.30 -61.77 23.77
CA PRO G 182 -114.91 -61.29 23.85
C PRO G 182 -114.26 -60.99 22.50
N SER G 183 -114.91 -61.28 21.38
CA SER G 183 -114.40 -60.84 20.09
C SER G 183 -114.20 -59.33 20.12
N THR G 184 -112.98 -58.88 19.85
CA THR G 184 -112.67 -57.47 20.05
C THR G 184 -111.77 -56.93 18.94
N ILE G 185 -111.98 -55.66 18.61
CA ILE G 185 -111.06 -54.93 17.74
C ILE G 185 -110.00 -54.27 18.61
N THR G 186 -108.72 -54.53 18.31
CA THR G 186 -107.65 -53.89 19.04
C THR G 186 -106.67 -53.25 18.07
N PRO G 187 -106.24 -52.01 18.32
CA PRO G 187 -105.36 -51.32 17.38
C PRO G 187 -103.90 -51.74 17.51
N LEU G 188 -103.17 -51.63 16.41
CA LEU G 188 -101.78 -52.03 16.34
C LEU G 188 -100.83 -50.92 15.91
N ALA G 189 -101.27 -50.03 15.01
CA ALA G 189 -100.40 -48.96 14.54
C ALA G 189 -101.23 -47.87 13.89
N ASP G 190 -100.62 -46.69 13.76
CA ASP G 190 -101.21 -45.56 13.06
C ASP G 190 -100.20 -44.96 12.09
N PHE G 191 -100.69 -44.44 10.97
CA PHE G 191 -99.88 -43.79 9.97
C PHE G 191 -100.56 -42.49 9.54
N ARG G 192 -99.76 -41.49 9.24
CA ARG G 192 -100.28 -40.15 8.94
C ARG G 192 -99.42 -39.50 7.87
N CYS G 193 -100.04 -38.67 7.04
CA CYS G 193 -99.33 -37.95 6.00
C CYS G 193 -98.59 -36.76 6.59
N ARG G 194 -97.46 -36.42 5.97
CA ARG G 194 -96.62 -35.33 6.47
C ARG G 194 -97.12 -33.95 6.06
N PHE G 195 -97.81 -33.84 4.93
CA PHE G 195 -98.24 -32.55 4.41
C PHE G 195 -99.75 -32.51 4.29
N LYS G 196 -100.27 -31.36 3.86
CA LYS G 196 -101.69 -31.18 3.61
C LYS G 196 -101.88 -31.01 2.11
N SER G 197 -102.31 -32.08 1.43
CA SER G 197 -102.46 -32.06 -0.02
C SER G 197 -103.05 -33.38 -0.47
N SER G 198 -103.28 -33.49 -1.77
CA SER G 198 -103.72 -34.75 -2.36
C SER G 198 -102.63 -35.79 -2.37
N LEU G 199 -101.39 -35.39 -2.08
CA LEU G 199 -100.29 -36.35 -2.05
C LEU G 199 -100.53 -37.43 -1.00
N GLY G 200 -101.08 -37.05 0.15
CA GLY G 200 -101.39 -38.04 1.17
C GLY G 200 -102.43 -39.04 0.70
N ALA G 201 -103.52 -38.54 0.10
CA ALA G 201 -104.53 -39.44 -0.42
C ALA G 201 -104.00 -40.34 -1.52
N ASN G 202 -102.97 -39.91 -2.25
CA ASN G 202 -102.36 -40.76 -3.27
C ASN G 202 -101.20 -41.60 -2.77
N THR G 203 -100.77 -41.43 -1.51
CA THR G 203 -99.70 -42.25 -0.97
C THR G 203 -100.25 -43.60 -0.50
N ALA G 204 -99.43 -44.64 -0.63
CA ALA G 204 -99.82 -45.99 -0.26
C ALA G 204 -98.64 -46.72 0.38
N LEU G 205 -98.94 -47.76 1.16
CA LEU G 205 -97.92 -48.50 1.88
C LEU G 205 -98.22 -49.99 1.85
N ARG G 206 -97.16 -50.80 1.96
CA ARG G 206 -97.26 -52.25 1.98
C ARG G 206 -96.45 -52.81 3.13
N ILE G 207 -96.97 -53.88 3.76
CA ILE G 207 -96.29 -54.60 4.81
C ILE G 207 -96.48 -56.08 4.56
N TRP G 208 -95.41 -56.87 4.73
CA TRP G 208 -95.57 -58.32 4.64
C TRP G 208 -94.45 -59.02 5.38
N ALA G 209 -94.59 -60.35 5.52
CA ALA G 209 -93.66 -61.17 6.27
C ALA G 209 -93.08 -62.26 5.36
N PRO G 210 -91.86 -62.10 4.86
CA PRO G 210 -91.32 -63.09 3.92
C PRO G 210 -90.76 -64.31 4.62
N THR G 211 -90.74 -65.41 3.88
CA THR G 211 -90.17 -66.68 4.33
C THR G 211 -88.99 -67.04 3.42
N ILE G 212 -88.45 -68.25 3.64
CA ILE G 212 -87.24 -68.64 2.92
C ILE G 212 -87.47 -68.66 1.42
N ASN G 213 -88.71 -68.89 0.99
CA ASN G 213 -89.03 -69.03 -0.43
C ASN G 213 -89.60 -67.77 -1.06
N SER G 214 -89.69 -66.67 -0.32
CA SER G 214 -90.26 -65.45 -0.86
C SER G 214 -89.39 -64.92 -2.00
N ALA G 215 -89.91 -63.90 -2.68
CA ALA G 215 -89.12 -63.22 -3.70
C ALA G 215 -87.87 -62.57 -3.12
N GLN G 216 -87.98 -61.95 -1.95
CA GLN G 216 -86.84 -61.44 -1.19
C GLN G 216 -86.61 -62.42 -0.04
N ALA G 217 -85.84 -63.47 -0.31
CA ALA G 217 -85.68 -64.55 0.64
C ALA G 217 -85.14 -64.03 1.97
N ALA G 218 -85.79 -64.43 3.07
CA ALA G 218 -85.31 -64.06 4.39
C ALA G 218 -84.25 -65.04 4.87
N ASP G 219 -83.63 -64.71 6.00
CA ASP G 219 -82.57 -65.53 6.57
C ASP G 219 -82.87 -65.81 8.04
N ALA G 220 -82.80 -67.09 8.40
CA ALA G 220 -83.10 -67.49 9.77
C ALA G 220 -81.95 -67.17 10.72
N ASP G 221 -80.75 -66.99 10.20
CA ASP G 221 -79.60 -66.77 11.09
C ASP G 221 -79.70 -65.43 11.80
N LEU G 222 -80.07 -64.38 11.09
CA LEU G 222 -80.27 -63.08 11.75
C LEU G 222 -81.44 -63.14 12.72
N GLN G 223 -82.50 -63.86 12.35
CA GLN G 223 -83.59 -64.12 13.28
C GLN G 223 -83.07 -64.71 14.58
N ALA G 224 -82.24 -65.75 14.51
CA ALA G 224 -81.69 -66.34 15.72
C ALA G 224 -80.82 -65.34 16.47
N ARG G 225 -79.96 -64.61 15.75
CA ARG G 225 -79.00 -63.74 16.41
C ARG G 225 -79.71 -62.63 17.19
N ILE G 226 -80.70 -61.99 16.58
CA ILE G 226 -81.58 -61.06 17.29
C ILE G 226 -82.98 -61.61 17.17
N LYS G 227 -83.59 -61.93 18.31
CA LYS G 227 -84.78 -62.76 18.33
C LYS G 227 -85.97 -61.82 18.15
N SER G 228 -86.34 -61.62 16.89
CA SER G 228 -87.49 -60.78 16.54
C SER G 228 -87.74 -60.94 15.06
N PHE G 229 -89.01 -61.11 14.70
CA PHE G 229 -89.35 -61.36 13.32
C PHE G 229 -89.19 -60.09 12.49
N LEU G 230 -88.68 -60.26 11.28
CA LEU G 230 -88.38 -59.15 10.38
C LEU G 230 -89.44 -59.10 9.28
N TYR G 231 -90.12 -57.97 9.16
CA TYR G 231 -91.13 -57.74 8.14
C TYR G 231 -90.60 -56.74 7.11
N ARG G 232 -91.06 -56.91 5.87
CA ARG G 232 -90.74 -55.97 4.80
C ARG G 232 -91.78 -54.87 4.74
N PHE G 233 -91.29 -53.63 4.56
CA PHE G 233 -92.10 -52.42 4.53
C PHE G 233 -91.76 -51.66 3.25
N GLN G 234 -92.79 -51.12 2.59
CA GLN G 234 -92.60 -50.42 1.33
C GLN G 234 -93.56 -49.25 1.22
N ILE G 235 -93.13 -48.19 0.54
CA ILE G 235 -93.95 -47.01 0.28
C ILE G 235 -94.06 -46.81 -1.22
N LEU G 236 -95.27 -46.53 -1.69
CA LEU G 236 -95.54 -46.29 -3.10
C LEU G 236 -96.37 -45.03 -3.24
N THR G 237 -96.31 -44.41 -4.43
CA THR G 237 -97.07 -43.21 -4.69
C THR G 237 -97.48 -43.19 -6.16
N ARG G 238 -98.71 -42.75 -6.42
CA ARG G 238 -99.25 -42.69 -7.77
C ARG G 238 -99.44 -41.23 -8.18
N ALA G 239 -99.58 -41.02 -9.48
CA ALA G 239 -99.71 -39.67 -10.01
C ALA G 239 -101.11 -39.12 -9.75
N ASP G 240 -102.13 -39.78 -10.30
CA ASP G 240 -103.51 -39.39 -10.07
C ASP G 240 -104.32 -40.66 -9.83
N LYS G 241 -105.59 -40.48 -9.48
CA LYS G 241 -106.38 -41.63 -9.06
C LYS G 241 -106.43 -42.71 -10.14
N ALA G 242 -106.29 -42.34 -11.41
CA ALA G 242 -106.38 -43.30 -12.50
C ALA G 242 -105.04 -43.93 -12.86
N SER G 243 -103.93 -43.47 -12.28
CA SER G 243 -102.61 -43.96 -12.65
C SER G 243 -102.25 -45.17 -11.80
N SER G 244 -100.97 -45.58 -11.88
CA SER G 244 -100.47 -46.74 -11.15
C SER G 244 -99.30 -46.33 -10.27
N PRO G 245 -99.07 -47.05 -9.16
CA PRO G 245 -98.08 -46.59 -8.19
C PRO G 245 -96.65 -46.79 -8.67
N THR G 246 -95.75 -46.05 -8.03
CA THR G 246 -94.32 -46.15 -8.25
C THR G 246 -93.64 -46.18 -6.88
N ILE G 247 -92.60 -46.99 -6.75
CA ILE G 247 -91.96 -47.19 -5.46
C ILE G 247 -91.20 -45.94 -5.07
N PHE G 248 -91.26 -45.59 -3.79
CA PHE G 248 -90.52 -44.46 -3.22
C PHE G 248 -89.33 -45.05 -2.47
N GLU G 249 -88.14 -44.90 -3.03
CA GLU G 249 -86.97 -45.57 -2.49
C GLU G 249 -86.36 -44.83 -1.31
N THR G 250 -85.62 -45.55 -0.48
CA THR G 250 -84.88 -44.94 0.60
C THR G 250 -83.76 -44.09 0.04
N ILE G 251 -83.14 -43.29 0.92
CA ILE G 251 -82.07 -42.40 0.49
C ILE G 251 -80.81 -43.17 0.12
N TYR G 252 -80.79 -44.49 0.33
CA TYR G 252 -79.71 -45.35 -0.13
C TYR G 252 -80.04 -46.09 -1.41
N ASN G 253 -81.14 -45.74 -2.08
CA ASN G 253 -81.56 -46.38 -3.32
C ASN G 253 -81.95 -47.83 -3.09
N GLU G 254 -82.88 -48.04 -2.15
CA GLU G 254 -83.48 -49.33 -1.90
C GLU G 254 -84.99 -49.24 -2.04
N PRO G 255 -85.66 -50.31 -2.47
CA PRO G 255 -87.12 -50.24 -2.64
C PRO G 255 -87.91 -50.54 -1.37
N SER G 256 -87.32 -51.27 -0.42
CA SER G 256 -88.06 -51.71 0.76
C SER G 256 -87.11 -51.84 1.94
N LEU G 257 -87.69 -51.84 3.15
CA LEU G 257 -86.94 -51.96 4.40
C LEU G 257 -87.32 -53.22 5.15
N SER G 258 -86.42 -53.67 6.02
CA SER G 258 -86.72 -54.72 7.00
C SER G 258 -86.82 -54.09 8.38
N VAL G 259 -87.89 -54.37 9.10
CA VAL G 259 -88.14 -53.81 10.42
C VAL G 259 -88.60 -54.92 11.35
N GLY G 260 -88.50 -54.67 12.66
CA GLY G 260 -88.90 -55.66 13.64
C GLY G 260 -89.41 -55.03 14.91
N PHE G 261 -90.26 -55.77 15.61
CA PHE G 261 -90.81 -55.32 16.88
C PHE G 261 -89.83 -55.57 18.01
N GLY G 262 -89.77 -54.63 18.95
CA GLY G 262 -88.91 -54.79 20.11
C GLY G 262 -88.36 -53.48 20.62
N GLU G 263 -87.51 -53.54 21.64
CA GLU G 263 -87.02 -52.31 22.27
C GLU G 263 -85.86 -51.70 21.49
N ASN G 264 -84.74 -52.43 21.40
CA ASN G 264 -83.62 -51.98 20.57
C ASN G 264 -83.02 -53.22 19.93
N LEU G 265 -83.19 -53.34 18.61
CA LEU G 265 -82.73 -54.51 17.87
C LEU G 265 -81.38 -54.20 17.23
N VAL G 266 -80.34 -54.35 18.02
CA VAL G 266 -78.97 -54.10 17.55
C VAL G 266 -78.32 -55.42 17.20
N ASP G 267 -77.65 -55.46 16.04
CA ASP G 267 -76.96 -56.65 15.60
C ASP G 267 -75.49 -56.55 16.02
N PRO G 268 -75.02 -57.41 16.94
CA PRO G 268 -73.62 -57.31 17.37
C PRO G 268 -72.61 -57.48 16.24
N GLN G 269 -72.88 -58.35 15.28
CA GLN G 269 -71.92 -58.63 14.21
C GLN G 269 -71.73 -57.46 13.26
N THR G 270 -72.73 -56.59 13.12
CA THR G 270 -72.62 -55.47 12.19
C THR G 270 -73.14 -54.15 12.75
N GLU G 271 -73.64 -54.12 13.98
CA GLU G 271 -74.07 -52.90 14.66
C GLU G 271 -75.21 -52.19 13.94
N VAL G 272 -76.07 -52.93 13.25
CA VAL G 272 -77.23 -52.33 12.58
C VAL G 272 -78.45 -52.41 13.47
N VAL G 273 -79.35 -51.43 13.33
CA VAL G 273 -80.53 -51.30 14.19
C VAL G 273 -81.77 -51.60 13.34
N TYR G 274 -82.61 -52.51 13.82
CA TYR G 274 -83.82 -52.91 13.11
C TYR G 274 -85.10 -52.40 13.76
N ASP G 275 -85.03 -51.36 14.57
CA ASP G 275 -86.24 -50.84 15.22
C ASP G 275 -87.16 -50.20 14.18
N PHE G 276 -88.47 -50.40 14.38
CA PHE G 276 -89.44 -50.05 13.36
C PHE G 276 -89.43 -48.55 13.05
N VAL G 277 -89.86 -47.74 14.01
CA VAL G 277 -90.08 -46.33 13.76
C VAL G 277 -88.76 -45.63 13.48
N GLU G 278 -87.74 -45.91 14.30
CA GLU G 278 -86.46 -45.24 14.14
C GLU G 278 -85.84 -45.58 12.78
N ARG G 279 -85.83 -46.86 12.41
CA ARG G 279 -85.26 -47.23 11.12
C ARG G 279 -86.00 -46.57 9.98
N ILE G 280 -87.34 -46.59 10.02
CA ILE G 280 -88.10 -46.00 8.92
C ILE G 280 -87.76 -44.52 8.79
N ASP G 281 -87.83 -43.80 9.91
CA ASP G 281 -87.66 -42.36 9.86
C ASP G 281 -86.24 -41.98 9.48
N SER G 282 -85.25 -42.78 9.87
CA SER G 282 -83.87 -42.46 9.52
C SER G 282 -83.56 -42.80 8.07
N ARG G 283 -84.12 -43.90 7.55
CA ARG G 283 -83.75 -44.35 6.22
C ARG G 283 -84.52 -43.64 5.12
N TYR G 284 -85.71 -43.09 5.42
CA TYR G 284 -86.52 -42.53 4.35
C TYR G 284 -86.43 -41.01 4.24
N ASN G 285 -85.80 -40.31 5.17
CA ASN G 285 -85.77 -38.86 5.18
C ASN G 285 -84.35 -38.34 5.15
N ASP G 286 -84.21 -37.08 4.75
CA ASP G 286 -82.90 -36.45 4.63
C ASP G 286 -83.09 -34.94 4.74
N GLU G 287 -82.72 -34.37 5.89
CA GLU G 287 -82.92 -32.96 6.17
C GLU G 287 -81.72 -32.09 5.82
N ASP G 288 -80.66 -32.67 5.29
CA ASP G 288 -79.47 -31.88 4.99
C ASP G 288 -79.79 -30.87 3.90
N PRO G 289 -79.63 -29.56 4.15
CA PRO G 289 -80.07 -28.58 3.15
C PRO G 289 -79.49 -28.70 1.76
N SER G 290 -78.31 -29.31 1.59
CA SER G 290 -77.77 -29.54 0.27
C SER G 290 -78.44 -30.71 -0.44
N THR G 291 -78.78 -31.78 0.29
CA THR G 291 -79.42 -32.97 -0.27
C THR G 291 -80.70 -33.17 0.53
N TYR G 292 -81.75 -32.46 0.13
CA TYR G 292 -82.97 -32.33 0.93
C TYR G 292 -84.06 -33.18 0.29
N LEU G 293 -84.68 -34.06 1.09
CA LEU G 293 -85.78 -34.86 0.59
C LEU G 293 -86.52 -35.47 1.77
N MET G 294 -87.81 -35.17 1.88
CA MET G 294 -88.64 -35.61 3.00
C MET G 294 -89.72 -36.56 2.51
N SER G 295 -89.88 -37.68 3.19
CA SER G 295 -90.85 -38.68 2.77
C SER G 295 -92.27 -38.15 2.96
N PRO G 296 -93.21 -38.55 2.11
CA PRO G 296 -94.61 -38.14 2.35
C PRO G 296 -95.16 -38.65 3.67
N LEU G 297 -94.77 -39.85 4.08
CA LEU G 297 -95.24 -40.41 5.34
C LEU G 297 -94.58 -39.70 6.51
N ASP G 298 -95.35 -39.51 7.59
CA ASP G 298 -94.82 -38.90 8.80
C ASP G 298 -94.16 -39.95 9.67
N THR G 299 -93.83 -39.56 10.90
CA THR G 299 -93.22 -40.50 11.84
C THR G 299 -94.28 -41.48 12.33
N PRO G 300 -94.12 -42.78 12.09
CA PRO G 300 -95.15 -43.72 12.54
C PRO G 300 -95.29 -43.77 14.05
N TYR G 301 -96.48 -44.12 14.52
CA TYR G 301 -96.76 -44.40 15.92
C TYR G 301 -97.12 -45.88 16.06
N LEU G 302 -96.83 -46.44 17.23
CA LEU G 302 -97.05 -47.86 17.45
C LEU G 302 -97.71 -48.06 18.81
N TYR G 303 -98.69 -48.96 18.87
CA TYR G 303 -99.39 -49.30 20.12
C TYR G 303 -98.66 -50.46 20.78
N GLN G 304 -97.61 -50.11 21.52
CA GLN G 304 -96.72 -51.13 22.08
C GLN G 304 -97.47 -52.01 23.07
N ALA G 305 -98.31 -51.42 23.92
CA ALA G 305 -99.03 -52.20 24.92
C ALA G 305 -99.88 -53.28 24.27
N ASN G 306 -100.69 -52.89 23.29
CA ASN G 306 -101.62 -53.83 22.67
C ASN G 306 -100.88 -54.88 21.85
N ILE G 307 -99.87 -54.46 21.08
CA ILE G 307 -99.11 -55.44 20.30
C ILE G 307 -98.43 -56.44 21.23
N ASP G 308 -97.85 -55.95 22.32
CA ASP G 308 -97.22 -56.83 23.29
C ASP G 308 -98.23 -57.78 23.92
N SER G 309 -99.43 -57.28 24.22
CA SER G 309 -100.45 -58.13 24.83
C SER G 309 -100.85 -59.25 23.89
N VAL G 310 -101.07 -58.93 22.61
CA VAL G 310 -101.47 -59.98 21.66
C VAL G 310 -100.35 -60.99 21.48
N LEU G 311 -99.11 -60.51 21.38
CA LEU G 311 -97.98 -61.42 21.24
C LEU G 311 -97.87 -62.33 22.45
N THR G 312 -98.05 -61.78 23.65
CA THR G 312 -97.98 -62.57 24.87
C THR G 312 -99.08 -63.62 24.89
N ALA G 313 -100.28 -63.23 24.47
CA ALA G 313 -101.40 -64.17 24.46
C ALA G 313 -101.12 -65.34 23.54
N ILE G 314 -100.70 -65.05 22.30
CA ILE G 314 -100.46 -66.13 21.36
C ILE G 314 -99.28 -67.00 21.82
N GLN G 315 -98.26 -66.39 22.43
CA GLN G 315 -97.14 -67.17 22.94
C GLN G 315 -97.60 -68.11 24.04
N GLU G 316 -98.28 -67.58 25.05
CA GLU G 316 -98.78 -68.43 26.13
C GLU G 316 -99.64 -69.55 25.57
N LEU G 317 -100.44 -69.26 24.55
CA LEU G 317 -101.31 -70.27 23.99
C LEU G 317 -100.50 -71.39 23.34
N GLU G 318 -99.74 -71.06 22.30
CA GLU G 318 -99.15 -72.08 21.43
C GLU G 318 -97.63 -72.13 21.45
N ALA G 319 -96.96 -71.21 22.16
CA ALA G 319 -95.51 -71.35 22.28
C ALA G 319 -95.14 -72.65 22.97
N PRO G 320 -95.75 -73.04 24.10
CA PRO G 320 -95.53 -74.39 24.62
C PRO G 320 -96.33 -75.42 23.83
N PHE G 321 -95.93 -75.67 22.59
CA PHE G 321 -96.64 -76.60 21.72
C PHE G 321 -95.62 -77.30 20.82
N ASP G 322 -96.14 -78.06 19.85
CA ASP G 322 -95.31 -79.00 19.11
C ASP G 322 -94.29 -78.31 18.21
N THR G 323 -94.70 -77.32 17.41
CA THR G 323 -93.82 -76.80 16.37
C THR G 323 -93.57 -75.30 16.50
N VAL G 324 -93.53 -74.77 17.72
CA VAL G 324 -93.16 -73.38 17.96
C VAL G 324 -92.39 -73.32 19.27
N SER G 325 -91.33 -72.50 19.27
CA SER G 325 -90.49 -72.40 20.45
C SER G 325 -91.30 -71.88 21.63
N ALA G 326 -91.06 -72.48 22.80
CA ALA G 326 -91.80 -72.12 24.01
C ALA G 326 -91.07 -71.11 24.88
N ASP G 327 -89.80 -70.83 24.60
CA ASP G 327 -89.00 -70.00 25.49
C ASP G 327 -89.66 -68.63 25.67
N GLU G 328 -89.17 -67.91 26.69
CA GLU G 328 -89.78 -66.63 27.05
C GLU G 328 -89.62 -65.61 25.94
N ASP G 329 -88.44 -65.54 25.32
CA ASP G 329 -88.11 -64.49 24.36
C ASP G 329 -88.77 -64.67 23.01
N ASP G 330 -89.47 -65.79 22.81
CA ASP G 330 -90.13 -66.05 21.53
C ASP G 330 -91.26 -65.07 21.26
N LEU G 331 -91.65 -64.27 22.26
CA LEU G 331 -92.77 -63.35 22.12
C LEU G 331 -92.61 -62.49 20.87
N TYR G 332 -91.44 -61.85 20.71
CA TYR G 332 -91.21 -60.98 19.58
C TYR G 332 -90.83 -61.75 18.32
N GLN G 333 -90.44 -63.01 18.44
CA GLN G 333 -90.31 -63.84 17.25
C GLN G 333 -91.66 -64.13 16.62
N ILE G 334 -92.70 -64.30 17.44
CA ILE G 334 -94.00 -64.74 16.92
C ILE G 334 -94.36 -63.96 15.67
N ASN G 335 -94.63 -64.68 14.58
CA ASN G 335 -95.03 -64.06 13.31
C ASN G 335 -96.50 -63.69 13.40
N LEU G 336 -96.79 -62.39 13.43
CA LEU G 336 -98.15 -61.95 13.67
C LEU G 336 -98.94 -61.83 12.38
N PHE G 337 -98.43 -61.08 11.41
CA PHE G 337 -99.16 -60.83 10.18
C PHE G 337 -99.30 -62.09 9.33
N GLY G 338 -98.28 -62.94 9.32
CA GLY G 338 -98.35 -64.23 8.66
C GLY G 338 -98.89 -65.30 9.59
N ALA G 339 -98.70 -66.55 9.17
CA ALA G 339 -99.14 -67.70 9.96
C ALA G 339 -98.08 -68.79 9.94
N GLN G 340 -96.81 -68.40 9.84
CA GLN G 340 -95.73 -69.36 9.80
C GLN G 340 -94.45 -68.70 10.27
N THR G 341 -93.49 -69.53 10.68
CA THR G 341 -92.19 -69.03 11.07
C THR G 341 -91.31 -68.83 9.84
N VAL G 342 -90.10 -68.36 10.07
CA VAL G 342 -89.21 -68.00 8.96
C VAL G 342 -88.99 -69.18 8.04
N GLU G 343 -88.81 -70.38 8.59
CA GLU G 343 -88.60 -71.56 7.75
C GLU G 343 -89.83 -71.90 6.92
N GLY G 344 -91.00 -71.39 7.27
CA GLY G 344 -92.18 -71.60 6.44
C GLY G 344 -93.06 -72.76 6.84
N VAL G 345 -93.07 -73.14 8.11
CA VAL G 345 -93.94 -74.19 8.62
C VAL G 345 -95.21 -73.52 9.17
N PRO G 346 -96.39 -73.83 8.63
CA PRO G 346 -97.60 -73.10 9.05
C PRO G 346 -97.91 -73.30 10.52
N TYR G 347 -98.40 -72.23 11.14
CA TYR G 347 -98.92 -72.29 12.51
C TYR G 347 -100.31 -72.92 12.46
N HIS G 348 -100.45 -74.10 13.05
CA HIS G 348 -101.78 -74.61 13.32
C HIS G 348 -102.27 -74.07 14.67
N ALA G 349 -103.59 -74.03 14.83
CA ALA G 349 -104.28 -73.40 15.95
C ALA G 349 -104.42 -71.89 15.79
N VAL G 350 -104.08 -71.35 14.63
CA VAL G 350 -104.31 -69.94 14.32
C VAL G 350 -104.92 -69.84 12.94
N GLN G 351 -106.03 -69.11 12.83
CA GLN G 351 -106.72 -68.94 11.57
C GLN G 351 -106.85 -67.45 11.26
N ILE G 352 -106.38 -67.06 10.09
CA ILE G 352 -106.48 -65.68 9.61
C ILE G 352 -107.56 -65.65 8.54
N LEU G 353 -108.61 -64.87 8.77
CA LEU G 353 -109.74 -64.85 7.85
C LEU G 353 -109.39 -64.12 6.57
N GLY G 354 -109.75 -64.71 5.43
CA GLY G 354 -109.40 -64.17 4.14
C GLY G 354 -110.30 -63.04 3.70
N VAL G 355 -110.19 -62.70 2.41
CA VAL G 355 -110.93 -61.57 1.86
C VAL G 355 -112.43 -61.85 1.91
N LEU G 356 -112.84 -63.03 1.41
CA LEU G 356 -114.26 -63.37 1.41
C LEU G 356 -114.83 -63.41 2.82
N ASP G 357 -113.97 -63.65 3.81
CA ASP G 357 -114.38 -63.64 5.21
C ASP G 357 -114.29 -62.26 5.85
N GLY G 358 -113.90 -61.25 5.08
CA GLY G 358 -113.89 -59.88 5.58
C GLY G 358 -112.56 -59.39 6.11
N GLY G 359 -111.48 -60.11 5.86
CA GLY G 359 -110.16 -59.71 6.31
C GLY G 359 -109.41 -58.90 5.28
N VAL G 360 -108.16 -58.60 5.60
CA VAL G 360 -107.24 -57.91 4.72
C VAL G 360 -105.99 -58.77 4.59
N THR G 361 -105.58 -59.03 3.34
CA THR G 361 -104.41 -59.86 3.06
C THR G 361 -103.18 -58.97 2.99
N LEU G 362 -102.24 -59.19 3.90
CA LEU G 362 -100.98 -58.45 3.92
C LEU G 362 -99.94 -59.26 3.18
N THR G 363 -99.80 -58.99 1.88
CA THR G 363 -98.81 -59.63 1.04
C THR G 363 -98.06 -58.56 0.25
N GLU G 364 -97.08 -59.01 -0.53
CA GLU G 364 -96.24 -58.09 -1.29
C GLU G 364 -96.99 -57.41 -2.43
N THR G 365 -98.19 -57.88 -2.77
CA THR G 365 -98.95 -57.31 -3.88
C THR G 365 -100.15 -56.48 -3.44
N ALA G 366 -100.57 -56.61 -2.19
CA ALA G 366 -101.67 -55.79 -1.68
C ALA G 366 -101.19 -54.37 -1.41
N THR G 367 -102.00 -53.39 -1.82
CA THR G 367 -101.68 -51.99 -1.66
C THR G 367 -102.74 -51.32 -0.81
N ASN G 368 -102.34 -50.33 -0.01
CA ASN G 368 -103.23 -49.66 0.93
C ASN G 368 -102.98 -48.16 0.85
N TYR G 369 -104.05 -47.39 0.65
CA TYR G 369 -103.95 -45.96 0.45
C TYR G 369 -104.51 -45.21 1.65
N LEU G 370 -103.82 -44.14 2.04
CA LEU G 370 -104.29 -43.31 3.13
C LEU G 370 -105.59 -42.62 2.71
N GLN G 371 -106.46 -42.41 3.69
CA GLN G 371 -107.81 -41.88 3.46
C GLN G 371 -107.89 -40.45 3.99
N GLY G 372 -108.48 -39.56 3.21
CA GLY G 372 -108.70 -38.20 3.63
C GLY G 372 -107.86 -37.20 2.88
N GLY G 373 -107.63 -36.03 3.48
CA GLY G 373 -106.79 -35.03 2.87
C GLY G 373 -107.50 -34.25 1.79
N GLY G 374 -106.74 -33.38 1.14
CA GLY G 374 -107.25 -32.53 0.08
C GLY G 374 -106.49 -31.22 0.03
N ASP G 375 -106.59 -30.54 -1.11
CA ASP G 375 -105.84 -29.32 -1.34
C ASP G 375 -106.60 -28.06 -0.96
N GLY G 376 -107.93 -28.08 -1.04
CA GLY G 376 -108.72 -26.88 -0.89
C GLY G 376 -109.15 -26.35 -2.23
N THR G 377 -109.69 -25.14 -2.20
CA THR G 377 -110.18 -24.48 -3.41
C THR G 377 -109.05 -23.66 -4.02
N LEU G 378 -108.66 -24.01 -5.24
CA LEU G 378 -107.52 -23.41 -5.91
C LEU G 378 -108.01 -22.55 -7.07
N GLY G 379 -107.12 -21.67 -7.53
CA GLY G 379 -107.41 -20.75 -8.60
C GLY G 379 -106.99 -19.34 -8.26
N ASN G 380 -107.18 -18.45 -9.23
CA ASN G 380 -106.72 -17.07 -9.06
C ASN G 380 -107.51 -16.34 -7.98
N ASP G 381 -108.80 -16.62 -7.86
CA ASP G 381 -109.60 -15.91 -6.85
C ASP G 381 -109.12 -16.25 -5.45
N SER G 382 -109.00 -17.53 -5.14
CA SER G 382 -108.50 -17.93 -3.83
C SER G 382 -107.06 -17.50 -3.62
N PHE G 383 -106.24 -17.52 -4.68
CA PHE G 383 -104.87 -17.06 -4.55
C PHE G 383 -104.83 -15.58 -4.18
N ASN G 384 -105.66 -14.76 -4.82
CA ASN G 384 -105.71 -13.34 -4.49
C ASN G 384 -106.20 -13.15 -3.07
N ALA G 385 -107.18 -13.94 -2.64
CA ALA G 385 -107.67 -13.82 -1.27
C ALA G 385 -106.55 -14.12 -0.27
N ALA G 386 -105.77 -15.18 -0.51
CA ALA G 386 -104.68 -15.53 0.40
C ALA G 386 -103.60 -14.45 0.39
N ALA G 387 -103.25 -13.96 -0.79
CA ALA G 387 -102.23 -12.91 -0.87
C ALA G 387 -102.67 -11.66 -0.12
N TYR G 388 -103.94 -11.28 -0.27
CA TYR G 388 -104.44 -10.14 0.48
C TYR G 388 -104.40 -10.41 1.97
N ALA G 389 -104.78 -11.62 2.39
CA ALA G 389 -104.76 -11.93 3.81
C ALA G 389 -103.37 -11.77 4.39
N VAL G 390 -102.34 -12.20 3.65
CA VAL G 390 -100.97 -12.06 4.12
C VAL G 390 -100.52 -10.60 4.11
N LEU G 391 -100.82 -9.86 3.05
CA LEU G 391 -100.25 -8.51 2.89
C LEU G 391 -100.94 -7.48 3.77
N SER G 392 -102.24 -7.61 3.99
CA SER G 392 -102.94 -6.61 4.80
C SER G 392 -102.45 -6.61 6.24
N ASN G 393 -102.19 -7.79 6.79
CA ASN G 393 -101.76 -7.93 8.18
C ASN G 393 -100.26 -8.18 8.20
N LEU G 394 -99.49 -7.10 8.12
CA LEU G 394 -98.04 -7.20 8.14
C LEU G 394 -97.45 -6.87 9.49
N SER G 395 -98.01 -5.91 10.20
CA SER G 395 -97.44 -5.43 11.46
C SER G 395 -97.97 -6.17 12.68
N ASN G 396 -98.90 -7.11 12.51
CA ASN G 396 -99.42 -7.87 13.63
C ASN G 396 -99.64 -9.34 13.26
N ASN G 397 -98.95 -9.83 12.24
CA ASN G 397 -99.08 -11.23 11.85
C ASN G 397 -98.36 -12.12 12.87
N ALA G 398 -98.99 -13.25 13.18
CA ALA G 398 -98.43 -14.21 14.12
C ALA G 398 -97.63 -15.31 13.43
N ALA G 399 -97.55 -15.31 12.11
CA ALA G 399 -96.83 -16.35 11.36
C ALA G 399 -95.39 -15.95 11.08
N PHE G 400 -95.16 -14.68 10.73
CA PHE G 400 -93.82 -14.21 10.43
C PHE G 400 -93.84 -12.69 10.31
N ASN G 401 -92.78 -12.06 10.81
CA ASN G 401 -92.62 -10.60 10.77
C ASN G 401 -91.58 -10.28 9.72
N ILE G 402 -91.98 -9.57 8.66
CA ILE G 402 -91.11 -9.35 7.51
C ILE G 402 -90.37 -8.02 7.60
N THR G 403 -90.39 -7.36 8.75
CA THR G 403 -89.49 -6.23 8.98
C THR G 403 -88.15 -6.69 9.55
N ASN G 404 -87.87 -8.00 9.46
CA ASN G 404 -86.63 -8.58 9.96
C ASN G 404 -85.63 -8.61 8.81
N TYR G 405 -84.69 -7.66 8.82
CA TYR G 405 -83.73 -7.58 7.72
C TYR G 405 -82.85 -8.81 7.62
N ALA G 406 -82.37 -9.32 8.75
CA ALA G 406 -81.40 -10.40 8.72
C ALA G 406 -82.02 -11.73 8.35
N ARG G 407 -83.27 -11.98 8.75
CA ARG G 407 -83.91 -13.26 8.52
C ARG G 407 -84.65 -13.34 7.20
N TYR G 408 -84.92 -12.22 6.55
CA TYR G 408 -85.66 -12.18 5.29
C TYR G 408 -84.94 -11.27 4.31
N PRO G 409 -83.93 -11.78 3.61
CA PRO G 409 -83.12 -10.95 2.73
C PRO G 409 -83.79 -10.56 1.41
N PHE G 410 -85.08 -10.80 1.23
CA PHE G 410 -85.73 -10.37 0.01
C PHE G 410 -85.69 -8.86 -0.11
N ASN G 411 -85.50 -8.36 -1.33
CA ASN G 411 -85.44 -6.93 -1.58
C ASN G 411 -86.30 -6.46 -2.73
N ALA G 412 -86.98 -7.34 -3.46
CA ALA G 412 -87.78 -6.95 -4.60
C ALA G 412 -89.14 -7.63 -4.53
N PHE G 413 -90.15 -6.97 -5.11
CA PHE G 413 -91.49 -7.54 -5.22
C PHE G 413 -92.11 -7.09 -6.52
N TRP G 414 -92.50 -8.06 -7.36
CA TRP G 414 -93.12 -7.79 -8.66
C TRP G 414 -94.60 -8.11 -8.57
N ASP G 415 -95.42 -7.23 -9.13
CA ASP G 415 -96.85 -7.46 -9.22
C ASP G 415 -97.16 -8.28 -10.47
N SER G 416 -97.63 -9.51 -10.27
CA SER G 416 -97.86 -10.43 -11.37
C SER G 416 -99.30 -10.42 -11.87
N GLY G 417 -100.12 -9.47 -11.43
CA GLY G 417 -101.48 -9.38 -11.89
C GLY G 417 -102.51 -9.50 -10.78
N PHE G 418 -102.14 -9.12 -9.57
CA PHE G 418 -103.10 -9.13 -8.48
C PHE G 418 -104.23 -8.16 -8.75
N ASP G 419 -105.40 -8.48 -8.21
CA ASP G 419 -106.56 -7.61 -8.37
C ASP G 419 -106.27 -6.23 -7.78
N LEU G 420 -107.13 -5.27 -8.14
CA LEU G 420 -106.88 -3.89 -7.73
C LEU G 420 -106.90 -3.73 -6.22
N LYS G 421 -107.71 -4.50 -5.50
CA LYS G 421 -107.74 -4.39 -4.05
C LYS G 421 -106.41 -4.82 -3.44
N THR G 422 -105.81 -5.89 -3.96
CA THR G 422 -104.53 -6.33 -3.43
C THR G 422 -103.38 -5.47 -3.92
N LYS G 423 -103.52 -4.84 -5.09
CA LYS G 423 -102.46 -3.99 -5.59
C LYS G 423 -102.12 -2.88 -4.61
N GLN G 424 -103.10 -2.40 -3.86
CA GLN G 424 -102.92 -1.23 -3.02
C GLN G 424 -102.29 -1.55 -1.67
N THR G 425 -102.14 -2.82 -1.33
CA THR G 425 -101.43 -3.21 -0.12
C THR G 425 -99.94 -3.43 -0.34
N ILE G 426 -99.46 -3.37 -1.58
CA ILE G 426 -98.07 -3.61 -1.89
C ILE G 426 -97.20 -2.38 -1.63
N PRO G 427 -97.66 -1.17 -1.94
CA PRO G 427 -96.77 0.00 -1.77
C PRO G 427 -96.20 0.16 -0.38
N GLN G 428 -96.88 -0.32 0.66
CA GLN G 428 -96.41 -0.12 2.02
C GLN G 428 -95.13 -0.89 2.32
N LEU G 429 -94.70 -1.79 1.45
CA LEU G 429 -93.43 -2.47 1.65
C LEU G 429 -92.28 -1.47 1.65
N ILE G 430 -92.30 -0.52 0.72
CA ILE G 430 -91.27 0.52 0.68
C ILE G 430 -91.49 1.60 1.73
N GLY G 431 -92.50 1.45 2.59
CA GLY G 431 -92.64 2.32 3.73
C GLY G 431 -92.17 1.62 4.99
N LEU G 432 -92.33 0.29 5.03
CA LEU G 432 -91.90 -0.48 6.18
C LEU G 432 -90.43 -0.86 6.13
N ARG G 433 -89.82 -0.95 4.93
CA ARG G 433 -88.42 -1.32 4.82
C ARG G 433 -87.70 -0.33 3.93
N ALA G 434 -86.43 -0.06 4.26
CA ALA G 434 -85.62 0.93 3.55
C ALA G 434 -84.69 0.30 2.53
N ASP G 435 -84.80 -0.99 2.27
CA ASP G 435 -84.02 -1.67 1.24
C ASP G 435 -84.93 -2.56 0.40
N THR G 436 -86.06 -2.02 -0.03
CA THR G 436 -87.06 -2.77 -0.79
C THR G 436 -87.40 -2.02 -2.06
N TRP G 437 -87.83 -2.78 -3.07
CA TRP G 437 -88.11 -2.25 -4.39
C TRP G 437 -89.35 -2.95 -4.93
N ILE G 438 -90.22 -2.20 -5.61
CA ILE G 438 -91.51 -2.73 -6.06
C ILE G 438 -91.73 -2.40 -7.52
N ALA G 439 -92.23 -3.38 -8.27
CA ALA G 439 -92.74 -3.19 -9.62
C ALA G 439 -94.24 -3.42 -9.60
N LEU G 440 -94.99 -2.47 -10.17
CA LEU G 440 -96.45 -2.51 -10.16
C LEU G 440 -96.97 -2.71 -11.58
N SER G 441 -98.15 -3.31 -11.67
CA SER G 441 -98.82 -3.57 -12.94
C SER G 441 -100.21 -2.98 -12.91
N THR G 442 -100.66 -2.41 -14.03
CA THR G 442 -101.99 -1.82 -14.13
C THR G 442 -103.01 -2.78 -14.72
N GLN G 443 -102.69 -4.06 -14.85
CA GLN G 443 -103.60 -5.04 -15.41
C GLN G 443 -103.95 -6.08 -14.35
N ASP G 444 -105.25 -6.37 -14.23
CA ASP G 444 -105.74 -7.48 -13.43
C ASP G 444 -105.94 -8.66 -14.37
N ILE G 445 -105.09 -9.67 -14.24
CA ILE G 445 -105.06 -10.75 -15.22
C ILE G 445 -106.38 -11.50 -15.30
N SER G 446 -107.14 -11.54 -14.20
CA SER G 446 -108.42 -12.26 -14.21
C SER G 446 -109.50 -11.52 -14.99
N SER G 447 -109.27 -10.28 -15.40
CA SER G 447 -110.24 -9.48 -16.12
C SER G 447 -109.79 -9.26 -17.55
N ASP G 448 -110.63 -8.58 -18.32
CA ASP G 448 -110.33 -8.28 -19.72
C ASP G 448 -109.26 -7.21 -19.83
N PHE G 449 -108.53 -7.21 -20.93
CA PHE G 449 -107.48 -6.24 -21.13
C PHE G 449 -108.05 -4.83 -21.04
N ASN G 450 -107.38 -3.97 -20.28
CA ASN G 450 -107.88 -2.63 -20.02
C ASN G 450 -107.76 -1.75 -21.25
N SER G 451 -108.65 -0.77 -21.34
CA SER G 451 -108.59 0.24 -22.39
C SER G 451 -107.69 1.39 -21.95
N ASN G 452 -107.60 2.41 -22.81
CA ASN G 452 -106.75 3.55 -22.50
C ASN G 452 -107.23 4.28 -21.25
N GLU G 453 -108.55 4.52 -21.15
CA GLU G 453 -109.08 5.24 -20.01
C GLU G 453 -108.95 4.44 -18.72
N GLU G 454 -109.21 3.13 -18.77
CA GLU G 454 -109.01 2.30 -17.59
C GLU G 454 -107.55 2.27 -17.16
N GLU G 455 -106.63 2.15 -18.14
CA GLU G 455 -105.22 2.20 -17.82
C GLU G 455 -104.87 3.50 -17.11
N GLU G 456 -105.33 4.63 -17.65
CA GLU G 456 -105.01 5.91 -17.06
C GLU G 456 -105.58 6.03 -15.64
N SER G 457 -106.81 5.56 -15.45
CA SER G 457 -107.43 5.66 -14.13
C SER G 457 -106.69 4.81 -13.10
N ILE G 458 -106.36 3.57 -13.46
CA ILE G 458 -105.65 2.71 -12.53
C ILE G 458 -104.27 3.26 -12.24
N ALA G 459 -103.61 3.84 -13.25
CA ALA G 459 -102.31 4.46 -13.03
C ALA G 459 -102.41 5.60 -12.03
N LEU G 460 -103.43 6.45 -12.17
CA LEU G 460 -103.61 7.55 -11.23
C LEU G 460 -103.86 7.03 -9.83
N SER G 461 -104.67 5.97 -9.70
CA SER G 461 -104.94 5.41 -8.39
C SER G 461 -103.68 4.87 -7.74
N LEU G 462 -102.86 4.15 -8.52
CA LEU G 462 -101.61 3.62 -7.98
C LEU G 462 -100.66 4.75 -7.59
N MET G 463 -100.58 5.80 -8.40
CA MET G 463 -99.74 6.93 -8.05
C MET G 463 -100.20 7.57 -6.74
N SER G 464 -101.50 7.75 -6.58
CA SER G 464 -102.03 8.32 -5.35
C SER G 464 -101.68 7.45 -4.16
N ARG G 465 -101.79 6.14 -4.31
CA ARG G 465 -101.43 5.24 -3.22
C ARG G 465 -99.95 5.34 -2.88
N VAL G 466 -99.10 5.37 -3.91
CA VAL G 466 -97.66 5.42 -3.68
C VAL G 466 -97.25 6.74 -3.05
N SER G 467 -98.02 7.80 -3.27
CA SER G 467 -97.66 9.10 -2.73
C SER G 467 -97.72 9.16 -1.21
N ALA G 468 -98.29 8.15 -0.56
CA ALA G 468 -98.44 8.16 0.88
C ALA G 468 -97.20 7.65 1.62
N PHE G 469 -96.16 7.22 0.91
CA PHE G 469 -94.95 6.66 1.51
C PHE G 469 -93.74 7.39 0.95
N PRO G 470 -93.49 8.62 1.40
CA PRO G 470 -92.32 9.35 0.90
C PRO G 470 -91.03 8.68 1.34
N ASP G 471 -89.98 8.89 0.55
CA ASP G 471 -88.71 8.24 0.83
C ASP G 471 -88.15 8.68 2.18
N SER G 472 -88.14 9.98 2.43
CA SER G 472 -87.67 10.55 3.69
C SER G 472 -88.84 11.25 4.36
N SER G 473 -89.40 10.61 5.39
CA SER G 473 -90.55 11.20 6.07
C SER G 473 -90.17 12.52 6.74
N ASP G 474 -88.91 12.68 7.12
CA ASP G 474 -88.48 13.94 7.74
C ASP G 474 -88.61 15.10 6.76
N PHE G 475 -88.18 14.91 5.52
CA PHE G 475 -88.16 15.96 4.53
C PHE G 475 -89.14 15.73 3.39
N GLY G 476 -89.89 14.63 3.42
CA GLY G 476 -90.93 14.42 2.44
C GLY G 476 -90.46 14.21 1.01
N THR G 477 -89.32 13.56 0.83
CA THR G 477 -88.86 13.25 -0.51
C THR G 477 -89.81 12.24 -1.15
N PRO G 478 -90.23 12.43 -2.41
CA PRO G 478 -91.06 11.42 -3.05
C PRO G 478 -90.34 10.09 -3.20
N ALA G 479 -91.11 9.01 -3.14
CA ALA G 479 -90.54 7.68 -3.29
C ALA G 479 -89.97 7.51 -4.70
N PHE G 480 -88.91 6.70 -4.79
CA PHE G 480 -88.29 6.42 -6.09
C PHE G 480 -87.88 4.97 -6.28
N ARG G 481 -88.09 4.09 -5.30
CA ARG G 481 -87.65 2.70 -5.40
C ARG G 481 -88.78 1.84 -5.98
N GLY G 482 -88.83 1.79 -7.30
CA GLY G 482 -89.77 0.93 -7.99
C GLY G 482 -90.07 1.44 -9.38
N MET G 483 -91.16 0.93 -9.95
CA MET G 483 -91.69 1.43 -11.21
C MET G 483 -93.07 0.87 -11.46
N ILE G 484 -93.76 1.43 -12.45
CA ILE G 484 -95.09 1.00 -12.87
C ILE G 484 -95.02 0.64 -14.35
N VAL G 485 -95.51 -0.54 -14.71
CA VAL G 485 -95.44 -1.05 -16.08
C VAL G 485 -96.85 -1.30 -16.57
N GLY G 486 -97.18 -0.75 -17.73
CA GLY G 486 -98.49 -0.92 -18.34
C GLY G 486 -98.41 -1.80 -19.58
N GLY G 487 -99.42 -2.64 -19.77
CA GLY G 487 -99.48 -3.53 -20.91
C GLY G 487 -99.73 -4.96 -20.52
N ALA G 488 -100.20 -5.77 -21.47
CA ALA G 488 -100.47 -7.18 -21.21
C ALA G 488 -100.48 -7.93 -22.54
N GLY G 489 -100.21 -9.22 -22.47
CA GLY G 489 -100.18 -10.05 -23.65
C GLY G 489 -100.38 -11.51 -23.29
N TYR G 490 -99.69 -12.39 -24.02
CA TYR G 490 -99.79 -13.83 -23.81
C TYR G 490 -98.41 -14.43 -23.68
N TYR G 491 -98.33 -15.52 -22.93
CA TYR G 491 -97.05 -16.19 -22.70
C TYR G 491 -96.68 -17.02 -23.92
N THR G 492 -95.43 -16.87 -24.39
CA THR G 492 -95.00 -17.53 -25.62
C THR G 492 -94.33 -18.87 -25.37
N GLU G 493 -93.94 -19.17 -24.14
CA GLU G 493 -93.19 -20.39 -23.85
C GLU G 493 -94.07 -21.60 -23.58
N THR G 494 -95.32 -21.57 -24.02
CA THR G 494 -96.22 -22.69 -23.82
C THR G 494 -97.28 -22.68 -24.92
N THR G 495 -97.84 -23.87 -25.18
CA THR G 495 -98.86 -24.00 -26.22
C THR G 495 -100.21 -23.47 -25.77
N ARG G 496 -100.53 -23.59 -24.48
CA ARG G 496 -101.79 -23.09 -23.97
C ARG G 496 -101.86 -21.57 -24.10
N LYS G 497 -103.08 -21.05 -24.04
CA LYS G 497 -103.31 -19.61 -24.08
C LYS G 497 -103.37 -19.10 -22.64
N LEU G 498 -102.38 -18.29 -22.27
CA LEU G 498 -102.18 -17.89 -20.87
C LEU G 498 -101.80 -16.41 -20.82
N PRO G 499 -102.75 -15.52 -20.53
CA PRO G 499 -102.42 -14.09 -20.49
C PRO G 499 -101.48 -13.75 -19.35
N VAL G 500 -100.64 -12.74 -19.57
CA VAL G 500 -99.68 -12.26 -18.58
C VAL G 500 -99.46 -10.76 -18.78
N PRO G 501 -99.00 -10.04 -17.75
CA PRO G 501 -98.55 -8.65 -17.96
C PRO G 501 -97.09 -8.58 -18.36
N LEU G 502 -96.67 -7.38 -18.76
CA LEU G 502 -95.29 -7.15 -19.19
C LEU G 502 -94.32 -7.06 -18.02
N THR G 503 -94.83 -6.96 -16.79
CA THR G 503 -93.94 -7.07 -15.65
C THR G 503 -93.20 -8.41 -15.67
N LEU G 504 -93.79 -9.43 -16.31
CA LEU G 504 -93.09 -10.71 -16.43
C LEU G 504 -91.84 -10.57 -17.30
N ASP G 505 -91.96 -9.87 -18.43
CA ASP G 505 -90.82 -9.67 -19.30
C ASP G 505 -89.72 -8.88 -18.59
N ARG G 506 -90.10 -7.80 -17.91
CA ARG G 506 -89.10 -7.03 -17.19
C ARG G 506 -88.49 -7.84 -16.05
N PHE G 507 -89.29 -8.71 -15.43
CA PHE G 507 -88.80 -9.60 -14.39
C PHE G 507 -87.71 -10.50 -14.92
N ARG G 508 -87.93 -11.10 -16.09
CA ARG G 508 -86.92 -11.93 -16.72
C ARG G 508 -85.66 -11.13 -17.01
N ALA G 509 -85.82 -9.92 -17.53
CA ALA G 509 -84.66 -9.09 -17.83
C ALA G 509 -83.82 -8.86 -16.58
N TYR G 510 -84.45 -8.43 -15.50
CA TYR G 510 -83.70 -8.14 -14.28
C TYR G 510 -83.10 -9.41 -13.69
N CYS G 511 -83.81 -10.54 -13.80
CA CYS G 511 -83.26 -11.80 -13.31
C CYS G 511 -81.96 -12.13 -14.02
N ARG G 512 -81.91 -11.95 -15.34
CA ARG G 512 -80.69 -12.26 -16.07
C ARG G 512 -79.60 -11.23 -15.80
N TYR G 513 -79.96 -9.97 -15.61
CA TYR G 513 -78.95 -8.93 -15.42
C TYR G 513 -78.34 -8.97 -14.03
N ALA G 514 -79.15 -8.75 -13.00
CA ALA G 514 -78.69 -8.56 -11.64
C ALA G 514 -78.91 -9.79 -10.76
N GLY G 515 -78.81 -10.98 -11.34
CA GLY G 515 -79.12 -12.19 -10.61
C GLY G 515 -77.92 -13.11 -10.40
N ALA G 516 -76.74 -12.65 -10.80
CA ALA G 516 -75.54 -13.46 -10.64
C ALA G 516 -75.26 -13.70 -9.17
N SER G 517 -74.90 -14.95 -8.84
CA SER G 517 -74.72 -15.32 -7.44
C SER G 517 -73.50 -14.67 -6.81
N ASP G 518 -72.64 -14.04 -7.59
CA ASP G 518 -71.44 -13.40 -7.07
C ASP G 518 -71.63 -11.94 -6.74
N GLY G 519 -72.85 -11.41 -6.88
CA GLY G 519 -73.10 -10.03 -6.51
C GLY G 519 -72.42 -8.99 -7.36
N VAL G 520 -72.31 -9.22 -8.66
CA VAL G 520 -71.78 -8.25 -9.61
C VAL G 520 -72.68 -8.26 -10.84
N LEU G 521 -73.03 -7.08 -11.34
CA LEU G 521 -73.89 -6.99 -12.51
C LEU G 521 -73.15 -7.52 -13.74
N LYS G 522 -73.88 -8.24 -14.60
CA LYS G 522 -73.30 -8.81 -15.81
C LYS G 522 -73.41 -7.82 -16.95
N PRO G 523 -72.30 -7.34 -17.52
CA PRO G 523 -72.40 -6.35 -18.60
C PRO G 523 -73.10 -6.85 -19.84
N GLU G 524 -73.08 -8.15 -20.10
CA GLU G 524 -73.67 -8.68 -21.34
C GLU G 524 -75.18 -8.73 -21.32
N TYR G 525 -75.82 -8.25 -20.24
CA TYR G 525 -77.27 -8.34 -20.12
C TYR G 525 -77.89 -7.00 -19.72
N ALA G 526 -77.24 -5.89 -20.02
CA ALA G 526 -77.76 -4.58 -19.62
C ALA G 526 -79.19 -4.42 -20.08
N VAL G 527 -80.08 -4.03 -19.16
CA VAL G 527 -81.50 -4.04 -19.43
C VAL G 527 -81.93 -2.96 -20.41
N ASP G 528 -81.01 -2.11 -20.87
CA ASP G 528 -81.36 -1.07 -21.82
C ASP G 528 -80.35 -0.99 -22.96
N GLU G 529 -79.76 -2.12 -23.34
CA GLU G 529 -78.82 -2.19 -24.44
C GLU G 529 -78.99 -3.52 -25.17
N GLY G 530 -78.54 -3.56 -26.41
CA GLY G 530 -78.52 -4.81 -27.14
C GLY G 530 -79.91 -5.38 -27.32
N ASP G 531 -80.03 -6.69 -27.08
CA ASP G 531 -81.28 -7.40 -27.29
C ASP G 531 -82.14 -7.47 -26.03
N ALA G 532 -81.68 -6.90 -24.93
CA ALA G 532 -82.44 -6.92 -23.68
C ALA G 532 -83.44 -5.78 -23.59
N ARG G 533 -83.46 -4.87 -24.55
CA ARG G 533 -84.43 -3.79 -24.56
C ARG G 533 -85.68 -4.12 -25.36
N LYS G 534 -85.82 -5.36 -25.84
CA LYS G 534 -86.97 -5.81 -26.58
C LYS G 534 -87.79 -6.80 -25.75
N VAL G 535 -89.05 -6.95 -26.13
CA VAL G 535 -89.92 -7.93 -25.48
C VAL G 535 -89.60 -9.32 -26.04
N GLN G 536 -89.53 -10.31 -25.14
CA GLN G 536 -89.07 -11.64 -25.52
C GLN G 536 -89.98 -12.78 -25.09
N VAL G 537 -90.80 -12.61 -24.05
CA VAL G 537 -91.66 -13.67 -23.56
C VAL G 537 -93.12 -13.24 -23.51
N VAL G 538 -93.53 -12.31 -24.36
CA VAL G 538 -94.91 -11.87 -24.46
C VAL G 538 -95.21 -11.54 -25.91
N LYS G 539 -96.45 -11.80 -26.33
CA LYS G 539 -96.87 -11.57 -27.70
C LYS G 539 -98.31 -11.08 -27.72
N SER G 540 -98.70 -10.51 -28.85
CA SER G 540 -100.06 -10.00 -29.04
C SER G 540 -100.40 -8.93 -28.01
N ILE G 541 -99.44 -8.05 -27.72
CA ILE G 541 -99.68 -6.99 -26.76
C ILE G 541 -100.80 -6.09 -27.28
N ASN G 542 -101.48 -5.42 -26.36
CA ASN G 542 -102.67 -4.65 -26.66
C ASN G 542 -102.38 -3.15 -26.70
N ASN G 543 -103.36 -2.41 -27.22
CA ASN G 543 -103.30 -0.95 -27.27
C ASN G 543 -102.01 -0.46 -27.89
N LEU G 544 -101.54 -1.14 -28.93
CA LEU G 544 -100.30 -0.74 -29.56
C LEU G 544 -100.47 0.49 -30.46
N ASP G 545 -101.70 0.83 -30.83
CA ASP G 545 -101.96 2.05 -31.60
C ASP G 545 -102.36 3.21 -30.68
N LYS G 546 -101.56 3.49 -29.66
CA LYS G 546 -101.84 4.68 -28.85
C LYS G 546 -101.64 5.93 -29.70
N SER G 547 -102.45 6.94 -29.45
CA SER G 547 -102.24 8.21 -30.09
C SER G 547 -101.13 8.99 -29.38
N TRP G 548 -100.64 10.03 -30.06
CA TRP G 548 -99.53 10.81 -29.52
C TRP G 548 -99.90 11.43 -28.19
N ARG G 549 -101.13 11.92 -28.07
CA ARG G 549 -101.57 12.53 -26.82
C ARG G 549 -101.57 11.51 -25.69
N VAL G 550 -102.06 10.30 -25.96
CA VAL G 550 -102.08 9.26 -24.93
C VAL G 550 -100.67 8.91 -24.49
N ARG G 551 -99.77 8.73 -25.47
CA ARG G 551 -98.39 8.40 -25.12
C ARG G 551 -97.76 9.50 -24.29
N ARG G 552 -98.00 10.76 -24.67
CA ARG G 552 -97.42 11.86 -23.92
C ARG G 552 -97.97 11.92 -22.50
N ALA G 553 -99.27 11.68 -22.34
CA ALA G 553 -99.85 11.67 -21.00
C ALA G 553 -99.25 10.57 -20.14
N GLN G 554 -99.08 9.37 -20.71
CA GLN G 554 -98.49 8.29 -19.94
C GLN G 554 -97.05 8.61 -19.55
N TRP G 555 -96.27 9.17 -20.48
CA TRP G 555 -94.90 9.54 -20.14
C TRP G 555 -94.89 10.56 -19.01
N ASN G 556 -95.77 11.56 -19.08
CA ASN G 556 -95.81 12.56 -18.03
C ASN G 556 -96.29 12.00 -16.70
N ASN G 557 -97.08 10.93 -16.72
CA ASN G 557 -97.52 10.26 -15.50
C ASN G 557 -96.55 9.16 -15.06
N ASN G 558 -95.44 8.98 -15.76
CA ASN G 558 -94.34 8.15 -15.30
C ASN G 558 -94.64 6.65 -15.42
N LEU G 559 -95.31 6.24 -16.48
CA LEU G 559 -95.48 4.82 -16.74
C LEU G 559 -94.38 4.32 -17.67
N VAL G 560 -94.18 3.01 -17.64
CA VAL G 560 -93.26 2.33 -18.55
C VAL G 560 -94.09 1.56 -19.56
N TYR G 561 -93.96 1.93 -20.84
CA TYR G 561 -94.76 1.34 -21.90
C TYR G 561 -93.86 0.96 -23.06
N VAL G 562 -94.39 0.13 -23.95
CA VAL G 562 -93.64 -0.41 -25.07
C VAL G 562 -94.17 0.20 -26.36
N GLU G 563 -93.38 0.06 -27.42
CA GLU G 563 -93.74 0.50 -28.76
C GLU G 563 -93.34 -0.57 -29.76
N ASP G 564 -93.74 -0.38 -31.01
CA ASP G 564 -93.38 -1.32 -32.06
C ASP G 564 -91.99 -1.04 -32.59
N TYR G 565 -91.12 -2.06 -32.51
CA TYR G 565 -89.79 -1.95 -33.08
C TYR G 565 -89.85 -2.11 -34.60
N ASP G 566 -90.40 -3.23 -35.05
CA ASP G 566 -90.67 -3.48 -36.45
C ASP G 566 -92.02 -4.19 -36.53
N THR G 567 -92.31 -4.80 -37.68
CA THR G 567 -93.59 -5.46 -37.86
C THR G 567 -93.76 -6.64 -36.92
N ASN G 568 -92.68 -7.13 -36.31
CA ASN G 568 -92.72 -8.36 -35.51
C ASN G 568 -92.60 -8.13 -34.02
N SER G 569 -91.89 -7.10 -33.57
CA SER G 569 -91.45 -7.03 -32.18
C SER G 569 -91.59 -5.63 -31.64
N GLN G 570 -91.46 -5.51 -30.32
CA GLN G 570 -91.59 -4.25 -29.60
C GLN G 570 -90.32 -3.98 -28.80
N PHE G 571 -90.23 -2.77 -28.24
CA PHE G 571 -89.08 -2.37 -27.44
C PHE G 571 -89.52 -1.32 -26.43
N TYR G 572 -88.62 -1.02 -25.49
CA TYR G 572 -88.89 -0.01 -24.47
C TYR G 572 -88.15 1.27 -24.81
N PRO G 573 -88.82 2.34 -25.20
CA PRO G 573 -88.10 3.58 -25.50
C PRO G 573 -87.30 4.11 -24.33
N GLY G 574 -87.78 3.94 -23.10
CA GLY G 574 -87.08 4.42 -21.92
C GLY G 574 -87.72 3.89 -20.67
N GLN G 575 -86.92 3.35 -19.76
CA GLN G 575 -87.43 2.69 -18.57
C GLN G 575 -87.17 3.56 -17.35
N GLN G 576 -88.17 4.35 -16.99
CA GLN G 576 -88.06 5.29 -15.90
C GLN G 576 -88.79 4.80 -14.67
N SER G 577 -88.41 5.36 -13.52
CA SER G 577 -89.07 5.06 -12.26
C SER G 577 -90.26 5.99 -12.06
N PHE G 578 -91.03 5.73 -11.00
CA PHE G 578 -92.13 6.61 -10.65
C PHE G 578 -91.73 7.75 -9.72
N TYR G 579 -90.49 8.19 -9.77
CA TYR G 579 -90.11 9.44 -9.12
C TYR G 579 -90.86 10.58 -9.77
N SER G 580 -91.41 11.48 -8.96
CA SER G 580 -92.32 12.50 -9.47
C SER G 580 -91.67 13.86 -9.70
N GLU G 581 -90.48 14.10 -9.16
CA GLU G 581 -89.86 15.42 -9.27
C GLU G 581 -88.97 15.49 -10.51
N GLN G 582 -88.30 16.63 -10.64
CA GLN G 582 -87.48 16.91 -11.82
C GLN G 582 -86.03 16.49 -11.67
N GLY G 583 -85.63 15.94 -10.54
CA GLY G 583 -84.27 15.47 -10.39
C GLY G 583 -83.91 14.42 -11.42
N SER G 584 -82.86 14.67 -12.19
CA SER G 584 -82.39 13.73 -13.19
C SER G 584 -81.49 12.64 -12.61
N VAL G 585 -81.19 12.70 -11.31
CA VAL G 585 -80.40 11.65 -10.69
C VAL G 585 -81.20 10.36 -10.59
N LEU G 586 -82.46 10.48 -10.16
CA LEU G 586 -83.27 9.33 -9.77
C LEU G 586 -84.28 8.93 -10.83
N LYS G 587 -83.93 9.03 -12.11
CA LYS G 587 -84.92 8.73 -13.15
C LYS G 587 -84.85 7.28 -13.62
N ALA G 588 -83.65 6.76 -13.87
CA ALA G 588 -83.51 5.37 -14.29
C ALA G 588 -83.98 4.46 -13.15
N ALA G 589 -84.71 3.40 -13.51
CA ALA G 589 -85.30 2.55 -12.49
C ALA G 589 -84.25 1.64 -11.85
N ILE G 590 -83.15 1.37 -12.54
CA ILE G 590 -82.12 0.47 -12.00
C ILE G 590 -81.38 1.13 -10.84
N VAL G 591 -81.25 2.45 -10.86
CA VAL G 591 -80.56 3.15 -9.79
C VAL G 591 -81.30 2.94 -8.46
N GLY G 592 -82.61 2.74 -8.52
CA GLY G 592 -83.34 2.46 -7.29
C GLY G 592 -82.89 1.17 -6.63
N LEU G 593 -82.72 0.11 -7.43
CA LEU G 593 -82.23 -1.15 -6.89
C LEU G 593 -80.81 -0.99 -6.37
N CYS G 594 -79.98 -0.22 -7.08
CA CYS G 594 -78.63 0.04 -6.59
C CYS G 594 -78.66 0.70 -5.22
N VAL G 595 -79.55 1.68 -5.04
CA VAL G 595 -79.64 2.38 -3.76
C VAL G 595 -80.13 1.45 -2.67
N ALA G 596 -81.07 0.56 -3.01
CA ALA G 596 -81.52 -0.43 -2.03
C ALA G 596 -80.36 -1.30 -1.55
N ASN G 597 -79.49 -1.70 -2.48
CA ASN G 597 -78.32 -2.49 -2.08
C ASN G 597 -77.37 -1.70 -1.19
N LEU G 598 -77.21 -0.40 -1.47
CA LEU G 598 -76.42 0.43 -0.56
C LEU G 598 -77.00 0.41 0.85
N ASN G 599 -78.32 0.55 0.94
CA ASN G 599 -78.97 0.52 2.25
C ASN G 599 -78.72 -0.81 2.96
N ARG G 600 -78.69 -1.91 2.20
CA ARG G 600 -78.36 -3.20 2.80
C ARG G 600 -76.93 -3.23 3.34
N PHE G 601 -75.99 -2.65 2.57
CA PHE G 601 -74.60 -2.66 3.01
C PHE G 601 -74.44 -1.93 4.34
N ALA G 602 -75.18 -0.83 4.52
CA ALA G 602 -75.10 -0.13 5.80
C ALA G 602 -75.53 -1.02 6.96
N PHE G 603 -76.62 -1.77 6.77
CA PHE G 603 -77.08 -2.68 7.81
C PHE G 603 -76.00 -3.71 8.14
N GLU G 604 -75.33 -4.23 7.12
CA GLU G 604 -74.27 -5.20 7.39
C GLU G 604 -73.16 -4.59 8.22
N ALA G 605 -72.79 -3.35 7.92
CA ALA G 605 -71.78 -2.66 8.72
C ALA G 605 -72.20 -2.60 10.19
N TRP G 606 -73.42 -2.13 10.44
CA TRP G 606 -73.89 -2.09 11.82
C TRP G 606 -73.81 -3.46 12.46
N ARG G 607 -74.38 -4.47 11.80
CA ARG G 607 -74.44 -5.80 12.36
C ARG G 607 -73.08 -6.29 12.77
N ASP G 608 -72.05 -5.95 12.00
CA ASP G 608 -70.71 -6.40 12.34
C ASP G 608 -70.09 -5.60 13.47
N LEU G 609 -70.46 -4.33 13.62
CA LEU G 609 -69.76 -3.49 14.60
C LEU G 609 -70.46 -3.33 15.95
N THR G 610 -71.74 -3.66 16.06
CA THR G 610 -72.48 -3.30 17.27
C THR G 610 -71.99 -4.07 18.51
N GLY G 611 -71.88 -3.34 19.61
CA GLY G 611 -71.77 -3.95 20.93
C GLY G 611 -70.44 -4.53 21.31
N THR G 612 -69.34 -3.87 20.99
CA THR G 612 -68.00 -4.36 21.32
C THR G 612 -67.37 -3.48 22.39
N GLN G 613 -66.85 -4.13 23.43
CA GLN G 613 -66.41 -3.42 24.63
C GLN G 613 -65.13 -2.64 24.40
N LYS G 614 -64.16 -3.24 23.70
CA LYS G 614 -62.81 -2.71 23.63
C LYS G 614 -62.54 -1.84 22.41
N LEU G 615 -63.58 -1.49 21.65
CA LEU G 615 -63.39 -0.59 20.52
C LEU G 615 -63.15 0.84 21.00
N THR G 616 -62.73 1.68 20.07
CA THR G 616 -62.65 3.12 20.28
C THR G 616 -63.47 3.84 19.22
N ASP G 617 -63.69 5.14 19.45
CA ASP G 617 -64.50 5.91 18.52
C ASP G 617 -63.86 5.97 17.14
N ASP G 618 -62.55 6.22 17.09
CA ASP G 618 -61.88 6.30 15.80
C ASP G 618 -61.90 4.97 15.06
N GLN G 619 -61.65 3.87 15.77
CA GLN G 619 -61.72 2.57 15.13
C GLN G 619 -63.13 2.27 14.62
N LEU G 620 -64.15 2.61 15.41
CA LEU G 620 -65.52 2.38 14.98
C LEU G 620 -65.83 3.16 13.70
N ILE G 621 -65.52 4.46 13.71
CA ILE G 621 -65.80 5.32 12.57
C ILE G 621 -65.05 4.84 11.33
N GLU G 622 -63.82 4.35 11.52
CA GLU G 622 -63.03 3.92 10.38
C GLU G 622 -63.51 2.59 9.81
N ARG G 623 -63.82 1.64 10.70
CA ARG G 623 -64.27 0.33 10.26
C ARG G 623 -65.62 0.39 9.56
N SER G 624 -66.51 1.31 9.95
CA SER G 624 -67.79 1.41 9.25
C SER G 624 -67.59 1.76 7.77
N ASP G 625 -66.82 2.82 7.50
CA ASP G 625 -66.56 3.20 6.12
C ASP G 625 -65.83 2.09 5.38
N ASP G 626 -64.86 1.46 6.03
CA ASP G 626 -64.16 0.35 5.40
C ASP G 626 -65.15 -0.70 4.93
N ALA G 627 -66.05 -1.12 5.81
CA ALA G 627 -67.00 -2.16 5.46
C ALA G 627 -67.83 -1.75 4.26
N VAL G 628 -68.42 -0.55 4.31
CA VAL G 628 -69.33 -0.17 3.23
C VAL G 628 -68.60 -0.09 1.90
N SER G 629 -67.44 0.58 1.88
CA SER G 629 -66.73 0.77 0.63
C SER G 629 -66.24 -0.56 0.07
N THR G 630 -65.67 -1.41 0.93
CA THR G 630 -65.18 -2.70 0.46
C THR G 630 -66.30 -3.53 -0.12
N ARG G 631 -67.46 -3.54 0.55
CA ARG G 631 -68.58 -4.32 0.04
C ARG G 631 -69.08 -3.78 -1.30
N GLY G 632 -69.20 -2.46 -1.42
CA GLY G 632 -69.90 -1.89 -2.55
C GLY G 632 -69.07 -1.62 -3.79
N THR G 633 -67.77 -1.39 -3.64
CA THR G 633 -66.96 -1.01 -4.79
C THR G 633 -66.90 -2.13 -5.82
N GLY G 634 -67.12 -1.79 -7.09
CA GLY G 634 -66.96 -2.71 -8.18
C GLY G 634 -68.16 -3.60 -8.47
N ALA G 635 -69.33 -3.28 -7.94
CA ALA G 635 -70.51 -4.14 -8.10
C ALA G 635 -71.57 -3.53 -9.01
N PHE G 636 -71.68 -2.21 -9.07
CA PHE G 636 -72.81 -1.55 -9.70
C PHE G 636 -72.56 -1.21 -11.16
N ASP G 637 -71.45 -1.66 -11.75
CA ASP G 637 -71.27 -1.62 -13.19
C ASP G 637 -71.42 -0.21 -13.75
N ASP G 638 -70.91 0.78 -13.01
CA ASP G 638 -70.84 2.17 -13.45
C ASP G 638 -72.20 2.86 -13.53
N ARG G 639 -73.18 2.38 -12.78
CA ARG G 639 -74.47 3.08 -12.73
C ARG G 639 -74.46 4.15 -11.65
N LEU G 640 -73.61 4.01 -10.64
CA LEU G 640 -73.52 4.93 -9.51
C LEU G 640 -72.06 5.27 -9.24
N ILE G 641 -71.85 6.38 -8.54
CA ILE G 641 -70.61 6.60 -7.81
C ILE G 641 -70.96 7.11 -6.43
N PHE G 642 -70.44 6.48 -5.38
CA PHE G 642 -70.82 6.79 -4.02
C PHE G 642 -69.59 6.94 -3.13
N THR G 643 -69.82 7.50 -1.94
CA THR G 643 -68.79 7.71 -0.94
C THR G 643 -69.42 7.70 0.46
N PRO G 644 -68.95 6.83 1.37
CA PRO G 644 -69.51 6.82 2.72
C PRO G 644 -68.72 7.67 3.71
N HIS G 645 -69.38 8.14 4.77
CA HIS G 645 -68.72 8.95 5.79
C HIS G 645 -69.35 8.62 7.12
N SER G 646 -68.56 8.09 8.05
CA SER G 646 -68.99 7.86 9.42
C SER G 646 -68.39 8.91 10.33
N GLU G 647 -69.09 9.21 11.42
CA GLU G 647 -68.58 10.17 12.40
C GLU G 647 -69.43 10.08 13.66
N ILE G 648 -69.10 10.93 14.63
CA ILE G 648 -69.76 10.98 15.93
C ILE G 648 -70.06 12.45 16.19
N THR G 649 -71.29 12.85 15.94
CA THR G 649 -71.67 14.27 15.96
C THR G 649 -71.94 14.71 17.39
N GLN G 650 -72.45 15.94 17.54
CA GLN G 650 -72.75 16.47 18.86
C GLN G 650 -73.87 15.69 19.53
N ALA G 651 -74.90 15.32 18.77
CA ALA G 651 -75.97 14.50 19.34
C ALA G 651 -75.43 13.15 19.79
N ASP G 652 -74.50 12.57 19.03
CA ASP G 652 -73.87 11.32 19.42
C ASP G 652 -73.03 11.48 20.69
N LYS G 653 -72.31 12.59 20.81
CA LYS G 653 -71.58 12.85 22.07
C LYS G 653 -72.55 12.96 23.23
N GLU G 654 -73.66 13.65 23.03
CA GLU G 654 -74.66 13.78 24.09
C GLU G 654 -75.19 12.42 24.51
N ARG G 655 -75.63 11.61 23.55
CA ARG G 655 -76.25 10.33 23.86
C ARG G 655 -75.25 9.36 24.48
N GLY G 656 -74.10 9.18 23.84
CA GLY G 656 -73.06 8.32 24.36
C GLY G 656 -73.10 6.89 23.89
N TYR G 657 -74.07 6.51 23.06
CA TYR G 657 -74.17 5.14 22.58
C TYR G 657 -74.55 5.06 21.11
N SER G 658 -74.24 6.09 20.31
CA SER G 658 -74.63 6.11 18.92
C SER G 658 -73.53 6.73 18.07
N TRP G 659 -73.53 6.36 16.78
CA TRP G 659 -72.64 6.97 15.80
C TRP G 659 -73.37 7.01 14.47
N SER G 660 -72.96 7.93 13.59
CA SER G 660 -73.72 8.25 12.38
C SER G 660 -72.94 7.89 11.13
N MET G 661 -73.68 7.51 10.08
CA MET G 661 -73.14 7.31 8.75
C MET G 661 -73.95 8.11 7.74
N ARG G 662 -73.33 8.40 6.60
CA ARG G 662 -73.99 9.14 5.53
C ARG G 662 -73.31 8.82 4.21
N ILE G 663 -74.09 8.48 3.19
CA ILE G 663 -73.55 8.08 1.89
C ILE G 663 -73.96 9.10 0.85
N ASP G 664 -72.98 9.57 0.07
CA ASP G 664 -73.20 10.54 -1.00
C ASP G 664 -73.05 9.82 -2.33
N PHE G 665 -74.10 9.83 -3.15
CA PHE G 665 -74.08 9.08 -4.41
C PHE G 665 -74.56 9.96 -5.56
N GLY G 666 -74.15 9.58 -6.77
CA GLY G 666 -74.50 10.32 -7.96
C GLY G 666 -74.62 9.42 -9.17
N ALA G 667 -75.48 9.84 -10.11
CA ALA G 667 -75.88 9.04 -11.26
C ALA G 667 -76.34 9.95 -12.39
N ASN G 668 -76.53 9.37 -13.57
CA ASN G 668 -76.86 10.07 -14.81
C ASN G 668 -78.25 9.69 -15.30
N ALA G 669 -78.62 10.23 -16.47
CA ALA G 669 -79.88 9.93 -17.14
C ALA G 669 -79.65 9.73 -18.63
N PHE G 670 -80.71 9.73 -19.44
CA PHE G 670 -80.63 9.41 -20.86
C PHE G 670 -81.39 10.42 -21.71
N ARG G 671 -81.03 10.47 -22.99
CA ARG G 671 -81.70 11.33 -23.97
C ARG G 671 -82.69 10.52 -24.79
N THR G 672 -83.78 11.17 -25.20
CA THR G 672 -84.88 10.46 -25.84
C THR G 672 -85.49 11.16 -27.06
N VAL G 673 -85.14 12.40 -27.37
CA VAL G 673 -85.75 13.14 -28.47
C VAL G 673 -84.68 13.44 -29.52
N MET G 674 -85.06 13.35 -30.79
CA MET G 674 -84.16 13.62 -31.90
C MET G 674 -84.84 14.52 -32.91
N ASP G 675 -84.05 15.35 -33.58
CA ASP G 675 -84.52 16.19 -34.68
C ASP G 675 -84.08 15.62 -36.02
N MET G 676 -84.62 16.20 -37.08
CA MET G 676 -84.30 15.76 -38.44
C MET G 676 -84.55 16.92 -39.39
N SER G 677 -83.64 17.08 -40.35
CA SER G 677 -83.73 18.16 -41.31
C SER G 677 -82.88 17.79 -42.52
N SER G 678 -83.08 18.52 -43.61
CA SER G 678 -82.34 18.21 -44.83
C SER G 678 -82.17 19.47 -45.65
N VAL G 679 -81.17 19.45 -46.52
CA VAL G 679 -80.91 20.54 -47.46
C VAL G 679 -80.57 19.92 -48.81
N ALA G 680 -81.08 20.54 -49.88
CA ALA G 680 -80.85 20.07 -51.24
C ALA G 680 -79.78 20.91 -51.90
N TYR G 681 -78.75 20.24 -52.39
CA TYR G 681 -77.66 20.88 -53.11
C TYR G 681 -77.56 20.30 -54.51
N THR G 682 -77.03 21.09 -55.43
CA THR G 682 -76.69 20.54 -56.73
C THR G 682 -75.53 19.56 -56.58
N ARG G 683 -75.44 18.63 -57.51
CA ARG G 683 -74.43 17.58 -57.41
C ARG G 683 -73.03 18.16 -57.34
N GLU G 684 -72.75 19.15 -58.18
CA GLU G 684 -71.39 19.69 -58.24
C GLU G 684 -71.02 20.42 -56.94
N GLU G 685 -71.86 21.32 -56.47
CA GLU G 685 -71.53 22.08 -55.27
C GLU G 685 -71.68 21.27 -54.00
N LEU G 686 -72.27 20.07 -54.08
CA LEU G 686 -72.24 19.15 -52.96
C LEU G 686 -71.00 18.27 -52.97
N ALA G 687 -70.54 17.84 -54.15
CA ALA G 687 -69.36 17.00 -54.23
C ALA G 687 -68.08 17.79 -54.02
N ASN G 688 -68.05 19.06 -54.41
CA ASN G 688 -66.84 19.86 -54.26
C ASN G 688 -67.22 21.32 -54.09
N GLY G 689 -67.04 21.85 -52.88
CA GLY G 689 -67.34 23.24 -52.61
C GLY G 689 -68.58 23.42 -51.75
N MET H 1 -2.92 -102.24 -18.17
CA MET H 1 -4.31 -102.73 -17.95
C MET H 1 -4.53 -103.12 -16.49
N SER H 2 -3.62 -103.95 -15.98
CA SER H 2 -3.80 -104.56 -14.67
C SER H 2 -3.06 -103.85 -13.54
N GLU H 3 -1.82 -103.45 -13.76
CA GLU H 3 -0.97 -102.95 -12.70
C GLU H 3 -1.39 -101.56 -12.25
N GLN H 4 -1.06 -101.24 -11.00
CA GLN H 4 -1.51 -100.04 -10.32
C GLN H 4 -0.34 -99.09 -10.11
N ILE H 5 -0.65 -97.92 -9.54
CA ILE H 5 0.34 -96.86 -9.38
C ILE H 5 1.15 -97.13 -8.12
N THR H 6 2.33 -97.73 -8.28
CA THR H 6 3.15 -98.08 -7.13
C THR H 6 4.08 -96.93 -6.74
N GLY H 7 4.60 -96.20 -7.71
CA GLY H 7 5.58 -95.19 -7.41
C GLY H 7 5.60 -94.10 -8.46
N SER H 8 6.75 -93.47 -8.61
CA SER H 8 6.89 -92.31 -9.48
C SER H 8 7.53 -92.61 -10.81
N THR H 9 7.71 -93.89 -11.17
CA THR H 9 8.36 -94.21 -12.42
C THR H 9 7.56 -93.62 -13.59
N PRO H 10 8.20 -92.93 -14.53
CA PRO H 10 7.44 -92.32 -15.64
C PRO H 10 6.59 -93.35 -16.35
N ARG H 11 5.31 -93.05 -16.53
CA ARG H 11 4.37 -94.06 -17.00
C ARG H 11 3.01 -93.39 -17.19
N ILE H 12 2.20 -93.99 -18.06
CA ILE H 12 0.81 -93.58 -18.25
C ILE H 12 -0.06 -94.81 -18.01
N TYR H 13 -0.99 -94.70 -17.08
CA TYR H 13 -1.88 -95.80 -16.71
C TYR H 13 -3.23 -95.59 -17.38
N TYR H 14 -3.77 -96.66 -17.95
CA TYR H 14 -5.05 -96.61 -18.65
C TYR H 14 -6.10 -97.27 -17.76
N ARG H 15 -7.09 -96.50 -17.35
CA ARG H 15 -8.31 -97.05 -16.79
C ARG H 15 -9.34 -97.13 -17.90
N GLY H 16 -9.95 -98.30 -18.07
CA GLY H 16 -10.79 -98.54 -19.23
C GLY H 16 -11.95 -97.59 -19.34
N THR H 17 -12.76 -97.78 -20.39
CA THR H 17 -14.00 -97.02 -20.52
C THR H 17 -15.01 -97.50 -19.49
N LYS H 18 -15.94 -96.62 -19.16
CA LYS H 18 -16.88 -96.89 -18.08
C LYS H 18 -18.16 -96.12 -18.34
N ASP H 19 -19.24 -96.55 -17.70
CA ASP H 19 -20.51 -95.84 -17.80
C ASP H 19 -20.64 -94.85 -16.65
N SER H 20 -21.46 -93.82 -16.87
CA SER H 20 -21.51 -92.70 -15.95
C SER H 20 -21.84 -93.16 -14.54
N SER H 21 -21.22 -92.51 -13.56
CA SER H 21 -21.44 -92.80 -12.14
C SER H 21 -22.10 -91.61 -11.47
N VAL H 22 -23.03 -91.91 -10.56
CA VAL H 22 -23.70 -90.85 -9.81
C VAL H 22 -22.68 -90.07 -9.01
N THR H 23 -22.80 -88.75 -9.05
CA THR H 23 -21.88 -87.85 -8.35
C THR H 23 -22.61 -87.24 -7.16
N ARG H 24 -22.10 -87.48 -5.96
CA ARG H 24 -22.73 -86.93 -4.77
C ARG H 24 -22.66 -85.40 -4.80
N SER H 25 -23.78 -84.77 -4.48
CA SER H 25 -23.94 -83.33 -4.61
C SER H 25 -23.54 -82.62 -3.33
N THR H 26 -22.72 -81.58 -3.46
CA THR H 26 -22.30 -80.78 -2.32
C THR H 26 -23.43 -79.85 -1.87
N GLY H 27 -23.56 -79.72 -0.55
CA GLY H 27 -24.61 -78.91 0.04
C GLY H 27 -24.09 -77.57 0.50
N SER H 28 -25.02 -76.70 0.87
CA SER H 28 -24.73 -75.32 1.25
C SER H 28 -25.14 -75.06 2.70
N THR H 29 -24.61 -73.97 3.24
CA THR H 29 -24.88 -73.63 4.64
C THR H 29 -26.36 -73.39 4.85
N THR H 30 -26.85 -73.76 6.04
CA THR H 30 -28.26 -73.64 6.35
C THR H 30 -28.61 -72.23 6.79
N THR H 31 -29.90 -71.91 6.70
CA THR H 31 -30.42 -70.58 7.00
C THR H 31 -31.83 -70.76 7.56
N LEU H 32 -32.45 -69.66 7.97
CA LEU H 32 -33.84 -69.70 8.43
C LEU H 32 -34.74 -68.90 7.49
N PRO H 33 -35.52 -69.54 6.62
CA PRO H 33 -36.55 -68.82 5.88
C PRO H 33 -37.73 -68.45 6.76
N LEU H 34 -38.75 -67.87 6.14
CA LEU H 34 -39.96 -67.53 6.86
C LEU H 34 -40.91 -68.72 6.97
N HIS H 35 -40.69 -69.78 6.19
CA HIS H 35 -41.53 -70.97 6.21
C HIS H 35 -40.62 -72.17 6.44
N ARG H 36 -40.81 -72.85 7.56
CA ARG H 36 -39.90 -73.90 8.02
C ARG H 36 -40.74 -75.08 8.50
N PRO H 37 -41.06 -76.02 7.61
CA PRO H 37 -41.97 -77.10 7.97
C PRO H 37 -41.27 -78.34 8.53
N LEU H 38 -42.04 -79.11 9.29
CA LEU H 38 -41.60 -80.38 9.85
C LEU H 38 -42.33 -81.52 9.15
N ILE H 39 -41.56 -82.48 8.63
CA ILE H 39 -42.11 -83.57 7.83
C ILE H 39 -41.65 -84.90 8.41
N MET H 40 -42.61 -85.76 8.75
CA MET H 40 -42.36 -87.09 9.29
C MET H 40 -42.58 -88.12 8.19
N PHE H 41 -41.69 -89.12 8.12
CA PHE H 41 -41.76 -90.07 7.02
C PHE H 41 -41.03 -91.36 7.37
N PHE H 42 -41.33 -92.41 6.61
CA PHE H 42 -40.55 -93.64 6.61
C PHE H 42 -39.41 -93.51 5.62
N GLY H 43 -38.28 -94.14 5.94
CA GLY H 43 -37.09 -93.98 5.14
C GLY H 43 -36.33 -95.28 4.96
N GLN H 44 -35.23 -95.18 4.22
CA GLN H 44 -34.37 -96.33 3.99
C GLN H 44 -33.19 -96.35 4.94
N LYS H 45 -32.60 -95.19 5.20
CA LYS H 45 -31.46 -95.08 6.11
C LYS H 45 -31.46 -93.67 6.68
N GLY H 46 -30.38 -93.31 7.36
CA GLY H 46 -30.25 -92.00 7.95
C GLY H 46 -30.61 -91.96 9.42
N PRO H 47 -30.36 -90.84 10.07
CA PRO H 47 -30.66 -90.72 11.50
C PRO H 47 -32.16 -90.82 11.77
N THR H 48 -32.49 -90.96 13.05
CA THR H 48 -33.87 -91.09 13.50
C THR H 48 -34.24 -90.00 14.49
N VAL H 49 -33.66 -88.81 14.33
CA VAL H 49 -33.99 -87.65 15.15
C VAL H 49 -34.25 -86.47 14.23
N PRO H 50 -35.02 -85.47 14.68
CA PRO H 50 -35.30 -84.33 13.82
C PRO H 50 -34.02 -83.68 13.34
N THR H 51 -33.94 -83.41 12.04
CA THR H 51 -32.72 -82.91 11.42
C THR H 51 -33.04 -81.77 10.48
N TRP H 52 -32.30 -80.67 10.61
CA TRP H 52 -32.44 -79.55 9.72
C TRP H 52 -31.67 -79.82 8.43
N ILE H 53 -32.37 -79.86 7.31
CA ILE H 53 -31.81 -80.41 6.08
C ILE H 53 -32.01 -79.46 4.92
N ASP H 54 -30.99 -79.39 4.07
CA ASP H 54 -31.04 -78.80 2.75
C ASP H 54 -31.57 -79.83 1.76
N PRO H 55 -32.59 -79.52 0.93
CA PRO H 55 -33.18 -80.58 0.09
C PRO H 55 -32.18 -81.23 -0.84
N VAL H 56 -31.07 -80.56 -1.13
CA VAL H 56 -30.07 -81.13 -2.03
C VAL H 56 -29.52 -82.44 -1.47
N LYS H 57 -29.47 -82.57 -0.15
CA LYS H 57 -28.84 -83.72 0.50
C LYS H 57 -29.83 -84.76 1.00
N PHE H 58 -31.12 -84.58 0.73
CA PHE H 58 -32.10 -85.56 1.20
C PHE H 58 -31.84 -86.93 0.60
N GLU H 59 -31.57 -86.97 -0.71
CA GLU H 59 -31.42 -88.25 -1.41
C GLU H 59 -30.25 -89.05 -0.86
N ASP H 60 -29.15 -88.41 -0.47
CA ASP H 60 -27.98 -89.12 0.01
C ASP H 60 -27.86 -89.14 1.52
N ILE H 61 -28.79 -88.52 2.25
CA ILE H 61 -28.86 -88.74 3.69
C ILE H 61 -29.84 -89.86 4.03
N TYR H 62 -30.98 -89.92 3.32
CA TYR H 62 -32.03 -90.88 3.64
C TYR H 62 -32.25 -91.91 2.54
N GLY H 63 -31.27 -92.10 1.67
CA GLY H 63 -31.45 -93.04 0.57
C GLY H 63 -32.38 -92.48 -0.49
N SER H 64 -32.17 -92.86 -1.75
CA SER H 64 -32.95 -92.34 -2.85
C SER H 64 -34.22 -93.14 -3.09
N GLU H 65 -34.47 -94.20 -2.32
CA GLU H 65 -35.68 -94.99 -2.46
C GLU H 65 -36.85 -94.45 -1.64
N THR H 66 -36.60 -93.46 -0.77
CA THR H 66 -37.67 -92.97 0.10
C THR H 66 -38.59 -92.01 -0.62
N THR H 67 -38.12 -91.39 -1.71
CA THR H 67 -38.92 -90.46 -2.49
C THR H 67 -39.59 -91.13 -3.68
N ASN H 68 -39.48 -92.45 -3.81
CA ASN H 68 -40.09 -93.16 -4.92
C ASN H 68 -41.54 -93.48 -4.57
N LEU H 69 -42.47 -93.03 -5.41
CA LEU H 69 -43.89 -93.23 -5.12
C LEU H 69 -44.32 -94.67 -5.28
N SER H 70 -43.60 -95.46 -6.08
CA SER H 70 -43.93 -96.86 -6.30
C SER H 70 -43.15 -97.79 -5.38
N GLY H 71 -42.36 -97.27 -4.47
CA GLY H 71 -41.57 -98.09 -3.57
C GLY H 71 -42.37 -98.55 -2.38
N VAL H 72 -41.67 -99.18 -1.44
CA VAL H 72 -42.29 -99.68 -0.23
C VAL H 72 -42.42 -98.63 0.86
N TYR H 73 -41.77 -97.48 0.69
CA TYR H 73 -41.78 -96.41 1.69
C TYR H 73 -42.84 -95.36 1.43
N CYS H 74 -43.64 -95.50 0.39
CA CYS H 74 -44.63 -94.48 0.07
C CYS H 74 -45.71 -94.42 1.14
N THR H 75 -45.83 -93.27 1.78
CA THR H 75 -46.91 -92.95 2.71
C THR H 75 -47.55 -91.66 2.23
N HIS H 76 -48.52 -91.16 2.99
CA HIS H 76 -49.25 -89.99 2.52
C HIS H 76 -48.51 -88.68 2.76
N SER H 77 -47.20 -88.72 3.01
CA SER H 77 -46.38 -87.51 3.10
C SER H 77 -45.26 -87.47 2.06
N THR H 78 -45.05 -88.55 1.31
CA THR H 78 -44.06 -88.51 0.24
C THR H 78 -44.34 -87.40 -0.78
N PRO H 79 -45.59 -87.15 -1.19
CA PRO H 79 -45.82 -85.98 -2.05
C PRO H 79 -45.35 -84.68 -1.42
N PHE H 80 -45.54 -84.52 -0.11
CA PHE H 80 -45.04 -83.32 0.57
C PHE H 80 -43.53 -83.23 0.49
N ILE H 81 -42.84 -84.35 0.71
CA ILE H 81 -41.39 -84.35 0.61
C ILE H 81 -40.96 -83.96 -0.80
N LYS H 82 -41.63 -84.51 -1.82
CA LYS H 82 -41.23 -84.22 -3.19
C LYS H 82 -41.49 -82.76 -3.54
N GLU H 83 -42.61 -82.19 -3.08
CA GLU H 83 -42.88 -80.79 -3.34
C GLU H 83 -41.85 -79.89 -2.66
N ALA H 84 -41.49 -80.23 -1.41
CA ALA H 84 -40.48 -79.44 -0.72
C ALA H 84 -39.15 -79.49 -1.45
N ILE H 85 -38.77 -80.68 -1.93
CA ILE H 85 -37.51 -80.81 -2.65
C ILE H 85 -37.55 -80.00 -3.95
N ALA H 86 -38.68 -80.05 -4.67
CA ALA H 86 -38.79 -79.31 -5.92
C ALA H 86 -38.68 -77.81 -5.67
N ALA H 87 -39.37 -77.31 -4.64
CA ALA H 87 -39.36 -75.88 -4.38
C ALA H 87 -38.01 -75.41 -3.85
N GLY H 88 -37.39 -76.17 -2.95
CA GLY H 88 -36.13 -75.78 -2.35
C GLY H 88 -36.28 -75.17 -0.97
N ASN H 89 -37.05 -75.82 -0.10
CA ASN H 89 -37.18 -75.42 1.31
C ASN H 89 -36.22 -76.23 2.15
N GLN H 90 -35.38 -75.54 2.91
CA GLN H 90 -34.68 -76.21 4.00
C GLN H 90 -35.67 -76.51 5.11
N PHE H 91 -35.81 -77.78 5.47
CA PHE H 91 -36.90 -78.17 6.36
C PHE H 91 -36.41 -79.17 7.39
N MET H 92 -37.31 -79.52 8.32
CA MET H 92 -36.99 -80.40 9.45
C MET H 92 -37.52 -81.79 9.15
N ALA H 93 -36.61 -82.73 8.90
CA ALA H 93 -36.96 -84.10 8.57
C ALA H 93 -36.97 -84.95 9.83
N LEU H 94 -37.97 -85.84 9.94
CA LEU H 94 -38.07 -86.77 11.05
C LEU H 94 -38.43 -88.14 10.50
N ARG H 95 -37.49 -89.07 10.60
CA ARG H 95 -37.67 -90.43 10.08
C ARG H 95 -38.20 -91.31 11.20
N LEU H 96 -39.39 -91.85 11.02
CA LEU H 96 -40.02 -92.76 11.96
C LEU H 96 -39.64 -94.20 11.64
N GLU H 97 -39.84 -95.07 12.62
CA GLU H 97 -39.65 -96.50 12.45
C GLU H 97 -40.84 -97.25 13.04
N PRO H 98 -41.29 -98.31 12.40
CA PRO H 98 -42.39 -99.09 12.96
C PRO H 98 -41.97 -99.82 14.23
N SER H 99 -42.96 -100.13 15.08
CA SER H 99 -42.68 -100.67 16.40
C SER H 99 -42.09 -102.07 16.36
N ASP H 100 -42.09 -102.74 15.21
CA ASP H 100 -41.59 -104.11 15.10
C ASP H 100 -40.38 -104.21 14.18
N ILE H 101 -39.63 -103.13 14.02
CA ILE H 101 -38.48 -103.16 13.11
C ILE H 101 -37.43 -104.12 13.66
N PRO H 102 -36.90 -105.06 12.86
CA PRO H 102 -35.88 -105.98 13.38
C PRO H 102 -34.53 -105.31 13.56
N ASP H 103 -33.52 -106.08 13.97
CA ASP H 103 -32.20 -105.54 14.22
C ASP H 103 -31.40 -105.50 12.91
N VAL H 104 -30.12 -105.16 13.00
CA VAL H 104 -29.29 -104.97 11.82
C VAL H 104 -28.86 -106.33 11.27
N ALA H 105 -28.31 -106.33 10.06
CA ALA H 105 -27.78 -107.55 9.46
C ALA H 105 -26.33 -107.73 9.85
N THR H 106 -25.92 -108.99 10.00
CA THR H 106 -24.59 -109.33 10.47
C THR H 106 -24.01 -110.47 9.64
N LEU H 107 -22.67 -110.56 9.66
CA LEU H 107 -21.96 -111.63 8.97
C LEU H 107 -20.64 -111.86 9.68
N GLY H 108 -20.43 -113.07 10.19
CA GLY H 108 -19.19 -113.44 10.85
C GLY H 108 -18.39 -114.40 9.99
N LEU H 109 -17.07 -114.27 10.07
CA LEU H 109 -16.13 -115.10 9.33
C LEU H 109 -15.36 -115.99 10.29
N SER H 110 -15.13 -117.24 9.89
CA SER H 110 -14.43 -118.19 10.73
C SER H 110 -13.67 -119.16 9.85
N VAL H 111 -12.77 -119.92 10.47
CA VAL H 111 -12.01 -120.95 9.79
C VAL H 111 -12.14 -122.26 10.56
N ASP H 112 -12.48 -123.32 9.83
CA ASP H 112 -12.36 -124.68 10.33
C ASP H 112 -10.91 -125.13 10.13
N TRP H 113 -10.27 -125.50 11.23
CA TRP H 113 -8.82 -125.63 11.31
C TRP H 113 -8.48 -127.00 11.85
N VAL H 114 -7.56 -127.71 11.17
CA VAL H 114 -7.05 -128.98 11.68
C VAL H 114 -5.66 -129.22 11.11
N LYS H 115 -4.93 -130.16 11.72
CA LYS H 115 -3.62 -130.58 11.24
C LYS H 115 -3.64 -132.08 10.92
N THR H 116 -2.90 -132.47 9.90
CA THR H 116 -2.84 -133.88 9.51
C THR H 116 -1.81 -134.05 8.40
N LYS H 117 -1.65 -135.28 7.95
CA LYS H 117 -0.77 -135.54 6.81
C LYS H 117 -1.54 -135.41 5.51
N ILE H 118 -0.92 -134.78 4.51
CA ILE H 118 -1.53 -134.54 3.21
C ILE H 118 -0.52 -134.92 2.12
N ASP H 119 -0.94 -134.73 0.88
CA ASP H 119 -0.10 -135.05 -0.26
C ASP H 119 0.82 -133.88 -0.60
N ASP H 120 1.79 -134.16 -1.45
CA ASP H 120 2.67 -133.14 -2.01
C ASP H 120 2.75 -133.34 -3.51
N TYR H 121 3.04 -132.27 -4.24
CA TYR H 121 2.92 -132.26 -5.68
C TYR H 121 4.27 -131.97 -6.31
N GLU H 122 4.31 -132.17 -7.63
CA GLU H 122 5.53 -131.98 -8.40
C GLU H 122 5.89 -130.50 -8.49
N ARG H 123 7.11 -130.25 -8.98
CA ARG H 123 7.59 -128.91 -9.25
C ARG H 123 8.40 -128.92 -10.53
N ASN H 124 8.12 -127.95 -11.41
CA ASN H 124 8.95 -127.82 -12.62
C ASN H 124 10.35 -127.34 -12.27
N ASP H 125 10.44 -126.29 -11.47
CA ASP H 125 11.72 -125.70 -11.09
C ASP H 125 11.57 -125.09 -9.70
N ASP H 126 12.47 -124.19 -9.34
CA ASP H 126 12.34 -123.44 -8.10
C ASP H 126 11.09 -122.57 -8.09
N GLY H 127 10.46 -122.34 -9.24
CA GLY H 127 9.22 -121.58 -9.29
C GLY H 127 8.03 -122.28 -8.68
N THR H 128 8.14 -123.60 -8.46
CA THR H 128 7.08 -124.36 -7.81
C THR H 128 5.75 -124.21 -8.54
N TYR H 129 5.80 -124.36 -9.87
CA TYR H 129 4.62 -124.12 -10.68
C TYR H 129 3.61 -125.26 -10.57
N LYS H 130 4.09 -126.49 -10.57
CA LYS H 130 3.19 -127.64 -10.66
C LYS H 130 2.32 -127.77 -9.41
N LEU H 131 1.06 -128.13 -9.63
CA LEU H 131 0.15 -128.51 -8.55
C LEU H 131 -0.95 -129.38 -9.13
N ASP H 132 -1.65 -130.09 -8.23
CA ASP H 132 -2.88 -130.80 -8.57
C ASP H 132 -2.72 -131.68 -9.80
N THR H 133 -1.59 -132.40 -9.87
CA THR H 133 -1.32 -133.31 -10.99
C THR H 133 -1.41 -132.59 -12.33
N ASN H 134 -0.97 -131.33 -12.38
CA ASN H 134 -0.92 -130.63 -13.64
C ASN H 134 0.01 -131.37 -14.60
N GLY H 135 -0.30 -131.27 -15.89
CA GLY H 135 0.40 -132.10 -16.86
C GLY H 135 -0.08 -133.52 -16.75
N ASP H 136 0.83 -134.44 -16.42
CA ASP H 136 0.51 -135.86 -16.33
C ASP H 136 1.10 -136.54 -15.11
N LYS H 137 1.51 -135.79 -14.08
CA LYS H 137 2.28 -136.34 -12.99
C LYS H 137 1.44 -136.54 -11.73
N ILE H 138 1.50 -137.74 -11.18
CA ILE H 138 0.89 -138.11 -9.90
C ILE H 138 1.59 -137.33 -8.80
N PRO H 139 0.94 -136.96 -7.70
CA PRO H 139 1.67 -136.29 -6.61
C PRO H 139 2.82 -137.14 -6.11
N LEU H 140 3.91 -136.47 -5.76
CA LEU H 140 5.21 -137.12 -5.58
C LEU H 140 5.36 -137.71 -4.17
N ALA H 141 5.32 -136.87 -3.15
CA ALA H 141 5.54 -137.36 -1.80
C ALA H 141 4.35 -138.17 -1.31
N THR H 142 4.64 -139.25 -0.60
CA THR H 142 3.59 -140.12 -0.09
C THR H 142 2.71 -139.38 0.91
N GLN H 143 3.32 -138.74 1.90
CA GLN H 143 2.59 -137.97 2.89
C GLN H 143 3.50 -136.90 3.46
N ILE H 144 2.99 -135.67 3.48
CA ILE H 144 3.70 -134.53 4.04
C ILE H 144 2.85 -133.97 5.17
N ASP H 145 3.45 -133.79 6.33
CA ASP H 145 2.72 -133.29 7.49
C ASP H 145 2.39 -131.81 7.29
N GLY H 146 1.10 -131.48 7.30
CA GLY H 146 0.66 -130.12 7.06
C GLY H 146 -0.68 -129.82 7.72
N ILE H 147 -1.37 -128.82 7.19
CA ILE H 147 -2.57 -128.25 7.83
C ILE H 147 -3.69 -128.19 6.81
N LYS H 148 -4.93 -128.21 7.31
CA LYS H 148 -6.12 -128.11 6.49
C LYS H 148 -7.05 -127.03 7.01
N PHE H 149 -7.52 -126.19 6.08
CA PHE H 149 -8.42 -125.07 6.35
C PHE H 149 -9.72 -125.23 5.57
N ARG H 150 -10.79 -124.67 6.13
CA ARG H 150 -12.09 -124.59 5.46
C ARG H 150 -12.81 -123.34 5.96
N PHE H 151 -12.90 -122.32 5.12
CA PHE H 151 -13.44 -121.03 5.54
C PHE H 151 -14.96 -121.06 5.59
N VAL H 152 -15.52 -120.27 6.50
CA VAL H 152 -16.96 -120.25 6.73
C VAL H 152 -17.41 -118.79 6.92
N LEU H 153 -18.54 -118.45 6.29
CA LEU H 153 -19.17 -117.14 6.42
C LEU H 153 -20.63 -117.38 6.77
N GLU H 154 -21.08 -116.85 7.91
CA GLU H 154 -22.45 -117.13 8.31
C GLU H 154 -22.96 -116.06 9.25
N LYS H 155 -24.28 -116.04 9.43
CA LYS H 155 -24.90 -115.07 10.32
C LYS H 155 -24.36 -115.22 11.74
N ILE H 156 -24.20 -114.09 12.42
CA ILE H 156 -23.78 -114.11 13.82
C ILE H 156 -25.02 -114.35 14.67
N GLU H 157 -25.02 -115.46 15.41
CA GLU H 157 -26.18 -115.83 16.21
C GLU H 157 -26.29 -114.96 17.45
N THR H 158 -27.51 -114.86 17.97
CA THR H 158 -27.82 -114.00 19.09
C THR H 158 -27.95 -114.79 20.38
N ASN H 159 -27.91 -114.08 21.51
CA ASN H 159 -28.05 -114.69 22.81
C ASN H 159 -29.50 -115.12 23.05
N GLU H 160 -29.66 -116.08 23.95
CA GLU H 160 -31.00 -116.62 24.23
C GLU H 160 -31.93 -115.56 24.82
N SER H 161 -31.38 -114.48 25.37
CA SER H 161 -32.20 -113.41 25.94
C SER H 161 -32.57 -112.35 24.90
N GLY H 162 -31.99 -112.39 23.72
CA GLY H 162 -32.27 -111.40 22.69
C GLY H 162 -31.21 -110.31 22.61
N VAL H 163 -29.94 -110.72 22.64
CA VAL H 163 -28.82 -109.80 22.55
C VAL H 163 -27.81 -110.38 21.56
N SER H 164 -27.32 -109.54 20.67
CA SER H 164 -26.36 -110.00 19.67
C SER H 164 -25.00 -110.26 20.29
N GLN H 165 -24.31 -111.25 19.75
CA GLN H 165 -22.97 -111.62 20.19
C GLN H 165 -21.89 -110.99 19.31
N TYR H 166 -22.11 -109.75 18.89
CA TYR H 166 -21.26 -109.11 17.88
C TYR H 166 -19.78 -109.23 18.25
N LYS H 167 -19.45 -108.95 19.50
CA LYS H 167 -18.07 -108.94 19.95
C LYS H 167 -17.76 -110.04 20.96
N LYS H 168 -18.57 -111.10 21.02
CA LYS H 168 -18.46 -112.10 22.07
C LYS H 168 -18.61 -113.51 21.54
N ARG H 169 -18.01 -113.81 20.39
CA ARG H 169 -18.03 -115.17 19.88
C ARG H 169 -16.86 -115.97 20.47
N THR H 170 -16.98 -117.29 20.40
CA THR H 170 -16.00 -118.19 21.00
C THR H 170 -15.83 -119.42 20.12
N ALA H 171 -14.70 -120.10 20.28
CA ALA H 171 -14.38 -121.25 19.43
C ALA H 171 -15.27 -122.43 19.76
N LYS H 172 -15.29 -123.40 18.85
CA LYS H 172 -16.16 -124.57 18.98
C LYS H 172 -15.52 -125.74 18.24
N ALA H 173 -16.07 -126.93 18.49
CA ALA H 173 -15.58 -128.12 17.81
C ALA H 173 -15.86 -128.05 16.32
N GLY H 174 -14.89 -128.49 15.52
CA GLY H 174 -14.98 -128.39 14.08
C GLY H 174 -15.75 -129.55 13.45
N THR H 175 -15.75 -129.55 12.13
CA THR H 175 -16.41 -130.59 11.34
C THR H 175 -15.49 -131.29 10.35
N ILE H 176 -14.51 -130.60 9.79
CA ILE H 176 -13.53 -131.28 8.94
C ILE H 176 -12.53 -132.02 9.84
N GLY H 177 -12.15 -133.20 9.40
CA GLY H 177 -11.23 -133.99 10.19
C GLY H 177 -11.74 -134.36 11.56
N THR H 178 -13.02 -134.76 11.66
CA THR H 178 -13.56 -135.22 12.94
C THR H 178 -12.92 -136.50 13.42
N GLU H 179 -12.17 -137.21 12.57
CA GLU H 179 -11.38 -138.33 13.04
C GLU H 179 -10.41 -137.89 14.11
N ALA H 180 -9.99 -136.62 14.11
CA ALA H 180 -9.19 -136.04 15.17
C ALA H 180 -10.01 -134.93 15.82
N THR H 181 -10.19 -135.01 17.14
CA THR H 181 -10.98 -134.02 17.83
C THR H 181 -10.49 -132.59 17.63
N PRO H 182 -9.18 -132.29 17.61
CA PRO H 182 -8.73 -130.89 17.57
C PRO H 182 -9.28 -130.05 16.43
N SER H 183 -9.99 -130.66 15.48
CA SER H 183 -10.66 -129.88 14.45
C SER H 183 -11.57 -128.85 15.10
N THR H 184 -11.32 -127.57 14.82
CA THR H 184 -12.04 -126.52 15.54
C THR H 184 -12.45 -125.37 14.62
N ILE H 185 -13.60 -124.79 14.93
CA ILE H 185 -14.01 -123.53 14.30
C ILE H 185 -13.49 -122.38 15.14
N THR H 186 -12.72 -121.49 14.51
CA THR H 186 -12.24 -120.31 15.22
C THR H 186 -12.59 -119.06 14.44
N PRO H 187 -13.10 -118.02 15.10
CA PRO H 187 -13.54 -116.82 14.39
C PRO H 187 -12.40 -115.89 14.01
N LEU H 188 -12.64 -115.06 13.00
CA LEU H 188 -11.64 -114.13 12.49
C LEU H 188 -12.13 -112.69 12.40
N ALA H 189 -13.41 -112.47 12.08
CA ALA H 189 -13.91 -111.11 11.95
C ALA H 189 -15.42 -111.10 12.00
N ASP H 190 -15.98 -109.92 12.29
CA ASP H 190 -17.41 -109.68 12.25
C ASP H 190 -17.70 -108.42 11.44
N PHE H 191 -18.81 -108.44 10.72
CA PHE H 191 -19.27 -107.31 9.94
C PHE H 191 -20.74 -107.07 10.24
N ARG H 192 -21.15 -105.80 10.21
CA ARG H 192 -22.49 -105.43 10.63
C ARG H 192 -22.97 -104.24 9.82
N CYS H 193 -24.27 -104.21 9.53
CA CYS H 193 -24.85 -103.09 8.81
C CYS H 193 -24.96 -101.87 9.70
N ARG H 194 -24.87 -100.69 9.09
CA ARG H 194 -24.92 -99.43 9.81
C ARG H 194 -26.34 -99.00 10.15
N PHE H 195 -27.33 -99.42 9.38
CA PHE H 195 -28.71 -98.99 9.55
C PHE H 195 -29.60 -100.21 9.77
N LYS H 196 -30.88 -99.95 9.99
CA LYS H 196 -31.89 -100.99 10.14
C LYS H 196 -32.82 -100.92 8.93
N SER H 197 -32.58 -101.76 7.94
CA SER H 197 -33.38 -101.74 6.72
C SER H 197 -32.95 -102.90 5.83
N SER H 198 -33.67 -103.04 4.71
CA SER H 198 -33.33 -104.05 3.71
C SER H 198 -32.00 -103.75 3.04
N LEU H 199 -31.48 -102.54 3.20
CA LEU H 199 -30.17 -102.22 2.63
C LEU H 199 -29.10 -103.13 3.19
N GLY H 200 -29.18 -103.47 4.48
CA GLY H 200 -28.21 -104.39 5.06
C GLY H 200 -28.30 -105.78 4.46
N ALA H 201 -29.52 -106.29 4.27
CA ALA H 201 -29.68 -107.60 3.66
C ALA H 201 -29.23 -107.60 2.21
N ASN H 202 -29.29 -106.47 1.51
CA ASN H 202 -28.82 -106.41 0.13
C ASN H 202 -27.36 -105.99 -0.03
N THR H 203 -26.69 -105.60 1.06
CA THR H 203 -25.28 -105.25 0.97
C THR H 203 -24.42 -106.51 0.93
N ALA H 204 -23.31 -106.44 0.21
CA ALA H 204 -22.41 -107.57 0.05
C ALA H 204 -20.96 -107.09 0.03
N LEU H 205 -20.04 -108.00 0.37
CA LEU H 205 -18.63 -107.67 0.47
C LEU H 205 -17.78 -108.78 -0.14
N ARG H 206 -16.60 -108.39 -0.62
CA ARG H 206 -15.62 -109.31 -1.19
C ARG H 206 -14.27 -109.09 -0.56
N ILE H 207 -13.55 -110.18 -0.32
CA ILE H 207 -12.18 -110.16 0.19
C ILE H 207 -11.37 -111.14 -0.62
N TRP H 208 -10.17 -110.74 -1.05
CA TRP H 208 -9.31 -111.69 -1.75
C TRP H 208 -7.86 -111.25 -1.63
N ALA H 209 -6.94 -112.15 -2.02
CA ALA H 209 -5.51 -111.91 -1.92
C ALA H 209 -4.89 -111.97 -3.31
N PRO H 210 -4.52 -110.84 -3.91
CA PRO H 210 -3.98 -110.87 -5.26
C PRO H 210 -2.49 -111.17 -5.28
N THR H 211 -2.03 -111.64 -6.44
CA THR H 211 -0.61 -111.92 -6.68
C THR H 211 -0.15 -111.10 -7.87
N ILE H 212 1.10 -111.35 -8.31
CA ILE H 212 1.68 -110.57 -9.39
C ILE H 212 0.87 -110.72 -10.67
N ASN H 213 0.17 -111.84 -10.82
CA ASN H 213 -0.58 -112.13 -12.04
C ASN H 213 -2.06 -111.82 -11.93
N SER H 214 -2.49 -111.18 -10.84
CA SER H 214 -3.91 -110.87 -10.67
C SER H 214 -4.33 -109.78 -11.65
N ALA H 215 -5.65 -109.54 -11.70
CA ALA H 215 -6.18 -108.43 -12.47
C ALA H 215 -5.75 -107.08 -11.92
N GLN H 216 -5.68 -106.95 -10.60
CA GLN H 216 -5.06 -105.80 -9.93
C GLN H 216 -3.73 -106.30 -9.38
N ALA H 217 -2.69 -106.22 -10.21
CA ALA H 217 -1.40 -106.79 -9.87
C ALA H 217 -0.86 -106.18 -8.58
N ALA H 218 -0.38 -107.04 -7.68
CA ALA H 218 0.23 -106.59 -6.46
C ALA H 218 1.72 -106.29 -6.69
N ASP H 219 2.35 -105.73 -5.67
CA ASP H 219 3.77 -105.38 -5.72
C ASP H 219 4.48 -105.93 -4.50
N ALA H 220 5.66 -106.51 -4.73
CA ALA H 220 6.43 -107.08 -3.63
C ALA H 220 7.23 -106.03 -2.87
N ASP H 221 7.54 -104.89 -3.51
CA ASP H 221 8.36 -103.89 -2.86
C ASP H 221 7.68 -103.32 -1.62
N LEU H 222 6.40 -102.96 -1.73
CA LEU H 222 5.70 -102.40 -0.58
C LEU H 222 5.56 -103.42 0.54
N GLN H 223 5.29 -104.67 0.19
CA GLN H 223 5.16 -105.71 1.20
C GLN H 223 6.48 -105.94 1.92
N ALA H 224 7.59 -105.90 1.19
CA ALA H 224 8.89 -105.99 1.85
C ALA H 224 9.15 -104.78 2.74
N ARG H 225 8.79 -103.59 2.25
CA ARG H 225 9.02 -102.36 3.02
C ARG H 225 8.27 -102.41 4.34
N ILE H 226 7.01 -102.83 4.32
CA ILE H 226 6.24 -103.11 5.52
C ILE H 226 5.75 -104.54 5.41
N LYS H 227 6.21 -105.40 6.31
CA LYS H 227 5.99 -106.84 6.19
C LYS H 227 4.60 -107.16 6.66
N SER H 228 3.68 -107.23 5.69
CA SER H 228 2.31 -107.64 5.95
C SER H 228 1.64 -107.87 4.59
N PHE H 229 1.03 -109.04 4.43
CA PHE H 229 0.35 -109.32 3.18
C PHE H 229 -0.84 -108.38 3.02
N LEU H 230 -1.05 -107.90 1.80
CA LEU H 230 -2.11 -106.94 1.51
C LEU H 230 -3.24 -107.66 0.78
N TYR H 231 -4.45 -107.50 1.31
CA TYR H 231 -5.65 -108.08 0.73
C TYR H 231 -6.51 -106.98 0.13
N ARG H 232 -7.20 -107.31 -0.96
CA ARG H 232 -8.16 -106.41 -1.57
C ARG H 232 -9.54 -106.63 -0.97
N PHE H 233 -10.20 -105.52 -0.69
CA PHE H 233 -11.52 -105.48 -0.05
C PHE H 233 -12.46 -104.64 -0.91
N GLN H 234 -13.69 -105.11 -1.07
CA GLN H 234 -14.66 -104.46 -1.95
C GLN H 234 -16.05 -104.53 -1.33
N ILE H 235 -16.86 -103.50 -1.61
CA ILE H 235 -18.24 -103.41 -1.15
C ILE H 235 -19.14 -103.23 -2.36
N LEU H 236 -20.24 -104.01 -2.41
CA LEU H 236 -21.21 -103.92 -3.48
C LEU H 236 -22.61 -103.91 -2.89
N THR H 237 -23.56 -103.39 -3.66
CA THR H 237 -24.95 -103.30 -3.22
C THR H 237 -25.87 -103.50 -4.41
N ARG H 238 -26.97 -104.23 -4.20
CA ARG H 238 -27.93 -104.51 -5.27
C ARG H 238 -29.23 -103.78 -5.00
N ALA H 239 -30.01 -103.61 -6.06
CA ALA H 239 -31.29 -102.92 -5.95
C ALA H 239 -32.32 -103.78 -5.23
N ASP H 240 -32.61 -104.95 -5.78
CA ASP H 240 -33.57 -105.88 -5.18
C ASP H 240 -33.02 -107.29 -5.33
N LYS H 241 -33.69 -108.24 -4.65
CA LYS H 241 -33.15 -109.59 -4.60
C LYS H 241 -32.95 -110.20 -5.99
N ALA H 242 -33.71 -109.73 -6.98
CA ALA H 242 -33.58 -110.27 -8.33
C ALA H 242 -32.59 -109.50 -9.20
N SER H 243 -32.00 -108.42 -8.70
CA SER H 243 -31.11 -107.60 -9.49
C SER H 243 -29.66 -108.06 -9.32
N SER H 244 -28.72 -107.25 -9.80
CA SER H 244 -27.30 -107.55 -9.73
C SER H 244 -26.56 -106.42 -9.03
N PRO H 245 -25.43 -106.70 -8.39
CA PRO H 245 -24.78 -105.69 -7.54
C PRO H 245 -24.08 -104.61 -8.35
N THR H 246 -23.82 -103.51 -7.67
CA THR H 246 -23.04 -102.39 -8.18
C THR H 246 -22.02 -101.99 -7.13
N ILE H 247 -20.84 -101.56 -7.58
CA ILE H 247 -19.75 -101.33 -6.64
C ILE H 247 -19.96 -100.00 -5.93
N PHE H 248 -19.81 -100.01 -4.61
CA PHE H 248 -19.90 -98.81 -3.78
C PHE H 248 -18.48 -98.28 -3.60
N GLU H 249 -18.17 -97.21 -4.32
CA GLU H 249 -16.81 -96.68 -4.36
C GLU H 249 -16.48 -95.86 -3.12
N THR H 250 -15.20 -95.73 -2.85
CA THR H 250 -14.77 -94.89 -1.73
C THR H 250 -15.03 -93.43 -2.07
N ILE H 251 -14.82 -92.57 -1.06
CA ILE H 251 -15.03 -91.14 -1.26
C ILE H 251 -14.01 -90.55 -2.23
N TYR H 252 -12.98 -91.31 -2.59
CA TYR H 252 -11.99 -90.90 -3.57
C TYR H 252 -12.23 -91.51 -4.94
N ASN H 253 -13.36 -92.18 -5.14
CA ASN H 253 -13.73 -92.78 -6.42
C ASN H 253 -12.78 -93.90 -6.81
N GLU H 254 -12.60 -94.85 -5.89
CA GLU H 254 -11.87 -96.08 -6.17
C GLU H 254 -12.79 -97.27 -5.99
N PRO H 255 -12.55 -98.37 -6.70
CA PRO H 255 -13.46 -99.52 -6.59
C PRO H 255 -13.15 -100.45 -5.43
N SER H 256 -11.91 -100.46 -4.94
CA SER H 256 -11.51 -101.41 -3.91
C SER H 256 -10.38 -100.82 -3.07
N LEU H 257 -10.17 -101.39 -1.89
CA LEU H 257 -9.13 -100.97 -0.97
C LEU H 257 -8.11 -102.07 -0.76
N SER H 258 -6.91 -101.67 -0.37
CA SER H 258 -5.86 -102.59 0.09
C SER H 258 -5.72 -102.45 1.60
N VAL H 259 -5.76 -103.57 2.30
CA VAL H 259 -5.67 -103.58 3.75
C VAL H 259 -4.69 -104.67 4.18
N GLY H 260 -4.26 -104.61 5.44
CA GLY H 260 -3.30 -105.57 5.94
C GLY H 260 -3.41 -105.74 7.44
N PHE H 261 -2.92 -106.89 7.91
CA PHE H 261 -2.95 -107.20 9.34
C PHE H 261 -1.71 -106.66 10.03
N GLY H 262 -1.89 -106.21 11.27
CA GLY H 262 -0.79 -105.69 12.07
C GLY H 262 -1.22 -104.55 12.96
N GLU H 263 -0.28 -104.00 13.74
CA GLU H 263 -0.63 -102.95 14.69
C GLU H 263 -0.79 -101.61 14.01
N ASN H 264 0.28 -101.06 13.45
CA ASN H 264 0.18 -99.83 12.67
C ASN H 264 1.13 -99.97 11.47
N LEU H 265 0.54 -100.03 10.28
CA LEU H 265 1.29 -100.24 9.05
C LEU H 265 1.48 -98.91 8.34
N VAL H 266 2.53 -98.20 8.75
CA VAL H 266 2.86 -96.92 8.16
C VAL H 266 4.00 -97.11 7.17
N ASP H 267 3.84 -96.55 5.98
CA ASP H 267 4.86 -96.62 4.95
C ASP H 267 5.82 -95.46 5.13
N PRO H 268 7.09 -95.71 5.48
CA PRO H 268 8.03 -94.58 5.65
C PRO H 268 8.21 -93.75 4.39
N GLN H 269 8.21 -94.38 3.21
CA GLN H 269 8.47 -93.66 1.97
C GLN H 269 7.32 -92.77 1.53
N THR H 270 6.10 -93.05 1.96
CA THR H 270 4.96 -92.22 1.58
C THR H 270 4.00 -91.93 2.72
N GLU H 271 4.15 -92.56 3.88
CA GLU H 271 3.34 -92.30 5.07
C GLU H 271 1.90 -92.78 4.91
N VAL H 272 1.65 -93.81 4.12
CA VAL H 272 0.32 -94.38 4.01
C VAL H 272 0.08 -95.33 5.17
N VAL H 273 -1.16 -95.38 5.66
CA VAL H 273 -1.56 -96.26 6.75
C VAL H 273 -2.42 -97.37 6.15
N TYR H 274 -1.96 -98.61 6.29
CA TYR H 274 -2.63 -99.76 5.69
C TYR H 274 -3.40 -100.60 6.71
N ASP H 275 -3.74 -100.05 7.86
CA ASP H 275 -4.46 -100.82 8.87
C ASP H 275 -5.87 -101.12 8.38
N PHE H 276 -6.37 -102.31 8.73
CA PHE H 276 -7.63 -102.81 8.20
C PHE H 276 -8.80 -101.90 8.57
N VAL H 277 -9.13 -101.86 9.86
CA VAL H 277 -10.34 -101.18 10.30
C VAL H 277 -10.23 -99.68 10.07
N GLU H 278 -9.10 -99.10 10.45
CA GLU H 278 -8.92 -97.65 10.33
C GLU H 278 -9.03 -97.22 8.88
N ARG H 279 -8.31 -97.91 8.00
CA ARG H 279 -8.33 -97.53 6.58
C ARG H 279 -9.73 -97.68 6.01
N ILE H 280 -10.39 -98.80 6.27
CA ILE H 280 -11.72 -99.01 5.70
C ILE H 280 -12.66 -97.90 6.15
N ASP H 281 -12.69 -97.66 7.47
CA ASP H 281 -13.67 -96.74 8.02
C ASP H 281 -13.38 -95.30 7.60
N SER H 282 -12.11 -94.94 7.44
CA SER H 282 -11.79 -93.58 7.02
C SER H 282 -12.05 -93.38 5.53
N ARG H 283 -11.74 -94.38 4.71
CA ARG H 283 -11.85 -94.22 3.26
C ARG H 283 -13.28 -94.30 2.76
N TYR H 284 -14.15 -95.05 3.44
CA TYR H 284 -15.48 -95.27 2.88
C TYR H 284 -16.54 -94.30 3.39
N ASN H 285 -16.24 -93.47 4.39
CA ASN H 285 -17.24 -92.59 4.99
C ASN H 285 -16.81 -91.13 4.92
N ASP H 286 -17.79 -90.25 5.08
CA ASP H 286 -17.55 -88.81 5.05
C ASP H 286 -18.68 -88.12 5.81
N GLU H 287 -18.34 -87.54 6.96
CA GLU H 287 -19.32 -86.93 7.86
C GLU H 287 -19.51 -85.44 7.62
N ASP H 288 -18.74 -84.81 6.74
CA ASP H 288 -18.80 -83.37 6.61
C ASP H 288 -20.19 -82.94 6.17
N PRO H 289 -20.87 -82.07 6.93
CA PRO H 289 -22.25 -81.70 6.54
C PRO H 289 -22.48 -81.25 5.10
N SER H 290 -21.45 -80.81 4.39
CA SER H 290 -21.59 -80.37 3.02
C SER H 290 -21.49 -81.53 2.03
N THR H 291 -20.64 -82.51 2.32
CA THR H 291 -20.42 -83.68 1.46
C THR H 291 -20.57 -84.90 2.36
N TYR H 292 -21.76 -85.48 2.39
CA TYR H 292 -22.15 -86.42 3.43
C TYR H 292 -22.48 -87.77 2.81
N LEU H 293 -21.75 -88.80 3.22
CA LEU H 293 -22.08 -90.18 2.85
C LEU H 293 -21.58 -91.14 3.91
N MET H 294 -22.50 -91.89 4.50
CA MET H 294 -22.19 -92.95 5.44
C MET H 294 -22.28 -94.29 4.73
N SER H 295 -21.21 -95.08 4.82
CA SER H 295 -21.18 -96.36 4.15
C SER H 295 -22.20 -97.31 4.77
N PRO H 296 -22.75 -98.26 4.00
CA PRO H 296 -23.68 -99.23 4.61
C PRO H 296 -23.05 -100.05 5.73
N LEU H 297 -21.77 -100.39 5.62
CA LEU H 297 -21.10 -101.13 6.69
C LEU H 297 -20.78 -100.22 7.86
N ASP H 298 -20.87 -100.78 9.06
CA ASP H 298 -20.37 -100.12 10.25
C ASP H 298 -18.86 -100.36 10.37
N THR H 299 -18.30 -100.01 11.51
CA THR H 299 -16.88 -100.25 11.75
C THR H 299 -16.62 -101.73 11.95
N PRO H 300 -15.77 -102.37 11.15
CA PRO H 300 -15.52 -103.80 11.35
C PRO H 300 -14.81 -104.09 12.67
N TYR H 301 -14.97 -105.32 13.14
CA TYR H 301 -14.32 -105.82 14.35
C TYR H 301 -13.48 -107.05 14.00
N LEU H 302 -12.35 -107.19 14.68
CA LEU H 302 -11.45 -108.31 14.42
C LEU H 302 -11.10 -109.03 15.72
N TYR H 303 -10.86 -110.33 15.61
CA TYR H 303 -10.39 -111.16 16.73
C TYR H 303 -8.87 -111.28 16.60
N GLN H 304 -8.19 -110.26 17.13
CA GLN H 304 -6.75 -110.17 16.97
C GLN H 304 -6.05 -111.37 17.60
N ALA H 305 -6.51 -111.80 18.77
CA ALA H 305 -5.87 -112.93 19.45
C ALA H 305 -5.92 -114.18 18.58
N ASN H 306 -7.10 -114.51 18.05
CA ASN H 306 -7.23 -115.74 17.27
C ASN H 306 -6.48 -115.64 15.95
N ILE H 307 -6.57 -114.51 15.26
CA ILE H 307 -5.85 -114.37 13.99
C ILE H 307 -4.35 -114.50 14.23
N ASP H 308 -3.85 -113.85 15.28
CA ASP H 308 -2.44 -113.95 15.63
C ASP H 308 -2.07 -115.39 15.97
N SER H 309 -2.94 -116.10 16.68
CA SER H 309 -2.64 -117.47 17.05
C SER H 309 -2.49 -118.35 15.83
N VAL H 310 -3.42 -118.25 14.88
CA VAL H 310 -3.32 -119.07 13.67
C VAL H 310 -2.09 -118.68 12.86
N LEU H 311 -1.80 -117.39 12.75
CA LEU H 311 -0.62 -116.96 12.03
C LEU H 311 0.65 -117.53 12.67
N THR H 312 0.72 -117.48 13.99
CA THR H 312 1.88 -118.03 14.70
C THR H 312 1.99 -119.52 14.47
N ALA H 313 0.86 -120.23 14.51
CA ALA H 313 0.89 -121.67 14.30
C ALA H 313 1.44 -122.01 12.92
N ILE H 314 0.92 -121.36 11.88
CA ILE H 314 1.37 -121.69 10.53
C ILE H 314 2.82 -121.28 10.33
N GLN H 315 3.24 -120.17 10.92
CA GLN H 315 4.64 -119.78 10.82
C GLN H 315 5.54 -120.83 11.48
N GLU H 316 5.26 -121.16 12.74
CA GLU H 316 6.07 -122.16 13.43
C GLU H 316 6.14 -123.44 12.63
N LEU H 317 5.02 -123.83 12.01
CA LEU H 317 5.01 -125.07 11.25
C LEU H 317 5.90 -124.98 10.02
N GLU H 318 5.61 -124.04 9.12
CA GLU H 318 6.21 -124.05 7.80
C GLU H 318 7.12 -122.86 7.51
N ALA H 319 7.23 -121.90 8.42
CA ALA H 319 8.20 -120.83 8.22
C ALA H 319 9.62 -121.37 8.18
N PRO H 320 10.08 -122.19 9.13
CA PRO H 320 11.39 -122.84 8.96
C PRO H 320 11.29 -124.00 7.98
N PHE H 321 11.10 -123.68 6.70
CA PHE H 321 10.94 -124.68 5.68
C PHE H 321 11.54 -124.16 4.38
N ASP H 322 11.40 -124.97 3.31
CA ASP H 322 12.18 -124.74 2.10
C ASP H 322 11.82 -123.43 1.40
N THR H 323 10.52 -123.12 1.25
CA THR H 323 10.13 -122.06 0.33
C THR H 323 9.33 -120.94 1.01
N VAL H 324 9.61 -120.63 2.28
CA VAL H 324 8.98 -119.52 2.98
C VAL H 324 9.97 -119.01 4.02
N SER H 325 9.96 -117.69 4.22
CA SER H 325 10.89 -117.07 5.16
C SER H 325 10.58 -117.54 6.58
N ALA H 326 11.64 -117.85 7.33
CA ALA H 326 11.50 -118.32 8.69
C ALA H 326 11.59 -117.20 9.73
N ASP H 327 11.82 -115.98 9.29
CA ASP H 327 12.06 -114.89 10.24
C ASP H 327 10.88 -114.73 11.19
N GLU H 328 11.10 -113.91 12.22
CA GLU H 328 10.08 -113.74 13.25
C GLU H 328 8.94 -112.85 12.77
N ASP H 329 9.25 -111.82 11.98
CA ASP H 329 8.23 -110.88 11.54
C ASP H 329 7.46 -111.36 10.32
N ASP H 330 7.84 -112.51 9.76
CA ASP H 330 7.11 -113.11 8.64
C ASP H 330 5.70 -113.52 9.05
N LEU H 331 5.42 -113.56 10.36
CA LEU H 331 4.10 -113.92 10.85
C LEU H 331 3.01 -113.12 10.15
N TYR H 332 3.24 -111.82 9.96
CA TYR H 332 2.21 -110.98 9.37
C TYR H 332 2.27 -110.93 7.85
N GLN H 333 3.30 -111.47 7.19
CA GLN H 333 3.21 -111.55 5.74
C GLN H 333 2.54 -112.85 5.34
N ILE H 334 2.45 -113.81 6.27
CA ILE H 334 1.83 -115.09 5.94
C ILE H 334 0.51 -114.87 5.22
N ASN H 335 0.37 -115.44 4.03
CA ASN H 335 -0.84 -115.32 3.23
C ASN H 335 -1.89 -116.29 3.78
N LEU H 336 -2.89 -115.74 4.48
CA LEU H 336 -3.89 -116.60 5.11
C LEU H 336 -4.94 -117.08 4.12
N PHE H 337 -5.67 -116.14 3.51
CA PHE H 337 -6.80 -116.51 2.67
C PHE H 337 -6.35 -117.26 1.42
N GLY H 338 -5.21 -116.92 0.86
CA GLY H 338 -4.62 -117.65 -0.24
C GLY H 338 -3.76 -118.78 0.26
N ALA H 339 -2.98 -119.35 -0.65
CA ALA H 339 -2.07 -120.43 -0.32
C ALA H 339 -0.74 -120.24 -1.03
N GLN H 340 -0.33 -118.99 -1.21
CA GLN H 340 0.89 -118.69 -1.94
C GLN H 340 1.39 -117.32 -1.53
N THR H 341 2.67 -117.06 -1.83
CA THR H 341 3.25 -115.76 -1.58
C THR H 341 2.80 -114.76 -2.63
N VAL H 342 3.33 -113.53 -2.52
CA VAL H 342 2.96 -112.49 -3.47
C VAL H 342 3.38 -112.89 -4.87
N GLU H 343 4.58 -113.47 -5.03
CA GLU H 343 5.03 -113.88 -6.36
C GLU H 343 4.19 -115.00 -6.95
N GLY H 344 3.39 -115.69 -6.14
CA GLY H 344 2.52 -116.73 -6.66
C GLY H 344 3.10 -118.13 -6.59
N VAL H 345 3.92 -118.41 -5.58
CA VAL H 345 4.47 -119.75 -5.35
C VAL H 345 3.56 -120.47 -4.36
N PRO H 346 2.98 -121.61 -4.71
CA PRO H 346 2.03 -122.25 -3.79
C PRO H 346 2.68 -122.71 -2.50
N TYR H 347 1.92 -122.66 -1.42
CA TYR H 347 2.32 -123.22 -0.14
C TYR H 347 1.98 -124.71 -0.15
N HIS H 348 3.00 -125.56 -0.27
CA HIS H 348 2.79 -126.97 0.02
C HIS H 348 2.84 -127.19 1.53
N ALA H 349 2.16 -128.24 1.97
CA ALA H 349 1.87 -128.53 3.38
C ALA H 349 0.68 -127.74 3.92
N VAL H 350 -0.03 -127.02 3.07
CA VAL H 350 -1.28 -126.37 3.45
C VAL H 350 -2.33 -126.69 2.40
N GLN H 351 -3.50 -127.15 2.85
CA GLN H 351 -4.60 -127.51 1.96
C GLN H 351 -5.83 -126.71 2.36
N ILE H 352 -6.51 -126.15 1.37
CA ILE H 352 -7.74 -125.39 1.58
C ILE H 352 -8.86 -126.15 0.89
N LEU H 353 -9.90 -126.48 1.65
CA LEU H 353 -11.00 -127.27 1.10
C LEU H 353 -11.91 -126.41 0.25
N GLY H 354 -12.25 -126.90 -0.94
CA GLY H 354 -13.04 -126.14 -1.90
C GLY H 354 -14.52 -126.20 -1.62
N VAL H 355 -15.30 -125.76 -2.61
CA VAL H 355 -16.75 -125.68 -2.45
C VAL H 355 -17.34 -127.08 -2.26
N LEU H 356 -16.91 -128.04 -3.08
CA LEU H 356 -17.43 -129.39 -2.96
C LEU H 356 -17.11 -130.00 -1.61
N ASP H 357 -16.02 -129.55 -0.99
CA ASP H 357 -15.62 -130.04 0.33
C ASP H 357 -16.23 -129.24 1.46
N GLY H 358 -17.11 -128.27 1.16
CA GLY H 358 -17.79 -127.51 2.18
C GLY H 358 -17.14 -126.19 2.53
N GLY H 359 -16.19 -125.72 1.73
CA GLY H 359 -15.51 -124.46 2.01
C GLY H 359 -16.12 -123.29 1.27
N VAL H 360 -15.46 -122.14 1.42
CA VAL H 360 -15.84 -120.90 0.76
C VAL H 360 -14.63 -120.41 -0.02
N THR H 361 -14.85 -120.00 -1.27
CA THR H 361 -13.79 -119.53 -2.15
C THR H 361 -13.75 -118.00 -2.10
N LEU H 362 -12.69 -117.45 -1.50
CA LEU H 362 -12.51 -116.01 -1.42
C LEU H 362 -11.71 -115.57 -2.63
N THR H 363 -12.43 -115.14 -3.67
CA THR H 363 -11.82 -114.62 -4.89
C THR H 363 -12.54 -113.34 -5.28
N GLU H 364 -12.08 -112.73 -6.37
CA GLU H 364 -12.66 -111.48 -6.84
C GLU H 364 -14.03 -111.65 -7.46
N THR H 365 -14.46 -112.89 -7.74
CA THR H 365 -15.77 -113.14 -8.31
C THR H 365 -16.80 -113.58 -7.28
N ALA H 366 -16.37 -114.17 -6.17
CA ALA H 366 -17.30 -114.56 -5.13
C ALA H 366 -17.89 -113.34 -4.44
N THR H 367 -19.17 -113.41 -4.11
CA THR H 367 -19.88 -112.34 -3.41
C THR H 367 -20.55 -112.90 -2.19
N ASN H 368 -20.59 -112.12 -1.11
CA ASN H 368 -21.10 -112.55 0.18
C ASN H 368 -22.09 -111.53 0.71
N TYR H 369 -23.26 -111.99 1.15
CA TYR H 369 -24.34 -111.11 1.55
C TYR H 369 -24.61 -111.24 3.04
N LEU H 370 -24.91 -110.12 3.68
CA LEU H 370 -25.28 -110.13 5.09
C LEU H 370 -26.63 -110.79 5.27
N GLN H 371 -26.85 -111.36 6.46
CA GLN H 371 -28.04 -112.14 6.76
C GLN H 371 -28.86 -111.46 7.84
N GLY H 372 -30.16 -111.36 7.61
CA GLY H 372 -31.06 -110.77 8.59
C GLY H 372 -31.61 -109.43 8.16
N GLY H 373 -32.01 -108.59 9.12
CA GLY H 373 -32.49 -107.27 8.81
C GLY H 373 -33.92 -107.26 8.34
N GLY H 374 -34.40 -106.07 8.03
CA GLY H 374 -35.76 -105.85 7.58
C GLY H 374 -36.24 -104.46 7.95
N ASP H 375 -37.41 -104.10 7.42
CA ASP H 375 -37.97 -102.78 7.60
C ASP H 375 -39.08 -102.74 8.64
N GLY H 376 -39.85 -103.81 8.78
CA GLY H 376 -41.04 -103.81 9.60
C GLY H 376 -42.29 -103.70 8.75
N THR H 377 -43.39 -103.39 9.42
CA THR H 377 -44.69 -103.29 8.77
C THR H 377 -44.91 -101.87 8.27
N LEU H 378 -44.85 -101.69 6.96
CA LEU H 378 -44.97 -100.39 6.31
C LEU H 378 -46.38 -100.20 5.77
N GLY H 379 -46.73 -98.95 5.52
CA GLY H 379 -48.04 -98.57 5.04
C GLY H 379 -48.63 -97.45 5.86
N ASN H 380 -49.78 -96.98 5.41
CA ASN H 380 -50.40 -95.82 6.06
C ASN H 380 -50.88 -96.14 7.46
N ASP H 381 -51.32 -97.36 7.72
CA ASP H 381 -51.80 -97.71 9.05
C ASP H 381 -50.67 -97.67 10.08
N SER H 382 -49.55 -98.34 9.78
CA SER H 382 -48.40 -98.26 10.68
C SER H 382 -47.86 -96.84 10.75
N PHE H 383 -47.92 -96.10 9.64
CA PHE H 383 -47.47 -94.71 9.68
C PHE H 383 -48.30 -93.89 10.65
N ASN H 384 -49.63 -94.04 10.60
CA ASN H 384 -50.48 -93.33 11.54
C ASN H 384 -50.20 -93.75 12.97
N ALA H 385 -49.97 -95.05 13.19
CA ALA H 385 -49.67 -95.52 14.54
C ALA H 385 -48.40 -94.86 15.07
N ALA H 386 -47.33 -94.85 14.27
CA ALA H 386 -46.08 -94.27 14.73
C ALA H 386 -46.20 -92.76 14.94
N ALA H 387 -46.90 -92.07 14.03
CA ALA H 387 -47.07 -90.63 14.17
C ALA H 387 -47.85 -90.30 15.44
N TYR H 388 -48.90 -91.09 15.73
CA TYR H 388 -49.63 -90.87 16.97
C TYR H 388 -48.76 -91.14 18.18
N ALA H 389 -47.95 -92.20 18.12
CA ALA H 389 -47.07 -92.50 19.25
C ALA H 389 -46.13 -91.35 19.52
N VAL H 390 -45.62 -90.70 18.48
CA VAL H 390 -44.74 -89.55 18.67
C VAL H 390 -45.50 -88.34 19.18
N LEU H 391 -46.67 -88.03 18.60
CA LEU H 391 -47.32 -86.77 18.89
C LEU H 391 -48.03 -86.77 20.24
N SER H 392 -48.56 -87.92 20.68
CA SER H 392 -49.30 -87.93 21.94
C SER H 392 -48.39 -87.62 23.13
N ASN H 393 -47.18 -88.17 23.13
CA ASN H 393 -46.24 -87.98 24.23
C ASN H 393 -45.22 -86.93 23.81
N LEU H 394 -45.58 -85.66 24.03
CA LEU H 394 -44.69 -84.56 23.71
C LEU H 394 -43.96 -84.02 24.93
N SER H 395 -44.61 -84.03 26.10
CA SER H 395 -44.06 -83.45 27.30
C SER H 395 -43.20 -84.43 28.11
N ASN H 396 -43.15 -85.70 27.72
CA ASN H 396 -42.36 -86.68 28.46
C ASN H 396 -41.66 -87.66 27.52
N ASN H 397 -41.40 -87.25 26.29
CA ASN H 397 -40.67 -88.10 25.36
C ASN H 397 -39.20 -88.18 25.74
N ALA H 398 -38.65 -89.38 25.74
CA ALA H 398 -37.24 -89.59 26.04
C ALA H 398 -36.36 -89.54 24.80
N ALA H 399 -36.93 -89.45 23.61
CA ALA H 399 -36.17 -89.40 22.38
C ALA H 399 -35.76 -87.97 22.01
N PHE H 400 -36.66 -87.01 22.23
CA PHE H 400 -36.37 -85.62 21.94
C PHE H 400 -37.49 -84.75 22.48
N ASN H 401 -37.12 -83.55 22.92
CA ASN H 401 -38.06 -82.58 23.47
C ASN H 401 -38.19 -81.43 22.49
N ILE H 402 -39.39 -81.25 21.93
CA ILE H 402 -39.58 -80.32 20.82
C ILE H 402 -40.03 -78.94 21.29
N THR H 403 -40.01 -78.68 22.59
CA THR H 403 -40.20 -77.33 23.09
C THR H 403 -38.91 -76.53 23.11
N ASN H 404 -37.85 -77.05 22.49
CA ASN H 404 -36.55 -76.41 22.44
C ASN H 404 -36.53 -75.48 21.23
N TYR H 405 -36.72 -74.18 21.47
CA TYR H 405 -36.80 -73.23 20.36
C TYR H 405 -35.51 -73.19 19.56
N ALA H 406 -34.38 -73.18 20.23
CA ALA H 406 -33.10 -73.01 19.54
C ALA H 406 -32.67 -74.25 18.78
N ARG H 407 -33.05 -75.43 19.26
CA ARG H 407 -32.59 -76.68 18.67
C ARG H 407 -33.53 -77.24 17.62
N TYR H 408 -34.78 -76.80 17.57
CA TYR H 408 -35.77 -77.28 16.61
C TYR H 408 -36.48 -76.09 16.00
N PRO H 409 -35.89 -75.46 14.98
CA PRO H 409 -36.46 -74.23 14.41
C PRO H 409 -37.69 -74.42 13.55
N PHE H 410 -38.30 -75.60 13.51
CA PHE H 410 -39.52 -75.76 12.73
C PHE H 410 -40.61 -74.82 13.26
N ASN H 411 -41.40 -74.26 12.34
CA ASN H 411 -42.48 -73.37 12.74
C ASN H 411 -43.83 -73.70 12.11
N ALA H 412 -43.92 -74.67 11.22
CA ALA H 412 -45.18 -75.00 10.57
C ALA H 412 -45.41 -76.50 10.60
N PHE H 413 -46.68 -76.90 10.58
CA PHE H 413 -47.06 -78.30 10.52
C PHE H 413 -48.31 -78.46 9.67
N TRP H 414 -48.21 -79.25 8.61
CA TRP H 414 -49.32 -79.49 7.68
C TRP H 414 -49.88 -80.88 7.92
N ASP H 415 -51.21 -81.00 7.92
CA ASP H 415 -51.88 -82.28 8.01
C ASP H 415 -52.04 -82.87 6.62
N SER H 416 -51.42 -84.02 6.38
CA SER H 416 -51.43 -84.64 5.07
C SER H 416 -52.47 -85.74 4.93
N GLY H 417 -53.33 -85.92 5.93
CA GLY H 417 -54.38 -86.92 5.86
C GLY H 417 -54.37 -87.92 7.00
N PHE H 418 -53.82 -87.52 8.13
CA PHE H 418 -53.82 -88.41 9.29
C PHE H 418 -55.23 -88.75 9.70
N ASP H 419 -55.40 -89.92 10.31
CA ASP H 419 -56.71 -90.36 10.76
C ASP H 419 -57.21 -89.44 11.88
N LEU H 420 -58.53 -89.46 12.07
CA LEU H 420 -59.16 -88.52 12.98
C LEU H 420 -58.65 -88.66 14.40
N LYS H 421 -58.09 -89.81 14.77
CA LYS H 421 -57.49 -89.94 16.10
C LYS H 421 -56.20 -89.15 16.21
N THR H 422 -55.40 -89.11 15.14
CA THR H 422 -54.16 -88.36 15.17
C THR H 422 -54.39 -86.88 14.87
N LYS H 423 -55.46 -86.54 14.15
CA LYS H 423 -55.72 -85.15 13.83
C LYS H 423 -55.89 -84.31 15.08
N GLN H 424 -56.37 -84.89 16.17
CA GLN H 424 -56.72 -84.14 17.35
C GLN H 424 -55.54 -83.93 18.30
N THR H 425 -54.40 -84.56 18.05
CA THR H 425 -53.21 -84.33 18.85
C THR H 425 -52.30 -83.26 18.26
N ILE H 426 -52.64 -82.70 17.10
CA ILE H 426 -51.82 -81.69 16.44
C ILE H 426 -52.09 -80.31 17.04
N PRO H 427 -53.34 -79.92 17.34
CA PRO H 427 -53.59 -78.55 17.78
C PRO H 427 -52.77 -78.11 18.99
N GLN H 428 -52.29 -79.06 19.80
CA GLN H 428 -51.54 -78.68 20.99
C GLN H 428 -50.16 -78.11 20.67
N LEU H 429 -49.71 -78.18 19.42
CA LEU H 429 -48.44 -77.56 19.06
C LEU H 429 -48.50 -76.05 19.23
N ILE H 430 -49.61 -75.42 18.80
CA ILE H 430 -49.81 -73.99 19.03
C ILE H 430 -50.16 -73.66 20.47
N GLY H 431 -50.26 -74.67 21.34
CA GLY H 431 -50.44 -74.42 22.75
C GLY H 431 -49.13 -74.55 23.50
N LEU H 432 -48.25 -75.42 23.01
CA LEU H 432 -46.97 -75.61 23.64
C LEU H 432 -45.89 -74.66 23.12
N ARG H 433 -46.04 -74.11 21.92
CA ARG H 433 -45.05 -73.20 21.37
C ARG H 433 -45.72 -71.93 20.86
N ALA H 434 -45.06 -70.80 21.06
CA ALA H 434 -45.62 -69.49 20.73
C ALA H 434 -45.21 -69.00 19.34
N ASP H 435 -44.50 -69.81 18.57
CA ASP H 435 -44.08 -69.45 17.23
C ASP H 435 -44.37 -70.58 16.26
N THR H 436 -45.56 -71.15 16.33
CA THR H 436 -45.94 -72.30 15.52
C THR H 436 -47.24 -72.01 14.78
N TRP H 437 -47.40 -72.71 13.65
CA TRP H 437 -48.52 -72.50 12.74
C TRP H 437 -48.94 -73.87 12.22
N ILE H 438 -50.25 -74.11 12.15
CA ILE H 438 -50.76 -75.43 11.79
C ILE H 438 -51.80 -75.30 10.70
N ALA H 439 -51.78 -76.25 9.77
CA ALA H 439 -52.83 -76.39 8.76
C ALA H 439 -53.47 -77.77 8.93
N LEU H 440 -54.79 -77.80 9.01
CA LEU H 440 -55.53 -79.03 9.22
C LEU H 440 -56.31 -79.40 7.96
N SER H 441 -56.56 -80.70 7.81
CA SER H 441 -57.33 -81.24 6.70
C SER H 441 -58.46 -82.08 7.25
N THR H 442 -59.64 -81.97 6.64
CA THR H 442 -60.82 -82.69 7.10
C THR H 442 -61.02 -84.02 6.39
N GLN H 443 -59.97 -84.57 5.77
CA GLN H 443 -60.06 -85.82 5.03
C GLN H 443 -59.05 -86.81 5.58
N ASP H 444 -59.50 -88.05 5.81
CA ASP H 444 -58.64 -89.17 6.15
C ASP H 444 -58.37 -89.93 4.86
N ILE H 445 -57.13 -89.82 4.35
CA ILE H 445 -56.82 -90.31 3.02
C ILE H 445 -56.99 -91.82 2.89
N SER H 446 -56.99 -92.54 4.00
CA SER H 446 -57.18 -93.98 3.94
C SER H 446 -58.66 -94.38 3.84
N SER H 447 -59.57 -93.42 3.86
CA SER H 447 -61.01 -93.68 3.80
C SER H 447 -61.59 -93.05 2.54
N ASP H 448 -62.89 -93.27 2.35
CA ASP H 448 -63.58 -92.73 1.19
C ASP H 448 -63.79 -91.23 1.35
N PHE H 449 -63.92 -90.54 0.22
CA PHE H 449 -64.12 -89.10 0.26
C PHE H 449 -65.36 -88.76 1.06
N ASN H 450 -65.24 -87.78 1.94
CA ASN H 450 -66.33 -87.41 2.83
C ASN H 450 -67.41 -86.66 2.06
N SER H 451 -68.64 -86.75 2.58
CA SER H 451 -69.76 -85.99 2.04
C SER H 451 -69.90 -84.65 2.79
N ASN H 452 -70.96 -83.93 2.47
CA ASN H 452 -71.16 -82.62 3.09
C ASN H 452 -71.35 -82.77 4.60
N GLU H 453 -72.15 -83.74 5.02
CA GLU H 453 -72.44 -83.90 6.45
C GLU H 453 -71.21 -84.37 7.23
N GLU H 454 -70.45 -85.30 6.66
CA GLU H 454 -69.20 -85.71 7.31
C GLU H 454 -68.21 -84.57 7.37
N GLU H 455 -68.11 -83.78 6.30
CA GLU H 455 -67.29 -82.58 6.32
C GLU H 455 -67.69 -81.69 7.50
N GLU H 456 -68.99 -81.45 7.64
CA GLU H 456 -69.47 -80.58 8.71
C GLU H 456 -69.11 -81.15 10.08
N SER H 457 -69.34 -82.45 10.27
CA SER H 457 -69.08 -83.05 11.58
C SER H 457 -67.61 -82.98 11.94
N ILE H 458 -66.73 -83.32 10.99
CA ILE H 458 -65.30 -83.30 11.28
C ILE H 458 -64.81 -81.88 11.51
N ALA H 459 -65.35 -80.92 10.76
CA ALA H 459 -64.97 -79.53 10.97
C ALA H 459 -65.34 -79.06 12.37
N LEU H 460 -66.56 -79.38 12.81
CA LEU H 460 -66.97 -78.99 14.16
C LEU H 460 -66.11 -79.68 15.21
N SER H 461 -65.80 -80.96 14.99
CA SER H 461 -65.00 -81.69 15.96
C SER H 461 -63.60 -81.08 16.08
N LEU H 462 -63.00 -80.69 14.95
CA LEU H 462 -61.67 -80.08 15.00
C LEU H 462 -61.72 -78.68 15.61
N MET H 463 -62.77 -77.92 15.32
CA MET H 463 -62.91 -76.60 15.92
C MET H 463 -63.05 -76.71 17.42
N SER H 464 -63.78 -77.71 17.91
CA SER H 464 -63.93 -77.89 19.35
C SER H 464 -62.57 -78.15 20.00
N ARG H 465 -61.72 -78.94 19.35
CA ARG H 465 -60.40 -79.22 19.90
C ARG H 465 -59.51 -77.99 19.86
N VAL H 466 -59.56 -77.25 18.75
CA VAL H 466 -58.74 -76.04 18.62
C VAL H 466 -59.17 -75.00 19.64
N SER H 467 -60.43 -75.05 20.09
CA SER H 467 -60.90 -74.09 21.07
C SER H 467 -60.26 -74.26 22.44
N ALA H 468 -59.52 -75.33 22.66
CA ALA H 468 -58.93 -75.60 23.97
C ALA H 468 -57.57 -74.93 24.17
N PHE H 469 -57.03 -74.27 23.15
CA PHE H 469 -55.70 -73.66 23.22
C PHE H 469 -55.80 -72.21 22.78
N PRO H 470 -56.29 -71.32 23.65
CA PRO H 470 -56.39 -69.91 23.28
C PRO H 470 -55.02 -69.27 23.11
N ASP H 471 -54.99 -68.18 22.35
CA ASP H 471 -53.73 -67.50 22.09
C ASP H 471 -53.12 -66.96 23.37
N SER H 472 -53.90 -66.24 24.16
CA SER H 472 -53.44 -65.66 25.42
C SER H 472 -54.26 -66.28 26.54
N SER H 473 -53.66 -67.23 27.26
CA SER H 473 -54.38 -67.88 28.35
C SER H 473 -54.77 -66.88 29.44
N ASP H 474 -54.03 -65.78 29.55
CA ASP H 474 -54.38 -64.76 30.54
C ASP H 474 -55.70 -64.09 30.18
N PHE H 475 -55.86 -63.70 28.93
CA PHE H 475 -57.05 -62.98 28.48
C PHE H 475 -57.96 -63.80 27.57
N GLY H 476 -57.56 -65.01 27.22
CA GLY H 476 -58.44 -65.89 26.47
C GLY H 476 -58.73 -65.44 25.04
N THR H 477 -57.75 -64.86 24.36
CA THR H 477 -57.93 -64.55 22.95
C THR H 477 -58.03 -65.85 22.15
N PRO H 478 -58.96 -65.97 21.21
CA PRO H 478 -59.03 -67.19 20.40
C PRO H 478 -57.77 -67.38 19.56
N ALA H 479 -57.45 -68.64 19.29
CA ALA H 479 -56.29 -68.95 18.48
C ALA H 479 -56.47 -68.46 17.06
N PHE H 480 -55.37 -68.06 16.42
CA PHE H 480 -55.43 -67.61 15.03
C PHE H 480 -54.25 -68.08 14.18
N ARG H 481 -53.33 -68.87 14.71
CA ARG H 481 -52.14 -69.30 13.96
C ARG H 481 -52.42 -70.64 13.28
N GLY H 482 -53.01 -70.56 12.10
CA GLY H 482 -53.25 -71.75 11.29
C GLY H 482 -54.50 -71.59 10.44
N MET H 483 -54.93 -72.71 9.87
CA MET H 483 -56.15 -72.73 9.07
C MET H 483 -56.62 -74.16 8.88
N ILE H 484 -57.83 -74.30 8.34
CA ILE H 484 -58.43 -75.60 8.03
C ILE H 484 -58.82 -75.60 6.56
N VAL H 485 -58.49 -76.66 5.83
CA VAL H 485 -58.76 -76.77 4.41
C VAL H 485 -59.58 -78.04 4.17
N GLY H 486 -60.69 -77.89 3.44
CA GLY H 486 -61.58 -79.01 3.14
C GLY H 486 -61.54 -79.37 1.67
N GLY H 487 -61.54 -80.67 1.39
CA GLY H 487 -61.50 -81.19 0.05
C GLY H 487 -60.44 -82.26 -0.12
N ALA H 488 -60.56 -82.99 -1.22
CA ALA H 488 -59.58 -84.01 -1.59
C ALA H 488 -59.69 -84.29 -3.07
N GLY H 489 -58.63 -84.84 -3.62
CA GLY H 489 -58.56 -85.11 -5.04
C GLY H 489 -57.46 -86.10 -5.33
N TYR H 490 -56.85 -85.99 -6.51
CA TYR H 490 -55.83 -86.91 -6.96
C TYR H 490 -54.58 -86.14 -7.38
N TYR H 491 -53.44 -86.81 -7.31
CA TYR H 491 -52.16 -86.19 -7.62
C TYR H 491 -51.91 -86.23 -9.12
N THR H 492 -51.58 -85.07 -9.70
CA THR H 492 -51.43 -84.97 -11.14
C THR H 492 -50.01 -85.22 -11.61
N GLU H 493 -49.02 -85.18 -10.73
CA GLU H 493 -47.63 -85.29 -11.12
C GLU H 493 -47.15 -86.72 -11.21
N THR H 494 -48.06 -87.70 -11.33
CA THR H 494 -47.67 -89.09 -11.45
C THR H 494 -48.74 -89.83 -12.23
N THR H 495 -48.33 -90.94 -12.85
CA THR H 495 -49.27 -91.72 -13.65
C THR H 495 -50.23 -92.54 -12.79
N ARG H 496 -49.75 -93.16 -11.73
CA ARG H 496 -50.61 -93.97 -10.89
C ARG H 496 -51.64 -93.12 -10.17
N LYS H 497 -52.62 -93.79 -9.56
CA LYS H 497 -53.72 -93.11 -8.90
C LYS H 497 -53.38 -92.96 -7.42
N LEU H 498 -53.32 -91.71 -6.96
CA LEU H 498 -52.82 -91.41 -5.61
C LEU H 498 -53.65 -90.26 -5.02
N PRO H 499 -54.66 -90.56 -4.20
CA PRO H 499 -55.47 -89.48 -3.63
C PRO H 499 -54.67 -88.64 -2.65
N VAL H 500 -54.97 -87.34 -2.63
CA VAL H 500 -54.31 -86.39 -1.73
C VAL H 500 -55.31 -85.31 -1.32
N PRO H 501 -55.13 -84.66 -0.18
CA PRO H 501 -55.95 -83.50 0.15
C PRO H 501 -55.38 -82.20 -0.42
N LEU H 502 -56.21 -81.15 -0.34
CA LEU H 502 -55.82 -79.85 -0.89
C LEU H 502 -54.80 -79.12 -0.02
N THR H 503 -54.55 -79.62 1.20
CA THR H 503 -53.44 -79.09 1.96
C THR H 503 -52.13 -79.23 1.19
N LEU H 504 -52.04 -80.19 0.28
CA LEU H 504 -50.85 -80.32 -0.54
C LEU H 504 -50.71 -79.15 -1.49
N ASP H 505 -51.80 -78.73 -2.11
CA ASP H 505 -51.75 -77.59 -3.01
C ASP H 505 -51.37 -76.31 -2.25
N ARG H 506 -51.99 -76.10 -1.09
CA ARG H 506 -51.63 -74.92 -0.32
C ARG H 506 -50.19 -75.02 0.21
N PHE H 507 -49.73 -76.23 0.51
CA PHE H 507 -48.35 -76.43 0.94
C PHE H 507 -47.37 -76.01 -0.14
N ARG H 508 -47.64 -76.42 -1.38
CA ARG H 508 -46.78 -76.01 -2.49
C ARG H 508 -46.80 -74.50 -2.65
N ALA H 509 -47.98 -73.88 -2.56
CA ALA H 509 -48.07 -72.44 -2.68
C ALA H 509 -47.19 -71.74 -1.65
N TYR H 510 -47.31 -72.14 -0.39
CA TYR H 510 -46.52 -71.50 0.66
C TYR H 510 -45.04 -71.78 0.49
N CYS H 511 -44.68 -72.99 0.07
CA CYS H 511 -43.27 -73.31 -0.15
C CYS H 511 -42.66 -72.37 -1.18
N ARG H 512 -43.38 -72.12 -2.26
CA ARG H 512 -42.84 -71.23 -3.30
C ARG H 512 -42.84 -69.78 -2.83
N TYR H 513 -43.84 -69.36 -2.06
CA TYR H 513 -43.94 -67.97 -1.66
C TYR H 513 -42.92 -67.59 -0.59
N ALA H 514 -42.97 -68.27 0.55
CA ALA H 514 -42.17 -67.90 1.72
C ALA H 514 -41.07 -68.90 2.02
N GLY H 515 -40.43 -69.44 0.99
CA GLY H 515 -39.44 -70.47 1.17
C GLY H 515 -38.04 -70.04 0.79
N ALA H 516 -37.88 -68.78 0.40
CA ALA H 516 -36.57 -68.29 -0.01
C ALA H 516 -35.59 -68.36 1.16
N SER H 517 -34.38 -68.81 0.86
CA SER H 517 -33.39 -69.01 1.90
C SER H 517 -32.94 -67.72 2.57
N ASP H 518 -33.23 -66.57 1.98
CA ASP H 518 -32.81 -65.29 2.53
C ASP H 518 -33.88 -64.63 3.40
N GLY H 519 -34.98 -65.32 3.67
CA GLY H 519 -35.97 -64.81 4.61
C GLY H 519 -36.68 -63.55 4.18
N VAL H 520 -37.08 -63.46 2.91
CA VAL H 520 -37.89 -62.37 2.40
C VAL H 520 -38.96 -62.95 1.49
N LEU H 521 -40.20 -62.49 1.63
CA LEU H 521 -41.28 -62.99 0.78
C LEU H 521 -41.06 -62.52 -0.66
N LYS H 522 -41.40 -63.41 -1.61
CA LYS H 522 -41.24 -63.13 -3.03
C LYS H 522 -42.52 -62.52 -3.61
N PRO H 523 -42.48 -61.29 -4.13
CA PRO H 523 -43.71 -60.69 -4.68
C PRO H 523 -44.26 -61.42 -5.88
N GLU H 524 -43.46 -62.25 -6.55
CA GLU H 524 -43.92 -62.93 -7.76
C GLU H 524 -44.68 -64.21 -7.48
N TYR H 525 -44.85 -64.59 -6.21
CA TYR H 525 -45.56 -65.81 -5.85
C TYR H 525 -46.66 -65.55 -4.83
N ALA H 526 -47.19 -64.33 -4.75
CA ALA H 526 -48.21 -64.02 -3.77
C ALA H 526 -49.32 -65.06 -3.81
N VAL H 527 -49.56 -65.69 -2.66
CA VAL H 527 -50.46 -66.84 -2.60
C VAL H 527 -51.89 -66.50 -3.00
N ASP H 528 -52.27 -65.23 -3.02
CA ASP H 528 -53.64 -64.87 -3.34
C ASP H 528 -53.70 -63.89 -4.51
N GLU H 529 -52.78 -64.00 -5.45
CA GLU H 529 -52.77 -63.16 -6.64
C GLU H 529 -52.26 -63.96 -7.83
N GLY H 530 -52.67 -63.53 -9.03
CA GLY H 530 -52.13 -64.14 -10.22
C GLY H 530 -52.57 -65.58 -10.38
N ASP H 531 -51.60 -66.44 -10.65
CA ASP H 531 -51.86 -67.86 -10.87
C ASP H 531 -51.91 -68.65 -9.57
N ALA H 532 -51.23 -68.17 -8.52
CA ALA H 532 -51.14 -68.92 -7.29
C ALA H 532 -52.45 -69.03 -6.53
N ARG H 533 -53.52 -68.39 -7.01
CA ARG H 533 -54.83 -68.56 -6.39
C ARG H 533 -55.63 -69.68 -7.04
N LYS H 534 -55.03 -70.49 -7.89
CA LYS H 534 -55.69 -71.60 -8.55
C LYS H 534 -55.08 -72.93 -8.09
N VAL H 535 -55.91 -73.97 -8.14
CA VAL H 535 -55.42 -75.31 -7.81
C VAL H 535 -54.57 -75.82 -8.97
N GLN H 536 -53.42 -76.39 -8.64
CA GLN H 536 -52.43 -76.76 -9.64
C GLN H 536 -51.96 -78.20 -9.60
N VAL H 537 -51.93 -78.84 -8.43
CA VAL H 537 -51.41 -80.20 -8.31
C VAL H 537 -52.48 -81.16 -7.84
N VAL H 538 -53.76 -80.86 -8.07
CA VAL H 538 -54.86 -81.73 -7.70
C VAL H 538 -55.92 -81.66 -8.80
N LYS H 539 -56.58 -82.79 -9.05
CA LYS H 539 -57.61 -82.87 -10.07
C LYS H 539 -58.74 -83.77 -9.59
N SER H 540 -59.91 -83.60 -10.20
CA SER H 540 -61.10 -84.38 -9.87
C SER H 540 -61.52 -84.15 -8.41
N ILE H 541 -61.46 -82.89 -7.97
CA ILE H 541 -61.89 -82.58 -6.62
C ILE H 541 -63.36 -82.94 -6.45
N ASN H 542 -63.77 -83.22 -5.22
CA ASN H 542 -65.08 -83.74 -4.91
C ASN H 542 -66.00 -82.66 -4.35
N ASN H 543 -67.29 -82.97 -4.34
CA ASN H 543 -68.31 -82.09 -3.75
C ASN H 543 -68.27 -80.70 -4.37
N LEU H 544 -68.04 -80.62 -5.67
CA LEU H 544 -67.94 -79.32 -6.31
C LEU H 544 -69.29 -78.67 -6.55
N ASP H 545 -70.38 -79.43 -6.45
CA ASP H 545 -71.73 -78.87 -6.55
C ASP H 545 -72.32 -78.57 -5.18
N LYS H 546 -71.61 -77.85 -4.34
CA LYS H 546 -72.20 -77.45 -3.06
C LYS H 546 -73.35 -76.51 -3.31
N SER H 547 -74.39 -76.63 -2.47
CA SER H 547 -75.47 -75.67 -2.52
C SER H 547 -75.06 -74.40 -1.77
N TRP H 548 -75.83 -73.34 -2.01
CA TRP H 548 -75.53 -72.05 -1.41
C TRP H 548 -75.54 -72.15 0.12
N ARG H 549 -76.48 -72.93 0.66
CA ARG H 549 -76.56 -73.08 2.11
C ARG H 549 -75.31 -73.73 2.66
N VAL H 550 -74.83 -74.78 2.00
CA VAL H 550 -73.64 -75.47 2.47
C VAL H 550 -72.43 -74.55 2.39
N ARG H 551 -72.30 -73.80 1.29
CA ARG H 551 -71.18 -72.88 1.17
C ARG H 551 -71.22 -71.81 2.25
N ARG H 552 -72.41 -71.27 2.52
CA ARG H 552 -72.53 -70.26 3.57
C ARG H 552 -72.18 -70.83 4.93
N ALA H 553 -72.62 -72.05 5.22
CA ALA H 553 -72.29 -72.68 6.49
C ALA H 553 -70.79 -72.88 6.63
N GLN H 554 -70.14 -73.33 5.56
CA GLN H 554 -68.68 -73.52 5.63
C GLN H 554 -67.97 -72.21 5.86
N TRP H 555 -68.38 -71.15 5.16
CA TRP H 555 -67.76 -69.86 5.36
C TRP H 555 -67.92 -69.40 6.80
N ASN H 556 -69.13 -69.54 7.34
CA ASN H 556 -69.37 -69.12 8.71
C ASN H 556 -68.63 -69.98 9.71
N ASN H 557 -68.25 -71.21 9.34
CA ASN H 557 -67.43 -72.06 10.19
C ASN H 557 -65.94 -71.90 9.91
N ASN H 558 -65.56 -71.01 9.00
CA ASN H 558 -64.16 -70.60 8.82
C ASN H 558 -63.33 -71.63 8.07
N LEU H 559 -63.94 -72.39 7.17
CA LEU H 559 -63.16 -73.32 6.38
C LEU H 559 -62.62 -72.64 5.13
N VAL H 560 -61.55 -73.22 4.59
CA VAL H 560 -61.00 -72.82 3.29
C VAL H 560 -61.42 -73.86 2.27
N TYR H 561 -62.12 -73.42 1.23
CA TYR H 561 -62.67 -74.33 0.24
C TYR H 561 -62.49 -73.72 -1.14
N VAL H 562 -62.62 -74.57 -2.17
CA VAL H 562 -62.38 -74.18 -3.55
C VAL H 562 -63.71 -74.08 -4.29
N GLU H 563 -63.67 -73.40 -5.42
CA GLU H 563 -64.80 -73.29 -6.33
C GLU H 563 -64.30 -73.51 -7.74
N ASP H 564 -65.25 -73.63 -8.68
CA ASP H 564 -64.89 -73.78 -10.08
C ASP H 564 -64.56 -72.42 -10.69
N TYR H 565 -63.37 -72.31 -11.27
CA TYR H 565 -62.98 -71.12 -11.99
C TYR H 565 -63.58 -71.11 -13.39
N ASP H 566 -63.31 -72.16 -14.16
CA ASP H 566 -63.95 -72.40 -15.44
C ASP H 566 -64.18 -73.91 -15.55
N THR H 567 -64.46 -74.38 -16.76
CA THR H 567 -64.75 -75.78 -16.95
C THR H 567 -63.57 -76.68 -16.60
N ASN H 568 -62.36 -76.12 -16.50
CA ASN H 568 -61.15 -76.90 -16.32
C ASN H 568 -60.50 -76.76 -14.96
N SER H 569 -60.77 -75.68 -14.22
CA SER H 569 -59.92 -75.32 -13.10
C SER H 569 -60.76 -74.79 -11.95
N GLN H 570 -60.14 -74.79 -10.76
CA GLN H 570 -60.75 -74.30 -9.53
C GLN H 570 -59.88 -73.20 -8.96
N PHE H 571 -60.40 -72.48 -7.97
CA PHE H 571 -59.65 -71.42 -7.32
C PHE H 571 -60.16 -71.22 -5.90
N TYR H 572 -59.39 -70.48 -5.10
CA TYR H 572 -59.75 -70.20 -3.73
C TYR H 572 -60.36 -68.81 -3.65
N PRO H 573 -61.67 -68.67 -3.42
CA PRO H 573 -62.26 -67.33 -3.32
C PRO H 573 -61.66 -66.48 -2.21
N GLY H 574 -61.33 -67.08 -1.07
CA GLY H 574 -60.77 -66.34 0.04
C GLY H 574 -60.14 -67.29 1.04
N GLN H 575 -58.91 -67.02 1.43
CA GLN H 575 -58.15 -67.93 2.28
C GLN H 575 -58.04 -67.36 3.69
N GLN H 576 -59.01 -67.73 4.52
CA GLN H 576 -59.10 -67.21 5.87
C GLN H 576 -58.59 -68.21 6.89
N SER H 577 -58.20 -67.70 8.05
CA SER H 577 -57.75 -68.54 9.15
C SER H 577 -58.93 -68.96 10.01
N PHE H 578 -58.66 -69.82 10.99
CA PHE H 578 -59.72 -70.28 11.88
C PHE H 578 -59.92 -69.38 13.09
N TYR H 579 -59.61 -68.09 12.98
CA TYR H 579 -59.96 -67.14 14.03
C TYR H 579 -61.47 -66.98 14.08
N SER H 580 -62.05 -66.93 15.27
CA SER H 580 -63.49 -67.01 15.44
C SER H 580 -64.17 -65.70 15.78
N GLU H 581 -63.43 -64.61 15.95
CA GLU H 581 -64.05 -63.35 16.34
C GLU H 581 -64.26 -62.43 15.13
N GLN H 582 -64.73 -61.22 15.41
CA GLN H 582 -65.06 -60.27 14.36
C GLN H 582 -63.92 -59.34 13.99
N GLY H 583 -62.76 -59.47 14.62
CA GLY H 583 -61.62 -58.65 14.25
C GLY H 583 -61.18 -58.85 12.82
N SER H 584 -61.03 -57.76 12.07
CA SER H 584 -60.57 -57.81 10.69
C SER H 584 -59.06 -57.78 10.56
N VAL H 585 -58.32 -57.66 11.66
CA VAL H 585 -56.87 -57.71 11.61
C VAL H 585 -56.41 -59.14 11.32
N LEU H 586 -57.07 -60.12 11.94
CA LEU H 586 -56.58 -61.49 11.98
C LEU H 586 -57.34 -62.42 11.05
N LYS H 587 -57.68 -61.97 9.84
CA LYS H 587 -58.48 -62.81 8.95
C LYS H 587 -57.63 -63.55 7.92
N ALA H 588 -56.67 -62.89 7.31
CA ALA H 588 -55.82 -63.56 6.33
C ALA H 588 -54.88 -64.53 7.04
N ALA H 589 -54.76 -65.75 6.50
CA ALA H 589 -53.99 -66.77 7.16
C ALA H 589 -52.50 -66.47 7.15
N ILE H 590 -52.04 -65.72 6.15
CA ILE H 590 -50.61 -65.42 6.03
C ILE H 590 -50.15 -64.52 7.19
N VAL H 591 -51.06 -63.71 7.73
CA VAL H 591 -50.71 -62.83 8.84
C VAL H 591 -50.34 -63.66 10.06
N GLY H 592 -50.96 -64.82 10.23
CA GLY H 592 -50.57 -65.70 11.32
C GLY H 592 -49.11 -66.13 11.23
N LEU H 593 -48.66 -66.47 10.02
CA LEU H 593 -47.26 -66.85 9.85
C LEU H 593 -46.35 -65.66 10.11
N CYS H 594 -46.75 -64.47 9.67
CA CYS H 594 -45.97 -63.27 9.97
C CYS H 594 -45.82 -63.09 11.48
N VAL H 595 -46.91 -63.31 12.23
CA VAL H 595 -46.86 -63.14 13.68
C VAL H 595 -45.97 -64.19 14.32
N ALA H 596 -46.02 -65.42 13.82
CA ALA H 596 -45.11 -66.45 14.32
C ALA H 596 -43.66 -66.03 14.15
N ASN H 597 -43.34 -65.45 12.99
CA ASN H 597 -41.97 -64.99 12.76
C ASN H 597 -41.59 -63.89 13.74
N LEU H 598 -42.52 -62.97 14.02
CA LEU H 598 -42.24 -61.93 15.00
C LEU H 598 -41.89 -62.54 16.36
N ASN H 599 -42.66 -63.56 16.77
CA ASN H 599 -42.38 -64.22 18.03
C ASN H 599 -40.99 -64.84 18.03
N ARG H 600 -40.57 -65.41 16.90
CA ARG H 600 -39.20 -65.93 16.82
C ARG H 600 -38.16 -64.81 16.98
N PHE H 601 -38.42 -63.66 16.35
CA PHE H 601 -37.46 -62.55 16.45
C PHE H 601 -37.26 -62.14 17.91
N ALA H 602 -38.34 -62.10 18.69
CA ALA H 602 -38.19 -61.75 20.11
C ALA H 602 -37.28 -62.74 20.83
N PHE H 603 -37.45 -64.03 20.56
CA PHE H 603 -36.58 -65.02 21.18
C PHE H 603 -35.13 -64.77 20.83
N GLU H 604 -34.87 -64.42 19.57
CA GLU H 604 -33.48 -64.14 19.18
C GLU H 604 -32.92 -62.96 19.95
N ALA H 605 -33.72 -61.92 20.14
CA ALA H 605 -33.26 -60.77 20.92
C ALA H 605 -32.86 -61.19 22.33
N TRP H 606 -33.72 -61.97 22.99
CA TRP H 606 -33.39 -62.44 24.33
C TRP H 606 -32.10 -63.26 24.30
N ARG H 607 -32.02 -64.21 23.38
CA ARG H 607 -30.88 -65.11 23.32
C ARG H 607 -29.58 -64.33 23.17
N ASP H 608 -29.64 -63.20 22.47
CA ASP H 608 -28.44 -62.38 22.32
C ASP H 608 -28.11 -61.60 23.59
N LEU H 609 -29.12 -61.06 24.27
CA LEU H 609 -28.84 -60.11 25.35
C LEU H 609 -28.71 -60.74 26.73
N THR H 610 -29.06 -62.01 26.91
CA THR H 610 -29.12 -62.57 28.25
C THR H 610 -27.76 -62.61 28.94
N GLY H 611 -27.77 -62.36 30.25
CA GLY H 611 -26.66 -62.70 31.12
C GLY H 611 -25.37 -61.96 30.92
N THR H 612 -25.40 -60.64 30.74
CA THR H 612 -24.20 -59.84 30.53
C THR H 612 -23.94 -58.95 31.74
N GLN H 613 -22.69 -58.97 32.23
CA GLN H 613 -22.37 -58.32 33.49
C GLN H 613 -22.37 -56.80 33.36
N LYS H 614 -21.78 -56.28 32.29
CA LYS H 614 -21.47 -54.86 32.20
C LYS H 614 -22.50 -54.03 31.45
N LEU H 615 -23.63 -54.61 31.05
CA LEU H 615 -24.67 -53.82 30.42
C LEU H 615 -25.33 -52.90 31.44
N THR H 616 -26.07 -51.92 30.93
CA THR H 616 -26.94 -51.10 31.74
C THR H 616 -28.39 -51.29 31.31
N ASP H 617 -29.31 -50.77 32.11
CA ASP H 617 -30.72 -50.88 31.77
C ASP H 617 -31.04 -50.19 30.46
N ASP H 618 -30.51 -48.99 30.26
CA ASP H 618 -30.78 -48.25 29.04
C ASP H 618 -30.23 -48.98 27.81
N GLN H 619 -29.02 -49.51 27.90
CA GLN H 619 -28.44 -50.24 26.78
C GLN H 619 -29.24 -51.50 26.49
N LEU H 620 -29.65 -52.22 27.53
CA LEU H 620 -30.48 -53.42 27.33
C LEU H 620 -31.76 -53.07 26.60
N ILE H 621 -32.47 -52.06 27.10
CA ILE H 621 -33.74 -51.64 26.49
C ILE H 621 -33.54 -51.24 25.05
N GLU H 622 -32.53 -50.43 24.78
CA GLU H 622 -32.32 -49.94 23.41
C GLU H 622 -31.95 -51.07 22.47
N ARG H 623 -31.05 -51.95 22.90
CA ARG H 623 -30.56 -53.02 22.04
C ARG H 623 -31.66 -54.02 21.71
N SER H 624 -32.59 -54.28 22.63
CA SER H 624 -33.67 -55.20 22.31
C SER H 624 -34.50 -54.72 21.12
N ASP H 625 -34.97 -53.47 21.18
CA ASP H 625 -35.74 -52.92 20.07
C ASP H 625 -34.90 -52.88 18.80
N ASP H 626 -33.64 -52.45 18.91
CA ASP H 626 -32.78 -52.43 17.74
C ASP H 626 -32.77 -53.79 17.07
N ALA H 627 -32.54 -54.84 17.84
CA ALA H 627 -32.45 -56.18 17.26
C ALA H 627 -33.75 -56.56 16.57
N VAL H 628 -34.87 -56.37 17.25
CA VAL H 628 -36.15 -56.83 16.68
C VAL H 628 -36.43 -56.10 15.38
N SER H 629 -36.27 -54.78 15.38
CA SER H 629 -36.57 -54.00 14.18
C SER H 629 -35.62 -54.34 13.04
N THR H 630 -34.33 -54.49 13.34
CA THR H 630 -33.38 -54.81 12.30
C THR H 630 -33.67 -56.16 11.68
N ARG H 631 -34.06 -57.13 12.50
CA ARG H 631 -34.36 -58.46 11.97
C ARG H 631 -35.66 -58.46 11.17
N GLY H 632 -36.64 -57.67 11.59
CA GLY H 632 -37.95 -57.77 10.98
C GLY H 632 -38.24 -56.87 9.81
N THR H 633 -37.67 -55.66 9.79
CA THR H 633 -38.02 -54.68 8.77
C THR H 633 -37.66 -55.20 7.37
N GLY H 634 -38.57 -54.97 6.43
CA GLY H 634 -38.32 -55.29 5.04
C GLY H 634 -38.50 -56.73 4.65
N ALA H 635 -39.22 -57.53 5.43
CA ALA H 635 -39.35 -58.96 5.18
C ALA H 635 -40.77 -59.37 4.79
N PHE H 636 -41.79 -58.76 5.40
CA PHE H 636 -43.16 -59.24 5.28
C PHE H 636 -43.91 -58.66 4.10
N ASP H 637 -43.19 -58.13 3.10
CA ASP H 637 -43.79 -57.79 1.81
C ASP H 637 -45.03 -56.91 1.96
N ASP H 638 -45.08 -56.14 3.05
CA ASP H 638 -46.14 -55.17 3.30
C ASP H 638 -47.45 -55.85 3.73
N ARG H 639 -47.39 -57.02 4.35
CA ARG H 639 -48.59 -57.59 4.94
C ARG H 639 -48.88 -56.99 6.31
N LEU H 640 -47.83 -56.60 7.03
CA LEU H 640 -47.93 -56.08 8.38
C LEU H 640 -47.25 -54.72 8.48
N ILE H 641 -47.58 -53.99 9.55
CA ILE H 641 -46.72 -52.92 10.05
C ILE H 641 -46.61 -53.10 11.56
N PHE H 642 -45.37 -53.14 12.07
CA PHE H 642 -45.14 -53.48 13.45
C PHE H 642 -44.14 -52.52 14.08
N THR H 643 -44.16 -52.48 15.42
CA THR H 643 -43.30 -51.60 16.21
C THR H 643 -43.00 -52.20 17.57
N PRO H 644 -41.71 -52.35 17.95
CA PRO H 644 -41.40 -52.91 19.26
C PRO H 644 -41.18 -51.85 20.34
N HIS H 645 -41.33 -52.23 21.61
CA HIS H 645 -41.14 -51.31 22.73
C HIS H 645 -40.60 -52.14 23.89
N SER H 646 -39.36 -51.86 24.28
CA SER H 646 -38.76 -52.49 25.46
C SER H 646 -38.75 -51.50 26.61
N GLU H 647 -38.81 -52.02 27.83
CA GLU H 647 -38.74 -51.15 29.00
C GLU H 647 -38.57 -52.01 30.25
N ILE H 648 -38.54 -51.34 31.40
CA ILE H 648 -38.36 -51.97 32.71
C ILE H 648 -39.44 -51.39 33.61
N THR H 649 -40.50 -52.17 33.84
CA THR H 649 -41.68 -51.69 34.53
C THR H 649 -41.48 -51.76 36.03
N GLN H 650 -42.53 -51.45 36.79
CA GLN H 650 -42.43 -51.50 38.24
C GLN H 650 -42.18 -52.92 38.74
N ALA H 651 -42.89 -53.90 38.18
CA ALA H 651 -42.65 -55.28 38.59
C ALA H 651 -41.22 -55.70 38.27
N ASP H 652 -40.68 -55.24 37.15
CA ASP H 652 -39.30 -55.51 36.80
C ASP H 652 -38.34 -54.87 37.79
N LYS H 653 -38.64 -53.64 38.24
CA LYS H 653 -37.83 -53.03 39.28
C LYS H 653 -37.86 -53.87 40.56
N GLU H 654 -39.04 -54.35 40.95
CA GLU H 654 -39.11 -55.22 42.12
C GLU H 654 -38.22 -56.44 41.94
N ARG H 655 -38.38 -57.15 40.83
CA ARG H 655 -37.67 -58.42 40.65
C ARG H 655 -36.16 -58.19 40.57
N GLY H 656 -35.73 -57.26 39.74
CA GLY H 656 -34.32 -56.93 39.60
C GLY H 656 -33.54 -57.77 38.61
N TYR H 657 -34.21 -58.65 37.85
CA TYR H 657 -33.50 -59.49 36.89
C TYR H 657 -34.27 -59.66 35.59
N SER H 658 -35.24 -58.80 35.31
CA SER H 658 -36.12 -58.99 34.16
C SER H 658 -36.39 -57.66 33.46
N TRP H 659 -36.78 -57.75 32.19
CA TRP H 659 -37.21 -56.59 31.43
C TRP H 659 -38.27 -57.04 30.43
N SER H 660 -39.06 -56.09 29.93
CA SER H 660 -40.24 -56.40 29.14
C SER H 660 -40.11 -55.89 27.72
N MET H 661 -40.73 -56.62 26.79
CA MET H 661 -40.89 -56.21 25.40
C MET H 661 -42.36 -56.31 25.02
N ARG H 662 -42.78 -55.46 24.10
CA ARG H 662 -44.16 -55.46 23.62
C ARG H 662 -44.17 -54.98 22.18
N ILE H 663 -44.80 -55.75 21.29
CA ILE H 663 -44.80 -55.47 19.87
C ILE H 663 -46.23 -55.16 19.42
N ASP H 664 -46.40 -54.04 18.74
CA ASP H 664 -47.70 -53.59 18.25
C ASP H 664 -47.73 -53.74 16.74
N PHE H 665 -48.71 -54.47 16.22
CA PHE H 665 -48.76 -54.74 14.79
C PHE H 665 -50.15 -54.47 14.23
N GLY H 666 -50.21 -54.26 12.92
CA GLY H 666 -51.47 -53.96 12.27
C GLY H 666 -51.49 -54.49 10.85
N ALA H 667 -52.69 -54.91 10.42
CA ALA H 667 -52.90 -55.59 9.14
C ALA H 667 -54.28 -55.22 8.60
N ASN H 668 -54.59 -55.75 7.41
CA ASN H 668 -55.84 -55.48 6.70
C ASN H 668 -56.59 -56.77 6.39
N ALA H 669 -57.71 -56.62 5.69
CA ALA H 669 -58.52 -57.74 5.20
C ALA H 669 -58.89 -57.51 3.75
N PHE H 670 -59.81 -58.32 3.21
CA PHE H 670 -60.17 -58.28 1.80
C PHE H 670 -61.68 -58.25 1.63
N ARG H 671 -62.12 -57.77 0.47
CA ARG H 671 -63.53 -57.71 0.11
C ARG H 671 -63.89 -58.90 -0.79
N THR H 672 -65.12 -59.39 -0.65
CA THR H 672 -65.52 -60.63 -1.29
C THR H 672 -66.89 -60.60 -1.98
N VAL H 673 -67.69 -59.55 -1.82
CA VAL H 673 -69.05 -59.53 -2.33
C VAL H 673 -69.18 -58.42 -3.37
N MET H 674 -69.93 -58.69 -4.44
CA MET H 674 -70.17 -57.73 -5.50
C MET H 674 -71.67 -57.66 -5.80
N ASP H 675 -72.13 -56.47 -6.18
CA ASP H 675 -73.49 -56.27 -6.67
C ASP H 675 -73.48 -56.11 -8.19
N MET H 676 -74.68 -56.02 -8.75
CA MET H 676 -74.85 -55.89 -10.20
C MET H 676 -76.21 -55.29 -10.47
N SER H 677 -76.29 -54.50 -11.53
CA SER H 677 -77.51 -53.82 -11.90
C SER H 677 -77.39 -53.32 -13.33
N SER H 678 -78.50 -52.85 -13.89
CA SER H 678 -78.50 -52.35 -15.25
C SER H 678 -79.64 -51.36 -15.42
N VAL H 679 -79.49 -50.49 -16.42
CA VAL H 679 -80.53 -49.56 -16.82
C VAL H 679 -80.56 -49.51 -18.34
N ALA H 680 -81.76 -49.46 -18.90
CA ALA H 680 -81.96 -49.45 -20.34
C ALA H 680 -82.21 -48.04 -20.82
N TYR H 681 -81.41 -47.59 -21.78
CA TYR H 681 -81.54 -46.26 -22.35
C TYR H 681 -81.73 -46.37 -23.86
N THR H 682 -82.37 -45.36 -24.43
CA THR H 682 -82.41 -45.26 -25.88
C THR H 682 -81.04 -44.85 -26.39
N ARG H 683 -80.78 -45.19 -27.65
CA ARG H 683 -79.44 -44.99 -28.20
C ARG H 683 -79.04 -43.53 -28.17
N GLU H 684 -79.95 -42.62 -28.52
CA GLU H 684 -79.60 -41.20 -28.58
C GLU H 684 -79.29 -40.64 -27.21
N GLU H 685 -80.18 -40.86 -26.24
CA GLU H 685 -79.98 -40.31 -24.91
C GLU H 685 -78.86 -41.00 -24.16
N LEU H 686 -78.44 -42.18 -24.59
CA LEU H 686 -77.24 -42.80 -24.03
C LEU H 686 -75.97 -42.29 -24.69
N ALA H 687 -75.99 -42.04 -25.99
CA ALA H 687 -74.79 -41.60 -26.69
C ALA H 687 -74.48 -40.13 -26.44
N ASN H 688 -75.49 -39.29 -26.28
CA ASN H 688 -75.28 -37.87 -26.03
C ASN H 688 -76.29 -37.39 -25.00
N GLY H 689 -75.80 -36.86 -23.89
CA GLY H 689 -76.66 -36.39 -22.83
C GLY H 689 -77.04 -37.49 -21.85
N MET I 1 61.18 -59.49 -58.95
CA MET I 1 60.94 -60.93 -58.65
C MET I 1 61.83 -61.39 -57.50
N SER I 2 63.13 -61.12 -57.63
CA SER I 2 64.11 -61.65 -56.70
C SER I 2 64.55 -60.67 -55.64
N GLU I 3 64.94 -59.46 -56.03
CA GLU I 3 65.54 -58.51 -55.10
C GLU I 3 64.56 -58.11 -54.02
N GLN I 4 65.09 -57.90 -52.82
CA GLN I 4 64.30 -57.63 -51.63
C GLN I 4 64.36 -56.15 -51.31
N ILE I 5 63.68 -55.77 -50.23
CA ILE I 5 63.60 -54.36 -49.84
C ILE I 5 64.84 -54.01 -49.04
N THR I 6 65.78 -53.31 -49.68
CA THR I 6 67.02 -52.95 -49.02
C THR I 6 66.93 -51.58 -48.36
N GLY I 7 66.18 -50.65 -48.96
CA GLY I 7 66.15 -49.30 -48.46
C GLY I 7 64.91 -48.57 -48.91
N SER I 8 65.04 -47.25 -49.06
CA SER I 8 63.92 -46.38 -49.30
C SER I 8 63.76 -45.96 -50.75
N THR I 9 64.57 -46.48 -51.67
CA THR I 9 64.52 -46.01 -53.04
C THR I 9 63.12 -46.23 -53.62
N PRO I 10 62.51 -45.22 -54.26
CA PRO I 10 61.18 -45.43 -54.84
C PRO I 10 61.13 -46.63 -55.76
N ARG I 11 60.17 -47.52 -55.53
CA ARG I 11 60.16 -48.81 -56.19
C ARG I 11 58.91 -49.54 -55.78
N ILE I 12 58.45 -50.44 -56.65
CA ILE I 12 57.33 -51.32 -56.35
C ILE I 12 57.83 -52.76 -56.51
N TYR I 13 57.71 -53.54 -55.44
CA TYR I 13 58.18 -54.92 -55.42
C TYR I 13 57.01 -55.86 -55.64
N TYR I 14 57.20 -56.85 -56.50
CA TYR I 14 56.16 -57.81 -56.83
C TYR I 14 56.50 -59.12 -56.14
N ARG I 15 55.68 -59.51 -55.17
CA ARG I 15 55.65 -60.87 -54.67
C ARG I 15 54.60 -61.63 -55.45
N GLY I 16 54.99 -62.74 -56.06
CA GLY I 16 54.12 -63.39 -57.02
C GLY I 16 52.79 -63.84 -56.47
N THR I 17 51.99 -64.51 -57.29
CA THR I 17 50.73 -65.08 -56.84
C THR I 17 50.99 -66.26 -55.92
N LYS I 18 50.00 -66.56 -55.09
CA LYS I 18 50.15 -67.59 -54.07
C LYS I 18 48.76 -68.12 -53.72
N ASP I 19 48.73 -69.28 -53.09
CA ASP I 19 47.47 -69.85 -52.61
C ASP I 19 47.23 -69.45 -51.17
N SER I 20 45.97 -69.53 -50.75
CA SER I 20 45.59 -69.03 -49.43
C SER I 20 46.40 -69.71 -48.34
N SER I 21 46.74 -68.94 -47.31
CA SER I 21 47.48 -69.42 -46.16
C SER I 21 46.60 -69.41 -44.92
N VAL I 22 46.75 -70.45 -44.10
CA VAL I 22 46.03 -70.50 -42.84
C VAL I 22 46.48 -69.35 -41.94
N THR I 23 45.52 -68.65 -41.36
CA THR I 23 45.78 -67.51 -40.51
C THR I 23 45.42 -67.83 -39.07
N ARG I 24 46.37 -67.65 -38.16
CA ARG I 24 46.10 -67.91 -36.75
C ARG I 24 45.04 -66.94 -36.22
N SER I 25 44.10 -67.48 -35.47
CA SER I 25 42.95 -66.71 -34.98
C SER I 25 43.24 -66.15 -33.60
N THR I 26 42.89 -64.88 -33.41
CA THR I 26 43.11 -64.23 -32.12
C THR I 26 42.03 -64.66 -31.12
N GLY I 27 42.44 -64.78 -29.86
CA GLY I 27 41.57 -65.23 -28.80
C GLY I 27 41.07 -64.07 -27.96
N SER I 28 40.20 -64.41 -27.01
CA SER I 28 39.53 -63.42 -26.17
C SER I 28 39.81 -63.71 -24.69
N THR I 29 39.57 -62.69 -23.87
CA THR I 29 39.88 -62.80 -22.45
C THR I 29 39.03 -63.90 -21.81
N THR I 30 39.65 -64.65 -20.90
CA THR I 30 38.99 -65.79 -20.28
C THR I 30 38.00 -65.33 -19.22
N THR I 31 37.01 -66.18 -18.96
CA THR I 31 35.94 -65.89 -18.02
C THR I 31 35.55 -67.20 -17.34
N LEU I 32 34.66 -67.12 -16.36
CA LEU I 32 34.16 -68.31 -15.68
C LEU I 32 32.69 -68.52 -15.97
N PRO I 33 32.33 -69.42 -16.89
CA PRO I 33 30.92 -69.81 -17.03
C PRO I 33 30.47 -70.68 -15.87
N LEU I 34 29.20 -71.08 -15.92
CA LEU I 34 28.68 -71.97 -14.90
C LEU I 34 29.03 -73.42 -15.15
N HIS I 35 29.47 -73.77 -16.36
CA HIS I 35 29.85 -75.12 -16.72
C HIS I 35 31.29 -75.09 -17.20
N ARG I 36 32.19 -75.67 -16.42
CA ARG I 36 33.63 -75.54 -16.62
C ARG I 36 34.28 -76.92 -16.56
N PRO I 37 34.24 -77.67 -17.66
CA PRO I 37 34.67 -79.06 -17.61
C PRO I 37 36.17 -79.24 -17.81
N LEU I 38 36.67 -80.37 -17.31
CA LEU I 38 38.05 -80.79 -17.48
C LEU I 38 38.07 -81.96 -18.44
N ILE I 39 38.95 -81.89 -19.45
CA ILE I 39 39.03 -82.92 -20.48
C ILE I 39 40.48 -83.36 -20.63
N MET I 40 40.72 -84.67 -20.48
CA MET I 40 42.03 -85.28 -20.63
C MET I 40 42.11 -85.97 -21.99
N PHE I 41 43.24 -85.81 -22.67
CA PHE I 41 43.33 -86.31 -24.03
C PHE I 41 44.79 -86.51 -24.44
N PHE I 42 44.98 -87.26 -25.52
CA PHE I 42 46.27 -87.36 -26.19
C PHE I 42 46.36 -86.28 -27.27
N GLY I 43 47.54 -85.68 -27.42
CA GLY I 43 47.69 -84.54 -28.30
C GLY I 43 48.94 -84.66 -29.16
N GLN I 44 49.13 -83.62 -29.98
CA GLN I 44 50.28 -83.56 -30.87
C GLN I 44 51.40 -82.72 -30.27
N LYS I 45 51.05 -81.63 -29.59
CA LYS I 45 52.03 -80.74 -28.98
C LYS I 45 51.33 -79.96 -27.88
N GLY I 46 52.04 -79.00 -27.29
CA GLY I 46 51.47 -78.14 -26.29
C GLY I 46 51.84 -78.54 -24.88
N PRO I 47 51.48 -77.72 -23.91
CA PRO I 47 51.89 -77.99 -22.52
C PRO I 47 51.26 -79.26 -21.99
N THR I 48 51.92 -79.84 -20.99
CA THR I 48 51.51 -81.08 -20.37
C THR I 48 51.04 -80.85 -18.93
N VAL I 49 50.40 -79.71 -18.68
CA VAL I 49 49.77 -79.43 -17.40
C VAL I 49 48.39 -78.86 -17.67
N PRO I 50 47.48 -78.93 -16.69
CA PRO I 50 46.13 -78.41 -16.91
C PRO I 50 46.17 -76.95 -17.33
N THR I 51 45.37 -76.60 -18.33
CA THR I 51 45.41 -75.26 -18.90
C THR I 51 43.98 -74.80 -19.20
N TRP I 52 43.64 -73.61 -18.72
CA TRP I 52 42.35 -73.01 -19.02
C TRP I 52 42.40 -72.39 -20.41
N ILE I 53 41.54 -72.86 -21.30
CA ILE I 53 41.63 -72.53 -22.71
C ILE I 53 40.28 -72.10 -23.25
N ASP I 54 40.33 -71.11 -24.16
CA ASP I 54 39.22 -70.67 -24.96
C ASP I 54 39.22 -71.44 -26.27
N PRO I 55 38.12 -72.11 -26.66
CA PRO I 55 38.20 -73.12 -27.74
C PRO I 55 38.78 -72.61 -29.04
N VAL I 56 38.78 -71.29 -29.25
CA VAL I 56 39.31 -70.76 -30.50
C VAL I 56 40.79 -71.11 -30.66
N LYS I 57 41.52 -71.30 -29.57
CA LYS I 57 42.95 -71.51 -29.61
C LYS I 57 43.38 -72.96 -29.39
N PHE I 58 42.42 -73.88 -29.26
CA PHE I 58 42.78 -75.28 -29.07
C PHE I 58 43.59 -75.80 -30.26
N GLU I 59 43.18 -75.46 -31.48
CA GLU I 59 43.82 -75.97 -32.68
C GLU I 59 45.28 -75.57 -32.77
N ASP I 60 45.63 -74.34 -32.39
CA ASP I 60 47.00 -73.87 -32.51
C ASP I 60 47.78 -73.96 -31.21
N ILE I 61 47.17 -74.40 -30.12
CA ILE I 61 47.95 -74.72 -28.93
C ILE I 61 48.31 -76.20 -28.89
N TYR I 62 47.39 -77.08 -29.29
CA TYR I 62 47.61 -78.52 -29.23
C TYR I 62 47.70 -79.17 -30.60
N GLY I 63 47.93 -78.38 -31.65
CA GLY I 63 48.01 -78.94 -32.98
C GLY I 63 46.65 -79.35 -33.50
N SER I 64 46.43 -79.24 -34.80
CA SER I 64 45.12 -79.48 -35.39
C SER I 64 44.87 -80.95 -35.73
N GLU I 65 45.83 -81.83 -35.45
CA GLU I 65 45.65 -83.25 -35.71
C GLU I 65 45.06 -83.98 -34.52
N THR I 66 44.91 -83.33 -33.37
CA THR I 66 44.42 -84.03 -32.18
C THR I 66 42.91 -84.20 -32.21
N THR I 67 42.21 -83.42 -33.01
CA THR I 67 40.76 -83.50 -33.12
C THR I 67 40.31 -84.26 -34.36
N ASN I 68 41.23 -84.91 -35.06
CA ASN I 68 40.86 -85.68 -36.25
C ASN I 68 40.48 -87.09 -35.82
N LEU I 69 39.24 -87.48 -36.10
CA LEU I 69 38.75 -88.78 -35.68
C LEU I 69 39.46 -89.92 -36.42
N SER I 70 40.05 -89.64 -37.57
CA SER I 70 40.74 -90.66 -38.37
C SER I 70 42.24 -90.72 -38.06
N GLY I 71 42.76 -89.81 -37.25
CA GLY I 71 44.18 -89.78 -36.96
C GLY I 71 44.57 -90.76 -35.89
N VAL I 72 45.84 -90.65 -35.48
CA VAL I 72 46.39 -91.57 -34.48
C VAL I 72 46.06 -91.16 -33.05
N TYR I 73 45.61 -89.93 -32.83
CA TYR I 73 45.34 -89.43 -31.49
C TYR I 73 43.91 -89.62 -31.05
N CYS I 74 43.09 -90.33 -31.83
CA CYS I 74 41.69 -90.51 -31.48
C CYS I 74 41.56 -91.46 -30.28
N THR I 75 40.83 -91.00 -29.26
CA THR I 75 40.48 -91.81 -28.10
C THR I 75 39.01 -91.58 -27.81
N HIS I 76 38.51 -92.10 -26.70
CA HIS I 76 37.09 -92.00 -26.41
C HIS I 76 36.70 -90.65 -25.83
N SER I 77 37.54 -89.63 -25.91
CA SER I 77 37.20 -88.28 -25.48
C SER I 77 37.29 -87.25 -26.60
N THR I 78 37.79 -87.64 -27.78
CA THR I 78 37.81 -86.71 -28.89
C THR I 78 36.43 -86.19 -29.26
N PRO I 79 35.38 -87.00 -29.28
CA PRO I 79 34.03 -86.43 -29.48
C PRO I 79 33.68 -85.37 -28.45
N PHE I 80 34.07 -85.58 -27.19
CA PHE I 80 33.80 -84.57 -26.17
C PHE I 80 34.52 -83.28 -26.49
N ILE I 81 35.79 -83.36 -26.89
CA ILE I 81 36.52 -82.15 -27.25
C ILE I 81 35.86 -81.44 -28.42
N LYS I 82 35.45 -82.20 -29.44
CA LYS I 82 34.85 -81.57 -30.62
C LYS I 82 33.53 -80.91 -30.27
N GLU I 83 32.71 -81.55 -29.44
CA GLU I 83 31.45 -80.94 -29.02
C GLU I 83 31.69 -79.67 -28.22
N ALA I 84 32.68 -79.69 -27.32
CA ALA I 84 33.00 -78.49 -26.55
C ALA I 84 33.43 -77.35 -27.47
N ILE I 85 34.26 -77.67 -28.47
CA ILE I 85 34.71 -76.62 -29.39
C ILE I 85 33.54 -76.08 -30.20
N ALA I 86 32.64 -76.95 -30.64
CA ALA I 86 31.49 -76.51 -31.42
C ALA I 86 30.59 -75.60 -30.60
N ALA I 87 30.34 -75.96 -29.33
CA ALA I 87 29.42 -75.16 -28.52
C ALA I 87 30.07 -73.87 -28.04
N GLY I 88 31.39 -73.88 -27.81
CA GLY I 88 32.09 -72.69 -27.36
C GLY I 88 32.23 -72.61 -25.85
N ASN I 89 32.75 -73.66 -25.23
CA ASN I 89 33.00 -73.66 -23.79
C ASN I 89 34.47 -73.39 -23.53
N GLN I 90 34.74 -72.38 -22.71
CA GLN I 90 36.07 -72.25 -22.14
C GLN I 90 36.27 -73.37 -21.13
N PHE I 91 37.19 -74.29 -21.42
CA PHE I 91 37.32 -75.49 -20.61
C PHE I 91 38.79 -75.71 -20.26
N MET I 92 39.05 -76.71 -19.42
CA MET I 92 40.41 -76.98 -18.96
C MET I 92 40.93 -78.24 -19.63
N ALA I 93 41.99 -78.08 -20.40
CA ALA I 93 42.62 -79.17 -21.14
C ALA I 93 43.74 -79.79 -20.31
N LEU I 94 43.88 -81.11 -20.42
CA LEU I 94 44.97 -81.83 -19.81
C LEU I 94 45.49 -82.85 -20.81
N ARG I 95 46.70 -82.63 -21.31
CA ARG I 95 47.31 -83.50 -22.31
C ARG I 95 48.13 -84.57 -21.60
N LEU I 96 47.70 -85.82 -21.71
CA LEU I 96 48.42 -86.95 -21.15
C LEU I 96 49.47 -87.46 -22.12
N GLU I 97 50.39 -88.27 -21.62
CA GLU I 97 51.41 -88.92 -22.42
C GLU I 97 51.53 -90.37 -22.01
N PRO I 98 51.86 -91.26 -22.95
CA PRO I 98 52.08 -92.67 -22.59
C PRO I 98 53.36 -92.85 -21.80
N SER I 99 53.41 -93.92 -21.02
CA SER I 99 54.52 -94.15 -20.12
C SER I 99 55.82 -94.48 -20.85
N ASP I 100 55.78 -94.70 -22.17
CA ASP I 100 56.95 -95.10 -22.94
C ASP I 100 57.28 -94.10 -24.04
N ILE I 101 57.01 -92.82 -23.83
CA ILE I 101 57.23 -91.83 -24.89
C ILE I 101 58.73 -91.60 -25.05
N PRO I 102 59.27 -91.57 -26.27
CA PRO I 102 60.70 -91.28 -26.45
C PRO I 102 61.04 -89.82 -26.27
N ASP I 103 62.32 -89.46 -26.45
CA ASP I 103 62.78 -88.10 -26.26
C ASP I 103 62.55 -87.30 -27.53
N VAL I 104 63.08 -86.08 -27.58
CA VAL I 104 62.83 -85.17 -28.69
C VAL I 104 63.76 -85.50 -29.84
N ALA I 105 63.47 -84.97 -31.03
CA ALA I 105 64.33 -85.15 -32.18
C ALA I 105 65.46 -84.13 -32.18
N THR I 106 66.61 -84.53 -32.70
CA THR I 106 67.80 -83.69 -32.67
C THR I 106 68.53 -83.79 -34.01
N LEU I 107 69.35 -82.78 -34.29
CA LEU I 107 70.18 -82.77 -35.48
C LEU I 107 71.38 -81.88 -35.24
N GLY I 108 72.58 -82.43 -35.37
CA GLY I 108 73.82 -81.67 -35.22
C GLY I 108 74.49 -81.49 -36.56
N LEU I 109 75.14 -80.33 -36.72
CA LEU I 109 75.88 -79.97 -37.91
C LEU I 109 77.37 -79.94 -37.59
N SER I 110 78.18 -80.46 -38.51
CA SER I 110 79.61 -80.52 -38.30
C SER I 110 80.32 -80.38 -39.64
N VAL I 111 81.62 -80.13 -39.58
CA VAL I 111 82.45 -80.02 -40.77
C VAL I 111 83.66 -80.93 -40.63
N ASP I 112 83.90 -81.74 -41.66
CA ASP I 112 85.16 -82.45 -41.82
C ASP I 112 86.16 -81.51 -42.47
N TRP I 113 87.28 -81.31 -41.79
CA TRP I 113 88.21 -80.22 -42.04
C TRP I 113 89.61 -80.79 -42.22
N VAL I 114 90.29 -80.35 -43.29
CA VAL I 114 91.68 -80.74 -43.51
C VAL I 114 92.35 -79.71 -44.41
N LYS I 115 93.68 -79.72 -44.43
CA LYS I 115 94.48 -78.85 -45.30
C LYS I 115 95.32 -79.70 -46.23
N THR I 116 95.54 -79.20 -47.45
CA THR I 116 96.28 -79.97 -48.46
C THR I 116 96.41 -79.12 -49.72
N LYS I 117 97.31 -79.53 -50.60
CA LYS I 117 97.42 -78.87 -51.90
C LYS I 117 96.30 -79.32 -52.83
N ILE I 118 95.77 -78.38 -53.61
CA ILE I 118 94.67 -78.64 -54.53
C ILE I 118 94.93 -77.92 -55.84
N ASP I 119 93.99 -78.05 -56.76
CA ASP I 119 94.12 -77.45 -58.08
C ASP I 119 93.64 -76.00 -58.06
N ASP I 120 94.00 -75.28 -59.12
CA ASP I 120 93.50 -73.93 -59.36
C ASP I 120 93.00 -73.86 -60.80
N TYR I 121 92.02 -72.99 -61.02
CA TYR I 121 91.30 -72.94 -62.28
C TYR I 121 91.56 -71.62 -62.99
N GLU I 122 91.13 -71.58 -64.25
CA GLU I 122 91.32 -70.41 -65.08
C GLU I 122 90.47 -69.25 -64.58
N ARG I 123 90.78 -68.06 -65.10
CA ARG I 123 89.99 -66.87 -64.84
C ARG I 123 89.81 -66.10 -66.15
N ASN I 124 88.56 -65.76 -66.46
CA ASN I 124 88.31 -64.94 -67.64
C ASN I 124 88.84 -63.52 -67.42
N ASP I 125 88.51 -62.93 -66.29
CA ASP I 125 88.96 -61.58 -65.95
C ASP I 125 89.07 -61.49 -64.43
N ASP I 126 89.11 -60.27 -63.91
CA ASP I 126 89.11 -60.08 -62.46
C ASP I 126 87.82 -60.60 -61.82
N GLY I 127 86.77 -60.83 -62.61
CA GLY I 127 85.55 -61.40 -62.06
C GLY I 127 85.67 -62.83 -61.60
N THR I 128 86.72 -63.54 -62.00
CA THR I 128 86.96 -64.91 -61.56
C THR I 128 85.78 -65.81 -61.92
N TYR I 129 85.34 -65.73 -63.17
CA TYR I 129 84.17 -66.49 -63.59
C TYR I 129 84.49 -67.97 -63.75
N LYS I 130 85.63 -68.29 -64.36
CA LYS I 130 85.92 -69.67 -64.73
C LYS I 130 86.08 -70.55 -63.50
N LEU I 131 85.52 -71.77 -63.59
CA LEU I 131 85.74 -72.81 -62.60
C LEU I 131 85.48 -74.16 -63.23
N ASP I 132 85.99 -75.20 -62.59
CA ASP I 132 85.66 -76.59 -62.93
C ASP I 132 85.80 -76.86 -64.43
N THR I 133 86.89 -76.38 -65.02
CA THR I 133 87.18 -76.60 -66.44
C THR I 133 86.04 -76.11 -67.32
N ASN I 134 85.41 -75.00 -66.93
CA ASN I 134 84.37 -74.43 -67.77
C ASN I 134 84.97 -73.99 -69.11
N GLY I 135 84.11 -73.89 -70.12
CA GLY I 135 84.62 -73.66 -71.45
C GLY I 135 85.37 -74.89 -71.94
N ASP I 136 86.66 -74.73 -72.21
CA ASP I 136 87.49 -75.81 -72.71
C ASP I 136 88.86 -75.90 -72.03
N LYS I 137 89.06 -75.22 -70.90
CA LYS I 137 90.39 -75.06 -70.33
C LYS I 137 90.61 -75.96 -69.12
N ILE I 138 91.73 -76.66 -69.13
CA ILE I 138 92.24 -77.48 -68.03
C ILE I 138 92.59 -76.53 -66.88
N PRO I 139 92.51 -76.94 -65.62
CA PRO I 139 92.95 -76.05 -64.54
C PRO I 139 94.41 -75.66 -64.70
N LEU I 140 94.72 -74.43 -64.27
CA LEU I 140 95.95 -73.75 -64.67
C LEU I 140 97.13 -74.09 -63.76
N ALA I 141 97.03 -73.76 -62.47
CA ALA I 141 98.16 -73.96 -61.57
C ALA I 141 98.33 -75.45 -61.26
N THR I 142 99.59 -75.85 -61.13
CA THR I 142 99.89 -77.25 -60.84
C THR I 142 99.31 -77.67 -59.50
N GLN I 143 99.61 -76.90 -58.45
CA GLN I 143 99.07 -77.18 -57.12
C GLN I 143 99.07 -75.89 -56.32
N ILE I 144 97.94 -75.62 -55.69
CA ILE I 144 97.77 -74.46 -54.82
C ILE I 144 97.42 -74.96 -53.42
N ASP I 145 98.18 -74.52 -52.43
CA ASP I 145 97.93 -74.96 -51.06
C ASP I 145 96.63 -74.37 -50.57
N GLY I 146 95.76 -75.21 -49.98
CA GLY I 146 94.47 -74.75 -49.53
C GLY I 146 93.83 -75.71 -48.55
N ILE I 147 92.50 -75.65 -48.45
CA ILE I 147 91.75 -76.33 -47.39
C ILE I 147 90.58 -77.09 -48.02
N LYS I 148 90.28 -78.26 -47.46
CA LYS I 148 89.19 -79.10 -47.92
C LYS I 148 88.16 -79.27 -46.80
N PHE I 149 86.89 -79.07 -47.17
CA PHE I 149 85.74 -79.18 -46.28
C PHE I 149 84.77 -80.24 -46.78
N ARG I 150 84.06 -80.86 -45.83
CA ARG I 150 82.98 -81.80 -46.15
C ARG I 150 81.95 -81.72 -45.03
N PHE I 151 80.75 -81.22 -45.34
CA PHE I 151 79.77 -80.95 -44.30
C PHE I 151 78.98 -82.19 -43.94
N VAL I 152 78.53 -82.25 -42.68
CA VAL I 152 77.86 -83.41 -42.13
C VAL I 152 76.67 -82.96 -41.29
N LEU I 153 75.53 -83.63 -41.48
CA LEU I 153 74.32 -83.40 -40.70
C LEU I 153 73.85 -84.75 -40.18
N GLU I 154 73.77 -84.92 -38.87
CA GLU I 154 73.41 -86.23 -38.35
C GLU I 154 72.85 -86.13 -36.94
N LYS I 155 72.22 -87.22 -36.50
CA LYS I 155 71.61 -87.25 -35.19
C LYS I 155 72.66 -87.07 -34.10
N ILE I 156 72.27 -86.39 -33.02
CA ILE I 156 73.15 -86.22 -31.87
C ILE I 156 73.00 -87.44 -30.98
N GLU I 157 74.09 -88.17 -30.78
CA GLU I 157 74.05 -89.40 -30.00
C GLU I 157 74.01 -89.10 -28.51
N THR I 158 73.47 -90.04 -27.74
CA THR I 158 73.28 -89.86 -26.32
C THR I 158 74.39 -90.53 -25.52
N ASN I 159 74.48 -90.17 -24.25
CA ASN I 159 75.45 -90.76 -23.35
C ASN I 159 75.08 -92.20 -23.02
N GLU I 160 76.08 -92.98 -22.60
CA GLU I 160 75.84 -94.37 -22.25
C GLU I 160 74.87 -94.51 -21.10
N SER I 161 74.73 -93.47 -20.27
CA SER I 161 73.78 -93.50 -19.17
C SER I 161 72.37 -93.14 -19.59
N GLY I 162 72.17 -92.65 -20.83
CA GLY I 162 70.84 -92.32 -21.31
C GLY I 162 70.53 -90.84 -21.20
N VAL I 163 71.51 -89.99 -21.47
CA VAL I 163 71.34 -88.55 -21.43
C VAL I 163 71.93 -87.97 -22.71
N SER I 164 71.20 -87.06 -23.34
CA SER I 164 71.64 -86.49 -24.61
C SER I 164 72.82 -85.55 -24.38
N GLN I 165 73.66 -85.45 -25.41
CA GLN I 165 74.83 -84.58 -25.40
C GLN I 165 74.55 -83.26 -26.11
N TYR I 166 73.35 -82.72 -25.95
CA TYR I 166 72.91 -81.58 -26.76
C TYR I 166 73.91 -80.45 -26.75
N LYS I 167 74.49 -80.15 -25.59
CA LYS I 167 75.43 -79.04 -25.45
C LYS I 167 76.85 -79.51 -25.16
N LYS I 168 77.16 -80.79 -25.37
CA LYS I 168 78.43 -81.36 -24.92
C LYS I 168 79.07 -82.25 -25.97
N ARG I 169 79.06 -81.81 -27.23
CA ARG I 169 79.77 -82.54 -28.28
C ARG I 169 81.22 -82.09 -28.35
N THR I 170 82.07 -82.97 -28.88
CA THR I 170 83.51 -82.73 -28.95
C THR I 170 84.04 -83.19 -30.30
N ALA I 171 85.20 -82.65 -30.67
CA ALA I 171 85.80 -82.97 -31.96
C ALA I 171 86.30 -84.41 -31.97
N LYS I 172 86.49 -84.94 -33.18
CA LYS I 172 86.89 -86.33 -33.36
C LYS I 172 87.71 -86.45 -34.64
N ALA I 173 88.33 -87.62 -34.80
CA ALA I 173 89.11 -87.89 -36.00
C ALA I 173 88.19 -87.97 -37.22
N GLY I 174 88.65 -87.41 -38.32
CA GLY I 174 87.84 -87.34 -39.53
C GLY I 174 88.02 -88.54 -40.43
N THR I 175 87.49 -88.41 -41.64
CA THR I 175 87.57 -89.46 -42.65
C THR I 175 88.10 -88.99 -44.00
N ILE I 176 87.87 -87.74 -44.39
CA ILE I 176 88.45 -87.24 -45.62
C ILE I 176 89.91 -86.88 -45.38
N GLY I 177 90.76 -87.22 -46.35
CA GLY I 177 92.17 -86.97 -46.20
C GLY I 177 92.81 -87.70 -45.04
N THR I 178 92.44 -88.97 -44.83
CA THR I 178 93.04 -89.76 -43.77
C THR I 178 94.52 -90.01 -43.98
N GLU I 179 95.05 -89.76 -45.17
CA GLU I 179 96.49 -89.79 -45.37
C GLU I 179 97.19 -88.85 -44.41
N ALA I 180 96.53 -87.75 -44.02
CA ALA I 180 97.01 -86.86 -42.99
C ALA I 180 96.07 -86.97 -41.80
N THR I 181 96.61 -87.33 -40.64
CA THR I 181 95.78 -87.49 -39.45
C THR I 181 94.96 -86.25 -39.11
N PRO I 182 95.48 -85.02 -39.23
CA PRO I 182 94.72 -83.84 -38.76
C PRO I 182 93.32 -83.69 -39.35
N SER I 183 92.94 -84.52 -40.32
CA SER I 183 91.57 -84.51 -40.80
C SER I 183 90.63 -84.74 -39.63
N THR I 184 89.80 -83.73 -39.32
CA THR I 184 89.00 -83.80 -38.09
C THR I 184 87.57 -83.37 -38.34
N ILE I 185 86.64 -83.98 -37.59
CA ILE I 185 85.27 -83.52 -37.52
C ILE I 185 85.13 -82.51 -36.40
N THR I 186 84.62 -81.32 -36.71
CA THR I 186 84.37 -80.34 -35.66
C THR I 186 82.93 -79.85 -35.75
N PRO I 187 82.23 -79.76 -34.62
CA PRO I 187 80.82 -79.36 -34.65
C PRO I 187 80.65 -77.86 -34.78
N LEU I 188 79.50 -77.46 -35.34
CA LEU I 188 79.19 -76.07 -35.61
C LEU I 188 77.88 -75.60 -34.99
N ALA I 189 76.87 -76.46 -34.93
CA ALA I 189 75.58 -76.05 -34.39
C ALA I 189 74.76 -77.29 -34.05
N ASP I 190 73.77 -77.10 -33.17
CA ASP I 190 72.83 -78.14 -32.78
C ASP I 190 71.41 -77.60 -32.89
N PHE I 191 70.48 -78.48 -33.26
CA PHE I 191 69.07 -78.15 -33.36
C PHE I 191 68.26 -79.24 -32.69
N ARG I 192 67.14 -78.86 -32.08
CA ARG I 192 66.34 -79.78 -31.29
C ARG I 192 64.88 -79.41 -31.40
N CYS I 193 64.02 -80.43 -31.43
CA CYS I 193 62.58 -80.21 -31.48
C CYS I 193 62.06 -79.77 -30.13
N ARG I 194 61.04 -78.90 -30.16
CA ARG I 194 60.49 -78.33 -28.94
C ARG I 194 59.60 -79.30 -28.18
N PHE I 195 58.95 -80.24 -28.86
CA PHE I 195 57.97 -81.11 -28.24
C PHE I 195 58.41 -82.57 -28.39
N LYS I 196 57.61 -83.45 -27.80
CA LYS I 196 57.83 -84.90 -27.90
C LYS I 196 56.71 -85.48 -28.74
N SER I 197 56.96 -85.65 -30.04
CA SER I 197 55.94 -86.15 -30.94
C SER I 197 56.57 -86.36 -32.32
N SER I 198 55.78 -86.94 -33.22
CA SER I 198 56.23 -87.13 -34.59
C SER I 198 56.38 -85.82 -35.34
N LEU I 199 55.89 -84.72 -34.78
CA LEU I 199 56.10 -83.43 -35.41
C LEU I 199 57.58 -83.13 -35.55
N GLY I 200 58.38 -83.52 -34.56
CA GLY I 200 59.81 -83.33 -34.66
C GLY I 200 60.42 -84.15 -35.79
N ALA I 201 60.04 -85.42 -35.89
CA ALA I 201 60.53 -86.27 -36.96
C ALA I 201 60.12 -85.76 -38.33
N ASN I 202 59.01 -85.03 -38.43
CA ASN I 202 58.58 -84.47 -39.70
C ASN I 202 59.04 -83.04 -39.95
N THR I 203 59.63 -82.37 -38.95
CA THR I 203 60.11 -81.01 -39.15
C THR I 203 61.42 -81.00 -39.94
N ALA I 204 61.60 -79.98 -40.77
CA ALA I 204 62.75 -79.86 -41.63
C ALA I 204 63.27 -78.42 -41.64
N LEU I 205 64.55 -78.26 -41.96
CA LEU I 205 65.18 -76.95 -41.96
C LEU I 205 66.16 -76.83 -43.11
N ARG I 206 66.39 -75.59 -43.55
CA ARG I 206 67.29 -75.27 -44.65
C ARG I 206 68.17 -74.08 -44.26
N ILE I 207 69.44 -74.15 -44.65
CA ILE I 207 70.38 -73.04 -44.54
C ILE I 207 71.09 -72.90 -45.87
N TRP I 208 71.24 -71.65 -46.33
CA TRP I 208 72.02 -71.45 -47.55
C TRP I 208 72.60 -70.05 -47.56
N ALA I 209 73.53 -69.82 -48.49
CA ALA I 209 74.27 -68.58 -48.58
C ALA I 209 74.03 -67.93 -49.94
N PRO I 210 73.22 -66.88 -50.04
CA PRO I 210 72.91 -66.31 -51.35
C PRO I 210 73.93 -65.29 -51.83
N THR I 211 73.92 -65.05 -53.13
CA THR I 211 74.74 -64.04 -53.78
C THR I 211 73.83 -63.11 -54.58
N ILE I 212 74.45 -62.20 -55.33
CA ILE I 212 73.68 -61.19 -56.04
C ILE I 212 72.75 -61.83 -57.05
N ASN I 213 73.08 -63.03 -57.52
CA ASN I 213 72.32 -63.69 -58.57
C ASN I 213 71.26 -64.64 -58.05
N SER I 214 71.11 -64.76 -56.73
CA SER I 214 70.17 -65.72 -56.18
C SER I 214 68.73 -65.31 -56.50
N ALA I 215 67.80 -66.24 -56.26
CA ALA I 215 66.39 -65.92 -56.35
C ALA I 215 65.96 -64.93 -55.28
N GLN I 216 66.65 -64.91 -54.15
CA GLN I 216 66.49 -63.87 -53.12
C GLN I 216 67.80 -63.10 -53.09
N ALA I 217 67.91 -62.11 -53.98
CA ALA I 217 69.17 -61.41 -54.18
C ALA I 217 69.64 -60.75 -52.89
N ALA I 218 70.92 -60.92 -52.58
CA ALA I 218 71.51 -60.26 -51.44
C ALA I 218 72.03 -58.88 -51.81
N ASP I 219 72.40 -58.11 -50.79
CA ASP I 219 72.91 -56.76 -50.97
C ASP I 219 74.24 -56.61 -50.25
N ALA I 220 75.22 -56.04 -50.94
CA ALA I 220 76.54 -55.88 -50.36
C ALA I 220 76.62 -54.65 -49.44
N ASP I 221 75.70 -53.70 -49.60
CA ASP I 221 75.75 -52.50 -48.79
C ASP I 221 75.56 -52.82 -47.32
N LEU I 222 74.57 -53.65 -46.99
CA LEU I 222 74.33 -54.00 -45.60
C LEU I 222 75.52 -54.76 -45.02
N GLN I 223 76.12 -55.64 -45.80
CA GLN I 223 77.29 -56.37 -45.34
C GLN I 223 78.46 -55.43 -45.07
N ALA I 224 78.68 -54.45 -45.94
CA ALA I 224 79.72 -53.47 -45.66
C ALA I 224 79.41 -52.66 -44.41
N ARG I 225 78.15 -52.26 -44.24
CA ARG I 225 77.77 -51.47 -43.08
C ARG I 225 77.99 -52.24 -41.79
N ILE I 226 77.59 -53.51 -41.76
CA ILE I 226 77.91 -54.41 -40.66
C ILE I 226 78.62 -55.62 -41.27
N LYS I 227 79.88 -55.83 -40.88
CA LYS I 227 80.72 -56.81 -41.53
C LYS I 227 80.39 -58.19 -40.97
N SER I 228 79.56 -58.91 -41.72
CA SER I 228 79.21 -60.29 -41.40
C SER I 228 78.43 -60.84 -42.58
N PHE I 229 78.75 -62.07 -42.97
CA PHE I 229 78.02 -62.68 -44.07
C PHE I 229 76.65 -63.14 -43.59
N LEU I 230 75.64 -62.94 -44.43
CA LEU I 230 74.26 -63.22 -44.08
C LEU I 230 73.81 -64.48 -44.79
N TYR I 231 73.27 -65.42 -44.02
CA TYR I 231 72.75 -66.67 -44.54
C TYR I 231 71.24 -66.69 -44.41
N ARG I 232 70.58 -67.35 -45.36
CA ARG I 232 69.14 -67.53 -45.32
C ARG I 232 68.81 -68.82 -44.57
N PHE I 233 67.78 -68.73 -43.74
CA PHE I 233 67.31 -69.82 -42.89
C PHE I 233 65.83 -70.04 -43.12
N GLN I 234 65.41 -71.30 -43.22
CA GLN I 234 64.03 -71.62 -43.51
C GLN I 234 63.60 -72.86 -42.74
N ILE I 235 62.30 -72.91 -42.40
CA ILE I 235 61.69 -74.01 -41.66
C ILE I 235 60.53 -74.55 -42.48
N LEU I 236 60.41 -75.88 -42.55
CA LEU I 236 59.34 -76.54 -43.28
C LEU I 236 58.78 -77.69 -42.45
N THR I 237 57.56 -78.11 -42.79
CA THR I 237 56.92 -79.21 -42.09
C THR I 237 56.05 -80.00 -43.06
N ARG I 238 56.00 -81.32 -42.89
CA ARG I 238 55.23 -82.19 -43.78
C ARG I 238 54.14 -82.89 -42.99
N ALA I 239 53.19 -83.46 -43.73
CA ALA I 239 52.04 -84.11 -43.10
C ALA I 239 52.39 -85.50 -42.60
N ASP I 240 52.89 -86.35 -43.49
CA ASP I 240 53.32 -87.69 -43.13
C ASP I 240 54.61 -88.01 -43.87
N LYS I 241 55.10 -89.23 -43.68
CA LYS I 241 56.37 -89.61 -44.29
C LYS I 241 56.29 -89.60 -45.82
N ALA I 242 55.08 -89.64 -46.38
CA ALA I 242 54.91 -89.70 -47.83
C ALA I 242 54.52 -88.38 -48.45
N SER I 243 54.20 -87.36 -47.67
CA SER I 243 53.74 -86.09 -48.20
C SER I 243 54.92 -85.20 -48.54
N SER I 244 54.64 -83.92 -48.81
CA SER I 244 55.66 -82.95 -49.19
C SER I 244 55.63 -81.77 -48.23
N PRO I 245 56.76 -81.08 -48.06
CA PRO I 245 56.83 -80.04 -47.02
C PRO I 245 56.09 -78.78 -47.40
N THR I 246 55.76 -78.00 -46.38
CA THR I 246 55.14 -76.69 -46.52
C THR I 246 55.88 -75.72 -45.60
N ILE I 247 56.08 -74.49 -46.07
CA ILE I 247 56.92 -73.55 -45.35
C ILE I 247 56.21 -73.08 -44.10
N PHE I 248 56.95 -72.99 -43.00
CA PHE I 248 56.45 -72.49 -41.73
C PHE I 248 56.93 -71.04 -41.61
N GLU I 249 56.01 -70.10 -41.79
CA GLU I 249 56.38 -68.70 -41.87
C GLU I 249 56.56 -68.08 -40.49
N THR I 250 57.25 -66.95 -40.45
CA THR I 250 57.42 -66.22 -39.22
C THR I 250 56.13 -65.48 -38.86
N ILE I 251 56.09 -64.95 -37.64
CA ILE I 251 54.89 -64.27 -37.17
C ILE I 251 54.59 -63.03 -37.99
N TYR I 252 55.51 -62.59 -38.84
CA TYR I 252 55.28 -61.50 -39.77
C TYR I 252 55.03 -61.98 -41.19
N ASN I 253 54.72 -63.26 -41.37
CA ASN I 253 54.34 -63.80 -42.67
C ASN I 253 55.48 -63.67 -43.67
N GLU I 254 56.64 -64.23 -43.31
CA GLU I 254 57.77 -64.31 -44.21
C GLU I 254 58.24 -65.76 -44.33
N PRO I 255 58.79 -66.16 -45.48
CA PRO I 255 59.18 -67.56 -45.64
C PRO I 255 60.57 -67.89 -45.09
N SER I 256 61.44 -66.88 -44.95
CA SER I 256 62.82 -67.14 -44.58
C SER I 256 63.38 -65.95 -43.81
N LEU I 257 64.48 -66.20 -43.09
CA LEU I 257 65.17 -65.18 -42.32
C LEU I 257 66.60 -65.01 -42.81
N SER I 258 67.17 -63.83 -42.55
CA SER I 258 68.59 -63.58 -42.76
C SER I 258 69.29 -63.47 -41.42
N VAL I 259 70.34 -64.26 -41.22
CA VAL I 259 71.04 -64.31 -39.95
C VAL I 259 72.54 -64.27 -40.21
N GLY I 260 73.31 -63.98 -39.16
CA GLY I 260 74.75 -63.85 -39.31
C GLY I 260 75.49 -64.19 -38.03
N PHE I 261 76.77 -64.53 -38.20
CA PHE I 261 77.62 -64.85 -37.07
C PHE I 261 78.24 -63.60 -36.47
N GLY I 262 78.21 -63.51 -35.15
CA GLY I 262 78.82 -62.39 -34.45
C GLY I 262 78.15 -62.10 -33.12
N GLU I 263 78.66 -61.10 -32.40
CA GLU I 263 78.15 -60.83 -31.04
C GLU I 263 76.81 -60.11 -31.09
N ASN I 264 76.79 -58.89 -31.61
CA ASN I 264 75.54 -58.15 -31.77
C ASN I 264 75.60 -57.38 -33.08
N LEU I 265 74.92 -57.89 -34.09
CA LEU I 265 74.92 -57.29 -35.41
C LEU I 265 73.75 -56.30 -35.50
N VAL I 266 74.00 -55.11 -34.96
CA VAL I 266 73.00 -54.05 -34.96
C VAL I 266 73.28 -53.09 -36.10
N ASP I 267 72.23 -52.75 -36.85
CA ASP I 267 72.36 -51.83 -37.97
C ASP I 267 72.06 -50.42 -37.48
N PRO I 268 73.04 -49.50 -37.46
CA PRO I 268 72.75 -48.13 -37.02
C PRO I 268 71.68 -47.44 -37.86
N GLN I 269 71.64 -47.70 -39.16
CA GLN I 269 70.71 -47.01 -40.05
C GLN I 269 69.25 -47.37 -39.77
N THR I 270 68.99 -48.56 -39.24
CA THR I 270 67.62 -48.98 -38.98
C THR I 270 67.42 -49.66 -37.63
N GLU I 271 68.47 -49.86 -36.84
CA GLU I 271 68.39 -50.45 -35.50
C GLU I 271 67.89 -51.89 -35.52
N VAL I 272 68.15 -52.64 -36.59
CA VAL I 272 67.73 -54.03 -36.66
C VAL I 272 68.86 -54.94 -36.22
N VAL I 273 68.52 -56.09 -35.66
CA VAL I 273 69.48 -57.04 -35.11
C VAL I 273 69.50 -58.29 -35.99
N TYR I 274 70.69 -58.69 -36.41
CA TYR I 274 70.86 -59.86 -37.28
C TYR I 274 71.49 -61.05 -36.56
N ASP I 275 71.42 -61.11 -35.24
CA ASP I 275 72.01 -62.23 -34.52
C ASP I 275 71.22 -63.51 -34.77
N PHE I 276 71.95 -64.62 -34.87
CA PHE I 276 71.37 -65.88 -35.32
C PHE I 276 70.29 -66.36 -34.35
N VAL I 277 70.69 -66.76 -33.15
CA VAL I 277 69.76 -67.39 -32.22
C VAL I 277 68.68 -66.40 -31.79
N GLU I 278 69.08 -65.18 -31.46
CA GLU I 278 68.12 -64.20 -30.98
C GLU I 278 67.06 -63.92 -32.04
N ARG I 279 67.50 -63.67 -33.28
CA ARG I 279 66.55 -63.37 -34.34
C ARG I 279 65.62 -64.55 -34.60
N ILE I 280 66.17 -65.76 -34.70
CA ILE I 280 65.33 -66.92 -34.97
C ILE I 280 64.26 -67.06 -33.89
N ASP I 281 64.70 -67.06 -32.64
CA ASP I 281 63.77 -67.31 -31.54
C ASP I 281 62.73 -66.21 -31.42
N SER I 282 63.12 -64.96 -31.67
CA SER I 282 62.16 -63.87 -31.54
C SER I 282 61.17 -63.86 -32.69
N ARG I 283 61.63 -64.14 -33.92
CA ARG I 283 60.76 -64.02 -35.08
C ARG I 283 59.81 -65.20 -35.24
N TYR I 284 60.21 -66.40 -34.82
CA TYR I 284 59.37 -67.56 -35.12
C TYR I 284 58.38 -67.90 -34.02
N ASN I 285 58.41 -67.23 -32.87
CA ASN I 285 57.55 -67.57 -31.75
C ASN I 285 56.74 -66.36 -31.29
N ASP I 286 55.68 -66.67 -30.54
CA ASP I 286 54.76 -65.64 -30.05
C ASP I 286 54.02 -66.22 -28.84
N GLU I 287 54.36 -65.74 -27.65
CA GLU I 287 53.81 -66.28 -26.41
C GLU I 287 52.57 -65.56 -25.92
N ASP I 288 52.13 -64.52 -26.60
CA ASP I 288 51.02 -63.72 -26.07
C ASP I 288 49.75 -64.57 -26.03
N PRO I 289 49.15 -64.77 -24.86
CA PRO I 289 47.99 -65.68 -24.80
C PRO I 289 46.87 -65.47 -25.80
N SER I 290 46.75 -64.28 -26.38
CA SER I 290 45.68 -64.01 -27.33
C SER I 290 46.06 -64.38 -28.75
N THR I 291 47.34 -64.28 -29.10
CA THR I 291 47.85 -64.64 -30.43
C THR I 291 49.06 -65.53 -30.18
N TYR I 292 48.83 -66.84 -30.14
CA TYR I 292 49.76 -67.79 -29.56
C TYR I 292 50.26 -68.76 -30.62
N LEU I 293 51.58 -68.88 -30.75
CA LEU I 293 52.19 -69.86 -31.63
C LEU I 293 53.62 -70.14 -31.18
N MET I 294 53.98 -71.42 -31.15
CA MET I 294 55.33 -71.86 -30.83
C MET I 294 55.88 -72.65 -32.00
N SER I 295 57.08 -72.30 -32.44
CA SER I 295 57.69 -73.00 -33.56
C SER I 295 58.09 -74.41 -33.14
N PRO I 296 58.09 -75.39 -34.06
CA PRO I 296 58.54 -76.73 -33.67
C PRO I 296 59.97 -76.78 -33.18
N LEU I 297 60.86 -75.94 -33.73
CA LEU I 297 62.22 -75.90 -33.24
C LEU I 297 62.28 -75.26 -31.86
N ASP I 298 63.22 -75.74 -31.04
CA ASP I 298 63.55 -75.08 -29.80
C ASP I 298 64.56 -73.96 -30.06
N THR I 299 65.14 -73.43 -29.01
CA THR I 299 66.16 -72.40 -29.17
C THR I 299 67.45 -73.04 -29.69
N PRO I 300 67.97 -72.62 -30.83
CA PRO I 300 69.21 -73.23 -31.33
C PRO I 300 70.39 -72.96 -30.42
N TYR I 301 71.37 -73.86 -30.47
CA TYR I 301 72.64 -73.71 -29.77
C TYR I 301 73.76 -73.63 -30.79
N LEU I 302 74.79 -72.85 -30.46
CA LEU I 302 75.86 -72.60 -31.42
C LEU I 302 77.21 -72.80 -30.74
N TYR I 303 78.14 -73.43 -31.46
CA TYR I 303 79.50 -73.68 -30.95
C TYR I 303 80.40 -72.51 -31.36
N GLN I 304 80.37 -71.47 -30.53
CA GLN I 304 81.08 -70.24 -30.87
C GLN I 304 82.57 -70.48 -30.96
N ALA I 305 83.14 -71.25 -30.03
CA ALA I 305 84.58 -71.47 -30.03
C ALA I 305 85.02 -72.12 -31.34
N ASN I 306 84.35 -73.19 -31.74
CA ASN I 306 84.78 -73.94 -32.92
C ASN I 306 84.54 -73.15 -34.19
N ILE I 307 83.37 -72.50 -34.31
CA ILE I 307 83.10 -71.69 -35.49
C ILE I 307 84.14 -70.58 -35.60
N ASP I 308 84.45 -69.92 -34.48
CA ASP I 308 85.45 -68.87 -34.48
C ASP I 308 86.82 -69.41 -34.87
N SER I 309 87.18 -70.60 -34.38
CA SER I 309 88.48 -71.17 -34.70
C SER I 309 88.59 -71.43 -36.20
N VAL I 310 87.57 -72.03 -36.79
CA VAL I 310 87.63 -72.32 -38.22
C VAL I 310 87.68 -71.03 -39.03
N LEU I 311 86.88 -70.04 -38.64
CA LEU I 311 86.91 -68.76 -39.34
C LEU I 311 88.30 -68.13 -39.25
N THR I 312 88.90 -68.17 -38.07
CA THR I 312 90.23 -67.61 -37.88
C THR I 312 91.26 -68.34 -38.75
N ALA I 313 91.15 -69.66 -38.81
CA ALA I 313 92.09 -70.43 -39.62
C ALA I 313 91.98 -70.04 -41.08
N ILE I 314 90.76 -70.00 -41.62
CA ILE I 314 90.62 -69.70 -43.04
C ILE I 314 91.04 -68.26 -43.32
N GLN I 315 90.78 -67.34 -42.39
CA GLN I 315 91.22 -65.96 -42.59
C GLN I 315 92.75 -65.88 -42.61
N GLU I 316 93.40 -66.44 -41.59
CA GLU I 316 94.87 -66.43 -41.56
C GLU I 316 95.43 -67.04 -42.82
N LEU I 317 94.79 -68.08 -43.34
CA LEU I 317 95.28 -68.73 -44.54
C LEU I 317 95.15 -67.83 -45.75
N GLU I 318 93.93 -67.45 -46.11
CA GLU I 318 93.67 -66.85 -47.41
C GLU I 318 93.15 -65.42 -47.34
N ALA I 319 92.92 -64.87 -46.15
CA ALA I 319 92.53 -63.46 -46.08
C ALA I 319 93.60 -62.56 -46.66
N PRO I 320 94.88 -62.71 -46.32
CA PRO I 320 95.92 -61.97 -47.06
C PRO I 320 96.25 -62.64 -48.39
N PHE I 321 95.32 -62.56 -49.33
CA PHE I 321 95.50 -63.18 -50.63
C PHE I 321 94.87 -62.27 -51.70
N ASP I 322 94.86 -62.76 -52.94
CA ASP I 322 94.56 -61.89 -54.07
C ASP I 322 93.12 -61.37 -54.05
N THR I 323 92.14 -62.24 -53.79
CA THR I 323 90.75 -61.85 -54.02
C THR I 323 89.89 -61.90 -52.76
N VAL I 324 90.47 -61.68 -51.58
CA VAL I 324 89.71 -61.64 -50.34
C VAL I 324 90.34 -60.59 -49.42
N SER I 325 89.50 -59.87 -48.70
CA SER I 325 89.98 -58.83 -47.82
C SER I 325 90.76 -59.41 -46.65
N ALA I 326 91.90 -58.80 -46.34
CA ALA I 326 92.80 -59.32 -45.31
C ALA I 326 92.54 -58.72 -43.94
N ASP I 327 91.65 -57.74 -43.82
CA ASP I 327 91.49 -57.02 -42.57
C ASP I 327 91.15 -57.99 -41.43
N GLU I 328 91.28 -57.48 -40.21
CA GLU I 328 91.03 -58.30 -39.03
C GLU I 328 89.54 -58.63 -38.88
N ASP I 329 88.67 -57.63 -39.04
CA ASP I 329 87.25 -57.80 -38.81
C ASP I 329 86.56 -58.62 -39.89
N ASP I 330 87.24 -58.92 -40.99
CA ASP I 330 86.67 -59.71 -42.06
C ASP I 330 86.40 -61.14 -41.62
N LEU I 331 86.84 -61.52 -40.42
CA LEU I 331 86.66 -62.89 -39.93
C LEU I 331 85.21 -63.33 -40.06
N TYR I 332 84.29 -62.49 -39.61
CA TYR I 332 82.87 -62.81 -39.71
C TYR I 332 82.30 -62.51 -41.09
N GLN I 333 83.04 -61.82 -41.95
CA GLN I 333 82.60 -61.72 -43.35
C GLN I 333 82.87 -63.01 -44.10
N ILE I 334 83.89 -63.77 -43.72
CA ILE I 334 84.27 -64.97 -44.46
C ILE I 334 83.05 -65.85 -44.68
N ASN I 335 82.80 -66.22 -45.94
CA ASN I 335 81.69 -67.09 -46.30
C ASN I 335 82.10 -68.54 -46.02
N LEU I 336 81.35 -69.21 -45.14
CA LEU I 336 81.74 -70.56 -44.73
C LEU I 336 81.02 -71.63 -45.53
N PHE I 337 79.69 -71.60 -45.53
CA PHE I 337 78.92 -72.65 -46.19
C PHE I 337 79.08 -72.61 -47.71
N GLY I 338 79.14 -71.42 -48.28
CA GLY I 338 79.44 -71.26 -49.70
C GLY I 338 80.95 -71.24 -49.92
N ALA I 339 81.34 -70.81 -51.11
CA ALA I 339 82.74 -70.72 -51.46
C ALA I 339 83.01 -69.45 -52.25
N GLN I 340 82.27 -68.38 -51.96
CA GLN I 340 82.42 -67.14 -52.70
C GLN I 340 81.92 -65.98 -51.85
N THR I 341 82.30 -64.78 -52.25
CA THR I 341 81.82 -63.58 -51.59
C THR I 341 80.41 -63.22 -52.07
N VAL I 342 79.88 -62.14 -51.51
CA VAL I 342 78.51 -61.75 -51.83
C VAL I 342 78.37 -61.44 -53.31
N GLU I 343 79.39 -60.84 -53.93
CA GLU I 343 79.31 -60.55 -55.36
C GLU I 343 79.38 -61.81 -56.21
N GLY I 344 79.79 -62.94 -55.66
CA GLY I 344 79.85 -64.17 -56.42
C GLY I 344 81.19 -64.46 -57.05
N VAL I 345 82.28 -64.17 -56.35
CA VAL I 345 83.63 -64.47 -56.81
C VAL I 345 84.10 -65.73 -56.09
N PRO I 346 84.37 -66.84 -56.80
CA PRO I 346 84.73 -68.08 -56.10
C PRO I 346 86.02 -67.96 -55.31
N TYR I 347 86.05 -68.64 -54.16
CA TYR I 347 87.26 -68.76 -53.37
C TYR I 347 88.10 -69.89 -53.94
N HIS I 348 89.21 -69.55 -54.59
CA HIS I 348 90.22 -70.56 -54.88
C HIS I 348 91.08 -70.80 -53.64
N ALA I 349 91.64 -72.01 -53.56
CA ALA I 349 92.30 -72.54 -52.37
C ALA I 349 91.32 -73.12 -51.36
N VAL I 350 90.04 -73.21 -51.69
CA VAL I 350 89.05 -73.88 -50.86
C VAL I 350 88.28 -74.87 -51.72
N GLN I 351 88.21 -76.11 -51.27
CA GLN I 351 87.48 -77.17 -51.98
C GLN I 351 86.45 -77.77 -51.04
N ILE I 352 85.20 -77.76 -51.47
CA ILE I 352 84.09 -78.34 -50.72
C ILE I 352 83.65 -79.60 -51.44
N LEU I 353 83.74 -80.74 -50.75
CA LEU I 353 83.42 -82.00 -51.38
C LEU I 353 81.92 -82.14 -51.61
N GLY I 354 81.53 -82.54 -52.81
CA GLY I 354 80.14 -82.64 -53.18
C GLY I 354 79.48 -83.90 -52.66
N VAL I 355 78.31 -84.20 -53.22
CA VAL I 355 77.52 -85.34 -52.75
C VAL I 355 78.25 -86.65 -53.04
N LEU I 356 78.72 -86.82 -54.27
CA LEU I 356 79.39 -88.07 -54.63
C LEU I 356 80.62 -88.31 -53.77
N ASP I 357 81.22 -87.25 -53.25
CA ASP I 357 82.40 -87.36 -52.40
C ASP I 357 82.04 -87.56 -50.93
N GLY I 358 80.74 -87.63 -50.61
CA GLY I 358 80.31 -87.88 -49.26
C GLY I 358 79.91 -86.64 -48.47
N GLY I 359 79.79 -85.49 -49.13
CA GLY I 359 79.42 -84.27 -48.45
C GLY I 359 77.93 -83.96 -48.55
N VAL I 360 77.55 -82.84 -47.96
CA VAL I 360 76.17 -82.35 -47.99
C VAL I 360 76.18 -81.00 -48.68
N THR I 361 75.27 -80.82 -49.64
CA THR I 361 75.16 -79.58 -50.40
C THR I 361 74.14 -78.68 -49.71
N LEU I 362 74.60 -77.57 -49.15
CA LEU I 362 73.72 -76.61 -48.50
C LEU I 362 73.28 -75.58 -49.53
N THR I 363 72.08 -75.78 -50.08
CA THR I 363 71.47 -74.87 -51.04
C THR I 363 70.02 -74.65 -50.64
N GLU I 364 69.29 -73.91 -51.48
CA GLU I 364 67.90 -73.62 -51.21
C GLU I 364 66.98 -74.79 -51.52
N THR I 365 67.48 -75.84 -52.19
CA THR I 365 66.66 -76.98 -52.54
C THR I 365 66.87 -78.17 -51.60
N ALA I 366 68.04 -78.29 -50.99
CA ALA I 366 68.28 -79.38 -50.05
C ALA I 366 67.41 -79.21 -48.81
N THR I 367 66.87 -80.31 -48.32
CA THR I 367 66.02 -80.33 -47.14
C THR I 367 66.60 -81.32 -46.13
N ASN I 368 66.50 -80.97 -44.85
CA ASN I 368 67.12 -81.75 -43.78
C ASN I 368 66.10 -81.96 -42.67
N TYR I 369 65.91 -83.22 -42.27
CA TYR I 369 64.89 -83.59 -41.30
C TYR I 369 65.53 -84.02 -39.99
N LEU I 370 64.90 -83.64 -38.89
CA LEU I 370 65.38 -84.09 -37.59
C LEU I 370 65.18 -85.59 -37.44
N GLN I 371 66.06 -86.22 -36.67
CA GLN I 371 66.10 -87.67 -36.50
C GLN I 371 65.64 -88.06 -35.11
N GLY I 372 64.77 -89.05 -35.03
CA GLY I 372 64.36 -89.60 -33.75
C GLY I 372 62.96 -89.18 -33.34
N GLY I 373 62.64 -89.29 -32.06
CA GLY I 373 61.36 -88.88 -31.55
C GLY I 373 60.27 -89.91 -31.78
N GLY I 374 59.06 -89.51 -31.44
CA GLY I 374 57.90 -90.37 -31.58
C GLY I 374 56.83 -90.01 -30.55
N ASP I 375 55.64 -90.56 -30.75
CA ASP I 375 54.51 -90.27 -29.89
C ASP I 375 54.38 -91.24 -28.73
N GLY I 376 54.83 -92.48 -28.90
CA GLY I 376 54.58 -93.53 -27.93
C GLY I 376 53.48 -94.46 -28.39
N THR I 377 53.02 -95.29 -27.45
CA THR I 377 51.96 -96.25 -27.72
C THR I 377 50.62 -95.59 -27.47
N LEU I 378 49.83 -95.44 -28.54
CA LEU I 378 48.55 -94.75 -28.48
C LEU I 378 47.41 -95.74 -28.60
N GLY I 379 46.23 -95.29 -28.18
CA GLY I 379 45.03 -96.12 -28.18
C GLY I 379 44.30 -96.01 -26.87
N ASN I 380 43.13 -96.67 -26.83
CA ASN I 380 42.27 -96.56 -25.65
C ASN I 380 42.88 -97.28 -24.45
N ASP I 381 43.59 -98.37 -24.66
CA ASP I 381 44.19 -99.08 -23.54
C ASP I 381 45.22 -98.21 -22.82
N SER I 382 46.16 -97.63 -23.58
CA SER I 382 47.15 -96.75 -22.97
C SER I 382 46.51 -95.48 -22.44
N PHE I 383 45.45 -94.99 -23.10
CA PHE I 383 44.76 -93.82 -22.57
C PHE I 383 44.16 -94.11 -21.21
N ASN I 384 43.50 -95.26 -21.06
CA ASN I 384 42.96 -95.64 -19.76
C ASN I 384 44.06 -95.80 -18.73
N ALA I 385 45.19 -96.40 -19.13
CA ALA I 385 46.29 -96.54 -18.20
C ALA I 385 46.78 -95.19 -17.69
N ALA I 386 46.98 -94.23 -18.60
CA ALA I 386 47.45 -92.91 -18.19
C ALA I 386 46.43 -92.19 -17.32
N ALA I 387 45.14 -92.28 -17.70
CA ALA I 387 44.11 -91.61 -16.91
C ALA I 387 44.06 -92.19 -15.51
N TYR I 388 44.18 -93.51 -15.37
CA TYR I 388 44.22 -94.11 -14.05
C TYR I 388 45.46 -93.66 -13.28
N ALA I 389 46.61 -93.60 -13.95
CA ALA I 389 47.81 -93.14 -13.29
C ALA I 389 47.63 -91.75 -12.71
N VAL I 390 46.94 -90.87 -13.43
CA VAL I 390 46.70 -89.51 -12.93
C VAL I 390 45.67 -89.50 -11.81
N LEU I 391 44.56 -90.24 -11.97
CA LEU I 391 43.46 -90.11 -11.03
C LEU I 391 43.74 -90.82 -9.71
N SER I 392 44.44 -91.95 -9.73
CA SER I 392 44.68 -92.69 -8.49
C SER I 392 45.54 -91.87 -7.52
N ASN I 393 46.54 -91.18 -8.04
CA ASN I 393 47.48 -90.42 -7.21
C ASN I 393 47.11 -88.94 -7.30
N LEU I 394 46.13 -88.54 -6.50
CA LEU I 394 45.71 -87.14 -6.48
C LEU I 394 46.20 -86.39 -5.26
N SER I 395 46.38 -87.09 -4.13
CA SER I 395 46.79 -86.45 -2.89
C SER I 395 48.31 -86.35 -2.75
N ASN I 396 49.08 -86.98 -3.63
CA ASN I 396 50.53 -86.93 -3.53
C ASN I 396 51.19 -86.82 -4.90
N ASN I 397 50.48 -86.26 -5.88
CA ASN I 397 51.05 -86.08 -7.20
C ASN I 397 52.08 -84.97 -7.19
N ALA I 398 53.21 -85.20 -7.84
CA ALA I 398 54.27 -84.21 -7.96
C ALA I 398 54.14 -83.36 -9.20
N ALA I 399 53.15 -83.62 -10.05
CA ALA I 399 52.93 -82.85 -11.27
C ALA I 399 52.00 -81.67 -11.04
N PHE I 400 50.94 -81.88 -10.26
CA PHE I 400 50.02 -80.80 -9.92
C PHE I 400 49.07 -81.27 -8.84
N ASN I 401 48.70 -80.35 -7.95
CA ASN I 401 47.75 -80.61 -6.88
C ASN I 401 46.42 -80.00 -7.29
N ILE I 402 45.40 -80.83 -7.47
CA ILE I 402 44.12 -80.37 -8.01
C ILE I 402 43.10 -80.12 -6.91
N THR I 403 43.54 -79.87 -5.69
CA THR I 403 42.68 -79.29 -4.67
C THR I 403 42.87 -77.78 -4.57
N ASN I 404 43.51 -77.18 -5.56
CA ASN I 404 43.76 -75.73 -5.61
C ASN I 404 42.58 -75.07 -6.30
N TYR I 405 41.69 -74.45 -5.52
CA TYR I 405 40.48 -73.86 -6.09
C TYR I 405 40.80 -72.71 -7.03
N ALA I 406 41.75 -71.86 -6.67
CA ALA I 406 42.00 -70.65 -7.44
C ALA I 406 42.74 -70.95 -8.75
N ARG I 407 43.65 -71.92 -8.73
CA ARG I 407 44.48 -72.20 -9.90
C ARG I 407 43.83 -73.15 -10.89
N TYR I 408 42.86 -73.95 -10.45
CA TYR I 408 42.22 -74.95 -11.29
C TYR I 408 40.70 -74.76 -11.20
N PRO I 409 40.13 -73.85 -11.99
CA PRO I 409 38.72 -73.52 -11.85
C PRO I 409 37.75 -74.57 -12.38
N PHE I 410 38.20 -75.75 -12.76
CA PHE I 410 37.27 -76.75 -13.27
C PHE I 410 36.27 -77.14 -12.19
N ASN I 411 35.04 -77.45 -12.62
CA ASN I 411 34.01 -77.87 -11.69
C ASN I 411 33.20 -79.07 -12.14
N ALA I 412 33.47 -79.65 -13.30
CA ALA I 412 32.71 -80.77 -13.80
C ALA I 412 33.64 -81.82 -14.37
N PHE I 413 33.23 -83.09 -14.26
CA PHE I 413 33.95 -84.20 -14.87
C PHE I 413 32.93 -85.19 -15.44
N TRP I 414 33.07 -85.49 -16.72
CA TRP I 414 32.19 -86.42 -17.41
C TRP I 414 32.96 -87.69 -17.71
N ASP I 415 32.34 -88.84 -17.42
CA ASP I 415 32.91 -90.13 -17.77
C ASP I 415 32.54 -90.44 -19.22
N SER I 416 33.54 -90.45 -20.09
CA SER I 416 33.30 -90.67 -21.51
C SER I 416 33.42 -92.13 -21.92
N GLY I 417 33.61 -93.03 -20.97
CA GLY I 417 33.73 -94.44 -21.28
C GLY I 417 34.99 -95.10 -20.76
N PHE I 418 35.57 -94.55 -19.69
CA PHE I 418 36.71 -95.19 -19.05
C PHE I 418 36.34 -96.60 -18.61
N ASP I 419 37.35 -97.44 -18.45
CA ASP I 419 37.13 -98.80 -17.99
C ASP I 419 36.75 -98.82 -16.51
N LEU I 420 36.14 -99.92 -16.08
CA LEU I 420 35.58 -99.98 -14.74
C LEU I 420 36.61 -99.72 -13.65
N LYS I 421 37.87 -100.10 -13.86
CA LYS I 421 38.88 -99.84 -12.85
C LYS I 421 39.12 -98.34 -12.69
N THR I 422 39.14 -97.60 -13.80
CA THR I 422 39.34 -96.15 -13.71
C THR I 422 38.06 -95.45 -13.26
N LYS I 423 36.90 -96.05 -13.51
CA LYS I 423 35.64 -95.42 -13.12
C LYS I 423 35.57 -95.18 -11.63
N GLN I 424 36.14 -96.09 -10.83
CA GLN I 424 35.97 -96.03 -9.39
C GLN I 424 36.91 -95.04 -8.71
N THR I 425 37.80 -94.41 -9.45
CA THR I 425 38.64 -93.34 -8.92
C THR I 425 38.07 -91.96 -9.16
N ILE I 426 36.95 -91.84 -9.85
CA ILE I 426 36.35 -90.55 -10.17
C ILE I 426 35.54 -90.01 -9.00
N PRO I 427 34.75 -90.85 -8.29
CA PRO I 427 33.88 -90.29 -7.25
C PRO I 427 34.59 -89.49 -6.19
N GLN I 428 35.87 -89.75 -5.94
CA GLN I 428 36.58 -89.05 -4.89
C GLN I 428 36.79 -87.58 -5.19
N LEU I 429 36.52 -87.13 -6.43
CA LEU I 429 36.60 -85.71 -6.73
C LEU I 429 35.59 -84.92 -5.90
N ILE I 430 34.36 -85.43 -5.79
CA ILE I 430 33.35 -84.77 -4.98
C ILE I 430 33.55 -85.02 -3.49
N GLY I 431 34.60 -85.75 -3.11
CA GLY I 431 34.97 -85.86 -1.72
C GLY I 431 36.09 -84.90 -1.38
N LEU I 432 37.00 -84.71 -2.33
CA LEU I 432 38.13 -83.81 -2.12
C LEU I 432 37.79 -82.34 -2.36
N ARG I 433 36.80 -82.05 -3.21
CA ARG I 433 36.44 -80.67 -3.50
C ARG I 433 34.96 -80.46 -3.29
N ALA I 434 34.61 -79.29 -2.75
CA ALA I 434 33.24 -78.96 -2.40
C ALA I 434 32.53 -78.13 -3.46
N ASP I 435 33.12 -77.96 -4.62
CA ASP I 435 32.49 -77.28 -5.74
C ASP I 435 32.71 -78.07 -7.03
N THR I 436 32.49 -79.38 -6.97
CA THR I 436 32.72 -80.26 -8.11
C THR I 436 31.48 -81.10 -8.38
N TRP I 437 31.35 -81.54 -9.63
CA TRP I 437 30.17 -82.23 -10.12
C TRP I 437 30.64 -83.32 -11.06
N ILE I 438 30.03 -84.51 -11.00
CA ILE I 438 30.48 -85.64 -11.78
C ILE I 438 29.29 -86.31 -12.47
N ALA I 439 29.52 -86.73 -13.71
CA ALA I 439 28.59 -87.58 -14.45
C ALA I 439 29.31 -88.88 -14.75
N LEU I 440 28.67 -90.00 -14.45
CA LEU I 440 29.25 -91.33 -14.64
C LEU I 440 28.47 -92.09 -15.71
N SER I 441 29.14 -93.06 -16.32
CA SER I 441 28.54 -93.92 -17.34
C SER I 441 28.74 -95.37 -16.94
N THR I 442 27.77 -96.22 -17.30
CA THR I 442 27.82 -97.64 -16.97
C THR I 442 28.35 -98.49 -18.12
N GLN I 443 28.91 -97.88 -19.15
CA GLN I 443 29.40 -98.61 -20.32
C GLN I 443 30.90 -98.39 -20.46
N ASP I 444 31.65 -99.49 -20.55
CA ASP I 444 33.07 -99.46 -20.90
C ASP I 444 33.16 -99.45 -22.41
N ILE I 445 33.61 -98.33 -22.98
CA ILE I 445 33.48 -98.11 -24.42
C ILE I 445 34.24 -99.13 -25.23
N SER I 446 35.26 -99.77 -24.65
CA SER I 446 36.09 -100.71 -25.39
C SER I 446 35.53 -102.13 -25.39
N SER I 447 34.43 -102.39 -24.69
CA SER I 447 33.84 -103.71 -24.61
C SER I 447 32.52 -103.73 -25.36
N ASP I 448 31.86 -104.89 -25.34
CA ASP I 448 30.57 -105.04 -25.98
C ASP I 448 29.49 -104.36 -25.15
N PHE I 449 28.40 -103.96 -25.81
CA PHE I 449 27.32 -103.29 -25.10
C PHE I 449 26.78 -104.21 -24.01
N ASN I 450 26.58 -103.64 -22.83
CA ASN I 450 26.17 -104.43 -21.68
C ASN I 450 24.72 -104.88 -21.83
N SER I 451 24.40 -105.98 -21.17
CA SER I 451 23.03 -106.44 -21.08
C SER I 451 22.35 -105.80 -19.86
N ASN I 452 21.09 -106.17 -19.63
CA ASN I 452 20.35 -105.59 -18.51
C ASN I 452 21.03 -105.93 -17.19
N GLU I 453 21.44 -107.19 -17.02
CA GLU I 453 22.05 -107.61 -15.77
C GLU I 453 23.40 -106.94 -15.54
N GLU I 454 24.20 -106.80 -16.59
CA GLU I 454 25.47 -106.09 -16.46
C GLU I 454 25.26 -104.62 -16.14
N GLU I 455 24.28 -103.98 -16.79
CA GLU I 455 23.91 -102.63 -16.41
C GLU I 455 23.61 -102.54 -14.92
N GLU I 456 22.76 -103.45 -14.44
CA GLU I 456 22.37 -103.40 -13.03
C GLU I 456 23.59 -103.59 -12.12
N SER I 457 24.45 -104.54 -12.46
CA SER I 457 25.61 -104.82 -11.61
C SER I 457 26.54 -103.61 -11.55
N ILE I 458 26.84 -103.02 -12.70
CA ILE I 458 27.74 -101.87 -12.72
C ILE I 458 27.12 -100.69 -11.99
N ALA I 459 25.81 -100.49 -12.16
CA ALA I 459 25.13 -99.41 -11.45
C ALA I 459 25.23 -99.60 -9.95
N LEU I 460 25.00 -100.82 -9.47
CA LEU I 460 25.10 -101.08 -8.04
C LEU I 460 26.52 -100.82 -7.54
N SER I 461 27.51 -101.26 -8.30
CA SER I 461 28.90 -101.05 -7.87
C SER I 461 29.23 -99.57 -7.79
N LEU I 462 28.80 -98.80 -8.78
CA LEU I 462 29.06 -97.36 -8.76
C LEU I 462 28.33 -96.68 -7.60
N MET I 463 27.10 -97.09 -7.32
CA MET I 463 26.39 -96.53 -6.16
C MET I 463 27.11 -96.86 -4.87
N SER I 464 27.60 -98.09 -4.74
CA SER I 464 28.35 -98.46 -3.54
C SER I 464 29.59 -97.59 -3.39
N ARG I 465 30.30 -97.34 -4.49
CA ARG I 465 31.49 -96.50 -4.42
C ARG I 465 31.11 -95.06 -4.04
N VAL I 466 30.04 -94.55 -4.62
CA VAL I 466 29.61 -93.18 -4.35
C VAL I 466 29.17 -93.03 -2.90
N SER I 467 28.71 -94.13 -2.28
CA SER I 467 28.23 -94.04 -0.91
C SER I 467 29.34 -93.72 0.09
N ALA I 468 30.60 -93.77 -0.33
CA ALA I 468 31.71 -93.56 0.59
C ALA I 468 32.11 -92.10 0.74
N PHE I 469 31.49 -91.18 0.01
CA PHE I 469 31.83 -89.76 0.04
C PHE I 469 30.56 -88.95 0.31
N PRO I 470 30.08 -88.95 1.55
CA PRO I 470 28.87 -88.18 1.86
C PRO I 470 29.12 -86.69 1.73
N ASP I 471 28.04 -85.95 1.46
CA ASP I 471 28.15 -84.51 1.25
C ASP I 471 28.64 -83.82 2.52
N SER I 472 28.06 -84.17 3.66
CA SER I 472 28.44 -83.62 4.96
C SER I 472 28.96 -84.77 5.82
N SER I 473 30.28 -84.85 5.97
CA SER I 473 30.84 -85.90 6.81
C SER I 473 30.40 -85.75 8.26
N ASP I 474 30.03 -84.54 8.67
CA ASP I 474 29.61 -84.34 10.05
C ASP I 474 28.24 -84.95 10.31
N PHE I 475 27.29 -84.75 9.39
CA PHE I 475 25.94 -85.25 9.55
C PHE I 475 25.58 -86.35 8.56
N GLY I 476 26.48 -86.71 7.65
CA GLY I 476 26.25 -87.86 6.81
C GLY I 476 25.23 -87.68 5.71
N THR I 477 25.03 -86.45 5.23
CA THR I 477 24.12 -86.24 4.13
C THR I 477 24.64 -86.97 2.89
N PRO I 478 23.81 -87.75 2.21
CA PRO I 478 24.29 -88.45 0.99
C PRO I 478 24.68 -87.46 -0.10
N ALA I 479 25.62 -87.88 -0.94
CA ALA I 479 26.07 -87.02 -2.02
C ALA I 479 24.94 -86.75 -3.00
N PHE I 480 24.96 -85.57 -3.62
CA PHE I 480 23.97 -85.23 -4.63
C PHE I 480 24.54 -84.45 -5.81
N ARG I 481 25.86 -84.24 -5.87
CA ARG I 481 26.46 -83.47 -6.97
C ARG I 481 26.93 -84.41 -8.07
N GLY I 482 25.99 -84.77 -8.94
CA GLY I 482 26.32 -85.54 -10.13
C GLY I 482 25.13 -86.32 -10.63
N MET I 483 25.43 -87.31 -11.46
CA MET I 483 24.40 -88.23 -11.95
C MET I 483 25.05 -89.41 -12.66
N ILE I 484 24.25 -90.45 -12.91
CA ILE I 484 24.70 -91.64 -13.63
C ILE I 484 23.80 -91.81 -14.85
N VAL I 485 24.41 -92.00 -16.02
CA VAL I 485 23.68 -92.13 -17.28
C VAL I 485 23.99 -93.50 -17.88
N GLY I 486 22.95 -94.25 -18.18
CA GLY I 486 23.09 -95.60 -18.74
C GLY I 486 22.67 -95.64 -20.19
N GLY I 487 23.39 -96.42 -20.98
CA GLY I 487 23.13 -96.57 -22.39
C GLY I 487 24.33 -96.22 -23.25
N ALA I 488 24.30 -96.70 -24.48
CA ALA I 488 25.35 -96.41 -25.45
C ALA I 488 24.79 -96.55 -26.86
N GLY I 489 25.48 -95.95 -27.79
CA GLY I 489 25.06 -95.97 -29.18
C GLY I 489 26.24 -95.69 -30.08
N TYR I 490 25.97 -94.98 -31.17
CA TYR I 490 26.99 -94.66 -32.16
C TYR I 490 26.95 -93.16 -32.47
N TYR I 491 28.12 -92.60 -32.74
CA TYR I 491 28.23 -91.18 -33.06
C TYR I 491 27.67 -90.92 -34.45
N THR I 492 26.85 -89.88 -34.58
CA THR I 492 26.17 -89.59 -35.84
C THR I 492 26.90 -88.58 -36.71
N GLU I 493 27.76 -87.75 -36.13
CA GLU I 493 28.40 -86.66 -36.86
C GLU I 493 29.64 -87.10 -37.61
N THR I 494 29.76 -88.39 -37.94
CA THR I 494 30.91 -88.88 -38.69
C THR I 494 30.49 -90.12 -39.46
N THR I 495 31.22 -90.40 -40.55
CA THR I 495 30.93 -91.57 -41.36
C THR I 495 31.42 -92.86 -40.70
N ARG I 496 32.57 -92.81 -40.03
CA ARG I 496 33.11 -93.98 -39.37
C ARG I 496 32.17 -94.48 -38.30
N LYS I 497 32.28 -95.77 -37.99
CA LYS I 497 31.48 -96.39 -36.93
C LYS I 497 32.21 -96.22 -35.61
N LEU I 498 31.75 -95.26 -34.80
CA LEU I 498 32.46 -94.85 -33.59
C LEU I 498 31.51 -94.90 -32.40
N PRO I 499 31.52 -95.97 -31.61
CA PRO I 499 30.60 -96.06 -30.48
C PRO I 499 30.89 -95.01 -29.42
N VAL I 500 29.83 -94.52 -28.80
CA VAL I 500 29.92 -93.51 -27.74
C VAL I 500 28.81 -93.76 -26.73
N PRO I 501 28.95 -93.33 -25.48
CA PRO I 501 27.84 -93.40 -24.54
C PRO I 501 26.97 -92.15 -24.58
N LEU I 502 25.84 -92.22 -23.88
CA LEU I 502 24.88 -91.10 -23.85
C LEU I 502 25.34 -89.95 -22.97
N THR I 503 26.38 -90.15 -22.16
CA THR I 503 26.98 -89.02 -21.47
C THR I 503 27.44 -87.96 -22.46
N LEU I 504 27.79 -88.37 -23.68
CA LEU I 504 28.16 -87.38 -24.70
C LEU I 504 26.97 -86.50 -25.06
N ASP I 505 25.79 -87.08 -25.21
CA ASP I 505 24.61 -86.30 -25.54
C ASP I 505 24.25 -85.34 -24.42
N ARG I 506 24.24 -85.84 -23.19
CA ARG I 506 23.93 -84.93 -22.07
C ARG I 506 25.02 -83.88 -21.91
N PHE I 507 26.27 -84.22 -22.25
CA PHE I 507 27.36 -83.26 -22.22
C PHE I 507 27.12 -82.13 -23.19
N ARG I 508 26.71 -82.45 -24.41
CA ARG I 508 26.40 -81.41 -25.38
C ARG I 508 25.26 -80.54 -24.89
N ALA I 509 24.22 -81.15 -24.33
CA ALA I 509 23.09 -80.36 -23.85
C ALA I 509 23.54 -79.37 -22.78
N TYR I 510 24.31 -79.84 -21.79
CA TYR I 510 24.76 -78.96 -20.73
C TYR I 510 25.70 -77.88 -21.25
N CYS I 511 26.56 -78.22 -22.21
CA CYS I 511 27.44 -77.21 -22.81
C CYS I 511 26.61 -76.09 -23.43
N ARG I 512 25.58 -76.45 -24.18
CA ARG I 512 24.75 -75.44 -24.82
C ARG I 512 24.00 -74.61 -23.79
N TYR I 513 23.51 -75.23 -22.72
CA TYR I 513 22.68 -74.54 -21.74
C TYR I 513 23.50 -73.63 -20.85
N ALA I 514 24.44 -74.19 -20.08
CA ALA I 514 25.19 -73.48 -19.07
C ALA I 514 26.61 -73.17 -19.50
N GLY I 515 26.81 -72.86 -20.77
CA GLY I 515 28.15 -72.64 -21.28
C GLY I 515 28.39 -71.22 -21.74
N ALA I 516 27.43 -70.33 -21.51
CA ALA I 516 27.59 -68.93 -21.89
C ALA I 516 28.73 -68.30 -21.11
N SER I 517 29.56 -67.52 -21.81
CA SER I 517 30.75 -66.94 -21.18
C SER I 517 30.39 -65.82 -20.22
N ASP I 518 29.14 -65.36 -20.19
CA ASP I 518 28.74 -64.30 -19.29
C ASP I 518 28.13 -64.82 -17.99
N GLY I 519 28.10 -66.13 -17.79
CA GLY I 519 27.71 -66.67 -16.50
C GLY I 519 26.23 -66.65 -16.19
N VAL I 520 25.37 -66.73 -17.20
CA VAL I 520 23.93 -66.75 -17.01
C VAL I 520 23.35 -67.87 -17.87
N LEU I 521 22.43 -68.65 -17.30
CA LEU I 521 21.82 -69.74 -18.04
C LEU I 521 20.95 -69.20 -19.17
N LYS I 522 21.02 -69.86 -20.32
CA LYS I 522 20.26 -69.45 -21.51
C LYS I 522 18.89 -70.11 -21.50
N PRO I 523 17.80 -69.34 -21.44
CA PRO I 523 16.47 -69.96 -21.37
C PRO I 523 16.09 -70.75 -22.59
N GLU I 524 16.70 -70.49 -23.75
CA GLU I 524 16.31 -71.14 -24.98
C GLU I 524 16.91 -72.53 -25.13
N TYR I 525 17.76 -72.96 -24.19
CA TYR I 525 18.38 -74.29 -24.26
C TYR I 525 18.09 -75.11 -23.01
N ALA I 526 16.99 -74.83 -22.32
CA ALA I 526 16.69 -75.56 -21.09
C ALA I 526 16.72 -77.06 -21.34
N VAL I 527 17.57 -77.76 -20.57
CA VAL I 527 17.87 -79.15 -20.84
C VAL I 527 16.66 -80.08 -20.72
N ASP I 528 15.55 -79.59 -20.16
CA ASP I 528 14.39 -80.46 -19.98
C ASP I 528 13.14 -79.85 -20.60
N GLU I 529 13.31 -79.05 -21.65
CA GLU I 529 12.17 -78.43 -22.34
C GLU I 529 12.47 -78.32 -23.82
N GLY I 530 11.44 -78.48 -24.63
CA GLY I 530 11.58 -78.25 -26.05
C GLY I 530 12.32 -79.39 -26.73
N ASP I 531 13.25 -79.02 -27.61
CA ASP I 531 13.99 -79.98 -28.41
C ASP I 531 15.31 -80.38 -27.77
N ALA I 532 15.60 -79.88 -26.56
CA ALA I 532 16.79 -80.28 -25.85
C ALA I 532 16.58 -81.48 -24.96
N ARG I 533 15.37 -82.02 -24.89
CA ARG I 533 15.09 -83.23 -24.13
C ARG I 533 15.10 -84.47 -24.99
N LYS I 534 15.55 -84.38 -26.23
CA LYS I 534 15.66 -85.53 -27.12
C LYS I 534 17.12 -85.85 -27.39
N VAL I 535 17.38 -87.12 -27.71
CA VAL I 535 18.73 -87.53 -28.09
C VAL I 535 19.03 -87.01 -29.50
N GLN I 536 20.20 -86.41 -29.68
CA GLN I 536 20.52 -85.70 -30.91
C GLN I 536 21.84 -86.10 -31.55
N VAL I 537 22.75 -86.73 -30.82
CA VAL I 537 24.06 -87.09 -31.35
C VAL I 537 24.38 -88.56 -31.14
N VAL I 538 23.36 -89.41 -30.97
CA VAL I 538 23.55 -90.84 -30.79
C VAL I 538 22.41 -91.57 -31.50
N LYS I 539 22.72 -92.72 -32.08
CA LYS I 539 21.76 -93.51 -32.84
C LYS I 539 21.98 -94.99 -32.55
N SER I 540 20.92 -95.77 -32.77
CA SER I 540 20.97 -97.22 -32.57
C SER I 540 21.29 -97.58 -31.13
N ILE I 541 20.62 -96.89 -30.19
CA ILE I 541 20.83 -97.20 -28.79
C ILE I 541 20.30 -98.60 -28.48
N ASN I 542 20.87 -99.22 -27.46
CA ASN I 542 20.60 -100.62 -27.13
C ASN I 542 19.59 -100.74 -26.01
N ASN I 543 19.13 -101.97 -25.79
CA ASN I 543 18.22 -102.30 -24.69
C ASN I 543 16.99 -101.39 -24.67
N LEU I 544 16.47 -101.08 -25.85
CA LEU I 544 15.31 -100.20 -25.90
C LEU I 544 14.02 -100.92 -25.56
N ASP I 545 14.01 -102.26 -25.60
CA ASP I 545 12.85 -103.04 -25.19
C ASP I 545 12.97 -103.50 -23.74
N LYS I 546 13.22 -102.58 -22.82
CA LYS I 546 13.23 -102.97 -21.41
C LYS I 546 11.82 -103.37 -20.97
N SER I 547 11.75 -104.34 -20.09
CA SER I 547 10.48 -104.67 -19.48
C SER I 547 10.15 -103.65 -18.39
N TRP I 548 8.89 -103.66 -17.97
CA TRP I 548 8.44 -102.69 -16.98
C TRP I 548 9.18 -102.88 -15.67
N ARG I 549 9.41 -104.14 -15.27
CA ARG I 549 10.15 -104.39 -14.04
C ARG I 549 11.56 -103.85 -14.12
N VAL I 550 12.22 -104.03 -15.26
CA VAL I 550 13.58 -103.53 -15.41
C VAL I 550 13.61 -102.01 -15.32
N ARG I 551 12.66 -101.35 -16.00
CA ARG I 551 12.62 -99.89 -15.95
C ARG I 551 12.35 -99.40 -14.54
N ARG I 552 11.43 -100.05 -13.83
CA ARG I 552 11.12 -99.65 -12.47
C ARG I 552 12.34 -99.83 -11.56
N ALA I 553 13.05 -100.93 -11.72
CA ALA I 553 14.25 -101.16 -10.91
C ALA I 553 15.29 -100.10 -11.18
N GLN I 554 15.52 -99.76 -12.44
CA GLN I 554 16.50 -98.73 -12.74
C GLN I 554 16.09 -97.38 -12.15
N TRP I 555 14.81 -97.02 -12.28
CA TRP I 555 14.36 -95.76 -11.70
C TRP I 555 14.59 -95.74 -10.20
N ASN I 556 14.24 -96.83 -9.52
CA ASN I 556 14.46 -96.90 -8.08
C ASN I 556 15.94 -96.84 -7.72
N ASN I 557 16.81 -97.37 -8.57
CA ASN I 557 18.25 -97.29 -8.34
C ASN I 557 18.85 -95.98 -8.82
N ASN I 558 18.03 -95.06 -9.33
CA ASN I 558 18.45 -93.68 -9.58
C ASN I 558 19.33 -93.55 -10.81
N LEU I 559 19.04 -94.29 -11.88
CA LEU I 559 19.73 -94.09 -13.12
C LEU I 559 18.95 -93.13 -14.02
N VAL I 560 19.63 -92.59 -15.02
CA VAL I 560 19.02 -91.79 -16.06
C VAL I 560 19.03 -92.61 -17.34
N TYR I 561 17.87 -92.83 -17.93
CA TYR I 561 17.73 -93.68 -19.10
C TYR I 561 16.77 -93.03 -20.09
N VAL I 562 16.81 -93.49 -21.33
CA VAL I 562 16.01 -92.92 -22.39
C VAL I 562 14.92 -93.91 -22.80
N GLU I 563 13.94 -93.40 -23.53
CA GLU I 563 12.84 -94.17 -24.07
C GLU I 563 12.65 -93.79 -25.53
N ASP I 564 11.71 -94.45 -26.19
CA ASP I 564 11.39 -94.11 -27.57
C ASP I 564 10.35 -93.00 -27.63
N TYR I 565 10.71 -91.90 -28.32
CA TYR I 565 9.78 -90.81 -28.51
C TYR I 565 8.78 -91.14 -29.61
N ASP I 566 9.28 -91.48 -30.79
CA ASP I 566 8.49 -92.00 -31.88
C ASP I 566 9.32 -93.09 -32.55
N THR I 567 8.94 -93.46 -33.78
CA THR I 567 9.65 -94.53 -34.46
C THR I 567 11.09 -94.15 -34.79
N ASN I 568 11.45 -92.88 -34.67
CA ASN I 568 12.76 -92.40 -35.11
C ASN I 568 13.67 -91.95 -33.98
N SER I 569 13.14 -91.58 -32.82
CA SER I 569 13.92 -90.82 -31.86
C SER I 569 13.61 -91.28 -30.44
N GLN I 570 14.44 -90.81 -29.50
CA GLN I 570 14.33 -91.12 -28.09
C GLN I 570 14.24 -89.84 -27.28
N PHE I 571 13.97 -89.97 -25.98
CA PHE I 571 13.95 -88.80 -25.10
C PHE I 571 14.19 -89.25 -23.67
N TYR I 572 14.29 -88.27 -22.77
CA TYR I 572 14.56 -88.54 -21.36
C TYR I 572 13.29 -88.31 -20.56
N PRO I 573 12.62 -89.36 -20.05
CA PRO I 573 11.41 -89.13 -19.26
C PRO I 573 11.64 -88.35 -17.99
N GLY I 574 12.85 -88.36 -17.44
CA GLY I 574 13.16 -87.58 -16.26
C GLY I 574 14.63 -87.67 -15.93
N GLN I 575 15.27 -86.53 -15.69
CA GLN I 575 16.71 -86.48 -15.47
C GLN I 575 16.98 -86.16 -14.00
N GLN I 576 17.13 -87.22 -13.22
CA GLN I 576 17.35 -87.10 -11.79
C GLN I 576 18.82 -87.31 -11.44
N SER I 577 19.19 -86.86 -10.25
CA SER I 577 20.53 -87.09 -9.72
C SER I 577 20.55 -88.37 -8.88
N PHE I 578 21.74 -88.76 -8.45
CA PHE I 578 21.89 -89.96 -7.64
C PHE I 578 21.74 -89.72 -6.15
N TYR I 579 20.97 -88.70 -5.74
CA TYR I 579 20.60 -88.57 -4.34
C TYR I 579 19.74 -89.75 -3.93
N SER I 580 20.06 -90.36 -2.79
CA SER I 580 19.44 -91.62 -2.40
C SER I 580 18.32 -91.47 -1.38
N GLU I 581 17.96 -90.26 -0.97
CA GLU I 581 16.94 -90.08 0.05
C GLU I 581 15.63 -89.61 -0.58
N GLN I 582 14.67 -89.28 0.29
CA GLN I 582 13.32 -88.96 -0.14
C GLN I 582 13.08 -87.46 -0.34
N GLY I 583 14.07 -86.63 -0.08
CA GLY I 583 13.89 -85.20 -0.29
C GLY I 583 13.58 -84.84 -1.72
N SER I 584 12.62 -83.94 -1.91
CA SER I 584 12.26 -83.45 -3.24
C SER I 584 13.01 -82.20 -3.65
N VAL I 585 13.81 -81.62 -2.76
CA VAL I 585 14.59 -80.42 -3.12
C VAL I 585 15.71 -80.80 -4.07
N LEU I 586 16.42 -81.88 -3.78
CA LEU I 586 17.64 -82.25 -4.49
C LEU I 586 17.39 -83.30 -5.56
N LYS I 587 16.17 -83.42 -6.07
CA LYS I 587 15.82 -84.47 -7.01
C LYS I 587 16.36 -84.21 -8.41
N ALA I 588 16.36 -82.95 -8.85
CA ALA I 588 16.84 -82.62 -10.19
C ALA I 588 18.35 -82.61 -10.21
N ALA I 589 18.93 -82.72 -11.41
CA ALA I 589 20.38 -82.80 -11.52
C ALA I 589 21.02 -81.42 -11.72
N ILE I 590 20.33 -80.53 -12.43
CA ILE I 590 20.88 -79.20 -12.69
C ILE I 590 21.03 -78.42 -11.39
N VAL I 591 20.20 -78.72 -10.39
CA VAL I 591 20.29 -78.05 -9.11
C VAL I 591 21.63 -78.34 -8.45
N GLY I 592 22.18 -79.54 -8.67
CA GLY I 592 23.49 -79.85 -8.13
C GLY I 592 24.57 -78.92 -8.65
N LEU I 593 24.54 -78.63 -9.95
CA LEU I 593 25.51 -77.70 -10.52
C LEU I 593 25.29 -76.30 -9.97
N CYS I 594 24.02 -75.91 -9.80
CA CYS I 594 23.74 -74.60 -9.20
C CYS I 594 24.37 -74.51 -7.81
N VAL I 595 24.24 -75.57 -7.01
CA VAL I 595 24.79 -75.55 -5.66
C VAL I 595 26.32 -75.52 -5.69
N ALA I 596 26.92 -76.22 -6.64
CA ALA I 596 28.37 -76.15 -6.81
C ALA I 596 28.81 -74.71 -7.05
N ASN I 597 28.08 -73.99 -7.90
CA ASN I 597 28.42 -72.60 -8.17
C ASN I 597 28.27 -71.74 -6.93
N LEU I 598 27.25 -72.03 -6.11
CA LEU I 598 27.13 -71.30 -4.85
C LEU I 598 28.36 -71.51 -3.97
N ASN I 599 28.83 -72.76 -3.88
CA ASN I 599 30.03 -73.04 -3.12
C ASN I 599 31.22 -72.26 -3.67
N ARG I 600 31.30 -72.11 -4.99
CA ARG I 600 32.36 -71.29 -5.58
C ARG I 600 32.25 -69.83 -5.12
N PHE I 601 31.04 -69.28 -5.12
CA PHE I 601 30.87 -67.89 -4.73
C PHE I 601 31.35 -67.65 -3.31
N ALA I 602 31.13 -68.63 -2.43
CA ALA I 602 31.64 -68.48 -1.06
C ALA I 602 33.16 -68.34 -1.03
N PHE I 603 33.87 -69.16 -1.81
CA PHE I 603 35.31 -69.05 -1.87
C PHE I 603 35.73 -67.68 -2.37
N GLU I 604 35.00 -67.15 -3.36
CA GLU I 604 35.35 -65.82 -3.86
C GLU I 604 35.20 -64.76 -2.78
N ALA I 605 34.13 -64.84 -1.99
CA ALA I 605 33.95 -63.89 -0.89
C ALA I 605 35.14 -63.95 0.07
N TRP I 606 35.52 -65.16 0.49
CA TRP I 606 36.67 -65.27 1.38
C TRP I 606 37.91 -64.66 0.75
N ARG I 607 38.22 -65.07 -0.48
CA ARG I 607 39.42 -64.60 -1.15
C ARG I 607 39.49 -63.08 -1.16
N ASP I 608 38.33 -62.44 -1.32
CA ASP I 608 38.35 -60.98 -1.39
C ASP I 608 38.47 -60.32 -0.03
N LEU I 609 37.95 -60.95 1.03
CA LEU I 609 37.93 -60.29 2.33
C LEU I 609 39.08 -60.66 3.26
N THR I 610 39.84 -61.71 2.97
CA THR I 610 40.80 -62.22 3.95
C THR I 610 41.93 -61.25 4.22
N GLY I 611 42.37 -61.21 5.49
CA GLY I 611 43.63 -60.62 5.87
C GLY I 611 43.76 -59.12 5.75
N THR I 612 42.79 -58.36 6.22
CA THR I 612 42.83 -56.90 6.14
C THR I 612 42.91 -56.30 7.54
N GLN I 613 43.79 -55.31 7.69
CA GLN I 613 44.10 -54.76 9.01
C GLN I 613 42.94 -53.91 9.55
N LYS I 614 42.37 -53.05 8.71
CA LYS I 614 41.51 -51.97 9.18
C LYS I 614 40.01 -52.29 9.07
N LEU I 615 39.64 -53.52 8.76
CA LEU I 615 38.23 -53.89 8.73
C LEU I 615 37.68 -53.98 10.15
N THR I 616 36.36 -53.96 10.26
CA THR I 616 35.68 -54.25 11.50
C THR I 616 34.80 -55.49 11.33
N ASP I 617 34.31 -56.02 12.46
CA ASP I 617 33.47 -57.21 12.40
C ASP I 617 32.22 -56.95 11.56
N ASP I 618 31.56 -55.82 11.78
CA ASP I 618 30.34 -55.51 11.06
C ASP I 618 30.59 -55.33 9.57
N GLN I 619 31.66 -54.64 9.21
CA GLN I 619 31.98 -54.47 7.79
C GLN I 619 32.32 -55.81 7.14
N LEU I 620 33.07 -56.66 7.83
CA LEU I 620 33.38 -57.99 7.29
C LEU I 620 32.10 -58.78 7.03
N ILE I 621 31.23 -58.82 8.04
CA ILE I 621 29.98 -59.57 7.93
C ILE I 621 29.14 -59.05 6.78
N GLU I 622 29.02 -57.73 6.67
CA GLU I 622 28.18 -57.15 5.63
C GLU I 622 28.76 -57.39 4.24
N ARG I 623 30.08 -57.24 4.09
CA ARG I 623 30.69 -57.39 2.78
C ARG I 623 30.63 -58.81 2.27
N SER I 624 30.75 -59.82 3.15
CA SER I 624 30.61 -61.19 2.69
C SER I 624 29.25 -61.42 2.03
N ASP I 625 28.18 -61.04 2.71
CA ASP I 625 26.84 -61.20 2.17
C ASP I 625 26.68 -60.41 0.88
N ASP I 626 27.13 -59.16 0.87
CA ASP I 626 27.02 -58.36 -0.34
C ASP I 626 27.66 -59.08 -1.51
N ALA I 627 28.88 -59.59 -1.31
CA ALA I 627 29.59 -60.24 -2.40
C ALA I 627 28.81 -61.43 -2.93
N VAL I 628 28.40 -62.33 -2.03
CA VAL I 628 27.77 -63.56 -2.50
C VAL I 628 26.44 -63.26 -3.19
N SER I 629 25.64 -62.37 -2.61
CA SER I 629 24.35 -62.04 -3.20
C SER I 629 24.52 -61.38 -4.56
N THR I 630 25.41 -60.39 -4.65
CA THR I 630 25.63 -59.70 -5.91
C THR I 630 26.09 -60.65 -6.99
N ARG I 631 27.01 -61.56 -6.64
CA ARG I 631 27.52 -62.50 -7.63
C ARG I 631 26.44 -63.48 -8.09
N GLY I 632 25.65 -64.00 -7.16
CA GLY I 632 24.74 -65.09 -7.51
C GLY I 632 23.36 -64.70 -7.98
N THR I 633 22.92 -63.49 -7.69
CA THR I 633 21.54 -63.12 -8.01
C THR I 633 21.35 -62.97 -9.51
N GLY I 634 20.32 -63.63 -10.04
CA GLY I 634 19.93 -63.48 -11.42
C GLY I 634 20.67 -64.36 -12.42
N ALA I 635 21.34 -65.41 -11.97
CA ALA I 635 22.13 -66.26 -12.86
C ALA I 635 21.58 -67.66 -13.02
N PHE I 636 20.78 -68.15 -12.07
CA PHE I 636 20.33 -69.53 -12.06
C PHE I 636 18.98 -69.74 -12.73
N ASP I 637 18.44 -68.72 -13.38
CA ASP I 637 17.29 -68.88 -14.28
C ASP I 637 16.08 -69.45 -13.54
N ASP I 638 15.95 -69.13 -12.26
CA ASP I 638 14.78 -69.48 -11.45
C ASP I 638 14.74 -70.96 -11.08
N ARG I 639 15.88 -71.64 -11.10
CA ARG I 639 15.93 -73.01 -10.62
C ARG I 639 16.02 -73.07 -9.10
N LEU I 640 16.64 -72.07 -8.49
CA LEU I 640 16.88 -72.00 -7.06
C LEU I 640 16.37 -70.68 -6.51
N ILE I 641 16.17 -70.63 -5.19
CA ILE I 641 16.15 -69.37 -4.46
C ILE I 641 17.02 -69.53 -3.23
N PHE I 642 17.98 -68.62 -3.05
CA PHE I 642 18.98 -68.75 -2.00
C PHE I 642 19.10 -67.44 -1.23
N THR I 643 19.73 -67.52 -0.06
CA THR I 643 19.93 -66.38 0.83
C THR I 643 21.16 -66.58 1.71
N PRO I 644 22.13 -65.66 1.71
CA PRO I 644 23.30 -65.82 2.56
C PRO I 644 23.18 -65.11 3.91
N HIS I 645 23.94 -65.58 4.91
CA HIS I 645 23.96 -64.96 6.23
C HIS I 645 25.36 -65.16 6.80
N SER I 646 26.07 -64.07 7.07
CA SER I 646 27.35 -64.11 7.75
C SER I 646 27.18 -63.63 9.19
N GLU I 647 28.11 -64.05 10.03
CA GLU I 647 28.07 -63.64 11.44
C GLU I 647 29.36 -64.10 12.12
N ILE I 648 29.46 -63.79 13.40
CA ILE I 648 30.59 -64.15 14.25
C ILE I 648 30.03 -64.80 15.49
N THR I 649 29.95 -66.13 15.50
CA THR I 649 29.32 -66.86 16.57
C THR I 649 30.22 -66.87 17.80
N GLN I 650 29.79 -67.61 18.83
CA GLN I 650 30.57 -67.66 20.06
C GLN I 650 31.93 -68.31 19.84
N ALA I 651 31.99 -69.37 19.03
CA ALA I 651 33.27 -69.99 18.75
C ALA I 651 34.21 -69.02 18.03
N ASP I 652 33.66 -68.19 17.14
CA ASP I 652 34.45 -67.16 16.49
C ASP I 652 34.92 -66.12 17.50
N LYS I 653 34.08 -65.76 18.45
CA LYS I 653 34.53 -64.86 19.52
C LYS I 653 35.70 -65.47 20.28
N GLU I 654 35.62 -66.76 20.58
CA GLU I 654 36.73 -67.41 21.28
C GLU I 654 38.00 -67.36 20.44
N ARG I 655 37.91 -67.80 19.19
CA ARG I 655 39.09 -67.92 18.34
C ARG I 655 39.73 -66.55 18.08
N GLY I 656 38.93 -65.57 17.69
CA GLY I 656 39.40 -64.23 17.45
C GLY I 656 39.92 -63.97 16.05
N TYR I 657 39.84 -64.94 15.15
CA TYR I 657 40.38 -64.79 13.80
C TYR I 657 39.52 -65.45 12.73
N SER I 658 38.27 -65.81 13.04
CA SER I 658 37.43 -66.49 12.08
C SER I 658 36.03 -65.88 12.09
N TRP I 659 35.32 -66.07 10.98
CA TRP I 659 33.92 -65.68 10.88
C TRP I 659 33.17 -66.71 10.06
N SER I 660 31.86 -66.80 10.28
CA SER I 660 31.05 -67.89 9.75
C SER I 660 30.05 -67.36 8.72
N MET I 661 29.68 -68.24 7.79
CA MET I 661 28.69 -67.93 6.77
C MET I 661 27.83 -69.16 6.52
N ARG I 662 26.61 -68.91 6.07
CA ARG I 662 25.63 -69.99 5.88
C ARG I 662 24.62 -69.56 4.83
N ILE I 663 24.35 -70.44 3.86
CA ILE I 663 23.46 -70.14 2.75
C ILE I 663 22.25 -71.08 2.82
N ASP I 664 21.06 -70.50 2.72
CA ASP I 664 19.81 -71.25 2.75
C ASP I 664 19.19 -71.21 1.36
N PHE I 665 18.95 -72.38 0.77
CA PHE I 665 18.45 -72.44 -0.60
C PHE I 665 17.29 -73.41 -0.70
N GLY I 666 16.47 -73.22 -1.73
CA GLY I 666 15.32 -74.06 -1.96
C GLY I 666 15.02 -74.24 -3.42
N ALA I 667 14.45 -75.40 -3.76
CA ALA I 667 14.23 -75.85 -5.14
C ALA I 667 12.97 -76.68 -5.20
N ASN I 668 12.64 -77.13 -6.42
CA ASN I 668 11.44 -77.91 -6.72
C ASN I 668 11.79 -79.24 -7.38
N ALA I 669 10.75 -79.99 -7.74
CA ALA I 669 10.87 -81.24 -8.47
C ALA I 669 9.83 -81.29 -9.58
N PHE I 670 9.60 -82.46 -10.16
CA PHE I 670 8.73 -82.59 -11.33
C PHE I 670 7.77 -83.77 -11.16
N ARG I 671 6.66 -83.71 -11.88
CA ARG I 671 5.68 -84.79 -11.93
C ARG I 671 5.96 -85.68 -13.14
N THR I 672 5.65 -86.97 -13.01
CA THR I 672 6.02 -87.95 -14.02
C THR I 672 4.92 -88.94 -14.40
N VAL I 673 3.86 -89.08 -13.60
CA VAL I 673 2.85 -90.11 -13.82
C VAL I 673 1.55 -89.45 -14.26
N MET I 674 0.78 -90.16 -15.08
CA MET I 674 -0.50 -89.70 -15.57
C MET I 674 -1.50 -90.85 -15.58
N ASP I 675 -2.75 -90.54 -15.23
CA ASP I 675 -3.84 -91.49 -15.34
C ASP I 675 -4.71 -91.13 -16.54
N MET I 676 -5.60 -92.05 -16.90
CA MET I 676 -6.60 -91.75 -17.93
C MET I 676 -7.81 -92.63 -17.73
N SER I 677 -8.97 -92.11 -18.13
CA SER I 677 -10.23 -92.82 -18.04
C SER I 677 -11.19 -92.20 -19.04
N SER I 678 -12.31 -92.89 -19.27
CA SER I 678 -13.28 -92.41 -20.23
C SER I 678 -14.68 -92.80 -19.76
N VAL I 679 -15.67 -92.09 -20.28
CA VAL I 679 -17.07 -92.38 -20.01
C VAL I 679 -17.85 -92.24 -21.32
N ALA I 680 -18.84 -93.10 -21.50
CA ALA I 680 -19.65 -93.11 -22.70
C ALA I 680 -20.98 -92.43 -22.43
N TYR I 681 -21.35 -91.50 -23.29
CA TYR I 681 -22.61 -90.78 -23.21
C TYR I 681 -23.36 -90.89 -24.53
N THR I 682 -24.67 -90.78 -24.46
CA THR I 682 -25.44 -90.61 -25.68
C THR I 682 -25.19 -89.21 -26.25
N ARG I 683 -25.43 -89.07 -27.54
CA ARG I 683 -25.10 -87.81 -28.21
C ARG I 683 -25.89 -86.66 -27.62
N GLU I 684 -27.17 -86.86 -27.34
CA GLU I 684 -27.99 -85.77 -26.81
C GLU I 684 -27.55 -85.38 -25.41
N GLU I 685 -27.41 -86.34 -24.50
CA GLU I 685 -27.06 -86.02 -23.13
C GLU I 685 -25.61 -85.59 -22.98
N LEU I 686 -24.78 -85.79 -24.00
CA LEU I 686 -23.46 -85.20 -24.01
C LEU I 686 -23.44 -83.80 -24.61
N ALA I 687 -24.25 -83.55 -25.64
CA ALA I 687 -24.28 -82.25 -26.27
C ALA I 687 -24.99 -81.21 -25.42
N ASN I 688 -26.00 -81.62 -24.66
CA ASN I 688 -26.73 -80.68 -23.81
C ASN I 688 -27.38 -81.44 -22.66
N GLY I 689 -27.02 -81.06 -21.44
CA GLY I 689 -27.55 -81.70 -20.25
C GLY I 689 -26.63 -82.77 -19.69
N MET J 1 47.45 21.23 -89.43
CA MET J 1 48.42 20.18 -89.82
C MET J 1 49.84 20.53 -89.39
N SER J 2 50.22 21.78 -89.59
CA SER J 2 51.59 22.22 -89.34
C SER J 2 51.76 22.98 -88.04
N GLU J 3 50.93 23.99 -87.80
CA GLU J 3 51.14 24.89 -86.68
C GLU J 3 50.85 24.20 -85.35
N GLN J 4 51.38 24.80 -84.29
CA GLN J 4 51.38 24.19 -82.96
C GLN J 4 50.51 25.03 -82.03
N ILE J 5 50.31 24.53 -80.82
CA ILE J 5 49.46 25.20 -79.85
C ILE J 5 50.26 26.29 -79.16
N THR J 6 50.12 27.52 -79.64
CA THR J 6 50.87 28.63 -79.07
C THR J 6 50.11 29.31 -77.93
N GLY J 7 48.79 29.39 -78.04
CA GLY J 7 48.03 30.11 -77.04
C GLY J 7 46.63 29.55 -76.89
N SER J 8 45.72 30.40 -76.45
CA SER J 8 44.38 29.98 -76.09
C SER J 8 43.33 30.30 -77.13
N THR J 9 43.73 30.72 -78.33
CA THR J 9 42.76 31.08 -79.35
C THR J 9 41.89 29.86 -79.68
N PRO J 10 40.56 30.02 -79.71
CA PRO J 10 39.70 28.87 -80.04
C PRO J 10 40.09 28.22 -81.35
N ARG J 11 40.33 26.91 -81.33
CA ARG J 11 40.89 26.23 -82.48
C ARG J 11 40.95 24.75 -82.17
N ILE J 12 40.78 23.93 -83.21
CA ILE J 12 40.94 22.48 -83.11
C ILE J 12 42.16 22.11 -83.94
N TYR J 13 43.11 21.44 -83.31
CA TYR J 13 44.35 21.03 -83.96
C TYR J 13 44.27 19.56 -84.32
N TYR J 14 44.70 19.23 -85.52
CA TYR J 14 44.67 17.85 -86.02
C TYR J 14 46.09 17.31 -86.01
N ARG J 15 46.33 16.27 -85.22
CA ARG J 15 47.51 15.45 -85.37
C ARG J 15 47.15 14.24 -86.21
N GLY J 16 47.93 13.98 -87.25
CA GLY J 16 47.56 12.98 -88.22
C GLY J 16 47.33 11.60 -87.63
N THR J 17 46.88 10.67 -88.47
CA THR J 17 46.81 9.28 -88.07
C THR J 17 48.20 8.72 -87.89
N LYS J 18 48.32 7.70 -87.05
CA LYS J 18 49.60 7.06 -86.81
C LYS J 18 49.35 5.62 -86.37
N ASP J 19 50.43 4.84 -86.32
CA ASP J 19 50.34 3.48 -85.85
C ASP J 19 50.56 3.43 -84.34
N SER J 20 50.11 2.34 -83.73
CA SER J 20 50.15 2.24 -82.28
C SER J 20 51.57 2.40 -81.76
N SER J 21 51.70 3.09 -80.63
CA SER J 21 52.99 3.33 -79.99
C SER J 21 53.06 2.55 -78.68
N VAL J 22 54.22 1.92 -78.44
CA VAL J 22 54.40 1.17 -77.21
C VAL J 22 54.26 2.11 -76.01
N THR J 23 53.51 1.67 -75.00
CA THR J 23 53.25 2.46 -73.80
C THR J 23 53.95 1.82 -72.62
N ARG J 24 54.76 2.61 -71.90
CA ARG J 24 55.46 2.10 -70.75
C ARG J 24 54.48 1.75 -69.64
N SER J 25 54.75 0.63 -68.96
CA SER J 25 53.83 0.07 -67.98
C SER J 25 54.20 0.52 -66.58
N THR J 26 53.19 0.77 -65.76
CA THR J 26 53.42 1.15 -64.36
C THR J 26 53.76 -0.06 -63.53
N GLY J 27 54.58 0.16 -62.49
CA GLY J 27 54.99 -0.88 -61.58
C GLY J 27 54.24 -0.77 -60.27
N SER J 28 54.47 -1.75 -59.40
CA SER J 28 53.82 -1.84 -58.11
C SER J 28 54.86 -1.86 -56.99
N THR J 29 54.42 -1.44 -55.81
CA THR J 29 55.32 -1.38 -54.67
C THR J 29 55.90 -2.75 -54.38
N THR J 30 57.19 -2.78 -54.05
CA THR J 30 57.88 -4.04 -53.84
C THR J 30 57.51 -4.67 -52.50
N THR J 31 57.70 -5.99 -52.43
CA THR J 31 57.31 -6.77 -51.26
C THR J 31 58.34 -7.89 -51.12
N LEU J 32 58.19 -8.70 -50.09
CA LEU J 32 59.04 -9.89 -49.92
C LEU J 32 58.23 -11.16 -50.02
N PRO J 33 58.27 -11.88 -51.14
CA PRO J 33 57.70 -13.23 -51.17
C PRO J 33 58.58 -14.20 -50.41
N LEU J 34 58.12 -15.45 -50.34
CA LEU J 34 58.90 -16.49 -49.68
C LEU J 34 60.02 -17.02 -50.56
N HIS J 35 59.95 -16.78 -51.87
CA HIS J 35 60.97 -17.24 -52.82
C HIS J 35 61.51 -16.02 -53.54
N ARG J 36 62.77 -15.70 -53.28
CA ARG J 36 63.37 -14.45 -53.72
C ARG J 36 64.71 -14.75 -54.39
N PRO J 37 64.71 -15.03 -55.69
CA PRO J 37 65.93 -15.48 -56.35
C PRO J 37 66.80 -14.35 -56.86
N LEU J 38 68.08 -14.67 -57.05
CA LEU J 38 69.08 -13.79 -57.63
C LEU J 38 69.47 -14.33 -59.00
N ILE J 39 69.43 -13.47 -60.01
CA ILE J 39 69.71 -13.88 -61.38
C ILE J 39 70.73 -12.91 -61.99
N MET J 40 71.82 -13.46 -62.52
CA MET J 40 72.87 -12.70 -63.19
C MET J 40 72.73 -12.87 -64.70
N PHE J 41 73.03 -11.82 -65.45
CA PHE J 41 72.82 -11.89 -66.89
C PHE J 41 73.58 -10.79 -67.61
N PHE J 42 73.72 -10.97 -68.92
CA PHE J 42 74.17 -9.91 -69.83
C PHE J 42 72.96 -9.14 -70.32
N GLY J 43 73.11 -7.82 -70.46
CA GLY J 43 71.97 -6.97 -70.76
C GLY J 43 72.29 -5.93 -71.80
N GLN J 44 71.27 -5.13 -72.13
CA GLN J 44 71.44 -4.07 -73.11
C GLN J 44 71.73 -2.74 -72.44
N LYS J 45 71.08 -2.45 -71.31
CA LYS J 45 71.28 -1.22 -70.57
C LYS J 45 70.87 -1.47 -69.13
N GLY J 46 70.90 -0.42 -68.32
CA GLY J 46 70.49 -0.50 -66.94
C GLY J 46 71.66 -0.55 -65.98
N PRO J 47 71.37 -0.40 -64.69
CA PRO J 47 72.45 -0.35 -63.69
C PRO J 47 73.21 -1.67 -63.61
N THR J 48 74.44 -1.59 -63.11
CA THR J 48 75.32 -2.75 -62.97
C THR J 48 75.54 -3.09 -61.50
N VAL J 49 74.50 -2.99 -60.68
CA VAL J 49 74.54 -3.43 -59.29
C VAL J 49 73.28 -4.22 -59.00
N PRO J 50 73.31 -5.10 -57.99
CA PRO J 50 72.11 -5.89 -57.69
C PRO J 50 70.92 -4.98 -57.41
N THR J 51 69.78 -5.33 -58.00
CA THR J 51 68.60 -4.47 -57.93
C THR J 51 67.36 -5.31 -57.72
N TRP J 52 66.52 -4.90 -56.77
CA TRP J 52 65.25 -5.57 -56.53
C TRP J 52 64.22 -5.07 -57.53
N ILE J 53 63.60 -5.99 -58.27
CA ILE J 53 62.80 -5.61 -59.42
C ILE J 53 61.48 -6.37 -59.45
N ASP J 54 60.43 -5.63 -59.86
CA ASP J 54 59.14 -6.15 -60.26
C ASP J 54 59.22 -6.60 -61.72
N PRO J 55 58.83 -7.83 -62.08
CA PRO J 55 59.08 -8.29 -63.46
C PRO J 55 58.44 -7.42 -64.53
N VAL J 56 57.48 -6.59 -64.15
CA VAL J 56 56.84 -5.72 -65.12
C VAL J 56 57.84 -4.73 -65.72
N LYS J 57 58.79 -4.26 -64.92
CA LYS J 57 59.70 -3.20 -65.33
C LYS J 57 61.02 -3.72 -65.86
N PHE J 58 61.18 -5.03 -66.01
CA PHE J 58 62.44 -5.56 -66.54
C PHE J 58 62.68 -5.06 -67.95
N GLU J 59 61.65 -5.10 -68.79
CA GLU J 59 61.80 -4.78 -70.20
C GLU J 59 62.21 -3.33 -70.44
N ASP J 60 61.89 -2.42 -69.52
CA ASP J 60 62.24 -1.02 -69.68
C ASP J 60 63.32 -0.57 -68.71
N ILE J 61 63.78 -1.42 -67.82
CA ILE J 61 64.97 -1.10 -67.05
C ILE J 61 66.22 -1.64 -67.73
N TYR J 62 66.16 -2.84 -68.31
CA TYR J 62 67.32 -3.47 -68.90
C TYR J 62 67.22 -3.61 -70.42
N GLY J 63 66.27 -2.93 -71.05
CA GLY J 63 66.10 -3.05 -72.48
C GLY J 63 65.39 -4.34 -72.85
N SER J 64 64.55 -4.29 -73.89
CA SER J 64 63.71 -5.41 -74.25
C SER J 64 64.41 -6.45 -75.10
N GLU J 65 65.68 -6.24 -75.44
CA GLU J 65 66.43 -7.21 -76.22
C GLU J 65 67.19 -8.22 -75.38
N THR J 66 67.21 -8.06 -74.05
CA THR J 66 67.97 -8.97 -73.22
C THR J 66 67.24 -10.31 -73.04
N THR J 67 65.93 -10.33 -73.26
CA THR J 67 65.12 -11.53 -73.11
C THR J 67 64.82 -12.20 -74.43
N ASN J 68 65.47 -11.79 -75.52
CA ASN J 68 65.25 -12.40 -76.82
C ASN J 68 66.23 -13.55 -77.00
N LEU J 69 65.69 -14.77 -77.10
CA LEU J 69 66.53 -15.96 -77.19
C LEU J 69 67.41 -15.96 -78.43
N SER J 70 67.01 -15.27 -79.48
CA SER J 70 67.78 -15.21 -80.72
C SER J 70 68.70 -14.01 -80.80
N GLY J 71 68.77 -13.20 -79.76
CA GLY J 71 69.61 -12.02 -79.77
C GLY J 71 71.04 -12.34 -79.40
N VAL J 72 71.83 -11.27 -79.25
CA VAL J 72 73.23 -11.40 -78.88
C VAL J 72 73.45 -11.53 -77.39
N TYR J 73 72.42 -11.29 -76.58
CA TYR J 73 72.53 -11.33 -75.13
C TYR J 73 72.07 -12.66 -74.54
N CYS J 74 71.74 -13.64 -75.37
CA CYS J 74 71.26 -14.91 -74.85
C CYS J 74 72.40 -15.69 -74.21
N THR J 75 72.23 -16.02 -72.93
CA THR J 75 73.13 -16.89 -72.18
C THR J 75 72.27 -17.97 -71.53
N HIS J 76 72.89 -18.81 -70.71
CA HIS J 76 72.14 -19.92 -70.12
C HIS J 76 71.32 -19.51 -68.91
N SER J 77 71.07 -18.21 -68.72
CA SER J 77 70.15 -17.73 -67.70
C SER J 77 68.94 -17.00 -68.28
N THR J 78 68.92 -16.73 -69.58
CA THR J 78 67.75 -16.11 -70.19
C THR J 78 66.48 -16.93 -70.01
N PRO J 79 66.50 -18.26 -70.16
CA PRO J 79 65.29 -19.03 -69.83
C PRO J 79 64.82 -18.80 -68.40
N PHE J 80 65.75 -18.69 -67.46
CA PHE J 80 65.36 -18.41 -66.08
C PHE J 80 64.68 -17.06 -65.96
N ILE J 81 65.25 -16.05 -66.62
CA ILE J 81 64.62 -14.72 -66.57
C ILE J 81 63.22 -14.79 -67.16
N LYS J 82 63.05 -15.49 -68.28
CA LYS J 82 61.74 -15.54 -68.92
C LYS J 82 60.73 -16.27 -68.04
N GLU J 83 61.14 -17.38 -67.41
CA GLU J 83 60.24 -18.09 -66.53
C GLU J 83 59.84 -17.24 -65.33
N ALA J 84 60.81 -16.50 -64.76
CA ALA J 84 60.50 -15.64 -63.64
C ALA J 84 59.52 -14.55 -64.04
N ILE J 85 59.70 -13.97 -65.23
CA ILE J 85 58.79 -12.94 -65.69
C ILE J 85 57.40 -13.52 -65.90
N ALA J 86 57.31 -14.72 -66.49
CA ALA J 86 56.01 -15.34 -66.72
C ALA J 86 55.29 -15.62 -65.40
N ALA J 87 56.02 -16.15 -64.41
CA ALA J 87 55.38 -16.52 -63.15
C ALA J 87 55.02 -15.29 -62.32
N GLY J 88 55.88 -14.29 -62.29
CA GLY J 88 55.62 -13.09 -61.52
C GLY J 88 56.32 -13.07 -60.18
N ASN J 89 57.61 -13.41 -60.15
CA ASN J 89 58.44 -13.27 -58.97
C ASN J 89 59.14 -11.92 -59.01
N GLN J 90 58.97 -11.12 -57.97
CA GLN J 90 59.87 -9.99 -57.78
C GLN J 90 61.22 -10.53 -57.35
N PHE J 91 62.25 -10.29 -58.17
CA PHE J 91 63.53 -10.96 -57.95
C PHE J 91 64.65 -9.94 -58.01
N MET J 92 65.88 -10.39 -57.76
CA MET J 92 67.05 -9.51 -57.73
C MET J 92 67.89 -9.75 -58.97
N ALA J 93 68.03 -8.70 -59.77
CA ALA J 93 68.76 -8.75 -61.03
C ALA J 93 70.18 -8.22 -60.84
N LEU J 94 71.13 -8.86 -61.51
CA LEU J 94 72.52 -8.43 -61.51
C LEU J 94 73.03 -8.50 -62.96
N ARG J 95 73.32 -7.34 -63.54
CA ARG J 95 73.79 -7.25 -64.91
C ARG J 95 75.32 -7.23 -64.90
N LEU J 96 75.92 -8.23 -65.54
CA LEU J 96 77.36 -8.33 -65.65
C LEU J 96 77.85 -7.71 -66.95
N GLU J 97 79.16 -7.45 -67.00
CA GLU J 97 79.80 -6.94 -68.19
C GLU J 97 81.05 -7.78 -68.48
N PRO J 98 81.40 -7.94 -69.76
CA PRO J 98 82.67 -8.58 -70.08
C PRO J 98 83.84 -7.68 -69.73
N SER J 99 84.99 -8.31 -69.48
CA SER J 99 86.15 -7.58 -69.00
C SER J 99 86.74 -6.62 -70.04
N ASP J 100 86.27 -6.68 -71.28
CA ASP J 100 86.83 -5.87 -72.37
C ASP J 100 85.81 -4.92 -72.98
N ILE J 101 84.81 -4.52 -72.22
CA ILE J 101 83.74 -3.69 -72.78
C ILE J 101 84.30 -2.31 -73.11
N PRO J 102 84.03 -1.75 -74.30
CA PRO J 102 84.52 -0.40 -74.61
C PRO J 102 83.75 0.70 -73.89
N ASP J 103 84.15 1.94 -74.10
CA ASP J 103 83.54 3.08 -73.43
C ASP J 103 82.27 3.48 -74.17
N VAL J 104 81.67 4.60 -73.77
CA VAL J 104 80.40 5.04 -74.34
C VAL J 104 80.64 5.68 -75.69
N ALA J 105 79.57 5.87 -76.45
CA ALA J 105 79.65 6.56 -77.73
C ALA J 105 79.59 8.06 -77.51
N THR J 106 80.29 8.82 -78.35
CA THR J 106 80.38 10.26 -78.22
C THR J 106 80.22 10.93 -79.57
N LEU J 107 79.80 12.19 -79.55
CA LEU J 107 79.63 12.98 -80.76
C LEU J 107 79.77 14.44 -80.41
N GLY J 108 80.76 15.11 -80.98
CA GLY J 108 80.98 16.54 -80.76
C GLY J 108 80.60 17.33 -82.00
N LEU J 109 80.08 18.53 -81.77
CA LEU J 109 79.68 19.45 -82.83
C LEU J 109 80.63 20.64 -82.85
N SER J 110 81.02 21.06 -84.04
CA SER J 110 81.95 22.17 -84.20
C SER J 110 81.59 22.96 -85.44
N VAL J 111 82.17 24.16 -85.53
CA VAL J 111 81.99 25.01 -86.70
C VAL J 111 83.35 25.47 -87.19
N ASP J 112 83.60 25.28 -88.48
CA ASP J 112 84.72 25.90 -89.16
C ASP J 112 84.31 27.31 -89.56
N TRP J 113 85.10 28.29 -89.13
CA TRP J 113 84.71 29.68 -89.06
C TRP J 113 85.78 30.53 -89.74
N VAL J 114 85.36 31.41 -90.65
CA VAL J 114 86.28 32.36 -91.25
C VAL J 114 85.51 33.59 -91.72
N LYS J 115 86.25 34.68 -91.95
CA LYS J 115 85.67 35.91 -92.49
C LYS J 115 86.32 36.22 -93.84
N THR J 116 85.52 36.73 -94.78
CA THR J 116 86.03 37.05 -96.11
C THR J 116 84.94 37.77 -96.88
N LYS J 117 85.25 38.10 -98.13
CA LYS J 117 84.26 38.71 -99.01
C LYS J 117 83.50 37.64 -99.79
N ILE J 118 82.19 37.81 -99.90
CA ILE J 118 81.32 36.87 -100.60
C ILE J 118 80.39 37.65 -101.51
N ASP J 119 79.50 36.92 -102.18
CA ASP J 119 78.57 37.53 -103.11
C ASP J 119 77.31 38.02 -102.41
N ASP J 120 76.51 38.78 -103.16
CA ASP J 120 75.20 39.20 -102.71
C ASP J 120 74.21 38.92 -103.83
N TYR J 121 72.94 38.71 -103.45
CA TYR J 121 71.93 38.26 -104.39
C TYR J 121 70.80 39.28 -104.47
N GLU J 122 69.93 39.07 -105.45
CA GLU J 122 68.83 39.98 -105.70
C GLU J 122 67.81 39.92 -104.57
N ARG J 123 66.90 40.90 -104.58
CA ARG J 123 65.77 40.94 -103.68
C ARG J 123 64.53 41.33 -104.45
N ASN J 124 63.50 40.49 -104.41
CA ASN J 124 62.24 40.83 -105.06
C ASN J 124 61.63 42.08 -104.44
N ASP J 125 61.53 42.10 -103.11
CA ASP J 125 60.98 43.23 -102.39
C ASP J 125 61.63 43.25 -101.01
N ASP J 126 61.02 43.97 -100.07
CA ASP J 126 61.51 43.96 -98.70
C ASP J 126 61.48 42.57 -98.09
N GLY J 127 60.72 41.64 -98.66
CA GLY J 127 60.71 40.27 -98.18
C GLY J 127 61.99 39.51 -98.41
N THR J 128 62.84 39.99 -99.33
CA THR J 128 64.15 39.37 -99.58
C THR J 128 64.00 37.91 -100.01
N TYR J 129 63.15 37.69 -101.02
CA TYR J 129 62.89 36.32 -101.46
C TYR J 129 64.07 35.75 -102.25
N LYS J 130 64.67 36.56 -103.11
CA LYS J 130 65.64 36.04 -104.07
C LYS J 130 66.94 35.60 -103.39
N LEU J 131 67.44 34.45 -103.83
CA LEU J 131 68.80 34.01 -103.50
C LEU J 131 69.26 33.02 -104.57
N ASP J 132 70.58 32.82 -104.62
CA ASP J 132 71.17 31.77 -105.44
C ASP J 132 70.72 31.85 -106.89
N THR J 133 70.68 33.07 -107.43
CA THR J 133 70.30 33.29 -108.83
C THR J 133 68.93 32.69 -109.13
N ASN J 134 68.01 32.77 -108.18
CA ASN J 134 66.64 32.36 -108.45
C ASN J 134 66.07 33.19 -109.58
N GLY J 135 65.07 32.64 -110.25
CA GLY J 135 64.60 33.28 -111.47
C GLY J 135 65.68 33.22 -112.52
N ASP J 136 66.12 34.40 -112.98
CA ASP J 136 67.14 34.50 -114.02
C ASP J 136 68.21 35.53 -113.73
N LYS J 137 68.36 35.99 -112.48
CA LYS J 137 69.21 37.14 -112.18
C LYS J 137 70.53 36.71 -111.54
N ILE J 138 71.62 37.22 -112.09
CA ILE J 138 72.98 37.06 -111.59
C ILE J 138 73.07 37.75 -110.24
N PRO J 139 73.91 37.31 -109.31
CA PRO J 139 74.06 38.07 -108.05
C PRO J 139 74.50 39.50 -108.32
N LEU J 140 73.99 40.42 -107.49
CA LEU J 140 74.02 41.84 -107.78
C LEU J 140 75.31 42.51 -107.32
N ALA J 141 75.57 42.49 -106.02
CA ALA J 141 76.73 43.20 -105.49
C ALA J 141 78.01 42.46 -105.84
N THR J 142 79.05 43.23 -106.18
CA THR J 142 80.31 42.63 -106.58
C THR J 142 80.93 41.84 -105.44
N GLN J 143 81.06 42.46 -104.27
CA GLN J 143 81.63 41.79 -103.10
C GLN J 143 81.11 42.47 -101.85
N ILE J 144 80.51 41.67 -100.97
CA ILE J 144 80.01 42.13 -99.68
C ILE J 144 80.76 41.40 -98.59
N ASP J 145 81.36 42.15 -97.68
CA ASP J 145 82.15 41.55 -96.62
C ASP J 145 81.25 40.76 -95.67
N GLY J 146 81.59 39.51 -95.44
CA GLY J 146 80.79 38.64 -94.58
C GLY J 146 81.59 37.49 -94.01
N ILE J 147 80.88 36.44 -93.62
CA ILE J 147 81.46 35.33 -92.86
C ILE J 147 81.07 34.01 -93.53
N LYS J 148 81.92 33.00 -93.36
CA LYS J 148 81.69 31.67 -93.90
C LYS J 148 81.76 30.64 -92.77
N PHE J 149 80.76 29.75 -92.76
CA PHE J 149 80.61 28.67 -91.80
C PHE J 149 80.61 27.33 -92.50
N ARG J 150 81.09 26.30 -91.80
CA ARG J 150 81.03 24.93 -92.26
C ARG J 150 80.94 24.01 -91.04
N PHE J 151 79.80 23.37 -90.84
CA PHE J 151 79.56 22.63 -89.62
C PHE J 151 80.18 21.23 -89.69
N VAL J 152 80.53 20.69 -88.52
CA VAL J 152 81.23 19.41 -88.42
C VAL J 152 80.65 18.62 -87.25
N LEU J 153 80.42 17.32 -87.48
CA LEU J 153 79.98 16.38 -86.46
C LEU J 153 80.95 15.22 -86.45
N GLU J 154 81.64 15.02 -85.33
CA GLU J 154 82.72 14.04 -85.34
C GLU J 154 82.93 13.46 -83.94
N LYS J 155 83.55 12.28 -83.90
CA LYS J 155 83.75 11.58 -82.65
C LYS J 155 84.72 12.33 -81.74
N ILE J 156 84.37 12.45 -80.47
CA ILE J 156 85.25 13.11 -79.51
C ILE J 156 86.43 12.20 -79.24
N GLU J 157 87.62 12.63 -79.66
CA GLU J 157 88.83 11.83 -79.51
C GLU J 157 89.30 11.82 -78.06
N THR J 158 90.06 10.78 -77.72
CA THR J 158 90.52 10.56 -76.36
C THR J 158 91.98 10.98 -76.19
N ASN J 159 92.36 11.18 -74.93
CA ASN J 159 93.73 11.55 -74.59
C ASN J 159 94.68 10.38 -74.84
N GLU J 160 95.96 10.72 -74.99
CA GLU J 160 96.95 9.70 -75.31
C GLU J 160 97.14 8.69 -74.19
N SER J 161 96.70 9.02 -72.97
CA SER J 161 96.76 8.08 -71.86
C SER J 161 95.56 7.14 -71.80
N GLY J 162 94.52 7.41 -72.59
CA GLY J 162 93.32 6.59 -72.57
C GLY J 162 92.20 7.18 -71.75
N VAL J 163 91.95 8.48 -71.93
CA VAL J 163 90.88 9.18 -71.23
C VAL J 163 90.16 10.09 -72.21
N SER J 164 88.84 10.13 -72.12
CA SER J 164 88.05 10.94 -73.05
C SER J 164 88.16 12.41 -72.70
N GLN J 165 88.07 13.25 -73.74
CA GLN J 165 88.12 14.70 -73.61
C GLN J 165 86.73 15.32 -73.63
N TYR J 166 85.74 14.64 -73.02
CA TYR J 166 84.35 15.04 -73.18
C TYR J 166 84.16 16.52 -72.88
N LYS J 167 84.74 17.00 -71.79
CA LYS J 167 84.53 18.35 -71.32
C LYS J 167 85.73 19.26 -71.57
N LYS J 168 86.70 18.83 -72.38
CA LYS J 168 87.99 19.50 -72.46
C LYS J 168 88.50 19.62 -73.89
N ARG J 169 87.64 20.02 -74.82
CA ARG J 169 88.09 20.28 -76.18
C ARG J 169 88.54 21.73 -76.33
N THR J 170 89.28 21.99 -77.40
CA THR J 170 89.85 23.30 -77.65
C THR J 170 89.82 23.60 -79.15
N ALA J 171 89.93 24.88 -79.48
CA ALA J 171 89.89 25.30 -80.88
C ALA J 171 91.13 24.86 -81.63
N LYS J 172 90.95 24.55 -82.91
CA LYS J 172 92.06 24.16 -83.79
C LYS J 172 92.00 24.99 -85.06
N ALA J 173 93.10 24.95 -85.82
CA ALA J 173 93.13 25.61 -87.11
C ALA J 173 92.22 24.89 -88.10
N GLY J 174 91.50 25.68 -88.91
CA GLY J 174 90.52 25.13 -89.82
C GLY J 174 91.11 24.75 -91.16
N THR J 175 90.21 24.41 -92.08
CA THR J 175 90.58 24.04 -93.44
C THR J 175 89.89 24.87 -94.51
N ILE J 176 88.68 25.36 -94.28
CA ILE J 176 88.04 26.25 -95.24
C ILE J 176 88.69 27.63 -95.13
N GLY J 177 88.92 28.25 -96.28
CA GLY J 177 89.59 29.54 -96.29
C GLY J 177 90.99 29.49 -95.72
N THR J 178 91.76 28.45 -96.02
CA THR J 178 93.14 28.36 -95.55
C THR J 178 94.03 29.42 -96.16
N GLU J 179 93.60 30.11 -97.21
CA GLU J 179 94.34 31.25 -97.71
C GLU J 179 94.57 32.29 -96.61
N ALA J 180 93.64 32.39 -95.67
CA ALA J 180 93.80 33.20 -94.47
C ALA J 180 93.88 32.25 -93.28
N THR J 181 94.98 32.34 -92.53
CA THR J 181 95.16 31.44 -91.40
C THR J 181 94.01 31.47 -90.39
N PRO J 182 93.42 32.63 -90.06
CA PRO J 182 92.42 32.66 -88.97
C PRO J 182 91.25 31.70 -89.12
N SER J 183 91.14 31.02 -90.26
CA SER J 183 90.13 29.96 -90.37
C SER J 183 90.33 28.95 -89.24
N THR J 184 89.29 28.76 -88.43
CA THR J 184 89.45 27.97 -87.23
C THR J 184 88.26 27.05 -86.97
N ILE J 185 88.55 25.87 -86.42
CA ILE J 185 87.51 24.99 -85.90
C ILE J 185 87.25 25.36 -84.45
N THR J 186 85.99 25.65 -84.12
CA THR J 186 85.64 25.93 -82.74
C THR J 186 84.49 25.05 -82.31
N PRO J 187 84.57 24.44 -81.12
CA PRO J 187 83.50 23.52 -80.69
C PRO J 187 82.29 24.25 -80.13
N LEU J 188 81.14 23.59 -80.23
CA LEU J 188 79.86 24.16 -79.82
C LEU J 188 79.12 23.30 -78.81
N ALA J 189 79.20 21.97 -78.91
CA ALA J 189 78.49 21.11 -77.98
C ALA J 189 79.07 19.70 -78.04
N ASP J 190 78.77 18.92 -77.00
CA ASP J 190 79.15 17.51 -76.91
C ASP J 190 77.95 16.68 -76.50
N PHE J 191 77.89 15.45 -77.01
CA PHE J 191 76.84 14.51 -76.67
C PHE J 191 77.47 13.16 -76.38
N ARG J 192 76.88 12.41 -75.45
CA ARG J 192 77.46 11.16 -74.99
C ARG J 192 76.34 10.18 -74.65
N CYS J 193 76.59 8.90 -74.90
CA CYS J 193 75.62 7.86 -74.57
C CYS J 193 75.61 7.59 -73.07
N ARG J 194 74.45 7.20 -72.56
CA ARG J 194 74.28 6.96 -71.13
C ARG J 194 74.79 5.61 -70.68
N PHE J 195 74.79 4.61 -71.56
CA PHE J 195 75.17 3.24 -71.20
C PHE J 195 76.35 2.80 -72.05
N LYS J 196 76.82 1.58 -71.78
CA LYS J 196 77.88 0.95 -72.54
C LYS J 196 77.29 -0.21 -73.31
N SER J 197 77.05 -0.01 -74.61
CA SER J 197 76.40 -1.02 -75.43
C SER J 197 76.34 -0.52 -76.86
N SER J 198 75.83 -1.38 -77.74
CA SER J 198 75.58 -1.00 -79.13
C SER J 198 74.44 0.00 -79.24
N LEU J 199 73.67 0.20 -78.17
CA LEU J 199 72.57 1.15 -78.21
C LEU J 199 73.08 2.55 -78.50
N GLY J 200 74.21 2.92 -77.94
CA GLY J 200 74.77 4.24 -78.24
C GLY J 200 75.14 4.39 -79.69
N ALA J 201 75.83 3.39 -80.25
CA ALA J 201 76.17 3.43 -81.65
C ALA J 201 74.95 3.47 -82.56
N ASN J 202 73.82 2.91 -82.12
CA ASN J 202 72.59 2.97 -82.90
C ASN J 202 71.71 4.17 -82.58
N THR J 203 72.06 4.97 -81.59
CA THR J 203 71.29 6.18 -81.28
C THR J 203 71.66 7.32 -82.22
N ALA J 204 70.69 8.16 -82.56
CA ALA J 204 70.89 9.27 -83.47
C ALA J 204 70.09 10.48 -83.00
N LEU J 205 70.51 11.67 -83.45
CA LEU J 205 69.88 12.91 -83.02
C LEU J 205 69.77 13.87 -84.21
N ARG J 206 68.77 14.76 -84.13
CA ARG J 206 68.53 15.77 -85.14
C ARG J 206 68.34 17.13 -84.48
N ILE J 207 68.86 18.18 -85.13
CA ILE J 207 68.71 19.55 -84.69
C ILE J 207 68.37 20.39 -85.92
N TRP J 208 67.41 21.31 -85.79
CA TRP J 208 67.16 22.22 -86.90
C TRP J 208 66.47 23.48 -86.39
N ALA J 209 66.36 24.48 -87.28
CA ALA J 209 65.80 25.79 -86.95
C ALA J 209 64.60 26.07 -87.84
N PRO J 210 63.37 25.91 -87.36
CA PRO J 210 62.21 26.10 -88.22
C PRO J 210 61.83 27.56 -88.37
N THR J 211 61.17 27.85 -89.49
CA THR J 211 60.64 29.18 -89.81
C THR J 211 59.12 29.10 -89.91
N ILE J 212 58.50 30.20 -90.32
CA ILE J 212 57.04 30.28 -90.33
C ILE J 212 56.45 29.23 -91.26
N ASN J 213 57.19 28.83 -92.29
CA ASN J 213 56.67 27.92 -93.30
C ASN J 213 57.10 26.48 -93.08
N SER J 214 57.80 26.17 -92.00
CA SER J 214 58.27 24.82 -91.76
C SER J 214 57.08 23.88 -91.55
N ALA J 215 57.38 22.58 -91.50
CA ALA J 215 56.35 21.60 -91.17
C ALA J 215 55.80 21.81 -89.77
N GLN J 216 56.65 22.14 -88.80
CA GLN J 216 56.23 22.54 -87.47
C GLN J 216 56.42 24.05 -87.38
N ALA J 217 55.40 24.80 -87.81
CA ALA J 217 55.53 26.23 -87.95
C ALA J 217 55.90 26.88 -86.63
N ALA J 218 56.91 27.74 -86.66
CA ALA J 218 57.32 28.48 -85.48
C ALA J 218 56.47 29.74 -85.32
N ASP J 219 56.61 30.38 -84.17
CA ASP J 219 55.87 31.59 -83.84
C ASP J 219 56.83 32.68 -83.39
N ALA J 220 56.69 33.85 -84.01
CA ALA J 220 57.59 34.96 -83.70
C ALA J 220 57.23 35.63 -82.38
N ASP J 221 55.99 35.47 -81.91
CA ASP J 221 55.56 36.19 -80.72
C ASP J 221 56.27 35.68 -79.48
N LEU J 222 56.38 34.35 -79.33
CA LEU J 222 57.12 33.81 -78.20
C LEU J 222 58.58 34.21 -78.24
N GLN J 223 59.18 34.21 -79.44
CA GLN J 223 60.57 34.63 -79.57
C GLN J 223 60.75 36.07 -79.14
N ALA J 224 59.83 36.96 -79.54
CA ALA J 224 59.91 38.34 -79.07
C ALA J 224 59.74 38.40 -77.56
N ARG J 225 58.80 37.64 -77.01
CA ARG J 225 58.54 37.68 -75.57
C ARG J 225 59.78 37.28 -74.78
N ILE J 226 60.44 36.20 -75.18
CA ILE J 226 61.75 35.83 -74.64
C ILE J 226 62.72 35.81 -75.82
N LYS J 227 63.69 36.72 -75.79
CA LYS J 227 64.43 37.09 -76.98
C LYS J 227 65.50 36.02 -77.19
N SER J 228 65.17 34.99 -77.97
CA SER J 228 66.11 33.92 -78.25
C SER J 228 65.50 32.99 -79.30
N PHE J 229 66.32 32.59 -80.28
CA PHE J 229 65.83 31.70 -81.32
C PHE J 229 65.59 30.31 -80.75
N LEU J 230 64.50 29.69 -81.19
CA LEU J 230 64.10 28.37 -80.73
C LEU J 230 64.38 27.34 -81.80
N TYR J 231 65.13 26.30 -81.44
CA TYR J 231 65.48 25.21 -82.34
C TYR J 231 64.74 23.94 -81.94
N ARG J 232 64.45 23.10 -82.94
CA ARG J 232 63.84 21.81 -82.70
C ARG J 232 64.91 20.75 -82.53
N PHE J 233 64.69 19.87 -81.55
CA PHE J 233 65.61 18.79 -81.19
C PHE J 233 64.84 17.48 -81.18
N GLN J 234 65.47 16.41 -81.69
CA GLN J 234 64.80 15.12 -81.80
C GLN J 234 65.81 14.00 -81.57
N ILE J 235 65.34 12.90 -80.99
CA ILE J 235 66.14 11.70 -80.76
C ILE J 235 65.48 10.53 -81.49
N LEU J 236 66.29 9.72 -82.17
CA LEU J 236 65.83 8.55 -82.89
C LEU J 236 66.73 7.37 -82.57
N THR J 237 66.21 6.16 -82.75
CA THR J 237 66.96 4.94 -82.49
C THR J 237 66.53 3.86 -83.47
N ARG J 238 67.50 3.08 -83.94
CA ARG J 238 67.23 2.00 -84.89
C ARG J 238 67.52 0.65 -84.22
N ALA J 239 67.01 -0.41 -84.85
CA ALA J 239 67.16 -1.75 -84.31
C ALA J 239 68.57 -2.28 -84.54
N ASP J 240 68.96 -2.41 -85.81
CA ASP J 240 70.30 -2.84 -86.17
C ASP J 240 70.78 -1.95 -87.31
N LYS J 241 72.06 -2.12 -87.67
CA LYS J 241 72.66 -1.21 -88.63
C LYS J 241 71.88 -1.17 -89.95
N ALA J 242 71.19 -2.25 -90.29
CA ALA J 242 70.47 -2.32 -91.56
C ALA J 242 69.03 -1.82 -91.45
N SER J 243 68.53 -1.52 -90.25
CA SER J 243 67.14 -1.12 -90.09
C SER J 243 67.01 0.40 -90.26
N SER J 244 65.84 0.93 -89.90
CA SER J 244 65.52 2.34 -90.04
C SER J 244 65.14 2.92 -88.69
N PRO J 245 65.35 4.22 -88.48
CA PRO J 245 65.16 4.79 -87.14
C PRO J 245 63.70 4.94 -86.77
N THR J 246 63.47 5.05 -85.47
CA THR J 246 62.16 5.31 -84.89
C THR J 246 62.32 6.39 -83.83
N ILE J 247 61.34 7.30 -83.75
CA ILE J 247 61.46 8.45 -82.86
C ILE J 247 61.34 7.99 -81.42
N PHE J 248 62.12 8.62 -80.54
CA PHE J 248 62.07 8.37 -79.11
C PHE J 248 61.36 9.57 -78.47
N GLU J 249 60.12 9.35 -78.03
CA GLU J 249 59.29 10.46 -77.59
C GLU J 249 59.59 10.86 -76.15
N THR J 250 59.25 12.10 -75.82
CA THR J 250 59.37 12.56 -74.45
C THR J 250 58.35 11.84 -73.57
N ILE J 251 58.49 12.00 -72.25
CA ILE J 251 57.59 11.34 -71.33
C ILE J 251 56.19 11.93 -71.37
N TYR J 252 55.98 13.00 -72.14
CA TYR J 252 54.65 13.55 -72.37
C TYR J 252 54.08 13.15 -73.73
N ASN J 253 54.71 12.19 -74.40
CA ASN J 253 54.25 11.71 -75.71
C ASN J 253 54.36 12.80 -76.76
N GLU J 254 55.57 13.35 -76.91
CA GLU J 254 55.89 14.29 -77.97
C GLU J 254 57.07 13.78 -78.78
N PRO J 255 57.14 14.11 -80.07
CA PRO J 255 58.27 13.62 -80.88
C PRO J 255 59.51 14.50 -80.82
N SER J 256 59.36 15.79 -80.50
CA SER J 256 60.49 16.72 -80.56
C SER J 256 60.30 17.82 -79.53
N LEU J 257 61.41 18.49 -79.21
CA LEU J 257 61.43 19.57 -78.22
C LEU J 257 61.86 20.88 -78.88
N SER J 258 61.46 21.98 -78.25
CA SER J 258 61.97 23.32 -78.59
C SER J 258 62.93 23.77 -77.50
N VAL J 259 64.13 24.21 -77.89
CA VAL J 259 65.15 24.65 -76.95
C VAL J 259 65.77 25.94 -77.45
N GLY J 260 66.43 26.66 -76.56
CA GLY J 260 67.04 27.93 -76.91
C GLY J 260 68.27 28.22 -76.09
N PHE J 261 69.17 29.01 -76.67
CA PHE J 261 70.40 29.40 -75.98
C PHE J 261 70.13 30.56 -75.03
N GLY J 262 70.80 30.54 -73.88
CA GLY J 262 70.67 31.62 -72.92
C GLY J 262 70.80 31.16 -71.48
N GLU J 263 70.64 32.08 -70.54
CA GLU J 263 70.84 31.75 -69.13
C GLU J 263 69.62 31.06 -68.54
N ASN J 264 68.49 31.77 -68.48
CA ASN J 264 67.24 31.17 -68.06
C ASN J 264 66.12 31.77 -68.89
N LEU J 265 65.53 30.97 -69.76
CA LEU J 265 64.48 31.43 -70.65
C LEU J 265 63.11 31.05 -70.07
N VAL J 266 62.64 31.90 -69.19
CA VAL J 266 61.35 31.71 -68.54
C VAL J 266 60.31 32.57 -69.24
N ASP J 267 59.16 31.97 -69.55
CA ASP J 267 58.07 32.70 -70.18
C ASP J 267 57.17 33.26 -69.09
N PRO J 268 57.05 34.58 -68.95
CA PRO J 268 56.15 35.13 -67.91
C PRO J 268 54.70 34.72 -68.09
N GLN J 269 54.22 34.58 -69.32
CA GLN J 269 52.80 34.30 -69.57
C GLN J 269 52.42 32.88 -69.19
N THR J 270 53.34 31.93 -69.23
CA THR J 270 53.02 30.54 -68.93
C THR J 270 54.05 29.84 -68.05
N GLU J 271 55.13 30.51 -67.65
CA GLU J 271 56.12 29.98 -66.71
C GLU J 271 56.84 28.75 -67.24
N VAL J 272 57.01 28.63 -68.56
CA VAL J 272 57.77 27.52 -69.12
C VAL J 272 59.24 27.91 -69.26
N VAL J 273 60.12 26.92 -69.16
CA VAL J 273 61.57 27.12 -69.24
C VAL J 273 62.06 26.49 -70.53
N TYR J 274 62.78 27.27 -71.33
CA TYR J 274 63.29 26.80 -72.62
C TYR J 274 64.79 26.58 -72.63
N ASP J 275 65.41 26.40 -71.47
CA ASP J 275 66.86 26.18 -71.44
C ASP J 275 67.20 24.83 -72.04
N PHE J 276 68.32 24.79 -72.78
CA PHE J 276 68.66 23.63 -73.59
C PHE J 276 68.83 22.37 -72.76
N VAL J 277 69.88 22.34 -71.94
CA VAL J 277 70.25 21.13 -71.23
C VAL J 277 69.19 20.75 -70.21
N GLU J 278 68.73 21.73 -69.44
CA GLU J 278 67.76 21.45 -68.39
C GLU J 278 66.45 20.94 -68.97
N ARG J 279 65.95 21.59 -70.02
CA ARG J 279 64.72 21.13 -70.63
C ARG J 279 64.87 19.73 -71.20
N ILE J 280 65.97 19.46 -71.91
CA ILE J 280 66.14 18.13 -72.49
C ILE J 280 66.14 17.08 -71.39
N ASP J 281 66.95 17.30 -70.35
CA ASP J 281 67.11 16.29 -69.32
C ASP J 281 65.82 16.10 -68.53
N SER J 282 65.05 17.16 -68.34
CA SER J 282 63.81 17.02 -67.58
C SER J 282 62.70 16.37 -68.41
N ARG J 283 62.66 16.65 -69.70
CA ARG J 283 61.55 16.17 -70.52
C ARG J 283 61.77 14.75 -71.03
N TYR J 284 63.01 14.29 -71.13
CA TYR J 284 63.25 12.98 -71.72
C TYR J 284 63.47 11.87 -70.72
N ASN J 285 63.55 12.16 -69.43
CA ASN J 285 63.87 11.15 -68.42
C ASN J 285 62.82 11.10 -67.33
N ASP J 286 62.79 9.97 -66.62
CA ASP J 286 61.80 9.74 -65.58
C ASP J 286 62.37 8.68 -64.63
N GLU J 287 62.79 9.11 -63.44
CA GLU J 287 63.43 8.23 -62.48
C GLU J 287 62.48 7.65 -61.45
N ASP J 288 61.18 7.95 -61.55
CA ASP J 288 60.24 7.47 -60.56
C ASP J 288 60.18 5.94 -60.60
N PRO J 289 60.49 5.24 -59.51
CA PRO J 289 60.58 3.77 -59.60
C PRO J 289 59.36 3.03 -60.12
N SER J 290 58.19 3.65 -60.13
CA SER J 290 57.00 3.03 -60.71
C SER J 290 56.88 3.26 -62.20
N THR J 291 57.27 4.44 -62.68
CA THR J 291 57.20 4.80 -64.10
C THR J 291 58.61 5.19 -64.50
N TYR J 292 59.40 4.20 -64.91
CA TYR J 292 60.84 4.34 -65.03
C TYR J 292 61.25 4.31 -66.51
N LEU J 293 61.94 5.35 -66.95
CA LEU J 293 62.53 5.37 -68.29
C LEU J 293 63.69 6.34 -68.30
N MET J 294 64.84 5.90 -68.80
CA MET J 294 66.02 6.72 -68.93
C MET J 294 66.40 6.81 -70.39
N SER J 295 66.59 8.03 -70.88
CA SER J 295 66.91 8.23 -72.28
C SER J 295 68.28 7.64 -72.60
N PRO J 296 68.48 7.11 -73.81
CA PRO J 296 69.83 6.65 -74.17
C PRO J 296 70.87 7.75 -74.13
N LEU J 297 70.47 8.97 -74.48
CA LEU J 297 71.39 10.11 -74.45
C LEU J 297 71.62 10.55 -73.01
N ASP J 298 72.86 10.92 -72.70
CA ASP J 298 73.19 11.42 -71.37
C ASP J 298 72.87 12.91 -71.28
N THR J 299 73.35 13.53 -70.21
CA THR J 299 73.11 14.96 -70.02
C THR J 299 74.00 15.75 -70.96
N PRO J 300 73.46 16.56 -71.86
CA PRO J 300 74.31 17.30 -72.80
C PRO J 300 75.21 18.29 -72.09
N TYR J 301 76.35 18.57 -72.72
CA TYR J 301 77.25 19.65 -72.34
C TYR J 301 77.23 20.72 -73.41
N LEU J 302 77.59 21.95 -73.03
CA LEU J 302 77.55 23.06 -73.96
C LEU J 302 78.76 23.95 -73.73
N TYR J 303 79.38 24.43 -74.81
CA TYR J 303 80.52 25.34 -74.74
C TYR J 303 80.01 26.77 -74.78
N GLN J 304 79.65 27.27 -73.60
CA GLN J 304 79.01 28.58 -73.51
C GLN J 304 79.94 29.67 -73.99
N ALA J 305 81.22 29.62 -73.60
CA ALA J 305 82.15 30.67 -74.00
C ALA J 305 82.23 30.79 -75.51
N ASN J 306 82.43 29.67 -76.20
CA ASN J 306 82.63 29.71 -77.65
C ASN J 306 81.34 30.06 -78.38
N ILE J 307 80.21 29.49 -77.95
CA ILE J 307 78.95 29.83 -78.58
C ILE J 307 78.66 31.33 -78.42
N ASP J 308 78.88 31.85 -77.21
CA ASP J 308 78.68 33.27 -76.98
C ASP J 308 79.62 34.11 -77.82
N SER J 309 80.87 33.68 -77.96
CA SER J 309 81.83 34.44 -78.75
C SER J 309 81.40 34.53 -80.21
N VAL J 310 80.99 33.40 -80.79
CA VAL J 310 80.57 33.40 -82.19
C VAL J 310 79.32 34.26 -82.36
N LEU J 311 78.37 34.13 -81.44
CA LEU J 311 77.16 34.95 -81.52
C LEU J 311 77.50 36.43 -81.45
N THR J 312 78.40 36.80 -80.53
CA THR J 312 78.80 38.20 -80.40
C THR J 312 79.47 38.69 -81.66
N ALA J 313 80.32 37.86 -82.26
CA ALA J 313 81.02 38.27 -83.47
C ALA J 313 80.03 38.54 -84.60
N ILE J 314 79.10 37.60 -84.83
CA ILE J 314 78.16 37.81 -85.92
C ILE J 314 77.25 39.00 -85.64
N GLN J 315 76.87 39.20 -84.37
CA GLN J 315 76.04 40.35 -84.03
C GLN J 315 76.79 41.65 -84.33
N GLU J 316 78.01 41.80 -83.81
CA GLU J 316 78.79 42.99 -84.07
C GLU J 316 78.92 43.21 -85.57
N LEU J 317 79.12 42.14 -86.33
CA LEU J 317 79.29 42.29 -87.77
C LEU J 317 78.02 42.82 -88.42
N GLU J 318 76.93 42.08 -88.35
CA GLU J 318 75.77 42.35 -89.17
C GLU J 318 74.53 42.76 -88.40
N ALA J 319 74.56 42.73 -87.07
CA ALA J 319 73.40 43.24 -86.32
C ALA J 319 73.15 44.71 -86.64
N PRO J 320 74.15 45.59 -86.62
CA PRO J 320 73.94 46.95 -87.15
C PRO J 320 73.94 46.97 -88.67
N PHE J 321 72.90 46.40 -89.26
CA PHE J 321 72.81 46.32 -90.72
C PHE J 321 71.34 46.43 -91.12
N ASP J 322 71.08 46.20 -92.41
CA ASP J 322 69.78 46.55 -92.98
C ASP J 322 68.64 45.69 -92.45
N THR J 323 68.80 44.36 -92.44
CA THR J 323 67.66 43.48 -92.19
C THR J 323 67.85 42.59 -90.95
N VAL J 324 68.57 43.05 -89.94
CA VAL J 324 68.73 42.32 -88.69
C VAL J 324 68.78 43.35 -87.56
N SER J 325 68.12 43.02 -86.46
CA SER J 325 68.08 43.93 -85.32
C SER J 325 69.49 44.16 -84.79
N ALA J 326 69.76 45.41 -84.42
CA ALA J 326 71.10 45.79 -83.95
C ALA J 326 71.20 45.82 -82.43
N ASP J 327 70.08 45.74 -81.72
CA ASP J 327 70.10 45.94 -80.28
C ASP J 327 71.04 44.95 -79.61
N GLU J 328 71.36 45.23 -78.35
CA GLU J 328 72.34 44.43 -77.63
C GLU J 328 71.87 42.99 -77.44
N ASP J 329 70.60 42.79 -77.09
CA ASP J 329 70.08 41.49 -76.71
C ASP J 329 69.84 40.56 -77.89
N ASP J 330 70.05 41.06 -79.12
CA ASP J 330 69.88 40.23 -80.30
C ASP J 330 70.90 39.11 -80.38
N LEU J 331 71.92 39.14 -79.52
CA LEU J 331 72.97 38.13 -79.56
C LEU J 331 72.38 36.72 -79.54
N TYR J 332 71.50 36.44 -78.58
CA TYR J 332 70.87 35.13 -78.50
C TYR J 332 69.72 34.97 -79.47
N GLN J 333 69.18 36.05 -80.02
CA GLN J 333 68.26 35.92 -81.14
C GLN J 333 68.93 35.33 -82.36
N ILE J 334 70.18 35.69 -82.60
CA ILE J 334 70.84 35.34 -83.87
C ILE J 334 70.63 33.86 -84.19
N ASN J 335 70.13 33.58 -85.40
CA ASN J 335 69.94 32.21 -85.87
C ASN J 335 71.27 31.68 -86.37
N LEU J 336 71.83 30.69 -85.66
CA LEU J 336 73.18 30.23 -85.98
C LEU J 336 73.17 29.09 -86.97
N PHE J 337 72.40 28.05 -86.71
CA PHE J 337 72.40 26.88 -87.58
C PHE J 337 71.77 27.18 -88.94
N GLY J 338 70.74 27.99 -88.96
CA GLY J 338 70.14 28.45 -90.20
C GLY J 338 70.81 29.71 -90.70
N ALA J 339 70.15 30.38 -91.65
CA ALA J 339 70.67 31.61 -92.23
C ALA J 339 69.56 32.62 -92.44
N GLN J 340 68.56 32.61 -91.55
CA GLN J 340 67.44 33.53 -91.70
C GLN J 340 66.78 33.73 -90.34
N THR J 341 65.99 34.80 -90.24
CA THR J 341 65.24 35.04 -89.03
C THR J 341 64.01 34.15 -88.99
N VAL J 342 63.21 34.30 -87.93
CA VAL J 342 62.04 33.45 -87.75
C VAL J 342 61.06 33.64 -88.90
N GLU J 343 60.91 34.87 -89.40
CA GLU J 343 59.99 35.11 -90.49
C GLU J 343 60.49 34.56 -91.82
N GLY J 344 61.76 34.17 -91.90
CA GLY J 344 62.27 33.55 -93.11
C GLY J 344 62.95 34.50 -94.08
N VAL J 345 63.61 35.53 -93.58
CA VAL J 345 64.34 36.47 -94.42
C VAL J 345 65.82 36.07 -94.40
N PRO J 346 66.40 35.67 -95.54
CA PRO J 346 67.77 35.16 -95.50
C PRO J 346 68.77 36.21 -95.03
N TYR J 347 69.76 35.75 -94.27
CA TYR J 347 70.90 36.57 -93.88
C TYR J 347 71.86 36.67 -95.05
N HIS J 348 71.98 37.85 -95.64
CA HIS J 348 73.09 38.10 -96.53
C HIS J 348 74.31 38.52 -95.72
N ALA J 349 75.49 38.28 -96.29
CA ALA J 349 76.79 38.41 -95.63
C ALA J 349 77.14 37.20 -94.78
N VAL J 350 76.38 36.12 -94.85
CA VAL J 350 76.72 34.86 -94.20
C VAL J 350 76.52 33.73 -95.19
N GLN J 351 77.54 32.89 -95.34
CA GLN J 351 77.49 31.76 -96.26
C GLN J 351 77.78 30.48 -95.50
N ILE J 352 76.87 29.52 -95.58
CA ILE J 352 77.01 28.21 -94.98
C ILE J 352 77.35 27.23 -96.08
N LEU J 353 78.51 26.60 -95.99
CA LEU J 353 78.97 25.70 -97.05
C LEU J 353 78.17 24.40 -97.04
N GLY J 354 77.72 23.99 -98.22
CA GLY J 354 76.86 22.83 -98.34
C GLY J 354 77.63 21.52 -98.32
N VAL J 355 76.94 20.45 -98.70
CA VAL J 355 77.53 19.11 -98.63
C VAL J 355 78.71 19.00 -99.58
N LEU J 356 78.52 19.41 -100.84
CA LEU J 356 79.61 19.32 -101.81
C LEU J 356 80.80 20.17 -101.40
N ASP J 357 80.57 21.18 -100.58
CA ASP J 357 81.64 22.03 -100.06
C ASP J 357 82.21 21.49 -98.74
N GLY J 358 81.72 20.35 -98.27
CA GLY J 358 82.28 19.72 -97.08
C GLY J 358 81.57 20.04 -95.79
N GLY J 359 80.39 20.64 -95.84
CA GLY J 359 79.64 20.96 -94.63
C GLY J 359 78.68 19.87 -94.24
N VAL J 360 77.89 20.18 -93.20
CA VAL J 360 76.83 19.30 -92.72
C VAL J 360 75.53 20.08 -92.72
N THR J 361 74.50 19.52 -93.32
CA THR J 361 73.20 20.18 -93.44
C THR J 361 72.35 19.80 -92.22
N LEU J 362 72.03 20.78 -91.40
CA LEU J 362 71.19 20.57 -90.22
C LEU J 362 69.75 20.91 -90.61
N THR J 363 69.00 19.88 -91.02
CA THR J 363 67.61 20.02 -91.37
C THR J 363 66.82 18.91 -90.67
N GLU J 364 65.51 18.91 -90.89
CA GLU J 364 64.63 17.94 -90.24
C GLU J 364 64.79 16.53 -90.78
N THR J 365 65.48 16.35 -91.91
CA THR J 365 65.63 15.04 -92.52
C THR J 365 67.03 14.46 -92.36
N ALA J 366 68.02 15.28 -92.02
CA ALA J 366 69.36 14.76 -91.77
C ALA J 366 69.41 14.03 -90.44
N THR J 367 70.18 12.95 -90.39
CA THR J 367 70.32 12.13 -89.20
C THR J 367 71.80 11.99 -88.86
N ASN J 368 72.11 11.91 -87.57
CA ASN J 368 73.48 11.86 -87.08
C ASN J 368 73.58 10.80 -86.00
N TYR J 369 74.53 9.88 -86.14
CA TYR J 369 74.68 8.76 -85.24
C TYR J 369 75.92 8.91 -84.40
N LEU J 370 75.82 8.56 -83.12
CA LEU J 370 76.98 8.59 -82.25
C LEU J 370 77.98 7.52 -82.68
N GLN J 371 79.26 7.79 -82.44
CA GLN J 371 80.35 6.95 -82.91
C GLN J 371 81.02 6.27 -81.73
N GLY J 372 81.27 4.97 -81.87
CA GLY J 372 81.97 4.22 -80.84
C GLY J 372 81.11 3.20 -80.13
N GLY J 373 81.50 2.81 -78.93
CA GLY J 373 80.72 1.89 -78.14
C GLY J 373 80.88 0.45 -78.58
N GLY J 374 80.13 -0.41 -77.91
CA GLY J 374 80.16 -1.84 -78.18
C GLY J 374 79.87 -2.62 -76.91
N ASP J 375 79.45 -3.87 -77.09
CA ASP J 375 79.05 -4.71 -75.97
C ASP J 375 80.22 -5.49 -75.37
N GLY J 376 81.23 -5.81 -76.15
CA GLY J 376 82.27 -6.72 -75.73
C GLY J 376 82.02 -8.12 -76.30
N THR J 377 82.78 -9.07 -75.76
CA THR J 377 82.69 -10.46 -76.20
C THR J 377 81.64 -11.18 -75.38
N LEU J 378 80.58 -11.63 -76.04
CA LEU J 378 79.43 -12.24 -75.39
C LEU J 378 79.42 -13.74 -75.66
N GLY J 379 78.65 -14.47 -74.86
CA GLY J 379 78.54 -15.91 -74.96
C GLY J 379 78.70 -16.57 -73.62
N ASN J 380 78.56 -17.89 -73.63
CA ASN J 380 78.58 -18.64 -72.38
C ASN J 380 79.97 -18.64 -71.74
N ASP J 381 81.03 -18.65 -72.55
CA ASP J 381 82.37 -18.66 -71.98
C ASP J 381 82.64 -17.36 -71.19
N SER J 382 82.40 -16.22 -71.83
CA SER J 382 82.61 -14.96 -71.14
C SER J 382 81.63 -14.78 -69.98
N PHE J 383 80.40 -15.29 -70.12
CA PHE J 383 79.45 -15.22 -69.02
C PHE J 383 79.96 -16.00 -67.82
N ASN J 384 80.48 -17.20 -68.04
CA ASN J 384 81.03 -17.99 -66.95
C ASN J 384 82.23 -17.29 -66.33
N ALA J 385 83.08 -16.67 -67.16
CA ALA J 385 84.21 -15.94 -66.62
C ALA J 385 83.76 -14.81 -65.70
N ALA J 386 82.75 -14.05 -66.13
CA ALA J 386 82.26 -12.95 -65.31
C ALA J 386 81.62 -13.45 -64.02
N ALA J 387 80.82 -14.52 -64.11
CA ALA J 387 80.19 -15.07 -62.93
C ALA J 387 81.23 -15.55 -61.94
N TYR J 388 82.28 -16.22 -62.42
CA TYR J 388 83.35 -16.63 -61.53
C TYR J 388 84.04 -15.43 -60.91
N ALA J 389 84.29 -14.40 -61.70
CA ALA J 389 84.94 -13.22 -61.16
C ALA J 389 84.15 -12.62 -60.02
N VAL J 390 82.83 -12.58 -60.15
CA VAL J 390 81.99 -12.05 -59.07
C VAL J 390 81.96 -12.98 -57.87
N LEU J 391 81.81 -14.28 -58.09
CA LEU J 391 81.56 -15.21 -56.98
C LEU J 391 82.83 -15.51 -56.19
N SER J 392 83.99 -15.56 -56.84
CA SER J 392 85.22 -15.90 -56.12
C SER J 392 85.57 -14.82 -55.10
N ASN J 393 85.37 -13.55 -55.46
CA ASN J 393 85.71 -12.43 -54.59
C ASN J 393 84.44 -11.90 -53.96
N LEU J 394 84.02 -12.53 -52.88
CA LEU J 394 82.82 -12.10 -52.17
C LEU J 394 83.13 -11.29 -50.92
N SER J 395 84.18 -11.64 -50.19
CA SER J 395 84.48 -11.01 -48.92
C SER J 395 85.39 -9.79 -49.05
N ASN J 396 85.84 -9.47 -50.27
CA ASN J 396 86.69 -8.29 -50.47
C ASN J 396 86.34 -7.55 -51.75
N ASN J 397 85.12 -7.72 -52.25
CA ASN J 397 84.70 -7.02 -53.45
C ASN J 397 84.44 -5.55 -53.15
N ALA J 398 84.86 -4.69 -54.08
CA ALA J 398 84.65 -3.26 -53.94
C ALA J 398 83.39 -2.76 -54.63
N ALA J 399 82.63 -3.65 -55.26
CA ALA J 399 81.41 -3.25 -55.98
C ALA J 399 80.18 -3.39 -55.10
N PHE J 400 80.10 -4.43 -54.29
CA PHE J 400 78.96 -4.66 -53.42
C PHE J 400 79.26 -5.81 -52.49
N ASN J 401 78.79 -5.69 -51.24
CA ASN J 401 78.99 -6.70 -50.21
C ASN J 401 77.65 -7.40 -50.00
N ILE J 402 77.61 -8.70 -50.29
CA ILE J 402 76.34 -9.43 -50.29
C ILE J 402 76.07 -10.12 -48.96
N THR J 403 76.86 -9.83 -47.93
CA THR J 403 76.51 -10.24 -46.59
C THR J 403 75.60 -9.23 -45.89
N ASN J 404 75.01 -8.33 -46.66
CA ASN J 404 74.12 -7.29 -46.14
C ASN J 404 72.70 -7.81 -46.23
N TYR J 405 72.14 -8.25 -45.09
CA TYR J 405 70.80 -8.83 -45.11
C TYR J 405 69.75 -7.82 -45.52
N ALA J 406 69.85 -6.58 -45.02
CA ALA J 406 68.79 -5.61 -45.24
C ALA J 406 68.78 -5.07 -46.66
N ARG J 407 69.95 -4.94 -47.28
CA ARG J 407 70.05 -4.33 -48.59
C ARG J 407 69.94 -5.31 -49.73
N TYR J 408 70.10 -6.61 -49.47
CA TYR J 408 70.05 -7.64 -50.50
C TYR J 408 69.15 -8.78 -50.02
N PRO J 409 67.84 -8.65 -50.19
CA PRO J 409 66.91 -9.66 -49.67
C PRO J 409 66.86 -10.96 -50.44
N PHE J 410 67.75 -11.20 -51.40
CA PHE J 410 67.74 -12.47 -52.10
C PHE J 410 67.99 -13.61 -51.13
N ASN J 411 67.29 -14.73 -51.32
CA ASN J 411 67.45 -15.88 -50.46
C ASN J 411 67.66 -17.19 -51.20
N ALA J 412 67.63 -17.21 -52.52
CA ALA J 412 67.77 -18.44 -53.30
C ALA J 412 68.77 -18.23 -54.42
N PHE J 413 69.43 -19.31 -54.83
CA PHE J 413 70.35 -19.29 -55.96
C PHE J 413 70.28 -20.63 -56.68
N TRP J 414 69.92 -20.59 -57.96
CA TRP J 414 69.80 -21.79 -58.78
C TRP J 414 70.99 -21.85 -59.74
N ASP J 415 71.56 -23.04 -59.89
CA ASP J 415 72.64 -23.27 -60.84
C ASP J 415 72.05 -23.58 -62.21
N SER J 416 72.24 -22.68 -63.17
CA SER J 416 71.63 -22.82 -64.48
C SER J 416 72.55 -23.50 -65.49
N GLY J 417 73.67 -24.07 -65.06
CA GLY J 417 74.57 -24.76 -65.96
C GLY J 417 75.96 -24.17 -66.02
N PHE J 418 76.39 -23.53 -64.94
CA PHE J 418 77.76 -23.01 -64.90
C PHE J 418 78.76 -24.15 -65.01
N ASP J 419 79.95 -23.81 -65.49
CA ASP J 419 81.00 -24.81 -65.61
C ASP J 419 81.42 -25.32 -64.23
N LEU J 420 82.12 -26.45 -64.23
CA LEU J 420 82.46 -27.10 -62.96
C LEU J 420 83.31 -26.22 -62.07
N LYS J 421 84.17 -25.38 -62.63
CA LYS J 421 84.99 -24.50 -61.81
C LYS J 421 84.13 -23.48 -61.06
N THR J 422 83.12 -22.94 -61.73
CA THR J 422 82.24 -21.96 -61.08
C THR J 422 81.23 -22.64 -60.16
N LYS J 423 80.88 -23.89 -60.43
CA LYS J 423 79.95 -24.59 -59.56
C LYS J 423 80.45 -24.64 -58.14
N GLN J 424 81.75 -24.71 -57.94
CA GLN J 424 82.32 -24.93 -56.62
C GLN J 424 82.44 -23.66 -55.78
N THR J 425 82.20 -22.50 -56.37
CA THR J 425 82.18 -21.25 -55.62
C THR J 425 80.79 -20.90 -55.10
N ILE J 426 79.76 -21.65 -55.47
CA ILE J 426 78.40 -21.36 -55.07
C ILE J 426 78.11 -21.85 -53.64
N PRO J 427 78.60 -23.02 -53.23
CA PRO J 427 78.23 -23.53 -51.90
C PRO J 427 78.52 -22.59 -50.74
N GLN J 428 79.52 -21.71 -50.90
CA GLN J 428 79.90 -20.83 -49.80
C GLN J 428 78.83 -19.79 -49.48
N LEU J 429 77.81 -19.64 -50.32
CA LEU J 429 76.73 -18.73 -49.98
C LEU J 429 76.01 -19.17 -48.71
N ILE J 430 75.76 -20.48 -48.57
CA ILE J 430 75.13 -21.00 -47.36
C ILE J 430 76.11 -21.11 -46.21
N GLY J 431 77.36 -20.66 -46.39
CA GLY J 431 78.27 -20.54 -45.28
C GLY J 431 78.39 -19.10 -44.84
N LEU J 432 78.25 -18.18 -45.79
CA LEU J 432 78.31 -16.76 -45.48
C LEU J 432 76.99 -16.18 -45.00
N ARG J 433 75.86 -16.79 -45.35
CA ARG J 433 74.56 -16.28 -44.91
C ARG J 433 73.73 -17.41 -44.34
N ALA J 434 72.93 -17.08 -43.33
CA ALA J 434 72.12 -18.06 -42.61
C ALA J 434 70.67 -18.08 -43.07
N ASP J 435 70.32 -17.38 -44.13
CA ASP J 435 69.00 -17.39 -44.72
C ASP J 435 69.08 -17.53 -46.23
N THR J 436 69.91 -18.46 -46.69
CA THR J 436 70.16 -18.68 -48.12
C THR J 436 69.94 -20.14 -48.47
N TRP J 437 69.59 -20.38 -49.73
CA TRP J 437 69.24 -21.70 -50.22
C TRP J 437 69.81 -21.85 -51.62
N ILE J 438 70.34 -23.02 -51.94
CA ILE J 438 71.03 -23.25 -53.20
C ILE J 438 70.52 -24.52 -53.87
N ALA J 439 70.31 -24.44 -55.17
CA ALA J 439 70.05 -25.60 -56.03
C ALA J 439 71.24 -25.77 -56.96
N LEU J 440 71.78 -26.99 -57.01
CA LEU J 440 72.95 -27.30 -57.81
C LEU J 440 72.60 -28.23 -58.96
N SER J 441 73.39 -28.14 -60.03
CA SER J 441 73.21 -28.97 -61.22
C SER J 441 74.50 -29.69 -61.53
N THR J 442 74.38 -30.94 -62.00
CA THR J 442 75.56 -31.73 -62.35
C THR J 442 75.87 -31.69 -63.84
N GLN J 443 75.25 -30.78 -64.59
CA GLN J 443 75.47 -30.68 -66.03
C GLN J 443 76.08 -29.32 -66.35
N ASP J 444 77.14 -29.33 -67.16
CA ASP J 444 77.71 -28.12 -67.73
C ASP J 444 77.12 -27.97 -69.12
N ILE J 445 76.26 -26.96 -69.31
CA ILE J 445 75.48 -26.84 -70.53
C ILE J 445 76.36 -26.70 -71.76
N SER J 446 77.56 -26.15 -71.62
CA SER J 446 78.43 -25.96 -72.77
C SER J 446 79.07 -27.26 -73.25
N SER J 447 78.94 -28.34 -72.49
CA SER J 447 79.54 -29.62 -72.83
C SER J 447 78.45 -30.62 -73.21
N ASP J 448 78.89 -31.81 -73.62
CA ASP J 448 77.96 -32.86 -74.00
C ASP J 448 77.28 -33.44 -72.77
N PHE J 449 76.10 -34.01 -72.97
CA PHE J 449 75.36 -34.58 -71.85
C PHE J 449 76.20 -35.65 -71.16
N ASN J 450 76.23 -35.59 -69.84
CA ASN J 450 77.09 -36.47 -69.06
C ASN J 450 76.54 -37.89 -69.05
N SER J 451 77.45 -38.86 -68.94
CA SER J 451 77.08 -40.25 -68.79
C SER J 451 76.84 -40.57 -67.31
N ASN J 452 76.55 -41.84 -67.02
CA ASN J 452 76.28 -42.23 -65.65
C ASN J 452 77.51 -42.03 -64.76
N GLU J 453 78.69 -42.43 -65.25
CA GLU J 453 79.89 -42.31 -64.46
C GLU J 453 80.28 -40.84 -64.25
N GLU J 454 80.16 -40.02 -65.28
CA GLU J 454 80.42 -38.59 -65.11
C GLU J 454 79.44 -37.96 -64.13
N GLU J 455 78.16 -38.32 -64.23
CA GLU J 455 77.18 -37.82 -63.28
C GLU J 455 77.58 -38.17 -61.86
N GLU J 456 77.95 -39.43 -61.63
CA GLU J 456 78.31 -39.87 -60.29
C GLU J 456 79.54 -39.13 -59.79
N SER J 457 80.54 -38.95 -60.66
CA SER J 457 81.77 -38.28 -60.25
C SER J 457 81.51 -36.83 -59.89
N ILE J 458 80.77 -36.11 -60.74
CA ILE J 458 80.49 -34.71 -60.45
C ILE J 458 79.64 -34.59 -59.20
N ALA J 459 78.71 -35.52 -59.00
CA ALA J 459 77.90 -35.50 -57.78
C ALA J 459 78.78 -35.62 -56.54
N LEU J 460 79.70 -36.59 -56.55
CA LEU J 460 80.59 -36.76 -55.40
C LEU J 460 81.43 -35.51 -55.18
N SER J 461 81.89 -34.90 -56.28
CA SER J 461 82.70 -33.69 -56.15
C SER J 461 81.91 -32.56 -55.52
N LEU J 462 80.62 -32.45 -55.86
CA LEU J 462 79.79 -31.41 -55.26
C LEU J 462 79.49 -31.69 -53.80
N MET J 463 79.22 -32.96 -53.46
CA MET J 463 78.98 -33.28 -52.05
C MET J 463 80.21 -32.99 -51.21
N SER J 464 81.40 -33.30 -51.74
CA SER J 464 82.61 -33.02 -50.98
C SER J 464 82.75 -31.54 -50.67
N ARG J 465 82.45 -30.69 -51.64
CA ARG J 465 82.53 -29.25 -51.42
C ARG J 465 81.45 -28.78 -50.45
N VAL J 466 80.23 -29.29 -50.59
CA VAL J 466 79.14 -28.88 -49.70
C VAL J 466 79.45 -29.30 -48.27
N SER J 467 80.24 -30.36 -48.08
CA SER J 467 80.54 -30.82 -46.73
C SER J 467 81.42 -29.84 -45.95
N ALA J 468 81.97 -28.82 -46.60
CA ALA J 468 82.85 -27.89 -45.93
C ALA J 468 82.12 -26.77 -45.22
N PHE J 469 80.79 -26.70 -45.33
CA PHE J 469 80.00 -25.62 -44.75
C PHE J 469 78.87 -26.22 -43.91
N PRO J 470 79.19 -26.75 -42.74
CA PRO J 470 78.14 -27.32 -41.88
C PRO J 470 77.16 -26.26 -41.43
N ASP J 471 75.93 -26.69 -41.16
CA ASP J 471 74.88 -25.75 -40.77
C ASP J 471 75.25 -25.03 -39.48
N SER J 472 75.67 -25.78 -38.48
CA SER J 472 76.08 -25.23 -37.19
C SER J 472 77.56 -25.55 -36.98
N SER J 473 78.42 -24.54 -37.16
CA SER J 473 79.84 -24.76 -37.01
C SER J 473 80.20 -25.16 -35.58
N ASP J 474 79.41 -24.73 -34.60
CA ASP J 474 79.68 -25.09 -33.22
C ASP J 474 79.53 -26.60 -33.01
N PHE J 475 78.48 -27.19 -33.56
CA PHE J 475 78.19 -28.60 -33.37
C PHE J 475 78.33 -29.42 -34.64
N GLY J 476 78.71 -28.81 -35.76
CA GLY J 476 79.01 -29.57 -36.96
C GLY J 476 77.82 -30.25 -37.60
N THR J 477 76.64 -29.65 -37.53
CA THR J 477 75.49 -30.23 -38.20
C THR J 477 75.70 -30.15 -39.71
N PRO J 478 75.41 -31.22 -40.47
CA PRO J 478 75.52 -31.14 -41.92
C PRO J 478 74.55 -30.13 -42.50
N ALA J 479 74.95 -29.52 -43.61
CA ALA J 479 74.10 -28.55 -44.28
C ALA J 479 72.85 -29.22 -44.83
N PHE J 480 71.75 -28.48 -44.86
CA PHE J 480 70.50 -29.00 -45.40
C PHE J 480 69.73 -28.01 -46.26
N ARG J 481 70.21 -26.78 -46.45
CA ARG J 481 69.48 -25.76 -47.19
C ARG J 481 69.89 -25.80 -48.67
N GLY J 482 69.22 -26.66 -49.42
CA GLY J 482 69.44 -26.74 -50.85
C GLY J 482 69.07 -28.09 -51.40
N MET J 483 69.55 -28.36 -52.61
CA MET J 483 69.43 -29.68 -53.21
C MET J 483 70.30 -29.76 -54.45
N ILE J 484 70.47 -30.99 -54.95
CA ILE J 484 71.23 -31.27 -56.17
C ILE J 484 70.32 -32.00 -57.15
N VAL J 485 70.26 -31.51 -58.38
CA VAL J 485 69.37 -32.05 -59.41
C VAL J 485 70.21 -32.54 -60.58
N GLY J 486 69.98 -33.77 -61.01
CA GLY J 486 70.69 -34.37 -62.12
C GLY J 486 69.77 -34.55 -63.31
N GLY J 487 70.30 -34.33 -64.50
CA GLY J 487 69.55 -34.46 -65.74
C GLY J 487 69.64 -33.21 -66.60
N ALA J 488 69.33 -33.40 -67.87
CA ALA J 488 69.35 -32.31 -68.84
C ALA J 488 68.49 -32.68 -70.03
N GLY J 489 68.03 -31.67 -70.73
CA GLY J 489 67.18 -31.86 -71.89
C GLY J 489 67.20 -30.64 -72.77
N TYR J 490 66.06 -30.35 -73.41
CA TYR J 490 65.93 -29.23 -74.32
C TYR J 490 64.71 -28.39 -73.93
N TYR J 491 64.79 -27.10 -74.20
CA TYR J 491 63.73 -26.18 -73.86
C TYR J 491 62.58 -26.32 -74.85
N THR J 492 61.34 -26.45 -74.35
CA THR J 492 60.19 -26.69 -75.20
C THR J 492 59.47 -25.43 -75.63
N GLU J 493 59.73 -24.31 -74.97
CA GLU J 493 58.99 -23.08 -75.22
C GLU J 493 59.56 -22.26 -76.36
N THR J 494 60.36 -22.85 -77.25
CA THR J 494 60.94 -22.13 -78.36
C THR J 494 61.22 -23.10 -79.50
N THR J 495 61.26 -22.57 -80.72
CA THR J 495 61.51 -23.42 -81.89
C THR J 495 62.98 -23.81 -82.01
N ARG J 496 63.89 -22.95 -81.58
CA ARG J 496 65.31 -23.26 -81.64
C ARG J 496 65.65 -24.43 -80.74
N LYS J 497 66.81 -25.03 -80.99
CA LYS J 497 67.32 -26.12 -80.16
C LYS J 497 68.23 -25.52 -79.09
N LEU J 498 67.81 -25.63 -77.84
CA LEU J 498 68.45 -24.93 -76.73
C LEU J 498 68.52 -25.85 -75.51
N PRO J 499 69.66 -26.50 -75.27
CA PRO J 499 69.74 -27.41 -74.11
C PRO J 499 69.65 -26.66 -72.79
N VAL J 500 69.08 -27.35 -71.79
CA VAL J 500 68.93 -26.79 -70.45
C VAL J 500 68.99 -27.92 -69.43
N PRO J 501 69.31 -27.64 -68.17
CA PRO J 501 69.17 -28.65 -67.12
C PRO J 501 67.77 -28.64 -66.50
N LEU J 502 67.50 -29.67 -65.70
CA LEU J 502 66.20 -29.79 -65.04
C LEU J 502 66.03 -28.85 -63.85
N THR J 503 67.12 -28.21 -63.41
CA THR J 503 66.97 -27.16 -62.42
C THR J 503 66.05 -26.07 -62.94
N LEU J 504 65.95 -25.90 -64.25
CA LEU J 504 65.02 -24.92 -64.81
C LEU J 504 63.58 -25.32 -64.52
N ASP J 505 63.24 -26.59 -64.70
CA ASP J 505 61.89 -27.05 -64.43
C ASP J 505 61.55 -26.88 -62.95
N ARG J 506 62.48 -27.28 -62.07
CA ARG J 506 62.20 -27.11 -60.65
C ARG J 506 62.13 -25.63 -60.27
N PHE J 507 62.91 -24.79 -60.96
CA PHE J 507 62.85 -23.36 -60.73
C PHE J 507 61.46 -22.82 -61.05
N ARG J 508 60.90 -23.24 -62.18
CA ARG J 508 59.54 -22.82 -62.53
C ARG J 508 58.54 -23.30 -61.49
N ALA J 509 58.68 -24.54 -61.04
CA ALA J 509 57.76 -25.06 -60.03
C ALA J 509 57.78 -24.20 -58.77
N TYR J 510 58.98 -23.92 -58.25
CA TYR J 510 59.07 -23.14 -57.03
C TYR J 510 58.60 -21.71 -57.24
N CYS J 511 58.84 -21.15 -58.42
CA CYS J 511 58.38 -19.80 -58.72
C CYS J 511 56.85 -19.73 -58.62
N ARG J 512 56.17 -20.73 -59.19
CA ARG J 512 54.71 -20.72 -59.13
C ARG J 512 54.20 -21.01 -57.73
N TYR J 513 54.89 -21.86 -56.97
CA TYR J 513 54.39 -22.24 -55.64
C TYR J 513 54.62 -21.14 -54.62
N ALA J 514 55.88 -20.79 -54.36
CA ALA J 514 56.26 -19.90 -53.28
C ALA J 514 56.62 -18.50 -53.77
N GLY J 515 55.96 -18.03 -54.81
CA GLY J 515 56.30 -16.76 -55.41
C GLY J 515 55.23 -15.70 -55.27
N ALA J 516 54.16 -16.02 -54.56
CA ALA J 516 53.07 -15.06 -54.36
C ALA J 516 53.57 -13.84 -53.61
N SER J 517 53.15 -12.66 -54.07
CA SER J 517 53.67 -11.42 -53.49
C SER J 517 53.16 -11.16 -52.09
N ASP J 518 52.20 -11.95 -51.61
CA ASP J 518 51.64 -11.76 -50.28
C ASP J 518 52.29 -12.64 -49.23
N GLY J 519 53.34 -13.38 -49.58
CA GLY J 519 54.06 -14.17 -48.60
C GLY J 519 53.28 -15.30 -47.99
N VAL J 520 52.45 -15.99 -48.79
CA VAL J 520 51.75 -17.20 -48.36
C VAL J 520 51.84 -18.22 -49.48
N LEU J 521 52.14 -19.47 -49.14
CA LEU J 521 52.24 -20.50 -50.16
C LEU J 521 50.87 -20.78 -50.77
N LYS J 522 50.85 -21.02 -52.08
CA LYS J 522 49.60 -21.28 -52.79
C LYS J 522 49.32 -22.78 -52.78
N PRO J 523 48.21 -23.23 -52.17
CA PRO J 523 47.95 -24.67 -52.12
C PRO J 523 47.78 -25.32 -53.48
N GLU J 524 47.31 -24.59 -54.48
CA GLU J 524 47.01 -25.18 -55.78
C GLU J 524 48.26 -25.47 -56.61
N TYR J 525 49.46 -25.25 -56.05
CA TYR J 525 50.69 -25.44 -56.79
C TYR J 525 51.71 -26.27 -56.03
N ALA J 526 51.28 -27.09 -55.07
CA ALA J 526 52.22 -27.86 -54.28
C ALA J 526 53.17 -28.63 -55.18
N VAL J 527 54.48 -28.46 -54.91
CA VAL J 527 55.50 -28.98 -55.82
C VAL J 527 55.57 -30.50 -55.85
N ASP J 528 54.80 -31.19 -55.02
CA ASP J 528 54.82 -32.64 -55.01
C ASP J 528 53.41 -33.22 -55.01
N GLU J 529 52.47 -32.53 -55.68
CA GLU J 529 51.11 -33.01 -55.81
C GLU J 529 50.56 -32.60 -57.16
N GLY J 530 49.52 -33.28 -57.60
CA GLY J 530 48.82 -32.88 -58.81
C GLY J 530 49.73 -32.92 -60.02
N ASP J 531 49.66 -31.87 -60.83
CA ASP J 531 50.41 -31.78 -62.07
C ASP J 531 51.77 -31.10 -61.90
N ALA J 532 52.11 -30.66 -60.70
CA ALA J 532 53.38 -29.99 -60.47
C ALA J 532 54.50 -30.97 -60.18
N ARG J 533 54.22 -32.26 -60.10
CA ARG J 533 55.26 -33.26 -59.89
C ARG J 533 55.76 -33.86 -61.20
N LYS J 534 55.37 -33.30 -62.34
CA LYS J 534 55.81 -33.75 -63.65
C LYS J 534 56.68 -32.69 -64.31
N VAL J 535 57.51 -33.14 -65.25
CA VAL J 535 58.32 -32.22 -66.03
C VAL J 535 57.44 -31.53 -67.07
N GLN J 536 57.62 -30.22 -67.24
CA GLN J 536 56.74 -29.43 -68.09
C GLN J 536 57.44 -28.55 -69.10
N VAL J 537 58.70 -28.16 -68.87
CA VAL J 537 59.42 -27.27 -69.78
C VAL J 537 60.73 -27.88 -70.24
N VAL J 538 60.83 -29.21 -70.28
CA VAL J 538 62.02 -29.89 -70.76
C VAL J 538 61.58 -31.17 -71.45
N LYS J 539 62.31 -31.56 -72.50
CA LYS J 539 61.99 -32.74 -73.28
C LYS J 539 63.27 -33.43 -73.73
N SER J 540 63.12 -34.68 -74.15
CA SER J 540 64.25 -35.49 -74.61
C SER J 540 65.33 -35.63 -73.53
N ILE J 541 64.89 -35.82 -72.29
CA ILE J 541 65.84 -35.99 -71.20
C ILE J 541 66.69 -37.23 -71.47
N ASN J 542 67.89 -37.25 -70.89
CA ASN J 542 68.88 -38.27 -71.16
C ASN J 542 68.98 -39.28 -70.03
N ASN J 543 69.67 -40.39 -70.32
CA ASN J 543 69.94 -41.44 -69.34
C ASN J 543 68.67 -41.90 -68.66
N LEU J 544 67.58 -42.01 -69.41
CA LEU J 544 66.32 -42.42 -68.81
C LEU J 544 66.27 -43.92 -68.56
N ASP J 545 67.17 -44.70 -69.17
CA ASP J 545 67.26 -46.13 -68.90
C ASP J 545 68.34 -46.43 -67.86
N LYS J 546 68.29 -45.77 -66.70
CA LYS J 546 69.20 -46.14 -65.63
C LYS J 546 68.86 -47.54 -65.13
N SER J 547 69.91 -48.27 -64.74
CA SER J 547 69.67 -49.56 -64.12
C SER J 547 69.32 -49.37 -62.65
N TRP J 548 68.80 -50.44 -62.05
CA TRP J 548 68.34 -50.37 -60.66
C TRP J 548 69.49 -50.00 -59.73
N ARG J 549 70.67 -50.56 -59.97
CA ARG J 549 71.83 -50.25 -59.15
C ARG J 549 72.21 -48.78 -59.25
N VAL J 550 72.18 -48.23 -60.46
CA VAL J 550 72.52 -46.81 -60.64
C VAL J 550 71.51 -45.93 -59.91
N ARG J 551 70.22 -46.25 -60.06
CA ARG J 551 69.20 -45.47 -59.37
C ARG J 551 69.37 -45.54 -57.86
N ARG J 552 69.66 -46.74 -57.35
CA ARG J 552 69.84 -46.89 -55.91
C ARG J 552 71.05 -46.09 -55.42
N ALA J 553 72.14 -46.12 -56.19
CA ALA J 553 73.31 -45.36 -55.80
C ALA J 553 73.02 -43.86 -55.77
N GLN J 554 72.31 -43.37 -56.78
CA GLN J 554 71.97 -41.95 -56.79
C GLN J 554 71.08 -41.58 -55.61
N TRP J 555 70.09 -42.41 -55.31
CA TRP J 555 69.22 -42.14 -54.17
C TRP J 555 70.04 -42.09 -52.88
N ASN J 556 70.96 -43.04 -52.71
CA ASN J 556 71.77 -43.06 -51.50
C ASN J 556 72.74 -41.88 -51.45
N ASN J 557 73.13 -41.33 -52.60
CA ASN J 557 73.98 -40.14 -52.63
C ASN J 557 73.17 -38.85 -52.63
N ASN J 558 71.85 -38.94 -52.52
CA ASN J 558 70.99 -37.78 -52.27
C ASN J 558 70.84 -36.87 -53.48
N LEU J 559 70.73 -37.45 -54.67
CA LEU J 559 70.41 -36.65 -55.85
C LEU J 559 68.91 -36.66 -56.09
N VAL J 560 68.44 -35.67 -56.84
CA VAL J 560 67.06 -35.59 -57.29
C VAL J 560 67.04 -35.92 -58.77
N TYR J 561 66.33 -36.99 -59.13
CA TYR J 561 66.30 -37.48 -60.50
C TYR J 561 64.86 -37.78 -60.88
N VAL J 562 64.63 -37.90 -62.19
CA VAL J 562 63.31 -38.11 -62.73
C VAL J 562 63.19 -39.53 -63.27
N GLU J 563 61.96 -39.95 -63.53
CA GLU J 563 61.65 -41.24 -64.12
C GLU J 563 60.55 -41.05 -65.16
N ASP J 564 60.26 -42.12 -65.90
CA ASP J 564 59.20 -42.08 -66.89
C ASP J 564 57.84 -42.31 -66.24
N TYR J 565 56.95 -41.35 -66.42
CA TYR J 565 55.58 -41.48 -65.95
C TYR J 565 54.79 -42.40 -66.89
N ASP J 566 54.74 -42.04 -68.16
CA ASP J 566 54.17 -42.86 -69.21
C ASP J 566 55.06 -42.72 -70.42
N THR J 567 54.55 -43.13 -71.59
CA THR J 567 55.35 -43.07 -72.80
C THR J 567 55.72 -41.65 -73.18
N ASN J 568 55.04 -40.65 -72.63
CA ASN J 568 55.22 -39.26 -73.05
C ASN J 568 55.96 -38.40 -72.06
N SER J 569 55.84 -38.65 -70.76
CA SER J 569 56.24 -37.67 -69.76
C SER J 569 56.97 -38.34 -68.61
N GLN J 570 57.56 -37.50 -67.75
CA GLN J 570 58.34 -37.94 -66.60
C GLN J 570 57.79 -37.31 -65.33
N PHE J 571 58.29 -37.78 -64.19
CA PHE J 571 57.87 -37.25 -62.90
C PHE J 571 59.00 -37.43 -61.90
N TYR J 572 58.83 -36.80 -60.73
CA TYR J 572 59.82 -36.88 -59.66
C TYR J 572 59.32 -37.84 -58.59
N PRO J 573 59.92 -39.02 -58.44
CA PRO J 573 59.47 -39.93 -57.38
C PRO J 573 59.55 -39.33 -55.98
N GLY J 574 60.55 -38.51 -55.70
CA GLY J 574 60.70 -37.89 -54.41
C GLY J 574 61.77 -36.84 -54.44
N GLN J 575 61.47 -35.66 -53.90
CA GLN J 575 62.36 -34.51 -53.99
C GLN J 575 62.99 -34.23 -52.63
N GLN J 576 64.18 -34.81 -52.44
CA GLN J 576 64.88 -34.72 -51.17
C GLN J 576 66.02 -33.71 -51.24
N SER J 577 66.45 -33.24 -50.07
CA SER J 577 67.58 -32.34 -49.96
C SER J 577 68.88 -33.14 -49.85
N PHE J 578 70.00 -32.43 -49.87
CA PHE J 578 71.29 -33.07 -49.68
C PHE J 578 71.71 -33.16 -48.23
N TYR J 579 70.76 -33.23 -47.29
CA TYR J 579 71.09 -33.58 -45.92
C TYR J 579 71.63 -35.01 -45.89
N SER J 580 72.73 -35.23 -45.18
CA SER J 580 73.43 -36.50 -45.24
C SER J 580 73.10 -37.45 -44.09
N GLU J 581 72.43 -36.98 -43.05
CA GLU J 581 72.17 -37.84 -41.90
C GLU J 581 70.81 -38.50 -42.00
N GLN J 582 70.45 -39.26 -40.97
CA GLN J 582 69.23 -40.05 -40.98
C GLN J 582 68.03 -39.32 -40.40
N GLY J 583 68.18 -38.08 -39.96
CA GLY J 583 67.04 -37.33 -39.48
C GLY J 583 65.96 -37.20 -40.54
N SER J 584 64.75 -37.65 -40.21
CA SER J 584 63.62 -37.54 -41.12
C SER J 584 62.95 -36.18 -41.07
N VAL J 585 63.39 -35.28 -40.19
CA VAL J 585 62.83 -33.94 -40.15
C VAL J 585 63.25 -33.15 -41.37
N LEU J 586 64.53 -33.23 -41.73
CA LEU J 586 65.13 -32.35 -42.73
C LEU J 586 65.29 -33.01 -44.09
N LYS J 587 64.37 -33.88 -44.50
CA LYS J 587 64.55 -34.60 -45.76
C LYS J 587 63.92 -33.88 -46.93
N ALA J 588 62.70 -33.38 -46.78
CA ALA J 588 62.05 -32.65 -47.86
C ALA J 588 62.81 -31.36 -48.13
N ALA J 589 62.97 -31.02 -49.41
CA ALA J 589 63.77 -29.86 -49.77
C ALA J 589 63.07 -28.55 -49.48
N ILE J 590 61.73 -28.56 -49.45
CA ILE J 590 60.97 -27.34 -49.23
C ILE J 590 61.12 -26.85 -47.79
N VAL J 591 61.31 -27.77 -46.84
CA VAL J 591 61.48 -27.38 -45.46
C VAL J 591 62.73 -26.51 -45.28
N GLY J 592 63.73 -26.71 -46.14
CA GLY J 592 64.90 -25.87 -46.07
C GLY J 592 64.58 -24.41 -46.36
N LEU J 593 63.78 -24.16 -47.38
CA LEU J 593 63.36 -22.79 -47.69
C LEU J 593 62.51 -22.23 -46.56
N CYS J 594 61.65 -23.06 -45.98
CA CYS J 594 60.85 -22.60 -44.84
C CYS J 594 61.76 -22.15 -43.69
N VAL J 595 62.80 -22.93 -43.41
CA VAL J 595 63.71 -22.59 -42.32
C VAL J 595 64.48 -21.31 -42.64
N ALA J 596 64.85 -21.13 -43.90
CA ALA J 596 65.52 -19.88 -44.29
C ALA J 596 64.61 -18.68 -44.00
N ASN J 597 63.32 -18.81 -44.30
CA ASN J 597 62.40 -17.72 -44.00
C ASN J 597 62.27 -17.47 -42.51
N LEU J 598 62.29 -18.53 -41.71
CA LEU J 598 62.31 -18.34 -40.25
C LEU J 598 63.53 -17.51 -39.84
N ASN J 599 64.69 -17.84 -40.39
CA ASN J 599 65.90 -17.10 -40.06
C ASN J 599 65.76 -15.64 -40.45
N ARG J 600 65.09 -15.35 -41.57
CA ARG J 600 64.84 -13.97 -41.94
C ARG J 600 63.95 -13.26 -40.93
N PHE J 601 62.90 -13.95 -40.45
CA PHE J 601 61.99 -13.33 -39.49
C PHE J 601 62.73 -12.92 -38.23
N ALA J 602 63.68 -13.75 -37.78
CA ALA J 602 64.45 -13.37 -36.59
C ALA J 602 65.21 -12.07 -36.81
N PHE J 603 65.83 -11.91 -37.99
CA PHE J 603 66.54 -10.68 -38.29
C PHE J 603 65.60 -9.49 -38.24
N GLU J 604 64.39 -9.65 -38.77
CA GLU J 604 63.44 -8.54 -38.72
C GLU J 604 63.12 -8.15 -37.29
N ALA J 605 62.93 -9.16 -36.42
CA ALA J 605 62.69 -8.86 -35.01
C ALA J 605 63.82 -8.03 -34.41
N TRP J 606 65.06 -8.46 -34.62
CA TRP J 606 66.19 -7.68 -34.11
C TRP J 606 66.14 -6.26 -34.65
N ARG J 607 66.03 -6.13 -35.98
CA ARG J 607 66.06 -4.82 -36.61
C ARG J 607 65.04 -3.89 -35.99
N ASP J 608 63.88 -4.41 -35.63
CA ASP J 608 62.85 -3.55 -35.05
C ASP J 608 63.13 -3.21 -33.59
N LEU J 609 63.81 -4.09 -32.85
CA LEU J 609 63.95 -3.88 -31.41
C LEU J 609 65.26 -3.26 -30.97
N THR J 610 66.30 -3.24 -31.80
CA THR J 610 67.62 -2.85 -31.32
C THR J 610 67.68 -1.37 -30.94
N GLY J 611 68.33 -1.11 -29.80
CA GLY J 611 68.80 0.22 -29.48
C GLY J 611 67.80 1.21 -28.95
N THR J 612 66.88 0.78 -28.10
CA THR J 612 65.85 1.65 -27.55
C THR J 612 66.11 1.89 -26.07
N GLN J 613 66.07 3.16 -25.67
CA GLN J 613 66.51 3.56 -24.34
C GLN J 613 65.51 3.15 -23.27
N LYS J 614 64.22 3.32 -23.52
CA LYS J 614 63.19 3.21 -22.49
C LYS J 614 62.54 1.84 -22.42
N LEU J 615 63.06 0.84 -23.12
CA LEU J 615 62.52 -0.51 -23.02
C LEU J 615 62.90 -1.14 -21.68
N THR J 616 62.26 -2.25 -21.37
CA THR J 616 62.64 -3.10 -20.26
C THR J 616 62.93 -4.51 -20.77
N ASP J 617 63.52 -5.32 -19.90
CA ASP J 617 63.88 -6.68 -20.30
C ASP J 617 62.64 -7.50 -20.66
N ASP J 618 61.60 -7.41 -19.83
CA ASP J 618 60.39 -8.18 -20.09
C ASP J 618 59.71 -7.74 -21.38
N GLN J 619 59.63 -6.43 -21.62
CA GLN J 619 59.04 -5.94 -22.86
C GLN J 619 59.86 -6.39 -24.07
N LEU J 620 61.19 -6.35 -23.96
CA LEU J 620 62.04 -6.80 -25.06
C LEU J 620 61.80 -8.27 -25.38
N ILE J 621 61.84 -9.11 -24.35
CA ILE J 621 61.66 -10.55 -24.52
C ILE J 621 60.30 -10.86 -25.08
N GLU J 622 59.27 -10.11 -24.66
CA GLU J 622 57.93 -10.38 -25.13
C GLU J 622 57.72 -9.92 -26.56
N ARG J 623 58.21 -8.73 -26.90
CA ARG J 623 58.03 -8.21 -28.25
C ARG J 623 58.78 -9.02 -29.30
N SER J 624 59.93 -9.60 -28.94
CA SER J 624 60.63 -10.44 -29.93
C SER J 624 59.76 -11.63 -30.37
N ASP J 625 59.25 -12.39 -29.40
CA ASP J 625 58.39 -13.52 -29.73
C ASP J 625 57.15 -13.06 -30.47
N ASP J 626 56.53 -11.97 -29.99
CA ASP J 626 55.36 -11.46 -30.70
C ASP J 626 55.66 -11.25 -32.16
N ALA J 627 56.74 -10.53 -32.45
CA ALA J 627 57.06 -10.23 -33.84
C ALA J 627 57.22 -11.49 -34.66
N VAL J 628 58.05 -12.42 -34.17
CA VAL J 628 58.35 -13.60 -34.98
C VAL J 628 57.09 -14.44 -35.21
N SER J 629 56.30 -14.67 -34.16
CA SER J 629 55.12 -15.50 -34.32
C SER J 629 54.10 -14.84 -35.23
N THR J 630 53.86 -13.55 -35.05
CA THR J 630 52.91 -12.85 -35.90
C THR J 630 53.33 -12.91 -37.35
N ARG J 631 54.62 -12.72 -37.62
CA ARG J 631 55.10 -12.76 -38.99
C ARG J 631 54.93 -14.15 -39.60
N GLY J 632 55.27 -15.19 -38.84
CA GLY J 632 55.38 -16.50 -39.42
C GLY J 632 54.12 -17.33 -39.44
N THR J 633 53.19 -17.10 -38.53
CA THR J 633 52.01 -17.95 -38.44
C THR J 633 51.16 -17.82 -39.71
N GLY J 634 50.75 -18.97 -40.25
CA GLY J 634 49.83 -19.00 -41.38
C GLY J 634 50.46 -18.85 -42.74
N ALA J 635 51.77 -19.00 -42.88
CA ALA J 635 52.46 -18.78 -44.15
C ALA J 635 52.98 -20.07 -44.78
N PHE J 636 53.36 -21.06 -43.98
CA PHE J 636 54.10 -22.21 -44.48
C PHE J 636 53.20 -23.38 -44.88
N ASP J 637 51.89 -23.18 -44.90
CA ASP J 637 50.98 -24.14 -45.55
C ASP J 637 51.14 -25.55 -44.97
N ASP J 638 51.33 -25.63 -43.65
CA ASP J 638 51.35 -26.88 -42.91
C ASP J 638 52.59 -27.73 -43.20
N ARG J 639 53.68 -27.13 -43.66
CA ARG J 639 54.91 -27.88 -43.84
C ARG J 639 55.73 -27.92 -42.56
N LEU J 640 55.53 -26.94 -41.67
CA LEU J 640 56.26 -26.81 -40.42
C LEU J 640 55.30 -26.54 -39.28
N ILE J 641 55.74 -26.80 -38.06
CA ILE J 641 55.17 -26.19 -36.87
C ILE J 641 56.30 -25.72 -35.99
N PHE J 642 56.28 -24.45 -35.59
CA PHE J 642 57.38 -23.84 -34.87
C PHE J 642 56.88 -23.06 -33.66
N THR J 643 57.82 -22.72 -32.78
CA THR J 643 57.57 -21.95 -31.56
C THR J 643 58.80 -21.16 -31.17
N PRO J 644 58.70 -19.83 -31.03
CA PRO J 644 59.88 -19.04 -30.61
C PRO J 644 59.95 -18.81 -29.12
N HIS J 645 61.15 -18.59 -28.59
CA HIS J 645 61.34 -18.35 -27.16
C HIS J 645 62.51 -17.37 -27.01
N SER J 646 62.23 -16.18 -26.50
CA SER J 646 63.26 -15.22 -26.15
C SER J 646 63.44 -15.17 -24.65
N GLU J 647 64.65 -14.81 -24.23
CA GLU J 647 64.97 -14.72 -22.81
C GLU J 647 66.31 -14.01 -22.65
N ILE J 648 66.75 -13.89 -21.40
CA ILE J 648 67.98 -13.22 -21.03
C ILE J 648 68.71 -14.16 -20.07
N THR J 649 69.69 -14.89 -20.59
CA THR J 649 70.34 -15.95 -19.85
C THR J 649 71.42 -15.38 -18.93
N GLN J 650 72.19 -16.26 -18.30
CA GLN J 650 73.25 -15.81 -17.40
C GLN J 650 74.34 -15.08 -18.17
N ALA J 651 74.69 -15.57 -19.34
CA ALA J 651 75.67 -14.86 -20.16
C ALA J 651 75.16 -13.47 -20.55
N ASP J 652 73.87 -13.36 -20.83
CA ASP J 652 73.27 -12.06 -21.14
C ASP J 652 73.29 -11.14 -19.93
N LYS J 653 73.02 -11.67 -18.74
CA LYS J 653 73.14 -10.85 -17.54
C LYS J 653 74.57 -10.37 -17.36
N GLU J 654 75.54 -11.25 -17.58
CA GLU J 654 76.94 -10.86 -17.47
C GLU J 654 77.28 -9.74 -18.44
N ARG J 655 76.94 -9.93 -19.72
CA ARG J 655 77.32 -8.95 -20.74
C ARG J 655 76.61 -7.61 -20.53
N GLY J 656 75.29 -7.66 -20.36
CA GLY J 656 74.51 -6.45 -20.13
C GLY J 656 73.97 -5.76 -21.36
N TYR J 657 74.25 -6.27 -22.56
CA TYR J 657 73.77 -5.63 -23.77
C TYR J 657 73.27 -6.65 -24.79
N SER J 658 72.85 -7.84 -24.37
CA SER J 658 72.44 -8.88 -25.29
C SER J 658 71.24 -9.63 -24.74
N TRP J 659 70.48 -10.24 -25.65
CA TRP J 659 69.38 -11.12 -25.29
C TRP J 659 69.28 -12.23 -26.33
N SER J 660 68.76 -13.38 -25.92
CA SER J 660 68.85 -14.60 -26.71
C SER J 660 67.47 -15.03 -27.19
N MET J 661 67.44 -15.67 -28.35
CA MET J 661 66.22 -16.24 -28.90
C MET J 661 66.49 -17.62 -29.47
N ARG J 662 65.46 -18.46 -29.50
CA ARG J 662 65.59 -19.84 -29.94
C ARG J 662 64.26 -20.32 -30.48
N ILE J 663 64.29 -20.97 -31.65
CA ILE J 663 63.07 -21.43 -32.32
C ILE J 663 63.08 -22.95 -32.39
N ASP J 664 61.98 -23.56 -31.98
CA ASP J 664 61.79 -25.01 -32.02
C ASP J 664 60.80 -25.35 -33.13
N PHE J 665 61.23 -26.16 -34.10
CA PHE J 665 60.39 -26.46 -35.24
C PHE J 665 60.36 -27.96 -35.52
N GLY J 666 59.31 -28.40 -36.20
CA GLY J 666 59.14 -29.82 -36.50
C GLY J 666 58.40 -30.01 -37.81
N ALA J 667 58.69 -31.14 -38.47
CA ALA J 667 58.23 -31.44 -39.83
C ALA J 667 58.21 -32.95 -40.04
N ASN J 668 57.62 -33.37 -41.17
CA ASN J 668 57.41 -34.77 -41.52
C ASN J 668 58.20 -35.15 -42.77
N ALA J 669 58.00 -36.39 -43.21
CA ALA J 669 58.62 -36.93 -44.43
C ALA J 669 57.59 -37.73 -45.22
N PHE J 670 58.03 -38.52 -46.20
CA PHE J 670 57.14 -39.22 -47.12
C PHE J 670 57.54 -40.68 -47.29
N ARG J 671 56.59 -41.49 -47.74
CA ARG J 671 56.81 -42.90 -48.03
C ARG J 671 57.00 -43.11 -49.52
N THR J 672 57.84 -44.10 -49.88
CA THR J 672 58.24 -44.28 -51.26
C THR J 672 58.26 -45.72 -51.76
N VAL J 673 58.09 -46.73 -50.91
CA VAL J 673 58.18 -48.13 -51.31
C VAL J 673 56.83 -48.79 -51.09
N MET J 674 56.45 -49.67 -52.01
CA MET J 674 55.18 -50.40 -51.95
C MET J 674 55.42 -51.87 -52.24
N ASP J 675 54.62 -52.73 -51.61
CA ASP J 675 54.62 -54.16 -51.88
C ASP J 675 53.42 -54.55 -52.72
N MET J 676 53.44 -55.79 -53.19
CA MET J 676 52.37 -56.31 -54.03
C MET J 676 52.33 -57.83 -53.89
N SER J 677 51.12 -58.36 -53.81
CA SER J 677 50.93 -59.79 -53.63
C SER J 677 49.52 -60.14 -54.06
N SER J 678 49.26 -61.43 -54.26
CA SER J 678 47.95 -61.87 -54.70
C SER J 678 47.67 -63.27 -54.21
N VAL J 679 46.39 -63.60 -54.14
CA VAL J 679 45.94 -64.93 -53.78
C VAL J 679 44.81 -65.32 -54.71
N ALA J 680 44.80 -66.59 -55.13
CA ALA J 680 43.80 -67.12 -56.04
C ALA J 680 42.76 -67.90 -55.26
N TYR J 681 41.49 -67.53 -55.43
CA TYR J 681 40.38 -68.21 -54.80
C TYR J 681 39.43 -68.72 -55.86
N THR J 682 38.69 -69.77 -55.55
CA THR J 682 37.61 -70.17 -56.42
C THR J 682 36.50 -69.11 -56.37
N ARG J 683 35.72 -69.06 -57.45
CA ARG J 683 34.71 -68.02 -57.56
C ARG J 683 33.74 -68.06 -56.40
N GLU J 684 33.28 -69.26 -56.02
CA GLU J 684 32.26 -69.36 -54.99
C GLU J 684 32.80 -68.92 -53.63
N GLU J 685 33.95 -69.46 -53.22
CA GLU J 685 34.48 -69.13 -51.90
C GLU J 685 35.11 -67.74 -51.86
N LEU J 686 35.28 -67.08 -53.00
CA LEU J 686 35.61 -65.66 -53.01
C LEU J 686 34.39 -64.77 -52.93
N ALA J 687 33.30 -65.15 -53.61
CA ALA J 687 32.10 -64.33 -53.59
C ALA J 687 31.35 -64.45 -52.27
N ASN J 688 31.41 -65.60 -51.61
CA ASN J 688 30.70 -65.80 -50.35
C ASN J 688 31.43 -66.83 -49.51
N GLY J 689 32.06 -66.37 -48.43
CA GLY J 689 32.78 -67.25 -47.53
C GLY J 689 34.27 -67.06 -47.57
N MET K 1 -30.93 59.45 -79.49
CA MET K 1 -29.72 59.53 -80.36
C MET K 1 -28.88 60.76 -80.03
N SER K 2 -29.54 61.89 -79.78
CA SER K 2 -28.85 63.16 -79.60
C SER K 2 -28.71 63.58 -78.14
N GLU K 3 -29.75 63.42 -77.34
CA GLU K 3 -29.78 63.94 -75.99
C GLU K 3 -28.84 63.20 -75.06
N GLN K 4 -28.37 63.90 -74.04
CA GLN K 4 -27.36 63.41 -73.12
C GLN K 4 -27.96 63.15 -71.75
N ILE K 5 -27.13 62.65 -70.84
CA ILE K 5 -27.60 62.25 -69.51
C ILE K 5 -27.66 63.48 -68.62
N THR K 6 -28.84 64.04 -68.45
CA THR K 6 -28.99 65.25 -67.65
C THR K 6 -29.31 64.94 -66.20
N GLY K 7 -30.06 63.87 -65.94
CA GLY K 7 -30.50 63.60 -64.59
C GLY K 7 -30.80 62.13 -64.41
N SER K 8 -31.68 61.85 -63.46
CA SER K 8 -31.98 60.48 -63.08
C SER K 8 -33.28 59.95 -63.65
N THR K 9 -33.90 60.66 -64.59
CA THR K 9 -35.17 60.19 -65.14
C THR K 9 -34.99 58.82 -65.77
N PRO K 10 -35.84 57.83 -65.46
CA PRO K 10 -35.67 56.50 -66.05
C PRO K 10 -35.58 56.56 -67.56
N ARG K 11 -34.58 55.90 -68.13
CA ARG K 11 -34.28 56.10 -69.55
C ARG K 11 -33.14 55.17 -69.92
N ILE K 12 -33.05 54.85 -71.21
CA ILE K 12 -31.92 54.12 -71.76
C ILE K 12 -31.36 54.94 -72.92
N TYR K 13 -30.08 55.28 -72.84
CA TYR K 13 -29.42 56.08 -73.84
C TYR K 13 -28.61 55.19 -74.76
N TYR K 14 -28.70 55.43 -76.06
CA TYR K 14 -28.02 54.64 -77.07
C TYR K 14 -26.85 55.46 -77.60
N ARG K 15 -25.63 54.95 -77.40
CA ARG K 15 -24.47 55.43 -78.12
C ARG K 15 -24.23 54.50 -79.31
N GLY K 16 -24.10 55.08 -80.50
CA GLY K 16 -24.07 54.27 -81.70
C GLY K 16 -22.96 53.26 -81.74
N THR K 17 -22.88 52.51 -82.84
CA THR K 17 -21.77 51.61 -83.05
C THR K 17 -20.51 52.40 -83.34
N LYS K 18 -19.36 51.78 -83.08
CA LYS K 18 -18.09 52.46 -83.18
C LYS K 18 -17.00 51.45 -83.47
N ASP K 19 -15.88 51.94 -83.99
CA ASP K 19 -14.72 51.08 -84.23
C ASP K 19 -13.79 51.11 -83.03
N SER K 20 -13.00 50.05 -82.89
CA SER K 20 -12.21 49.85 -81.69
C SER K 20 -11.31 51.04 -81.43
N SER K 21 -11.16 51.39 -80.15
CA SER K 21 -10.29 52.48 -79.72
C SER K 21 -9.10 51.93 -78.95
N VAL K 22 -7.93 52.54 -79.16
CA VAL K 22 -6.74 52.12 -78.44
C VAL K 22 -6.96 52.33 -76.94
N THR K 23 -6.61 51.32 -76.16
CA THR K 23 -6.77 51.35 -74.71
C THR K 23 -5.40 51.55 -74.08
N ARG K 24 -5.22 52.65 -73.36
CA ARG K 24 -3.95 52.90 -72.71
C ARG K 24 -3.68 51.84 -71.66
N SER K 25 -2.43 51.36 -71.62
CA SER K 25 -2.06 50.23 -70.79
C SER K 25 -1.58 50.72 -69.42
N THR K 26 -2.03 50.04 -68.37
CA THR K 26 -1.61 50.35 -67.02
C THR K 26 -0.24 49.76 -66.73
N GLY K 27 0.58 50.52 -66.02
CA GLY K 27 1.94 50.13 -65.71
C GLY K 27 2.06 49.59 -64.30
N SER K 28 3.22 49.02 -64.00
CA SER K 28 3.48 48.37 -62.73
C SER K 28 4.64 49.05 -62.01
N THR K 29 4.75 48.76 -60.72
CA THR K 29 5.78 49.38 -59.89
C THR K 29 7.16 49.02 -60.41
N THR K 30 8.10 49.96 -60.29
CA THR K 30 9.44 49.76 -60.80
C THR K 30 10.29 48.97 -59.81
N THR K 31 11.36 48.37 -60.34
CA THR K 31 12.25 47.53 -59.56
C THR K 31 13.66 47.71 -60.14
N LEU K 32 14.64 47.06 -59.51
CA LEU K 32 16.01 47.07 -60.03
C LEU K 32 16.44 45.67 -60.46
N PRO K 33 16.47 45.38 -61.75
CA PRO K 33 17.08 44.12 -62.20
C PRO K 33 18.61 44.19 -62.12
N LEU K 34 19.25 43.11 -62.59
CA LEU K 34 20.69 43.08 -62.62
C LEU K 34 21.26 43.79 -63.85
N HIS K 35 20.43 44.05 -64.87
CA HIS K 35 20.85 44.71 -66.09
C HIS K 35 19.95 45.91 -66.30
N ARG K 36 20.53 47.10 -66.26
CA ARG K 36 19.79 48.36 -66.24
C ARG K 36 20.44 49.32 -67.22
N PRO K 37 20.02 49.32 -68.48
CA PRO K 37 20.71 50.11 -69.49
C PRO K 37 20.15 51.52 -69.65
N LEU K 38 20.99 52.40 -70.18
CA LEU K 38 20.64 53.78 -70.50
C LEU K 38 20.60 53.94 -72.02
N ILE K 39 19.48 54.44 -72.53
CA ILE K 39 19.25 54.56 -73.96
C ILE K 39 18.88 56.00 -74.30
N MET K 40 19.64 56.60 -75.21
CA MET K 40 19.42 57.96 -75.69
C MET K 40 18.76 57.91 -77.06
N PHE K 41 17.79 58.78 -77.30
CA PHE K 41 17.04 58.70 -78.56
C PHE K 41 16.34 60.01 -78.86
N PHE K 42 15.93 60.16 -80.11
CA PHE K 42 15.01 61.23 -80.52
C PHE K 42 13.59 60.74 -80.35
N GLY K 43 12.69 61.66 -80.02
CA GLY K 43 11.33 61.28 -79.70
C GLY K 43 10.31 62.26 -80.27
N GLN K 44 9.05 61.95 -80.01
CA GLN K 44 7.95 62.80 -80.45
C GLN K 44 7.48 63.73 -79.34
N LYS K 45 7.44 63.22 -78.10
CA LYS K 45 7.00 64.01 -76.96
C LYS K 45 7.62 63.39 -75.71
N GLY K 46 7.18 63.85 -74.55
CA GLY K 46 7.66 63.35 -73.29
C GLY K 46 8.75 64.22 -72.69
N PRO K 47 9.15 63.91 -71.46
CA PRO K 47 10.17 64.72 -70.80
C PRO K 47 11.52 64.62 -71.52
N THR K 48 12.43 65.51 -71.11
CA THR K 48 13.77 65.58 -71.68
C THR K 48 14.84 65.37 -70.62
N VAL K 49 14.57 64.55 -69.62
CA VAL K 49 15.53 64.21 -68.59
C VAL K 49 15.53 62.70 -68.40
N PRO K 50 16.62 62.12 -67.91
CA PRO K 50 16.67 60.67 -67.75
C PRO K 50 15.51 60.19 -66.88
N THR K 51 14.84 59.14 -67.35
CA THR K 51 13.62 58.67 -66.70
C THR K 51 13.66 57.15 -66.60
N TRP K 52 13.36 56.64 -65.40
CA TRP K 52 13.26 55.20 -65.19
C TRP K 52 11.90 54.73 -65.65
N ILE K 53 11.87 53.85 -66.63
CA ILE K 53 10.63 53.54 -67.34
C ILE K 53 10.41 52.04 -67.44
N ASP K 54 9.14 51.66 -67.29
CA ASP K 54 8.62 50.35 -67.61
C ASP K 54 8.33 50.29 -69.11
N PRO K 55 8.81 49.28 -69.85
CA PRO K 55 8.60 49.31 -71.31
C PRO K 55 7.14 49.38 -71.73
N VAL K 56 6.23 48.98 -70.84
CA VAL K 56 4.83 49.01 -71.19
C VAL K 56 4.38 50.43 -71.49
N LYS K 57 4.95 51.43 -70.82
CA LYS K 57 4.50 52.81 -70.93
C LYS K 57 5.33 53.65 -71.87
N PHE K 58 6.30 53.05 -72.57
CA PHE K 58 7.12 53.84 -73.49
C PHE K 58 6.29 54.45 -74.60
N GLU K 59 5.39 53.65 -75.19
CA GLU K 59 4.61 54.11 -76.33
C GLU K 59 3.78 55.34 -76.00
N ASP K 60 3.20 55.40 -74.81
CA ASP K 60 2.33 56.50 -74.44
C ASP K 60 3.00 57.54 -73.56
N ILE K 61 4.28 57.37 -73.23
CA ILE K 61 5.04 58.47 -72.65
C ILE K 61 5.75 59.27 -73.73
N TYR K 62 6.32 58.59 -74.73
CA TYR K 62 7.13 59.25 -75.75
C TYR K 62 6.49 59.19 -77.13
N GLY K 63 5.18 59.01 -77.21
CA GLY K 63 4.52 58.89 -78.50
C GLY K 63 4.85 57.57 -79.16
N SER K 64 3.93 57.06 -79.99
CA SER K 64 4.12 55.77 -80.63
C SER K 64 4.85 55.86 -81.96
N GLU K 65 5.21 57.07 -82.40
CA GLU K 65 5.95 57.23 -83.65
C GLU K 65 7.46 57.13 -83.46
N THR K 66 7.94 57.08 -82.21
CA THR K 66 9.38 57.07 -81.99
C THR K 66 9.97 55.68 -82.19
N THR K 67 9.16 54.63 -82.12
CA THR K 67 9.62 53.27 -82.34
C THR K 67 9.38 52.79 -83.76
N ASN K 68 8.94 53.66 -84.66
CA ASN K 68 8.68 53.28 -86.04
C ASN K 68 9.97 53.41 -86.84
N LEU K 69 10.40 52.30 -87.44
CA LEU K 69 11.66 52.29 -88.18
C LEU K 69 11.60 53.11 -89.45
N SER K 70 10.40 53.31 -90.01
CA SER K 70 10.23 54.08 -91.23
C SER K 70 9.86 55.52 -90.97
N GLY K 71 9.81 55.95 -89.71
CA GLY K 71 9.46 57.31 -89.37
C GLY K 71 10.63 58.25 -89.48
N VAL K 72 10.40 59.49 -89.04
CA VAL K 72 11.44 60.51 -89.08
C VAL K 72 12.36 60.45 -87.87
N TYR K 73 12.01 59.69 -86.84
CA TYR K 73 12.79 59.61 -85.62
C TYR K 73 13.77 58.45 -85.59
N CYS K 74 13.84 57.66 -86.67
CA CYS K 74 14.71 56.49 -86.67
C CYS K 74 16.17 56.92 -86.64
N THR K 75 16.88 56.50 -85.59
CA THR K 75 18.32 56.66 -85.47
C THR K 75 18.89 55.27 -85.19
N HIS K 76 20.20 55.20 -84.96
CA HIS K 76 20.81 53.88 -84.81
C HIS K 76 20.64 53.30 -83.41
N SER K 77 19.69 53.79 -82.62
CA SER K 77 19.34 53.20 -81.34
C SER K 77 17.88 52.74 -81.26
N THR K 78 17.07 53.03 -82.27
CA THR K 78 15.71 52.52 -82.29
C THR K 78 15.66 51.00 -82.23
N PRO K 79 16.52 50.26 -82.93
CA PRO K 79 16.53 48.80 -82.72
C PRO K 79 16.78 48.41 -81.27
N PHE K 80 17.66 49.13 -80.57
CA PHE K 80 17.90 48.85 -79.17
C PHE K 80 16.63 49.08 -78.34
N ILE K 81 15.93 50.18 -78.62
CA ILE K 81 14.69 50.44 -77.91
C ILE K 81 13.69 49.33 -78.15
N LYS K 82 13.56 48.88 -79.40
CA LYS K 82 12.59 47.85 -79.74
C LYS K 82 12.95 46.52 -79.06
N GLU K 83 14.23 46.17 -79.04
CA GLU K 83 14.65 44.94 -78.37
C GLU K 83 14.36 45.01 -76.87
N ALA K 84 14.66 46.16 -76.25
CA ALA K 84 14.37 46.30 -74.83
C ALA K 84 12.89 46.16 -74.55
N ILE K 85 12.05 46.77 -75.40
CA ILE K 85 10.61 46.65 -75.20
C ILE K 85 10.15 45.21 -75.37
N ALA K 86 10.68 44.52 -76.37
CA ALA K 86 10.28 43.13 -76.58
C ALA K 86 10.67 42.26 -75.40
N ALA K 87 11.88 42.44 -74.87
CA ALA K 87 12.34 41.60 -73.77
C ALA K 87 11.63 41.94 -72.46
N GLY K 88 11.42 43.22 -72.18
CA GLY K 88 10.81 43.63 -70.94
C GLY K 88 11.81 44.10 -69.90
N ASN K 89 12.74 44.96 -70.29
CA ASN K 89 13.69 45.58 -69.36
C ASN K 89 13.16 46.95 -68.95
N GLN K 90 13.01 47.16 -67.65
CA GLN K 90 12.86 48.51 -67.14
C GLN K 90 14.18 49.23 -67.29
N PHE K 91 14.19 50.35 -68.03
CA PHE K 91 15.47 50.96 -68.39
C PHE K 91 15.39 52.48 -68.27
N MET K 92 16.52 53.13 -68.48
CA MET K 92 16.65 54.57 -68.31
C MET K 92 16.61 55.24 -69.68
N ALA K 93 15.51 55.95 -69.95
CA ALA K 93 15.31 56.62 -71.22
C ALA K 93 15.79 58.07 -71.14
N LEU K 94 16.46 58.52 -72.18
CA LEU K 94 16.92 59.90 -72.28
C LEU K 94 16.60 60.42 -73.69
N ARG K 95 15.67 61.37 -73.76
CA ARG K 95 15.24 61.94 -75.03
C ARG K 95 16.06 63.19 -75.32
N LEU K 96 16.82 63.17 -76.41
CA LEU K 96 17.61 64.30 -76.84
C LEU K 96 16.79 65.18 -77.78
N GLU K 97 17.28 66.41 -77.97
CA GLU K 97 16.70 67.35 -78.90
C GLU K 97 17.81 68.00 -79.72
N PRO K 98 17.58 68.23 -81.01
CA PRO K 98 18.60 68.90 -81.82
C PRO K 98 18.75 70.35 -81.42
N SER K 99 19.94 70.89 -81.69
CA SER K 99 20.29 72.23 -81.22
C SER K 99 19.47 73.34 -81.86
N ASP K 100 18.71 73.04 -82.92
CA ASP K 100 17.93 74.05 -83.62
C ASP K 100 16.43 73.79 -83.53
N ILE K 101 15.98 73.09 -82.50
CA ILE K 101 14.55 72.77 -82.39
C ILE K 101 13.76 74.06 -82.20
N PRO K 102 12.69 74.30 -82.97
CA PRO K 102 11.92 75.53 -82.79
C PRO K 102 11.05 75.51 -81.54
N ASP K 103 10.27 76.56 -81.32
CA ASP K 103 9.45 76.67 -80.13
C ASP K 103 8.12 75.95 -80.36
N VAL K 104 7.21 76.06 -79.40
CA VAL K 104 5.95 75.32 -79.45
C VAL K 104 4.99 76.00 -80.41
N ALA K 105 3.90 75.32 -80.76
CA ALA K 105 2.87 75.90 -81.61
C ALA K 105 1.85 76.63 -80.76
N THR K 106 1.29 77.72 -81.31
CA THR K 106 0.37 78.58 -80.58
C THR K 106 -0.80 78.96 -81.48
N LEU K 107 -1.90 79.36 -80.83
CA LEU K 107 -3.09 79.80 -81.54
C LEU K 107 -3.86 80.75 -80.62
N GLY K 108 -4.05 81.99 -81.04
CA GLY K 108 -4.80 82.98 -80.29
C GLY K 108 -6.13 83.27 -80.96
N LEU K 109 -7.14 83.55 -80.14
CA LEU K 109 -8.49 83.85 -80.59
C LEU K 109 -8.80 85.30 -80.27
N SER K 110 -9.50 85.97 -81.19
CA SER K 110 -9.83 87.38 -81.03
C SER K 110 -11.15 87.66 -81.75
N VAL K 111 -11.72 88.82 -81.47
CA VAL K 111 -12.94 89.26 -82.12
C VAL K 111 -12.73 90.67 -82.67
N ASP K 112 -13.08 90.85 -83.95
CA ASP K 112 -13.28 92.16 -84.54
C ASP K 112 -14.65 92.66 -84.14
N TRP K 113 -14.68 93.79 -83.44
CA TRP K 113 -15.84 94.27 -82.71
C TRP K 113 -16.15 95.69 -83.17
N VAL K 114 -17.42 95.95 -83.49
CA VAL K 114 -17.86 97.31 -83.81
C VAL K 114 -19.36 97.42 -83.56
N LYS K 115 -19.84 98.66 -83.46
CA LYS K 115 -21.27 98.95 -83.30
C LYS K 115 -21.75 99.77 -84.49
N THR K 116 -23.00 99.52 -84.92
CA THR K 116 -23.56 100.27 -86.03
C THR K 116 -25.03 99.89 -86.17
N LYS K 117 -25.68 100.47 -87.17
CA LYS K 117 -27.05 100.09 -87.47
C LYS K 117 -27.08 98.95 -88.47
N ILE K 118 -28.00 98.00 -88.27
CA ILE K 118 -28.13 96.83 -89.12
C ILE K 118 -29.61 96.61 -89.41
N ASP K 119 -29.88 95.55 -90.17
CA ASP K 119 -31.25 95.22 -90.54
C ASP K 119 -31.91 94.37 -89.45
N ASP K 120 -33.22 94.23 -89.57
CA ASP K 120 -33.99 93.33 -88.73
C ASP K 120 -34.89 92.49 -89.62
N TYR K 121 -35.27 91.31 -89.12
CA TYR K 121 -35.93 90.31 -89.94
C TYR K 121 -37.30 89.98 -89.38
N GLU K 122 -38.06 89.22 -90.16
CA GLU K 122 -39.42 88.87 -89.80
C GLU K 122 -39.43 87.84 -88.67
N ARG K 123 -40.62 87.62 -88.12
CA ARG K 123 -40.85 86.61 -87.10
C ARG K 123 -42.18 85.93 -87.35
N ASN K 124 -42.21 84.60 -87.28
CA ASN K 124 -43.48 83.90 -87.39
C ASN K 124 -44.33 84.11 -86.14
N ASP K 125 -43.73 83.92 -84.97
CA ASP K 125 -44.44 84.04 -83.70
C ASP K 125 -43.43 84.46 -82.65
N ASP K 126 -43.78 84.27 -81.37
CA ASP K 126 -42.84 84.54 -80.29
C ASP K 126 -41.59 83.67 -80.39
N GLY K 127 -41.63 82.58 -81.16
CA GLY K 127 -40.46 81.75 -81.35
C GLY K 127 -39.34 82.40 -82.13
N THR K 128 -39.64 83.48 -82.86
CA THR K 128 -38.63 84.22 -83.59
C THR K 128 -37.89 83.34 -84.58
N TYR K 129 -38.65 82.55 -85.35
CA TYR K 129 -38.04 81.57 -86.23
C TYR K 129 -37.43 82.23 -87.47
N LYS K 130 -38.10 83.21 -88.04
CA LYS K 130 -37.69 83.76 -89.31
C LYS K 130 -36.35 84.49 -89.20
N LEU K 131 -35.51 84.30 -90.22
CA LEU K 131 -34.28 85.06 -90.39
C LEU K 131 -33.87 85.05 -91.85
N ASP K 132 -33.00 85.99 -92.21
CA ASP K 132 -32.32 86.01 -93.50
C ASP K 132 -33.31 85.83 -94.66
N THR K 133 -34.44 86.53 -94.58
CA THR K 133 -35.46 86.48 -95.63
C THR K 133 -35.92 85.04 -95.89
N ASN K 134 -36.00 84.23 -94.85
CA ASN K 134 -36.55 82.90 -95.01
C ASN K 134 -37.99 82.99 -95.52
N GLY K 135 -38.40 81.96 -96.25
CA GLY K 135 -39.67 82.05 -96.95
C GLY K 135 -39.54 83.00 -98.11
N ASP K 136 -40.32 84.08 -98.08
CA ASP K 136 -40.33 85.06 -99.16
C ASP K 136 -40.34 86.51 -98.68
N LYS K 137 -39.97 86.76 -97.43
CA LYS K 137 -40.16 88.08 -96.82
C LYS K 137 -38.85 88.87 -96.74
N ILE K 138 -38.89 90.09 -97.23
CA ILE K 138 -37.82 91.08 -97.14
C ILE K 138 -37.64 91.43 -95.66
N PRO K 139 -36.44 91.76 -95.19
CA PRO K 139 -36.31 92.19 -93.79
C PRO K 139 -37.19 93.39 -93.49
N LEU K 140 -37.74 93.40 -92.28
CA LEU K 140 -38.86 94.29 -91.94
C LEU K 140 -38.39 95.68 -91.52
N ALA K 141 -37.61 95.76 -90.45
CA ALA K 141 -37.20 97.07 -89.95
C ALA K 141 -36.14 97.69 -90.85
N THR K 142 -36.26 99.00 -91.05
CA THR K 142 -35.32 99.71 -91.90
C THR K 142 -33.91 99.65 -91.34
N GLN K 143 -33.75 100.00 -90.05
CA GLN K 143 -32.46 99.97 -89.41
C GLN K 143 -32.66 99.79 -87.91
N ILE K 144 -31.95 98.82 -87.35
CA ILE K 144 -31.95 98.56 -85.91
C ILE K 144 -30.54 98.73 -85.40
N ASP K 145 -30.39 99.52 -84.34
CA ASP K 145 -29.07 99.79 -83.79
C ASP K 145 -28.54 98.56 -83.06
N GLY K 146 -27.47 97.97 -83.58
CA GLY K 146 -26.90 96.78 -83.00
C GLY K 146 -25.39 96.72 -83.16
N ILE K 147 -24.85 95.50 -83.13
CA ILE K 147 -23.41 95.27 -83.04
C ILE K 147 -23.00 94.28 -84.12
N LYS K 148 -21.72 94.34 -84.52
CA LYS K 148 -21.15 93.46 -85.52
C LYS K 148 -19.87 92.82 -85.00
N PHE K 149 -19.77 91.50 -85.17
CA PHE K 149 -18.65 90.67 -84.77
C PHE K 149 -18.04 89.97 -85.96
N ARG K 150 -16.73 89.70 -85.86
CA ARG K 150 -16.01 88.88 -86.85
C ARG K 150 -14.87 88.17 -86.13
N PHE K 151 -15.00 86.87 -85.94
CA PHE K 151 -14.04 86.13 -85.13
C PHE K 151 -12.77 85.83 -85.92
N VAL K 152 -11.65 85.74 -85.20
CA VAL K 152 -10.34 85.56 -85.81
C VAL K 152 -9.55 84.54 -84.99
N LEU K 153 -8.91 83.60 -85.68
CA LEU K 153 -8.02 82.62 -85.08
C LEU K 153 -6.70 82.68 -85.83
N GLU K 154 -5.60 82.96 -85.11
CA GLU K 154 -4.33 83.12 -85.81
C GLU K 154 -3.17 82.89 -84.86
N LYS K 155 -1.99 82.70 -85.46
CA LYS K 155 -0.78 82.47 -84.68
C LYS K 155 -0.51 83.64 -83.74
N ILE K 156 -0.02 83.34 -82.54
CA ILE K 156 0.37 84.37 -81.60
C ILE K 156 1.77 84.84 -81.97
N GLU K 157 1.90 86.10 -82.33
CA GLU K 157 3.19 86.63 -82.78
C GLU K 157 4.14 86.82 -81.61
N THR K 158 5.43 86.81 -81.93
CA THR K 158 6.49 86.89 -80.92
C THR K 158 7.09 88.29 -80.88
N ASN K 159 7.79 88.56 -79.78
CA ASN K 159 8.45 89.84 -79.60
C ASN K 159 9.68 89.95 -80.50
N GLU K 160 10.12 91.19 -80.74
CA GLU K 160 11.25 91.42 -81.62
C GLU K 160 12.55 90.86 -81.05
N SER K 161 12.61 90.61 -79.74
CA SER K 161 13.80 90.06 -79.12
C SER K 161 13.83 88.53 -79.14
N GLY K 162 12.73 87.87 -79.48
CA GLY K 162 12.67 86.43 -79.51
C GLY K 162 12.04 85.80 -78.29
N VAL K 163 10.93 86.38 -77.83
CA VAL K 163 10.16 85.83 -76.72
C VAL K 163 8.68 85.91 -77.08
N SER K 164 7.96 84.84 -76.78
CA SER K 164 6.55 84.77 -77.15
C SER K 164 5.71 85.69 -76.28
N GLN K 165 4.62 86.19 -76.86
CA GLN K 165 3.67 87.05 -76.17
C GLN K 165 2.47 86.27 -75.64
N TYR K 166 2.70 85.06 -75.16
CA TYR K 166 1.62 84.14 -74.81
C TYR K 166 0.59 84.81 -73.92
N LYS K 167 1.04 85.53 -72.89
CA LYS K 167 0.15 86.14 -71.91
C LYS K 167 0.18 87.66 -71.95
N LYS K 168 0.62 88.27 -73.05
CA LYS K 168 0.86 89.70 -73.10
C LYS K 168 0.38 90.31 -74.41
N ARG K 169 -0.79 89.89 -74.90
CA ARG K 169 -1.36 90.50 -76.09
C ARG K 169 -2.19 91.72 -75.69
N THR K 170 -2.43 92.60 -76.67
CA THR K 170 -3.13 93.85 -76.44
C THR K 170 -4.02 94.17 -77.64
N ALA K 171 -5.03 95.01 -77.39
CA ALA K 171 -6.00 95.34 -78.43
C ALA K 171 -5.35 96.18 -79.52
N LYS K 172 -6.03 96.24 -80.68
CA LYS K 172 -5.54 96.96 -81.84
C LYS K 172 -6.71 97.44 -82.66
N ALA K 173 -6.41 98.31 -83.63
CA ALA K 173 -7.44 98.80 -84.53
C ALA K 173 -7.95 97.68 -85.42
N GLY K 174 -9.28 97.65 -85.61
CA GLY K 174 -9.91 96.59 -86.36
C GLY K 174 -9.88 96.82 -87.86
N THR K 175 -10.61 95.95 -88.57
CA THR K 175 -10.71 96.04 -90.01
C THR K 175 -12.15 96.08 -90.52
N ILE K 176 -13.10 95.44 -89.85
CA ILE K 176 -14.49 95.58 -90.23
C ILE K 176 -15.02 96.92 -89.75
N GLY K 177 -15.83 97.56 -90.58
CA GLY K 177 -16.36 98.86 -90.21
C GLY K 177 -15.30 99.91 -90.00
N THR K 178 -14.29 99.97 -90.87
CA THR K 178 -13.28 101.02 -90.78
C THR K 178 -13.85 102.40 -91.07
N GLU K 179 -15.06 102.49 -91.59
CA GLU K 179 -15.73 103.78 -91.69
C GLU K 179 -15.85 104.44 -90.32
N ALA K 180 -15.89 103.65 -89.26
CA ALA K 180 -15.86 104.15 -87.89
C ALA K 180 -14.61 103.59 -87.22
N THR K 181 -13.78 104.47 -86.67
CA THR K 181 -12.54 104.04 -86.04
C THR K 181 -12.73 102.99 -84.95
N PRO K 182 -13.75 103.06 -84.08
CA PRO K 182 -13.81 102.14 -82.93
C PRO K 182 -13.76 100.67 -83.27
N SER K 183 -13.81 100.31 -84.55
CA SER K 183 -13.63 98.91 -84.93
C SER K 183 -12.31 98.40 -84.38
N THR K 184 -12.38 97.38 -83.52
CA THR K 184 -11.17 96.94 -82.80
C THR K 184 -11.07 95.43 -82.74
N ILE K 185 -9.82 94.94 -82.84
CA ILE K 185 -9.52 93.56 -82.51
C ILE K 185 -9.26 93.46 -81.02
N THR K 186 -10.02 92.60 -80.33
CA THR K 186 -9.77 92.36 -78.92
C THR K 186 -9.60 90.86 -78.67
N PRO K 187 -8.60 90.46 -77.90
CA PRO K 187 -8.34 89.03 -77.70
C PRO K 187 -9.26 88.40 -76.67
N LEU K 188 -9.40 87.07 -76.79
CA LEU K 188 -10.27 86.29 -75.90
C LEU K 188 -9.57 85.12 -75.25
N ALA K 189 -8.64 84.45 -75.94
CA ALA K 189 -7.99 83.28 -75.37
C ALA K 189 -6.72 82.97 -76.14
N ASP K 190 -5.84 82.19 -75.50
CA ASP K 190 -4.63 81.68 -76.10
C ASP K 190 -4.54 80.18 -75.84
N PHE K 191 -4.02 79.45 -76.82
CA PHE K 191 -3.79 78.01 -76.72
C PHE K 191 -2.38 77.71 -77.17
N ARG K 192 -1.76 76.70 -76.56
CA ARG K 192 -0.36 76.41 -76.79
C ARG K 192 -0.13 74.91 -76.68
N CYS K 193 0.79 74.39 -77.49
CA CYS K 193 1.14 72.98 -77.43
C CYS K 193 1.99 72.70 -76.19
N ARG K 194 1.86 71.47 -75.69
CA ARG K 194 2.58 71.06 -74.48
C ARG K 194 4.02 70.65 -74.77
N PHE K 195 4.33 70.22 -75.98
CA PHE K 195 5.65 69.71 -76.32
C PHE K 195 6.21 70.51 -77.50
N LYS K 196 7.44 70.17 -77.88
CA LYS K 196 8.10 70.77 -79.03
C LYS K 196 8.24 69.69 -80.11
N SER K 197 7.32 69.70 -81.08
CA SER K 197 7.34 68.67 -82.11
C SER K 197 6.26 69.00 -83.14
N SER K 198 6.22 68.19 -84.19
CA SER K 198 5.17 68.30 -85.21
C SER K 198 3.81 67.95 -84.66
N LEU K 199 3.74 67.32 -83.49
CA LEU K 199 2.46 67.02 -82.88
C LEU K 199 1.65 68.29 -82.64
N GLY K 200 2.33 69.38 -82.25
CA GLY K 200 1.63 70.63 -82.04
C GLY K 200 1.06 71.19 -83.33
N ALA K 201 1.84 71.15 -84.40
CA ALA K 201 1.35 71.62 -85.69
C ALA K 201 0.21 70.77 -86.22
N ASN K 202 0.16 69.48 -85.86
CA ASN K 202 -0.94 68.62 -86.30
C ASN K 202 -2.12 68.56 -85.33
N THR K 203 -2.01 69.15 -84.14
CA THR K 203 -3.13 69.17 -83.22
C THR K 203 -4.14 70.23 -83.63
N ALA K 204 -5.42 69.97 -83.37
CA ALA K 204 -6.50 70.87 -83.74
C ALA K 204 -7.58 70.85 -82.67
N LEU K 205 -8.37 71.93 -82.62
CA LEU K 205 -9.39 72.09 -81.60
C LEU K 205 -10.66 72.65 -82.22
N ARG K 206 -11.79 72.34 -81.59
CA ARG K 206 -13.10 72.84 -81.99
C ARG K 206 -13.83 73.41 -80.78
N ILE K 207 -14.55 74.50 -81.01
CA ILE K 207 -15.40 75.13 -80.00
C ILE K 207 -16.72 75.48 -80.66
N TRP K 208 -17.84 75.19 -79.98
CA TRP K 208 -19.12 75.60 -80.52
C TRP K 208 -20.14 75.71 -79.40
N ALA K 209 -21.30 76.28 -79.74
CA ALA K 209 -22.36 76.52 -78.76
C ALA K 209 -23.62 75.77 -79.20
N PRO K 210 -23.97 74.65 -78.57
CA PRO K 210 -25.13 73.90 -79.01
C PRO K 210 -26.44 74.44 -78.44
N THR K 211 -27.53 74.10 -79.11
CA THR K 211 -28.88 74.46 -78.68
C THR K 211 -29.71 73.19 -78.52
N ILE K 212 -31.00 73.37 -78.26
CA ILE K 212 -31.87 72.22 -78.02
C ILE K 212 -31.92 71.30 -79.22
N ASN K 213 -31.68 71.84 -80.41
CA ASN K 213 -31.79 71.08 -81.65
C ASN K 213 -30.44 70.59 -82.17
N SER K 214 -29.37 70.74 -81.39
CA SER K 214 -28.06 70.29 -81.84
C SER K 214 -27.97 68.78 -81.82
N ALA K 215 -26.89 68.26 -82.42
CA ALA K 215 -26.62 66.83 -82.35
C ALA K 215 -26.34 66.36 -80.93
N GLN K 216 -25.63 67.17 -80.14
CA GLN K 216 -25.49 66.95 -78.70
C GLN K 216 -26.41 67.96 -78.02
N ALA K 217 -27.67 67.58 -77.84
CA ALA K 217 -28.68 68.51 -77.37
C ALA K 217 -28.29 69.07 -76.00
N ALA K 218 -28.44 70.38 -75.85
CA ALA K 218 -28.19 71.03 -74.57
C ALA K 218 -29.46 71.02 -73.72
N ASP K 219 -29.32 71.45 -72.47
CA ASP K 219 -30.43 71.50 -71.53
C ASP K 219 -30.49 72.88 -70.88
N ALA K 220 -31.71 73.39 -70.73
CA ALA K 220 -31.89 74.71 -70.14
C ALA K 220 -31.91 74.66 -68.62
N ASP K 221 -32.25 73.52 -68.03
CA ASP K 221 -32.36 73.44 -66.58
C ASP K 221 -31.01 73.70 -65.91
N LEU K 222 -29.95 73.06 -66.40
CA LEU K 222 -28.64 73.26 -65.78
C LEU K 222 -28.17 74.69 -65.96
N GLN K 223 -28.42 75.28 -67.13
CA GLN K 223 -28.00 76.67 -67.35
C GLN K 223 -28.75 77.62 -66.43
N ALA K 224 -30.04 77.38 -66.22
CA ALA K 224 -30.77 78.19 -65.24
C ALA K 224 -30.24 77.97 -63.83
N ARG K 225 -29.93 76.72 -63.48
CA ARG K 225 -29.44 76.42 -62.14
C ARG K 225 -28.13 77.15 -61.86
N ILE K 226 -27.20 77.12 -62.81
CA ILE K 226 -25.98 77.93 -62.75
C ILE K 226 -25.95 78.76 -64.02
N LYS K 227 -26.01 80.08 -63.87
CA LYS K 227 -26.29 80.96 -64.99
C LYS K 227 -24.99 81.22 -65.74
N SER K 228 -24.77 80.43 -66.78
CA SER K 228 -23.62 80.58 -67.66
C SER K 228 -23.85 79.70 -68.87
N PHE K 229 -23.70 80.27 -70.06
CA PHE K 229 -23.87 79.47 -71.27
C PHE K 229 -22.75 78.44 -71.36
N LEU K 230 -23.12 77.24 -71.79
CA LEU K 230 -22.19 76.11 -71.85
C LEU K 230 -21.81 75.87 -73.31
N TYR K 231 -20.51 75.82 -73.56
CA TYR K 231 -19.97 75.56 -74.89
C TYR K 231 -19.31 74.19 -74.92
N ARG K 232 -19.42 73.53 -76.08
CA ARG K 232 -18.75 72.26 -76.30
C ARG K 232 -17.35 72.50 -76.85
N PHE K 233 -16.39 71.74 -76.31
CA PHE K 233 -14.97 71.84 -76.65
C PHE K 233 -14.47 70.46 -77.04
N GLN K 234 -13.64 70.40 -78.07
CA GLN K 234 -13.16 69.13 -78.61
C GLN K 234 -11.73 69.27 -79.07
N ILE K 235 -10.97 68.17 -78.95
CA ILE K 235 -9.58 68.09 -79.38
C ILE K 235 -9.44 66.95 -80.37
N LEU K 236 -8.75 67.21 -81.49
CA LEU K 236 -8.50 66.21 -82.51
C LEU K 236 -7.04 66.27 -82.93
N THR K 237 -6.55 65.18 -83.50
CA THR K 237 -5.16 65.08 -83.94
C THR K 237 -5.08 64.21 -85.17
N ARG K 238 -4.24 64.61 -86.13
CA ARG K 238 -4.08 63.87 -87.37
C ARG K 238 -2.70 63.24 -87.44
N ALA K 239 -2.59 62.21 -88.28
CA ALA K 239 -1.32 61.51 -88.43
C ALA K 239 -0.29 62.36 -89.18
N ASP K 240 -0.62 62.75 -90.40
CA ASP K 240 0.26 63.58 -91.21
C ASP K 240 -0.59 64.61 -91.94
N LYS K 241 0.09 65.56 -92.58
CA LYS K 241 -0.62 66.68 -93.17
C LYS K 241 -1.66 66.22 -94.19
N ALA K 242 -1.47 65.07 -94.80
CA ALA K 242 -2.40 64.58 -95.81
C ALA K 242 -3.50 63.70 -95.25
N SER K 243 -3.47 63.38 -93.96
CA SER K 243 -4.44 62.46 -93.37
C SER K 243 -5.62 63.25 -92.80
N SER K 244 -6.47 62.57 -92.04
CA SER K 244 -7.66 63.15 -91.44
C SER K 244 -7.61 63.00 -89.92
N PRO K 245 -8.27 63.88 -89.18
CA PRO K 245 -8.11 63.89 -87.72
C PRO K 245 -8.86 62.75 -87.04
N THR K 246 -8.47 62.49 -85.80
CA THR K 246 -9.12 61.54 -84.91
C THR K 246 -9.30 62.22 -83.56
N ILE K 247 -10.41 61.88 -82.89
CA ILE K 247 -10.75 62.60 -81.66
C ILE K 247 -9.89 62.09 -80.51
N PHE K 248 -9.35 63.02 -79.73
CA PHE K 248 -8.56 62.71 -78.54
C PHE K 248 -9.52 62.77 -77.35
N GLU K 249 -9.88 61.60 -76.83
CA GLU K 249 -10.90 61.52 -75.79
C GLU K 249 -10.32 61.82 -74.41
N THR K 250 -11.19 62.25 -73.51
CA THR K 250 -10.77 62.50 -72.15
C THR K 250 -10.38 61.18 -71.49
N ILE K 251 -9.84 61.29 -70.27
CA ILE K 251 -9.45 60.09 -69.54
C ILE K 251 -10.65 59.27 -69.10
N TYR K 252 -11.86 59.80 -69.26
CA TYR K 252 -13.08 59.06 -68.98
C TYR K 252 -13.74 58.53 -70.25
N ASN K 253 -13.07 58.62 -71.39
CA ASN K 253 -13.59 58.09 -72.66
C ASN K 253 -14.83 58.85 -73.11
N GLU K 254 -14.72 60.18 -73.17
CA GLU K 254 -15.74 61.03 -73.74
C GLU K 254 -15.17 61.78 -74.94
N PRO K 255 -15.99 62.13 -75.92
CA PRO K 255 -15.46 62.81 -77.11
C PRO K 255 -15.32 64.31 -76.97
N SER K 256 -16.08 64.93 -76.06
CA SER K 256 -16.08 66.38 -75.95
C SER K 256 -16.43 66.78 -74.52
N LEU K 257 -16.11 68.03 -74.18
CA LEU K 257 -16.37 68.60 -72.86
C LEU K 257 -17.36 69.75 -72.95
N SER K 258 -18.06 70.01 -71.84
CA SER K 258 -18.87 71.20 -71.67
C SER K 258 -18.17 72.14 -70.70
N VAL K 259 -18.00 73.40 -71.10
CA VAL K 259 -17.32 74.39 -70.30
C VAL K 259 -18.15 75.67 -70.28
N GLY K 260 -17.82 76.57 -69.36
CA GLY K 260 -18.56 77.82 -69.24
C GLY K 260 -17.72 78.91 -68.62
N PHE K 261 -18.14 80.15 -68.87
CA PHE K 261 -17.45 81.32 -68.35
C PHE K 261 -17.97 81.69 -66.97
N GLY K 262 -17.06 82.14 -66.11
CA GLY K 262 -17.43 82.56 -64.77
C GLY K 262 -16.34 82.25 -63.76
N GLU K 263 -16.57 82.57 -62.49
CA GLU K 263 -15.54 82.40 -61.48
C GLU K 263 -15.46 80.94 -61.02
N ASN K 264 -16.51 80.43 -60.39
CA ASN K 264 -16.57 79.02 -60.02
C ASN K 264 -17.99 78.53 -60.24
N LEU K 265 -18.15 77.67 -61.24
CA LEU K 265 -19.46 77.18 -61.64
C LEU K 265 -19.69 75.79 -61.03
N VAL K 266 -20.14 75.81 -59.78
CA VAL K 266 -20.41 74.58 -59.06
C VAL K 266 -21.91 74.31 -59.11
N ASP K 267 -22.27 73.07 -59.43
CA ASP K 267 -23.67 72.67 -59.47
C ASP K 267 -24.08 72.18 -58.08
N PRO K 268 -24.96 72.88 -57.36
CA PRO K 268 -25.36 72.39 -56.04
C PRO K 268 -25.99 71.01 -56.05
N GLN K 269 -26.76 70.68 -57.08
CA GLN K 269 -27.48 69.41 -57.12
C GLN K 269 -26.56 68.22 -57.36
N THR K 270 -25.40 68.42 -57.99
CA THR K 270 -24.48 67.33 -58.25
C THR K 270 -23.02 67.67 -57.99
N GLU K 271 -22.69 68.91 -57.64
CA GLU K 271 -21.36 69.32 -57.22
C GLU K 271 -20.31 69.19 -58.30
N VAL K 272 -20.69 69.33 -59.57
CA VAL K 272 -19.72 69.35 -60.65
C VAL K 272 -19.27 70.77 -60.93
N VAL K 273 -18.04 70.92 -61.42
CA VAL K 273 -17.43 72.22 -61.70
C VAL K 273 -17.32 72.38 -63.21
N TYR K 274 -17.89 73.46 -63.73
CA TYR K 274 -17.88 73.73 -65.17
C TYR K 274 -16.90 74.82 -65.58
N ASP K 275 -15.90 75.11 -64.76
CA ASP K 275 -14.95 76.14 -65.11
C ASP K 275 -14.11 75.71 -66.31
N PHE K 276 -13.80 76.67 -67.19
CA PHE K 276 -13.18 76.36 -68.47
C PHE K 276 -11.82 75.70 -68.29
N VAL K 277 -10.85 76.46 -67.77
CA VAL K 277 -9.48 75.98 -67.72
C VAL K 277 -9.36 74.80 -66.76
N GLU K 278 -9.95 74.91 -65.58
CA GLU K 278 -9.83 73.85 -64.59
C GLU K 278 -10.41 72.55 -65.13
N ARG K 279 -11.63 72.61 -65.67
CA ARG K 279 -12.26 71.40 -66.17
C ARG K 279 -11.45 70.79 -67.31
N ILE K 280 -11.02 71.60 -68.27
CA ILE K 280 -10.29 71.06 -69.41
C ILE K 280 -9.02 70.36 -68.91
N ASP K 281 -8.25 71.06 -68.08
CA ASP K 281 -6.95 70.54 -67.69
C ASP K 281 -7.07 69.32 -66.79
N SER K 282 -8.13 69.26 -65.97
CA SER K 282 -8.31 68.09 -65.11
C SER K 282 -8.84 66.90 -65.88
N ARG K 283 -9.72 67.13 -66.86
CA ARG K 283 -10.37 66.03 -67.55
C ARG K 283 -9.50 65.42 -68.64
N TYR K 284 -8.56 66.18 -69.20
CA TYR K 284 -7.82 65.64 -70.34
C TYR K 284 -6.46 65.03 -69.99
N ASN K 285 -5.94 65.26 -68.79
CA ASN K 285 -4.62 64.79 -68.42
C ASN K 285 -4.68 63.80 -67.27
N ASP K 286 -3.58 63.06 -67.09
CA ASP K 286 -3.50 62.07 -66.01
C ASP K 286 -2.02 61.84 -65.71
N GLU K 287 -1.57 62.30 -64.53
CA GLU K 287 -0.16 62.23 -64.16
C GLU K 287 0.20 60.99 -63.37
N ASP K 288 -0.74 60.12 -63.05
CA ASP K 288 -0.43 58.99 -62.18
C ASP K 288 0.56 58.06 -62.87
N PRO K 289 1.73 57.80 -62.26
CA PRO K 289 2.72 56.96 -62.95
C PRO K 289 2.25 55.63 -63.51
N SER K 290 1.21 55.02 -62.93
CA SER K 290 0.71 53.76 -63.44
C SER K 290 -0.15 53.95 -64.69
N THR K 291 -0.93 55.01 -64.75
CA THR K 291 -1.79 55.31 -65.89
C THR K 291 -1.48 56.73 -66.31
N TYR K 292 -0.45 56.90 -67.14
CA TYR K 292 0.14 58.19 -67.43
C TYR K 292 -0.23 58.60 -68.85
N LEU K 293 -0.81 59.78 -69.01
CA LEU K 293 -1.19 60.27 -70.32
C LEU K 293 -1.39 61.77 -70.28
N MET K 294 -0.55 62.50 -71.01
CA MET K 294 -0.59 63.96 -71.08
C MET K 294 -1.24 64.40 -72.38
N SER K 295 -2.15 65.36 -72.28
CA SER K 295 -2.83 65.89 -73.46
C SER K 295 -1.84 66.71 -74.30
N PRO K 296 -2.04 66.78 -75.62
CA PRO K 296 -1.17 67.64 -76.43
C PRO K 296 -1.25 69.12 -76.05
N LEU K 297 -2.43 69.60 -75.66
CA LEU K 297 -2.56 71.00 -75.27
C LEU K 297 -2.00 71.23 -73.87
N ASP K 298 -1.42 72.41 -73.67
CA ASP K 298 -1.05 72.87 -72.34
C ASP K 298 -2.27 73.48 -71.66
N THR K 299 -2.04 74.10 -70.51
CA THR K 299 -3.12 74.75 -69.79
C THR K 299 -3.58 76.00 -70.53
N PRO K 300 -4.85 76.11 -70.94
CA PRO K 300 -5.27 77.31 -71.66
C PRO K 300 -5.20 78.56 -70.80
N TYR K 301 -5.04 79.70 -71.46
CA TYR K 301 -5.06 81.01 -70.83
C TYR K 301 -6.26 81.79 -71.33
N LEU K 302 -6.82 82.65 -70.49
CA LEU K 302 -8.05 83.35 -70.82
C LEU K 302 -7.92 84.82 -70.47
N TYR K 303 -8.49 85.69 -71.32
CA TYR K 303 -8.47 87.14 -71.09
C TYR K 303 -9.78 87.55 -70.42
N GLN K 304 -9.79 87.40 -69.09
CA GLN K 304 -11.02 87.59 -68.34
C GLN K 304 -11.52 89.03 -68.47
N ALA K 305 -10.61 90.00 -68.40
CA ALA K 305 -11.02 91.40 -68.46
C ALA K 305 -11.75 91.70 -69.77
N ASN K 306 -11.16 91.31 -70.90
CA ASN K 306 -11.74 91.63 -72.19
C ASN K 306 -13.03 90.86 -72.43
N ILE K 307 -13.07 89.57 -72.06
CA ILE K 307 -14.29 88.80 -72.26
C ILE K 307 -15.41 89.40 -71.41
N ASP K 308 -15.11 89.76 -70.16
CA ASP K 308 -16.10 90.38 -69.30
C ASP K 308 -16.57 91.71 -69.87
N SER K 309 -15.64 92.50 -70.42
CA SER K 309 -16.02 93.80 -70.98
C SER K 309 -16.98 93.63 -72.15
N VAL K 310 -16.68 92.69 -73.05
CA VAL K 310 -17.56 92.49 -74.20
C VAL K 310 -18.93 91.97 -73.74
N LEU K 311 -18.93 91.04 -72.78
CA LEU K 311 -20.21 90.54 -72.26
C LEU K 311 -21.02 91.67 -71.64
N THR K 312 -20.36 92.53 -70.87
CA THR K 312 -21.05 93.66 -70.25
C THR K 312 -21.62 94.60 -71.30
N ALA K 313 -20.84 94.87 -72.35
CA ALA K 313 -21.31 95.77 -73.40
C ALA K 313 -22.56 95.20 -74.06
N ILE K 314 -22.52 93.93 -74.46
CA ILE K 314 -23.67 93.36 -75.15
C ILE K 314 -24.87 93.27 -74.23
N GLN K 315 -24.65 92.97 -72.94
CA GLN K 315 -25.77 92.95 -72.00
C GLN K 315 -26.39 94.33 -71.87
N GLU K 316 -25.59 95.35 -71.58
CA GLU K 316 -26.12 96.70 -71.46
C GLU K 316 -26.88 97.09 -72.72
N LEU K 317 -26.40 96.67 -73.89
CA LEU K 317 -27.06 97.02 -75.13
C LEU K 317 -28.42 96.36 -75.24
N GLU K 318 -28.45 95.02 -75.22
CA GLU K 318 -29.65 94.29 -75.61
C GLU K 318 -30.27 93.47 -74.48
N ALA K 319 -29.65 93.44 -73.30
CA ALA K 319 -30.30 92.76 -72.18
C ALA K 319 -31.61 93.43 -71.81
N PRO K 320 -31.68 94.76 -71.63
CA PRO K 320 -32.99 95.41 -71.48
C PRO K 320 -33.70 95.54 -72.80
N PHE K 321 -34.14 94.41 -73.36
CA PHE K 321 -34.78 94.39 -74.67
C PHE K 321 -35.84 93.29 -74.68
N ASP K 322 -36.46 93.10 -75.83
CA ASP K 322 -37.67 92.30 -75.92
C ASP K 322 -37.43 90.82 -75.62
N THR K 323 -36.39 90.22 -76.19
CA THR K 323 -36.28 88.76 -76.18
C THR K 323 -35.01 88.25 -75.50
N VAL K 324 -34.51 88.95 -74.49
CA VAL K 324 -33.36 88.50 -73.72
C VAL K 324 -33.50 89.03 -72.30
N SER K 325 -33.11 88.20 -71.34
CA SER K 325 -33.22 88.58 -69.93
C SER K 325 -32.34 89.78 -69.63
N ALA K 326 -32.89 90.73 -68.88
CA ALA K 326 -32.19 91.97 -68.56
C ALA K 326 -31.45 91.91 -67.23
N ASP K 327 -31.55 90.81 -66.50
CA ASP K 327 -31.02 90.76 -65.15
C ASP K 327 -29.52 91.04 -65.16
N GLU K 328 -28.97 91.25 -63.97
CA GLU K 328 -27.57 91.63 -63.85
C GLU K 328 -26.65 90.44 -64.10
N ASP K 329 -27.01 89.25 -63.60
CA ASP K 329 -26.16 88.07 -63.70
C ASP K 329 -26.17 87.43 -65.08
N ASP K 330 -27.05 87.86 -65.98
CA ASP K 330 -27.10 87.30 -67.32
C ASP K 330 -25.85 87.63 -68.13
N LEU K 331 -25.00 88.52 -67.61
CA LEU K 331 -23.73 88.83 -68.29
C LEU K 331 -23.06 87.55 -68.77
N TYR K 332 -23.14 86.48 -67.99
CA TYR K 332 -22.53 85.23 -68.38
C TYR K 332 -23.48 84.28 -69.11
N GLN K 333 -24.80 84.44 -69.03
CA GLN K 333 -25.64 83.58 -69.85
C GLN K 333 -25.60 84.01 -71.30
N ILE K 334 -25.20 85.26 -71.55
CA ILE K 334 -25.06 85.78 -72.91
C ILE K 334 -24.32 84.76 -73.78
N ASN K 335 -24.92 84.37 -74.90
CA ASN K 335 -24.29 83.47 -75.85
C ASN K 335 -23.36 84.26 -76.75
N LEU K 336 -22.05 84.10 -76.56
CA LEU K 336 -21.08 84.89 -77.30
C LEU K 336 -20.85 84.34 -78.71
N PHE K 337 -20.33 83.12 -78.81
CA PHE K 337 -19.94 82.58 -80.11
C PHE K 337 -21.13 82.34 -81.01
N GLY K 338 -22.29 82.02 -80.45
CA GLY K 338 -23.52 81.92 -81.19
C GLY K 338 -24.23 83.25 -81.28
N ALA K 339 -25.48 83.21 -81.72
CA ALA K 339 -26.31 84.40 -81.82
C ALA K 339 -27.73 84.09 -81.37
N GLN K 340 -27.87 83.19 -80.39
CA GLN K 340 -29.18 82.77 -79.93
C GLN K 340 -29.05 82.18 -78.53
N THR K 341 -30.19 82.09 -77.85
CA THR K 341 -30.23 81.47 -76.53
C THR K 341 -30.20 79.95 -76.67
N VAL K 342 -30.29 79.28 -75.52
CA VAL K 342 -30.26 77.82 -75.52
C VAL K 342 -31.44 77.26 -76.31
N GLU K 343 -32.63 77.84 -76.15
CA GLU K 343 -33.80 77.36 -76.89
C GLU K 343 -33.67 77.57 -78.39
N GLY K 344 -32.74 78.42 -78.84
CA GLY K 344 -32.55 78.61 -80.26
C GLY K 344 -33.30 79.79 -80.84
N VAL K 345 -33.50 80.86 -80.07
CA VAL K 345 -34.14 82.07 -80.54
C VAL K 345 -33.04 83.04 -80.98
N PRO K 346 -33.01 83.48 -82.24
CA PRO K 346 -31.90 84.32 -82.69
C PRO K 346 -31.86 85.66 -81.98
N TYR K 347 -30.65 86.16 -81.78
CA TYR K 347 -30.43 87.51 -81.27
C TYR K 347 -30.49 88.47 -82.44
N HIS K 348 -31.58 89.21 -82.56
CA HIS K 348 -31.58 90.36 -83.46
C HIS K 348 -30.89 91.54 -82.77
N ALA K 349 -30.33 92.42 -83.61
CA ALA K 349 -29.43 93.49 -83.21
C ALA K 349 -27.99 93.02 -83.03
N VAL K 350 -27.68 91.77 -83.38
CA VAL K 350 -26.31 91.28 -83.40
C VAL K 350 -26.08 90.57 -84.72
N GLN K 351 -25.00 90.94 -85.40
CA GLN K 351 -24.65 90.33 -86.68
C GLN K 351 -23.24 89.77 -86.60
N ILE K 352 -23.09 88.52 -87.02
CA ILE K 352 -21.79 87.84 -87.08
C ILE K 352 -21.43 87.66 -88.55
N LEU K 353 -20.27 88.18 -88.93
CA LEU K 353 -19.84 88.12 -90.33
C LEU K 353 -19.36 86.72 -90.68
N GLY K 354 -19.83 86.20 -91.80
CA GLY K 354 -19.55 84.84 -92.20
C GLY K 354 -18.21 84.69 -92.88
N VAL K 355 -18.04 83.56 -93.56
CA VAL K 355 -16.77 83.24 -94.19
C VAL K 355 -16.47 84.23 -95.31
N LEU K 356 -17.44 84.47 -96.19
CA LEU K 356 -17.22 85.36 -97.32
C LEU K 356 -16.90 86.78 -96.84
N ASP K 357 -17.33 87.13 -95.64
CA ASP K 357 -17.07 88.45 -95.07
C ASP K 357 -15.79 88.49 -94.26
N GLY K 358 -15.02 87.40 -94.23
CA GLY K 358 -13.75 87.39 -93.53
C GLY K 358 -13.79 86.86 -92.11
N GLY K 359 -14.89 86.21 -91.71
CA GLY K 359 -15.01 85.69 -90.37
C GLY K 359 -14.63 84.22 -90.28
N VAL K 360 -14.82 83.67 -89.09
CA VAL K 360 -14.57 82.26 -88.80
C VAL K 360 -15.86 81.66 -88.26
N THR K 361 -16.23 80.49 -88.78
CA THR K 361 -17.45 79.81 -88.37
C THR K 361 -17.11 78.78 -87.30
N LEU K 362 -17.56 79.04 -86.08
CA LEU K 362 -17.33 78.12 -84.96
C LEU K 362 -18.53 77.18 -84.88
N THR K 363 -18.39 76.01 -85.50
CA THR K 363 -19.41 74.97 -85.46
C THR K 363 -18.73 73.64 -85.18
N GLU K 364 -19.54 72.58 -85.10
CA GLU K 364 -19.01 71.26 -84.81
C GLU K 364 -18.25 70.64 -85.98
N THR K 365 -18.34 71.24 -87.17
CA THR K 365 -17.62 70.73 -88.33
C THR K 365 -16.34 71.50 -88.64
N ALA K 366 -16.23 72.75 -88.19
CA ALA K 366 -15.02 73.52 -88.41
C ALA K 366 -13.90 72.98 -87.55
N THR K 367 -12.68 72.95 -88.11
CA THR K 367 -11.50 72.50 -87.41
C THR K 367 -10.43 73.58 -87.49
N ASN K 368 -9.64 73.73 -86.43
CA ASN K 368 -8.65 74.78 -86.31
C ASN K 368 -7.32 74.18 -85.86
N TYR K 369 -6.24 74.53 -86.56
CA TYR K 369 -4.93 73.93 -86.33
C TYR K 369 -3.96 74.96 -85.78
N LEU K 370 -3.12 74.52 -84.84
CA LEU K 370 -2.09 75.39 -84.31
C LEU K 370 -1.03 75.67 -85.37
N GLN K 371 -0.35 76.80 -85.23
CA GLN K 371 0.59 77.30 -86.22
C GLN K 371 1.99 77.35 -85.64
N GLY K 372 2.96 76.80 -86.36
CA GLY K 372 4.34 76.83 -85.94
C GLY K 372 4.88 75.47 -85.56
N GLY K 373 5.91 75.44 -84.71
CA GLY K 373 6.45 74.18 -84.24
C GLY K 373 7.37 73.52 -85.24
N GLY K 374 7.87 72.36 -84.85
CA GLY K 374 8.79 71.60 -85.67
C GLY K 374 9.72 70.76 -84.80
N ASP K 375 10.45 69.87 -85.45
CA ASP K 375 11.33 68.93 -84.76
C ASP K 375 12.80 69.35 -84.79
N GLY K 376 13.24 70.02 -85.84
CA GLY K 376 14.65 70.29 -86.03
C GLY K 376 15.25 69.35 -87.07
N THR K 377 16.58 69.33 -87.09
CA THR K 377 17.33 68.52 -88.04
C THR K 377 17.55 67.13 -87.46
N LEU K 378 16.86 66.14 -88.00
CA LEU K 378 16.91 64.78 -87.52
C LEU K 378 17.82 63.94 -88.42
N GLY K 379 18.27 62.81 -87.89
CA GLY K 379 19.17 61.92 -88.59
C GLY K 379 20.35 61.54 -87.72
N ASN K 380 21.17 60.64 -88.24
CA ASN K 380 22.27 60.10 -87.46
C ASN K 380 23.35 61.17 -87.19
N ASP K 381 23.55 62.11 -88.11
CA ASP K 381 24.56 63.13 -87.89
C ASP K 381 24.18 64.05 -86.73
N SER K 382 22.96 64.58 -86.74
CA SER K 382 22.52 65.39 -85.63
C SER K 382 22.43 64.57 -84.34
N PHE K 383 22.07 63.28 -84.46
CA PHE K 383 22.04 62.43 -83.27
C PHE K 383 23.42 62.31 -82.65
N ASN K 384 24.45 62.08 -83.48
CA ASN K 384 25.80 62.00 -82.96
C ASN K 384 26.23 63.33 -82.35
N ALA K 385 25.86 64.44 -82.99
CA ALA K 385 26.21 65.75 -82.43
C ALA K 385 25.61 65.93 -81.04
N ALA K 386 24.31 65.63 -80.89
CA ALA K 386 23.66 65.82 -79.60
C ALA K 386 24.23 64.86 -78.55
N ALA K 387 24.47 63.61 -78.93
CA ALA K 387 25.02 62.65 -77.98
C ALA K 387 26.40 63.09 -77.51
N TYR K 388 27.23 63.58 -78.42
CA TYR K 388 28.54 64.10 -78.02
C TYR K 388 28.40 65.31 -77.11
N ALA K 389 27.46 66.20 -77.42
CA ALA K 389 27.26 67.36 -76.57
C ALA K 389 26.91 66.96 -75.15
N VAL K 390 26.09 65.92 -75.00
CA VAL K 390 25.74 65.43 -73.67
C VAL K 390 26.91 64.74 -72.99
N LEU K 391 27.62 63.87 -73.70
CA LEU K 391 28.61 63.02 -73.05
C LEU K 391 29.90 63.77 -72.72
N SER K 392 30.29 64.74 -73.53
CA SER K 392 31.56 65.43 -73.27
C SER K 392 31.52 66.21 -71.96
N ASN K 393 30.41 66.89 -71.68
CA ASN K 393 30.27 67.70 -70.48
C ASN K 393 29.46 66.91 -69.46
N LEU K 394 30.16 66.07 -68.71
CA LEU K 394 29.51 65.28 -67.66
C LEU K 394 29.68 65.89 -66.29
N SER K 395 30.82 66.53 -66.03
CA SER K 395 31.13 67.07 -64.72
C SER K 395 30.64 68.49 -64.50
N ASN K 396 30.10 69.14 -65.54
CA ASN K 396 29.61 70.51 -65.40
C ASN K 396 28.32 70.73 -66.18
N ASN K 397 27.55 69.67 -66.40
CA ASN K 397 26.26 69.81 -67.07
C ASN K 397 25.25 70.47 -66.13
N ALA K 398 24.53 71.46 -66.65
CA ALA K 398 23.49 72.13 -65.89
C ALA K 398 22.13 71.47 -66.01
N ALA K 399 21.98 70.48 -66.89
CA ALA K 399 20.71 69.80 -67.09
C ALA K 399 20.53 68.63 -66.11
N PHE K 400 21.60 67.88 -65.86
CA PHE K 400 21.53 66.75 -64.95
C PHE K 400 22.93 66.24 -64.67
N ASN K 401 23.14 65.75 -63.45
CA ASN K 401 24.42 65.22 -63.01
C ASN K 401 24.26 63.72 -62.81
N ILE K 402 25.03 62.93 -63.58
CA ILE K 402 24.82 61.49 -63.64
C ILE K 402 25.69 60.74 -62.65
N THR K 403 26.49 61.43 -61.84
CA THR K 403 27.21 60.79 -60.75
C THR K 403 26.32 60.55 -59.53
N ASN K 404 25.01 60.72 -59.68
CA ASN K 404 24.06 60.54 -58.60
C ASN K 404 23.62 59.09 -58.60
N TYR K 405 24.20 58.28 -57.71
CA TYR K 405 23.90 56.86 -57.69
C TYR K 405 22.43 56.59 -57.40
N ALA K 406 21.85 57.31 -56.44
CA ALA K 406 20.50 57.02 -56.02
C ALA K 406 19.45 57.49 -57.02
N ARG K 407 19.75 58.54 -57.77
CA ARG K 407 18.77 59.14 -58.66
C ARG K 407 18.85 58.62 -60.09
N TYR K 408 19.96 58.00 -60.47
CA TYR K 408 20.14 57.46 -61.82
C TYR K 408 20.69 56.04 -61.71
N PRO K 409 19.81 55.05 -61.52
CA PRO K 409 20.26 53.68 -61.29
C PRO K 409 20.77 52.94 -62.53
N PHE K 410 20.98 53.61 -63.65
CA PHE K 410 21.53 52.91 -64.81
C PHE K 410 22.91 52.36 -64.48
N ASN K 411 23.20 51.17 -65.00
CA ASN K 411 24.51 50.55 -64.77
C ASN K 411 25.20 50.05 -66.03
N ALA K 412 24.58 50.13 -67.19
CA ALA K 412 25.20 49.63 -68.42
C ALA K 412 25.05 50.65 -69.52
N PHE K 413 25.99 50.64 -70.47
CA PHE K 413 25.94 51.50 -71.64
C PHE K 413 26.48 50.75 -72.84
N TRP K 414 25.66 50.63 -73.88
CA TRP K 414 26.03 49.92 -75.11
C TRP K 414 26.28 50.93 -76.22
N ASP K 415 27.34 50.71 -76.98
CA ASP K 415 27.65 51.53 -78.15
C ASP K 415 26.90 50.97 -79.35
N SER K 416 25.99 51.77 -79.91
CA SER K 416 25.16 51.34 -81.03
C SER K 416 25.70 51.76 -82.38
N GLY K 417 26.88 52.36 -82.44
CA GLY K 417 27.47 52.76 -83.70
C GLY K 417 27.83 54.23 -83.77
N PHE K 418 28.08 54.86 -82.62
CA PHE K 418 28.47 56.25 -82.61
C PHE K 418 29.77 56.43 -83.38
N ASP K 419 29.95 57.63 -83.91
CA ASP K 419 31.16 57.95 -84.66
C ASP K 419 32.38 57.93 -83.74
N LEU K 420 33.56 57.77 -84.35
CA LEU K 420 34.77 57.56 -83.56
C LEU K 420 35.06 58.73 -82.63
N LYS K 421 34.53 59.92 -82.91
CA LYS K 421 34.73 61.04 -81.99
C LYS K 421 33.90 60.87 -80.73
N THR K 422 32.70 60.29 -80.85
CA THR K 422 31.87 60.06 -79.67
C THR K 422 32.24 58.76 -78.96
N LYS K 423 32.81 57.80 -79.68
CA LYS K 423 33.19 56.54 -79.05
C LYS K 423 34.18 56.74 -77.92
N GLN K 424 35.01 57.78 -78.00
CA GLN K 424 36.09 57.97 -77.05
C GLN K 424 35.67 58.70 -75.79
N THR K 425 34.47 59.26 -75.74
CA THR K 425 33.96 59.91 -74.54
C THR K 425 33.16 58.97 -73.65
N ILE K 426 32.96 57.73 -74.08
CA ILE K 426 32.18 56.76 -73.31
C ILE K 426 33.03 56.12 -72.21
N PRO K 427 34.30 55.76 -72.45
CA PRO K 427 35.05 55.03 -71.43
C PRO K 427 35.12 55.71 -70.08
N GLN K 428 34.93 57.02 -70.03
CA GLN K 428 35.03 57.73 -68.76
C GLN K 428 33.88 57.44 -67.82
N LEU K 429 32.84 56.74 -68.27
CA LEU K 429 31.75 56.36 -67.37
C LEU K 429 32.25 55.39 -66.31
N ILE K 430 33.07 54.41 -66.71
CA ILE K 430 33.68 53.49 -65.75
C ILE K 430 34.79 54.15 -64.95
N GLY K 431 35.11 55.41 -65.22
CA GLY K 431 36.06 56.15 -64.41
C GLY K 431 35.36 57.04 -63.42
N LEU K 432 34.18 57.54 -63.79
CA LEU K 432 33.42 58.40 -62.90
C LEU K 432 32.47 57.63 -61.99
N ARG K 433 32.14 56.38 -62.32
CA ARG K 433 31.25 55.59 -61.47
C ARG K 433 31.82 54.20 -61.28
N ALA K 434 31.67 53.68 -60.06
CA ALA K 434 32.25 52.40 -59.67
C ALA K 434 31.29 51.23 -59.83
N ASP K 435 30.11 51.46 -60.39
CA ASP K 435 29.12 50.42 -60.61
C ASP K 435 28.56 50.51 -62.03
N THR K 436 29.44 50.68 -63.01
CA THR K 436 29.05 50.86 -64.40
C THR K 436 29.78 49.86 -65.29
N TRP K 437 29.17 49.57 -66.43
CA TRP K 437 29.64 48.55 -67.36
C TRP K 437 29.40 49.07 -68.76
N ILE K 438 30.37 48.89 -69.66
CA ILE K 438 30.30 49.46 -71.00
C ILE K 438 30.61 48.40 -72.04
N ALA K 439 29.88 48.45 -73.15
CA ALA K 439 30.17 47.64 -74.32
C ALA K 439 30.47 48.57 -75.49
N LEU K 440 31.59 48.36 -76.16
CA LEU K 440 32.02 49.20 -77.27
C LEU K 440 31.91 48.43 -78.58
N SER K 441 31.72 49.19 -79.66
CA SER K 441 31.65 48.65 -81.02
C SER K 441 32.68 49.35 -81.88
N THR K 442 33.35 48.60 -82.75
CA THR K 442 34.39 49.14 -83.61
C THR K 442 33.86 49.56 -84.98
N GLN K 443 32.56 49.76 -85.13
CA GLN K 443 31.96 50.13 -86.40
C GLN K 443 31.19 51.43 -86.25
N ASP K 444 31.40 52.35 -87.18
CA ASP K 444 30.61 53.57 -87.30
C ASP K 444 29.53 53.30 -88.34
N ILE K 445 28.28 53.17 -87.88
CA ILE K 445 27.21 52.68 -88.75
C ILE K 445 26.92 53.62 -89.90
N SER K 446 27.34 54.89 -89.81
CA SER K 446 27.14 55.82 -90.91
C SER K 446 28.19 55.70 -91.99
N SER K 447 29.17 54.82 -91.84
CA SER K 447 30.24 54.64 -92.80
C SER K 447 30.21 53.22 -93.35
N ASP K 448 31.12 52.94 -94.28
CA ASP K 448 31.20 51.63 -94.89
C ASP K 448 31.81 50.63 -93.91
N PHE K 449 31.48 49.35 -94.10
CA PHE K 449 32.00 48.31 -93.23
C PHE K 449 33.52 48.33 -93.24
N ASN K 450 34.11 48.23 -92.05
CA ASN K 450 35.56 48.32 -91.91
C ASN K 450 36.22 47.03 -92.39
N SER K 451 37.47 47.16 -92.82
CA SER K 451 38.28 46.01 -93.19
C SER K 451 39.09 45.53 -91.99
N ASN K 452 39.95 44.55 -92.22
CA ASN K 452 40.75 44.01 -91.13
C ASN K 452 41.67 45.07 -90.52
N GLU K 453 42.31 45.87 -91.38
CA GLU K 453 43.26 46.86 -90.88
C GLU K 453 42.56 47.99 -90.15
N GLU K 454 41.42 48.46 -90.67
CA GLU K 454 40.65 49.47 -89.95
C GLU K 454 40.14 48.93 -88.63
N GLU K 455 39.67 47.67 -88.62
CA GLU K 455 39.29 47.04 -87.36
C GLU K 455 40.44 47.11 -86.36
N GLU K 456 41.63 46.73 -86.80
CA GLU K 456 42.80 46.72 -85.92
C GLU K 456 43.08 48.11 -85.39
N SER K 457 43.07 49.11 -86.28
CA SER K 457 43.41 50.47 -85.85
C SER K 457 42.41 51.00 -84.85
N ILE K 458 41.12 50.81 -85.12
CA ILE K 458 40.10 51.31 -84.20
C ILE K 458 40.17 50.58 -82.87
N ALA K 459 40.42 49.26 -82.91
CA ALA K 459 40.55 48.51 -81.67
C ALA K 459 41.70 49.04 -80.82
N LEU K 460 42.84 49.28 -81.44
CA LEU K 460 43.98 49.81 -80.69
C LEU K 460 43.68 51.19 -80.14
N SER K 461 43.02 52.03 -80.94
CA SER K 461 42.70 53.38 -80.49
C SER K 461 41.76 53.36 -79.30
N LEU K 462 40.77 52.46 -79.31
CA LEU K 462 39.85 52.36 -78.18
C LEU K 462 40.53 51.77 -76.95
N MET K 463 41.41 50.80 -77.14
CA MET K 463 42.14 50.23 -76.01
C MET K 463 43.03 51.29 -75.36
N SER K 464 43.64 52.15 -76.18
CA SER K 464 44.48 53.21 -75.63
C SER K 464 43.67 54.14 -74.75
N ARG K 465 42.43 54.46 -75.16
CA ARG K 465 41.58 55.33 -74.37
C ARG K 465 41.12 54.64 -73.09
N VAL K 466 40.73 53.38 -73.20
CA VAL K 466 40.29 52.62 -72.03
C VAL K 466 41.42 52.47 -71.03
N SER K 467 42.67 52.52 -71.49
CA SER K 467 43.80 52.37 -70.58
C SER K 467 43.95 53.56 -69.63
N ALA K 468 43.22 54.64 -69.84
CA ALA K 468 43.36 55.84 -69.02
C ALA K 468 42.52 55.81 -67.75
N PHE K 469 41.69 54.78 -67.55
CA PHE K 469 40.79 54.69 -66.42
C PHE K 469 40.97 53.35 -65.73
N PRO K 470 42.04 53.20 -64.95
CA PRO K 470 42.27 51.93 -64.26
C PRO K 470 41.19 51.67 -63.20
N ASP K 471 41.01 50.40 -62.87
CA ASP K 471 39.98 50.04 -61.89
C ASP K 471 40.28 50.65 -60.53
N SER K 472 41.51 50.52 -60.07
CA SER K 472 41.92 51.06 -58.77
C SER K 472 43.04 52.05 -59.02
N SER K 473 42.72 53.34 -58.94
CA SER K 473 43.74 54.36 -59.18
C SER K 473 44.84 54.29 -58.14
N ASP K 474 44.56 53.77 -56.96
CA ASP K 474 45.59 53.62 -55.94
C ASP K 474 46.65 52.61 -56.37
N PHE K 475 46.21 51.46 -56.87
CA PHE K 475 47.11 50.38 -57.23
C PHE K 475 47.19 50.14 -58.73
N GLY K 476 46.40 50.85 -59.53
CA GLY K 476 46.51 50.76 -60.97
C GLY K 476 46.09 49.43 -61.57
N THR K 477 45.08 48.79 -61.03
CA THR K 477 44.55 47.58 -61.65
C THR K 477 43.91 47.94 -62.98
N PRO K 478 44.16 47.19 -64.06
CA PRO K 478 43.50 47.49 -65.33
C PRO K 478 41.99 47.34 -65.25
N ALA K 479 41.29 48.14 -66.05
CA ALA K 479 39.84 48.08 -66.07
C ALA K 479 39.36 46.73 -66.59
N PHE K 480 38.22 46.27 -66.07
CA PHE K 480 37.64 45.02 -66.53
C PHE K 480 36.12 45.06 -66.68
N ARG K 481 35.46 46.18 -66.43
CA ARG K 481 34.00 46.26 -66.50
C ARG K 481 33.57 46.70 -67.90
N GLY K 482 33.43 45.71 -68.78
CA GLY K 482 32.91 45.95 -70.11
C GLY K 482 33.52 44.98 -71.11
N MET K 483 33.33 45.30 -72.39
CA MET K 483 33.90 44.50 -73.46
C MET K 483 33.85 45.27 -74.77
N ILE K 484 34.53 44.73 -75.79
CA ILE K 484 34.55 45.30 -77.13
C ILE K 484 34.11 44.22 -78.11
N VAL K 485 33.19 44.56 -79.01
CA VAL K 485 32.64 43.62 -79.98
C VAL K 485 32.89 44.17 -81.38
N GLY K 486 33.45 43.33 -82.25
CA GLY K 486 33.78 43.73 -83.61
C GLY K 486 32.89 43.01 -84.62
N GLY K 487 32.43 43.74 -85.63
CA GLY K 487 31.58 43.19 -86.66
C GLY K 487 30.38 44.06 -86.95
N ALA K 488 29.72 43.82 -88.08
CA ALA K 488 28.50 44.53 -88.42
C ALA K 488 27.73 43.73 -89.45
N GLY K 489 26.44 43.99 -89.54
CA GLY K 489 25.57 43.25 -90.43
C GLY K 489 24.28 44.02 -90.65
N TYR K 490 23.21 43.28 -90.87
CA TYR K 490 21.91 43.87 -91.20
C TYR K 490 20.84 43.32 -90.25
N TYR K 491 19.80 44.13 -90.04
CA TYR K 491 18.74 43.77 -89.11
C TYR K 491 17.74 42.85 -89.79
N THR K 492 17.45 41.69 -89.16
CA THR K 492 16.60 40.69 -89.77
C THR K 492 15.12 40.88 -89.45
N GLU K 493 14.79 41.66 -88.43
CA GLU K 493 13.41 41.79 -87.99
C GLU K 493 12.63 42.87 -88.73
N THR K 494 13.08 43.27 -89.91
CA THR K 494 12.39 44.27 -90.71
C THR K 494 12.69 44.04 -92.18
N THR K 495 11.79 44.52 -93.04
CA THR K 495 11.97 44.35 -94.47
C THR K 495 13.01 45.31 -95.04
N ARG K 496 13.10 46.52 -94.50
CA ARG K 496 14.05 47.50 -95.00
C ARG K 496 15.48 47.03 -94.75
N LYS K 497 16.42 47.65 -95.47
CA LYS K 497 17.84 47.39 -95.30
C LYS K 497 18.39 48.36 -94.25
N LEU K 498 18.75 47.84 -93.08
CA LEU K 498 19.11 48.66 -91.93
C LEU K 498 20.34 48.08 -91.26
N PRO K 499 21.54 48.57 -91.58
CA PRO K 499 22.75 48.00 -90.96
C PRO K 499 22.81 48.24 -89.46
N VAL K 500 23.36 47.27 -88.76
CA VAL K 500 23.52 47.35 -87.30
C VAL K 500 24.79 46.63 -86.90
N PRO K 501 25.40 46.96 -85.77
CA PRO K 501 26.53 46.17 -85.26
C PRO K 501 26.08 45.01 -84.38
N LEU K 502 27.03 44.13 -84.07
CA LEU K 502 26.74 42.94 -83.28
C LEU K 502 26.53 43.24 -81.80
N THR K 503 26.85 44.46 -81.37
CA THR K 503 26.47 44.85 -80.02
C THR K 503 24.96 44.74 -79.83
N LEU K 504 24.18 44.83 -80.91
CA LEU K 504 22.74 44.66 -80.79
C LEU K 504 22.39 43.21 -80.43
N ASP K 505 23.07 42.25 -81.05
CA ASP K 505 22.81 40.85 -80.73
C ASP K 505 23.19 40.56 -79.29
N ARG K 506 24.37 41.03 -78.85
CA ARG K 506 24.75 40.80 -77.47
C ARG K 506 23.83 41.55 -76.50
N PHE K 507 23.32 42.72 -76.92
CA PHE K 507 22.39 43.47 -76.09
C PHE K 507 21.11 42.68 -75.87
N ARG K 508 20.58 42.08 -76.93
CA ARG K 508 19.39 41.24 -76.78
C ARG K 508 19.67 40.06 -75.87
N ALA K 509 20.83 39.43 -76.04
CA ALA K 509 21.17 38.30 -75.18
C ALA K 509 21.14 38.69 -73.71
N TYR K 510 21.82 39.79 -73.38
CA TYR K 510 21.88 40.22 -71.98
C TYR K 510 20.51 40.65 -71.47
N CYS K 511 19.71 41.30 -72.32
CA CYS K 511 18.38 41.71 -71.91
C CYS K 511 17.56 40.50 -71.49
N ARG K 512 17.62 39.43 -72.28
CA ARG K 512 16.85 38.23 -71.95
C ARG K 512 17.42 37.52 -70.73
N TYR K 513 18.75 37.51 -70.57
CA TYR K 513 19.37 36.77 -69.48
C TYR K 513 19.18 37.46 -68.13
N ALA K 514 19.65 38.69 -68.00
CA ALA K 514 19.70 39.39 -66.72
C ALA K 514 18.72 40.56 -66.67
N GLY K 515 17.53 40.38 -67.23
CA GLY K 515 16.57 41.46 -67.31
C GLY K 515 15.33 41.23 -66.48
N ALA K 516 15.29 40.12 -65.76
CA ALA K 516 14.13 39.80 -64.94
C ALA K 516 13.92 40.85 -63.86
N SER K 517 12.67 41.25 -63.68
CA SER K 517 12.37 42.32 -62.74
C SER K 517 12.67 41.96 -61.29
N ASP K 518 12.83 40.67 -60.98
CA ASP K 518 13.08 40.24 -59.62
C ASP K 518 14.57 40.13 -59.29
N GLY K 519 15.45 40.53 -60.20
CA GLY K 519 16.87 40.57 -59.88
C GLY K 519 17.51 39.23 -59.64
N VAL K 520 17.20 38.23 -60.45
CA VAL K 520 17.85 36.93 -60.42
C VAL K 520 18.10 36.48 -61.86
N LEU K 521 19.30 35.98 -62.13
CA LEU K 521 19.62 35.50 -63.46
C LEU K 521 18.79 34.27 -63.80
N LYS K 522 18.37 34.16 -65.06
CA LYS K 522 17.55 33.05 -65.53
C LYS K 522 18.43 31.94 -66.10
N PRO K 523 18.41 30.74 -65.53
CA PRO K 523 19.27 29.67 -66.07
C PRO K 523 18.92 29.25 -67.49
N GLU K 524 17.72 29.56 -67.98
CA GLU K 524 17.30 29.13 -69.30
C GLU K 524 17.78 30.05 -70.41
N TYR K 525 18.50 31.13 -70.08
CA TYR K 525 18.99 32.07 -71.08
C TYR K 525 20.48 32.32 -70.94
N ALA K 526 21.23 31.38 -70.36
CA ALA K 526 22.66 31.59 -70.17
C ALA K 526 23.31 32.03 -71.48
N VAL K 527 23.97 33.19 -71.44
CA VAL K 527 24.46 33.82 -72.66
C VAL K 527 25.51 33.00 -73.39
N ASP K 528 26.10 32.00 -72.74
CA ASP K 528 27.13 31.20 -73.39
C ASP K 528 26.79 29.72 -73.38
N GLU K 529 25.50 29.39 -73.47
CA GLU K 529 25.05 28.01 -73.52
C GLU K 529 23.82 27.91 -74.40
N GLY K 530 23.59 26.73 -74.96
CA GLY K 530 22.37 26.49 -75.70
C GLY K 530 22.34 27.30 -76.99
N ASP K 531 21.18 27.90 -77.27
CA ASP K 531 21.00 28.69 -78.47
C ASP K 531 21.44 30.13 -78.31
N ALA K 532 21.75 30.56 -77.09
CA ALA K 532 22.13 31.94 -76.85
C ALA K 532 23.57 32.24 -77.22
N ARG K 533 24.34 31.24 -77.63
CA ARG K 533 25.69 31.49 -78.11
C ARG K 533 25.73 31.65 -79.62
N LYS K 534 24.59 31.80 -80.29
CA LYS K 534 24.52 32.01 -81.72
C LYS K 534 23.96 33.38 -82.04
N VAL K 535 24.35 33.92 -83.20
CA VAL K 535 23.82 35.19 -83.66
C VAL K 535 22.40 34.98 -84.16
N GLN K 536 21.49 35.87 -83.76
CA GLN K 536 20.07 35.67 -84.01
C GLN K 536 19.37 36.83 -84.70
N VAL K 537 19.82 38.07 -84.51
CA VAL K 537 19.14 39.23 -85.08
C VAL K 537 20.04 39.98 -86.05
N VAL K 538 21.04 39.32 -86.62
CA VAL K 538 21.93 39.93 -87.60
C VAL K 538 22.23 38.91 -88.68
N LYS K 539 22.40 39.38 -89.91
CA LYS K 539 22.67 38.52 -91.05
C LYS K 539 23.64 39.22 -91.99
N SER K 540 24.32 38.42 -92.81
CA SER K 540 25.29 38.92 -93.79
C SER K 540 26.46 39.63 -93.11
N ILE K 541 26.94 39.06 -92.00
CA ILE K 541 28.07 39.64 -91.31
C ILE K 541 29.28 39.66 -92.24
N ASN K 542 30.20 40.58 -91.98
CA ASN K 542 31.32 40.84 -92.87
C ASN K 542 32.63 40.25 -92.33
N ASN K 543 33.62 40.17 -93.21
CA ASN K 543 34.96 39.71 -92.85
C ASN K 543 34.93 38.32 -92.22
N LEU K 544 34.06 37.45 -92.73
CA LEU K 544 33.94 36.13 -92.14
C LEU K 544 35.07 35.20 -92.56
N ASP K 545 35.83 35.55 -93.61
CA ASP K 545 37.00 34.77 -94.00
C ASP K 545 38.29 35.35 -93.42
N LYS K 546 38.33 35.56 -92.10
CA LYS K 546 39.59 36.00 -91.49
C LYS K 546 40.62 34.91 -91.61
N SER K 547 41.88 35.31 -91.73
CA SER K 547 42.95 34.34 -91.67
C SER K 547 43.31 34.02 -90.23
N TRP K 548 44.06 32.95 -90.04
CA TRP K 548 44.42 32.52 -88.69
C TRP K 548 45.22 33.60 -87.97
N ARG K 549 46.08 34.29 -88.70
CA ARG K 549 46.88 35.35 -88.10
C ARG K 549 45.99 36.47 -87.58
N VAL K 550 45.02 36.88 -88.39
CA VAL K 550 44.12 37.96 -87.98
C VAL K 550 43.30 37.54 -86.76
N ARG K 551 42.80 36.31 -86.77
CA ARG K 551 42.02 35.83 -85.64
C ARG K 551 42.86 35.79 -84.38
N ARG K 552 44.11 35.32 -84.49
CA ARG K 552 44.98 35.26 -83.33
C ARG K 552 45.28 36.66 -82.80
N ALA K 553 45.51 37.61 -83.71
CA ALA K 553 45.78 38.99 -83.28
C ALA K 553 44.57 39.57 -82.55
N GLN K 554 43.37 39.34 -83.08
CA GLN K 554 42.17 39.84 -82.41
C GLN K 554 42.02 39.23 -81.02
N TRP K 555 42.22 37.93 -80.91
CA TRP K 555 42.10 37.30 -79.60
C TRP K 555 43.11 37.90 -78.63
N ASN K 556 44.35 38.07 -79.08
CA ASN K 556 45.37 38.64 -78.20
C ASN K 556 45.09 40.09 -77.86
N ASN K 557 44.31 40.79 -78.67
CA ASN K 557 43.89 42.15 -78.38
C ASN K 557 42.55 42.20 -77.63
N ASN K 558 41.97 41.05 -77.32
CA ASN K 558 40.83 40.97 -76.40
C ASN K 558 39.51 41.38 -77.04
N LEU K 559 39.36 41.17 -78.34
CA LEU K 559 38.08 41.48 -78.96
C LEU K 559 37.13 40.29 -78.86
N VAL K 560 35.84 40.59 -79.01
CA VAL K 560 34.80 39.57 -79.12
C VAL K 560 34.36 39.52 -80.57
N TYR K 561 34.50 38.35 -81.19
CA TYR K 561 34.21 38.20 -82.61
C TYR K 561 33.47 36.90 -82.83
N VAL K 562 32.86 36.78 -84.00
CA VAL K 562 32.02 35.64 -84.33
C VAL K 562 32.74 34.76 -85.36
N GLU K 563 32.29 33.52 -85.47
CA GLU K 563 32.75 32.57 -86.47
C GLU K 563 31.54 31.91 -87.10
N ASP K 564 31.80 31.12 -88.14
CA ASP K 564 30.73 30.38 -88.79
C ASP K 564 30.44 29.09 -88.05
N TYR K 565 29.19 28.91 -87.66
CA TYR K 565 28.76 27.67 -87.03
C TYR K 565 28.51 26.59 -88.09
N ASP K 566 27.62 26.89 -89.03
CA ASP K 566 27.41 26.07 -90.20
C ASP K 566 27.19 27.00 -91.38
N THR K 567 26.66 26.46 -92.47
CA THR K 567 26.49 27.26 -93.68
C THR K 567 25.51 28.41 -93.47
N ASN K 568 24.69 28.36 -92.42
CA ASN K 568 23.64 29.35 -92.22
C ASN K 568 23.89 30.30 -91.06
N SER K 569 24.72 29.93 -90.09
CA SER K 569 24.71 30.63 -88.81
C SER K 569 26.13 30.83 -88.29
N GLN K 570 26.24 31.76 -87.35
CA GLN K 570 27.50 32.09 -86.69
C GLN K 570 27.35 31.89 -85.20
N PHE K 571 28.46 31.94 -84.47
CA PHE K 571 28.44 31.78 -83.02
C PHE K 571 29.65 32.47 -82.41
N TYR K 572 29.60 32.68 -81.10
CA TYR K 572 30.70 33.31 -80.38
C TYR K 572 31.55 32.24 -79.73
N PRO K 573 32.78 32.00 -80.20
CA PRO K 573 33.62 30.97 -79.56
C PRO K 573 33.92 31.26 -78.10
N GLY K 574 34.11 32.52 -77.73
CA GLY K 574 34.40 32.87 -76.36
C GLY K 574 34.19 34.36 -76.15
N GLN K 575 33.45 34.71 -75.10
CA GLN K 575 33.06 36.10 -74.87
C GLN K 575 33.85 36.67 -73.69
N GLN K 576 34.99 37.26 -74.02
CA GLN K 576 35.90 37.77 -73.00
C GLN K 576 35.79 39.28 -72.87
N SER K 577 36.20 39.78 -71.71
CA SER K 577 36.21 41.21 -71.46
C SER K 577 37.54 41.81 -71.93
N PHE K 578 37.64 43.13 -71.83
CA PHE K 578 38.86 43.82 -72.22
C PHE K 578 39.88 43.94 -71.09
N TYR K 579 39.86 43.03 -70.13
CA TYR K 579 40.92 42.98 -69.13
C TYR K 579 42.22 42.54 -69.80
N SER K 580 43.33 43.18 -69.43
CA SER K 580 44.58 43.01 -70.17
C SER K 580 45.62 42.14 -69.46
N GLU K 581 45.36 41.68 -68.25
CA GLU K 581 46.36 40.90 -67.53
C GLU K 581 46.10 39.40 -67.67
N GLN K 582 46.91 38.61 -66.96
CA GLN K 582 46.85 37.16 -67.06
C GLN K 582 45.94 36.51 -66.02
N GLY K 583 45.29 37.30 -65.16
CA GLY K 583 44.36 36.73 -64.21
C GLY K 583 43.20 36.01 -64.87
N SER K 584 42.93 34.78 -64.44
CA SER K 584 41.82 34.00 -64.96
C SER K 584 40.52 34.25 -64.21
N VAL K 585 40.53 35.06 -63.16
CA VAL K 585 39.30 35.41 -62.47
C VAL K 585 38.45 36.33 -63.32
N LEU K 586 39.08 37.30 -63.99
CA LEU K 586 38.38 38.40 -64.63
C LEU K 586 38.31 38.26 -66.15
N LYS K 587 38.05 37.05 -66.66
CA LYS K 587 38.05 36.87 -68.11
C LYS K 587 36.65 36.90 -68.70
N ALA K 588 35.69 36.22 -68.09
CA ALA K 588 34.33 36.24 -68.61
C ALA K 588 33.71 37.60 -68.37
N ALA K 589 33.05 38.14 -69.40
CA ALA K 589 32.51 39.49 -69.32
C ALA K 589 31.36 39.60 -68.34
N ILE K 590 30.59 38.53 -68.14
CA ILE K 590 29.44 38.58 -67.24
C ILE K 590 29.89 38.82 -65.80
N VAL K 591 31.11 38.40 -65.46
CA VAL K 591 31.62 38.62 -64.11
C VAL K 591 31.76 40.10 -63.82
N GLY K 592 32.09 40.90 -64.84
CA GLY K 592 32.14 42.33 -64.64
C GLY K 592 30.81 42.91 -64.21
N LEU K 593 29.72 42.45 -64.82
CA LEU K 593 28.40 42.91 -64.43
C LEU K 593 28.05 42.46 -63.03
N CYS K 594 28.44 41.23 -62.68
CA CYS K 594 28.23 40.78 -61.31
C CYS K 594 28.94 41.70 -60.31
N VAL K 595 30.18 42.09 -60.64
CA VAL K 595 30.94 42.95 -59.73
C VAL K 595 30.30 44.33 -59.63
N ALA K 596 29.79 44.85 -60.75
CA ALA K 596 29.07 46.12 -60.69
C ALA K 596 27.88 46.04 -59.74
N ASN K 597 27.15 44.93 -59.79
CA ASN K 597 26.02 44.76 -58.88
C ASN K 597 26.48 44.73 -57.43
N LEU K 598 27.61 44.07 -57.16
CA LEU K 598 28.13 44.06 -55.81
C LEU K 598 28.43 45.47 -55.31
N ASN K 599 29.03 46.28 -56.18
CA ASN K 599 29.31 47.67 -55.81
C ASN K 599 28.03 48.42 -55.50
N ARG K 600 26.96 48.16 -56.25
CA ARG K 600 25.67 48.79 -55.92
C ARG K 600 25.16 48.34 -54.55
N PHE K 601 25.29 47.05 -54.24
CA PHE K 601 24.82 46.56 -52.94
C PHE K 601 25.50 47.29 -51.79
N ALA K 602 26.81 47.54 -51.93
CA ALA K 602 27.50 48.26 -50.86
C ALA K 602 26.94 49.67 -50.66
N PHE K 603 26.65 50.37 -51.76
CA PHE K 603 26.04 51.69 -51.65
C PHE K 603 24.72 51.60 -50.91
N GLU K 604 23.93 50.57 -51.19
CA GLU K 604 22.65 50.43 -50.49
C GLU K 604 22.86 50.25 -48.99
N ALA K 605 23.86 49.45 -48.61
CA ALA K 605 24.16 49.27 -47.19
C ALA K 605 24.48 50.61 -46.52
N TRP K 606 25.36 51.40 -47.15
CA TRP K 606 25.67 52.71 -46.60
C TRP K 606 24.42 53.56 -46.47
N ARG K 607 23.65 53.63 -47.56
CA ARG K 607 22.48 54.49 -47.58
C ARG K 607 21.53 54.14 -46.46
N ASP K 608 21.46 52.86 -46.10
CA ASP K 608 20.59 52.47 -45.00
C ASP K 608 21.17 52.84 -43.64
N LEU K 609 22.48 52.66 -43.45
CA LEU K 609 23.04 52.77 -42.10
C LEU K 609 23.51 54.17 -41.72
N THR K 610 23.60 55.11 -42.67
CA THR K 610 24.23 56.39 -42.37
C THR K 610 23.48 57.19 -41.31
N GLY K 611 24.23 57.89 -40.47
CA GLY K 611 23.71 58.97 -39.65
C GLY K 611 22.70 58.62 -38.58
N THR K 612 22.95 57.56 -37.80
CA THR K 612 22.05 57.13 -36.75
C THR K 612 22.68 57.36 -35.39
N GLN K 613 21.92 57.98 -34.48
CA GLN K 613 22.46 58.45 -33.21
C GLN K 613 22.75 57.28 -32.27
N LYS K 614 21.83 56.32 -32.18
CA LYS K 614 21.85 55.33 -31.11
C LYS K 614 22.48 54.00 -31.50
N LEU K 615 23.07 53.89 -32.69
CA LEU K 615 23.77 52.67 -33.04
C LEU K 615 25.06 52.55 -32.24
N THR K 616 25.61 51.34 -32.22
CA THR K 616 26.94 51.10 -31.71
C THR K 616 27.85 50.62 -32.83
N ASP K 617 29.15 50.58 -32.55
CA ASP K 617 30.10 50.11 -33.54
C ASP K 617 29.83 48.68 -33.94
N ASP K 618 29.57 47.82 -32.96
CA ASP K 618 29.31 46.40 -33.26
C ASP K 618 28.06 46.23 -34.09
N GLN K 619 26.99 46.95 -33.76
CA GLN K 619 25.76 46.86 -34.53
C GLN K 619 25.97 47.37 -35.95
N LEU K 620 26.68 48.47 -36.11
CA LEU K 620 26.98 48.99 -37.45
C LEU K 620 27.73 47.96 -38.28
N ILE K 621 28.81 47.41 -37.71
CA ILE K 621 29.62 46.42 -38.42
C ILE K 621 28.79 45.22 -38.80
N GLU K 622 28.00 44.70 -37.87
CA GLU K 622 27.23 43.49 -38.14
C GLU K 622 26.16 43.75 -39.20
N ARG K 623 25.45 44.85 -39.08
CA ARG K 623 24.35 45.14 -39.99
C ARG K 623 24.83 45.38 -41.41
N SER K 624 26.03 45.96 -41.60
CA SER K 624 26.53 46.16 -42.96
C SER K 624 26.69 44.83 -43.69
N ASP K 625 27.40 43.88 -43.08
CA ASP K 625 27.57 42.56 -43.70
C ASP K 625 26.23 41.89 -43.89
N ASP K 626 25.36 41.95 -42.88
CA ASP K 626 24.04 41.34 -43.03
C ASP K 626 23.37 41.85 -44.28
N ALA K 627 23.34 43.18 -44.46
CA ALA K 627 22.65 43.75 -45.61
C ALA K 627 23.26 43.26 -46.91
N VAL K 628 24.59 43.32 -47.02
CA VAL K 628 25.22 42.98 -48.30
C VAL K 628 24.94 41.52 -48.64
N SER K 629 25.10 40.62 -47.67
CA SER K 629 24.90 39.20 -47.94
C SER K 629 23.45 38.90 -48.27
N THR K 630 22.52 39.50 -47.53
CA THR K 630 21.11 39.24 -47.78
C THR K 630 20.71 39.72 -49.18
N ARG K 631 21.24 40.87 -49.60
CA ARG K 631 20.90 41.38 -50.93
C ARG K 631 21.55 40.55 -52.03
N GLY K 632 22.75 40.03 -51.79
CA GLY K 632 23.49 39.39 -52.87
C GLY K 632 23.29 37.90 -53.02
N THR K 633 23.12 37.17 -51.92
CA THR K 633 23.08 35.71 -51.99
C THR K 633 21.94 35.23 -52.88
N GLY K 634 22.22 34.25 -53.72
CA GLY K 634 21.21 33.59 -54.53
C GLY K 634 20.83 34.31 -55.81
N ALA K 635 21.63 35.26 -56.29
CA ALA K 635 21.28 36.05 -57.45
C ALA K 635 22.14 35.75 -58.67
N PHE K 636 23.44 35.49 -58.49
CA PHE K 636 24.38 35.43 -59.58
C PHE K 636 24.50 34.05 -60.20
N ASP K 637 23.51 33.18 -60.01
CA ASP K 637 23.38 31.94 -60.77
C ASP K 637 24.69 31.13 -60.76
N ASP K 638 25.48 31.31 -59.71
CA ASP K 638 26.72 30.56 -59.51
C ASP K 638 27.83 31.00 -60.45
N ARG K 639 27.90 32.29 -60.80
CA ARG K 639 29.06 32.79 -61.53
C ARG K 639 30.15 33.25 -60.57
N LEU K 640 29.77 33.65 -59.35
CA LEU K 640 30.67 34.17 -58.35
C LEU K 640 30.48 33.43 -57.03
N ILE K 641 31.49 33.54 -56.17
CA ILE K 641 31.28 33.33 -54.73
C ILE K 641 31.94 34.48 -54.00
N PHE K 642 31.20 35.14 -53.11
CA PHE K 642 31.65 36.37 -52.48
C PHE K 642 31.39 36.34 -50.99
N THR K 643 32.11 37.20 -50.26
CA THR K 643 32.03 37.29 -48.81
C THR K 643 32.35 38.71 -48.34
N PRO K 644 31.46 39.37 -47.58
CA PRO K 644 31.78 40.71 -47.09
C PRO K 644 32.40 40.73 -45.71
N HIS K 645 33.12 41.81 -45.38
CA HIS K 645 33.75 41.96 -44.07
C HIS K 645 33.74 43.44 -43.72
N SER K 646 32.99 43.80 -42.69
CA SER K 646 32.97 45.16 -42.17
C SER K 646 33.80 45.23 -40.89
N GLU K 647 34.38 46.39 -40.64
CA GLU K 647 35.13 46.59 -39.41
C GLU K 647 35.44 48.07 -39.23
N ILE K 648 36.17 48.38 -38.17
CA ILE K 648 36.57 49.73 -37.82
C ILE K 648 38.08 49.67 -37.54
N THR K 649 38.88 50.12 -38.50
CA THR K 649 40.33 49.98 -38.43
C THR K 649 40.92 51.09 -37.55
N GLN K 650 42.25 51.14 -37.49
CA GLN K 650 42.90 52.16 -36.68
C GLN K 650 42.71 53.55 -37.27
N ALA K 651 42.75 53.67 -38.59
CA ALA K 651 42.45 54.95 -39.21
C ALA K 651 41.03 55.40 -38.89
N ASP K 652 40.09 54.47 -38.88
CA ASP K 652 38.71 54.78 -38.52
C ASP K 652 38.60 55.20 -37.06
N LYS K 653 39.35 54.54 -36.16
CA LYS K 653 39.39 55.00 -34.79
C LYS K 653 39.92 56.43 -34.69
N GLU K 654 40.98 56.72 -35.45
CA GLU K 654 41.53 58.07 -35.43
C GLU K 654 40.50 59.09 -35.88
N ARG K 655 39.78 58.79 -36.96
CA ARG K 655 38.82 59.75 -37.49
C ARG K 655 37.60 59.88 -36.57
N GLY K 656 36.91 58.79 -36.32
CA GLY K 656 35.77 58.79 -35.42
C GLY K 656 34.41 58.91 -36.07
N TYR K 657 34.34 58.87 -37.41
CA TYR K 657 33.06 58.98 -38.10
C TYR K 657 32.98 58.05 -39.30
N SER K 658 33.81 57.01 -39.37
CA SER K 658 33.88 56.18 -40.56
C SER K 658 34.05 54.71 -40.18
N TRP K 659 33.68 53.84 -41.11
CA TRP K 659 33.91 52.41 -40.96
C TRP K 659 34.15 51.82 -42.35
N SER K 660 34.76 50.63 -42.39
CA SER K 660 35.24 50.05 -43.63
C SER K 660 34.50 48.77 -43.97
N MET K 661 34.35 48.52 -45.27
CA MET K 661 33.85 47.27 -45.81
C MET K 661 34.82 46.74 -46.85
N ARG K 662 34.88 45.42 -46.98
CA ARG K 662 35.75 44.79 -47.96
C ARG K 662 35.11 43.49 -48.40
N ILE K 663 34.98 43.29 -49.71
CA ILE K 663 34.30 42.13 -50.29
C ILE K 663 35.31 41.29 -51.05
N ASP K 664 35.35 39.99 -50.74
CA ASP K 664 36.25 39.05 -51.38
C ASP K 664 35.44 38.15 -52.30
N PHE K 665 35.80 38.08 -53.58
CA PHE K 665 35.03 37.31 -54.54
C PHE K 665 35.93 36.43 -55.38
N GLY K 666 35.34 35.40 -55.95
CA GLY K 666 36.09 34.45 -56.77
C GLY K 666 35.25 33.87 -57.87
N ALA K 667 35.90 33.60 -59.01
CA ALA K 667 35.24 33.18 -60.25
C ALA K 667 36.17 32.24 -61.02
N ASN K 668 35.68 31.74 -62.15
CA ASN K 668 36.39 30.78 -63.01
C ASN K 668 36.54 31.32 -64.43
N ALA K 669 37.13 30.48 -65.28
CA ALA K 669 37.26 30.76 -66.71
C ALA K 669 36.85 29.53 -67.52
N PHE K 670 37.14 29.54 -68.82
CA PHE K 670 36.71 28.48 -69.72
C PHE K 670 37.85 28.00 -70.59
N ARG K 671 37.71 26.77 -71.11
CA ARG K 671 38.69 26.17 -72.00
C ARG K 671 38.24 26.34 -73.46
N THR K 672 39.21 26.50 -74.36
CA THR K 672 38.91 26.84 -75.74
C THR K 672 39.67 26.05 -76.80
N VAL K 673 40.64 25.21 -76.44
CA VAL K 673 41.48 24.53 -77.42
C VAL K 673 41.31 23.03 -77.27
N MET K 674 41.30 22.33 -78.41
CA MET K 674 41.17 20.88 -78.44
C MET K 674 42.24 20.29 -79.36
N ASP K 675 42.69 19.09 -79.01
CA ASP K 675 43.59 18.32 -79.85
C ASP K 675 42.83 17.19 -80.52
N MET K 676 43.53 16.48 -81.40
CA MET K 676 42.94 15.38 -82.16
C MET K 676 44.05 14.45 -82.63
N SER K 677 43.74 13.16 -82.67
CA SER K 677 44.71 12.16 -83.07
C SER K 677 43.97 10.88 -83.41
N SER K 678 44.69 9.93 -83.98
CA SER K 678 44.09 8.65 -84.35
C SER K 678 45.15 7.57 -84.39
N VAL K 679 44.70 6.33 -84.27
CA VAL K 679 45.57 5.16 -84.42
C VAL K 679 44.81 4.11 -85.19
N ALA K 680 45.50 3.41 -86.08
CA ALA K 680 44.91 2.40 -86.94
C ALA K 680 45.19 1.02 -86.36
N TYR K 681 44.12 0.25 -86.14
CA TYR K 681 44.23 -1.10 -85.61
C TYR K 681 43.57 -2.07 -86.58
N THR K 682 44.03 -3.31 -86.55
CA THR K 682 43.32 -4.37 -87.25
C THR K 682 42.02 -4.69 -86.52
N ARG K 683 41.07 -5.23 -87.27
CA ARG K 683 39.74 -5.44 -86.72
C ARG K 683 39.77 -6.35 -85.50
N GLU K 684 40.53 -7.44 -85.57
CA GLU K 684 40.54 -8.40 -84.48
C GLU K 684 41.15 -7.80 -83.21
N GLU K 685 42.34 -7.20 -83.33
CA GLU K 685 43.00 -6.65 -82.15
C GLU K 685 42.32 -5.41 -81.63
N LEU K 686 41.47 -4.76 -82.42
CA LEU K 686 40.63 -3.68 -81.91
C LEU K 686 39.37 -4.18 -81.24
N ALA K 687 38.75 -5.23 -81.76
CA ALA K 687 37.51 -5.75 -81.19
C ALA K 687 37.75 -6.54 -79.92
N ASN K 688 38.87 -7.25 -79.82
CA ASN K 688 39.16 -8.03 -78.62
C ASN K 688 40.64 -7.94 -78.32
N GLY K 689 40.97 -7.49 -77.11
CA GLY K 689 42.36 -7.34 -76.72
C GLY K 689 42.93 -5.98 -77.11
N MET L 1 -94.79 16.72 -38.47
CA MET L 1 -94.76 17.87 -39.42
C MET L 1 -95.02 19.19 -38.70
N SER L 2 -96.10 19.24 -37.93
CA SER L 2 -96.55 20.47 -37.31
C SER L 2 -96.12 20.62 -35.86
N GLU L 3 -96.37 19.62 -35.04
CA GLU L 3 -96.16 19.73 -33.60
C GLU L 3 -94.69 19.91 -33.27
N GLN L 4 -94.44 20.67 -32.20
CA GLN L 4 -93.11 21.07 -31.80
C GLN L 4 -92.65 20.24 -30.62
N ILE L 5 -91.44 20.52 -30.15
CA ILE L 5 -90.85 19.76 -29.05
C ILE L 5 -91.39 20.31 -27.74
N THR L 6 -92.28 19.53 -27.10
CA THR L 6 -92.88 19.98 -25.86
C THR L 6 -92.12 19.47 -24.64
N GLY L 7 -91.59 18.26 -24.71
CA GLY L 7 -90.95 17.68 -23.56
C GLY L 7 -90.02 16.55 -23.95
N SER L 8 -89.91 15.58 -23.05
CA SER L 8 -88.93 14.51 -23.18
C SER L 8 -89.50 13.21 -23.76
N THR L 9 -90.76 13.18 -24.17
CA THR L 9 -91.35 11.94 -24.61
C THR L 9 -90.58 11.39 -25.80
N PRO L 10 -90.17 10.11 -25.78
CA PRO L 10 -89.44 9.57 -26.93
C PRO L 10 -90.17 9.79 -28.24
N ARG L 11 -89.47 10.35 -29.22
CA ARG L 11 -90.11 10.81 -30.44
C ARG L 11 -89.04 11.33 -31.38
N ILE L 12 -89.32 11.26 -32.68
CA ILE L 12 -88.45 11.83 -33.70
C ILE L 12 -89.26 12.85 -34.48
N TYR L 13 -88.78 14.09 -34.50
CA TYR L 13 -89.48 15.18 -35.16
C TYR L 13 -88.85 15.44 -36.52
N TYR L 14 -89.70 15.58 -37.54
CA TYR L 14 -89.25 15.81 -38.90
C TYR L 14 -89.46 17.28 -39.24
N ARG L 15 -88.36 18.01 -39.42
CA ARG L 15 -88.39 19.30 -40.08
C ARG L 15 -88.12 19.07 -41.56
N GLY L 16 -89.01 19.53 -42.42
CA GLY L 16 -88.96 19.15 -43.82
C GLY L 16 -87.68 19.54 -44.52
N THR L 17 -87.63 19.27 -45.82
CA THR L 17 -86.49 19.67 -46.63
C THR L 17 -86.49 21.19 -46.80
N LYS L 18 -85.32 21.74 -47.08
CA LYS L 18 -85.14 23.17 -47.16
C LYS L 18 -83.95 23.46 -48.06
N ASP L 19 -83.87 24.70 -48.54
CA ASP L 19 -82.74 25.13 -49.35
C ASP L 19 -81.68 25.77 -48.46
N SER L 20 -80.46 25.86 -49.00
CA SER L 20 -79.33 26.31 -48.20
C SER L 20 -79.58 27.68 -47.60
N SER L 21 -79.11 27.87 -46.37
CA SER L 21 -79.21 29.15 -45.67
C SER L 21 -77.83 29.74 -45.47
N VAL L 22 -77.74 31.07 -45.64
CA VAL L 22 -76.48 31.76 -45.39
C VAL L 22 -76.13 31.66 -43.92
N THR L 23 -74.86 31.33 -43.64
CA THR L 23 -74.37 31.16 -42.28
C THR L 23 -73.39 32.28 -41.96
N ARG L 24 -73.65 32.99 -40.86
CA ARG L 24 -72.75 34.06 -40.45
C ARG L 24 -71.39 33.49 -40.07
N SER L 25 -70.34 34.16 -40.53
CA SER L 25 -68.98 33.67 -40.36
C SER L 25 -68.36 34.27 -39.11
N THR L 26 -67.67 33.43 -38.33
CA THR L 26 -67.01 33.88 -37.12
C THR L 26 -65.71 34.59 -37.45
N GLY L 27 -65.39 35.61 -36.65
CA GLY L 27 -64.22 36.43 -36.88
C GLY L 27 -63.11 36.08 -35.90
N SER L 28 -61.96 36.72 -36.10
CA SER L 28 -60.76 36.44 -35.34
C SER L 28 -60.29 37.69 -34.61
N THR L 29 -59.43 37.48 -33.62
CA THR L 29 -58.96 38.58 -32.79
C THR L 29 -58.18 39.59 -33.63
N THR L 30 -58.38 40.86 -33.33
CA THR L 30 -57.78 41.94 -34.10
C THR L 30 -56.30 42.11 -33.75
N THR L 31 -55.54 42.61 -34.73
CA THR L 31 -54.10 42.79 -34.60
C THR L 31 -53.74 44.08 -35.32
N LEU L 32 -52.48 44.49 -35.23
CA LEU L 32 -52.00 45.67 -35.93
C LEU L 32 -50.99 45.29 -37.01
N PRO L 33 -51.39 45.23 -38.28
CA PRO L 33 -50.41 45.08 -39.35
C PRO L 33 -49.63 46.37 -39.56
N LEU L 34 -48.70 46.34 -40.52
CA LEU L 34 -47.94 47.53 -40.86
C LEU L 34 -48.70 48.46 -41.77
N HIS L 35 -49.77 48.00 -42.41
CA HIS L 35 -50.59 48.80 -43.30
C HIS L 35 -52.01 48.80 -42.78
N ARG L 36 -52.47 49.94 -42.28
CA ARG L 36 -53.72 50.04 -41.54
C ARG L 36 -54.55 51.19 -42.09
N PRO L 37 -55.27 50.98 -43.18
CA PRO L 37 -55.92 52.10 -43.87
C PRO L 37 -57.30 52.44 -43.30
N LEU L 38 -57.69 53.69 -43.52
CA LEU L 38 -59.01 54.20 -43.19
C LEU L 38 -59.82 54.38 -44.45
N ILE L 39 -61.04 53.86 -44.47
CA ILE L 39 -61.89 53.92 -45.65
C ILE L 39 -63.25 54.47 -45.26
N MET L 40 -63.66 55.54 -45.94
CA MET L 40 -64.96 56.18 -45.73
C MET L 40 -65.90 55.78 -46.86
N PHE L 41 -67.15 55.46 -46.52
CA PHE L 41 -68.06 54.93 -47.52
C PHE L 41 -69.51 55.14 -47.10
N PHE L 42 -70.41 54.98 -48.06
CA PHE L 42 -71.84 54.90 -47.80
C PHE L 42 -72.22 53.43 -47.60
N GLY L 43 -73.14 53.19 -46.67
CA GLY L 43 -73.46 51.84 -46.28
C GLY L 43 -74.96 51.62 -46.15
N GLN L 44 -75.31 50.39 -45.79
CA GLN L 44 -76.71 50.01 -45.60
C GLN L 44 -77.12 50.08 -44.15
N LYS L 45 -76.23 49.67 -43.24
CA LYS L 45 -76.49 49.69 -41.82
C LYS L 45 -75.15 49.72 -41.08
N GLY L 46 -75.20 49.57 -39.77
CA GLY L 46 -74.00 49.51 -38.98
C GLY L 46 -73.67 50.83 -38.31
N PRO L 47 -72.69 50.83 -37.42
CA PRO L 47 -72.37 52.03 -36.66
C PRO L 47 -71.86 53.14 -37.55
N THR L 48 -71.99 54.37 -37.06
CA THR L 48 -71.60 55.57 -37.79
C THR L 48 -70.40 56.25 -37.14
N VAL L 49 -69.49 55.47 -36.57
CA VAL L 49 -68.23 55.99 -36.03
C VAL L 49 -67.11 55.08 -36.53
N PRO L 50 -65.87 55.58 -36.54
CA PRO L 50 -64.76 54.75 -37.03
C PRO L 50 -64.67 53.45 -36.24
N THR L 51 -64.47 52.35 -36.96
CA THR L 51 -64.49 51.03 -36.35
C THR L 51 -63.37 50.18 -36.94
N TRP L 52 -62.56 49.58 -36.07
CA TRP L 52 -61.54 48.65 -36.50
C TRP L 52 -62.17 47.30 -36.80
N ILE L 53 -62.03 46.84 -38.03
CA ILE L 53 -62.78 45.68 -38.50
C ILE L 53 -61.86 44.71 -39.21
N ASP L 54 -62.15 43.42 -39.00
CA ASP L 54 -61.56 42.31 -39.71
C ASP L 54 -62.42 41.98 -40.92
N PRO L 55 -61.87 41.94 -42.16
CA PRO L 55 -62.74 41.95 -43.34
C PRO L 55 -63.78 40.86 -43.39
N VAL L 56 -63.60 39.79 -42.61
CA VAL L 56 -64.57 38.71 -42.63
C VAL L 56 -65.94 39.19 -42.20
N LYS L 57 -66.01 40.21 -41.34
CA LYS L 57 -67.26 40.66 -40.74
C LYS L 57 -67.82 41.92 -41.38
N PHE L 58 -67.20 42.44 -42.44
CA PHE L 58 -67.71 43.64 -43.08
C PHE L 58 -69.12 43.41 -43.62
N GLU L 59 -69.34 42.25 -44.25
CA GLU L 59 -70.62 41.96 -44.88
C GLU L 59 -71.77 41.95 -43.89
N ASP L 60 -71.57 41.41 -42.69
CA ASP L 60 -72.64 41.32 -41.72
C ASP L 60 -72.62 42.43 -40.68
N ILE L 61 -71.64 43.33 -40.72
CA ILE L 61 -71.72 44.53 -39.90
C ILE L 61 -72.35 45.68 -40.68
N TYR L 62 -72.01 45.83 -41.96
CA TYR L 62 -72.50 46.94 -42.77
C TYR L 62 -73.44 46.49 -43.88
N GLY L 63 -73.99 45.30 -43.79
CA GLY L 63 -74.89 44.81 -44.82
C GLY L 63 -74.15 44.44 -46.08
N SER L 64 -74.63 43.44 -46.80
CA SER L 64 -73.92 42.92 -47.97
C SER L 64 -74.23 43.67 -49.24
N GLU L 65 -75.08 44.69 -49.19
CA GLU L 65 -75.39 45.49 -50.37
C GLU L 65 -74.45 46.68 -50.55
N THR L 66 -73.57 46.94 -49.59
CA THR L 66 -72.71 48.12 -49.69
C THR L 66 -71.53 47.89 -50.62
N THR L 67 -71.20 46.63 -50.88
CA THR L 67 -70.08 46.28 -51.75
C THR L 67 -70.54 45.89 -53.15
N ASN L 68 -71.81 46.08 -53.47
CA ASN L 68 -72.31 45.75 -54.79
C ASN L 68 -72.10 46.95 -55.72
N LEU L 69 -71.33 46.74 -56.79
CA LEU L 69 -71.02 47.83 -57.70
C LEU L 69 -72.24 48.30 -58.47
N SER L 70 -73.26 47.47 -58.60
CA SER L 70 -74.48 47.83 -59.32
C SER L 70 -75.56 48.40 -58.41
N GLY L 71 -75.35 48.44 -57.11
CA GLY L 71 -76.34 48.92 -56.18
C GLY L 71 -76.33 50.42 -56.06
N VAL L 72 -77.13 50.92 -55.11
CA VAL L 72 -77.28 52.36 -54.91
C VAL L 72 -76.16 52.95 -54.07
N TYR L 73 -75.38 52.14 -53.37
CA TYR L 73 -74.35 52.62 -52.46
C TYR L 73 -72.99 52.72 -53.13
N CYS L 74 -72.89 52.48 -54.43
CA CYS L 74 -71.60 52.54 -55.10
C CYS L 74 -71.08 53.97 -55.18
N THR L 75 -69.85 54.17 -54.71
CA THR L 75 -69.14 55.43 -54.83
C THR L 75 -67.72 55.11 -55.30
N HIS L 76 -66.85 56.12 -55.33
CA HIS L 76 -65.52 55.90 -55.87
C HIS L 76 -64.57 55.25 -54.86
N SER L 77 -65.08 54.67 -53.77
CA SER L 77 -64.27 53.93 -52.83
C SER L 77 -64.68 52.47 -52.68
N THR L 78 -65.79 52.08 -53.29
CA THR L 78 -66.20 50.68 -53.25
C THR L 78 -65.14 49.75 -53.82
N PRO L 79 -64.46 50.07 -54.93
CA PRO L 79 -63.34 49.22 -55.36
C PRO L 79 -62.27 49.08 -54.29
N PHE L 80 -61.98 50.15 -53.56
CA PHE L 80 -60.99 50.08 -52.49
C PHE L 80 -61.44 49.10 -51.41
N ILE L 81 -62.71 49.19 -51.02
CA ILE L 81 -63.22 48.26 -50.01
C ILE L 81 -63.13 46.82 -50.50
N LYS L 82 -63.51 46.58 -51.76
CA LYS L 82 -63.48 45.22 -52.28
C LYS L 82 -62.07 44.67 -52.33
N GLU L 83 -61.11 45.49 -52.76
CA GLU L 83 -59.72 45.05 -52.80
C GLU L 83 -59.20 44.74 -51.40
N ALA L 84 -59.55 45.58 -50.42
CA ALA L 84 -59.13 45.33 -49.05
C ALA L 84 -59.70 44.01 -48.56
N ILE L 85 -60.96 43.75 -48.84
CA ILE L 85 -61.58 42.49 -48.40
C ILE L 85 -60.92 41.31 -49.07
N ALA L 86 -60.62 41.42 -50.37
CA ALA L 86 -59.97 40.32 -51.08
C ALA L 86 -58.60 40.03 -50.50
N ALA L 87 -57.81 41.07 -50.22
CA ALA L 87 -56.46 40.85 -49.74
C ALA L 87 -56.43 40.43 -48.27
N GLY L 88 -57.41 40.85 -47.49
CA GLY L 88 -57.46 40.49 -46.08
C GLY L 88 -56.74 41.47 -45.18
N ASN L 89 -57.08 42.75 -45.27
CA ASN L 89 -56.53 43.77 -44.38
C ASN L 89 -57.53 44.12 -43.30
N GLN L 90 -57.12 43.99 -42.04
CA GLN L 90 -57.87 44.59 -40.97
C GLN L 90 -57.76 46.10 -41.08
N PHE L 91 -58.87 46.77 -41.36
CA PHE L 91 -58.84 48.20 -41.67
C PHE L 91 -59.90 48.91 -40.86
N MET L 92 -59.90 50.24 -40.94
CA MET L 92 -60.83 51.05 -40.16
C MET L 92 -61.91 51.61 -41.07
N ALA L 93 -63.15 51.23 -40.82
CA ALA L 93 -64.30 51.65 -41.59
C ALA L 93 -64.92 52.89 -40.98
N LEU L 94 -65.40 53.78 -41.86
CA LEU L 94 -66.14 54.97 -41.44
C LEU L 94 -67.32 55.14 -42.37
N ARG L 95 -68.52 54.94 -41.86
CA ARG L 95 -69.75 55.02 -42.64
C ARG L 95 -70.30 56.44 -42.55
N LEU L 96 -70.29 57.15 -43.67
CA LEU L 96 -70.84 58.49 -43.75
C LEU L 96 -72.34 58.43 -44.06
N GLU L 97 -73.01 59.56 -43.84
CA GLU L 97 -74.41 59.71 -44.17
C GLU L 97 -74.64 61.04 -44.86
N PRO L 98 -75.62 61.10 -45.77
CA PRO L 98 -75.92 62.38 -46.42
C PRO L 98 -76.59 63.34 -45.45
N SER L 99 -76.46 64.63 -45.76
CA SER L 99 -76.95 65.67 -44.84
C SER L 99 -78.46 65.72 -44.75
N ASP L 100 -79.17 64.98 -45.60
CA ASP L 100 -80.64 65.01 -45.64
C ASP L 100 -81.26 63.65 -45.39
N ILE L 101 -80.64 62.83 -44.55
CA ILE L 101 -81.17 61.47 -44.33
C ILE L 101 -82.42 61.54 -43.47
N PRO L 102 -83.49 60.82 -43.82
CA PRO L 102 -84.69 60.84 -42.96
C PRO L 102 -84.55 59.99 -41.70
N ASP L 103 -85.60 59.92 -40.90
CA ASP L 103 -85.56 59.19 -39.64
C ASP L 103 -85.85 57.72 -39.89
N VAL L 104 -86.02 56.95 -38.82
CA VAL L 104 -86.20 55.51 -38.93
C VAL L 104 -87.64 55.19 -39.26
N ALA L 105 -87.90 53.95 -39.68
CA ALA L 105 -89.26 53.51 -39.97
C ALA L 105 -89.94 53.05 -38.69
N THR L 106 -91.25 53.26 -38.61
CA THR L 106 -92.03 52.96 -37.42
C THR L 106 -93.35 52.31 -37.79
N LEU L 107 -93.93 51.61 -36.83
CA LEU L 107 -95.24 50.98 -37.01
C LEU L 107 -95.89 50.79 -35.65
N GLY L 108 -97.05 51.38 -35.45
CA GLY L 108 -97.81 51.24 -34.22
C GLY L 108 -99.01 50.35 -34.44
N LEU L 109 -99.37 49.60 -33.40
CA LEU L 109 -100.51 48.70 -33.40
C LEU L 109 -101.56 49.24 -32.43
N SER L 110 -102.82 49.16 -32.84
CA SER L 110 -103.91 49.69 -32.03
C SER L 110 -105.15 48.84 -32.26
N VAL L 111 -106.13 49.00 -31.36
CA VAL L 111 -107.40 48.31 -31.49
C VAL L 111 -108.53 49.32 -31.37
N ASP L 112 -109.46 49.25 -32.32
CA ASP L 112 -110.73 49.95 -32.23
C ASP L 112 -111.69 49.08 -31.42
N TRP L 113 -112.21 49.67 -30.35
CA TRP L 113 -112.84 48.94 -29.26
C TRP L 113 -114.22 49.54 -29.00
N VAL L 114 -115.24 48.68 -28.91
CA VAL L 114 -116.59 49.12 -28.55
C VAL L 114 -117.37 47.94 -27.99
N LYS L 115 -118.47 48.24 -27.29
CA LYS L 115 -119.36 47.22 -26.74
C LYS L 115 -120.75 47.38 -27.35
N THR L 116 -121.45 46.27 -27.56
CA THR L 116 -122.76 46.30 -28.20
C THR L 116 -123.33 44.89 -28.21
N LYS L 117 -124.62 44.80 -28.51
CA LYS L 117 -125.25 43.49 -28.70
C LYS L 117 -124.91 42.93 -30.07
N ILE L 118 -124.68 41.62 -30.13
CA ILE L 118 -124.33 40.93 -31.36
C ILE L 118 -125.07 39.60 -31.43
N ASP L 119 -124.81 38.85 -32.50
CA ASP L 119 -125.47 37.58 -32.71
C ASP L 119 -124.74 36.45 -31.99
N ASP L 120 -125.42 35.32 -31.88
CA ASP L 120 -124.83 34.09 -31.37
C ASP L 120 -125.17 32.96 -32.33
N TYR L 121 -124.28 31.97 -32.39
CA TYR L 121 -124.34 30.94 -33.40
C TYR L 121 -124.63 29.59 -32.77
N GLU L 122 -124.92 28.62 -33.62
CA GLU L 122 -125.24 27.27 -33.17
C GLU L 122 -124.01 26.60 -32.57
N ARG L 123 -124.26 25.48 -31.88
CA ARG L 123 -123.20 24.63 -31.36
C ARG L 123 -123.57 23.18 -31.62
N ASN L 124 -122.64 22.44 -32.21
CA ASN L 124 -122.86 21.01 -32.41
C ASN L 124 -122.85 20.28 -31.08
N ASP L 125 -121.85 20.54 -30.25
CA ASP L 125 -121.72 19.91 -28.94
C ASP L 125 -120.98 20.89 -28.04
N ASP L 126 -120.45 20.38 -26.93
CA ASP L 126 -119.62 21.20 -26.05
C ASP L 126 -118.36 21.69 -26.76
N GLY L 127 -118.00 21.10 -27.90
CA GLY L 127 -116.86 21.56 -28.65
C GLY L 127 -117.04 22.92 -29.30
N THR L 128 -118.27 23.41 -29.40
CA THR L 128 -118.55 24.73 -29.95
C THR L 128 -117.98 24.87 -31.36
N TYR L 129 -118.25 23.87 -32.20
CA TYR L 129 -117.68 23.87 -33.54
C TYR L 129 -118.38 24.86 -34.46
N LYS L 130 -119.71 24.95 -34.38
CA LYS L 130 -120.45 25.74 -35.34
C LYS L 130 -120.15 27.23 -35.20
N LEU L 131 -120.02 27.90 -36.34
CA LEU L 131 -119.93 29.35 -36.40
C LEU L 131 -120.35 29.82 -37.79
N ASP L 132 -120.69 31.10 -37.87
CA ASP L 132 -120.92 31.77 -39.15
C ASP L 132 -121.88 30.99 -40.05
N THR L 133 -122.97 30.50 -39.46
CA THR L 133 -123.99 29.77 -40.22
C THR L 133 -123.40 28.56 -40.94
N ASN L 134 -122.42 27.91 -40.33
CA ASN L 134 -121.88 26.70 -40.92
C ASN L 134 -122.97 25.64 -41.02
N GLY L 135 -122.78 24.69 -41.93
CA GLY L 135 -123.84 23.74 -42.20
C GLY L 135 -124.99 24.45 -42.88
N ASP L 136 -126.15 24.44 -42.24
CA ASP L 136 -127.35 25.07 -42.79
C ASP L 136 -128.13 25.88 -41.77
N LYS L 137 -127.55 26.23 -40.63
CA LYS L 137 -128.30 26.79 -39.51
C LYS L 137 -128.05 28.28 -39.36
N ILE L 138 -129.13 29.04 -39.26
CA ILE L 138 -129.16 30.46 -38.96
C ILE L 138 -128.63 30.66 -37.54
N PRO L 139 -127.99 31.77 -37.19
CA PRO L 139 -127.59 31.97 -35.80
C PRO L 139 -128.79 31.92 -34.85
N LEU L 140 -128.54 31.41 -33.65
CA LEU L 140 -129.60 30.97 -32.75
C LEU L 140 -130.15 32.08 -31.88
N ALA L 141 -129.32 32.67 -31.02
CA ALA L 141 -129.80 33.67 -30.09
C ALA L 141 -130.13 34.97 -30.82
N THR L 142 -131.18 35.64 -30.36
CA THR L 142 -131.60 36.89 -30.98
C THR L 142 -130.52 37.95 -30.86
N GLN L 143 -130.03 38.17 -29.64
CA GLN L 143 -128.97 39.14 -29.41
C GLN L 143 -128.24 38.76 -28.13
N ILE L 144 -126.90 38.73 -28.22
CA ILE L 144 -126.04 38.46 -27.07
C ILE L 144 -125.14 39.67 -26.88
N ASP L 145 -125.15 40.21 -25.65
CA ASP L 145 -124.34 41.37 -25.36
C ASP L 145 -122.86 40.99 -25.37
N GLY L 146 -122.05 41.77 -26.09
CA GLY L 146 -120.64 41.47 -26.23
C GLY L 146 -119.83 42.66 -26.70
N ILE L 147 -118.68 42.37 -27.29
CA ILE L 147 -117.69 43.40 -27.60
C ILE L 147 -117.25 43.25 -29.07
N LYS L 148 -116.91 44.38 -29.68
CA LYS L 148 -116.45 44.42 -31.06
C LYS L 148 -115.07 45.06 -31.13
N PHE L 149 -114.17 44.40 -31.87
CA PHE L 149 -112.80 44.81 -32.08
C PHE L 149 -112.52 45.00 -33.56
N ARG L 150 -111.58 45.91 -33.86
CA ARG L 150 -111.09 46.11 -35.22
C ARG L 150 -109.64 46.56 -35.13
N PHE L 151 -108.70 45.73 -35.58
CA PHE L 151 -107.30 46.01 -35.36
C PHE L 151 -106.73 46.94 -36.43
N VAL L 152 -105.72 47.71 -36.04
CA VAL L 152 -105.14 48.76 -36.89
C VAL L 152 -103.63 48.70 -36.77
N LEU L 153 -102.94 48.77 -37.92
CA LEU L 153 -101.48 48.84 -37.99
C LEU L 153 -101.13 50.02 -38.89
N GLU L 154 -100.43 51.01 -38.34
CA GLU L 154 -100.18 52.20 -39.14
C GLU L 154 -98.98 52.98 -38.61
N LYS L 155 -98.50 53.89 -39.45
CA LYS L 155 -97.30 54.66 -39.10
C LYS L 155 -97.55 55.50 -37.86
N ILE L 156 -96.51 55.64 -37.04
CA ILE L 156 -96.56 56.48 -35.84
C ILE L 156 -96.24 57.91 -36.27
N GLU L 157 -97.20 58.81 -36.13
CA GLU L 157 -97.03 60.19 -36.56
C GLU L 157 -96.15 60.95 -35.59
N THR L 158 -95.49 61.99 -36.11
CA THR L 158 -94.55 62.78 -35.34
C THR L 158 -95.22 64.04 -34.78
N ASN L 159 -94.53 64.66 -33.82
CA ASN L 159 -95.00 65.91 -33.23
C ASN L 159 -94.84 67.05 -34.24
N GLU L 160 -95.62 68.11 -34.00
CA GLU L 160 -95.57 69.28 -34.87
C GLU L 160 -94.20 69.93 -34.86
N SER L 161 -93.40 69.71 -33.83
CA SER L 161 -92.06 70.27 -33.76
C SER L 161 -91.02 69.40 -34.47
N GLY L 162 -91.39 68.20 -34.90
CA GLY L 162 -90.48 67.33 -35.61
C GLY L 162 -89.82 66.28 -34.74
N VAL L 163 -90.58 65.75 -33.78
CA VAL L 163 -90.09 64.70 -32.90
C VAL L 163 -91.12 63.58 -32.86
N SER L 164 -90.65 62.34 -32.98
CA SER L 164 -91.55 61.21 -33.03
C SER L 164 -92.19 60.95 -31.67
N GLN L 165 -93.39 60.37 -31.70
CA GLN L 165 -94.14 60.03 -30.49
C GLN L 165 -93.99 58.56 -30.13
N TYR L 166 -92.79 58.02 -30.31
CA TYR L 166 -92.58 56.57 -30.22
C TYR L 166 -93.17 56.00 -28.94
N LYS L 167 -92.94 56.66 -27.81
CA LYS L 167 -93.41 56.17 -26.51
C LYS L 167 -94.52 57.02 -25.93
N LYS L 168 -95.12 57.92 -26.71
CA LYS L 168 -96.04 58.92 -26.18
C LYS L 168 -97.34 58.99 -26.98
N ARG L 169 -97.84 57.85 -27.44
CA ARG L 169 -99.13 57.83 -28.09
C ARG L 169 -100.25 57.80 -27.04
N THR L 170 -101.44 58.22 -27.46
CA THR L 170 -102.59 58.34 -26.57
C THR L 170 -103.86 57.95 -27.30
N ALA L 171 -104.88 57.60 -26.53
CA ALA L 171 -106.13 57.12 -27.10
C ALA L 171 -106.89 58.24 -27.81
N LYS L 172 -107.82 57.84 -28.67
CA LYS L 172 -108.57 58.79 -29.48
C LYS L 172 -109.94 58.22 -29.79
N ALA L 173 -110.80 59.06 -30.35
CA ALA L 173 -112.13 58.63 -30.74
C ALA L 173 -112.06 57.65 -31.90
N GLY L 174 -112.90 56.62 -31.86
CA GLY L 174 -112.88 55.57 -32.86
C GLY L 174 -113.77 55.86 -34.04
N THR L 175 -113.93 54.83 -34.88
CA THR L 175 -114.78 54.92 -36.07
C THR L 175 -115.80 53.81 -36.19
N ILE L 176 -115.52 52.60 -35.70
CA ILE L 176 -116.52 51.54 -35.71
C ILE L 176 -117.51 51.77 -34.58
N GLY L 177 -118.78 51.55 -34.87
CA GLY L 177 -119.81 51.79 -33.87
C GLY L 177 -119.90 53.22 -33.42
N THR L 178 -119.79 54.17 -34.34
CA THR L 178 -119.90 55.59 -34.00
C THR L 178 -121.29 55.97 -33.49
N GLU L 179 -122.29 55.10 -33.68
CA GLU L 179 -123.57 55.32 -33.05
C GLU L 179 -123.44 55.46 -31.54
N ALA L 180 -122.44 54.81 -30.94
CA ALA L 180 -122.07 55.00 -29.55
C ALA L 180 -120.71 55.65 -29.51
N THR L 181 -120.62 56.80 -28.84
CA THR L 181 -119.36 57.52 -28.76
C THR L 181 -118.22 56.69 -28.21
N PRO L 182 -118.41 55.84 -27.18
CA PRO L 182 -117.26 55.16 -26.56
C PRO L 182 -116.39 54.34 -27.50
N SER L 183 -116.80 54.19 -28.76
CA SER L 183 -115.92 53.56 -29.75
C SER L 183 -114.59 54.29 -29.78
N THR L 184 -113.52 53.61 -29.35
CA THR L 184 -112.24 54.28 -29.16
C THR L 184 -111.09 53.48 -29.75
N ILE L 185 -110.09 54.20 -30.25
CA ILE L 185 -108.83 53.59 -30.65
C ILE L 185 -107.87 53.63 -29.46
N THR L 186 -107.36 52.46 -29.07
CA THR L 186 -106.39 52.41 -27.99
C THR L 186 -105.13 51.69 -28.48
N PRO L 187 -103.94 52.22 -28.21
CA PRO L 187 -102.71 51.59 -28.69
C PRO L 187 -102.29 50.40 -27.85
N LEU L 188 -101.56 49.48 -28.48
CA LEU L 188 -101.14 48.25 -27.86
C LEU L 188 -99.63 48.03 -27.91
N ALA L 189 -98.96 48.44 -28.99
CA ALA L 189 -97.53 48.22 -29.13
C ALA L 189 -96.96 49.15 -30.18
N ASP L 190 -95.65 49.33 -30.12
CA ASP L 190 -94.90 50.13 -31.08
C ASP L 190 -93.67 49.35 -31.55
N PHE L 191 -93.32 49.53 -32.81
CA PHE L 191 -92.15 48.90 -33.40
C PHE L 191 -91.38 49.93 -34.20
N ARG L 192 -90.05 49.80 -34.21
CA ARG L 192 -89.20 50.79 -34.84
C ARG L 192 -87.97 50.11 -35.42
N CYS L 193 -87.52 50.60 -36.57
CA CYS L 193 -86.32 50.08 -37.20
C CYS L 193 -85.07 50.56 -36.48
N ARG L 194 -84.06 49.68 -36.45
CA ARG L 194 -82.83 49.98 -35.72
C ARG L 194 -81.93 50.97 -36.44
N PHE L 195 -81.96 51.00 -37.76
CA PHE L 195 -81.03 51.81 -38.54
C PHE L 195 -81.81 52.84 -39.36
N LYS L 196 -81.06 53.68 -40.06
CA LYS L 196 -81.62 54.68 -40.97
C LYS L 196 -81.28 54.27 -42.40
N SER L 197 -82.20 53.58 -43.05
CA SER L 197 -81.96 53.10 -44.41
C SER L 197 -83.25 52.48 -44.93
N SER L 198 -83.23 52.11 -46.20
CA SER L 198 -84.35 51.43 -46.82
C SER L 198 -84.56 50.03 -46.25
N LEU L 199 -83.60 49.51 -45.49
CA LEU L 199 -83.81 48.23 -44.84
C LEU L 199 -85.03 48.27 -43.93
N GLY L 200 -85.25 49.40 -43.25
CA GLY L 200 -86.44 49.53 -42.43
C GLY L 200 -87.72 49.49 -43.24
N ALA L 201 -87.75 50.24 -44.35
CA ALA L 201 -88.91 50.23 -45.21
C ALA L 201 -89.19 48.86 -45.81
N ASN L 202 -88.16 48.02 -45.96
CA ASN L 202 -88.35 46.67 -46.48
C ASN L 202 -88.52 45.60 -45.41
N THR L 203 -88.31 45.94 -44.13
CA THR L 203 -88.51 44.95 -43.07
C THR L 203 -89.99 44.73 -42.80
N ALA L 204 -90.34 43.49 -42.45
CA ALA L 204 -91.73 43.11 -42.22
C ALA L 204 -91.81 42.20 -41.00
N LEU L 205 -93.00 42.18 -40.37
CA LEU L 205 -93.22 41.37 -39.19
C LEU L 205 -94.59 40.72 -39.22
N ARG L 206 -94.68 39.55 -38.59
CA ARG L 206 -95.93 38.80 -38.47
C ARG L 206 -96.15 38.43 -37.01
N ILE L 207 -97.40 38.48 -36.58
CA ILE L 207 -97.79 38.03 -35.25
C ILE L 207 -99.11 37.29 -35.37
N TRP L 208 -99.21 36.13 -34.73
CA TRP L 208 -100.46 35.37 -34.80
C TRP L 208 -100.61 34.51 -33.55
N ALA L 209 -101.80 33.90 -33.42
CA ALA L 209 -102.16 33.13 -32.24
C ALA L 209 -102.54 31.72 -32.66
N PRO L 210 -101.70 30.71 -32.43
CA PRO L 210 -102.01 29.36 -32.91
C PRO L 210 -102.87 28.57 -31.93
N THR L 211 -103.50 27.53 -32.46
CA THR L 211 -104.27 26.57 -31.69
C THR L 211 -103.74 25.16 -31.97
N ILE L 212 -104.42 24.16 -31.42
CA ILE L 212 -103.94 22.79 -31.53
C ILE L 212 -103.84 22.35 -32.98
N ASN L 213 -104.64 22.95 -33.85
CA ASN L 213 -104.73 22.53 -35.24
C ASN L 213 -103.79 23.30 -36.16
N SER L 214 -103.02 24.25 -35.64
CA SER L 214 -102.18 25.07 -36.49
C SER L 214 -101.07 24.24 -37.13
N ALA L 215 -100.40 24.84 -38.12
CA ALA L 215 -99.22 24.23 -38.70
C ALA L 215 -98.07 24.16 -37.70
N GLN L 216 -98.04 25.06 -36.72
CA GLN L 216 -97.13 24.97 -35.58
C GLN L 216 -98.02 24.74 -34.36
N ALA L 217 -98.34 23.48 -34.10
CA ALA L 217 -99.32 23.14 -33.08
C ALA L 217 -98.88 23.64 -31.71
N ALA L 218 -99.79 24.27 -30.99
CA ALA L 218 -99.52 24.71 -29.63
C ALA L 218 -99.82 23.59 -28.64
N ASP L 219 -99.44 23.82 -27.38
CA ASP L 219 -99.65 22.86 -26.31
C ASP L 219 -100.31 23.54 -25.13
N ALA L 220 -101.37 22.91 -24.61
CA ALA L 220 -102.10 23.50 -23.49
C ALA L 220 -101.38 23.28 -22.17
N ASP L 221 -100.50 22.29 -22.09
CA ASP L 221 -99.82 22.01 -20.83
C ASP L 221 -98.95 23.18 -20.40
N LEU L 222 -98.20 23.77 -21.33
CA LEU L 222 -97.33 24.89 -20.96
C LEU L 222 -98.16 26.08 -20.50
N GLN L 223 -99.27 26.36 -21.19
CA GLN L 223 -100.11 27.48 -20.78
C GLN L 223 -100.74 27.24 -19.42
N ALA L 224 -101.15 26.00 -19.13
CA ALA L 224 -101.65 25.71 -17.79
C ALA L 224 -100.55 25.89 -16.75
N ARG L 225 -99.34 25.42 -17.04
CA ARG L 225 -98.24 25.53 -16.10
C ARG L 225 -97.91 26.98 -15.81
N ILE L 226 -97.84 27.82 -16.84
CA ILE L 226 -97.73 29.27 -16.70
C ILE L 226 -98.91 29.88 -17.44
N LYS L 227 -99.79 30.55 -16.70
CA LYS L 227 -101.06 31.00 -17.26
C LYS L 227 -100.82 32.26 -18.08
N SER L 228 -100.69 32.07 -19.39
CA SER L 228 -100.53 33.16 -20.33
C SER L 228 -100.66 32.56 -21.72
N PHE L 229 -101.39 33.25 -22.60
CA PHE L 229 -101.55 32.75 -23.95
C PHE L 229 -100.33 33.12 -24.78
N LEU L 230 -99.86 32.17 -25.59
CA LEU L 230 -98.61 32.30 -26.32
C LEU L 230 -98.89 32.63 -27.77
N TYR L 231 -98.26 33.68 -28.27
CA TYR L 231 -98.39 34.12 -29.65
C TYR L 231 -97.08 33.87 -30.39
N ARG L 232 -97.20 33.54 -31.68
CA ARG L 232 -96.04 33.38 -32.53
C ARG L 232 -95.66 34.70 -33.17
N PHE L 233 -94.35 34.95 -33.25
CA PHE L 233 -93.79 36.18 -33.77
C PHE L 233 -92.73 35.83 -34.82
N GLN L 234 -92.72 36.57 -35.93
CA GLN L 234 -91.82 36.28 -37.03
C GLN L 234 -91.35 37.58 -37.68
N ILE L 235 -90.12 37.56 -38.21
CA ILE L 235 -89.50 38.69 -38.87
C ILE L 235 -89.11 38.27 -40.28
N LEU L 236 -89.36 39.13 -41.27
CA LEU L 236 -89.03 38.85 -42.65
C LEU L 236 -88.40 40.09 -43.28
N THR L 237 -87.67 39.88 -44.38
CA THR L 237 -87.04 40.99 -45.09
C THR L 237 -87.02 40.68 -46.58
N ARG L 238 -87.22 41.70 -47.41
CA ARG L 238 -87.24 41.55 -48.86
C ARG L 238 -86.09 42.32 -49.49
N ALA L 239 -85.80 41.98 -50.74
CA ALA L 239 -84.68 42.58 -51.45
C ALA L 239 -85.02 43.98 -51.95
N ASP L 240 -86.10 44.12 -52.70
CA ASP L 240 -86.57 45.40 -53.18
C ASP L 240 -88.09 45.43 -53.13
N LYS L 241 -88.67 46.54 -53.56
CA LYS L 241 -90.12 46.69 -53.50
C LYS L 241 -90.83 45.64 -54.32
N ALA L 242 -90.15 45.02 -55.27
CA ALA L 242 -90.78 44.07 -56.18
C ALA L 242 -90.50 42.62 -55.84
N SER L 243 -89.59 42.35 -54.90
CA SER L 243 -89.22 40.98 -54.58
C SER L 243 -90.17 40.40 -53.53
N SER L 244 -89.80 39.26 -52.97
CA SER L 244 -90.61 38.58 -51.97
C SER L 244 -89.80 38.38 -50.69
N PRO L 245 -90.47 38.27 -49.54
CA PRO L 245 -89.74 38.24 -48.27
C PRO L 245 -89.04 36.92 -48.02
N THR L 246 -88.06 36.97 -47.13
CA THR L 246 -87.33 35.82 -46.64
C THR L 246 -87.24 35.92 -45.13
N ILE L 247 -87.36 34.78 -44.46
CA ILE L 247 -87.45 34.78 -43.00
C ILE L 247 -86.10 35.12 -42.40
N PHE L 248 -86.10 35.99 -41.40
CA PHE L 248 -84.91 36.36 -40.65
C PHE L 248 -84.91 35.53 -39.38
N GLU L 249 -84.05 34.52 -39.33
CA GLU L 249 -84.06 33.57 -38.23
C GLU L 249 -83.35 34.10 -37.00
N THR L 250 -83.63 33.49 -35.86
CA THR L 250 -82.94 33.83 -34.63
C THR L 250 -81.53 33.25 -34.64
N ILE L 251 -80.73 33.68 -33.65
CA ILE L 251 -79.35 33.24 -33.59
C ILE L 251 -79.24 31.74 -33.36
N TYR L 252 -80.34 31.08 -33.01
CA TYR L 252 -80.38 29.63 -32.88
C TYR L 252 -81.04 28.97 -34.08
N ASN L 253 -81.17 29.68 -35.20
CA ASN L 253 -81.68 29.11 -36.44
C ASN L 253 -83.11 28.61 -36.28
N GLU L 254 -83.99 29.51 -35.85
CA GLU L 254 -85.41 29.22 -35.79
C GLU L 254 -86.19 30.27 -36.57
N PRO L 255 -87.33 29.91 -37.15
CA PRO L 255 -88.07 30.87 -37.97
C PRO L 255 -88.98 31.80 -37.17
N SER L 256 -89.40 31.38 -35.97
CA SER L 256 -90.38 32.14 -35.21
C SER L 256 -90.16 31.93 -33.72
N LEU L 257 -90.74 32.85 -32.94
CA LEU L 257 -90.66 32.81 -31.48
C LEU L 257 -92.06 32.68 -30.88
N SER L 258 -92.11 32.16 -29.66
CA SER L 258 -93.33 32.17 -28.85
C SER L 258 -93.16 33.15 -27.70
N VAL L 259 -94.10 34.08 -27.56
CA VAL L 259 -94.03 35.13 -26.56
C VAL L 259 -95.39 35.26 -25.88
N GLY L 260 -95.41 35.96 -24.75
CA GLY L 260 -96.64 36.10 -23.99
C GLY L 260 -96.64 37.36 -23.16
N PHE L 261 -97.85 37.77 -22.77
CA PHE L 261 -98.03 38.97 -21.95
C PHE L 261 -97.92 38.62 -20.47
N GLY L 262 -97.18 39.43 -19.72
CA GLY L 262 -97.04 39.25 -18.29
C GLY L 262 -95.73 39.77 -17.76
N GLU L 263 -95.52 39.66 -16.44
CA GLU L 263 -94.35 40.26 -15.83
C GLU L 263 -93.09 39.41 -16.06
N ASN L 264 -93.07 38.20 -15.52
CA ASN L 264 -91.97 37.28 -15.78
C ASN L 264 -92.53 35.88 -15.91
N LEU L 265 -92.60 35.39 -17.13
CA LEU L 265 -93.17 34.08 -17.43
C LEU L 265 -92.03 33.05 -17.42
N VAL L 266 -91.68 32.61 -16.23
CA VAL L 266 -90.63 31.63 -16.05
C VAL L 266 -91.25 30.25 -15.87
N ASP L 267 -90.71 29.27 -16.59
CA ASP L 267 -91.19 27.90 -16.49
C ASP L 267 -90.35 27.16 -15.46
N PRO L 268 -90.92 26.76 -14.32
CA PRO L 268 -90.13 26.01 -13.32
C PRO L 268 -89.54 24.72 -13.88
N GLN L 269 -90.28 24.01 -14.73
CA GLN L 269 -89.82 22.71 -15.24
C GLN L 269 -88.56 22.82 -16.09
N THR L 270 -88.34 23.96 -16.74
CA THR L 270 -87.18 24.11 -17.61
C THR L 270 -86.47 25.46 -17.47
N GLU L 271 -86.95 26.36 -16.63
CA GLU L 271 -86.31 27.65 -16.37
C GLU L 271 -86.24 28.55 -17.60
N VAL L 272 -87.20 28.42 -18.51
CA VAL L 272 -87.22 29.27 -19.71
C VAL L 272 -88.12 30.47 -19.48
N VAL L 273 -87.79 31.58 -20.12
CA VAL L 273 -88.51 32.85 -19.96
C VAL L 273 -89.26 33.14 -21.24
N TYR L 274 -90.56 33.46 -21.11
CA TYR L 274 -91.41 33.74 -22.26
C TYR L 274 -91.85 35.20 -22.34
N ASP L 275 -91.09 36.12 -21.75
CA ASP L 275 -91.45 37.52 -21.80
C ASP L 275 -91.25 38.07 -23.20
N PHE L 276 -92.15 38.96 -23.62
CA PHE L 276 -92.21 39.41 -25.00
C PHE L 276 -90.93 40.15 -25.40
N VAL L 277 -90.71 41.33 -24.81
CA VAL L 277 -89.59 42.17 -25.25
C VAL L 277 -88.26 41.51 -24.93
N GLU L 278 -88.14 40.97 -23.71
CA GLU L 278 -86.88 40.35 -23.30
C GLU L 278 -86.52 39.22 -24.25
N ARG L 279 -87.47 38.31 -24.51
CA ARG L 279 -87.19 37.18 -25.36
C ARG L 279 -86.83 37.62 -26.77
N ILE L 280 -87.61 38.54 -27.33
CA ILE L 280 -87.33 38.98 -28.71
C ILE L 280 -85.92 39.54 -28.80
N ASP L 281 -85.60 40.47 -27.90
CA ASP L 281 -84.33 41.17 -27.99
C ASP L 281 -83.16 40.24 -27.71
N SER L 282 -83.34 39.27 -26.82
CA SER L 282 -82.24 38.36 -26.52
C SER L 282 -82.03 37.33 -27.62
N ARG L 283 -83.10 36.88 -28.26
CA ARG L 283 -82.97 35.80 -29.23
C ARG L 283 -82.59 36.29 -30.62
N TYR L 284 -82.96 37.51 -31.00
CA TYR L 284 -82.69 37.94 -32.36
C TYR L 284 -81.38 38.69 -32.52
N ASN L 285 -80.63 38.92 -31.45
CA ASN L 285 -79.43 39.74 -31.51
C ASN L 285 -78.23 39.01 -30.94
N ASP L 286 -77.04 39.47 -31.34
CA ASP L 286 -75.78 38.86 -30.89
C ASP L 286 -74.69 39.91 -31.02
N GLU L 287 -74.24 40.44 -29.89
CA GLU L 287 -73.26 41.54 -29.87
C GLU L 287 -71.83 41.07 -29.71
N ASP L 288 -71.57 39.77 -29.65
CA ASP L 288 -70.21 39.31 -29.41
C ASP L 288 -69.32 39.67 -30.60
N PRO L 289 -68.26 40.45 -30.42
CA PRO L 289 -67.48 40.88 -31.58
C PRO L 289 -67.05 39.81 -32.58
N SER L 290 -66.96 38.55 -32.15
CA SER L 290 -66.53 37.48 -33.05
C SER L 290 -67.68 36.89 -33.85
N THR L 291 -68.88 36.85 -33.28
CA THR L 291 -70.08 36.35 -33.95
C THR L 291 -71.12 37.44 -33.80
N TYR L 292 -71.12 38.39 -34.74
CA TYR L 292 -71.82 39.65 -34.58
C TYR L 292 -72.99 39.71 -35.55
N LEU L 293 -74.17 40.08 -35.05
CA LEU L 293 -75.35 40.20 -35.89
C LEU L 293 -76.42 40.98 -35.14
N MET L 294 -76.94 42.02 -35.78
CA MET L 294 -77.95 42.90 -35.21
C MET L 294 -79.23 42.76 -36.03
N SER L 295 -80.36 42.58 -35.33
CA SER L 295 -81.64 42.46 -36.01
C SER L 295 -82.07 43.82 -36.55
N PRO L 296 -82.78 43.88 -37.67
CA PRO L 296 -83.28 45.18 -38.15
C PRO L 296 -84.21 45.88 -37.19
N LEU L 297 -85.02 45.14 -36.43
CA LEU L 297 -85.89 45.77 -35.44
C LEU L 297 -85.08 46.27 -34.25
N ASP L 298 -85.53 47.37 -33.66
CA ASP L 298 -85.01 47.81 -32.39
C ASP L 298 -85.72 47.07 -31.26
N THR L 299 -85.55 47.55 -30.04
CA THR L 299 -86.23 46.94 -28.90
C THR L 299 -87.71 47.33 -28.92
N PRO L 300 -88.64 46.38 -28.98
CA PRO L 300 -90.06 46.75 -29.00
C PRO L 300 -90.48 47.45 -27.72
N TYR L 301 -91.53 48.27 -27.83
CA TYR L 301 -92.14 48.92 -26.69
C TYR L 301 -93.59 48.44 -26.57
N LEU L 302 -94.08 48.35 -25.35
CA LEU L 302 -95.41 47.78 -25.11
C LEU L 302 -96.18 48.70 -24.18
N TYR L 303 -97.48 48.88 -24.47
CA TYR L 303 -98.37 49.71 -23.66
C TYR L 303 -99.05 48.83 -22.62
N GLN L 304 -98.36 48.64 -21.50
CA GLN L 304 -98.82 47.72 -20.49
C GLN L 304 -100.15 48.17 -19.89
N ALA L 305 -100.30 49.47 -19.62
CA ALA L 305 -101.53 49.95 -19.02
C ALA L 305 -102.73 49.63 -19.89
N ASN L 306 -102.65 49.98 -21.19
CA ASN L 306 -103.78 49.81 -22.07
C ASN L 306 -104.07 48.34 -22.33
N ILE L 307 -103.03 47.54 -22.57
CA ILE L 307 -103.25 46.11 -22.80
C ILE L 307 -103.89 45.49 -21.57
N ASP L 308 -103.41 45.86 -20.38
CA ASP L 308 -103.97 45.33 -19.14
C ASP L 308 -105.43 45.76 -18.98
N SER L 309 -105.74 47.01 -19.31
CA SER L 309 -107.11 47.48 -19.17
C SER L 309 -108.05 46.71 -20.07
N VAL L 310 -107.67 46.50 -21.33
CA VAL L 310 -108.54 45.78 -22.25
C VAL L 310 -108.70 44.33 -21.80
N LEU L 311 -107.61 43.70 -21.36
CA LEU L 311 -107.71 42.34 -20.86
C LEU L 311 -108.64 42.26 -19.66
N THR L 312 -108.52 43.22 -18.75
CA THR L 312 -109.39 43.24 -17.57
C THR L 312 -110.85 43.41 -17.97
N ALA L 313 -111.11 44.30 -18.93
CA ALA L 313 -112.48 44.51 -19.38
C ALA L 313 -113.07 43.23 -19.95
N ILE L 314 -112.34 42.57 -20.85
CA ILE L 314 -112.90 41.37 -21.46
C ILE L 314 -113.06 40.26 -20.44
N GLN L 315 -112.13 40.17 -19.47
CA GLN L 315 -112.28 39.17 -18.42
C GLN L 315 -113.52 39.44 -17.58
N GLU L 316 -113.66 40.66 -17.06
CA GLU L 316 -114.83 41.00 -16.27
C GLU L 316 -116.11 40.72 -17.04
N LEU L 317 -116.10 40.98 -18.35
CA LEU L 317 -117.29 40.75 -19.16
C LEU L 317 -117.61 39.27 -19.26
N GLU L 318 -116.70 38.48 -19.82
CA GLU L 318 -117.03 37.12 -20.25
C GLU L 318 -116.22 36.04 -19.53
N ALA L 319 -115.29 36.40 -18.65
CA ALA L 319 -114.60 35.35 -17.89
C ALA L 319 -115.58 34.57 -17.04
N PRO L 320 -116.49 35.20 -16.28
CA PRO L 320 -117.57 34.44 -15.64
C PRO L 320 -118.69 34.11 -16.62
N PHE L 321 -118.41 33.19 -17.54
CA PHE L 321 -119.37 32.79 -18.54
C PHE L 321 -119.20 31.30 -18.83
N ASP L 322 -119.98 30.81 -19.80
CA ASP L 322 -120.11 29.37 -19.98
C ASP L 322 -118.81 28.69 -20.39
N THR L 323 -118.07 29.26 -21.35
CA THR L 323 -116.96 28.52 -21.95
C THR L 323 -115.61 29.20 -21.77
N VAL L 324 -115.42 29.96 -20.70
CA VAL L 324 -114.14 30.60 -20.41
C VAL L 324 -113.93 30.62 -18.90
N SER L 325 -112.69 30.41 -18.48
CA SER L 325 -112.38 30.36 -17.06
C SER L 325 -112.55 31.73 -16.43
N ALA L 326 -113.18 31.75 -15.24
CA ALA L 326 -113.51 33.00 -14.58
C ALA L 326 -112.45 33.45 -13.58
N ASP L 327 -111.41 32.66 -13.36
CA ASP L 327 -110.46 32.95 -12.30
C ASP L 327 -109.82 34.31 -12.51
N GLU L 328 -109.12 34.78 -11.47
CA GLU L 328 -108.49 36.09 -11.53
C GLU L 328 -107.28 36.09 -12.44
N ASP L 329 -106.42 35.07 -12.32
CA ASP L 329 -105.17 35.04 -13.07
C ASP L 329 -105.37 34.71 -14.55
N ASP L 330 -106.58 34.34 -14.96
CA ASP L 330 -106.86 34.05 -16.36
C ASP L 330 -106.75 35.29 -17.24
N LEU L 331 -106.57 36.46 -16.63
CA LEU L 331 -106.49 37.70 -17.38
C LEU L 331 -105.48 37.59 -18.52
N TYR L 332 -104.28 37.11 -18.21
CA TYR L 332 -103.26 36.92 -19.23
C TYR L 332 -103.45 35.66 -20.06
N GLN L 333 -104.35 34.76 -19.64
CA GLN L 333 -104.71 33.67 -20.52
C GLN L 333 -105.64 34.11 -21.63
N ILE L 334 -106.42 35.16 -21.40
CA ILE L 334 -107.39 35.60 -22.39
C ILE L 334 -106.72 35.80 -23.74
N ASN L 335 -107.26 35.17 -24.78
CA ASN L 335 -106.74 35.31 -26.14
C ASN L 335 -107.24 36.61 -26.74
N LEU L 336 -106.33 37.49 -27.11
CA LEU L 336 -106.73 38.81 -27.58
C LEU L 336 -106.83 38.87 -29.11
N PHE L 337 -105.75 38.52 -29.79
CA PHE L 337 -105.70 38.64 -31.25
C PHE L 337 -106.61 37.65 -31.94
N GLY L 338 -106.71 36.43 -31.41
CA GLY L 338 -107.66 35.45 -31.90
C GLY L 338 -109.01 35.62 -31.23
N ALA L 339 -109.85 34.60 -31.35
CA ALA L 339 -111.17 34.60 -30.75
C ALA L 339 -111.49 33.24 -30.16
N GLN L 340 -110.47 32.55 -29.65
CA GLN L 340 -110.67 31.20 -29.12
C GLN L 340 -109.54 30.86 -28.17
N THR L 341 -109.76 29.84 -27.36
CA THR L 341 -108.72 29.35 -26.46
C THR L 341 -107.75 28.45 -27.22
N VAL L 342 -106.79 27.90 -26.47
CA VAL L 342 -105.77 27.07 -27.10
C VAL L 342 -106.38 25.86 -27.77
N GLU L 343 -107.40 25.25 -27.15
CA GLU L 343 -108.04 24.08 -27.75
C GLU L 343 -108.83 24.42 -29.01
N GLY L 344 -109.16 25.68 -29.23
CA GLY L 344 -109.86 26.06 -30.43
C GLY L 344 -111.37 26.14 -30.29
N VAL L 345 -111.87 26.60 -29.15
CA VAL L 345 -113.30 26.82 -28.94
C VAL L 345 -113.57 28.30 -29.13
N PRO L 346 -114.42 28.69 -30.08
CA PRO L 346 -114.60 30.13 -30.35
C PRO L 346 -115.20 30.87 -29.18
N TYR L 347 -114.76 32.11 -29.01
CA TYR L 347 -115.36 33.03 -28.05
C TYR L 347 -116.62 33.64 -28.66
N HIS L 348 -117.78 33.23 -28.17
CA HIS L 348 -118.98 33.98 -28.49
C HIS L 348 -119.11 35.17 -27.53
N ALA L 349 -119.79 36.21 -28.02
CA ALA L 349 -119.84 37.54 -27.42
C ALA L 349 -118.63 38.39 -27.76
N VAL L 350 -117.77 37.94 -28.68
CA VAL L 350 -116.68 38.75 -29.19
C VAL L 350 -116.71 38.69 -30.71
N GLN L 351 -116.67 39.86 -31.35
CA GLN L 351 -116.68 39.95 -32.80
C GLN L 351 -115.49 40.78 -33.27
N ILE L 352 -114.64 40.19 -34.10
CA ILE L 352 -113.51 40.89 -34.70
C ILE L 352 -113.88 41.17 -36.16
N LEU L 353 -113.87 42.45 -36.52
CA LEU L 353 -114.25 42.83 -37.88
C LEU L 353 -113.17 42.42 -38.87
N GLY L 354 -113.59 41.81 -39.97
CA GLY L 354 -112.67 41.29 -40.97
C GLY L 354 -112.15 42.38 -41.88
N VAL L 355 -111.56 41.95 -42.99
CA VAL L 355 -110.93 42.88 -43.92
C VAL L 355 -111.97 43.78 -44.56
N LEU L 356 -113.05 43.19 -45.08
CA LEU L 356 -114.07 43.98 -45.77
C LEU L 356 -114.68 45.02 -44.85
N ASP L 357 -114.66 44.77 -43.55
CA ASP L 357 -115.20 45.70 -42.56
C ASP L 357 -114.18 46.74 -42.11
N GLY L 358 -112.97 46.71 -42.68
CA GLY L 358 -111.95 47.69 -42.35
C GLY L 358 -110.94 47.26 -41.32
N GLY L 359 -110.91 45.98 -40.96
CA GLY L 359 -109.97 45.49 -39.97
C GLY L 359 -108.73 44.87 -40.61
N VAL L 360 -107.86 44.35 -39.74
CA VAL L 360 -106.64 43.67 -40.14
C VAL L 360 -106.71 42.25 -39.61
N THR L 361 -106.39 41.28 -40.46
CA THR L 361 -106.41 39.87 -40.10
C THR L 361 -105.01 39.45 -39.68
N LEU L 362 -104.85 39.14 -38.40
CA LEU L 362 -103.56 38.70 -37.86
C LEU L 362 -103.50 37.18 -37.96
N THR L 363 -102.85 36.70 -39.01
CA THR L 363 -102.64 35.28 -39.24
C THR L 363 -101.20 35.04 -39.67
N GLU L 364 -100.87 33.78 -39.94
CA GLU L 364 -99.51 33.44 -40.35
C GLU L 364 -99.20 33.86 -41.78
N THR L 365 -100.20 34.20 -42.58
CA THR L 365 -99.98 34.59 -43.97
C THR L 365 -99.96 36.09 -44.18
N ALA L 366 -100.58 36.87 -43.30
CA ALA L 366 -100.54 38.32 -43.42
C ALA L 366 -99.14 38.83 -43.12
N THR L 367 -98.72 39.86 -43.85
CA THR L 367 -97.41 40.47 -43.68
C THR L 367 -97.59 41.97 -43.50
N ASN L 368 -96.75 42.57 -42.66
CA ASN L 368 -96.87 43.97 -42.30
C ASN L 368 -95.50 44.63 -42.41
N TYR L 369 -95.44 45.74 -43.13
CA TYR L 369 -94.17 46.43 -43.41
C TYR L 369 -94.11 47.76 -42.68
N LEU L 370 -92.93 48.08 -42.18
CA LEU L 370 -92.72 49.37 -41.54
C LEU L 370 -92.82 50.49 -42.57
N GLN L 371 -93.29 51.66 -42.12
CA GLN L 371 -93.57 52.80 -42.98
C GLN L 371 -92.55 53.91 -42.74
N GLY L 372 -92.02 54.46 -43.83
CA GLY L 372 -91.13 55.60 -43.73
C GLY L 372 -89.68 55.25 -43.99
N GLY L 373 -88.78 56.12 -43.55
CA GLY L 373 -87.36 55.87 -43.69
C GLY L 373 -86.83 56.21 -45.08
N GLY L 374 -85.57 55.88 -45.28
CA GLY L 374 -84.89 56.14 -46.53
C GLY L 374 -83.40 56.32 -46.31
N ASP L 375 -82.65 56.27 -47.41
CA ASP L 375 -81.20 56.39 -47.37
C ASP L 375 -80.71 57.84 -47.47
N GLY L 376 -81.46 58.69 -48.15
CA GLY L 376 -80.99 60.03 -48.47
C GLY L 376 -80.55 60.12 -49.91
N THR L 377 -79.87 61.22 -50.22
CA THR L 377 -79.37 61.48 -51.56
C THR L 377 -77.98 60.87 -51.70
N LEU L 378 -77.85 59.87 -52.57
CA LEU L 378 -76.62 59.11 -52.74
C LEU L 378 -75.97 59.48 -54.07
N GLY L 379 -74.68 59.17 -54.18
CA GLY L 379 -73.90 59.48 -55.35
C GLY L 379 -72.58 60.11 -54.99
N ASN L 380 -71.76 60.33 -56.02
CA ASN L 380 -70.41 60.83 -55.79
C ASN L 380 -70.43 62.29 -55.32
N ASP L 381 -71.39 63.09 -55.79
CA ASP L 381 -71.44 64.49 -55.35
C ASP L 381 -71.71 64.57 -53.85
N SER L 382 -72.75 63.88 -53.37
CA SER L 382 -73.03 63.90 -51.94
C SER L 382 -71.93 63.21 -51.15
N PHE L 383 -71.31 62.18 -51.72
CA PHE L 383 -70.19 61.54 -51.02
C PHE L 383 -69.05 62.52 -50.82
N ASN L 384 -68.70 63.28 -51.86
CA ASN L 384 -67.65 64.28 -51.73
C ASN L 384 -68.05 65.34 -50.70
N ALA L 385 -69.31 65.76 -50.71
CA ALA L 385 -69.77 66.75 -49.74
C ALA L 385 -69.58 66.24 -48.32
N ALA L 386 -70.00 65.00 -48.06
CA ALA L 386 -69.87 64.45 -46.70
C ALA L 386 -68.41 64.28 -46.31
N ALA L 387 -67.58 63.79 -47.23
CA ALA L 387 -66.17 63.62 -46.93
C ALA L 387 -65.51 64.94 -46.59
N TYR L 388 -65.85 65.99 -47.35
CA TYR L 388 -65.31 67.31 -47.04
C TYR L 388 -65.81 67.79 -45.69
N ALA L 389 -67.09 67.57 -45.39
CA ALA L 389 -67.62 67.98 -44.10
C ALA L 389 -66.84 67.35 -42.96
N VAL L 390 -66.49 66.08 -43.10
CA VAL L 390 -65.71 65.38 -42.07
C VAL L 390 -64.27 65.89 -42.01
N LEU L 391 -63.62 66.05 -43.16
CA LEU L 391 -62.19 66.33 -43.17
C LEU L 391 -61.88 67.78 -42.81
N SER L 392 -62.73 68.73 -43.20
CA SER L 392 -62.44 70.13 -42.91
C SER L 392 -62.44 70.40 -41.41
N ASN L 393 -63.39 69.81 -40.69
CA ASN L 393 -63.54 70.05 -39.25
C ASN L 393 -62.95 68.86 -38.51
N LEU L 394 -61.62 68.87 -38.35
CA LEU L 394 -60.95 67.79 -37.62
C LEU L 394 -60.53 68.20 -36.23
N SER L 395 -60.25 69.48 -36.00
CA SER L 395 -59.79 69.96 -34.71
C SER L 395 -60.93 70.33 -33.76
N ASN L 396 -62.17 70.37 -34.24
CA ASN L 396 -63.29 70.73 -33.40
C ASN L 396 -64.52 69.89 -33.69
N ASN L 397 -64.33 68.68 -34.21
CA ASN L 397 -65.46 67.80 -34.47
C ASN L 397 -66.04 67.25 -33.18
N ALA L 398 -67.37 67.24 -33.08
CA ALA L 398 -68.05 66.71 -31.91
C ALA L 398 -68.41 65.24 -32.07
N ALA L 399 -68.11 64.63 -33.21
CA ALA L 399 -68.39 63.22 -33.45
C ALA L 399 -67.22 62.34 -33.03
N PHE L 400 -66.00 62.76 -33.32
CA PHE L 400 -64.82 62.01 -32.91
C PHE L 400 -63.58 62.86 -33.15
N ASN L 401 -62.60 62.72 -32.26
CA ASN L 401 -61.31 63.40 -32.38
C ASN L 401 -60.30 62.38 -32.89
N ILE L 402 -59.76 62.61 -34.08
CA ILE L 402 -58.89 61.64 -34.73
C ILE L 402 -57.41 61.95 -34.52
N THR L 403 -57.07 62.70 -33.47
CA THR L 403 -55.70 62.76 -33.00
C THR L 403 -55.46 61.81 -31.84
N ASN L 404 -56.37 60.86 -31.63
CA ASN L 404 -56.26 59.87 -30.55
C ASN L 404 -55.52 58.66 -31.10
N TYR L 405 -54.23 58.55 -30.73
CA TYR L 405 -53.40 57.48 -31.28
C TYR L 405 -53.90 56.11 -30.84
N ALA L 406 -54.27 55.97 -29.57
CA ALA L 406 -54.60 54.66 -29.04
C ALA L 406 -55.96 54.17 -29.52
N ARG L 407 -56.92 55.07 -29.71
CA ARG L 407 -58.28 54.67 -30.06
C ARG L 407 -58.50 54.55 -31.56
N TYR L 408 -57.66 55.17 -32.37
CA TYR L 408 -57.81 55.17 -33.84
C TYR L 408 -56.48 54.76 -34.44
N PRO L 409 -56.23 53.45 -34.55
CA PRO L 409 -54.91 52.98 -35.01
C PRO L 409 -54.64 53.14 -36.49
N PHE L 410 -55.48 53.84 -37.25
CA PHE L 410 -55.22 53.98 -38.67
C PHE L 410 -53.92 54.74 -38.89
N ASN L 411 -53.22 54.39 -39.98
CA ASN L 411 -51.97 55.06 -40.32
C ASN L 411 -51.83 55.43 -41.79
N ALA L 412 -52.80 55.12 -42.63
CA ALA L 412 -52.70 55.40 -44.05
C ALA L 412 -54.01 55.99 -44.57
N PHE L 413 -53.90 56.85 -45.56
CA PHE L 413 -55.06 57.40 -46.25
C PHE L 413 -54.77 57.49 -47.74
N TRP L 414 -55.62 56.87 -48.55
CA TRP L 414 -55.48 56.86 -50.00
C TRP L 414 -56.56 57.74 -50.60
N ASP L 415 -56.17 58.61 -51.51
CA ASP L 415 -57.12 59.41 -52.28
C ASP L 415 -57.64 58.58 -53.43
N SER L 416 -58.92 58.24 -53.38
CA SER L 416 -59.53 57.38 -54.38
C SER L 416 -60.17 58.16 -55.52
N GLY L 417 -60.04 59.48 -55.53
CA GLY L 417 -60.64 60.29 -56.57
C GLY L 417 -61.54 61.40 -56.05
N PHE L 418 -61.30 61.87 -54.84
CA PHE L 418 -62.05 63.02 -54.33
C PHE L 418 -61.84 64.22 -55.23
N ASP L 419 -62.80 65.15 -55.19
CA ASP L 419 -62.69 66.36 -55.98
C ASP L 419 -61.60 67.27 -55.40
N LEU L 420 -61.14 68.21 -56.23
CA LEU L 420 -59.98 69.01 -55.87
C LEU L 420 -60.19 69.80 -54.58
N LYS L 421 -61.43 70.21 -54.29
CA LYS L 421 -61.67 70.93 -53.04
C LYS L 421 -61.43 70.04 -51.83
N THR L 422 -61.85 68.77 -51.90
CA THR L 422 -61.61 67.86 -50.79
C THR L 422 -60.18 67.38 -50.75
N LYS L 423 -59.50 67.36 -51.91
CA LYS L 423 -58.12 66.88 -51.95
C LYS L 423 -57.21 67.70 -51.06
N GLN L 424 -57.49 68.99 -50.91
CA GLN L 424 -56.58 69.89 -50.21
C GLN L 424 -56.75 69.87 -48.70
N THR L 425 -57.74 69.12 -48.19
CA THR L 425 -57.88 68.92 -46.76
C THR L 425 -57.22 67.65 -46.26
N ILE L 426 -56.63 66.85 -47.14
CA ILE L 426 -56.01 65.58 -46.77
C ILE L 426 -54.60 65.81 -46.22
N PRO L 427 -53.79 66.69 -46.80
CA PRO L 427 -52.39 66.80 -46.35
C PRO L 427 -52.24 67.10 -44.88
N GLN L 428 -53.22 67.75 -44.26
CA GLN L 428 -53.08 68.11 -42.85
C GLN L 428 -53.08 66.91 -41.92
N LEU L 429 -53.40 65.71 -42.42
CA LEU L 429 -53.30 64.53 -41.58
C LEU L 429 -51.86 64.29 -41.16
N ILE L 430 -50.91 64.43 -42.09
CA ILE L 430 -49.48 64.29 -41.75
C ILE L 430 -48.94 65.50 -41.03
N GLY L 431 -49.77 66.50 -40.76
CA GLY L 431 -49.36 67.60 -39.91
C GLY L 431 -49.87 67.41 -38.51
N LEU L 432 -51.08 66.85 -38.40
CA LEU L 432 -51.69 66.62 -37.09
C LEU L 432 -51.19 65.34 -36.42
N ARG L 433 -50.76 64.34 -37.19
CA ARG L 433 -50.30 63.09 -36.60
C ARG L 433 -48.92 62.74 -37.14
N ALA L 434 -48.08 62.19 -36.26
CA ALA L 434 -46.69 61.88 -36.57
C ALA L 434 -46.49 60.42 -36.94
N ASP L 435 -47.55 59.66 -37.14
CA ASP L 435 -47.48 58.28 -37.60
C ASP L 435 -48.51 58.03 -38.69
N THR L 436 -48.61 58.94 -39.65
CA THR L 436 -49.60 58.87 -40.71
C THR L 436 -48.91 58.99 -42.06
N TRP L 437 -49.56 58.42 -43.08
CA TRP L 437 -49.02 58.31 -44.43
C TRP L 437 -50.15 58.56 -45.41
N ILE L 438 -49.90 59.31 -46.47
CA ILE L 438 -50.94 59.70 -47.42
C ILE L 438 -50.48 59.42 -48.84
N ALA L 439 -51.41 58.94 -49.65
CA ALA L 439 -51.24 58.84 -51.10
C ALA L 439 -52.29 59.71 -51.75
N LEU L 440 -51.87 60.55 -52.68
CA LEU L 440 -52.75 61.49 -53.37
C LEU L 440 -52.85 61.13 -54.84
N SER L 441 -53.93 61.58 -55.47
CA SER L 441 -54.18 61.37 -56.89
C SER L 441 -54.47 62.70 -57.55
N THR L 442 -54.07 62.84 -58.82
CA THR L 442 -54.27 64.07 -59.57
C THR L 442 -55.51 64.04 -60.45
N GLN L 443 -56.37 63.03 -60.30
CA GLN L 443 -57.55 62.88 -61.14
C GLN L 443 -58.80 62.97 -60.28
N ASP L 444 -59.72 63.85 -60.68
CA ASP L 444 -61.06 63.92 -60.09
C ASP L 444 -61.93 62.92 -60.84
N ILE L 445 -62.33 61.86 -60.15
CA ILE L 445 -62.92 60.72 -60.82
C ILE L 445 -64.23 61.06 -61.52
N SER L 446 -64.89 62.15 -61.11
CA SER L 446 -66.17 62.52 -61.68
C SER L 446 -66.05 63.40 -62.92
N SER L 447 -64.84 63.78 -63.31
CA SER L 447 -64.62 64.64 -64.47
C SER L 447 -63.93 63.84 -65.58
N ASP L 448 -63.66 64.53 -66.68
CA ASP L 448 -62.96 63.91 -67.80
C ASP L 448 -61.48 63.73 -67.48
N PHE L 449 -60.86 62.76 -68.12
CA PHE L 449 -59.44 62.51 -67.88
C PHE L 449 -58.63 63.76 -68.21
N ASN L 450 -57.72 64.11 -67.30
CA ASN L 450 -56.96 65.34 -67.44
C ASN L 450 -55.96 65.22 -68.58
N SER L 451 -55.60 66.37 -69.15
CA SER L 451 -54.52 66.44 -70.12
C SER L 451 -53.19 66.65 -69.42
N ASN L 452 -52.13 66.75 -70.21
CA ASN L 452 -50.80 66.94 -69.63
C ASN L 452 -50.73 68.22 -68.80
N GLU L 453 -51.27 69.31 -69.34
CA GLU L 453 -51.21 70.59 -68.64
C GLU L 453 -52.03 70.58 -67.36
N GLU L 454 -53.22 69.96 -67.40
CA GLU L 454 -54.02 69.85 -66.18
C GLU L 454 -53.35 68.97 -65.15
N GLU L 455 -52.74 67.86 -65.57
CA GLU L 455 -51.92 67.06 -64.66
C GLU L 455 -50.87 67.94 -63.99
N GLU L 456 -50.13 68.71 -64.78
CA GLU L 456 -49.06 69.52 -64.22
C GLU L 456 -49.62 70.55 -63.23
N SER L 457 -50.73 71.19 -63.58
CA SER L 457 -51.29 72.22 -62.71
C SER L 457 -51.74 71.62 -61.39
N ILE L 458 -52.46 70.49 -61.44
CA ILE L 458 -52.94 69.88 -60.20
C ILE L 458 -51.77 69.39 -59.36
N ALA L 459 -50.74 68.84 -60.00
CA ALA L 459 -49.57 68.39 -59.27
C ALA L 459 -48.91 69.56 -58.56
N LEU L 460 -48.74 70.68 -59.24
CA LEU L 460 -48.13 71.85 -58.60
C LEU L 460 -48.97 72.32 -57.43
N SER L 461 -50.30 72.35 -57.60
CA SER L 461 -51.15 72.81 -56.51
C SER L 461 -51.03 71.90 -55.30
N LEU L 462 -51.01 70.58 -55.52
CA LEU L 462 -50.89 69.65 -54.41
C LEU L 462 -49.52 69.77 -53.74
N MET L 463 -48.45 69.96 -54.52
CA MET L 463 -47.15 70.18 -53.91
C MET L 463 -47.14 71.43 -53.06
N SER L 464 -47.76 72.51 -53.55
CA SER L 464 -47.84 73.74 -52.77
C SER L 464 -48.57 73.50 -51.46
N ARG L 465 -49.67 72.76 -51.51
CA ARG L 465 -50.40 72.46 -50.28
C ARG L 465 -49.54 71.64 -49.32
N VAL L 466 -48.83 70.64 -49.85
CA VAL L 466 -48.02 69.77 -49.00
C VAL L 466 -46.86 70.54 -48.40
N SER L 467 -46.43 71.62 -49.04
CA SER L 467 -45.30 72.38 -48.52
C SER L 467 -45.60 73.07 -47.20
N ALA L 468 -46.86 73.11 -46.79
CA ALA L 468 -47.25 73.83 -45.58
C ALA L 468 -47.17 72.99 -44.31
N PHE L 469 -46.83 71.70 -44.41
CA PHE L 469 -46.77 70.81 -43.26
C PHE L 469 -45.40 70.11 -43.24
N PRO L 470 -44.36 70.83 -42.85
CA PRO L 470 -43.03 70.21 -42.80
C PRO L 470 -42.96 69.12 -41.74
N ASP L 471 -42.07 68.17 -41.95
CA ASP L 471 -41.94 67.05 -41.02
C ASP L 471 -41.50 67.52 -39.64
N SER L 472 -40.51 68.41 -39.60
CA SER L 472 -39.98 68.97 -38.36
C SER L 472 -40.21 70.48 -38.41
N SER L 473 -41.23 70.94 -37.69
CA SER L 473 -41.50 72.38 -37.66
C SER L 473 -40.35 73.15 -37.03
N ASP L 474 -39.55 72.49 -36.18
CA ASP L 474 -38.42 73.16 -35.55
C ASP L 474 -37.31 73.45 -36.55
N PHE L 475 -36.97 72.48 -37.39
CA PHE L 475 -35.89 72.61 -38.35
C PHE L 475 -36.37 72.66 -39.79
N GLY L 476 -37.67 72.53 -40.03
CA GLY L 476 -38.20 72.71 -41.37
C GLY L 476 -37.89 71.62 -42.35
N THR L 477 -37.71 70.38 -41.89
CA THR L 477 -37.49 69.28 -42.81
C THR L 477 -38.75 69.10 -43.68
N PRO L 478 -38.60 68.99 -45.00
CA PRO L 478 -39.79 68.78 -45.83
C PRO L 478 -40.45 67.44 -45.54
N ALA L 479 -41.76 67.39 -45.79
CA ALA L 479 -42.51 66.17 -45.55
C ALA L 479 -42.03 65.06 -46.48
N PHE L 480 -42.10 63.81 -45.99
CA PHE L 480 -41.75 62.66 -46.81
C PHE L 480 -42.65 61.46 -46.62
N ARG L 481 -43.71 61.56 -45.81
CA ARG L 481 -44.61 60.44 -45.55
C ARG L 481 -45.78 60.48 -46.51
N GLY L 482 -45.56 59.93 -47.70
CA GLY L 482 -46.64 59.76 -48.66
C GLY L 482 -46.10 59.69 -50.08
N MET L 483 -47.02 59.91 -51.03
CA MET L 483 -46.65 60.00 -52.44
C MET L 483 -47.83 60.51 -53.25
N ILE L 484 -47.55 60.88 -54.50
CA ILE L 484 -48.56 61.35 -55.45
C ILE L 484 -48.52 60.45 -56.68
N VAL L 485 -49.66 59.93 -57.09
CA VAL L 485 -49.77 59.02 -58.22
C VAL L 485 -50.65 59.66 -59.28
N GLY L 486 -50.14 59.75 -60.50
CA GLY L 486 -50.86 60.35 -61.61
C GLY L 486 -51.29 59.31 -62.63
N GLY L 487 -52.47 59.50 -63.19
CA GLY L 487 -53.04 58.61 -64.17
C GLY L 487 -54.39 58.06 -63.74
N ALA L 488 -55.12 57.57 -64.74
CA ALA L 488 -56.42 56.97 -64.50
C ALA L 488 -56.74 56.00 -65.62
N GLY L 489 -57.66 55.10 -65.35
CA GLY L 489 -58.05 54.09 -66.32
C GLY L 489 -59.42 53.57 -65.98
N TYR L 490 -59.63 52.27 -66.21
CA TYR L 490 -60.90 51.62 -65.96
C TYR L 490 -60.68 50.36 -65.15
N TYR L 491 -61.67 50.02 -64.33
CA TYR L 491 -61.59 48.83 -63.48
C TYR L 491 -61.79 47.58 -64.33
N THR L 492 -60.92 46.59 -64.14
CA THR L 492 -60.96 45.38 -64.96
C THR L 492 -61.78 44.26 -64.34
N GLU L 493 -61.99 44.27 -63.03
CA GLU L 493 -62.62 43.17 -62.33
C GLU L 493 -64.14 43.23 -62.38
N THR L 494 -64.71 43.94 -63.36
CA THR L 494 -66.16 44.04 -63.47
C THR L 494 -66.52 44.30 -64.93
N THR L 495 -67.76 43.94 -65.29
CA THR L 495 -68.21 44.16 -66.67
C THR L 495 -68.58 45.62 -66.91
N ARG L 496 -69.15 46.29 -65.93
CA ARG L 496 -69.54 47.68 -66.09
C ARG L 496 -68.32 48.55 -66.35
N LYS L 497 -68.55 49.68 -67.01
CA LYS L 497 -67.50 50.65 -67.28
C LYS L 497 -67.39 51.59 -66.09
N LEU L 498 -66.35 51.39 -65.27
CA LEU L 498 -66.22 52.07 -63.99
C LEU L 498 -64.81 52.66 -63.87
N PRO L 499 -64.64 53.96 -64.17
CA PRO L 499 -63.30 54.54 -64.12
C PRO L 499 -62.73 54.57 -62.70
N VAL L 500 -61.42 54.40 -62.61
CA VAL L 500 -60.70 54.42 -61.34
C VAL L 500 -59.33 55.03 -61.57
N PRO L 501 -58.68 55.59 -60.55
CA PRO L 501 -57.29 56.01 -60.69
C PRO L 501 -56.31 54.90 -60.32
N LEU L 502 -55.03 55.16 -60.61
CA LEU L 502 -53.98 54.18 -60.35
C LEU L 502 -53.62 54.06 -58.87
N THR L 503 -54.09 54.98 -58.03
CA THR L 503 -53.96 54.78 -56.60
C THR L 503 -54.61 53.48 -56.18
N LEU L 504 -55.63 53.02 -56.90
CA LEU L 504 -56.24 51.73 -56.59
C LEU L 504 -55.25 50.60 -56.80
N ASP L 505 -54.50 50.64 -57.89
CA ASP L 505 -53.53 49.59 -58.18
C ASP L 505 -52.43 49.58 -57.13
N ARG L 506 -51.88 50.75 -56.82
CA ARG L 506 -50.84 50.79 -55.78
C ARG L 506 -51.41 50.40 -54.42
N PHE L 507 -52.68 50.70 -54.18
CA PHE L 507 -53.33 50.30 -52.94
C PHE L 507 -53.38 48.79 -52.82
N ARG L 508 -53.76 48.11 -53.90
CA ARG L 508 -53.77 46.65 -53.88
C ARG L 508 -52.38 46.10 -53.63
N ALA L 509 -51.38 46.67 -54.29
CA ALA L 509 -50.01 46.18 -54.10
C ALA L 509 -49.59 46.30 -52.64
N TYR L 510 -49.81 47.47 -52.05
CA TYR L 510 -49.42 47.65 -50.65
C TYR L 510 -50.21 46.76 -49.72
N CYS L 511 -51.50 46.56 -49.99
CA CYS L 511 -52.29 45.66 -49.17
C CYS L 511 -51.69 44.26 -49.18
N ARG L 512 -51.33 43.76 -50.36
CA ARG L 512 -50.76 42.43 -50.45
C ARG L 512 -49.40 42.35 -49.75
N TYR L 513 -48.58 43.40 -49.86
CA TYR L 513 -47.23 43.37 -49.32
C TYR L 513 -47.22 43.52 -47.81
N ALA L 514 -47.71 44.65 -47.30
CA ALA L 514 -47.62 45.00 -45.89
C ALA L 514 -48.94 44.83 -45.16
N GLY L 515 -49.70 43.81 -45.51
CA GLY L 515 -51.01 43.61 -44.92
C GLY L 515 -51.13 42.36 -44.08
N ALA L 516 -50.02 41.66 -43.88
CA ALA L 516 -50.05 40.46 -43.06
C ALA L 516 -50.41 40.79 -41.63
N SER L 517 -51.28 39.96 -41.03
CA SER L 517 -51.76 40.25 -39.68
C SER L 517 -50.70 40.01 -38.62
N ASP L 518 -49.56 39.42 -38.97
CA ASP L 518 -48.50 39.17 -38.02
C ASP L 518 -47.44 40.27 -38.00
N GLY L 519 -47.62 41.34 -38.76
CA GLY L 519 -46.75 42.49 -38.67
C GLY L 519 -45.38 42.34 -39.26
N VAL L 520 -45.23 41.52 -40.30
CA VAL L 520 -43.95 41.32 -40.97
C VAL L 520 -44.19 41.40 -42.47
N LEU L 521 -43.32 42.12 -43.18
CA LEU L 521 -43.47 42.26 -44.62
C LEU L 521 -43.23 40.92 -45.31
N LYS L 522 -44.05 40.63 -46.33
CA LYS L 522 -43.96 39.37 -47.07
C LYS L 522 -42.98 39.53 -48.23
N PRO L 523 -41.88 38.78 -48.25
CA PRO L 523 -40.90 38.96 -49.33
C PRO L 523 -41.42 38.59 -50.71
N GLU L 524 -42.47 37.78 -50.81
CA GLU L 524 -42.95 37.33 -52.10
C GLU L 524 -43.83 38.35 -52.79
N TYR L 525 -44.15 39.47 -52.15
CA TYR L 525 -44.98 40.51 -52.74
C TYR L 525 -44.28 41.86 -52.78
N ALA L 526 -42.95 41.88 -52.81
CA ALA L 526 -42.23 43.14 -52.82
C ALA L 526 -42.73 44.04 -53.93
N VAL L 527 -43.18 45.24 -53.55
CA VAL L 527 -43.90 46.13 -54.46
C VAL L 527 -43.06 46.59 -55.65
N ASP L 528 -41.75 46.33 -55.64
CA ASP L 528 -40.91 46.79 -56.74
C ASP L 528 -40.07 45.66 -57.31
N GLU L 529 -40.57 44.42 -57.24
CA GLU L 529 -39.87 43.28 -57.79
C GLU L 529 -40.88 42.29 -58.36
N GLY L 530 -40.45 41.56 -59.39
CA GLY L 530 -41.28 40.50 -59.92
C GLY L 530 -42.50 41.04 -60.63
N ASP L 531 -43.64 40.41 -60.36
CA ASP L 531 -44.89 40.74 -61.03
C ASP L 531 -45.70 41.78 -60.28
N ALA L 532 -45.20 42.28 -59.15
CA ALA L 532 -45.90 43.32 -58.40
C ALA L 532 -45.54 44.71 -58.87
N ARG L 533 -44.63 44.85 -59.83
CA ARG L 533 -44.28 46.15 -60.38
C ARG L 533 -45.02 46.46 -61.68
N LYS L 534 -46.03 45.67 -62.03
CA LYS L 534 -46.85 45.91 -63.20
C LYS L 534 -48.27 46.29 -62.78
N VAL L 535 -48.94 47.04 -63.66
CA VAL L 535 -50.33 47.38 -63.42
C VAL L 535 -51.20 46.16 -63.67
N GLN L 536 -52.11 45.87 -62.74
CA GLN L 536 -52.86 44.62 -62.75
C GLN L 536 -54.37 44.79 -62.66
N VAL L 537 -54.87 45.93 -62.21
CA VAL L 537 -56.31 46.12 -62.04
C VAL L 537 -56.79 47.39 -62.74
N VAL L 538 -56.08 47.85 -63.76
CA VAL L 538 -56.47 49.03 -64.52
C VAL L 538 -56.08 48.81 -65.98
N LYS L 539 -56.92 49.30 -66.88
CA LYS L 539 -56.71 49.12 -68.31
C LYS L 539 -57.08 50.41 -69.04
N SER L 540 -56.51 50.58 -70.23
CA SER L 540 -56.78 51.74 -71.07
C SER L 540 -56.36 53.04 -70.39
N ILE L 541 -55.16 53.04 -69.80
CA ILE L 541 -54.67 54.24 -69.16
C ILE L 541 -54.40 55.31 -70.21
N ASN L 542 -54.47 56.57 -69.79
CA ASN L 542 -54.39 57.71 -70.68
C ASN L 542 -52.99 58.31 -70.71
N ASN L 543 -52.80 59.23 -71.66
CA ASN L 543 -51.55 59.99 -71.78
C ASN L 543 -50.33 59.07 -71.81
N LEU L 544 -50.45 57.93 -72.50
CA LEU L 544 -49.32 57.01 -72.54
C LEU L 544 -48.26 57.45 -73.53
N ASP L 545 -48.58 58.36 -74.44
CA ASP L 545 -47.60 58.92 -75.36
C ASP L 545 -47.04 60.25 -74.85
N LYS L 546 -46.54 60.28 -73.63
CA LYS L 546 -45.90 61.49 -73.14
C LYS L 546 -44.61 61.73 -73.91
N SER L 547 -44.30 63.00 -74.14
CA SER L 547 -43.01 63.33 -74.71
C SER L 547 -41.93 63.28 -73.64
N TRP L 548 -40.68 63.26 -74.09
CA TRP L 548 -39.56 63.17 -73.16
C TRP L 548 -39.53 64.36 -72.22
N ARG L 549 -39.83 65.55 -72.74
CA ARG L 549 -39.87 66.73 -71.89
C ARG L 549 -40.91 66.61 -70.80
N VAL L 550 -42.10 66.11 -71.16
CA VAL L 550 -43.17 65.97 -70.18
C VAL L 550 -42.77 64.96 -69.10
N ARG L 551 -42.22 63.82 -69.52
CA ARG L 551 -41.81 62.82 -68.54
C ARG L 551 -40.72 63.37 -67.62
N ARG L 552 -39.75 64.08 -68.18
CA ARG L 552 -38.69 64.64 -67.35
C ARG L 552 -39.24 65.65 -66.37
N ALA L 553 -40.17 66.49 -66.80
CA ALA L 553 -40.77 67.47 -65.91
C ALA L 553 -41.51 66.80 -64.77
N GLN L 554 -42.29 65.76 -65.09
CA GLN L 554 -43.02 65.06 -64.04
C GLN L 554 -42.07 64.40 -63.05
N TRP L 555 -41.01 63.77 -63.54
CA TRP L 555 -40.05 63.16 -62.64
C TRP L 555 -39.43 64.20 -61.71
N ASN L 556 -39.04 65.34 -62.28
CA ASN L 556 -38.48 66.40 -61.45
C ASN L 556 -39.48 66.94 -60.44
N ASN L 557 -40.76 66.96 -60.78
CA ASN L 557 -41.80 67.38 -59.85
C ASN L 557 -42.24 66.28 -58.91
N ASN L 558 -41.62 65.10 -58.98
CA ASN L 558 -41.78 64.05 -57.97
C ASN L 558 -43.13 63.34 -58.07
N LEU L 559 -43.61 63.09 -59.28
CA LEU L 559 -44.79 62.27 -59.43
C LEU L 559 -44.40 60.81 -59.67
N VAL L 560 -45.37 59.93 -59.46
CA VAL L 560 -45.23 58.52 -59.81
C VAL L 560 -46.11 58.25 -61.02
N TYR L 561 -45.51 57.73 -62.09
CA TYR L 561 -46.22 57.52 -63.35
C TYR L 561 -45.79 56.18 -63.92
N VAL L 562 -46.59 55.68 -64.87
CA VAL L 562 -46.37 54.38 -65.47
C VAL L 562 -45.90 54.56 -66.91
N GLU L 563 -45.40 53.47 -67.48
CA GLU L 563 -44.97 53.41 -68.87
C GLU L 563 -45.48 52.11 -69.47
N ASP L 564 -45.19 51.92 -70.76
CA ASP L 564 -45.58 50.68 -71.42
C ASP L 564 -44.51 49.62 -71.25
N TYR L 565 -44.91 48.46 -70.69
CA TYR L 565 -43.99 47.35 -70.55
C TYR L 565 -43.84 46.62 -71.88
N ASP L 566 -44.95 46.19 -72.45
CA ASP L 566 -45.00 45.64 -73.79
C ASP L 566 -46.28 46.15 -74.44
N THR L 567 -46.70 45.51 -75.53
CA THR L 567 -47.89 45.98 -76.23
C THR L 567 -49.15 45.83 -75.39
N ASN L 568 -49.09 45.09 -74.28
CA ASN L 568 -50.28 44.76 -73.51
C ASN L 568 -50.33 45.40 -72.13
N SER L 569 -49.19 45.79 -71.56
CA SER L 569 -49.15 46.08 -70.13
C SER L 569 -48.27 47.29 -69.85
N GLN L 570 -48.34 47.77 -68.62
CA GLN L 570 -47.59 48.92 -68.15
C GLN L 570 -46.79 48.52 -66.91
N PHE L 571 -45.91 49.41 -66.46
CA PHE L 571 -45.16 49.18 -65.23
C PHE L 571 -44.70 50.51 -64.65
N TYR L 572 -44.09 50.45 -63.48
CA TYR L 572 -43.62 51.64 -62.77
C TYR L 572 -42.11 51.72 -62.86
N PRO L 573 -41.55 52.64 -63.64
CA PRO L 573 -40.08 52.75 -63.71
C PRO L 573 -39.42 53.07 -62.39
N GLY L 574 -40.10 53.76 -61.50
CA GLY L 574 -39.56 54.05 -60.18
C GLY L 574 -40.61 54.68 -59.30
N GLN L 575 -40.76 54.17 -58.08
CA GLN L 575 -41.81 54.62 -57.17
C GLN L 575 -41.19 55.44 -56.04
N GLN L 576 -41.13 56.74 -56.28
CA GLN L 576 -40.53 57.66 -55.31
C GLN L 576 -41.60 58.38 -54.51
N SER L 577 -41.17 58.97 -53.39
CA SER L 577 -42.04 59.78 -52.57
C SER L 577 -41.90 61.26 -52.96
N PHE L 578 -42.74 62.09 -52.36
CA PHE L 578 -42.72 63.53 -52.65
C PHE L 578 -41.75 64.31 -51.79
N TYR L 579 -40.68 63.69 -51.30
CA TYR L 579 -39.61 64.44 -50.67
C TYR L 579 -38.96 65.36 -51.70
N SER L 580 -38.75 66.62 -51.34
CA SER L 580 -38.32 67.63 -52.31
C SER L 580 -36.84 67.95 -52.26
N GLU L 581 -36.06 67.27 -51.42
CA GLU L 581 -34.64 67.59 -51.31
C GLU L 581 -33.78 66.53 -52.01
N GLN L 582 -32.47 66.65 -51.84
CA GLN L 582 -31.51 65.82 -52.56
C GLN L 582 -31.09 64.58 -51.79
N GLY L 583 -31.55 64.39 -50.57
CA GLY L 583 -31.21 63.21 -49.80
C GLY L 583 -31.62 61.92 -50.48
N SER L 584 -30.73 60.94 -50.51
CA SER L 584 -31.02 59.63 -51.07
C SER L 584 -31.57 58.64 -50.05
N VAL L 585 -31.62 59.02 -48.76
CA VAL L 585 -32.17 58.12 -47.75
C VAL L 585 -33.68 58.01 -47.92
N LEU L 586 -34.36 59.13 -48.11
CA LEU L 586 -35.81 59.19 -48.09
C LEU L 586 -36.41 59.18 -49.49
N LYS L 587 -35.71 58.63 -50.46
CA LYS L 587 -36.16 58.66 -51.86
C LYS L 587 -37.29 57.66 -52.12
N ALA L 588 -37.22 56.47 -51.53
CA ALA L 588 -38.23 55.45 -51.75
C ALA L 588 -39.48 55.79 -50.95
N ALA L 589 -40.62 55.20 -51.35
CA ALA L 589 -41.87 55.52 -50.69
C ALA L 589 -42.19 54.55 -49.55
N ILE L 590 -41.79 53.29 -49.69
CA ILE L 590 -42.07 52.30 -48.64
C ILE L 590 -41.33 52.66 -47.36
N VAL L 591 -40.19 53.34 -47.48
CA VAL L 591 -39.44 53.75 -46.30
C VAL L 591 -40.25 54.70 -45.46
N GLY L 592 -41.09 55.53 -46.08
CA GLY L 592 -41.94 56.42 -45.30
C GLY L 592 -42.88 55.66 -44.39
N LEU L 593 -43.49 54.59 -44.90
CA LEU L 593 -44.36 53.78 -44.06
C LEU L 593 -43.57 53.10 -42.96
N CYS L 594 -42.36 52.64 -43.27
CA CYS L 594 -41.51 52.05 -42.23
C CYS L 594 -41.27 53.06 -41.11
N VAL L 595 -41.00 54.30 -41.46
CA VAL L 595 -40.73 55.33 -40.46
C VAL L 595 -41.98 55.64 -39.65
N ALA L 596 -43.14 55.64 -40.30
CA ALA L 596 -44.39 55.82 -39.57
C ALA L 596 -44.56 54.73 -38.52
N ASN L 597 -44.25 53.49 -38.87
CA ASN L 597 -44.35 52.40 -37.90
C ASN L 597 -43.36 52.59 -36.74
N LEU L 598 -42.17 53.10 -37.03
CA LEU L 598 -41.23 53.40 -35.96
C LEU L 598 -41.83 54.42 -34.98
N ASN L 599 -42.45 55.46 -35.53
CA ASN L 599 -43.10 56.46 -34.68
C ASN L 599 -44.18 55.81 -33.82
N ARG L 600 -44.91 54.84 -34.38
CA ARG L 600 -45.89 54.12 -33.57
C ARG L 600 -45.24 53.36 -32.42
N PHE L 601 -44.12 52.69 -32.69
CA PHE L 601 -43.44 51.93 -31.65
C PHE L 601 -43.03 52.83 -30.49
N ALA L 602 -42.62 54.06 -30.80
CA ALA L 602 -42.27 54.99 -29.72
C ALA L 602 -43.46 55.25 -28.79
N PHE L 603 -44.64 55.49 -29.38
CA PHE L 603 -45.84 55.70 -28.58
C PHE L 603 -46.12 54.50 -27.70
N GLU L 604 -45.93 53.29 -28.25
CA GLU L 604 -46.17 52.10 -27.45
C GLU L 604 -45.24 52.04 -26.24
N ALA L 605 -43.96 52.37 -26.45
CA ALA L 605 -43.02 52.40 -25.33
C ALA L 605 -43.49 53.36 -24.24
N TRP L 606 -43.86 54.58 -24.63
CA TRP L 606 -44.35 55.52 -23.63
C TRP L 606 -45.56 54.95 -22.90
N ARG L 607 -46.55 54.49 -23.65
CA ARG L 607 -47.78 54.00 -23.06
C ARG L 607 -47.49 52.94 -22.02
N ASP L 608 -46.49 52.10 -22.27
CA ASP L 608 -46.20 51.02 -21.34
C ASP L 608 -45.43 51.50 -20.11
N LEU L 609 -44.60 52.53 -20.25
CA LEU L 609 -43.74 52.93 -19.14
C LEU L 609 -44.27 54.07 -18.29
N THR L 610 -45.29 54.81 -18.74
CA THR L 610 -45.68 56.04 -18.06
C THR L 610 -46.24 55.80 -16.67
N GLY L 611 -45.91 56.71 -15.76
CA GLY L 611 -46.61 56.85 -14.49
C GLY L 611 -46.44 55.74 -13.49
N THR L 612 -45.22 55.29 -13.24
CA THR L 612 -44.95 54.21 -12.29
C THR L 612 -44.15 54.75 -11.11
N GLN L 613 -44.56 54.36 -9.90
CA GLN L 613 -43.98 54.92 -8.69
C GLN L 613 -42.56 54.42 -8.44
N LYS L 614 -42.34 53.11 -8.60
CA LYS L 614 -41.12 52.47 -8.10
C LYS L 614 -40.05 52.27 -9.16
N LEU L 615 -40.19 52.85 -10.34
CA LEU L 615 -39.13 52.76 -11.33
C LEU L 615 -37.95 53.65 -10.93
N THR L 616 -36.81 53.39 -11.57
CA THR L 616 -35.67 54.28 -11.48
C THR L 616 -35.33 54.83 -12.85
N ASP L 617 -34.45 55.83 -12.87
CA ASP L 617 -34.07 56.43 -14.15
C ASP L 617 -33.43 55.41 -15.07
N ASP L 618 -32.51 54.61 -14.54
CA ASP L 618 -31.82 53.62 -15.36
C ASP L 618 -32.77 52.57 -15.89
N GLN L 619 -33.68 52.07 -15.05
CA GLN L 619 -34.64 51.09 -15.51
C GLN L 619 -35.57 51.67 -16.57
N LEU L 620 -36.04 52.90 -16.38
CA LEU L 620 -36.87 53.55 -17.38
C LEU L 620 -36.15 53.65 -18.72
N ILE L 621 -34.91 54.15 -18.69
CA ILE L 621 -34.13 54.32 -19.91
C ILE L 621 -33.93 52.98 -20.60
N GLU L 622 -33.58 51.94 -19.84
CA GLU L 622 -33.31 50.64 -20.44
C GLU L 622 -34.57 50.02 -21.02
N ARG L 623 -35.69 50.10 -20.30
CA ARG L 623 -36.92 49.49 -20.77
C ARG L 623 -37.46 50.15 -22.02
N SER L 624 -37.30 51.47 -22.16
CA SER L 624 -37.75 52.12 -23.39
C SER L 624 -37.05 51.53 -24.62
N ASP L 625 -35.72 51.45 -24.56
CA ASP L 625 -34.96 50.89 -25.67
C ASP L 625 -35.32 49.44 -25.92
N ASP L 626 -35.43 48.65 -24.85
CA ASP L 626 -35.81 47.26 -25.00
C ASP L 626 -37.12 47.16 -25.77
N ALA L 627 -38.11 47.95 -25.39
CA ALA L 627 -39.41 47.88 -26.04
C ALA L 627 -39.28 48.19 -27.53
N VAL L 628 -38.65 49.31 -27.86
CA VAL L 628 -38.61 49.73 -29.26
C VAL L 628 -37.89 48.69 -30.11
N SER L 629 -36.73 48.23 -29.63
CA SER L 629 -35.94 47.28 -30.41
C SER L 629 -36.65 45.95 -30.56
N THR L 630 -37.21 45.43 -29.46
CA THR L 630 -37.90 44.15 -29.52
C THR L 630 -39.07 44.21 -30.48
N ARG L 631 -39.81 45.32 -30.46
CA ARG L 631 -40.97 45.43 -31.33
C ARG L 631 -40.56 45.57 -32.79
N GLY L 632 -39.54 46.37 -33.08
CA GLY L 632 -39.23 46.70 -34.46
C GLY L 632 -38.27 45.78 -35.18
N THR L 633 -37.49 45.00 -34.46
CA THR L 633 -36.44 44.21 -35.10
C THR L 633 -37.04 43.05 -35.89
N GLY L 634 -36.63 42.92 -37.14
CA GLY L 634 -37.01 41.79 -37.98
C GLY L 634 -38.33 41.93 -38.69
N ALA L 635 -38.89 43.14 -38.81
CA ALA L 635 -40.20 43.33 -39.42
C ALA L 635 -40.16 44.11 -40.72
N PHE L 636 -39.11 44.88 -40.98
CA PHE L 636 -39.06 45.77 -42.13
C PHE L 636 -38.35 45.15 -43.33
N ASP L 637 -38.02 43.87 -43.28
CA ASP L 637 -37.58 43.12 -44.46
C ASP L 637 -36.33 43.74 -45.09
N ASP L 638 -35.48 44.35 -44.27
CA ASP L 638 -34.18 44.86 -44.68
C ASP L 638 -34.28 46.16 -45.48
N ARG L 639 -35.40 46.87 -45.39
CA ARG L 639 -35.50 48.17 -46.03
C ARG L 639 -34.80 49.25 -45.21
N LEU L 640 -34.75 49.09 -43.90
CA LEU L 640 -34.17 50.05 -42.97
C LEU L 640 -33.17 49.37 -42.05
N ILE L 641 -32.30 50.18 -41.45
CA ILE L 641 -31.60 49.76 -40.23
C ILE L 641 -31.70 50.90 -39.23
N PHE L 642 -32.19 50.61 -38.02
CA PHE L 642 -32.48 51.64 -37.04
C PHE L 642 -31.88 51.26 -35.69
N THR L 643 -31.80 52.23 -34.81
CA THR L 643 -31.24 52.06 -33.47
C THR L 643 -31.81 53.10 -32.50
N PRO L 644 -32.43 52.68 -31.39
CA PRO L 644 -32.95 53.67 -30.42
C PRO L 644 -31.98 54.00 -29.31
N HIS L 645 -32.14 55.18 -28.71
CA HIS L 645 -31.33 55.60 -27.57
C HIS L 645 -32.22 56.46 -26.67
N SER L 646 -32.41 56.00 -25.43
CA SER L 646 -33.11 56.77 -24.42
C SER L 646 -32.12 57.36 -23.44
N GLU L 647 -32.52 58.44 -22.79
CA GLU L 647 -31.66 59.08 -21.80
C GLU L 647 -32.46 60.15 -21.07
N ILE L 648 -31.79 60.85 -20.15
CA ILE L 648 -32.36 61.92 -19.35
C ILE L 648 -31.38 63.09 -19.43
N THR L 649 -31.64 64.02 -20.34
CA THR L 649 -30.72 65.10 -20.60
C THR L 649 -30.81 66.14 -19.49
N GLN L 650 -30.09 67.26 -19.67
CA GLN L 650 -30.08 68.29 -18.65
C GLN L 650 -31.45 68.92 -18.48
N ALA L 651 -32.17 69.15 -19.58
CA ALA L 651 -33.52 69.70 -19.46
C ALA L 651 -34.44 68.75 -18.70
N ASP L 652 -34.27 67.44 -18.90
CA ASP L 652 -35.02 66.46 -18.13
C ASP L 652 -34.65 66.50 -16.66
N LYS L 653 -33.36 66.69 -16.35
CA LYS L 653 -32.96 66.87 -14.97
C LYS L 653 -33.65 68.08 -14.35
N GLU L 654 -33.72 69.17 -15.10
CA GLU L 654 -34.41 70.36 -14.60
C GLU L 654 -35.88 70.06 -14.33
N ARG L 655 -36.58 69.51 -15.32
CA ARG L 655 -38.01 69.31 -15.22
C ARG L 655 -38.36 68.32 -14.10
N GLY L 656 -37.68 67.18 -14.08
CA GLY L 656 -37.90 66.17 -13.05
C GLY L 656 -38.99 65.17 -13.35
N TYR L 657 -39.62 65.23 -14.53
CA TYR L 657 -40.72 64.34 -14.85
C TYR L 657 -40.72 63.90 -16.31
N SER L 658 -39.60 64.04 -17.03
CA SER L 658 -39.57 63.70 -18.44
C SER L 658 -38.29 62.93 -18.77
N TRP L 659 -38.36 62.14 -19.85
CA TRP L 659 -37.21 61.44 -20.38
C TRP L 659 -37.29 61.45 -21.90
N SER L 660 -36.14 61.30 -22.56
CA SER L 660 -36.01 61.51 -24.00
C SER L 660 -35.62 60.22 -24.71
N MET L 661 -36.04 60.12 -25.97
CA MET L 661 -35.66 59.03 -26.86
C MET L 661 -35.30 59.61 -28.22
N ARG L 662 -34.44 58.88 -28.94
CA ARG L 662 -33.99 59.32 -30.25
C ARG L 662 -33.62 58.09 -31.07
N ILE L 663 -34.14 58.00 -32.29
CA ILE L 663 -33.94 56.83 -33.14
C ILE L 663 -33.13 57.24 -34.37
N ASP L 664 -32.06 56.52 -34.64
CA ASP L 664 -31.20 56.76 -35.79
C ASP L 664 -31.43 55.67 -36.82
N PHE L 665 -31.82 56.04 -38.03
CA PHE L 665 -32.14 55.05 -39.05
C PHE L 665 -31.49 55.41 -40.37
N GLY L 666 -31.31 54.39 -41.20
CA GLY L 666 -30.67 54.57 -42.50
C GLY L 666 -31.26 53.64 -43.55
N ALA L 667 -31.23 54.11 -44.80
CA ALA L 667 -31.88 53.45 -45.93
C ALA L 667 -31.08 53.70 -47.20
N ASN L 668 -31.56 53.14 -48.31
CA ASN L 668 -30.91 53.20 -49.62
C ASN L 668 -31.86 53.79 -50.67
N ALA L 669 -31.36 53.82 -51.91
CA ALA L 669 -32.13 54.25 -53.07
C ALA L 669 -31.88 53.30 -54.24
N PHE L 670 -32.26 53.69 -55.44
CA PHE L 670 -32.19 52.80 -56.60
C PHE L 670 -31.60 53.52 -57.81
N ARG L 671 -31.07 52.74 -58.74
CA ARG L 671 -30.55 53.24 -60.01
C ARG L 671 -31.61 53.12 -61.09
N THR L 672 -31.57 54.03 -62.06
CA THR L 672 -32.63 54.13 -63.06
C THR L 672 -32.15 54.30 -64.50
N VAL L 673 -30.88 54.56 -64.74
CA VAL L 673 -30.39 54.91 -66.08
C VAL L 673 -29.35 53.89 -66.51
N MET L 674 -29.37 53.53 -67.79
CA MET L 674 -28.36 52.68 -68.40
C MET L 674 -27.88 53.30 -69.70
N ASP L 675 -26.60 53.14 -69.99
CA ASP L 675 -26.02 53.51 -71.27
C ASP L 675 -25.91 52.28 -72.15
N MET L 676 -25.56 52.52 -73.42
CA MET L 676 -25.44 51.43 -74.37
C MET L 676 -24.47 51.84 -75.47
N SER L 677 -23.66 50.88 -75.91
CA SER L 677 -22.66 51.14 -76.94
C SER L 677 -22.25 49.81 -77.55
N SER L 678 -21.57 49.89 -78.69
CA SER L 678 -21.16 48.69 -79.41
C SER L 678 -19.88 48.95 -80.16
N VAL L 679 -19.17 47.88 -80.50
CA VAL L 679 -17.96 47.96 -81.29
C VAL L 679 -17.97 46.81 -82.30
N ALA L 680 -17.42 47.06 -83.48
CA ALA L 680 -17.39 46.07 -84.54
C ALA L 680 -16.00 45.47 -84.64
N TYR L 681 -15.94 44.14 -84.67
CA TYR L 681 -14.70 43.39 -84.80
C TYR L 681 -14.82 42.42 -85.96
N THR L 682 -13.68 42.09 -86.55
CA THR L 682 -13.66 40.97 -87.48
C THR L 682 -13.83 39.67 -86.71
N ARG L 683 -14.29 38.64 -87.42
CA ARG L 683 -14.61 37.38 -86.74
C ARG L 683 -13.38 36.79 -86.07
N GLU L 684 -12.23 36.83 -86.74
CA GLU L 684 -11.03 36.23 -86.17
C GLU L 684 -10.55 36.99 -84.94
N GLU L 685 -10.43 38.31 -85.05
CA GLU L 685 -9.92 39.10 -83.93
C GLU L 685 -10.94 39.23 -82.80
N LEU L 686 -12.19 38.85 -83.02
CA LEU L 686 -13.15 38.73 -81.93
C LEU L 686 -13.14 37.35 -81.30
N ALA L 687 -12.96 36.29 -82.11
CA ALA L 687 -12.96 34.94 -81.58
C ALA L 687 -11.68 34.62 -80.82
N ASN L 688 -10.55 35.17 -81.23
CA ASN L 688 -9.29 34.90 -80.55
C ASN L 688 -8.33 36.06 -80.77
N GLY L 689 -7.87 36.66 -79.67
CA GLY L 689 -6.96 37.78 -79.74
C GLY L 689 -7.65 39.13 -79.71
N MET M 1 -71.26 -10.68 54.49
CA MET M 1 -72.00 -9.45 54.10
C MET M 1 -72.67 -8.80 55.29
N SER M 2 -73.38 -9.63 56.07
CA SER M 2 -74.32 -9.13 57.06
C SER M 2 -73.71 -8.95 58.44
N GLU M 3 -72.52 -9.47 58.69
CA GLU M 3 -71.98 -9.49 60.04
C GLU M 3 -70.95 -8.37 60.22
N GLN M 4 -70.79 -7.96 61.47
CA GLN M 4 -69.95 -6.83 61.84
C GLN M 4 -68.73 -7.31 62.61
N ILE M 5 -67.80 -6.39 62.86
CA ILE M 5 -66.56 -6.73 63.55
C ILE M 5 -66.83 -6.76 65.05
N THR M 6 -67.07 -7.97 65.57
CA THR M 6 -67.39 -8.12 66.99
C THR M 6 -66.13 -8.20 67.84
N GLY M 7 -65.07 -8.82 67.32
CA GLY M 7 -63.89 -9.02 68.13
C GLY M 7 -62.69 -9.29 67.26
N SER M 8 -61.76 -10.08 67.81
CA SER M 8 -60.46 -10.30 67.18
C SER M 8 -60.34 -11.63 66.46
N THR M 9 -61.42 -12.38 66.31
CA THR M 9 -61.34 -13.67 65.65
C THR M 9 -60.80 -13.49 64.23
N PRO M 10 -59.80 -14.26 63.80
CA PRO M 10 -59.28 -14.11 62.44
C PRO M 10 -60.38 -14.22 61.39
N ARG M 11 -60.40 -13.29 60.45
CA ARG M 11 -61.53 -13.16 59.55
C ARG M 11 -61.22 -12.04 58.57
N ILE M 12 -61.85 -12.10 57.40
CA ILE M 12 -61.81 -11.00 56.43
C ILE M 12 -63.25 -10.57 56.16
N TYR M 13 -63.54 -9.30 56.38
CA TYR M 13 -64.87 -8.76 56.21
C TYR M 13 -64.97 -8.04 54.87
N TYR M 14 -66.11 -8.19 54.21
CA TYR M 14 -66.34 -7.63 52.89
C TYR M 14 -67.42 -6.57 52.98
N ARG M 15 -67.03 -5.31 52.83
CA ARG M 15 -67.98 -4.25 52.54
C ARG M 15 -68.05 -4.11 51.03
N GLY M 16 -69.24 -4.30 50.47
CA GLY M 16 -69.36 -4.41 49.04
C GLY M 16 -68.94 -3.17 48.28
N THR M 17 -69.17 -3.16 46.97
CA THR M 17 -68.85 -2.02 46.14
C THR M 17 -69.75 -0.84 46.48
N LYS M 18 -69.26 0.36 46.17
CA LYS M 18 -69.95 1.58 46.50
C LYS M 18 -69.52 2.65 45.50
N ASP M 19 -70.32 3.71 45.40
CA ASP M 19 -69.96 4.84 44.55
C ASP M 19 -69.25 5.91 45.36
N SER M 20 -68.44 6.71 44.68
CA SER M 20 -67.56 7.64 45.36
C SER M 20 -68.33 8.56 46.29
N SER M 21 -67.76 8.82 47.46
CA SER M 21 -68.36 9.70 48.47
C SER M 21 -67.55 10.98 48.59
N VAL M 22 -68.25 12.10 48.74
CA VAL M 22 -67.57 13.39 48.89
C VAL M 22 -66.71 13.35 50.13
N THR M 23 -65.45 13.78 49.99
CA THR M 23 -64.48 13.77 51.08
C THR M 23 -64.23 15.20 51.55
N ARG M 24 -64.50 15.45 52.82
CA ARG M 24 -64.29 16.78 53.36
C ARG M 24 -62.81 17.16 53.29
N SER M 25 -62.56 18.43 52.99
CA SER M 25 -61.20 18.91 52.73
C SER M 25 -60.62 19.55 53.99
N THR M 26 -59.40 19.17 54.33
CA THR M 26 -58.71 19.78 55.45
C THR M 26 -58.24 21.18 55.09
N GLY M 27 -58.09 22.02 56.12
CA GLY M 27 -57.75 23.41 55.94
C GLY M 27 -56.35 23.71 56.44
N SER M 28 -55.94 24.96 56.27
CA SER M 28 -54.62 25.44 56.66
C SER M 28 -54.73 26.60 57.63
N THR M 29 -53.68 26.79 58.41
CA THR M 29 -53.67 27.82 59.43
C THR M 29 -53.84 29.20 58.79
N THR M 30 -54.59 30.07 59.48
CA THR M 30 -54.94 31.36 58.94
C THR M 30 -53.77 32.34 59.04
N THR M 31 -53.82 33.37 58.20
CA THR M 31 -52.77 34.36 58.10
C THR M 31 -53.42 35.68 57.69
N LEU M 32 -52.64 36.76 57.68
CA LEU M 32 -53.14 38.06 57.24
C LEU M 32 -52.50 38.46 55.92
N PRO M 33 -53.21 38.42 54.79
CA PRO M 33 -52.70 39.02 53.56
C PRO M 33 -52.88 40.53 53.59
N LEU M 34 -52.48 41.16 52.48
CA LEU M 34 -52.64 42.59 52.33
C LEU M 34 -54.04 42.97 51.87
N HIS M 35 -54.84 42.01 51.41
CA HIS M 35 -56.20 42.25 50.95
C HIS M 35 -57.12 41.31 51.71
N ARG M 36 -57.94 41.87 52.59
CA ARG M 36 -58.75 41.09 53.53
C ARG M 36 -60.18 41.61 53.46
N PRO M 37 -60.99 41.08 52.54
CA PRO M 37 -62.33 41.64 52.34
C PRO M 37 -63.39 41.04 53.25
N LEU M 38 -64.45 41.82 53.44
CA LEU M 38 -65.64 41.41 54.18
C LEU M 38 -66.77 41.18 53.18
N ILE M 39 -67.41 40.02 53.27
CA ILE M 39 -68.47 39.66 52.33
C ILE M 39 -69.69 39.17 53.11
N MET M 40 -70.84 39.73 52.79
CA MET M 40 -72.13 39.38 53.40
C MET M 40 -72.95 38.57 52.41
N PHE M 41 -73.77 37.66 52.93
CA PHE M 41 -74.52 36.80 52.02
C PHE M 41 -75.62 36.05 52.75
N PHE M 42 -76.55 35.50 51.97
CA PHE M 42 -77.51 34.51 52.45
C PHE M 42 -76.93 33.12 52.25
N GLY M 43 -77.15 32.24 53.22
CA GLY M 43 -76.53 30.93 53.19
C GLY M 43 -77.48 29.84 53.63
N GLN M 44 -76.99 28.61 53.61
CA GLN M 44 -77.79 27.46 53.99
C GLN M 44 -77.64 27.13 55.47
N LYS M 45 -76.43 27.31 56.01
CA LYS M 45 -76.15 27.01 57.40
C LYS M 45 -74.91 27.78 57.80
N GLY M 46 -74.40 27.48 59.00
CA GLY M 46 -73.20 28.11 59.49
C GLY M 46 -73.50 29.23 60.46
N PRO M 47 -72.47 29.71 61.16
CA PRO M 47 -72.68 30.74 62.18
C PRO M 47 -73.11 32.05 61.54
N THR M 48 -73.76 32.90 62.35
CA THR M 48 -74.29 34.17 61.91
C THR M 48 -73.53 35.35 62.50
N VAL M 49 -72.22 35.19 62.66
CA VAL M 49 -71.34 36.27 63.11
C VAL M 49 -70.13 36.33 62.18
N PRO M 50 -69.48 37.48 62.07
CA PRO M 50 -68.34 37.58 61.16
C PRO M 50 -67.30 36.53 61.50
N THR M 51 -66.83 35.83 60.47
CA THR M 51 -65.93 34.70 60.68
C THR M 51 -64.79 34.77 59.68
N TRP M 52 -63.56 34.68 60.19
CA TRP M 52 -62.38 34.63 59.34
C TRP M 52 -62.23 33.22 58.78
N ILE M 53 -62.14 33.09 57.45
CA ILE M 53 -62.27 31.80 56.80
C ILE M 53 -61.24 31.63 55.71
N ASP M 54 -60.78 30.37 55.59
CA ASP M 54 -59.99 29.86 54.47
C ASP M 54 -60.93 29.41 53.37
N PRO M 55 -60.76 29.83 52.11
CA PRO M 55 -61.77 29.49 51.09
C PRO M 55 -62.03 28.01 50.94
N VAL M 56 -61.11 27.17 51.42
CA VAL M 56 -61.28 25.74 51.29
C VAL M 56 -62.51 25.26 52.08
N LYS M 57 -62.78 25.87 53.22
CA LYS M 57 -63.79 25.39 54.15
C LYS M 57 -65.14 26.11 54.00
N PHE M 58 -65.28 27.00 53.03
CA PHE M 58 -66.55 27.68 52.86
C PHE M 58 -67.67 26.68 52.57
N GLU M 59 -67.41 25.73 51.68
CA GLU M 59 -68.43 24.78 51.26
C GLU M 59 -68.97 23.96 52.42
N ASP M 60 -68.12 23.49 53.32
CA ASP M 60 -68.55 22.64 54.42
C ASP M 60 -68.76 23.40 55.72
N ILE M 61 -68.60 24.72 55.73
CA ILE M 61 -69.05 25.51 56.87
C ILE M 61 -70.43 26.10 56.60
N TYR M 62 -70.66 26.63 55.40
CA TYR M 62 -71.90 27.31 55.07
C TYR M 62 -72.78 26.50 54.11
N GLY M 63 -72.44 25.25 53.87
CA GLY M 63 -73.20 24.44 52.93
C GLY M 63 -72.78 24.72 51.49
N SER M 64 -72.92 23.73 50.62
CA SER M 64 -72.47 23.85 49.25
C SER M 64 -73.54 24.40 48.32
N GLU M 65 -74.72 24.74 48.84
CA GLU M 65 -75.76 25.35 48.03
C GLU M 65 -75.70 26.87 48.03
N THR M 66 -74.87 27.47 48.88
CA THR M 66 -74.81 28.93 48.94
C THR M 66 -74.09 29.51 47.74
N THR M 67 -73.25 28.71 47.07
CA THR M 67 -72.49 29.15 45.92
C THR M 67 -73.12 28.74 44.60
N ASN M 68 -74.31 28.15 44.62
CA ASN M 68 -74.97 27.72 43.40
C ASN M 68 -75.73 28.91 42.81
N LEU M 69 -75.30 29.36 41.63
CA LEU M 69 -75.91 30.54 41.03
C LEU M 69 -77.37 30.32 40.67
N SER M 70 -77.79 29.07 40.48
CA SER M 70 -79.17 28.76 40.14
C SER M 70 -80.02 28.40 41.36
N GLY M 71 -79.45 28.44 42.56
CA GLY M 71 -80.18 28.09 43.75
C GLY M 71 -80.99 29.24 44.29
N VAL M 72 -81.56 29.02 45.47
CA VAL M 72 -82.40 30.02 46.11
C VAL M 72 -81.61 31.06 46.88
N TYR M 73 -80.32 30.82 47.12
CA TYR M 73 -79.49 31.73 47.89
C TYR M 73 -78.68 32.68 47.03
N CYS M 74 -78.97 32.77 45.74
CA CYS M 74 -78.23 33.68 44.86
C CYS M 74 -78.64 35.12 45.13
N THR M 75 -77.65 35.97 45.40
CA THR M 75 -77.84 37.41 45.53
C THR M 75 -76.73 38.08 44.73
N HIS M 76 -76.64 39.40 44.80
CA HIS M 76 -75.64 40.09 43.98
C HIS M 76 -74.25 40.08 44.62
N SER M 77 -74.00 39.19 45.57
CA SER M 77 -72.66 38.98 46.11
C SER M 77 -72.14 37.57 45.91
N THR M 78 -72.96 36.66 45.38
CA THR M 78 -72.48 35.32 45.09
C THR M 78 -71.34 35.31 44.08
N PRO M 79 -71.36 36.10 43.01
CA PRO M 79 -70.16 36.17 42.15
C PRO M 79 -68.93 36.59 42.91
N PHE M 80 -69.07 37.51 43.87
CA PHE M 80 -67.94 37.93 44.68
C PHE M 80 -67.40 36.77 45.50
N ILE M 81 -68.31 36.00 46.11
CA ILE M 81 -67.87 34.83 46.88
C ILE M 81 -67.13 33.84 45.98
N LYS M 82 -67.68 33.57 44.81
CA LYS M 82 -67.07 32.59 43.92
C LYS M 82 -65.70 33.05 43.43
N GLU M 83 -65.57 34.34 43.11
CA GLU M 83 -64.27 34.87 42.69
C GLU M 83 -63.26 34.78 43.82
N ALA M 84 -63.67 35.10 45.05
CA ALA M 84 -62.77 35.00 46.18
C ALA M 84 -62.31 33.56 46.37
N ILE M 85 -63.22 32.60 46.26
CA ILE M 85 -62.85 31.20 46.40
C ILE M 85 -61.88 30.79 45.29
N ALA M 86 -62.14 31.21 44.06
CA ALA M 86 -61.27 30.84 42.95
C ALA M 86 -59.87 31.40 43.15
N ALA M 87 -59.77 32.65 43.57
CA ALA M 87 -58.45 33.27 43.74
C ALA M 87 -57.71 32.71 44.95
N GLY M 88 -58.42 32.41 46.02
CA GLY M 88 -57.80 31.87 47.22
C GLY M 88 -57.51 32.91 48.28
N ASN M 89 -58.45 33.84 48.51
CA ASN M 89 -58.33 34.84 49.55
C ASN M 89 -58.97 34.33 50.83
N GLN M 90 -58.21 34.30 51.91
CA GLN M 90 -58.82 34.17 53.22
C GLN M 90 -59.57 35.46 53.51
N PHE M 91 -60.87 35.35 53.81
CA PHE M 91 -61.69 36.56 53.94
C PHE M 91 -62.66 36.39 55.10
N MET M 92 -63.41 37.46 55.38
CA MET M 92 -64.31 37.50 56.53
C MET M 92 -65.75 37.41 56.04
N ALA M 93 -66.40 36.31 56.38
CA ALA M 93 -67.75 36.00 55.93
C ALA M 93 -68.77 36.42 56.97
N LEU M 94 -69.94 36.87 56.48
CA LEU M 94 -71.04 37.27 57.36
C LEU M 94 -72.35 36.77 56.73
N ARG M 95 -72.98 35.81 57.38
CA ARG M 95 -74.23 35.22 56.90
C ARG M 95 -75.40 35.99 57.52
N LEU M 96 -76.10 36.76 56.69
CA LEU M 96 -77.28 37.49 57.12
C LEU M 96 -78.49 36.56 57.14
N GLU M 97 -79.56 37.04 57.79
CA GLU M 97 -80.85 36.37 57.80
C GLU M 97 -81.95 37.39 57.56
N PRO M 98 -83.03 37.01 56.89
CA PRO M 98 -84.17 37.92 56.76
C PRO M 98 -84.93 38.06 58.07
N SER M 99 -85.68 39.14 58.18
CA SER M 99 -86.34 39.47 59.44
C SER M 99 -87.51 38.56 59.77
N ASP M 100 -87.94 37.71 58.84
CA ASP M 100 -89.11 36.85 59.05
C ASP M 100 -88.75 35.37 59.03
N ILE M 101 -87.51 35.02 59.35
CA ILE M 101 -87.10 33.61 59.30
C ILE M 101 -87.83 32.83 60.39
N PRO M 102 -88.35 31.63 60.10
CA PRO M 102 -89.00 30.84 61.17
C PRO M 102 -88.01 30.12 62.07
N ASP M 103 -88.52 29.30 62.98
CA ASP M 103 -87.69 28.58 63.95
C ASP M 103 -87.16 27.29 63.33
N VAL M 104 -86.56 26.44 64.15
CA VAL M 104 -85.93 25.21 63.67
C VAL M 104 -86.98 24.13 63.51
N ALA M 105 -86.61 23.04 62.83
CA ALA M 105 -87.50 21.89 62.67
C ALA M 105 -87.38 20.97 63.87
N THR M 106 -88.48 20.30 64.22
CA THR M 106 -88.55 19.49 65.42
C THR M 106 -89.31 18.20 65.14
N LEU M 107 -89.08 17.20 65.99
CA LEU M 107 -89.78 15.93 65.88
C LEU M 107 -89.73 15.23 67.24
N GLY M 108 -90.87 14.97 67.84
CA GLY M 108 -90.96 14.25 69.10
C GLY M 108 -91.47 12.84 68.86
N LEU M 109 -90.94 11.91 69.65
CA LEU M 109 -91.33 10.51 69.61
C LEU M 109 -92.10 10.17 70.87
N SER M 110 -93.14 9.36 70.73
CA SER M 110 -93.99 9.00 71.87
C SER M 110 -94.60 7.63 71.62
N VAL M 111 -95.16 7.06 72.68
CA VAL M 111 -95.82 5.76 72.60
C VAL M 111 -97.22 5.87 73.18
N ASP M 112 -98.19 5.38 72.43
CA ASP M 112 -99.54 5.11 72.92
C ASP M 112 -99.52 3.77 73.64
N TRP M 113 -99.87 3.79 74.92
CA TRP M 113 -99.61 2.71 75.86
C TRP M 113 -100.90 2.32 76.54
N VAL M 114 -101.18 1.00 76.59
CA VAL M 114 -102.35 0.50 77.33
C VAL M 114 -102.11 -0.96 77.69
N LYS M 115 -102.90 -1.45 78.65
CA LYS M 115 -102.86 -2.84 79.07
C LYS M 115 -104.22 -3.49 78.83
N THR M 116 -104.22 -4.76 78.44
CA THR M 116 -105.47 -5.47 78.18
C THR M 116 -105.16 -6.93 77.92
N LYS M 117 -106.20 -7.69 77.60
CA LYS M 117 -106.02 -9.08 77.19
C LYS M 117 -105.91 -9.18 75.68
N ILE M 118 -104.96 -9.99 75.20
CA ILE M 118 -104.69 -10.15 73.78
C ILE M 118 -104.56 -11.64 73.48
N ASP M 119 -104.42 -11.95 72.19
CA ASP M 119 -104.34 -13.32 71.74
C ASP M 119 -102.92 -13.86 71.88
N ASP M 120 -102.81 -15.19 71.81
CA ASP M 120 -101.53 -15.87 71.84
C ASP M 120 -101.46 -16.82 70.65
N TYR M 121 -100.24 -17.13 70.24
CA TYR M 121 -100.00 -17.86 69.00
C TYR M 121 -99.22 -19.14 69.30
N GLU M 122 -99.10 -19.96 68.26
CA GLU M 122 -98.44 -21.25 68.39
C GLU M 122 -96.93 -21.08 68.54
N ARG M 123 -96.27 -22.17 68.91
CA ARG M 123 -94.82 -22.25 68.96
C ARG M 123 -94.39 -23.61 68.42
N ASN M 124 -93.45 -23.60 67.49
CA ASN M 124 -92.92 -24.86 66.97
C ASN M 124 -92.11 -25.58 68.04
N ASP M 125 -91.19 -24.88 68.68
CA ASP M 125 -90.32 -25.46 69.70
C ASP M 125 -89.94 -24.35 70.66
N ASP M 126 -88.87 -24.56 71.43
CA ASP M 126 -88.38 -23.52 72.33
C ASP M 126 -87.91 -22.28 71.58
N GLY M 127 -87.71 -22.37 70.26
CA GLY M 127 -87.36 -21.20 69.48
C GLY M 127 -88.48 -20.20 69.32
N THR M 128 -89.73 -20.61 69.59
CA THR M 128 -90.87 -19.70 69.54
C THR M 128 -91.01 -19.07 68.16
N TYR M 129 -90.94 -19.90 67.12
CA TYR M 129 -90.91 -19.39 65.76
C TYR M 129 -92.29 -18.90 65.32
N LYS M 130 -93.34 -19.64 65.65
CA LYS M 130 -94.65 -19.36 65.09
C LYS M 130 -95.21 -18.03 65.58
N LEU M 131 -95.86 -17.30 64.67
CA LEU M 131 -96.64 -16.12 65.01
C LEU M 131 -97.68 -15.89 63.91
N ASP M 132 -98.70 -15.11 64.26
CA ASP M 132 -99.67 -14.59 63.28
C ASP M 132 -100.25 -15.69 62.41
N THR M 133 -100.62 -16.81 63.02
CA THR M 133 -101.23 -17.93 62.30
C THR M 133 -100.33 -18.42 61.18
N ASN M 134 -99.03 -18.33 61.35
CA ASN M 134 -98.12 -18.91 60.36
C ASN M 134 -98.42 -20.38 60.21
N GLY M 135 -98.01 -20.94 59.07
CA GLY M 135 -98.42 -22.30 58.76
C GLY M 135 -99.93 -22.32 58.58
N ASP M 136 -100.60 -23.16 59.36
CA ASP M 136 -102.05 -23.32 59.28
C ASP M 136 -102.75 -23.35 60.62
N LYS M 137 -102.16 -22.79 61.67
CA LYS M 137 -102.67 -22.93 63.03
C LYS M 137 -103.23 -21.61 63.55
N ILE M 138 -104.45 -21.67 64.07
CA ILE M 138 -105.15 -20.55 64.70
C ILE M 138 -104.40 -20.20 65.99
N PRO M 139 -104.49 -18.96 66.49
CA PRO M 139 -103.94 -18.69 67.82
C PRO M 139 -104.44 -19.68 68.86
N LEU M 140 -103.56 -20.01 69.80
CA LEU M 140 -103.79 -21.13 70.71
C LEU M 140 -104.52 -20.71 71.99
N ALA M 141 -103.90 -19.86 72.80
CA ALA M 141 -104.49 -19.50 74.07
C ALA M 141 -105.66 -18.54 73.86
N THR M 142 -106.71 -18.74 74.66
CA THR M 142 -107.92 -17.95 74.49
C THR M 142 -107.65 -16.47 74.75
N GLN M 143 -107.05 -16.14 75.88
CA GLN M 143 -106.75 -14.76 76.23
C GLN M 143 -105.59 -14.74 77.22
N ILE M 144 -104.55 -14.01 76.87
CA ILE M 144 -103.37 -13.83 77.71
C ILE M 144 -103.24 -12.36 78.04
N ASP M 145 -103.05 -12.07 79.33
CA ASP M 145 -102.92 -10.68 79.75
C ASP M 145 -101.61 -10.10 79.22
N GLY M 146 -101.69 -8.96 78.55
CA GLY M 146 -100.53 -8.32 77.97
C GLY M 146 -100.72 -6.82 77.78
N ILE M 147 -99.84 -6.23 76.98
CA ILE M 147 -99.75 -4.78 76.83
C ILE M 147 -99.71 -4.43 75.35
N LYS M 148 -100.35 -3.32 74.98
CA LYS M 148 -100.45 -2.86 73.61
C LYS M 148 -99.76 -1.51 73.45
N PHE M 149 -98.96 -1.39 72.40
CA PHE M 149 -98.19 -0.19 72.06
C PHE M 149 -98.57 0.29 70.66
N ARG M 150 -98.40 1.59 70.45
CA ARG M 150 -98.56 2.21 69.14
C ARG M 150 -97.68 3.45 69.08
N PHE M 151 -96.63 3.43 68.27
CA PHE M 151 -95.63 4.49 68.30
C PHE M 151 -96.07 5.67 67.43
N VAL M 152 -95.63 6.87 67.83
CA VAL M 152 -96.05 8.12 67.20
C VAL M 152 -94.85 9.04 67.05
N LEU M 153 -94.74 9.68 65.89
CA LEU M 153 -93.68 10.63 65.59
C LEU M 153 -94.34 11.89 65.01
N GLU M 154 -94.24 13.01 65.73
CA GLU M 154 -94.96 14.19 65.27
C GLU M 154 -94.24 15.46 65.70
N LYS M 155 -94.57 16.56 65.03
CA LYS M 155 -93.95 17.83 65.32
C LYS M 155 -94.20 18.24 66.76
N ILE M 156 -93.18 18.82 67.39
CA ILE M 156 -93.30 19.31 68.75
C ILE M 156 -94.00 20.66 68.70
N GLU M 157 -95.17 20.75 69.31
CA GLU M 157 -95.98 21.96 69.23
C GLU M 157 -95.45 23.03 70.18
N THR M 158 -95.65 24.28 69.79
CA THR M 158 -95.14 25.42 70.53
C THR M 158 -96.18 25.95 71.51
N ASN M 159 -95.71 26.74 72.48
CA ASN M 159 -96.58 27.35 73.46
C ASN M 159 -97.46 28.41 72.82
N GLU M 160 -98.58 28.69 73.47
CA GLU M 160 -99.52 29.68 72.94
C GLU M 160 -98.91 31.07 72.86
N SER M 161 -97.85 31.32 73.63
CA SER M 161 -97.13 32.58 73.56
C SER M 161 -96.10 32.63 72.44
N GLY M 162 -95.76 31.49 71.85
CA GLY M 162 -94.76 31.44 70.80
C GLY M 162 -93.41 30.97 71.29
N VAL M 163 -93.41 29.96 72.16
CA VAL M 163 -92.18 29.37 72.69
C VAL M 163 -92.30 27.86 72.59
N SER M 164 -91.25 27.22 72.09
CA SER M 164 -91.30 25.78 71.89
C SER M 164 -91.24 25.03 73.22
N GLN M 165 -91.82 23.83 73.22
CA GLN M 165 -91.82 22.95 74.38
C GLN M 165 -90.77 21.85 74.27
N TYR M 166 -89.60 22.19 73.72
CA TYR M 166 -88.63 21.16 73.31
C TYR M 166 -88.37 20.18 74.45
N LYS M 167 -88.10 20.69 75.64
CA LYS M 167 -87.79 19.84 76.80
C LYS M 167 -88.94 19.79 77.80
N LYS M 168 -90.13 20.25 77.44
CA LYS M 168 -91.21 20.44 78.39
C LYS M 168 -92.52 19.84 77.91
N ARG M 169 -92.49 18.59 77.43
CA ARG M 169 -93.71 17.90 77.08
C ARG M 169 -94.20 17.06 78.27
N THR M 170 -95.50 16.74 78.24
CA THR M 170 -96.14 16.02 79.32
C THR M 170 -97.12 15.00 78.76
N ALA M 171 -97.48 14.02 79.57
CA ALA M 171 -98.34 12.94 79.13
C ALA M 171 -99.74 13.45 78.83
N LYS M 172 -100.51 12.63 78.11
CA LYS M 172 -101.85 13.01 77.69
C LYS M 172 -102.69 11.76 77.52
N ALA M 173 -104.00 11.97 77.34
CA ALA M 173 -104.90 10.86 77.10
C ALA M 173 -104.63 10.24 75.73
N GLY M 174 -104.79 8.92 75.66
CA GLY M 174 -104.48 8.18 74.45
C GLY M 174 -105.64 8.10 73.48
N THR M 175 -105.47 7.25 72.48
CA THR M 175 -106.50 6.98 71.48
C THR M 175 -106.79 5.51 71.26
N ILE M 176 -105.77 4.64 71.31
CA ILE M 176 -106.04 3.21 71.22
C ILE M 176 -106.58 2.71 72.54
N GLY M 177 -107.49 1.74 72.48
CA GLY M 177 -108.07 1.21 73.69
C GLY M 177 -108.79 2.24 74.53
N THR M 178 -109.55 3.14 73.90
CA THR M 178 -110.32 4.13 74.64
C THR M 178 -111.42 3.51 75.47
N GLU M 179 -111.76 2.24 75.26
CA GLU M 179 -112.71 1.56 76.13
C GLU M 179 -112.26 1.64 77.58
N ALA M 180 -110.95 1.64 77.82
CA ALA M 180 -110.37 1.86 79.14
C ALA M 180 -109.60 3.16 79.11
N THR M 181 -109.92 4.06 80.04
CA THR M 181 -109.27 5.37 80.04
C THR M 181 -107.75 5.33 80.09
N PRO M 182 -107.10 4.42 80.84
CA PRO M 182 -105.65 4.52 81.03
C PRO M 182 -104.82 4.53 79.75
N SER M 183 -105.44 4.31 78.60
CA SER M 183 -104.72 4.45 77.34
C SER M 183 -104.13 5.85 77.24
N THR M 184 -102.79 5.96 77.22
CA THR M 184 -102.16 7.26 77.33
C THR M 184 -101.02 7.42 76.34
N ILE M 185 -100.79 8.67 75.93
CA ILE M 185 -99.59 9.02 75.18
C ILE M 185 -98.50 9.42 76.15
N THR M 186 -97.32 8.80 76.01
CA THR M 186 -96.20 9.21 76.84
C THR M 186 -94.98 9.44 75.95
N PRO M 187 -94.25 10.55 76.16
CA PRO M 187 -93.11 10.85 75.29
C PRO M 187 -91.85 10.07 75.65
N LEU M 188 -90.96 9.93 74.67
CA LEU M 188 -89.73 9.17 74.82
C LEU M 188 -88.49 9.94 74.43
N ALA M 189 -88.56 10.81 73.41
CA ALA M 189 -87.38 11.56 72.99
C ALA M 189 -87.82 12.73 72.12
N ASP M 190 -86.91 13.69 71.97
CA ASP M 190 -87.09 14.85 71.11
C ASP M 190 -85.87 15.01 70.22
N PHE M 191 -86.10 15.47 68.98
CA PHE M 191 -85.06 15.74 68.03
C PHE M 191 -85.30 17.10 67.41
N ARG M 192 -84.22 17.79 67.06
CA ARG M 192 -84.31 19.18 66.62
C ARG M 192 -83.20 19.48 65.64
N CYS M 193 -83.45 20.43 64.73
CA CYS M 193 -82.45 20.82 63.77
C CYS M 193 -81.49 21.85 64.36
N ARG M 194 -80.25 21.85 63.85
CA ARG M 194 -79.20 22.70 64.40
C ARG M 194 -79.19 24.10 63.81
N PHE M 195 -79.84 24.29 62.66
CA PHE M 195 -79.83 25.58 61.97
C PHE M 195 -81.25 26.00 61.64
N LYS M 196 -81.38 27.21 61.11
CA LYS M 196 -82.65 27.73 60.65
C LYS M 196 -82.61 27.77 59.13
N SER M 197 -83.18 26.75 58.49
CA SER M 197 -83.14 26.65 57.03
C SER M 197 -83.97 25.44 56.61
N SER M 198 -84.12 25.28 55.30
CA SER M 198 -84.83 24.14 54.74
C SER M 198 -84.08 22.83 54.95
N LEU M 199 -82.81 22.91 55.36
CA LEU M 199 -82.06 21.68 55.62
C LEU M 199 -82.72 20.86 56.72
N GLY M 200 -83.30 21.52 57.73
CA GLY M 200 -84.00 20.79 58.77
C GLY M 200 -85.22 20.06 58.24
N ALA M 201 -85.99 20.73 57.39
CA ALA M 201 -87.16 20.09 56.79
C ALA M 201 -86.77 18.94 55.88
N ASN M 202 -85.59 18.98 55.27
CA ASN M 202 -85.12 17.89 54.42
C ASN M 202 -84.24 16.87 55.15
N THR M 203 -83.99 17.03 56.45
CA THR M 203 -83.26 16.03 57.20
C THR M 203 -84.20 14.94 57.69
N ALA M 204 -83.70 13.71 57.71
CA ALA M 204 -84.48 12.55 58.14
C ALA M 204 -83.63 11.65 59.02
N LEU M 205 -84.30 10.86 59.85
CA LEU M 205 -83.61 9.95 60.75
C LEU M 205 -84.32 8.61 60.78
N ARG M 206 -83.54 7.55 61.02
CA ARG M 206 -84.04 6.19 61.17
C ARG M 206 -83.53 5.62 62.48
N ILE M 207 -84.37 4.82 63.13
CA ILE M 207 -83.98 4.07 64.31
C ILE M 207 -84.64 2.71 64.25
N TRP M 208 -83.90 1.66 64.59
CA TRP M 208 -84.49 0.32 64.59
C TRP M 208 -83.70 -0.59 65.52
N ALA M 209 -84.22 -1.81 65.71
CA ALA M 209 -83.64 -2.77 66.62
C ALA M 209 -83.28 -4.05 65.87
N PRO M 210 -82.01 -4.31 65.59
CA PRO M 210 -81.65 -5.49 64.81
C PRO M 210 -81.49 -6.73 65.66
N THR M 211 -81.64 -7.88 65.00
CA THR M 211 -81.48 -9.19 65.62
C THR M 211 -80.38 -9.95 64.89
N ILE M 212 -80.22 -11.23 65.24
CA ILE M 212 -79.12 -12.01 64.70
C ILE M 212 -79.20 -12.11 63.18
N ASN M 213 -80.41 -12.09 62.63
CA ASN M 213 -80.62 -12.33 61.21
C ASN M 213 -80.71 -11.03 60.40
N SER M 214 -80.57 -9.87 61.02
CA SER M 214 -80.72 -8.62 60.29
C SER M 214 -79.61 -8.47 59.26
N ALA M 215 -79.72 -7.40 58.47
CA ALA M 215 -78.64 -7.06 57.53
C ALA M 215 -77.35 -6.75 58.25
N GLN M 216 -77.40 -6.00 59.35
CA GLN M 216 -76.25 -5.80 60.23
C GLN M 216 -76.51 -6.68 61.46
N ALA M 217 -76.05 -7.93 61.38
CA ALA M 217 -76.34 -8.90 62.42
C ALA M 217 -75.84 -8.39 63.77
N ALA M 218 -76.68 -8.51 64.79
CA ALA M 218 -76.29 -8.15 66.13
C ALA M 218 -75.55 -9.31 66.79
N ASP M 219 -74.96 -9.01 67.95
CA ASP M 219 -74.21 -10.00 68.72
C ASP M 219 -74.69 -10.01 70.16
N ALA M 220 -74.98 -11.20 70.67
CA ALA M 220 -75.49 -11.32 72.03
C ALA M 220 -74.39 -11.19 73.07
N ASP M 221 -73.13 -11.43 72.70
CA ASP M 221 -72.06 -11.40 73.68
C ASP M 221 -71.86 -10.01 74.24
N LEU M 222 -71.88 -8.99 73.38
CA LEU M 222 -71.72 -7.62 73.87
C LEU M 222 -72.89 -7.23 74.77
N GLN M 223 -74.10 -7.62 74.39
CA GLN M 223 -75.26 -7.31 75.22
C GLN M 223 -75.16 -7.98 76.58
N ALA M 224 -74.69 -9.23 76.63
CA ALA M 224 -74.48 -9.87 77.92
C ALA M 224 -73.41 -9.14 78.72
N ARG M 225 -72.32 -8.75 78.07
CA ARG M 225 -71.22 -8.09 78.76
C ARG M 225 -71.66 -6.77 79.37
N ILE M 226 -72.44 -5.99 78.63
CA ILE M 226 -73.11 -4.81 79.15
C ILE M 226 -74.60 -4.97 78.88
N LYS M 227 -75.39 -5.07 79.94
CA LYS M 227 -76.80 -5.42 79.80
C LYS M 227 -77.56 -4.19 79.31
N SER M 228 -77.78 -4.16 78.00
CA SER M 228 -78.65 -3.17 77.38
C SER M 228 -78.86 -3.57 75.93
N PHE M 229 -80.10 -3.49 75.47
CA PHE M 229 -80.35 -3.72 74.05
C PHE M 229 -79.77 -2.58 73.25
N LEU M 230 -79.24 -2.91 72.07
CA LEU M 230 -78.58 -1.94 71.20
C LEU M 230 -79.46 -1.70 69.98
N TYR M 231 -79.71 -0.42 69.69
CA TYR M 231 -80.49 0.00 68.54
C TYR M 231 -79.60 0.69 67.54
N ARG M 232 -79.92 0.51 66.26
CA ARG M 232 -79.22 1.19 65.18
C ARG M 232 -79.88 2.54 64.90
N PHE M 233 -79.05 3.54 64.67
CA PHE M 233 -79.46 4.91 64.41
C PHE M 233 -78.79 5.42 63.15
N GLN M 234 -79.54 6.13 62.32
CA GLN M 234 -79.05 6.58 61.01
C GLN M 234 -79.59 7.96 60.69
N ILE M 235 -78.80 8.76 60.00
CA ILE M 235 -79.18 10.10 59.54
C ILE M 235 -79.13 10.12 58.03
N LEU M 236 -80.13 10.75 57.41
CA LEU M 236 -80.19 10.88 55.96
C LEU M 236 -80.59 12.31 55.60
N THR M 237 -80.22 12.74 54.40
CA THR M 237 -80.57 14.07 53.92
C THR M 237 -80.82 14.02 52.42
N ARG M 238 -81.83 14.74 51.96
CA ARG M 238 -82.20 14.76 50.55
C ARG M 238 -81.96 16.14 49.96
N ALA M 239 -81.91 16.19 48.63
CA ALA M 239 -81.61 17.44 47.93
C ALA M 239 -82.81 18.38 47.95
N ASP M 240 -83.96 17.92 47.48
CA ASP M 240 -85.19 18.69 47.49
C ASP M 240 -86.35 17.79 47.85
N LYS M 241 -87.55 18.35 47.81
CA LYS M 241 -88.73 17.58 48.20
C LYS M 241 -89.00 16.43 47.23
N ALA M 242 -88.57 16.57 45.97
CA ALA M 242 -88.80 15.54 44.97
C ALA M 242 -87.65 14.55 44.84
N SER M 243 -86.53 14.78 45.51
CA SER M 243 -85.35 13.92 45.37
C SER M 243 -85.45 12.77 46.36
N SER M 244 -84.35 12.03 46.51
CA SER M 244 -84.29 10.88 47.39
C SER M 244 -83.16 11.05 48.41
N PRO M 245 -83.26 10.42 49.58
CA PRO M 245 -82.28 10.67 50.63
C PRO M 245 -80.93 10.04 50.34
N THR M 246 -79.93 10.54 51.04
CA THR M 246 -78.57 10.03 51.00
C THR M 246 -78.04 9.97 52.43
N ILE M 247 -77.29 8.91 52.73
CA ILE M 247 -76.84 8.67 54.09
C ILE M 247 -75.83 9.74 54.49
N PHE M 248 -75.91 10.19 55.74
CA PHE M 248 -74.96 11.12 56.33
C PHE M 248 -74.08 10.31 57.28
N GLU M 249 -72.81 10.16 56.95
CA GLU M 249 -71.94 9.25 57.68
C GLU M 249 -71.26 9.96 58.84
N THR M 250 -70.95 9.19 59.88
CA THR M 250 -70.17 9.72 60.99
C THR M 250 -68.81 10.19 60.47
N ILE M 251 -68.09 10.92 61.32
CA ILE M 251 -66.79 11.43 60.91
C ILE M 251 -65.76 10.32 60.75
N TYR M 252 -66.14 9.09 61.07
CA TYR M 252 -65.27 7.93 60.89
C TYR M 252 -65.63 7.13 59.65
N ASN M 253 -66.52 7.66 58.81
CA ASN M 253 -66.95 7.00 57.58
C ASN M 253 -67.71 5.70 57.88
N GLU M 254 -68.70 5.80 58.77
CA GLU M 254 -69.65 4.74 59.02
C GLU M 254 -71.06 5.20 58.68
N PRO M 255 -71.94 4.31 58.23
CA PRO M 255 -73.29 4.75 57.84
C PRO M 255 -74.28 4.82 59.00
N SER M 256 -74.02 4.12 60.11
CA SER M 256 -74.98 4.06 61.20
C SER M 256 -74.24 3.85 62.52
N LEU M 257 -74.95 4.09 63.63
CA LEU M 257 -74.41 3.95 64.97
C LEU M 257 -75.22 2.93 65.78
N SER M 258 -74.57 2.36 66.80
CA SER M 258 -75.23 1.53 67.80
C SER M 258 -75.31 2.31 69.10
N VAL M 259 -76.51 2.34 69.70
CA VAL M 259 -76.74 3.09 70.93
C VAL M 259 -77.64 2.28 71.85
N GLY M 260 -77.71 2.69 73.11
CA GLY M 260 -78.50 1.97 74.09
C GLY M 260 -78.94 2.85 75.23
N PHE M 261 -79.94 2.36 75.97
CA PHE M 261 -80.46 3.09 77.12
C PHE M 261 -79.74 2.67 78.39
N GLY M 262 -79.39 3.65 79.21
CA GLY M 262 -78.72 3.41 80.47
C GLY M 262 -77.85 4.58 80.90
N GLU M 263 -77.20 4.46 82.06
CA GLU M 263 -76.45 5.59 82.59
C GLU M 263 -75.09 5.72 81.93
N ASN M 264 -74.22 4.73 82.10
CA ASN M 264 -72.94 4.71 81.40
C ASN M 264 -72.66 3.29 80.95
N LEU M 265 -72.71 3.07 79.64
CA LEU M 265 -72.52 1.76 79.06
C LEU M 265 -71.08 1.64 78.53
N VAL M 266 -70.18 1.36 79.46
CA VAL M 266 -68.77 1.20 79.11
C VAL M 266 -68.45 -0.29 79.02
N ASP M 267 -67.80 -0.67 77.92
CA ASP M 267 -67.40 -2.05 77.73
C ASP M 267 -66.02 -2.26 78.30
N PRO M 268 -65.84 -3.04 79.37
CA PRO M 268 -64.50 -3.23 79.93
C PRO M 268 -63.51 -3.83 78.93
N GLN M 269 -63.96 -4.72 78.06
CA GLN M 269 -63.05 -5.39 77.12
C GLN M 269 -62.51 -4.45 76.06
N THR M 270 -63.21 -3.36 75.77
CA THR M 270 -62.77 -2.42 74.74
C THR M 270 -62.94 -0.96 75.12
N GLU M 271 -63.48 -0.64 76.30
CA GLU M 271 -63.68 0.74 76.75
C GLU M 271 -64.54 1.56 75.80
N VAL M 272 -65.47 0.92 75.09
CA VAL M 272 -66.38 1.66 74.22
C VAL M 272 -67.58 2.12 75.04
N VAL M 273 -68.03 3.35 74.79
CA VAL M 273 -69.16 3.95 75.48
C VAL M 273 -70.35 3.95 74.53
N TYR M 274 -71.45 3.32 74.95
CA TYR M 274 -72.63 3.18 74.11
C TYR M 274 -73.78 4.08 74.52
N ASP M 275 -73.51 5.15 75.27
CA ASP M 275 -74.59 6.04 75.68
C ASP M 275 -75.18 6.75 74.48
N PHE M 276 -76.50 6.93 74.50
CA PHE M 276 -77.23 7.40 73.32
C PHE M 276 -76.77 8.79 72.89
N VAL M 277 -77.07 9.78 73.71
CA VAL M 277 -76.82 11.17 73.32
C VAL M 277 -75.32 11.42 73.19
N GLU M 278 -74.54 10.94 74.16
CA GLU M 278 -73.11 11.20 74.14
C GLU M 278 -72.46 10.60 72.89
N ARG M 279 -72.77 9.33 72.60
CA ARG M 279 -72.16 8.69 71.45
C ARG M 279 -72.58 9.37 70.16
N ILE M 280 -73.87 9.70 70.03
CA ILE M 280 -74.32 10.35 68.80
C ILE M 280 -73.57 11.66 68.59
N ASP M 281 -73.55 12.49 69.63
CA ASP M 281 -73.00 13.83 69.48
C ASP M 281 -71.49 13.80 69.28
N SER M 282 -70.81 12.82 69.89
CA SER M 282 -69.36 12.75 69.73
C SER M 282 -68.98 12.17 68.38
N ARG M 283 -69.76 11.20 67.87
CA ARG M 283 -69.38 10.52 66.64
C ARG M 283 -69.80 11.27 65.39
N TYR M 284 -70.81 12.16 65.47
CA TYR M 284 -71.28 12.80 64.25
C TYR M 284 -70.69 14.19 64.01
N ASN M 285 -70.17 14.86 65.04
CA ASN M 285 -69.71 16.23 64.91
C ASN M 285 -68.20 16.33 65.06
N ASP M 286 -67.66 17.45 64.60
CA ASP M 286 -66.22 17.69 64.62
C ASP M 286 -65.99 19.19 64.55
N GLU M 287 -65.57 19.79 65.66
CA GLU M 287 -65.41 21.24 65.77
C GLU M 287 -64.02 21.73 65.46
N ASP M 288 -63.08 20.85 65.12
CA ASP M 288 -61.71 21.27 64.93
C ASP M 288 -61.61 22.20 63.73
N PRO M 289 -61.13 23.44 63.91
CA PRO M 289 -61.09 24.38 62.77
C PRO M 289 -60.44 23.89 61.47
N SER M 290 -59.67 22.82 61.52
CA SER M 290 -59.06 22.28 60.31
C SER M 290 -59.95 21.25 59.63
N THR M 291 -60.64 20.42 60.40
CA THR M 291 -61.53 19.39 59.87
C THR M 291 -62.89 19.64 60.51
N TYR M 292 -63.68 20.51 59.88
CA TYR M 292 -64.87 21.09 60.51
C TYR M 292 -66.12 20.52 59.85
N LEU M 293 -66.97 19.88 60.65
CA LEU M 293 -68.28 19.44 60.17
C LEU M 293 -69.25 19.32 61.32
N MET M 294 -70.39 19.99 61.20
CA MET M 294 -71.48 19.92 62.16
C MET M 294 -72.62 19.13 61.55
N SER M 295 -73.07 18.10 62.26
CA SER M 295 -74.20 17.32 61.78
C SER M 295 -75.45 18.18 61.78
N PRO M 296 -76.37 17.98 60.82
CA PRO M 296 -77.62 18.76 60.84
C PRO M 296 -78.45 18.54 62.09
N LEU M 297 -78.40 17.33 62.66
CA LEU M 297 -79.18 17.04 63.86
C LEU M 297 -78.46 17.56 65.09
N ASP M 298 -79.20 18.29 65.95
CA ASP M 298 -78.64 18.82 67.17
C ASP M 298 -78.54 17.71 68.23
N THR M 299 -78.20 18.12 69.44
CA THR M 299 -78.04 17.15 70.53
C THR M 299 -79.40 16.58 70.92
N PRO M 300 -79.61 15.27 70.84
CA PRO M 300 -80.91 14.71 71.22
C PRO M 300 -81.18 14.86 72.71
N TYR M 301 -82.45 14.87 73.07
CA TYR M 301 -82.92 14.88 74.45
C TYR M 301 -83.79 13.67 74.70
N LEU M 302 -83.70 13.11 75.91
CA LEU M 302 -84.47 11.92 76.26
C LEU M 302 -85.29 12.20 77.50
N TYR M 303 -86.46 11.57 77.58
CA TYR M 303 -87.31 11.59 78.78
C TYR M 303 -86.99 10.35 79.60
N GLN M 304 -85.93 10.47 80.40
CA GLN M 304 -85.40 9.32 81.12
C GLN M 304 -86.43 8.76 82.09
N ALA M 305 -87.15 9.63 82.79
CA ALA M 305 -88.15 9.15 83.74
C ALA M 305 -89.20 8.29 83.06
N ASN M 306 -89.72 8.76 81.94
CA ASN M 306 -90.82 8.05 81.27
C ASN M 306 -90.31 6.76 80.63
N ILE M 307 -89.15 6.81 79.98
CA ILE M 307 -88.61 5.59 79.37
C ILE M 307 -88.35 4.54 80.45
N ASP M 308 -87.78 4.98 81.58
CA ASP M 308 -87.54 4.06 82.68
C ASP M 308 -88.84 3.50 83.23
N SER M 309 -89.88 4.34 83.32
CA SER M 309 -91.16 3.88 83.85
C SER M 309 -91.75 2.80 82.95
N VAL M 310 -91.74 3.02 81.64
CA VAL M 310 -92.30 2.03 80.73
C VAL M 310 -91.50 0.74 80.77
N LEU M 311 -90.18 0.85 80.80
CA LEU M 311 -89.35 -0.35 80.91
C LEU M 311 -89.67 -1.12 82.19
N THR M 312 -89.81 -0.40 83.30
CA THR M 312 -90.12 -1.04 84.57
C THR M 312 -91.47 -1.73 84.51
N ALA M 313 -92.46 -1.08 83.89
CA ALA M 313 -93.79 -1.67 83.78
C ALA M 313 -93.73 -2.97 83.01
N ILE M 314 -93.09 -2.96 81.84
CA ILE M 314 -93.06 -4.18 81.04
C ILE M 314 -92.27 -5.28 81.75
N GLN M 315 -91.19 -4.91 82.45
CA GLN M 315 -90.45 -5.92 83.20
C GLN M 315 -91.31 -6.52 84.30
N GLU M 316 -91.91 -5.67 85.14
CA GLU M 316 -92.79 -6.16 86.20
C GLU M 316 -93.84 -7.11 85.64
N LEU M 317 -94.40 -6.77 84.48
CA LEU M 317 -95.46 -7.59 83.93
C LEU M 317 -94.92 -8.94 83.45
N GLU M 318 -94.02 -8.92 82.47
CA GLU M 318 -93.67 -10.14 81.74
C GLU M 318 -92.23 -10.58 81.93
N ALA M 319 -91.41 -9.85 82.69
CA ALA M 319 -90.10 -10.37 83.03
C ALA M 319 -90.19 -11.68 83.80
N PRO M 320 -91.02 -11.79 84.85
CA PRO M 320 -91.22 -13.10 85.47
C PRO M 320 -92.17 -13.97 84.66
N PHE M 321 -91.68 -14.49 83.54
CA PHE M 321 -92.50 -15.30 82.65
C PHE M 321 -91.62 -16.36 82.00
N ASP M 322 -92.16 -17.02 80.98
CA ASP M 322 -91.53 -18.21 80.45
C ASP M 322 -90.24 -17.92 79.68
N THR M 323 -90.25 -16.93 78.78
CA THR M 323 -89.16 -16.81 77.82
C THR M 323 -88.48 -15.44 77.83
N VAL M 324 -88.33 -14.82 79.00
CA VAL M 324 -87.61 -13.55 79.11
C VAL M 324 -86.97 -13.49 80.50
N SER M 325 -85.81 -12.85 80.57
CA SER M 325 -85.11 -12.74 81.84
C SER M 325 -85.94 -11.95 82.85
N ALA M 326 -86.03 -12.50 84.07
CA ALA M 326 -86.79 -11.84 85.13
C ALA M 326 -85.92 -11.02 86.07
N ASP M 327 -84.60 -11.09 85.93
CA ASP M 327 -83.72 -10.44 86.88
C ASP M 327 -83.95 -8.93 86.91
N GLU M 328 -83.35 -8.28 87.90
CA GLU M 328 -83.53 -6.85 88.05
C GLU M 328 -82.89 -6.07 86.92
N ASP M 329 -81.72 -6.50 86.45
CA ASP M 329 -80.93 -5.73 85.50
C ASP M 329 -81.44 -5.83 84.07
N ASP M 330 -82.36 -6.75 83.78
CA ASP M 330 -82.90 -6.87 82.44
C ASP M 330 -83.75 -5.68 82.03
N LEU M 331 -84.00 -4.76 82.96
CA LEU M 331 -84.82 -3.58 82.65
C LEU M 331 -84.33 -2.89 81.40
N TYR M 332 -83.02 -2.63 81.32
CA TYR M 332 -82.45 -1.98 80.14
C TYR M 332 -82.13 -2.97 79.03
N GLN M 333 -82.20 -4.27 79.29
CA GLN M 333 -82.09 -5.23 78.20
C GLN M 333 -83.37 -5.30 77.39
N ILE M 334 -84.51 -4.99 77.99
CA ILE M 334 -85.80 -5.12 77.31
C ILE M 334 -85.74 -4.45 75.95
N ASN M 335 -86.25 -5.14 74.92
CA ASN M 335 -86.36 -4.59 73.58
C ASN M 335 -87.66 -3.79 73.48
N LEU M 336 -87.55 -2.47 73.40
CA LEU M 336 -88.74 -1.64 73.40
C LEU M 336 -89.37 -1.53 72.01
N PHE M 337 -88.58 -1.09 71.02
CA PHE M 337 -89.15 -0.80 69.72
C PHE M 337 -89.51 -2.07 68.96
N GLY M 338 -88.84 -3.17 69.23
CA GLY M 338 -89.20 -4.46 68.69
C GLY M 338 -90.04 -5.25 69.67
N ALA M 339 -90.24 -6.53 69.35
CA ALA M 339 -91.00 -7.42 70.21
C ALA M 339 -90.32 -8.77 70.33
N GLN M 340 -88.99 -8.77 70.44
CA GLN M 340 -88.26 -10.01 70.55
C GLN M 340 -86.90 -9.74 71.17
N THR M 341 -86.29 -10.79 71.72
CA THR M 341 -84.95 -10.66 72.26
C THR M 341 -83.94 -10.55 71.12
N VAL M 342 -82.66 -10.44 71.50
CA VAL M 342 -81.61 -10.34 70.48
C VAL M 342 -81.62 -11.57 69.60
N GLU M 343 -81.95 -12.74 70.15
CA GLU M 343 -81.98 -13.97 69.36
C GLU M 343 -83.20 -14.05 68.46
N GLY M 344 -84.16 -13.15 68.60
CA GLY M 344 -85.30 -13.13 67.70
C GLY M 344 -86.48 -13.97 68.15
N VAL M 345 -86.63 -14.21 69.44
CA VAL M 345 -87.77 -14.94 69.98
C VAL M 345 -88.86 -13.93 70.29
N PRO M 346 -90.04 -14.02 69.66
CA PRO M 346 -91.06 -12.98 69.87
C PRO M 346 -91.52 -12.91 71.31
N TYR M 347 -91.82 -11.68 71.75
CA TYR M 347 -92.44 -11.44 73.05
C TYR M 347 -93.94 -11.68 72.92
N HIS M 348 -94.43 -12.79 73.47
CA HIS M 348 -95.86 -12.91 73.65
C HIS M 348 -96.28 -12.16 74.91
N ALA M 349 -97.53 -11.68 74.89
CA ALA M 349 -98.08 -10.74 75.86
C ALA M 349 -97.72 -9.29 75.56
N VAL M 350 -97.12 -9.02 74.40
CA VAL M 350 -96.89 -7.65 73.95
C VAL M 350 -97.32 -7.55 72.50
N GLN M 351 -98.17 -6.57 72.19
CA GLN M 351 -98.67 -6.36 70.84
C GLN M 351 -98.34 -4.94 70.41
N ILE M 352 -97.85 -4.79 69.19
CA ILE M 352 -97.53 -3.49 68.61
C ILE M 352 -98.45 -3.30 67.41
N LEU M 353 -99.25 -2.23 67.44
CA LEU M 353 -100.21 -2.00 66.37
C LEU M 353 -99.51 -1.52 65.11
N GLY M 354 -99.86 -2.09 63.97
CA GLY M 354 -99.19 -1.82 62.72
C GLY M 354 -99.68 -0.55 62.06
N VAL M 355 -99.35 -0.42 60.77
CA VAL M 355 -99.67 0.80 60.03
C VAL M 355 -101.19 0.94 59.89
N LEU M 356 -101.86 -0.15 59.46
CA LEU M 356 -103.30 -0.08 59.24
C LEU M 356 -104.04 0.29 60.52
N ASP M 357 -103.42 0.04 61.67
CA ASP M 357 -104.01 0.39 62.96
C ASP M 357 -103.58 1.76 63.44
N GLY M 358 -102.82 2.50 62.65
CA GLY M 358 -102.39 3.84 63.02
C GLY M 358 -101.03 3.92 63.67
N GLY M 359 -100.26 2.84 63.67
CA GLY M 359 -98.94 2.83 64.28
C GLY M 359 -97.84 3.22 63.31
N VAL M 360 -96.62 3.21 63.81
CA VAL M 360 -95.42 3.49 63.04
C VAL M 360 -94.50 2.30 63.16
N THR M 361 -94.02 1.79 62.03
CA THR M 361 -93.14 0.63 62.00
C THR M 361 -91.69 1.11 61.94
N LEU M 362 -90.98 0.96 63.05
CA LEU M 362 -89.58 1.34 63.12
C LEU M 362 -88.75 0.18 62.58
N THR M 363 -88.44 0.25 61.29
CA THR M 363 -87.57 -0.72 60.64
C THR M 363 -86.49 0.03 59.87
N GLU M 364 -85.62 -0.73 59.22
CA GLU M 364 -84.47 -0.15 58.53
C GLU M 364 -84.84 0.49 57.20
N THR M 365 -86.07 0.34 56.74
CA THR M 365 -86.51 0.96 55.49
C THR M 365 -87.40 2.17 55.72
N ALA M 366 -88.01 2.30 56.89
CA ALA M 366 -88.83 3.46 57.19
C ALA M 366 -87.95 4.70 57.35
N THR M 367 -88.48 5.86 56.96
CA THR M 367 -87.78 7.12 57.06
C THR M 367 -88.70 8.15 57.68
N ASN M 368 -88.13 9.07 58.46
CA ASN M 368 -88.89 10.05 59.22
C ASN M 368 -88.26 11.42 59.04
N TYR M 369 -89.08 12.41 58.68
CA TYR M 369 -88.59 13.75 58.38
C TYR M 369 -89.05 14.74 59.43
N LEU M 370 -88.16 15.64 59.83
CA LEU M 370 -88.52 16.68 60.75
C LEU M 370 -89.53 17.63 60.10
N GLN M 371 -90.34 18.27 60.94
CA GLN M 371 -91.43 19.13 60.48
C GLN M 371 -91.11 20.58 60.82
N GLY M 372 -91.48 21.50 59.92
CA GLY M 372 -91.33 22.91 60.18
C GLY M 372 -90.14 23.53 59.47
N GLY M 373 -89.61 24.61 60.01
CA GLY M 373 -88.44 25.24 59.43
C GLY M 373 -88.79 26.11 58.24
N GLY M 374 -87.76 26.63 57.61
CA GLY M 374 -87.89 27.51 56.46
C GLY M 374 -86.74 28.49 56.41
N ASP M 375 -86.55 29.08 55.23
CA ASP M 375 -85.48 30.03 55.01
C ASP M 375 -85.89 31.47 55.21
N GLY M 376 -87.15 31.80 54.93
CA GLY M 376 -87.59 33.18 54.89
C GLY M 376 -87.70 33.68 53.47
N THR M 377 -87.85 35.00 53.37
CA THR M 377 -88.01 35.65 52.07
C THR M 377 -86.65 36.02 51.51
N LEU M 378 -86.23 35.32 50.47
CA LEU M 378 -84.92 35.50 49.86
C LEU M 378 -85.04 36.34 48.60
N GLY M 379 -83.91 36.88 48.16
CA GLY M 379 -83.84 37.73 46.99
C GLY M 379 -83.13 39.03 47.30
N ASN M 380 -82.93 39.82 46.25
CA ASN M 380 -82.12 41.02 46.37
C ASN M 380 -82.79 42.07 47.26
N ASP M 381 -84.12 42.14 47.24
CA ASP M 381 -84.80 43.12 48.06
C ASP M 381 -84.58 42.86 49.55
N SER M 382 -84.86 41.63 50.00
CA SER M 382 -84.61 41.30 51.39
C SER M 382 -83.13 41.35 51.72
N PHE M 383 -82.26 41.05 50.75
CA PHE M 383 -80.83 41.16 51.00
C PHE M 383 -80.44 42.60 51.27
N ASN M 384 -80.95 43.54 50.48
CA ASN M 384 -80.69 44.95 50.73
C ASN M 384 -81.25 45.39 52.07
N ALA M 385 -82.45 44.91 52.41
CA ALA M 385 -83.03 45.27 53.70
C ALA M 385 -82.13 44.82 54.85
N ALA M 386 -81.68 43.56 54.81
CA ALA M 386 -80.85 43.05 55.89
C ALA M 386 -79.49 43.74 55.95
N ALA M 387 -78.89 43.98 54.78
CA ALA M 387 -77.59 44.66 54.75
C ALA M 387 -77.70 46.06 55.32
N TYR M 388 -78.77 46.78 54.97
CA TYR M 388 -78.99 48.10 55.54
C TYR M 388 -79.21 48.02 57.04
N ALA M 389 -79.97 47.03 57.50
CA ALA M 389 -80.18 46.87 58.93
C ALA M 389 -78.86 46.70 59.67
N VAL M 390 -77.94 45.94 59.09
CA VAL M 390 -76.63 45.74 59.71
C VAL M 390 -75.79 47.02 59.65
N LEU M 391 -75.77 47.70 58.50
CA LEU M 391 -74.83 48.80 58.31
C LEU M 391 -75.26 50.07 59.01
N SER M 392 -76.57 50.32 59.14
CA SER M 392 -77.00 51.58 59.75
C SER M 392 -76.69 51.62 61.23
N ASN M 393 -76.88 50.50 61.94
CA ASN M 393 -76.60 50.42 63.37
C ASN M 393 -75.23 49.78 63.55
N LEU M 394 -74.19 50.62 63.52
CA LEU M 394 -72.84 50.14 63.75
C LEU M 394 -72.31 50.50 65.13
N SER M 395 -72.71 51.65 65.66
CA SER M 395 -72.23 52.11 66.96
C SER M 395 -73.04 51.57 68.13
N ASN M 396 -74.17 50.90 67.86
CA ASN M 396 -75.02 50.40 68.94
C ASN M 396 -75.58 49.01 68.60
N ASN M 397 -74.89 48.25 67.77
CA ASN M 397 -75.31 46.89 67.47
C ASN M 397 -74.99 45.97 68.62
N ALA M 398 -75.96 45.15 69.02
CA ALA M 398 -75.76 44.18 70.09
C ALA M 398 -75.22 42.85 69.59
N ALA M 399 -75.11 42.68 68.26
CA ALA M 399 -74.62 41.43 67.69
C ALA M 399 -73.09 41.43 67.58
N PHE M 400 -72.51 42.53 67.12
CA PHE M 400 -71.06 42.64 67.04
C PHE M 400 -70.68 44.10 66.90
N ASN M 401 -69.52 44.44 67.46
CA ASN M 401 -68.97 45.79 67.37
C ASN M 401 -67.76 45.72 66.44
N ILE M 402 -67.85 46.34 65.27
CA ILE M 402 -66.84 46.15 64.23
C ILE M 402 -65.73 47.19 64.28
N THR M 403 -65.69 48.00 65.33
CA THR M 403 -64.53 48.85 65.57
C THR M 403 -63.46 48.12 66.35
N ASN M 404 -63.57 46.81 66.47
CA ASN M 404 -62.60 45.97 67.18
C ASN M 404 -61.53 45.54 66.18
N TYR M 405 -60.38 46.21 66.20
CA TYR M 405 -59.34 45.91 65.23
C TYR M 405 -58.84 44.48 65.38
N ALA M 406 -58.64 44.02 66.61
CA ALA M 406 -57.99 42.74 66.82
C ALA M 406 -58.90 41.57 66.46
N ARG M 407 -60.21 41.72 66.63
CA ARG M 407 -61.13 40.63 66.42
C ARG M 407 -61.65 40.52 65.00
N TYR M 408 -61.63 41.62 64.24
CA TYR M 408 -62.19 41.67 62.89
C TYR M 408 -61.13 42.23 61.96
N PRO M 409 -60.23 41.36 61.46
CA PRO M 409 -59.12 41.83 60.64
C PRO M 409 -59.49 42.25 59.22
N PHE M 410 -60.76 42.37 58.87
CA PHE M 410 -61.12 42.84 57.54
C PHE M 410 -60.61 44.26 57.35
N ASN M 411 -60.28 44.60 56.10
CA ASN M 411 -59.79 45.93 55.78
C ASN M 411 -60.36 46.52 54.51
N ALA M 412 -61.13 45.77 53.73
CA ALA M 412 -61.65 46.27 52.47
C ALA M 412 -63.14 45.96 52.38
N PHE M 413 -63.87 46.81 51.66
CA PHE M 413 -65.28 46.61 51.41
C PHE M 413 -65.58 47.03 49.97
N TRP M 414 -66.16 46.11 49.20
CA TRP M 414 -66.54 46.36 47.81
C TRP M 414 -68.05 46.46 47.73
N ASP M 415 -68.53 47.46 46.99
CA ASP M 415 -69.96 47.60 46.72
C ASP M 415 -70.33 46.73 45.53
N SER M 416 -71.23 45.79 45.74
CA SER M 416 -71.60 44.83 44.70
C SER M 416 -72.92 45.16 44.01
N GLY M 417 -73.48 46.34 44.27
CA GLY M 417 -74.71 46.74 43.60
C GLY M 417 -75.83 47.07 44.55
N PHE M 418 -75.50 47.46 45.78
CA PHE M 418 -76.53 47.85 46.74
C PHE M 418 -77.29 49.06 46.23
N ASP M 419 -78.55 49.16 46.67
CA ASP M 419 -79.37 50.28 46.23
C ASP M 419 -78.85 51.59 46.83
N LEU M 420 -79.25 52.69 46.21
CA LEU M 420 -78.69 53.99 46.57
C LEU M 420 -78.86 54.31 48.05
N LYS M 421 -79.91 53.80 48.70
CA LYS M 421 -80.08 54.06 50.12
C LYS M 421 -79.00 53.38 50.94
N THR M 422 -78.64 52.14 50.60
CA THR M 422 -77.59 51.44 51.33
C THR M 422 -76.21 51.93 50.92
N LYS M 423 -76.06 52.42 49.70
CA LYS M 423 -74.75 52.88 49.25
C LYS M 423 -74.17 53.94 50.16
N GLN M 424 -75.03 54.71 50.83
CA GLN M 424 -74.56 55.84 51.62
C GLN M 424 -74.27 55.49 53.07
N THR M 425 -74.50 54.25 53.48
CA THR M 425 -74.08 53.80 54.80
C THR M 425 -72.67 53.21 54.81
N ILE M 426 -72.06 53.04 53.64
CA ILE M 426 -70.74 52.44 53.53
C ILE M 426 -69.64 53.46 53.84
N PRO M 427 -69.73 54.69 53.36
CA PRO M 427 -68.59 55.60 53.51
C PRO M 427 -68.13 55.80 54.96
N GLN M 428 -69.03 55.60 55.93
CA GLN M 428 -68.66 55.82 57.32
C GLN M 428 -67.69 54.78 57.84
N LEU M 429 -67.43 53.70 57.10
CA LEU M 429 -66.44 52.73 57.55
C LEU M 429 -65.05 53.36 57.61
N ILE M 430 -64.69 54.16 56.59
CA ILE M 430 -63.40 54.85 56.61
C ILE M 430 -63.39 56.03 57.56
N GLY M 431 -64.52 56.33 58.20
CA GLY M 431 -64.54 57.34 59.23
C GLY M 431 -64.40 56.73 60.60
N LEU M 432 -65.02 55.56 60.79
CA LEU M 432 -64.91 54.84 62.05
C LEU M 432 -63.60 54.10 62.22
N ARG M 433 -62.97 53.63 61.15
CA ARG M 433 -61.73 52.86 61.25
C ARG M 433 -60.67 53.50 60.38
N ALA M 434 -59.42 53.46 60.86
CA ALA M 434 -58.29 54.10 60.20
C ALA M 434 -57.47 53.15 59.35
N ASP M 435 -57.90 51.91 59.17
CA ASP M 435 -57.23 50.93 58.33
C ASP M 435 -58.24 50.26 57.42
N THR M 436 -59.12 51.03 56.80
CA THR M 436 -60.19 50.51 55.98
C THR M 436 -60.18 51.18 54.61
N TRP M 437 -60.65 50.45 53.61
CA TRP M 437 -60.59 50.86 52.21
C TRP M 437 -61.87 50.42 51.53
N ILE M 438 -62.51 51.33 50.79
CA ILE M 438 -63.82 51.08 50.22
C ILE M 438 -63.78 51.30 48.71
N ALA M 439 -64.53 50.48 47.99
CA ALA M 439 -64.78 50.66 46.57
C ALA M 439 -66.28 50.79 46.37
N LEU M 440 -66.70 51.85 45.69
CA LEU M 440 -68.10 52.15 45.45
C LEU M 440 -68.45 51.92 43.98
N SER M 441 -69.72 51.61 43.74
CA SER M 441 -70.24 51.41 42.39
C SER M 441 -71.45 52.31 42.21
N THR M 442 -71.56 52.90 41.02
CA THR M 442 -72.65 53.84 40.73
C THR M 442 -73.86 53.16 40.10
N GLN M 443 -73.97 51.85 40.20
CA GLN M 443 -75.05 51.09 39.56
C GLN M 443 -75.82 50.32 40.62
N ASP M 444 -77.15 50.42 40.57
CA ASP M 444 -78.04 49.61 41.38
C ASP M 444 -78.48 48.42 40.53
N ILE M 445 -77.92 47.25 40.82
CA ILE M 445 -78.08 46.11 39.93
C ILE M 445 -79.54 45.68 39.79
N SER M 446 -80.41 46.08 40.71
CA SER M 446 -81.81 45.71 40.61
C SER M 446 -82.59 46.59 39.65
N SER M 447 -81.98 47.63 39.10
CA SER M 447 -82.65 48.56 38.20
C SER M 447 -82.05 48.45 36.79
N ASP M 448 -82.54 49.31 35.90
CA ASP M 448 -82.01 49.37 34.54
C ASP M 448 -80.68 50.11 34.53
N PHE M 449 -79.85 49.78 33.54
CA PHE M 449 -78.54 50.40 33.44
C PHE M 449 -78.68 51.92 33.36
N ASN M 450 -77.85 52.62 34.12
CA ASN M 450 -77.95 54.06 34.21
C ASN M 450 -77.45 54.73 32.93
N SER M 451 -78.03 55.87 32.62
CA SER M 451 -77.55 56.69 31.52
C SER M 451 -76.45 57.62 32.01
N ASN M 452 -75.97 58.47 31.11
CA ASN M 452 -74.87 59.37 31.47
C ASN M 452 -75.29 60.33 32.57
N GLU M 453 -76.49 60.90 32.46
CA GLU M 453 -76.95 61.87 33.45
C GLU M 453 -77.16 61.21 34.81
N GLU M 454 -77.70 60.00 34.83
CA GLU M 454 -77.88 59.29 36.09
C GLU M 454 -76.54 58.90 36.71
N GLU M 455 -75.60 58.42 35.89
CA GLU M 455 -74.24 58.22 36.37
C GLU M 455 -73.72 59.49 37.03
N GLU M 456 -73.90 60.64 36.37
CA GLU M 456 -73.38 61.89 36.90
C GLU M 456 -74.03 62.24 38.24
N SER M 457 -75.34 62.11 38.32
CA SER M 457 -76.05 62.46 39.54
C SER M 457 -75.63 61.57 40.70
N ILE M 458 -75.54 60.26 40.45
CA ILE M 458 -75.18 59.35 41.53
C ILE M 458 -73.73 59.56 41.94
N ALA M 459 -72.85 59.87 40.99
CA ALA M 459 -71.47 60.17 41.32
C ALA M 459 -71.37 61.39 42.21
N LEU M 460 -72.12 62.45 41.87
CA LEU M 460 -72.09 63.66 42.68
C LEU M 460 -72.61 63.38 44.08
N SER M 461 -73.69 62.61 44.19
CA SER M 461 -74.25 62.31 45.51
C SER M 461 -73.26 61.51 46.35
N LEU M 462 -72.64 60.49 45.77
CA LEU M 462 -71.67 59.71 46.51
C LEU M 462 -70.46 60.54 46.91
N MET M 463 -70.00 61.42 46.03
CA MET M 463 -68.88 62.29 46.37
C MET M 463 -69.23 63.20 47.53
N SER M 464 -70.45 63.77 47.50
CA SER M 464 -70.88 64.61 48.62
C SER M 464 -70.88 63.83 49.92
N ARG M 465 -71.38 62.59 49.88
CA ARG M 465 -71.37 61.78 51.08
C ARG M 465 -69.96 61.51 51.57
N VAL M 466 -69.05 61.18 50.65
CA VAL M 466 -67.68 60.84 51.03
C VAL M 466 -66.97 62.05 51.59
N SER M 467 -67.38 63.26 51.18
CA SER M 467 -66.70 64.46 51.66
C SER M 467 -66.89 64.69 53.15
N ALA M 468 -67.81 63.98 53.79
CA ALA M 468 -68.11 64.22 55.20
C ALA M 468 -67.21 63.44 56.15
N PHE M 469 -66.28 62.63 55.65
CA PHE M 469 -65.39 61.82 56.46
C PHE M 469 -63.94 62.09 56.04
N PRO M 470 -63.39 63.23 56.44
CA PRO M 470 -62.00 63.54 56.06
C PRO M 470 -61.02 62.59 56.72
N ASP M 471 -59.86 62.41 56.08
CA ASP M 471 -58.86 61.50 56.61
C ASP M 471 -58.36 61.97 57.96
N SER M 472 -58.09 63.27 58.10
CA SER M 472 -57.62 63.86 59.34
C SER M 472 -58.62 64.93 59.77
N SER M 473 -59.42 64.63 60.80
CA SER M 473 -60.39 65.61 61.26
C SER M 473 -59.72 66.84 61.83
N ASP M 474 -58.47 66.71 62.28
CA ASP M 474 -57.76 67.85 62.85
C ASP M 474 -57.41 68.87 61.78
N PHE M 475 -56.96 68.40 60.62
CA PHE M 475 -56.47 69.28 59.56
C PHE M 475 -57.28 69.21 58.28
N GLY M 476 -58.43 68.54 58.29
CA GLY M 476 -59.32 68.58 57.14
C GLY M 476 -58.75 67.97 55.87
N THR M 477 -57.92 66.95 55.99
CA THR M 477 -57.39 66.29 54.81
C THR M 477 -58.50 65.50 54.12
N PRO M 478 -58.74 65.71 52.83
CA PRO M 478 -59.76 64.91 52.13
C PRO M 478 -59.44 63.42 52.17
N ALA M 479 -60.49 62.61 52.19
CA ALA M 479 -60.31 61.17 52.22
C ALA M 479 -59.65 60.69 50.94
N PHE M 480 -58.86 59.63 51.04
CA PHE M 480 -58.18 59.06 49.88
C PHE M 480 -58.18 57.54 49.85
N ARG M 481 -58.75 56.86 50.84
CA ARG M 481 -58.69 55.40 50.91
C ARG M 481 -59.93 54.79 50.25
N GLY M 482 -59.83 54.60 48.94
CA GLY M 482 -60.86 53.89 48.21
C GLY M 482 -60.94 54.37 46.77
N MET M 483 -62.04 53.99 46.11
CA MET M 483 -62.24 54.35 44.71
C MET M 483 -63.72 54.27 44.36
N ILE M 484 -64.07 54.88 43.24
CA ILE M 484 -65.42 54.81 42.67
C ILE M 484 -65.31 54.28 41.26
N VAL M 485 -66.10 53.25 40.93
CA VAL M 485 -66.07 52.61 39.63
C VAL M 485 -67.45 52.71 39.01
N GLY M 486 -67.53 53.15 37.76
CA GLY M 486 -68.78 53.29 37.04
C GLY M 486 -68.85 52.32 35.87
N GLY M 487 -70.06 51.82 35.62
CA GLY M 487 -70.31 50.90 34.53
C GLY M 487 -70.83 49.57 35.02
N ALA M 488 -71.46 48.86 34.09
CA ALA M 488 -72.08 47.57 34.41
C ALA M 488 -72.15 46.73 33.14
N GLY M 489 -72.34 45.44 33.33
CA GLY M 489 -72.39 44.50 32.23
C GLY M 489 -73.00 43.20 32.66
N TYR M 490 -72.47 42.11 32.12
CA TYR M 490 -73.00 40.77 32.39
C TYR M 490 -71.85 39.83 32.74
N TYR M 491 -72.15 38.86 33.60
CA TYR M 491 -71.17 37.88 34.03
C TYR M 491 -70.89 36.90 32.90
N THR M 492 -69.62 36.58 32.67
CA THR M 492 -69.24 35.70 31.57
C THR M 492 -69.02 34.26 31.98
N GLU M 493 -68.78 34.00 33.26
CA GLU M 493 -68.46 32.66 33.72
C GLU M 493 -69.69 31.82 34.00
N THR M 494 -70.83 32.16 33.42
CA THR M 494 -72.05 31.41 33.62
C THR M 494 -72.90 31.48 32.36
N THR M 495 -73.75 30.47 32.17
CA THR M 495 -74.62 30.46 31.00
C THR M 495 -75.80 31.40 31.17
N ARG M 496 -76.33 31.53 32.38
CA ARG M 496 -77.46 32.41 32.61
C ARG M 496 -77.08 33.87 32.37
N LYS M 497 -78.09 34.70 32.20
CA LYS M 497 -77.91 36.14 32.05
C LYS M 497 -78.00 36.78 33.42
N LEU M 498 -76.88 37.31 33.92
CA LEU M 498 -76.75 37.78 35.29
C LEU M 498 -75.97 39.08 35.32
N PRO M 499 -76.63 40.24 35.40
CA PRO M 499 -75.89 41.50 35.38
C PRO M 499 -75.02 41.68 36.60
N VAL M 500 -73.86 42.30 36.40
CA VAL M 500 -72.92 42.60 37.48
C VAL M 500 -72.24 43.94 37.18
N PRO M 501 -71.69 44.62 38.18
CA PRO M 501 -70.90 45.82 37.92
C PRO M 501 -69.43 45.51 37.74
N LEU M 502 -68.69 46.53 37.29
CA LEU M 502 -67.26 46.37 37.04
C LEU M 502 -66.43 46.32 38.32
N THR M 503 -67.02 46.69 39.46
CA THR M 503 -66.34 46.46 40.73
C THR M 503 -66.02 44.98 40.90
N LEU M 504 -66.79 44.09 40.27
CA LEU M 504 -66.46 42.67 40.33
C LEU M 504 -65.15 42.37 39.63
N ASP M 505 -64.94 42.97 38.45
CA ASP M 505 -63.69 42.76 37.73
C ASP M 505 -62.51 43.30 38.53
N ARG M 506 -62.64 44.50 39.07
CA ARG M 506 -61.54 45.04 39.88
C ARG M 506 -61.33 44.21 41.14
N PHE M 507 -62.41 43.68 41.71
CA PHE M 507 -62.30 42.82 42.89
C PHE M 507 -61.47 41.59 42.58
N ARG M 508 -61.72 40.95 41.43
CA ARG M 508 -60.93 39.79 41.05
C ARG M 508 -59.46 40.16 40.85
N ALA M 509 -59.22 41.29 40.19
CA ALA M 509 -57.83 41.71 39.97
C ALA M 509 -57.09 41.87 41.29
N TYR M 510 -57.70 42.55 42.25
CA TYR M 510 -57.03 42.77 43.53
C TYR M 510 -56.90 41.47 44.31
N CYS M 511 -57.87 40.57 44.18
CA CYS M 511 -57.76 39.26 44.82
C CYS M 511 -56.51 38.54 44.33
N ARG M 512 -56.27 38.57 43.02
CA ARG M 512 -55.10 37.89 42.48
C ARG M 512 -53.81 38.62 42.84
N TYR M 513 -53.84 39.95 42.89
CA TYR M 513 -52.62 40.72 43.12
C TYR M 513 -52.18 40.69 44.58
N ALA M 514 -53.04 41.15 45.49
CA ALA M 514 -52.69 41.31 46.89
C ALA M 514 -53.37 40.28 47.79
N GLY M 515 -53.55 39.06 47.30
CA GLY M 515 -54.26 38.04 48.04
C GLY M 515 -53.38 36.91 48.53
N ALA M 516 -52.08 36.97 48.24
CA ALA M 516 -51.17 35.93 48.69
C ALA M 516 -51.15 35.87 50.20
N SER M 517 -51.21 34.66 50.75
CA SER M 517 -51.29 34.48 52.19
C SER M 517 -49.99 34.85 52.88
N ASP M 518 -48.91 35.08 52.15
CA ASP M 518 -47.63 35.45 52.74
C ASP M 518 -47.46 36.96 52.88
N GLY M 519 -48.47 37.75 52.55
CA GLY M 519 -48.39 39.18 52.73
C GLY M 519 -47.35 39.87 51.89
N VAL M 520 -47.26 39.53 50.61
CA VAL M 520 -46.37 40.21 49.66
C VAL M 520 -47.11 40.33 48.34
N LEU M 521 -46.99 41.50 47.69
CA LEU M 521 -47.63 41.68 46.39
C LEU M 521 -46.89 40.88 45.33
N LYS M 522 -47.64 40.16 44.50
CA LYS M 522 -47.08 39.33 43.44
C LYS M 522 -46.83 40.20 42.21
N PRO M 523 -45.58 40.34 41.74
CA PRO M 523 -45.34 41.21 40.58
C PRO M 523 -46.02 40.76 39.31
N GLU M 524 -46.36 39.48 39.19
CA GLU M 524 -46.91 38.95 37.95
C GLU M 524 -48.39 39.25 37.78
N TYR M 525 -49.02 39.90 38.77
CA TYR M 525 -50.44 40.23 38.70
C TYR M 525 -50.67 41.71 38.89
N ALA M 526 -49.69 42.55 38.58
CA ALA M 526 -49.83 43.99 38.79
C ALA M 526 -51.09 44.49 38.12
N VAL M 527 -51.91 45.23 38.88
CA VAL M 527 -53.24 45.59 38.43
C VAL M 527 -53.23 46.58 37.28
N ASP M 528 -52.08 47.14 36.91
CA ASP M 528 -52.03 48.10 35.83
C ASP M 528 -50.91 47.77 34.85
N GLU M 529 -50.65 46.49 34.64
CA GLU M 529 -49.63 46.07 33.68
C GLU M 529 -50.09 44.80 32.99
N GLY M 530 -49.62 44.61 31.77
CA GLY M 530 -49.90 43.37 31.07
C GLY M 530 -51.38 43.13 30.88
N ASP M 531 -51.81 41.91 31.17
CA ASP M 531 -53.17 41.45 30.92
C ASP M 531 -54.15 41.90 31.99
N ALA M 532 -53.67 42.37 33.13
CA ALA M 532 -54.55 42.67 34.25
C ALA M 532 -55.16 44.07 34.16
N ARG M 533 -54.85 44.84 33.13
CA ARG M 533 -55.48 46.13 32.93
C ARG M 533 -56.67 46.06 31.99
N LYS M 534 -57.10 44.86 31.61
CA LYS M 534 -58.25 44.66 30.74
C LYS M 534 -59.39 44.03 31.51
N VAL M 535 -60.61 44.30 31.05
CA VAL M 535 -61.79 43.67 31.63
C VAL M 535 -61.83 42.21 31.20
N GLN M 536 -62.12 41.32 32.14
CA GLN M 536 -61.98 39.89 31.91
C GLN M 536 -63.22 39.07 32.25
N VAL M 537 -64.05 39.50 33.21
CA VAL M 537 -65.20 38.70 33.63
C VAL M 537 -66.51 39.46 33.43
N VAL M 538 -66.52 40.47 32.57
CA VAL M 538 -67.73 41.24 32.28
C VAL M 538 -67.79 41.48 30.78
N LYS M 539 -69.00 41.44 30.22
CA LYS M 539 -69.21 41.63 28.80
C LYS M 539 -70.43 42.50 28.57
N SER M 540 -70.58 42.98 27.34
CA SER M 540 -71.71 43.81 26.95
C SER M 540 -71.81 45.06 27.83
N ILE M 541 -70.66 45.65 28.16
CA ILE M 541 -70.66 46.85 28.98
C ILE M 541 -71.39 47.96 28.23
N ASN M 542 -71.97 48.88 28.99
CA ASN M 542 -72.88 49.89 28.46
C ASN M 542 -72.21 51.25 28.34
N ASN M 543 -72.88 52.14 27.62
CA ASN M 543 -72.44 53.53 27.49
C ASN M 543 -70.99 53.63 27.04
N LEU M 544 -70.61 52.77 26.09
CA LEU M 544 -69.22 52.77 25.65
C LEU M 544 -68.94 53.85 24.62
N ASP M 545 -69.99 54.48 24.07
CA ASP M 545 -69.82 55.63 23.19
C ASP M 545 -69.98 56.95 23.93
N LYS M 546 -69.25 57.14 25.03
CA LYS M 546 -69.28 58.43 25.69
C LYS M 546 -68.63 59.48 24.80
N SER M 547 -69.16 60.69 24.85
CA SER M 547 -68.52 61.79 24.14
C SER M 547 -67.32 62.30 24.93
N TRP M 548 -66.50 63.11 24.27
CA TRP M 548 -65.30 63.63 24.89
C TRP M 548 -65.62 64.47 26.12
N ARG M 549 -66.69 65.28 26.03
CA ARG M 549 -67.08 66.10 27.17
C ARG M 549 -67.49 65.24 28.35
N VAL M 550 -68.24 64.17 28.10
CA VAL M 550 -68.66 63.29 29.19
C VAL M 550 -67.45 62.61 29.82
N ARG M 551 -66.52 62.14 29.00
CA ARG M 551 -65.33 61.50 29.54
C ARG M 551 -64.54 62.48 30.40
N ARG M 552 -64.40 63.72 29.92
CA ARG M 552 -63.67 64.73 30.66
C ARG M 552 -64.35 65.02 32.00
N ALA M 553 -65.68 65.11 32.00
CA ALA M 553 -66.40 65.37 33.23
C ALA M 553 -66.20 64.24 34.24
N GLN M 554 -66.30 62.99 33.78
CA GLN M 554 -66.10 61.86 34.69
C GLN M 554 -64.68 61.87 35.26
N TRP M 555 -63.69 62.12 34.41
CA TRP M 555 -62.32 62.17 34.90
C TRP M 555 -62.16 63.25 35.96
N ASN M 556 -62.69 64.44 35.70
CA ASN M 556 -62.56 65.53 36.67
C ASN M 556 -63.37 65.27 37.93
N ASN M 557 -64.37 64.40 37.88
CA ASN M 557 -65.11 63.99 39.07
C ASN M 557 -64.51 62.73 39.70
N ASN M 558 -63.40 62.23 39.19
CA ASN M 558 -62.63 61.18 39.86
C ASN M 558 -63.28 59.81 39.77
N LEU M 559 -63.88 59.48 38.63
CA LEU M 559 -64.39 58.13 38.45
C LEU M 559 -63.34 57.26 37.76
N VAL M 560 -63.47 55.95 37.97
CA VAL M 560 -62.73 54.95 37.22
C VAL M 560 -63.66 54.35 36.19
N TYR M 561 -63.32 54.50 34.92
CA TYR M 561 -64.19 54.10 33.82
C TYR M 561 -63.36 53.37 32.77
N VAL M 562 -64.05 52.58 31.95
CA VAL M 562 -63.41 51.74 30.96
C VAL M 562 -63.53 52.37 29.59
N GLU M 563 -62.68 51.90 28.67
CA GLU M 563 -62.71 52.30 27.28
C GLU M 563 -62.58 51.06 26.41
N ASP M 564 -62.70 51.25 25.10
CA ASP M 564 -62.53 50.15 24.17
C ASP M 564 -61.05 49.95 23.84
N TYR M 565 -60.57 48.73 24.03
CA TYR M 565 -59.21 48.38 23.65
C TYR M 565 -59.15 48.11 22.16
N ASP M 566 -59.90 47.10 21.72
CA ASP M 566 -60.08 46.81 20.30
C ASP M 566 -61.55 46.42 20.12
N THR M 567 -61.86 45.78 18.99
CA THR M 567 -63.24 45.46 18.68
C THR M 567 -63.84 44.47 19.66
N ASN M 568 -63.02 43.81 20.49
CA ASN M 568 -63.48 42.74 21.34
C ASN M 568 -63.41 43.04 22.82
N SER M 569 -62.64 44.04 23.25
CA SER M 569 -62.26 44.14 24.65
C SER M 569 -62.20 45.60 25.08
N GLN M 570 -62.08 45.78 26.41
CA GLN M 570 -61.99 47.08 27.04
C GLN M 570 -60.78 47.10 27.95
N PHE M 571 -60.47 48.28 28.50
CA PHE M 571 -59.38 48.42 29.46
C PHE M 571 -59.57 49.69 30.26
N TYR M 572 -58.75 49.83 31.31
CA TYR M 572 -58.81 50.98 32.19
C TYR M 572 -57.68 51.94 31.85
N PRO M 573 -57.96 53.11 31.26
CA PRO M 573 -56.87 54.04 30.95
C PRO M 573 -56.07 54.48 32.16
N GLY M 574 -56.68 54.54 33.33
CA GLY M 574 -55.97 54.92 34.54
C GLY M 574 -56.87 54.74 35.76
N GLN M 575 -56.34 54.11 36.79
CA GLN M 575 -57.15 53.73 37.96
C GLN M 575 -56.78 54.62 39.13
N GLN M 576 -57.51 55.73 39.24
CA GLN M 576 -57.23 56.72 40.26
C GLN M 576 -58.20 56.60 41.43
N SER M 577 -57.76 57.08 42.59
CA SER M 577 -58.58 57.12 43.78
C SER M 577 -59.45 58.38 43.76
N PHE M 578 -60.37 58.45 44.71
CA PHE M 578 -61.23 59.62 44.84
C PHE M 578 -60.63 60.73 45.69
N TYR M 579 -59.31 60.82 45.80
CA TYR M 579 -58.70 61.99 46.40
C TYR M 579 -58.98 63.21 45.54
N SER M 580 -59.40 64.30 46.18
CA SER M 580 -59.92 65.46 45.45
C SER M 580 -58.89 66.55 45.21
N GLU M 581 -57.80 66.58 45.97
CA GLU M 581 -56.83 67.66 45.82
C GLU M 581 -55.85 67.35 44.69
N GLN M 582 -54.86 68.24 44.55
CA GLN M 582 -53.93 68.17 43.43
C GLN M 582 -52.65 67.40 43.75
N GLY M 583 -52.52 66.86 44.95
CA GLY M 583 -51.35 66.07 45.30
C GLY M 583 -51.15 64.87 44.40
N SER M 584 -49.92 64.66 43.94
CA SER M 584 -49.58 63.51 43.11
C SER M 584 -49.21 62.28 43.93
N VAL M 585 -48.93 62.43 45.22
CA VAL M 585 -48.61 61.27 46.04
C VAL M 585 -49.81 60.33 46.11
N LEU M 586 -51.00 60.88 46.30
CA LEU M 586 -52.18 60.12 46.66
C LEU M 586 -53.10 59.87 45.47
N LYS M 587 -52.56 59.64 44.28
CA LYS M 587 -53.40 59.59 43.09
C LYS M 587 -53.82 58.17 42.73
N ALA M 588 -52.90 57.22 42.75
CA ALA M 588 -53.24 55.83 42.42
C ALA M 588 -53.98 55.20 43.59
N ALA M 589 -54.92 54.30 43.27
CA ALA M 589 -55.79 53.75 44.31
C ALA M 589 -55.09 52.69 45.15
N ILE M 590 -54.12 51.97 44.58
CA ILE M 590 -53.44 50.91 45.32
C ILE M 590 -52.67 51.49 46.50
N VAL M 591 -52.22 52.73 46.39
CA VAL M 591 -51.48 53.36 47.48
C VAL M 591 -52.35 53.50 48.71
N GLY M 592 -53.66 53.71 48.51
CA GLY M 592 -54.55 53.75 49.65
C GLY M 592 -54.54 52.46 50.44
N LEU M 593 -54.54 51.32 49.75
CA LEU M 593 -54.49 50.03 50.44
C LEU M 593 -53.16 49.85 51.15
N CYS M 594 -52.07 50.26 50.50
CA CYS M 594 -50.77 50.20 51.14
C CYS M 594 -50.77 50.99 52.45
N VAL M 595 -51.38 52.18 52.43
CA VAL M 595 -51.41 53.03 53.61
C VAL M 595 -52.26 52.41 54.71
N ALA M 596 -53.38 51.78 54.33
CA ALA M 596 -54.18 51.07 55.30
C ALA M 596 -53.35 49.99 56.01
N ASN M 597 -52.53 49.27 55.25
CA ASN M 597 -51.67 48.26 55.85
C ASN M 597 -50.64 48.88 56.79
N LEU M 598 -50.11 50.04 56.44
CA LEU M 598 -49.21 50.74 57.36
C LEU M 598 -49.91 51.01 58.69
N ASN M 599 -51.15 51.50 58.61
CA ASN M 599 -51.91 51.76 59.83
C ASN M 599 -52.07 50.49 60.65
N ARG M 600 -52.32 49.36 59.99
CA ARG M 600 -52.41 48.10 60.73
C ARG M 600 -51.10 47.76 61.44
N PHE M 601 -49.96 48.00 60.77
CA PHE M 601 -48.67 47.68 61.39
C PHE M 601 -48.48 48.48 62.68
N ALA M 602 -48.93 49.75 62.67
CA ALA M 602 -48.81 50.56 63.89
C ALA M 602 -49.61 49.95 65.05
N PHE M 603 -50.83 49.48 64.77
CA PHE M 603 -51.63 48.83 65.80
C PHE M 603 -50.90 47.62 66.36
N GLU M 604 -50.27 46.85 65.48
CA GLU M 604 -49.54 45.67 65.96
C GLU M 604 -48.40 46.06 66.89
N ALA M 605 -47.69 47.13 66.56
CA ALA M 605 -46.63 47.61 67.46
C ALA M 605 -47.19 47.95 68.84
N TRP M 606 -48.27 48.75 68.86
CA TRP M 606 -48.88 49.10 70.15
C TRP M 606 -49.27 47.85 70.93
N ARG M 607 -49.92 46.91 70.25
CA ARG M 607 -50.42 45.72 70.91
C ARG M 607 -49.28 44.94 71.54
N ASP M 608 -48.15 44.85 70.86
CA ASP M 608 -47.05 44.04 71.37
C ASP M 608 -46.29 44.75 72.48
N LEU M 609 -46.35 46.08 72.54
CA LEU M 609 -45.56 46.79 73.55
C LEU M 609 -46.34 47.26 74.77
N THR M 610 -47.67 47.25 74.74
CA THR M 610 -48.43 47.89 75.81
C THR M 610 -48.26 47.20 77.15
N GLY M 611 -48.17 48.02 78.20
CA GLY M 611 -48.35 47.54 79.56
C GLY M 611 -47.25 46.70 80.16
N THR M 612 -45.99 47.02 79.88
CA THR M 612 -44.85 46.30 80.43
C THR M 612 -44.25 47.10 81.58
N GLN M 613 -43.95 46.41 82.69
CA GLN M 613 -43.49 47.07 83.90
C GLN M 613 -42.04 47.51 83.77
N LYS M 614 -41.18 46.68 83.19
CA LYS M 614 -39.73 46.85 83.27
C LYS M 614 -39.11 47.47 82.03
N LEU M 615 -39.91 47.94 81.08
CA LEU M 615 -39.33 48.63 79.92
C LEU M 615 -38.79 49.98 80.33
N THR M 616 -37.88 50.51 79.51
CA THR M 616 -37.44 51.89 79.62
C THR M 616 -37.92 52.67 78.41
N ASP M 617 -37.83 54.00 78.50
CA ASP M 617 -38.30 54.85 77.42
C ASP M 617 -37.53 54.59 76.14
N ASP M 618 -36.21 54.48 76.23
CA ASP M 618 -35.40 54.24 75.05
C ASP M 618 -35.73 52.90 74.40
N GLN M 619 -35.87 51.86 75.20
CA GLN M 619 -36.23 50.55 74.65
C GLN M 619 -37.61 50.59 74.00
N LEU M 620 -38.57 51.24 74.63
CA LEU M 620 -39.91 51.35 74.04
C LEU M 620 -39.86 52.05 72.68
N ILE M 621 -39.19 53.20 72.64
CA ILE M 621 -39.09 53.99 71.42
C ILE M 621 -38.40 53.18 70.32
N GLU M 622 -37.36 52.44 70.68
CA GLU M 622 -36.61 51.69 69.68
C GLU M 622 -37.39 50.49 69.18
N ARG M 623 -38.03 49.76 70.09
CA ARG M 623 -38.77 48.57 69.71
C ARG M 623 -39.97 48.89 68.84
N SER M 624 -40.62 50.03 69.05
CA SER M 624 -41.75 50.38 68.18
C SER M 624 -41.32 50.50 66.71
N ASP M 625 -40.28 51.28 66.45
CA ASP M 625 -39.78 51.41 65.08
C ASP M 625 -39.31 50.07 64.56
N ASP M 626 -38.60 49.29 65.38
CA ASP M 626 -38.16 47.98 64.93
C ASP M 626 -39.33 47.16 64.43
N ALA M 627 -40.40 47.09 65.21
CA ALA M 627 -41.55 46.28 64.83
C ALA M 627 -42.15 46.77 63.52
N VAL M 628 -42.41 48.08 63.42
CA VAL M 628 -43.09 48.59 62.23
C VAL M 628 -42.25 48.33 60.99
N SER M 629 -40.96 48.67 61.05
CA SER M 629 -40.09 48.52 59.89
C SER M 629 -39.94 47.07 59.49
N THR M 630 -39.72 46.19 60.47
CA THR M 630 -39.59 44.77 60.15
C THR M 630 -40.85 44.23 59.50
N ARG M 631 -42.02 44.59 60.03
CA ARG M 631 -43.26 44.07 59.47
C ARG M 631 -43.52 44.60 58.08
N GLY M 632 -43.15 45.85 57.81
CA GLY M 632 -43.51 46.48 56.55
C GLY M 632 -42.53 46.34 55.41
N THR M 633 -41.24 46.20 55.72
CA THR M 633 -40.23 46.23 54.67
C THR M 633 -40.37 45.03 53.74
N GLY M 634 -40.31 45.28 52.43
CA GLY M 634 -40.30 44.24 51.43
C GLY M 634 -41.65 43.69 51.04
N ALA M 635 -42.74 44.40 51.36
CA ALA M 635 -44.08 43.89 51.08
C ALA M 635 -44.79 44.64 49.96
N PHE M 636 -44.54 45.94 49.81
CA PHE M 636 -45.34 46.78 48.92
C PHE M 636 -44.82 46.82 47.50
N ASP M 637 -43.89 45.95 47.14
CA ASP M 637 -43.51 45.76 45.75
C ASP M 637 -43.10 47.07 45.09
N ASP M 638 -42.53 47.99 45.87
CA ASP M 638 -41.96 49.24 45.37
C ASP M 638 -43.01 50.28 45.01
N ARG M 639 -44.19 50.24 45.62
CA ARG M 639 -45.19 51.26 45.38
C ARG M 639 -45.02 52.44 46.33
N LEU M 640 -44.47 52.20 47.51
CA LEU M 640 -44.27 53.22 48.54
C LEU M 640 -42.83 53.19 49.02
N ILE M 641 -42.42 54.27 49.68
CA ILE M 641 -41.26 54.23 50.56
C ILE M 641 -41.63 54.92 51.85
N PHE M 642 -41.44 54.23 52.99
CA PHE M 642 -41.93 54.70 54.28
C PHE M 642 -40.83 54.63 55.31
N THR M 643 -41.04 55.35 56.42
CA THR M 643 -40.07 55.47 57.50
C THR M 643 -40.76 55.84 58.81
N PRO M 644 -40.64 55.04 59.88
CA PRO M 644 -41.27 55.41 61.15
C PRO M 644 -40.33 56.15 62.11
N HIS M 645 -40.91 56.95 62.99
CA HIS M 645 -40.15 57.66 64.02
C HIS M 645 -41.00 57.66 65.28
N SER M 646 -40.51 57.00 66.33
CA SER M 646 -41.16 57.02 67.63
C SER M 646 -40.38 57.94 68.56
N GLU M 647 -41.08 58.50 69.54
CA GLU M 647 -40.45 59.39 70.50
C GLU M 647 -41.40 59.66 71.65
N ILE M 648 -40.94 60.49 72.60
CA ILE M 648 -41.69 60.89 73.78
C ILE M 648 -41.59 62.40 73.86
N THR M 649 -42.63 63.08 73.41
CA THR M 649 -42.61 64.52 73.26
C THR M 649 -42.92 65.21 74.58
N GLN M 650 -43.08 66.53 74.52
CA GLN M 650 -43.39 67.31 75.72
C GLN M 650 -44.73 66.90 76.33
N ALA M 651 -45.74 66.69 75.50
CA ALA M 651 -47.03 66.25 76.02
C ALA M 651 -46.92 64.88 76.66
N ASP M 652 -46.09 64.01 76.09
CA ASP M 652 -45.87 62.69 76.67
C ASP M 652 -45.16 62.78 78.01
N LYS M 653 -44.18 63.67 78.13
CA LYS M 653 -43.56 63.90 79.42
C LYS M 653 -44.58 64.40 80.44
N GLU M 654 -45.44 65.32 80.02
CA GLU M 654 -46.46 65.85 80.92
C GLU M 654 -47.38 64.75 81.41
N ARG M 655 -47.83 63.88 80.49
CA ARG M 655 -48.79 62.84 80.85
C ARG M 655 -48.13 61.74 81.67
N GLY M 656 -47.12 61.08 81.11
CA GLY M 656 -46.39 60.05 81.82
C GLY M 656 -46.80 58.63 81.52
N TYR M 657 -47.68 58.41 80.54
CA TYR M 657 -48.12 57.06 80.21
C TYR M 657 -48.26 56.84 78.70
N SER M 658 -47.64 57.68 77.88
CA SER M 658 -47.90 57.67 76.45
C SER M 658 -46.61 57.91 75.68
N TRP M 659 -46.60 57.45 74.43
CA TRP M 659 -45.52 57.71 73.49
C TRP M 659 -46.10 57.87 72.11
N SER M 660 -45.34 58.50 71.21
CA SER M 660 -45.85 58.91 69.91
C SER M 660 -45.08 58.23 68.79
N MET M 661 -45.77 57.99 67.67
CA MET M 661 -45.17 57.48 66.44
C MET M 661 -45.63 58.34 65.27
N ARG M 662 -44.77 58.41 64.25
CA ARG M 662 -45.09 59.18 63.05
C ARG M 662 -44.40 58.55 61.86
N ILE M 663 -45.15 58.22 60.82
CA ILE M 663 -44.64 57.51 59.65
C ILE M 663 -44.67 58.45 58.46
N ASP M 664 -43.53 58.63 57.81
CA ASP M 664 -43.41 59.46 56.63
C ASP M 664 -43.27 58.56 55.41
N PHE M 665 -44.09 58.81 54.39
CA PHE M 665 -44.10 57.95 53.21
C PHE M 665 -44.20 58.77 51.94
N GLY M 666 -43.79 58.16 50.84
CA GLY M 666 -43.79 58.82 49.55
C GLY M 666 -44.11 57.87 48.43
N ALA M 667 -44.80 58.40 47.40
CA ALA M 667 -45.34 57.61 46.30
C ALA M 667 -45.32 58.46 45.03
N ASN M 668 -45.75 57.85 43.92
CA ASN M 668 -45.68 58.44 42.59
C ASN M 668 -47.05 58.46 41.91
N ALA M 669 -47.07 58.94 40.67
CA ALA M 669 -48.25 58.95 39.82
C ALA M 669 -47.90 58.48 38.41
N PHE M 670 -48.79 58.68 37.45
CA PHE M 670 -48.61 58.19 36.10
C PHE M 670 -48.93 59.27 35.06
N ARG M 671 -48.43 59.07 33.84
CA ARG M 671 -48.70 59.94 32.72
C ARG M 671 -49.76 59.33 31.81
N THR M 672 -50.56 60.20 31.17
CA THR M 672 -51.74 59.73 30.46
C THR M 672 -52.01 60.42 29.13
N VAL M 673 -51.16 61.32 28.65
CA VAL M 673 -51.42 62.08 27.44
C VAL M 673 -50.26 61.92 26.47
N MET M 674 -50.58 61.81 25.18
CA MET M 674 -49.58 61.76 24.11
C MET M 674 -49.87 62.84 23.09
N ASP M 675 -48.82 63.47 22.59
CA ASP M 675 -48.90 64.29 21.39
C ASP M 675 -48.35 63.53 20.20
N MET M 676 -48.82 63.90 19.02
CA MET M 676 -48.42 63.23 17.80
C MET M 676 -48.27 64.25 16.69
N SER M 677 -47.25 64.06 15.86
CA SER M 677 -46.91 65.02 14.82
C SER M 677 -46.14 64.30 13.73
N SER M 678 -45.88 65.00 12.63
CA SER M 678 -45.17 64.41 11.51
C SER M 678 -44.59 65.51 10.64
N VAL M 679 -43.57 65.15 9.86
CA VAL M 679 -43.00 66.03 8.86
C VAL M 679 -42.65 65.20 7.63
N ALA M 680 -42.77 65.80 6.46
CA ALA M 680 -42.56 65.12 5.20
C ALA M 680 -41.22 65.54 4.60
N TYR M 681 -40.41 64.56 4.25
CA TYR M 681 -39.10 64.78 3.66
C TYR M 681 -39.03 64.07 2.32
N THR M 682 -38.11 64.53 1.47
CA THR M 682 -37.79 63.76 0.28
C THR M 682 -36.96 62.54 0.68
N ARG M 683 -37.00 61.52 -0.17
CA ARG M 683 -36.34 60.27 0.16
C ARG M 683 -34.84 60.48 0.36
N GLU M 684 -34.22 61.28 -0.49
CA GLU M 684 -32.77 61.47 -0.40
C GLU M 684 -32.39 62.21 0.88
N GLU M 685 -33.03 63.33 1.17
CA GLU M 685 -32.65 64.10 2.35
C GLU M 685 -33.14 63.48 3.64
N LEU M 686 -34.03 62.49 3.58
CA LEU M 686 -34.33 61.70 4.76
C LEU M 686 -33.39 60.53 4.94
N ALA M 687 -32.89 59.95 3.84
CA ALA M 687 -31.95 58.85 3.93
C ALA M 687 -30.57 59.31 4.36
N ASN M 688 -30.11 60.45 3.85
CA ASN M 688 -28.76 60.92 4.18
C ASN M 688 -28.73 62.44 4.10
N GLY M 689 -28.28 63.07 5.17
CA GLY M 689 -28.18 64.52 5.22
C GLY M 689 -29.51 65.17 5.57
N MET N 1 -6.15 -69.00 57.81
CA MET N 1 -7.60 -68.85 58.11
C MET N 1 -7.93 -69.23 59.56
N SER N 2 -7.22 -70.22 60.09
CA SER N 2 -7.57 -70.80 61.37
C SER N 2 -6.81 -70.23 62.55
N GLU N 3 -5.50 -70.18 62.47
CA GLU N 3 -4.68 -69.80 63.62
C GLU N 3 -4.78 -68.30 63.89
N GLN N 4 -4.52 -67.93 65.14
CA GLN N 4 -4.70 -66.58 65.62
C GLN N 4 -3.34 -65.95 65.87
N ILE N 5 -3.36 -64.69 66.30
CA ILE N 5 -2.12 -63.96 66.54
C ILE N 5 -1.58 -64.32 67.91
N THR N 6 -0.59 -65.23 67.94
CA THR N 6 -0.02 -65.65 69.21
C THR N 6 1.17 -64.77 69.61
N GLY N 7 1.96 -64.33 68.63
CA GLY N 7 3.17 -63.59 68.96
C GLY N 7 3.58 -62.69 67.83
N SER N 8 4.87 -62.42 67.75
CA SER N 8 5.40 -61.44 66.82
C SER N 8 6.10 -62.06 65.61
N THR N 9 5.94 -63.35 65.38
CA THR N 9 6.58 -63.96 64.22
C THR N 9 6.11 -63.27 62.95
N PRO N 10 7.01 -62.82 62.07
CA PRO N 10 6.56 -62.16 60.84
C PRO N 10 5.57 -63.02 60.07
N ARG N 11 4.42 -62.45 59.73
CA ARG N 11 3.32 -63.24 59.19
C ARG N 11 2.19 -62.29 58.85
N ILE N 12 1.38 -62.67 57.87
CA ILE N 12 0.19 -61.92 57.47
C ILE N 12 -1.01 -62.83 57.66
N TYR N 13 -1.96 -62.38 58.47
CA TYR N 13 -3.15 -63.16 58.80
C TYR N 13 -4.32 -62.70 57.96
N TYR N 14 -5.12 -63.65 57.50
CA TYR N 14 -6.27 -63.35 56.65
C TYR N 14 -7.54 -63.59 57.46
N ARG N 15 -8.32 -62.54 57.65
CA ARG N 15 -9.70 -62.68 58.08
C ARG N 15 -10.59 -62.60 56.84
N GLY N 16 -11.47 -63.57 56.66
CA GLY N 16 -12.18 -63.69 55.42
C GLY N 16 -13.03 -62.49 55.07
N THR N 17 -13.78 -62.59 53.97
CA THR N 17 -14.73 -61.56 53.62
C THR N 17 -15.93 -61.59 54.56
N LYS N 18 -16.60 -60.46 54.67
CA LYS N 18 -17.68 -60.30 55.62
C LYS N 18 -18.66 -59.28 55.09
N ASP N 19 -19.88 -59.29 55.63
CA ASP N 19 -20.87 -58.28 55.30
C ASP N 19 -20.85 -57.16 56.33
N SER N 20 -21.28 -55.98 55.91
CA SER N 20 -21.14 -54.79 56.75
C SER N 20 -21.79 -55.00 58.11
N SER N 21 -21.15 -54.46 59.14
CA SER N 21 -21.64 -54.53 60.51
C SER N 21 -22.03 -53.14 60.99
N VAL N 22 -23.12 -53.06 61.76
CA VAL N 22 -23.58 -51.78 62.28
C VAL N 22 -22.50 -51.19 63.17
N THR N 23 -22.24 -49.90 62.99
CA THR N 23 -21.21 -49.18 63.73
C THR N 23 -21.87 -48.32 64.80
N ARG N 24 -21.46 -48.51 66.05
CA ARG N 24 -22.03 -47.72 67.13
C ARG N 24 -21.57 -46.27 67.03
N SER N 25 -22.51 -45.36 67.19
CA SER N 25 -22.28 -43.94 66.92
C SER N 25 -21.79 -43.23 68.16
N THR N 26 -20.69 -42.49 68.02
CA THR N 26 -20.18 -41.66 69.11
C THR N 26 -21.08 -40.45 69.31
N GLY N 27 -21.12 -39.96 70.56
CA GLY N 27 -21.97 -38.86 70.94
C GLY N 27 -21.16 -37.61 71.22
N SER N 28 -21.87 -36.53 71.53
CA SER N 28 -21.28 -35.23 71.80
C SER N 28 -21.67 -34.74 73.18
N THR N 29 -20.83 -33.88 73.74
CA THR N 29 -21.06 -33.36 75.07
C THR N 29 -22.40 -32.63 75.13
N THR N 30 -23.12 -32.82 76.24
CA THR N 30 -24.47 -32.32 76.37
C THR N 30 -24.48 -30.81 76.62
N THR N 31 -25.64 -30.20 76.40
CA THR N 31 -25.82 -28.76 76.51
C THR N 31 -27.27 -28.50 76.87
N LEU N 32 -27.61 -27.24 77.11
CA LEU N 32 -29.00 -26.85 77.39
C LEU N 32 -29.54 -25.98 76.28
N PRO N 33 -30.38 -26.50 75.38
CA PRO N 33 -31.12 -25.62 74.45
C PRO N 33 -32.27 -24.92 75.16
N LEU N 34 -32.97 -24.08 74.39
CA LEU N 34 -34.13 -23.38 74.94
C LEU N 34 -35.35 -24.26 75.03
N HIS N 35 -35.39 -25.37 74.29
CA HIS N 35 -36.54 -26.27 74.26
C HIS N 35 -36.07 -27.64 74.70
N ARG N 36 -36.51 -28.08 75.87
CA ARG N 36 -36.00 -29.29 76.52
C ARG N 36 -37.16 -30.16 76.96
N PRO N 37 -37.65 -31.05 76.10
CA PRO N 37 -38.84 -31.84 76.43
C PRO N 37 -38.54 -33.12 77.20
N LEU N 38 -39.59 -33.58 77.89
CA LEU N 38 -39.60 -34.84 78.62
C LEU N 38 -40.48 -35.81 77.86
N ILE N 39 -39.96 -37.00 77.56
CA ILE N 39 -40.73 -37.98 76.80
C ILE N 39 -40.73 -39.31 77.53
N MET N 40 -41.93 -39.84 77.78
CA MET N 40 -42.13 -41.13 78.44
C MET N 40 -42.50 -42.17 77.40
N PHE N 41 -41.99 -43.39 77.56
CA PHE N 41 -42.25 -44.41 76.54
C PHE N 41 -41.96 -45.81 77.09
N PHE N 42 -42.48 -46.81 76.38
CA PHE N 42 -42.09 -48.20 76.59
C PHE N 42 -40.89 -48.53 75.70
N GLY N 43 -39.95 -49.31 76.24
CA GLY N 43 -38.69 -49.52 75.57
C GLY N 43 -38.27 -50.98 75.61
N GLN N 44 -37.09 -51.24 75.02
CA GLN N 44 -36.56 -52.59 74.97
C GLN N 44 -35.54 -52.83 76.06
N LYS N 45 -34.73 -51.83 76.39
CA LYS N 45 -33.72 -51.94 77.43
C LYS N 45 -33.37 -50.54 77.90
N GLY N 46 -32.32 -50.45 78.73
CA GLY N 46 -31.84 -49.18 79.19
C GLY N 46 -32.38 -48.82 80.56
N PRO N 47 -31.85 -47.75 81.15
CA PRO N 47 -32.27 -47.36 82.51
C PRO N 47 -33.74 -46.95 82.54
N THR N 48 -34.27 -46.90 83.75
CA THR N 48 -35.67 -46.57 83.99
C THR N 48 -35.81 -45.33 84.86
N VAL N 49 -34.96 -44.35 84.64
CA VAL N 49 -35.04 -43.07 85.34
C VAL N 49 -34.85 -41.95 84.31
N PRO N 50 -35.35 -40.76 84.60
CA PRO N 50 -35.21 -39.66 83.63
C PRO N 50 -33.75 -39.42 83.28
N THR N 51 -33.43 -39.62 82.01
CA THR N 51 -32.05 -39.55 81.56
C THR N 51 -31.91 -38.48 80.48
N TRP N 52 -30.93 -37.60 80.63
CA TRP N 52 -30.65 -36.59 79.63
C TRP N 52 -29.89 -37.23 78.48
N ILE N 53 -30.43 -37.12 77.27
CA ILE N 53 -29.92 -37.88 76.14
C ILE N 53 -29.78 -36.98 74.92
N ASP N 54 -28.68 -37.21 74.20
CA ASP N 54 -28.42 -36.66 72.89
C ASP N 54 -28.93 -37.62 71.84
N PRO N 55 -29.80 -37.21 70.89
CA PRO N 55 -30.55 -38.21 70.11
C PRO N 55 -29.72 -39.24 69.38
N VAL N 56 -28.43 -39.00 69.24
CA VAL N 56 -27.59 -39.94 68.50
C VAL N 56 -27.52 -41.28 69.22
N LYS N 57 -27.59 -41.28 70.55
CA LYS N 57 -27.38 -42.49 71.34
C LYS N 57 -28.67 -43.15 71.80
N PHE N 58 -29.83 -42.67 71.34
CA PHE N 58 -31.09 -43.28 71.74
C PHE N 58 -31.16 -44.73 71.31
N GLU N 59 -30.78 -45.00 70.05
CA GLU N 59 -30.93 -46.33 69.49
C GLU N 59 -30.11 -47.37 70.24
N ASP N 60 -28.92 -47.03 70.71
CA ASP N 60 -28.08 -47.97 71.42
C ASP N 60 -28.08 -47.78 72.93
N ILE N 61 -28.91 -46.89 73.47
CA ILE N 61 -29.19 -46.90 74.90
C ILE N 61 -30.49 -47.63 75.20
N TYR N 62 -31.48 -47.53 74.30
CA TYR N 62 -32.80 -48.11 74.53
C TYR N 62 -33.15 -49.19 73.51
N GLY N 63 -32.17 -49.71 72.80
CA GLY N 63 -32.46 -50.68 71.76
C GLY N 63 -33.08 -50.03 70.55
N SER N 64 -32.84 -50.58 69.37
CA SER N 64 -33.32 -49.98 68.14
C SER N 64 -34.74 -50.39 67.78
N GLU N 65 -35.38 -51.23 68.58
CA GLU N 65 -36.74 -51.68 68.30
C GLU N 65 -37.80 -50.79 68.92
N THR N 66 -37.43 -49.85 69.78
CA THR N 66 -38.43 -49.04 70.45
C THR N 66 -38.99 -47.96 69.54
N THR N 67 -38.28 -47.63 68.46
CA THR N 67 -38.73 -46.61 67.52
C THR N 67 -39.35 -47.21 66.26
N ASN N 68 -39.53 -48.52 66.22
CA ASN N 68 -40.18 -49.15 65.07
C ASN N 68 -41.69 -49.07 65.25
N LEU N 69 -42.35 -48.35 64.33
CA LEU N 69 -43.79 -48.14 64.45
C LEU N 69 -44.57 -49.44 64.35
N SER N 70 -44.03 -50.46 63.70
CA SER N 70 -44.70 -51.74 63.55
C SER N 70 -44.35 -52.74 64.63
N GLY N 71 -43.47 -52.38 65.57
CA GLY N 71 -43.07 -53.27 66.63
C GLY N 71 -44.08 -53.31 67.75
N VAL N 72 -43.70 -54.03 68.80
CA VAL N 72 -44.59 -54.20 69.96
C VAL N 72 -44.52 -53.03 70.93
N TYR N 73 -43.52 -52.16 70.81
CA TYR N 73 -43.34 -51.06 71.72
C TYR N 73 -43.98 -49.76 71.23
N CYS N 74 -44.74 -49.80 70.15
CA CYS N 74 -45.37 -48.60 69.64
C CYS N 74 -46.47 -48.12 70.58
N THR N 75 -46.42 -46.83 70.92
CA THR N 75 -47.45 -46.16 71.70
C THR N 75 -47.69 -44.80 71.06
N HIS N 76 -48.53 -43.98 71.68
CA HIS N 76 -48.82 -42.68 71.09
C HIS N 76 -47.75 -41.63 71.38
N SER N 77 -46.55 -42.05 71.79
CA SER N 77 -45.42 -41.15 71.91
C SER N 77 -44.25 -41.55 71.03
N THR N 78 -44.32 -42.68 70.35
CA THR N 78 -43.27 -43.04 69.41
C THR N 78 -43.13 -42.04 68.28
N PRO N 79 -44.19 -41.51 67.68
CA PRO N 79 -44.00 -40.42 66.72
C PRO N 79 -43.25 -39.23 67.30
N PHE N 80 -43.53 -38.89 68.56
CA PHE N 80 -42.82 -37.79 69.20
C PHE N 80 -41.33 -38.11 69.32
N ILE N 81 -41.00 -39.32 69.72
CA ILE N 81 -39.59 -39.71 69.83
C ILE N 81 -38.91 -39.62 68.46
N LYS N 82 -39.56 -40.13 67.42
CA LYS N 82 -38.96 -40.09 66.09
C LYS N 82 -38.78 -38.67 65.60
N GLU N 83 -39.76 -37.80 65.85
CA GLU N 83 -39.63 -36.40 65.46
C GLU N 83 -38.48 -35.73 66.19
N ALA N 84 -38.33 -36.00 67.49
CA ALA N 84 -37.23 -35.41 68.24
C ALA N 84 -35.89 -35.89 67.70
N ILE N 85 -35.80 -37.18 67.36
CA ILE N 85 -34.54 -37.70 66.81
C ILE N 85 -34.24 -37.06 65.47
N ALA N 86 -35.26 -36.91 64.62
CA ALA N 86 -35.06 -36.30 63.32
C ALA N 86 -34.60 -34.86 63.45
N ALA N 87 -35.22 -34.11 64.36
CA ALA N 87 -34.87 -32.70 64.51
C ALA N 87 -33.50 -32.52 65.13
N GLY N 88 -33.17 -33.29 66.15
CA GLY N 88 -31.90 -33.15 66.85
C GLY N 88 -32.02 -32.38 68.14
N ASN N 89 -33.05 -32.66 68.93
CA ASN N 89 -33.19 -32.10 70.27
C ASN N 89 -32.60 -33.03 71.29
N GLN N 90 -31.65 -32.52 72.07
CA GLN N 90 -31.27 -33.20 73.30
C GLN N 90 -32.44 -33.13 74.26
N PHE N 91 -33.02 -34.27 74.60
CA PHE N 91 -34.23 -34.29 75.41
C PHE N 91 -34.03 -35.27 76.55
N MET N 92 -34.99 -35.35 77.47
CA MET N 92 -34.84 -36.22 78.62
C MET N 92 -35.89 -37.31 78.54
N ALA N 93 -35.43 -38.56 78.58
CA ALA N 93 -36.24 -39.73 78.32
C ALA N 93 -36.57 -40.47 79.61
N LEU N 94 -37.75 -41.09 79.64
CA LEU N 94 -38.20 -41.88 80.78
C LEU N 94 -38.85 -43.15 80.27
N ARG N 95 -38.20 -44.29 80.51
CA ARG N 95 -38.71 -45.59 80.10
C ARG N 95 -39.60 -46.13 81.22
N LEU N 96 -40.89 -46.25 80.94
CA LEU N 96 -41.84 -46.81 81.87
C LEU N 96 -41.91 -48.32 81.71
N GLU N 97 -42.43 -48.98 82.74
CA GLU N 97 -42.65 -50.42 82.73
C GLU N 97 -44.07 -50.73 83.15
N PRO N 98 -44.69 -51.73 82.53
CA PRO N 98 -46.02 -52.16 82.99
C PRO N 98 -45.94 -52.80 84.36
N SER N 99 -47.07 -52.76 85.08
CA SER N 99 -47.08 -53.19 86.47
C SER N 99 -46.87 -54.69 86.63
N ASP N 100 -46.92 -55.46 85.56
CA ASP N 100 -46.83 -56.92 85.64
C ASP N 100 -45.62 -57.47 84.89
N ILE N 101 -44.56 -56.69 84.76
CA ILE N 101 -43.39 -57.17 84.01
C ILE N 101 -42.73 -58.29 84.80
N PRO N 102 -42.41 -59.43 84.18
CA PRO N 102 -41.74 -60.51 84.92
C PRO N 102 -40.28 -60.23 85.20
N ASP N 103 -39.58 -61.20 85.79
CA ASP N 103 -38.18 -61.03 86.16
C ASP N 103 -37.29 -61.25 84.93
N VAL N 104 -35.98 -61.31 85.16
CA VAL N 104 -35.01 -61.43 84.06
C VAL N 104 -34.87 -62.89 83.66
N ALA N 105 -34.26 -63.11 82.49
CA ALA N 105 -33.97 -64.46 82.03
C ALA N 105 -32.73 -64.99 82.73
N THR N 106 -32.67 -66.30 82.92
CA THR N 106 -31.58 -66.94 83.63
C THR N 106 -31.25 -68.28 82.99
N LEU N 107 -30.03 -68.75 83.26
CA LEU N 107 -29.57 -70.05 82.77
C LEU N 107 -28.43 -70.53 83.65
N GLY N 108 -28.58 -71.69 84.26
CA GLY N 108 -27.55 -72.28 85.10
C GLY N 108 -26.96 -73.50 84.43
N LEU N 109 -25.67 -73.73 84.69
CA LEU N 109 -24.92 -74.86 84.16
C LEU N 109 -24.56 -75.81 85.29
N SER N 110 -24.65 -77.11 85.02
CA SER N 110 -24.35 -78.12 86.04
C SER N 110 -23.82 -79.36 85.35
N VAL N 111 -23.28 -80.28 86.16
CA VAL N 111 -22.76 -81.54 85.65
C VAL N 111 -23.30 -82.68 86.51
N ASP N 112 -23.88 -83.68 85.85
CA ASP N 112 -24.16 -84.96 86.47
C ASP N 112 -22.89 -85.78 86.49
N TRP N 113 -22.49 -86.21 87.67
CA TRP N 113 -21.13 -86.68 87.94
C TRP N 113 -21.21 -88.01 88.68
N VAL N 114 -20.45 -89.01 88.20
CA VAL N 114 -20.36 -90.30 88.87
C VAL N 114 -19.04 -90.97 88.50
N LYS N 115 -18.67 -91.98 89.29
CA LYS N 115 -17.47 -92.78 89.03
C LYS N 115 -17.87 -94.25 88.85
N THR N 116 -17.18 -94.94 87.94
CA THR N 116 -17.49 -96.34 87.69
C THR N 116 -16.47 -96.91 86.72
N LYS N 117 -16.62 -98.18 86.39
CA LYS N 117 -15.76 -98.80 85.39
C LYS N 117 -16.34 -98.61 83.99
N ILE N 118 -15.47 -98.27 83.05
CA ILE N 118 -15.85 -98.02 81.66
C ILE N 118 -14.91 -98.78 80.74
N ASP N 119 -15.19 -98.71 79.45
CA ASP N 119 -14.37 -99.40 78.47
C ASP N 119 -13.18 -98.54 78.06
N ASP N 120 -12.21 -99.19 77.43
CA ASP N 120 -11.05 -98.52 76.87
C ASP N 120 -10.89 -98.93 75.41
N TYR N 121 -10.26 -98.06 74.63
CA TYR N 121 -10.18 -98.23 73.19
C TYR N 121 -8.73 -98.39 72.77
N GLU N 122 -8.56 -98.73 71.50
CA GLU N 122 -7.23 -98.95 70.95
C GLU N 122 -6.48 -97.63 70.83
N ARG N 123 -5.17 -97.74 70.57
CA ARG N 123 -4.32 -96.60 70.27
C ARG N 123 -3.40 -96.96 69.12
N ASN N 124 -3.33 -96.10 68.11
CA ASN N 124 -2.41 -96.33 67.00
C ASN N 124 -0.97 -96.19 67.45
N ASP N 125 -0.66 -95.13 68.17
CA ASP N 125 0.69 -94.86 68.65
C ASP N 125 0.57 -94.07 69.95
N ASP N 126 1.66 -93.41 70.34
CA ASP N 126 1.61 -92.49 71.48
C ASP N 126 0.68 -91.31 71.22
N GLY N 127 0.29 -91.06 69.96
CA GLY N 127 -0.65 -90.01 69.66
C GLY N 127 -2.07 -90.29 70.13
N THR N 128 -2.39 -91.54 70.44
CA THR N 128 -3.70 -91.90 70.99
C THR N 128 -4.82 -91.49 70.05
N TYR N 129 -4.67 -91.84 68.77
CA TYR N 129 -5.63 -91.38 67.78
C TYR N 129 -6.94 -92.15 67.85
N LYS N 130 -6.88 -93.46 68.06
CA LYS N 130 -8.08 -94.29 67.97
C LYS N 130 -9.05 -94.00 69.12
N LEU N 131 -10.33 -94.01 68.78
CA LEU N 131 -11.41 -94.02 69.76
C LEU N 131 -12.65 -94.61 69.12
N ASP N 132 -13.57 -95.09 69.97
CA ASP N 132 -14.89 -95.54 69.54
C ASP N 132 -14.78 -96.54 68.38
N THR N 133 -13.89 -97.52 68.51
CA THR N 133 -13.71 -98.56 67.51
C THR N 133 -13.39 -97.98 66.14
N ASN N 134 -12.57 -96.92 66.11
CA ASN N 134 -12.15 -96.36 64.84
C ASN N 134 -11.39 -97.41 64.04
N GLY N 135 -11.64 -97.43 62.74
CA GLY N 135 -11.11 -98.51 61.91
C GLY N 135 -11.98 -99.74 62.03
N ASP N 136 -11.40 -100.84 62.52
CA ASP N 136 -12.10 -102.10 62.66
C ASP N 136 -11.85 -102.80 63.99
N LYS N 137 -11.36 -102.10 65.01
CA LYS N 137 -10.90 -102.72 66.23
C LYS N 137 -11.88 -102.50 67.38
N ILE N 138 -12.23 -103.58 68.06
CA ILE N 138 -13.07 -103.58 69.25
C ILE N 138 -12.31 -102.88 70.37
N PRO N 139 -12.98 -102.29 71.37
CA PRO N 139 -12.25 -101.76 72.52
C PRO N 139 -11.32 -102.80 73.14
N LEU N 140 -10.18 -102.34 73.64
CA LEU N 140 -9.09 -103.22 74.04
C LEU N 140 -9.23 -103.71 75.47
N ALA N 141 -9.19 -102.80 76.44
CA ALA N 141 -9.24 -103.21 77.83
C ALA N 141 -10.66 -103.62 78.21
N THR N 142 -10.74 -104.66 79.05
CA THR N 142 -12.05 -105.16 79.47
C THR N 142 -12.81 -104.09 80.25
N GLN N 143 -12.16 -103.52 81.27
CA GLN N 143 -12.79 -102.50 82.10
C GLN N 143 -11.70 -101.66 82.74
N ILE N 144 -11.79 -100.35 82.52
CA ILE N 144 -10.87 -99.37 83.08
C ILE N 144 -11.66 -98.46 84.01
N ASP N 145 -11.16 -98.29 85.22
CA ASP N 145 -11.81 -97.41 86.17
C ASP N 145 -11.76 -95.97 85.67
N GLY N 146 -12.89 -95.28 85.72
CA GLY N 146 -12.97 -93.92 85.24
C GLY N 146 -14.19 -93.18 85.75
N ILE N 147 -14.49 -92.05 85.13
CA ILE N 147 -15.53 -91.14 85.60
C ILE N 147 -16.46 -90.82 84.44
N LYS N 148 -17.75 -90.65 84.75
CA LYS N 148 -18.77 -90.34 83.76
C LYS N 148 -19.40 -88.98 84.07
N PHE N 149 -19.50 -88.16 83.02
CA PHE N 149 -20.06 -86.81 83.06
C PHE N 149 -21.29 -86.73 82.15
N ARG N 150 -22.20 -85.82 82.51
CA ARG N 150 -23.34 -85.45 81.66
C ARG N 150 -23.71 -84.01 81.96
N PHE N 151 -23.42 -83.10 81.04
CA PHE N 151 -23.62 -81.68 81.30
C PHE N 151 -25.09 -81.30 81.14
N VAL N 152 -25.50 -80.26 81.87
CA VAL N 152 -26.89 -79.81 81.91
C VAL N 152 -26.93 -78.29 81.90
N LEU N 153 -27.83 -77.74 81.10
CA LEU N 153 -28.10 -76.30 81.05
C LEU N 153 -29.60 -76.10 81.22
N GLU N 154 -30.01 -75.35 82.23
CA GLU N 154 -31.43 -75.23 82.50
C GLU N 154 -31.74 -74.00 83.33
N LYS N 155 -33.02 -73.63 83.34
CA LYS N 155 -33.46 -72.43 84.03
C LYS N 155 -33.20 -72.54 85.53
N ILE N 156 -32.86 -71.42 86.14
CA ILE N 156 -32.64 -71.36 87.59
C ILE N 156 -33.99 -71.16 88.26
N GLU N 157 -34.39 -72.13 89.09
CA GLU N 157 -35.69 -72.07 89.73
C GLU N 157 -35.68 -71.11 90.91
N THR N 158 -36.86 -70.61 91.26
CA THR N 158 -37.01 -69.60 92.30
C THR N 158 -37.48 -70.24 93.60
N ASN N 159 -37.38 -69.46 94.68
CA ASN N 159 -37.86 -69.88 95.98
C ASN N 159 -39.38 -69.87 96.02
N GLU N 160 -39.94 -70.65 96.95
CA GLU N 160 -41.38 -70.73 97.08
C GLU N 160 -42.01 -69.40 97.41
N SER N 161 -41.23 -68.45 97.94
CA SER N 161 -41.72 -67.10 98.20
C SER N 161 -41.70 -66.21 96.97
N GLY N 162 -41.02 -66.62 95.90
CA GLY N 162 -40.89 -65.80 94.72
C GLY N 162 -39.59 -65.03 94.69
N VAL N 163 -38.49 -65.70 95.00
CA VAL N 163 -37.16 -65.10 95.02
C VAL N 163 -36.22 -65.99 94.23
N SER N 164 -35.42 -65.39 93.36
CA SER N 164 -34.51 -66.16 92.55
C SER N 164 -33.35 -66.70 93.38
N GLN N 165 -32.87 -67.88 93.01
CA GLN N 165 -31.75 -68.54 93.67
C GLN N 165 -30.44 -68.32 92.94
N TYR N 166 -30.26 -67.13 92.37
CA TYR N 166 -29.13 -66.88 91.48
C TYR N 166 -27.81 -67.29 92.11
N LYS N 167 -27.58 -66.87 93.34
CA LYS N 167 -26.29 -67.07 94.01
C LYS N 167 -26.28 -68.29 94.92
N LYS N 168 -27.39 -69.02 95.03
CA LYS N 168 -27.59 -69.95 96.14
C LYS N 168 -28.11 -71.30 95.68
N ARG N 169 -27.48 -71.89 94.66
CA ARG N 169 -27.83 -73.25 94.27
C ARG N 169 -26.98 -74.26 95.03
N THR N 170 -27.53 -75.47 95.18
CA THR N 170 -26.90 -76.52 95.98
C THR N 170 -26.97 -77.84 95.22
N ALA N 171 -26.08 -78.75 95.60
CA ALA N 171 -26.00 -80.04 94.92
C ALA N 171 -27.24 -80.89 95.22
N LYS N 172 -27.45 -81.90 94.38
CA LYS N 172 -28.63 -82.76 94.49
C LYS N 172 -28.29 -84.14 93.96
N ALA N 173 -29.25 -85.05 94.12
CA ALA N 173 -29.10 -86.40 93.62
C ALA N 173 -29.17 -86.41 92.09
N GLY N 174 -28.35 -87.26 91.48
CA GLY N 174 -28.24 -87.31 90.03
C GLY N 174 -29.24 -88.28 89.41
N THR N 175 -29.10 -88.44 88.10
CA THR N 175 -29.94 -89.36 87.34
C THR N 175 -29.17 -90.40 86.55
N ILE N 176 -27.97 -90.09 86.05
CA ILE N 176 -27.16 -91.11 85.40
C ILE N 176 -26.50 -91.97 86.47
N GLY N 177 -26.39 -93.26 86.18
CA GLY N 177 -25.79 -94.16 87.15
C GLY N 177 -26.51 -94.20 88.48
N THR N 178 -27.84 -94.23 88.46
CA THR N 178 -28.62 -94.33 89.69
C THR N 178 -28.42 -95.66 90.39
N GLU N 179 -27.84 -96.66 89.72
CA GLU N 179 -27.50 -97.89 90.41
C GLU N 179 -26.62 -97.63 91.62
N ALA N 180 -25.77 -96.60 91.56
CA ALA N 180 -24.99 -96.14 92.69
C ALA N 180 -25.48 -94.75 93.07
N THR N 181 -25.84 -94.57 94.33
CA THR N 181 -26.38 -93.30 94.79
C THR N 181 -25.45 -92.11 94.52
N PRO N 182 -24.12 -92.21 94.69
CA PRO N 182 -23.29 -91.00 94.62
C PRO N 182 -23.41 -90.19 93.35
N SER N 183 -24.04 -90.73 92.31
CA SER N 183 -24.27 -89.95 91.10
C SER N 183 -25.06 -88.69 91.45
N THR N 184 -24.44 -87.52 91.25
CA THR N 184 -25.07 -86.29 91.71
C THR N 184 -24.93 -85.16 90.69
N ILE N 185 -25.91 -84.25 90.73
CA ILE N 185 -25.83 -83.00 90.00
C ILE N 185 -25.07 -81.98 90.83
N THR N 186 -24.02 -81.40 90.27
CA THR N 186 -23.31 -80.33 90.96
C THR N 186 -23.21 -79.11 90.04
N PRO N 187 -23.49 -77.91 90.54
CA PRO N 187 -23.53 -76.73 89.68
C PRO N 187 -22.15 -76.13 89.43
N LEU N 188 -22.02 -75.46 88.29
CA LEU N 188 -20.77 -74.87 87.85
C LEU N 188 -20.82 -73.36 87.69
N ALA N 189 -21.89 -72.82 87.11
CA ALA N 189 -21.97 -71.38 86.88
C ALA N 189 -23.41 -70.96 86.63
N ASP N 190 -23.65 -69.65 86.72
CA ASP N 190 -24.94 -69.05 86.46
C ASP N 190 -24.78 -67.88 85.50
N PHE N 191 -25.82 -67.64 84.70
CA PHE N 191 -25.88 -66.51 83.80
C PHE N 191 -27.26 -65.86 83.89
N ARG N 192 -27.29 -64.54 83.79
CA ARG N 192 -28.51 -63.79 83.97
C ARG N 192 -28.56 -62.64 82.97
N CYS N 193 -29.77 -62.25 82.59
CA CYS N 193 -29.96 -61.13 81.68
C CYS N 193 -29.83 -59.81 82.43
N ARG N 194 -29.40 -58.77 81.71
CA ARG N 194 -29.16 -57.47 82.32
C ARG N 194 -30.42 -56.62 82.42
N PHE N 195 -31.42 -56.88 81.58
CA PHE N 195 -32.63 -56.08 81.53
C PHE N 195 -33.84 -56.98 81.71
N LYS N 196 -35.01 -56.36 81.71
CA LYS N 196 -36.30 -57.06 81.76
C LYS N 196 -36.98 -56.83 80.42
N SER N 197 -36.90 -57.83 79.54
CA SER N 197 -37.46 -57.71 78.20
C SER N 197 -37.30 -59.04 77.48
N SER N 198 -37.84 -59.09 76.26
CA SER N 198 -37.68 -60.27 75.42
C SER N 198 -36.25 -60.41 74.89
N LEU N 199 -35.43 -59.38 75.03
CA LEU N 199 -34.04 -59.49 74.62
C LEU N 199 -33.34 -60.60 75.39
N GLY N 200 -33.67 -60.76 76.66
CA GLY N 200 -33.08 -61.84 77.44
C GLY N 200 -33.49 -63.21 76.93
N ALA N 201 -34.77 -63.39 76.64
CA ALA N 201 -35.25 -64.65 76.10
C ALA N 201 -34.65 -64.96 74.74
N ASN N 202 -34.29 -63.94 73.95
CA ASN N 202 -33.66 -64.16 72.65
C ASN N 202 -32.14 -64.16 72.68
N THR N 203 -31.52 -63.84 73.81
CA THR N 203 -30.07 -63.93 73.92
C THR N 203 -29.63 -65.38 74.09
N ALA N 204 -28.48 -65.71 73.51
CA ALA N 204 -27.92 -67.05 73.58
C ALA N 204 -26.41 -66.98 73.74
N LEU N 205 -25.83 -68.05 74.28
CA LEU N 205 -24.40 -68.09 74.53
C LEU N 205 -23.84 -69.44 74.12
N ARG N 206 -22.54 -69.43 73.78
CA ARG N 206 -21.80 -70.63 73.43
C ARG N 206 -20.50 -70.66 74.21
N ILE N 207 -20.09 -71.86 74.63
CA ILE N 207 -18.78 -72.08 75.22
C ILE N 207 -18.23 -73.38 74.65
N TRP N 208 -16.93 -73.41 74.34
CA TRP N 208 -16.34 -74.63 73.85
C TRP N 208 -14.84 -74.63 74.13
N ALA N 209 -14.20 -75.77 73.87
CA ALA N 209 -12.79 -75.98 74.15
C ALA N 209 -12.04 -76.30 72.87
N PRO N 210 -11.34 -75.35 72.26
CA PRO N 210 -10.65 -75.64 71.00
C PRO N 210 -9.30 -76.30 71.21
N THR N 211 -8.90 -77.09 70.22
CA THR N 211 -7.62 -77.77 70.19
C THR N 211 -6.82 -77.29 68.97
N ILE N 212 -5.68 -77.95 68.74
CA ILE N 212 -4.79 -77.49 67.67
C ILE N 212 -5.48 -77.55 66.32
N ASN N 213 -6.45 -78.45 66.15
CA ASN N 213 -7.09 -78.68 64.87
C ASN N 213 -8.39 -77.89 64.70
N SER N 214 -8.82 -77.14 65.72
CA SER N 214 -10.08 -76.43 65.63
C SER N 214 -9.99 -75.31 64.58
N ALA N 215 -11.14 -74.73 64.26
CA ALA N 215 -11.17 -73.59 63.36
C ALA N 215 -10.41 -72.40 63.91
N GLN N 216 -10.58 -72.09 65.20
CA GLN N 216 -9.76 -71.10 65.89
C GLN N 216 -8.68 -71.90 66.64
N ALA N 217 -7.63 -72.27 65.91
CA ALA N 217 -6.61 -73.15 66.47
C ALA N 217 -5.99 -72.53 67.72
N ALA N 218 -5.87 -73.35 68.77
CA ALA N 218 -5.26 -72.90 70.00
C ALA N 218 -3.75 -73.09 69.95
N ASP N 219 -3.07 -72.62 71.00
CA ASP N 219 -1.62 -72.71 71.10
C ASP N 219 -1.24 -73.27 72.46
N ALA N 220 -0.32 -74.25 72.44
CA ALA N 220 0.11 -74.87 73.68
C ALA N 220 1.07 -74.00 74.48
N ASP N 221 1.78 -73.10 73.79
CA ASP N 221 2.81 -72.32 74.47
C ASP N 221 2.21 -71.39 75.52
N LEU N 222 1.11 -70.71 75.19
CA LEU N 222 0.50 -69.82 76.16
C LEU N 222 -0.06 -70.58 77.35
N GLN N 223 -0.65 -71.74 77.09
CA GLN N 223 -1.17 -72.56 78.18
C GLN N 223 -0.05 -73.05 79.09
N ALA N 224 1.10 -73.41 78.51
CA ALA N 224 2.24 -73.77 79.34
C ALA N 224 2.73 -72.56 80.15
N ARG N 225 2.78 -71.39 79.52
CA ARG N 225 3.26 -70.20 80.21
C ARG N 225 2.38 -69.86 81.41
N ILE N 226 1.08 -69.89 81.22
CA ILE N 226 0.11 -69.79 82.31
C ILE N 226 -0.73 -71.06 82.30
N LYS N 227 -0.61 -71.85 83.35
CA LYS N 227 -1.21 -73.19 83.36
C LYS N 227 -2.69 -73.04 83.66
N SER N 228 -3.47 -72.97 82.59
CA SER N 228 -4.92 -73.00 82.68
C SER N 228 -5.47 -73.22 81.29
N PHE N 229 -6.34 -74.21 81.14
CA PHE N 229 -6.92 -74.48 79.83
C PHE N 229 -7.79 -73.30 79.42
N LEU N 230 -7.78 -72.98 78.14
CA LEU N 230 -8.50 -71.82 77.62
C LEU N 230 -9.73 -72.27 76.86
N TYR N 231 -10.87 -71.68 77.17
CA TYR N 231 -12.13 -71.96 76.52
C TYR N 231 -12.60 -70.74 75.74
N ARG N 232 -13.24 -70.98 74.60
CA ARG N 232 -13.82 -69.93 73.80
C ARG N 232 -15.25 -69.64 74.24
N PHE N 233 -15.60 -68.36 74.28
CA PHE N 233 -16.90 -67.88 74.75
C PHE N 233 -17.49 -66.95 73.69
N GLN N 234 -18.80 -67.04 73.49
CA GLN N 234 -19.48 -66.28 72.44
C GLN N 234 -20.89 -65.92 72.86
N ILE N 235 -21.33 -64.72 72.45
CA ILE N 235 -22.69 -64.23 72.66
C ILE N 235 -23.36 -64.06 71.31
N LEU N 236 -24.61 -64.50 71.20
CA LEU N 236 -25.40 -64.32 70.00
C LEU N 236 -26.79 -63.80 70.37
N THR N 237 -27.44 -63.14 69.44
CA THR N 237 -28.78 -62.60 69.67
C THR N 237 -29.58 -62.67 68.38
N ARG N 238 -30.86 -62.99 68.48
CA ARG N 238 -31.72 -63.12 67.31
C ARG N 238 -32.80 -62.05 67.34
N ALA N 239 -33.51 -61.93 66.22
CA ALA N 239 -34.54 -60.91 66.09
C ALA N 239 -35.85 -61.35 66.72
N ASP N 240 -36.42 -62.44 66.23
CA ASP N 240 -37.63 -63.01 66.80
C ASP N 240 -37.41 -64.49 66.99
N LYS N 241 -38.43 -65.17 67.52
CA LYS N 241 -38.29 -66.59 67.80
C LYS N 241 -38.07 -67.40 66.53
N ALA N 242 -38.47 -66.87 65.38
CA ALA N 242 -38.34 -67.59 64.11
C ALA N 242 -37.10 -67.23 63.32
N SER N 243 -36.34 -66.22 63.74
CA SER N 243 -35.17 -65.79 62.98
C SER N 243 -33.96 -66.61 63.37
N SER N 244 -32.78 -66.18 62.93
CA SER N 244 -31.53 -66.85 63.21
C SER N 244 -30.57 -65.90 63.92
N PRO N 245 -29.66 -66.41 64.75
CA PRO N 245 -28.86 -65.53 65.60
C PRO N 245 -27.80 -64.78 64.82
N THR N 246 -27.28 -63.72 65.46
CA THR N 246 -26.19 -62.92 64.96
C THR N 246 -25.21 -62.70 66.10
N ILE N 247 -23.91 -62.80 65.79
CA ILE N 247 -22.90 -62.67 66.83
C ILE N 247 -22.94 -61.27 67.42
N PHE N 248 -22.60 -61.17 68.70
CA PHE N 248 -22.52 -59.90 69.41
C PHE N 248 -21.05 -59.70 69.76
N GLU N 249 -20.40 -58.75 69.10
CA GLU N 249 -18.95 -58.61 69.20
C GLU N 249 -18.55 -57.75 70.39
N THR N 250 -17.34 -57.99 70.88
CA THR N 250 -16.79 -57.16 71.94
C THR N 250 -16.56 -55.75 71.42
N ILE N 251 -16.29 -54.83 72.34
CA ILE N 251 -16.11 -53.43 71.96
C ILE N 251 -14.87 -53.23 71.10
N TYR N 252 -14.05 -54.27 70.93
CA TYR N 252 -12.90 -54.24 70.06
C TYR N 252 -13.17 -54.85 68.70
N ASN N 253 -14.43 -55.22 68.42
CA ASN N 253 -14.81 -55.84 67.15
C ASN N 253 -14.17 -57.22 67.00
N GLU N 254 -14.36 -58.06 68.01
CA GLU N 254 -13.98 -59.47 67.93
C GLU N 254 -15.21 -60.36 68.11
N PRO N 255 -15.24 -61.52 67.50
CA PRO N 255 -16.44 -62.36 67.59
C PRO N 255 -16.52 -63.24 68.84
N SER N 256 -15.39 -63.55 69.47
CA SER N 256 -15.41 -64.42 70.63
C SER N 256 -14.20 -64.14 71.52
N LEU N 257 -14.29 -64.59 72.77
CA LEU N 257 -13.25 -64.38 73.77
C LEU N 257 -12.62 -65.70 74.19
N SER N 258 -11.41 -65.60 74.75
CA SER N 258 -10.72 -66.71 75.40
C SER N 258 -10.68 -66.45 76.91
N VAL N 259 -11.08 -67.45 77.69
CA VAL N 259 -11.14 -67.32 79.14
C VAL N 259 -10.60 -68.60 79.77
N GLY N 260 -10.38 -68.57 81.08
CA GLY N 260 -9.86 -69.72 81.78
C GLY N 260 -10.15 -69.66 83.26
N PHE N 261 -10.01 -70.81 83.92
CA PHE N 261 -10.25 -70.91 85.35
C PHE N 261 -8.98 -70.61 86.13
N GLY N 262 -9.13 -69.87 87.23
CA GLY N 262 -8.00 -69.54 88.08
C GLY N 262 -8.18 -68.22 88.81
N GLU N 263 -7.21 -67.87 89.65
CA GLU N 263 -7.36 -66.68 90.49
C GLU N 263 -7.00 -65.41 89.73
N ASN N 264 -5.75 -65.27 89.29
CA ASN N 264 -5.38 -64.19 88.40
C ASN N 264 -4.46 -64.75 87.33
N LEU N 265 -4.94 -64.80 86.10
CA LEU N 265 -4.21 -65.39 84.99
C LEU N 265 -3.56 -64.27 84.17
N VAL N 266 -2.46 -63.77 84.69
CA VAL N 266 -1.71 -62.70 84.03
C VAL N 266 -0.55 -63.31 83.25
N ASP N 267 -0.40 -62.89 82.00
CA ASP N 267 0.69 -63.36 81.17
C ASP N 267 1.87 -62.42 81.35
N PRO N 268 3.00 -62.89 81.90
CA PRO N 268 4.15 -61.98 82.07
C PRO N 268 4.65 -61.38 80.78
N GLN N 269 4.60 -62.14 79.67
CA GLN N 269 5.15 -61.65 78.41
C GLN N 269 4.34 -60.50 77.81
N THR N 270 3.05 -60.41 78.13
CA THR N 270 2.21 -59.35 77.58
C THR N 270 1.24 -58.73 78.55
N GLU N 271 1.22 -59.14 79.82
CA GLU N 271 0.39 -58.55 80.87
C GLU N 271 -1.10 -58.65 80.56
N VAL N 272 -1.53 -59.64 79.78
CA VAL N 272 -2.95 -59.84 79.53
C VAL N 272 -3.54 -60.74 80.62
N VAL N 273 -4.78 -60.45 80.98
CA VAL N 273 -5.49 -61.18 82.04
C VAL N 273 -6.56 -62.05 81.39
N TYR N 274 -6.52 -63.34 81.67
CA TYR N 274 -7.46 -64.30 81.10
C TYR N 274 -8.53 -64.76 82.08
N ASP N 275 -8.78 -64.01 83.15
CA ASP N 275 -9.79 -64.42 84.11
C ASP N 275 -11.18 -64.37 83.49
N PHE N 276 -12.02 -65.34 83.86
CA PHE N 276 -13.29 -65.53 83.18
C PHE N 276 -14.20 -64.31 83.33
N VAL N 277 -14.65 -64.05 84.55
CA VAL N 277 -15.69 -63.03 84.75
C VAL N 277 -15.12 -61.65 84.48
N GLU N 278 -13.92 -61.37 84.99
CA GLU N 278 -13.32 -60.06 84.80
C GLU N 278 -13.15 -59.75 83.32
N ARG N 279 -12.57 -60.69 82.57
CA ARG N 279 -12.34 -60.45 81.15
C ARG N 279 -13.65 -60.28 80.40
N ILE N 280 -14.64 -61.14 80.68
CA ILE N 280 -15.90 -61.02 79.96
C ILE N 280 -16.52 -59.64 80.20
N ASP N 281 -16.61 -59.26 81.47
CA ASP N 281 -17.34 -58.05 81.81
C ASP N 281 -16.59 -56.80 81.35
N SER N 282 -15.25 -56.88 81.30
CA SER N 282 -14.50 -55.73 80.81
C SER N 282 -14.53 -55.62 79.30
N ARG N 283 -14.52 -56.76 78.59
CA ARG N 283 -14.42 -56.72 77.14
C ARG N 283 -15.76 -56.49 76.46
N TYR N 284 -16.87 -56.82 77.11
CA TYR N 284 -18.15 -56.73 76.42
C TYR N 284 -18.95 -55.47 76.73
N ASN N 285 -18.50 -54.64 77.67
CA ASN N 285 -19.25 -53.46 78.09
C ASN N 285 -18.43 -52.19 77.94
N ASP N 286 -19.13 -51.06 77.89
CA ASP N 286 -18.50 -49.76 77.70
C ASP N 286 -19.45 -48.70 78.23
N GLU N 287 -19.12 -48.12 79.39
CA GLU N 287 -20.01 -47.18 80.07
C GLU N 287 -19.76 -45.72 79.73
N ASP N 288 -18.77 -45.43 78.91
CA ASP N 288 -18.41 -44.04 78.67
C ASP N 288 -19.56 -43.31 77.97
N PRO N 289 -20.11 -42.25 78.56
CA PRO N 289 -21.28 -41.60 77.95
C PRO N 289 -21.19 -41.23 76.47
N SER N 290 -20.00 -41.15 75.91
CA SER N 290 -19.85 -40.83 74.50
C SER N 290 -19.91 -42.06 73.61
N THR N 291 -19.35 -43.18 74.07
CA THR N 291 -19.36 -44.44 73.33
C THR N 291 -19.95 -45.47 74.30
N TYR N 292 -21.27 -45.66 74.23
CA TYR N 292 -22.01 -46.35 75.28
C TYR N 292 -22.63 -47.62 74.71
N LEU N 293 -22.27 -48.76 75.29
CA LEU N 293 -22.92 -50.03 74.98
C LEU N 293 -22.86 -50.95 76.18
N MET N 294 -23.99 -51.53 76.53
CA MET N 294 -24.09 -52.48 77.62
C MET N 294 -24.55 -53.83 77.08
N SER N 295 -23.77 -54.86 77.35
CA SER N 295 -24.09 -56.18 76.82
C SER N 295 -25.41 -56.68 77.40
N PRO N 296 -26.17 -57.47 76.65
CA PRO N 296 -27.39 -58.04 77.24
C PRO N 296 -27.12 -58.94 78.43
N LEU N 297 -25.99 -59.65 78.41
CA LEU N 297 -25.65 -60.57 79.50
C LEU N 297 -25.09 -59.79 80.68
N ASP N 298 -25.54 -60.13 81.88
CA ASP N 298 -25.05 -59.49 83.09
C ASP N 298 -23.70 -60.09 83.50
N THR N 299 -23.24 -59.73 84.68
CA THR N 299 -21.97 -60.24 85.17
C THR N 299 -22.11 -61.71 85.57
N PRO N 300 -21.37 -62.63 84.96
CA PRO N 300 -21.54 -64.05 85.31
C PRO N 300 -21.05 -64.37 86.71
N TYR N 301 -21.53 -65.49 87.22
CA TYR N 301 -21.07 -66.07 88.48
C TYR N 301 -20.49 -67.45 88.23
N LEU N 302 -19.41 -67.77 88.94
CA LEU N 302 -18.76 -69.06 88.79
C LEU N 302 -18.62 -69.70 90.17
N TYR N 303 -19.02 -70.97 90.28
CA TYR N 303 -18.97 -71.70 91.55
C TYR N 303 -17.56 -72.26 91.74
N GLN N 304 -16.72 -71.43 92.37
CA GLN N 304 -15.31 -71.79 92.50
C GLN N 304 -15.14 -73.06 93.33
N ALA N 305 -15.87 -73.18 94.43
CA ALA N 305 -15.72 -74.34 95.29
C ALA N 305 -16.00 -75.64 94.54
N ASN N 306 -17.14 -75.71 93.87
CA ASN N 306 -17.55 -76.95 93.21
C ASN N 306 -16.66 -77.24 92.00
N ILE N 307 -16.34 -76.21 91.21
CA ILE N 307 -15.48 -76.43 90.06
C ILE N 307 -14.11 -76.94 90.52
N ASP N 308 -13.58 -76.33 91.59
CA ASP N 308 -12.31 -76.76 92.14
C ASP N 308 -12.38 -78.19 92.65
N SER N 309 -13.48 -78.56 93.30
CA SER N 309 -13.61 -79.91 93.81
C SER N 309 -13.61 -80.93 92.68
N VAL N 310 -14.37 -80.67 91.62
CA VAL N 310 -14.43 -81.61 90.51
C VAL N 310 -13.07 -81.71 89.82
N LEU N 311 -12.41 -80.57 89.61
CA LEU N 311 -11.08 -80.59 89.01
C LEU N 311 -10.11 -81.40 89.88
N THR N 312 -10.16 -81.20 91.20
CA THR N 312 -9.29 -81.91 92.11
C THR N 312 -9.56 -83.41 92.03
N ALA N 313 -10.83 -83.79 91.98
CA ALA N 313 -11.17 -85.21 91.92
C ALA N 313 -10.61 -85.85 90.65
N ILE N 314 -10.83 -85.21 89.51
CA ILE N 314 -10.36 -85.81 88.26
C ILE N 314 -8.84 -85.86 88.24
N GLN N 315 -8.17 -84.83 88.75
CA GLN N 315 -6.71 -84.87 88.83
C GLN N 315 -6.24 -85.99 89.73
N GLU N 316 -6.77 -86.06 90.95
CA GLU N 316 -6.40 -87.12 91.88
C GLU N 316 -6.55 -88.48 91.22
N LEU N 317 -7.61 -88.68 90.46
CA LEU N 317 -7.85 -89.98 89.83
C LEU N 317 -6.83 -90.25 88.73
N GLU N 318 -6.84 -89.43 87.68
CA GLU N 318 -6.15 -89.77 86.44
C GLU N 318 -4.95 -88.89 86.14
N ALA N 319 -4.63 -87.91 86.98
CA ALA N 319 -3.39 -87.17 86.78
C ALA N 319 -2.17 -88.07 86.92
N PRO N 320 -2.03 -88.88 87.97
CA PRO N 320 -0.92 -89.84 88.01
C PRO N 320 -1.18 -91.03 87.11
N PHE N 321 -1.17 -90.80 85.80
CA PHE N 321 -1.48 -91.83 84.83
C PHE N 321 -0.58 -91.64 83.61
N ASP N 322 -0.91 -92.35 82.53
CA ASP N 322 0.01 -92.46 81.41
C ASP N 322 0.15 -91.17 80.62
N THR N 323 -0.96 -90.51 80.27
CA THR N 323 -0.90 -89.47 79.24
C THR N 323 -1.42 -88.11 79.71
N VAL N 324 -1.19 -87.73 80.96
CA VAL N 324 -1.56 -86.43 81.47
C VAL N 324 -0.61 -86.05 82.59
N SER N 325 -0.35 -84.76 82.73
CA SER N 325 0.55 -84.28 83.77
C SER N 325 -0.02 -84.58 85.15
N ALA N 326 0.85 -85.05 86.05
CA ALA N 326 0.45 -85.32 87.42
C ALA N 326 0.76 -84.17 88.37
N ASP N 327 1.45 -83.14 87.89
CA ASP N 327 1.89 -82.05 88.76
C ASP N 327 0.71 -81.45 89.51
N GLU N 328 1.04 -80.71 90.57
CA GLU N 328 0.00 -80.10 91.39
C GLU N 328 -0.79 -79.07 90.61
N ASP N 329 -0.11 -78.24 89.82
CA ASP N 329 -0.76 -77.09 89.17
C ASP N 329 -1.51 -77.47 87.90
N ASP N 330 -1.35 -78.70 87.40
CA ASP N 330 -2.15 -79.13 86.26
C ASP N 330 -3.63 -79.18 86.58
N LEU N 331 -4.01 -78.98 87.84
CA LEU N 331 -5.41 -79.00 88.23
C LEU N 331 -6.22 -78.05 87.37
N TYR N 332 -5.74 -76.81 87.19
CA TYR N 332 -6.40 -75.85 86.34
C TYR N 332 -6.08 -76.04 84.86
N GLN N 333 -5.07 -76.85 84.53
CA GLN N 333 -4.89 -77.24 83.15
C GLN N 333 -5.95 -78.24 82.70
N ILE N 334 -6.54 -78.98 83.63
CA ILE N 334 -7.47 -80.05 83.28
C ILE N 334 -8.56 -79.51 82.38
N ASN N 335 -8.78 -80.17 81.24
CA ASN N 335 -9.85 -79.81 80.30
C ASN N 335 -11.15 -80.43 80.79
N LEU N 336 -12.09 -79.59 81.21
CA LEU N 336 -13.32 -80.11 81.81
C LEU N 336 -14.38 -80.41 80.76
N PHE N 337 -14.74 -79.42 79.94
CA PHE N 337 -15.84 -79.58 79.00
C PHE N 337 -15.48 -80.55 77.88
N GLY N 338 -14.22 -80.59 77.47
CA GLY N 338 -13.75 -81.54 76.49
C GLY N 338 -13.25 -82.81 77.15
N ALA N 339 -12.59 -83.64 76.35
CA ALA N 339 -12.05 -84.90 76.83
C ALA N 339 -10.66 -85.13 76.26
N GLN N 340 -9.91 -84.05 76.05
CA GLN N 340 -8.58 -84.16 75.48
C GLN N 340 -7.75 -82.97 75.89
N THR N 341 -6.44 -83.10 75.77
CA THR N 341 -5.54 -82.00 76.07
C THR N 341 -5.58 -80.98 74.93
N VAL N 342 -4.76 -79.94 75.08
CA VAL N 342 -4.69 -78.90 74.05
C VAL N 342 -4.24 -79.49 72.73
N GLU N 343 -3.32 -80.46 72.77
CA GLU N 343 -2.77 -81.03 71.56
C GLU N 343 -3.68 -82.06 70.90
N GLY N 344 -4.78 -82.43 71.55
CA GLY N 344 -5.75 -83.32 70.93
C GLY N 344 -5.56 -84.78 71.21
N VAL N 345 -5.11 -85.14 72.40
CA VAL N 345 -4.97 -86.53 72.82
C VAL N 345 -6.15 -86.87 73.72
N PRO N 346 -7.02 -87.80 73.33
CA PRO N 346 -8.22 -88.05 74.14
C PRO N 346 -7.89 -88.54 75.53
N TYR N 347 -8.67 -88.09 76.50
CA TYR N 347 -8.60 -88.60 77.87
C TYR N 347 -9.31 -89.95 77.92
N HIS N 348 -8.55 -91.01 78.16
CA HIS N 348 -9.17 -92.26 78.56
C HIS N 348 -9.34 -92.29 80.08
N ALA N 349 -10.35 -93.04 80.51
CA ALA N 349 -10.87 -93.05 81.88
C ALA N 349 -11.85 -91.92 82.14
N VAL N 350 -12.27 -91.19 81.11
CA VAL N 350 -13.32 -90.19 81.24
C VAL N 350 -14.30 -90.37 80.09
N GLN N 351 -15.59 -90.45 80.42
CA GLN N 351 -16.65 -90.62 79.43
C GLN N 351 -17.68 -89.53 79.60
N ILE N 352 -18.00 -88.83 78.51
CA ILE N 352 -19.00 -87.77 78.52
C ILE N 352 -20.19 -88.26 77.70
N LEU N 353 -21.34 -88.37 78.35
CA LEU N 353 -22.51 -88.92 77.68
C LEU N 353 -23.02 -87.97 76.61
N GLY N 354 -23.43 -88.54 75.48
CA GLY N 354 -23.86 -87.75 74.34
C GLY N 354 -25.31 -87.32 74.43
N VAL N 355 -25.80 -86.77 73.32
CA VAL N 355 -27.16 -86.26 73.28
C VAL N 355 -28.17 -87.39 73.48
N LEU N 356 -27.99 -88.50 72.76
CA LEU N 356 -28.90 -89.62 72.89
C LEU N 356 -28.96 -90.12 74.32
N ASP N 357 -27.90 -89.91 75.09
CA ASP N 357 -27.84 -90.31 76.48
C ASP N 357 -28.29 -89.21 77.43
N GLY N 358 -28.76 -88.08 76.91
CA GLY N 358 -29.28 -87.02 77.74
C GLY N 358 -28.31 -85.91 78.05
N GLY N 359 -27.14 -85.89 77.41
CA GLY N 359 -26.14 -84.88 77.69
C GLY N 359 -26.28 -83.67 76.77
N VAL N 360 -25.37 -82.71 76.97
CA VAL N 360 -25.30 -81.50 76.17
C VAL N 360 -23.92 -81.43 75.55
N THR N 361 -23.87 -81.27 74.22
CA THR N 361 -22.60 -81.20 73.49
C THR N 361 -22.19 -79.74 73.38
N LEU N 362 -21.13 -79.37 74.11
CA LEU N 362 -20.64 -78.01 74.12
C LEU N 362 -19.61 -77.86 73.01
N THR N 363 -20.06 -77.40 71.84
CA THR N 363 -19.21 -77.17 70.68
C THR N 363 -19.50 -75.79 70.11
N GLU N 364 -18.78 -75.45 69.04
CA GLU N 364 -18.96 -74.16 68.40
C GLU N 364 -20.24 -74.07 67.59
N THR N 365 -20.96 -75.18 67.39
CA THR N 365 -22.22 -75.15 66.66
C THR N 365 -23.44 -75.17 67.57
N ALA N 366 -23.32 -75.69 68.79
CA ALA N 366 -24.43 -75.72 69.71
C ALA N 366 -24.73 -74.30 70.23
N THR N 367 -26.01 -74.01 70.41
CA THR N 367 -26.46 -72.71 70.90
C THR N 367 -27.41 -72.92 72.07
N ASN N 368 -27.34 -72.04 73.05
CA ASN N 368 -28.11 -72.15 74.28
C ASN N 368 -28.80 -70.81 74.58
N TYR N 369 -30.09 -70.87 74.87
CA TYR N 369 -30.90 -69.67 75.06
C TYR N 369 -31.36 -69.57 76.50
N LEU N 370 -31.33 -68.36 77.05
CA LEU N 370 -31.84 -68.13 78.39
C LEU N 370 -33.34 -68.36 78.42
N GLN N 371 -33.85 -68.78 79.59
CA GLN N 371 -35.25 -69.14 79.76
C GLN N 371 -35.94 -68.15 80.69
N GLY N 372 -37.10 -67.66 80.26
CA GLY N 372 -37.89 -66.76 81.07
C GLY N 372 -38.02 -65.38 80.48
N GLY N 373 -38.30 -64.39 81.32
CA GLY N 373 -38.38 -63.02 80.86
C GLY N 373 -39.69 -62.70 80.18
N GLY N 374 -39.77 -61.48 79.68
CA GLY N 374 -40.96 -60.98 79.01
C GLY N 374 -41.09 -59.48 79.22
N ASP N 375 -41.95 -58.87 78.40
CA ASP N 375 -42.14 -57.42 78.42
C ASP N 375 -43.29 -56.98 79.30
N GLY N 376 -44.28 -57.83 79.50
CA GLY N 376 -45.51 -57.45 80.17
C GLY N 376 -46.63 -57.18 79.17
N THR N 377 -47.65 -56.49 79.65
CA THR N 377 -48.78 -56.12 78.83
C THR N 377 -48.54 -54.75 78.22
N LEU N 378 -48.45 -54.69 76.90
CA LEU N 378 -48.13 -53.47 76.18
C LEU N 378 -49.36 -52.94 75.46
N GLY N 379 -49.30 -51.68 75.06
CA GLY N 379 -50.38 -51.02 74.37
C GLY N 379 -50.70 -49.69 75.00
N ASN N 380 -51.62 -48.98 74.34
CA ASN N 380 -51.98 -47.63 74.80
C ASN N 380 -52.66 -47.66 76.16
N ASP N 381 -53.46 -48.70 76.43
CA ASP N 381 -54.15 -48.77 77.71
C ASP N 381 -53.17 -48.88 78.86
N SER N 382 -52.26 -49.85 78.79
CA SER N 382 -51.26 -50.00 79.84
C SER N 382 -50.33 -48.80 79.88
N PHE N 383 -50.03 -48.20 78.74
CA PHE N 383 -49.21 -46.99 78.75
C PHE N 383 -49.88 -45.87 79.51
N ASN N 384 -51.18 -45.66 79.27
CA ASN N 384 -51.92 -44.65 80.02
C ASN N 384 -51.92 -44.96 81.51
N ALA N 385 -52.13 -46.22 81.86
CA ALA N 385 -52.13 -46.59 83.27
C ALA N 385 -50.79 -46.26 83.92
N ALA N 386 -49.69 -46.64 83.27
CA ALA N 386 -48.37 -46.39 83.84
C ALA N 386 -48.06 -44.90 83.93
N ALA N 387 -48.40 -44.14 82.89
CA ALA N 387 -48.14 -42.70 82.90
C ALA N 387 -48.94 -42.02 84.00
N TYR N 388 -50.20 -42.44 84.18
CA TYR N 388 -50.99 -41.90 85.29
C TYR N 388 -50.37 -42.26 86.62
N ALA N 389 -49.90 -43.50 86.77
CA ALA N 389 -49.27 -43.89 88.03
C ALA N 389 -48.08 -42.99 88.33
N VAL N 390 -47.26 -42.68 87.34
CA VAL N 390 -46.12 -41.81 87.56
C VAL N 390 -46.55 -40.39 87.89
N LEU N 391 -47.52 -39.85 87.14
CA LEU N 391 -47.83 -38.42 87.26
C LEU N 391 -48.64 -38.10 88.51
N SER N 392 -49.51 -39.01 88.95
CA SER N 392 -50.34 -38.70 90.12
C SER N 392 -49.50 -38.54 91.37
N ASN N 393 -48.48 -39.38 91.54
CA ASN N 393 -47.58 -39.31 92.69
C ASN N 393 -46.33 -38.56 92.27
N LEU N 394 -46.37 -37.24 92.41
CA LEU N 394 -45.21 -36.40 92.15
C LEU N 394 -44.53 -35.94 93.43
N SER N 395 -45.29 -35.75 94.50
CA SER N 395 -44.75 -35.22 95.74
C SER N 395 -44.30 -36.29 96.72
N ASN N 396 -44.55 -37.57 96.44
CA ASN N 396 -44.15 -38.63 97.35
C ASN N 396 -43.64 -39.85 96.60
N ASN N 397 -43.14 -39.67 95.37
CA ASN N 397 -42.57 -40.77 94.62
C ASN N 397 -41.22 -41.17 95.21
N ALA N 398 -41.02 -42.47 95.39
CA ALA N 398 -39.77 -42.99 95.92
C ALA N 398 -38.76 -43.31 94.83
N ALA N 399 -39.13 -43.16 93.55
CA ALA N 399 -38.22 -43.47 92.45
C ALA N 399 -37.43 -42.24 92.01
N PHE N 400 -38.08 -41.08 91.94
CA PHE N 400 -37.40 -39.86 91.54
C PHE N 400 -38.28 -38.66 91.87
N ASN N 401 -37.64 -37.58 92.32
CA ASN N 401 -38.32 -36.35 92.70
C ASN N 401 -38.02 -35.30 91.63
N ILE N 402 -39.05 -34.89 90.89
CA ILE N 402 -38.85 -34.05 89.71
C ILE N 402 -38.94 -32.57 90.02
N THR N 403 -39.01 -32.19 91.28
CA THR N 403 -38.86 -30.79 91.66
C THR N 403 -37.40 -30.39 91.80
N ASN N 404 -36.49 -31.25 91.36
CA ASN N 404 -35.06 -30.99 91.43
C ASN N 404 -34.64 -30.26 90.17
N TYR N 405 -34.49 -28.94 90.26
CA TYR N 405 -34.16 -28.14 89.09
C TYR N 405 -32.82 -28.54 88.50
N ALA N 406 -31.83 -28.80 89.35
CA ALA N 406 -30.48 -29.06 88.85
C ALA N 406 -30.36 -30.42 88.17
N ARG N 407 -31.06 -31.43 88.68
CA ARG N 407 -30.91 -32.79 88.19
C ARG N 407 -31.83 -33.13 87.03
N TYR N 408 -32.95 -32.43 86.88
CA TYR N 408 -33.95 -32.72 85.85
C TYR N 408 -34.21 -31.43 85.08
N PRO N 409 -33.37 -31.12 84.09
CA PRO N 409 -33.48 -29.84 83.38
C PRO N 409 -34.63 -29.73 82.40
N PHE N 410 -35.56 -30.68 82.36
CA PHE N 410 -36.66 -30.56 81.42
C PHE N 410 -37.48 -29.32 81.72
N ASN N 411 -38.06 -28.73 80.68
CA ASN N 411 -38.89 -27.55 80.84
C ASN N 411 -40.18 -27.57 80.03
N ALA N 412 -40.45 -28.62 79.27
CA ALA N 412 -41.65 -28.69 78.44
C ALA N 412 -42.31 -30.05 78.57
N PHE N 413 -43.63 -30.07 78.41
CA PHE N 413 -44.39 -31.31 78.37
C PHE N 413 -45.49 -31.17 77.33
N TRP N 414 -45.52 -32.11 76.37
CA TRP N 414 -46.51 -32.12 75.31
C TRP N 414 -47.47 -33.26 75.55
N ASP N 415 -48.76 -32.99 75.41
CA ASP N 415 -49.78 -34.03 75.52
C ASP N 415 -49.90 -34.75 74.18
N SER N 416 -49.61 -36.03 74.16
CA SER N 416 -49.61 -36.82 72.94
C SER N 416 -50.89 -37.63 72.76
N GLY N 417 -51.88 -37.46 73.63
CA GLY N 417 -53.15 -38.16 73.48
C GLY N 417 -53.55 -38.99 74.67
N PHE N 418 -53.09 -38.63 75.86
CA PHE N 418 -53.48 -39.35 77.06
C PHE N 418 -54.98 -39.23 77.28
N ASP N 419 -55.55 -40.24 77.94
CA ASP N 419 -56.97 -40.22 78.24
C ASP N 419 -57.31 -39.06 79.18
N LEU N 420 -58.57 -38.63 79.13
CA LEU N 420 -58.98 -37.46 79.89
C LEU N 420 -58.68 -37.59 81.36
N LYS N 421 -58.68 -38.81 81.90
CA LYS N 421 -58.37 -38.99 83.32
C LYS N 421 -56.90 -38.70 83.61
N THR N 422 -56.02 -38.93 82.64
CA THR N 422 -54.61 -38.59 82.82
C THR N 422 -54.32 -37.16 82.43
N LYS N 423 -55.12 -36.57 81.53
CA LYS N 423 -54.88 -35.21 81.11
C LYS N 423 -54.89 -34.24 82.28
N GLN N 424 -55.67 -34.53 83.32
CA GLN N 424 -55.89 -33.59 84.40
C GLN N 424 -54.84 -33.68 85.48
N THR N 425 -53.82 -34.51 85.31
CA THR N 425 -52.68 -34.53 86.22
C THR N 425 -51.48 -33.77 85.66
N ILE N 426 -51.57 -33.25 84.44
CA ILE N 426 -50.46 -32.53 83.81
C ILE N 426 -50.40 -31.08 84.28
N PRO N 427 -51.51 -30.36 84.38
CA PRO N 427 -51.42 -28.93 84.70
C PRO N 427 -50.62 -28.61 85.95
N GLN N 428 -50.52 -29.54 86.90
CA GLN N 428 -49.82 -29.23 88.14
C GLN N 428 -48.31 -29.09 87.97
N LEU N 429 -47.77 -29.43 86.80
CA LEU N 429 -46.35 -29.20 86.56
C LEU N 429 -46.02 -27.72 86.63
N ILE N 430 -46.85 -26.89 85.98
CA ILE N 430 -46.66 -25.44 86.05
C ILE N 430 -47.04 -24.86 87.40
N GLY N 431 -47.51 -25.68 88.33
CA GLY N 431 -47.76 -25.22 89.68
C GLY N 431 -46.59 -25.56 90.57
N LEU N 432 -46.02 -26.75 90.37
CA LEU N 432 -44.89 -27.19 91.17
C LEU N 432 -43.56 -26.63 90.68
N ARG N 433 -43.48 -26.12 89.46
CA ARG N 433 -42.23 -25.57 88.94
C ARG N 433 -42.47 -24.27 88.21
N ALA N 434 -41.52 -23.34 88.35
CA ALA N 434 -41.63 -22.01 87.76
C ALA N 434 -40.82 -21.87 86.48
N ASP N 435 -40.35 -22.96 85.90
CA ASP N 435 -39.63 -22.94 84.64
C ASP N 435 -40.16 -24.03 83.72
N THR N 436 -41.47 -24.21 83.69
CA THR N 436 -42.11 -25.31 82.96
C THR N 436 -43.20 -24.76 82.04
N TRP N 437 -43.44 -25.50 80.96
CA TRP N 437 -44.37 -25.09 79.92
C TRP N 437 -45.08 -26.33 79.42
N ILE N 438 -46.38 -26.22 79.14
CA ILE N 438 -47.20 -27.38 78.81
C ILE N 438 -48.06 -27.09 77.58
N ALA N 439 -48.19 -28.10 76.73
CA ALA N 439 -49.14 -28.08 75.62
C ALA N 439 -50.15 -29.20 75.85
N LEU N 440 -51.43 -28.86 75.80
CA LEU N 440 -52.51 -29.81 76.02
C LEU N 440 -53.23 -30.10 74.71
N SER N 441 -53.85 -31.27 74.63
CA SER N 441 -54.63 -31.68 73.48
C SER N 441 -56.01 -32.12 73.93
N THR N 442 -57.04 -31.72 73.19
CA THR N 442 -58.41 -32.09 73.51
C THR N 442 -58.85 -33.39 72.85
N GLN N 443 -57.91 -34.23 72.42
CA GLN N 443 -58.22 -35.46 71.73
C GLN N 443 -57.63 -36.64 72.50
N ASP N 444 -58.44 -37.67 72.72
CA ASP N 444 -57.98 -38.95 73.26
C ASP N 444 -57.81 -39.90 72.08
N ILE N 445 -56.55 -40.27 71.80
CA ILE N 445 -56.26 -41.00 70.57
C ILE N 445 -56.84 -42.40 70.58
N SER N 446 -57.25 -42.91 71.73
CA SER N 446 -57.84 -44.24 71.79
C SER N 446 -59.33 -44.24 71.47
N SER N 447 -59.93 -43.08 71.24
CA SER N 447 -61.35 -42.97 70.98
C SER N 447 -61.58 -42.40 69.58
N ASP N 448 -62.86 -42.24 69.23
CA ASP N 448 -63.22 -41.63 67.95
C ASP N 448 -63.01 -40.13 68.00
N PHE N 449 -62.80 -39.54 66.84
CA PHE N 449 -62.57 -38.10 66.77
C PHE N 449 -63.74 -37.35 67.37
N ASN N 450 -63.46 -36.36 68.19
CA ASN N 450 -64.50 -35.62 68.90
C ASN N 450 -65.26 -34.70 67.95
N SER N 451 -66.51 -34.45 68.28
CA SER N 451 -67.31 -33.49 67.55
C SER N 451 -67.14 -32.10 68.15
N ASN N 452 -67.88 -31.13 67.61
CA ASN N 452 -67.76 -29.76 68.09
C ASN N 452 -68.13 -29.65 69.57
N GLU N 453 -69.23 -30.30 69.97
CA GLU N 453 -69.69 -30.19 71.34
C GLU N 453 -68.73 -30.87 72.32
N GLU N 454 -68.18 -32.02 71.93
CA GLU N 454 -67.21 -32.69 72.80
C GLU N 454 -65.91 -31.91 72.88
N GLU N 455 -65.45 -31.33 71.77
CA GLU N 455 -64.32 -30.41 71.84
C GLU N 455 -64.60 -29.31 72.85
N GLU N 456 -65.79 -28.70 72.78
CA GLU N 456 -66.12 -27.61 73.68
C GLU N 456 -66.10 -28.07 75.13
N SER N 457 -66.70 -29.23 75.41
CA SER N 457 -66.79 -29.71 76.78
C SER N 457 -65.41 -30.01 77.34
N ILE N 458 -64.57 -30.71 76.57
CA ILE N 458 -63.25 -31.05 77.06
C ILE N 458 -62.40 -29.79 77.24
N ALA N 459 -62.55 -28.81 76.33
CA ALA N 459 -61.82 -27.57 76.49
C ALA N 459 -62.22 -26.86 77.78
N LEU N 460 -63.51 -26.81 78.07
CA LEU N 460 -63.96 -26.18 79.30
C LEU N 460 -63.41 -26.91 80.51
N SER N 461 -63.43 -28.23 80.48
CA SER N 461 -62.91 -28.99 81.62
C SER N 461 -61.43 -28.73 81.83
N LEU N 462 -60.64 -28.70 80.76
CA LEU N 462 -59.21 -28.46 80.89
C LEU N 462 -58.93 -27.04 81.37
N MET N 463 -59.67 -26.05 80.87
CA MET N 463 -59.48 -24.69 81.37
C MET N 463 -59.84 -24.60 82.85
N SER N 464 -60.91 -25.28 83.26
CA SER N 464 -61.27 -25.28 84.67
C SER N 464 -60.16 -25.89 85.52
N ARG N 465 -59.56 -26.97 85.04
CA ARG N 465 -58.46 -27.58 85.77
C ARG N 465 -57.26 -26.63 85.84
N VAL N 466 -56.95 -25.98 84.73
CA VAL N 466 -55.79 -25.08 84.69
C VAL N 466 -56.01 -23.87 85.58
N SER N 467 -57.26 -23.47 85.79
CA SER N 467 -57.52 -22.27 86.58
C SER N 467 -57.13 -22.44 88.04
N ALA N 468 -56.83 -23.65 88.48
CA ALA N 468 -56.50 -23.91 89.89
C ALA N 468 -55.03 -23.68 90.21
N PHE N 469 -54.22 -23.26 89.24
CA PHE N 469 -52.79 -23.04 89.44
C PHE N 469 -52.43 -21.65 88.94
N PRO N 470 -52.76 -20.60 89.69
CA PRO N 470 -52.42 -19.25 89.26
C PRO N 470 -50.91 -19.05 89.22
N ASP N 471 -50.49 -18.14 88.33
CA ASP N 471 -49.06 -17.89 88.16
C ASP N 471 -48.44 -17.32 89.43
N SER N 472 -49.10 -16.34 90.03
CA SER N 472 -48.63 -15.70 91.26
C SER N 472 -49.67 -15.96 92.34
N SER N 473 -49.41 -16.94 93.19
CA SER N 473 -50.35 -17.27 94.25
C SER N 473 -50.60 -16.08 95.16
N ASP N 474 -49.61 -15.19 95.30
CA ASP N 474 -49.80 -14.01 96.13
C ASP N 474 -50.82 -13.06 95.53
N PHE N 475 -50.74 -12.82 94.22
CA PHE N 475 -51.59 -11.86 93.53
C PHE N 475 -52.56 -12.49 92.56
N GLY N 476 -52.58 -13.82 92.45
CA GLY N 476 -53.59 -14.48 91.64
C GLY N 476 -53.52 -14.20 90.16
N THR N 477 -52.33 -14.04 89.60
CA THR N 477 -52.21 -13.88 88.15
C THR N 477 -52.56 -15.19 87.48
N PRO N 478 -53.42 -15.20 86.46
CA PRO N 478 -53.74 -16.45 85.78
C PRO N 478 -52.52 -17.06 85.11
N ALA N 479 -52.52 -18.38 85.00
CA ALA N 479 -51.41 -19.07 84.36
C ALA N 479 -51.32 -18.68 82.90
N PHE N 480 -50.10 -18.61 82.38
CA PHE N 480 -49.89 -18.26 80.98
C PHE N 480 -48.80 -19.08 80.30
N ARG N 481 -48.22 -20.08 80.96
CA ARG N 481 -47.15 -20.89 80.37
C ARG N 481 -47.74 -22.18 79.79
N GLY N 482 -48.18 -22.08 78.54
CA GLY N 482 -48.65 -23.25 77.82
C GLY N 482 -49.67 -22.86 76.78
N MET N 483 -50.31 -23.89 76.21
CA MET N 483 -51.41 -23.66 75.28
C MET N 483 -52.24 -24.93 75.16
N ILE N 484 -53.40 -24.80 74.50
CA ILE N 484 -54.29 -25.91 74.21
C ILE N 484 -54.49 -25.97 72.71
N VAL N 485 -54.31 -27.15 72.12
CA VAL N 485 -54.43 -27.35 70.69
C VAL N 485 -55.53 -28.37 70.44
N GLY N 486 -56.45 -28.03 69.52
CA GLY N 486 -57.60 -28.88 69.21
C GLY N 486 -57.51 -29.44 67.80
N GLY N 487 -57.92 -30.69 67.65
CA GLY N 487 -57.95 -31.36 66.37
C GLY N 487 -57.08 -32.60 66.36
N ALA N 488 -57.30 -33.42 65.33
CA ALA N 488 -56.50 -34.63 65.12
C ALA N 488 -56.61 -35.06 63.68
N GLY N 489 -55.65 -35.86 63.25
CA GLY N 489 -55.60 -36.35 61.89
C GLY N 489 -54.85 -37.65 61.83
N TYR N 490 -54.05 -37.81 60.78
CA TYR N 490 -53.29 -39.03 60.55
C TYR N 490 -51.84 -38.70 60.23
N TYR N 491 -50.94 -39.59 60.61
CA TYR N 491 -49.51 -39.38 60.42
C TYR N 491 -49.15 -39.66 58.96
N THR N 492 -48.40 -38.74 58.33
CA THR N 492 -48.08 -38.86 56.91
C THR N 492 -46.75 -39.56 56.66
N GLU N 493 -45.89 -39.68 57.66
CA GLU N 493 -44.56 -40.24 57.46
C GLU N 493 -44.54 -41.76 57.60
N THR N 494 -45.67 -42.43 57.45
CA THR N 494 -45.72 -43.88 57.54
C THR N 494 -46.84 -44.39 56.65
N THR N 495 -46.67 -45.62 56.17
CA THR N 495 -47.68 -46.23 55.32
C THR N 495 -48.90 -46.69 56.12
N ARG N 496 -48.70 -47.09 57.37
CA ARG N 496 -49.81 -47.56 58.20
C ARG N 496 -50.77 -46.41 58.51
N LYS N 497 -51.95 -46.78 58.99
CA LYS N 497 -52.94 -45.81 59.46
C LYS N 497 -52.74 -45.60 60.94
N LEU N 498 -52.33 -44.39 61.32
CA LEU N 498 -51.87 -44.11 62.69
C LEU N 498 -52.34 -42.72 63.09
N PRO N 499 -53.48 -42.60 63.78
CA PRO N 499 -53.98 -41.28 64.13
C PRO N 499 -53.08 -40.56 65.12
N VAL N 500 -52.99 -39.24 64.99
CA VAL N 500 -52.20 -38.40 65.87
C VAL N 500 -52.90 -37.06 66.05
N PRO N 501 -52.65 -36.33 67.13
CA PRO N 501 -53.17 -34.96 67.23
C PRO N 501 -52.21 -33.93 66.67
N LEU N 502 -52.70 -32.70 66.56
CA LEU N 502 -51.91 -31.61 65.98
C LEU N 502 -50.81 -31.11 66.91
N THR N 503 -50.84 -31.52 68.19
CA THR N 503 -49.72 -31.21 69.06
C THR N 503 -48.43 -31.81 68.51
N LEU N 504 -48.51 -32.90 67.75
CA LEU N 504 -47.31 -33.44 67.12
C LEU N 504 -46.73 -32.47 66.12
N ASP N 505 -47.57 -31.84 65.32
CA ASP N 505 -47.10 -30.89 64.32
C ASP N 505 -46.47 -29.67 64.99
N ARG N 506 -47.15 -29.11 65.99
CA ARG N 506 -46.57 -27.97 66.68
C ARG N 506 -45.29 -28.37 67.42
N PHE N 507 -45.22 -29.62 67.87
CA PHE N 507 -44.03 -30.13 68.53
C PHE N 507 -42.85 -30.15 67.58
N ARG N 508 -43.07 -30.60 66.35
CA ARG N 508 -42.00 -30.57 65.35
C ARG N 508 -41.58 -29.14 65.06
N ALA N 509 -42.55 -28.23 64.94
CA ALA N 509 -42.22 -26.83 64.71
C ALA N 509 -41.29 -26.30 65.79
N TYR N 510 -41.66 -26.52 67.06
CA TYR N 510 -40.84 -26.01 68.16
C TYR N 510 -39.50 -26.72 68.22
N CYS N 511 -39.45 -28.00 67.90
CA CYS N 511 -38.18 -28.72 67.89
C CYS N 511 -37.21 -28.09 66.90
N ARG N 512 -37.71 -27.74 65.71
CA ARG N 512 -36.84 -27.12 64.71
C ARG N 512 -36.48 -25.69 65.07
N TYR N 513 -37.40 -24.96 65.70
CA TYR N 513 -37.17 -23.55 65.99
C TYR N 513 -36.23 -23.34 67.17
N ALA N 514 -36.56 -23.91 68.33
CA ALA N 514 -35.82 -23.66 69.56
C ALA N 514 -35.04 -24.89 70.02
N GLY N 515 -34.53 -25.68 69.08
CA GLY N 515 -33.83 -26.90 69.43
C GLY N 515 -32.34 -26.83 69.21
N ALA N 516 -31.86 -25.73 68.64
CA ALA N 516 -30.43 -25.57 68.40
C ALA N 516 -29.67 -25.67 69.71
N SER N 517 -28.60 -26.46 69.71
CA SER N 517 -27.90 -26.77 70.95
C SER N 517 -27.20 -25.56 71.55
N ASP N 518 -27.06 -24.47 70.81
CA ASP N 518 -26.36 -23.29 71.30
C ASP N 518 -27.26 -22.30 72.01
N GLY N 519 -28.54 -22.63 72.20
CA GLY N 519 -29.42 -21.76 72.95
C GLY N 519 -29.71 -20.44 72.29
N VAL N 520 -29.97 -20.43 70.99
CA VAL N 520 -30.40 -19.24 70.26
C VAL N 520 -31.49 -19.66 69.28
N LEU N 521 -32.54 -18.86 69.17
CA LEU N 521 -33.62 -19.19 68.26
C LEU N 521 -33.18 -18.96 66.83
N LYS N 522 -33.49 -19.93 65.96
CA LYS N 522 -33.10 -19.85 64.55
C LYS N 522 -34.09 -18.98 63.78
N PRO N 523 -33.66 -17.87 63.18
CA PRO N 523 -34.62 -17.05 62.43
C PRO N 523 -35.25 -17.75 61.25
N GLU N 524 -34.61 -18.78 60.70
CA GLU N 524 -35.11 -19.43 59.50
C GLU N 524 -36.25 -20.38 59.76
N TYR N 525 -36.64 -20.59 61.03
CA TYR N 525 -37.70 -21.51 61.37
C TYR N 525 -38.76 -20.86 62.25
N ALA N 526 -38.95 -19.54 62.16
CA ALA N 526 -39.93 -18.87 62.98
C ALA N 526 -41.29 -19.55 62.83
N VAL N 527 -41.90 -19.91 63.95
CA VAL N 527 -43.09 -20.75 63.94
C VAL N 527 -44.33 -20.04 63.42
N ASP N 528 -44.26 -18.73 63.19
CA ASP N 528 -45.41 -18.00 62.69
C ASP N 528 -45.07 -17.22 61.43
N GLU N 529 -44.15 -17.73 60.62
CA GLU N 529 -43.73 -17.08 59.40
C GLU N 529 -43.37 -18.12 58.36
N GLY N 530 -43.43 -17.73 57.09
CA GLY N 530 -42.98 -18.60 56.03
C GLY N 530 -43.82 -19.85 55.94
N ASP N 531 -43.17 -20.99 55.76
CA ASP N 531 -43.85 -22.26 55.58
C ASP N 531 -44.01 -23.02 56.89
N ALA N 532 -43.53 -22.45 58.00
CA ALA N 532 -43.66 -23.09 59.30
C ALA N 532 -44.99 -22.84 59.96
N ARG N 533 -45.87 -22.06 59.34
CA ARG N 533 -47.20 -21.81 59.87
C ARG N 533 -48.26 -22.71 59.26
N LYS N 534 -47.87 -23.71 58.49
CA LYS N 534 -48.78 -24.68 57.90
C LYS N 534 -48.58 -26.05 58.52
N VAL N 535 -49.59 -26.90 58.37
CA VAL N 535 -49.48 -28.27 58.86
C VAL N 535 -48.66 -29.09 57.88
N GLN N 536 -47.79 -29.94 58.40
CA GLN N 536 -46.84 -30.67 57.58
C GLN N 536 -46.83 -32.18 57.80
N VAL N 537 -47.13 -32.67 58.99
CA VAL N 537 -47.06 -34.09 59.28
C VAL N 537 -48.40 -34.65 59.74
N VAL N 538 -49.51 -34.02 59.35
CA VAL N 538 -50.84 -34.52 59.66
C VAL N 538 -51.74 -34.30 58.45
N LYS N 539 -52.61 -35.25 58.18
CA LYS N 539 -53.50 -35.19 57.03
C LYS N 539 -54.88 -35.68 57.42
N SER N 540 -55.88 -35.28 56.63
CA SER N 540 -57.27 -35.68 56.84
C SER N 540 -57.79 -35.19 58.19
N ILE N 541 -57.43 -33.96 58.56
CA ILE N 541 -57.91 -33.40 59.81
C ILE N 541 -59.44 -33.32 59.76
N ASN N 542 -60.05 -33.26 60.94
CA ASN N 542 -61.50 -33.35 61.08
C ASN N 542 -62.10 -32.00 61.44
N ASN N 543 -63.43 -31.93 61.33
CA ASN N 543 -64.21 -30.75 61.71
C ASN N 543 -63.67 -29.50 61.04
N LEU N 544 -63.27 -29.61 59.78
CA LEU N 544 -62.76 -28.45 59.07
C LEU N 544 -63.86 -27.54 58.57
N ASP N 545 -65.11 -28.00 58.59
CA ASP N 545 -66.25 -27.14 58.26
C ASP N 545 -66.91 -26.55 59.51
N LYS N 546 -66.13 -25.91 60.36
CA LYS N 546 -66.73 -25.24 61.51
C LYS N 546 -67.55 -24.05 61.04
N SER N 547 -68.66 -23.80 61.71
CA SER N 547 -69.41 -22.59 61.45
C SER N 547 -68.73 -21.40 62.13
N TRP N 548 -69.11 -20.21 61.69
CA TRP N 548 -68.48 -19.00 62.21
C TRP N 548 -68.69 -18.87 63.71
N ARG N 549 -69.88 -19.24 64.19
CA ARG N 549 -70.16 -19.14 65.61
C ARG N 549 -69.26 -20.09 66.41
N VAL N 550 -69.06 -21.31 65.90
CA VAL N 550 -68.19 -22.27 66.58
C VAL N 550 -66.76 -21.74 66.61
N ARG N 551 -66.29 -21.20 65.49
CA ARG N 551 -64.93 -20.66 65.46
C ARG N 551 -64.78 -19.51 66.44
N ARG N 552 -65.78 -18.62 66.49
CA ARG N 552 -65.70 -17.49 67.42
C ARG N 552 -65.70 -17.96 68.86
N ALA N 553 -66.52 -18.96 69.18
CA ALA N 553 -66.55 -19.49 70.53
C ALA N 553 -65.19 -20.09 70.91
N GLN N 554 -64.59 -20.87 70.00
CA GLN N 554 -63.28 -21.43 70.29
C GLN N 554 -62.24 -20.34 70.51
N TRP N 555 -62.24 -19.33 69.65
CA TRP N 555 -61.29 -18.23 69.83
C TRP N 555 -61.45 -17.60 71.19
N ASN N 556 -62.69 -17.25 71.55
CA ASN N 556 -62.91 -16.62 72.84
C ASN N 556 -62.60 -17.54 74.00
N ASN N 557 -62.62 -18.85 73.81
CA ASN N 557 -62.21 -19.80 74.83
C ASN N 557 -60.72 -20.12 74.77
N ASN N 558 -59.98 -19.49 73.86
CA ASN N 558 -58.51 -19.53 73.88
C ASN N 558 -57.95 -20.88 73.43
N LEU N 559 -58.48 -21.44 72.35
CA LEU N 559 -57.88 -22.63 71.76
C LEU N 559 -57.01 -22.25 70.57
N VAL N 560 -56.17 -23.19 70.16
CA VAL N 560 -55.36 -23.08 68.95
C VAL N 560 -55.89 -24.08 67.95
N TYR N 561 -56.38 -23.59 66.81
CA TYR N 561 -57.01 -24.42 65.81
C TYR N 561 -56.48 -24.04 64.44
N VAL N 562 -56.77 -24.87 63.45
CA VAL N 562 -56.28 -24.70 62.10
C VAL N 562 -57.44 -24.41 61.16
N GLU N 563 -57.10 -23.84 60.00
CA GLU N 563 -58.07 -23.56 58.94
C GLU N 563 -57.51 -24.08 57.64
N ASP N 564 -58.32 -24.02 56.59
CA ASP N 564 -57.86 -24.41 55.26
C ASP N 564 -57.08 -23.29 54.60
N TYR N 565 -55.86 -23.61 54.16
CA TYR N 565 -55.06 -22.65 53.40
C TYR N 565 -55.50 -22.65 51.95
N ASP N 566 -55.58 -23.82 51.35
CA ASP N 566 -56.11 -24.01 50.01
C ASP N 566 -56.73 -25.40 49.96
N THR N 567 -56.96 -25.90 48.75
CA THR N 567 -57.59 -27.21 48.61
C THR N 567 -56.72 -28.34 49.16
N ASN N 568 -55.45 -28.07 49.44
CA ASN N 568 -54.50 -29.12 49.83
C ASN N 568 -54.03 -29.03 51.28
N SER N 569 -54.03 -27.84 51.88
CA SER N 569 -53.25 -27.63 53.09
C SER N 569 -54.04 -26.77 54.08
N GLN N 570 -53.53 -26.74 55.31
CA GLN N 570 -54.12 -26.00 56.42
C GLN N 570 -53.05 -25.12 57.05
N PHE N 571 -53.48 -24.16 57.87
CA PHE N 571 -52.55 -23.28 58.55
C PHE N 571 -53.14 -22.81 59.87
N TYR N 572 -52.38 -21.96 60.57
CA TYR N 572 -52.77 -21.44 61.88
C TYR N 572 -53.02 -19.95 61.78
N PRO N 573 -54.28 -19.47 61.85
CA PRO N 573 -54.50 -18.02 61.85
C PRO N 573 -53.82 -17.29 62.99
N GLY N 574 -53.63 -17.93 64.14
CA GLY N 574 -52.96 -17.31 65.26
C GLY N 574 -52.73 -18.29 66.39
N GLN N 575 -51.52 -18.32 66.92
CA GLN N 575 -51.14 -19.28 67.95
C GLN N 575 -51.02 -18.58 69.30
N GLN N 576 -52.11 -18.64 70.06
CA GLN N 576 -52.18 -17.94 71.33
C GLN N 576 -52.14 -18.91 72.49
N SER N 577 -51.64 -18.42 73.63
CA SER N 577 -51.61 -19.19 74.86
C SER N 577 -52.97 -19.17 75.53
N PHE N 578 -53.11 -19.94 76.60
CA PHE N 578 -54.35 -19.95 77.37
C PHE N 578 -54.36 -18.91 78.49
N TYR N 579 -53.64 -17.81 78.35
CA TYR N 579 -53.82 -16.69 79.26
C TYR N 579 -55.23 -16.15 79.10
N SER N 580 -55.91 -15.92 80.22
CA SER N 580 -57.35 -15.63 80.19
C SER N 580 -57.69 -14.15 80.32
N GLU N 581 -56.71 -13.27 80.47
CA GLU N 581 -57.03 -11.87 80.68
C GLU N 581 -56.85 -11.07 79.39
N GLN N 582 -57.03 -9.75 79.50
CA GLN N 582 -57.02 -8.87 78.33
C GLN N 582 -55.65 -8.34 77.97
N GLY N 583 -54.62 -8.60 78.77
CA GLY N 583 -53.29 -8.12 78.44
C GLY N 583 -52.80 -8.59 77.09
N SER N 584 -52.17 -7.70 76.35
CA SER N 584 -51.58 -8.04 75.06
C SER N 584 -50.14 -8.53 75.16
N VAL N 585 -49.51 -8.41 76.32
CA VAL N 585 -48.13 -8.88 76.47
C VAL N 585 -48.07 -10.39 76.41
N LEU N 586 -49.02 -11.06 77.08
CA LEU N 586 -48.96 -12.50 77.32
C LEU N 586 -49.85 -13.29 76.37
N LYS N 587 -49.95 -12.90 75.10
CA LYS N 587 -50.82 -13.63 74.18
C LYS N 587 -50.09 -14.72 73.42
N ALA N 588 -49.01 -14.38 72.71
CA ALA N 588 -48.29 -15.37 71.93
C ALA N 588 -47.76 -16.46 72.84
N ALA N 589 -47.88 -17.71 72.41
CA ALA N 589 -47.51 -18.83 73.26
C ALA N 589 -46.00 -18.99 73.37
N ILE N 590 -45.24 -18.41 72.45
CA ILE N 590 -43.79 -18.49 72.49
C ILE N 590 -43.23 -17.67 73.66
N VAL N 591 -43.89 -16.58 74.02
CA VAL N 591 -43.41 -15.74 75.11
C VAL N 591 -43.41 -16.53 76.41
N GLY N 592 -44.31 -17.51 76.54
CA GLY N 592 -44.29 -18.34 77.73
C GLY N 592 -42.99 -19.13 77.87
N LEU N 593 -42.53 -19.74 76.78
CA LEU N 593 -41.27 -20.45 76.81
C LEU N 593 -40.10 -19.50 77.08
N CYS N 594 -40.17 -18.30 76.50
CA CYS N 594 -39.15 -17.30 76.79
C CYS N 594 -39.09 -17.00 78.29
N VAL N 595 -40.25 -16.82 78.92
CA VAL N 595 -40.28 -16.49 80.34
C VAL N 595 -39.78 -17.66 81.18
N ALA N 596 -40.11 -18.89 80.76
CA ALA N 596 -39.58 -20.06 81.45
C ALA N 596 -38.06 -20.04 81.46
N ASN N 597 -37.46 -19.70 80.31
CA ASN N 597 -36.00 -19.64 80.24
C ASN N 597 -35.43 -18.54 81.13
N LEU N 598 -36.12 -17.41 81.20
CA LEU N 598 -35.67 -16.37 82.12
C LEU N 598 -35.65 -16.88 83.57
N ASN N 599 -36.72 -17.57 83.95
CA ASN N 599 -36.76 -18.14 85.29
C ASN N 599 -35.60 -19.10 85.52
N ARG N 600 -35.24 -19.88 84.50
CA ARG N 600 -34.09 -20.78 84.63
C ARG N 600 -32.80 -20.00 84.88
N PHE N 601 -32.60 -18.91 84.13
CA PHE N 601 -31.37 -18.14 84.29
C PHE N 601 -31.24 -17.60 85.72
N ALA N 602 -32.37 -17.23 86.32
CA ALA N 602 -32.32 -16.79 87.73
C ALA N 602 -31.78 -17.89 88.64
N PHE N 603 -32.25 -19.12 88.47
CA PHE N 603 -31.76 -20.23 89.28
C PHE N 603 -30.28 -20.40 89.09
N GLU N 604 -29.81 -20.25 87.85
CA GLU N 604 -28.38 -20.37 87.60
C GLU N 604 -27.57 -19.33 88.37
N ALA N 605 -28.06 -18.08 88.38
CA ALA N 605 -27.37 -17.05 89.14
C ALA N 605 -27.28 -17.42 90.62
N TRP N 606 -28.40 -17.88 91.19
CA TRP N 606 -28.37 -18.30 92.59
C TRP N 606 -27.34 -19.41 92.81
N ARG N 607 -27.41 -20.46 91.99
CA ARG N 607 -26.52 -21.59 92.15
C ARG N 607 -25.07 -21.14 92.13
N ASP N 608 -24.76 -20.13 91.32
CA ASP N 608 -23.36 -19.71 91.20
C ASP N 608 -22.94 -18.77 92.33
N LEU N 609 -23.88 -18.10 92.99
CA LEU N 609 -23.51 -17.14 94.02
C LEU N 609 -23.72 -17.61 95.46
N THR N 610 -24.43 -18.70 95.70
CA THR N 610 -24.81 -19.05 97.06
C THR N 610 -23.62 -19.45 97.93
N GLY N 611 -23.64 -18.99 99.17
CA GLY N 611 -22.78 -19.52 100.22
C GLY N 611 -21.30 -19.21 100.12
N THR N 612 -20.93 -17.97 99.84
CA THR N 612 -19.53 -17.57 99.77
C THR N 612 -19.19 -16.67 100.95
N GLN N 613 -18.03 -16.91 101.55
CA GLN N 613 -17.66 -16.25 102.80
C GLN N 613 -17.25 -14.79 102.57
N LYS N 614 -16.45 -14.54 101.53
CA LYS N 614 -15.75 -13.26 101.38
C LYS N 614 -16.43 -12.30 100.41
N LEU N 615 -17.65 -12.59 99.96
CA LEU N 615 -18.37 -11.64 99.13
C LEU N 615 -18.80 -10.44 99.96
N THR N 616 -19.16 -9.36 99.28
CA THR N 616 -19.84 -8.24 99.89
C THR N 616 -21.22 -8.06 99.27
N ASP N 617 -22.03 -7.23 99.89
CA ASP N 617 -23.38 -7.00 99.40
C ASP N 617 -23.36 -6.41 97.99
N ASP N 618 -22.51 -5.42 97.77
CA ASP N 618 -22.44 -4.79 96.46
C ASP N 618 -22.00 -5.77 95.38
N GLN N 619 -20.98 -6.57 95.67
CA GLN N 619 -20.51 -7.54 94.70
C GLN N 619 -21.57 -8.60 94.43
N LEU N 620 -22.28 -9.05 95.45
CA LEU N 620 -23.37 -10.01 95.24
C LEU N 620 -24.43 -9.43 94.32
N ILE N 621 -24.90 -8.22 94.64
CA ILE N 621 -25.93 -7.57 93.84
C ILE N 621 -25.48 -7.41 92.40
N GLU N 622 -24.23 -7.01 92.20
CA GLU N 622 -23.73 -6.77 90.85
C GLU N 622 -23.59 -8.06 90.07
N ARG N 623 -22.98 -9.08 90.68
CA ARG N 623 -22.73 -10.33 89.99
C ARG N 623 -24.02 -11.04 89.61
N SER N 624 -25.08 -10.91 90.40
CA SER N 624 -26.35 -11.53 90.02
C SER N 624 -26.85 -10.97 88.69
N ASP N 625 -26.93 -9.65 88.58
CA ASP N 625 -27.38 -9.03 87.35
C ASP N 625 -26.47 -9.40 86.20
N ASP N 626 -25.15 -9.38 86.42
CA ASP N 626 -24.23 -9.73 85.35
C ASP N 626 -24.52 -11.12 84.83
N ALA N 627 -24.69 -12.09 85.73
CA ALA N 627 -24.94 -13.45 85.29
C ALA N 627 -26.21 -13.54 84.46
N VAL N 628 -27.29 -12.94 84.96
CA VAL N 628 -28.56 -13.07 84.24
C VAL N 628 -28.47 -12.42 82.85
N SER N 629 -27.93 -11.21 82.79
CA SER N 629 -27.87 -10.49 81.51
C SER N 629 -26.96 -11.20 80.52
N THR N 630 -25.80 -11.65 81.00
CA THR N 630 -24.88 -12.35 80.10
C THR N 630 -25.51 -13.61 79.56
N ARG N 631 -26.21 -14.38 80.41
CA ARG N 631 -26.78 -15.64 79.95
C ARG N 631 -27.98 -15.42 79.05
N GLY N 632 -28.68 -14.30 79.21
CA GLY N 632 -29.90 -14.09 78.46
C GLY N 632 -29.77 -13.33 77.17
N THR N 633 -29.02 -12.23 77.17
CA THR N 633 -29.01 -11.32 76.03
C THR N 633 -28.55 -12.04 74.77
N GLY N 634 -29.28 -11.83 73.67
CA GLY N 634 -28.93 -12.38 72.38
C GLY N 634 -29.52 -13.73 72.06
N ALA N 635 -30.49 -14.21 72.85
CA ALA N 635 -31.04 -15.55 72.68
C ALA N 635 -32.44 -15.57 72.12
N PHE N 636 -33.27 -14.58 72.46
CA PHE N 636 -34.70 -14.66 72.22
C PHE N 636 -35.11 -14.06 70.89
N ASP N 637 -34.16 -13.74 70.02
CA ASP N 637 -34.47 -13.39 68.63
C ASP N 637 -35.48 -12.25 68.55
N ASP N 638 -35.36 -11.28 69.44
CA ASP N 638 -36.15 -10.06 69.40
C ASP N 638 -37.62 -10.28 69.75
N ARG N 639 -37.94 -11.34 70.50
CA ARG N 639 -39.32 -11.55 70.93
C ARG N 639 -39.62 -10.82 72.23
N LEU N 640 -38.60 -10.61 73.06
CA LEU N 640 -38.73 -9.98 74.38
C LEU N 640 -37.74 -8.84 74.49
N ILE N 641 -37.97 -7.95 75.45
CA ILE N 641 -36.92 -7.09 75.99
C ILE N 641 -37.03 -7.11 77.50
N PHE N 642 -35.93 -7.45 78.18
CA PHE N 642 -35.94 -7.70 79.61
C PHE N 642 -34.80 -6.95 80.28
N THR N 643 -34.91 -6.83 81.60
CA THR N 643 -33.94 -6.10 82.43
C THR N 643 -33.95 -6.63 83.86
N PRO N 644 -32.82 -7.11 84.38
CA PRO N 644 -32.78 -7.57 85.78
C PRO N 644 -32.34 -6.50 86.76
N HIS N 645 -32.78 -6.61 88.01
CA HIS N 645 -32.37 -5.68 89.07
C HIS N 645 -32.25 -6.49 90.35
N SER N 646 -31.06 -6.50 90.93
CA SER N 646 -30.83 -7.12 92.22
C SER N 646 -30.68 -6.05 93.30
N GLU N 647 -31.01 -6.42 94.53
CA GLU N 647 -30.84 -5.48 95.64
C GLU N 647 -31.02 -6.22 96.96
N ILE N 648 -30.97 -5.45 98.05
CA ILE N 648 -31.09 -5.95 99.42
C ILE N 648 -32.06 -5.03 100.13
N THR N 649 -33.29 -5.49 100.31
CA THR N 649 -34.38 -4.64 100.77
C THR N 649 -34.42 -4.58 102.29
N GLN N 650 -35.49 -4.00 102.84
CA GLN N 650 -35.62 -3.94 104.29
C GLN N 650 -35.78 -5.33 104.90
N ALA N 651 -36.56 -6.19 104.27
CA ALA N 651 -36.69 -7.55 104.78
C ALA N 651 -35.34 -8.27 104.74
N ASP N 652 -34.56 -8.05 103.69
CA ASP N 652 -33.24 -8.64 103.60
C ASP N 652 -32.30 -8.11 104.68
N LYS N 653 -32.35 -6.81 104.96
CA LYS N 653 -31.57 -6.27 106.06
C LYS N 653 -31.97 -6.91 107.38
N GLU N 654 -33.28 -7.05 107.61
CA GLU N 654 -33.74 -7.69 108.83
C GLU N 654 -33.18 -9.10 108.94
N ARG N 655 -33.31 -9.89 107.89
CA ARG N 655 -32.91 -11.30 107.95
C ARG N 655 -31.40 -11.44 108.05
N GLY N 656 -30.67 -10.96 107.05
CA GLY N 656 -29.23 -11.02 107.05
C GLY N 656 -28.62 -12.17 106.28
N TYR N 657 -29.43 -12.94 105.54
CA TYR N 657 -28.90 -14.05 104.74
C TYR N 657 -29.55 -14.13 103.37
N SER N 658 -30.14 -13.05 102.87
CA SER N 658 -30.91 -13.11 101.64
C SER N 658 -30.68 -11.86 100.80
N TRP N 659 -30.96 -12.00 99.51
CA TRP N 659 -30.96 -10.87 98.58
C TRP N 659 -32.04 -11.13 97.54
N SER N 660 -32.52 -10.06 96.90
CA SER N 660 -33.69 -10.13 96.03
C SER N 660 -33.35 -9.76 94.61
N MET N 661 -34.05 -10.39 93.66
CA MET N 661 -33.94 -10.08 92.24
C MET N 661 -35.32 -9.85 91.66
N ARG N 662 -35.38 -9.03 90.61
CA ARG N 662 -36.63 -8.73 89.94
C ARG N 662 -36.34 -8.43 88.48
N ILE N 663 -37.03 -9.12 87.58
CA ILE N 663 -36.80 -9.01 86.13
C ILE N 663 -38.03 -8.38 85.50
N ASP N 664 -37.83 -7.31 84.74
CA ASP N 664 -38.89 -6.60 84.06
C ASP N 664 -38.79 -6.88 82.57
N PHE N 665 -39.89 -7.33 81.96
CA PHE N 665 -39.86 -7.71 80.56
C PHE N 665 -41.08 -7.18 79.82
N GLY N 666 -40.93 -7.06 78.51
CA GLY N 666 -41.99 -6.52 77.68
C GLY N 666 -41.97 -7.15 76.29
N ALA N 667 -43.16 -7.26 75.69
CA ALA N 667 -43.35 -7.96 74.42
C ALA N 667 -44.58 -7.41 73.73
N ASN N 668 -44.88 -7.97 72.55
CA ASN N 668 -45.93 -7.49 71.64
C ASN N 668 -46.95 -8.59 71.36
N ALA N 669 -47.87 -8.29 70.44
CA ALA N 669 -48.86 -9.24 69.95
C ALA N 669 -49.04 -9.07 68.44
N PHE N 670 -50.12 -9.61 67.86
CA PHE N 670 -50.32 -9.63 66.43
C PHE N 670 -51.72 -9.19 66.05
N ARG N 671 -51.88 -8.78 64.79
CA ARG N 671 -53.16 -8.38 64.23
C ARG N 671 -53.78 -9.53 63.43
N THR N 672 -55.11 -9.61 63.44
CA THR N 672 -55.80 -10.77 62.89
C THR N 672 -56.98 -10.47 61.99
N VAL N 673 -57.53 -9.26 61.99
CA VAL N 673 -58.76 -8.96 61.26
C VAL N 673 -58.44 -8.00 60.12
N MET N 674 -59.28 -7.99 59.10
CA MET N 674 -59.11 -7.12 57.94
C MET N 674 -60.45 -6.71 57.37
N ASP N 675 -60.54 -5.47 56.93
CA ASP N 675 -61.68 -4.94 56.19
C ASP N 675 -61.32 -4.79 54.73
N MET N 676 -62.32 -4.90 53.87
CA MET N 676 -62.11 -4.63 52.46
C MET N 676 -63.34 -3.93 51.91
N SER N 677 -63.10 -3.03 50.97
CA SER N 677 -64.17 -2.27 50.33
C SER N 677 -63.73 -1.95 48.91
N SER N 678 -64.61 -1.26 48.19
CA SER N 678 -64.32 -0.92 46.80
C SER N 678 -65.16 0.26 46.37
N VAL N 679 -64.70 0.96 45.35
CA VAL N 679 -65.47 2.00 44.70
C VAL N 679 -65.26 1.87 43.19
N ALA N 680 -66.21 2.37 42.42
CA ALA N 680 -66.17 2.28 40.97
C ALA N 680 -66.03 3.67 40.38
N TYR N 681 -65.11 3.81 39.43
CA TYR N 681 -64.85 5.06 38.75
C TYR N 681 -64.90 4.85 37.25
N THR N 682 -65.20 5.92 36.53
CA THR N 682 -65.02 5.87 35.09
C THR N 682 -63.53 5.80 34.77
N ARG N 683 -63.22 5.28 33.58
CA ARG N 683 -61.83 5.06 33.22
C ARG N 683 -61.05 6.36 33.20
N GLU N 684 -61.64 7.43 32.67
CA GLU N 684 -60.93 8.69 32.55
C GLU N 684 -60.66 9.31 33.92
N GLU N 685 -61.68 9.39 34.77
CA GLU N 685 -61.53 10.00 36.08
C GLU N 685 -60.77 9.11 37.05
N LEU N 686 -60.51 7.86 36.69
CA LEU N 686 -59.60 7.03 37.46
C LEU N 686 -58.16 7.12 36.97
N ALA N 687 -57.96 7.26 35.66
CA ALA N 687 -56.61 7.37 35.13
C ALA N 687 -56.01 8.74 35.34
N ASN N 688 -56.82 9.80 35.27
CA ASN N 688 -56.30 11.16 35.46
C ASN N 688 -57.39 12.01 36.10
N GLY N 689 -57.10 12.56 37.26
CA GLY N 689 -58.07 13.37 37.99
C GLY N 689 -58.80 12.58 39.05
N MET O 1 71.35 -50.05 22.59
CA MET O 1 70.82 -51.35 23.09
C MET O 1 71.55 -51.80 24.34
N SER O 2 72.88 -51.89 24.23
CA SER O 2 73.69 -52.50 25.29
C SER O 2 74.18 -51.51 26.33
N GLU O 3 74.69 -50.36 25.91
CA GLU O 3 75.41 -49.47 26.81
C GLU O 3 74.47 -48.88 27.86
N GLN O 4 75.04 -48.63 29.04
CA GLN O 4 74.31 -48.11 30.18
C GLN O 4 74.72 -46.67 30.41
N ILE O 5 74.04 -46.01 31.36
CA ILE O 5 74.29 -44.60 31.63
C ILE O 5 75.50 -44.47 32.54
N THR O 6 76.68 -44.31 31.94
CA THR O 6 77.89 -44.17 32.73
C THR O 6 78.03 -42.77 33.32
N GLY O 7 77.65 -41.75 32.56
CA GLY O 7 77.90 -40.39 32.99
C GLY O 7 77.02 -39.40 32.26
N SER O 8 77.57 -38.22 32.02
CA SER O 8 76.79 -37.10 31.53
C SER O 8 76.97 -36.82 30.05
N THR O 9 77.69 -37.66 29.32
CA THR O 9 77.94 -37.39 27.91
C THR O 9 76.62 -37.28 27.16
N PRO O 10 76.40 -36.24 26.36
CA PRO O 10 75.15 -36.12 25.60
C PRO O 10 74.85 -37.37 24.79
N ARG O 11 73.65 -37.93 24.98
CA ARG O 11 73.34 -39.23 24.42
C ARG O 11 71.88 -39.53 24.73
N ILE O 12 71.23 -40.26 23.83
CA ILE O 12 69.90 -40.80 24.05
C ILE O 12 70.01 -42.32 24.09
N TYR O 13 69.62 -42.92 25.21
CA TYR O 13 69.70 -44.35 25.38
C TYR O 13 68.35 -44.96 25.08
N TYR O 14 68.35 -46.09 24.36
CA TYR O 14 67.13 -46.75 23.93
C TYR O 14 66.95 -48.02 24.75
N ARG O 15 65.98 -48.03 25.62
CA ARG O 15 65.46 -49.26 26.20
C ARG O 15 64.39 -49.80 25.28
N GLY O 16 64.51 -51.08 24.92
CA GLY O 16 63.63 -51.64 23.91
C GLY O 16 62.17 -51.58 24.28
N THR O 17 61.32 -52.18 23.45
CA THR O 17 59.91 -52.29 23.77
C THR O 17 59.70 -53.38 24.83
N LYS O 18 58.60 -53.26 25.55
CA LYS O 18 58.34 -54.15 26.67
C LYS O 18 56.84 -54.34 26.79
N ASP O 19 56.43 -55.37 27.53
CA ASP O 19 55.02 -55.57 27.86
C ASP O 19 54.73 -55.01 29.24
N SER O 20 53.49 -54.57 29.43
CA SER O 20 53.13 -53.86 30.65
C SER O 20 53.49 -54.66 31.89
N SER O 21 53.86 -53.95 32.95
CA SER O 21 54.26 -54.56 34.21
C SER O 21 53.28 -54.18 35.31
N VAL O 22 53.10 -55.08 36.28
CA VAL O 22 52.24 -54.78 37.41
C VAL O 22 52.81 -53.63 38.21
N THR O 23 51.96 -52.67 38.54
CA THR O 23 52.35 -51.47 39.27
C THR O 23 51.89 -51.59 40.71
N ARG O 24 52.83 -51.50 41.65
CA ARG O 24 52.47 -51.60 43.06
C ARG O 24 51.66 -50.38 43.48
N SER O 25 50.54 -50.62 44.16
CA SER O 25 49.59 -49.57 44.49
C SER O 25 49.94 -48.94 45.84
N THR O 26 49.93 -47.62 45.88
CA THR O 26 50.15 -46.90 47.12
C THR O 26 48.89 -46.94 47.99
N GLY O 27 49.09 -46.84 49.30
CA GLY O 27 48.00 -46.88 50.25
C GLY O 27 47.78 -45.52 50.89
N SER O 28 46.75 -45.47 51.74
CA SER O 28 46.35 -44.24 52.41
C SER O 28 46.40 -44.43 53.92
N THR O 29 46.49 -43.31 54.62
CA THR O 29 46.54 -43.34 56.08
C THR O 29 45.31 -44.04 56.63
N THR O 30 45.51 -44.88 57.63
CA THR O 30 44.44 -45.71 58.17
C THR O 30 43.56 -44.91 59.13
N THR O 31 42.36 -45.41 59.36
CA THR O 31 41.36 -44.75 60.17
C THR O 31 40.53 -45.83 60.86
N LEU O 32 39.66 -45.41 61.78
CA LEU O 32 38.77 -46.34 62.47
C LEU O 32 37.34 -46.16 61.99
N PRO O 33 36.79 -47.08 61.20
CA PRO O 33 35.35 -47.05 60.91
C PRO O 33 34.56 -47.67 62.06
N LEU O 34 33.24 -47.69 61.87
CA LEU O 34 32.37 -48.30 62.86
C LEU O 34 32.36 -49.82 62.77
N HIS O 35 32.79 -50.39 61.65
CA HIS O 35 32.82 -51.83 61.45
C HIS O 35 34.26 -52.23 61.19
N ARG O 36 34.85 -52.96 62.13
CA ARG O 36 36.27 -53.30 62.11
C ARG O 36 36.43 -54.79 62.35
N PRO O 37 36.32 -55.60 61.32
CA PRO O 37 36.38 -57.05 61.51
C PRO O 37 37.79 -57.61 61.58
N LEU O 38 37.90 -58.77 62.22
CA LEU O 38 39.11 -59.57 62.28
C LEU O 38 38.93 -60.79 61.40
N ILE O 39 39.90 -61.05 60.53
CA ILE O 39 39.82 -62.16 59.58
C ILE O 39 41.12 -62.95 59.63
N MET O 40 41.00 -64.27 59.83
CA MET O 40 42.13 -65.18 59.86
C MET O 40 42.16 -66.01 58.59
N PHE O 41 43.36 -66.27 58.07
CA PHE O 41 43.47 -66.95 56.78
C PHE O 41 44.83 -67.60 56.63
N PHE O 42 44.92 -68.53 55.69
CA PHE O 42 46.19 -69.02 55.18
C PHE O 42 46.64 -68.15 54.02
N GLY O 43 47.95 -67.93 53.90
CA GLY O 43 48.47 -66.99 52.94
C GLY O 43 49.78 -67.46 52.35
N GLN O 44 50.34 -66.62 51.48
CA GLN O 44 51.58 -66.96 50.78
C GLN O 44 52.80 -66.38 51.49
N LYS O 45 52.67 -65.17 52.02
CA LYS O 45 53.77 -64.52 52.72
C LYS O 45 53.17 -63.49 53.68
N GLY O 46 54.02 -62.62 54.22
CA GLY O 46 53.58 -61.56 55.08
C GLY O 46 53.75 -61.90 56.55
N PRO O 47 53.54 -60.90 57.41
CA PRO O 47 53.72 -61.12 58.85
C PRO O 47 52.68 -62.09 59.40
N THR O 48 53.01 -62.66 60.55
CA THR O 48 52.19 -63.67 61.20
C THR O 48 51.65 -63.18 62.53
N VAL O 49 51.32 -61.90 62.61
CA VAL O 49 50.68 -61.31 63.79
C VAL O 49 49.55 -60.41 63.30
N PRO O 50 48.56 -60.15 64.14
CA PRO O 50 47.44 -59.32 63.69
C PRO O 50 47.93 -57.99 63.17
N THR O 51 47.37 -57.57 62.03
CA THR O 51 47.83 -56.36 61.36
C THR O 51 46.64 -55.56 60.87
N TRP O 52 46.62 -54.27 61.21
CA TRP O 52 45.60 -53.37 60.71
C TRP O 52 45.95 -52.96 59.28
N ILE O 53 45.12 -53.35 58.32
CA ILE O 53 45.48 -53.26 56.92
C ILE O 53 44.42 -52.50 56.15
N ASP O 54 44.88 -51.81 55.11
CA ASP O 54 44.05 -51.11 54.15
C ASP O 54 43.91 -51.97 52.90
N PRO O 55 42.68 -52.29 52.43
CA PRO O 55 42.53 -53.34 51.42
C PRO O 55 43.38 -53.17 50.18
N VAL O 56 43.83 -51.95 49.90
CA VAL O 56 44.64 -51.73 48.71
C VAL O 56 45.95 -52.51 48.79
N LYS O 57 46.43 -52.80 49.99
CA LYS O 57 47.75 -53.38 50.19
C LYS O 57 47.72 -54.86 50.54
N PHE O 58 46.54 -55.48 50.58
CA PHE O 58 46.47 -56.91 50.92
C PHE O 58 47.25 -57.74 49.91
N GLU O 59 47.09 -57.45 48.63
CA GLU O 59 47.71 -58.25 47.57
C GLU O 59 49.23 -58.23 47.65
N ASP O 60 49.84 -57.07 47.90
CA ASP O 60 51.28 -56.96 47.94
C ASP O 60 51.86 -57.04 49.34
N ILE O 61 51.04 -57.26 50.36
CA ILE O 61 51.59 -57.66 51.66
C ILE O 61 51.57 -59.16 51.83
N TYR O 62 50.46 -59.82 51.45
CA TYR O 62 50.29 -61.26 51.66
C TYR O 62 50.40 -62.06 50.36
N GLY O 63 50.82 -61.43 49.27
CA GLY O 63 50.89 -62.13 48.00
C GLY O 63 49.52 -62.28 47.38
N SER O 64 49.45 -62.23 46.05
CA SER O 64 48.18 -62.21 45.35
C SER O 64 47.59 -63.59 45.13
N GLU O 65 48.26 -64.64 45.56
CA GLU O 65 47.72 -65.99 45.43
C GLU O 65 46.84 -66.39 46.59
N THR O 66 46.79 -65.60 47.67
CA THR O 66 45.99 -65.98 48.83
C THR O 66 44.51 -65.78 48.58
N THR O 67 44.15 -64.92 47.64
CA THR O 67 42.76 -64.60 47.34
C THR O 67 42.22 -65.35 46.14
N ASN O 68 43.00 -66.27 45.56
CA ASN O 68 42.54 -67.01 44.39
C ASN O 68 41.75 -68.23 44.85
N LEU O 69 40.47 -68.28 44.49
CA LEU O 69 39.60 -69.34 44.94
C LEU O 69 40.03 -70.70 44.43
N SER O 70 40.76 -70.75 43.31
CA SER O 70 41.24 -72.00 42.74
C SER O 70 42.65 -72.35 43.17
N GLY O 71 43.28 -71.52 44.00
CA GLY O 71 44.62 -71.78 44.48
C GLY O 71 44.62 -72.78 45.62
N VAL O 72 45.81 -72.98 46.18
CA VAL O 72 45.99 -73.95 47.27
C VAL O 72 45.63 -73.38 48.63
N TYR O 73 45.50 -72.06 48.75
CA TYR O 73 45.25 -71.41 50.03
C TYR O 73 43.77 -71.18 50.30
N CYS O 74 42.88 -71.62 49.43
CA CYS O 74 41.46 -71.35 49.60
C CYS O 74 40.94 -72.08 50.84
N THR O 75 40.24 -71.34 51.69
CA THR O 75 39.54 -71.87 52.86
C THR O 75 38.20 -71.18 52.95
N HIS O 76 37.44 -71.46 54.00
CA HIS O 76 36.10 -70.89 54.10
C HIS O 76 36.11 -69.44 54.57
N SER O 77 37.27 -68.77 54.54
CA SER O 77 37.35 -67.33 54.82
C SER O 77 37.81 -66.51 53.63
N THR O 78 38.24 -67.14 52.55
CA THR O 78 38.62 -66.38 51.36
C THR O 78 37.46 -65.58 50.78
N PRO O 79 36.22 -66.10 50.70
CA PRO O 79 35.12 -65.23 50.28
C PRO O 79 34.96 -64.00 51.16
N PHE O 80 35.16 -64.14 52.47
CA PHE O 80 35.07 -62.99 53.36
C PHE O 80 36.16 -61.98 53.03
N ILE O 81 37.39 -62.45 52.80
CA ILE O 81 38.46 -61.53 52.43
C ILE O 81 38.10 -60.80 51.14
N LYS O 82 37.59 -61.52 50.15
CA LYS O 82 37.30 -60.89 48.87
C LYS O 82 36.18 -59.87 49.00
N GLU O 83 35.14 -60.18 49.78
CA GLU O 83 34.06 -59.22 49.99
C GLU O 83 34.57 -57.97 50.71
N ALA O 84 35.42 -58.15 51.71
CA ALA O 84 35.97 -56.98 52.41
C ALA O 84 36.80 -56.13 51.48
N ILE O 85 37.61 -56.77 50.62
CA ILE O 85 38.43 -56.01 49.67
C ILE O 85 37.55 -55.25 48.69
N ALA O 86 36.49 -55.89 48.21
CA ALA O 86 35.59 -55.22 47.27
C ALA O 86 34.92 -54.02 47.92
N ALA O 87 34.43 -54.18 49.15
CA ALA O 87 33.70 -53.09 49.81
C ALA O 87 34.63 -51.95 50.21
N GLY O 88 35.83 -52.27 50.70
CA GLY O 88 36.77 -51.25 51.10
C GLY O 88 36.85 -51.00 52.59
N ASN O 89 36.78 -52.07 53.39
CA ASN O 89 36.97 -51.99 54.84
C ASN O 89 38.44 -52.14 55.17
N GLN O 90 38.97 -51.20 55.94
CA GLN O 90 40.23 -51.42 56.62
C GLN O 90 39.99 -52.40 57.76
N PHE O 91 40.68 -53.54 57.74
CA PHE O 91 40.34 -54.61 58.67
C PHE O 91 41.61 -55.22 59.24
N MET O 92 41.44 -56.12 60.22
CA MET O 92 42.57 -56.70 60.94
C MET O 92 42.81 -58.12 60.42
N ALA O 93 43.95 -58.30 59.75
CA ALA O 93 44.33 -59.57 59.15
C ALA O 93 45.19 -60.39 60.10
N LEU O 94 44.99 -61.70 60.06
CA LEU O 94 45.78 -62.63 60.86
C LEU O 94 46.10 -63.85 60.00
N ARG O 95 47.37 -64.03 59.67
CA ARG O 95 47.81 -65.15 58.85
C ARG O 95 48.19 -66.30 59.76
N LEU O 96 47.47 -67.41 59.66
CA LEU O 96 47.76 -68.62 60.42
C LEU O 96 48.73 -69.51 59.65
N GLU O 97 49.33 -70.45 60.38
CA GLU O 97 50.21 -71.45 59.81
C GLU O 97 49.83 -72.83 60.33
N PRO O 98 49.99 -73.87 59.51
CA PRO O 98 49.77 -75.22 60.01
C PRO O 98 50.87 -75.64 60.96
N SER O 99 50.57 -76.61 61.82
CA SER O 99 51.50 -77.02 62.86
C SER O 99 52.72 -77.76 62.31
N ASP O 100 52.71 -78.12 61.02
CA ASP O 100 53.80 -78.90 60.43
C ASP O 100 54.48 -78.15 59.30
N ILE O 101 54.60 -76.84 59.40
CA ILE O 101 55.18 -76.06 58.29
C ILE O 101 56.70 -76.22 58.32
N PRO O 102 57.35 -76.54 57.20
CA PRO O 102 58.81 -76.69 57.20
C PRO O 102 59.53 -75.36 57.32
N ASP O 103 60.86 -75.39 57.24
CA ASP O 103 61.68 -74.20 57.41
C ASP O 103 61.91 -73.54 56.04
N VAL O 104 62.62 -72.42 56.03
CA VAL O 104 62.80 -71.64 54.80
C VAL O 104 63.72 -72.37 53.84
N ALA O 105 63.74 -71.92 52.58
CA ALA O 105 64.62 -72.47 51.57
C ALA O 105 65.96 -71.76 51.58
N THR O 106 67.02 -72.49 51.21
CA THR O 106 68.37 -71.96 51.29
C THR O 106 69.17 -72.38 50.07
N LEU O 107 70.27 -71.67 49.83
CA LEU O 107 71.20 -72.00 48.75
C LEU O 107 72.56 -71.41 49.10
N GLY O 108 73.59 -72.26 49.21
CA GLY O 108 74.93 -71.81 49.50
C GLY O 108 75.83 -71.98 48.28
N LEU O 109 76.73 -71.02 48.11
CA LEU O 109 77.70 -71.01 47.03
C LEU O 109 79.07 -71.43 47.56
N SER O 110 79.78 -72.24 46.79
CA SER O 110 81.09 -72.72 47.19
C SER O 110 81.95 -72.90 45.96
N VAL O 111 83.25 -73.06 46.17
CA VAL O 111 84.19 -73.32 45.09
C VAL O 111 85.08 -74.50 45.46
N ASP O 112 85.21 -75.45 44.54
CA ASP O 112 86.24 -76.46 44.58
C ASP O 112 87.51 -75.88 44.00
N TRP O 113 88.58 -75.89 44.80
CA TRP O 113 89.77 -75.11 44.57
C TRP O 113 90.98 -76.02 44.66
N VAL O 114 91.87 -75.94 43.66
CA VAL O 114 93.12 -76.70 43.68
C VAL O 114 94.15 -75.99 42.81
N LYS O 115 95.42 -76.35 43.00
CA LYS O 115 96.53 -75.82 42.20
C LYS O 115 97.25 -76.96 41.50
N THR O 116 97.68 -76.72 40.26
CA THR O 116 98.38 -77.75 39.49
C THR O 116 98.86 -77.14 38.18
N LYS O 117 99.52 -77.96 37.37
CA LYS O 117 99.94 -77.51 36.06
C LYS O 117 98.83 -77.72 35.04
N ILE O 118 98.61 -76.72 34.19
CA ILE O 118 97.57 -76.74 33.17
C ILE O 118 98.19 -76.31 31.84
N ASP O 119 97.37 -76.39 30.80
CA ASP O 119 97.83 -76.05 29.46
C ASP O 119 97.74 -74.54 29.24
N ASP O 120 98.40 -74.08 28.17
CA ASP O 120 98.35 -72.70 27.75
C ASP O 120 98.02 -72.67 26.27
N TYR O 121 97.42 -71.56 25.82
CA TYR O 121 96.88 -71.46 24.48
C TYR O 121 97.58 -70.34 23.72
N GLU O 122 97.21 -70.21 22.46
CA GLU O 122 97.81 -69.21 21.59
C GLU O 122 97.27 -67.82 21.90
N ARG O 123 97.96 -66.81 21.37
CA ARG O 123 97.52 -65.42 21.43
C ARG O 123 97.74 -64.77 20.08
N ASN O 124 96.70 -64.10 19.59
CA ASN O 124 96.85 -63.35 18.34
C ASN O 124 97.75 -62.15 18.53
N ASP O 125 97.47 -61.34 19.55
CA ASP O 125 98.24 -60.13 19.82
C ASP O 125 98.17 -59.87 21.33
N ASP O 126 98.49 -58.64 21.74
CA ASP O 126 98.36 -58.27 23.15
C ASP O 126 96.92 -58.37 23.65
N GLY O 127 95.94 -58.41 22.75
CA GLY O 127 94.56 -58.61 23.17
C GLY O 127 94.26 -59.99 23.69
N THR O 128 95.15 -60.95 23.46
CA THR O 128 95.00 -62.30 23.99
C THR O 128 93.67 -62.91 23.55
N TYR O 129 93.39 -62.83 22.26
CA TYR O 129 92.09 -63.27 21.76
C TYR O 129 92.00 -64.80 21.69
N LYS O 130 93.09 -65.46 21.30
CA LYS O 130 93.05 -66.89 21.07
C LYS O 130 92.85 -67.67 22.37
N LEU O 131 92.01 -68.71 22.29
CA LEU O 131 91.86 -69.68 23.36
C LEU O 131 91.30 -70.96 22.79
N ASP O 132 91.43 -72.04 23.58
CA ASP O 132 90.74 -73.29 23.30
C ASP O 132 90.98 -73.77 21.87
N THR O 133 92.22 -73.63 21.40
CA THR O 133 92.58 -74.03 20.04
C THR O 133 91.71 -73.34 19.00
N ASN O 134 91.34 -72.10 19.26
CA ASN O 134 90.61 -71.33 18.26
C ASN O 134 91.44 -71.25 16.98
N GLY O 135 90.76 -71.05 15.86
CA GLY O 135 91.46 -71.19 14.59
C GLY O 135 91.84 -72.63 14.37
N ASP O 136 93.13 -72.88 14.20
CA ASP O 136 93.64 -74.22 13.97
C ASP O 136 94.88 -74.56 14.78
N LYS O 137 95.15 -73.85 15.87
CA LYS O 137 96.43 -73.97 16.58
C LYS O 137 96.27 -74.75 17.87
N ILE O 138 97.16 -75.72 18.06
CA ILE O 138 97.27 -76.54 19.27
C ILE O 138 97.69 -75.62 20.42
N PRO O 139 97.39 -75.95 21.67
CA PRO O 139 97.93 -75.16 22.78
C PRO O 139 99.45 -75.07 22.71
N LEU O 140 99.98 -73.92 23.12
CA LEU O 140 101.38 -73.58 22.85
C LEU O 140 102.32 -74.06 23.95
N ALA O 141 102.14 -73.55 25.17
CA ALA O 141 103.06 -73.90 26.24
C ALA O 141 102.80 -75.32 26.72
N THR O 142 103.89 -76.03 27.00
CA THR O 142 103.78 -77.43 27.41
C THR O 142 103.02 -77.55 28.73
N GLN O 143 103.45 -76.81 29.75
CA GLN O 143 102.82 -76.85 31.05
C GLN O 143 103.11 -75.55 31.79
N ILE O 144 102.04 -74.89 32.23
CA ILE O 144 102.12 -73.65 32.98
C ILE O 144 101.42 -73.87 34.31
N ASP O 145 102.11 -73.50 35.39
CA ASP O 145 101.53 -73.62 36.72
C ASP O 145 100.33 -72.69 36.84
N GLY O 146 99.22 -73.21 37.37
CA GLY O 146 98.00 -72.45 37.51
C GLY O 146 97.05 -73.06 38.52
N ILE O 147 95.81 -72.58 38.51
CA ILE O 147 94.81 -72.93 39.53
C ILE O 147 93.53 -73.36 38.83
N LYS O 148 92.90 -74.40 39.38
CA LYS O 148 91.67 -74.96 38.84
C LYS O 148 90.51 -74.75 39.81
N PHE O 149 89.37 -74.33 39.24
CA PHE O 149 88.17 -73.98 39.97
C PHE O 149 86.99 -74.79 39.45
N ARG O 150 86.03 -75.04 40.35
CA ARG O 150 84.77 -75.69 39.98
C ARG O 150 83.70 -75.20 40.95
N PHE O 151 82.77 -74.37 40.47
CA PHE O 151 81.80 -73.74 41.36
C PHE O 151 80.67 -74.70 41.70
N VAL O 152 80.05 -74.48 42.86
CA VAL O 152 79.01 -75.35 43.38
C VAL O 152 77.91 -74.51 44.02
N LEU O 153 76.66 -74.89 43.77
CA LEU O 153 75.49 -74.24 44.37
C LEU O 153 74.62 -75.34 44.96
N GLU O 154 74.50 -75.37 46.29
CA GLU O 154 73.93 -76.54 46.93
C GLU O 154 73.18 -76.14 48.19
N LYS O 155 72.22 -76.98 48.58
CA LYS O 155 71.39 -76.70 49.75
C LYS O 155 72.24 -76.65 51.02
N ILE O 156 71.99 -75.66 51.86
CA ILE O 156 72.66 -75.55 53.15
C ILE O 156 72.08 -76.61 54.08
N GLU O 157 72.93 -77.55 54.49
CA GLU O 157 72.47 -78.66 55.33
C GLU O 157 72.20 -78.19 56.75
N THR O 158 71.35 -78.95 57.44
CA THR O 158 71.00 -78.65 58.82
C THR O 158 71.76 -79.56 59.78
N ASN O 159 71.82 -79.14 61.03
CA ASN O 159 72.51 -79.90 62.06
C ASN O 159 71.73 -81.14 62.45
N GLU O 160 72.43 -82.08 63.10
CA GLU O 160 71.80 -83.34 63.49
C GLU O 160 70.65 -83.11 64.46
N SER O 161 70.64 -81.99 65.18
CA SER O 161 69.56 -81.66 66.09
C SER O 161 68.37 -81.01 65.40
N GLY O 162 68.53 -80.55 64.16
CA GLY O 162 67.48 -79.85 63.46
C GLY O 162 67.64 -78.34 63.52
N VAL O 163 68.87 -77.88 63.34
CA VAL O 163 69.18 -76.45 63.33
C VAL O 163 70.00 -76.15 62.09
N SER O 164 69.62 -75.11 61.36
CA SER O 164 70.30 -74.76 60.13
C SER O 164 71.66 -74.16 60.41
N GLN O 165 72.59 -74.40 59.49
CA GLN O 165 73.95 -73.89 59.57
C GLN O 165 74.15 -72.64 58.75
N TYR O 166 73.14 -71.78 58.70
CA TYR O 166 73.15 -70.64 57.78
C TYR O 166 74.44 -69.84 57.90
N LYS O 167 74.84 -69.52 59.13
CA LYS O 167 75.97 -68.65 59.40
C LYS O 167 77.23 -69.42 59.78
N LYS O 168 77.21 -70.74 59.68
CA LYS O 168 78.22 -71.58 60.34
C LYS O 168 78.69 -72.73 59.45
N ARG O 169 79.01 -72.45 58.20
CA ARG O 169 79.58 -73.49 57.35
C ARG O 169 81.11 -73.48 57.45
N THR O 170 81.71 -74.60 57.07
CA THR O 170 83.14 -74.81 57.20
C THR O 170 83.68 -75.54 55.98
N ALA O 171 84.98 -75.40 55.76
CA ALA O 171 85.61 -75.99 54.58
C ALA O 171 85.67 -77.51 54.70
N LYS O 172 85.91 -78.16 53.57
CA LYS O 172 85.95 -79.62 53.52
C LYS O 172 86.84 -80.05 52.36
N ALA O 173 87.10 -81.35 52.29
CA ALA O 173 87.87 -81.91 51.19
C ALA O 173 87.02 -81.99 49.93
N GLY O 174 87.65 -81.68 48.79
CA GLY O 174 86.95 -81.65 47.52
C GLY O 174 87.04 -82.98 46.78
N THR O 175 86.67 -82.91 45.50
CA THR O 175 86.73 -84.08 44.62
C THR O 175 87.54 -83.86 43.36
N ILE O 176 87.62 -82.63 42.83
CA ILE O 176 88.46 -82.39 41.68
C ILE O 176 89.92 -82.32 42.11
N GLY O 177 90.78 -82.98 41.35
CA GLY O 177 92.18 -83.03 41.72
C GLY O 177 92.44 -83.74 43.03
N THR O 178 91.75 -84.84 43.30
CA THR O 178 92.01 -85.64 44.49
C THR O 178 93.36 -86.33 44.45
N GLU O 179 94.04 -86.35 43.30
CA GLU O 179 95.41 -86.83 43.28
C GLU O 179 96.26 -86.07 44.28
N ALA O 180 95.97 -84.80 44.50
CA ALA O 180 96.56 -83.99 45.55
C ALA O 180 95.48 -83.68 46.57
N THR O 181 95.71 -84.06 47.83
CA THR O 181 94.70 -83.85 48.86
C THR O 181 94.24 -82.41 48.98
N PRO O 182 95.11 -81.37 48.88
CA PRO O 182 94.68 -80.01 49.18
C PRO O 182 93.48 -79.50 48.37
N SER O 183 93.00 -80.27 47.40
CA SER O 183 91.77 -79.91 46.71
C SER O 183 90.64 -79.76 47.71
N THR O 184 90.08 -78.55 47.83
CA THR O 184 89.15 -78.28 48.92
C THR O 184 87.91 -77.55 48.44
N ILE O 185 86.79 -77.84 49.11
CA ILE O 185 85.58 -77.03 48.96
C ILE O 185 85.62 -75.91 49.98
N THR O 186 85.50 -74.67 49.51
CA THR O 186 85.42 -73.55 50.44
C THR O 186 84.20 -72.71 50.12
N PRO O 187 83.44 -72.28 51.14
CA PRO O 187 82.21 -71.53 50.89
C PRO O 187 82.47 -70.06 50.61
N LEU O 188 81.52 -69.44 49.90
CA LEU O 188 81.63 -68.06 49.45
C LEU O 188 80.47 -67.19 49.89
N ALA O 189 79.25 -67.73 49.95
CA ALA O 189 78.09 -66.94 50.34
C ALA O 189 76.91 -67.85 50.62
N ASP O 190 75.91 -67.30 51.31
CA ASP O 190 74.66 -67.98 51.59
C ASP O 190 73.48 -67.09 51.17
N PHE O 191 72.40 -67.74 50.76
CA PHE O 191 71.15 -67.05 50.44
C PHE O 191 70.01 -67.83 51.06
N ARG O 192 68.99 -67.12 51.50
CA ARG O 192 67.89 -67.74 52.24
C ARG O 192 66.59 -67.01 51.92
N CYS O 193 65.48 -67.75 51.95
CA CYS O 193 64.18 -67.17 51.71
C CYS O 193 63.69 -66.38 52.93
N ARG O 194 62.83 -65.40 52.68
CA ARG O 194 62.36 -64.52 53.74
C ARG O 194 61.13 -65.05 54.47
N PHE O 195 60.32 -65.86 53.80
CA PHE O 195 59.09 -66.39 54.37
C PHE O 195 59.14 -67.90 54.35
N LYS O 196 58.08 -68.51 54.89
CA LYS O 196 57.94 -69.97 54.91
C LYS O 196 56.80 -70.34 53.96
N SER O 197 57.14 -70.64 52.71
CA SER O 197 56.14 -70.96 51.71
C SER O 197 56.87 -71.43 50.44
N SER O 198 56.08 -71.88 49.47
CA SER O 198 56.63 -72.34 48.20
C SER O 198 57.23 -71.21 47.38
N LEU O 199 56.99 -69.96 47.78
CA LEU O 199 57.63 -68.85 47.10
C LEU O 199 59.15 -69.00 47.15
N GLY O 200 59.68 -69.53 48.25
CA GLY O 200 61.12 -69.74 48.33
C GLY O 200 61.61 -70.79 47.35
N ALA O 201 60.90 -71.91 47.25
CA ALA O 201 61.28 -72.94 46.31
C ALA O 201 61.13 -72.49 44.87
N ASN O 202 60.27 -71.52 44.59
CA ASN O 202 60.13 -70.99 43.24
C ASN O 202 60.97 -69.76 42.95
N THR O 203 61.62 -69.17 43.95
CA THR O 203 62.50 -68.04 43.71
C THR O 203 63.84 -68.51 43.17
N ALA O 204 64.43 -67.70 42.30
CA ALA O 204 65.71 -68.03 41.66
C ALA O 204 66.55 -66.78 41.54
N LEU O 205 67.86 -66.97 41.39
CA LEU O 205 68.80 -65.85 41.32
C LEU O 205 69.88 -66.13 40.28
N ARG O 206 70.42 -65.05 39.73
CA ARG O 206 71.49 -65.10 38.74
C ARG O 206 72.62 -64.16 39.15
N ILE O 207 73.85 -64.62 38.96
CA ILE O 207 75.04 -63.81 39.16
C ILE O 207 75.96 -64.00 37.96
N TRP O 208 76.50 -62.90 37.44
CA TRP O 208 77.47 -63.04 36.35
C TRP O 208 78.39 -61.84 36.32
N ALA O 209 79.43 -61.94 35.49
CA ALA O 209 80.47 -60.92 35.39
C ALA O 209 80.57 -60.42 33.96
N PRO O 210 80.04 -59.25 33.63
CA PRO O 210 80.06 -58.79 32.24
C PRO O 210 81.35 -58.06 31.87
N THR O 211 81.64 -58.06 30.58
CA THR O 211 82.78 -57.35 30.00
C THR O 211 82.27 -56.31 29.00
N ILE O 212 83.21 -55.71 28.28
CA ILE O 212 82.86 -54.60 27.39
C ILE O 212 81.84 -55.02 26.34
N ASN O 213 81.87 -56.29 25.95
CA ASN O 213 81.05 -56.79 24.84
C ASN O 213 79.73 -57.40 25.30
N SER O 214 79.44 -57.41 26.59
CA SER O 214 78.23 -58.05 27.08
C SER O 214 76.99 -57.31 26.59
N ALA O 215 75.83 -57.93 26.85
CA ALA O 215 74.56 -57.26 26.57
C ALA O 215 74.39 -56.00 27.41
N GLN O 216 74.73 -56.04 28.69
CA GLN O 216 74.83 -54.87 29.54
C GLN O 216 76.32 -54.53 29.66
N ALA O 217 76.81 -53.75 28.71
CA ALA O 217 78.24 -53.49 28.62
C ALA O 217 78.77 -52.83 29.89
N ALA O 218 79.88 -53.35 30.38
CA ALA O 218 80.52 -52.77 31.56
C ALA O 218 81.49 -51.66 31.14
N ASP O 219 81.92 -50.87 32.12
CA ASP O 219 82.79 -49.73 31.88
C ASP O 219 84.02 -49.83 32.77
N ALA O 220 85.19 -49.66 32.16
CA ALA O 220 86.45 -49.79 32.91
C ALA O 220 86.74 -48.57 33.77
N ASP O 221 86.20 -47.41 33.40
CA ASP O 221 86.54 -46.19 34.11
C ASP O 221 86.01 -46.22 35.55
N LEU O 222 84.79 -46.71 35.74
CA LEU O 222 84.26 -46.80 37.09
C LEU O 222 85.07 -47.76 37.95
N GLN O 223 85.48 -48.89 37.37
CA GLN O 223 86.29 -49.83 38.12
C GLN O 223 87.64 -49.22 38.48
N ALA O 224 88.24 -48.45 37.57
CA ALA O 224 89.48 -47.76 37.90
C ALA O 224 89.25 -46.76 39.02
N ARG O 225 88.14 -46.03 38.97
CA ARG O 225 87.86 -45.02 39.99
C ARG O 225 87.68 -45.67 41.36
N ILE O 226 86.96 -46.78 41.42
CA ILE O 226 86.88 -47.61 42.63
C ILE O 226 87.31 -49.01 42.22
N LYS O 227 88.42 -49.48 42.78
CA LYS O 227 89.05 -50.71 42.31
C LYS O 227 88.32 -51.89 42.91
N SER O 228 87.38 -52.43 42.13
CA SER O 228 86.67 -53.64 42.47
C SER O 228 85.88 -54.08 41.25
N PHE O 229 85.93 -55.37 40.94
CA PHE O 229 85.14 -55.87 39.83
C PHE O 229 83.66 -55.83 40.18
N LEU O 230 82.85 -55.43 39.21
CA LEU O 230 81.41 -55.28 39.39
C LEU O 230 80.69 -56.43 38.72
N TYR O 231 79.88 -57.15 39.48
CA TYR O 231 79.11 -58.27 38.99
C TYR O 231 77.63 -57.91 38.93
N ARG O 232 76.95 -58.46 37.94
CA ARG O 232 75.51 -58.27 37.80
C ARG O 232 74.76 -59.32 38.60
N PHE O 233 73.69 -58.89 39.25
CA PHE O 233 72.86 -59.71 40.12
C PHE O 233 71.40 -59.55 39.72
N GLN O 234 70.65 -60.65 39.74
CA GLN O 234 69.25 -60.62 39.31
C GLN O 234 68.42 -61.61 40.12
N ILE O 235 67.15 -61.28 40.33
CA ILE O 235 66.19 -62.13 41.03
C ILE O 235 65.03 -62.42 40.09
N LEU O 236 64.58 -63.67 40.07
CA LEU O 236 63.45 -64.09 39.25
C LEU O 236 62.53 -64.97 40.07
N THR O 237 61.28 -65.07 39.65
CA THR O 237 60.31 -65.93 40.31
C THR O 237 59.34 -66.50 39.30
N ARG O 238 58.91 -67.74 39.49
CA ARG O 238 58.00 -68.40 38.59
C ARG O 238 56.68 -68.67 39.29
N ALA O 239 55.70 -69.09 38.49
CA ALA O 239 54.35 -69.32 39.02
C ALA O 239 54.24 -70.70 39.65
N ASP O 240 54.56 -71.74 38.89
CA ASP O 240 54.56 -73.10 39.40
C ASP O 240 55.80 -73.82 38.89
N LYS O 241 55.87 -75.11 39.16
CA LYS O 241 57.02 -75.90 38.74
C LYS O 241 57.12 -75.98 37.22
N ALA O 242 56.00 -75.85 36.51
CA ALA O 242 55.99 -76.00 35.07
C ALA O 242 56.03 -74.68 34.32
N SER O 243 55.90 -73.55 35.00
CA SER O 243 55.88 -72.25 34.33
C SER O 243 57.30 -71.78 34.07
N SER O 244 57.45 -70.51 33.69
CA SER O 244 58.75 -69.93 33.41
C SER O 244 58.97 -68.69 34.25
N PRO O 245 60.22 -68.33 34.54
CA PRO O 245 60.48 -67.24 35.48
C PRO O 245 60.16 -65.87 34.90
N THR O 246 59.98 -64.92 35.82
CA THR O 246 59.77 -63.52 35.49
C THR O 246 60.62 -62.69 36.42
N ILE O 247 61.19 -61.61 35.89
CA ILE O 247 62.17 -60.81 36.64
C ILE O 247 61.47 -60.08 37.76
N PHE O 248 62.13 -59.98 38.91
CA PHE O 248 61.66 -59.22 40.06
C PHE O 248 62.50 -57.96 40.11
N GLU O 249 61.88 -56.81 39.83
CA GLU O 249 62.63 -55.58 39.66
C GLU O 249 62.84 -54.85 40.97
N THR O 250 63.87 -54.03 41.01
CA THR O 250 64.12 -53.19 42.17
C THR O 250 63.04 -52.13 42.29
N ILE O 251 62.99 -51.47 43.44
CA ILE O 251 61.94 -50.48 43.69
C ILE O 251 62.09 -49.26 42.80
N TYR O 252 63.16 -49.19 42.01
CA TYR O 252 63.34 -48.12 41.04
C TYR O 252 63.03 -48.56 39.61
N ASN O 253 62.43 -49.75 39.45
CA ASN O 253 62.08 -50.27 38.14
C ASN O 253 63.32 -50.57 37.30
N GLU O 254 64.22 -51.38 37.87
CA GLU O 254 65.37 -51.89 37.15
C GLU O 254 65.38 -53.41 37.21
N PRO O 255 65.93 -54.08 36.19
CA PRO O 255 65.89 -55.55 36.18
C PRO O 255 67.03 -56.20 36.95
N SER O 256 68.15 -55.51 37.14
CA SER O 256 69.32 -56.12 37.76
C SER O 256 70.16 -55.05 38.46
N LEU O 257 71.08 -55.50 39.32
CA LEU O 257 71.95 -54.64 40.10
C LEU O 257 73.42 -54.90 39.77
N SER O 258 74.25 -53.91 40.04
CA SER O 258 75.70 -54.03 40.01
C SER O 258 76.24 -54.00 41.43
N VAL O 259 77.01 -55.02 41.80
CA VAL O 259 77.55 -55.15 43.16
C VAL O 259 79.02 -55.51 43.07
N GLY O 260 79.72 -55.42 44.19
CA GLY O 260 81.14 -55.70 44.22
C GLY O 260 81.63 -56.05 45.61
N PHE O 261 82.81 -56.66 45.66
CA PHE O 261 83.42 -57.05 46.92
C PHE O 261 84.29 -55.92 47.45
N GLY O 262 84.29 -55.76 48.78
CA GLY O 262 85.10 -54.75 49.42
C GLY O 262 84.45 -54.20 50.67
N GLU O 263 85.14 -53.28 51.36
CA GLU O 263 84.63 -52.78 52.64
C GLU O 263 83.54 -51.73 52.43
N ASN O 264 83.90 -50.60 51.83
CA ASN O 264 82.90 -49.59 51.46
C ASN O 264 83.32 -49.02 50.11
N LEU O 265 82.51 -49.29 49.09
CA LEU O 265 82.80 -48.89 47.72
C LEU O 265 81.99 -47.64 47.38
N VAL O 266 82.52 -46.50 47.80
CA VAL O 266 81.86 -45.22 47.56
C VAL O 266 82.50 -44.54 46.38
N ASP O 267 81.67 -44.00 45.49
CA ASP O 267 82.15 -43.34 44.29
C ASP O 267 82.18 -41.84 44.52
N PRO O 268 83.34 -41.20 44.61
CA PRO O 268 83.37 -39.74 44.87
C PRO O 268 82.63 -38.92 43.83
N GLN O 269 82.70 -39.28 42.56
CA GLN O 269 82.08 -38.49 41.51
C GLN O 269 80.56 -38.51 41.56
N THR O 270 79.97 -39.54 42.15
CA THR O 270 78.52 -39.64 42.24
C THR O 270 78.01 -40.14 43.58
N GLU O 271 78.89 -40.43 44.54
CA GLU O 271 78.52 -40.87 45.88
C GLU O 271 77.64 -42.12 45.87
N VAL O 272 77.82 -43.01 44.91
CA VAL O 272 77.09 -44.27 44.89
C VAL O 272 77.86 -45.32 45.67
N VAL O 273 77.13 -46.17 46.39
CA VAL O 273 77.73 -47.22 47.21
C VAL O 273 77.47 -48.56 46.51
N TYR O 274 78.55 -49.26 46.16
CA TYR O 274 78.44 -50.51 45.43
C TYR O 274 78.64 -51.75 46.29
N ASP O 275 78.46 -51.63 47.61
CA ASP O 275 78.64 -52.78 48.47
C ASP O 275 77.57 -53.82 48.22
N PHE O 276 77.94 -55.10 48.30
CA PHE O 276 77.08 -56.19 47.89
C PHE O 276 75.80 -56.24 48.72
N VAL O 277 75.94 -56.58 50.00
CA VAL O 277 74.78 -56.85 50.84
C VAL O 277 73.96 -55.58 51.04
N GLU O 278 74.63 -54.48 51.37
CA GLU O 278 73.92 -53.24 51.66
C GLU O 278 73.13 -52.78 50.43
N ARG O 279 73.78 -52.77 49.27
CA ARG O 279 73.09 -52.33 48.06
C ARG O 279 71.91 -53.23 47.75
N ILE O 280 72.11 -54.56 47.82
CA ILE O 280 71.02 -55.46 47.49
C ILE O 280 69.82 -55.20 48.40
N ASP O 281 70.09 -55.18 49.71
CA ASP O 281 68.98 -55.16 50.66
C ASP O 281 68.34 -53.78 50.74
N SER O 282 69.04 -52.74 50.26
CA SER O 282 68.44 -51.41 50.25
C SER O 282 67.69 -51.15 48.95
N ARG O 283 68.14 -51.75 47.85
CA ARG O 283 67.51 -51.48 46.56
C ARG O 283 66.32 -52.39 46.30
N TYR O 284 66.25 -53.56 46.94
CA TYR O 284 65.17 -54.48 46.60
C TYR O 284 64.00 -54.45 47.57
N ASN O 285 64.05 -53.66 48.64
CA ASN O 285 63.00 -53.66 49.65
C ASN O 285 62.47 -52.25 49.88
N ASP O 286 61.28 -52.20 50.48
CA ASP O 286 60.62 -50.94 50.79
C ASP O 286 59.63 -51.19 51.92
N GLU O 287 59.98 -50.72 53.13
CA GLU O 287 59.18 -50.98 54.32
C GLU O 287 58.14 -49.91 54.61
N ASP O 288 58.11 -48.83 53.85
CA ASP O 288 57.21 -47.73 54.15
C ASP O 288 55.76 -48.20 54.05
N PRO O 289 54.95 -48.07 55.09
CA PRO O 289 53.59 -48.63 55.05
C PRO O 289 52.71 -48.23 53.88
N SER O 290 53.00 -47.13 53.20
CA SER O 290 52.22 -46.70 52.06
C SER O 290 52.71 -47.32 50.75
N THR O 291 54.01 -47.55 50.62
CA THR O 291 54.59 -48.17 49.43
C THR O 291 55.38 -49.38 49.95
N TYR O 292 54.70 -50.51 50.09
CA TYR O 292 55.23 -51.64 50.86
C TYR O 292 55.51 -52.79 49.93
N LEU O 293 56.76 -53.26 49.92
CA LEU O 293 57.14 -54.47 49.19
C LEU O 293 58.39 -55.04 49.82
N MET O 294 58.36 -56.33 50.12
CA MET O 294 59.50 -57.03 50.70
C MET O 294 59.97 -58.09 49.72
N SER O 295 61.27 -58.10 49.43
CA SER O 295 61.81 -59.02 48.46
C SER O 295 61.69 -60.46 48.96
N PRO O 296 61.54 -61.45 48.07
CA PRO O 296 61.52 -62.84 48.54
C PRO O 296 62.81 -63.27 49.23
N LEU O 297 63.97 -62.76 48.80
CA LEU O 297 65.22 -63.08 49.47
C LEU O 297 65.35 -62.30 50.77
N ASP O 298 65.96 -62.94 51.77
CA ASP O 298 66.38 -62.24 52.98
C ASP O 298 67.71 -61.55 52.73
N THR O 299 68.34 -61.09 53.80
CA THR O 299 69.63 -60.40 53.67
C THR O 299 70.73 -61.42 53.38
N PRO O 300 71.48 -61.28 52.29
CA PRO O 300 72.54 -62.25 52.00
C PRO O 300 73.64 -62.23 53.05
N TYR O 301 74.50 -63.25 53.01
CA TYR O 301 75.66 -63.36 53.87
C TYR O 301 76.88 -63.69 53.00
N LEU O 302 78.02 -63.10 53.34
CA LEU O 302 79.26 -63.36 52.63
C LEU O 302 80.31 -63.88 53.59
N TYR O 303 81.10 -64.86 53.14
CA TYR O 303 82.25 -65.36 53.90
C TYR O 303 83.46 -64.53 53.51
N GLN O 304 83.63 -63.40 54.21
CA GLN O 304 84.67 -62.46 53.85
C GLN O 304 86.04 -63.08 54.00
N ALA O 305 86.26 -63.86 55.05
CA ALA O 305 87.57 -64.47 55.27
C ALA O 305 87.95 -65.35 54.10
N ASN O 306 87.07 -66.27 53.70
CA ASN O 306 87.41 -67.22 52.65
C ASN O 306 87.51 -66.54 51.29
N ILE O 307 86.59 -65.61 50.99
CA ILE O 307 86.65 -64.92 49.72
C ILE O 307 87.95 -64.12 49.61
N ASP O 308 88.31 -63.42 50.69
CA ASP O 308 89.55 -62.67 50.70
C ASP O 308 90.76 -63.60 50.58
N SER O 309 90.71 -64.76 51.22
CA SER O 309 91.82 -65.70 51.12
C SER O 309 92.02 -66.17 49.69
N VAL O 310 90.93 -66.51 49.01
CA VAL O 310 91.05 -66.98 47.63
C VAL O 310 91.53 -65.86 46.71
N LEU O 311 91.00 -64.64 46.91
CA LEU O 311 91.47 -63.51 46.12
C LEU O 311 92.96 -63.28 46.32
N THR O 312 93.42 -63.33 47.58
CA THR O 312 94.83 -63.13 47.87
C THR O 312 95.67 -64.23 47.25
N ALA O 313 95.19 -65.47 47.30
CA ALA O 313 95.95 -66.57 46.70
C ALA O 313 96.13 -66.36 45.21
N ILE O 314 95.03 -66.05 44.51
CA ILE O 314 95.15 -65.86 43.06
C ILE O 314 96.02 -64.66 42.75
N GLN O 315 95.94 -63.59 43.54
CA GLN O 315 96.81 -62.44 43.32
C GLN O 315 98.27 -62.82 43.50
N GLU O 316 98.61 -63.43 44.64
CA GLU O 316 99.97 -63.87 44.89
C GLU O 316 100.48 -64.71 43.72
N LEU O 317 99.64 -65.59 43.20
CA LEU O 317 100.08 -66.45 42.12
C LEU O 317 100.32 -65.67 40.84
N GLU O 318 99.27 -65.05 40.29
CA GLU O 318 99.31 -64.56 38.93
C GLU O 318 99.20 -63.05 38.81
N ALA O 319 99.07 -62.32 39.93
CA ALA O 319 99.13 -60.86 39.83
C ALA O 319 100.48 -60.40 39.32
N PRO O 320 101.62 -60.87 39.86
CA PRO O 320 102.91 -60.52 39.25
C PRO O 320 103.16 -61.34 38.00
N PHE O 321 102.44 -61.03 36.93
CA PHE O 321 102.56 -61.77 35.68
C PHE O 321 102.35 -60.81 34.52
N ASP O 322 102.22 -61.39 33.32
CA ASP O 322 102.28 -60.59 32.11
C ASP O 322 101.09 -59.66 31.93
N THR O 323 99.86 -60.18 32.07
CA THR O 323 98.69 -59.42 31.61
C THR O 323 97.67 -59.14 32.71
N VAL O 324 98.11 -58.93 33.96
CA VAL O 324 97.22 -58.57 35.04
C VAL O 324 97.98 -57.64 35.98
N SER O 325 97.23 -56.78 36.66
CA SER O 325 97.84 -55.82 37.58
C SER O 325 98.39 -56.55 38.80
N ALA O 326 99.59 -56.13 39.24
CA ALA O 326 100.24 -56.73 40.39
C ALA O 326 100.12 -55.88 41.65
N ASP O 327 99.55 -54.68 41.56
CA ASP O 327 99.51 -53.79 42.69
C ASP O 327 98.81 -54.46 43.88
N GLU O 328 98.96 -53.85 45.05
CA GLU O 328 98.42 -54.43 46.27
C GLU O 328 96.89 -54.43 46.25
N ASP O 329 96.29 -53.35 45.78
CA ASP O 329 94.84 -53.15 45.89
C ASP O 329 94.05 -53.84 44.78
N ASP O 330 94.73 -54.46 43.81
CA ASP O 330 94.05 -55.21 42.77
C ASP O 330 93.38 -56.46 43.33
N LEU O 331 93.67 -56.81 44.58
CA LEU O 331 93.05 -57.97 45.20
C LEU O 331 91.55 -58.00 44.93
N TYR O 332 90.92 -56.83 44.86
CA TYR O 332 89.48 -56.76 44.61
C TYR O 332 89.13 -56.48 43.15
N GLN O 333 90.07 -56.08 42.30
CA GLN O 333 89.71 -55.99 40.89
C GLN O 333 89.79 -57.35 40.24
N ILE O 334 90.43 -58.32 40.90
CA ILE O 334 90.51 -59.68 40.38
C ILE O 334 89.11 -60.18 40.03
N ASN O 335 88.94 -60.67 38.81
CA ASN O 335 87.67 -61.25 38.36
C ASN O 335 87.59 -62.69 38.81
N LEU O 336 86.70 -62.98 39.77
CA LEU O 336 86.64 -64.32 40.32
C LEU O 336 85.77 -65.25 39.49
N PHE O 337 84.49 -64.91 39.32
CA PHE O 337 83.56 -65.80 38.64
C PHE O 337 83.92 -66.00 37.18
N GLY O 338 84.35 -64.94 36.50
CA GLY O 338 84.87 -65.05 35.15
C GLY O 338 86.33 -65.43 35.17
N ALA O 339 86.94 -65.39 33.98
CA ALA O 339 88.36 -65.71 33.84
C ALA O 339 89.04 -64.67 32.95
N GLN O 340 88.62 -63.42 33.08
CA GLN O 340 89.16 -62.35 32.24
C GLN O 340 88.91 -61.02 32.92
N THR O 341 89.64 -60.01 32.46
CA THR O 341 89.45 -58.66 32.99
C THR O 341 88.24 -58.01 32.33
N VAL O 342 87.99 -56.76 32.73
CA VAL O 342 86.82 -56.04 32.23
C VAL O 342 86.92 -55.87 30.72
N GLU O 343 88.12 -55.64 30.19
CA GLU O 343 88.28 -55.50 28.76
C GLU O 343 88.07 -56.81 28.00
N GLY O 344 88.06 -57.94 28.70
CA GLY O 344 87.85 -59.22 28.05
C GLY O 344 89.11 -59.93 27.63
N VAL O 345 90.17 -59.85 28.44
CA VAL O 345 91.42 -60.54 28.18
C VAL O 345 91.46 -61.79 29.03
N PRO O 346 91.49 -62.99 28.45
CA PRO O 346 91.40 -64.21 29.28
C PRO O 346 92.58 -64.34 30.23
N TYR O 347 92.27 -64.84 31.43
CA TYR O 347 93.30 -65.19 32.41
C TYR O 347 93.90 -66.54 32.04
N HIS O 348 95.12 -66.53 31.53
CA HIS O 348 95.86 -67.79 31.47
C HIS O 348 96.45 -68.08 32.84
N ALA O 349 96.64 -69.38 33.11
CA ALA O 349 97.01 -69.92 34.43
C ALA O 349 95.83 -70.08 35.36
N VAL O 350 94.60 -69.82 34.89
CA VAL O 350 93.40 -70.09 35.67
C VAL O 350 92.43 -70.86 34.79
N GLN O 351 91.97 -72.02 35.27
CA GLN O 351 91.07 -72.88 34.51
C GLN O 351 89.83 -73.12 35.33
N ILE O 352 88.67 -72.98 34.70
CA ILE O 352 87.37 -73.20 35.33
C ILE O 352 86.71 -74.38 34.63
N LEU O 353 86.30 -75.38 35.40
CA LEU O 353 85.74 -76.59 34.82
C LEU O 353 84.30 -76.37 34.42
N GLY O 354 83.92 -76.88 33.25
CA GLY O 354 82.61 -76.66 32.69
C GLY O 354 81.57 -77.60 33.26
N VAL O 355 80.41 -77.63 32.59
CA VAL O 355 79.30 -78.45 33.08
C VAL O 355 79.64 -79.93 32.96
N LEU O 356 80.16 -80.35 31.81
CA LEU O 356 80.51 -81.76 31.62
C LEU O 356 81.54 -82.21 32.64
N ASP O 357 82.32 -81.28 33.18
CA ASP O 357 83.32 -81.58 34.20
C ASP O 357 82.77 -81.47 35.62
N GLY O 358 81.46 -81.21 35.76
CA GLY O 358 80.84 -81.15 37.07
C GLY O 358 80.72 -79.77 37.66
N GLY O 359 81.02 -78.72 36.89
CA GLY O 359 80.95 -77.36 37.39
C GLY O 359 79.62 -76.70 37.07
N VAL O 360 79.51 -75.45 37.52
CA VAL O 360 78.34 -74.62 37.28
C VAL O 360 78.78 -73.38 36.52
N THR O 361 78.14 -73.12 35.38
CA THR O 361 78.49 -71.99 34.54
C THR O 361 77.67 -70.78 34.98
N LEU O 362 78.31 -69.82 35.63
CA LEU O 362 77.65 -68.59 36.07
C LEU O 362 77.66 -67.61 34.92
N THR O 363 76.60 -67.63 34.11
CA THR O 363 76.41 -66.70 33.01
C THR O 363 75.05 -66.03 33.17
N GLU O 364 74.70 -65.21 32.18
CA GLU O 364 73.46 -64.45 32.23
C GLU O 364 72.24 -65.25 31.81
N THR O 365 72.42 -66.49 31.35
CA THR O 365 71.31 -67.35 30.98
C THR O 365 71.06 -68.46 31.99
N ALA O 366 72.04 -68.82 32.81
CA ALA O 366 71.85 -69.83 33.83
C ALA O 366 70.94 -69.30 34.93
N THR O 367 70.15 -70.20 35.52
CA THR O 367 69.24 -69.85 36.60
C THR O 367 69.40 -70.86 37.73
N ASN O 368 69.22 -70.40 38.97
CA ASN O 368 69.46 -71.21 40.16
C ASN O 368 68.30 -71.03 41.12
N TYR O 369 67.77 -72.14 41.61
CA TYR O 369 66.58 -72.15 42.46
C TYR O 369 66.94 -72.59 43.87
N LEU O 370 66.38 -71.90 44.86
CA LEU O 370 66.58 -72.29 46.24
C LEU O 370 65.93 -73.64 46.51
N GLN O 371 66.51 -74.38 47.45
CA GLN O 371 66.12 -75.77 47.73
C GLN O 371 65.39 -75.84 49.06
N GLY O 372 64.26 -76.55 49.07
CA GLY O 372 63.55 -76.82 50.30
C GLY O 372 62.27 -76.02 50.44
N GLY O 373 61.79 -75.88 51.67
CA GLY O 373 60.63 -75.07 51.93
C GLY O 373 59.33 -75.76 51.59
N GLY O 374 58.24 -75.04 51.80
CA GLY O 374 56.90 -75.54 51.56
C GLY O 374 55.91 -74.83 52.46
N ASP O 375 54.63 -75.11 52.23
CA ASP O 375 53.56 -74.45 52.97
C ASP O 375 53.06 -75.27 54.15
N GLY O 376 52.98 -76.58 54.01
CA GLY O 376 52.37 -77.42 55.02
C GLY O 376 51.05 -78.00 54.55
N THR O 377 50.35 -78.63 55.48
CA THR O 377 49.08 -79.27 55.19
C THR O 377 47.98 -78.22 55.16
N LEU O 378 47.42 -77.97 53.98
CA LEU O 378 46.41 -76.95 53.79
C LEU O 378 45.04 -77.59 53.60
N GLY O 379 44.00 -76.80 53.83
CA GLY O 379 42.63 -77.25 53.75
C GLY O 379 41.82 -76.80 54.94
N ASN O 380 40.53 -77.09 54.88
CA ASN O 380 39.63 -76.63 55.93
C ASN O 380 39.90 -77.33 57.25
N ASP O 381 40.33 -78.59 57.22
CA ASP O 381 40.58 -79.31 58.46
C ASP O 381 41.76 -78.70 59.22
N SER O 382 42.88 -78.50 58.54
CA SER O 382 44.01 -77.86 59.19
C SER O 382 43.70 -76.41 59.54
N PHE O 383 42.89 -75.73 58.73
CA PHE O 383 42.50 -74.37 59.07
C PHE O 383 41.72 -74.33 60.38
N ASN O 384 40.76 -75.25 60.54
CA ASN O 384 40.01 -75.31 61.78
C ASN O 384 40.92 -75.64 62.95
N ALA O 385 41.87 -76.55 62.75
CA ALA O 385 42.81 -76.88 63.82
C ALA O 385 43.60 -75.65 64.26
N ALA O 386 44.13 -74.89 63.30
CA ALA O 386 44.93 -73.71 63.64
C ALA O 386 44.07 -72.65 64.31
N ALA O 387 42.87 -72.41 63.77
CA ALA O 387 41.98 -71.42 64.38
C ALA O 387 41.64 -71.79 65.80
N TYR O 388 41.36 -73.08 66.05
CA TYR O 388 41.10 -73.53 67.42
C TYR O 388 42.32 -73.32 68.30
N ALA O 389 43.51 -73.63 67.78
CA ALA O 389 44.71 -73.44 68.58
C ALA O 389 44.86 -71.99 69.00
N VAL O 390 44.51 -71.06 68.13
CA VAL O 390 44.57 -69.64 68.49
C VAL O 390 43.48 -69.26 69.48
N LEU O 391 42.25 -69.72 69.25
CA LEU O 391 41.13 -69.22 70.04
C LEU O 391 41.07 -69.83 71.43
N SER O 392 41.43 -71.11 71.59
CA SER O 392 41.32 -71.73 72.90
C SER O 392 42.27 -71.08 73.91
N ASN O 393 43.47 -70.74 73.48
CA ASN O 393 44.48 -70.14 74.36
C ASN O 393 44.51 -68.64 74.08
N LEU O 394 43.60 -67.92 74.73
CA LEU O 394 43.55 -66.47 74.57
C LEU O 394 44.19 -65.73 75.74
N SER O 395 44.06 -66.26 76.96
CA SER O 395 44.54 -65.59 78.15
C SER O 395 46.00 -65.91 78.49
N ASN O 396 46.62 -66.85 77.77
CA ASN O 396 48.00 -67.21 78.05
C ASN O 396 48.81 -67.45 76.77
N ASN O 397 48.37 -66.88 75.66
CA ASN O 397 49.14 -66.99 74.42
C ASN O 397 50.41 -66.16 74.51
N ALA O 398 51.51 -66.72 74.03
CA ALA O 398 52.79 -66.03 74.01
C ALA O 398 53.03 -65.30 72.70
N ALA O 399 52.08 -65.33 71.76
CA ALA O 399 52.22 -64.65 70.48
C ALA O 399 51.60 -63.26 70.51
N PHE O 400 50.39 -63.14 71.06
CA PHE O 400 49.74 -61.84 71.17
C PHE O 400 48.65 -61.92 72.23
N ASN O 401 48.43 -60.81 72.92
CA ASN O 401 47.37 -60.67 73.91
C ASN O 401 46.30 -59.77 73.31
N ILE O 402 45.12 -60.34 73.01
CA ILE O 402 44.10 -59.61 72.26
C ILE O 402 43.12 -58.88 73.17
N THR O 403 43.40 -58.78 74.46
CA THR O 403 42.66 -57.88 75.33
C THR O 403 43.28 -56.49 75.36
N ASN O 404 44.10 -56.15 74.38
CA ASN O 404 44.78 -54.87 74.29
C ASN O 404 43.96 -53.94 73.40
N TYR O 405 43.14 -53.09 74.02
CA TYR O 405 42.23 -52.24 73.25
C TYR O 405 42.98 -51.32 72.30
N ALA O 406 44.08 -50.74 72.77
CA ALA O 406 44.77 -49.73 71.97
C ALA O 406 45.46 -50.34 70.76
N ARG O 407 45.95 -51.57 70.87
CA ARG O 407 46.77 -52.16 69.83
C ARG O 407 46.00 -53.03 68.86
N TYR O 408 44.80 -53.49 69.23
CA TYR O 408 43.99 -54.36 68.39
C TYR O 408 42.59 -53.76 68.30
N PRO O 409 42.37 -52.81 67.38
CA PRO O 409 41.08 -52.13 67.29
C PRO O 409 39.96 -52.96 66.67
N PHE O 410 40.13 -54.26 66.46
CA PHE O 410 39.03 -55.05 65.92
C PHE O 410 37.86 -55.02 66.89
N ASN O 411 36.65 -55.02 66.34
CA ASN O 411 35.45 -55.03 67.15
C ASN O 411 34.40 -56.02 66.68
N ALA O 412 34.65 -56.79 65.64
CA ALA O 412 33.67 -57.71 65.10
C ALA O 412 34.32 -59.05 64.78
N PHE O 413 33.55 -60.12 64.91
CA PHE O 413 33.99 -61.45 64.49
C PHE O 413 32.82 -62.18 63.88
N TRP O 414 33.00 -62.66 62.65
CA TRP O 414 31.98 -63.39 61.92
C TRP O 414 32.37 -64.86 61.85
N ASP O 415 31.41 -65.74 62.11
CA ASP O 415 31.63 -67.17 61.96
C ASP O 415 31.39 -67.55 60.50
N SER O 416 32.45 -67.94 59.81
CA SER O 416 32.37 -68.28 58.40
C SER O 416 32.03 -69.74 58.16
N GLY O 417 31.88 -70.54 59.20
CA GLY O 417 31.58 -71.95 59.04
C GLY O 417 32.55 -72.87 59.76
N PHE O 418 33.19 -72.39 60.82
CA PHE O 418 34.05 -73.24 61.62
C PHE O 418 33.29 -74.44 62.14
N ASP O 419 34.03 -75.47 62.55
CA ASP O 419 33.39 -76.67 63.08
C ASP O 419 32.77 -76.39 64.44
N LEU O 420 31.87 -77.28 64.86
CA LEU O 420 31.12 -77.06 66.08
C LEU O 420 32.01 -77.01 67.32
N LYS O 421 33.20 -77.59 67.27
CA LYS O 421 34.10 -77.50 68.41
C LYS O 421 34.75 -76.13 68.48
N THR O 422 35.06 -75.53 67.33
CA THR O 422 35.64 -74.20 67.33
C THR O 422 34.58 -73.13 67.54
N LYS O 423 33.32 -73.43 67.21
CA LYS O 423 32.26 -72.46 67.39
C LYS O 423 32.12 -72.03 68.84
N GLN O 424 32.36 -72.94 69.78
CA GLN O 424 32.10 -72.68 71.18
C GLN O 424 33.21 -71.91 71.87
N THR O 425 34.31 -71.65 71.18
CA THR O 425 35.37 -70.81 71.72
C THR O 425 35.23 -69.35 71.32
N ILE O 426 34.25 -69.01 70.47
CA ILE O 426 34.07 -67.66 69.97
C ILE O 426 33.30 -66.79 70.98
N PRO O 427 32.25 -67.29 71.62
CA PRO O 427 31.43 -66.41 72.47
C PRO O 427 32.20 -65.70 73.56
N GLN O 428 33.31 -66.27 74.03
CA GLN O 428 34.04 -65.66 75.12
C GLN O 428 34.70 -64.34 74.74
N LEU O 429 34.73 -63.99 73.45
CA LEU O 429 35.27 -62.69 73.07
C LEU O 429 34.45 -61.55 73.66
N ILE O 430 33.11 -61.68 73.62
CA ILE O 430 32.26 -60.66 74.22
C ILE O 430 32.25 -60.72 75.74
N GLY O 431 32.88 -61.72 76.34
CA GLY O 431 33.04 -61.77 77.77
C GLY O 431 34.36 -61.17 78.19
N LEU O 432 35.38 -61.31 77.34
CA LEU O 432 36.68 -60.72 77.63
C LEU O 432 36.78 -59.26 77.24
N ARG O 433 35.97 -58.78 76.29
CA ARG O 433 36.08 -57.41 75.83
C ARG O 433 34.70 -56.75 75.81
N ALA O 434 34.67 -55.45 76.08
CA ALA O 434 33.43 -54.69 76.19
C ALA O 434 33.10 -53.90 74.95
N ASP O 435 33.91 -53.98 73.90
CA ASP O 435 33.64 -53.32 72.63
C ASP O 435 33.75 -54.31 71.49
N THR O 436 33.11 -55.48 71.65
CA THR O 436 33.19 -56.56 70.69
C THR O 436 31.79 -57.02 70.31
N TRP O 437 31.68 -57.59 69.11
CA TRP O 437 30.41 -57.96 68.51
C TRP O 437 30.66 -59.22 67.68
N ILE O 438 29.72 -60.17 67.72
CA ILE O 438 29.92 -61.48 67.09
C ILE O 438 28.69 -61.87 66.29
N ALA O 439 28.93 -62.54 65.17
CA ALA O 439 27.90 -63.22 64.40
C ALA O 439 28.24 -64.69 64.36
N LEU O 440 27.25 -65.54 64.67
CA LEU O 440 27.42 -66.98 64.69
C LEU O 440 26.60 -67.64 63.59
N SER O 441 27.06 -68.81 63.17
CA SER O 441 26.40 -69.60 62.12
C SER O 441 26.13 -70.99 62.64
N THR O 442 25.00 -71.57 62.25
CA THR O 442 24.62 -72.92 62.67
C THR O 442 24.99 -73.97 61.64
N GLN O 443 25.88 -73.67 60.70
CA GLN O 443 26.26 -74.60 59.65
C GLN O 443 27.76 -74.81 59.67
N ASP O 444 28.19 -76.06 59.65
CA ASP O 444 29.59 -76.44 59.49
C ASP O 444 29.81 -76.74 58.01
N ILE O 445 30.57 -75.88 57.32
CA ILE O 445 30.65 -75.94 55.87
C ILE O 445 31.33 -77.20 55.37
N SER O 446 32.05 -77.91 56.24
CA SER O 446 32.67 -79.17 55.82
C SER O 446 31.70 -80.33 55.82
N SER O 447 30.48 -80.16 56.31
CA SER O 447 29.49 -81.22 56.41
C SER O 447 28.33 -80.95 55.45
N ASP O 448 27.33 -81.82 55.52
CA ASP O 448 26.14 -81.66 54.71
C ASP O 448 25.20 -80.63 55.34
N PHE O 449 24.34 -80.04 54.51
CA PHE O 449 23.42 -79.03 55.00
C PHE O 449 22.54 -79.62 56.10
N ASN O 450 22.40 -78.87 57.20
CA ASN O 450 21.68 -79.37 58.36
C ASN O 450 20.18 -79.38 58.11
N SER O 451 19.50 -80.33 58.73
CA SER O 451 18.05 -80.41 58.67
C SER O 451 17.45 -79.51 59.75
N ASN O 452 16.12 -79.50 59.83
CA ASN O 452 15.45 -78.64 60.80
C ASN O 452 15.85 -78.99 62.23
N GLU O 453 15.86 -80.28 62.54
CA GLU O 453 16.18 -80.70 63.91
C GLU O 453 17.62 -80.42 64.26
N GLU O 454 18.55 -80.62 63.32
CA GLU O 454 19.94 -80.29 63.56
C GLU O 454 20.13 -78.78 63.74
N GLU O 455 19.45 -77.98 62.92
CA GLU O 455 19.44 -76.53 63.15
C GLU O 455 19.02 -76.23 64.58
N GLU O 456 17.92 -76.85 65.03
CA GLU O 456 17.42 -76.57 66.36
C GLU O 456 18.44 -76.96 67.43
N SER O 457 19.04 -78.13 67.29
CA SER O 457 19.99 -78.60 68.30
C SER O 457 21.20 -77.69 68.36
N ILE O 458 21.76 -77.32 67.21
CA ILE O 458 22.93 -76.46 67.20
C ILE O 458 22.60 -75.09 67.77
N ALA O 459 21.43 -74.56 67.42
CA ALA O 459 21.02 -73.26 67.95
C ALA O 459 20.91 -73.31 69.47
N LEU O 460 20.30 -74.36 70.00
CA LEU O 460 20.18 -74.48 71.45
C LEU O 460 21.55 -74.58 72.10
N SER O 461 22.45 -75.34 71.51
CA SER O 461 23.79 -75.47 72.08
C SER O 461 24.51 -74.14 72.10
N LEU O 462 24.41 -73.38 71.01
CA LEU O 462 25.09 -72.08 70.96
C LEU O 462 24.46 -71.10 71.94
N MET O 463 23.14 -71.12 72.11
CA MET O 463 22.52 -70.23 73.10
C MET O 463 22.95 -70.62 74.50
N SER O 464 23.06 -71.91 74.79
CA SER O 464 23.53 -72.34 76.09
C SER O 464 24.95 -71.86 76.34
N ARG O 465 25.81 -71.94 75.31
CA ARG O 465 27.16 -71.43 75.43
C ARG O 465 27.15 -69.93 75.69
N VAL O 466 26.31 -69.19 74.97
CA VAL O 466 26.27 -67.74 75.10
C VAL O 466 25.76 -67.32 76.47
N SER O 467 24.87 -68.11 77.07
CA SER O 467 24.29 -67.74 78.35
C SER O 467 25.31 -67.70 79.48
N ALA O 468 26.56 -68.08 79.21
CA ALA O 468 27.59 -68.09 80.24
C ALA O 468 28.33 -66.76 80.36
N PHE O 469 28.05 -65.79 79.49
CA PHE O 469 28.75 -64.51 79.47
C PHE O 469 27.74 -63.38 79.51
N PRO O 470 27.17 -63.11 80.69
CA PRO O 470 26.20 -62.01 80.79
C PRO O 470 26.85 -60.66 80.53
N ASP O 471 26.03 -59.71 80.07
CA ASP O 471 26.54 -58.38 79.76
C ASP O 471 27.10 -57.70 81.00
N SER O 472 26.32 -57.67 82.07
CA SER O 472 26.72 -57.07 83.34
C SER O 472 26.82 -58.18 84.37
N SER O 473 28.04 -58.67 84.62
CA SER O 473 28.21 -59.76 85.57
C SER O 473 27.73 -59.38 86.95
N ASP O 474 27.76 -58.09 87.29
CA ASP O 474 27.26 -57.64 88.58
C ASP O 474 25.76 -57.86 88.69
N PHE O 475 25.01 -57.55 87.64
CA PHE O 475 23.56 -57.62 87.65
C PHE O 475 22.99 -58.71 86.76
N GLY O 476 23.82 -59.43 86.01
CA GLY O 476 23.34 -60.55 85.22
C GLY O 476 22.52 -60.19 84.01
N THR O 477 22.73 -59.02 83.42
CA THR O 477 22.04 -58.67 82.19
C THR O 477 22.45 -59.63 81.09
N PRO O 478 21.50 -60.25 80.38
CA PRO O 478 21.89 -61.16 79.29
C PRO O 478 22.65 -60.44 78.19
N ALA O 479 23.50 -61.19 77.50
CA ALA O 479 24.29 -60.61 76.42
C ALA O 479 23.38 -60.16 75.29
N PHE O 480 23.80 -59.11 74.57
CA PHE O 480 23.07 -58.64 73.42
C PHE O 480 23.94 -58.23 72.25
N ARG O 481 25.26 -58.32 72.36
CA ARG O 481 26.17 -57.86 71.30
C ARG O 481 26.47 -59.00 70.32
N GLY O 482 25.57 -59.17 69.37
CA GLY O 482 25.80 -60.11 68.28
C GLY O 482 24.49 -60.63 67.71
N MET O 483 24.61 -61.74 66.99
CA MET O 483 23.44 -62.40 66.44
C MET O 483 23.81 -63.81 65.96
N ILE O 484 22.79 -64.63 65.73
CA ILE O 484 22.94 -65.97 65.19
C ILE O 484 22.13 -66.06 63.92
N VAL O 485 22.75 -66.49 62.82
CA VAL O 485 22.12 -66.55 61.51
C VAL O 485 22.12 -68.00 61.03
N GLY O 486 20.94 -68.50 60.68
CA GLY O 486 20.78 -69.88 60.22
C GLY O 486 20.57 -69.95 58.72
N GLY O 487 21.14 -70.98 58.10
CA GLY O 487 21.00 -71.17 56.67
C GLY O 487 22.32 -71.48 56.00
N ALA O 488 22.28 -71.89 54.74
CA ALA O 488 23.47 -72.09 53.94
C ALA O 488 23.10 -72.13 52.48
N GLY O 489 24.07 -71.92 51.62
CA GLY O 489 23.84 -71.90 50.19
C GLY O 489 25.12 -72.00 49.42
N TYR O 490 25.12 -71.45 48.21
CA TYR O 490 26.25 -71.51 47.31
C TYR O 490 26.68 -70.11 46.88
N TYR O 491 27.97 -69.94 46.64
CA TYR O 491 28.50 -68.65 46.25
C TYR O 491 28.20 -68.38 44.79
N THR O 492 27.68 -67.19 44.49
CA THR O 492 27.27 -66.85 43.13
C THR O 492 28.35 -66.15 42.31
N GLU O 493 29.33 -65.54 42.96
CA GLU O 493 30.34 -64.76 42.26
C GLU O 493 31.48 -65.59 41.71
N THR O 494 31.26 -66.90 41.53
CA THR O 494 32.29 -67.79 41.03
C THR O 494 31.64 -68.92 40.26
N THR O 495 32.35 -69.43 39.25
CA THR O 495 31.82 -70.53 38.45
C THR O 495 31.89 -71.86 39.20
N ARG O 496 32.90 -72.04 40.05
CA ARG O 496 33.02 -73.26 40.82
C ARG O 496 31.88 -73.39 41.82
N LYS O 497 31.59 -74.63 42.23
CA LYS O 497 30.59 -74.90 43.23
C LYS O 497 31.24 -74.79 44.61
N LEU O 498 30.79 -73.83 45.41
CA LEU O 498 31.45 -73.46 46.66
C LEU O 498 30.42 -73.09 47.71
N PRO O 499 30.08 -74.00 48.63
CA PRO O 499 29.07 -73.67 49.63
C PRO O 499 29.56 -72.61 50.61
N VAL O 500 28.64 -71.75 51.04
CA VAL O 500 28.92 -70.71 52.02
C VAL O 500 27.67 -70.54 52.89
N PRO O 501 27.80 -69.99 54.10
CA PRO O 501 26.61 -69.65 54.88
C PRO O 501 26.14 -68.23 54.63
N LEU O 502 24.94 -67.92 55.16
CA LEU O 502 24.35 -66.60 54.97
C LEU O 502 25.03 -65.51 55.79
N THR O 503 25.89 -65.89 56.74
CA THR O 503 26.70 -64.89 57.41
C THR O 503 27.54 -64.12 56.42
N LEU O 504 27.88 -64.74 55.28
CA LEU O 504 28.64 -64.01 54.25
C LEU O 504 27.81 -62.87 53.67
N ASP O 505 26.53 -63.13 53.40
CA ASP O 505 25.66 -62.09 52.87
C ASP O 505 25.49 -60.96 53.87
N ARG O 506 25.23 -61.30 55.13
CA ARG O 506 25.09 -60.23 56.12
C ARG O 506 26.41 -59.49 56.33
N PHE O 507 27.54 -60.20 56.20
CA PHE O 507 28.85 -59.57 56.32
C PHE O 507 29.04 -58.53 55.23
N ARG O 508 28.67 -58.87 54.00
CA ARG O 508 28.76 -57.90 52.90
C ARG O 508 27.87 -56.69 53.16
N ALA O 509 26.65 -56.93 53.63
CA ALA O 509 25.75 -55.83 53.92
C ALA O 509 26.37 -54.87 54.93
N TYR O 510 26.92 -55.41 56.02
CA TYR O 510 27.51 -54.55 57.03
C TYR O 510 28.76 -53.86 56.52
N CYS O 511 29.56 -54.54 55.70
CA CYS O 511 30.74 -53.90 55.13
C CYS O 511 30.35 -52.67 54.32
N ARG O 512 29.27 -52.77 53.54
CA ARG O 512 28.85 -51.63 52.74
C ARG O 512 28.22 -50.54 53.60
N TYR O 513 27.47 -50.91 54.64
CA TYR O 513 26.77 -49.92 55.44
C TYR O 513 27.70 -49.17 56.38
N ALA O 514 28.34 -49.88 57.31
CA ALA O 514 29.13 -49.28 58.36
C ALA O 514 30.63 -49.41 58.10
N GLY O 515 31.05 -49.33 56.85
CA GLY O 515 32.44 -49.52 56.50
C GLY O 515 33.12 -48.29 55.96
N ALA O 516 32.40 -47.18 55.88
CA ALA O 516 32.98 -45.93 55.40
C ALA O 516 34.12 -45.50 56.32
N SER O 517 35.21 -45.04 55.72
CA SER O 517 36.41 -44.74 56.48
C SER O 517 36.24 -43.54 57.41
N ASP O 518 35.19 -42.74 57.22
CA ASP O 518 34.98 -41.56 58.04
C ASP O 518 34.11 -41.81 59.26
N GLY O 519 33.75 -43.05 59.53
CA GLY O 519 33.02 -43.37 60.75
C GLY O 519 31.63 -42.80 60.83
N VAL O 520 30.90 -42.78 59.72
CA VAL O 520 29.50 -42.35 59.70
C VAL O 520 28.71 -43.34 58.87
N LEU O 521 27.55 -43.75 59.36
CA LEU O 521 26.74 -44.72 58.62
C LEU O 521 26.22 -44.10 57.34
N LYS O 522 26.27 -44.87 56.24
CA LYS O 522 25.79 -44.40 54.94
C LYS O 522 24.29 -44.64 54.85
N PRO O 523 23.47 -43.60 54.72
CA PRO O 523 22.02 -43.82 54.69
C PRO O 523 21.54 -44.62 53.49
N GLU O 524 22.29 -44.65 52.39
CA GLU O 524 21.84 -45.32 51.19
C GLU O 524 22.00 -46.83 51.26
N TYR O 525 22.66 -47.35 52.31
CA TYR O 525 22.92 -48.78 52.44
C TYR O 525 22.28 -49.37 53.68
N ALA O 526 21.20 -48.78 54.18
CA ALA O 526 20.57 -49.28 55.40
C ALA O 526 20.28 -50.77 55.25
N VAL O 527 20.81 -51.55 56.20
CA VAL O 527 20.75 -53.01 56.10
C VAL O 527 19.34 -53.56 56.13
N ASP O 528 18.33 -52.73 56.39
CA ASP O 528 16.96 -53.21 56.45
C ASP O 528 16.01 -52.33 55.65
N GLU O 529 16.49 -51.73 54.56
CA GLU O 529 15.66 -50.93 53.69
C GLU O 529 16.11 -51.10 52.25
N GLY O 530 15.19 -50.84 51.32
CA GLY O 530 15.55 -50.90 49.91
C GLY O 530 15.97 -52.29 49.51
N ASP O 531 17.07 -52.37 48.77
CA ASP O 531 17.55 -53.63 48.22
C ASP O 531 18.55 -54.33 49.12
N ALA O 532 18.90 -53.74 50.27
CA ALA O 532 19.85 -54.34 51.18
C ALA O 532 19.21 -55.36 52.12
N ARG O 533 17.89 -55.53 52.06
CA ARG O 533 17.21 -56.54 52.87
C ARG O 533 17.02 -57.84 52.12
N LYS O 534 17.60 -58.00 50.95
CA LYS O 534 17.52 -59.22 50.16
C LYS O 534 18.87 -59.92 50.11
N VAL O 535 18.83 -61.24 49.92
CA VAL O 535 20.05 -62.00 49.72
C VAL O 535 20.59 -61.69 48.33
N GLN O 536 21.90 -61.51 48.23
CA GLN O 536 22.52 -61.03 47.00
C GLN O 536 23.74 -61.82 46.55
N VAL O 537 24.36 -62.61 47.42
CA VAL O 537 25.55 -63.37 47.05
C VAL O 537 25.43 -64.83 47.45
N VAL O 538 24.21 -65.35 47.61
CA VAL O 538 23.99 -66.75 47.94
C VAL O 538 22.78 -67.24 47.16
N LYS O 539 22.82 -68.50 46.74
CA LYS O 539 21.75 -69.09 45.94
C LYS O 539 21.54 -70.53 46.37
N SER O 540 20.37 -71.06 46.03
CA SER O 540 20.01 -72.45 46.34
C SER O 540 20.01 -72.70 47.85
N ILE O 541 19.48 -71.73 48.61
CA ILE O 541 19.40 -71.90 50.05
C ILE O 541 18.50 -73.08 50.38
N ASN O 542 18.76 -73.73 51.51
CA ASN O 542 18.08 -74.95 51.91
C ASN O 542 16.96 -74.67 52.88
N ASN O 543 16.13 -75.70 53.10
CA ASN O 543 15.05 -75.66 54.09
C ASN O 543 14.16 -74.44 53.88
N LEU O 544 13.85 -74.12 52.63
CA LEU O 544 13.03 -72.96 52.37
C LEU O 544 11.54 -73.25 52.53
N ASP O 545 11.15 -74.52 52.60
CA ASP O 545 9.77 -74.90 52.90
C ASP O 545 9.57 -75.20 54.39
N LYS O 546 9.98 -74.30 55.27
CA LYS O 546 9.74 -74.53 56.69
C LYS O 546 8.25 -74.46 56.97
N SER O 547 7.80 -75.29 57.90
CA SER O 547 6.42 -75.19 58.35
C SER O 547 6.29 -74.03 59.33
N TRP O 548 5.04 -73.63 59.57
CA TRP O 548 4.77 -72.50 60.45
C TRP O 548 5.30 -72.74 61.85
N ARG O 549 5.14 -73.97 62.35
CA ARG O 549 5.65 -74.27 63.68
C ARG O 549 7.16 -74.13 63.75
N VAL O 550 7.86 -74.62 62.72
CA VAL O 550 9.32 -74.52 62.72
C VAL O 550 9.75 -73.06 62.69
N ARG O 551 9.11 -72.26 61.84
CA ARG O 551 9.45 -70.84 61.78
C ARG O 551 9.18 -70.15 63.10
N ARG O 552 8.06 -70.46 63.74
CA ARG O 552 7.72 -69.85 65.02
C ARG O 552 8.74 -70.24 66.09
N ALA O 553 9.15 -71.51 66.11
CA ALA O 553 10.15 -71.95 67.08
C ALA O 553 11.47 -71.24 66.88
N GLN O 554 11.91 -71.10 65.63
CA GLN O 554 13.16 -70.39 65.38
C GLN O 554 13.06 -68.94 65.82
N TRP O 555 11.93 -68.28 65.51
CA TRP O 555 11.76 -66.90 65.94
C TRP O 555 11.85 -66.79 67.45
N ASN O 556 11.16 -67.68 68.16
CA ASN O 556 11.16 -67.62 69.62
C ASN O 556 12.49 -68.04 70.22
N ASN O 557 13.36 -68.69 69.44
CA ASN O 557 14.73 -68.96 69.86
C ASN O 557 15.71 -67.89 69.36
N ASN O 558 15.21 -66.86 68.68
CA ASN O 558 16.01 -65.67 68.34
C ASN O 558 17.02 -65.94 67.23
N LEU O 559 16.65 -66.73 66.23
CA LEU O 559 17.50 -66.85 65.06
C LEU O 559 17.12 -65.81 64.01
N VAL O 560 18.07 -65.54 63.11
CA VAL O 560 17.82 -64.72 61.93
C VAL O 560 17.77 -65.66 60.73
N TYR O 561 16.65 -65.62 60.00
CA TYR O 561 16.43 -66.54 58.90
C TYR O 561 15.78 -65.78 57.75
N VAL O 562 15.76 -66.43 56.58
CA VAL O 562 15.29 -65.80 55.37
C VAL O 562 14.01 -66.47 54.91
N GLU O 563 13.27 -65.77 54.05
CA GLU O 563 12.06 -66.27 53.42
C GLU O 563 12.16 -66.01 51.92
N ASP O 564 11.15 -66.47 51.19
CA ASP O 564 11.10 -66.22 49.76
C ASP O 564 10.40 -64.91 49.46
N TYR O 565 11.09 -64.02 48.75
CA TYR O 565 10.50 -62.75 48.33
C TYR O 565 9.61 -62.97 47.13
N ASP O 566 10.13 -63.67 46.12
CA ASP O 566 9.37 -64.09 44.96
C ASP O 566 9.98 -65.39 44.48
N THR O 567 9.67 -65.77 43.24
CA THR O 567 10.16 -67.03 42.70
C THR O 567 11.67 -67.06 42.53
N ASN O 568 12.33 -65.91 42.62
CA ASN O 568 13.77 -65.83 42.33
C ASN O 568 14.63 -65.49 43.53
N SER O 569 14.09 -64.86 44.57
CA SER O 569 14.93 -64.24 45.57
C SER O 569 14.34 -64.45 46.97
N GLN O 570 15.16 -64.13 47.98
CA GLN O 570 14.80 -64.26 49.38
C GLN O 570 15.01 -62.92 50.07
N PHE O 571 14.60 -62.85 51.34
CA PHE O 571 14.77 -61.63 52.12
C PHE O 571 14.64 -61.96 53.60
N TYR O 572 15.00 -60.98 54.45
CA TYR O 572 14.98 -61.15 55.89
C TYR O 572 13.77 -60.45 56.48
N PRO O 573 12.77 -61.17 57.00
CA PRO O 573 11.64 -60.48 57.64
C PRO O 573 12.02 -59.64 58.83
N GLY O 574 13.03 -60.03 59.60
CA GLY O 574 13.46 -59.24 60.73
C GLY O 574 14.82 -59.69 61.23
N GLN O 575 15.74 -58.75 61.41
CA GLN O 575 17.12 -59.06 61.78
C GLN O 575 17.34 -58.70 63.25
N GLN O 576 17.04 -59.65 64.12
CA GLN O 576 17.08 -59.42 65.55
C GLN O 576 18.33 -60.01 66.18
N SER O 577 18.73 -59.41 67.30
CA SER O 577 19.86 -59.91 68.08
C SER O 577 19.42 -61.09 68.95
N PHE O 578 20.40 -61.78 69.52
CA PHE O 578 20.09 -62.89 70.42
C PHE O 578 19.88 -62.46 71.86
N TYR O 579 19.48 -61.21 72.10
CA TYR O 579 19.04 -60.82 73.43
C TYR O 579 17.79 -61.61 73.80
N SER O 580 17.75 -62.14 75.02
CA SER O 580 16.73 -63.11 75.39
C SER O 580 15.57 -62.54 76.18
N GLU O 581 15.61 -61.26 76.57
CA GLU O 581 14.55 -60.70 77.39
C GLU O 581 13.51 -59.99 76.53
N GLN O 582 12.52 -59.40 77.21
CA GLN O 582 11.40 -58.76 76.55
C GLN O 582 11.63 -57.28 76.25
N GLY O 583 12.76 -56.72 76.66
CA GLY O 583 13.04 -55.33 76.33
C GLY O 583 13.04 -55.08 74.84
N SER O 584 12.38 -54.01 74.41
CA SER O 584 12.34 -53.62 73.02
C SER O 584 13.50 -52.71 72.63
N VAL O 585 14.32 -52.27 73.59
CA VAL O 585 15.44 -51.40 73.26
C VAL O 585 16.50 -52.17 72.50
N LEU O 586 16.75 -53.41 72.89
CA LEU O 586 17.90 -54.18 72.44
C LEU O 586 17.56 -55.27 71.43
N LYS O 587 16.55 -55.05 70.58
CA LYS O 587 16.16 -56.10 69.65
C LYS O 587 16.92 -56.04 68.34
N ALA O 588 16.97 -54.89 67.68
CA ALA O 588 17.69 -54.78 66.42
C ALA O 588 19.17 -55.02 66.64
N ALA O 589 19.79 -55.82 65.78
CA ALA O 589 21.17 -56.23 66.01
C ALA O 589 22.15 -55.09 65.74
N ILE O 590 21.74 -54.09 64.97
CA ILE O 590 22.62 -52.96 64.68
C ILE O 590 22.89 -52.14 65.93
N VAL O 591 21.91 -52.06 66.83
CA VAL O 591 22.10 -51.30 68.06
C VAL O 591 23.22 -51.91 68.90
N GLY O 592 23.44 -53.22 68.78
CA GLY O 592 24.57 -53.82 69.48
C GLY O 592 25.90 -53.25 69.03
N LEU O 593 26.08 -53.11 67.71
CA LEU O 593 27.31 -52.52 67.20
C LEU O 593 27.42 -51.05 67.62
N CYS O 594 26.30 -50.34 67.63
CA CYS O 594 26.33 -48.95 68.09
C CYS O 594 26.79 -48.86 69.54
N VAL O 595 26.30 -49.76 70.38
CA VAL O 595 26.69 -49.76 71.80
C VAL O 595 28.16 -50.11 71.96
N ALA O 596 28.65 -51.07 71.16
CA ALA O 596 30.08 -51.37 71.18
C ALA O 596 30.90 -50.13 70.87
N ASN O 597 30.47 -49.35 69.88
CA ASN O 597 31.20 -48.13 69.53
C ASN O 597 31.18 -47.12 70.68
N LEU O 598 30.04 -46.99 71.36
CA LEU O 598 30.00 -46.10 72.52
C LEU O 598 31.03 -46.52 73.56
N ASN O 599 31.11 -47.83 73.83
CA ASN O 599 32.11 -48.32 74.76
C ASN O 599 33.51 -47.94 74.31
N ARG O 600 33.77 -47.98 73.00
CA ARG O 600 35.08 -47.57 72.50
C ARG O 600 35.35 -46.09 72.78
N PHE O 601 34.35 -45.22 72.55
CA PHE O 601 34.57 -43.80 72.78
C PHE O 601 34.93 -43.53 74.23
N ALA O 602 34.34 -44.29 75.16
CA ALA O 602 34.71 -44.12 76.56
C ALA O 602 36.19 -44.42 76.80
N PHE O 603 36.69 -45.51 76.22
CA PHE O 603 38.10 -45.84 76.37
C PHE O 603 38.98 -44.72 75.84
N GLU O 604 38.59 -44.14 74.70
CA GLU O 604 39.36 -43.04 74.15
C GLU O 604 39.41 -41.85 75.11
N ALA O 605 38.26 -41.54 75.74
CA ALA O 605 38.24 -40.47 76.72
C ALA O 605 39.23 -40.72 77.84
N TRP O 606 39.20 -41.93 78.41
CA TRP O 606 40.15 -42.25 79.47
C TRP O 606 41.58 -42.09 78.99
N ARG O 607 41.88 -42.68 77.84
CA ARG O 607 43.23 -42.63 77.31
C ARG O 607 43.72 -41.19 77.21
N ASP O 608 42.84 -40.28 76.81
CA ASP O 608 43.26 -38.90 76.62
C ASP O 608 43.41 -38.15 77.94
N LEU O 609 42.67 -38.54 78.98
CA LEU O 609 42.70 -37.77 80.22
C LEU O 609 43.61 -38.34 81.32
N THR O 610 44.04 -39.60 81.21
CA THR O 610 44.71 -40.23 82.35
C THR O 610 46.04 -39.56 82.70
N GLY O 611 46.29 -39.44 84.00
CA GLY O 611 47.61 -39.15 84.52
C GLY O 611 48.17 -37.77 84.28
N THR O 612 47.37 -36.72 84.49
CA THR O 612 47.81 -35.35 84.29
C THR O 612 47.94 -34.64 85.63
N GLN O 613 49.04 -33.93 85.82
CA GLN O 613 49.37 -33.36 87.13
C GLN O 613 48.47 -32.18 87.47
N LYS O 614 48.26 -31.27 86.53
CA LYS O 614 47.70 -29.95 86.82
C LYS O 614 46.21 -29.83 86.52
N LEU O 615 45.53 -30.93 86.23
CA LEU O 615 44.08 -30.88 86.04
C LEU O 615 43.38 -30.62 87.36
N THR O 616 42.12 -30.20 87.27
CA THR O 616 41.24 -30.16 88.42
C THR O 616 40.09 -31.15 88.22
N ASP O 617 39.34 -31.40 89.30
CA ASP O 617 38.23 -32.33 89.22
C ASP O 617 37.17 -31.86 88.22
N ASP O 618 36.80 -30.59 88.29
CA ASP O 618 35.78 -30.08 87.38
C ASP O 618 36.23 -30.12 85.94
N GLN O 619 37.49 -29.76 85.68
CA GLN O 619 38.00 -29.84 84.32
C GLN O 619 38.00 -31.27 83.82
N LEU O 620 38.42 -32.22 84.65
CA LEU O 620 38.42 -33.62 84.25
C LEU O 620 37.01 -34.08 83.89
N ILE O 621 36.06 -33.80 84.78
CA ILE O 621 34.68 -34.21 84.57
C ILE O 621 34.12 -33.62 83.29
N GLU O 622 34.36 -32.33 83.07
CA GLU O 622 33.85 -31.66 81.88
C GLU O 622 34.47 -32.21 80.60
N ARG O 623 35.79 -32.38 80.60
CA ARG O 623 36.48 -32.85 79.42
C ARG O 623 36.06 -34.26 79.02
N SER O 624 35.80 -35.14 79.98
CA SER O 624 35.36 -36.49 79.62
C SER O 624 34.10 -36.46 78.77
N ASP O 625 33.07 -35.76 79.26
CA ASP O 625 31.81 -35.69 78.52
C ASP O 625 31.99 -34.97 77.20
N ASP O 626 32.76 -33.89 77.18
CA ASP O 626 33.02 -33.21 75.92
C ASP O 626 33.57 -34.20 74.90
N ALA O 627 34.56 -34.98 75.28
CA ALA O 627 35.16 -35.93 74.35
C ALA O 627 34.13 -36.92 73.85
N VAL O 628 33.38 -37.54 74.75
CA VAL O 628 32.45 -38.59 74.34
C VAL O 628 31.39 -38.03 73.40
N SER O 629 30.79 -36.91 73.77
CA SER O 629 29.72 -36.34 72.94
C SER O 629 30.25 -35.89 71.58
N THR O 630 31.42 -35.25 71.56
CA THR O 630 31.99 -34.82 70.30
C THR O 630 32.24 -36.01 69.38
N ARG O 631 32.80 -37.09 69.93
CA ARG O 631 33.14 -38.24 69.10
C ARG O 631 31.90 -39.00 68.64
N GLY O 632 30.83 -38.96 69.43
CA GLY O 632 29.67 -39.78 69.12
C GLY O 632 28.60 -39.11 68.31
N THR O 633 28.39 -37.80 68.49
CA THR O 633 27.25 -37.15 67.88
C THR O 633 27.39 -37.10 66.36
N GLY O 634 26.32 -37.49 65.67
CA GLY O 634 26.26 -37.41 64.22
C GLY O 634 26.81 -38.62 63.49
N ALA O 635 27.01 -39.75 64.17
CA ALA O 635 27.61 -40.93 63.55
C ALA O 635 26.63 -42.07 63.36
N PHE O 636 25.61 -42.18 64.21
CA PHE O 636 24.78 -43.38 64.27
C PHE O 636 23.51 -43.26 63.45
N ASP O 637 23.37 -42.22 62.63
CA ASP O 637 22.29 -42.18 61.64
C ASP O 637 20.92 -42.41 62.27
N ASP O 638 20.72 -41.87 63.47
CA ASP O 638 19.43 -41.89 64.15
C ASP O 638 18.99 -43.28 64.56
N ARG O 639 19.93 -44.17 64.90
CA ARG O 639 19.57 -45.47 65.46
C ARG O 639 19.54 -45.43 66.97
N LEU O 640 20.21 -44.44 67.57
CA LEU O 640 20.32 -44.29 69.01
C LEU O 640 20.09 -42.84 69.40
N ILE O 641 19.84 -42.61 70.68
CA ILE O 641 20.09 -41.31 71.30
C ILE O 641 20.77 -41.55 72.63
N PHE O 642 21.90 -40.88 72.87
CA PHE O 642 22.75 -41.17 74.01
C PHE O 642 23.18 -39.86 74.68
N THR O 643 23.53 -39.99 75.97
CA THR O 643 23.97 -38.86 76.78
C THR O 643 24.98 -39.33 77.83
N PRO O 644 26.19 -38.75 77.88
CA PRO O 644 27.15 -39.14 78.92
C PRO O 644 27.10 -38.24 80.15
N HIS O 645 27.50 -38.78 81.30
CA HIS O 645 27.56 -38.01 82.55
C HIS O 645 28.77 -38.51 83.33
N SER O 646 29.72 -37.62 83.57
CA SER O 646 30.88 -37.92 84.38
C SER O 646 30.78 -37.20 85.72
N GLU O 647 31.42 -37.77 86.73
CA GLU O 647 31.39 -37.17 88.06
C GLU O 647 32.40 -37.89 88.95
N ILE O 648 32.41 -37.52 90.23
CA ILE O 648 33.30 -38.05 91.24
C ILE O 648 32.44 -38.40 92.45
N THR O 649 32.15 -39.68 92.62
CA THR O 649 31.19 -40.13 93.62
C THR O 649 31.86 -40.22 94.98
N GLN O 650 31.13 -40.76 95.96
CA GLN O 650 31.69 -40.94 97.30
C GLN O 650 32.85 -41.91 97.30
N ALA O 651 32.70 -43.03 96.59
CA ALA O 651 33.81 -43.98 96.50
C ALA O 651 35.01 -43.35 95.84
N ASP O 652 34.79 -42.48 94.86
CA ASP O 652 35.87 -41.74 94.23
C ASP O 652 36.55 -40.80 95.22
N LYS O 653 35.76 -40.12 96.07
CA LYS O 653 36.36 -39.30 97.11
C LYS O 653 37.22 -40.13 98.04
N GLU O 654 36.72 -41.30 98.45
CA GLU O 654 37.53 -42.17 99.31
C GLU O 654 38.84 -42.52 98.64
N ARG O 655 38.77 -43.04 97.42
CA ARG O 655 39.97 -43.55 96.76
C ARG O 655 40.97 -42.43 96.46
N GLY O 656 40.50 -41.31 95.92
CA GLY O 656 41.35 -40.20 95.58
C GLY O 656 42.07 -40.31 94.26
N TYR O 657 41.80 -41.36 93.47
CA TYR O 657 42.49 -41.54 92.20
C TYR O 657 41.56 -42.06 91.11
N SER O 658 40.27 -41.77 91.17
CA SER O 658 39.33 -42.28 90.18
C SER O 658 38.21 -41.30 89.94
N TRP O 659 37.61 -41.40 88.75
CA TRP O 659 36.40 -40.68 88.40
C TRP O 659 35.50 -41.64 87.63
N SER O 660 34.21 -41.33 87.57
CA SER O 660 33.21 -42.24 87.03
C SER O 660 32.49 -41.60 85.84
N MET O 661 32.06 -42.45 84.91
CA MET O 661 31.25 -42.04 83.77
C MET O 661 30.09 -43.00 83.61
N ARG O 662 29.00 -42.50 83.03
CA ARG O 662 27.80 -43.30 82.84
C ARG O 662 27.05 -42.76 81.63
N ILE O 663 26.71 -43.63 80.69
CA ILE O 663 26.07 -43.24 79.43
C ILE O 663 24.68 -43.82 79.38
N ASP O 664 23.68 -42.96 79.14
CA ASP O 664 22.29 -43.38 79.01
C ASP O 664 21.90 -43.32 77.56
N PHE O 665 21.35 -44.41 77.03
CA PHE O 665 21.00 -44.48 75.63
C PHE O 665 19.62 -45.10 75.46
N GLY O 666 19.00 -44.79 74.32
CA GLY O 666 17.67 -45.30 74.01
C GLY O 666 17.50 -45.52 72.53
N ALA O 667 16.65 -46.50 72.18
CA ALA O 667 16.42 -46.90 70.80
C ALA O 667 15.06 -47.57 70.68
N ASN O 668 14.70 -47.92 69.44
CA ASN O 668 13.38 -48.42 69.08
C ASN O 668 13.46 -49.85 68.54
N ALA O 669 12.30 -50.36 68.11
CA ALA O 669 12.19 -51.66 67.47
C ALA O 669 11.25 -51.57 66.26
N PHE O 670 10.83 -52.71 65.72
CA PHE O 670 10.06 -52.75 64.48
C PHE O 670 8.82 -53.62 64.63
N ARG O 671 7.85 -53.39 63.75
CA ARG O 671 6.63 -54.18 63.69
C ARG O 671 6.74 -55.25 62.61
N THR O 672 6.08 -56.38 62.82
CA THR O 672 6.25 -57.53 61.95
C THR O 672 4.99 -58.31 61.59
N VAL O 673 3.83 -57.94 62.12
CA VAL O 673 2.59 -58.69 61.88
C VAL O 673 1.58 -57.77 61.21
N MET O 674 0.69 -58.35 60.41
CA MET O 674 -0.35 -57.60 59.72
C MET O 674 -1.65 -58.39 59.74
N ASP O 675 -2.77 -57.67 59.79
CA ASP O 675 -4.09 -58.25 59.64
C ASP O 675 -4.69 -57.85 58.29
N MET O 676 -5.65 -58.64 57.84
CA MET O 676 -6.33 -58.37 56.58
C MET O 676 -7.79 -58.77 56.73
N SER O 677 -8.66 -57.97 56.14
CA SER O 677 -10.10 -58.17 56.23
C SER O 677 -10.75 -57.55 55.01
N SER O 678 -12.04 -57.82 54.84
CA SER O 678 -12.75 -57.29 53.69
C SER O 678 -14.23 -57.21 54.00
N VAL O 679 -14.92 -56.35 53.28
CA VAL O 679 -16.38 -56.28 53.32
C VAL O 679 -16.88 -55.98 51.92
N ALA O 680 -18.02 -56.57 51.56
CA ALA O 680 -18.60 -56.44 50.23
C ALA O 680 -19.78 -55.49 50.27
N TYR O 681 -19.78 -54.53 49.36
CA TYR O 681 -20.86 -53.56 49.24
C TYR O 681 -21.43 -53.61 47.83
N THR O 682 -22.58 -52.99 47.65
CA THR O 682 -23.07 -52.73 46.30
C THR O 682 -22.38 -51.50 45.73
N ARG O 683 -22.37 -51.41 44.40
CA ARG O 683 -21.67 -50.30 43.76
C ARG O 683 -22.27 -48.96 44.16
N GLU O 684 -23.60 -48.87 44.23
CA GLU O 684 -24.23 -47.59 44.54
C GLU O 684 -23.87 -47.13 45.95
N GLU O 685 -24.05 -48.00 46.95
CA GLU O 685 -23.81 -47.59 48.33
C GLU O 685 -22.33 -47.57 48.68
N LEU O 686 -21.46 -48.06 47.79
CA LEU O 686 -20.03 -47.88 47.97
C LEU O 686 -19.51 -46.63 47.29
N ALA O 687 -20.10 -46.24 46.16
CA ALA O 687 -19.69 -45.02 45.48
C ALA O 687 -20.27 -43.78 46.13
N ASN O 688 -21.48 -43.86 46.66
CA ASN O 688 -22.11 -42.70 47.29
C ASN O 688 -23.06 -43.17 48.38
N GLY O 689 -22.86 -42.69 49.60
CA GLY O 689 -23.71 -43.07 50.71
C GLY O 689 -23.07 -44.14 51.58
N MET P 1 84.46 27.46 -15.99
CA MET P 1 85.17 26.16 -15.81
C MET P 1 86.51 26.36 -15.11
N SER P 2 87.29 27.30 -15.63
CA SER P 2 88.70 27.40 -15.28
C SER P 2 88.98 28.34 -14.12
N GLU P 3 88.03 29.18 -13.74
CA GLU P 3 88.30 30.22 -12.76
C GLU P 3 87.81 29.80 -11.38
N GLN P 4 88.46 30.37 -10.36
CA GLN P 4 88.22 30.01 -8.98
C GLN P 4 87.52 31.16 -8.25
N ILE P 5 87.10 30.90 -7.01
CA ILE P 5 86.37 31.89 -6.23
C ILE P 5 87.36 32.86 -5.61
N THR P 6 87.55 34.00 -6.27
CA THR P 6 88.52 34.98 -5.79
C THR P 6 87.92 35.90 -4.73
N GLY P 7 86.65 36.24 -4.85
CA GLY P 7 86.05 37.19 -3.95
C GLY P 7 84.54 37.08 -3.95
N SER P 8 83.90 38.21 -3.71
CA SER P 8 82.46 38.25 -3.49
C SER P 8 81.67 38.75 -4.69
N THR P 9 82.30 38.91 -5.84
CA THR P 9 81.58 39.41 -7.01
C THR P 9 80.44 38.45 -7.36
N PRO P 10 79.22 38.95 -7.57
CA PRO P 10 78.11 38.05 -7.91
C PRO P 10 78.44 37.17 -9.10
N ARG P 11 78.18 35.87 -8.98
CA ARG P 11 78.66 34.91 -9.98
C ARG P 11 78.15 33.54 -9.58
N ILE P 12 78.03 32.66 -10.56
CA ILE P 12 77.74 31.24 -10.32
C ILE P 12 78.87 30.43 -10.93
N TYR P 13 79.52 29.61 -10.11
CA TYR P 13 80.64 28.80 -10.55
C TYR P 13 80.18 27.38 -10.82
N TYR P 14 80.73 26.78 -11.87
CA TYR P 14 80.35 25.44 -12.31
C TYR P 14 81.53 24.51 -12.11
N ARG P 15 81.43 23.61 -11.14
CA ARG P 15 82.29 22.44 -11.09
C ARG P 15 81.59 21.32 -11.83
N GLY P 16 82.22 20.81 -12.88
CA GLY P 16 81.54 19.89 -13.76
C GLY P 16 81.09 18.61 -13.10
N THR P 17 80.60 17.68 -13.91
CA THR P 17 80.15 16.38 -13.40
C THR P 17 81.34 15.57 -12.90
N LYS P 18 81.05 14.63 -12.01
CA LYS P 18 82.07 13.82 -11.37
C LYS P 18 81.44 12.50 -10.97
N ASP P 19 82.28 11.50 -10.72
CA ASP P 19 81.81 10.22 -10.23
C ASP P 19 81.90 10.17 -8.71
N SER P 20 81.07 9.33 -8.11
CA SER P 20 80.92 9.32 -6.66
C SER P 20 82.26 9.11 -5.97
N SER P 21 82.47 9.83 -4.87
CA SER P 21 83.68 9.75 -4.08
C SER P 21 83.38 9.11 -2.73
N VAL P 22 84.30 8.27 -2.27
CA VAL P 22 84.12 7.62 -0.98
C VAL P 22 84.05 8.68 0.12
N THR P 23 83.05 8.55 0.99
CA THR P 23 82.81 9.51 2.06
C THR P 23 83.20 8.88 3.38
N ARG P 24 84.13 9.51 4.09
CA ARG P 24 84.58 8.97 5.37
C ARG P 24 83.42 9.01 6.37
N SER P 25 83.34 7.96 7.18
CA SER P 25 82.21 7.76 8.08
C SER P 25 82.54 8.29 9.48
N THR P 26 81.62 9.06 10.04
CA THR P 26 81.78 9.55 11.41
C THR P 26 81.54 8.42 12.41
N GLY P 27 82.16 8.56 13.58
CA GLY P 27 82.11 7.54 14.61
C GLY P 27 81.30 7.99 15.81
N SER P 28 81.18 7.08 16.77
CA SER P 28 80.40 7.31 17.98
C SER P 28 81.27 7.12 19.21
N THR P 29 80.85 7.76 20.30
CA THR P 29 81.64 7.71 21.53
C THR P 29 81.76 6.27 22.03
N THR P 30 82.92 5.95 22.57
CA THR P 30 83.23 4.58 22.97
C THR P 30 82.55 4.23 24.29
N THR P 31 82.41 2.94 24.52
CA THR P 31 81.72 2.40 25.69
C THR P 31 82.35 1.06 26.01
N LEU P 32 81.93 0.45 27.12
CA LEU P 32 82.40 -0.88 27.50
C LEU P 32 81.28 -1.89 27.42
N PRO P 33 81.26 -2.77 26.41
CA PRO P 33 80.33 -3.91 26.44
C PRO P 33 80.83 -5.00 27.37
N LEU P 34 80.07 -6.09 27.42
CA LEU P 34 80.46 -7.25 28.21
C LEU P 34 81.45 -8.14 27.49
N HIS P 35 81.64 -7.95 26.18
CA HIS P 35 82.57 -8.74 25.38
C HIS P 35 83.50 -7.79 24.67
N ARG P 36 84.76 -7.78 25.08
CA ARG P 36 85.74 -6.80 24.62
C ARG P 36 87.00 -7.54 24.18
N PRO P 37 87.05 -7.97 22.92
CA PRO P 37 88.17 -8.80 22.48
C PRO P 37 89.38 -8.01 22.00
N LEU P 38 90.52 -8.68 22.06
CA LEU P 38 91.79 -8.17 21.54
C LEU P 38 92.14 -8.94 20.27
N ILE P 39 92.44 -8.22 19.21
CA ILE P 39 92.73 -8.83 17.91
C ILE P 39 94.02 -8.24 17.36
N MET P 40 94.93 -9.12 16.96
CA MET P 40 96.22 -8.76 16.38
C MET P 40 96.20 -9.04 14.88
N PHE P 41 96.92 -8.24 14.10
CA PHE P 41 96.85 -8.41 12.65
C PHE P 41 97.97 -7.65 11.96
N PHE P 42 98.19 -7.99 10.69
CA PHE P 42 99.01 -7.19 9.78
C PHE P 42 98.10 -6.22 9.05
N GLY P 43 98.59 -5.00 8.85
CA GLY P 43 97.77 -3.94 8.30
C GLY P 43 98.53 -3.10 7.29
N GLN P 44 97.81 -2.13 6.72
CA GLN P 44 98.41 -1.25 5.73
C GLN P 44 98.98 0.01 6.37
N LYS P 45 98.33 0.51 7.41
CA LYS P 45 98.78 1.71 8.08
C LYS P 45 98.14 1.74 9.47
N GLY P 46 98.28 2.87 10.16
CA GLY P 46 97.70 3.04 11.47
C GLY P 46 98.71 2.82 12.58
N PRO P 47 98.35 3.18 13.80
CA PRO P 47 99.30 3.08 14.92
C PRO P 47 99.63 1.63 15.22
N THR P 48 100.77 1.44 15.89
CA THR P 48 101.28 0.12 16.22
C THR P 48 101.23 -0.15 17.72
N VAL P 49 100.21 0.38 18.39
CA VAL P 49 99.99 0.10 19.81
C VAL P 49 98.51 -0.27 19.99
N PRO P 50 98.19 -1.02 21.05
CA PRO P 50 96.79 -1.42 21.24
C PRO P 50 95.88 -0.22 21.27
N THR P 51 94.80 -0.29 20.50
CA THR P 51 93.91 0.84 20.33
C THR P 51 92.46 0.39 20.45
N TRP P 52 91.70 1.08 21.30
CA TRP P 52 90.28 0.82 21.43
C TRP P 52 89.54 1.49 20.28
N ILE P 53 88.73 0.70 19.55
CA ILE P 53 88.21 1.15 18.28
C ILE P 53 86.73 0.79 18.14
N ASP P 54 86.01 1.69 17.47
CA ASP P 54 84.66 1.49 16.96
C ASP P 54 84.74 0.85 15.58
N PRO P 55 84.04 -0.26 15.29
CA PRO P 55 84.25 -0.93 14.00
C PRO P 55 84.04 -0.04 12.79
N VAL P 56 83.35 1.08 12.97
CA VAL P 56 83.09 1.97 11.84
C VAL P 56 84.39 2.55 11.30
N LYS P 57 85.37 2.83 12.17
CA LYS P 57 86.57 3.55 11.79
C LYS P 57 87.76 2.64 11.48
N PHE P 58 87.57 1.32 11.50
CA PHE P 58 88.68 0.43 11.20
C PHE P 58 89.21 0.68 9.78
N GLU P 59 88.30 0.83 8.82
CA GLU P 59 88.69 0.98 7.42
C GLU P 59 89.56 2.20 7.19
N ASP P 60 89.23 3.34 7.81
CA ASP P 60 89.96 4.57 7.58
C ASP P 60 90.98 4.86 8.67
N ILE P 61 91.17 3.97 9.64
CA ILE P 61 92.33 4.07 10.52
C ILE P 61 93.45 3.15 10.05
N TYR P 62 93.13 1.91 9.66
CA TYR P 62 94.13 0.93 9.29
C TYR P 62 94.15 0.66 7.78
N GLY P 63 93.45 1.46 7.00
CA GLY P 63 93.39 1.22 5.57
C GLY P 63 92.37 0.17 5.22
N SER P 64 91.79 0.26 4.02
CA SER P 64 90.73 -0.65 3.62
C SER P 64 91.25 -1.90 2.94
N GLU P 65 92.56 -2.06 2.82
CA GLU P 65 93.12 -3.28 2.25
C GLU P 65 93.43 -4.34 3.30
N THR P 66 93.34 -4.00 4.58
CA THR P 66 93.65 -4.97 5.62
C THR P 66 92.55 -6.02 5.76
N THR P 67 91.34 -5.72 5.31
CA THR P 67 90.21 -6.62 5.41
C THR P 67 89.93 -7.35 4.11
N ASN P 68 90.79 -7.20 3.10
CA ASN P 68 90.59 -7.87 1.83
C ASN P 68 91.17 -9.27 1.91
N LEU P 69 90.31 -10.28 1.82
CA LEU P 69 90.75 -11.65 1.97
C LEU P 69 91.71 -12.08 0.86
N SER P 70 91.67 -11.42 -0.29
CA SER P 70 92.55 -11.75 -1.41
C SER P 70 93.79 -10.88 -1.46
N GLY P 71 93.98 -9.99 -0.50
CA GLY P 71 95.12 -9.10 -0.49
C GLY P 71 96.34 -9.74 0.14
N VAL P 72 97.38 -8.92 0.30
CA VAL P 72 98.64 -9.39 0.87
C VAL P 72 98.62 -9.43 2.38
N TYR P 73 97.64 -8.81 3.03
CA TYR P 73 97.58 -8.74 4.48
C TYR P 73 96.68 -9.81 5.09
N CYS P 74 96.25 -10.80 4.32
CA CYS P 74 95.40 -11.85 4.87
C CYS P 74 96.21 -12.79 5.76
N THR P 75 95.74 -12.98 6.98
CA THR P 75 96.30 -13.95 7.92
C THR P 75 95.12 -14.70 8.52
N HIS P 76 95.39 -15.57 9.48
CA HIS P 76 94.30 -16.38 10.05
C HIS P 76 93.50 -15.63 11.11
N SER P 77 93.58 -14.30 11.14
CA SER P 77 92.72 -13.48 12.00
C SER P 77 91.87 -12.50 11.22
N THR P 78 92.05 -12.40 9.90
CA THR P 78 91.19 -11.53 9.10
C THR P 78 89.73 -11.94 9.17
N PRO P 79 89.36 -13.22 9.13
CA PRO P 79 87.95 -13.57 9.35
C PRO P 79 87.44 -13.07 10.68
N PHE P 80 88.27 -13.12 11.72
CA PHE P 80 87.86 -12.60 13.02
C PHE P 80 87.59 -11.11 12.97
N ILE P 81 88.48 -10.36 12.29
CA ILE P 81 88.25 -8.93 12.16
C ILE P 81 86.95 -8.65 11.41
N LYS P 82 86.72 -9.37 10.31
CA LYS P 82 85.52 -9.13 9.52
C LYS P 82 84.25 -9.47 10.29
N GLU P 83 84.27 -10.57 11.05
CA GLU P 83 83.12 -10.92 11.87
C GLU P 83 82.86 -9.87 12.94
N ALA P 84 83.92 -9.37 13.58
CA ALA P 84 83.75 -8.33 14.58
C ALA P 84 83.13 -7.08 13.96
N ILE P 85 83.61 -6.70 12.77
CA ILE P 85 83.05 -5.52 12.11
C ILE P 85 81.59 -5.75 11.76
N ALA P 86 81.25 -6.93 11.25
CA ALA P 86 79.87 -7.21 10.88
C ALA P 86 78.95 -7.15 12.10
N ALA P 87 79.38 -7.73 13.21
CA ALA P 87 78.52 -7.75 14.41
C ALA P 87 78.42 -6.37 15.04
N GLY P 88 79.52 -5.61 15.06
CA GLY P 88 79.51 -4.29 15.65
C GLY P 88 80.07 -4.25 17.06
N ASN P 89 81.18 -4.96 17.30
CA ASN P 89 81.86 -4.94 18.58
C ASN P 89 82.94 -3.87 18.57
N GLN P 90 82.89 -2.94 19.51
CA GLN P 90 84.05 -2.13 19.79
C GLN P 90 85.11 -3.03 20.42
N PHE P 91 86.31 -3.03 19.83
CA PHE P 91 87.32 -3.98 20.27
C PHE P 91 88.70 -3.32 20.26
N MET P 92 89.71 -4.06 20.72
CA MET P 92 91.06 -3.53 20.87
C MET P 92 91.95 -4.13 19.79
N ALA P 93 92.40 -3.27 18.88
CA ALA P 93 93.20 -3.66 17.73
C ALA P 93 94.67 -3.51 18.02
N LEU P 94 95.48 -4.41 17.46
CA LEU P 94 96.93 -4.37 17.60
C LEU P 94 97.56 -4.74 16.26
N ARG P 95 98.21 -3.77 15.62
CA ARG P 95 98.83 -3.97 14.32
C ARG P 95 100.28 -4.38 14.54
N LEU P 96 100.60 -5.63 14.25
CA LEU P 96 101.97 -6.13 14.34
C LEU P 96 102.75 -5.76 13.09
N GLU P 97 104.07 -5.89 13.19
CA GLU P 97 104.99 -5.71 12.08
C GLU P 97 105.99 -6.84 12.05
N PRO P 98 106.44 -7.27 10.87
CA PRO P 98 107.51 -8.26 10.81
C PRO P 98 108.85 -7.66 11.19
N SER P 99 109.77 -8.53 11.58
CA SER P 99 111.05 -8.08 12.11
C SER P 99 111.97 -7.48 11.06
N ASP P 100 111.64 -7.60 9.78
CA ASP P 100 112.50 -7.12 8.71
C ASP P 100 111.86 -6.01 7.88
N ILE P 101 110.94 -5.26 8.48
CA ILE P 101 110.24 -4.21 7.72
C ILE P 101 111.24 -3.10 7.39
N PRO P 102 111.23 -2.56 6.16
CA PRO P 102 112.14 -1.44 5.85
C PRO P 102 111.64 -0.10 6.36
N ASP P 103 112.34 0.98 6.02
CA ASP P 103 112.01 2.32 6.49
C ASP P 103 110.95 2.94 5.57
N VAL P 104 110.69 4.22 5.77
CA VAL P 104 109.65 4.93 5.03
C VAL P 104 110.17 5.34 3.66
N ALA P 105 109.26 5.74 2.76
CA ALA P 105 109.65 6.24 1.45
C ALA P 105 109.97 7.72 1.53
N THR P 106 110.89 8.17 0.68
CA THR P 106 111.39 9.53 0.73
C THR P 106 111.57 10.08 -0.68
N LEU P 107 111.58 11.40 -0.79
CA LEU P 107 111.81 12.08 -2.07
C LEU P 107 112.32 13.49 -1.79
N GLY P 108 113.52 13.80 -2.23
CA GLY P 108 114.09 15.13 -2.11
C GLY P 108 114.06 15.85 -3.43
N LEU P 109 113.82 17.16 -3.37
CA LEU P 109 113.80 18.03 -4.54
C LEU P 109 115.02 18.94 -4.51
N SER P 110 115.60 19.17 -5.68
CA SER P 110 116.81 19.99 -5.78
C SER P 110 116.85 20.66 -7.14
N VAL P 111 117.73 21.65 -7.26
CA VAL P 111 117.93 22.37 -8.51
C VAL P 111 119.41 22.35 -8.86
N ASP P 112 119.70 21.98 -10.11
CA ASP P 112 121.00 22.18 -10.71
C ASP P 112 121.08 23.61 -11.24
N TRP P 113 122.02 24.38 -10.72
CA TRP P 113 122.04 25.83 -10.83
C TRP P 113 123.38 26.26 -11.41
N VAL P 114 123.34 27.13 -12.42
CA VAL P 114 124.56 27.72 -12.98
C VAL P 114 124.23 29.05 -13.64
N LYS P 115 125.26 29.86 -13.86
CA LYS P 115 125.13 31.14 -14.56
C LYS P 115 125.97 31.11 -15.83
N THR P 116 125.47 31.75 -16.89
CA THR P 116 126.19 31.79 -18.16
C THR P 116 125.46 32.72 -19.11
N LYS P 117 125.97 32.79 -20.34
CA LYS P 117 125.29 33.55 -21.39
C LYS P 117 124.39 32.63 -22.20
N ILE P 118 123.17 33.10 -22.48
CA ILE P 118 122.17 32.32 -23.19
C ILE P 118 121.56 33.20 -24.28
N ASP P 119 120.71 32.57 -25.09
CA ASP P 119 120.10 33.28 -26.21
C ASP P 119 118.88 34.08 -25.75
N ASP P 120 118.45 35.00 -26.61
CA ASP P 120 117.26 35.80 -26.38
C ASP P 120 116.36 35.68 -27.60
N TYR P 121 115.07 35.91 -27.38
CA TYR P 121 114.06 35.65 -28.39
C TYR P 121 113.29 36.93 -28.69
N GLU P 122 112.42 36.85 -29.69
CA GLU P 122 111.66 38.00 -30.14
C GLU P 122 110.56 38.34 -29.15
N ARG P 123 109.97 39.52 -29.35
CA ARG P 123 108.81 39.95 -28.60
C ARG P 123 107.85 40.66 -29.56
N ASN P 124 106.60 40.22 -29.59
CA ASN P 124 105.61 40.89 -30.42
C ASN P 124 105.33 42.29 -29.91
N ASP P 125 105.06 42.43 -28.62
CA ASP P 125 104.73 43.71 -28.01
C ASP P 125 105.18 43.65 -26.55
N ASP P 126 104.66 44.56 -25.72
CA ASP P 126 104.96 44.56 -24.30
C ASP P 126 104.47 43.29 -23.61
N GLY P 127 103.59 42.52 -24.25
CA GLY P 127 103.17 41.24 -23.70
C GLY P 127 104.24 40.18 -23.72
N THR P 128 105.29 40.37 -24.51
CA THR P 128 106.41 39.44 -24.55
C THR P 128 105.96 38.04 -24.94
N TYR P 129 105.15 37.95 -25.98
CA TYR P 129 104.53 36.67 -26.33
C TYR P 129 105.54 35.71 -26.95
N LYS P 130 106.41 36.22 -27.82
CA LYS P 130 107.26 35.34 -28.61
C LYS P 130 108.28 34.59 -27.75
N LEU P 131 108.48 33.32 -28.09
CA LEU P 131 109.58 32.53 -27.53
C LEU P 131 109.89 31.38 -28.48
N ASP P 132 111.09 30.83 -28.32
CA ASP P 132 111.49 29.59 -28.99
C ASP P 132 111.25 29.65 -30.50
N THR P 133 111.65 30.76 -31.12
CA THR P 133 111.52 30.93 -32.56
C THR P 133 110.09 30.74 -33.03
N ASN P 134 109.12 31.09 -32.19
CA ASN P 134 107.74 31.04 -32.62
C ASN P 134 107.55 31.92 -33.85
N GLY P 135 106.48 31.67 -34.59
CA GLY P 135 106.34 32.32 -35.88
C GLY P 135 107.45 31.86 -36.80
N ASP P 136 108.23 32.81 -37.31
CA ASP P 136 109.32 32.52 -38.22
C ASP P 136 110.60 33.28 -37.91
N LYS P 137 110.82 33.70 -36.66
CA LYS P 137 111.93 34.58 -36.32
C LYS P 137 112.96 33.87 -35.46
N ILE P 138 114.22 33.97 -35.88
CA ILE P 138 115.38 33.44 -35.17
C ILE P 138 115.53 34.24 -33.87
N PRO P 139 116.14 33.69 -32.81
CA PRO P 139 116.44 34.51 -31.64
C PRO P 139 117.15 35.80 -32.03
N LEU P 140 116.87 36.86 -31.27
CA LEU P 140 117.26 38.21 -31.67
C LEU P 140 118.63 38.61 -31.12
N ALA P 141 118.77 38.68 -29.80
CA ALA P 141 120.02 39.15 -29.22
C ALA P 141 121.08 38.05 -29.30
N THR P 142 122.32 38.48 -29.55
CA THR P 142 123.41 37.53 -29.73
C THR P 142 123.64 36.72 -28.46
N GLN P 143 123.83 37.40 -27.34
CA GLN P 143 124.08 36.73 -26.07
C GLN P 143 123.67 37.65 -24.93
N ILE P 144 122.80 37.14 -24.06
CA ILE P 144 122.33 37.87 -22.89
C ILE P 144 122.73 37.07 -21.66
N ASP P 145 123.32 37.75 -20.69
CA ASP P 145 123.74 37.09 -19.46
C ASP P 145 122.52 36.64 -18.67
N GLY P 146 122.49 35.36 -18.30
CA GLY P 146 121.38 34.79 -17.57
C GLY P 146 121.77 33.56 -16.77
N ILE P 147 120.77 32.82 -16.33
CA ILE P 147 120.96 31.71 -15.39
C ILE P 147 120.22 30.48 -15.92
N LYS P 148 120.82 29.31 -15.73
CA LYS P 148 120.27 28.05 -16.19
C LYS P 148 119.96 27.15 -15.01
N PHE P 149 118.76 26.54 -15.07
CA PHE P 149 118.23 25.64 -14.05
C PHE P 149 117.92 24.28 -14.65
N ARG P 150 117.98 23.25 -13.79
CA ARG P 150 117.56 21.90 -14.15
C ARG P 150 117.09 21.20 -12.88
N PHE P 151 115.79 20.93 -12.78
CA PHE P 151 115.23 20.41 -11.53
C PHE P 151 115.41 18.91 -11.43
N VAL P 152 115.54 18.43 -10.18
CA VAL P 152 115.84 17.03 -9.91
C VAL P 152 115.01 16.56 -8.73
N LEU P 153 114.45 15.35 -8.85
CA LEU P 153 113.67 14.70 -7.80
C LEU P 153 114.22 13.29 -7.61
N GLU P 154 114.73 12.99 -6.42
CA GLU P 154 115.34 11.68 -6.24
C GLU P 154 115.24 11.24 -4.79
N LYS P 155 115.40 9.93 -4.60
CA LYS P 155 115.35 9.35 -3.26
C LYS P 155 116.41 9.99 -2.37
N ILE P 156 116.04 10.24 -1.12
CA ILE P 156 116.99 10.78 -0.13
C ILE P 156 117.84 9.62 0.38
N GLU P 157 119.14 9.69 0.12
CA GLU P 157 120.04 8.60 0.48
C GLU P 157 120.36 8.61 1.97
N THR P 158 120.61 7.42 2.50
CA THR P 158 120.85 7.25 3.93
C THR P 158 122.34 7.28 4.24
N ASN P 159 122.64 7.46 5.52
CA ASN P 159 124.02 7.48 5.99
C ASN P 159 124.65 6.09 5.89
N GLU P 160 125.97 6.07 5.84
CA GLU P 160 126.68 4.80 5.73
C GLU P 160 126.44 3.90 6.93
N SER P 161 126.05 4.48 8.07
CA SER P 161 125.71 3.70 9.24
C SER P 161 124.28 3.18 9.22
N GLY P 162 123.44 3.68 8.33
CA GLY P 162 122.05 3.26 8.26
C GLY P 162 121.09 4.23 8.93
N VAL P 163 121.33 5.53 8.72
CA VAL P 163 120.48 6.57 9.24
C VAL P 163 120.18 7.56 8.12
N SER P 164 118.91 7.91 7.96
CA SER P 164 118.52 8.78 6.87
C SER P 164 118.99 10.20 7.10
N GLN P 165 119.20 10.93 6.00
CA GLN P 165 119.60 12.33 6.01
C GLN P 165 118.41 13.26 5.77
N TYR P 166 117.25 12.92 6.31
CA TYR P 166 116.01 13.60 5.94
C TYR P 166 116.16 15.11 6.05
N LYS P 167 116.68 15.59 7.18
CA LYS P 167 116.84 17.02 7.42
C LYS P 167 118.29 17.49 7.28
N LYS P 168 119.18 16.65 6.72
CA LYS P 168 120.62 16.91 6.79
C LYS P 168 121.29 16.71 5.43
N ARG P 169 120.72 17.28 4.38
CA ARG P 169 121.38 17.26 3.08
C ARG P 169 122.21 18.53 2.89
N THR P 170 123.17 18.44 1.97
CA THR P 170 124.11 19.53 1.71
C THR P 170 124.37 19.64 0.22
N ALA P 171 124.87 20.80 -0.19
CA ALA P 171 125.09 21.07 -1.61
C ALA P 171 126.20 20.18 -2.15
N LYS P 172 126.27 20.11 -3.49
CA LYS P 172 127.23 19.25 -4.16
C LYS P 172 127.54 19.83 -5.53
N ALA P 173 128.56 19.27 -6.17
CA ALA P 173 128.92 19.68 -7.52
C ALA P 173 127.84 19.27 -8.52
N GLY P 174 127.64 20.12 -9.53
CA GLY P 174 126.57 19.90 -10.48
C GLY P 174 127.00 19.04 -11.66
N THR P 175 126.12 19.00 -12.66
CA THR P 175 126.39 18.27 -13.89
C THR P 175 126.16 19.09 -15.15
N ILE P 176 125.15 19.98 -15.18
CA ILE P 176 124.99 20.86 -16.32
C ILE P 176 126.02 21.99 -16.24
N GLY P 177 126.52 22.39 -17.41
CA GLY P 177 127.52 23.44 -17.42
C GLY P 177 128.77 23.10 -16.66
N THR P 178 129.27 21.88 -16.78
CA THR P 178 130.51 21.49 -16.13
C THR P 178 131.73 22.21 -16.68
N GLU P 179 131.60 22.89 -17.82
CA GLU P 179 132.69 23.72 -18.30
C GLU P 179 133.10 24.75 -17.26
N ALA P 180 132.15 25.22 -16.45
CA ALA P 180 132.41 26.08 -15.32
C ALA P 180 132.06 25.31 -14.04
N THR P 181 133.01 25.23 -13.12
CA THR P 181 132.78 24.46 -11.90
C THR P 181 131.55 24.88 -11.12
N PRO P 182 131.21 26.16 -10.98
CA PRO P 182 130.13 26.55 -10.05
C PRO P 182 128.79 25.89 -10.29
N SER P 183 128.63 25.13 -11.37
CA SER P 183 127.41 24.36 -11.57
C SER P 183 127.19 23.45 -10.37
N THR P 184 126.13 23.70 -9.62
CA THR P 184 125.95 23.01 -8.34
C THR P 184 124.53 22.50 -8.16
N ILE P 185 124.42 21.37 -7.46
CA ILE P 185 123.13 20.88 -6.99
C ILE P 185 122.85 21.50 -5.63
N THR P 186 121.69 22.14 -5.49
CA THR P 186 121.29 22.66 -4.19
C THR P 186 119.88 22.20 -3.85
N PRO P 187 119.65 21.71 -2.62
CA PRO P 187 118.33 21.18 -2.28
C PRO P 187 117.31 22.26 -1.95
N LEU P 188 116.04 21.91 -2.09
CA LEU P 188 114.93 22.83 -1.88
C LEU P 188 113.88 22.32 -0.92
N ALA P 189 113.62 21.02 -0.89
CA ALA P 189 112.60 20.47 0.00
C ALA P 189 112.77 18.96 0.10
N ASP P 190 112.16 18.39 1.15
CA ASP P 190 112.12 16.96 1.37
C ASP P 190 110.69 16.53 1.65
N PHE P 191 110.35 15.33 1.19
CA PHE P 191 109.03 14.74 1.44
C PHE P 191 109.23 13.30 1.89
N ARG P 192 108.32 12.83 2.74
CA ARG P 192 108.49 11.53 3.38
C ARG P 192 107.12 10.92 3.65
N CYS P 193 107.07 9.59 3.69
CA CYS P 193 105.82 8.89 3.96
C CYS P 193 105.59 8.78 5.47
N ARG P 194 104.32 8.76 5.85
CA ARG P 194 103.93 8.76 7.25
C ARG P 194 103.92 7.37 7.88
N PHE P 195 103.94 6.32 7.07
CA PHE P 195 103.85 4.95 7.57
C PHE P 195 104.93 4.10 6.92
N LYS P 196 105.04 2.87 7.39
CA LYS P 196 105.96 1.88 6.84
C LYS P 196 105.13 0.85 6.08
N SER P 197 105.02 1.01 4.77
CA SER P 197 104.20 0.12 3.95
C SER P 197 104.38 0.50 2.50
N SER P 198 103.77 -0.30 1.62
CA SER P 198 103.80 -0.04 0.19
C SER P 198 102.99 1.21 -0.18
N LEU P 199 102.19 1.72 0.75
CA LEU P 199 101.43 2.94 0.46
C LEU P 199 102.36 4.10 0.14
N GLY P 200 103.51 4.16 0.80
CA GLY P 200 104.46 5.22 0.49
C GLY P 200 105.02 5.10 -0.92
N ALA P 201 105.37 3.88 -1.32
CA ALA P 201 105.84 3.66 -2.68
C ALA P 201 104.78 3.96 -3.72
N ASN P 202 103.51 3.79 -3.38
CA ASN P 202 102.42 4.11 -4.32
C ASN P 202 101.84 5.50 -4.16
N THR P 203 102.37 6.32 -3.24
CA THR P 203 101.94 7.70 -3.12
C THR P 203 102.71 8.59 -4.09
N ALA P 204 102.03 9.59 -4.64
CA ALA P 204 102.62 10.50 -5.60
C ALA P 204 102.19 11.93 -5.29
N LEU P 205 102.98 12.89 -5.74
CA LEU P 205 102.69 14.30 -5.50
C LEU P 205 102.98 15.11 -6.76
N ARG P 206 102.22 16.19 -6.94
CA ARG P 206 102.40 17.13 -8.03
C ARG P 206 102.52 18.53 -7.46
N ILE P 207 103.38 19.34 -8.09
CA ILE P 207 103.52 20.75 -7.76
C ILE P 207 103.70 21.52 -9.06
N TRP P 208 103.03 22.66 -9.20
CA TRP P 208 103.22 23.46 -10.39
C TRP P 208 102.84 24.91 -10.11
N ALA P 209 103.09 25.77 -11.09
CA ALA P 209 102.87 27.20 -10.96
C ALA P 209 101.88 27.68 -12.01
N PRO P 210 100.63 27.97 -11.66
CA PRO P 210 99.65 28.37 -12.66
C PRO P 210 99.68 29.86 -12.97
N THR P 211 99.20 30.20 -14.16
CA THR P 211 99.09 31.57 -14.63
C THR P 211 97.63 31.87 -14.95
N ILE P 212 97.39 33.05 -15.53
CA ILE P 212 96.02 33.49 -15.76
C ILE P 212 95.28 32.53 -16.66
N ASN P 213 95.98 31.87 -17.58
CA ASN P 213 95.35 31.03 -18.59
C ASN P 213 95.28 29.56 -18.21
N SER P 214 95.79 29.18 -17.03
CA SER P 214 95.79 27.79 -16.64
C SER P 214 94.37 27.26 -16.50
N ALA P 215 94.27 25.94 -16.29
CA ALA P 215 92.97 25.34 -16.00
C ALA P 215 92.38 25.86 -14.70
N GLN P 216 93.19 26.05 -13.68
CA GLN P 216 92.78 26.74 -12.45
C GLN P 216 93.42 28.12 -12.51
N ALA P 217 92.70 29.06 -13.13
CA ALA P 217 93.26 30.38 -13.38
C ALA P 217 93.69 31.04 -12.07
N ALA P 218 94.88 31.63 -12.08
CA ALA P 218 95.36 32.35 -10.92
C ALA P 218 94.83 33.79 -10.96
N ASP P 219 95.02 34.49 -9.84
CA ASP P 219 94.59 35.88 -9.71
C ASP P 219 95.75 36.73 -9.21
N ALA P 220 95.97 37.86 -9.89
CA ALA P 220 97.07 38.74 -9.52
C ALA P 220 96.75 39.59 -8.30
N ASP P 221 95.47 39.80 -8.01
CA ASP P 221 95.11 40.69 -6.91
C ASP P 221 95.55 40.12 -5.58
N LEU P 222 95.36 38.83 -5.36
CA LEU P 222 95.80 38.22 -4.11
C LEU P 222 97.32 38.27 -3.98
N GLN P 223 98.03 38.02 -5.08
CA GLN P 223 99.49 38.09 -5.04
C GLN P 223 99.97 39.49 -4.72
N ALA P 224 99.32 40.50 -5.29
CA ALA P 224 99.67 41.88 -4.93
C ALA P 224 99.39 42.15 -3.46
N ARG P 225 98.24 41.69 -2.97
CA ARG P 225 97.87 41.95 -1.59
C ARG P 225 98.85 41.32 -0.61
N ILE P 226 99.26 40.08 -0.89
CA ILE P 226 100.36 39.44 -0.16
C ILE P 226 101.40 39.03 -1.20
N LYS P 227 102.58 39.63 -1.12
CA LYS P 227 103.59 39.47 -2.17
C LYS P 227 104.23 38.10 -2.02
N SER P 228 103.74 37.15 -2.81
CA SER P 228 104.35 35.84 -2.93
C SER P 228 103.67 35.11 -4.07
N PHE P 229 104.45 34.45 -4.92
CA PHE P 229 103.86 33.60 -5.94
C PHE P 229 103.22 32.39 -5.30
N LEU P 230 102.10 31.96 -5.85
CA LEU P 230 101.34 30.84 -5.33
C LEU P 230 101.46 29.65 -6.26
N TYR P 231 101.80 28.50 -5.70
CA TYR P 231 101.94 27.26 -6.43
C TYR P 231 100.84 26.29 -6.02
N ARG P 232 100.38 25.50 -6.98
CA ARG P 232 99.41 24.45 -6.73
C ARG P 232 100.10 23.17 -6.33
N PHE P 233 99.53 22.49 -5.33
CA PHE P 233 100.05 21.26 -4.77
C PHE P 233 98.95 20.22 -4.74
N GLN P 234 99.30 18.98 -5.09
CA GLN P 234 98.32 17.90 -5.22
C GLN P 234 98.92 16.59 -4.75
N ILE P 235 98.07 15.74 -4.16
CA ILE P 235 98.46 14.40 -3.70
C ILE P 235 97.63 13.38 -4.45
N LEU P 236 98.26 12.30 -4.89
CA LEU P 236 97.58 11.22 -5.59
C LEU P 236 98.05 9.88 -5.03
N THR P 237 97.21 8.86 -5.19
CA THR P 237 97.56 7.52 -4.74
C THR P 237 96.96 6.49 -5.69
N ARG P 238 97.70 5.43 -5.97
CA ARG P 238 97.26 4.39 -6.88
C ARG P 238 97.09 3.08 -6.13
N ALA P 239 96.40 2.14 -6.78
CA ALA P 239 96.09 0.86 -6.16
C ALA P 239 97.30 -0.06 -6.16
N ASP P 240 97.84 -0.36 -7.34
CA ASP P 240 99.03 -1.18 -7.47
C ASP P 240 99.96 -0.53 -8.48
N LYS P 241 101.06 -1.22 -8.78
CA LYS P 241 102.04 -0.67 -9.71
C LYS P 241 101.48 -0.55 -11.11
N ALA P 242 100.51 -1.39 -11.47
CA ALA P 242 99.94 -1.37 -12.81
C ALA P 242 98.69 -0.51 -12.92
N SER P 243 98.18 0.03 -11.82
CA SER P 243 96.95 0.81 -11.84
C SER P 243 97.27 2.27 -12.14
N SER P 244 96.26 3.13 -11.98
CA SER P 244 96.40 4.55 -12.25
C SER P 244 96.05 5.37 -11.01
N PRO P 245 96.62 6.57 -10.87
CA PRO P 245 96.43 7.33 -9.63
C PRO P 245 95.03 7.90 -9.50
N THR P 246 94.69 8.24 -8.26
CA THR P 246 93.45 8.90 -7.90
C THR P 246 93.75 10.01 -6.92
N ILE P 247 93.05 11.14 -7.07
CA ILE P 247 93.36 12.31 -6.26
C ILE P 247 92.96 12.06 -4.81
N PHE P 248 93.81 12.51 -3.90
CA PHE P 248 93.55 12.44 -2.47
C PHE P 248 93.14 13.84 -2.01
N GLU P 249 91.86 14.04 -1.75
CA GLU P 249 91.33 15.36 -1.48
C GLU P 249 91.56 15.77 -0.03
N THR P 250 91.68 17.08 0.18
CA THR P 250 91.76 17.60 1.52
C THR P 250 90.49 17.26 2.28
N ILE P 251 90.50 17.53 3.59
CA ILE P 251 89.32 17.26 4.42
C ILE P 251 88.18 18.20 4.08
N TYR P 252 88.39 19.13 3.15
CA TYR P 252 87.35 20.06 2.71
C TYR P 252 86.77 19.67 1.36
N ASN P 253 87.14 18.50 0.84
CA ASN P 253 86.67 18.04 -0.46
C ASN P 253 87.14 18.96 -1.58
N GLU P 254 88.43 19.32 -1.53
CA GLU P 254 89.11 20.01 -2.61
C GLU P 254 90.19 19.12 -3.21
N PRO P 255 90.50 19.27 -4.49
CA PRO P 255 91.51 18.41 -5.10
C PRO P 255 92.94 18.89 -4.94
N SER P 256 93.14 20.18 -4.71
CA SER P 256 94.50 20.74 -4.67
C SER P 256 94.54 21.94 -3.73
N LEU P 257 95.75 22.35 -3.36
CA LEU P 257 95.99 23.48 -2.47
C LEU P 257 96.84 24.54 -3.15
N SER P 258 96.72 25.78 -2.65
CA SER P 258 97.58 26.88 -3.03
C SER P 258 98.53 27.18 -1.87
N VAL P 259 99.82 27.29 -2.16
CA VAL P 259 100.83 27.53 -1.14
C VAL P 259 101.87 28.52 -1.66
N GLY P 260 102.68 29.05 -0.76
CA GLY P 260 103.67 30.04 -1.14
C GLY P 260 104.84 30.07 -0.19
N PHE P 261 105.94 30.66 -0.65
CA PHE P 261 107.14 30.79 0.16
C PHE P 261 107.11 32.10 0.95
N GLY P 262 107.50 32.02 2.22
CA GLY P 262 107.55 33.18 3.07
C GLY P 262 107.33 32.86 4.52
N GLU P 263 107.40 33.86 5.40
CA GLU P 263 107.33 33.60 6.83
C GLU P 263 105.89 33.39 7.29
N ASN P 264 105.05 34.40 7.18
CA ASN P 264 103.63 34.24 7.47
C ASN P 264 102.83 35.02 6.42
N LEU P 265 102.14 34.28 5.56
CA LEU P 265 101.38 34.88 4.48
C LEU P 265 99.90 34.93 4.87
N VAL P 266 99.58 35.93 5.67
CA VAL P 266 98.21 36.14 6.12
C VAL P 266 97.55 37.21 5.26
N ASP P 267 96.37 36.90 4.75
CA ASP P 267 95.63 37.84 3.94
C ASP P 267 94.76 38.69 4.85
N PRO P 268 95.01 40.00 4.98
CA PRO P 268 94.17 40.82 5.87
C PRO P 268 92.71 40.82 5.50
N GLN P 269 92.38 40.73 4.21
CA GLN P 269 90.99 40.79 3.78
C GLN P 269 90.20 39.55 4.15
N THR P 270 90.87 38.40 4.35
CA THR P 270 90.18 37.16 4.68
C THR P 270 90.84 36.35 5.77
N GLU P 271 92.02 36.72 6.26
CA GLU P 271 92.75 36.00 7.30
C GLU P 271 93.20 34.62 6.85
N VAL P 272 93.31 34.38 5.55
CA VAL P 272 93.78 33.09 5.07
C VAL P 272 95.30 33.04 5.17
N VAL P 273 95.82 31.92 5.66
CA VAL P 273 97.25 31.71 5.83
C VAL P 273 97.73 30.80 4.70
N TYR P 274 98.69 31.27 3.91
CA TYR P 274 99.18 30.54 2.75
C TYR P 274 100.55 29.91 2.98
N ASP P 275 100.95 29.71 4.22
CA ASP P 275 102.25 29.10 4.49
C ASP P 275 102.27 27.66 4.00
N PHE P 276 103.40 27.26 3.43
CA PHE P 276 103.49 25.97 2.74
C PHE P 276 103.22 24.81 3.69
N VAL P 277 104.13 24.58 4.63
CA VAL P 277 104.04 23.41 5.49
C VAL P 277 102.80 23.49 6.37
N GLU P 278 102.56 24.65 6.97
CA GLU P 278 101.45 24.77 7.90
C GLU P 278 100.13 24.53 7.19
N ARG P 279 99.93 25.17 6.04
CA ARG P 279 98.67 24.99 5.32
C ARG P 279 98.49 23.55 4.88
N ILE P 280 99.55 22.94 4.34
CA ILE P 280 99.43 21.54 3.89
C ILE P 280 99.00 20.67 5.05
N ASP P 281 99.72 20.77 6.17
CA ASP P 281 99.50 19.84 7.27
C ASP P 281 98.16 20.08 7.93
N SER P 282 97.69 21.33 7.96
CA SER P 282 96.40 21.60 8.59
C SER P 282 95.25 21.21 7.68
N ARG P 283 95.40 21.37 6.36
CA ARG P 283 94.30 21.12 5.45
C ARG P 283 94.15 19.65 5.08
N TYR P 284 95.21 18.85 5.19
CA TYR P 284 95.10 17.47 4.73
C TYR P 284 94.80 16.47 5.85
N ASN P 285 95.10 16.79 7.10
CA ASN P 285 94.97 15.85 8.20
C ASN P 285 93.83 16.23 9.13
N ASP P 286 93.40 15.25 9.91
CA ASP P 286 92.29 15.43 10.85
C ASP P 286 92.40 14.37 11.94
N GLU P 287 92.78 14.80 13.14
CA GLU P 287 93.05 13.89 14.25
C GLU P 287 91.86 13.65 15.16
N ASP P 288 90.71 14.25 14.87
CA ASP P 288 89.58 14.15 15.79
C ASP P 288 89.09 12.71 15.85
N PRO P 289 89.08 12.08 17.02
CA PRO P 289 88.64 10.67 17.09
C PRO P 289 87.35 10.30 16.40
N SER P 290 86.47 11.26 16.12
CA SER P 290 85.21 10.97 15.44
C SER P 290 85.34 11.03 13.93
N THR P 291 86.14 11.96 13.41
CA THR P 291 86.35 12.12 11.97
C THR P 291 87.86 12.05 11.75
N TYR P 292 88.38 10.84 11.60
CA TYR P 292 89.81 10.59 11.68
C TYR P 292 90.36 10.27 10.30
N LEU P 293 91.32 11.06 9.84
CA LEU P 293 92.03 10.74 8.60
C LEU P 293 93.41 11.38 8.61
N MET P 294 94.43 10.55 8.42
CA MET P 294 95.81 11.00 8.30
C MET P 294 96.25 10.88 6.85
N SER P 295 96.74 11.98 6.29
CA SER P 295 97.23 11.95 4.92
C SER P 295 98.46 11.05 4.83
N PRO P 296 98.65 10.35 3.72
CA PRO P 296 99.87 9.52 3.59
C PRO P 296 101.16 10.33 3.66
N LEU P 297 101.14 11.56 3.19
CA LEU P 297 102.34 12.39 3.20
C LEU P 297 102.52 13.02 4.58
N ASP P 298 103.75 12.93 5.11
CA ASP P 298 104.06 13.51 6.40
C ASP P 298 104.29 15.02 6.26
N THR P 299 104.78 15.62 7.33
CA THR P 299 105.01 17.06 7.34
C THR P 299 106.19 17.42 6.44
N PRO P 300 106.01 18.25 5.42
CA PRO P 300 107.15 18.61 4.56
C PRO P 300 108.19 19.42 5.30
N TYR P 301 109.42 19.37 4.80
CA TYR P 301 110.54 20.18 5.28
C TYR P 301 111.06 21.03 4.13
N LEU P 302 111.34 22.30 4.42
CA LEU P 302 111.91 23.20 3.42
C LEU P 302 113.31 23.63 3.84
N TYR P 303 114.20 23.76 2.87
CA TYR P 303 115.53 24.34 3.08
C TYR P 303 115.43 25.84 2.87
N GLN P 304 115.02 26.53 3.93
CA GLN P 304 114.72 27.95 3.83
C GLN P 304 115.95 28.76 3.41
N ALA P 305 117.10 28.44 3.99
CA ALA P 305 118.31 29.18 3.66
C ALA P 305 118.62 29.09 2.17
N ASN P 306 118.60 27.88 1.62
CA ASN P 306 118.97 27.68 0.23
C ASN P 306 117.93 28.29 -0.71
N ILE P 307 116.64 28.08 -0.42
CA ILE P 307 115.61 28.66 -1.28
C ILE P 307 115.72 30.17 -1.28
N ASP P 308 115.95 30.76 -0.10
CA ASP P 308 116.13 32.21 -0.01
C ASP P 308 117.37 32.65 -0.79
N SER P 309 118.44 31.86 -0.73
CA SER P 309 119.66 32.23 -1.44
C SER P 309 119.43 32.28 -2.95
N VAL P 310 118.76 31.26 -3.50
CA VAL P 310 118.52 31.26 -4.94
C VAL P 310 117.57 32.38 -5.33
N LEU P 311 116.54 32.61 -4.52
CA LEU P 311 115.63 33.72 -4.82
C LEU P 311 116.38 35.05 -4.83
N THR P 312 117.26 35.26 -3.84
CA THR P 312 118.05 36.49 -3.79
C THR P 312 118.95 36.61 -5.00
N ALA P 313 119.57 35.50 -5.40
CA ALA P 313 120.47 35.55 -6.56
C ALA P 313 119.71 35.96 -7.81
N ILE P 314 118.58 35.33 -8.07
CA ILE P 314 117.84 35.67 -9.29
C ILE P 314 117.31 37.10 -9.22
N GLN P 315 116.89 37.56 -8.03
CA GLN P 315 116.45 38.94 -7.91
C GLN P 315 117.59 39.90 -8.21
N GLU P 316 118.73 39.72 -7.52
CA GLU P 316 119.88 40.57 -7.75
C GLU P 316 120.22 40.63 -9.24
N LEU P 317 120.17 39.47 -9.90
CA LEU P 317 120.56 39.43 -11.31
C LEU P 317 119.56 40.20 -12.18
N GLU P 318 118.30 39.75 -12.20
CA GLU P 318 117.36 40.20 -13.21
C GLU P 318 116.16 40.97 -12.65
N ALA P 319 116.06 41.14 -11.32
CA ALA P 319 115.02 42.02 -10.80
C ALA P 319 115.21 43.44 -11.33
N PRO P 320 116.40 44.04 -11.28
CA PRO P 320 116.59 45.34 -11.94
C PRO P 320 116.74 45.19 -13.45
N PHE P 321 115.64 44.91 -14.14
CA PHE P 321 115.66 44.71 -15.57
C PHE P 321 114.34 45.22 -16.16
N ASP P 322 114.11 44.87 -17.43
CA ASP P 322 113.04 45.52 -18.18
C ASP P 322 111.65 45.09 -17.72
N THR P 323 111.40 43.79 -17.53
CA THR P 323 110.02 43.32 -17.38
C THR P 323 109.80 42.50 -16.10
N VAL P 324 110.45 42.85 -15.01
CA VAL P 324 110.22 42.21 -13.72
C VAL P 324 110.43 43.26 -12.62
N SER P 325 109.65 43.12 -11.55
CA SER P 325 109.74 44.08 -10.45
C SER P 325 111.09 44.00 -9.76
N ALA P 326 111.70 45.16 -9.52
CA ALA P 326 113.03 45.23 -8.92
C ALA P 326 113.00 45.49 -7.43
N ASP P 327 111.83 45.73 -6.84
CA ASP P 327 111.76 46.12 -5.45
C ASP P 327 112.36 45.02 -4.56
N GLU P 328 112.53 45.37 -3.28
CA GLU P 328 113.14 44.44 -2.34
C GLU P 328 112.22 43.26 -2.03
N ASP P 329 110.92 43.55 -1.84
CA ASP P 329 109.97 42.53 -1.39
C ASP P 329 109.58 41.54 -2.48
N ASP P 330 109.96 41.80 -3.73
CA ASP P 330 109.63 40.90 -4.83
C ASP P 330 110.38 39.59 -4.76
N LEU P 331 111.34 39.47 -3.83
CA LEU P 331 112.10 38.24 -3.69
C LEU P 331 111.19 37.03 -3.61
N TYR P 332 110.17 37.09 -2.75
CA TYR P 332 109.23 36.00 -2.62
C TYR P 332 108.13 36.03 -3.68
N GLN P 333 108.03 37.10 -4.46
CA GLN P 333 107.14 37.07 -5.61
C GLN P 333 107.75 36.29 -6.76
N ILE P 334 109.07 36.22 -6.83
CA ILE P 334 109.73 35.58 -7.97
C ILE P 334 109.15 34.20 -8.22
N ASN P 335 108.85 33.90 -9.48
CA ASN P 335 108.39 32.57 -9.88
C ASN P 335 109.60 31.66 -10.08
N LEU P 336 109.71 30.63 -9.24
CA LEU P 336 110.88 29.76 -9.31
C LEU P 336 110.68 28.62 -10.30
N PHE P 337 109.63 27.82 -10.11
CA PHE P 337 109.48 26.62 -10.90
C PHE P 337 109.08 26.91 -12.34
N GLY P 338 108.38 28.02 -12.58
CA GLY P 338 108.10 28.49 -13.92
C GLY P 338 109.13 29.50 -14.37
N ALA P 339 108.84 30.15 -15.50
CA ALA P 339 109.71 31.19 -16.03
C ALA P 339 108.90 32.37 -16.53
N GLN P 340 107.87 32.75 -15.77
CA GLN P 340 107.04 33.88 -16.15
C GLN P 340 106.32 34.41 -14.93
N THR P 341 105.87 35.66 -15.02
CA THR P 341 105.08 36.24 -13.95
C THR P 341 103.67 35.66 -13.95
N VAL P 342 102.87 36.10 -13.00
CA VAL P 342 101.51 35.60 -12.90
C VAL P 342 100.74 35.87 -14.18
N GLU P 343 101.06 36.97 -14.87
CA GLU P 343 100.38 37.31 -16.11
C GLU P 343 100.87 36.49 -17.29
N GLY P 344 101.94 35.73 -17.13
CA GLY P 344 102.41 34.86 -18.20
C GLY P 344 103.40 35.49 -19.14
N VAL P 345 104.16 36.47 -18.69
CA VAL P 345 105.22 37.09 -19.49
C VAL P 345 106.51 36.34 -19.23
N PRO P 346 107.12 35.71 -20.24
CA PRO P 346 108.31 34.89 -19.97
C PRO P 346 109.46 35.69 -19.40
N TYR P 347 110.20 35.05 -18.49
CA TYR P 347 111.45 35.59 -17.98
C TYR P 347 112.55 35.33 -18.99
N HIS P 348 112.98 36.37 -19.71
CA HIS P 348 114.22 36.24 -20.46
C HIS P 348 115.41 36.45 -19.52
N ALA P 349 116.52 35.82 -19.87
CA ALA P 349 117.71 35.67 -19.03
C ALA P 349 117.60 34.53 -18.03
N VAL P 350 116.56 33.70 -18.13
CA VAL P 350 116.44 32.49 -17.33
C VAL P 350 116.04 31.35 -18.25
N GLN P 351 116.81 30.26 -18.21
CA GLN P 351 116.56 29.09 -19.04
C GLN P 351 116.38 27.88 -18.14
N ILE P 352 115.38 27.06 -18.44
CA ILE P 352 115.12 25.82 -17.72
C ILE P 352 115.29 24.67 -18.70
N LEU P 353 116.20 23.75 -18.38
CA LEU P 353 116.48 22.65 -19.30
C LEU P 353 115.35 21.63 -19.25
N GLY P 354 114.92 21.18 -20.43
CA GLY P 354 113.77 20.31 -20.54
C GLY P 354 114.11 18.86 -20.30
N VAL P 355 113.19 17.98 -20.72
CA VAL P 355 113.34 16.56 -20.47
C VAL P 355 114.54 16.00 -21.24
N LEU P 356 114.62 16.32 -22.53
CA LEU P 356 115.71 15.80 -23.36
C LEU P 356 117.06 16.23 -22.84
N ASP P 357 117.11 17.31 -22.06
CA ASP P 357 118.34 17.80 -21.47
C ASP P 357 118.57 17.26 -20.06
N GLY P 358 117.70 16.37 -19.58
CA GLY P 358 117.87 15.78 -18.27
C GLY P 358 117.12 16.47 -17.15
N GLY P 359 116.22 17.41 -17.47
CA GLY P 359 115.46 18.12 -16.47
C GLY P 359 114.14 17.45 -16.14
N VAL P 360 113.41 18.09 -15.23
CA VAL P 360 112.08 17.64 -14.83
C VAL P 360 111.11 18.78 -15.09
N THR P 361 110.00 18.47 -15.74
CA THR P 361 108.99 19.47 -16.09
C THR P 361 107.89 19.43 -15.04
N LEU P 362 107.85 20.46 -14.19
CA LEU P 362 106.83 20.57 -13.15
C LEU P 362 105.60 21.22 -13.78
N THR P 363 104.67 20.39 -14.23
CA THR P 363 103.39 20.85 -14.76
C THR P 363 102.27 20.05 -14.10
N GLU P 364 101.04 20.36 -14.49
CA GLU P 364 99.88 19.74 -13.88
C GLU P 364 99.64 18.32 -14.34
N THR P 365 100.37 17.85 -15.34
CA THR P 365 100.23 16.47 -15.82
C THR P 365 101.34 15.55 -15.34
N ALA P 366 102.49 16.09 -14.98
CA ALA P 366 103.58 15.27 -14.47
C ALA P 366 103.23 14.72 -13.10
N THR P 367 103.73 13.52 -12.80
CA THR P 367 103.50 12.86 -11.53
C THR P 367 104.82 12.34 -11.00
N ASN P 368 104.97 12.34 -9.68
CA ASN P 368 106.23 11.98 -9.03
C ASN P 368 105.93 11.04 -7.86
N TYR P 369 106.64 9.90 -7.82
CA TYR P 369 106.39 8.87 -6.84
C TYR P 369 107.55 8.78 -5.86
N LEU P 370 107.24 8.61 -4.59
CA LEU P 370 108.27 8.40 -3.58
C LEU P 370 108.96 7.06 -3.82
N GLN P 371 110.21 6.96 -3.37
CA GLN P 371 111.06 5.80 -3.60
C GLN P 371 111.30 5.07 -2.29
N GLY P 372 111.34 3.75 -2.34
CA GLY P 372 111.68 2.95 -1.18
C GLY P 372 110.47 2.32 -0.53
N GLY P 373 110.57 2.04 0.77
CA GLY P 373 109.45 1.48 1.50
C GLY P 373 109.30 -0.01 1.26
N GLY P 374 108.24 -0.55 1.84
CA GLY P 374 107.94 -1.96 1.74
C GLY P 374 107.23 -2.45 2.99
N ASP P 375 106.57 -3.59 2.87
CA ASP P 375 105.82 -4.17 3.97
C ASP P 375 106.63 -5.16 4.80
N GLY P 376 107.64 -5.77 4.21
CA GLY P 376 108.31 -6.90 4.82
C GLY P 376 107.74 -8.21 4.34
N THR P 377 108.13 -9.28 5.01
CA THR P 377 107.68 -10.62 4.64
C THR P 377 106.38 -10.93 5.38
N LEU P 378 105.33 -11.17 4.61
CA LEU P 378 103.98 -11.39 5.14
C LEU P 378 103.60 -12.85 4.99
N GLY P 379 102.57 -13.25 5.73
CA GLY P 379 102.08 -14.60 5.74
C GLY P 379 101.94 -15.15 7.14
N ASN P 380 101.39 -16.36 7.23
CA ASN P 380 101.08 -16.93 8.52
C ASN P 380 102.33 -17.23 9.34
N ASP P 381 103.43 -17.60 8.67
CA ASP P 381 104.65 -17.91 9.41
C ASP P 381 105.19 -16.68 10.12
N SER P 382 105.36 -15.57 9.38
CA SER P 382 105.82 -14.35 10.02
C SER P 382 104.79 -13.82 11.01
N PHE P 383 103.50 -14.05 10.76
CA PHE P 383 102.48 -13.64 11.72
C PHE P 383 102.65 -14.39 13.04
N ASN P 384 102.86 -15.71 12.97
CA ASN P 384 103.11 -16.48 14.19
C ASN P 384 104.37 -16.00 14.88
N ALA P 385 105.43 -15.72 14.12
CA ALA P 385 106.66 -15.23 14.72
C ALA P 385 106.43 -13.95 15.49
N ALA P 386 105.75 -12.97 14.88
CA ALA P 386 105.51 -11.69 15.54
C ALA P 386 104.60 -11.85 16.74
N ALA P 387 103.54 -12.65 16.61
CA ALA P 387 102.63 -12.85 17.73
C ALA P 387 103.35 -13.48 18.91
N TYR P 388 104.21 -14.47 18.64
CA TYR P 388 104.99 -15.07 19.71
C TYR P 388 105.94 -14.06 20.33
N ALA P 389 106.57 -13.22 19.50
CA ALA P 389 107.46 -12.20 20.03
C ALA P 389 106.73 -11.29 20.99
N VAL P 390 105.49 -10.93 20.68
CA VAL P 390 104.70 -10.07 21.57
C VAL P 390 104.28 -10.82 22.84
N LEU P 391 103.82 -12.07 22.69
CA LEU P 391 103.20 -12.76 23.83
C LEU P 391 104.23 -13.28 24.81
N SER P 392 105.40 -13.68 24.36
CA SER P 392 106.38 -14.28 25.29
C SER P 392 106.91 -13.24 26.26
N ASN P 393 107.17 -12.02 25.79
CA ASN P 393 107.68 -10.94 26.63
C ASN P 393 106.51 -10.04 27.01
N LEU P 394 105.84 -10.41 28.11
CA LEU P 394 104.74 -9.61 28.63
C LEU P 394 105.13 -8.82 29.86
N SER P 395 105.99 -9.38 30.71
CA SER P 395 106.38 -8.74 31.95
C SER P 395 107.54 -7.76 31.78
N ASN P 396 108.17 -7.71 30.60
CA ASN P 396 109.31 -6.83 30.38
C ASN P 396 109.28 -6.20 28.99
N ASN P 397 108.09 -6.06 28.40
CA ASN P 397 107.97 -5.41 27.11
C ASN P 397 108.10 -3.90 27.27
N ALA P 398 108.92 -3.29 26.42
CA ALA P 398 109.10 -1.85 26.43
C ALA P 398 108.08 -1.12 25.57
N ALA P 399 107.25 -1.84 24.81
CA ALA P 399 106.27 -1.23 23.94
C ALA P 399 104.96 -0.95 24.67
N PHE P 400 104.48 -1.91 25.48
CA PHE P 400 103.27 -1.70 26.26
C PHE P 400 103.23 -2.74 27.37
N ASN P 401 102.67 -2.34 28.51
CA ASN P 401 102.47 -3.22 29.66
C ASN P 401 100.98 -3.51 29.76
N ILE P 402 100.58 -4.76 29.51
CA ILE P 402 99.17 -5.08 29.36
C ILE P 402 98.53 -5.51 30.67
N THR P 403 99.24 -5.39 31.79
CA THR P 403 98.61 -5.56 33.09
C THR P 403 97.98 -4.27 33.58
N ASN P 404 97.81 -3.29 32.69
CA ASN P 404 97.21 -2.01 33.02
C ASN P 404 95.71 -2.13 32.77
N TYR P 405 94.93 -2.32 33.85
CA TYR P 405 93.49 -2.51 33.68
C TYR P 405 92.82 -1.30 33.07
N ALA P 406 93.22 -0.11 33.51
CA ALA P 406 92.50 1.10 33.10
C ALA P 406 92.77 1.48 31.66
N ARG P 407 93.97 1.18 31.16
CA ARG P 407 94.37 1.61 29.82
C ARG P 407 94.02 0.60 28.74
N TYR P 408 93.86 -0.67 29.09
CA TYR P 408 93.62 -1.73 28.12
C TYR P 408 92.38 -2.50 28.56
N PRO P 409 91.19 -2.03 28.18
CA PRO P 409 89.96 -2.65 28.65
C PRO P 409 89.61 -3.98 27.99
N PHE P 410 90.50 -4.59 27.22
CA PHE P 410 90.20 -5.89 26.65
C PHE P 410 90.01 -6.91 27.77
N ASN P 411 89.16 -7.90 27.51
CA ASN P 411 88.90 -8.94 28.50
C ASN P 411 88.83 -10.35 27.92
N ALA P 412 88.87 -10.52 26.61
CA ALA P 412 88.76 -11.83 26.01
C ALA P 412 89.84 -12.01 24.97
N PHE P 413 90.26 -13.27 24.78
CA PHE P 413 91.24 -13.63 23.75
C PHE P 413 90.83 -14.95 23.12
N TRP P 414 90.68 -14.95 21.81
CA TRP P 414 90.32 -16.14 21.05
C TRP P 414 91.54 -16.62 20.28
N ASP P 415 91.77 -17.92 20.29
CA ASP P 415 92.84 -18.53 19.49
C ASP P 415 92.30 -18.81 18.10
N SER P 416 92.93 -18.21 17.09
CA SER P 416 92.47 -18.31 15.72
C SER P 416 93.26 -19.31 14.89
N GLY P 417 94.13 -20.10 15.51
CA GLY P 417 94.88 -21.11 14.79
C GLY P 417 96.37 -20.97 14.92
N PHE P 418 96.84 -20.35 16.00
CA PHE P 418 98.27 -20.21 16.21
C PHE P 418 98.91 -21.59 16.36
N ASP P 419 100.19 -21.66 15.99
CA ASP P 419 100.90 -22.92 16.08
C ASP P 419 101.08 -23.34 17.54
N LEU P 420 101.34 -24.62 17.75
CA LEU P 420 101.37 -25.17 19.11
C LEU P 420 102.36 -24.44 20.00
N LYS P 421 103.44 -23.91 19.45
CA LYS P 421 104.39 -23.17 20.28
C LYS P 421 103.78 -21.89 20.83
N THR P 422 103.03 -21.16 20.00
CA THR P 422 102.40 -19.94 20.48
C THR P 422 101.16 -20.23 21.32
N LYS P 423 100.51 -21.36 21.09
CA LYS P 423 99.31 -21.68 21.84
C LYS P 423 99.55 -21.69 23.33
N GLN P 424 100.78 -21.99 23.76
CA GLN P 424 101.08 -22.15 25.16
C GLN P 424 101.51 -20.86 25.85
N THR P 425 101.64 -19.76 25.12
CA THR P 425 101.88 -18.46 25.72
C THR P 425 100.61 -17.72 26.07
N ILE P 426 99.45 -18.24 25.66
CA ILE P 426 98.17 -17.58 25.90
C ILE P 426 97.67 -17.84 27.32
N PRO P 427 97.77 -19.06 27.85
CA PRO P 427 97.14 -19.33 29.15
C PRO P 427 97.57 -18.40 30.27
N GLN P 428 98.76 -17.82 30.17
CA GLN P 428 99.25 -16.96 31.24
C GLN P 428 98.48 -15.64 31.33
N LEU P 429 97.62 -15.32 30.36
CA LEU P 429 96.83 -14.11 30.47
C LEU P 429 95.86 -14.19 31.65
N ILE P 430 95.22 -15.35 31.84
CA ILE P 430 94.34 -15.53 33.00
C ILE P 430 95.11 -15.73 34.29
N GLY P 431 96.44 -15.76 34.24
CA GLY P 431 97.24 -15.79 35.44
C GLY P 431 97.70 -14.41 35.81
N LEU P 432 98.03 -13.60 34.80
CA LEU P 432 98.45 -12.22 35.04
C LEU P 432 97.30 -11.26 35.32
N ARG P 433 96.10 -11.53 34.78
CA ARG P 433 94.97 -10.64 34.98
C ARG P 433 93.78 -11.42 35.51
N ALA P 434 93.01 -10.78 36.39
CA ALA P 434 91.88 -11.42 37.07
C ALA P 434 90.54 -11.11 36.43
N ASP P 435 90.53 -10.46 35.27
CA ASP P 435 89.31 -10.18 34.53
C ASP P 435 89.49 -10.54 33.06
N THR P 436 90.07 -11.72 32.80
CA THR P 436 90.38 -12.15 31.45
C THR P 436 89.81 -13.53 31.20
N TRP P 437 89.50 -13.79 29.93
CA TRP P 437 88.81 -14.99 29.51
C TRP P 437 89.42 -15.43 28.18
N ILE P 438 89.70 -16.73 28.05
CA ILE P 438 90.42 -17.25 26.88
C ILE P 438 89.65 -18.40 26.27
N ALA P 439 89.69 -18.47 24.94
CA ALA P 439 89.20 -19.61 24.18
C ALA P 439 90.37 -20.18 23.38
N LEU P 440 90.60 -21.48 23.51
CA LEU P 440 91.70 -22.17 22.85
C LEU P 440 91.16 -23.06 21.74
N SER P 441 92.00 -23.31 20.74
CA SER P 441 91.67 -24.19 19.62
C SER P 441 92.76 -25.23 19.49
N THR P 442 92.37 -26.47 19.21
CA THR P 442 93.32 -27.58 19.11
C THR P 442 93.81 -27.80 17.69
N GLN P 443 93.68 -26.82 16.81
CA GLN P 443 94.05 -26.95 15.41
C GLN P 443 95.06 -25.89 15.03
N ASP P 444 96.15 -26.30 14.40
CA ASP P 444 97.12 -25.39 13.80
C ASP P 444 96.75 -25.22 12.33
N ILE P 445 96.16 -24.07 11.99
CA ILE P 445 95.56 -23.90 10.67
C ILE P 445 96.58 -24.05 9.55
N SER P 446 97.86 -23.90 9.83
CA SER P 446 98.88 -24.04 8.80
C SER P 446 99.20 -25.48 8.47
N SER P 447 98.66 -26.44 9.20
CA SER P 447 98.94 -27.86 8.99
C SER P 447 97.69 -28.58 8.50
N ASP P 448 97.81 -29.90 8.36
CA ASP P 448 96.69 -30.72 7.96
C ASP P 448 95.75 -30.95 9.14
N PHE P 449 94.48 -31.19 8.84
CA PHE P 449 93.50 -31.39 9.89
C PHE P 449 93.91 -32.54 10.79
N ASN P 450 93.79 -32.34 12.10
CA ASN P 450 94.25 -33.33 13.06
C ASN P 450 93.33 -34.53 13.09
N SER P 451 93.90 -35.69 13.39
CA SER P 451 93.12 -36.90 13.62
C SER P 451 92.70 -36.97 15.08
N ASN P 452 92.01 -38.06 15.43
CA ASN P 452 91.52 -38.20 16.81
C ASN P 452 92.67 -38.26 17.80
N GLU P 453 93.72 -39.01 17.48
CA GLU P 453 94.84 -39.14 18.41
C GLU P 453 95.57 -37.82 18.57
N GLU P 454 95.76 -37.07 17.49
CA GLU P 454 96.41 -35.76 17.60
C GLU P 454 95.55 -34.77 18.36
N GLU P 455 94.24 -34.77 18.12
CA GLU P 455 93.33 -34.00 18.95
C GLU P 455 93.55 -34.32 20.42
N GLU P 456 93.61 -35.61 20.76
CA GLU P 456 93.75 -36.01 22.15
C GLU P 456 95.08 -35.51 22.72
N SER P 457 96.17 -35.69 21.98
CA SER P 457 97.48 -35.28 22.47
C SER P 457 97.54 -33.78 22.71
N ILE P 458 97.03 -33.00 21.75
CA ILE P 458 97.09 -31.55 21.89
C ILE P 458 96.17 -31.08 23.01
N ALA P 459 95.03 -31.73 23.18
CA ALA P 459 94.13 -31.37 24.27
C ALA P 459 94.81 -31.61 25.62
N LEU P 460 95.47 -32.77 25.77
CA LEU P 460 96.16 -33.04 27.02
C LEU P 460 97.28 -32.04 27.26
N SER P 461 98.03 -31.70 26.21
CA SER P 461 99.13 -30.76 26.35
C SER P 461 98.64 -29.38 26.78
N LEU P 462 97.52 -28.93 26.20
CA LEU P 462 96.98 -27.63 26.58
C LEU P 462 96.38 -27.66 27.98
N MET P 463 95.73 -28.77 28.35
CA MET P 463 95.18 -28.88 29.70
C MET P 463 96.29 -28.81 30.74
N SER P 464 97.41 -29.48 30.47
CA SER P 464 98.53 -29.42 31.40
C SER P 464 98.97 -27.97 31.61
N ARG P 465 99.10 -27.21 30.54
CA ARG P 465 99.52 -25.83 30.64
C ARG P 465 98.51 -25.00 31.42
N VAL P 466 97.22 -25.21 31.14
CA VAL P 466 96.18 -24.45 31.84
C VAL P 466 96.19 -24.78 33.32
N SER P 467 96.61 -25.99 33.68
CA SER P 467 96.60 -26.38 35.08
C SER P 467 97.62 -25.61 35.92
N ALA P 468 98.53 -24.88 35.30
CA ALA P 468 99.59 -24.18 36.01
C ALA P 468 99.19 -22.78 36.49
N PHE P 469 97.97 -22.33 36.17
CA PHE P 469 97.50 -21.00 36.54
C PHE P 469 96.17 -21.13 37.26
N PRO P 470 96.18 -21.55 38.51
CA PRO P 470 94.91 -21.70 39.25
C PRO P 470 94.25 -20.36 39.49
N ASP P 471 92.93 -20.40 39.64
CA ASP P 471 92.16 -19.17 39.85
C ASP P 471 92.58 -18.48 41.13
N SER P 472 92.74 -19.24 42.21
CA SER P 472 93.14 -18.73 43.51
C SER P 472 94.43 -19.42 43.93
N SER P 473 95.55 -18.72 43.83
CA SER P 473 96.82 -19.33 44.21
C SER P 473 96.85 -19.66 45.69
N ASP P 474 96.04 -18.97 46.49
CA ASP P 474 96.02 -19.23 47.93
C ASP P 474 95.40 -20.59 48.24
N PHE P 475 94.31 -20.94 47.55
CA PHE P 475 93.56 -22.14 47.85
C PHE P 475 93.52 -23.14 46.70
N GLY P 476 94.33 -22.94 45.66
CA GLY P 476 94.46 -23.94 44.62
C GLY P 476 93.19 -24.22 43.84
N THR P 477 92.34 -23.23 43.64
CA THR P 477 91.13 -23.43 42.87
C THR P 477 91.49 -23.59 41.39
N PRO P 478 91.05 -24.66 40.71
CA PRO P 478 91.34 -24.79 39.29
C PRO P 478 90.75 -23.63 38.48
N ALA P 479 91.44 -23.28 37.40
CA ALA P 479 90.97 -22.21 36.54
C ALA P 479 89.65 -22.57 35.90
N PHE P 480 88.81 -21.56 35.65
CA PHE P 480 87.51 -21.79 35.02
C PHE P 480 87.13 -20.72 34.01
N ARG P 481 88.00 -19.75 33.73
CA ARG P 481 87.65 -18.65 32.82
C ARG P 481 88.18 -18.95 31.41
N GLY P 482 87.36 -19.67 30.65
CA GLY P 482 87.68 -19.93 29.26
C GLY P 482 87.08 -21.24 28.81
N MET P 483 87.54 -21.70 27.64
CA MET P 483 87.16 -23.02 27.15
C MET P 483 88.10 -23.46 26.04
N ILE P 484 87.98 -24.73 25.67
CA ILE P 484 88.75 -25.33 24.58
C ILE P 484 87.77 -25.88 23.55
N VAL P 485 87.96 -25.52 22.29
CA VAL P 485 87.08 -25.93 21.20
C VAL P 485 87.90 -26.72 20.19
N GLY P 486 87.42 -27.90 19.83
CA GLY P 486 88.10 -28.77 18.87
C GLY P 486 87.31 -28.87 17.58
N GLY P 487 88.03 -28.96 16.47
CA GLY P 487 87.44 -29.09 15.15
C GLY P 487 87.83 -27.95 14.24
N ALA P 488 87.70 -28.22 12.94
CA ALA P 488 88.09 -27.25 11.92
C ALA P 488 87.29 -27.52 10.66
N GLY P 489 87.24 -26.52 9.79
CA GLY P 489 86.48 -26.60 8.57
C GLY P 489 86.91 -25.52 7.60
N TYR P 490 85.94 -25.02 6.85
CA TYR P 490 86.20 -24.01 5.82
C TYR P 490 85.25 -22.84 5.98
N TYR P 491 85.70 -21.66 5.58
CA TYR P 491 84.89 -20.46 5.69
C TYR P 491 83.85 -20.44 4.59
N THR P 492 82.62 -20.06 4.92
CA THR P 492 81.52 -20.10 3.96
C THR P 492 81.21 -18.74 3.33
N GLU P 493 81.63 -17.65 3.96
CA GLU P 493 81.30 -16.31 3.48
C GLU P 493 82.26 -15.82 2.41
N THR P 494 82.96 -16.72 1.74
CA THR P 494 83.91 -16.33 0.70
C THR P 494 83.95 -17.42 -0.36
N THR P 495 84.31 -17.04 -1.58
CA THR P 495 84.42 -18.01 -2.66
C THR P 495 85.68 -18.84 -2.57
N ARG P 496 86.78 -18.25 -2.13
CA ARG P 496 88.03 -18.97 -2.01
C ARG P 496 87.92 -20.08 -0.96
N LYS P 497 88.87 -21.02 -1.03
CA LYS P 497 88.96 -22.09 -0.05
C LYS P 497 89.90 -21.66 1.06
N LEU P 498 89.36 -21.42 2.25
CA LEU P 498 90.09 -20.80 3.36
C LEU P 498 89.76 -21.53 4.66
N PRO P 499 90.61 -22.44 5.12
CA PRO P 499 90.30 -23.18 6.34
C PRO P 499 90.28 -22.28 7.57
N VAL P 500 89.36 -22.60 8.49
CA VAL P 500 89.22 -21.87 9.75
C VAL P 500 88.82 -22.84 10.84
N PRO P 501 89.06 -22.53 12.11
CA PRO P 501 88.56 -23.38 13.19
C PRO P 501 87.18 -22.94 13.68
N LEU P 502 86.58 -23.79 14.52
CA LEU P 502 85.24 -23.52 15.03
C LEU P 502 85.22 -22.44 16.10
N THR P 503 86.39 -22.07 16.63
CA THR P 503 86.44 -20.90 17.50
C THR P 503 85.94 -19.67 16.78
N LEU P 504 86.03 -19.64 15.45
CA LEU P 504 85.47 -18.51 14.69
C LEU P 504 83.95 -18.47 14.82
N ASP P 505 83.30 -19.63 14.72
CA ASP P 505 81.85 -19.68 14.85
C ASP P 505 81.43 -19.24 16.25
N ARG P 506 82.10 -19.78 17.27
CA ARG P 506 81.75 -19.36 18.63
C ARG P 506 82.05 -17.87 18.86
N PHE P 507 83.11 -17.36 18.22
CA PHE P 507 83.44 -15.95 18.32
C PHE P 507 82.32 -15.08 17.78
N ARG P 508 81.78 -15.46 16.62
CA ARG P 508 80.66 -14.72 16.05
C ARG P 508 79.44 -14.78 16.97
N ALA P 509 79.14 -15.96 17.51
CA ALA P 509 77.99 -16.08 18.40
C ALA P 509 78.12 -15.14 19.59
N TYR P 510 79.28 -15.13 20.24
CA TYR P 510 79.46 -14.27 21.40
C TYR P 510 79.46 -12.80 21.01
N CYS P 511 79.98 -12.47 19.84
CA CYS P 511 79.92 -11.09 19.36
C CYS P 511 78.48 -10.63 19.28
N ARG P 512 77.59 -11.47 18.73
CA ARG P 512 76.20 -11.08 18.61
C ARG P 512 75.50 -11.06 19.97
N TYR P 513 75.86 -11.97 20.87
CA TYR P 513 75.15 -12.08 22.14
C TYR P 513 75.56 -10.98 23.12
N ALA P 514 76.85 -10.90 23.46
CA ALA P 514 77.34 -10.00 24.49
C ALA P 514 78.13 -8.84 23.91
N GLY P 515 77.73 -8.34 22.75
CA GLY P 515 78.47 -7.29 22.08
C GLY P 515 77.75 -5.95 22.03
N ALA P 516 76.56 -5.89 22.62
CA ALA P 516 75.81 -4.64 22.63
C ALA P 516 76.58 -3.58 23.40
N SER P 517 76.62 -2.37 22.83
CA SER P 517 77.40 -1.30 23.43
C SER P 517 76.79 -0.79 24.73
N ASP P 518 75.57 -1.20 25.05
CA ASP P 518 74.92 -0.78 26.29
C ASP P 518 75.21 -1.70 27.46
N GLY P 519 76.04 -2.72 27.28
CA GLY P 519 76.41 -3.58 28.38
C GLY P 519 75.27 -4.40 28.95
N VAL P 520 74.43 -4.99 28.11
CA VAL P 520 73.37 -5.90 28.53
C VAL P 520 73.30 -7.05 27.53
N LEU P 521 73.14 -8.27 28.03
CA LEU P 521 73.02 -9.41 27.13
C LEU P 521 71.66 -9.39 26.43
N LYS P 522 71.68 -9.63 25.12
CA LYS P 522 70.47 -9.61 24.31
C LYS P 522 69.81 -10.99 24.36
N PRO P 523 68.58 -11.12 24.86
CA PRO P 523 67.97 -12.45 24.97
C PRO P 523 67.75 -13.13 23.64
N GLU P 524 67.68 -12.39 22.54
CA GLU P 524 67.35 -12.97 21.25
C GLU P 524 68.55 -13.63 20.58
N TYR P 525 69.73 -13.57 21.19
CA TYR P 525 70.93 -14.18 20.63
C TYR P 525 71.58 -15.16 21.62
N ALA P 526 70.79 -15.74 22.52
CA ALA P 526 71.35 -16.64 23.51
C ALA P 526 72.14 -17.74 22.84
N VAL P 527 73.38 -17.94 23.30
CA VAL P 527 74.32 -18.82 22.61
C VAL P 527 73.93 -20.29 22.67
N ASP P 528 72.93 -20.65 23.49
CA ASP P 528 72.52 -22.04 23.60
C ASP P 528 71.03 -22.19 23.45
N GLU P 529 70.40 -21.36 22.62
CA GLU P 529 68.98 -21.44 22.35
C GLU P 529 68.72 -21.07 20.90
N GLY P 530 67.61 -21.55 20.36
CA GLY P 530 67.25 -21.18 19.01
C GLY P 530 68.26 -21.71 18.02
N ASP P 531 68.52 -20.94 16.98
CA ASP P 531 69.44 -21.34 15.93
C ASP P 531 70.87 -20.90 16.20
N ALA P 532 71.13 -20.28 17.35
CA ALA P 532 72.49 -19.88 17.70
C ALA P 532 73.29 -21.02 18.32
N ARG P 533 72.68 -22.20 18.49
CA ARG P 533 73.41 -23.37 18.93
C ARG P 533 73.88 -24.22 17.75
N LYS P 534 73.73 -23.74 16.53
CA LYS P 534 74.17 -24.45 15.34
C LYS P 534 75.37 -23.74 14.72
N VAL P 535 76.16 -24.53 13.98
CA VAL P 535 77.29 -23.96 13.24
C VAL P 535 76.76 -23.23 12.03
N GLN P 536 77.29 -22.03 11.78
CA GLN P 536 76.72 -21.14 10.77
C GLN P 536 77.72 -20.61 9.75
N VAL P 537 79.01 -20.49 10.10
CA VAL P 537 79.99 -19.92 9.19
C VAL P 537 81.13 -20.88 8.91
N VAL P 538 80.93 -22.18 9.12
CA VAL P 538 81.94 -23.19 8.84
C VAL P 538 81.25 -24.38 8.19
N LYS P 539 81.94 -25.00 7.22
CA LYS P 539 81.40 -26.14 6.50
C LYS P 539 82.49 -27.18 6.32
N SER P 540 82.06 -28.38 5.93
CA SER P 540 82.97 -29.49 5.69
C SER P 540 83.81 -29.82 6.93
N ILE P 541 83.18 -29.73 8.09
CA ILE P 541 83.89 -30.03 9.33
C ILE P 541 84.34 -31.49 9.30
N ASN P 542 85.43 -31.77 10.01
CA ASN P 542 86.13 -33.05 9.93
C ASN P 542 85.83 -33.93 11.13
N ASN P 543 86.21 -35.20 10.99
CA ASN P 543 86.10 -36.18 12.08
C ASN P 543 84.70 -36.21 12.67
N LEU P 544 83.68 -36.13 11.80
CA LEU P 544 82.31 -36.12 12.31
C LEU P 544 81.80 -37.51 12.63
N ASP P 545 82.50 -38.56 12.21
CA ASP P 545 82.17 -39.93 12.61
C ASP P 545 83.00 -40.40 13.80
N LYS P 546 83.03 -39.63 14.88
CA LYS P 546 83.71 -40.10 16.08
C LYS P 546 82.94 -41.29 16.65
N SER P 547 83.68 -42.24 17.20
CA SER P 547 83.03 -43.33 17.90
C SER P 547 82.60 -42.88 19.28
N TRP P 548 81.76 -43.71 19.91
CA TRP P 548 81.23 -43.38 21.23
C TRP P 548 82.35 -43.22 22.24
N ARG P 549 83.36 -44.08 22.17
CA ARG P 549 84.47 -44.00 23.12
C ARG P 549 85.24 -42.69 22.95
N VAL P 550 85.47 -42.27 21.70
CA VAL P 550 86.17 -41.03 21.46
C VAL P 550 85.36 -39.85 21.98
N ARG P 551 84.05 -39.86 21.73
CA ARG P 551 83.21 -38.78 22.22
C ARG P 551 83.25 -38.71 23.74
N ARG P 552 83.16 -39.87 24.39
CA ARG P 552 83.19 -39.92 25.85
C ARG P 552 84.51 -39.39 26.38
N ALA P 553 85.62 -39.77 25.74
CA ALA P 553 86.93 -39.28 26.19
C ALA P 553 87.02 -37.77 26.07
N GLN P 554 86.57 -37.22 24.93
CA GLN P 554 86.62 -35.76 24.77
C GLN P 554 85.77 -35.06 25.82
N TRP P 555 84.57 -35.58 26.07
CA TRP P 555 83.71 -34.97 27.08
C TRP P 555 84.40 -34.98 28.44
N ASN P 556 84.98 -36.13 28.81
CA ASN P 556 85.63 -36.22 30.11
C ASN P 556 86.90 -35.38 30.19
N ASN P 557 87.49 -35.05 29.05
CA ASN P 557 88.63 -34.14 29.01
C ASN P 557 88.20 -32.68 28.81
N ASN P 558 86.90 -32.40 28.80
CA ASN P 558 86.39 -31.03 28.85
C ASN P 558 86.59 -30.28 27.54
N LEU P 559 86.32 -30.92 26.42
CA LEU P 559 86.33 -30.20 25.16
C LEU P 559 84.92 -29.80 24.76
N VAL P 560 84.84 -28.79 23.89
CA VAL P 560 83.59 -28.41 23.23
C VAL P 560 83.68 -28.90 21.79
N TYR P 561 82.77 -29.79 21.41
CA TYR P 561 82.81 -30.44 20.11
C TYR P 561 81.42 -30.44 19.50
N VAL P 562 81.37 -30.56 18.19
CA VAL P 562 80.13 -30.47 17.43
C VAL P 562 79.64 -31.88 17.08
N GLU P 563 78.36 -31.96 16.75
CA GLU P 563 77.73 -33.18 16.28
C GLU P 563 76.88 -32.85 15.06
N ASP P 564 76.36 -33.90 14.42
CA ASP P 564 75.47 -33.70 13.29
C ASP P 564 74.04 -33.44 13.77
N TYR P 565 73.46 -32.34 13.30
CA TYR P 565 72.07 -32.04 13.58
C TYR P 565 71.16 -32.82 12.65
N ASP P 566 71.32 -32.59 11.35
CA ASP P 566 70.65 -33.36 10.31
C ASP P 566 71.66 -33.54 9.19
N THR P 567 71.17 -33.92 8.01
CA THR P 567 72.07 -34.22 6.90
C THR P 567 72.85 -33.00 6.44
N ASN P 568 72.45 -31.80 6.87
CA ASN P 568 73.02 -30.57 6.35
C ASN P 568 73.82 -29.76 7.35
N SER P 569 73.67 -30.03 8.65
CA SER P 569 74.12 -29.07 9.65
C SER P 569 74.64 -29.80 10.89
N GLN P 570 75.27 -29.01 11.77
CA GLN P 570 75.82 -29.49 13.03
C GLN P 570 75.32 -28.62 14.17
N PHE P 571 75.62 -29.01 15.39
CA PHE P 571 75.27 -28.21 16.56
C PHE P 571 76.15 -28.61 17.74
N TYR P 572 76.05 -27.83 18.81
CA TYR P 572 76.83 -28.07 20.02
C TYR P 572 75.95 -28.71 21.07
N PRO P 573 76.14 -29.99 21.40
CA PRO P 573 75.30 -30.60 22.44
C PRO P 573 75.40 -29.92 23.79
N GLY P 574 76.53 -29.32 24.12
CA GLY P 574 76.69 -28.63 25.38
C GLY P 574 78.02 -27.89 25.43
N GLN P 575 77.99 -26.63 25.83
CA GLN P 575 79.17 -25.76 25.76
C GLN P 575 79.69 -25.51 27.17
N GLN P 576 80.63 -26.37 27.58
CA GLN P 576 81.16 -26.33 28.92
C GLN P 576 82.55 -25.69 28.95
N SER P 577 82.89 -25.15 30.12
CA SER P 577 84.22 -24.59 30.35
C SER P 577 85.19 -25.68 30.74
N PHE P 578 86.47 -25.32 30.80
CA PHE P 578 87.49 -26.30 31.16
C PHE P 578 87.72 -26.41 32.66
N TYR P 579 86.74 -26.06 33.49
CA TYR P 579 86.82 -26.35 34.91
C TYR P 579 86.88 -27.85 35.11
N SER P 580 87.82 -28.30 35.96
CA SER P 580 88.10 -29.72 36.08
C SER P 580 87.38 -30.40 37.23
N GLU P 581 86.89 -29.66 38.22
CA GLU P 581 86.27 -30.29 39.37
C GLU P 581 84.80 -30.59 39.10
N GLN P 582 84.12 -31.10 40.13
CA GLN P 582 82.76 -31.57 39.98
C GLN P 582 81.70 -30.52 40.31
N GLY P 583 82.10 -29.30 40.66
CA GLY P 583 81.15 -28.25 40.92
C GLY P 583 80.23 -27.96 39.75
N SER P 584 78.93 -27.84 40.02
CA SER P 584 77.95 -27.50 38.99
C SER P 584 77.78 -26.00 38.79
N VAL P 585 78.27 -25.18 39.70
CA VAL P 585 78.17 -23.73 39.52
C VAL P 585 78.96 -23.29 38.29
N LEU P 586 80.17 -23.82 38.15
CA LEU P 586 81.15 -23.31 37.20
C LEU P 586 81.22 -24.13 35.92
N LYS P 587 80.10 -24.68 35.45
CA LYS P 587 80.16 -25.61 34.33
C LYS P 587 79.99 -24.92 32.98
N ALA P 588 78.98 -24.07 32.83
CA ALA P 588 78.77 -23.37 31.56
C ALA P 588 79.85 -22.32 31.36
N ALA P 589 80.25 -22.12 30.10
CA ALA P 589 81.37 -21.24 29.82
C ALA P 589 81.01 -19.76 29.91
N ILE P 590 79.74 -19.40 29.65
CA ILE P 590 79.35 -17.99 29.68
C ILE P 590 79.47 -17.44 31.09
N VAL P 591 79.34 -18.29 32.10
CA VAL P 591 79.44 -17.82 33.48
C VAL P 591 80.85 -17.31 33.77
N GLY P 592 81.86 -17.88 33.12
CA GLY P 592 83.21 -17.35 33.27
C GLY P 592 83.30 -15.91 32.83
N LEU P 593 82.67 -15.57 31.70
CA LEU P 593 82.70 -14.20 31.22
C LEU P 593 81.93 -13.28 32.17
N CYS P 594 80.80 -13.76 32.68
CA CYS P 594 80.06 -12.98 33.67
C CYS P 594 80.92 -12.67 34.89
N VAL P 595 81.69 -13.66 35.34
CA VAL P 595 82.53 -13.47 36.53
C VAL P 595 83.67 -12.50 36.23
N ALA P 596 84.22 -12.57 35.02
CA ALA P 596 85.24 -11.59 34.63
C ALA P 596 84.68 -10.18 34.72
N ASN P 597 83.44 -9.99 34.27
CA ASN P 597 82.83 -8.66 34.36
C ASN P 597 82.63 -8.23 35.81
N LEU P 598 82.26 -9.17 36.69
CA LEU P 598 82.19 -8.84 38.11
C LEU P 598 83.52 -8.31 38.62
N ASN P 599 84.60 -8.99 38.26
CA ASN P 599 85.93 -8.54 38.66
C ASN P 599 86.19 -7.12 38.16
N ARG P 600 85.79 -6.82 36.93
CA ARG P 600 85.96 -5.46 36.42
C ARG P 600 85.19 -4.45 37.26
N PHE P 601 83.96 -4.80 37.67
CA PHE P 601 83.16 -3.86 38.46
C PHE P 601 83.87 -3.52 39.78
N ALA P 602 84.51 -4.52 40.39
CA ALA P 602 85.25 -4.25 41.62
C ALA P 602 86.37 -3.24 41.41
N PHE P 603 87.11 -3.37 40.31
CA PHE P 603 88.16 -2.41 39.99
C PHE P 603 87.58 -1.01 39.85
N GLU P 604 86.42 -0.91 39.21
CA GLU P 604 85.81 0.42 39.06
C GLU P 604 85.46 1.03 40.41
N ALA P 605 84.94 0.22 41.33
CA ALA P 605 84.67 0.73 42.67
C ALA P 605 85.93 1.27 43.33
N TRP P 606 87.01 0.48 43.30
CA TRP P 606 88.26 0.95 43.90
C TRP P 606 88.70 2.26 43.27
N ARG P 607 88.67 2.32 41.94
CA ARG P 607 89.15 3.48 41.22
C ARG P 607 88.38 4.72 41.64
N ASP P 608 87.07 4.59 41.81
CA ASP P 608 86.25 5.77 42.12
C ASP P 608 86.37 6.17 43.58
N LEU P 609 86.77 5.27 44.47
CA LEU P 609 86.81 5.61 45.88
C LEU P 609 88.20 5.94 46.42
N THR P 610 89.28 5.59 45.72
CA THR P 610 90.61 5.69 46.31
C THR P 610 91.01 7.13 46.63
N GLY P 611 91.68 7.30 47.77
CA GLY P 611 92.43 8.49 48.06
C GLY P 611 91.66 9.73 48.41
N THR P 612 90.55 9.60 49.13
CA THR P 612 89.73 10.74 49.54
C THR P 612 90.03 11.09 50.99
N GLN P 613 90.22 12.37 51.26
CA GLN P 613 90.63 12.82 52.59
C GLN P 613 89.49 12.76 53.59
N LYS P 614 88.28 13.16 53.17
CA LYS P 614 87.18 13.42 54.09
C LYS P 614 86.15 12.29 54.18
N LEU P 615 86.42 11.14 53.57
CA LEU P 615 85.50 10.02 53.73
C LEU P 615 85.58 9.46 55.15
N THR P 616 84.52 8.76 55.55
CA THR P 616 84.54 7.95 56.75
C THR P 616 84.48 6.47 56.39
N ASP P 617 84.76 5.63 57.38
CA ASP P 617 84.78 4.19 57.13
C ASP P 617 83.41 3.69 56.69
N ASP P 618 82.34 4.14 57.36
CA ASP P 618 81.01 3.71 57.01
C ASP P 618 80.64 4.14 55.60
N GLN P 619 80.93 5.38 55.24
CA GLN P 619 80.64 5.86 53.90
C GLN P 619 81.43 5.08 52.86
N LEU P 620 82.71 4.81 53.11
CA LEU P 620 83.50 4.03 52.17
C LEU P 620 82.91 2.64 51.95
N ILE P 621 82.60 1.95 53.06
CA ILE P 621 82.05 0.61 52.99
C ILE P 621 80.74 0.59 52.24
N GLU P 622 79.89 1.60 52.49
CA GLU P 622 78.59 1.64 51.85
C GLU P 622 78.68 1.97 50.37
N ARG P 623 79.52 2.95 50.02
CA ARG P 623 79.65 3.37 48.64
C ARG P 623 80.24 2.27 47.76
N SER P 624 81.14 1.45 48.30
CA SER P 624 81.69 0.37 47.48
C SER P 624 80.60 -0.59 47.00
N ASP P 625 79.79 -1.09 47.94
CA ASP P 625 78.69 -1.97 47.57
C ASP P 625 77.71 -1.26 46.65
N ASP P 626 77.39 0.00 46.94
CA ASP P 626 76.49 0.74 46.07
C ASP P 626 77.00 0.69 44.63
N ALA P 627 78.27 1.03 44.43
CA ALA P 627 78.82 1.07 43.08
C ALA P 627 78.74 -0.29 42.41
N VAL P 628 79.20 -1.34 43.09
CA VAL P 628 79.24 -2.64 42.44
C VAL P 628 77.84 -3.11 42.07
N SER P 629 76.90 -3.00 43.01
CA SER P 629 75.55 -3.48 42.76
C SER P 629 74.88 -2.68 41.65
N THR P 630 75.02 -1.36 41.68
CA THR P 630 74.41 -0.54 40.65
C THR P 630 74.97 -0.88 39.28
N ARG P 631 76.28 -1.06 39.18
CA ARG P 631 76.90 -1.34 37.89
C ARG P 631 76.50 -2.71 37.37
N GLY P 632 76.33 -3.68 38.27
CA GLY P 632 76.12 -5.05 37.83
C GLY P 632 74.68 -5.47 37.64
N THR P 633 73.75 -4.92 38.42
CA THR P 633 72.38 -5.42 38.41
C THR P 633 71.73 -5.21 37.06
N GLY P 634 71.06 -6.24 36.56
CA GLY P 634 70.29 -6.15 35.34
C GLY P 634 71.08 -6.34 34.06
N ALA P 635 72.29 -6.87 34.12
CA ALA P 635 73.14 -7.00 32.95
C ALA P 635 73.30 -8.43 32.48
N PHE P 636 73.28 -9.41 33.38
CA PHE P 636 73.67 -10.77 33.07
C PHE P 636 72.51 -11.64 32.61
N ASP P 637 71.33 -11.05 32.39
CA ASP P 637 70.24 -11.75 31.74
C ASP P 637 69.87 -13.04 32.47
N ASP P 638 70.02 -13.05 33.79
CA ASP P 638 69.59 -14.15 34.64
C ASP P 638 70.49 -15.36 34.59
N ARG P 639 71.78 -15.18 34.27
CA ARG P 639 72.71 -16.30 34.29
C ARG P 639 73.36 -16.46 35.66
N LEU P 640 73.44 -15.38 36.43
CA LEU P 640 74.06 -15.35 37.74
C LEU P 640 73.13 -14.69 38.74
N ILE P 641 73.40 -14.91 40.03
CA ILE P 641 72.89 -14.03 41.08
C ILE P 641 74.05 -13.72 42.02
N PHE P 642 74.33 -12.45 42.24
CA PHE P 642 75.52 -12.03 42.98
C PHE P 642 75.15 -11.02 44.06
N THR P 643 76.08 -10.84 45.00
CA THR P 643 75.87 -9.98 46.16
C THR P 643 77.22 -9.53 46.74
N PRO P 644 77.50 -8.22 46.82
CA PRO P 644 78.77 -7.76 47.41
C PRO P 644 78.67 -7.44 48.89
N HIS P 645 79.80 -7.55 49.59
CA HIS P 645 79.88 -7.18 51.00
C HIS P 645 81.24 -6.53 51.21
N SER P 646 81.24 -5.25 51.59
CA SER P 646 82.46 -4.54 51.94
C SER P 646 82.53 -4.39 53.46
N GLU P 647 83.75 -4.31 53.96
CA GLU P 647 83.93 -4.16 55.40
C GLU P 647 85.39 -3.79 55.69
N ILE P 648 85.70 -3.63 56.97
CA ILE P 648 87.02 -3.29 57.47
C ILE P 648 87.34 -4.29 58.58
N THR P 649 88.11 -5.32 58.25
CA THR P 649 88.35 -6.43 59.14
C THR P 649 89.46 -6.10 60.13
N GLN P 650 89.86 -7.10 60.90
CA GLN P 650 90.91 -6.92 61.89
C GLN P 650 92.24 -6.54 61.23
N ALA P 651 92.59 -7.19 60.12
CA ALA P 651 93.81 -6.82 59.43
C ALA P 651 93.74 -5.40 58.90
N ASP P 652 92.56 -4.97 58.46
CA ASP P 652 92.39 -3.60 57.99
C ASP P 652 92.54 -2.61 59.13
N LYS P 653 92.01 -2.93 60.31
CA LYS P 653 92.23 -2.08 61.47
C LYS P 653 93.72 -1.99 61.79
N GLU P 654 94.41 -3.13 61.74
CA GLU P 654 95.84 -3.12 62.03
C GLU P 654 96.60 -2.24 61.04
N ARG P 655 96.28 -2.35 59.76
CA ARG P 655 97.01 -1.59 58.74
C ARG P 655 96.66 -0.11 58.77
N GLY P 656 95.37 0.22 58.58
CA GLY P 656 94.91 1.59 58.66
C GLY P 656 94.76 2.30 57.33
N TYR P 657 94.91 1.60 56.21
CA TYR P 657 94.78 2.24 54.90
C TYR P 657 94.05 1.34 53.89
N SER P 658 93.32 0.33 54.35
CA SER P 658 92.77 -0.66 53.45
C SER P 658 91.36 -1.06 53.88
N TRP P 659 90.59 -1.57 52.93
CA TRP P 659 89.27 -2.12 53.19
C TRP P 659 89.05 -3.30 52.25
N SER P 660 88.11 -4.16 52.60
CA SER P 660 87.94 -5.44 51.93
C SER P 660 86.56 -5.54 51.29
N MET P 661 86.48 -6.28 50.19
CA MET P 661 85.23 -6.60 49.51
C MET P 661 85.17 -8.10 49.23
N ARG P 662 83.96 -8.65 49.20
CA ARG P 662 83.77 -10.05 48.92
C ARG P 662 82.42 -10.23 48.24
N ILE P 663 82.42 -10.88 47.07
CA ILE P 663 81.21 -11.03 46.24
C ILE P 663 80.83 -12.51 46.23
N ASP P 664 79.60 -12.80 46.63
CA ASP P 664 79.06 -14.15 46.62
C ASP P 664 78.11 -14.30 45.44
N PHE P 665 78.29 -15.35 44.65
CA PHE P 665 77.49 -15.53 43.45
C PHE P 665 77.09 -16.98 43.28
N GLY P 666 76.03 -17.20 42.51
CA GLY P 666 75.50 -18.53 42.28
C GLY P 666 74.95 -18.68 40.88
N ALA P 667 75.10 -19.90 40.33
CA ALA P 667 74.78 -20.20 38.95
C ALA P 667 74.29 -21.65 38.86
N ASN P 668 73.92 -22.05 37.65
CA ASN P 668 73.29 -23.35 37.38
C ASN P 668 74.07 -24.13 36.32
N ALA P 669 73.53 -25.31 35.96
CA ALA P 669 74.06 -26.15 34.90
C ALA P 669 72.92 -26.68 34.04
N PHE P 670 73.19 -27.67 33.20
CA PHE P 670 72.21 -28.18 32.25
C PHE P 670 72.19 -29.71 32.25
N ARG P 671 71.09 -30.27 31.76
CA ARG P 671 70.92 -31.70 31.61
C ARG P 671 71.18 -32.12 30.17
N THR P 672 71.70 -33.33 29.99
CA THR P 672 72.20 -33.76 28.68
C THR P 672 71.88 -35.20 28.30
N VAL P 673 71.15 -35.95 29.11
CA VAL P 673 70.90 -37.37 28.85
C VAL P 673 69.41 -37.63 28.89
N MET P 674 68.92 -38.48 28.00
CA MET P 674 67.52 -38.90 28.03
C MET P 674 67.42 -40.40 27.84
N ASP P 675 66.51 -41.02 28.60
CA ASP P 675 66.15 -42.41 28.43
C ASP P 675 64.92 -42.54 27.55
N MET P 676 64.75 -43.73 26.97
CA MET P 676 63.63 -44.00 26.09
C MET P 676 63.14 -45.42 26.33
N SER P 677 61.82 -45.58 26.27
CA SER P 677 61.19 -46.86 26.58
C SER P 677 59.82 -46.89 25.92
N SER P 678 59.20 -48.07 25.94
CA SER P 678 57.89 -48.24 25.34
C SER P 678 57.20 -49.46 25.93
N VAL P 679 55.88 -49.48 25.80
CA VAL P 679 55.08 -50.65 26.16
C VAL P 679 53.96 -50.79 25.15
N ALA P 680 53.57 -52.03 24.89
CA ALA P 680 52.58 -52.34 23.87
C ALA P 680 51.26 -52.73 24.52
N TYR P 681 50.18 -52.10 24.07
CA TYR P 681 48.85 -52.33 24.59
C TYR P 681 47.91 -52.68 23.44
N THR P 682 46.80 -53.31 23.77
CA THR P 682 45.71 -53.42 22.80
C THR P 682 44.98 -52.09 22.70
N ARG P 683 44.32 -51.87 21.57
CA ARG P 683 43.65 -50.59 21.36
C ARG P 683 42.60 -50.36 22.42
N GLU P 684 41.86 -51.40 22.80
CA GLU P 684 40.78 -51.21 23.78
C GLU P 684 41.31 -50.81 25.14
N GLU P 685 42.27 -51.58 25.67
CA GLU P 685 42.79 -51.29 27.00
C GLU P 685 43.71 -50.09 27.02
N LEU P 686 44.12 -49.59 25.86
CA LEU P 686 44.84 -48.32 25.79
C LEU P 686 43.91 -47.13 25.67
N ALA P 687 42.79 -47.28 24.97
CA ALA P 687 41.83 -46.20 24.82
C ALA P 687 41.00 -45.98 26.08
N ASN P 688 40.60 -47.06 26.76
CA ASN P 688 39.78 -46.92 27.95
C ASN P 688 40.03 -48.10 28.88
N GLY P 689 40.48 -47.80 30.10
CA GLY P 689 40.74 -48.83 31.09
C GLY P 689 42.16 -49.34 31.05
N MET Q 1 19.58 85.92 -19.14
CA MET Q 1 20.97 85.74 -19.64
C MET Q 1 21.88 86.90 -19.26
N SER Q 2 21.33 88.12 -19.28
CA SER Q 2 22.14 89.31 -19.17
C SER Q 2 22.27 89.85 -17.76
N GLU Q 3 21.16 90.10 -17.07
CA GLU Q 3 21.19 90.78 -15.79
C GLU Q 3 21.76 89.88 -14.70
N GLN Q 4 22.30 90.53 -13.67
CA GLN Q 4 23.02 89.86 -12.61
C GLN Q 4 22.19 89.90 -11.33
N ILE Q 5 22.72 89.29 -10.27
CA ILE Q 5 21.99 89.22 -9.00
C ILE Q 5 22.19 90.52 -8.25
N THR Q 6 21.19 91.39 -8.32
CA THR Q 6 21.27 92.68 -7.63
C THR Q 6 20.73 92.59 -6.20
N GLY Q 7 19.66 91.83 -5.99
CA GLY Q 7 19.04 91.80 -4.68
C GLY Q 7 18.30 90.49 -4.46
N SER Q 8 17.26 90.56 -3.64
CA SER Q 8 16.56 89.37 -3.19
C SER Q 8 15.22 89.16 -3.88
N THR Q 9 14.92 89.87 -4.95
CA THR Q 9 13.64 89.69 -5.63
C THR Q 9 13.53 88.24 -6.09
N PRO Q 10 12.43 87.54 -5.77
CA PRO Q 10 12.31 86.14 -6.22
C PRO Q 10 12.51 86.01 -7.72
N ARG Q 11 13.40 85.11 -8.12
CA ARG Q 11 13.83 85.04 -9.51
C ARG Q 11 14.80 83.88 -9.64
N ILE Q 12 14.85 83.31 -10.84
CA ILE Q 12 15.80 82.25 -11.17
C ILE Q 12 16.67 82.75 -12.31
N TYR Q 13 17.99 82.74 -12.10
CA TYR Q 13 18.94 83.24 -13.07
C TYR Q 13 19.57 82.08 -13.81
N TYR Q 14 19.76 82.25 -15.12
CA TYR Q 14 20.33 81.21 -15.97
C TYR Q 14 21.73 81.62 -16.37
N ARG Q 15 22.72 80.83 -15.99
CA ARG Q 15 24.04 80.89 -16.57
C ARG Q 15 24.12 79.81 -17.64
N GLY Q 16 24.54 80.18 -18.84
CA GLY Q 16 24.44 79.27 -19.96
C GLY Q 16 25.22 77.98 -19.77
N THR Q 17 25.24 77.16 -20.81
CA THR Q 17 26.07 75.96 -20.81
C THR Q 17 27.53 76.34 -20.96
N LYS Q 18 28.41 75.45 -20.49
CA LYS Q 18 29.82 75.73 -20.45
C LYS Q 18 30.58 74.42 -20.57
N ASP Q 19 31.85 74.51 -20.94
CA ASP Q 19 32.73 73.34 -20.97
C ASP Q 19 33.52 73.25 -19.67
N SER Q 20 33.90 72.04 -19.32
CA SER Q 20 34.51 71.78 -18.01
C SER Q 20 35.71 72.69 -17.80
N SER Q 21 35.87 73.14 -16.55
CA SER Q 21 36.98 73.98 -16.14
C SER Q 21 37.87 73.23 -15.16
N VAL Q 22 39.19 73.45 -15.28
CA VAL Q 22 40.13 72.79 -14.38
C VAL Q 22 39.85 73.19 -12.95
N THR Q 23 39.85 72.21 -12.05
CA THR Q 23 39.55 72.42 -10.64
C THR Q 23 40.86 72.39 -9.86
N ARG Q 24 41.13 73.47 -9.12
CA ARG Q 24 42.35 73.51 -8.32
C ARG Q 24 42.26 72.53 -7.16
N SER Q 25 43.33 71.78 -6.96
CA SER Q 25 43.32 70.65 -6.03
C SER Q 25 43.74 71.11 -4.63
N THR Q 26 42.94 70.74 -3.64
CA THR Q 26 43.28 71.00 -2.25
C THR Q 26 44.41 70.09 -1.79
N GLY Q 27 45.20 70.57 -0.83
CA GLY Q 27 46.35 69.85 -0.34
C GLY Q 27 46.12 69.33 1.06
N SER Q 28 47.13 68.63 1.57
CA SER Q 28 47.08 68.02 2.89
C SER Q 28 48.24 68.50 3.74
N THR Q 29 48.04 68.46 5.06
CA THR Q 29 49.05 68.92 5.99
C THR Q 29 50.35 68.15 5.80
N THR Q 30 51.47 68.85 5.88
CA THR Q 30 52.77 68.27 5.58
C THR Q 30 53.25 67.37 6.71
N THR Q 31 54.23 66.53 6.39
CA THR Q 31 54.77 65.54 7.31
C THR Q 31 56.22 65.28 6.91
N LEU Q 32 56.90 64.45 7.69
CA LEU Q 32 58.27 64.05 7.36
C LEU Q 32 58.33 62.55 7.08
N PRO Q 33 58.43 62.13 5.81
CA PRO Q 33 58.74 60.72 5.53
C PRO Q 33 60.21 60.43 5.76
N LEU Q 34 60.58 59.16 5.56
CA LEU Q 34 61.97 58.77 5.71
C LEU Q 34 62.82 59.17 4.51
N HIS Q 35 62.21 59.45 3.37
CA HIS Q 35 62.93 59.80 2.14
C HIS Q 35 62.45 61.17 1.69
N ARG Q 36 63.33 62.16 1.78
CA ARG Q 36 62.98 63.56 1.58
C ARG Q 36 63.97 64.20 0.61
N PRO Q 37 63.70 64.12 -0.70
CA PRO Q 37 64.66 64.62 -1.67
C PRO Q 37 64.52 66.10 -1.99
N LEU Q 38 65.63 66.67 -2.46
CA LEU Q 38 65.71 68.05 -2.92
C LEU Q 38 65.88 68.06 -4.43
N ILE Q 39 65.02 68.79 -5.13
CA ILE Q 39 65.02 68.79 -6.58
C ILE Q 39 65.09 70.23 -7.09
N MET Q 40 66.07 70.49 -7.94
CA MET Q 40 66.29 71.80 -8.56
C MET Q 40 65.80 71.76 -10.00
N PHE Q 41 65.18 72.85 -10.46
CA PHE Q 41 64.62 72.83 -11.80
C PHE Q 41 64.34 74.24 -12.29
N PHE Q 42 64.14 74.36 -13.61
CA PHE Q 42 63.62 75.57 -14.22
C PHE Q 42 62.10 75.49 -14.27
N GLY Q 43 61.43 76.61 -14.02
CA GLY Q 43 60.00 76.60 -13.85
C GLY Q 43 59.34 77.75 -14.58
N GLN Q 44 58.01 77.81 -14.45
CA GLN Q 44 57.23 78.85 -15.11
C GLN Q 44 56.92 80.00 -14.15
N LYS Q 45 56.68 79.70 -12.88
CA LYS Q 45 56.37 80.71 -11.89
C LYS Q 45 56.64 80.12 -10.51
N GLY Q 46 56.24 80.84 -9.46
CA GLY Q 46 56.39 80.37 -8.11
C GLY Q 46 57.63 80.92 -7.45
N PRO Q 47 57.76 80.68 -6.14
CA PRO Q 47 58.91 81.21 -5.39
C PRO Q 47 60.22 80.62 -5.89
N THR Q 48 61.31 81.23 -5.46
CA THR Q 48 62.65 80.85 -5.88
C THR Q 48 63.53 80.51 -4.68
N VAL Q 49 62.93 79.89 -3.66
CA VAL Q 49 63.67 79.42 -2.48
C VAL Q 49 63.23 78.00 -2.19
N PRO Q 50 64.06 77.22 -1.50
CA PRO Q 50 63.69 75.84 -1.21
C PRO Q 50 62.37 75.78 -0.47
N THR Q 51 61.38 75.14 -1.10
CA THR Q 51 60.02 75.13 -0.57
C THR Q 51 59.60 73.68 -0.37
N TRP Q 52 59.07 73.39 0.81
CA TRP Q 52 58.57 72.05 1.13
C TRP Q 52 57.18 71.91 0.52
N ILE Q 53 56.99 70.90 -0.32
CA ILE Q 53 55.79 70.79 -1.13
C ILE Q 53 55.24 69.38 -1.11
N ASP Q 54 53.91 69.32 -1.06
CA ASP Q 54 53.13 68.11 -1.24
C ASP Q 54 52.79 67.97 -2.73
N PRO Q 55 53.10 66.84 -3.39
CA PRO Q 55 53.09 66.84 -4.87
C PRO Q 55 51.78 67.27 -5.50
N VAL Q 56 50.69 67.30 -4.73
CA VAL Q 56 49.41 67.66 -5.31
C VAL Q 56 49.42 69.10 -5.79
N LYS Q 57 50.17 69.98 -5.13
CA LYS Q 57 50.14 71.41 -5.42
C LYS Q 57 51.29 71.88 -6.31
N PHE Q 58 52.11 70.97 -6.83
CA PHE Q 58 53.21 71.39 -7.68
C PHE Q 58 52.71 72.09 -8.93
N GLU Q 59 51.68 71.54 -9.57
CA GLU Q 59 51.20 72.07 -10.84
C GLU Q 59 50.68 73.49 -10.72
N ASP Q 60 50.04 73.84 -9.61
CA ASP Q 60 49.50 75.18 -9.43
C ASP Q 60 50.34 76.05 -8.51
N ILE Q 61 51.50 75.58 -8.06
CA ILE Q 61 52.48 76.49 -7.46
C ILE Q 61 53.53 76.90 -8.47
N TYR Q 62 53.90 76.02 -9.39
CA TYR Q 62 54.96 76.28 -10.37
C TYR Q 62 54.46 76.26 -11.80
N GLY Q 63 53.16 76.42 -12.01
CA GLY Q 63 52.62 76.33 -13.35
C GLY Q 63 52.64 74.91 -13.86
N SER Q 64 51.72 74.57 -14.76
CA SER Q 64 51.60 73.21 -15.25
C SER Q 64 52.46 72.93 -16.46
N GLU Q 65 53.24 73.91 -16.93
CA GLU Q 65 54.10 73.72 -18.09
C GLU Q 65 55.50 73.25 -17.73
N THR Q 66 55.87 73.25 -16.45
CA THR Q 66 57.23 72.88 -16.08
C THR Q 66 57.43 71.38 -16.15
N THR Q 67 56.36 70.59 -16.09
CA THR Q 67 56.45 69.14 -16.15
C THR Q 67 56.17 68.59 -17.54
N ASN Q 68 56.00 69.44 -18.54
CA ASN Q 68 55.78 68.98 -19.90
C ASN Q 68 57.13 68.68 -20.54
N LEU Q 69 57.35 67.42 -20.90
CA LEU Q 69 58.64 67.02 -21.45
C LEU Q 69 58.94 67.69 -22.79
N SER Q 70 57.91 68.09 -23.53
CA SER Q 70 58.08 68.74 -24.81
C SER Q 70 58.14 70.26 -24.72
N GLY Q 71 57.99 70.82 -23.53
CA GLY Q 71 58.01 72.25 -23.36
C GLY Q 71 59.42 72.80 -23.33
N VAL Q 72 59.50 74.11 -23.05
CA VAL Q 72 60.79 74.79 -23.03
C VAL Q 72 61.51 74.63 -21.71
N TYR Q 73 60.84 74.17 -20.67
CA TYR Q 73 61.43 74.03 -19.34
C TYR Q 73 62.00 72.65 -19.07
N CYS Q 74 62.04 71.77 -20.08
CA CYS Q 74 62.57 70.43 -19.86
C CYS Q 74 64.07 70.48 -19.63
N THR Q 75 64.51 69.81 -18.57
CA THR Q 75 65.92 69.62 -18.26
C THR Q 75 66.08 68.17 -17.80
N HIS Q 76 67.28 67.80 -17.36
CA HIS Q 76 67.51 66.42 -16.96
C HIS Q 76 67.02 66.13 -15.54
N SER Q 77 66.18 66.99 -14.96
CA SER Q 77 65.52 66.70 -13.70
C SER Q 77 64.00 66.65 -13.82
N THR Q 78 63.44 66.98 -14.98
CA THR Q 78 62.01 66.86 -15.17
C THR Q 78 61.52 65.42 -15.01
N PRO Q 79 62.20 64.40 -15.53
CA PRO Q 79 61.78 63.03 -15.21
C PRO Q 79 61.76 62.76 -13.72
N PHE Q 80 62.72 63.29 -12.98
CA PHE Q 80 62.73 63.10 -11.53
C PHE Q 80 61.52 63.74 -10.88
N ILE Q 81 61.17 64.96 -11.32
CA ILE Q 81 59.98 65.62 -10.78
C ILE Q 81 58.74 64.80 -11.08
N LYS Q 82 58.61 64.31 -12.31
CA LYS Q 82 57.41 63.55 -12.67
C LYS Q 82 57.34 62.25 -11.88
N GLU Q 83 58.47 61.58 -11.68
CA GLU Q 83 58.47 60.36 -10.88
C GLU Q 83 58.07 60.64 -9.44
N ALA Q 84 58.58 61.72 -8.87
CA ALA Q 84 58.21 62.07 -7.50
C ALA Q 84 56.72 62.37 -7.40
N ILE Q 85 56.16 63.07 -8.38
CA ILE Q 85 54.73 63.36 -8.36
C ILE Q 85 53.92 62.08 -8.48
N ALA Q 86 54.35 61.17 -9.36
CA ALA Q 86 53.63 59.91 -9.53
C ALA Q 86 53.65 59.09 -8.25
N ALA Q 87 54.81 59.02 -7.60
CA ALA Q 87 54.94 58.21 -6.39
C ALA Q 87 54.18 58.81 -5.22
N GLY Q 88 54.28 60.13 -5.02
CA GLY Q 88 53.65 60.78 -3.90
C GLY Q 88 54.60 61.09 -2.77
N ASN Q 89 55.78 61.61 -3.09
CA ASN Q 89 56.75 62.06 -2.09
C ASN Q 89 56.59 63.55 -1.85
N GLN Q 90 56.33 63.92 -0.60
CA GLN Q 90 56.50 65.30 -0.21
C GLN Q 90 57.98 65.64 -0.26
N PHE Q 91 58.37 66.54 -1.15
CA PHE Q 91 59.78 66.81 -1.38
C PHE Q 91 60.02 68.31 -1.34
N MET Q 92 61.29 68.72 -1.44
CA MET Q 92 61.65 70.13 -1.37
C MET Q 92 62.12 70.59 -2.75
N ALA Q 93 61.43 71.59 -3.27
CA ALA Q 93 61.64 72.10 -4.62
C ALA Q 93 62.46 73.39 -4.58
N LEU Q 94 63.28 73.57 -5.61
CA LEU Q 94 64.09 74.78 -5.76
C LEU Q 94 64.07 75.20 -7.23
N ARG Q 95 63.42 76.31 -7.51
CA ARG Q 95 63.32 76.85 -8.87
C ARG Q 95 64.50 77.78 -9.11
N LEU Q 96 65.41 77.36 -9.99
CA LEU Q 96 66.55 78.17 -10.38
C LEU Q 96 66.17 79.12 -11.51
N GLU Q 97 66.97 80.15 -11.69
CA GLU Q 97 66.80 81.10 -12.78
C GLU Q 97 68.11 81.27 -13.52
N PRO Q 98 68.07 81.44 -14.84
CA PRO Q 98 69.30 81.74 -15.58
C PRO Q 98 69.80 83.13 -15.25
N SER Q 99 71.11 83.32 -15.44
CA SER Q 99 71.75 84.55 -15.01
C SER Q 99 71.32 85.77 -15.82
N ASP Q 100 70.63 85.59 -16.93
CA ASP Q 100 70.27 86.69 -17.82
C ASP Q 100 68.76 86.87 -17.94
N ILE Q 101 68.00 86.46 -16.93
CA ILE Q 101 66.54 86.57 -17.02
C ILE Q 101 66.15 88.04 -17.01
N PRO Q 102 65.30 88.50 -17.94
CA PRO Q 102 64.90 89.92 -17.91
C PRO Q 102 63.91 90.24 -16.81
N ASP Q 103 63.43 91.48 -16.77
CA ASP Q 103 62.51 91.94 -15.74
C ASP Q 103 61.09 91.48 -16.06
N VAL Q 104 60.12 91.99 -15.31
CA VAL Q 104 58.74 91.56 -15.44
C VAL Q 104 58.05 92.35 -16.53
N ALA Q 105 56.90 91.85 -17.00
CA ALA Q 105 56.10 92.56 -17.98
C ALA Q 105 55.33 93.69 -17.31
N THR Q 106 55.09 94.76 -18.06
CA THR Q 106 54.42 95.94 -17.53
C THR Q 106 53.50 96.55 -18.58
N LEU Q 107 52.53 97.31 -18.12
CA LEU Q 107 51.60 98.02 -19.00
C LEU Q 107 51.02 99.20 -18.26
N GLY Q 108 51.20 100.40 -18.79
CA GLY Q 108 50.66 101.62 -18.20
C GLY Q 108 49.55 102.18 -19.07
N LEU Q 109 48.59 102.82 -18.41
CA LEU Q 109 47.43 103.44 -19.05
C LEU Q 109 47.52 104.95 -18.90
N SER Q 110 47.13 105.68 -19.95
CA SER Q 110 47.19 107.12 -19.94
C SER Q 110 46.11 107.67 -20.85
N VAL Q 111 45.86 108.97 -20.75
CA VAL Q 111 44.88 109.65 -21.59
C VAL Q 111 45.52 110.90 -22.19
N ASP Q 112 45.41 111.03 -23.51
CA ASP Q 112 45.69 112.28 -24.19
C ASP Q 112 44.46 113.16 -24.06
N TRP Q 113 44.65 114.36 -23.52
CA TRP Q 113 43.58 115.18 -22.99
C TRP Q 113 43.72 116.60 -23.54
N VAL Q 114 42.62 117.16 -24.06
CA VAL Q 114 42.60 118.54 -24.51
C VAL Q 114 41.17 119.08 -24.46
N LYS Q 115 41.05 120.41 -24.52
CA LYS Q 115 39.75 121.08 -24.55
C LYS Q 115 39.64 121.88 -25.84
N THR Q 116 38.44 121.94 -26.42
CA THR Q 116 38.23 122.67 -27.66
C THR Q 116 36.75 122.66 -28.00
N LYS Q 117 36.41 123.29 -29.13
CA LYS Q 117 35.04 123.26 -29.60
C LYS Q 117 34.81 122.07 -30.51
N ILE Q 118 33.68 121.39 -30.33
CA ILE Q 118 33.32 120.20 -31.09
C ILE Q 118 31.89 120.36 -31.58
N ASP Q 119 31.46 119.38 -32.38
CA ASP Q 119 30.11 119.41 -32.92
C ASP Q 119 29.11 118.79 -31.94
N ASP Q 120 27.84 119.04 -32.19
CA ASP Q 120 26.75 118.46 -31.42
C ASP Q 120 25.77 117.81 -32.38
N TYR Q 121 25.06 116.82 -31.88
CA TYR Q 121 24.20 115.98 -32.70
C TYR Q 121 22.75 116.14 -32.27
N GLU Q 122 21.86 115.54 -33.06
CA GLU Q 122 20.43 115.64 -32.80
C GLU Q 122 20.06 114.79 -31.59
N ARG Q 123 18.84 115.03 -31.11
CA ARG Q 123 18.25 114.23 -30.04
C ARG Q 123 16.80 113.95 -30.40
N ASN Q 124 16.42 112.67 -30.35
CA ASN Q 124 15.03 112.30 -30.62
C ASN Q 124 14.11 112.83 -29.54
N ASP Q 125 14.48 112.61 -28.27
CA ASP Q 125 13.68 113.05 -27.13
C ASP Q 125 14.64 113.31 -25.98
N ASP Q 126 14.10 113.37 -24.76
CA ASP Q 126 14.95 113.46 -23.58
C ASP Q 126 15.84 112.24 -23.40
N GLY Q 127 15.55 111.14 -24.10
CA GLY Q 127 16.42 109.98 -24.06
C GLY Q 127 17.76 110.18 -24.72
N THR Q 128 17.90 111.21 -25.55
CA THR Q 128 19.18 111.53 -26.17
C THR Q 128 19.71 110.35 -26.98
N TYR Q 129 18.85 109.75 -27.79
CA TYR Q 129 19.24 108.54 -28.51
C TYR Q 129 20.15 108.86 -29.70
N LYS Q 130 19.88 109.95 -30.39
CA LYS Q 130 20.59 110.23 -31.63
C LYS Q 130 22.06 110.57 -31.37
N LEU Q 131 22.93 110.05 -32.24
CA LEU Q 131 24.33 110.44 -32.29
C LEU Q 131 24.88 110.15 -33.68
N ASP Q 132 25.99 110.81 -33.99
CA ASP Q 132 26.77 110.51 -35.20
C ASP Q 132 25.90 110.49 -36.45
N THR Q 133 25.02 111.48 -36.58
CA THR Q 133 24.16 111.62 -37.75
C THR Q 133 23.30 110.37 -37.96
N ASN Q 134 22.90 109.72 -36.87
CA ASN Q 134 22.00 108.59 -36.97
C ASN Q 134 20.72 109.02 -37.71
N GLY Q 135 20.07 108.04 -38.32
CA GLY Q 135 18.93 108.38 -39.17
C GLY Q 135 19.43 109.10 -40.41
N ASP Q 136 18.95 110.33 -40.60
CA ASP Q 136 19.32 111.13 -41.77
C ASP Q 136 19.67 112.57 -41.43
N LYS Q 137 19.97 112.89 -40.18
CA LYS Q 137 20.10 114.27 -39.73
C LYS Q 137 21.55 114.65 -39.50
N ILE Q 138 21.94 115.79 -40.06
CA ILE Q 138 23.26 116.40 -39.90
C ILE Q 138 23.38 116.85 -38.44
N PRO Q 139 24.58 116.93 -37.86
CA PRO Q 139 24.70 117.50 -36.52
C PRO Q 139 24.03 118.86 -36.41
N LEU Q 140 23.51 119.16 -35.22
CA LEU Q 140 22.62 120.30 -35.02
C LEU Q 140 23.37 121.58 -34.68
N ALA Q 141 24.07 121.59 -33.54
CA ALA Q 141 24.74 122.81 -33.12
C ALA Q 141 26.00 123.04 -33.94
N THR Q 142 26.27 124.30 -34.25
CA THR Q 142 27.45 124.64 -35.03
C THR Q 142 28.73 124.25 -34.29
N GLN Q 143 28.85 124.68 -33.03
CA GLN Q 143 30.03 124.38 -32.25
C GLN Q 143 29.67 124.46 -30.77
N ILE Q 144 29.94 123.37 -30.06
CA ILE Q 144 29.70 123.28 -28.62
C ILE Q 144 31.04 123.07 -27.93
N ASP Q 145 31.31 123.88 -26.91
CA ASP Q 145 32.55 123.74 -26.17
C ASP Q 145 32.56 122.40 -25.45
N GLY Q 146 33.68 121.69 -25.55
CA GLY Q 146 33.81 120.38 -24.94
C GLY Q 146 35.25 119.92 -24.82
N ILE Q 147 35.43 118.63 -24.56
CA ILE Q 147 36.73 118.06 -24.25
C ILE Q 147 36.97 116.85 -25.14
N LYS Q 148 38.22 116.64 -25.54
CA LYS Q 148 38.60 115.51 -26.38
C LYS Q 148 39.59 114.61 -25.65
N PHE Q 149 39.31 113.31 -25.69
CA PHE Q 149 40.10 112.25 -25.08
C PHE Q 149 40.64 111.31 -26.13
N ARG Q 150 41.78 110.70 -25.82
CA ARG Q 150 42.35 109.60 -26.62
C ARG Q 150 43.15 108.71 -25.69
N PHE Q 151 42.66 107.52 -25.41
CA PHE Q 151 43.29 106.64 -24.44
C PHE Q 151 44.49 105.92 -25.03
N VAL Q 152 45.46 105.59 -24.18
CA VAL Q 152 46.72 104.99 -24.59
C VAL Q 152 47.10 103.90 -23.59
N LEU Q 153 47.56 102.76 -24.12
CA LEU Q 153 48.07 101.65 -23.32
C LEU Q 153 49.44 101.28 -23.88
N GLU Q 154 50.48 101.33 -23.05
CA GLU Q 154 51.82 101.09 -23.59
C GLU Q 154 52.78 100.66 -22.49
N LYS Q 155 53.91 100.13 -22.91
CA LYS Q 155 54.91 99.64 -21.98
C LYS Q 155 55.46 100.78 -21.14
N ILE Q 156 55.78 100.48 -19.89
CA ILE Q 156 56.36 101.47 -18.98
C ILE Q 156 57.87 101.46 -19.19
N GLU Q 157 58.41 102.58 -19.63
CA GLU Q 157 59.83 102.67 -19.94
C GLU Q 157 60.67 102.80 -18.67
N THR Q 158 61.91 102.36 -18.75
CA THR Q 158 62.82 102.32 -17.62
C THR Q 158 63.75 103.52 -17.62
N ASN Q 159 64.42 103.72 -16.48
CA ASN Q 159 65.39 104.79 -16.35
C ASN Q 159 66.66 104.46 -17.12
N GLU Q 160 67.43 105.50 -17.44
CA GLU Q 160 68.67 105.31 -18.20
C GLU Q 160 69.66 104.43 -17.46
N SER Q 161 69.51 104.30 -16.14
CA SER Q 161 70.36 103.41 -15.35
C SER Q 161 69.88 101.97 -15.38
N GLY Q 162 68.66 101.72 -15.83
CA GLY Q 162 68.10 100.37 -15.84
C GLY Q 162 67.21 100.11 -14.65
N VAL Q 163 66.33 101.07 -14.34
CA VAL Q 163 65.39 100.94 -13.24
C VAL Q 163 64.00 101.29 -13.75
N SER Q 164 63.02 100.45 -13.41
CA SER Q 164 61.66 100.68 -13.88
C SER Q 164 61.05 101.89 -13.19
N GLN Q 165 60.19 102.59 -13.92
CA GLN Q 165 59.47 103.74 -13.42
C GLN Q 165 58.06 103.40 -12.98
N TYR Q 166 57.89 102.22 -12.38
CA TYR Q 166 56.56 101.69 -12.09
C TYR Q 166 55.70 102.71 -11.35
N LYS Q 167 56.26 103.32 -10.31
CA LYS Q 167 55.52 104.20 -9.42
C LYS Q 167 55.75 105.68 -9.71
N LYS Q 168 56.54 106.01 -10.72
CA LYS Q 168 57.08 107.36 -10.87
C LYS Q 168 56.94 107.89 -12.29
N ARG Q 169 55.76 107.74 -12.90
CA ARG Q 169 55.52 108.35 -14.19
C ARG Q 169 55.01 109.78 -14.01
N THR Q 170 55.25 110.60 -15.03
CA THR Q 170 54.92 112.02 -14.98
C THR Q 170 54.27 112.44 -16.28
N ALA Q 171 53.51 113.54 -16.21
CA ALA Q 171 52.81 114.03 -17.39
C ALA Q 171 53.79 114.60 -18.41
N LYS Q 172 53.33 114.71 -19.65
CA LYS Q 172 54.17 115.20 -20.74
C LYS Q 172 53.28 115.76 -21.83
N ALA Q 173 53.92 116.30 -22.87
CA ALA Q 173 53.20 116.92 -23.98
C ALA Q 173 52.46 115.86 -24.79
N GLY Q 174 51.28 116.23 -25.28
CA GLY Q 174 50.44 115.32 -26.02
C GLY Q 174 50.68 115.38 -27.52
N THR Q 175 49.81 114.69 -28.25
CA THR Q 175 49.88 114.63 -29.71
C THR Q 175 48.60 115.04 -30.40
N ILE Q 176 47.43 114.72 -29.85
CA ILE Q 176 46.19 115.20 -30.44
C ILE Q 176 46.01 116.67 -30.11
N GLY Q 177 45.47 117.42 -31.07
CA GLY Q 177 45.28 118.84 -30.85
C GLY Q 177 46.56 119.59 -30.55
N THR Q 178 47.64 119.27 -31.27
CA THR Q 178 48.90 120.00 -31.09
C THR Q 178 48.80 121.45 -31.51
N GLU Q 179 47.75 121.84 -32.24
CA GLU Q 179 47.54 123.25 -32.53
C GLU Q 179 47.53 124.08 -31.26
N ALA Q 180 47.04 123.52 -30.16
CA ALA Q 180 47.09 124.14 -28.85
C ALA Q 180 48.01 123.29 -27.97
N THR Q 181 49.02 123.93 -27.38
CA THR Q 181 49.98 123.20 -26.57
C THR Q 181 49.34 122.40 -25.44
N PRO Q 182 48.32 122.89 -24.72
CA PRO Q 182 47.87 122.20 -23.50
C PRO Q 182 47.47 120.73 -23.70
N SER Q 183 47.32 120.29 -24.95
CA SER Q 183 47.06 118.87 -25.17
C SER Q 183 48.17 118.03 -24.57
N THR Q 184 47.83 117.22 -23.57
CA THR Q 184 48.86 116.51 -22.83
C THR Q 184 48.49 115.06 -22.52
N ILE Q 185 49.51 114.23 -22.40
CA ILE Q 185 49.34 112.86 -21.90
C ILE Q 185 49.41 112.88 -20.38
N THR Q 186 48.37 112.36 -19.74
CA THR Q 186 48.39 112.23 -18.29
C THR Q 186 48.13 110.78 -17.91
N PRO Q 187 48.91 110.21 -17.00
CA PRO Q 187 48.77 108.78 -16.67
C PRO Q 187 47.64 108.50 -15.68
N LEU Q 188 47.09 107.29 -15.77
CA LEU Q 188 45.97 106.87 -14.94
C LEU Q 188 46.28 105.69 -14.05
N ALA Q 189 46.97 104.66 -14.55
CA ALA Q 189 47.23 103.47 -13.75
C ALA Q 189 48.38 102.69 -14.35
N ASP Q 190 48.92 101.75 -13.55
CA ASP Q 190 49.99 100.86 -13.97
C ASP Q 190 49.62 99.42 -13.60
N PHE Q 191 50.12 98.48 -14.40
CA PHE Q 191 49.95 97.06 -14.14
C PHE Q 191 51.27 96.36 -14.39
N ARG Q 192 51.54 95.33 -13.59
CA ARG Q 192 52.82 94.64 -13.64
C ARG Q 192 52.60 93.15 -13.42
N CYS Q 193 53.48 92.34 -13.99
CA CYS Q 193 53.41 90.90 -13.81
C CYS Q 193 54.02 90.49 -12.47
N ARG Q 194 53.48 89.41 -11.91
CA ARG Q 194 53.92 88.93 -10.60
C ARG Q 194 55.20 88.11 -10.66
N PHE Q 195 55.51 87.52 -11.80
CA PHE Q 195 56.67 86.64 -11.93
C PHE Q 195 57.54 87.11 -13.07
N LYS Q 196 58.65 86.40 -13.27
CA LYS Q 196 59.55 86.63 -14.39
C LYS Q 196 59.46 85.42 -15.31
N SER Q 197 58.70 85.55 -16.39
CA SER Q 197 58.48 84.44 -17.30
C SER Q 197 57.66 84.94 -18.48
N SER Q 198 57.45 84.03 -19.45
CA SER Q 198 56.61 84.33 -20.59
C SER Q 198 55.13 84.41 -20.22
N LEU Q 199 54.78 83.96 -19.02
CA LEU Q 199 53.39 84.09 -18.57
C LEU Q 199 52.96 85.55 -18.55
N GLY Q 200 53.87 86.44 -18.15
CA GLY Q 200 53.55 87.86 -18.16
C GLY Q 200 53.31 88.39 -19.56
N ALA Q 201 54.16 88.02 -20.51
CA ALA Q 201 53.97 88.44 -21.89
C ALA Q 201 52.69 87.90 -22.49
N ASN Q 202 52.21 86.73 -22.03
CA ASN Q 202 50.97 86.17 -22.53
C ASN Q 202 49.74 86.55 -21.73
N THR Q 203 49.89 87.21 -20.58
CA THR Q 203 48.75 87.69 -19.82
C THR Q 203 48.14 88.92 -20.47
N ALA Q 204 46.82 89.03 -20.38
CA ALA Q 204 46.08 90.15 -20.95
C ALA Q 204 44.95 90.57 -20.02
N LEU Q 205 44.51 91.81 -20.15
CA LEU Q 205 43.47 92.35 -19.30
C LEU Q 205 42.47 93.15 -20.12
N ARG Q 206 41.25 93.23 -19.61
CA ARG Q 206 40.18 94.01 -20.22
C ARG Q 206 39.51 94.86 -19.14
N ILE Q 207 39.12 96.07 -19.51
CA ILE Q 207 38.28 96.93 -18.67
C ILE Q 207 37.23 97.58 -19.54
N TRP Q 208 36.01 97.68 -19.04
CA TRP Q 208 34.97 98.35 -19.80
C TRP Q 208 33.90 98.89 -18.86
N ALA Q 209 32.97 99.67 -19.43
CA ALA Q 209 31.93 100.34 -18.67
C ALA Q 209 30.56 99.88 -19.15
N PRO Q 210 29.91 98.96 -18.45
CA PRO Q 210 28.61 98.47 -18.93
C PRO Q 210 27.46 99.38 -18.56
N THR Q 211 26.43 99.37 -19.39
CA THR Q 211 25.21 100.13 -19.19
C THR Q 211 24.03 99.17 -19.10
N ILE Q 212 22.82 99.74 -19.07
CA ILE Q 212 21.63 98.91 -18.86
C ILE Q 212 21.47 97.89 -19.97
N ASN Q 213 21.97 98.20 -21.17
CA ASN Q 213 21.78 97.35 -22.33
C ASN Q 213 22.94 96.39 -22.58
N SER Q 214 24.00 96.44 -21.77
CA SER Q 214 25.14 95.58 -22.00
C SER Q 214 24.76 94.11 -21.76
N ALA Q 215 25.68 93.22 -22.14
CA ALA Q 215 25.49 91.80 -21.86
C ALA Q 215 25.43 91.51 -20.37
N GLN Q 216 26.33 92.10 -19.58
CA GLN Q 216 26.25 92.06 -18.13
C GLN Q 216 25.59 93.37 -17.70
N ALA Q 217 24.27 93.39 -17.77
CA ALA Q 217 23.52 94.62 -17.54
C ALA Q 217 23.82 95.17 -16.15
N ALA Q 218 24.08 96.47 -16.08
CA ALA Q 218 24.34 97.12 -14.81
C ALA Q 218 23.03 97.57 -14.16
N ASP Q 219 23.14 98.11 -12.95
CA ASP Q 219 21.99 98.56 -12.19
C ASP Q 219 22.26 99.97 -11.64
N ALA Q 220 21.28 100.85 -11.80
CA ALA Q 220 21.44 102.22 -11.35
C ALA Q 220 21.28 102.35 -9.83
N ASP Q 221 20.54 101.43 -9.22
CA ASP Q 221 20.24 101.56 -7.80
C ASP Q 221 21.50 101.46 -6.95
N LEU Q 222 22.38 100.52 -7.26
CA LEU Q 222 23.60 100.38 -6.47
C LEU Q 222 24.50 101.59 -6.65
N GLN Q 223 24.59 102.12 -7.86
CA GLN Q 223 25.40 103.31 -8.10
C GLN Q 223 24.83 104.51 -7.35
N ALA Q 224 23.50 104.62 -7.27
CA ALA Q 224 22.92 105.67 -6.46
C ALA Q 224 23.22 105.47 -4.99
N ARG Q 225 23.13 104.23 -4.51
CA ARG Q 225 23.39 103.94 -3.10
C ARG Q 225 24.82 104.32 -2.72
N ILE Q 226 25.78 103.94 -3.55
CA ILE Q 226 27.16 104.39 -3.41
C ILE Q 226 27.54 105.09 -4.71
N LYS Q 227 27.80 106.38 -4.63
CA LYS Q 227 28.00 107.20 -5.83
C LYS Q 227 29.40 106.95 -6.35
N SER Q 228 29.49 105.97 -7.25
CA SER Q 228 30.72 105.72 -8.00
C SER Q 228 30.35 104.79 -9.15
N PHE Q 229 30.64 105.25 -10.37
CA PHE Q 229 30.30 104.45 -11.54
C PHE Q 229 31.18 103.21 -11.56
N LEU Q 230 30.60 102.08 -11.94
CA LEU Q 230 31.26 100.78 -11.81
C LEU Q 230 31.77 100.32 -13.17
N TYR Q 231 32.98 99.78 -13.19
CA TYR Q 231 33.61 99.24 -14.38
C TYR Q 231 33.84 97.75 -14.21
N ARG Q 232 33.74 97.02 -15.31
CA ARG Q 232 34.03 95.59 -15.33
C ARG Q 232 35.49 95.37 -15.68
N PHE Q 233 36.11 94.43 -14.95
CA PHE Q 233 37.52 94.08 -15.08
C PHE Q 233 37.65 92.59 -15.33
N GLN Q 234 38.59 92.21 -16.20
CA GLN Q 234 38.76 90.82 -16.59
C GLN Q 234 40.22 90.51 -16.86
N ILE Q 235 40.64 89.29 -16.51
CA ILE Q 235 41.98 88.77 -16.79
C ILE Q 235 41.84 87.59 -17.74
N LEU Q 236 42.71 87.54 -18.75
CA LEU Q 236 42.76 86.42 -19.68
C LEU Q 236 44.21 85.99 -19.86
N THR Q 237 44.41 84.74 -20.23
CA THR Q 237 45.75 84.21 -20.48
C THR Q 237 45.70 83.21 -21.62
N ARG Q 238 46.69 83.25 -22.50
CA ARG Q 238 46.73 82.36 -23.65
C ARG Q 238 47.86 81.35 -23.47
N ALA Q 239 47.83 80.32 -24.31
CA ALA Q 239 48.83 79.26 -24.24
C ALA Q 239 50.14 79.71 -24.87
N ASP Q 240 50.11 80.04 -26.16
CA ASP Q 240 51.28 80.54 -26.86
C ASP Q 240 50.84 81.63 -27.82
N LYS Q 241 51.82 82.31 -28.41
CA LYS Q 241 51.53 83.54 -29.14
C LYS Q 241 50.55 83.30 -30.29
N ALA Q 242 50.47 82.07 -30.79
CA ALA Q 242 49.53 81.75 -31.86
C ALA Q 242 48.19 81.26 -31.35
N SER Q 243 48.02 81.06 -30.05
CA SER Q 243 46.80 80.49 -29.49
C SER Q 243 45.79 81.60 -29.22
N SER Q 244 44.71 81.26 -28.50
CA SER Q 244 43.67 82.21 -28.15
C SER Q 244 43.47 82.23 -26.64
N PRO Q 245 43.02 83.35 -26.09
CA PRO Q 245 43.01 83.49 -24.62
C PRO Q 245 41.91 82.70 -23.97
N THR Q 246 42.07 82.51 -22.65
CA THR Q 246 41.08 81.87 -21.80
C THR Q 246 40.94 82.71 -20.54
N ILE Q 247 39.70 82.87 -20.08
CA ILE Q 247 39.43 83.70 -18.92
C ILE Q 247 40.11 83.11 -17.70
N PHE Q 248 40.52 83.96 -16.78
CA PHE Q 248 41.11 83.56 -15.51
C PHE Q 248 40.15 84.00 -14.42
N GLU Q 249 39.50 83.02 -13.78
CA GLU Q 249 38.40 83.32 -12.87
C GLU Q 249 38.89 83.60 -11.46
N THR Q 250 38.11 84.38 -10.73
CA THR Q 250 38.40 84.63 -9.33
C THR Q 250 38.27 83.33 -8.54
N ILE Q 251 38.74 83.37 -7.30
CA ILE Q 251 38.71 82.16 -6.47
C ILE Q 251 37.29 81.73 -6.14
N TYR Q 252 36.29 82.55 -6.48
CA TYR Q 252 34.90 82.20 -6.32
C TYR Q 252 34.27 81.67 -7.60
N ASN Q 253 35.07 81.45 -8.65
CA ASN Q 253 34.57 80.96 -9.93
C ASN Q 253 33.65 81.97 -10.59
N GLU Q 254 34.13 83.20 -10.73
CA GLU Q 254 33.46 84.24 -11.50
C GLU Q 254 34.36 84.70 -12.65
N PRO Q 255 33.80 85.12 -13.77
CA PRO Q 255 34.63 85.48 -14.91
C PRO Q 255 35.16 86.91 -14.89
N SER Q 256 34.50 87.82 -14.16
CA SER Q 256 34.91 89.21 -14.15
C SER Q 256 34.46 89.88 -12.86
N LEU Q 257 35.08 91.02 -12.55
CA LEU Q 257 34.82 91.79 -11.34
C LEU Q 257 34.20 93.14 -11.66
N SER Q 258 33.53 93.71 -10.68
CA SER Q 258 33.05 95.10 -10.72
C SER Q 258 33.85 95.93 -9.72
N VAL Q 259 34.38 97.06 -10.19
CA VAL Q 259 35.21 97.93 -9.37
C VAL Q 259 34.81 99.37 -9.61
N GLY Q 260 35.34 100.28 -8.79
CA GLY Q 260 35.00 101.69 -8.90
C GLY Q 260 36.02 102.56 -8.23
N PHE Q 261 35.98 103.85 -8.57
CA PHE Q 261 36.91 104.83 -8.02
C PHE Q 261 36.34 105.44 -6.75
N GLY Q 262 37.20 105.64 -5.76
CA GLY Q 262 36.81 106.24 -4.50
C GLY Q 262 37.67 105.77 -3.34
N GLU Q 263 37.40 106.28 -2.13
CA GLU Q 263 38.26 105.94 -1.00
C GLU Q 263 37.85 104.62 -0.37
N ASN Q 264 36.64 104.54 0.18
CA ASN Q 264 36.11 103.25 0.63
C ASN Q 264 34.66 103.16 0.16
N LEU Q 265 34.41 102.24 -0.77
CA LEU Q 265 33.09 102.08 -1.38
C LEU Q 265 32.37 100.90 -0.72
N VAL Q 266 31.85 101.15 0.46
CA VAL Q 266 31.14 100.13 1.23
C VAL Q 266 29.64 100.29 1.02
N ASP Q 267 28.97 99.18 0.74
CA ASP Q 267 27.53 99.18 0.59
C ASP Q 267 26.90 98.97 1.96
N PRO Q 268 26.15 99.93 2.50
CA PRO Q 268 25.50 99.69 3.80
C PRO Q 268 24.56 98.51 3.80
N GLN Q 269 23.86 98.25 2.69
CA GLN Q 269 22.87 97.19 2.64
C GLN Q 269 23.48 95.80 2.68
N THR Q 270 24.72 95.64 2.22
CA THR Q 270 25.34 94.32 2.18
C THR Q 270 26.80 94.29 2.60
N GLU Q 271 27.41 95.40 2.96
CA GLU Q 271 28.78 95.46 3.46
C GLU Q 271 29.82 95.06 2.43
N VAL Q 272 29.49 95.12 1.14
CA VAL Q 272 30.46 94.79 0.10
C VAL Q 272 31.31 96.01 -0.21
N VAL Q 273 32.59 95.77 -0.49
CA VAL Q 273 33.56 96.83 -0.79
C VAL Q 273 33.90 96.77 -2.26
N TYR Q 274 33.72 97.89 -2.97
CA TYR Q 274 33.96 97.96 -4.40
C TYR Q 274 35.25 98.70 -4.75
N ASP Q 275 36.19 98.81 -3.82
CA ASP Q 275 37.44 99.51 -4.11
C ASP Q 275 38.24 98.75 -5.15
N PHE Q 276 38.91 99.48 -6.04
CA PHE Q 276 39.54 98.88 -7.20
C PHE Q 276 40.64 97.90 -6.78
N VAL Q 277 41.73 98.43 -6.22
CA VAL Q 277 42.91 97.61 -5.96
C VAL Q 277 42.62 96.58 -4.88
N GLU Q 278 41.97 97.01 -3.80
CA GLU Q 278 41.69 96.09 -2.70
C GLU Q 278 40.84 94.93 -3.18
N ARG Q 279 39.76 95.21 -3.90
CA ARG Q 279 38.88 94.16 -4.36
C ARG Q 279 39.60 93.22 -5.32
N ILE Q 280 40.35 93.78 -6.27
CA ILE Q 280 41.05 92.92 -7.23
C ILE Q 280 42.00 91.97 -6.51
N ASP Q 281 42.84 92.54 -5.63
CA ASP Q 281 43.86 91.73 -4.99
C ASP Q 281 43.27 90.71 -4.03
N SER Q 282 42.12 91.03 -3.42
CA SER Q 282 41.50 90.09 -2.51
C SER Q 282 40.78 88.98 -3.26
N ARG Q 283 40.14 89.31 -4.39
CA ARG Q 283 39.30 88.34 -5.08
C ARG Q 283 40.10 87.42 -5.98
N TYR Q 284 41.29 87.82 -6.43
CA TYR Q 284 41.99 87.00 -7.40
C TYR Q 284 43.10 86.14 -6.81
N ASN Q 285 43.42 86.28 -5.53
CA ASN Q 285 44.53 85.55 -4.93
C ASN Q 285 44.07 84.76 -3.72
N ASP Q 286 44.87 83.76 -3.36
CA ASP Q 286 44.56 82.86 -2.26
C ASP Q 286 45.87 82.25 -1.78
N GLU Q 287 46.35 82.68 -0.60
CA GLU Q 287 47.65 82.28 -0.09
C GLU Q 287 47.59 81.07 0.82
N ASP Q 288 46.41 80.54 1.12
CA ASP Q 288 46.32 79.47 2.11
C ASP Q 288 47.06 78.24 1.63
N PRO Q 289 48.06 77.75 2.37
CA PRO Q 289 48.85 76.61 1.85
C PRO Q 289 48.09 75.39 1.37
N SER Q 290 46.82 75.23 1.75
CA SER Q 290 46.02 74.10 1.31
C SER Q 290 45.32 74.37 -0.02
N THR Q 291 44.84 75.60 -0.22
CA THR Q 291 44.17 76.00 -1.46
C THR Q 291 44.92 77.22 -1.95
N TYR Q 292 45.94 77.01 -2.79
CA TYR Q 292 46.93 78.03 -3.10
C TYR Q 292 46.85 78.40 -4.58
N LEU Q 293 46.59 79.68 -4.85
CA LEU Q 293 46.67 80.20 -6.21
C LEU Q 293 47.05 81.67 -6.15
N MET Q 294 48.02 82.06 -6.95
CA MET Q 294 48.45 83.45 -7.07
C MET Q 294 48.23 83.92 -8.49
N SER Q 295 47.50 85.02 -8.63
CA SER Q 295 47.17 85.52 -9.96
C SER Q 295 48.44 85.95 -10.68
N PRO Q 296 48.50 85.81 -12.01
CA PRO Q 296 49.68 86.31 -12.74
C PRO Q 296 49.87 87.81 -12.57
N LEU Q 297 48.79 88.57 -12.49
CA LEU Q 297 48.88 90.01 -12.35
C LEU Q 297 49.22 90.40 -10.92
N ASP Q 298 50.22 91.27 -10.77
CA ASP Q 298 50.59 91.76 -9.45
C ASP Q 298 49.55 92.76 -8.95
N THR Q 299 49.84 93.37 -7.81
CA THR Q 299 48.90 94.31 -7.21
C THR Q 299 48.89 95.60 -8.02
N PRO Q 300 47.75 96.04 -8.56
CA PRO Q 300 47.74 97.24 -9.39
C PRO Q 300 48.00 98.50 -8.58
N TYR Q 301 48.45 99.55 -9.28
CA TYR Q 301 48.60 100.88 -8.71
C TYR Q 301 47.79 101.88 -9.52
N LEU Q 302 47.29 102.90 -8.83
CA LEU Q 302 46.36 103.85 -9.45
C LEU Q 302 46.82 105.26 -9.11
N TYR Q 303 46.81 106.15 -10.11
CA TYR Q 303 47.25 107.54 -9.94
C TYR Q 303 46.07 108.38 -9.47
N GLN Q 304 45.88 108.39 -8.16
CA GLN Q 304 44.71 109.04 -7.59
C GLN Q 304 44.69 110.53 -7.90
N ALA Q 305 45.85 111.20 -7.79
CA ALA Q 305 45.89 112.64 -8.02
C ALA Q 305 45.43 112.99 -9.43
N ASN Q 306 46.00 112.31 -10.44
CA ASN Q 306 45.70 112.66 -11.82
C ASN Q 306 44.27 112.26 -12.19
N ILE Q 307 43.83 111.08 -11.75
CA ILE Q 307 42.46 110.66 -12.05
C ILE Q 307 41.48 111.64 -11.43
N ASP Q 308 41.75 112.05 -10.19
CA ASP Q 308 40.89 113.03 -9.52
C ASP Q 308 40.91 114.36 -10.26
N SER Q 309 42.08 114.77 -10.75
CA SER Q 309 42.17 116.03 -11.50
C SER Q 309 41.29 115.98 -12.74
N VAL Q 310 41.40 114.91 -13.52
CA VAL Q 310 40.61 114.83 -14.76
C VAL Q 310 39.13 114.76 -14.45
N LEU Q 311 38.75 113.98 -13.43
CA LEU Q 311 37.34 113.91 -13.05
C LEU Q 311 36.83 115.28 -12.63
N THR Q 312 37.62 116.00 -11.84
CA THR Q 312 37.21 117.33 -11.37
C THR Q 312 37.06 118.28 -12.55
N ALA Q 313 37.97 118.21 -13.51
CA ALA Q 313 37.89 119.10 -14.66
C ALA Q 313 36.62 118.83 -15.45
N ILE Q 314 36.34 117.56 -15.74
CA ILE Q 314 35.15 117.28 -16.55
C ILE Q 314 33.88 117.64 -15.79
N GLN Q 315 33.86 117.42 -14.47
CA GLN Q 315 32.69 117.83 -13.69
C GLN Q 315 32.52 119.35 -13.72
N GLU Q 316 33.59 120.07 -13.41
CA GLU Q 316 33.54 121.53 -13.45
C GLU Q 316 32.99 122.02 -14.79
N LEU Q 317 33.43 121.39 -15.88
CA LEU Q 317 32.98 121.83 -17.19
C LEU Q 317 31.50 121.54 -17.41
N GLU Q 318 31.14 120.26 -17.41
CA GLU Q 318 29.84 119.85 -17.92
C GLU Q 318 28.90 119.28 -16.87
N ALA Q 319 29.30 119.23 -15.60
CA ALA Q 319 28.36 118.85 -14.56
C ALA Q 319 27.21 119.86 -14.46
N PRO Q 320 27.46 121.18 -14.37
CA PRO Q 320 26.35 122.12 -14.40
C PRO Q 320 25.80 122.29 -15.82
N PHE Q 321 25.15 121.26 -16.33
CA PHE Q 321 24.66 121.27 -17.70
C PHE Q 321 23.32 120.53 -17.73
N ASP Q 322 22.87 120.22 -18.95
CA ASP Q 322 21.49 119.75 -19.13
C ASP Q 322 21.27 118.33 -18.61
N THR Q 323 22.16 117.39 -18.95
CA THR Q 323 21.83 115.98 -18.77
C THR Q 323 22.82 115.23 -17.88
N VAL Q 324 23.38 115.86 -16.85
CA VAL Q 324 24.24 115.19 -15.90
C VAL Q 324 24.13 115.92 -14.56
N SER Q 325 24.29 115.16 -13.48
CA SER Q 325 24.20 115.73 -12.14
C SER Q 325 25.33 116.73 -11.92
N ALA Q 326 24.98 117.86 -11.30
CA ALA Q 326 25.97 118.89 -10.97
C ALA Q 326 26.49 118.76 -9.53
N ASP Q 327 25.92 117.87 -8.74
CA ASP Q 327 26.26 117.78 -7.33
C ASP Q 327 27.77 117.59 -7.15
N GLU Q 328 28.23 117.85 -5.92
CA GLU Q 328 29.65 117.73 -5.64
C GLU Q 328 30.12 116.28 -5.78
N ASP Q 329 29.33 115.33 -5.29
CA ASP Q 329 29.78 113.94 -5.20
C ASP Q 329 29.64 113.17 -6.51
N ASP Q 330 28.96 113.74 -7.51
CA ASP Q 330 28.92 113.11 -8.82
C ASP Q 330 30.30 113.01 -9.46
N LEU Q 331 31.31 113.64 -8.85
CA LEU Q 331 32.67 113.58 -9.37
C LEU Q 331 33.10 112.14 -9.63
N TYR Q 332 32.89 111.26 -8.64
CA TYR Q 332 33.21 109.85 -8.79
C TYR Q 332 32.11 109.08 -9.52
N GLN Q 333 30.95 109.67 -9.73
CA GLN Q 333 29.97 109.06 -10.61
C GLN Q 333 30.36 109.22 -12.08
N ILE Q 334 31.15 110.24 -12.40
CA ILE Q 334 31.47 110.54 -13.79
C ILE Q 334 32.01 109.29 -14.48
N ASN Q 335 31.46 108.98 -15.65
CA ASN Q 335 31.92 107.85 -16.46
C ASN Q 335 33.08 108.29 -17.31
N LEU Q 336 34.28 107.80 -16.99
CA LEU Q 336 35.48 108.26 -17.67
C LEU Q 336 35.72 107.53 -18.98
N PHE Q 337 35.82 106.21 -18.93
CA PHE Q 337 36.17 105.44 -20.11
C PHE Q 337 35.07 105.45 -21.16
N GLY Q 338 33.82 105.47 -20.73
CA GLY Q 338 32.69 105.59 -21.64
C GLY Q 338 32.34 107.04 -21.89
N ALA Q 339 31.19 107.25 -22.52
CA ALA Q 339 30.71 108.59 -22.83
C ALA Q 339 29.22 108.70 -22.55
N GLN Q 340 28.74 107.97 -21.54
CA GLN Q 340 27.32 107.97 -21.22
C GLN Q 340 27.14 107.61 -19.76
N THR Q 341 25.96 107.92 -19.24
CA THR Q 341 25.65 107.55 -17.87
C THR Q 341 25.31 106.06 -17.79
N VAL Q 342 24.96 105.61 -16.59
CA VAL Q 342 24.61 104.21 -16.39
C VAL Q 342 23.40 103.85 -17.24
N GLU Q 343 22.45 104.77 -17.38
CA GLU Q 343 21.21 104.49 -18.10
C GLU Q 343 21.38 104.57 -19.62
N GLY Q 344 22.54 105.00 -20.11
CA GLY Q 344 22.79 104.99 -21.54
C GLY Q 344 22.45 106.26 -22.27
N VAL Q 345 22.64 107.42 -21.64
CA VAL Q 345 22.42 108.71 -22.28
C VAL Q 345 23.78 109.28 -22.66
N PRO Q 346 24.08 109.46 -23.94
CA PRO Q 346 25.42 109.90 -24.33
C PRO Q 346 25.77 111.27 -23.75
N TYR Q 347 27.03 111.41 -23.35
CA TYR Q 347 27.58 112.70 -22.93
C TYR Q 347 27.88 113.53 -24.17
N HIS Q 348 27.12 114.60 -24.38
CA HIS Q 348 27.56 115.61 -25.33
C HIS Q 348 28.49 116.60 -24.66
N ALA Q 349 29.37 117.19 -25.45
CA ALA Q 349 30.52 117.99 -25.02
C ALA Q 349 31.72 117.14 -24.65
N VAL Q 350 31.69 115.84 -24.93
CA VAL Q 350 32.85 114.97 -24.75
C VAL Q 350 33.00 114.12 -26.00
N GLN Q 351 34.22 114.10 -26.55
CA GLN Q 351 34.52 113.32 -27.74
C GLN Q 351 35.71 112.42 -27.47
N ILE Q 352 35.55 111.12 -27.72
CA ILE Q 352 36.61 110.14 -27.55
C ILE Q 352 37.05 109.68 -28.93
N LEU Q 353 38.31 109.90 -29.26
CA LEU Q 353 38.80 109.57 -30.60
C LEU Q 353 38.86 108.06 -30.78
N GLY Q 354 38.47 107.60 -31.97
CA GLY Q 354 38.41 106.19 -32.27
C GLY Q 354 39.74 105.61 -32.69
N VAL Q 355 39.68 104.37 -33.17
CA VAL Q 355 40.91 103.66 -33.57
C VAL Q 355 41.56 104.37 -34.75
N LEU Q 356 40.79 104.70 -35.77
CA LEU Q 356 41.34 105.37 -36.93
C LEU Q 356 42.02 106.67 -36.55
N ASP Q 357 41.60 107.28 -35.44
CA ASP Q 357 42.18 108.51 -34.95
C ASP Q 357 43.30 108.27 -33.94
N GLY Q 358 43.68 107.02 -33.71
CA GLY Q 358 44.78 106.70 -32.83
C GLY Q 358 44.41 106.36 -31.41
N GLY Q 359 43.12 106.19 -31.12
CA GLY Q 359 42.66 105.89 -29.78
C GLY Q 359 42.59 104.39 -29.52
N VAL Q 360 42.17 104.06 -28.30
CA VAL Q 360 41.97 102.68 -27.87
C VAL Q 360 40.53 102.53 -27.43
N THR Q 361 39.84 101.54 -28.01
CA THR Q 361 38.44 101.28 -27.68
C THR Q 361 38.38 100.28 -26.54
N LEU Q 362 37.98 100.76 -25.36
CA LEU Q 362 37.90 99.92 -24.16
C LEU Q 362 36.49 99.32 -24.12
N THR Q 363 36.37 98.10 -24.65
CA THR Q 363 35.11 97.37 -24.66
C THR Q 363 35.37 95.95 -24.17
N GLU Q 364 34.30 95.15 -24.16
CA GLU Q 364 34.40 93.76 -23.72
C GLU Q 364 35.04 92.86 -24.76
N THR Q 365 35.27 93.34 -25.98
CA THR Q 365 35.93 92.55 -27.01
C THR Q 365 37.40 92.90 -27.19
N ALA Q 366 37.81 94.12 -26.83
CA ALA Q 366 39.21 94.50 -26.95
C ALA Q 366 40.05 93.79 -25.89
N THR Q 367 41.26 93.40 -26.27
CA THR Q 367 42.18 92.71 -25.38
C THR Q 367 43.53 93.42 -25.40
N ASN Q 368 44.20 93.45 -24.26
CA ASN Q 368 45.45 94.17 -24.09
C ASN Q 368 46.46 93.27 -23.42
N TYR Q 369 47.67 93.19 -23.98
CA TYR Q 369 48.70 92.29 -23.49
C TYR Q 369 49.88 93.09 -22.92
N LEU Q 370 50.42 92.60 -21.81
CA LEU Q 370 51.60 93.23 -21.23
C LEU Q 370 52.79 93.07 -22.16
N GLN Q 371 53.73 94.01 -22.07
CA GLN Q 371 54.87 94.07 -22.96
C GLN Q 371 56.16 93.81 -22.18
N GLY Q 372 56.98 92.91 -22.69
CA GLY Q 372 58.27 92.63 -22.08
C GLY Q 372 58.38 91.23 -21.53
N GLY Q 373 59.29 91.03 -20.58
CA GLY Q 373 59.43 89.74 -19.94
C GLY Q 373 60.21 88.75 -20.78
N GLY Q 374 60.29 87.54 -20.26
CA GLY Q 374 61.03 86.46 -20.90
C GLY Q 374 61.59 85.51 -19.87
N ASP Q 375 62.00 84.33 -20.34
CA ASP Q 375 62.51 83.29 -19.46
C ASP Q 375 64.02 83.30 -19.31
N GLY Q 376 64.74 83.81 -20.30
CA GLY Q 376 66.18 83.69 -20.34
C GLY Q 376 66.62 82.59 -21.28
N THR Q 377 67.87 82.18 -21.10
CA THR Q 377 68.44 81.10 -21.89
C THR Q 377 68.24 79.79 -21.15
N LEU Q 378 67.48 78.88 -21.76
CA LEU Q 378 67.13 77.61 -21.15
C LEU Q 378 67.88 76.47 -21.83
N GLY Q 379 67.92 75.33 -21.16
CA GLY Q 379 68.58 74.15 -21.65
C GLY Q 379 69.49 73.55 -20.60
N ASN Q 380 70.07 72.40 -20.95
CA ASN Q 380 70.91 71.68 -19.99
C ASN Q 380 72.18 72.45 -19.67
N ASP Q 381 72.73 73.19 -20.63
CA ASP Q 381 73.96 73.93 -20.38
C ASP Q 381 73.73 75.01 -19.33
N SER Q 382 72.72 75.86 -19.54
CA SER Q 382 72.42 76.89 -18.56
C SER Q 382 71.97 76.29 -17.25
N PHE Q 383 71.25 75.16 -17.29
CA PHE Q 383 70.86 74.51 -16.05
C PHE Q 383 72.07 74.07 -15.25
N ASN Q 384 73.06 73.47 -15.91
CA ASN Q 384 74.29 73.07 -15.22
C ASN Q 384 75.00 74.30 -14.66
N ALA Q 385 75.07 75.37 -15.44
CA ALA Q 385 75.74 76.58 -14.95
C ALA Q 385 75.07 77.10 -13.68
N ALA Q 386 73.73 77.18 -13.69
CA ALA Q 386 73.01 77.69 -12.52
C ALA Q 386 73.15 76.77 -11.32
N ALA Q 387 73.03 75.46 -11.54
CA ALA Q 387 73.16 74.52 -10.43
C ALA Q 387 74.56 74.59 -9.83
N TYR Q 388 75.59 74.70 -10.66
CA TYR Q 388 76.94 74.87 -10.14
C TYR Q 388 77.05 76.17 -9.36
N ALA Q 389 76.47 77.25 -9.87
CA ALA Q 389 76.52 78.51 -9.14
C ALA Q 389 75.93 78.38 -7.75
N VAL Q 390 74.81 77.67 -7.64
CA VAL Q 390 74.18 77.46 -6.33
C VAL Q 390 75.04 76.57 -5.44
N LEU Q 391 75.56 75.47 -5.97
CA LEU Q 391 76.20 74.47 -5.12
C LEU Q 391 77.59 74.89 -4.68
N SER Q 392 78.34 75.62 -5.51
CA SER Q 392 79.70 75.99 -5.13
C SER Q 392 79.70 76.91 -3.92
N ASN Q 393 78.76 77.86 -3.86
CA ASN Q 393 78.65 78.78 -2.74
C ASN Q 393 77.58 78.26 -1.80
N LEU Q 394 78.01 77.42 -0.85
CA LEU Q 394 77.09 76.92 0.17
C LEU Q 394 77.33 77.59 1.52
N SER Q 395 78.56 78.01 1.80
CA SER Q 395 78.90 78.58 3.10
C SER Q 395 78.81 80.09 3.13
N ASN Q 396 78.58 80.75 2.01
CA ASN Q 396 78.48 82.22 1.99
C ASN Q 396 77.38 82.70 1.05
N ASN Q 397 76.38 81.85 0.80
CA ASN Q 397 75.26 82.27 -0.04
C ASN Q 397 74.37 83.25 0.72
N ALA Q 398 74.00 84.34 0.05
CA ALA Q 398 73.13 85.35 0.63
C ALA Q 398 71.66 85.08 0.37
N ALA Q 399 71.34 84.05 -0.41
CA ALA Q 399 69.95 83.72 -0.72
C ALA Q 399 69.34 82.76 0.30
N PHE Q 400 70.10 81.74 0.69
CA PHE Q 400 69.62 80.77 1.66
C PHE Q 400 70.78 79.94 2.18
N ASN Q 401 70.72 79.61 3.46
CA ASN Q 401 71.77 78.83 4.13
C ASN Q 401 71.19 77.45 4.44
N ILE Q 402 71.75 76.42 3.80
CA ILE Q 402 71.16 75.08 3.83
C ILE Q 402 71.73 74.23 4.95
N THR Q 403 72.58 74.79 5.81
CA THR Q 403 72.97 74.09 7.02
C THR Q 403 71.95 74.24 8.13
N ASN Q 404 70.76 74.76 7.81
CA ASN Q 404 69.68 74.96 8.76
C ASN Q 404 68.86 73.68 8.81
N TYR Q 405 69.09 72.85 9.83
CA TYR Q 405 68.39 71.58 9.92
C TYR Q 405 66.88 71.78 10.04
N ALA Q 406 66.46 72.76 10.84
CA ALA Q 406 65.04 72.92 11.12
C ALA Q 406 64.26 73.45 9.92
N ARG Q 407 64.87 74.31 9.11
CA ARG Q 407 64.16 74.99 8.04
C ARG Q 407 64.23 74.26 6.71
N TYR Q 408 65.23 73.40 6.50
CA TYR Q 408 65.43 72.69 5.25
C TYR Q 408 65.52 71.20 5.57
N PRO Q 409 64.39 70.52 5.70
CA PRO Q 409 64.40 69.12 6.14
C PRO Q 409 64.84 68.12 5.09
N PHE Q 410 65.33 68.54 3.94
CA PHE Q 410 65.78 67.59 2.93
C PHE Q 410 66.91 66.73 3.49
N ASN Q 411 66.96 65.48 3.06
CA ASN Q 411 68.00 64.56 3.50
C ASN Q 411 68.62 63.74 2.39
N ALA Q 412 68.20 63.90 1.14
CA ALA Q 412 68.75 63.12 0.04
C ALA Q 412 69.03 64.01 -1.15
N PHE Q 413 70.03 63.63 -1.95
CA PHE Q 413 70.34 64.30 -3.21
C PHE Q 413 70.72 63.25 -4.24
N TRP Q 414 70.03 63.27 -5.37
CA TRP Q 414 70.27 62.33 -6.47
C TRP Q 414 70.93 63.09 -7.61
N ASP Q 415 71.97 62.50 -8.19
CA ASP Q 415 72.62 63.06 -9.36
C ASP Q 415 71.86 62.64 -10.60
N SER Q 416 71.32 63.60 -11.34
CA SER Q 416 70.51 63.33 -12.52
C SER Q 416 71.27 63.50 -13.82
N GLY Q 417 72.58 63.74 -13.78
CA GLY Q 417 73.36 63.85 -14.98
C GLY Q 417 74.13 65.15 -15.13
N PHE Q 418 74.46 65.79 -14.01
CA PHE Q 418 75.23 67.02 -14.07
C PHE Q 418 76.61 66.76 -14.66
N ASP Q 419 77.17 67.79 -15.28
CA ASP Q 419 78.51 67.67 -15.86
C ASP Q 419 79.52 67.35 -14.77
N LEU Q 420 80.66 66.79 -15.19
CA LEU Q 420 81.65 66.34 -14.24
C LEU Q 420 82.13 67.46 -13.33
N LYS Q 421 82.17 68.70 -13.81
CA LYS Q 421 82.56 69.81 -12.95
C LYS Q 421 81.57 70.01 -11.81
N THR Q 422 80.27 69.90 -12.10
CA THR Q 422 79.27 70.04 -11.05
C THR Q 422 79.18 68.81 -10.16
N LYS Q 423 79.52 67.64 -10.70
CA LYS Q 423 79.46 66.43 -9.90
C LYS Q 423 80.32 66.53 -8.65
N GLN Q 424 81.42 67.27 -8.73
CA GLN Q 424 82.39 67.28 -7.65
C GLN Q 424 82.09 68.32 -6.58
N THR Q 425 80.97 69.02 -6.68
CA THR Q 425 80.51 69.90 -5.61
C THR Q 425 79.41 69.28 -4.77
N ILE Q 426 78.98 68.07 -5.09
CA ILE Q 426 77.90 67.40 -4.36
C ILE Q 426 78.42 66.72 -3.11
N PRO Q 427 79.55 65.99 -3.16
CA PRO Q 427 79.98 65.21 -2.00
C PRO Q 427 80.06 65.99 -0.70
N GLN Q 428 80.26 67.31 -0.78
CA GLN Q 428 80.42 68.10 0.43
C GLN Q 428 79.13 68.24 1.24
N LEU Q 429 77.99 67.82 0.68
CA LEU Q 429 76.75 67.82 1.47
C LEU Q 429 76.86 66.89 2.67
N ILE Q 430 77.40 65.68 2.45
CA ILE Q 430 77.61 64.75 3.56
C ILE Q 430 78.78 65.14 4.44
N GLY Q 431 79.44 66.26 4.14
CA GLY Q 431 80.46 66.78 5.03
C GLY Q 431 79.90 67.89 5.88
N LEU Q 432 79.06 68.73 5.27
CA LEU Q 432 78.44 69.84 6.00
C LEU Q 432 77.23 69.42 6.82
N ARG Q 433 76.65 68.25 6.56
CA ARG Q 433 75.48 67.82 7.31
C ARG Q 433 75.59 66.35 7.67
N ALA Q 434 75.11 66.00 8.87
CA ALA Q 434 75.19 64.65 9.39
C ALA Q 434 73.89 63.87 9.24
N ASP Q 435 72.94 64.37 8.45
CA ASP Q 435 71.70 63.67 8.18
C ASP Q 435 71.39 63.70 6.69
N THR Q 436 72.41 63.51 5.86
CA THR Q 436 72.29 63.64 4.42
C THR Q 436 72.82 62.40 3.72
N TRP Q 437 72.28 62.14 2.54
CA TRP Q 437 72.58 60.93 1.77
C TRP Q 437 72.61 61.31 0.30
N ILE Q 438 73.57 60.76 -0.45
CA ILE Q 438 73.80 61.17 -1.83
C ILE Q 438 73.91 59.94 -2.73
N ALA Q 439 73.34 60.07 -3.93
CA ALA Q 439 73.54 59.10 -4.99
C ALA Q 439 74.22 59.80 -6.16
N LEU Q 440 75.32 59.23 -6.63
CA LEU Q 440 76.10 59.79 -7.72
C LEU Q 440 75.93 58.95 -8.98
N SER Q 441 76.13 59.59 -10.13
CA SER Q 441 76.06 58.93 -11.42
C SER Q 441 77.33 59.22 -12.20
N THR Q 442 77.88 58.19 -12.84
CA THR Q 442 79.08 58.36 -13.65
C THR Q 442 78.79 58.69 -15.11
N GLN Q 443 77.62 59.28 -15.39
CA GLN Q 443 77.22 59.61 -16.74
C GLN Q 443 76.86 61.09 -16.82
N ASP Q 444 77.39 61.77 -17.83
CA ASP Q 444 77.01 63.13 -18.16
C ASP Q 444 76.02 63.06 -19.32
N ILE Q 445 74.77 63.42 -19.05
CA ILE Q 445 73.70 63.18 -20.03
C ILE Q 445 73.85 64.05 -21.27
N SER Q 446 74.69 65.08 -21.22
CA SER Q 446 74.91 65.92 -22.39
C SER Q 446 75.96 65.37 -23.34
N SER Q 447 76.60 64.26 -23.00
CA SER Q 447 77.66 63.67 -23.82
C SER Q 447 77.25 62.28 -24.28
N ASP Q 448 78.15 61.64 -25.02
CA ASP Q 448 77.93 60.28 -25.48
C ASP Q 448 78.11 59.30 -24.33
N PHE Q 449 77.45 58.15 -24.45
CA PHE Q 449 77.54 57.14 -23.41
C PHE Q 449 79.00 56.72 -23.21
N ASN Q 450 79.42 56.65 -21.96
CA ASN Q 450 80.82 56.36 -21.65
C ASN Q 450 81.14 54.89 -21.94
N SER Q 451 82.41 54.64 -22.23
CA SER Q 451 82.90 53.29 -22.40
C SER Q 451 83.40 52.75 -21.07
N ASN Q 452 83.95 51.53 -21.10
CA ASN Q 452 84.42 50.91 -19.87
C ASN Q 452 85.52 51.74 -19.22
N GLU Q 453 86.48 52.20 -20.02
CA GLU Q 453 87.61 52.94 -19.47
C GLU Q 453 87.18 54.29 -18.91
N GLU Q 454 86.26 54.98 -19.59
CA GLU Q 454 85.77 56.26 -19.07
C GLU Q 454 84.93 56.07 -17.82
N GLU Q 455 84.10 55.02 -17.78
CA GLU Q 455 83.43 54.67 -16.53
C GLU Q 455 84.44 54.51 -15.41
N GLU Q 456 85.50 53.75 -15.67
CA GLU Q 456 86.51 53.51 -14.64
C GLU Q 456 87.15 54.81 -14.17
N SER Q 457 87.53 55.67 -15.11
CA SER Q 457 88.21 56.90 -14.76
C SER Q 457 87.31 57.82 -13.95
N ILE Q 458 86.06 57.99 -14.38
CA ILE Q 458 85.15 58.87 -13.66
C ILE Q 458 84.84 58.30 -12.28
N ALA Q 459 84.72 56.98 -12.18
CA ALA Q 459 84.49 56.37 -10.88
C ALA Q 459 85.65 56.64 -9.93
N LEU Q 460 86.88 56.49 -10.43
CA LEU Q 460 88.04 56.75 -9.59
C LEU Q 460 88.08 58.21 -9.16
N SER Q 461 87.76 59.12 -10.07
CA SER Q 461 87.76 60.54 -9.71
C SER Q 461 86.72 60.84 -8.64
N LEU Q 462 85.51 60.27 -8.78
CA LEU Q 462 84.47 60.53 -7.80
C LEU Q 462 84.81 59.94 -6.44
N MET Q 463 85.38 58.73 -6.42
CA MET Q 463 85.80 58.15 -5.14
C MET Q 463 86.90 58.98 -4.50
N SER Q 464 87.83 59.49 -5.31
CA SER Q 464 88.87 60.36 -4.76
C SER Q 464 88.28 61.62 -4.15
N ARG Q 465 87.28 62.20 -4.81
CA ARG Q 465 86.63 63.38 -4.25
C ARG Q 465 85.91 63.04 -2.96
N VAL Q 466 85.21 61.89 -2.93
CA VAL Q 466 84.46 61.49 -1.75
C VAL Q 466 85.38 61.19 -0.58
N SER Q 467 86.61 60.76 -0.86
CA SER Q 467 87.52 60.38 0.23
C SER Q 467 87.92 61.56 1.10
N ALA Q 468 87.63 62.79 0.67
CA ALA Q 468 88.04 63.97 1.41
C ALA Q 468 87.06 64.37 2.51
N PHE Q 469 85.98 63.61 2.70
CA PHE Q 469 84.96 63.91 3.71
C PHE Q 469 84.73 62.67 4.56
N PRO Q 470 85.63 62.37 5.48
CA PRO Q 470 85.44 61.20 6.34
C PRO Q 470 84.23 61.38 7.25
N ASP Q 471 83.63 60.25 7.61
CA ASP Q 471 82.42 60.29 8.45
C ASP Q 471 82.72 60.88 9.81
N SER Q 472 83.80 60.44 10.43
CA SER Q 472 84.21 60.91 11.76
C SER Q 472 85.56 61.58 11.61
N SER Q 473 85.57 62.91 11.53
CA SER Q 473 86.83 63.62 11.36
C SER Q 473 87.79 63.33 12.51
N ASP Q 474 87.26 63.01 13.69
CA ASP Q 474 88.13 62.70 14.82
C ASP Q 474 88.87 61.39 14.59
N PHE Q 475 88.16 60.36 14.13
CA PHE Q 475 88.72 59.02 13.97
C PHE Q 475 88.86 58.59 12.52
N GLY Q 476 88.50 59.44 11.56
CA GLY Q 476 88.75 59.15 10.17
C GLY Q 476 87.98 57.99 9.60
N THR Q 477 86.76 57.76 10.06
CA THR Q 477 85.93 56.71 9.48
C THR Q 477 85.55 57.10 8.05
N PRO Q 478 85.72 56.22 7.06
CA PRO Q 478 85.33 56.58 5.69
C PRO Q 478 83.83 56.85 5.59
N ALA Q 479 83.47 57.71 4.64
CA ALA Q 479 82.08 58.04 4.42
C ALA Q 479 81.32 56.80 3.97
N PHE Q 480 80.06 56.69 4.38
CA PHE Q 480 79.23 55.56 3.98
C PHE Q 480 77.79 55.93 3.65
N ARG Q 481 77.43 57.22 3.65
CA ARG Q 481 76.06 57.63 3.36
C ARG Q 481 75.93 58.01 1.88
N GLY Q 482 75.66 57.01 1.06
CA GLY Q 482 75.38 57.23 -0.34
C GLY Q 482 75.78 56.03 -1.17
N MET Q 483 75.77 56.24 -2.48
CA MET Q 483 76.23 55.21 -3.42
C MET Q 483 76.55 55.83 -4.76
N ILE Q 484 77.18 55.04 -5.62
CA ILE Q 484 77.51 55.43 -6.99
C ILE Q 484 76.86 54.42 -7.92
N VAL Q 485 76.12 54.89 -8.91
CA VAL Q 485 75.41 54.05 -9.86
C VAL Q 485 75.95 54.34 -11.25
N GLY Q 486 76.32 53.29 -11.97
CA GLY Q 486 76.91 53.41 -13.30
C GLY Q 486 75.98 52.88 -14.38
N GLY Q 487 75.95 53.58 -15.51
CA GLY Q 487 75.14 53.16 -16.64
C GLY Q 487 74.12 54.19 -17.06
N ALA Q 488 73.58 54.06 -18.26
CA ALA Q 488 72.54 54.96 -18.73
C ALA Q 488 71.76 54.29 -19.85
N GLY Q 489 70.56 54.79 -20.09
CA GLY Q 489 69.70 54.24 -21.11
C GLY Q 489 68.75 55.29 -21.62
N TYR Q 490 67.51 54.89 -21.89
CA TYR Q 490 66.49 55.77 -22.42
C TYR Q 490 65.21 55.65 -21.60
N TYR Q 491 64.46 56.73 -21.54
CA TYR Q 491 63.24 56.79 -20.74
C TYR Q 491 62.10 56.09 -21.49
N THR Q 492 61.45 55.13 -20.84
CA THR Q 492 60.41 54.34 -21.48
C THR Q 492 59.02 54.95 -21.39
N GLU Q 493 58.82 55.93 -20.51
CA GLU Q 493 57.49 56.48 -20.26
C GLU Q 493 57.18 57.67 -21.15
N THR Q 494 57.85 57.79 -22.30
CA THR Q 494 57.59 58.87 -23.22
C THR Q 494 57.90 58.40 -24.64
N THR Q 495 57.23 59.02 -25.61
CA THR Q 495 57.46 58.66 -27.01
C THR Q 495 58.78 59.22 -27.54
N ARG Q 496 59.19 60.40 -27.05
CA ARG Q 496 60.42 61.01 -27.52
C ARG Q 496 61.64 60.18 -27.11
N LYS Q 497 62.77 60.51 -27.72
CA LYS Q 497 64.04 59.90 -27.34
C LYS Q 497 64.72 60.79 -26.32
N LEU Q 498 64.85 60.29 -25.09
CA LEU Q 498 65.27 61.11 -23.95
C LEU Q 498 66.18 60.29 -23.04
N PRO Q 499 67.50 60.40 -23.21
CA PRO Q 499 68.41 59.59 -22.40
C PRO Q 499 68.34 59.97 -20.92
N VAL Q 500 68.51 58.95 -20.08
CA VAL Q 500 68.51 59.14 -18.62
C VAL Q 500 69.48 58.15 -18.01
N PRO Q 501 70.02 58.41 -16.82
CA PRO Q 501 70.82 57.40 -16.12
C PRO Q 501 69.96 56.51 -15.22
N LEU Q 502 70.60 55.45 -14.72
CA LEU Q 502 69.90 54.48 -13.87
C LEU Q 502 69.60 55.01 -12.47
N THR Q 503 70.20 56.14 -12.10
CA THR Q 503 69.82 56.77 -10.84
C THR Q 503 68.35 57.12 -10.84
N LEU Q 504 67.76 57.36 -12.02
CA LEU Q 504 66.31 57.61 -12.07
C LEU Q 504 65.53 56.38 -11.64
N ASP Q 505 65.96 55.21 -12.09
CA ASP Q 505 65.26 53.98 -11.72
C ASP Q 505 65.39 53.71 -10.23
N ARG Q 506 66.60 53.82 -9.69
CA ARG Q 506 66.74 53.61 -8.26
C ARG Q 506 66.00 54.69 -7.46
N PHE Q 507 65.88 55.88 -8.03
CA PHE Q 507 65.14 56.97 -7.39
C PHE Q 507 63.67 56.62 -7.28
N ARG Q 508 63.10 56.06 -8.35
CA ARG Q 508 61.71 55.62 -8.29
C ARG Q 508 61.54 54.51 -7.26
N ALA Q 509 62.48 53.57 -7.22
CA ALA Q 509 62.41 52.50 -6.24
C ALA Q 509 62.35 53.06 -4.83
N TYR Q 510 63.26 53.97 -4.50
CA TYR Q 510 63.29 54.54 -3.15
C TYR Q 510 62.06 55.39 -2.88
N CYS Q 511 61.55 56.09 -3.89
CA CYS Q 511 60.34 56.89 -3.70
C CYS Q 511 59.18 56.01 -3.29
N ARG Q 512 59.04 54.85 -3.94
CA ARG Q 512 57.94 53.95 -3.60
C ARG Q 512 58.17 53.26 -2.25
N TYR Q 513 59.42 52.95 -1.92
CA TYR Q 513 59.72 52.21 -0.71
C TYR Q 513 59.60 53.06 0.54
N ALA Q 514 60.37 54.16 0.60
CA ALA Q 514 60.47 54.98 1.80
C ALA Q 514 59.78 56.33 1.62
N GLY Q 515 58.69 56.38 0.88
CA GLY Q 515 58.02 57.63 0.61
C GLY Q 515 56.70 57.78 1.32
N ALA Q 516 56.25 56.73 2.00
CA ALA Q 516 55.00 56.79 2.73
C ALA Q 516 55.06 57.91 3.76
N SER Q 517 53.99 58.71 3.80
CA SER Q 517 54.00 59.92 4.61
C SER Q 517 54.02 59.65 6.10
N ASP Q 518 53.79 58.40 6.52
CA ASP Q 518 53.73 58.07 7.93
C ASP Q 518 55.07 57.64 8.50
N GLY Q 519 56.15 57.71 7.73
CA GLY Q 519 57.46 57.38 8.23
C GLY Q 519 57.65 55.93 8.62
N VAL Q 520 57.18 55.00 7.79
CA VAL Q 520 57.42 53.57 7.98
C VAL Q 520 57.70 52.97 6.61
N LEU Q 521 58.70 52.08 6.54
CA LEU Q 521 59.02 51.45 5.27
C LEU Q 521 57.94 50.44 4.90
N LYS Q 522 57.53 50.45 3.63
CA LYS Q 522 56.49 49.55 3.16
C LYS Q 522 57.09 48.19 2.80
N PRO Q 523 56.69 47.10 3.45
CA PRO Q 523 57.27 45.79 3.11
C PRO Q 523 56.99 45.36 1.69
N GLU Q 524 55.93 45.87 1.05
CA GLU Q 524 55.56 45.41 -0.28
C GLU Q 524 56.42 46.00 -1.38
N TYR Q 525 57.35 46.91 -1.05
CA TYR Q 525 58.19 47.55 -2.05
C TYR Q 525 59.67 47.43 -1.71
N ALA Q 526 60.07 46.40 -0.97
CA ALA Q 526 61.47 46.24 -0.62
C ALA Q 526 62.34 46.30 -1.86
N VAL Q 527 63.34 47.18 -1.83
CA VAL Q 527 64.11 47.50 -3.04
C VAL Q 527 64.99 46.36 -3.51
N ASP Q 528 65.14 45.31 -2.71
CA ASP Q 528 65.98 44.18 -3.11
C ASP Q 528 65.22 42.87 -3.04
N GLU Q 529 63.91 42.90 -3.30
CA GLU Q 529 63.08 41.71 -3.28
C GLU Q 529 61.99 41.84 -4.34
N GLY Q 530 61.49 40.70 -4.80
CA GLY Q 530 60.35 40.70 -5.70
C GLY Q 530 60.72 41.36 -7.02
N ASP Q 531 59.82 42.17 -7.53
CA ASP Q 531 59.99 42.84 -8.81
C ASP Q 531 60.63 44.21 -8.71
N ALA Q 532 60.98 44.65 -7.50
CA ALA Q 532 61.62 45.94 -7.31
C ALA Q 532 63.12 45.89 -7.51
N ARG Q 533 63.68 44.70 -7.79
CA ARG Q 533 65.11 44.58 -8.05
C ARG Q 533 65.43 44.54 -9.53
N LYS Q 534 64.47 44.82 -10.40
CA LYS Q 534 64.68 44.90 -11.83
C LYS Q 534 64.53 46.33 -12.32
N VAL Q 535 65.10 46.61 -13.50
CA VAL Q 535 64.96 47.92 -14.10
C VAL Q 535 63.57 48.03 -14.72
N GLN Q 536 62.94 49.19 -14.57
CA GLN Q 536 61.56 49.37 -14.98
C GLN Q 536 61.31 50.58 -15.87
N VAL Q 537 62.08 51.65 -15.73
CA VAL Q 537 61.84 52.87 -16.49
C VAL Q 537 63.05 53.26 -17.34
N VAL Q 538 63.89 52.31 -17.71
CA VAL Q 538 65.03 52.56 -18.57
C VAL Q 538 65.18 51.39 -19.52
N LYS Q 539 65.54 51.67 -20.77
CA LYS Q 539 65.68 50.66 -21.80
C LYS Q 539 66.91 50.94 -22.65
N SER Q 540 67.39 49.90 -23.32
CA SER Q 540 68.55 50.01 -24.20
C SER Q 540 69.80 50.44 -23.45
N ILE Q 541 69.98 49.91 -22.25
CA ILE Q 541 71.16 50.24 -21.47
C ILE Q 541 72.41 49.79 -22.24
N ASN Q 542 73.54 50.39 -21.91
CA ASN Q 542 74.78 50.22 -22.65
C ASN Q 542 75.78 49.38 -21.88
N ASN Q 543 76.81 48.93 -22.60
CA ASN Q 543 77.92 48.18 -22.01
C ASN Q 543 77.41 46.96 -21.24
N LEU Q 544 76.40 46.30 -21.77
CA LEU Q 544 75.87 45.12 -21.10
C LEU Q 544 76.72 43.89 -21.33
N ASP Q 545 77.65 43.93 -22.28
CA ASP Q 545 78.61 42.84 -22.49
C ASP Q 545 79.93 43.11 -21.79
N LYS Q 546 79.91 43.41 -20.49
CA LYS Q 546 81.15 43.57 -19.77
C LYS Q 546 81.84 42.21 -19.65
N SER Q 547 83.17 42.22 -19.69
CA SER Q 547 83.90 41.01 -19.41
C SER Q 547 83.98 40.78 -17.91
N TRP Q 548 84.35 39.56 -17.53
CA TRP Q 548 84.40 39.20 -16.12
C TRP Q 548 85.40 40.07 -15.37
N ARG Q 549 86.53 40.37 -16.01
CA ARG Q 549 87.55 41.19 -15.36
C ARG Q 549 87.02 42.59 -15.09
N VAL Q 550 86.30 43.17 -16.06
CA VAL Q 550 85.72 44.49 -15.88
C VAL Q 550 84.69 44.48 -14.76
N ARG Q 551 83.84 43.46 -14.74
CA ARG Q 551 82.83 43.38 -13.68
C ARG Q 551 83.48 43.25 -12.31
N ARG Q 552 84.53 42.43 -12.21
CA ARG Q 552 85.22 42.27 -10.94
C ARG Q 552 85.87 43.57 -10.49
N ALA Q 553 86.47 44.30 -11.44
CA ALA Q 553 87.07 45.59 -11.10
C ALA Q 553 86.03 46.56 -10.58
N GLN Q 554 84.89 46.64 -11.26
CA GLN Q 554 83.84 47.55 -10.79
C GLN Q 554 83.34 47.16 -9.41
N TRP Q 555 83.12 45.86 -9.18
CA TRP Q 555 82.68 45.44 -7.85
C TRP Q 555 83.69 45.86 -6.80
N ASN Q 556 84.97 45.57 -7.02
CA ASN Q 556 85.98 45.93 -6.04
C ASN Q 556 86.12 47.44 -5.88
N ASN Q 557 85.74 48.23 -6.88
CA ASN Q 557 85.73 49.68 -6.76
C ASN Q 557 84.40 50.20 -6.23
N ASN Q 558 83.47 49.32 -5.88
CA ASN Q 558 82.27 49.71 -5.13
C ASN Q 558 81.26 50.49 -5.97
N LEU Q 559 80.99 50.03 -7.19
CA LEU Q 559 79.91 50.62 -7.97
C LEU Q 559 78.65 49.77 -7.87
N VAL Q 560 77.54 50.35 -8.29
CA VAL Q 560 76.27 49.65 -8.42
C VAL Q 560 75.94 49.56 -9.91
N TYR Q 561 75.87 48.34 -10.43
CA TYR Q 561 75.66 48.11 -11.84
C TYR Q 561 74.59 47.04 -12.03
N VAL Q 562 74.13 46.89 -13.25
CA VAL Q 562 73.05 45.97 -13.58
C VAL Q 562 73.56 44.88 -14.50
N GLU Q 563 72.81 43.78 -14.55
CA GLU Q 563 73.09 42.66 -15.43
C GLU Q 563 71.83 42.30 -16.17
N ASP Q 564 71.93 41.32 -17.06
CA ASP Q 564 70.77 40.84 -17.80
C ASP Q 564 70.03 39.79 -16.99
N TYR Q 565 68.73 40.00 -16.79
CA TYR Q 565 67.89 39.01 -16.13
C TYR Q 565 67.50 37.93 -17.13
N ASP Q 566 66.99 38.36 -18.28
CA ASP Q 566 66.69 37.47 -19.39
C ASP Q 566 66.83 38.29 -20.67
N THR Q 567 66.26 37.79 -21.75
CA THR Q 567 66.40 38.47 -23.04
C THR Q 567 65.74 39.84 -23.05
N ASN Q 568 64.90 40.15 -22.06
CA ASN Q 568 64.13 41.39 -22.05
C ASN Q 568 64.54 42.37 -20.96
N SER Q 569 65.09 41.91 -19.84
CA SER Q 569 65.14 42.75 -18.65
C SER Q 569 66.49 42.62 -17.96
N GLN Q 570 66.75 43.54 -17.04
CA GLN Q 570 67.97 43.62 -16.27
C GLN Q 570 67.63 43.68 -14.78
N PHE Q 571 68.64 43.42 -13.94
CA PHE Q 571 68.43 43.50 -12.50
C PHE Q 571 69.71 43.92 -11.81
N TYR Q 572 69.67 43.96 -10.47
CA TYR Q 572 70.80 44.37 -9.66
C TYR Q 572 71.30 43.19 -8.85
N PRO Q 573 72.47 42.61 -9.15
CA PRO Q 573 72.99 41.53 -8.30
C PRO Q 573 73.20 41.94 -6.86
N GLY Q 574 73.52 43.19 -6.59
CA GLY Q 574 73.69 43.65 -5.22
C GLY Q 574 73.87 45.16 -5.17
N GLN Q 575 73.15 45.82 -4.28
CA GLN Q 575 73.16 47.28 -4.20
C GLN Q 575 73.93 47.71 -2.96
N GLN Q 576 75.21 48.00 -3.17
CA GLN Q 576 76.11 48.33 -2.07
C GLN Q 576 76.46 49.81 -2.08
N SER Q 577 76.75 50.33 -0.90
CA SER Q 577 77.19 51.70 -0.74
C SER Q 577 78.67 51.83 -1.09
N PHE Q 578 79.16 53.06 -1.13
CA PHE Q 578 80.57 53.30 -1.38
C PHE Q 578 81.42 53.32 -0.12
N TYR Q 579 81.03 52.61 0.93
CA TYR Q 579 81.91 52.39 2.07
C TYR Q 579 83.10 51.56 1.60
N SER Q 580 84.31 51.96 1.99
CA SER Q 580 85.52 51.40 1.42
C SER Q 580 86.20 50.35 2.29
N GLU Q 581 85.75 50.14 3.52
CA GLU Q 581 86.43 49.20 4.39
C GLU Q 581 85.76 47.83 4.32
N GLN Q 582 86.28 46.89 5.13
CA GLN Q 582 85.84 45.51 5.08
C GLN Q 582 84.66 45.19 5.97
N GLY Q 583 84.20 46.13 6.80
CA GLY Q 583 83.07 45.87 7.65
C GLY Q 583 81.83 45.45 6.89
N SER Q 584 81.12 44.46 7.42
CA SER Q 584 79.87 43.99 6.82
C SER Q 584 78.64 44.73 7.32
N VAL Q 585 78.77 45.57 8.35
CA VAL Q 585 77.62 46.30 8.85
C VAL Q 585 77.17 47.35 7.85
N LEU Q 586 78.14 48.03 7.23
CA LEU Q 586 77.86 49.22 6.42
C LEU Q 586 77.91 48.96 4.93
N LYS Q 587 77.43 47.82 4.45
CA LYS Q 587 77.50 47.52 3.03
C LYS Q 587 76.24 47.95 2.28
N ALA Q 588 75.07 47.48 2.70
CA ALA Q 588 73.84 47.82 2.00
C ALA Q 588 73.63 49.32 2.04
N ALA Q 589 73.22 49.89 0.91
CA ALA Q 589 73.09 51.34 0.82
C ALA Q 589 71.87 51.87 1.56
N ILE Q 590 70.90 51.01 1.87
CA ILE Q 590 69.72 51.45 2.60
C ILE Q 590 70.06 51.78 4.06
N VAL Q 591 71.05 51.09 4.62
CA VAL Q 591 71.42 51.34 6.00
C VAL Q 591 71.93 52.77 6.16
N GLY Q 592 72.50 53.34 5.11
CA GLY Q 592 72.92 54.73 5.19
C GLY Q 592 71.76 55.68 5.41
N LEU Q 593 70.66 55.48 4.68
CA LEU Q 593 69.48 56.30 4.88
C LEU Q 593 68.89 56.08 6.27
N CYS Q 594 68.92 54.82 6.74
CA CYS Q 594 68.47 54.55 8.10
C CYS Q 594 69.27 55.36 9.12
N VAL Q 595 70.59 55.38 8.95
CA VAL Q 595 71.45 56.08 9.90
C VAL Q 595 71.21 57.59 9.82
N ALA Q 596 70.97 58.10 8.62
CA ALA Q 596 70.64 59.52 8.47
C ALA Q 596 69.40 59.86 9.29
N ASN Q 597 68.38 58.99 9.23
CA ASN Q 597 67.16 59.24 10.00
C ASN Q 597 67.42 59.19 11.50
N LEU Q 598 68.29 58.28 11.93
CA LEU Q 598 68.65 58.26 13.35
C LEU Q 598 69.26 59.59 13.77
N ASN Q 599 70.20 60.09 12.96
CA ASN Q 599 70.80 61.38 13.25
C ASN Q 599 69.75 62.47 13.34
N ARG Q 600 68.73 62.42 12.48
CA ARG Q 600 67.66 63.42 12.55
C ARG Q 600 66.90 63.33 13.87
N PHE Q 601 66.60 62.11 14.32
CA PHE Q 601 65.85 61.95 15.57
C PHE Q 601 66.63 62.55 16.73
N ALA Q 602 67.96 62.45 16.71
CA ALA Q 602 68.75 63.08 17.76
C ALA Q 602 68.54 64.60 17.80
N PHE Q 603 68.55 65.24 16.63
CA PHE Q 603 68.33 66.68 16.57
C PHE Q 603 66.96 67.02 17.13
N GLU Q 604 65.97 66.19 16.85
CA GLU Q 604 64.63 66.44 17.38
C GLU Q 604 64.62 66.40 18.90
N ALA Q 605 65.32 65.41 19.48
CA ALA Q 605 65.39 65.35 20.94
C ALA Q 605 66.02 66.61 21.51
N TRP Q 606 67.13 67.07 20.91
CA TRP Q 606 67.75 68.31 21.39
C TRP Q 606 66.77 69.47 21.31
N ARG Q 607 66.16 69.67 20.14
CA ARG Q 607 65.26 70.78 19.94
C ARG Q 607 64.17 70.79 21.00
N ASP Q 608 63.69 69.61 21.40
CA ASP Q 608 62.62 69.55 22.38
C ASP Q 608 63.11 69.82 23.80
N LEU Q 609 64.35 69.45 24.11
CA LEU Q 609 64.81 69.55 25.50
C LEU Q 609 65.65 70.78 25.82
N THR Q 610 66.06 71.56 24.84
CA THR Q 610 67.01 72.64 25.12
C THR Q 610 66.40 73.76 25.95
N GLY Q 611 67.19 74.28 26.89
CA GLY Q 611 66.91 75.55 27.54
C GLY Q 611 65.72 75.60 28.47
N THR Q 612 65.55 74.61 29.34
CA THR Q 612 64.45 74.60 30.31
C THR Q 612 65.00 74.84 31.71
N GLN Q 613 64.32 75.69 32.46
CA GLN Q 613 64.83 76.15 33.75
C GLN Q 613 64.71 75.07 34.82
N LYS Q 614 63.58 74.38 34.88
CA LYS Q 614 63.21 73.54 36.01
C LYS Q 614 63.48 72.06 35.80
N LEU Q 615 64.17 71.68 34.73
CA LEU Q 615 64.54 70.28 34.57
C LEU Q 615 65.61 69.89 35.57
N THR Q 616 65.79 68.59 35.74
CA THR Q 616 66.93 68.05 36.46
C THR Q 616 67.77 67.19 35.52
N ASP Q 617 68.95 66.81 36.00
CA ASP Q 617 69.85 66.02 35.16
C ASP Q 617 69.25 64.67 34.81
N ASP Q 618 68.66 64.00 35.80
CA ASP Q 618 68.07 62.69 35.54
C ASP Q 618 66.90 62.78 34.58
N GLN Q 619 66.03 63.78 34.75
CA GLN Q 619 64.91 63.93 33.84
C GLN Q 619 65.38 64.26 32.43
N LEU Q 620 66.40 65.10 32.29
CA LEU Q 620 66.96 65.39 30.96
C LEU Q 620 67.48 64.11 30.30
N ILE Q 621 68.30 63.36 31.04
CA ILE Q 621 68.87 62.13 30.51
C ILE Q 621 67.78 61.16 30.09
N GLU Q 622 66.75 61.03 30.91
CA GLU Q 622 65.69 60.07 30.62
C GLU Q 622 64.86 60.51 29.42
N ARG Q 623 64.44 61.77 29.39
CA ARG Q 623 63.60 62.25 28.32
C ARG Q 623 64.28 62.20 26.96
N SER Q 624 65.60 62.40 26.91
CA SER Q 624 66.30 62.28 25.64
C SER Q 624 66.12 60.89 25.04
N ASP Q 625 66.44 59.86 25.83
CA ASP Q 625 66.30 58.49 25.36
C ASP Q 625 64.86 58.19 24.98
N ASP Q 626 63.91 58.63 25.82
CA ASP Q 626 62.52 58.38 25.50
C ASP Q 626 62.15 58.95 24.14
N ALA Q 627 62.54 60.20 23.88
CA ALA Q 627 62.20 60.82 22.61
C ALA Q 627 62.78 60.02 21.45
N VAL Q 628 64.07 59.68 21.53
CA VAL Q 628 64.70 58.99 20.41
C VAL Q 628 64.04 57.64 20.16
N SER Q 629 63.85 56.85 21.22
CA SER Q 629 63.31 55.51 21.06
C SER Q 629 61.87 55.56 20.55
N THR Q 630 61.06 56.45 21.10
CA THR Q 630 59.68 56.58 20.66
C THR Q 630 59.62 56.96 19.18
N ARG Q 631 60.45 57.90 18.76
CA ARG Q 631 60.39 58.35 17.37
C ARG Q 631 60.95 57.32 16.41
N GLY Q 632 61.86 56.47 16.88
CA GLY Q 632 62.52 55.53 15.99
C GLY Q 632 61.90 54.15 15.89
N THR Q 633 61.55 53.56 17.02
CA THR Q 633 61.14 52.16 17.04
C THR Q 633 59.93 51.94 16.13
N GLY Q 634 60.00 50.89 15.31
CA GLY Q 634 58.91 50.50 14.45
C GLY Q 634 58.93 51.10 13.06
N ALA Q 635 60.02 51.74 12.64
CA ALA Q 635 60.07 52.45 11.37
C ALA Q 635 60.92 51.74 10.32
N PHE Q 636 62.01 51.09 10.73
CA PHE Q 636 63.04 50.66 9.80
C PHE Q 636 62.81 49.24 9.29
N ASP Q 637 61.64 48.66 9.55
CA ASP Q 637 61.25 47.42 8.89
C ASP Q 637 62.28 46.33 9.08
N ASP Q 638 62.90 46.26 10.26
CA ASP Q 638 63.81 45.18 10.63
C ASP Q 638 65.13 45.24 9.89
N ARG Q 639 65.54 46.41 9.40
CA ARG Q 639 66.84 46.53 8.76
C ARG Q 639 67.94 46.81 9.79
N LEU Q 640 67.60 47.47 10.90
CA LEU Q 640 68.54 47.85 11.94
C LEU Q 640 68.05 47.36 13.30
N ILE Q 641 68.96 47.32 14.26
CA ILE Q 641 68.58 47.31 15.67
C ILE Q 641 69.46 48.32 16.40
N PHE Q 642 68.83 49.25 17.11
CA PHE Q 642 69.54 50.39 17.68
C PHE Q 642 69.14 50.57 19.14
N THR Q 643 69.95 51.35 19.86
CA THR Q 643 69.76 51.62 21.27
C THR Q 643 70.40 52.94 21.67
N PRO Q 644 69.63 53.90 22.22
CA PRO Q 644 70.24 55.15 22.66
C PRO Q 644 70.64 55.16 24.13
N HIS Q 645 71.63 55.97 24.48
CA HIS Q 645 72.07 56.12 25.87
C HIS Q 645 72.45 57.58 26.07
N SER Q 646 71.79 58.25 27.00
CA SER Q 646 72.13 59.61 27.38
C SER Q 646 72.83 59.60 28.73
N GLU Q 647 73.65 60.60 28.98
CA GLU Q 647 74.33 60.72 30.26
C GLU Q 647 74.99 62.09 30.37
N ILE Q 648 75.71 62.28 31.47
CA ILE Q 648 76.40 63.53 31.79
C ILE Q 648 77.79 63.13 32.28
N THR Q 649 78.79 63.28 31.42
CA THR Q 649 80.11 62.75 31.67
C THR Q 649 80.96 63.73 32.48
N GLN Q 650 82.26 63.43 32.58
CA GLN Q 650 83.14 64.33 33.32
C GLN Q 650 83.28 65.69 32.63
N ALA Q 651 83.38 65.69 31.31
CA ALA Q 651 83.43 66.97 30.60
C ALA Q 651 82.16 67.76 30.81
N ASP Q 652 81.01 67.09 30.82
CA ASP Q 652 79.73 67.74 31.08
C ASP Q 652 79.67 68.30 32.49
N LYS Q 653 80.16 67.56 33.48
CA LYS Q 653 80.22 68.10 34.83
C LYS Q 653 81.09 69.35 34.87
N GLU Q 654 82.26 69.30 34.22
CA GLU Q 654 83.13 70.46 34.18
C GLU Q 654 82.40 71.67 33.59
N ARG Q 655 81.76 71.48 32.43
CA ARG Q 655 81.14 72.60 31.74
C ARG Q 655 79.92 73.12 32.48
N GLY Q 656 78.91 72.28 32.67
CA GLY Q 656 77.70 72.65 33.38
C GLY Q 656 76.55 73.10 32.51
N TYR Q 657 76.64 72.95 31.19
CA TYR Q 657 75.54 73.32 30.31
C TYR Q 657 75.34 72.31 29.19
N SER Q 658 75.80 71.07 29.34
CA SER Q 658 75.79 70.11 28.26
C SER Q 658 75.44 68.72 28.78
N TRP Q 659 74.95 67.88 27.87
CA TRP Q 659 74.73 66.47 28.13
C TRP Q 659 75.00 65.70 26.84
N SER Q 660 75.30 64.41 26.97
CA SER Q 660 75.79 63.62 25.86
C SER Q 660 74.84 62.47 25.53
N MET Q 661 74.77 62.13 24.24
CA MET Q 661 74.01 60.99 23.77
C MET Q 661 74.88 60.11 22.89
N ARG Q 662 74.57 58.82 22.86
CA ARG Q 662 75.32 57.86 22.06
C ARG Q 662 74.38 56.74 21.63
N ILE Q 663 74.30 56.47 20.33
CA ILE Q 663 73.39 55.47 19.78
C ILE Q 663 74.20 54.33 19.22
N ASP Q 664 73.88 53.11 19.65
CA ASP Q 664 74.56 51.90 19.19
C ASP Q 664 73.63 51.13 18.27
N PHE Q 665 74.09 50.79 17.08
CA PHE Q 665 73.24 50.14 16.11
C PHE Q 665 73.97 48.98 15.43
N GLY Q 666 73.19 48.06 14.89
CA GLY Q 666 73.74 46.87 14.26
C GLY Q 666 72.85 46.38 13.14
N ALA Q 667 73.48 45.79 12.11
CA ALA Q 667 72.81 45.39 10.88
C ALA Q 667 73.58 44.25 10.23
N ASN Q 668 73.07 43.80 9.08
CA ASN Q 668 73.55 42.61 8.38
C ASN Q 668 73.99 42.96 6.95
N ALA Q 669 74.32 41.91 6.19
CA ALA Q 669 74.67 42.03 4.77
C ALA Q 669 74.06 40.86 4.00
N PHE Q 670 74.52 40.61 2.78
CA PHE Q 670 73.92 39.62 1.90
C PHE Q 670 74.97 38.73 1.26
N ARG Q 671 74.53 37.57 0.78
CA ARG Q 671 75.37 36.61 0.07
C ARG Q 671 75.18 36.75 -1.44
N THR Q 672 76.25 36.48 -2.19
CA THR Q 672 76.26 36.79 -3.61
C THR Q 672 76.81 35.69 -4.53
N VAL Q 673 77.49 34.68 -4.01
CA VAL Q 673 78.18 33.69 -4.83
C VAL Q 673 77.56 32.32 -4.60
N MET Q 674 77.68 31.43 -5.57
CA MET Q 674 77.21 30.06 -5.44
C MET Q 674 78.07 29.11 -6.24
N ASP Q 675 78.31 27.94 -5.67
CA ASP Q 675 78.96 26.82 -6.35
C ASP Q 675 77.92 25.82 -6.82
N MET Q 676 78.26 25.08 -7.87
CA MET Q 676 77.40 24.00 -8.31
C MET Q 676 78.26 22.85 -8.78
N SER Q 677 77.81 21.63 -8.50
CA SER Q 677 78.52 20.42 -8.88
C SER Q 677 77.48 19.36 -9.21
N SER Q 678 77.97 18.18 -9.59
CA SER Q 678 77.07 17.09 -9.93
C SER Q 678 77.80 15.78 -9.82
N VAL Q 679 77.02 14.71 -9.65
CA VAL Q 679 77.55 13.35 -9.70
C VAL Q 679 76.56 12.49 -10.46
N ALA Q 680 77.04 11.40 -11.04
CA ALA Q 680 76.23 10.50 -11.84
C ALA Q 680 76.11 9.16 -11.14
N TYR Q 681 74.90 8.63 -11.07
CA TYR Q 681 74.62 7.36 -10.44
C TYR Q 681 73.81 6.49 -11.40
N THR Q 682 73.92 5.18 -11.21
CA THR Q 682 73.00 4.29 -11.90
C THR Q 682 71.60 4.45 -11.32
N ARG Q 683 70.60 4.10 -12.13
CA ARG Q 683 69.22 4.33 -11.73
C ARG Q 683 68.88 3.58 -10.45
N GLU Q 684 69.32 2.33 -10.32
CA GLU Q 684 68.98 1.54 -9.15
C GLU Q 684 69.65 2.09 -7.89
N GLU Q 685 70.95 2.37 -7.96
CA GLU Q 685 71.66 2.85 -6.78
C GLU Q 685 71.35 4.31 -6.47
N LEU Q 686 70.63 5.01 -7.35
CA LEU Q 686 70.10 6.32 -7.02
C LEU Q 686 68.69 6.26 -6.46
N ALA Q 687 67.88 5.32 -6.94
CA ALA Q 687 66.51 5.18 -6.42
C ALA Q 687 66.48 4.51 -5.05
N ASN Q 688 67.35 3.54 -4.81
CA ASN Q 688 67.35 2.81 -3.56
C ASN Q 688 68.78 2.39 -3.24
N GLY Q 689 69.31 2.89 -2.13
CA GLY Q 689 70.68 2.59 -1.72
C GLY Q 689 71.65 3.68 -2.11
N MET R 1 -58.59 66.97 16.41
CA MET R 1 -58.10 67.84 15.29
C MET R 1 -58.12 69.29 15.75
N SER R 2 -59.11 69.64 16.56
CA SER R 2 -59.22 70.98 17.12
C SER R 2 -58.83 71.06 18.58
N GLU R 3 -59.16 70.05 19.37
CA GLU R 3 -59.00 70.14 20.82
C GLU R 3 -57.53 70.35 21.19
N GLN R 4 -57.32 71.13 22.24
CA GLN R 4 -56.01 71.37 22.80
C GLN R 4 -55.88 70.60 24.09
N ILE R 5 -54.68 70.61 24.66
CA ILE R 5 -54.41 69.81 25.86
C ILE R 5 -54.91 70.59 27.06
N THR R 6 -56.17 70.32 27.44
CA THR R 6 -56.76 71.01 28.57
C THR R 6 -56.26 70.48 29.90
N GLY R 7 -56.05 69.17 30.02
CA GLY R 7 -55.70 68.60 31.29
C GLY R 7 -55.12 67.21 31.13
N SER R 8 -55.43 66.35 32.09
CA SER R 8 -54.79 65.04 32.19
C SER R 8 -55.66 63.90 31.68
N THR R 9 -56.82 64.18 31.11
CA THR R 9 -57.71 63.11 30.68
C THR R 9 -57.00 62.23 29.65
N PRO R 10 -57.01 60.90 29.83
CA PRO R 10 -56.36 60.04 28.85
C PRO R 10 -56.82 60.30 27.43
N ARG R 11 -55.88 60.55 26.52
CA ARG R 11 -56.21 61.02 25.19
C ARG R 11 -54.92 61.10 24.38
N ILE R 12 -55.03 60.86 23.08
CA ILE R 12 -53.94 61.09 22.15
C ILE R 12 -54.36 62.19 21.20
N TYR R 13 -53.59 63.27 21.17
CA TYR R 13 -53.89 64.44 20.35
C TYR R 13 -53.09 64.35 19.06
N TYR R 14 -53.74 64.65 17.95
CA TYR R 14 -53.13 64.55 16.63
C TYR R 14 -52.85 65.95 16.11
N ARG R 15 -51.58 66.31 16.06
CA ARG R 15 -51.13 67.45 15.28
C ARG R 15 -50.88 66.98 13.86
N GLY R 16 -51.45 67.66 12.88
CA GLY R 16 -51.40 67.19 11.51
C GLY R 16 -49.99 67.06 10.97
N THR R 17 -49.87 66.74 9.69
CA THR R 17 -48.58 66.70 9.03
C THR R 17 -48.10 68.13 8.76
N LYS R 18 -46.79 68.28 8.63
CA LYS R 18 -46.19 69.59 8.49
C LYS R 18 -44.93 69.45 7.64
N ASP R 19 -44.43 70.58 7.16
CA ASP R 19 -43.15 70.61 6.46
C ASP R 19 -42.05 71.06 7.42
N SER R 20 -40.83 70.59 7.16
CA SER R 20 -39.74 70.78 8.10
C SER R 20 -39.54 72.27 8.40
N SER R 21 -39.21 72.56 9.65
CA SER R 21 -39.00 73.93 10.11
C SER R 21 -37.52 74.16 10.43
N VAL R 22 -37.05 75.38 10.18
CA VAL R 22 -35.68 75.72 10.51
C VAL R 22 -35.46 75.59 12.01
N THR R 23 -34.36 74.96 12.38
CA THR R 23 -34.02 74.71 13.78
C THR R 23 -32.91 75.67 14.20
N ARG R 24 -33.18 76.46 15.24
CA ARG R 24 -32.16 77.39 15.71
C ARG R 24 -31.00 76.62 16.33
N SER R 25 -29.79 77.01 15.94
CA SER R 25 -28.59 76.27 16.30
C SER R 25 -28.01 76.79 17.60
N THR R 26 -27.69 75.89 18.51
CA THR R 26 -27.05 76.26 19.76
C THR R 26 -25.57 76.57 19.53
N GLY R 27 -25.02 77.42 20.39
CA GLY R 27 -23.64 77.85 20.29
C GLY R 27 -22.81 77.26 21.41
N SER R 28 -21.51 77.55 21.36
CA SER R 28 -20.54 77.04 22.31
C SER R 28 -19.83 78.19 23.01
N THR R 29 -19.27 77.88 24.18
CA THR R 29 -18.55 78.90 24.95
C THR R 29 -17.40 79.46 24.12
N THR R 30 -17.24 80.78 24.19
CA THR R 30 -16.28 81.47 23.35
C THR R 30 -14.87 81.36 23.93
N THR R 31 -13.88 81.57 23.07
CA THR R 31 -12.48 81.41 23.42
C THR R 31 -11.69 82.45 22.62
N LEU R 32 -10.41 82.58 22.92
CA LEU R 32 -9.53 83.49 22.20
C LEU R 32 -8.57 82.72 21.31
N PRO R 33 -8.76 82.70 19.99
CA PRO R 33 -7.72 82.16 19.10
C PRO R 33 -6.61 83.18 18.86
N LEU R 34 -5.63 82.76 18.07
CA LEU R 34 -4.54 83.66 17.71
C LEU R 34 -4.93 84.68 16.65
N HIS R 35 -6.00 84.42 15.91
CA HIS R 35 -6.46 85.32 14.85
C HIS R 35 -7.87 85.76 15.21
N ARG R 36 -8.03 87.05 15.53
CA ARG R 36 -9.28 87.59 16.04
C ARG R 36 -9.63 88.85 15.25
N PRO R 37 -10.26 88.71 14.09
CA PRO R 37 -10.55 89.87 13.26
C PRO R 37 -11.81 90.62 13.68
N LEU R 38 -11.83 91.90 13.29
CA LEU R 38 -12.98 92.78 13.44
C LEU R 38 -13.58 93.04 12.06
N ILE R 39 -14.89 92.85 11.92
CA ILE R 39 -15.55 92.99 10.64
C ILE R 39 -16.78 93.88 10.82
N MET R 40 -16.88 94.90 9.98
CA MET R 40 -18.00 95.85 9.99
C MET R 40 -18.89 95.59 8.77
N PHE R 41 -20.20 95.70 8.97
CA PHE R 41 -21.13 95.34 7.90
C PHE R 41 -22.48 96.00 8.10
N PHE R 42 -23.26 96.05 7.03
CA PHE R 42 -24.69 96.36 7.10
C PHE R 42 -25.45 95.06 7.33
N GLY R 43 -26.55 95.14 8.09
CA GLY R 43 -27.27 93.95 8.48
C GLY R 43 -28.76 94.19 8.55
N GLN R 44 -29.47 93.14 8.96
CA GLN R 44 -30.93 93.20 9.02
C GLN R 44 -31.42 93.55 10.41
N LYS R 45 -30.76 93.02 11.44
CA LYS R 45 -31.14 93.28 12.82
C LYS R 45 -29.91 93.06 13.70
N GLY R 46 -30.12 93.00 15.00
CA GLY R 46 -29.05 92.72 15.93
C GLY R 46 -28.50 93.98 16.58
N PRO R 47 -27.64 93.81 17.58
CA PRO R 47 -27.08 94.97 18.28
C PRO R 47 -26.18 95.77 17.37
N THR R 48 -25.96 97.03 17.77
CA THR R 48 -25.19 97.99 17.00
C THR R 48 -23.93 98.41 17.75
N VAL R 49 -23.33 97.48 18.48
CA VAL R 49 -22.04 97.70 19.14
C VAL R 49 -21.18 96.48 18.89
N PRO R 50 -19.85 96.63 18.98
CA PRO R 50 -18.98 95.48 18.71
C PRO R 50 -19.35 94.29 19.59
N THR R 51 -19.39 93.12 18.98
CA THR R 51 -19.86 91.92 19.68
C THR R 51 -18.96 90.75 19.34
N TRP R 52 -18.47 90.05 20.36
CA TRP R 52 -17.69 88.84 20.16
C TRP R 52 -18.63 87.69 19.87
N ILE R 53 -18.54 87.13 18.66
CA ILE R 53 -19.56 86.22 18.18
C ILE R 53 -18.91 84.92 17.72
N ASP R 54 -19.66 83.83 17.93
CA ASP R 54 -19.33 82.50 17.45
C ASP R 54 -20.07 82.26 16.14
N PRO R 55 -19.38 81.89 15.03
CA PRO R 55 -20.04 81.93 13.72
C PRO R 55 -21.36 81.18 13.62
N VAL R 56 -21.59 80.22 14.52
CA VAL R 56 -22.82 79.46 14.46
C VAL R 56 -24.03 80.36 14.67
N LYS R 57 -23.85 81.48 15.37
CA LYS R 57 -24.97 82.33 15.77
C LYS R 57 -25.10 83.60 14.95
N PHE R 58 -24.26 83.80 13.93
CA PHE R 58 -24.36 85.01 13.14
C PHE R 58 -25.72 85.11 12.45
N GLU R 59 -26.19 84.01 11.88
CA GLU R 59 -27.43 84.02 11.12
C GLU R 59 -28.63 84.39 11.97
N ASP R 60 -28.73 83.89 13.19
CA ASP R 60 -29.87 84.17 14.05
C ASP R 60 -29.62 85.29 15.04
N ILE R 61 -28.47 85.95 14.99
CA ILE R 61 -28.32 87.22 15.69
C ILE R 61 -28.56 88.40 14.76
N TYR R 62 -28.01 88.35 13.55
CA TYR R 62 -28.10 89.46 12.61
C TYR R 62 -29.05 89.20 11.45
N GLY R 63 -29.82 88.12 11.52
CA GLY R 63 -30.71 87.78 10.43
C GLY R 63 -29.96 87.15 9.27
N SER R 64 -30.59 86.21 8.58
CA SER R 64 -29.92 85.43 7.56
C SER R 64 -29.86 86.12 6.20
N GLU R 65 -30.43 87.31 6.08
CA GLU R 65 -30.38 88.05 4.82
C GLU R 65 -29.12 88.90 4.69
N THR R 66 -28.33 89.05 5.76
CA THR R 66 -27.17 89.92 5.70
C THR R 66 -26.03 89.27 4.92
N THR R 67 -26.02 87.94 4.83
CA THR R 67 -24.98 87.20 4.15
C THR R 67 -25.34 86.80 2.74
N ASN R 68 -26.50 87.22 2.25
CA ASN R 68 -26.92 86.87 0.89
C ASN R 68 -26.31 87.84 -0.10
N LEU R 69 -25.46 87.33 -0.99
CA LEU R 69 -24.75 88.19 -1.93
C LEU R 69 -25.70 88.91 -2.88
N SER R 70 -26.88 88.36 -3.13
CA SER R 70 -27.85 88.98 -4.01
C SER R 70 -28.87 89.83 -3.27
N GLY R 71 -28.75 89.96 -1.96
CA GLY R 71 -29.66 90.77 -1.19
C GLY R 71 -29.30 92.24 -1.25
N VAL R 72 -30.03 93.04 -0.46
CA VAL R 72 -29.82 94.48 -0.45
C VAL R 72 -28.68 94.92 0.46
N TYR R 73 -28.20 94.05 1.34
CA TYR R 73 -27.18 94.39 2.30
C TYR R 73 -25.77 94.07 1.83
N CYS R 74 -25.61 93.59 0.60
CA CYS R 74 -24.29 93.18 0.14
C CYS R 74 -23.38 94.39 0.01
N THR R 75 -22.18 94.29 0.60
CA THR R 75 -21.12 95.28 0.48
C THR R 75 -19.81 94.53 0.29
N HIS R 76 -18.71 95.26 0.25
CA HIS R 76 -17.42 94.61 -0.01
C HIS R 76 -16.86 93.90 1.22
N SER R 77 -17.66 93.67 2.26
CA SER R 77 -17.25 92.88 3.41
C SER R 77 -18.07 91.60 3.57
N THR R 78 -19.14 91.42 2.80
CA THR R 78 -19.89 90.18 2.88
C THR R 78 -19.06 88.96 2.51
N PRO R 79 -18.22 88.99 1.47
CA PRO R 79 -17.33 87.85 1.24
C PRO R 79 -16.46 87.52 2.45
N PHE R 80 -15.96 88.55 3.14
CA PHE R 80 -15.15 88.30 4.33
C PHE R 80 -15.98 87.62 5.41
N ILE R 81 -17.22 88.09 5.61
CA ILE R 81 -18.07 87.44 6.60
C ILE R 81 -18.29 85.98 6.23
N LYS R 82 -18.56 85.70 4.96
CA LYS R 82 -18.84 84.33 4.54
C LYS R 82 -17.63 83.44 4.71
N GLU R 83 -16.43 83.94 4.38
CA GLU R 83 -15.23 83.15 4.56
C GLU R 83 -14.97 82.87 6.03
N ALA R 84 -15.18 83.87 6.90
CA ALA R 84 -14.99 83.64 8.33
C ALA R 84 -15.98 82.61 8.84
N ILE R 85 -17.23 82.67 8.39
CA ILE R 85 -18.23 81.69 8.82
C ILE R 85 -17.84 80.29 8.36
N ALA R 86 -17.38 80.17 7.11
CA ALA R 86 -16.99 78.86 6.60
C ALA R 86 -15.82 78.30 7.40
N ALA R 87 -14.81 79.13 7.68
CA ALA R 87 -13.62 78.62 8.37
C ALA R 87 -13.90 78.31 9.83
N GLY R 88 -14.70 79.14 10.51
CA GLY R 88 -15.02 78.90 11.90
C GLY R 88 -14.22 79.75 12.88
N ASN R 89 -14.01 81.02 12.56
CA ASN R 89 -13.38 81.98 13.47
C ASN R 89 -14.44 82.65 14.33
N GLN R 90 -14.24 82.62 15.64
CA GLN R 90 -14.97 83.52 16.50
C GLN R 90 -14.41 84.93 16.33
N PHE R 91 -15.25 85.87 15.91
CA PHE R 91 -14.74 87.18 15.50
C PHE R 91 -15.62 88.28 16.05
N MET R 92 -15.18 89.52 15.87
CA MET R 92 -15.88 90.69 16.41
C MET R 92 -16.69 91.36 15.32
N ALA R 93 -18.01 91.31 15.47
CA ALA R 93 -18.95 91.89 14.53
C ALA R 93 -19.30 93.31 14.92
N LEU R 94 -19.44 94.18 13.92
CA LEU R 94 -19.88 95.56 14.13
C LEU R 94 -20.86 95.92 13.04
N ARG R 95 -22.13 96.09 13.42
CA ARG R 95 -23.18 96.44 12.46
C ARG R 95 -23.29 97.95 12.38
N LEU R 96 -23.01 98.50 11.21
CA LEU R 96 -23.12 99.94 10.96
C LEU R 96 -24.52 100.27 10.47
N GLU R 97 -24.84 101.57 10.54
CA GLU R 97 -26.10 102.09 10.03
C GLU R 97 -25.84 103.32 9.19
N PRO R 98 -26.63 103.55 8.14
CA PRO R 98 -26.50 104.79 7.38
C PRO R 98 -27.00 105.97 8.18
N SER R 99 -26.51 107.16 7.81
CA SER R 99 -26.82 108.36 8.58
C SER R 99 -28.27 108.81 8.44
N ASP R 100 -29.04 108.20 7.52
CA ASP R 100 -30.41 108.61 7.26
C ASP R 100 -31.41 107.49 7.53
N ILE R 101 -31.13 106.63 8.50
CA ILE R 101 -32.02 105.48 8.75
C ILE R 101 -33.27 105.97 9.46
N PRO R 102 -34.48 105.60 9.00
CA PRO R 102 -35.70 106.04 9.69
C PRO R 102 -35.91 105.35 11.02
N ASP R 103 -37.06 105.62 11.65
CA ASP R 103 -37.37 105.09 12.97
C ASP R 103 -38.12 103.77 12.81
N VAL R 104 -38.45 103.12 13.93
CA VAL R 104 -39.06 101.79 13.90
C VAL R 104 -40.49 101.87 13.40
N ALA R 105 -41.06 100.72 13.05
CA ALA R 105 -42.44 100.65 12.60
C ALA R 105 -43.37 100.45 13.79
N THR R 106 -44.59 100.96 13.67
CA THR R 106 -45.55 100.94 14.76
C THR R 106 -46.95 100.61 14.26
N LEU R 107 -47.79 100.16 15.19
CA LEU R 107 -49.20 99.90 14.90
C LEU R 107 -49.99 100.04 16.19
N GLY R 108 -50.94 100.96 16.21
CA GLY R 108 -51.80 101.18 17.37
C GLY R 108 -53.21 100.69 17.08
N LEU R 109 -53.84 100.12 18.12
CA LEU R 109 -55.20 99.62 18.07
C LEU R 109 -56.12 100.58 18.80
N SER R 110 -57.29 100.82 18.23
CA SER R 110 -58.26 101.73 18.82
C SER R 110 -59.66 101.24 18.49
N VAL R 111 -60.65 101.81 19.16
CA VAL R 111 -62.04 101.46 18.92
C VAL R 111 -62.87 102.73 18.80
N ASP R 112 -63.69 102.81 17.76
CA ASP R 112 -64.74 103.80 17.63
C ASP R 112 -65.96 103.28 18.39
N TRP R 113 -66.42 104.06 19.37
CA TRP R 113 -67.34 103.62 20.39
C TRP R 113 -68.49 104.60 20.49
N VAL R 114 -69.73 104.08 20.48
CA VAL R 114 -70.91 104.92 20.66
C VAL R 114 -72.04 104.07 21.22
N LYS R 115 -73.08 104.73 21.74
CA LYS R 115 -74.28 104.07 22.25
C LYS R 115 -75.49 104.55 21.47
N THR R 116 -76.47 103.66 21.26
CA THR R 116 -77.64 104.00 20.47
C THR R 116 -78.57 102.79 20.45
N LYS R 117 -79.82 103.03 20.05
CA LYS R 117 -80.75 101.91 19.85
C LYS R 117 -80.40 101.15 18.58
N ILE R 118 -80.47 99.82 18.66
CA ILE R 118 -80.15 98.95 17.54
C ILE R 118 -81.25 97.88 17.43
N ASP R 119 -81.13 97.06 16.39
CA ASP R 119 -82.12 96.02 16.15
C ASP R 119 -81.83 94.79 17.01
N ASP R 120 -82.80 93.89 17.04
CA ASP R 120 -82.66 92.61 17.71
C ASP R 120 -83.16 91.51 16.79
N TYR R 121 -82.65 90.30 16.99
CA TYR R 121 -82.90 89.21 16.07
C TYR R 121 -83.60 88.07 16.79
N GLU R 122 -83.93 87.03 16.01
CA GLU R 122 -84.64 85.89 16.56
C GLU R 122 -83.71 84.99 17.37
N ARG R 123 -84.33 84.10 18.13
CA ARG R 123 -83.61 83.06 18.86
C ARG R 123 -84.34 81.74 18.71
N ASN R 124 -83.61 80.69 18.32
CA ASN R 124 -84.22 79.37 18.24
C ASN R 124 -84.58 78.86 19.63
N ASP R 125 -83.63 78.90 20.55
CA ASP R 125 -83.83 78.42 21.91
C ASP R 125 -82.93 79.23 22.84
N ASP R 126 -82.69 78.70 24.04
CA ASP R 126 -81.74 79.33 24.95
C ASP R 126 -80.33 79.39 24.38
N GLY R 127 -80.03 78.59 23.35
CA GLY R 127 -78.74 78.68 22.70
C GLY R 127 -78.53 79.93 21.89
N THR R 128 -79.60 80.68 21.62
CA THR R 128 -79.50 81.96 20.93
C THR R 128 -78.78 81.81 19.60
N TYR R 129 -79.19 80.82 18.81
CA TYR R 129 -78.49 80.51 17.57
C TYR R 129 -78.81 81.52 16.48
N LYS R 130 -80.06 81.97 16.41
CA LYS R 130 -80.48 82.82 15.30
C LYS R 130 -79.82 84.18 15.35
N LEU R 131 -79.40 84.67 14.18
CA LEU R 131 -78.93 86.04 14.01
C LEU R 131 -79.07 86.44 12.56
N ASP R 132 -79.02 87.75 12.32
CA ASP R 132 -78.89 88.30 10.98
C ASP R 132 -79.94 87.74 10.03
N THR R 133 -81.16 87.60 10.53
CA THR R 133 -82.27 87.07 9.73
C THR R 133 -81.96 85.67 9.20
N ASN R 134 -81.22 84.89 9.97
CA ASN R 134 -80.98 83.51 9.59
C ASN R 134 -82.30 82.79 9.41
N GLY R 135 -82.29 81.72 8.61
CA GLY R 135 -83.54 81.12 8.21
C GLY R 135 -84.31 82.08 7.33
N ASP R 136 -85.52 82.44 7.76
CA ASP R 136 -86.37 83.34 7.00
C ASP R 136 -87.04 84.42 7.85
N LYS R 137 -86.53 84.70 9.04
CA LYS R 137 -87.23 85.54 10.00
C LYS R 137 -86.62 86.94 10.08
N ILE R 138 -87.47 87.95 10.01
CA ILE R 138 -87.11 89.36 10.14
C ILE R 138 -86.64 89.59 11.57
N PRO R 139 -85.80 90.59 11.84
CA PRO R 139 -85.48 90.91 13.23
C PRO R 139 -86.73 91.17 14.06
N LEU R 140 -86.70 90.73 15.32
CA LEU R 140 -87.91 90.64 16.14
C LEU R 140 -88.20 91.95 16.88
N ALA R 141 -87.29 92.35 17.78
CA ALA R 141 -87.56 93.52 18.59
C ALA R 141 -87.42 94.79 17.76
N THR R 142 -88.33 95.74 18.02
CA THR R 142 -88.34 96.98 17.24
C THR R 142 -87.05 97.77 17.46
N GLN R 143 -86.70 98.03 18.71
CA GLN R 143 -85.51 98.80 19.03
C GLN R 143 -85.06 98.45 20.43
N ILE R 144 -83.81 98.01 20.54
CA ILE R 144 -83.19 97.67 21.81
C ILE R 144 -81.97 98.55 21.99
N ASP R 145 -81.87 99.19 23.15
CA ASP R 145 -80.72 100.02 23.45
C ASP R 145 -79.46 99.17 23.49
N GLY R 146 -78.40 99.63 22.83
CA GLY R 146 -77.16 98.89 22.79
C GLY R 146 -75.97 99.77 22.44
N ILE R 147 -74.85 99.15 22.12
CA ILE R 147 -73.59 99.85 21.90
C ILE R 147 -73.00 99.41 20.57
N LYS R 148 -72.46 100.36 19.82
CA LYS R 148 -71.88 100.11 18.51
C LYS R 148 -70.37 100.34 18.55
N PHE R 149 -69.63 99.40 17.94
CA PHE R 149 -68.18 99.37 17.93
C PHE R 149 -67.67 99.32 16.50
N ARG R 150 -66.48 99.88 16.29
CA ARG R 150 -65.78 99.79 15.01
C ARG R 150 -64.29 99.86 15.28
N PHE R 151 -63.58 98.74 15.10
CA PHE R 151 -62.18 98.67 15.47
C PHE R 151 -61.29 99.32 14.40
N VAL R 152 -60.13 99.79 14.83
CA VAL R 152 -59.20 100.53 13.97
C VAL R 152 -57.78 100.11 14.29
N LEU R 153 -56.96 99.93 13.26
CA LEU R 153 -55.54 99.59 13.39
C LEU R 153 -54.76 100.51 12.47
N GLU R 154 -53.93 101.38 13.02
CA GLU R 154 -53.27 102.37 12.18
C GLU R 154 -51.93 102.77 12.75
N LYS R 155 -51.13 103.40 11.90
CA LYS R 155 -49.81 103.85 12.30
C LYS R 155 -49.90 104.86 13.45
N ILE R 156 -48.97 104.75 14.40
CA ILE R 156 -48.90 105.70 15.49
C ILE R 156 -48.20 106.96 15.00
N GLU R 157 -48.92 108.09 15.00
CA GLU R 157 -48.39 109.34 14.50
C GLU R 157 -47.39 109.94 15.48
N THR R 158 -46.45 110.71 14.93
CA THR R 158 -45.38 111.32 15.70
C THR R 158 -45.68 112.80 15.98
N ASN R 159 -44.95 113.34 16.95
CA ASN R 159 -45.15 114.72 17.35
C ASN R 159 -44.57 115.68 16.30
N GLU R 160 -45.00 116.94 16.37
CA GLU R 160 -44.54 117.94 15.41
C GLU R 160 -43.04 118.16 15.48
N SER R 161 -42.42 117.84 16.61
CA SER R 161 -40.97 117.98 16.75
C SER R 161 -40.21 116.78 16.19
N GLY R 162 -40.89 115.67 15.91
CA GLY R 162 -40.23 114.47 15.43
C GLY R 162 -39.98 113.47 16.55
N VAL R 163 -40.96 113.28 17.42
CA VAL R 163 -40.88 112.32 18.51
C VAL R 163 -42.15 111.49 18.51
N SER R 164 -41.98 110.18 18.61
CA SER R 164 -43.13 109.28 18.55
C SER R 164 -43.96 109.37 19.82
N GLN R 165 -45.27 109.14 19.67
CA GLN R 165 -46.21 109.15 20.77
C GLN R 165 -46.53 107.75 21.28
N TYR R 166 -45.52 106.88 21.28
CA TYR R 166 -45.74 105.47 21.58
C TYR R 166 -46.51 105.31 22.89
N LYS R 167 -46.10 106.02 23.93
CA LYS R 167 -46.65 105.87 25.26
C LYS R 167 -47.73 106.89 25.60
N LYS R 168 -48.08 107.77 24.65
CA LYS R 168 -48.75 109.02 25.01
C LYS R 168 -49.88 109.35 24.03
N ARG R 169 -50.72 108.39 23.68
CA ARG R 169 -51.87 108.70 22.85
C ARG R 169 -53.06 109.09 23.72
N THR R 170 -54.02 109.78 23.10
CA THR R 170 -55.18 110.31 23.81
C THR R 170 -56.43 110.15 22.94
N ALA R 171 -57.58 110.17 23.60
CA ALA R 171 -58.84 109.95 22.90
C ALA R 171 -59.18 111.14 22.01
N LYS R 172 -60.07 110.89 21.05
CA LYS R 172 -60.48 111.91 20.09
C LYS R 172 -61.92 111.68 19.68
N ALA R 173 -62.43 112.58 18.86
CA ALA R 173 -63.79 112.43 18.33
C ALA R 173 -63.80 111.43 17.18
N GLY R 174 -64.85 110.61 17.13
CA GLY R 174 -64.97 109.58 16.14
C GLY R 174 -65.74 110.02 14.91
N THR R 175 -66.12 109.04 14.09
CA THR R 175 -66.89 109.29 12.89
C THR R 175 -68.17 108.46 12.80
N ILE R 176 -68.21 107.27 13.39
CA ILE R 176 -69.44 106.49 13.39
C ILE R 176 -70.40 107.08 14.42
N GLY R 177 -71.66 107.23 14.00
CA GLY R 177 -72.63 107.83 14.89
C GLY R 177 -72.33 109.27 15.24
N THR R 178 -71.87 110.07 14.27
CA THR R 178 -71.63 111.49 14.52
C THR R 178 -72.92 112.26 14.74
N GLU R 179 -74.09 111.67 14.48
CA GLU R 179 -75.33 112.30 14.86
C GLU R 179 -75.34 112.64 16.34
N ALA R 180 -74.69 111.82 17.16
CA ALA R 180 -74.42 112.12 18.55
C ALA R 180 -72.93 112.30 18.72
N THR R 181 -72.53 113.46 19.25
CA THR R 181 -71.12 113.75 19.43
C THR R 181 -70.37 112.69 20.24
N PRO R 182 -70.94 112.12 21.31
CA PRO R 182 -70.15 111.22 22.18
C PRO R 182 -69.50 110.03 21.47
N SER R 183 -69.71 109.87 20.15
CA SER R 183 -68.95 108.90 19.40
C SER R 183 -67.46 109.23 19.46
N THR R 184 -66.67 108.32 20.01
CA THR R 184 -65.25 108.63 20.26
C THR R 184 -64.33 107.50 19.84
N ILE R 185 -63.14 107.89 19.38
CA ILE R 185 -62.04 106.94 19.23
C ILE R 185 -61.27 106.85 20.54
N THR R 186 -61.15 105.64 21.07
CA THR R 186 -60.34 105.45 22.27
C THR R 186 -59.30 104.36 22.01
N PRO R 187 -58.05 104.59 22.43
CA PRO R 187 -57.00 103.60 22.16
C PRO R 187 -57.02 102.42 23.11
N LEU R 188 -56.47 101.30 22.66
CA LEU R 188 -56.46 100.05 23.40
C LEU R 188 -55.08 99.46 23.60
N ALA R 189 -54.18 99.60 22.62
CA ALA R 189 -52.85 99.02 22.74
C ALA R 189 -51.94 99.58 21.66
N ASP R 190 -50.63 99.42 21.87
CA ASP R 190 -49.61 99.81 20.91
C ASP R 190 -48.67 98.63 20.67
N PHE R 191 -48.16 98.54 19.45
CA PHE R 191 -47.14 97.56 19.09
C PHE R 191 -46.06 98.26 18.29
N ARG R 192 -44.82 97.81 18.46
CA ARG R 192 -43.68 98.49 17.85
C ARG R 192 -42.62 97.46 17.49
N CYS R 193 -41.87 97.75 16.43
CA CYS R 193 -40.78 96.87 16.00
C CYS R 193 -39.58 97.02 16.92
N ARG R 194 -38.77 95.97 16.98
CA ARG R 194 -37.62 95.95 17.88
C ARG R 194 -36.36 96.51 17.25
N PHE R 195 -36.23 96.47 15.93
CA PHE R 195 -35.05 96.93 15.24
C PHE R 195 -35.45 98.02 14.24
N LYS R 196 -34.45 98.56 13.55
CA LYS R 196 -34.66 99.56 12.51
C LYS R 196 -34.31 98.92 11.17
N SER R 197 -35.32 98.38 10.50
CA SER R 197 -35.11 97.71 9.22
C SER R 197 -36.47 97.36 8.63
N SER R 198 -36.43 96.85 7.40
CA SER R 198 -37.65 96.45 6.71
C SER R 198 -38.32 95.24 7.35
N LEU R 199 -37.62 94.57 8.28
CA LEU R 199 -38.25 93.48 9.00
C LEU R 199 -39.50 93.97 9.73
N GLY R 200 -39.48 95.20 10.24
CA GLY R 200 -40.66 95.74 10.89
C GLY R 200 -41.82 95.94 9.93
N ALA R 201 -41.55 96.50 8.76
CA ALA R 201 -42.60 96.68 7.78
C ALA R 201 -43.13 95.37 7.25
N ASN R 202 -42.35 94.29 7.30
CA ASN R 202 -42.82 92.99 6.86
C ASN R 202 -43.40 92.12 7.98
N THR R 203 -43.24 92.52 9.24
CA THR R 203 -43.84 91.76 10.34
C THR R 203 -45.33 92.05 10.45
N ALA R 204 -46.09 91.03 10.84
CA ALA R 204 -47.53 91.14 10.95
C ALA R 204 -48.01 90.35 12.17
N LEU R 205 -49.20 90.70 12.66
CA LEU R 205 -49.75 90.07 13.86
C LEU R 205 -51.24 89.82 13.69
N ARG R 206 -51.73 88.81 14.42
CA ARG R 206 -53.14 88.45 14.43
C ARG R 206 -53.63 88.31 15.86
N ILE R 207 -54.85 88.78 16.11
CA ILE R 207 -55.53 88.62 17.39
C ILE R 207 -56.94 88.16 17.11
N TRP R 208 -57.42 87.17 17.86
CA TRP R 208 -58.81 86.76 17.70
C TRP R 208 -59.31 86.10 18.98
N ALA R 209 -60.61 85.85 19.02
CA ALA R 209 -61.27 85.30 20.19
C ALA R 209 -62.00 84.02 19.83
N PRO R 210 -61.47 82.85 20.17
CA PRO R 210 -62.11 81.59 19.75
C PRO R 210 -63.19 81.14 20.71
N THR R 211 -64.10 80.33 20.19
CA THR R 211 -65.18 79.72 20.96
C THR R 211 -65.04 78.20 20.87
N ILE R 212 -66.06 77.49 21.38
CA ILE R 212 -65.98 76.04 21.49
C ILE R 212 -65.80 75.40 20.11
N ASN R 213 -66.30 76.04 19.06
CA ASN R 213 -66.33 75.46 17.73
C ASN R 213 -65.16 75.88 16.85
N SER R 214 -64.22 76.66 17.36
CA SER R 214 -63.13 77.15 16.54
C SER R 214 -62.19 76.01 16.15
N ALA R 215 -61.25 76.32 15.25
CA ALA R 215 -60.20 75.37 14.92
C ALA R 215 -59.34 75.03 16.12
N GLN R 216 -58.96 76.02 16.92
CA GLN R 216 -58.33 75.81 18.22
C GLN R 216 -59.41 76.00 19.27
N ALA R 217 -60.14 74.93 19.55
CA ALA R 217 -61.30 75.03 20.43
C ALA R 217 -60.91 75.53 21.80
N ALA R 218 -61.67 76.50 22.32
CA ALA R 218 -61.44 77.01 23.65
C ALA R 218 -62.20 76.17 24.68
N ASP R 219 -61.84 76.36 25.95
CA ASP R 219 -62.42 75.60 27.05
C ASP R 219 -62.98 76.54 28.10
N ALA R 220 -64.22 76.27 28.52
CA ALA R 220 -64.90 77.15 29.47
C ALA R 220 -64.40 76.93 30.89
N ASP R 221 -63.90 75.75 31.20
CA ASP R 221 -63.52 75.45 32.58
C ASP R 221 -62.35 76.31 33.03
N LEU R 222 -61.35 76.50 32.18
CA LEU R 222 -60.22 77.35 32.56
C LEU R 222 -60.66 78.78 32.80
N GLN R 223 -61.55 79.29 31.94
CA GLN R 223 -62.02 80.66 32.12
C GLN R 223 -62.83 80.79 33.41
N ALA R 224 -63.64 79.77 33.73
CA ALA R 224 -64.33 79.80 35.01
C ALA R 224 -63.34 79.80 36.18
N ARG R 225 -62.30 78.97 36.08
CA ARG R 225 -61.33 78.88 37.16
C ARG R 225 -60.60 80.19 37.37
N ILE R 226 -60.21 80.86 36.28
CA ILE R 226 -59.68 82.21 36.31
C ILE R 226 -60.54 83.05 35.38
N LYS R 227 -61.25 84.02 35.95
CA LYS R 227 -62.28 84.74 35.20
C LYS R 227 -61.60 85.78 34.32
N SER R 228 -61.42 85.42 33.06
CA SER R 228 -60.92 86.32 32.03
C SER R 228 -61.05 85.62 30.70
N PHE R 229 -61.53 86.36 29.69
CA PHE R 229 -61.59 85.80 28.36
C PHE R 229 -60.19 85.66 27.79
N LEU R 230 -59.94 84.54 27.11
CA LEU R 230 -58.64 84.23 26.56
C LEU R 230 -58.67 84.42 25.04
N TYR R 231 -57.77 85.25 24.54
CA TYR R 231 -57.66 85.54 23.13
C TYR R 231 -56.39 84.90 22.57
N ARG R 232 -56.48 84.46 21.32
CA ARG R 232 -55.33 83.91 20.61
C ARG R 232 -54.55 85.01 19.93
N PHE R 233 -53.23 84.90 20.00
CA PHE R 233 -52.28 85.87 19.48
C PHE R 233 -51.26 85.16 18.61
N GLN R 234 -50.89 85.77 17.48
CA GLN R 234 -49.96 85.14 16.54
C GLN R 234 -49.10 86.19 15.86
N ILE R 235 -47.87 85.80 15.54
CA ILE R 235 -46.91 86.65 14.83
C ILE R 235 -46.52 85.95 13.52
N LEU R 236 -46.45 86.72 12.44
CA LEU R 236 -46.06 86.20 11.13
C LEU R 236 -45.08 87.16 10.49
N THR R 237 -44.29 86.66 9.54
CA THR R 237 -43.35 87.50 8.81
C THR R 237 -43.22 86.99 7.39
N ARG R 238 -43.05 87.91 6.44
CA ARG R 238 -42.93 87.56 5.03
C ARG R 238 -41.54 87.93 4.54
N ALA R 239 -41.21 87.45 3.34
CA ALA R 239 -39.88 87.66 2.78
C ALA R 239 -39.79 89.02 2.08
N ASP R 240 -40.69 89.28 1.14
CA ASP R 240 -40.73 90.55 0.44
C ASP R 240 -42.18 91.02 0.39
N LYS R 241 -42.38 92.12 -0.32
CA LYS R 241 -43.73 92.69 -0.41
C LYS R 241 -44.67 91.77 -1.18
N ALA R 242 -44.14 90.94 -2.08
CA ALA R 242 -44.97 90.09 -2.91
C ALA R 242 -45.09 88.65 -2.40
N SER R 243 -44.36 88.29 -1.34
CA SER R 243 -44.38 86.92 -0.84
C SER R 243 -45.58 86.72 0.07
N SER R 244 -45.60 85.60 0.78
CA SER R 244 -46.68 85.28 1.71
C SER R 244 -46.10 85.05 3.09
N PRO R 245 -46.88 85.28 4.15
CA PRO R 245 -46.33 85.22 5.51
C PRO R 245 -46.05 83.80 5.95
N THR R 246 -45.21 83.69 6.97
CA THR R 246 -44.87 82.44 7.63
C THR R 246 -44.90 82.67 9.13
N ILE R 247 -45.41 81.68 9.87
CA ILE R 247 -45.62 81.86 11.30
C ILE R 247 -44.28 81.91 12.01
N PHE R 248 -44.19 82.79 13.00
CA PHE R 248 -43.03 82.90 13.87
C PHE R 248 -43.39 82.24 15.19
N GLU R 249 -42.80 81.08 15.45
CA GLU R 249 -43.22 80.26 16.58
C GLU R 249 -42.51 80.70 17.86
N THR R 250 -43.15 80.37 18.99
CA THR R 250 -42.54 80.64 20.28
C THR R 250 -41.33 79.74 20.48
N ILE R 251 -40.56 80.02 21.52
CA ILE R 251 -39.34 79.27 21.78
C ILE R 251 -39.64 77.82 22.17
N TYR R 252 -40.91 77.47 22.32
CA TYR R 252 -41.32 76.11 22.64
C TYR R 252 -41.94 75.40 21.45
N ASN R 253 -41.82 75.97 20.25
CA ASN R 253 -42.35 75.37 19.03
C ASN R 253 -43.88 75.30 19.07
N GLU R 254 -44.49 76.46 19.33
CA GLU R 254 -45.94 76.62 19.24
C GLU R 254 -46.25 77.73 18.25
N PRO R 255 -47.39 77.64 17.55
CA PRO R 255 -47.70 78.67 16.54
C PRO R 255 -48.38 79.90 17.10
N SER R 256 -49.02 79.81 18.27
CA SER R 256 -49.78 80.93 18.80
C SER R 256 -49.85 80.84 20.31
N LEU R 257 -50.27 81.95 20.94
CA LEU R 257 -50.37 82.07 22.38
C LEU R 257 -51.80 82.37 22.80
N SER R 258 -52.12 82.02 24.05
CA SER R 258 -53.36 82.44 24.71
C SER R 258 -53.05 83.48 25.77
N VAL R 259 -53.72 84.63 25.69
CA VAL R 259 -53.47 85.74 26.60
C VAL R 259 -54.81 86.29 27.08
N GLY R 260 -54.76 87.13 28.10
CA GLY R 260 -55.98 87.69 28.67
C GLY R 260 -55.72 88.98 29.41
N PHE R 261 -56.81 89.70 29.67
CA PHE R 261 -56.74 90.96 30.40
C PHE R 261 -56.92 90.73 31.90
N GLY R 262 -56.16 91.47 32.69
CA GLY R 262 -56.25 91.39 34.14
C GLY R 262 -54.94 91.69 34.81
N GLU R 263 -54.92 91.67 36.16
CA GLU R 263 -53.71 92.05 36.88
C GLU R 263 -52.69 90.92 36.91
N ASN R 264 -53.04 89.81 37.54
CA ASN R 264 -52.20 88.61 37.48
C ASN R 264 -53.10 87.40 37.38
N LEU R 265 -53.04 86.72 36.25
CA LEU R 265 -53.91 85.58 35.96
C LEU R 265 -53.13 84.29 36.19
N VAL R 266 -53.09 83.88 37.45
CA VAL R 266 -52.39 82.67 37.84
C VAL R 266 -53.38 81.53 37.97
N ASP R 267 -52.99 80.36 37.48
CA ASP R 267 -53.85 79.19 37.49
C ASP R 267 -53.45 78.29 38.65
N PRO R 268 -54.26 78.16 39.71
CA PRO R 268 -53.84 77.33 40.85
C PRO R 268 -53.58 75.88 40.48
N GLN R 269 -54.37 75.29 39.58
CA GLN R 269 -54.22 73.89 39.22
C GLN R 269 -52.94 73.60 38.46
N THR R 270 -52.38 74.59 37.78
CA THR R 270 -51.17 74.38 36.99
C THR R 270 -50.16 75.51 37.11
N GLU R 271 -50.44 76.56 37.87
CA GLU R 271 -49.52 77.68 38.08
C GLU R 271 -49.10 78.36 36.79
N VAL R 272 -49.97 78.36 35.77
CA VAL R 272 -49.67 79.07 34.53
C VAL R 272 -50.12 80.53 34.67
N VAL R 273 -49.35 81.43 34.08
CA VAL R 273 -49.63 82.86 34.11
C VAL R 273 -50.10 83.28 32.73
N TYR R 274 -51.32 83.80 32.65
CA TYR R 274 -51.92 84.17 31.37
C TYR R 274 -51.91 85.67 31.12
N ASP R 275 -51.04 86.42 31.78
CA ASP R 275 -51.00 87.87 31.56
C ASP R 275 -50.51 88.18 30.16
N PHE R 276 -51.08 89.23 29.56
CA PHE R 276 -50.84 89.53 28.16
C PHE R 276 -49.37 89.83 27.88
N VAL R 277 -48.88 90.95 28.40
CA VAL R 277 -47.55 91.43 28.04
C VAL R 277 -46.48 90.49 28.57
N GLU R 278 -46.60 90.08 29.83
CA GLU R 278 -45.58 89.23 30.43
C GLU R 278 -45.47 87.92 29.68
N ARG R 279 -46.61 87.28 29.40
CA ARG R 279 -46.58 86.01 28.70
C ARG R 279 -45.99 86.16 27.31
N ILE R 280 -46.43 87.19 26.57
CA ILE R 280 -45.92 87.37 25.21
C ILE R 280 -44.40 87.51 25.24
N ASP R 281 -43.92 88.42 26.08
CA ASP R 281 -42.50 88.80 26.01
C ASP R 281 -41.63 87.73 26.65
N SER R 282 -42.21 86.84 27.46
CA SER R 282 -41.42 85.74 28.02
C SER R 282 -41.42 84.53 27.11
N ARG R 283 -42.51 84.31 26.37
CA ARG R 283 -42.62 83.12 25.54
C ARG R 283 -41.99 83.31 24.18
N TYR R 284 -41.86 84.55 23.69
CA TYR R 284 -41.36 84.73 22.33
C TYR R 284 -39.89 85.09 22.24
N ASN R 285 -39.19 85.25 23.36
CA ASN R 285 -37.78 85.67 23.34
C ASN R 285 -36.91 84.71 24.12
N ASP R 286 -35.60 84.81 23.85
CA ASP R 286 -34.62 83.96 24.51
C ASP R 286 -33.27 84.66 24.41
N GLU R 287 -32.80 85.21 25.54
CA GLU R 287 -31.57 86.00 25.57
C GLU R 287 -30.32 85.19 25.89
N ASP R 288 -30.46 83.90 26.19
CA ASP R 288 -29.31 83.12 26.62
C ASP R 288 -28.28 83.05 25.50
N PRO R 289 -27.03 83.48 25.73
CA PRO R 289 -26.07 83.52 24.62
C PRO R 289 -25.90 82.28 23.77
N SER R 290 -26.24 81.10 24.30
CA SER R 290 -26.10 79.87 23.54
C SER R 290 -27.33 79.56 22.71
N THR R 291 -28.52 79.92 23.19
CA THR R 291 -29.77 79.71 22.46
C THR R 291 -30.42 81.09 22.35
N TYR R 292 -30.05 81.84 21.31
CA TYR R 292 -30.33 83.26 21.25
C TYR R 292 -31.31 83.53 20.12
N LEU R 293 -32.45 84.13 20.46
CA LEU R 293 -33.43 84.59 19.47
C LEU R 293 -34.25 85.70 20.07
N MET R 294 -34.36 86.81 19.35
CA MET R 294 -35.16 87.95 19.78
C MET R 294 -36.30 88.15 18.81
N SER R 295 -37.51 88.28 19.34
CA SER R 295 -38.68 88.41 18.49
C SER R 295 -38.64 89.72 17.72
N PRO R 296 -39.23 89.79 16.53
CA PRO R 296 -39.29 91.09 15.82
C PRO R 296 -40.06 92.15 16.58
N LEU R 297 -41.12 91.77 17.30
CA LEU R 297 -41.86 92.74 18.10
C LEU R 297 -41.11 93.08 19.37
N ASP R 298 -41.23 94.34 19.80
CA ASP R 298 -40.77 94.75 21.11
C ASP R 298 -41.83 94.40 22.16
N THR R 299 -41.68 94.94 23.34
CA THR R 299 -42.63 94.64 24.42
C THR R 299 -43.94 95.40 24.19
N PRO R 300 -45.08 94.72 24.09
CA PRO R 300 -46.34 95.43 23.83
C PRO R 300 -46.73 96.33 24.99
N TYR R 301 -47.60 97.29 24.70
CA TYR R 301 -48.17 98.18 25.70
C TYR R 301 -49.69 98.05 25.68
N LEU R 302 -50.31 98.26 26.84
CA LEU R 302 -51.77 98.24 26.94
C LEU R 302 -52.24 99.51 27.64
N TYR R 303 -53.35 100.07 27.16
CA TYR R 303 -54.00 101.21 27.82
C TYR R 303 -55.01 100.67 28.81
N GLN R 304 -54.51 100.39 30.02
CA GLN R 304 -55.32 99.72 31.02
C GLN R 304 -56.52 100.57 31.42
N ALA R 305 -56.32 101.88 31.56
CA ALA R 305 -57.41 102.75 31.97
C ALA R 305 -58.57 102.67 30.97
N ASN R 306 -58.27 102.84 29.69
CA ASN R 306 -59.33 102.89 28.69
C ASN R 306 -59.97 101.51 28.48
N ILE R 307 -59.15 100.45 28.46
CA ILE R 307 -59.71 99.12 28.29
C ILE R 307 -60.63 98.79 29.46
N ASP R 308 -60.20 99.11 30.68
CA ASP R 308 -61.04 98.88 31.84
C ASP R 308 -62.31 99.72 31.79
N SER R 309 -62.20 100.97 31.32
CA SER R 309 -63.37 101.82 31.22
C SER R 309 -64.39 101.23 30.28
N VAL R 310 -63.95 100.76 29.10
CA VAL R 310 -64.89 100.20 28.14
C VAL R 310 -65.50 98.91 28.66
N LEU R 311 -64.69 98.06 29.30
CA LEU R 311 -65.22 96.83 29.89
C LEU R 311 -66.28 97.15 30.94
N THR R 312 -66.00 98.14 31.80
CA THR R 312 -66.95 98.52 32.83
C THR R 312 -68.23 99.08 32.21
N ALA R 313 -68.09 99.87 31.15
CA ALA R 313 -69.27 100.41 30.50
C ALA R 313 -70.17 99.31 29.96
N ILE R 314 -69.57 98.36 29.23
CA ILE R 314 -70.38 97.29 28.65
C ILE R 314 -70.98 96.43 29.75
N GLN R 315 -70.24 96.20 30.85
CA GLN R 315 -70.81 95.44 31.96
C GLN R 315 -72.00 96.18 32.56
N GLU R 316 -71.80 97.44 32.93
CA GLU R 316 -72.90 98.24 33.47
C GLU R 316 -74.13 98.17 32.58
N LEU R 317 -73.92 98.23 31.26
CA LEU R 317 -75.05 98.23 30.35
C LEU R 317 -75.74 96.87 30.33
N GLU R 318 -75.03 95.83 29.93
CA GLU R 318 -75.67 94.55 29.57
C GLU R 318 -75.26 93.39 30.46
N ALA R 319 -74.42 93.61 31.47
CA ALA R 319 -74.16 92.52 32.42
C ALA R 319 -75.43 92.16 33.17
N PRO R 320 -76.20 93.10 33.73
CA PRO R 320 -77.50 92.73 34.30
C PRO R 320 -78.55 92.55 33.21
N PHE R 321 -78.47 91.43 32.50
CA PHE R 321 -79.39 91.16 31.41
C PHE R 321 -79.59 89.66 31.30
N ASP R 322 -80.28 89.24 30.23
CA ASP R 322 -80.77 87.87 30.15
C ASP R 322 -79.66 86.84 30.04
N THR R 323 -78.72 87.01 29.11
CA THR R 323 -77.83 85.91 28.75
C THR R 323 -76.35 86.21 28.99
N VAL R 324 -76.01 87.01 30.00
CA VAL R 324 -74.62 87.26 30.36
C VAL R 324 -74.55 87.41 31.87
N SER R 325 -73.40 87.05 32.44
CA SER R 325 -73.21 87.13 33.87
C SER R 325 -73.18 88.59 34.32
N ALA R 326 -73.83 88.86 35.46
CA ALA R 326 -73.89 90.21 36.00
C ALA R 326 -72.94 90.43 37.16
N ASP R 327 -72.25 89.39 37.62
CA ASP R 327 -71.39 89.52 38.79
C ASP R 327 -70.35 90.60 38.59
N GLU R 328 -69.73 91.00 39.69
CA GLU R 328 -68.75 92.09 39.65
C GLU R 328 -67.51 91.68 38.85
N ASP R 329 -67.02 90.47 39.05
CA ASP R 329 -65.75 90.04 38.49
C ASP R 329 -65.82 89.59 37.04
N ASP R 330 -67.03 89.50 36.47
CA ASP R 330 -67.17 89.16 35.06
C ASP R 330 -66.66 90.26 34.15
N LEU R 331 -66.26 91.40 34.72
CA LEU R 331 -65.76 92.51 33.92
C LEU R 331 -64.67 92.05 32.97
N TYR R 332 -63.67 91.32 33.48
CA TYR R 332 -62.61 90.81 32.63
C TYR R 332 -63.02 89.56 31.87
N GLN R 333 -64.15 88.94 32.20
CA GLN R 333 -64.66 87.87 31.36
C GLN R 333 -65.26 88.42 30.08
N ILE R 334 -65.82 89.63 30.12
CA ILE R 334 -66.52 90.19 28.97
C ILE R 334 -65.69 90.01 27.71
N ASN R 335 -66.29 89.42 26.67
CA ASN R 335 -65.61 89.24 25.39
C ASN R 335 -65.67 90.55 24.61
N LEU R 336 -64.52 91.17 24.39
CA LEU R 336 -64.49 92.48 23.74
C LEU R 336 -64.45 92.37 22.23
N PHE R 337 -63.42 91.71 21.69
CA PHE R 337 -63.23 91.67 20.24
C PHE R 337 -64.34 90.91 19.54
N GLY R 338 -64.80 89.82 20.12
CA GLY R 338 -65.96 89.10 19.62
C GLY R 338 -67.24 89.71 20.14
N ALA R 339 -68.35 89.03 19.87
CA ALA R 339 -69.65 89.48 20.32
C ALA R 339 -70.43 88.32 20.91
N GLN R 340 -69.72 87.42 21.60
CA GLN R 340 -70.35 86.23 22.17
C GLN R 340 -69.45 85.70 23.27
N THR R 341 -70.02 84.85 24.12
CA THR R 341 -69.25 84.22 25.18
C THR R 341 -68.49 83.01 24.64
N VAL R 342 -67.79 82.33 25.55
CA VAL R 342 -66.97 81.18 25.15
C VAL R 342 -67.84 80.10 24.51
N GLU R 343 -69.03 79.87 25.04
CA GLU R 343 -69.91 78.86 24.47
C GLU R 343 -70.45 79.25 23.10
N GLY R 344 -70.31 80.51 22.71
CA GLY R 344 -70.76 80.92 21.38
C GLY R 344 -72.19 81.41 21.33
N VAL R 345 -72.66 82.09 22.36
CA VAL R 345 -73.99 82.70 22.39
C VAL R 345 -73.84 84.18 22.05
N PRO R 346 -74.46 84.67 20.97
CA PRO R 346 -74.20 86.05 20.56
C PRO R 346 -74.67 87.06 21.60
N TYR R 347 -73.90 88.14 21.73
CA TYR R 347 -74.30 89.28 22.55
C TYR R 347 -75.30 90.12 21.76
N HIS R 348 -76.57 90.07 22.14
CA HIS R 348 -77.49 91.08 21.66
C HIS R 348 -77.33 92.34 22.49
N ALA R 349 -77.64 93.49 21.87
CA ALA R 349 -77.38 94.83 22.39
C ALA R 349 -75.95 95.29 22.15
N VAL R 350 -75.15 94.53 21.43
CA VAL R 350 -73.82 94.97 21.01
C VAL R 350 -73.67 94.69 19.52
N GLN R 351 -73.30 95.71 18.77
CA GLN R 351 -73.17 95.61 17.32
C GLN R 351 -71.77 96.05 16.91
N ILE R 352 -71.10 95.22 16.13
CA ILE R 352 -69.75 95.49 15.63
C ILE R 352 -69.87 95.70 14.13
N LEU R 353 -69.37 96.84 13.65
CA LEU R 353 -69.52 97.18 12.23
C LEU R 353 -68.47 96.45 11.40
N GLY R 354 -68.91 95.93 10.26
CA GLY R 354 -68.06 95.11 9.42
C GLY R 354 -67.14 95.93 8.52
N VAL R 355 -66.56 95.24 7.55
CA VAL R 355 -65.58 95.88 6.65
C VAL R 355 -66.28 96.94 5.79
N LEU R 356 -67.39 96.58 5.18
CA LEU R 356 -68.10 97.52 4.31
C LEU R 356 -68.51 98.78 5.07
N ASP R 357 -68.64 98.68 6.38
CA ASP R 357 -68.97 99.81 7.22
C ASP R 357 -67.74 100.54 7.76
N GLY R 358 -66.56 100.15 7.33
CA GLY R 358 -65.34 100.82 7.74
C GLY R 358 -64.63 100.19 8.91
N GLY R 359 -65.05 99.00 9.36
CA GLY R 359 -64.44 98.35 10.49
C GLY R 359 -63.36 97.37 10.08
N VAL R 360 -62.73 96.76 11.09
CA VAL R 360 -61.70 95.76 10.90
C VAL R 360 -62.18 94.48 11.57
N THR R 361 -62.18 93.39 10.81
CA THR R 361 -62.66 92.10 11.30
C THR R 361 -61.46 91.35 11.91
N LEU R 362 -61.44 91.26 13.24
CA LEU R 362 -60.38 90.53 13.94
C LEU R 362 -60.78 89.07 14.01
N THR R 363 -60.34 88.31 13.01
CA THR R 363 -60.55 86.87 12.95
C THR R 363 -59.21 86.18 12.78
N GLU R 364 -59.26 84.86 12.65
CA GLU R 364 -58.04 84.06 12.57
C GLU R 364 -57.42 84.06 11.18
N THR R 365 -58.08 84.65 10.19
CA THR R 365 -57.54 84.73 8.84
C THR R 365 -57.12 86.14 8.42
N ALA R 366 -57.57 87.16 9.14
CA ALA R 366 -57.11 88.52 8.86
C ALA R 366 -55.67 88.71 9.33
N THR R 367 -54.94 89.57 8.64
CA THR R 367 -53.54 89.85 8.96
C THR R 367 -53.32 91.36 8.97
N ASN R 368 -52.40 91.81 9.82
CA ASN R 368 -52.15 93.24 10.02
C ASN R 368 -50.66 93.49 10.03
N TYR R 369 -50.21 94.47 9.26
CA TYR R 369 -48.80 94.77 9.08
C TYR R 369 -48.45 96.11 9.71
N LEU R 370 -47.30 96.15 10.38
CA LEU R 370 -46.83 97.39 10.95
C LEU R 370 -46.47 98.38 9.85
N GLN R 371 -46.60 99.67 10.15
CA GLN R 371 -46.45 100.74 9.17
C GLN R 371 -45.17 101.51 9.43
N GLY R 372 -44.41 101.78 8.38
CA GLY R 372 -43.23 102.62 8.46
C GLY R 372 -41.93 101.84 8.41
N GLY R 373 -40.86 102.44 8.93
CA GLY R 373 -39.59 101.76 8.99
C GLY R 373 -38.86 101.76 7.66
N GLY R 374 -37.70 101.12 7.67
CA GLY R 374 -36.84 101.04 6.50
C GLY R 374 -35.39 100.90 6.93
N ASP R 375 -34.53 100.65 5.94
CA ASP R 375 -33.11 100.42 6.21
C ASP R 375 -32.26 101.65 6.00
N GLY R 376 -32.60 102.50 5.04
CA GLY R 376 -31.76 103.62 4.68
C GLY R 376 -31.07 103.39 3.34
N THR R 377 -30.15 104.29 3.03
CA THR R 377 -29.42 104.25 1.77
C THR R 377 -28.29 103.24 1.89
N LEU R 378 -28.38 102.16 1.12
CA LEU R 378 -27.43 101.06 1.18
C LEU R 378 -26.56 101.07 -0.08
N GLY R 379 -25.40 100.45 0.05
CA GLY R 379 -24.43 100.39 -1.03
C GLY R 379 -23.03 100.68 -0.52
N ASN R 380 -22.06 100.54 -1.43
CA ASN R 380 -20.67 100.71 -1.05
C ASN R 380 -20.36 102.17 -0.68
N ASP R 381 -21.02 103.13 -1.31
CA ASP R 381 -20.73 104.53 -1.01
C ASP R 381 -21.15 104.88 0.42
N SER R 382 -22.39 104.55 0.78
CA SER R 382 -22.83 104.79 2.14
C SER R 382 -22.05 103.93 3.14
N PHE R 383 -21.66 102.71 2.73
CA PHE R 383 -20.85 101.89 3.63
C PHE R 383 -19.51 102.55 3.92
N ASN R 384 -18.85 103.09 2.89
CA ASN R 384 -17.60 103.79 3.10
C ASN R 384 -17.81 105.01 3.98
N ALA R 385 -18.90 105.74 3.76
CA ALA R 385 -19.18 106.91 4.59
C ALA R 385 -19.31 106.51 6.07
N ALA R 386 -20.08 105.46 6.35
CA ALA R 386 -20.27 105.04 7.74
C ALA R 386 -18.97 104.53 8.35
N ALA R 387 -18.22 103.73 7.60
CA ALA R 387 -16.95 103.23 8.11
C ALA R 387 -16.00 104.37 8.43
N TYR R 388 -15.95 105.38 7.56
CA TYR R 388 -15.11 106.55 7.84
C TYR R 388 -15.60 107.28 9.07
N ALA R 389 -16.92 107.42 9.22
CA ALA R 389 -17.43 108.10 10.40
C ALA R 389 -17.00 107.39 11.67
N VAL R 390 -16.97 106.07 11.65
CA VAL R 390 -16.50 105.32 12.82
C VAL R 390 -15.00 105.47 13.02
N LEU R 391 -14.22 105.35 11.95
CA LEU R 391 -12.77 105.27 12.10
C LEU R 391 -12.13 106.62 12.40
N SER R 392 -12.63 107.70 11.82
CA SER R 392 -11.99 109.00 12.03
C SER R 392 -12.07 109.43 13.48
N ASN R 393 -13.21 109.20 14.14
CA ASN R 393 -13.41 109.58 15.53
C ASN R 393 -13.24 108.34 16.40
N LEU R 394 -11.99 108.03 16.72
CA LEU R 394 -11.71 106.90 17.59
C LEU R 394 -11.45 107.30 19.03
N SER R 395 -10.84 108.46 19.25
CA SER R 395 -10.45 108.89 20.59
C SER R 395 -11.54 109.67 21.31
N ASN R 396 -12.64 110.00 20.64
CA ASN R 396 -13.71 110.77 21.27
C ASN R 396 -15.08 110.28 20.86
N ASN R 397 -15.19 109.02 20.43
CA ASN R 397 -16.50 108.45 20.10
C ASN R 397 -17.30 108.21 21.38
N ALA R 398 -18.57 108.57 21.34
CA ALA R 398 -19.47 108.35 22.45
C ALA R 398 -20.19 107.01 22.39
N ALA R 399 -19.91 106.20 21.37
CA ALA R 399 -20.54 104.90 21.23
C ALA R 399 -19.70 103.78 21.84
N PHE R 400 -18.39 103.81 21.59
CA PHE R 400 -17.50 102.82 22.17
C PHE R 400 -16.07 103.31 22.09
N ASN R 401 -15.26 102.94 23.08
CA ASN R 401 -13.84 103.25 23.14
C ASN R 401 -13.07 101.97 22.86
N ILE R 402 -12.39 101.90 21.72
CA ILE R 402 -11.80 100.66 21.26
C ILE R 402 -10.35 100.51 21.71
N THR R 403 -9.88 101.37 22.61
CA THR R 403 -8.60 101.15 23.28
C THR R 403 -8.77 100.33 24.55
N ASN R 404 -9.89 99.64 24.69
CA ASN R 404 -10.19 98.82 25.86
C ASN R 404 -9.77 97.38 25.58
N TYR R 405 -8.58 97.00 26.05
CA TYR R 405 -8.05 95.68 25.71
C TYR R 405 -8.96 94.56 26.23
N ALA R 406 -9.47 94.73 27.45
CA ALA R 406 -10.23 93.65 28.08
C ALA R 406 -11.57 93.42 27.39
N ARG R 407 -12.21 94.48 26.90
CA ARG R 407 -13.56 94.40 26.38
C ARG R 407 -13.63 94.17 24.88
N TYR R 408 -12.56 94.45 24.15
CA TYR R 408 -12.52 94.33 22.69
C TYR R 408 -11.28 93.53 22.31
N PRO R 409 -11.36 92.20 22.35
CA PRO R 409 -10.18 91.37 22.07
C PRO R 409 -9.83 91.25 20.59
N PHE R 410 -10.37 92.07 19.71
CA PHE R 410 -9.94 92.02 18.32
C PHE R 410 -8.46 92.37 18.23
N ASN R 411 -7.76 91.72 17.30
CA ASN R 411 -6.36 92.00 17.08
C ASN R 411 -5.97 92.14 15.63
N ALA R 412 -6.91 92.03 14.69
CA ALA R 412 -6.60 92.11 13.27
C ALA R 412 -7.61 92.99 12.57
N PHE R 413 -7.16 93.65 11.50
CA PHE R 413 -8.04 94.43 10.63
C PHE R 413 -7.58 94.25 9.20
N TRP R 414 -8.49 93.81 8.33
CA TRP R 414 -8.20 93.61 6.92
C TRP R 414 -8.89 94.69 6.12
N ASP R 415 -8.18 95.26 5.15
CA ASP R 415 -8.77 96.22 4.23
C ASP R 415 -9.43 95.46 3.09
N SER R 416 -10.75 95.51 3.03
CA SER R 416 -11.51 94.79 2.01
C SER R 416 -11.70 95.59 0.73
N GLY R 417 -11.21 96.82 0.67
CA GLY R 417 -11.37 97.64 -0.52
C GLY R 417 -12.00 98.99 -0.25
N PHE R 418 -11.85 99.50 0.97
CA PHE R 418 -12.34 100.84 1.27
C PHE R 418 -11.71 101.86 0.33
N ASP R 419 -12.34 103.03 0.25
CA ASP R 419 -11.82 104.09 -0.61
C ASP R 419 -10.54 104.66 -0.03
N LEU R 420 -9.78 105.36 -0.88
CA LEU R 420 -8.46 105.84 -0.49
C LEU R 420 -8.53 106.85 0.65
N LYS R 421 -9.67 107.52 0.86
CA LYS R 421 -9.79 108.41 2.00
C LYS R 421 -9.95 107.64 3.30
N THR R 422 -10.69 106.52 3.27
CA THR R 422 -10.84 105.70 4.46
C THR R 422 -9.60 104.86 4.73
N LYS R 423 -8.84 104.54 3.70
CA LYS R 423 -7.64 103.72 3.87
C LYS R 423 -6.66 104.37 4.83
N GLN R 424 -6.59 105.70 4.85
CA GLN R 424 -5.57 106.39 5.63
C GLN R 424 -5.94 106.57 7.09
N THR R 425 -7.14 106.16 7.50
CA THR R 425 -7.53 106.18 8.90
C THR R 425 -7.29 104.84 9.58
N ILE R 426 -6.86 103.82 8.85
CA ILE R 426 -6.66 102.48 9.40
C ILE R 426 -5.31 102.36 10.10
N PRO R 427 -4.21 102.91 9.55
CA PRO R 427 -2.90 102.67 10.15
C PRO R 427 -2.79 103.07 11.61
N GLN R 428 -3.58 104.05 12.05
CA GLN R 428 -3.47 104.51 13.42
C GLN R 428 -3.90 103.48 14.45
N LEU R 429 -4.52 102.37 14.03
CA LEU R 429 -4.87 101.32 14.98
C LEU R 429 -3.62 100.73 15.62
N ILE R 430 -2.58 100.49 14.81
CA ILE R 430 -1.32 99.97 15.35
C ILE R 430 -0.53 101.02 16.09
N GLY R 431 -0.97 102.27 16.09
CA GLY R 431 -0.36 103.31 16.89
C GLY R 431 -1.08 103.46 18.21
N LEU R 432 -2.39 103.23 18.21
CA LEU R 432 -3.17 103.30 19.43
C LEU R 432 -3.12 102.03 20.26
N ARG R 433 -2.83 100.88 19.66
CA ARG R 433 -2.84 99.61 20.38
C ARG R 433 -1.59 98.82 20.07
N ALA R 434 -1.11 98.07 21.07
CA ALA R 434 0.14 97.33 20.97
C ALA R 434 -0.06 95.85 20.69
N ASP R 435 -1.30 95.40 20.52
CA ASP R 435 -1.61 94.02 20.15
C ASP R 435 -2.53 94.00 18.95
N THR R 436 -2.18 94.78 17.93
CA THR R 436 -3.00 94.92 16.72
C THR R 436 -2.16 94.66 15.48
N TRP R 437 -2.83 94.24 14.42
CA TRP R 437 -2.19 93.82 13.18
C TRP R 437 -3.12 94.20 12.04
N ILE R 438 -2.56 94.69 10.93
CA ILE R 438 -3.35 95.24 9.84
C ILE R 438 -2.86 94.70 8.50
N ALA R 439 -3.80 94.48 7.60
CA ALA R 439 -3.52 94.21 6.19
C ALA R 439 -4.16 95.30 5.36
N LEU R 440 -3.38 95.87 4.43
CA LEU R 440 -3.85 96.95 3.58
C LEU R 440 -3.91 96.49 2.13
N SER R 441 -4.78 97.13 1.35
CA SER R 441 -4.98 96.83 -0.06
C SER R 441 -4.81 98.10 -0.87
N THR R 442 -4.20 97.99 -2.04
CA THR R 442 -3.98 99.13 -2.91
C THR R 442 -5.07 99.28 -3.98
N GLN R 443 -6.22 98.65 -3.80
CA GLN R 443 -7.30 98.69 -4.77
C GLN R 443 -8.57 99.19 -4.10
N ASP R 444 -9.22 100.16 -4.74
CA ASP R 444 -10.53 100.64 -4.34
C ASP R 444 -11.57 99.91 -5.19
N ILE R 445 -12.32 99.00 -4.57
CA ILE R 445 -13.16 98.08 -5.32
C ILE R 445 -14.29 98.80 -6.05
N SER R 446 -14.59 100.04 -5.70
CA SER R 446 -15.62 100.79 -6.40
C SER R 446 -15.12 101.39 -7.71
N SER R 447 -13.82 101.32 -7.99
CA SER R 447 -13.23 101.90 -9.18
C SER R 447 -12.71 100.80 -10.10
N ASP R 448 -12.07 101.22 -11.18
CA ASP R 448 -11.47 100.30 -12.13
C ASP R 448 -10.15 99.77 -11.59
N PHE R 449 -9.72 98.62 -12.12
CA PHE R 449 -8.47 98.03 -11.66
C PHE R 449 -7.31 98.96 -11.93
N ASN R 450 -6.44 99.14 -10.94
CA ASN R 450 -5.36 100.09 -11.04
C ASN R 450 -4.27 99.60 -11.99
N SER R 451 -3.57 100.55 -12.60
CA SER R 451 -2.43 100.22 -13.45
C SER R 451 -1.16 100.17 -12.60
N ASN R 452 -0.04 99.90 -13.27
CA ASN R 452 1.23 99.80 -12.55
C ASN R 452 1.57 101.12 -11.85
N GLU R 453 1.45 102.23 -12.56
CA GLU R 453 1.81 103.52 -11.99
C GLU R 453 0.88 103.92 -10.86
N GLU R 454 -0.42 103.69 -11.04
CA GLU R 454 -1.38 104.00 -9.97
C GLU R 454 -1.12 103.14 -8.74
N GLU R 455 -0.83 101.85 -8.93
CA GLU R 455 -0.48 101.01 -7.80
C GLU R 455 0.75 101.52 -7.09
N GLU R 456 1.77 101.94 -7.85
CA GLU R 456 2.97 102.49 -7.23
C GLU R 456 2.64 103.73 -6.40
N SER R 457 1.81 104.62 -6.96
CA SER R 457 1.47 105.84 -6.25
C SER R 457 0.71 105.55 -4.97
N ILE R 458 -0.26 104.63 -5.03
CA ILE R 458 -1.04 104.30 -3.84
C ILE R 458 -0.15 103.64 -2.80
N ALA R 459 0.75 102.76 -3.23
CA ALA R 459 1.65 102.10 -2.29
C ALA R 459 2.53 103.11 -1.58
N LEU R 460 3.08 104.08 -2.32
CA LEU R 460 3.89 105.11 -1.69
C LEU R 460 3.07 105.93 -0.72
N SER R 461 1.84 106.28 -1.11
CA SER R 461 1.00 107.08 -0.24
C SER R 461 0.68 106.35 1.06
N LEU R 462 0.47 105.04 0.99
CA LEU R 462 0.18 104.27 2.19
C LEU R 462 1.43 104.09 3.04
N MET R 463 2.60 103.89 2.42
CA MET R 463 3.82 103.79 3.22
C MET R 463 4.12 105.09 3.94
N SER R 464 3.85 106.22 3.29
CA SER R 464 4.05 107.51 3.94
C SER R 464 3.18 107.62 5.19
N ARG R 465 1.91 107.19 5.08
CA ARG R 465 1.01 107.21 6.21
C ARG R 465 1.50 106.30 7.32
N VAL R 466 1.96 105.09 6.94
CA VAL R 466 2.42 104.13 7.93
C VAL R 466 3.67 104.62 8.64
N SER R 467 4.49 105.43 7.97
CA SER R 467 5.73 105.89 8.56
C SER R 467 5.52 106.83 9.75
N ALA R 468 4.28 107.23 10.01
CA ALA R 468 3.99 108.15 11.10
C ALA R 468 3.72 107.46 12.43
N PHE R 469 3.72 106.12 12.48
CA PHE R 469 3.42 105.37 13.69
C PHE R 469 4.55 104.37 13.94
N PRO R 470 5.69 104.83 14.44
CA PRO R 470 6.80 103.90 14.70
C PRO R 470 6.44 102.93 15.82
N ASP R 471 7.09 101.77 15.80
CA ASP R 471 6.82 100.75 16.80
C ASP R 471 7.18 101.23 18.20
N SER R 472 8.40 101.73 18.38
CA SER R 472 8.87 102.26 19.65
C SER R 472 9.07 103.76 19.49
N SER R 473 8.08 104.54 19.91
CA SER R 473 8.18 105.99 19.77
C SER R 473 9.40 106.54 20.51
N ASP R 474 9.84 105.85 21.57
CA ASP R 474 11.03 106.28 22.29
C ASP R 474 12.27 106.17 21.40
N PHE R 475 12.39 105.07 20.65
CA PHE R 475 13.58 104.80 19.85
C PHE R 475 13.31 104.84 18.35
N GLY R 476 12.07 105.03 17.92
CA GLY R 476 11.80 105.19 16.51
C GLY R 476 11.91 103.94 15.67
N THR R 477 11.69 102.76 16.26
CA THR R 477 11.70 101.54 15.48
C THR R 477 10.55 101.58 14.47
N PRO R 478 10.81 101.31 13.19
CA PRO R 478 9.72 101.32 12.22
C PRO R 478 8.68 100.25 12.52
N ALA R 479 7.45 100.51 12.10
CA ALA R 479 6.37 99.57 12.33
C ALA R 479 6.62 98.28 11.57
N PHE R 480 6.14 97.16 12.11
CA PHE R 480 6.24 95.88 11.44
C PHE R 480 5.00 95.01 11.56
N ARG R 481 3.96 95.45 12.26
CA ARG R 481 2.77 94.63 12.49
C ARG R 481 1.74 94.85 11.37
N GLY R 482 1.95 94.14 10.28
CA GLY R 482 0.96 94.12 9.20
C GLY R 482 1.62 93.81 7.87
N MET R 483 0.88 94.14 6.80
CA MET R 483 1.40 93.98 5.45
C MET R 483 0.52 94.72 4.46
N ILE R 484 1.04 94.92 3.25
CA ILE R 484 0.31 95.54 2.15
C ILE R 484 0.28 94.55 0.99
N VAL R 485 -0.90 94.28 0.45
CA VAL R 485 -1.09 93.30 -0.61
C VAL R 485 -1.66 94.01 -1.84
N GLY R 486 -1.00 93.83 -2.98
CA GLY R 486 -1.42 94.46 -4.22
C GLY R 486 -2.06 93.45 -5.16
N GLY R 487 -3.08 93.90 -5.89
CA GLY R 487 -3.79 93.06 -6.83
C GLY R 487 -5.29 93.17 -6.65
N ALA R 488 -6.00 92.58 -7.61
CA ALA R 488 -7.45 92.47 -7.54
C ALA R 488 -7.91 91.42 -8.54
N GLY R 489 -9.12 90.93 -8.34
CA GLY R 489 -9.67 89.89 -9.19
C GLY R 489 -11.16 89.76 -8.99
N TYR R 490 -11.66 88.55 -9.25
CA TYR R 490 -13.08 88.26 -9.18
C TYR R 490 -13.34 87.08 -8.25
N TYR R 491 -14.48 87.09 -7.60
CA TYR R 491 -14.83 86.04 -6.64
C TYR R 491 -15.28 84.79 -7.40
N THR R 492 -14.74 83.63 -7.02
CA THR R 492 -15.03 82.39 -7.73
C THR R 492 -16.19 81.61 -7.13
N GLU R 493 -16.52 81.84 -5.86
CA GLU R 493 -17.53 81.05 -5.17
C GLU R 493 -18.94 81.54 -5.42
N THR R 494 -19.17 82.27 -6.51
CA THR R 494 -20.48 82.80 -6.82
C THR R 494 -20.61 82.95 -8.33
N THR R 495 -21.85 82.79 -8.82
CA THR R 495 -22.09 82.92 -10.25
C THR R 495 -22.07 84.37 -10.71
N ARG R 496 -22.47 85.30 -9.85
CA ARG R 496 -22.45 86.71 -10.20
C ARG R 496 -21.01 87.20 -10.36
N LYS R 497 -20.86 88.29 -11.12
CA LYS R 497 -19.56 88.91 -11.31
C LYS R 497 -19.34 89.91 -10.17
N LEU R 498 -18.34 89.64 -9.33
CA LEU R 498 -18.14 90.38 -8.09
C LEU R 498 -16.65 90.58 -7.83
N PRO R 499 -16.10 91.75 -8.14
CA PRO R 499 -14.67 91.97 -7.92
C PRO R 499 -14.32 91.99 -6.45
N VAL R 500 -13.13 91.46 -6.14
CA VAL R 500 -12.61 91.44 -4.78
C VAL R 500 -11.10 91.62 -4.86
N PRO R 501 -10.44 92.07 -3.80
CA PRO R 501 -8.97 92.08 -3.78
C PRO R 501 -8.38 90.80 -3.21
N LEU R 502 -7.07 90.66 -3.35
CA LEU R 502 -6.37 89.46 -2.90
C LEU R 502 -6.24 89.40 -1.37
N THR R 503 -6.53 90.49 -0.67
CA THR R 503 -6.60 90.43 0.77
C THR R 503 -7.65 89.42 1.22
N LEU R 504 -8.66 89.16 0.38
CA LEU R 504 -9.65 88.14 0.73
C LEU R 504 -9.02 86.75 0.74
N ASP R 505 -8.17 86.46 -0.25
CA ASP R 505 -7.50 85.17 -0.29
C ASP R 505 -6.58 85.00 0.91
N ARG R 506 -5.79 86.03 1.21
CA ARG R 506 -4.89 85.90 2.37
C ARG R 506 -5.69 85.82 3.66
N PHE R 507 -6.84 86.50 3.72
CA PHE R 507 -7.71 86.44 4.88
C PHE R 507 -8.20 85.01 5.11
N ARG R 508 -8.61 84.34 4.05
CA ARG R 508 -9.05 82.95 4.17
C ARG R 508 -7.90 82.06 4.64
N ALA R 509 -6.71 82.27 4.07
CA ALA R 509 -5.56 81.47 4.50
C ALA R 509 -5.33 81.61 6.00
N TYR R 510 -5.32 82.84 6.49
CA TYR R 510 -5.08 83.06 7.92
C TYR R 510 -6.21 82.52 8.78
N CYS R 511 -7.46 82.63 8.31
CA CYS R 511 -8.58 82.07 9.05
C CYS R 511 -8.40 80.57 9.25
N ARG R 512 -7.95 79.87 8.21
CA ARG R 512 -7.75 78.43 8.33
C ARG R 512 -6.54 78.09 9.18
N TYR R 513 -5.47 78.87 9.09
CA TYR R 513 -4.23 78.54 9.79
C TYR R 513 -4.33 78.86 11.28
N ALA R 514 -4.53 80.13 11.62
CA ALA R 514 -4.49 80.59 13.00
C ALA R 514 -5.88 80.86 13.57
N GLY R 515 -6.86 80.06 13.18
CA GLY R 515 -8.23 80.28 13.59
C GLY R 515 -8.78 79.21 14.50
N ALA R 516 -7.98 78.21 14.83
CA ALA R 516 -8.43 77.15 15.72
C ALA R 516 -8.77 77.72 17.08
N SER R 517 -9.88 77.24 17.65
CA SER R 517 -10.38 77.81 18.89
C SER R 517 -9.49 77.54 20.09
N ASP R 518 -8.53 76.62 19.96
CA ASP R 518 -7.66 76.27 21.07
C ASP R 518 -6.35 77.06 21.08
N GLY R 519 -6.21 78.05 20.21
CA GLY R 519 -5.05 78.92 20.25
C GLY R 519 -3.73 78.25 19.94
N VAL R 520 -3.71 77.33 18.99
CA VAL R 520 -2.48 76.68 18.53
C VAL R 520 -2.52 76.64 17.01
N LEU R 521 -1.40 77.00 16.37
CA LEU R 521 -1.34 77.00 14.92
C LEU R 521 -1.45 75.58 14.39
N LYS R 522 -2.24 75.40 13.33
CA LYS R 522 -2.44 74.10 12.71
C LYS R 522 -1.32 73.85 11.70
N PRO R 523 -0.47 72.84 11.91
CA PRO R 523 0.65 72.64 10.97
C PRO R 523 0.22 72.29 9.56
N GLU R 524 -0.97 71.75 9.36
CA GLU R 524 -1.39 71.32 8.04
C GLU R 524 -1.83 72.47 7.16
N TYR R 525 -1.93 73.69 7.70
CA TYR R 525 -2.42 74.84 6.95
C TYR R 525 -1.37 75.94 6.86
N ALA R 526 -0.09 75.61 6.96
CA ALA R 526 0.95 76.63 6.93
C ALA R 526 0.77 77.52 5.71
N VAL R 527 0.65 78.83 5.96
CA VAL R 527 0.32 79.78 4.90
C VAL R 527 1.34 79.85 3.80
N ASP R 528 2.51 79.23 3.98
CA ASP R 528 3.55 79.30 2.96
C ASP R 528 4.11 77.92 2.65
N GLU R 529 3.28 76.88 2.70
CA GLU R 529 3.69 75.53 2.35
C GLU R 529 2.53 74.80 1.70
N GLY R 530 2.86 73.78 0.92
CA GLY R 530 1.82 72.95 0.32
C GLY R 530 0.93 73.76 -0.59
N ASP R 531 -0.38 73.57 -0.45
CA ASP R 531 -1.35 74.18 -1.32
C ASP R 531 -1.87 75.51 -0.79
N ALA R 532 -1.40 75.95 0.37
CA ALA R 532 -1.84 77.22 0.94
C ALA R 532 -1.07 78.41 0.42
N ARG R 533 -0.05 78.19 -0.42
CA ARG R 533 0.69 79.29 -1.01
C ARG R 533 0.15 79.68 -2.38
N LYS R 534 -0.98 79.13 -2.80
CA LYS R 534 -1.61 79.45 -4.07
C LYS R 534 -2.89 80.23 -3.85
N VAL R 535 -3.27 81.02 -4.86
CA VAL R 535 -4.55 81.70 -4.84
C VAL R 535 -5.65 80.69 -5.08
N GLN R 536 -6.73 80.79 -4.30
CA GLN R 536 -7.77 79.76 -4.31
C GLN R 536 -9.19 80.31 -4.45
N VAL R 537 -9.43 81.59 -4.19
CA VAL R 537 -10.76 82.15 -4.26
C VAL R 537 -10.81 83.43 -5.09
N VAL R 538 -9.84 83.62 -5.99
CA VAL R 538 -9.81 84.79 -6.86
C VAL R 538 -9.33 84.33 -8.24
N LYS R 539 -9.89 84.94 -9.28
CA LYS R 539 -9.58 84.58 -10.65
C LYS R 539 -9.51 85.83 -11.50
N SER R 540 -8.84 85.72 -12.66
CA SER R 540 -8.71 86.82 -13.61
C SER R 540 -7.97 88.00 -12.99
N ILE R 541 -6.93 87.71 -12.22
CA ILE R 541 -6.14 88.77 -11.62
C ILE R 541 -5.50 89.61 -12.71
N ASN R 542 -5.25 90.88 -12.41
CA ASN R 542 -4.78 91.85 -13.38
C ASN R 542 -3.27 92.06 -13.27
N ASN R 543 -2.73 92.74 -14.29
CA ASN R 543 -1.31 93.12 -14.31
C ASN R 543 -0.40 91.91 -14.06
N LEU R 544 -0.74 90.78 -14.68
CA LEU R 544 0.06 89.59 -14.48
C LEU R 544 1.30 89.56 -15.36
N ASP R 545 1.37 90.42 -16.38
CA ASP R 545 2.56 90.57 -17.20
C ASP R 545 3.45 91.73 -16.73
N LYS R 546 3.78 91.78 -15.45
CA LYS R 546 4.67 92.83 -14.99
C LYS R 546 6.06 92.64 -15.58
N SER R 547 6.71 93.74 -15.89
CA SER R 547 8.09 93.67 -16.30
C SER R 547 8.99 93.46 -15.08
N TRP R 548 10.23 93.05 -15.35
CA TRP R 548 11.16 92.77 -14.27
C TRP R 548 11.41 94.00 -13.42
N ARG R 549 11.53 95.17 -14.06
CA ARG R 549 11.75 96.39 -13.31
C ARG R 549 10.58 96.69 -12.38
N VAL R 550 9.36 96.51 -12.87
CA VAL R 550 8.19 96.77 -12.04
C VAL R 550 8.16 95.82 -10.85
N ARG R 551 8.42 94.54 -11.10
CA ARG R 551 8.43 93.57 -10.00
C ARG R 551 9.51 93.91 -8.98
N ARG R 552 10.69 94.29 -9.45
CA ARG R 552 11.77 94.64 -8.54
C ARG R 552 11.42 95.86 -7.71
N ALA R 553 10.80 96.87 -8.33
CA ALA R 553 10.40 98.06 -7.59
C ALA R 553 9.38 97.73 -6.52
N GLN R 554 8.38 96.90 -6.86
CA GLN R 554 7.39 96.52 -5.86
C GLN R 554 8.05 95.76 -4.71
N TRP R 555 8.95 94.84 -5.02
CA TRP R 555 9.64 94.11 -3.96
C TRP R 555 10.39 95.05 -3.05
N ASN R 556 11.13 96.00 -3.63
CA ASN R 556 11.91 96.92 -2.83
C ASN R 556 11.03 97.93 -2.09
N ASN R 557 9.77 98.09 -2.49
CA ASN R 557 8.80 98.86 -1.72
C ASN R 557 7.99 98.01 -0.75
N ASN R 558 8.26 96.70 -0.68
CA ASN R 558 7.71 95.83 0.36
C ASN R 558 6.24 95.51 0.13
N LEU R 559 5.83 95.30 -1.12
CA LEU R 559 4.49 94.80 -1.36
C LEU R 559 4.49 93.28 -1.42
N VAL R 560 3.31 92.71 -1.22
CA VAL R 560 3.08 91.28 -1.42
C VAL R 560 2.27 91.12 -2.71
N TYR R 561 2.82 90.37 -3.65
CA TYR R 561 2.22 90.23 -4.96
C TYR R 561 2.30 88.77 -5.40
N VAL R 562 1.55 88.44 -6.45
CA VAL R 562 1.44 87.07 -6.92
C VAL R 562 2.10 86.94 -8.29
N GLU R 563 2.41 85.71 -8.66
CA GLU R 563 2.95 85.35 -9.95
C GLU R 563 2.15 84.19 -10.51
N ASP R 564 2.49 83.80 -11.74
CA ASP R 564 1.83 82.65 -12.35
C ASP R 564 2.55 81.36 -11.99
N TYR R 565 1.81 80.41 -11.44
CA TYR R 565 2.37 79.10 -11.12
C TYR R 565 2.42 78.22 -12.37
N ASP R 566 1.28 78.07 -13.01
CA ASP R 566 1.19 77.42 -14.31
C ASP R 566 0.15 78.19 -15.11
N THR R 567 -0.34 77.58 -16.19
CA THR R 567 -1.29 78.26 -17.06
C THR R 567 -2.62 78.52 -16.38
N ASN R 568 -2.88 77.92 -15.22
CA ASN R 568 -4.19 78.00 -14.58
C ASN R 568 -4.20 78.78 -13.27
N SER R 569 -3.06 78.92 -12.59
CA SER R 569 -3.08 79.35 -11.20
C SER R 569 -1.91 80.29 -10.93
N GLN R 570 -1.97 80.91 -9.75
CA GLN R 570 -0.96 81.86 -9.29
C GLN R 570 -0.45 81.43 -7.91
N PHE R 571 0.56 82.14 -7.42
CA PHE R 571 1.11 81.85 -6.10
C PHE R 571 1.93 83.03 -5.61
N TYR R 572 2.30 82.98 -4.32
CA TYR R 572 3.04 84.06 -3.69
C TYR R 572 4.50 83.68 -3.56
N PRO R 573 5.43 84.31 -4.29
CA PRO R 573 6.85 83.99 -4.09
C PRO R 573 7.36 84.27 -2.70
N GLY R 574 6.85 85.30 -2.02
CA GLY R 574 7.27 85.61 -0.67
C GLY R 574 6.32 86.57 0.00
N GLN R 575 5.89 86.24 1.21
CA GLN R 575 4.89 87.03 1.92
C GLN R 575 5.56 87.80 3.06
N GLN R 576 6.04 88.98 2.71
CA GLN R 576 6.82 89.78 3.64
C GLN R 576 6.00 90.91 4.23
N SER R 577 6.39 91.33 5.43
CA SER R 577 5.77 92.46 6.10
C SER R 577 6.31 93.77 5.54
N PHE R 578 5.64 94.88 5.89
CA PHE R 578 6.11 96.19 5.46
C PHE R 578 7.14 96.80 6.41
N TYR R 579 7.90 95.98 7.14
CA TYR R 579 9.05 96.50 7.87
C TYR R 579 10.09 97.01 6.88
N SER R 580 10.64 98.19 7.14
CA SER R 580 11.43 98.90 6.15
C SER R 580 12.95 98.75 6.34
N GLU R 581 13.40 98.12 7.41
CA GLU R 581 14.83 98.03 7.67
C GLU R 581 15.40 96.72 7.13
N GLN R 582 16.69 96.51 7.39
CA GLN R 582 17.41 95.36 6.87
C GLN R 582 17.42 94.17 7.82
N GLY R 583 16.81 94.29 9.00
CA GLY R 583 16.73 93.17 9.90
C GLY R 583 16.01 91.99 9.28
N SER R 584 16.58 90.79 9.42
CA SER R 584 15.97 89.57 8.95
C SER R 584 15.02 88.94 9.95
N VAL R 585 14.96 89.45 11.18
CA VAL R 585 14.07 88.88 12.18
C VAL R 585 12.62 89.17 11.82
N LEU R 586 12.35 90.37 11.32
CA LEU R 586 10.99 90.88 11.19
C LEU R 586 10.48 90.89 9.76
N LYS R 587 10.82 89.90 8.94
CA LYS R 587 10.39 89.93 7.54
C LYS R 587 9.08 89.19 7.34
N ALA R 588 9.00 87.92 7.71
CA ALA R 588 7.78 87.16 7.50
C ALA R 588 6.64 87.81 8.27
N ALA R 589 5.51 88.00 7.59
CA ALA R 589 4.43 88.77 8.18
C ALA R 589 3.74 88.01 9.30
N ILE R 590 3.92 86.69 9.36
CA ILE R 590 3.30 85.90 10.42
C ILE R 590 3.94 86.22 11.77
N VAL R 591 5.23 86.55 11.77
CA VAL R 591 5.90 86.88 13.02
C VAL R 591 5.29 88.13 13.65
N GLY R 592 4.75 89.03 12.83
CA GLY R 592 4.05 90.18 13.38
C GLY R 592 2.85 89.78 14.23
N LEU R 593 2.05 88.85 13.74
CA LEU R 593 0.91 88.37 14.51
C LEU R 593 1.37 87.65 15.77
N CYS R 594 2.46 86.89 15.66
CA CYS R 594 3.01 86.22 16.84
C CYS R 594 3.41 87.23 17.91
N VAL R 595 4.05 88.33 17.49
CA VAL R 595 4.48 89.36 18.44
C VAL R 595 3.27 90.05 19.07
N ALA R 596 2.24 90.31 18.27
CA ALA R 596 1.01 90.87 18.83
C ALA R 596 0.45 89.97 19.93
N ASN R 597 0.47 88.66 19.69
CA ASN R 597 -0.04 87.74 20.72
C ASN R 597 0.82 87.79 21.98
N LEU R 598 2.13 87.89 21.83
CA LEU R 598 2.98 88.02 23.01
C LEU R 598 2.60 89.25 23.82
N ASN R 599 2.38 90.37 23.13
CA ASN R 599 1.94 91.58 23.80
C ASN R 599 0.64 91.33 24.57
N ARG R 600 -0.27 90.54 23.99
CA ARG R 600 -1.51 90.22 24.69
C ARG R 600 -1.24 89.42 25.97
N PHE R 601 -0.35 88.44 25.90
CA PHE R 601 -0.07 87.63 27.09
C PHE R 601 0.46 88.49 28.22
N ALA R 602 1.25 89.51 27.89
CA ALA R 602 1.73 90.42 28.94
C ALA R 602 0.57 91.13 29.64
N PHE R 603 -0.39 91.63 28.87
CA PHE R 603 -1.55 92.29 29.47
C PHE R 603 -2.28 91.35 30.40
N GLU R 604 -2.43 90.09 29.98
CA GLU R 604 -3.10 89.12 30.85
C GLU R 604 -2.35 88.93 32.16
N ALA R 605 -1.02 88.87 32.10
CA ALA R 605 -0.23 88.76 33.32
C ALA R 605 -0.52 89.93 34.26
N TRP R 606 -0.48 91.15 33.74
CA TRP R 606 -0.77 92.31 34.58
C TRP R 606 -2.16 92.19 35.18
N ARG R 607 -3.15 91.90 34.34
CA ARG R 607 -4.53 91.82 34.80
C ARG R 607 -4.66 90.85 35.94
N ASP R 608 -3.90 89.76 35.92
CA ASP R 608 -4.04 88.75 36.96
C ASP R 608 -3.25 89.09 38.22
N LEU R 609 -2.24 89.95 38.13
CA LEU R 609 -1.42 90.24 39.31
C LEU R 609 -1.71 91.58 39.97
N THR R 610 -2.43 92.49 39.32
CA THR R 610 -2.54 93.86 39.83
C THR R 610 -3.28 93.93 41.17
N GLY R 611 -2.77 94.77 42.06
CA GLY R 611 -3.50 95.22 43.23
C GLY R 611 -3.76 94.21 44.32
N THR R 612 -2.75 93.42 44.70
CA THR R 612 -2.90 92.42 45.75
C THR R 612 -2.13 92.85 46.99
N GLN R 613 -2.78 92.71 48.15
CA GLN R 613 -2.23 93.26 49.38
C GLN R 613 -1.04 92.45 49.89
N LYS R 614 -1.14 91.12 49.89
CA LYS R 614 -0.23 90.26 50.63
C LYS R 614 0.86 89.64 49.76
N LEU R 615 1.02 90.07 48.52
CA LEU R 615 2.11 89.56 47.70
C LEU R 615 3.44 90.11 48.19
N THR R 616 4.52 89.46 47.77
CA THR R 616 5.86 90.00 47.93
C THR R 616 6.46 90.29 46.55
N ASP R 617 7.58 91.02 46.57
CA ASP R 617 8.24 91.37 45.30
C ASP R 617 8.68 90.13 44.55
N ASP R 618 9.32 89.18 45.24
CA ASP R 618 9.79 87.98 44.57
C ASP R 618 8.65 87.14 44.02
N GLN R 619 7.57 87.00 44.79
CA GLN R 619 6.43 86.27 44.29
C GLN R 619 5.81 86.95 43.07
N LEU R 620 5.69 88.27 43.10
CA LEU R 620 5.16 88.99 41.94
C LEU R 620 6.02 88.76 40.71
N ILE R 621 7.33 88.93 40.86
CA ILE R 621 8.26 88.76 39.75
C ILE R 621 8.17 87.36 39.18
N GLU R 622 8.14 86.35 40.06
CA GLU R 622 8.10 84.97 39.61
C GLU R 622 6.79 84.64 38.90
N ARG R 623 5.67 85.07 39.48
CA ARG R 623 4.37 84.75 38.90
C ARG R 623 4.19 85.38 37.54
N SER R 624 4.71 86.59 37.32
CA SER R 624 4.57 87.20 36.00
C SER R 624 5.17 86.33 34.91
N ASP R 625 6.42 85.93 35.08
CA ASP R 625 7.08 85.10 34.08
C ASP R 625 6.40 83.75 33.95
N ASP R 626 6.00 83.16 35.08
CA ASP R 626 5.29 81.89 35.00
C ASP R 626 4.08 82.03 34.08
N ALA R 627 3.28 83.07 34.29
CA ALA R 627 2.08 83.26 33.49
C ALA R 627 2.43 83.39 32.02
N VAL R 628 3.39 84.25 31.69
CA VAL R 628 3.68 84.50 30.28
C VAL R 628 4.18 83.23 29.60
N SER R 629 5.13 82.55 30.22
CA SER R 629 5.70 81.34 29.61
C SER R 629 4.66 80.25 29.47
N THR R 630 3.83 80.05 30.51
CA THR R 630 2.80 79.03 30.42
C THR R 630 1.84 79.32 29.28
N ARG R 631 1.42 80.57 29.14
CA ARG R 631 0.43 80.91 28.12
C ARG R 631 1.04 80.85 26.73
N GLY R 632 2.33 81.10 26.60
CA GLY R 632 2.93 81.21 25.28
C GLY R 632 3.53 79.94 24.73
N THR R 633 4.09 79.10 25.59
CA THR R 633 4.87 77.96 25.11
C THR R 633 3.96 76.95 24.42
N GLY R 634 4.39 76.51 23.23
CA GLY R 634 3.69 75.48 22.50
C GLY R 634 2.58 75.95 21.59
N ALA R 635 2.51 77.25 21.30
CA ALA R 635 1.41 77.81 20.51
C ALA R 635 1.85 78.27 19.12
N PHE R 636 3.11 78.66 18.95
CA PHE R 636 3.55 79.36 17.76
C PHE R 636 4.18 78.44 16.72
N ASP R 637 4.11 77.12 16.91
CA ASP R 637 4.47 76.18 15.85
C ASP R 637 5.87 76.45 15.31
N ASP R 638 6.79 76.85 16.19
CA ASP R 638 8.20 77.01 15.87
C ASP R 638 8.48 78.18 14.93
N ARG R 639 7.64 79.23 14.97
CA ARG R 639 7.95 80.43 14.21
C ARG R 639 8.79 81.41 15.03
N LEU R 640 8.78 81.26 16.34
CA LEU R 640 9.49 82.15 17.27
C LEU R 640 10.20 81.32 18.33
N ILE R 641 11.14 81.98 19.02
CA ILE R 641 11.56 81.53 20.34
C ILE R 641 11.65 82.75 21.24
N PHE R 642 11.00 82.69 22.41
CA PHE R 642 10.86 83.85 23.26
C PHE R 642 11.16 83.48 24.72
N THR R 643 11.51 84.50 25.49
CA THR R 643 11.84 84.36 26.90
C THR R 643 11.47 85.63 27.67
N PRO R 644 10.64 85.53 28.72
CA PRO R 644 10.32 86.73 29.51
C PRO R 644 11.21 86.91 30.72
N HIS R 645 11.36 88.15 31.20
CA HIS R 645 12.14 88.45 32.38
C HIS R 645 11.45 89.60 33.10
N SER R 646 11.00 89.35 34.33
CA SER R 646 10.41 90.38 35.17
C SER R 646 11.36 90.74 36.29
N GLU R 647 11.24 91.96 36.78
CA GLU R 647 12.11 92.44 37.86
C GLU R 647 11.58 93.77 38.38
N ILE R 648 12.33 94.35 39.30
CA ILE R 648 12.00 95.61 39.95
C ILE R 648 13.27 96.47 39.90
N THR R 649 13.30 97.42 38.98
CA THR R 649 14.50 98.19 38.70
C THR R 649 14.65 99.33 39.71
N GLN R 650 15.65 100.19 39.47
CA GLN R 650 15.86 101.34 40.35
C GLN R 650 14.68 102.30 40.30
N ALA R 651 14.16 102.58 39.11
CA ALA R 651 12.99 103.44 39.00
C ALA R 651 11.80 102.83 39.73
N ASP R 652 11.67 101.50 39.67
CA ASP R 652 10.62 100.82 40.41
C ASP R 652 10.82 100.98 41.91
N LYS R 653 12.05 100.87 42.39
CA LYS R 653 12.31 101.12 43.81
C LYS R 653 11.91 102.54 44.20
N GLU R 654 12.27 103.53 43.37
CA GLU R 654 11.85 104.89 43.66
C GLU R 654 10.35 105.00 43.76
N ARG R 655 9.64 104.53 42.74
CA ARG R 655 8.19 104.73 42.69
C ARG R 655 7.47 103.97 43.81
N GLY R 656 7.83 102.72 44.01
CA GLY R 656 7.21 101.90 45.03
C GLY R 656 5.90 101.26 44.63
N TYR R 657 5.47 101.41 43.39
CA TYR R 657 4.19 100.84 42.95
C TYR R 657 4.27 100.27 41.55
N SER R 658 5.43 99.80 41.10
CA SER R 658 5.55 99.29 39.74
C SER R 658 6.57 98.17 39.68
N TRP R 659 6.40 97.31 38.67
CA TRP R 659 7.37 96.28 38.33
C TRP R 659 7.47 96.24 36.81
N SER R 660 8.58 95.67 36.31
CA SER R 660 8.89 95.72 34.89
C SER R 660 9.01 94.31 34.31
N MET R 661 8.66 94.19 33.03
CA MET R 661 8.82 92.96 32.28
C MET R 661 9.47 93.26 30.93
N ARG R 662 10.20 92.28 30.41
CA ARG R 662 10.89 92.44 29.14
C ARG R 662 10.99 91.07 28.47
N ILE R 663 10.56 90.99 27.21
CA ILE R 663 10.50 89.72 26.48
C ILE R 663 11.49 89.78 25.33
N ASP R 664 12.37 88.78 25.25
CA ASP R 664 13.34 88.66 24.18
C ASP R 664 12.91 87.55 23.24
N PHE R 665 12.84 87.85 21.94
CA PHE R 665 12.37 86.87 20.97
C PHE R 665 13.27 86.87 19.75
N GLY R 666 13.24 85.75 19.03
CA GLY R 666 14.05 85.60 17.82
C GLY R 666 13.36 84.72 16.81
N ALA R 667 13.64 84.99 15.53
CA ALA R 667 13.00 84.30 14.42
C ALA R 667 13.90 84.38 13.19
N ASN R 668 13.46 83.71 12.11
CA ASN R 668 14.24 83.51 10.89
C ASN R 668 13.56 84.18 9.69
N ALA R 669 14.16 83.99 8.53
CA ALA R 669 13.61 84.45 7.25
C ALA R 669 13.77 83.36 6.19
N PHE R 670 13.56 83.71 4.92
CA PHE R 670 13.53 82.74 3.84
C PHE R 670 14.43 83.17 2.68
N ARG R 671 14.81 82.18 1.85
CA ARG R 671 15.60 82.42 0.65
C ARG R 671 14.69 82.48 -0.57
N THR R 672 15.08 83.28 -1.57
CA THR R 672 14.21 83.54 -2.70
C THR R 672 14.89 83.56 -4.07
N VAL R 673 16.20 83.37 -4.16
CA VAL R 673 16.90 83.46 -5.44
C VAL R 673 17.59 82.13 -5.71
N MET R 674 17.77 81.80 -6.98
CA MET R 674 18.42 80.57 -7.40
C MET R 674 19.31 80.83 -8.61
N ASP R 675 20.43 80.13 -8.67
CA ASP R 675 21.30 80.12 -9.83
C ASP R 675 21.17 78.80 -10.59
N MET R 676 21.53 78.83 -11.86
CA MET R 676 21.48 77.65 -12.70
C MET R 676 22.67 77.68 -13.65
N SER R 677 23.25 76.51 -13.90
CA SER R 677 24.42 76.39 -14.73
C SER R 677 24.46 74.98 -15.29
N SER R 678 25.36 74.76 -16.25
CA SER R 678 25.46 73.45 -16.88
C SER R 678 26.86 73.27 -17.43
N VAL R 679 27.24 72.01 -17.61
CA VAL R 679 28.47 71.65 -18.31
C VAL R 679 28.21 70.39 -19.10
N ALA R 680 28.83 70.29 -20.28
CA ALA R 680 28.62 69.19 -21.20
C ALA R 680 29.83 68.27 -21.17
N TYR R 681 29.58 66.98 -21.00
CA TYR R 681 30.61 65.96 -20.97
C TYR R 681 30.32 64.94 -22.06
N THR R 682 31.32 64.10 -22.35
CA THR R 682 31.06 62.92 -23.14
C THR R 682 30.50 61.81 -22.25
N ARG R 683 29.81 60.86 -22.88
CA ARG R 683 29.15 59.81 -22.10
C ARG R 683 30.16 59.00 -21.31
N GLU R 684 31.30 58.68 -21.92
CA GLU R 684 32.28 57.83 -21.22
C GLU R 684 32.83 58.53 -19.99
N GLU R 685 33.31 59.77 -20.14
CA GLU R 685 33.92 60.46 -19.01
C GLU R 685 32.90 61.02 -18.05
N LEU R 686 31.62 60.98 -18.38
CA LEU R 686 30.57 61.30 -17.42
C LEU R 686 30.09 60.08 -16.66
N ALA R 687 30.06 58.92 -17.30
CA ALA R 687 29.65 57.69 -16.63
C ALA R 687 30.75 57.11 -15.75
N ASN R 688 32.00 57.23 -16.17
CA ASN R 688 33.11 56.68 -15.41
C ASN R 688 34.35 57.52 -15.65
N GLY R 689 34.95 58.03 -14.58
CA GLY R 689 36.14 58.85 -14.69
C GLY R 689 35.84 60.34 -14.60
#